data_3JBN
#
_entry.id   3JBN
#
_cell.length_a   1
_cell.length_b   1
_cell.length_c   1
_cell.angle_alpha   90
_cell.angle_beta   90
_cell.angle_gamma   90
#
_symmetry.space_group_name_H-M   'P 1'
#
loop_
_entity.id
_entity.type
_entity.pdbx_description
1 polymer '18S ribosomal RNA'
2 polymer P-tRNA
3 polymer '40S ribosomal protein uS3'
4 polymer '40S ribosomal protein uS4'
5 polymer '40S ribosomal protein uS5'
6 polymer '40S ribosomal protein uS7'
7 polymer '40S ribosomal protein uS8'
8 polymer '40S ribosomal protein uS9'
9 polymer '40S ribosomal protein eS17'
10 polymer '40S ribosomal protein eS12'
11 polymer '40S ribosomal protein eS10'
12 polymer '40S ribosomal protein eS19'
13 polymer '40S ribosomal protein eS21'
14 polymer '40S ribosomal protein eS24'
15 polymer '40S ribosomal protein eS25'
16 polymer '40S ribosomal protein eS26'
17 polymer '40S ribosomal protein eS27'
18 polymer '40S ribosomal protein eS28'
19 polymer '40S ribosomal protein eS30'
20 polymer '40S ribosomal protein eS1'
21 polymer '40S ribosomal protein eS4'
22 polymer '40S ribosomal protein eS6'
23 polymer '40S ribosomal protein eS7'
24 polymer '40S ribosomal protein eS8'
25 polymer '40S ribosomal protein uS10'
26 polymer '40S ribosomal protein uS11'
27 polymer '40S ribosomal protein uS12'
28 polymer '40S ribosomal protein uS13'
29 polymer '40S ribosomal protein uS14'
30 polymer '40S ribosomal protein uS15'
31 polymer '40S ribosomal protein uS17'
32 polymer '40S ribosomal protein uS19'
33 polymer '40S ribosomal protein uS2'
34 polymer '28S ribosomal RNA'
35 polymer '5.8S ribosomal RNA'
36 polymer '5S ribosomal RNA'
37 polymer '60S ribosomal protein eL13'
38 polymer '60S ribosomal protein eL27'
39 polymer '60S ribosomal protein eL28'
40 polymer '60S ribosomal protein eL29'
41 polymer '60S ribosomal protein eL30'
42 polymer '60S ribosomal protein eL31'
43 polymer '60S ribosomal protein eL14'
44 polymer '60S ribosomal protein eL32'
45 polymer '60S ribosomal protein eL33'
46 polymer '60S ribosomal protein eL34'
47 polymer '60S ribosomal protein eL36'
48 polymer '60S ribosomal protein eL38'
49 polymer '60S ribosomal protein eL39'
50 polymer '60S ribosomal protein eL40'
51 polymer '60S ribosomal protein eL15'
52 polymer '60S ribosomal protein eL43'
53 polymer '60S ribosomal protein eL44'
54 polymer '60S ribosomal protein eL6'
55 polymer '60S ribosomal protein eL8'
56 polymer '60S ribosomal protein eL37'
57 polymer '60S ribosomal protein uL13'
58 polymer '60S ribosomal protein uL14'
59 polymer '60S ribosomal protein eL18'
60 polymer '60S ribosomal protein uL15'
61 polymer '60S ribosomal protein uL16'
62 polymer '60S ribosomal protein uL18'
63 polymer '60S ribosomal protein uL22'
64 polymer '60S ribosomal protein uL23'
65 polymer '60S ribosomal protein eL19'
66 polymer '60S ribosomal protein uL24'
67 polymer '60S ribosomal protein uL29'
68 polymer '60S ribosomal protein uL30'
69 polymer '60S ribosomal protein uL2'
70 polymer '60S ribosomal protein uL3'
71 polymer '60S ribosomal protein uL4'
72 polymer '60S ribosomal protein uL5'
73 polymer '60S ribosomal protein eL20'
74 polymer '60S ribosomal protein uL6'
75 polymer '60S ribosomal protein eL21'
76 polymer '60S ribosomal protein eL41'
77 polymer '60S ribosomal protein eL22'
78 polymer '60S ribosomal protein eL24'
#
loop_
_entity_poly.entity_id
_entity_poly.type
_entity_poly.pdbx_seq_one_letter_code
_entity_poly.pdbx_strand_id
1 'polyribonucleotide'
;AACCUGGUUGAUCUUGCCAGUAGUCAUAUGCUUGUCUCAAAGAUUAAGCCAUGCAAGUGAAAGUAUAUAUAUAUAUAUGU
AGAAACUGCGAACGGCUCAUUAAAACAGUUAUAGUCUACUUGACAUUUAUAAGGAUAACUACGGAAAAGCUGUAGCUAAU
ACUUGCAUUAUCCUUUUGGAUAAGUAUUUGUUAGAAGGAAUUAUAACAAAGAAGUAACACGUAAAGUGUGUAUCAAUCGA
GUUUCUGACCUAUCAGCUUUUGAUGUUAGGGUAUUGGCCUAACAUGGCUAUGACGGGUAACGGGGAAUUAGAGUUCGAUU
CCGGAGAGGGAGCCUGAGAAAUAGCUACCACAUCUAAGGAAGGCAGCAGGCGCGUAAAUUACCCAAUUCUAAAGAAGAGA
GGUAGUGACAAGAAAUAACAAUGCAAGGUUUGUAUUGGAAUGGUGGGAAUUUAAAACCUUCCCAGAGUAACAAUUGGAGG
GCAAGUCUGGUGCCAGCAGCCGCGGUAAUUCCAGCUCCAAUAGCGUAUAUUAAAAUUGUUGCAGUUAAAACGCUCGUAGU
UGAAUUUCAAAGAAUCAUUCUUUUUAAAAUCCGAUUUUGUUACUUUGAGUAAAUUAGAGUGUUCAAAGCAAACAGUUAAA
GCAUUGUGUUUGAAUACUAUAGCAUGGAAUAACAAAAUUGAACAAGCUAAAAUUUUUUGUUCUUAUUUUGGCUUAGUUAC
GAUUAAUAGGAGUAGCUUGGGGACAUUCGUAUUCAGAUGUCAGAGGUGAAAUUCUUAGAUUUUCUGGAGACGAACAACUG
CGAAAGCAUUUGUCUAAAAUACUUCCAUUAAUCAAGAACGAAAGUUAAGGGAGUGAAGACGAUCAGAUACCGUCGUAAUC
UUAACCAUAAACUAUGCCGACUAGGUGUUGGAUGAAGUGCUUCCUUCAGUACCUUAUGAGAAAUCAAAGUCUUUGGGUUC
UGGGGCGAGUAUUCGCGCAAGCGAGAAAGUUAAAAGAAUUGACGGAAGGGCACCACCAGGCGUGGAGCUUGCGGCUUAAU
UUGACUCAACACGGGGAAACUCACUAGUUUAAGACAUUGGAUGGUGAUGCAUGGCCGUUUUUAGUUCGUGAAUGAUUUGU
CUGGUUAAUUCCGAUAACGAACGAGAUCUUAACCUGCUAAUUAGCGGCGAGUACACUGUACUUGCUGCUUCUUAGAGGAA
CAUUGUGUGUCUAACACAAGGAAGUUUAAGGCAACAACAGGUCUGUGAUGUCCUUAGAUGAACUAGGCUGCACGCGUGCU
ACACUGAUAUAUAUAACGAGUAAAAUAUGCUUGCAUACUUUUCCUCCGCCGAAAGGCGUAGGUAAUCUUUAUCAAUAUAU
AUCGUGAUGGGGAUAGAUUAUUGCAAUUAUUAAUCUUGAACGAGGAAUGCCUAGUAAGCAUGAUUCAUCAGAUUGUGCUA
ACUACGUCCCUGCCCUUUGUACACACCGCCCGUCGCUCCUACCGAUUGAAAGAUAUGAUGAAUUGUUUGGACAAGAAAAA
UUUUUUCUGGAAAAACCGUAAAUCCUAUCUUUUAAAGGAAGGAGAAGUCGUAACAAGGUUUCCGUAGGUGAACCUGCGGA
AGGAUCAU
;
A
2 'polyribonucleotide' CGCGGGGUGGAGCAGCCGGUAGCUCGUCGGGCUCAUAACCCGAAGGUCGUCGGUUCAAAUCCGGCCCCCGCAACCA 7
3 'polypeptide(L)'
;PISKKRKFINDGVFQAELNEFLARILAEDGYSGVEVRVTPIRTEVIIRATRTREVLGDKGRRIRELTSLVQKRFFNKSTN
SVELFAERVEHRGLCAMAQAESLRYKLLKGLAVRRACYGVLRHIMESGAKGCEVIVSGKLRAQRAKSMKFRDGYLISTGE
PSKRFVNTATRSAQLKQGVLGIKVKIMLPTAIDTRTGLTSILPDNISVL
;
D
4 'polypeptide(L)'
;PKSYRNYSKTARNPKRPFEKERLDQELKLIGEYGLKNKREIWRVQYLLAKIRSAARYLLTLDEKSSKRIFQGEALLRRMV
RQGLLGENEEKLDYVLGLTLPKLLERRLQTKVFKLGLAKSVHHARVLIRQRHIRVGKQMVDIPSFLVRVDSEKHIDFATT
SPFGGARPGRVKRKSLKKQKEKTEA
;
E
5 'polypeptide(L)'
;KNWVPVTKLGRLVKEGKIVSIEEIYLHSLPIKEYQIIDYFFQPNECSHPLKDDVVKIMPVQKQTRAGQRTRFKAFVAIGD
GNGHCGLGVKCAKEVATAIRGAIISAKLSLIPVRRGYWGNKIGDPHTVPMKVSGKCGSVRIRLVPAPRGTQIVGAPTTKK
MLNFAGIKDCFSSSCGKTKTKGNFLRAIFNALSKTYGYLTPDLWKVTNFDKSPYEEWSDFLETY
;
G
6 'polypeptide(L)'
;DIKLFKKWSYEEINIADLSLVDCIAVSQKACVYTPHTAGRYQKKRFRKALCPIVERLVNSMMMHGRNNGKKLKAIRIVAY
AFEIIHLMTGENPLQVFVNAVQKGGPREDSTRIGSAGVVRRQAVDVSPLRRVNQAIYLICTGARNAAFRNIKSISECLAE
EIINCANESSSSYAIKKKDEIERVAKANR
;
I
7 'polypeptide(L)'
;VRMSVLADCLKTINNAEKRGRRQVLIRPSSKVVIKFLQYMQKKGYIGSFEIVDDHRSGKIVVNLLGRINKCAVISPRYDV
KLDEIEKIITSILPSRLFGHLILTTPYGIMDHEEARRKHTGGKVLGFFF
;
K
8 'polypeptide(L)'
;KRVQTFGKKKTAVAVATVTNGKGLIKLNGKNLDLVEPYILKTKVYEPLWLIGSGKLKNLDIRIRVKGGGQTSQIYAIRQA
IGKGIISYYQKYVDESTKKELKDVLLRYDRSLLVGDTRRCEPKKFGGKGARARYQKSY
;
M
9 'polypeptide(L)'
;RVRTKTIKRAARQIVEKYYAKLTLDFQINKKITEEVAIIPSKRMKNKVAGFVTHLMKRIQKGPVRGISLKLQEEERERRL
DFVPEKSQIDVSVIYVEPDTLRMIKSLG
;
W
10 'polypeptide(L)'
;VTAIQKVIKNAHVHDGLKIGIREVIKSIESQEAKVCFLSDVCSEPAYKKLITTLCAEKNIPLFMVQNDSKDLGHWAGLFK
LDNEGNARKIIGASSVAVVDFGEDSAEKDFLLSQ
;
R
11 'polypeptide(L)' YSYIPKQNKKLIYEYLFKEGVIVVEKDAKIPRHPHLNVPNLHIMMTLKSLKSRNYVEEKYNWKHQYFILNNEGIEYLRE O
12 'polypeptide(L)'
;RLLEPVPFVKTNNCIKDVDADLFIRSYATHLKLHNKITYPKWCTFVKTGKGRKLAPLNEDWYFIRASSILRRLYLHPDIG
VGFLRRQFSSKQRRGVAPNHTSLASGKILRSILQQLENLGYVEQNPKKKGRRLTTKGENAINNFARYINKKVYN
;
Y
13 'polypeptide(L)' IYIPRKCSATSRLIPAKEHGAVQINVGMVDANGVYNGKTETFAISGHVRQNGESDACLNRLMYEKKLLSFQN Z
14 'polypeptide(L)'
;DQFTIRVKKYMSNPLLRRKQFALEILHPNKGSVAKKEVKERLAKMYKLNNVNTIVLFGFKTLFGGGRTKGFGLIYKNVDA
VKKFEKKYRLVREGLIDKETKAGRRASKELKNRRKKVRGT
;
1
15 'polypeptide(L)' KLNHAVFIDKSLHSKILECKNMKVITPSAIAEKYKVNLSVARAVINHLADKKLIAEVCVQSHSQKLYT 2
16 'polypeptide(L)'
;PKKRRNGGRSKHNRGHVNPLRCSNCGRCVPKDKAIKRFNIRNIVDTSAQRDIKEASVYSTFQLPKLYIKQCYCVSCAIHS
RFVRVRSREQRRVRK
;
3
17 'polypeptide(L)' NPDPVEESKKHKLKRLIPTPNSYFMDVKCPGCLQITTLFSHAQNVVLCGSCNIMLCQPTGGKCKLTEGCSFRKKIE 4
18 'polypeptide(L)' EKSKLAKVEKVLGRTGSRGGVIQVRAQFMGDSELAGRFLIRNVKGPVREGDILALLETEREARRL 5
19 'polypeptide(L)' GSLARAGKVKNQTPKVPKLDKKKRLTGRAKKRQLYNRRFSDNG 6
20 'polypeptide(L)'
;FTKKEWYDLKAPKMFLVRNFGKTLVTKTIGKKLATDSLKGRIYEVNLADLNNDEDQAHKKIKLSCDHIINRDCYTDFCGL
SITRDKLCSLIRKGYTLIEGHTDVKTLDNYHLRMFCIAFTKKRQNQTKSTCYAQTSQIKKIRKKMVDIMTAEASKVLLKD
LVKKFIPESIGKEIEKQCKKIYPLQNVLIRKVKILKRPKLDISKLMELHT
;
B
21 'polypeptide(L)'
;GKGIKKHLKRVNAPSHWMLNKMGGQYAPKTSSGPHKLLESIPLVILLRNRLKYALTFDEVKMILIQKIVKVDNKVRTDCT
FPVGLMDVIHITKSNEYFRLLYDIKGRFVPHRITNEESKYKLCKVKKILLRKGRLSIAVTHDGRSIPYIHPDVKVNDTVR
LDLETGKVLEHLKFQVGSLVMVTAGHSVGRVGVISSIDKNMGTYDIIHVKDSRNKVFATRLSNVFVIGDNTKPYISLPRE
KGIKLDIIEERRNRLKA
;
F
22 'polypeptide(L)'
;MKLNISNPLNNVQKSIEIDDEKKLLPFMEKRIGNAVPGDSIGEEFTGYVFRITGGNDKQGFPMIQGVLTNNRVRLLFKKG
MKCYRPRKKGERKRKSVRGCIVGQDLSALNLTLVKKGVNEIPGLTDKAVGKKLGPKRASKIRKLFNLDKSDDVRKYVIIG
RAITKNGKTKFIKPKIQRLVTEKRLLRKRNLLQAKDKRRLEKKQQLKEYKQLLN
;
H
23 'polypeptide(L)'
;AVQKRVLKSNPSDLEKEIAQCLLDIELSSSSDIKTDAKEIKLLSCDLIEVEKLKKKTILIYIPYKIYTTYVRKIQRKLIN
ELEKKTKKYVVLVAKRTILKGKQKNKSFKIIPRSRTLTSVYDSILEDIVSPSEIIGKRISMKADGKRVFKIMLDSKERQR
DNIEEKLISFAAVYKKITRRDAVFSLPP
;
J
24 'polypeptide(L)'
;RDGRHKLRLTGGKKKIHKKKRKYELGRPPSNTKLGSRQVHVVRGRGRNYKYRAIKLDSGSFSWPTFGISKNTRIIDVVYN
ASNNELVRTKTLVKNCIVVIDSHPFTTWYENTFGTTLGKKKKEKKEEDNKEENKQEVENNEEAAKDETTKTYGVIKKIGK
SKNIDPLLLEQFKQGRVLACISSRPGQCGKADGYIIEGDELLFYKRKMDKKKRN
;
L
25 'polypeptide(L)'
;IALTSKNLRAIEKVCSDIMKGAKEKNLNVSGPVRLPVKTLRITTRKSPCGEGTNTWDRFELRIYKRLIDLYSQCEVVTQM
TSINIDPVVEVEVIITDS
;
N
26 'polypeptide(L)'
;ELVFGVAHIFASFNDTFIHVTDLSGRETLVRITGGMKVKADRDESSPYAAMMAAQDVAARLKELGVTAIHIKLRASGGTK
SKTPGPGAQSALRALARSGLKIGRIEDVTPIPTDSTRKKSGRRGRRL
;
P
27 'polypeptide(L)'
;GSGKPSGLRAARKLRIRRRTQRWADKSYKKSHLGTRWKSNPFRGSSHAKGIVVEKVAIEAKQPNSAYRKCVRVQLIKNGK
KITAFVPGDGCLNFIDENDEVLVSGFGRSGHSVGDLPGVKFKVVKVARVSLLALFKEKKEKPRS
;
Q
28 'polypeptide(L)'
;QHILRILNTNVDGKEKVIIALTAIKGIGKRMATVICKQANVDPTKRAGELTTEEIDNIVHIMSTPTQFKIPDWFLNRRKD
LKEGKNIHVIANQLDSYLREDLERMKKIRLHRGLRHHWGLRVRGQHTK
;
S
29 'polypeptide(L)' VHPKKYGQGSRQCRVCSNKHAIIRKYNINICRQCFRERADIIGFKKYR T
30 'polypeptide(L)'
;RMYGKGKGISSSTLPYKRKQPSWLKQKPSEIEDAIIKLAKKGQTPSQIGATLRDNYGIPQVKSVTGNKILRILRAQGIAT
TIPEDLYFLIKKAVSMRKHLEKNKKDKDCKFRLILTESKIHRISRYYKRKKLLPSNWKYQSSTASALIA
;
U
31 'polypeptide(L)'
;DVQHERAYQKQEGASFFNSKKIKKGSKSYIRYWKKVGLGFATPKEAKEGVYVDKKCPFTGNVSIRGRILKGMVISNKMKR
TIIIRRNYLHYVKKYNRFEKRHKNIPCHCSPCFDVKEGDIVTVGQCRPLSKTVRFNVLHVEKHQIFGSARKQFVLF
;
V
32 'polypeptide(L)'
;DLDKLLDLSQDELIKLFKARQRRKFQRGISKKAKSLLKKIRKSKKNCEPGEKPNPVPTHLRNMTIIPEMVGSIVAVHNGK
QYTNVEIKPEMIGYYLGEFSITY
;
X
33 'polypeptide(L)'
;KEESIAKMLICKVHIGTKNLENKMKRYVYTRAKDGVHIINLAKTYEKLQLAARIIVAISNPADVVVVSARPFGSRAVLKF
AQYTGAQAIAGRWTPGMLTNQIIQKFTEPRLLIVTDPRTDAQSVKESAYANIPVIALCDSDSPLEHVDIAIPCNNKGKES
IALMYWLLAQEVLYLKGVIPRSEPWNVMVDMFLWR
;
C
34 'polyribonucleotide'
;GAUGUUAGGAGGGCAAAUCCGCCGAAUUUAAGCAUAUAAUUAAGCGGAAGAAAAGAAAAUAACUAUGAUUCCUUUAGUAA
CGGCGAGUGAACAAGGACCAGCUCAAACGGUUAAUCCUUCGUUUGGUGCAAACCUUUCGACGGAAUUGUCGUUGAAUUAU
UCCAUGAAUGCCUUUAAUUUGAGCAAAGUGAGCAGGAAUGCUUCCCCAUAGAGGGUGAAAGGCCCAUAGUUCUUUUUAAU
UUAUUCAUUGGAAUUUUUCAUGUCGAGUCGUGUUCUUUGAGAUUGGAGCACUAAUACGUGUGAUACAUUUCACAUAAAGC
UAAAUAUAUGUAGGAGACCGAUAGCAAACAAGUACCGUGAGGGAAAGAUGAAAUAGUACUCAGGAAUGAGCAAUUAAAUA
GUACCUGAAAUCGUUAAGAUGGAACGGAUUAAGAGAGAAAACAAGUAAAGAGGGGAAUAUUCUCUUCUUUAUUAAAAGAA
ACAUCAGUGAUUAAUUUAAUUUCAAUAAAGCAAUCCCCUGAAAUUGUUUUCACUUUCUCCCCGCACUAAUGUGGGGAAAA
CUGGCUUUAUUUCUUCAAUUAUUUUUUUUGCUGAGGAAUUUUAAAAUUAUUUGAAUUUUUCUUCUUAUAAUUUAAGUUGU
UUCUAUACAGUACUUUCUUAACCCACUCGUCUUGAAACACGGACCAAGGAGUCUAGCAAAUGUGCAAGUGUAUAUGAUUC
UUUAAACAUUUUACGCAUAAUUAAUGUAAUAUGUCCAUUGUAGAUUUGUGCCCCACUUUGCAUACAAUACCGGUAAGCAA
AUGCUUUAUUGAGUACGAGCAUAUUUGGUAGGACCCGAGAGGCUUUGAACUAAGCGUGAUGAGAUUGAAGUCAGACGAAA
GUCUGAUGGAGGAUCGAGUUGAUACUGACGUGCAAAUCGUUCAUUUCAAUCACGUUUAGGGGCGAAAGACUAAUCGAAAA
GCCUAUUAGCUGGUUAUUUUCGAAAGAUCUCUCAGGAUCGCUGGAGUUGAUUAAUAUAAUUUUACCAGGUAGAGAUAAUG
AUUAGAGGACAGGGCCUUGACCUAUUCUCAAACUCCCAAUAGGUAAAAAGGGCGAAAUAACUCAAUUUGUAUUUCACUCA
UAUUAAAUAAAAUAACUCCAAGUGGGCCAUUUUUGGUAAGCAGAACUGGCGAUGAGGGAUGCUCCUAACGCUUGGAUAAG
GUGCCUAAAUAUUCGCUCAUGAGAUCCCAUAAAAGGUGUUGGUUCAUAUGAACUAGCCCUGAAAAUGGAUGGCGCUAAAG
CGGAUUACCGAUACCAAGCCAUAAAAAGAAGAAAAAAUUUUUUUUUAGAAUCUUUUUAUGAGUAGAAAAUCGUGGGGUUU
GUGUUGAAGCGAAAUACGUGAGUUUUCGUGGAACAUCUCCCUAGUGCAGAUCUUGGUGGAAGUAGCAACUAUUCAAAUGA
GAACUUUGAAGACUGAAGUGGAGAAGGGUUUCUUGUCAACUGUGAUUGAACAAGAGUUAGCCGCUCCUAAGGGAUAGCUG
AAAAGUGUUUAAAGGGGUCCCCGUCUCAAAAGGGAAACAGGUUGAUAUUCCUGUGCCAAUAGUAUUAUGAGUUAGAUGGU
AACAUAUAUAUAAAUGAACUCCUUUACAUAGGCUUUACACUCGGGGUGCGUUUUCUUUGCACUUUACCUUUAUAACAAAC
CUUGGAAUCAAUUUACUUGGAGAAGAGGUUCGUUGAACUCAAUUCAAAAAUUUGUUUUGUAGCAAUAGUAAUUCGUAAUU
AUCCGAAGUGGUAAGGACUAUCCUUGAAAAAAGGAGGGAACGGCUUUGUGCUUUGCUACUCUUAAUACUUGUAUGAGCGU
ACCAACAACCGCAUCAGGUCUCCAAGGUUAACAGCCUCUGGUUAAAUAGAAAAAAGUAGGUAAGGGAAGUCGGCAAAAUA
GAUCCGUAACUUCGGGAAAAGGAUUGGCUCUGAGGACAUUAAUGUUAACUCAGAACUGAAACGGACAAGGGGAAUCCGAC
UGUUUAAUUAAAACAUAGCAUUGUGAAAAGCCACAACUGGUAUUAACACAAUGUGAUUUCUGCCCAGUGCUUUGAAUGUC
AACUUGAUGAAAUUCAAUCAAGCGCAGGUAAACGGCGGGAGUAACUAUGACUCUCUUAAGGUAGCCAAAUGCCUCGUCAU
CUAAUUAGUGACGCGCAUGAAUGGAUUAACGAGAUUCCCACUGUCCCUACUUGCUAUCUAGCGAAACCACAGCCAAGGGA
ACGGGCUUGGCAAAAUCAGCGGGGAAAGAAGACCCUGUUGAGCUUUACUCUAGUCUGGCUUUGUGAAACGACUUAAGAGG
UGCUACUUUUAAAGUUGUUUUACUUAUCCAUUUAUAGGGAUGAAUUUCCCAAUAUGGAGACAUAGCCAGGUGGGGAGUUU
GACUGGGGCGGUACAUCUGUUAAAUAUUAACGCAGAUGUCCAAAGACAAGCUCAAAGAGAACAGAAAUCUCUUGUAGACU
AAAAGGGGAAAAGCUUGUUUGAUUUCUAUUUUCAGAACAAGUAGAAAACGUGAAAGCGUGGCCUAUCGAUCCUUUAUAUU
UGCAAAAUGACGUAAAUUACUUACUACUGUGCAUAUAGAGGUGUCUGAAAAGUUACCACAGGGAUAACUGGCUUGUGGCU
GCCAAGCGCUCCUAGCGACGUAGCUUUUUGAUCCUUCGAUGUCGGCUCUUCCUAUCAUUGGGACGCAGAAGUCUCAAAGU
GUCGGAUUGUUCACCCGCUAAUAGGGAACGUGAGCUGGGUUUAGACCGUCGUGAGACAGGUUAGUUUUACCCUACUGAUG
AAUUUUAUUAUAUAUAUACAUAUAGUAUUGUGACAGUAAUCCAACUUGGUACGAGAGGAUUAGUUGGUUCAGACAAUUGG
UACAGCAAUUGGUUGACAAACCAGUGUUGCGAAGCUAAGUCUGUUGGAUAAUGGCUGAACGCCUCUUAAGCCAGAAACCA
UGCUGAUUAAACAAUACUAUCUUUUUUGUUUGCUAAUGUAAAAGAGAAAUUAUAUAUGUACCGGUACAUAAAUAAUCCUA
UCACCUUUUUCGUGAGCUGAGCUGUGAGCUAGGCAAUAGUUCUUUAACAACAAAAAAGAGCACAAACUGUAGACGACUUU
UUUGCCUCAGGGUGCUGUAAACAUGAAAGUAAACUUUACGAUCUGUUGAGGCUUAUCCCUAGUGGUAAAGUGU
;
AA
35 'polyribonucleotide'
;AGCACAGUCUUAACGAUGGAUGUCUUGGUUCCUACAGCGAUGAAGGCCGCAGCAAAAUGCGAUACGCAAUGAAAAUUGCA
GUGACUGAAUCAUCAGAAUGCUGAAUGUAAACUACACCAAUUCCCUGGGAAUAGUGGUACUCCUACAGAAA
;
AC
36 'polyribonucleotide'
;GACUCGUUCAUACUACAGUGGAUACACCAGAUCCCAUCAGAACUCUGAAGUUAAGCACUGUAAGGCUUGGCUAGUACUGA
GGUGGGAGACCGCUCGGGAACACCAGGUGAUGAGUCAG
;
AB
37 'polypeptide(L)'
;VAHNNVLPNVHLHKWWQHRVRVNFSKNIKKKKRRLLREKRRKANGGTPIEKLHPIVHCPTQRYNFRTRLGKGFTFEELKG
AGLTPRAAQTIGICYDKRRKNRSEESLTKNVERLLKYKNSLVMIPLKKNKAKKGIGGIPADADKNTIKEFRNKKPLLSIF
KKEKNTKPFYETIEVSKIDKEFLAYKTLRRAKLAERRKNCRQQKKDIKFKS
;
AL
38 'polypeptide(L)'
;GKLLKPGKVIIILNGRRAGKKAVIVNTYEGQTRERPYSYCLVAGIEKHPLKVNKSMTKKKIVKRSKVKAFIKCINVNHIL
PTRYQVANDFDIKSLASDDVLKSKNKKKEVKKLGKIFRDKFLEPVNKKTGEVSKDISFLHKKLYF
;
A1
39 'polypeptide(L)'
;SNVSNALVWELTRKSNCFIKKNKAGKKGVFLCDPLNVNYKNTPSSSGLVKSNSTNVTLKDGKVVFSVKTSKESNVVNQHF
KAKNMKNVEKLLQQHGSFEKAKNKEKLLKKYKRLSKLY
;
A2
40 'polypeptide(L)' AKSKNHTNHNQNRKAHKNGIKKPKKHKFMSRKGLDPNFFRNQKYCLKGIQKKKKELKLKAKQEKNN A4
41 'polypeptide(L)'
;SAGDNINAKLQLVMKSGKYQFGRKSCLKALRTGKGKLVIVSSNCPSIQRSVIEYYAMLSKCGVHDYHGDNNDLGTACGKL
FRISCLVITDVGDSDIIK
;
A6
42 'polypeptide(L)'
;PVTKFITINLSKLTHKVCYKRKAPRAIKEIRSIAGKLMHTKDVRLDVKLNKFIWSKGVRNPPKRVRVKLERKRNEDEDSK
EKMYTIVEHVMVDSYKGLVNEC
;
A7
43 'polypeptide(L)'
;VELTEEELYISKKNLLFKRFVEPGRLCLIEYGPYAGKLCFIVDIVTITRVIVDGAFITGVPRMVIPLKRLKLLKERIKIN
KNCKSGFLRKTVNSTKVLEEFNNSKLGKKMIIKKKRDEATDFERFQVYFAKRELKKKMTTIKNKKN
;
AN
44 'polypeptide(L)'
;AVKKVGKIIKKRTKKFTRFQSNRFMRVKPAWRKPRGIDCRVRRRYKGTNLMPSIGYGSNKKTKFLLPNNKYKYVVKNVKE
MEPLIMNHTKYCVQIAHNVSSKKRKQIIERAKQMNVSVINAKARL
;
A8
45 'polypeptide(L)'
;LQAVRLYEKGVILGYKRSQRNQDPNFTLISIKNVNTKKHAQFYVGKRVAYVYRTTKHHDGVKIKCIWGKVCRTHGNSGVI
RAKFKTHIPPKAFGDRVRILMYP
;
A9
46 'polypeptide(L)'
;AQRVHYRRHNHYNTKSNKVRPVRTPGGKLTIHVVKKKAGKPKCADCKTAIQGVKALRPADNYRARRKNRTVARAYGGSIC
ARCIRERIMRAFLFEEQKCVRQVLKE
;
Aa
47 'polypeptide(L)'
;GRKSTIKPATGIAVGFNSGHVVTKRNLKLHKKKKPFSKRKELIKDVVREITGFSPYEKRIIELIKIGTSASTKRSLKYAK
KKLGTHKRGKAKREEIQKVVILQRR
;
Ab
48 'polypeptide(L)' PKQITDIRKFLKISRKPDTTAVIIMKKKSKTKKNTVITKLKLRTKKYLYTMVFADRKKAERIENSLLPSLKRIYYP Ad
49 'polypeptide(L)' GSIKRFRLKQRLGKCRRQNRPVPHWYRLKKDTKIRYNTKRRHWRRTKLGL Ae
50 'polypeptide(L)' AIEPSLAQLAQKYNCQKLICRKCYARLHPRATNCRNKKCGRTNQLRPKKKL Af
51 'polypeptide(L)'
;GAYKYIQEIWKKKQSDAMHFLLRVRTWEYRQLPVVHRVSKPSRPDKARRLGYKAIQGFVIYRVRVRRGDRKKRVKKGIVH
GKPKHQGVHKQKSTRNLKSVAEGKVGKSICGNLRVLNSYWVGQDAVYKYYEVILVDPNHNAVRNNPKINWICNPVHKHRE
LRGLTSAGKKYRGLRVKGHLSAKSRPSIRANWKRRQLIKLRKCR
;
AP
52 'polypeptide(L)'
;SRRTKKVGLTGKYGTRYGSSLRKQIKKIELMQHAKYLCTFCGKTATKRTCVGIWKCKKCKRKVCGGAWSLTTPAAVAAKS
TIIRL
;
Ah
53 'polypeptide(L)'
;VNVPKTRKTYCSNKCKKHTMHKVSQYKKGKERLSSLGRRRYDMKQKGFGGQTKPVFKKKAKTTKKIVLKLECTKCKKKRF
QTMKRCKTFEMGADK
;
Ai
54 'polypeptide(L)'
;KHYNVKGKKKVLVPVNAKKTINKKYFGRKVASKKKYVVQRKLRKSIEVGKVAIILTGKHMGKRCIITKILNSGLLAVVGP
YEINGVPLKRVDSRYLVVTSTNIFNFENIAKLKDDFLNYAQDIDDDSFIKTLEIKKKQKKLLKNKNEALFMNNVIDKIKE
IRKEDPKVQKLEGIQKDIGSLLKPEILKNKVFAHYLKSKFTLRNDMVLHKMKF
;
AI
55 'polypeptide(L)'
;KDNPLIFEKKKRSNIIGVGVRPKKDLSKYVKWPRYIRIQRKKKILLQRLKVPPSINQFNHTLPKSQTQDLLNFLKAYKPE
SKTDKKQRLLNKAKEALNKNITKDKKPLFLKYGINHITKLVENKKANLVVIANDVSPIELVLFLPALCRLKEVPYCIVKD
KATLGKLVHKKTATAVCLESVKKEDQEKLDYFAKVCKENFNDNVDLRRKWGGQKMSAKSMLLKKMKDKARKIEEAKKKEI
SAKL
;
AJ
56 'polypeptide(L)'
;GKAGKGTGSFGKRNGKTHFLCLRCGKRSYHLQKKKCASCGYPSAKKRRFNWSVKAKRRNTTGTGRCRYIKTLRRKLKNKF
TEGSTPKPK
;
Ac
57 'polypeptide(L)'
;MYKKEYVIDCKGHLLGRLASLIAKELLNGQRIVAVRCEDINISGSLYRNKLKYQEFLRLRTNTNPKKGPLHLREPSKILW
RCVRGMLPHKTYKGQLALKKLKVCVGMPAPYDKKKKYVLPSALRAFRLKKHRRYCRLGTLSSRVGWNYDTLVKKNEVLRK
QVSKAYYKKKVNNLNEKKEIKTEALNLINPEQRQVLENFGY
;
AK
58 'polypeptide(L)'
;TLKNKMRITLSLPVGALINCCDNSGGKNLYIIAVQGFGSCLNRLPAASLGDMVLATVKKGKPDLRKKVLNAIICRQSKAW
RRHEGYYIYFEDNAGVIVNPKGEMKGSAITGPVARECAELWPKLSSAASAIV
;
AM
59 'polypeptide(L)'
;GIALKNVGRIKKHGRKHLVSKNPYLRLLVKLYNFLARRTNANFNKIIAKRLIMPKRYRPPLSLSKLQYHMANHPNDIAVV
VGSITDDKRLFSLKQLKVCALRFTETARKRIEDAGGECLTFDQLALKYPTGKKCVLLRGPTKARTAEKHFGKAPGKPKSK
ARPYVRSKGRKFEKARGRRKSRAYKK
;
AS
60 'polypeptide(L)'
;ATRFKKNRKKRGHVSAGHGRVGKHRKHPGGRGKAGGLHHMRINFDKYHPGYFGKVGMRHLNLLKNRTYCPTINVDKLWGL
LPEEKKKEFSENKDIAPVIDVTRKGYFKVLGNGKLKHNQPIVVKARYFSSVAEKKIKAVGGQCILVA
;
AO
61 'polypeptide(L)'
;GRRPARCYRYCKNKPYPKSRYCRGVPDPKIRIYDMGRKKADVNEFSGVVHLVSYEYEQISSEALEAARISANKYMITNCG
KDNFHLRVRIHPFHVLRINKMLSCAGADRLQTGMRGAFGKPNGVVARVDIGQVLLSIRTKENFVSKACEALRRAKYKFPG
RQKVFVSNKWGFTPFSKDEYQQYKKKGRIISDGVSCKFIREKGPL
;
AQ
62 'polypeptide(L)'
;KVVKNKAYFKRYQVKYRRRREGKTDYRARKALILQDKNKYNAQKLRFVVRKTNSQVICQIACAHIEGDKILAEAKSKELI
RYGIPVGLKNYAAAYATGLLCARRFLKSLNLDTQFLGVEKVTGEIENNEDKEDEEGRKPIKAFLDVGITRTTTGNRVFAA
LKGACDGGLNIPHGNNRFPGSKNEFNPEQLRKNILGIHVAEYMKTLQEEDNDKYKTHFNDYLKNNIGADDIEQMYLNAHE
KIRQNPEKESKDTKNVKKFVSKHEKPKKLNAKLRKKRVKEKLALYVELQ
;
AR
63 'polypeptide(L)'
;YAKKIRNLGKCAKGAGVDLRVHFKNTYEAARAIRRMKLLEAKKYLNDVIEKKRCVPFRKYNGGVGRTNQAKEFNHTQGRW
PAKSCKFLLNILDNVQANAESRNLDVSKLRLIHVMVNKARPGRRRTYKAHGRINPFMSSPCHIQIIAREIN(UNK)
(UNK)(UNK)(UNK)(UNK)(UNK)(UNK)(UNK)(UNK)(UNK)(UNK)(UNK)(UNK)(UNK)(UNK)(UNK)(UNK)
(UNK)(UNK)
;
AW
64 'polypeptide(L)'
;ARNPKCPRIVKSCHSKTLDKYGLIKYPLTSEKAMKKIEEINTLVFMCDKRANKKNIKKSVKNLFGIECDKVNVLNTLNGD
KKAYVRLSGEHDALEVANKIG
;
AY
65 'polypeptide(L)'
;SLTLQKRLAASVLKCGKNKIWMDPNEISEISLANSRFSIRKLYKEGLILKKPQKVHSRARVRLYKLAKRKGRHMGIGKRK
GTKNARTNQKTLWIKRQRVLRRLLKRLRDSKKVDRHLYHSFYLKCKGNQFKNKRTLIEAIQREKNETLKKKAIADQLEAK
RLKAQVLRNKRKLKKDKEVVA
;
AT
66 'polypeptide(L)'
;KFNKQKSSSRRKMRKAHFTAPAGLRRKIMSSKLSKELRLKYKTRSLPVRKDDEVLICRGHNHGREGKVVKINRKRYKIYV
ERVTREKVNGESTFIGIHPSNVVLTKLKVDKNRKKILDRKA
;
AZ
67 'polypeptide(L)'
;NVKAYELRTLKKKELLDKLDELKKELSGLRISKALGNSAKNSKIHGVRKNVARVLTVYNQKRKMELRQLYKNKKFKPYNL
RKKLTKNKRLQLSPKQKAAMTLRQKKKVQNFPQRKYLVV
;
A3
68 'polypeptide(L)'
;AAKKIKTLKLINKKKRNDLRQRTLRYEEEYESERKKIIELKREARKNNCFYREAEKKVVFVIRLKGVNKLPPKVRSVFRL
LRLLQVHNGVFVKVNKATKEMLKIVEPYVTYGYPTLSTVRKLLYKRGYVRVGKVRRYARKKIQDNADISKHLGKYNVHGI
EDMVYQLYTCGPVFKKVNNFLWAFKLKPPRKGFKAKRHAFNEPRPGDWGNREAHINELINRMI
;
A5
69 'polypeptide(L)'
;GRVIRGQRKGRGSIFKSHNHHRKGAAKLRHLDYCEKKGYIKGLVKDIIHDPGRGAPLAKVIFKRTEKYGKKEELIIASEG
MFTGQYISCGTKAPLSVGNILPIGKMPEGTLICNLEHRTGNRGTLVKASGCYATVVGQSEDGKKTKVRLPSGAKKTIDAK
ARAMVGVVGAGGRIDKPILKAGVAHHKYRVKRNCWPKVRGVAMNPVEHPHGGGNHQHIGHPSTVSRSAPAGQKVGLIAAR
RTGLLRG
;
AD
70 'polypeptide(L)'
;SHRKFERPRHGSLGFLPRKRCKRLRGKIRSFPKDDKEKPPHFTAFMGYKAGMTHIVREVDKPGSKLHKKEIVEACTIIEC
APMVVVGIVGYRETPKGLRILSTVWANHVSDEFRRRYYKNWYKSEKKAFTKSLNVPEATKNCLLKRIEKYCTVLRAICHT
QPSKTPLRMKKAHIMEVQINGGSMKEKLEFVKEMLEKNLPVSTVFNPNEMIDVISVTKGHGTKGVVSRYGVKRLPRKTHR
GLRKVACIGAWHPARVQFQIPRHGQKGYFHRTERNKKIYRIGLKTDKNSASTDADITEKKITPMGGFPHYGVVNEDFLLL
KGCVAGTKKRPITLRKNIVPQVSRDALAQVSLKFIDTSSKIGHGRFQTSEEKVKYYGPLK
;
AE
71 'polypeptide(L)'
;PVANVYSTNGKNVVGEVEIPVVFQTPIRNDLIQSVYTNMSKNRRHPYAVKLGAGYETSAESWGTGRAVARIPRVPGGGTH
RAGQGAFGNMCRGGGMFNPTKIWRRWGRKVNLKEKRYAVCSSIAASGVTSLVLARGHRISHLKEVPLVVSNDIESLSKTK
EAVNFLVSLGLKDEVNRLVKSKKIRAGKGKMRNRKYKIRNGPLIIYENDNGVKKAFRNIPGVDLCKVTKLNLLKLAPGGS
IGRLCIWSESAFKKLDVIYGKIHEKKVTKKNYILPKSIVHNPDIYRIIHSDKVQASLLAKKKPCKKRLQNKNSLTNFAVR
CRLNPAYKLLRSLAVLRMRKSILEKSKNKKEKRVQKQIQKKELQKINHDYYKGVAKAVKKKKKREEKKAK
;
AF
72 'polypeptide(L)'
;VMREIKVNKLVLNICVGESGDRLTRAARVLEQLTEQKPIFGKCRFTIRSFGVRRNEKISCFVTVRGKKALEILEKGLKVK
EYELRRKNFSDTGNFGFGIQEHIDLGIKYDPSTGIYGMDFYVHLSRSGYRVTRRTRRRSKISKTHKVTKEDAMKWFQTK
;
AG
73 'polypeptide(L)'
;IDNSLNTNIHQYHIVGRAIPTAKDKNPNVYRMCIFAKNDTNAKSRFWYFMKKINKLKKSNGELLACEQIKERFPLRVKNY
GVLLRYDSRTGTHNMYKEFRDTTKEGAIAQLYSEMAGRHRARASSINIIRISEISSSLVRRPHIKQLLKRRLRFPALHLP
TLQKEYRKKFASKRPSTYRM
;
AU
74 'polypeptide(L)'
;KTIVSTQKVLIPEGVKVAINARKVTVSGKYGTLRRSFRHLPIDIRLNKLKKYIKVVMWFGVPDSLACIRTVCTHLKNMFT
GVTKKFLYKMRLVHAHFPINSNIVDNNTRIEIRNYLGEKSVRFVKALPGVVIEKSPNVKDEIYVSGADIENVSLTAALIH
QSVLCRNKDIRKFLDGIYVSEVTTV
;
AH
75 'polypeptide(L)'
;KSRGKRSGTRYKFSKKFRKHGECTANKYLEKLNYGDYVDIVCDSTQQKGMPFNYYHGKTGKIFHITKRGVGVLVNKRVKH
RIEQKKVCVRIEHVRKSRCNEDFLLRKIKNAELIKEAKLKNEHINIKRKTEGPKPAAMIKVPPSKIITIEPLPFY
;
AV
76 'polypeptide(L)' HGASRYKKSRAKMRWKWKKKRTRRLQKKRRKMRQRSR Ag
77 'polypeptide(L)'
;IKYVLDCTKPVKDTILDISGLEQFFKDKIKVDKKTNNLKNKVVVTSDEYKIYITVHIPFSKRYIKYLAKKYIKMHQIRDF
LRVIAKGKLAYEFKYFQ
;
AX
78 'polypeptide(L)' VKTEACSFSEYRIYPGRGQKYIARDGKVYFYLSSKFASLALQKKKAAKLRWTQTWRRNNKKT A0
#
# COMPACT_ATOMS: atom_id res chain seq x y z
N PRO C 1 104.97 -40.08 -52.84
CA PRO C 1 103.65 -40.34 -53.52
C PRO C 1 102.62 -40.83 -52.49
N ILE C 2 101.36 -41.03 -52.90
CA ILE C 2 100.23 -41.20 -52.00
C ILE C 2 99.45 -42.46 -52.36
N SER C 3 98.56 -42.92 -51.45
CA SER C 3 97.73 -44.11 -51.63
C SER C 3 96.87 -44.15 -52.87
N LYS C 4 96.44 -45.36 -53.28
CA LYS C 4 95.50 -45.55 -54.36
C LYS C 4 94.18 -44.88 -54.07
N LYS C 5 93.68 -45.03 -52.83
CA LYS C 5 92.48 -44.34 -52.36
C LYS C 5 92.56 -42.83 -52.52
N ARG C 6 93.71 -42.22 -52.14
CA ARG C 6 93.98 -40.82 -52.34
C ARG C 6 94.11 -40.47 -53.82
N LYS C 7 94.85 -41.27 -54.60
CA LYS C 7 95.04 -41.14 -56.03
C LYS C 7 93.76 -41.09 -56.84
N PHE C 8 92.85 -42.07 -56.61
CA PHE C 8 91.64 -42.21 -57.41
C PHE C 8 90.68 -41.07 -57.16
N ILE C 9 90.51 -40.63 -55.89
CA ILE C 9 89.74 -39.44 -55.57
C ILE C 9 90.32 -38.19 -56.20
N ASN C 10 91.65 -37.99 -56.14
CA ASN C 10 92.30 -36.86 -56.75
C ASN C 10 92.08 -36.81 -58.27
N ASP C 11 92.11 -37.97 -58.93
CA ASP C 11 91.78 -38.11 -60.33
C ASP C 11 90.33 -37.73 -60.63
N GLY C 12 89.39 -38.19 -59.79
CA GLY C 12 87.98 -37.89 -59.89
C GLY C 12 87.64 -36.43 -59.73
N VAL C 13 88.23 -35.77 -58.73
CA VAL C 13 88.12 -34.34 -58.47
C VAL C 13 88.62 -33.51 -59.65
N PHE C 14 89.78 -33.89 -60.22
CA PHE C 14 90.36 -33.28 -61.39
C PHE C 14 89.45 -33.44 -62.61
N GLN C 15 88.89 -34.64 -62.82
CA GLN C 15 87.90 -34.91 -63.84
C GLN C 15 86.67 -34.02 -63.74
N ALA C 16 86.11 -33.85 -62.53
CA ALA C 16 85.03 -32.92 -62.30
C ALA C 16 85.39 -31.47 -62.60
N GLU C 17 86.58 -31.02 -62.16
CA GLU C 17 87.05 -29.66 -62.33
C GLU C 17 87.26 -29.30 -63.80
N LEU C 18 87.86 -30.23 -64.58
CA LEU C 18 87.98 -30.09 -66.01
C LEU C 18 86.64 -30.12 -66.72
N ASN C 19 85.75 -31.06 -66.36
CA ASN C 19 84.40 -31.13 -66.90
C ASN C 19 83.61 -29.84 -66.69
N GLU C 20 83.63 -29.27 -65.47
CA GLU C 20 83.02 -27.99 -65.20
C GLU C 20 83.68 -26.84 -65.95
N PHE C 21 85.02 -26.83 -66.09
CA PHE C 21 85.71 -25.89 -66.96
C PHE C 21 85.25 -25.97 -68.42
N LEU C 22 85.15 -27.19 -68.98
CA LEU C 22 84.62 -27.48 -70.29
C LEU C 22 83.20 -27.00 -70.47
N ALA C 23 82.34 -27.20 -69.45
CA ALA C 23 80.97 -26.76 -69.42
C ALA C 23 80.82 -25.24 -69.57
N ARG C 24 81.71 -24.45 -68.95
CA ARG C 24 81.77 -23.02 -69.21
C ARG C 24 82.10 -22.69 -70.67
N ILE C 25 83.05 -23.42 -71.30
CA ILE C 25 83.36 -23.26 -72.72
C ILE C 25 82.26 -23.69 -73.70
N LEU C 26 81.71 -24.92 -73.55
CA LEU C 26 80.83 -25.68 -74.44
C LEU C 26 79.89 -24.97 -75.44
N ALA C 27 79.91 -25.43 -76.71
CA ALA C 27 78.98 -24.97 -77.73
C ALA C 27 78.76 -25.99 -78.85
N GLU C 28 79.81 -26.33 -79.63
CA GLU C 28 79.73 -27.15 -80.83
C GLU C 28 79.25 -28.60 -80.62
N ASP C 29 79.78 -29.28 -79.58
CA ASP C 29 79.51 -30.67 -79.31
C ASP C 29 79.76 -30.89 -77.82
N GLY C 30 79.55 -32.11 -77.32
CA GLY C 30 79.73 -32.43 -75.91
C GLY C 30 81.17 -32.56 -75.50
N TYR C 31 81.99 -33.24 -76.34
CA TYR C 31 83.39 -33.55 -76.05
C TYR C 31 84.18 -33.77 -77.35
N SER C 32 85.52 -33.73 -77.29
CA SER C 32 86.38 -33.96 -78.47
C SER C 32 87.68 -34.67 -78.12
N GLY C 33 87.73 -35.36 -76.95
CA GLY C 33 88.87 -36.16 -76.52
C GLY C 33 89.92 -35.41 -75.74
N VAL C 34 90.53 -36.08 -74.75
CA VAL C 34 91.66 -35.60 -73.97
C VAL C 34 92.94 -35.43 -74.80
N GLU C 35 93.77 -34.42 -74.45
CA GLU C 35 95.07 -34.20 -75.08
C GLU C 35 96.13 -34.21 -73.99
N VAL C 36 97.06 -35.18 -74.03
CA VAL C 36 98.03 -35.37 -72.98
C VAL C 36 99.22 -34.36 -73.03
N ARG C 62 91.43 -22.31 -81.79
CA ARG C 62 90.33 -22.74 -80.86
C ARG C 62 90.79 -23.73 -79.80
N ILE C 63 90.84 -25.05 -80.11
CA ILE C 63 91.24 -26.09 -79.17
C ILE C 63 92.66 -25.95 -78.64
N ARG C 64 93.57 -25.40 -79.48
CA ARG C 64 94.98 -25.22 -79.18
C ARG C 64 95.17 -24.36 -77.94
N GLU C 65 94.48 -23.22 -77.88
CA GLU C 65 94.48 -22.31 -76.77
C GLU C 65 93.90 -22.94 -75.49
N LEU C 66 92.77 -23.66 -75.61
CA LEU C 66 92.18 -24.42 -74.52
C LEU C 66 93.10 -25.47 -73.92
N THR C 67 93.76 -26.26 -74.78
CA THR C 67 94.78 -27.23 -74.41
C THR C 67 95.90 -26.58 -73.63
N SER C 68 96.34 -25.41 -74.09
CA SER C 68 97.40 -24.61 -73.49
C SER C 68 97.03 -24.18 -72.08
N LEU C 69 95.78 -23.74 -71.87
CA LEU C 69 95.29 -23.38 -70.55
C LEU C 69 95.32 -24.55 -69.57
N VAL C 70 94.84 -25.75 -69.98
CA VAL C 70 94.80 -26.88 -69.08
C VAL C 70 96.19 -27.47 -68.82
N GLN C 71 97.04 -27.55 -69.84
CA GLN C 71 98.43 -27.95 -69.70
C GLN C 71 99.19 -27.05 -68.73
N LYS C 72 98.92 -25.72 -68.74
CA LYS C 72 99.40 -24.81 -67.72
C LYS C 72 98.88 -25.16 -66.33
N ARG C 73 97.56 -25.38 -66.19
CA ARG C 73 96.90 -25.65 -64.93
C ARG C 73 97.46 -26.83 -64.15
N PHE C 74 97.70 -27.99 -64.79
CA PHE C 74 98.13 -29.17 -64.06
C PHE C 74 99.64 -29.27 -63.82
N PHE C 75 100.47 -28.50 -64.56
CA PHE C 75 101.91 -28.64 -64.53
C PHE C 75 102.56 -28.18 -63.18
N LEU C 94 72.05 -35.45 -80.75
CA LEU C 94 72.24 -36.75 -79.99
C LEU C 94 72.06 -36.58 -78.48
N CYS C 95 73.14 -36.62 -77.67
CA CYS C 95 73.11 -36.50 -76.22
C CYS C 95 72.53 -35.19 -75.66
N ALA C 96 71.94 -35.28 -74.46
CA ALA C 96 71.16 -34.27 -73.77
C ALA C 96 71.75 -32.88 -73.64
N MET C 97 73.02 -32.75 -73.20
CA MET C 97 73.58 -31.46 -72.86
C MET C 97 73.62 -30.46 -74.00
N ALA C 98 74.02 -30.91 -75.20
CA ALA C 98 73.97 -30.09 -76.39
C ALA C 98 72.57 -29.57 -76.71
N GLN C 99 71.55 -30.43 -76.58
CA GLN C 99 70.17 -30.06 -76.78
C GLN C 99 69.68 -29.04 -75.75
N ALA C 100 69.96 -29.29 -74.46
CA ALA C 100 69.63 -28.40 -73.37
C ALA C 100 70.27 -27.02 -73.47
N GLU C 101 71.56 -26.99 -73.82
CA GLU C 101 72.31 -25.79 -74.07
C GLU C 101 71.75 -25.00 -75.24
N SER C 102 71.36 -25.69 -76.33
CA SER C 102 70.65 -25.10 -77.44
C SER C 102 69.36 -24.42 -77.02
N LEU C 103 68.53 -25.12 -76.21
CA LEU C 103 67.33 -24.56 -75.63
C LEU C 103 67.59 -23.35 -74.76
N ARG C 104 68.61 -23.36 -73.88
CA ARG C 104 68.86 -22.21 -73.03
C ARG C 104 69.31 -20.96 -73.79
N TYR C 105 70.13 -21.13 -74.85
CA TYR C 105 70.43 -20.08 -75.81
C TYR C 105 69.19 -19.49 -76.47
N LYS C 106 68.22 -20.32 -76.90
CA LYS C 106 66.97 -19.85 -77.46
C LYS C 106 66.11 -19.03 -76.51
N LEU C 107 66.04 -19.43 -75.23
CA LEU C 107 65.43 -18.67 -74.16
C LEU C 107 66.10 -17.33 -73.94
N LEU C 108 67.45 -17.31 -73.96
CA LEU C 108 68.23 -16.10 -73.92
C LEU C 108 67.94 -15.16 -75.10
N LYS C 109 67.82 -15.70 -76.33
CA LYS C 109 67.42 -14.96 -77.53
C LYS C 109 65.99 -14.38 -77.50
N GLY C 110 65.17 -14.72 -76.48
CA GLY C 110 63.85 -14.15 -76.32
C GLY C 110 62.76 -14.79 -77.16
N LEU C 111 63.05 -15.93 -77.79
CA LEU C 111 62.05 -16.78 -78.42
C LEU C 111 61.03 -17.30 -77.40
N ALA C 112 59.74 -17.44 -77.80
CA ALA C 112 58.72 -17.97 -76.92
C ALA C 112 59.01 -19.37 -76.39
N VAL C 113 58.77 -19.58 -75.09
CA VAL C 113 59.20 -20.77 -74.37
C VAL C 113 58.56 -22.02 -74.90
N ARG C 114 57.23 -21.96 -75.12
CA ARG C 114 56.44 -23.06 -75.62
C ARG C 114 56.89 -23.51 -77.02
N ARG C 115 57.08 -22.55 -77.95
CA ARG C 115 57.59 -22.79 -79.29
C ARG C 115 58.98 -23.42 -79.27
N ALA C 116 59.89 -22.86 -78.44
CA ALA C 116 61.24 -23.35 -78.26
C ALA C 116 61.30 -24.78 -77.73
N CYS C 117 60.50 -25.07 -76.69
CA CYS C 117 60.46 -26.38 -76.06
C CYS C 117 59.88 -27.41 -76.99
N TYR C 118 58.78 -27.08 -77.69
CA TYR C 118 58.17 -27.94 -78.70
C TYR C 118 59.16 -28.30 -79.79
N GLY C 119 59.86 -27.31 -80.36
CA GLY C 119 60.91 -27.55 -81.35
C GLY C 119 62.04 -28.43 -80.87
N VAL C 120 62.62 -28.13 -79.70
CA VAL C 120 63.69 -28.92 -79.12
C VAL C 120 63.28 -30.35 -78.83
N LEU C 121 62.08 -30.55 -78.25
CA LEU C 121 61.52 -31.86 -77.96
C LEU C 121 61.34 -32.67 -79.23
N ARG C 122 60.76 -32.06 -80.28
CA ARG C 122 60.56 -32.66 -81.57
C ARG C 122 61.87 -33.10 -82.20
N HIS C 123 62.90 -32.24 -82.20
CA HIS C 123 64.23 -32.60 -82.67
C HIS C 123 64.82 -33.81 -81.98
N ILE C 124 64.71 -33.88 -80.64
CA ILE C 124 65.16 -35.02 -79.87
C ILE C 124 64.48 -36.34 -80.27
N MET C 125 63.14 -36.37 -80.32
CA MET C 125 62.40 -37.51 -80.80
C MET C 125 62.71 -37.90 -82.25
N GLU C 126 62.74 -36.90 -83.16
CA GLU C 126 63.09 -37.06 -84.56
C GLU C 126 64.46 -37.70 -84.77
N SER C 127 65.44 -37.26 -83.97
CA SER C 127 66.80 -37.74 -84.04
C SER C 127 67.00 -39.07 -83.32
N GLY C 128 65.90 -39.70 -82.86
CA GLY C 128 65.90 -41.12 -82.53
C GLY C 128 65.79 -41.43 -81.07
N ALA C 129 65.44 -40.45 -80.22
CA ALA C 129 65.09 -40.74 -78.84
C ALA C 129 63.85 -41.62 -78.73
N LYS C 130 63.91 -42.64 -77.84
CA LYS C 130 62.79 -43.52 -77.61
C LYS C 130 61.81 -42.91 -76.63
N GLY C 131 62.27 -41.90 -75.86
CA GLY C 131 61.39 -41.03 -75.11
C GLY C 131 62.16 -39.88 -74.57
N CYS C 132 61.45 -38.85 -74.10
CA CYS C 132 62.06 -37.63 -73.66
C CYS C 132 61.15 -36.89 -72.71
N GLU C 133 61.73 -36.19 -71.72
CA GLU C 133 60.99 -35.31 -70.86
C GLU C 133 61.82 -34.06 -70.66
N VAL C 134 61.21 -32.90 -70.87
CA VAL C 134 61.86 -31.61 -70.66
C VAL C 134 60.99 -30.84 -69.72
N ILE C 135 61.56 -30.34 -68.63
CA ILE C 135 60.84 -29.56 -67.65
C ILE C 135 61.45 -28.18 -67.63
N VAL C 136 60.59 -27.15 -67.65
CA VAL C 136 61.03 -25.78 -67.52
C VAL C 136 60.37 -25.20 -66.28
N SER C 137 61.19 -24.81 -65.30
CA SER C 137 60.76 -24.29 -64.02
C SER C 137 61.12 -22.84 -63.88
N GLY C 138 60.28 -22.06 -63.18
CA GLY C 138 60.51 -20.65 -62.92
C GLY C 138 59.47 -19.72 -63.46
N LYS C 139 59.89 -18.45 -63.62
CA LYS C 139 59.04 -17.30 -63.68
C LYS C 139 58.07 -17.24 -64.84
N LEU C 140 58.54 -17.59 -66.06
CA LEU C 140 57.70 -17.90 -67.20
C LEU C 140 56.71 -16.82 -67.60
N ARG C 141 57.24 -15.62 -67.93
CA ARG C 141 56.53 -14.40 -68.30
C ARG C 141 55.53 -13.91 -67.26
N ALA C 142 55.87 -14.09 -65.97
CA ALA C 142 55.08 -13.61 -64.86
C ALA C 142 55.95 -13.48 -63.61
N GLN C 143 55.49 -12.69 -62.63
CA GLN C 143 56.05 -12.65 -61.28
C GLN C 143 55.88 -13.98 -60.57
N ARG C 144 54.67 -14.55 -60.68
CA ARG C 144 54.29 -15.77 -60.02
C ARG C 144 54.81 -16.98 -60.78
N ALA C 145 55.88 -17.60 -60.25
CA ALA C 145 56.52 -18.76 -60.83
C ALA C 145 55.67 -20.02 -60.95
N LYS C 146 55.99 -20.87 -61.94
CA LYS C 146 55.32 -22.12 -62.20
C LYS C 146 56.30 -23.08 -62.82
N SER C 147 55.88 -24.32 -63.11
CA SER C 147 56.72 -25.19 -63.93
C SER C 147 55.84 -25.81 -65.00
N MET C 148 56.46 -26.27 -66.09
CA MET C 148 55.77 -26.98 -67.15
C MET C 148 56.63 -28.12 -67.68
N LYS C 149 56.06 -29.33 -67.66
CA LYS C 149 56.64 -30.55 -68.17
C LYS C 149 56.23 -30.79 -69.61
N PHE C 150 57.17 -31.21 -70.46
CA PHE C 150 56.94 -31.53 -71.84
C PHE C 150 57.60 -32.86 -72.10
N ARG C 151 56.82 -33.94 -72.03
CA ARG C 151 57.27 -35.28 -72.28
C ARG C 151 56.68 -35.85 -73.55
N ASP C 152 57.47 -36.70 -74.25
CA ASP C 152 56.95 -37.59 -75.26
C ASP C 152 57.66 -38.94 -75.13
N GLY C 153 57.19 -39.96 -75.86
CA GLY C 153 57.85 -41.26 -75.95
C GLY C 153 57.89 -42.06 -74.66
N TYR C 154 58.63 -43.18 -74.70
CA TYR C 154 58.84 -44.11 -73.60
C TYR C 154 59.88 -43.60 -72.61
N LEU C 155 59.63 -42.47 -71.91
CA LEU C 155 60.54 -41.97 -70.91
C LEU C 155 60.35 -42.74 -69.59
N ILE C 156 61.45 -43.30 -69.05
CA ILE C 156 61.43 -44.25 -67.94
C ILE C 156 62.05 -43.61 -66.71
N SER C 157 61.45 -43.76 -65.52
CA SER C 157 61.93 -43.17 -64.28
C SER C 157 62.34 -44.25 -63.31
N THR C 158 61.65 -45.40 -63.33
CA THR C 158 61.92 -46.51 -62.45
C THR C 158 63.28 -47.18 -62.62
N GLY C 159 63.87 -47.65 -61.50
CA GLY C 159 65.07 -48.47 -61.43
C GLY C 159 66.34 -48.09 -62.15
N GLU C 160 67.30 -49.01 -62.10
CA GLU C 160 68.59 -48.85 -62.72
C GLU C 160 68.53 -48.88 -64.25
N PRO C 161 67.63 -49.55 -64.98
CA PRO C 161 67.38 -49.27 -66.39
C PRO C 161 67.10 -47.82 -66.74
N SER C 162 66.39 -47.05 -65.88
CA SER C 162 66.25 -45.62 -66.07
C SER C 162 67.59 -44.93 -66.03
N LYS C 163 68.41 -45.28 -65.02
CA LYS C 163 69.72 -44.67 -64.87
C LYS C 163 70.66 -45.02 -66.03
N ARG C 164 70.60 -46.27 -66.52
CA ARG C 164 71.34 -46.76 -67.66
C ARG C 164 70.97 -46.14 -69.01
N PHE C 165 69.67 -45.88 -69.28
CA PHE C 165 69.24 -45.52 -70.62
C PHE C 165 68.74 -44.09 -70.76
N VAL C 166 68.59 -43.36 -69.64
CA VAL C 166 68.17 -41.96 -69.63
C VAL C 166 69.36 -41.06 -69.42
N ASN C 167 69.64 -40.19 -70.42
CA ASN C 167 70.71 -39.24 -70.40
C ASN C 167 70.11 -37.89 -70.03
N THR C 168 70.78 -37.12 -69.15
CA THR C 168 70.17 -35.99 -68.45
C THR C 168 71.03 -34.74 -68.49
N ALA C 169 70.39 -33.55 -68.49
CA ALA C 169 71.11 -32.29 -68.50
C ALA C 169 70.35 -31.19 -67.78
N THR C 170 71.06 -30.42 -66.91
CA THR C 170 70.48 -29.33 -66.13
C THR C 170 71.10 -28.01 -66.54
N ARG C 171 70.30 -26.94 -66.71
CA ARG C 171 70.79 -25.63 -67.14
C ARG C 171 70.04 -24.52 -66.43
N SER C 172 70.79 -23.55 -65.90
CA SER C 172 70.22 -22.33 -65.33
C SER C 172 70.23 -21.25 -66.38
N ALA C 173 69.06 -20.71 -66.76
CA ALA C 173 68.98 -19.55 -67.60
C ALA C 173 68.60 -18.32 -66.77
N GLN C 174 69.58 -17.42 -66.53
CA GLN C 174 69.31 -16.09 -66.01
C GLN C 174 68.79 -15.20 -67.12
N LEU C 175 67.54 -14.72 -67.01
CA LEU C 175 66.93 -13.86 -68.01
C LEU C 175 66.57 -12.50 -67.42
N LYS C 176 65.71 -11.73 -68.11
CA LYS C 176 65.41 -10.36 -67.76
C LYS C 176 64.75 -10.16 -66.41
N GLN C 177 63.80 -11.06 -66.07
CA GLN C 177 62.98 -10.95 -64.88
C GLN C 177 63.45 -11.86 -63.75
N GLY C 178 64.64 -12.47 -63.88
CA GLY C 178 65.08 -13.57 -63.02
C GLY C 178 65.28 -14.84 -63.80
N VAL C 179 65.02 -16.03 -63.21
CA VAL C 179 65.74 -17.24 -63.60
C VAL C 179 64.80 -18.40 -63.95
N LEU C 180 65.15 -19.14 -65.03
CA LEU C 180 64.53 -20.39 -65.40
C LEU C 180 65.49 -21.56 -65.18
N GLY C 181 64.99 -22.68 -64.65
CA GLY C 181 65.70 -23.95 -64.58
C GLY C 181 65.18 -24.91 -65.61
N ILE C 182 66.06 -25.33 -66.54
CA ILE C 182 65.73 -26.36 -67.52
C ILE C 182 66.25 -27.70 -67.05
N LYS C 183 65.41 -28.74 -67.06
CA LYS C 183 65.80 -30.10 -66.81
C LYS C 183 65.36 -30.99 -67.96
N VAL C 184 66.34 -31.48 -68.75
CA VAL C 184 66.16 -32.33 -69.91
C VAL C 184 66.55 -33.76 -69.59
N LYS C 185 65.69 -34.72 -69.98
CA LYS C 185 65.91 -36.14 -69.86
C LYS C 185 65.61 -36.80 -71.21
N ILE C 186 66.59 -37.52 -71.80
CA ILE C 186 66.45 -38.23 -73.06
C ILE C 186 66.68 -39.72 -72.85
N MET C 187 65.76 -40.59 -73.32
CA MET C 187 65.87 -42.03 -73.24
C MET C 187 66.30 -42.61 -74.58
N LEU C 188 67.42 -43.34 -74.60
CA LEU C 188 68.01 -43.91 -75.79
C LEU C 188 68.51 -45.34 -75.49
N PRO C 189 68.39 -46.30 -76.39
CA PRO C 189 68.98 -47.64 -76.21
C PRO C 189 70.51 -47.63 -76.26
N THR C 190 71.16 -48.70 -75.77
CA THR C 190 72.59 -48.88 -75.93
C THR C 190 72.97 -50.36 -75.69
N SER C 200 71.86 -53.44 -74.68
CA SER C 200 70.79 -53.47 -75.73
C SER C 200 69.53 -52.67 -75.37
N ILE C 201 68.50 -53.32 -74.79
CA ILE C 201 67.15 -52.77 -74.69
C ILE C 201 66.57 -53.00 -73.29
N LEU C 202 65.41 -52.38 -73.01
CA LEU C 202 64.70 -52.48 -71.75
C LEU C 202 64.30 -53.90 -71.35
N PRO C 203 64.29 -54.27 -70.07
CA PRO C 203 64.11 -55.65 -69.64
C PRO C 203 62.65 -56.06 -69.72
N ASP C 204 61.74 -55.11 -69.96
CA ASP C 204 60.32 -55.33 -70.05
C ASP C 204 59.92 -56.07 -71.32
N ASN C 205 60.81 -56.06 -72.34
CA ASN C 205 60.68 -56.86 -73.54
C ASN C 205 60.70 -58.36 -73.25
N ILE C 206 59.66 -59.09 -73.68
CA ILE C 206 59.53 -60.52 -73.46
C ILE C 206 60.53 -61.35 -74.26
N SER C 207 60.88 -60.91 -75.48
CA SER C 207 61.91 -61.50 -76.34
C SER C 207 61.61 -62.92 -76.80
N VAL C 208 60.34 -63.21 -77.10
CA VAL C 208 59.91 -64.48 -77.64
C VAL C 208 59.88 -64.36 -79.17
N LEU C 209 60.42 -65.36 -79.88
CA LEU C 209 60.57 -65.31 -81.33
C LEU C 209 59.27 -65.67 -82.09
N PRO D 1 7.16 34.73 -83.91
CA PRO D 1 6.96 33.23 -83.99
C PRO D 1 8.30 32.62 -84.35
N LYS D 2 8.42 31.27 -84.33
CA LYS D 2 9.62 30.59 -84.78
C LYS D 2 9.74 30.57 -86.30
N SER D 3 10.97 30.43 -86.84
CA SER D 3 11.20 30.21 -88.27
C SER D 3 10.60 28.91 -88.77
N TYR D 4 9.92 28.92 -89.95
CA TYR D 4 9.12 27.80 -90.41
C TYR D 4 9.89 26.87 -91.34
N ARG D 5 11.17 27.16 -91.60
CA ARG D 5 12.05 26.27 -92.32
C ARG D 5 12.35 24.95 -91.60
N ASN D 6 12.34 23.83 -92.35
CA ASN D 6 12.61 22.50 -91.86
C ASN D 6 14.10 22.22 -91.68
N TYR D 7 14.43 21.20 -90.87
CA TYR D 7 15.81 20.76 -90.73
C TYR D 7 15.88 19.31 -90.31
N SER D 8 16.97 18.62 -90.67
CA SER D 8 17.13 17.19 -90.46
C SER D 8 18.58 16.85 -90.24
N LYS D 9 18.84 15.86 -89.35
CA LYS D 9 20.16 15.33 -89.07
C LYS D 9 20.79 14.61 -90.26
N THR D 10 22.12 14.74 -90.48
CA THR D 10 22.73 14.19 -91.68
C THR D 10 22.90 12.67 -91.66
N ALA D 11 22.87 12.05 -90.46
CA ALA D 11 23.33 10.69 -90.31
C ALA D 11 22.72 9.95 -89.13
N ARG D 12 23.01 8.64 -89.06
CA ARG D 12 22.70 7.77 -87.95
C ARG D 12 24.00 7.14 -87.47
N ASN D 13 24.32 7.26 -86.16
CA ASN D 13 25.52 6.70 -85.55
C ASN D 13 25.60 5.17 -85.65
N PRO D 14 26.78 4.54 -85.71
CA PRO D 14 26.87 3.13 -86.08
C PRO D 14 26.85 2.25 -84.84
N LYS D 15 26.64 2.84 -83.65
CA LYS D 15 26.69 2.24 -82.31
C LYS D 15 27.89 1.36 -82.03
N ARG D 16 27.86 0.58 -80.91
CA ARG D 16 28.83 -0.40 -80.45
C ARG D 16 30.27 -0.17 -80.90
N PRO D 17 30.98 0.85 -80.42
CA PRO D 17 31.99 1.51 -81.26
C PRO D 17 33.17 0.65 -81.58
N PHE D 18 33.60 -0.20 -80.65
CA PHE D 18 34.88 -0.88 -80.72
C PHE D 18 34.78 -2.24 -81.38
N GLU D 19 33.95 -2.33 -82.43
CA GLU D 19 33.93 -3.42 -83.37
C GLU D 19 35.08 -3.23 -84.36
N LYS D 20 36.27 -3.79 -84.01
CA LYS D 20 37.54 -3.56 -84.67
C LYS D 20 37.49 -3.70 -86.18
N GLU D 21 37.02 -4.86 -86.68
CA GLU D 21 36.84 -5.14 -88.09
C GLU D 21 35.99 -4.12 -88.85
N ARG D 22 34.86 -3.70 -88.27
CA ARG D 22 34.03 -2.64 -88.82
C ARG D 22 34.75 -1.30 -88.84
N LEU D 23 35.44 -0.95 -87.74
CA LEU D 23 36.16 0.29 -87.60
C LEU D 23 37.27 0.43 -88.64
N ASP D 24 38.07 -0.63 -88.82
CA ASP D 24 39.12 -0.71 -89.81
C ASP D 24 38.59 -0.65 -91.26
N GLN D 25 37.39 -1.21 -91.52
CA GLN D 25 36.73 -1.10 -92.80
C GLN D 25 36.36 0.35 -93.13
N GLU D 26 35.83 1.09 -92.14
CA GLU D 26 35.59 2.51 -92.27
C GLU D 26 36.87 3.28 -92.54
N LEU D 27 37.97 2.98 -91.82
CA LEU D 27 39.27 3.61 -92.06
C LEU D 27 39.77 3.39 -93.48
N LYS D 28 39.60 2.18 -94.02
CA LYS D 28 39.84 1.90 -95.42
C LYS D 28 38.98 2.74 -96.36
N LEU D 29 37.68 2.93 -96.06
CA LEU D 29 36.84 3.86 -96.80
C LEU D 29 37.33 5.30 -96.72
N ILE D 30 37.78 5.77 -95.54
CA ILE D 30 38.34 7.11 -95.37
C ILE D 30 39.57 7.27 -96.25
N GLY D 31 40.50 6.30 -96.18
CA GLY D 31 41.71 6.22 -97.00
C GLY D 31 41.46 6.29 -98.49
N GLU D 32 40.44 5.59 -98.96
CA GLU D 32 40.08 5.55 -100.35
C GLU D 32 39.43 6.83 -100.86
N TYR D 33 38.46 7.39 -100.12
CA TYR D 33 37.60 8.43 -100.66
C TYR D 33 37.93 9.84 -100.21
N GLY D 34 39.02 10.05 -99.44
CA GLY D 34 39.50 11.39 -99.11
C GLY D 34 38.59 12.13 -98.15
N LEU D 35 38.04 11.38 -97.20
CA LEU D 35 37.06 11.86 -96.25
C LEU D 35 37.70 12.40 -94.99
N LYS D 36 37.01 13.31 -94.28
CA LYS D 36 37.57 13.96 -93.12
C LYS D 36 37.07 13.40 -91.80
N ASN D 37 35.93 12.67 -91.80
CA ASN D 37 35.26 12.23 -90.60
C ASN D 37 34.54 10.94 -90.85
N LYS D 38 34.40 10.07 -89.83
CA LYS D 38 33.47 8.95 -89.88
C LYS D 38 32.03 9.36 -90.18
N ARG D 39 31.66 10.56 -89.72
CA ARG D 39 30.42 11.22 -90.06
C ARG D 39 30.18 11.36 -91.56
N GLU D 40 31.22 11.64 -92.37
CA GLU D 40 31.11 11.59 -93.82
C GLU D 40 30.64 10.24 -94.36
N ILE D 41 31.21 9.12 -93.87
CA ILE D 41 30.77 7.78 -94.23
C ILE D 41 29.33 7.57 -93.83
N TRP D 42 29.00 7.99 -92.60
CA TRP D 42 27.72 7.79 -92.02
C TRP D 42 26.61 8.54 -92.74
N ARG D 43 26.85 9.79 -93.17
CA ARG D 43 25.90 10.52 -93.99
C ARG D 43 25.64 9.91 -95.35
N VAL D 44 26.69 9.47 -96.07
CA VAL D 44 26.51 8.81 -97.34
C VAL D 44 25.81 7.47 -97.17
N GLN D 45 26.15 6.73 -96.10
CA GLN D 45 25.47 5.51 -95.71
C GLN D 45 24.00 5.75 -95.38
N TYR D 46 23.68 6.81 -94.63
CA TYR D 46 22.33 7.23 -94.33
C TYR D 46 21.50 7.54 -95.57
N LEU D 47 22.07 8.27 -96.54
CA LEU D 47 21.45 8.46 -97.83
C LEU D 47 21.20 7.16 -98.58
N LEU D 48 22.18 6.25 -98.61
CA LEU D 48 22.04 4.93 -99.19
C LEU D 48 20.95 4.11 -98.54
N ALA D 49 20.91 4.12 -97.21
CA ALA D 49 19.92 3.43 -96.41
C ALA D 49 18.52 3.96 -96.66
N LYS D 50 18.35 5.29 -96.77
CA LYS D 50 17.09 5.90 -97.12
C LYS D 50 16.58 5.43 -98.49
N ILE D 51 17.47 5.41 -99.49
CA ILE D 51 17.23 4.82 -100.81
C ILE D 51 16.87 3.34 -100.71
N ARG D 52 17.64 2.55 -99.96
CA ARG D 52 17.44 1.13 -99.75
C ARG D 52 16.11 0.84 -99.08
N SER D 53 15.75 1.63 -98.07
CA SER D 53 14.45 1.56 -97.40
C SER D 53 13.31 1.82 -98.35
N ALA D 54 13.42 2.89 -99.18
CA ALA D 54 12.45 3.19 -100.22
C ALA D 54 12.30 2.06 -101.24
N ALA D 55 13.43 1.56 -101.76
CA ALA D 55 13.46 0.46 -102.71
C ALA D 55 12.86 -0.82 -102.16
N ARG D 56 13.12 -1.15 -100.88
CA ARG D 56 12.49 -2.23 -100.18
C ARG D 56 10.97 -2.08 -100.08
N TYR D 57 10.48 -0.89 -99.69
CA TYR D 57 9.07 -0.59 -99.62
C TYR D 57 8.39 -0.75 -100.96
N LEU D 58 9.02 -0.26 -102.04
CA LEU D 58 8.48 -0.42 -103.36
C LEU D 58 8.43 -1.87 -103.83
N LEU D 59 9.53 -2.62 -103.72
CA LEU D 59 9.55 -4.01 -104.13
C LEU D 59 8.68 -4.92 -103.26
N THR D 60 8.45 -4.56 -101.99
CA THR D 60 7.51 -5.29 -101.12
C THR D 60 6.07 -5.04 -101.52
N LEU D 61 5.73 -3.79 -101.88
CA LEU D 61 4.48 -3.50 -102.54
C LEU D 61 4.33 -4.22 -103.89
N ASP D 62 3.07 -4.60 -104.22
CA ASP D 62 2.73 -5.42 -105.35
C ASP D 62 3.11 -4.89 -106.73
N GLU D 63 3.35 -5.79 -107.70
CA GLU D 63 3.42 -5.45 -109.10
C GLU D 63 2.15 -4.79 -109.59
N LYS D 64 2.29 -3.76 -110.46
CA LYS D 64 1.18 -3.07 -111.08
C LYS D 64 0.33 -2.25 -110.12
N SER D 65 0.85 -1.97 -108.90
CA SER D 65 0.18 -1.10 -107.94
C SER D 65 0.52 0.34 -108.26
N SER D 66 -0.48 1.23 -108.36
CA SER D 66 -0.34 2.50 -109.08
C SER D 66 0.64 3.45 -108.45
N LYS D 67 0.56 3.64 -107.12
CA LYS D 67 1.52 4.40 -106.36
C LYS D 67 2.92 3.83 -106.50
N ARG D 68 3.05 2.51 -106.30
CA ARG D 68 4.30 1.79 -106.36
C ARG D 68 4.99 1.89 -107.69
N ILE D 69 4.26 1.69 -108.81
CA ILE D 69 4.85 1.78 -110.12
C ILE D 69 5.20 3.20 -110.50
N PHE D 70 4.46 4.20 -109.98
CA PHE D 70 4.74 5.59 -110.26
C PHE D 70 5.99 6.01 -109.49
N GLN D 71 5.99 5.76 -108.18
CA GLN D 71 7.09 6.09 -107.30
C GLN D 71 8.33 5.32 -107.66
N GLY D 72 8.18 4.04 -108.04
CA GLY D 72 9.26 3.23 -108.57
C GLY D 72 9.85 3.74 -109.84
N GLU D 73 9.03 4.08 -110.86
CA GLU D 73 9.55 4.71 -112.05
C GLU D 73 10.23 6.04 -111.78
N ALA D 74 9.65 6.87 -110.90
CA ALA D 74 10.24 8.11 -110.45
C ALA D 74 11.59 7.94 -109.74
N LEU D 75 11.70 6.98 -108.81
CA LEU D 75 12.95 6.65 -108.15
C LEU D 75 14.05 6.21 -109.09
N LEU D 76 13.76 5.28 -110.01
CA LEU D 76 14.71 4.78 -110.99
C LEU D 76 15.16 5.87 -111.95
N ARG D 77 14.21 6.71 -112.39
CA ARG D 77 14.47 7.91 -113.17
C ARG D 77 15.43 8.86 -112.46
N ARG D 78 15.23 9.10 -111.16
CA ARG D 78 16.17 9.83 -110.33
C ARG D 78 17.54 9.19 -110.22
N MET D 79 17.62 7.86 -110.07
CA MET D 79 18.87 7.12 -110.10
C MET D 79 19.60 7.28 -111.42
N VAL D 80 18.85 7.32 -112.54
CA VAL D 80 19.36 7.65 -113.85
C VAL D 80 19.83 9.11 -113.95
N ARG D 81 19.11 10.09 -113.36
CA ARG D 81 19.50 11.50 -113.33
C ARG D 81 20.80 11.69 -112.57
N GLN D 82 20.92 11.08 -111.39
CA GLN D 82 22.13 11.06 -110.59
C GLN D 82 23.27 10.29 -111.26
N GLY D 83 22.95 9.31 -112.12
CA GLY D 83 23.93 8.42 -112.75
C GLY D 83 24.34 7.30 -111.83
N LEU D 84 23.66 7.19 -110.68
CA LEU D 84 23.88 6.18 -109.67
C LEU D 84 23.55 4.80 -110.19
N LEU D 85 22.43 4.70 -110.94
CA LEU D 85 22.23 3.61 -111.86
C LEU D 85 22.61 4.11 -113.24
N GLY D 86 23.42 3.34 -113.98
CA GLY D 86 23.80 3.60 -115.36
C GLY D 86 23.02 2.77 -116.35
N GLU D 87 23.63 2.48 -117.51
CA GLU D 87 22.98 1.82 -118.65
C GLU D 87 22.46 0.42 -118.38
N ASN D 88 23.25 -0.40 -117.65
CA ASN D 88 23.06 -1.83 -117.62
C ASN D 88 22.17 -2.26 -116.47
N GLU D 89 21.68 -1.30 -115.67
CA GLU D 89 20.92 -1.55 -114.48
C GLU D 89 19.67 -0.70 -114.50
N GLU D 90 18.49 -1.33 -114.30
CA GLU D 90 17.25 -0.70 -114.73
C GLU D 90 15.98 -1.15 -114.01
N LYS D 91 16.09 -1.80 -112.83
CA LYS D 91 14.93 -2.26 -112.05
C LYS D 91 15.18 -2.09 -110.55
N LEU D 92 14.15 -2.26 -109.70
CA LEU D 92 14.23 -1.99 -108.27
C LEU D 92 15.16 -2.92 -107.49
N ASP D 93 15.47 -4.08 -108.05
CA ASP D 93 16.36 -5.05 -107.48
C ASP D 93 17.81 -4.65 -107.72
N TYR D 94 18.08 -3.78 -108.71
CA TYR D 94 19.40 -3.21 -108.90
C TYR D 94 19.62 -2.05 -107.94
N VAL D 95 18.52 -1.40 -107.48
CA VAL D 95 18.59 -0.40 -106.42
C VAL D 95 18.98 -1.07 -105.12
N LEU D 96 18.42 -2.27 -104.84
CA LEU D 96 18.90 -3.10 -103.75
C LEU D 96 20.36 -3.54 -103.95
N GLY D 97 20.73 -3.86 -105.19
CA GLY D 97 22.12 -4.04 -105.62
C GLY D 97 23.09 -2.89 -105.45
N LEU D 98 22.62 -1.63 -105.28
CA LEU D 98 23.48 -0.48 -105.08
C LEU D 98 24.32 -0.53 -103.81
N THR D 99 25.52 0.06 -103.85
CA THR D 99 26.51 -0.08 -102.77
C THR D 99 27.11 1.25 -102.40
N LEU D 100 27.70 1.32 -101.19
CA LEU D 100 28.25 2.53 -100.62
C LEU D 100 29.42 3.09 -101.41
N PRO D 101 30.34 2.31 -101.99
CA PRO D 101 31.30 2.83 -102.94
C PRO D 101 30.71 3.54 -104.15
N LYS D 102 29.64 3.01 -104.76
CA LYS D 102 28.98 3.63 -105.89
C LYS D 102 28.46 5.05 -105.61
N LEU D 103 27.97 5.28 -104.39
CA LEU D 103 27.50 6.58 -103.97
C LEU D 103 28.68 7.54 -103.74
N LEU D 104 29.70 7.07 -103.02
CA LEU D 104 30.95 7.75 -102.80
C LEU D 104 31.65 8.19 -104.09
N GLU D 105 31.68 7.34 -105.13
CA GLU D 105 32.20 7.72 -106.43
C GLU D 105 31.55 8.96 -107.06
N ARG D 106 30.28 9.27 -106.69
CA ARG D 106 29.59 10.45 -107.16
C ARG D 106 30.14 11.78 -106.63
N ARG D 107 30.92 11.76 -105.52
CA ARG D 107 31.55 12.97 -105.00
C ARG D 107 32.47 13.66 -106.00
N LEU D 108 32.42 15.00 -106.04
CA LEU D 108 33.14 15.84 -106.96
C LEU D 108 34.64 15.65 -106.90
N GLN D 109 35.21 15.50 -105.69
CA GLN D 109 36.63 15.21 -105.50
C GLN D 109 37.06 13.93 -106.22
N THR D 110 36.21 12.89 -106.21
CA THR D 110 36.45 11.65 -106.92
C THR D 110 36.47 11.90 -108.41
N LYS D 111 35.50 12.67 -108.92
CA LYS D 111 35.45 13.04 -110.32
C LYS D 111 36.65 13.84 -110.79
N VAL D 112 37.10 14.83 -110.00
CA VAL D 112 38.26 15.65 -110.29
C VAL D 112 39.54 14.83 -110.37
N PHE D 113 39.78 13.97 -109.36
CA PHE D 113 40.86 12.99 -109.37
C PHE D 113 40.79 12.03 -110.55
N LYS D 114 39.59 11.49 -110.86
CA LYS D 114 39.36 10.60 -111.98
C LYS D 114 39.71 11.22 -113.33
N LEU D 115 39.22 12.45 -113.57
CA LEU D 115 39.51 13.22 -114.77
C LEU D 115 40.98 13.58 -114.85
N GLY D 116 41.66 13.72 -113.70
CA GLY D 116 43.11 13.87 -113.67
C GLY D 116 43.52 15.30 -113.72
N LEU D 117 42.56 16.17 -113.37
CA LEU D 117 42.74 17.59 -113.16
C LEU D 117 43.65 17.83 -111.97
N ALA D 118 43.55 16.94 -110.95
CA ALA D 118 44.42 16.90 -109.79
C ALA D 118 44.97 15.48 -109.63
N LYS D 119 46.03 15.33 -108.81
CA LYS D 119 46.83 14.12 -108.80
C LYS D 119 46.37 13.09 -107.78
N SER D 120 45.43 13.46 -106.92
CA SER D 120 45.04 12.63 -105.79
C SER D 120 43.70 13.11 -105.30
N VAL D 121 43.00 12.30 -104.48
CA VAL D 121 41.74 12.67 -103.86
C VAL D 121 41.84 13.89 -102.95
N HIS D 122 42.89 13.96 -102.11
CA HIS D 122 43.18 15.11 -101.28
C HIS D 122 43.50 16.35 -102.08
N HIS D 123 44.37 16.25 -103.10
CA HIS D 123 44.65 17.35 -104.02
C HIS D 123 43.40 17.84 -104.74
N ALA D 124 42.56 16.90 -105.23
CA ALA D 124 41.24 17.20 -105.74
C ALA D 124 40.32 17.92 -104.75
N ARG D 125 40.30 17.47 -103.48
CA ARG D 125 39.52 18.09 -102.43
C ARG D 125 39.94 19.54 -102.20
N VAL D 126 41.25 19.79 -102.09
CA VAL D 126 41.74 21.15 -101.93
C VAL D 126 41.50 22.02 -103.15
N LEU D 127 41.70 21.49 -104.39
CA LEU D 127 41.40 22.22 -105.61
C LEU D 127 39.97 22.76 -105.67
N ILE D 128 39.00 21.90 -105.33
CA ILE D 128 37.61 22.29 -105.16
C ILE D 128 37.45 23.31 -104.05
N ARG D 129 38.07 23.07 -102.87
CA ARG D 129 37.95 23.93 -101.71
C ARG D 129 38.49 25.33 -101.94
N GLN D 130 39.58 25.49 -102.71
CA GLN D 130 40.13 26.77 -103.09
C GLN D 130 39.35 27.48 -104.20
N ARG D 131 38.08 27.08 -104.47
CA ARG D 131 37.18 27.66 -105.46
C ARG D 131 37.77 27.62 -106.87
N HIS D 132 38.56 26.57 -107.19
CA HIS D 132 39.32 26.55 -108.44
C HIS D 132 38.75 25.55 -109.43
N ILE D 133 37.68 24.84 -109.08
CA ILE D 133 36.93 24.03 -110.03
C ILE D 133 35.64 24.73 -110.45
N ARG D 134 35.07 24.36 -111.61
CA ARG D 134 33.75 24.81 -111.99
C ARG D 134 33.03 23.70 -112.73
N VAL D 135 31.72 23.56 -112.50
CA VAL D 135 30.90 22.56 -113.15
C VAL D 135 29.89 23.27 -114.02
N GLY D 136 30.10 23.28 -115.35
CA GLY D 136 29.17 23.90 -116.30
C GLY D 136 29.05 25.40 -116.18
N LYS D 137 30.17 26.05 -115.82
CA LYS D 137 30.32 27.49 -115.61
C LYS D 137 29.85 27.93 -114.23
N GLN D 138 29.69 26.98 -113.30
CA GLN D 138 29.38 27.30 -111.92
C GLN D 138 30.54 26.89 -111.05
N MET D 139 31.20 27.89 -110.43
CA MET D 139 32.20 27.71 -109.42
C MET D 139 31.66 27.01 -108.17
N VAL D 140 32.39 26.02 -107.64
CA VAL D 140 31.86 25.23 -106.54
C VAL D 140 33.01 24.85 -105.62
N ASP D 141 32.71 24.86 -104.32
CA ASP D 141 33.60 24.77 -103.20
C ASP D 141 33.36 23.51 -102.36
N ILE D 142 32.44 22.65 -102.82
CA ILE D 142 31.97 21.50 -102.05
C ILE D 142 32.54 20.21 -102.62
N PRO D 143 33.40 19.46 -101.94
CA PRO D 143 34.09 18.32 -102.53
C PRO D 143 33.18 17.12 -102.55
N SER D 144 32.12 17.18 -101.74
CA SER D 144 31.17 16.12 -101.53
C SER D 144 29.98 16.26 -102.47
N PHE D 145 30.00 17.27 -103.37
CA PHE D 145 28.99 17.51 -104.37
C PHE D 145 28.72 16.26 -105.23
N LEU D 146 27.46 15.78 -105.24
CA LEU D 146 27.13 14.54 -105.89
C LEU D 146 26.69 14.81 -107.31
N VAL D 147 27.56 14.51 -108.27
CA VAL D 147 27.32 14.75 -109.68
C VAL D 147 26.16 13.97 -110.27
N ARG D 148 25.48 14.59 -111.24
CA ARG D 148 24.48 13.96 -112.09
C ARG D 148 25.13 13.31 -113.30
N VAL D 149 24.37 12.55 -114.10
CA VAL D 149 24.88 11.84 -115.27
C VAL D 149 25.48 12.73 -116.35
N ASP D 150 24.83 13.86 -116.71
CA ASP D 150 25.33 14.78 -117.71
C ASP D 150 26.58 15.56 -117.28
N SER D 151 26.65 15.97 -116.00
CA SER D 151 27.60 16.97 -115.52
C SER D 151 29.02 16.47 -115.37
N GLU D 152 29.24 15.15 -115.39
CA GLU D 152 30.54 14.49 -115.21
C GLU D 152 31.63 14.94 -116.19
N LYS D 153 31.25 15.24 -117.45
CA LYS D 153 32.19 15.72 -118.45
C LYS D 153 32.17 17.23 -118.59
N HIS D 154 31.44 17.93 -117.71
CA HIS D 154 31.26 19.38 -117.76
C HIS D 154 32.09 20.06 -116.67
N ILE D 155 33.11 19.34 -116.17
CA ILE D 155 33.95 19.72 -115.05
C ILE D 155 35.31 20.17 -115.59
N ASP D 156 35.67 21.42 -115.29
CA ASP D 156 36.87 22.06 -115.75
C ASP D 156 37.21 23.12 -114.69
N PHE D 157 38.25 23.94 -114.90
CA PHE D 157 38.75 24.85 -113.87
C PHE D 157 37.95 26.14 -113.78
N ALA D 158 37.84 26.75 -112.60
CA ALA D 158 37.22 28.05 -112.44
C ALA D 158 37.92 29.16 -113.22
N THR D 159 37.15 29.99 -113.95
CA THR D 159 37.67 30.94 -114.93
C THR D 159 38.63 31.97 -114.39
N THR D 160 38.37 32.48 -113.17
CA THR D 160 39.17 33.53 -112.56
C THR D 160 40.32 32.98 -111.75
N SER D 161 40.52 31.64 -111.76
CA SER D 161 41.67 31.00 -111.12
C SER D 161 42.91 31.06 -112.01
N PRO D 162 44.13 30.83 -111.51
CA PRO D 162 45.31 30.54 -112.32
C PRO D 162 45.08 29.41 -113.30
N PHE D 163 44.44 28.31 -112.88
CA PHE D 163 44.23 27.14 -113.71
C PHE D 163 43.15 27.38 -114.76
N GLY D 164 42.28 28.37 -114.52
CA GLY D 164 41.35 28.97 -115.47
C GLY D 164 41.97 29.80 -116.54
N GLY D 165 43.27 30.13 -116.42
CA GLY D 165 44.01 30.95 -117.37
C GLY D 165 43.97 32.43 -117.06
N ALA D 166 43.35 32.82 -115.93
CA ALA D 166 43.39 34.17 -115.42
C ALA D 166 44.60 34.38 -114.51
N ARG D 167 44.79 35.62 -114.01
CA ARG D 167 45.74 36.00 -112.99
C ARG D 167 46.02 34.97 -111.86
N PRO D 168 47.26 34.63 -111.53
CA PRO D 168 47.58 34.05 -110.25
C PRO D 168 47.58 35.16 -109.22
N GLY D 169 48.50 36.14 -109.37
CA GLY D 169 48.50 37.37 -108.59
C GLY D 169 48.99 37.19 -107.17
N ARG D 170 49.45 35.96 -106.83
CA ARG D 170 49.79 35.51 -105.49
C ARG D 170 50.85 36.35 -104.82
N VAL D 171 50.82 36.46 -103.47
CA VAL D 171 51.79 37.16 -102.64
C VAL D 171 53.24 36.81 -102.99
N LYS D 172 53.58 35.51 -103.10
CA LYS D 172 54.80 34.99 -103.71
C LYS D 172 55.11 35.54 -105.10
N ARG D 173 54.21 35.33 -106.08
CA ARG D 173 54.39 35.72 -107.47
C ARG D 173 54.55 37.23 -107.64
N LYS D 174 53.69 38.03 -106.98
CA LYS D 174 53.84 39.46 -106.85
C LYS D 174 55.13 39.90 -106.16
N SER D 175 55.57 39.23 -105.07
CA SER D 175 56.83 39.49 -104.37
C SER D 175 58.04 39.27 -105.25
N LEU D 176 58.06 38.20 -106.06
CA LEU D 176 59.09 37.94 -107.05
C LEU D 176 59.15 39.02 -108.12
N LYS D 177 57.98 39.47 -108.61
CA LYS D 177 57.85 40.55 -109.58
C LYS D 177 58.40 41.87 -109.04
N LYS D 178 58.06 42.24 -107.79
CA LYS D 178 58.60 43.39 -107.10
C LYS D 178 60.12 43.30 -106.94
N GLN D 179 60.66 42.12 -106.57
CA GLN D 179 62.08 41.87 -106.47
C GLN D 179 62.81 42.05 -107.80
N LYS D 180 62.28 41.49 -108.89
CA LYS D 180 62.78 41.72 -110.22
C LYS D 180 62.72 43.19 -110.65
N GLU D 181 61.57 43.86 -110.40
CA GLU D 181 61.38 45.27 -110.70
C GLU D 181 62.34 46.21 -109.97
N LYS D 182 62.52 46.02 -108.65
CA LYS D 182 63.51 46.70 -107.83
C LYS D 182 64.95 46.44 -108.29
N THR D 183 65.28 45.18 -108.66
CA THR D 183 66.56 44.81 -109.29
C THR D 183 66.82 45.60 -110.57
N GLU D 184 65.84 45.63 -111.50
CA GLU D 184 65.91 46.39 -112.75
C GLU D 184 65.99 47.92 -112.56
N ALA D 185 65.18 48.49 -111.66
CA ALA D 185 65.11 49.91 -111.42
C ALA D 185 66.40 50.55 -110.81
N LYS E 1 51.69 -33.11 -100.25
CA LYS E 1 52.20 -33.71 -98.95
C LYS E 1 52.19 -35.24 -98.97
N ASN E 2 52.03 -35.89 -97.80
CA ASN E 2 52.03 -37.33 -97.69
C ASN E 2 50.74 -37.78 -97.07
N TRP E 3 50.18 -38.89 -97.56
CA TRP E 3 48.80 -39.24 -97.33
C TRP E 3 48.63 -40.74 -97.16
N VAL E 4 47.54 -41.17 -96.50
CA VAL E 4 47.19 -42.57 -96.31
C VAL E 4 45.81 -42.68 -95.66
N PRO E 5 44.76 -43.06 -96.38
CA PRO E 5 43.45 -43.20 -95.75
C PRO E 5 43.22 -44.62 -95.27
N VAL E 6 42.94 -44.78 -93.97
CA VAL E 6 42.64 -46.09 -93.38
C VAL E 6 41.35 -46.68 -93.93
N THR E 7 40.24 -45.90 -93.94
CA THR E 7 38.96 -46.27 -94.55
C THR E 7 39.03 -46.41 -96.05
N LYS E 8 38.25 -47.36 -96.61
CA LYS E 8 38.14 -47.61 -98.02
C LYS E 8 37.54 -46.43 -98.77
N LEU E 9 36.44 -45.87 -98.25
CA LEU E 9 35.81 -44.67 -98.76
C LEU E 9 36.77 -43.49 -98.91
N GLY E 10 37.67 -43.33 -97.91
CA GLY E 10 38.78 -42.40 -97.93
C GLY E 10 39.72 -42.59 -99.08
N ARG E 11 40.19 -43.83 -99.31
CA ARG E 11 41.03 -44.21 -100.43
C ARG E 11 40.40 -43.85 -101.77
N LEU E 12 39.09 -44.09 -101.94
CA LEU E 12 38.36 -43.68 -103.13
C LEU E 12 38.43 -42.18 -103.41
N VAL E 13 38.23 -41.33 -102.39
CA VAL E 13 38.40 -39.89 -102.51
C VAL E 13 39.83 -39.49 -102.84
N LYS E 14 40.84 -40.16 -102.23
CA LYS E 14 42.25 -39.93 -102.44
C LYS E 14 42.69 -40.18 -103.88
N GLU E 15 42.12 -41.20 -104.51
CA GLU E 15 42.29 -41.50 -105.90
C GLU E 15 41.48 -40.57 -106.79
N GLY E 16 40.29 -40.16 -106.34
CA GLY E 16 39.44 -39.19 -107.03
C GLY E 16 38.27 -39.85 -107.67
N LYS E 17 37.99 -41.11 -107.30
CA LYS E 17 36.85 -41.88 -107.75
C LYS E 17 35.56 -41.21 -107.32
N ILE E 18 35.56 -40.73 -106.06
CA ILE E 18 34.62 -39.74 -105.59
C ILE E 18 35.20 -38.38 -105.91
N VAL E 19 34.49 -37.60 -106.75
CA VAL E 19 34.97 -36.33 -107.26
C VAL E 19 34.81 -35.21 -106.25
N SER E 20 33.64 -35.10 -105.61
CA SER E 20 33.35 -33.99 -104.71
C SER E 20 32.59 -34.44 -103.49
N ILE E 21 32.54 -33.55 -102.49
CA ILE E 21 31.90 -33.74 -101.21
C ILE E 21 30.39 -33.94 -101.31
N GLU E 22 29.75 -33.34 -102.34
CA GLU E 22 28.34 -33.47 -102.62
C GLU E 22 27.87 -34.91 -102.72
N GLU E 23 28.60 -35.80 -103.41
CA GLU E 23 28.25 -37.20 -103.49
C GLU E 23 28.22 -37.94 -102.15
N ILE E 24 29.22 -37.74 -101.27
CA ILE E 24 29.21 -38.33 -99.95
C ILE E 24 28.13 -37.75 -99.05
N TYR E 25 27.81 -36.45 -99.20
CA TYR E 25 26.67 -35.84 -98.54
C TYR E 25 25.35 -36.45 -98.99
N LEU E 26 25.19 -36.72 -100.30
CA LEU E 26 24.01 -37.31 -100.90
C LEU E 26 23.69 -38.67 -100.32
N HIS E 27 24.71 -39.49 -100.06
CA HIS E 27 24.52 -40.84 -99.59
C HIS E 27 24.68 -40.85 -98.09
N SER E 28 24.79 -39.65 -97.50
CA SER E 28 24.83 -39.32 -96.09
C SER E 28 25.87 -40.07 -95.28
N LEU E 29 27.12 -40.13 -95.80
CA LEU E 29 28.11 -41.04 -95.27
C LEU E 29 28.95 -40.42 -94.14
N PRO E 30 29.17 -41.09 -93.02
CA PRO E 30 29.91 -40.52 -91.90
C PRO E 30 31.39 -40.49 -92.24
N ILE E 31 32.07 -39.43 -91.79
CA ILE E 31 33.46 -39.19 -92.13
C ILE E 31 34.24 -39.15 -90.84
N LYS E 32 35.28 -39.98 -90.71
CA LYS E 32 36.22 -39.88 -89.60
C LYS E 32 37.61 -39.60 -90.14
N GLU E 33 37.72 -39.25 -91.43
CA GLU E 33 38.97 -39.01 -92.08
C GLU E 33 39.07 -37.58 -92.60
N TYR E 34 39.93 -36.77 -91.96
CA TYR E 34 40.16 -35.39 -92.34
C TYR E 34 40.76 -35.21 -93.72
N GLN E 35 41.60 -36.16 -94.17
CA GLN E 35 42.17 -36.18 -95.51
C GLN E 35 41.15 -36.06 -96.64
N ILE E 36 39.90 -36.54 -96.45
CA ILE E 36 38.84 -36.38 -97.43
C ILE E 36 38.49 -34.91 -97.68
N ILE E 37 38.34 -34.15 -96.57
CA ILE E 37 38.15 -32.72 -96.59
C ILE E 37 39.35 -32.01 -97.18
N ASP E 38 40.57 -32.42 -96.81
CA ASP E 38 41.81 -31.84 -97.29
C ASP E 38 41.96 -31.98 -98.82
N TYR E 39 41.59 -33.16 -99.37
CA TYR E 39 41.53 -33.37 -100.79
C TYR E 39 40.51 -32.48 -101.48
N PHE E 40 39.28 -32.36 -100.93
CA PHE E 40 38.27 -31.56 -101.60
C PHE E 40 38.50 -30.06 -101.52
N PHE E 41 39.09 -29.55 -100.43
CA PHE E 41 39.22 -28.12 -100.19
C PHE E 41 40.67 -27.66 -100.28
N GLN E 42 41.44 -28.36 -101.13
CA GLN E 42 42.81 -28.06 -101.49
C GLN E 42 43.06 -26.63 -102.01
N PRO E 43 44.22 -25.99 -101.79
CA PRO E 43 44.41 -24.56 -102.07
C PRO E 43 44.24 -24.11 -103.51
N ASN E 44 44.46 -25.00 -104.49
CA ASN E 44 44.28 -24.71 -105.89
C ASN E 44 43.40 -25.79 -106.47
N GLU E 45 42.79 -25.53 -107.65
CA GLU E 45 41.83 -26.39 -108.33
C GLU E 45 40.43 -26.26 -107.73
N CYS E 46 40.33 -26.25 -106.39
CA CYS E 46 39.16 -25.78 -105.68
C CYS E 46 38.92 -24.30 -105.95
N SER E 47 37.66 -23.91 -106.28
CA SER E 47 37.29 -22.52 -106.48
C SER E 47 37.30 -21.72 -105.20
N HIS E 48 36.85 -22.33 -104.09
CA HIS E 48 36.69 -21.65 -102.80
C HIS E 48 37.29 -22.46 -101.64
N PRO E 49 38.62 -22.56 -101.46
CA PRO E 49 39.23 -23.10 -100.25
C PRO E 49 38.67 -22.59 -98.94
N LEU E 50 38.56 -23.47 -97.93
CA LEU E 50 38.09 -23.12 -96.61
C LEU E 50 38.95 -22.08 -95.90
N LYS E 51 38.31 -21.14 -95.19
CA LYS E 51 38.97 -20.27 -94.25
C LYS E 51 38.52 -20.61 -92.83
N ASP E 52 39.48 -20.94 -91.97
CA ASP E 52 39.29 -21.22 -90.56
C ASP E 52 39.43 -19.97 -89.69
N ASP E 53 38.99 -20.05 -88.43
CA ASP E 53 39.05 -18.99 -87.46
C ASP E 53 38.71 -19.53 -86.07
N VAL E 54 39.64 -19.42 -85.10
CA VAL E 54 39.37 -19.87 -83.74
C VAL E 54 38.45 -18.89 -83.03
N VAL E 55 37.16 -19.25 -82.93
CA VAL E 55 36.14 -18.34 -82.49
C VAL E 55 36.09 -18.12 -80.98
N LYS E 56 36.32 -19.15 -80.16
CA LYS E 56 36.26 -19.02 -78.71
C LYS E 56 37.10 -20.07 -77.99
N ILE E 57 38.09 -19.64 -77.18
CA ILE E 57 38.91 -20.53 -76.37
C ILE E 57 38.58 -20.25 -74.92
N MET E 58 38.19 -21.28 -74.14
CA MET E 58 37.87 -21.09 -72.74
C MET E 58 38.62 -22.10 -71.86
N PRO E 59 39.21 -21.67 -70.76
CA PRO E 59 39.67 -22.58 -69.72
C PRO E 59 38.53 -23.10 -68.87
N VAL E 60 38.50 -24.42 -68.62
CA VAL E 60 37.54 -25.10 -67.77
C VAL E 60 38.36 -26.01 -66.86
N GLN E 61 37.91 -26.30 -65.63
CA GLN E 61 38.81 -26.89 -64.67
C GLN E 61 38.21 -28.04 -63.88
N LYS E 62 38.99 -29.15 -63.75
CA LYS E 62 38.56 -30.27 -62.97
C LYS E 62 38.64 -30.05 -61.45
N GLN E 63 39.78 -29.53 -60.95
CA GLN E 63 40.11 -29.37 -59.54
C GLN E 63 40.20 -30.67 -58.73
N THR E 64 41.31 -30.81 -57.98
CA THR E 64 41.62 -31.99 -57.19
C THR E 64 41.89 -31.62 -55.76
N ARG E 65 42.25 -32.62 -54.91
CA ARG E 65 42.79 -32.41 -53.58
C ARG E 65 44.00 -31.49 -53.60
N ALA E 66 44.87 -31.73 -54.60
CA ALA E 66 46.06 -30.98 -54.85
C ALA E 66 45.80 -29.89 -55.90
N GLY E 67 46.47 -30.01 -57.06
CA GLY E 67 46.43 -29.06 -58.17
C GLY E 67 45.12 -28.82 -58.89
N GLN E 68 45.17 -27.83 -59.80
CA GLN E 68 44.06 -27.33 -60.58
C GLN E 68 43.47 -28.32 -61.57
N ARG E 69 44.32 -29.01 -62.37
CA ARG E 69 43.86 -29.80 -63.50
C ARG E 69 42.96 -29.00 -64.46
N THR E 70 43.53 -27.89 -64.97
CA THR E 70 42.86 -26.95 -65.87
C THR E 70 42.98 -27.38 -67.33
N ARG E 71 41.82 -27.61 -67.97
CA ARG E 71 41.70 -28.05 -69.34
C ARG E 71 41.26 -26.86 -70.21
N PHE E 72 41.48 -26.93 -71.53
CA PHE E 72 41.15 -25.87 -72.46
C PHE E 72 40.15 -26.38 -73.48
N LYS E 73 38.90 -25.87 -73.47
CA LYS E 73 37.99 -26.09 -74.56
C LYS E 73 38.15 -25.00 -75.62
N ALA E 74 38.04 -25.42 -76.90
CA ALA E 74 38.28 -24.58 -78.04
C ALA E 74 37.20 -24.79 -79.09
N PHE E 75 36.60 -23.68 -79.54
CA PHE E 75 35.63 -23.61 -80.61
C PHE E 75 36.28 -22.95 -81.82
N VAL E 76 36.20 -23.57 -83.00
CA VAL E 76 36.67 -22.96 -84.24
C VAL E 76 35.56 -22.97 -85.26
N ALA E 77 35.52 -21.92 -86.10
CA ALA E 77 34.56 -21.74 -87.15
C ALA E 77 35.27 -21.78 -88.49
N ILE E 78 34.81 -22.63 -89.42
CA ILE E 78 35.41 -22.79 -90.73
C ILE E 78 34.35 -22.65 -91.79
N GLY E 79 34.71 -22.06 -92.94
CA GLY E 79 33.79 -21.91 -94.07
C GLY E 79 34.47 -21.72 -95.38
N ASP E 80 33.83 -22.18 -96.48
CA ASP E 80 34.25 -21.83 -97.82
C ASP E 80 33.87 -20.39 -98.22
N GLY E 81 32.84 -19.82 -97.55
CA GLY E 81 32.25 -18.54 -97.89
C GLY E 81 31.24 -18.60 -99.01
N ASN E 82 30.84 -19.82 -99.43
CA ASN E 82 30.01 -20.01 -100.60
C ASN E 82 28.94 -21.06 -100.40
N GLY E 83 29.10 -22.02 -99.49
CA GLY E 83 28.07 -23.01 -99.27
C GLY E 83 28.33 -23.97 -98.14
N HIS E 84 29.54 -24.05 -97.60
CA HIS E 84 29.92 -25.10 -96.66
C HIS E 84 30.50 -24.55 -95.40
N CYS E 85 29.77 -24.65 -94.29
CA CYS E 85 30.21 -24.21 -92.99
C CYS E 85 30.61 -25.37 -92.07
N GLY E 86 31.36 -25.07 -91.01
CA GLY E 86 31.75 -26.07 -90.02
C GLY E 86 32.05 -25.42 -88.69
N LEU E 87 31.52 -25.99 -87.61
CA LEU E 87 31.75 -25.54 -86.25
C LEU E 87 32.37 -26.71 -85.50
N GLY E 88 33.62 -26.56 -85.00
CA GLY E 88 34.39 -27.65 -84.44
C GLY E 88 34.82 -27.39 -83.03
N VAL E 89 34.69 -28.40 -82.16
CA VAL E 89 34.80 -28.23 -80.73
C VAL E 89 35.72 -29.29 -80.14
N LYS E 90 36.76 -28.90 -79.37
CA LYS E 90 37.59 -29.86 -78.68
C LYS E 90 38.11 -29.35 -77.35
N CYS E 91 38.05 -30.20 -76.30
CA CYS E 91 38.60 -29.94 -74.99
C CYS E 91 39.82 -30.82 -74.76
N ALA E 92 40.95 -30.19 -74.42
CA ALA E 92 42.21 -30.85 -74.22
C ALA E 92 43.00 -30.08 -73.18
N LYS E 93 44.05 -30.69 -72.59
CA LYS E 93 44.77 -30.09 -71.48
C LYS E 93 45.94 -29.21 -71.90
N GLU E 94 46.04 -28.92 -73.22
CA GLU E 94 47.02 -28.00 -73.76
C GLU E 94 46.40 -27.24 -74.93
N VAL E 95 46.62 -25.92 -74.96
CA VAL E 95 46.02 -24.97 -75.89
C VAL E 95 46.24 -25.27 -77.37
N ALA E 96 47.50 -25.37 -77.83
CA ALA E 96 47.84 -25.65 -79.22
C ALA E 96 47.22 -26.94 -79.73
N THR E 97 47.25 -27.99 -78.89
CA THR E 97 46.63 -29.28 -79.11
C THR E 97 45.13 -29.17 -79.21
N ALA E 98 44.49 -28.41 -78.31
CA ALA E 98 43.07 -28.09 -78.35
C ALA E 98 42.68 -27.41 -79.67
N ILE E 99 43.47 -26.41 -80.10
CA ILE E 99 43.28 -25.67 -81.34
C ILE E 99 43.33 -26.59 -82.54
N ARG E 100 44.33 -27.49 -82.64
CA ARG E 100 44.41 -28.48 -83.68
C ARG E 100 43.21 -29.42 -83.69
N GLY E 101 42.84 -29.97 -82.51
CA GLY E 101 41.71 -30.86 -82.33
C GLY E 101 40.39 -30.31 -82.77
N ALA E 102 40.16 -29.03 -82.49
CA ALA E 102 38.97 -28.31 -82.87
C ALA E 102 38.87 -28.17 -84.37
N ILE E 103 39.99 -27.88 -85.05
CA ILE E 103 40.08 -27.77 -86.51
C ILE E 103 39.76 -29.08 -87.19
N ILE E 104 40.27 -30.21 -86.69
CA ILE E 104 39.92 -31.52 -87.18
C ILE E 104 38.43 -31.79 -87.01
N SER E 105 37.89 -31.46 -85.83
CA SER E 105 36.47 -31.58 -85.52
C SER E 105 35.62 -30.78 -86.49
N ALA E 106 36.01 -29.52 -86.78
CA ALA E 106 35.38 -28.66 -87.76
C ALA E 106 35.27 -29.28 -89.14
N LYS E 107 36.37 -29.88 -89.64
CA LYS E 107 36.36 -30.62 -90.88
C LYS E 107 35.36 -31.77 -90.88
N LEU E 108 35.33 -32.56 -89.80
CA LEU E 108 34.32 -33.60 -89.62
C LEU E 108 32.90 -33.04 -89.59
N SER E 109 32.70 -31.92 -88.89
CA SER E 109 31.43 -31.20 -88.84
C SER E 109 30.94 -30.63 -90.17
N LEU E 110 31.84 -30.32 -91.12
CA LEU E 110 31.56 -29.57 -92.33
C LEU E 110 30.29 -29.94 -93.10
N ILE E 111 29.33 -29.01 -93.19
CA ILE E 111 27.98 -29.27 -93.66
C ILE E 111 27.62 -28.31 -94.81
N PRO E 112 26.87 -28.69 -95.85
CA PRO E 112 26.43 -27.77 -96.88
C PRO E 112 25.17 -26.99 -96.47
N VAL E 113 25.16 -25.66 -96.58
CA VAL E 113 23.95 -24.87 -96.44
C VAL E 113 23.18 -24.77 -97.75
N ARG E 114 21.85 -24.61 -97.66
CA ARG E 114 21.05 -24.18 -98.80
C ARG E 114 20.76 -22.70 -98.65
N ARG E 115 20.70 -21.95 -99.77
CA ARG E 115 20.26 -20.57 -99.79
C ARG E 115 19.19 -20.42 -100.84
N GLY E 116 18.45 -19.29 -100.82
CA GLY E 116 17.44 -18.99 -101.83
C GLY E 116 17.42 -17.55 -102.24
N TYR E 117 16.39 -17.20 -103.04
CA TYR E 117 16.03 -15.84 -103.36
C TYR E 117 15.00 -15.34 -102.36
N TRP E 118 15.02 -14.04 -102.04
CA TRP E 118 13.96 -13.41 -101.27
C TRP E 118 12.63 -13.35 -102.01
N GLY E 119 12.69 -13.20 -103.35
CA GLY E 119 11.53 -13.32 -104.23
C GLY E 119 11.94 -13.83 -105.59
N ASN E 120 11.94 -12.93 -106.58
CA ASN E 120 12.26 -13.20 -107.98
C ASN E 120 13.67 -13.71 -108.25
N LYS E 121 13.85 -14.49 -109.34
CA LYS E 121 15.13 -15.01 -109.78
C LYS E 121 16.18 -13.95 -110.09
N ILE E 122 17.24 -13.88 -109.27
CA ILE E 122 18.38 -13.01 -109.52
C ILE E 122 19.59 -13.81 -109.94
N GLY E 123 19.51 -15.16 -109.90
CA GLY E 123 20.59 -16.07 -110.29
C GLY E 123 21.65 -16.29 -109.24
N ASP E 124 21.53 -15.60 -108.09
CA ASP E 124 22.42 -15.74 -106.96
C ASP E 124 21.60 -16.12 -105.73
N PRO E 125 21.66 -17.34 -105.22
CA PRO E 125 21.18 -17.67 -103.88
C PRO E 125 21.87 -16.83 -102.82
N HIS E 126 21.15 -16.03 -102.02
CA HIS E 126 21.79 -14.95 -101.28
C HIS E 126 21.39 -14.90 -99.82
N THR E 127 20.22 -15.45 -99.48
CA THR E 127 19.66 -15.40 -98.14
C THR E 127 19.17 -16.78 -97.80
N VAL E 128 18.82 -17.05 -96.54
CA VAL E 128 18.28 -18.34 -96.13
C VAL E 128 16.99 -18.67 -96.89
N PRO E 129 16.69 -19.90 -97.26
CA PRO E 129 15.62 -20.15 -98.20
C PRO E 129 14.30 -20.11 -97.47
N MET E 130 14.33 -20.17 -96.12
CA MET E 130 13.19 -20.04 -95.26
C MET E 130 13.67 -19.67 -93.88
N LYS E 131 12.75 -19.27 -92.99
CA LYS E 131 12.99 -19.14 -91.56
C LYS E 131 13.42 -20.46 -90.90
N VAL E 132 14.61 -20.51 -90.27
CA VAL E 132 15.10 -21.72 -89.60
C VAL E 132 15.58 -21.38 -88.19
N SER E 133 15.21 -22.20 -87.20
CA SER E 133 15.55 -21.97 -85.80
C SER E 133 16.29 -23.14 -85.19
N GLY E 134 17.41 -22.88 -84.50
CA GLY E 134 18.26 -23.89 -83.89
C GLY E 134 18.43 -23.67 -82.43
N LYS E 135 18.35 -24.75 -81.65
CA LYS E 135 18.37 -24.66 -80.20
C LYS E 135 19.61 -25.33 -79.61
N CYS E 136 20.16 -24.74 -78.53
CA CYS E 136 21.10 -25.42 -77.66
C CYS E 136 21.00 -24.80 -76.29
N GLY E 137 20.87 -25.63 -75.22
CA GLY E 137 20.57 -25.16 -73.88
C GLY E 137 19.47 -24.13 -73.82
N SER E 138 19.75 -23.03 -73.11
CA SER E 138 18.85 -21.90 -73.00
C SER E 138 18.54 -21.16 -74.29
N VAL E 139 19.48 -21.13 -75.24
CA VAL E 139 19.42 -20.23 -76.36
C VAL E 139 18.92 -20.89 -77.64
N ARG E 140 17.84 -20.33 -78.18
CA ARG E 140 17.28 -20.75 -79.44
C ARG E 140 17.39 -19.58 -80.42
N ILE E 141 18.11 -19.80 -81.55
CA ILE E 141 18.50 -18.78 -82.50
C ILE E 141 17.80 -18.97 -83.83
N ARG E 142 17.17 -17.93 -84.40
CA ARG E 142 16.46 -18.00 -85.65
C ARG E 142 17.05 -17.09 -86.71
N LEU E 143 17.43 -17.68 -87.85
CA LEU E 143 17.78 -16.95 -89.05
C LEU E 143 16.53 -16.81 -89.90
N VAL E 144 16.26 -15.60 -90.42
CA VAL E 144 15.02 -15.29 -91.12
C VAL E 144 15.37 -14.55 -92.42
N PRO E 145 14.82 -14.91 -93.59
CA PRO E 145 15.27 -14.37 -94.88
C PRO E 145 15.13 -12.86 -95.08
N ALA E 146 16.11 -12.22 -95.74
CA ALA E 146 16.15 -10.79 -95.97
C ALA E 146 16.34 -10.45 -97.46
N PRO E 147 15.80 -9.33 -97.97
CA PRO E 147 16.04 -8.89 -99.34
C PRO E 147 17.50 -8.58 -99.62
N ARG E 148 17.87 -8.45 -100.91
CA ARG E 148 19.21 -8.04 -101.30
C ARG E 148 19.71 -6.72 -100.72
N GLY E 149 21.05 -6.60 -100.60
CA GLY E 149 21.72 -5.43 -100.05
C GLY E 149 21.41 -5.17 -98.59
N THR E 150 21.06 -6.22 -97.84
CA THR E 150 20.49 -6.12 -96.52
C THR E 150 21.26 -7.09 -95.66
N GLN E 151 22.52 -6.73 -95.45
CA GLN E 151 23.59 -7.55 -94.96
C GLN E 151 23.35 -8.19 -93.60
N ILE E 152 23.96 -9.37 -93.37
CA ILE E 152 23.90 -10.10 -92.13
C ILE E 152 24.33 -9.30 -90.88
N VAL E 153 23.62 -9.55 -89.76
CA VAL E 153 23.83 -8.87 -88.49
C VAL E 153 23.66 -9.90 -87.39
N GLY E 154 23.97 -9.51 -86.14
CA GLY E 154 23.94 -10.42 -85.01
C GLY E 154 25.13 -10.15 -84.13
N ALA E 155 25.40 -11.07 -83.19
CA ALA E 155 26.66 -11.11 -82.50
C ALA E 155 27.82 -11.33 -83.49
N PRO E 156 29.04 -10.85 -83.23
CA PRO E 156 30.27 -11.22 -83.94
C PRO E 156 30.36 -12.66 -84.39
N THR E 157 30.07 -13.59 -83.48
CA THR E 157 30.05 -15.03 -83.75
C THR E 157 29.06 -15.42 -84.82
N THR E 158 27.81 -14.90 -84.74
CA THR E 158 26.78 -15.15 -85.73
C THR E 158 27.16 -14.62 -87.08
N LYS E 159 27.65 -13.37 -87.10
CA LYS E 159 28.16 -12.71 -88.28
C LYS E 159 29.24 -13.51 -88.98
N LYS E 160 30.27 -13.97 -88.24
CA LYS E 160 31.27 -14.88 -88.77
C LYS E 160 30.71 -16.16 -89.33
N MET E 161 29.83 -16.85 -88.60
CA MET E 161 29.28 -18.11 -89.05
C MET E 161 28.45 -18.01 -90.33
N LEU E 162 27.61 -16.98 -90.42
CA LEU E 162 26.84 -16.68 -91.62
C LEU E 162 27.75 -16.33 -92.80
N ASN E 163 28.84 -15.59 -92.54
CA ASN E 163 29.85 -15.27 -93.53
C ASN E 163 30.55 -16.51 -94.05
N PHE E 164 30.90 -17.44 -93.14
CA PHE E 164 31.43 -18.75 -93.43
C PHE E 164 30.49 -19.60 -94.28
N ALA E 165 29.18 -19.58 -93.96
CA ALA E 165 28.16 -20.19 -94.78
C ALA E 165 27.95 -19.55 -96.15
N GLY E 166 28.37 -18.28 -96.31
CA GLY E 166 28.17 -17.51 -97.53
C GLY E 166 26.84 -16.83 -97.61
N ILE E 167 26.13 -16.71 -96.47
CA ILE E 167 24.87 -15.99 -96.41
C ILE E 167 25.13 -14.51 -96.47
N LYS E 168 24.60 -13.86 -97.53
CA LYS E 168 24.90 -12.47 -97.79
C LYS E 168 23.97 -11.56 -97.03
N ASP E 169 22.67 -11.87 -97.10
CA ASP E 169 21.63 -11.07 -96.48
C ASP E 169 20.92 -11.96 -95.48
N CYS E 170 20.79 -11.56 -94.21
CA CYS E 170 19.86 -12.25 -93.34
C CYS E 170 19.33 -11.31 -92.29
N PHE E 171 18.13 -11.62 -91.76
CA PHE E 171 17.67 -11.08 -90.51
C PHE E 171 17.97 -12.16 -89.50
N SER E 172 18.47 -11.77 -88.34
CA SER E 172 18.75 -12.70 -87.27
C SER E 172 17.86 -12.35 -86.10
N SER E 173 17.55 -13.34 -85.26
CA SER E 173 16.82 -13.16 -84.04
C SER E 173 17.35 -14.17 -83.05
N SER E 174 17.06 -13.99 -81.76
CA SER E 174 17.52 -14.91 -80.74
C SER E 174 16.57 -14.83 -79.57
N CYS E 175 16.45 -15.93 -78.83
CA CYS E 175 15.55 -16.03 -77.72
C CYS E 175 16.25 -16.81 -76.63
N GLY E 176 16.34 -16.23 -75.42
CA GLY E 176 17.00 -16.85 -74.28
C GLY E 176 18.10 -15.96 -73.77
N LYS E 177 19.08 -16.56 -73.09
CA LYS E 177 20.25 -15.87 -72.59
C LYS E 177 21.40 -16.03 -73.59
N THR E 178 21.82 -14.92 -74.23
CA THR E 178 22.78 -14.94 -75.33
C THR E 178 24.21 -15.14 -74.87
N LYS E 179 24.47 -14.89 -73.58
CA LYS E 179 25.79 -14.88 -73.00
C LYS E 179 26.60 -16.16 -73.20
N THR E 180 25.98 -17.34 -73.01
CA THR E 180 26.65 -18.63 -73.10
C THR E 180 27.13 -18.97 -74.50
N LYS E 181 28.41 -18.67 -74.81
CA LYS E 181 28.93 -18.59 -76.16
C LYS E 181 28.99 -19.91 -76.91
N GLY E 182 29.39 -21.00 -76.24
CA GLY E 182 29.50 -22.29 -76.89
C GLY E 182 28.16 -22.82 -77.31
N ASN E 183 27.17 -22.70 -76.40
CA ASN E 183 25.78 -22.98 -76.68
C ASN E 183 25.25 -22.10 -77.80
N PHE E 184 25.60 -20.80 -77.81
CA PHE E 184 25.24 -19.87 -78.83
C PHE E 184 25.77 -20.28 -80.21
N LEU E 185 27.07 -20.60 -80.30
CA LEU E 185 27.71 -21.14 -81.48
C LEU E 185 27.07 -22.42 -81.98
N ARG E 186 26.84 -23.38 -81.08
CA ARG E 186 26.19 -24.64 -81.35
C ARG E 186 24.76 -24.46 -81.86
N ALA E 187 23.94 -23.61 -81.21
CA ALA E 187 22.62 -23.23 -81.65
C ALA E 187 22.59 -22.58 -83.03
N ILE E 188 23.54 -21.66 -83.34
CA ILE E 188 23.69 -21.14 -84.69
C ILE E 188 23.98 -22.27 -85.67
N PHE E 189 24.90 -23.17 -85.32
CA PHE E 189 25.24 -24.29 -86.16
C PHE E 189 24.07 -25.24 -86.38
N ASN E 190 23.28 -25.52 -85.34
CA ASN E 190 22.04 -26.26 -85.43
C ASN E 190 21.01 -25.61 -86.37
N ALA E 191 20.83 -24.28 -86.28
CA ALA E 191 19.92 -23.56 -87.15
C ALA E 191 20.36 -23.61 -88.61
N LEU E 192 21.64 -23.31 -88.82
CA LEU E 192 22.35 -23.38 -90.08
C LEU E 192 22.26 -24.75 -90.75
N SER E 193 22.41 -25.82 -89.94
CA SER E 193 22.29 -27.21 -90.37
C SER E 193 20.96 -27.54 -91.00
N LYS E 194 19.85 -27.08 -90.38
CA LYS E 194 18.50 -27.30 -90.89
C LYS E 194 18.21 -26.76 -92.29
N THR E 195 18.99 -25.79 -92.80
CA THR E 195 18.73 -25.15 -94.09
C THR E 195 18.66 -26.07 -95.29
N TYR E 196 19.50 -27.13 -95.34
CA TYR E 196 19.52 -28.06 -96.46
C TYR E 196 18.84 -29.37 -96.08
N GLY E 197 18.08 -29.37 -94.96
CA GLY E 197 17.30 -30.53 -94.52
C GLY E 197 15.82 -30.30 -94.63
N TYR E 198 15.38 -29.05 -94.79
CA TYR E 198 13.99 -28.68 -94.80
C TYR E 198 13.29 -28.99 -96.12
N LEU E 199 12.25 -29.86 -96.11
CA LEU E 199 11.47 -30.19 -97.28
C LEU E 199 10.68 -29.01 -97.85
N THR E 200 10.60 -28.85 -99.19
CA THR E 200 10.03 -27.67 -99.81
C THR E 200 9.27 -28.02 -101.10
N PRO E 201 8.36 -27.20 -101.62
CA PRO E 201 7.59 -27.50 -102.82
C PRO E 201 8.35 -27.90 -104.05
N ASP E 202 9.48 -27.26 -104.34
CA ASP E 202 10.46 -27.65 -105.33
C ASP E 202 10.93 -29.09 -105.25
N LEU E 203 10.74 -29.76 -104.10
CA LEU E 203 11.15 -31.13 -103.88
C LEU E 203 9.95 -32.07 -103.88
N TRP E 204 8.76 -31.60 -104.32
CA TRP E 204 7.61 -32.47 -104.57
C TRP E 204 7.89 -33.50 -105.66
N LYS E 205 8.65 -33.08 -106.70
CA LYS E 205 9.02 -33.89 -107.85
C LYS E 205 9.69 -35.21 -107.52
N VAL E 206 9.03 -36.33 -107.86
CA VAL E 206 9.59 -37.67 -107.71
C VAL E 206 10.78 -37.82 -108.63
N THR E 207 11.94 -38.24 -108.09
CA THR E 207 13.21 -38.14 -108.80
C THR E 207 14.10 -39.30 -108.40
N ASN E 208 14.78 -39.93 -109.37
CA ASN E 208 15.73 -41.01 -109.13
C ASN E 208 16.95 -40.60 -108.31
N PHE E 209 17.45 -41.54 -107.51
CA PHE E 209 18.66 -41.40 -106.73
C PHE E 209 19.67 -42.47 -107.16
N ASP E 210 20.94 -42.07 -107.30
CA ASP E 210 22.04 -42.91 -107.73
C ASP E 210 22.42 -44.06 -106.79
N LYS E 211 22.96 -45.15 -107.37
CA LYS E 211 23.58 -46.23 -106.62
C LYS E 211 24.82 -45.82 -105.83
N SER E 212 25.06 -46.53 -104.70
CA SER E 212 26.13 -46.22 -103.75
C SER E 212 27.55 -46.19 -104.30
N PRO E 213 28.46 -45.30 -103.86
CA PRO E 213 29.90 -45.44 -104.06
C PRO E 213 30.45 -46.80 -103.69
N TYR E 214 29.89 -47.46 -102.66
CA TYR E 214 30.29 -48.79 -102.26
C TYR E 214 29.94 -49.87 -103.27
N GLU E 215 29.14 -49.55 -104.29
CA GLU E 215 28.87 -50.47 -105.38
C GLU E 215 29.47 -49.94 -106.67
N GLU E 216 29.59 -48.61 -106.82
CA GLU E 216 30.19 -48.02 -108.00
C GLU E 216 31.67 -48.32 -108.13
N TRP E 217 32.34 -48.46 -106.98
CA TRP E 217 33.76 -48.71 -106.92
C TRP E 217 34.03 -50.00 -106.17
N SER E 218 33.10 -50.96 -106.20
CA SER E 218 33.20 -52.20 -105.42
C SER E 218 34.44 -53.03 -105.72
N ASP E 219 34.76 -53.20 -107.02
CA ASP E 219 35.97 -53.83 -107.48
C ASP E 219 37.23 -53.12 -106.99
N PHE E 220 37.30 -51.80 -107.18
CA PHE E 220 38.39 -50.99 -106.67
C PHE E 220 38.55 -51.04 -105.14
N LEU E 221 37.44 -51.26 -104.43
CA LEU E 221 37.43 -51.40 -102.99
C LEU E 221 37.88 -52.78 -102.56
N GLU E 222 37.50 -53.82 -103.31
CA GLU E 222 38.06 -55.16 -103.15
C GLU E 222 39.57 -55.20 -103.43
N THR E 223 40.04 -54.40 -104.40
CA THR E 223 41.43 -54.39 -104.88
C THR E 223 42.49 -53.97 -103.87
N TYR E 224 42.22 -52.97 -103.00
CA TYR E 224 43.29 -52.35 -102.26
C TYR E 224 42.90 -52.03 -100.79
N ASP F 1 68.80 -93.29 -21.18
CA ASP F 1 68.64 -92.47 -22.43
C ASP F 1 69.06 -91.01 -22.21
N ILE F 2 68.19 -90.01 -22.42
CA ILE F 2 68.52 -88.61 -22.23
C ILE F 2 68.17 -88.13 -20.82
N LYS F 3 69.15 -87.54 -20.10
CA LYS F 3 68.98 -87.08 -18.73
C LYS F 3 69.48 -85.67 -18.58
N LEU F 4 68.71 -84.77 -17.93
CA LEU F 4 69.05 -83.36 -17.83
C LEU F 4 70.21 -83.07 -16.88
N PHE F 5 71.26 -82.38 -17.38
CA PHE F 5 72.56 -82.15 -16.75
C PHE F 5 73.38 -83.43 -16.61
N LYS F 6 72.92 -84.51 -17.28
CA LYS F 6 73.38 -85.89 -17.15
C LYS F 6 72.82 -86.54 -15.89
N LYS F 7 71.90 -85.83 -15.19
CA LYS F 7 71.40 -86.20 -13.88
C LYS F 7 69.95 -86.63 -13.93
N TRP F 8 69.03 -85.67 -14.16
CA TRP F 8 67.60 -85.87 -14.02
C TRP F 8 67.02 -86.77 -15.10
N SER F 9 66.37 -87.88 -14.70
CA SER F 9 65.87 -88.89 -15.64
C SER F 9 64.81 -88.38 -16.60
N TYR F 10 63.84 -87.59 -16.07
CA TYR F 10 62.78 -86.87 -16.75
C TYR F 10 62.03 -87.57 -17.89
N GLU F 11 61.75 -88.87 -17.70
CA GLU F 11 61.02 -89.73 -18.60
C GLU F 11 59.63 -89.97 -18.07
N GLU F 12 59.44 -89.83 -16.76
CA GLU F 12 58.16 -89.95 -16.08
C GLU F 12 57.14 -88.93 -16.56
N ILE F 13 55.86 -89.34 -16.62
CA ILE F 13 54.78 -88.54 -17.16
C ILE F 13 53.92 -87.93 -16.06
N ASN F 14 53.17 -86.87 -16.41
CA ASN F 14 52.22 -86.23 -15.53
C ASN F 14 50.90 -86.20 -16.24
N ILE F 15 49.78 -86.45 -15.52
CA ILE F 15 48.45 -86.58 -16.11
C ILE F 15 47.97 -85.28 -16.74
N ALA F 16 48.11 -84.17 -16.00
CA ALA F 16 47.72 -82.83 -16.39
C ALA F 16 46.37 -82.66 -17.10
N ASP F 17 46.29 -81.70 -18.02
CA ASP F 17 45.07 -81.36 -18.73
C ASP F 17 45.02 -82.04 -20.10
N LEU F 18 46.00 -82.93 -20.38
CA LEU F 18 46.16 -83.72 -21.59
C LEU F 18 46.74 -82.88 -22.73
N SER F 19 46.09 -81.76 -23.05
CA SER F 19 46.59 -80.69 -23.90
C SER F 19 47.90 -80.08 -23.41
N LEU F 20 48.01 -79.91 -22.07
CA LEU F 20 49.20 -79.43 -21.42
C LEU F 20 50.37 -80.40 -21.58
N VAL F 21 50.10 -81.73 -21.50
CA VAL F 21 51.10 -82.78 -21.74
C VAL F 21 51.68 -82.71 -23.15
N ASP F 22 50.81 -82.50 -24.16
CA ASP F 22 51.22 -82.17 -25.52
C ASP F 22 52.16 -80.96 -25.60
N CYS F 23 51.87 -79.90 -24.84
CA CYS F 23 52.63 -78.66 -24.83
C CYS F 23 54.01 -78.78 -24.16
N ILE F 24 54.09 -79.24 -22.89
CA ILE F 24 55.35 -79.53 -22.21
C ILE F 24 56.32 -80.45 -22.96
N ALA F 25 57.62 -80.45 -22.58
CA ALA F 25 58.63 -81.27 -23.24
C ALA F 25 58.65 -82.74 -22.81
N VAL F 26 57.53 -83.45 -22.99
CA VAL F 26 57.42 -84.89 -22.80
C VAL F 26 58.21 -85.69 -23.85
N SER F 27 58.20 -85.23 -25.12
CA SER F 27 58.83 -85.87 -26.26
C SER F 27 60.35 -86.03 -26.15
N GLN F 28 60.88 -87.12 -26.73
CA GLN F 28 62.30 -87.44 -26.73
C GLN F 28 63.15 -86.39 -27.43
N LYS F 29 62.66 -85.83 -28.55
CA LYS F 29 63.42 -84.84 -29.32
C LYS F 29 63.37 -83.46 -28.69
N ALA F 30 62.47 -83.26 -27.71
CA ALA F 30 62.42 -82.05 -26.91
C ALA F 30 63.36 -82.16 -25.70
N CYS F 31 63.80 -83.39 -25.38
CA CYS F 31 64.76 -83.63 -24.33
C CYS F 31 66.20 -83.47 -24.79
N VAL F 32 67.06 -83.09 -23.85
CA VAL F 32 68.42 -82.68 -24.09
C VAL F 32 69.26 -83.06 -22.87
N TYR F 33 70.57 -83.28 -23.03
CA TYR F 33 71.46 -83.66 -21.94
C TYR F 33 71.88 -82.51 -21.05
N THR F 34 71.74 -81.25 -21.48
CA THR F 34 71.92 -80.07 -20.63
C THR F 34 71.18 -79.00 -21.36
N PRO F 35 70.53 -78.01 -20.75
CA PRO F 35 69.75 -76.98 -21.43
C PRO F 35 70.39 -76.27 -22.61
N HIS F 36 69.53 -75.63 -23.43
CA HIS F 36 69.90 -74.76 -24.52
C HIS F 36 70.29 -75.46 -25.81
N THR F 37 69.49 -75.22 -26.85
CA THR F 37 69.80 -75.56 -28.23
C THR F 37 69.41 -74.40 -29.13
N ALA F 38 68.36 -73.64 -28.77
CA ALA F 38 67.89 -72.46 -29.45
C ALA F 38 67.63 -72.54 -30.96
N GLY F 39 66.70 -73.41 -31.40
CA GLY F 39 66.10 -73.34 -32.73
C GLY F 39 65.36 -72.05 -33.01
N ARG F 40 64.78 -71.91 -34.21
CA ARG F 40 63.99 -70.73 -34.54
C ARG F 40 62.55 -70.92 -34.09
N TYR F 41 62.18 -70.34 -32.92
CA TYR F 41 60.91 -70.66 -32.27
C TYR F 41 59.83 -69.61 -32.49
N GLN F 42 60.11 -68.57 -33.31
CA GLN F 42 59.04 -67.82 -33.97
C GLN F 42 59.20 -68.06 -35.45
N LYS F 43 58.13 -68.57 -36.10
CA LYS F 43 58.15 -68.91 -37.51
C LYS F 43 56.75 -69.26 -37.96
N LYS F 44 56.07 -70.12 -37.19
CA LYS F 44 54.70 -70.53 -37.43
C LYS F 44 53.94 -70.43 -36.12
N ARG F 45 52.60 -70.47 -36.16
CA ARG F 45 51.74 -70.18 -35.01
C ARG F 45 51.97 -71.11 -33.82
N PHE F 46 52.11 -72.42 -34.06
CA PHE F 46 52.25 -73.41 -33.01
C PHE F 46 53.70 -73.80 -32.77
N ARG F 47 54.64 -73.16 -33.49
CA ARG F 47 56.08 -73.41 -33.46
C ARG F 47 56.68 -73.38 -32.05
N LYS F 48 56.17 -72.50 -31.19
CA LYS F 48 56.56 -72.34 -29.81
C LYS F 48 56.38 -73.58 -28.96
N ALA F 49 55.34 -74.39 -29.23
CA ALA F 49 55.12 -75.71 -28.66
C ALA F 49 56.34 -76.63 -28.74
N LEU F 50 57.03 -76.61 -29.90
CA LEU F 50 58.19 -77.43 -30.19
C LEU F 50 59.43 -77.09 -29.36
N CYS F 51 59.51 -75.86 -28.80
CA CYS F 51 60.58 -75.47 -27.91
C CYS F 51 60.68 -76.36 -26.65
N PRO F 52 61.86 -76.80 -26.19
CA PRO F 52 62.03 -77.38 -24.87
C PRO F 52 61.51 -76.51 -23.74
N ILE F 53 60.72 -77.06 -22.80
CA ILE F 53 60.17 -76.26 -21.71
C ILE F 53 61.24 -75.69 -20.79
N VAL F 54 62.37 -76.40 -20.60
CA VAL F 54 63.51 -75.86 -19.89
C VAL F 54 64.15 -74.68 -20.60
N GLU F 55 64.23 -74.72 -21.96
CA GLU F 55 64.65 -73.60 -22.78
C GLU F 55 63.71 -72.41 -22.60
N ARG F 56 62.39 -72.66 -22.58
CA ARG F 56 61.42 -71.62 -22.26
C ARG F 56 61.55 -71.06 -20.85
N LEU F 57 61.73 -71.93 -19.83
CA LEU F 57 61.89 -71.53 -18.46
C LEU F 57 63.11 -70.66 -18.22
N VAL F 58 64.27 -71.01 -18.81
CA VAL F 58 65.45 -70.18 -18.77
C VAL F 58 65.26 -68.86 -19.48
N ASN F 59 64.55 -68.83 -20.63
CA ASN F 59 64.26 -67.62 -21.37
C ASN F 59 63.41 -66.66 -20.55
N SER F 60 62.37 -67.17 -19.86
CA SER F 60 61.59 -66.40 -18.91
C SER F 60 62.44 -65.86 -17.77
N MET F 61 63.30 -66.70 -17.17
CA MET F 61 64.24 -66.27 -16.16
C MET F 61 65.18 -65.16 -16.64
N MET F 62 65.79 -65.31 -17.83
CA MET F 62 66.56 -64.30 -18.54
C MET F 62 65.86 -62.96 -18.77
N MET F 63 64.51 -62.92 -18.76
CA MET F 63 63.80 -61.67 -18.89
C MET F 63 63.98 -60.66 -17.75
N HIS F 64 63.87 -59.38 -18.14
CA HIS F 64 63.80 -58.21 -17.32
C HIS F 64 65.14 -57.52 -17.09
N GLY F 65 65.35 -56.37 -17.76
CA GLY F 65 66.46 -55.45 -17.51
C GLY F 65 67.85 -56.04 -17.43
N ARG F 66 68.37 -56.13 -16.20
CA ARG F 66 69.72 -56.58 -15.88
C ARG F 66 69.93 -58.04 -16.26
N ASN F 67 68.85 -58.81 -16.35
CA ASN F 67 68.88 -60.23 -16.59
C ASN F 67 69.05 -60.54 -18.07
N ASN F 68 68.67 -59.59 -18.96
CA ASN F 68 68.66 -59.82 -20.39
C ASN F 68 70.02 -60.23 -20.95
N GLY F 69 70.02 -61.30 -21.79
CA GLY F 69 71.22 -61.84 -22.41
C GLY F 69 72.09 -62.74 -21.55
N LYS F 70 71.71 -63.02 -20.29
CA LYS F 70 72.47 -63.88 -19.40
C LYS F 70 71.87 -65.29 -19.36
N LYS F 71 72.02 -66.02 -20.47
CA LYS F 71 71.33 -67.27 -20.69
C LYS F 71 71.90 -68.40 -19.85
N LEU F 72 73.23 -68.47 -19.79
CA LEU F 72 74.02 -69.34 -18.95
C LEU F 72 73.72 -69.15 -17.48
N LYS F 73 73.64 -67.89 -17.02
CA LYS F 73 73.24 -67.56 -15.68
C LYS F 73 71.83 -68.03 -15.37
N ALA F 74 70.87 -67.86 -16.30
CA ALA F 74 69.53 -68.36 -16.15
C ALA F 74 69.49 -69.89 -16.04
N ILE F 75 70.32 -70.59 -16.83
CA ILE F 75 70.57 -72.02 -16.71
C ILE F 75 71.14 -72.40 -15.33
N ARG F 76 72.17 -71.66 -14.83
CA ARG F 76 72.72 -71.87 -13.50
C ARG F 76 71.69 -71.68 -12.39
N ILE F 77 70.83 -70.65 -12.48
CA ILE F 77 69.74 -70.40 -11.55
C ILE F 77 68.74 -71.54 -11.49
N VAL F 78 68.27 -72.05 -12.66
CA VAL F 78 67.40 -73.20 -12.67
C VAL F 78 68.07 -74.47 -12.17
N ALA F 79 69.34 -74.74 -12.56
CA ALA F 79 70.07 -75.87 -12.04
C ALA F 79 70.21 -75.88 -10.51
N TYR F 80 70.58 -74.73 -9.93
CA TYR F 80 70.60 -74.49 -8.50
C TYR F 80 69.24 -74.66 -7.87
N ALA F 81 68.18 -74.13 -8.51
CA ALA F 81 66.82 -74.30 -8.07
C ALA F 81 66.39 -75.76 -8.03
N PHE F 82 66.72 -76.56 -9.05
CA PHE F 82 66.46 -77.99 -9.06
C PHE F 82 67.15 -78.72 -7.90
N GLU F 83 68.41 -78.38 -7.58
CA GLU F 83 69.07 -78.92 -6.40
C GLU F 83 68.31 -78.63 -5.10
N ILE F 84 67.86 -77.38 -4.92
CA ILE F 84 67.06 -76.97 -3.79
C ILE F 84 65.75 -77.74 -3.67
N ILE F 85 65.00 -77.94 -4.76
CA ILE F 85 63.76 -78.70 -4.74
C ILE F 85 63.97 -80.14 -4.33
N HIS F 86 65.02 -80.78 -4.87
CA HIS F 86 65.46 -82.12 -4.53
C HIS F 86 65.78 -82.35 -3.05
N LEU F 87 66.37 -81.33 -2.41
CA LEU F 87 66.65 -81.30 -0.99
C LEU F 87 65.37 -81.16 -0.21
N MET F 88 64.56 -80.11 -0.47
CA MET F 88 63.26 -79.88 0.14
C MET F 88 62.31 -81.07 0.07
N THR F 89 62.28 -81.81 -1.04
CA THR F 89 61.63 -83.09 -1.11
C THR F 89 62.34 -83.93 -2.16
N GLY F 90 62.43 -85.26 -1.97
CA GLY F 90 63.29 -86.14 -2.77
C GLY F 90 62.77 -86.44 -4.14
N GLU F 91 61.60 -85.88 -4.48
CA GLU F 91 60.98 -85.88 -5.80
C GLU F 91 61.89 -85.31 -6.89
N ASN F 92 61.67 -85.76 -8.15
CA ASN F 92 62.34 -85.23 -9.31
C ASN F 92 61.94 -83.76 -9.57
N PRO F 93 62.81 -82.77 -9.52
CA PRO F 93 62.45 -81.36 -9.67
C PRO F 93 61.73 -81.01 -10.95
N LEU F 94 62.10 -81.60 -12.08
CA LEU F 94 61.43 -81.41 -13.36
C LEU F 94 59.98 -81.83 -13.32
N GLN F 95 59.68 -82.99 -12.71
CA GLN F 95 58.31 -83.44 -12.49
C GLN F 95 57.51 -82.48 -11.63
N VAL F 96 58.12 -82.00 -10.53
CA VAL F 96 57.59 -80.97 -9.66
C VAL F 96 57.31 -79.67 -10.42
N PHE F 97 58.24 -79.25 -11.28
CA PHE F 97 58.14 -78.08 -12.13
C PHE F 97 56.97 -78.22 -13.10
N VAL F 98 56.79 -79.38 -13.75
CA VAL F 98 55.61 -79.65 -14.57
C VAL F 98 54.32 -79.53 -13.76
N ASN F 99 54.29 -80.08 -12.54
CA ASN F 99 53.15 -79.94 -11.65
C ASN F 99 52.85 -78.49 -11.32
N ALA F 100 53.87 -77.66 -11.02
CA ALA F 100 53.73 -76.24 -10.81
C ALA F 100 53.19 -75.50 -12.04
N VAL F 101 53.67 -75.85 -13.24
CA VAL F 101 53.20 -75.25 -14.47
C VAL F 101 51.76 -75.65 -14.75
N GLN F 102 51.42 -76.93 -14.53
CA GLN F 102 50.06 -77.40 -14.61
C GLN F 102 49.11 -76.68 -13.67
N LYS F 103 49.49 -76.57 -12.39
CA LYS F 103 48.76 -75.82 -11.37
C LYS F 103 48.60 -74.34 -11.68
N GLY F 104 49.65 -73.68 -12.17
CA GLY F 104 49.68 -72.23 -12.37
C GLY F 104 48.82 -71.70 -13.49
N GLY F 105 48.66 -72.46 -14.58
CA GLY F 105 47.87 -72.05 -15.74
C GLY F 105 46.42 -71.63 -15.48
N PRO F 106 45.93 -70.46 -15.88
CA PRO F 106 44.57 -70.04 -15.59
C PRO F 106 43.55 -70.73 -16.47
N ARG F 107 42.41 -71.15 -15.92
CA ARG F 107 41.37 -71.81 -16.69
C ARG F 107 40.53 -70.83 -17.49
N GLU F 108 40.17 -69.68 -16.88
CA GLU F 108 39.48 -68.61 -17.59
C GLU F 108 40.15 -67.28 -17.29
N ASP F 109 39.94 -66.31 -18.18
CA ASP F 109 40.47 -64.96 -18.13
C ASP F 109 39.33 -64.00 -18.48
N SER F 110 39.53 -62.70 -18.26
CA SER F 110 38.53 -61.66 -18.32
C SER F 110 38.85 -60.65 -19.41
N THR F 111 37.83 -60.16 -20.11
CA THR F 111 37.91 -59.29 -21.27
C THR F 111 36.83 -58.22 -21.18
N ARG F 112 36.83 -57.22 -22.07
CA ARG F 112 35.71 -56.29 -22.19
C ARG F 112 34.41 -57.02 -22.66
N GLN F 122 33.44 -59.25 -20.34
CA GLN F 122 33.24 -60.66 -20.78
C GLN F 122 34.33 -61.57 -20.23
N ALA F 123 34.27 -62.89 -20.47
CA ALA F 123 35.27 -63.79 -19.94
C ALA F 123 35.43 -64.99 -20.86
N VAL F 124 36.63 -65.56 -20.90
CA VAL F 124 37.08 -66.47 -21.95
C VAL F 124 37.91 -67.60 -21.37
N ASP F 125 37.94 -68.75 -22.06
CA ASP F 125 38.84 -69.86 -21.78
C ASP F 125 40.24 -69.50 -22.28
N VAL F 126 41.26 -70.31 -21.95
CA VAL F 126 42.66 -69.98 -22.20
C VAL F 126 43.37 -71.15 -22.86
N SER F 127 43.96 -70.91 -24.05
CA SER F 127 44.92 -71.78 -24.75
C SER F 127 45.87 -72.58 -23.86
N PRO F 128 46.19 -73.84 -24.12
CA PRO F 128 47.02 -74.62 -23.22
C PRO F 128 48.45 -74.15 -23.35
N LEU F 129 48.91 -73.85 -24.57
CA LEU F 129 50.18 -73.22 -24.81
C LEU F 129 50.30 -71.87 -24.11
N ARG F 130 49.25 -71.02 -24.19
CA ARG F 130 49.20 -69.81 -23.40
C ARG F 130 49.21 -70.04 -21.90
N ARG F 131 48.46 -71.03 -21.39
CA ARG F 131 48.48 -71.42 -19.99
C ARG F 131 49.87 -71.78 -19.50
N VAL F 132 50.64 -72.59 -20.24
CA VAL F 132 52.04 -72.85 -19.93
C VAL F 132 52.90 -71.58 -19.95
N ASN F 133 52.73 -70.73 -20.98
CA ASN F 133 53.49 -69.50 -21.13
C ASN F 133 53.23 -68.53 -19.99
N GLN F 134 51.95 -68.38 -19.59
CA GLN F 134 51.54 -67.59 -18.46
C GLN F 134 52.05 -68.14 -17.16
N ALA F 135 52.00 -69.47 -16.95
CA ALA F 135 52.42 -70.12 -15.73
C ALA F 135 53.89 -69.91 -15.45
N ILE F 136 54.76 -70.20 -16.43
CA ILE F 136 56.18 -69.92 -16.36
C ILE F 136 56.47 -68.45 -16.08
N TYR F 137 55.79 -67.53 -16.78
CA TYR F 137 55.83 -66.09 -16.59
C TYR F 137 55.49 -65.68 -15.15
N LEU F 138 54.35 -66.14 -14.63
CA LEU F 138 53.90 -65.92 -13.27
C LEU F 138 54.91 -66.41 -12.24
N ILE F 139 55.40 -67.66 -12.37
CA ILE F 139 56.37 -68.21 -11.45
C ILE F 139 57.68 -67.46 -11.43
N CYS F 140 58.20 -67.06 -12.61
CA CYS F 140 59.43 -66.29 -12.69
C CYS F 140 59.31 -64.85 -12.20
N THR F 141 58.23 -64.15 -12.56
CA THR F 141 57.90 -62.82 -12.05
C THR F 141 57.74 -62.78 -10.55
N GLY F 142 57.05 -63.78 -9.97
CA GLY F 142 56.95 -63.97 -8.52
C GLY F 142 58.28 -64.17 -7.86
N ALA F 143 59.15 -64.99 -8.47
CA ALA F 143 60.51 -65.19 -8.07
C ALA F 143 61.34 -63.91 -8.06
N ARG F 144 61.28 -63.09 -9.12
CA ARG F 144 61.91 -61.78 -9.17
C ARG F 144 61.46 -60.83 -8.08
N ASN F 145 60.13 -60.77 -7.83
CA ASN F 145 59.54 -59.94 -6.80
C ASN F 145 60.06 -60.31 -5.41
N ALA F 146 60.09 -61.63 -5.12
CA ALA F 146 60.70 -62.19 -3.94
C ALA F 146 62.18 -61.87 -3.82
N ALA F 147 62.96 -62.02 -4.89
CA ALA F 147 64.38 -61.75 -4.95
C ALA F 147 64.76 -60.29 -4.64
N PHE F 148 64.18 -59.33 -5.39
CA PHE F 148 64.53 -57.94 -5.35
C PHE F 148 64.46 -57.29 -3.96
N ARG F 149 65.62 -56.83 -3.46
CA ARG F 149 65.83 -56.25 -2.14
C ARG F 149 65.46 -57.14 -0.95
N ASN F 150 65.74 -58.45 -1.03
CA ASN F 150 65.49 -59.40 0.04
C ASN F 150 66.64 -60.39 0.15
N ILE F 151 66.67 -61.15 1.28
CA ILE F 151 67.72 -62.11 1.59
C ILE F 151 67.81 -63.24 0.57
N LYS F 152 66.65 -63.81 0.20
CA LYS F 152 66.57 -64.96 -0.66
C LYS F 152 67.16 -64.77 -2.05
N SER F 153 68.02 -65.70 -2.49
CA SER F 153 68.52 -65.76 -3.85
C SER F 153 67.43 -66.12 -4.83
N ILE F 154 67.54 -65.66 -6.08
CA ILE F 154 66.59 -65.94 -7.13
C ILE F 154 66.36 -67.43 -7.37
N SER F 155 67.41 -68.27 -7.30
CA SER F 155 67.26 -69.72 -7.34
C SER F 155 66.40 -70.30 -6.24
N GLU F 156 66.55 -69.77 -5.01
CA GLU F 156 65.74 -70.13 -3.87
C GLU F 156 64.31 -69.72 -4.05
N CYS F 157 64.09 -68.47 -4.50
CA CYS F 157 62.78 -67.95 -4.74
C CYS F 157 62.02 -68.75 -5.79
N LEU F 158 62.68 -69.07 -6.91
CA LEU F 158 62.11 -69.90 -7.94
C LEU F 158 61.75 -71.29 -7.44
N ALA F 159 62.66 -71.94 -6.70
CA ALA F 159 62.40 -73.22 -6.08
C ALA F 159 61.23 -73.18 -5.11
N GLU F 160 61.22 -72.17 -4.22
CA GLU F 160 60.17 -71.92 -3.26
C GLU F 160 58.83 -71.69 -3.91
N GLU F 161 58.79 -70.83 -4.93
CA GLU F 161 57.60 -70.61 -5.72
C GLU F 161 57.10 -71.87 -6.38
N ILE F 162 57.99 -72.64 -7.04
CA ILE F 162 57.65 -73.89 -7.68
C ILE F 162 57.07 -74.90 -6.71
N ILE F 163 57.73 -75.21 -5.58
CA ILE F 163 57.18 -76.09 -4.56
C ILE F 163 55.83 -75.66 -4.02
N ASN F 164 55.62 -74.36 -3.74
CA ASN F 164 54.35 -73.83 -3.28
C ASN F 164 53.27 -73.96 -4.32
N CYS F 165 53.58 -73.64 -5.58
CA CYS F 165 52.67 -73.77 -6.70
C CYS F 165 52.32 -75.22 -6.99
N ALA F 166 53.32 -76.13 -6.99
CA ALA F 166 53.15 -77.57 -7.11
C ALA F 166 52.25 -78.15 -6.01
N ASN F 167 52.52 -77.79 -4.74
CA ASN F 167 51.69 -78.08 -3.59
C ASN F 167 50.24 -77.60 -3.75
N GLU F 168 50.08 -76.38 -4.32
CA GLU F 168 48.85 -75.64 -4.47
C GLU F 168 48.59 -74.80 -3.22
N SER F 169 49.62 -74.02 -2.84
CA SER F 169 49.57 -73.09 -1.73
C SER F 169 49.16 -71.72 -2.21
N SER F 170 48.25 -71.05 -1.47
CA SER F 170 47.75 -69.72 -1.79
C SER F 170 48.81 -68.64 -1.58
N SER F 171 49.90 -68.99 -0.89
CA SER F 171 51.06 -68.13 -0.71
C SER F 171 51.91 -68.04 -1.96
N SER F 172 51.75 -68.97 -2.93
CA SER F 172 52.33 -68.81 -4.26
C SER F 172 51.77 -67.58 -4.96
N TYR F 173 52.66 -66.81 -5.60
CA TYR F 173 52.31 -65.65 -6.37
C TYR F 173 51.51 -66.05 -7.60
N ALA F 174 51.91 -67.15 -8.26
CA ALA F 174 51.22 -67.67 -9.40
C ALA F 174 49.82 -68.17 -9.06
N ILE F 175 49.67 -68.94 -7.96
CA ILE F 175 48.37 -69.41 -7.50
C ILE F 175 47.47 -68.25 -7.10
N LYS F 176 48.00 -67.27 -6.35
CA LYS F 176 47.27 -66.07 -5.97
C LYS F 176 46.78 -65.25 -7.16
N LYS F 177 47.66 -65.00 -8.15
CA LYS F 177 47.30 -64.32 -9.38
C LYS F 177 46.30 -65.10 -10.21
N LYS F 178 46.48 -66.42 -10.37
CA LYS F 178 45.53 -67.27 -11.07
C LYS F 178 44.15 -67.26 -10.42
N ASP F 179 44.09 -67.41 -9.08
CA ASP F 179 42.89 -67.31 -8.30
C ASP F 179 42.18 -65.98 -8.53
N GLU F 180 42.92 -64.86 -8.42
CA GLU F 180 42.36 -63.55 -8.67
C GLU F 180 41.86 -63.36 -10.09
N ILE F 181 42.64 -63.74 -11.12
CA ILE F 181 42.25 -63.68 -12.52
C ILE F 181 40.96 -64.47 -12.79
N GLU F 182 40.88 -65.72 -12.35
CA GLU F 182 39.69 -66.54 -12.46
C GLU F 182 38.50 -65.95 -11.69
N ARG F 183 38.72 -65.52 -10.42
CA ARG F 183 37.71 -64.90 -9.59
C ARG F 183 37.07 -63.65 -10.20
N VAL F 184 37.86 -62.72 -10.77
CA VAL F 184 37.39 -61.57 -11.51
C VAL F 184 36.63 -61.96 -12.77
N ALA F 185 37.12 -62.96 -13.53
CA ALA F 185 36.43 -63.49 -14.69
C ALA F 185 35.06 -64.05 -14.33
N LYS F 186 34.98 -64.89 -13.29
CA LYS F 186 33.74 -65.37 -12.70
C LYS F 186 32.84 -64.25 -12.20
N ALA F 187 33.39 -63.27 -11.46
CA ALA F 187 32.66 -62.09 -11.04
C ALA F 187 31.94 -61.37 -12.18
N ASN F 188 32.62 -61.08 -13.31
CA ASN F 188 31.95 -60.59 -14.49
C ASN F 188 30.96 -61.58 -15.14
N ARG F 189 31.34 -62.86 -15.28
CA ARG F 189 30.53 -63.85 -15.96
C ARG F 189 30.65 -65.27 -15.31
N VAL G 1 -18.45 -28.59 -73.15
CA VAL G 1 -18.57 -28.16 -74.61
C VAL G 1 -17.46 -28.73 -75.51
N ARG G 2 -17.54 -28.55 -76.85
CA ARG G 2 -16.69 -29.23 -77.82
C ARG G 2 -15.49 -28.40 -78.27
N MET G 3 -15.48 -27.09 -77.96
CA MET G 3 -14.48 -26.13 -78.43
C MET G 3 -14.33 -26.07 -79.96
N SER G 4 -13.15 -25.67 -80.49
CA SER G 4 -12.98 -25.42 -81.92
C SER G 4 -12.71 -26.67 -82.72
N VAL G 5 -13.71 -27.13 -83.50
CA VAL G 5 -13.67 -28.36 -84.26
C VAL G 5 -12.56 -28.39 -85.29
N LEU G 6 -12.38 -27.26 -86.02
CA LEU G 6 -11.39 -27.11 -87.05
C LEU G 6 -9.98 -27.31 -86.50
N ALA G 7 -9.67 -26.65 -85.38
CA ALA G 7 -8.37 -26.69 -84.77
C ALA G 7 -7.88 -28.07 -84.37
N ASP G 8 -8.71 -28.84 -83.65
CA ASP G 8 -8.36 -30.17 -83.23
C ASP G 8 -8.15 -31.12 -84.40
N CYS G 9 -9.02 -31.01 -85.43
CA CYS G 9 -8.84 -31.74 -86.68
C CYS G 9 -7.50 -31.45 -87.34
N LEU G 10 -7.15 -30.17 -87.53
CA LEU G 10 -5.88 -29.79 -88.11
C LEU G 10 -4.68 -30.21 -87.29
N LYS G 11 -4.73 -30.08 -85.94
CA LYS G 11 -3.72 -30.66 -85.08
C LYS G 11 -3.56 -32.16 -85.25
N THR G 12 -4.67 -32.90 -85.35
CA THR G 12 -4.65 -34.33 -85.63
C THR G 12 -3.99 -34.67 -86.94
N ILE G 13 -4.31 -33.92 -88.01
CA ILE G 13 -3.68 -34.03 -89.31
C ILE G 13 -2.19 -33.74 -89.23
N ASN G 14 -1.82 -32.67 -88.49
CA ASN G 14 -0.45 -32.30 -88.25
C ASN G 14 0.32 -33.41 -87.54
N ASN G 15 -0.26 -33.97 -86.49
CA ASN G 15 0.28 -35.11 -85.79
C ASN G 15 0.44 -36.34 -86.69
N ALA G 16 -0.56 -36.67 -87.52
CA ALA G 16 -0.49 -37.74 -88.49
C ALA G 16 0.65 -37.62 -89.49
N GLU G 17 0.84 -36.41 -90.06
CA GLU G 17 1.94 -36.08 -90.94
C GLU G 17 3.28 -36.07 -90.25
N LYS G 18 3.37 -35.49 -89.04
CA LYS G 18 4.58 -35.54 -88.23
C LYS G 18 4.99 -36.97 -87.94
N ARG G 19 4.02 -37.83 -87.58
CA ARG G 19 4.26 -39.23 -87.35
C ARG G 19 4.63 -40.03 -88.60
N GLY G 20 4.07 -39.65 -89.76
CA GLY G 20 4.37 -40.30 -91.04
C GLY G 20 3.50 -41.50 -91.34
N ARG G 21 2.33 -41.61 -90.67
CA ARG G 21 1.33 -42.61 -90.99
C ARG G 21 0.70 -42.40 -92.37
N ARG G 22 0.46 -41.12 -92.75
CA ARG G 22 0.05 -40.66 -94.08
C ARG G 22 -1.40 -40.89 -94.44
N GLN G 23 -2.21 -41.45 -93.55
CA GLN G 23 -3.64 -41.44 -93.68
C GLN G 23 -4.19 -41.20 -92.30
N VAL G 24 -5.37 -40.58 -92.17
CA VAL G 24 -5.98 -40.47 -90.86
C VAL G 24 -7.48 -40.39 -91.02
N LEU G 25 -8.21 -40.85 -89.98
CA LEU G 25 -9.65 -40.86 -89.89
C LEU G 25 -10.07 -39.78 -88.91
N ILE G 26 -10.65 -38.69 -89.44
CA ILE G 26 -11.12 -37.55 -88.68
C ILE G 26 -12.51 -37.83 -88.12
N ARG G 27 -12.67 -37.79 -86.79
CA ARG G 27 -13.94 -38.10 -86.13
C ARG G 27 -15.00 -37.01 -86.25
N PRO G 28 -14.76 -35.72 -86.06
CA PRO G 28 -15.72 -34.70 -86.47
C PRO G 28 -15.88 -34.58 -87.98
N SER G 29 -16.94 -33.88 -88.43
CA SER G 29 -17.02 -33.39 -89.81
C SER G 29 -17.88 -32.14 -89.84
N SER G 30 -17.52 -31.18 -90.74
CA SER G 30 -18.30 -29.97 -90.94
C SER G 30 -17.95 -29.41 -92.31
N LYS G 31 -18.90 -28.66 -92.92
CA LYS G 31 -18.79 -28.00 -94.21
C LYS G 31 -17.50 -27.21 -94.41
N VAL G 32 -17.10 -26.42 -93.40
CA VAL G 32 -15.91 -25.59 -93.45
C VAL G 32 -14.65 -26.44 -93.39
N VAL G 33 -14.60 -27.46 -92.50
CA VAL G 33 -13.47 -28.38 -92.44
C VAL G 33 -13.24 -29.10 -93.75
N ILE G 34 -14.33 -29.58 -94.39
CA ILE G 34 -14.29 -30.20 -95.71
C ILE G 34 -13.74 -29.26 -96.77
N LYS G 35 -14.24 -28.02 -96.82
CA LYS G 35 -13.71 -26.98 -97.68
C LYS G 35 -12.23 -26.69 -97.45
N PHE G 36 -11.78 -26.69 -96.18
CA PHE G 36 -10.41 -26.48 -95.81
C PHE G 36 -9.51 -27.60 -96.30
N LEU G 37 -9.96 -28.87 -96.19
CA LEU G 37 -9.26 -29.99 -96.78
C LEU G 37 -9.22 -29.90 -98.30
N GLN G 38 -10.35 -29.52 -98.93
CA GLN G 38 -10.41 -29.24 -100.34
C GLN G 38 -9.44 -28.13 -100.77
N TYR G 39 -9.31 -27.05 -99.98
CA TYR G 39 -8.31 -26.03 -100.22
C TYR G 39 -6.88 -26.54 -100.12
N MET G 40 -6.55 -27.34 -99.09
CA MET G 40 -5.27 -28.00 -98.99
C MET G 40 -4.97 -28.89 -100.19
N GLN G 41 -5.95 -29.70 -100.61
CA GLN G 41 -5.92 -30.48 -101.83
C GLN G 41 -5.72 -29.62 -103.08
N LYS G 42 -6.43 -28.47 -103.18
CA LYS G 42 -6.21 -27.43 -104.17
C LYS G 42 -4.76 -26.95 -104.26
N LYS G 43 -4.02 -26.91 -103.14
CA LYS G 43 -2.68 -26.37 -103.11
C LYS G 43 -1.70 -27.54 -103.04
N GLY G 44 -2.21 -28.75 -103.30
CA GLY G 44 -1.44 -29.94 -103.60
C GLY G 44 -0.95 -30.71 -102.41
N TYR G 45 -1.40 -30.36 -101.20
CA TYR G 45 -0.97 -31.01 -99.97
C TYR G 45 -1.65 -32.34 -99.69
N ILE G 46 -2.96 -32.42 -99.98
CA ILE G 46 -3.78 -33.59 -99.72
C ILE G 46 -4.04 -34.33 -101.02
N GLY G 47 -4.15 -35.67 -100.97
CA GLY G 47 -4.57 -36.48 -102.11
C GLY G 47 -6.06 -36.57 -102.21
N SER G 48 -6.61 -37.78 -102.09
CA SER G 48 -8.05 -38.02 -102.04
C SER G 48 -8.53 -38.11 -100.60
N PHE G 49 -9.72 -37.57 -100.30
CA PHE G 49 -10.35 -37.88 -99.03
C PHE G 49 -11.78 -38.37 -99.20
N GLU G 50 -12.19 -39.33 -98.36
CA GLU G 50 -13.51 -39.90 -98.34
C GLU G 50 -14.28 -39.44 -97.12
N ILE G 51 -15.35 -38.66 -97.30
CA ILE G 51 -16.29 -38.38 -96.22
C ILE G 51 -17.36 -39.47 -96.18
N VAL G 52 -17.40 -40.23 -95.08
CA VAL G 52 -18.35 -41.31 -94.87
C VAL G 52 -19.53 -40.80 -94.04
N ASP G 53 -20.77 -41.11 -94.46
CA ASP G 53 -21.96 -40.67 -93.78
C ASP G 53 -22.15 -41.27 -92.37
N ASP G 54 -22.56 -40.42 -91.42
CA ASP G 54 -23.21 -40.82 -90.20
C ASP G 54 -24.16 -39.66 -89.91
N HIS G 55 -25.39 -39.95 -89.45
CA HIS G 55 -26.45 -38.97 -89.33
C HIS G 55 -26.13 -37.85 -88.37
N ARG G 56 -25.52 -38.18 -87.21
CA ARG G 56 -25.07 -37.21 -86.23
C ARG G 56 -24.04 -36.20 -86.74
N SER G 57 -23.15 -36.68 -87.63
CA SER G 57 -22.08 -35.95 -88.27
C SER G 57 -21.22 -36.98 -88.94
N GLY G 58 -20.86 -36.76 -90.22
CA GLY G 58 -19.96 -37.67 -90.95
C GLY G 58 -18.59 -37.82 -90.35
N LYS G 59 -17.77 -38.68 -90.94
CA LYS G 59 -16.38 -38.82 -90.56
C LYS G 59 -15.60 -38.72 -91.85
N ILE G 60 -14.30 -38.43 -91.78
CA ILE G 60 -13.52 -38.16 -92.98
C ILE G 60 -12.29 -39.03 -92.93
N VAL G 61 -11.87 -39.59 -94.06
CA VAL G 61 -10.63 -40.34 -94.11
C VAL G 61 -9.82 -39.66 -95.17
N VAL G 62 -8.67 -39.09 -94.78
CA VAL G 62 -7.85 -38.29 -95.66
C VAL G 62 -6.56 -38.99 -95.98
N ASN G 63 -6.16 -39.02 -97.28
CA ASN G 63 -4.84 -39.45 -97.68
C ASN G 63 -3.88 -38.27 -97.74
N LEU G 64 -2.78 -38.37 -96.99
CA LEU G 64 -1.77 -37.34 -96.84
C LEU G 64 -0.58 -37.70 -97.70
N LEU G 65 0.09 -36.72 -98.32
CA LEU G 65 1.02 -37.01 -99.40
C LEU G 65 2.47 -37.04 -98.97
N GLY G 66 2.78 -36.89 -97.67
CA GLY G 66 4.16 -36.84 -97.21
C GLY G 66 4.76 -35.49 -97.50
N ARG G 67 3.99 -34.43 -97.23
CA ARG G 67 4.16 -33.16 -97.88
C ARG G 67 3.85 -31.97 -97.00
N ILE G 68 3.02 -32.14 -95.94
CA ILE G 68 2.70 -31.06 -95.03
C ILE G 68 3.86 -30.82 -94.09
N ASN G 69 4.36 -29.59 -94.02
CA ASN G 69 5.32 -29.18 -93.03
C ASN G 69 4.60 -28.77 -91.77
N LYS G 70 3.52 -27.97 -91.90
CA LYS G 70 2.61 -27.72 -90.80
C LYS G 70 1.24 -27.32 -91.32
N CYS G 71 0.15 -27.63 -90.60
CA CYS G 71 -1.14 -27.02 -90.81
C CYS G 71 -1.69 -26.50 -89.49
N ALA G 72 -2.19 -25.26 -89.47
CA ALA G 72 -2.71 -24.66 -88.27
C ALA G 72 -3.83 -23.66 -88.55
N VAL G 73 -4.43 -23.16 -87.46
CA VAL G 73 -5.63 -22.35 -87.43
C VAL G 73 -5.34 -21.03 -86.73
N ILE G 74 -5.89 -19.90 -87.21
CA ILE G 74 -5.95 -18.72 -86.37
C ILE G 74 -7.25 -18.74 -85.56
N SER G 75 -7.15 -18.80 -84.21
CA SER G 75 -8.29 -18.97 -83.32
C SER G 75 -8.50 -17.78 -82.38
N PRO G 76 -9.73 -17.28 -82.19
CA PRO G 76 -10.85 -17.33 -83.13
C PRO G 76 -10.52 -16.67 -84.46
N ARG G 77 -11.45 -16.76 -85.41
CA ARG G 77 -11.30 -16.23 -86.74
C ARG G 77 -11.38 -14.71 -86.75
N TYR G 78 -10.27 -14.05 -86.37
CA TYR G 78 -10.15 -12.62 -86.29
C TYR G 78 -10.37 -11.89 -87.61
N ASP G 79 -11.08 -10.76 -87.56
CA ASP G 79 -11.28 -9.87 -88.67
C ASP G 79 -10.01 -9.16 -89.07
N VAL G 80 -9.86 -8.85 -90.37
CA VAL G 80 -8.63 -8.29 -90.89
C VAL G 80 -8.94 -7.54 -92.18
N LYS G 81 -8.45 -6.29 -92.28
CA LYS G 81 -8.61 -5.50 -93.48
C LYS G 81 -7.48 -5.78 -94.46
N LEU G 82 -7.73 -5.52 -95.76
CA LEU G 82 -6.84 -5.82 -96.87
C LEU G 82 -5.35 -5.51 -96.67
N ASP G 83 -5.00 -4.32 -96.13
CA ASP G 83 -3.61 -3.92 -96.10
C ASP G 83 -2.90 -4.51 -94.90
N GLU G 84 -3.65 -4.81 -93.83
CA GLU G 84 -3.19 -5.59 -92.70
C GLU G 84 -2.80 -7.03 -93.04
N ILE G 85 -3.35 -7.59 -94.15
CA ILE G 85 -3.02 -8.91 -94.68
C ILE G 85 -1.53 -9.06 -94.92
N GLU G 86 -0.90 -8.03 -95.52
CA GLU G 86 0.50 -8.02 -95.85
C GLU G 86 1.39 -8.22 -94.61
N LYS G 87 1.07 -7.54 -93.50
CA LYS G 87 1.74 -7.79 -92.24
C LYS G 87 1.52 -9.19 -91.69
N ILE G 88 0.28 -9.72 -91.77
CA ILE G 88 -0.06 -11.06 -91.31
C ILE G 88 0.76 -12.15 -91.97
N ILE G 89 0.85 -12.12 -93.31
CA ILE G 89 1.61 -13.12 -94.05
C ILE G 89 3.08 -13.01 -93.74
N THR G 90 3.59 -11.78 -93.59
CA THR G 90 4.98 -11.51 -93.25
C THR G 90 5.34 -12.11 -91.91
N SER G 91 4.50 -11.89 -90.88
CA SER G 91 4.60 -12.55 -89.59
C SER G 91 4.63 -14.07 -89.64
N ILE G 92 3.66 -14.67 -90.33
CA ILE G 92 3.38 -16.09 -90.23
C ILE G 92 4.27 -16.95 -91.10
N LEU G 93 4.30 -16.71 -92.42
CA LEU G 93 4.86 -17.63 -93.39
C LEU G 93 6.37 -17.89 -93.25
N PRO G 94 6.90 -19.07 -93.60
CA PRO G 94 8.31 -19.38 -93.40
C PRO G 94 9.11 -18.86 -94.57
N SER G 95 8.45 -18.62 -95.70
CA SER G 95 9.05 -18.27 -96.97
C SER G 95 8.07 -17.35 -97.67
N ARG G 96 8.58 -16.54 -98.61
CA ARG G 96 7.75 -15.64 -99.38
C ARG G 96 7.35 -16.29 -100.69
N LEU G 97 7.88 -17.49 -100.95
CA LEU G 97 7.58 -18.27 -102.13
C LEU G 97 6.78 -19.51 -101.79
N PHE G 98 6.62 -19.84 -100.49
CA PHE G 98 5.85 -20.99 -100.09
C PHE G 98 5.34 -20.92 -98.66
N GLY G 99 4.29 -21.73 -98.37
CA GLY G 99 3.39 -21.54 -97.25
C GLY G 99 2.23 -20.68 -97.66
N HIS G 100 1.02 -20.99 -97.17
CA HIS G 100 -0.20 -20.35 -97.58
C HIS G 100 -1.04 -19.93 -96.41
N LEU G 101 -1.49 -18.66 -96.42
CA LEU G 101 -2.32 -18.06 -95.41
C LEU G 101 -3.74 -17.95 -95.94
N ILE G 102 -4.72 -18.54 -95.24
CA ILE G 102 -6.08 -18.71 -95.70
C ILE G 102 -6.99 -17.79 -94.93
N LEU G 103 -7.88 -17.10 -95.63
CA LEU G 103 -8.92 -16.27 -95.07
C LEU G 103 -10.27 -16.84 -95.47
N THR G 104 -11.35 -16.38 -94.82
CA THR G 104 -12.71 -16.47 -95.36
C THR G 104 -13.16 -15.06 -95.70
N THR G 105 -13.53 -14.86 -96.96
CA THR G 105 -13.85 -13.56 -97.51
C THR G 105 -15.23 -13.76 -98.11
N PRO G 106 -16.03 -12.79 -98.53
CA PRO G 106 -17.42 -13.02 -98.92
C PRO G 106 -17.67 -14.05 -99.99
N TYR G 107 -16.66 -14.34 -100.82
CA TYR G 107 -16.72 -15.28 -101.92
C TYR G 107 -16.16 -16.63 -101.52
N GLY G 108 -16.05 -16.91 -100.20
CA GLY G 108 -15.59 -18.19 -99.68
C GLY G 108 -14.21 -18.15 -99.08
N ILE G 109 -13.76 -19.33 -98.62
CA ILE G 109 -12.44 -19.53 -98.04
C ILE G 109 -11.36 -19.65 -99.12
N MET G 110 -10.32 -18.81 -99.05
CA MET G 110 -9.29 -18.81 -100.06
C MET G 110 -8.03 -18.20 -99.49
N ASP G 111 -6.90 -18.37 -100.22
CA ASP G 111 -5.65 -17.84 -99.77
C ASP G 111 -5.52 -16.32 -99.90
N HIS G 112 -4.43 -15.80 -99.31
CA HIS G 112 -3.99 -14.42 -99.35
C HIS G 112 -3.76 -13.82 -100.72
N GLU G 113 -3.15 -14.55 -101.68
CA GLU G 113 -3.02 -14.07 -103.04
C GLU G 113 -4.35 -13.86 -103.75
N GLU G 114 -5.28 -14.82 -103.62
CA GLU G 114 -6.63 -14.71 -104.15
C GLU G 114 -7.40 -13.52 -103.60
N ALA G 115 -7.36 -13.33 -102.28
CA ALA G 115 -7.97 -12.23 -101.57
C ALA G 115 -7.45 -10.88 -102.04
N ARG G 116 -6.12 -10.77 -102.19
CA ARG G 116 -5.43 -9.62 -102.74
C ARG G 116 -5.88 -9.30 -104.17
N ARG G 117 -5.96 -10.33 -105.03
CA ARG G 117 -6.45 -10.24 -106.39
C ARG G 117 -7.88 -9.72 -106.48
N LYS G 118 -8.79 -10.29 -105.66
CA LYS G 118 -10.12 -9.78 -105.36
C LYS G 118 -10.14 -8.32 -104.98
N HIS G 119 -9.50 -8.03 -103.83
CA HIS G 119 -9.28 -6.74 -103.18
C HIS G 119 -10.07 -6.70 -101.88
N THR G 120 -10.39 -7.87 -101.32
CA THR G 120 -11.27 -7.97 -100.17
C THR G 120 -10.54 -8.48 -98.96
N GLY G 121 -10.79 -7.85 -97.79
CA GLY G 121 -10.43 -8.40 -96.50
C GLY G 121 -11.34 -9.54 -96.11
N GLY G 122 -11.26 -9.99 -94.86
CA GLY G 122 -12.21 -10.97 -94.37
C GLY G 122 -11.94 -11.26 -92.93
N LYS G 123 -12.22 -12.50 -92.54
CA LYS G 123 -11.70 -13.06 -91.32
C LYS G 123 -10.55 -13.93 -91.71
N VAL G 124 -9.43 -13.92 -90.97
CA VAL G 124 -8.35 -14.81 -91.32
C VAL G 124 -8.59 -16.14 -90.62
N LEU G 125 -8.48 -17.22 -91.40
CA LEU G 125 -8.98 -18.52 -91.05
C LEU G 125 -7.90 -19.46 -90.54
N GLY G 126 -6.87 -19.73 -91.37
CA GLY G 126 -5.85 -20.68 -91.01
C GLY G 126 -4.72 -20.58 -91.96
N PHE G 127 -3.81 -21.55 -91.93
CA PHE G 127 -2.63 -21.51 -92.74
C PHE G 127 -2.05 -22.90 -92.83
N PHE G 128 -1.23 -23.16 -93.85
CA PHE G 128 -0.45 -24.36 -93.89
C PHE G 128 0.86 -24.11 -94.61
N PHE G 129 1.84 -24.97 -94.35
CA PHE G 129 3.20 -24.90 -94.80
C PHE G 129 3.57 -26.28 -95.44
N LYS H 1 95.91 -90.28 -43.39
CA LYS H 1 95.11 -89.49 -44.40
C LYS H 1 94.16 -88.50 -43.72
N ARG H 2 93.31 -87.77 -44.49
CA ARG H 2 92.62 -86.58 -44.02
C ARG H 2 91.26 -86.40 -44.68
N VAL H 3 90.21 -85.99 -43.92
CA VAL H 3 88.96 -85.51 -44.50
C VAL H 3 88.56 -84.22 -43.78
N GLN H 4 87.91 -83.28 -44.52
CA GLN H 4 87.73 -81.90 -44.09
C GLN H 4 86.28 -81.46 -44.14
N THR H 5 85.80 -80.72 -43.12
CA THR H 5 84.48 -80.11 -43.12
C THR H 5 84.54 -78.79 -42.36
N PHE H 6 83.41 -78.07 -42.23
CA PHE H 6 83.33 -76.87 -41.42
C PHE H 6 81.91 -76.63 -40.92
N GLY H 7 81.77 -75.68 -39.98
CA GLY H 7 80.51 -75.27 -39.37
C GLY H 7 80.54 -73.77 -39.21
N LYS H 8 79.36 -73.11 -39.32
CA LYS H 8 79.25 -71.68 -39.56
C LYS H 8 77.93 -71.17 -38.98
N LYS H 9 78.01 -70.53 -37.79
CA LYS H 9 76.91 -69.84 -37.15
C LYS H 9 77.33 -68.41 -36.87
N LYS H 10 76.51 -67.40 -37.28
CA LYS H 10 76.85 -65.98 -37.25
C LYS H 10 78.17 -65.69 -37.95
N THR H 11 79.05 -64.87 -37.36
CA THR H 11 80.42 -64.75 -37.86
C THR H 11 81.18 -66.05 -37.79
N ALA H 12 81.09 -66.77 -36.65
CA ALA H 12 82.01 -67.84 -36.35
C ALA H 12 82.06 -68.96 -37.37
N VAL H 13 83.28 -69.48 -37.58
CA VAL H 13 83.53 -70.60 -38.45
C VAL H 13 84.45 -71.53 -37.70
N ALA H 14 84.09 -72.82 -37.66
CA ALA H 14 84.96 -73.83 -37.09
C ALA H 14 85.20 -74.88 -38.16
N VAL H 15 86.45 -75.05 -38.58
CA VAL H 15 86.81 -76.02 -39.58
C VAL H 15 87.24 -77.27 -38.86
N ALA H 16 86.78 -78.46 -39.28
CA ALA H 16 87.18 -79.70 -38.65
C ALA H 16 88.05 -80.51 -39.59
N THR H 17 89.20 -80.95 -39.04
CA THR H 17 90.17 -81.83 -39.65
C THR H 17 90.08 -83.16 -38.95
N VAL H 18 89.62 -84.20 -39.67
CA VAL H 18 89.47 -85.54 -39.15
C VAL H 18 90.45 -86.44 -39.87
N THR H 19 91.47 -86.91 -39.15
CA THR H 19 92.52 -87.76 -39.67
C THR H 19 92.42 -89.13 -39.04
N ASN H 20 93.11 -90.14 -39.63
CA ASN H 20 93.16 -91.48 -39.05
C ASN H 20 94.00 -91.46 -37.78
N GLY H 21 93.48 -91.98 -36.66
CA GLY H 21 94.07 -91.70 -35.37
C GLY H 21 93.66 -92.61 -34.27
N LYS H 22 93.35 -92.05 -33.08
CA LYS H 22 93.39 -92.81 -31.86
C LYS H 22 92.53 -92.24 -30.74
N GLY H 23 91.78 -91.14 -30.99
CA GLY H 23 90.78 -90.59 -30.09
C GLY H 23 91.09 -89.21 -29.52
N LEU H 24 92.04 -88.47 -30.11
CA LEU H 24 92.39 -87.13 -29.68
C LEU H 24 91.44 -86.09 -30.26
N ILE H 25 91.00 -85.10 -29.44
CA ILE H 25 90.21 -83.98 -29.95
C ILE H 25 90.81 -82.65 -29.52
N LYS H 26 91.21 -81.82 -30.50
CA LYS H 26 91.77 -80.51 -30.24
C LYS H 26 90.94 -79.38 -30.82
N LEU H 27 91.11 -78.19 -30.23
CA LEU H 27 90.58 -76.93 -30.66
C LEU H 27 91.77 -76.00 -30.80
N ASN H 28 92.25 -75.74 -32.03
CA ASN H 28 93.48 -75.02 -32.28
C ASN H 28 94.67 -75.66 -31.56
N GLY H 29 95.43 -74.86 -30.76
CA GLY H 29 96.53 -75.36 -29.93
C GLY H 29 96.09 -76.03 -28.65
N LYS H 30 94.78 -76.11 -28.38
CA LYS H 30 94.24 -76.38 -27.06
C LYS H 30 93.40 -77.64 -27.08
N ASN H 31 93.46 -78.46 -26.00
CA ASN H 31 92.55 -79.59 -25.85
C ASN H 31 91.07 -79.21 -25.76
N LEU H 32 90.15 -80.12 -26.18
CA LEU H 32 88.70 -79.93 -26.14
C LEU H 32 88.14 -79.60 -24.75
N ASP H 33 88.86 -80.03 -23.70
CA ASP H 33 88.55 -79.81 -22.31
C ASP H 33 88.47 -78.31 -21.94
N LEU H 34 89.22 -77.45 -22.66
CA LEU H 34 89.33 -76.04 -22.33
C LEU H 34 88.26 -75.12 -22.95
N VAL H 35 87.06 -75.63 -23.30
CA VAL H 35 85.95 -74.78 -23.73
C VAL H 35 85.54 -73.79 -22.64
N GLU H 36 85.42 -74.31 -21.39
CA GLU H 36 85.24 -73.59 -20.15
C GLU H 36 83.79 -73.44 -19.66
N PRO H 37 82.81 -72.70 -20.20
CA PRO H 37 81.43 -72.71 -19.70
C PRO H 37 80.78 -74.06 -19.64
N TYR H 38 80.17 -74.44 -18.50
CA TYR H 38 79.66 -75.78 -18.28
C TYR H 38 78.59 -76.19 -19.27
N ILE H 39 77.70 -75.25 -19.63
CA ILE H 39 76.66 -75.47 -20.60
C ILE H 39 77.27 -75.79 -21.96
N LEU H 40 78.27 -74.99 -22.38
CA LEU H 40 78.87 -75.18 -23.68
C LEU H 40 79.82 -76.36 -23.72
N LYS H 41 80.37 -76.77 -22.56
CA LYS H 41 81.03 -78.06 -22.38
C LYS H 41 80.14 -79.21 -22.79
N THR H 42 78.90 -79.26 -22.26
CA THR H 42 77.94 -80.26 -22.70
C THR H 42 77.63 -80.20 -24.18
N LYS H 43 77.46 -79.00 -24.75
CA LYS H 43 77.16 -78.85 -26.17
C LYS H 43 78.16 -79.53 -27.10
N VAL H 44 79.46 -79.54 -26.77
CA VAL H 44 80.42 -80.26 -27.58
C VAL H 44 80.61 -81.69 -27.11
N TYR H 45 80.29 -82.05 -25.84
CA TYR H 45 80.22 -83.44 -25.42
C TYR H 45 79.09 -84.24 -26.06
N GLU H 46 77.96 -83.57 -26.39
CA GLU H 46 76.82 -84.16 -27.09
C GLU H 46 77.13 -85.08 -28.27
N PRO H 47 77.90 -84.74 -29.29
CA PRO H 47 78.18 -85.64 -30.40
C PRO H 47 79.01 -86.84 -29.98
N LEU H 48 79.89 -86.70 -28.97
CA LEU H 48 80.68 -87.79 -28.46
C LEU H 48 79.85 -88.96 -27.94
N TRP H 49 78.72 -88.65 -27.29
CA TRP H 49 77.76 -89.65 -26.85
C TRP H 49 77.02 -90.28 -28.01
N LEU H 50 76.64 -89.46 -29.01
CA LEU H 50 75.91 -89.90 -30.18
C LEU H 50 76.68 -90.87 -31.08
N ILE H 51 78.03 -90.85 -31.07
CA ILE H 51 78.80 -91.78 -31.89
C ILE H 51 79.54 -92.82 -31.02
N GLY H 52 79.45 -92.71 -29.69
CA GLY H 52 80.22 -93.53 -28.74
C GLY H 52 81.74 -93.57 -28.91
N SER H 53 82.42 -94.23 -27.95
CA SER H 53 83.88 -94.31 -27.91
C SER H 53 84.52 -95.12 -29.04
N GLY H 54 83.99 -96.32 -29.34
CA GLY H 54 84.69 -97.23 -30.25
C GLY H 54 84.64 -96.86 -31.70
N LYS H 55 83.76 -95.91 -32.07
CA LYS H 55 83.76 -95.38 -33.41
C LYS H 55 84.59 -94.11 -33.51
N LEU H 56 84.83 -93.45 -32.36
CA LEU H 56 85.77 -92.36 -32.22
C LEU H 56 87.23 -92.84 -32.18
N LYS H 57 87.46 -94.09 -31.76
CA LYS H 57 88.78 -94.53 -31.33
C LYS H 57 89.80 -94.82 -32.44
N ASN H 58 89.45 -94.66 -33.72
CA ASN H 58 90.40 -94.82 -34.80
C ASN H 58 90.55 -93.53 -35.60
N LEU H 59 90.02 -92.42 -35.07
CA LEU H 59 90.14 -91.13 -35.70
C LEU H 59 90.56 -90.09 -34.68
N ASP H 60 91.38 -89.13 -35.13
CA ASP H 60 91.74 -87.95 -34.37
C ASP H 60 91.04 -86.76 -34.99
N ILE H 61 90.56 -85.82 -34.16
CA ILE H 61 89.87 -84.63 -34.64
C ILE H 61 90.68 -83.43 -34.19
N ARG H 62 90.99 -82.52 -35.13
CA ARG H 62 91.55 -81.24 -34.79
C ARG H 62 90.63 -80.19 -35.39
N ILE H 63 90.33 -79.11 -34.66
CA ILE H 63 89.35 -78.13 -35.11
C ILE H 63 90.00 -76.75 -35.07
N ARG H 64 89.70 -75.89 -36.05
CA ARG H 64 90.33 -74.60 -36.21
C ARG H 64 89.24 -73.55 -36.24
N VAL H 65 89.27 -72.63 -35.26
CA VAL H 65 88.18 -71.71 -34.98
C VAL H 65 88.57 -70.26 -35.27
N LYS H 66 87.78 -69.55 -36.10
CA LYS H 66 87.90 -68.11 -36.26
C LYS H 66 86.53 -67.44 -36.16
N GLY H 67 86.48 -66.23 -35.54
CA GLY H 67 85.32 -65.37 -35.48
C GLY H 67 84.31 -65.71 -34.41
N GLY H 68 83.39 -64.75 -34.15
CA GLY H 68 82.33 -64.83 -33.15
C GLY H 68 82.73 -64.91 -31.68
N GLY H 69 81.72 -64.95 -30.78
CA GLY H 69 81.88 -65.19 -29.35
C GLY H 69 81.74 -66.65 -29.00
N GLN H 70 81.69 -66.98 -27.70
CA GLN H 70 81.76 -68.37 -27.28
C GLN H 70 80.55 -69.19 -27.69
N THR H 71 79.31 -68.71 -27.49
CA THR H 71 78.13 -69.52 -27.73
C THR H 71 77.97 -69.86 -29.22
N SER H 72 78.21 -68.87 -30.10
CA SER H 72 78.31 -69.08 -31.54
C SER H 72 79.45 -70.00 -31.96
N GLN H 73 80.67 -69.83 -31.40
CA GLN H 73 81.82 -70.65 -31.71
C GLN H 73 81.62 -72.11 -31.35
N ILE H 74 81.10 -72.41 -30.17
CA ILE H 74 80.77 -73.76 -29.72
C ILE H 74 79.73 -74.41 -30.61
N TYR H 75 78.66 -73.70 -31.01
CA TYR H 75 77.71 -74.25 -31.96
C TYR H 75 78.34 -74.50 -33.32
N ALA H 76 79.23 -73.61 -33.82
CA ALA H 76 80.02 -73.90 -35.00
C ALA H 76 80.92 -75.14 -34.86
N ILE H 77 81.63 -75.30 -33.73
CA ILE H 77 82.41 -76.48 -33.38
C ILE H 77 81.56 -77.75 -33.37
N ARG H 78 80.38 -77.71 -32.75
CA ARG H 78 79.44 -78.82 -32.68
C ARG H 78 78.95 -79.29 -34.04
N GLN H 79 78.58 -78.32 -34.91
CA GLN H 79 78.26 -78.55 -36.31
C GLN H 79 79.41 -79.13 -37.10
N ALA H 80 80.63 -78.61 -36.89
CA ALA H 80 81.82 -79.10 -37.52
C ALA H 80 82.13 -80.54 -37.11
N ILE H 81 81.96 -80.89 -35.82
CA ILE H 81 82.10 -82.26 -35.33
C ILE H 81 81.08 -83.19 -35.95
N GLY H 82 79.79 -82.79 -35.99
CA GLY H 82 78.74 -83.57 -36.65
C GLY H 82 79.03 -83.94 -38.09
N LYS H 83 79.21 -82.92 -38.94
CA LYS H 83 79.64 -83.06 -40.32
C LYS H 83 80.94 -83.84 -40.47
N GLY H 84 81.91 -83.62 -39.55
CA GLY H 84 83.20 -84.29 -39.52
C GLY H 84 83.06 -85.77 -39.34
N ILE H 85 82.35 -86.20 -38.28
CA ILE H 85 82.01 -87.59 -38.02
C ILE H 85 81.37 -88.26 -39.23
N ILE H 86 80.39 -87.60 -39.87
CA ILE H 86 79.75 -88.14 -41.04
C ILE H 86 80.69 -88.26 -42.24
N SER H 87 81.53 -87.26 -42.50
CA SER H 87 82.48 -87.29 -43.60
C SER H 87 83.52 -88.40 -43.55
N TYR H 88 84.04 -88.70 -42.34
CA TYR H 88 84.91 -89.84 -42.10
C TYR H 88 84.25 -91.17 -42.43
N TYR H 89 82.99 -91.35 -42.03
CA TYR H 89 82.26 -92.58 -42.29
C TYR H 89 81.83 -92.68 -43.74
N GLN H 90 81.68 -91.54 -44.43
CA GLN H 90 81.42 -91.55 -45.86
C GLN H 90 82.68 -91.78 -46.70
N LYS H 91 83.86 -91.35 -46.24
CA LYS H 91 85.05 -91.49 -47.06
C LYS H 91 85.81 -92.77 -46.77
N TYR H 92 85.79 -93.25 -45.52
CA TYR H 92 86.58 -94.37 -45.08
C TYR H 92 85.76 -95.60 -44.78
N VAL H 93 84.69 -95.47 -43.96
CA VAL H 93 84.01 -96.62 -43.39
C VAL H 93 82.92 -97.18 -44.30
N ASP H 94 81.65 -96.78 -44.14
CA ASP H 94 80.59 -97.26 -45.01
C ASP H 94 79.45 -96.25 -44.99
N GLU H 95 78.78 -96.11 -46.14
CA GLU H 95 77.59 -95.34 -46.38
C GLU H 95 76.42 -95.75 -45.49
N SER H 96 76.20 -97.07 -45.31
CA SER H 96 75.15 -97.60 -44.45
C SER H 96 75.33 -97.24 -43.00
N THR H 97 76.56 -97.37 -42.46
CA THR H 97 76.93 -96.94 -41.11
C THR H 97 76.79 -95.45 -40.94
N LYS H 98 77.21 -94.67 -41.96
CA LYS H 98 77.02 -93.23 -42.01
C LYS H 98 75.54 -92.82 -41.94
N LYS H 99 74.66 -93.50 -42.70
CA LYS H 99 73.22 -93.29 -42.66
C LYS H 99 72.61 -93.60 -41.30
N GLU H 100 73.00 -94.74 -40.70
CA GLU H 100 72.68 -95.12 -39.33
C GLU H 100 73.11 -94.09 -38.29
N LEU H 101 74.36 -93.60 -38.37
CA LEU H 101 74.87 -92.52 -37.55
C LEU H 101 74.11 -91.21 -37.71
N LYS H 102 73.84 -90.80 -38.96
CA LYS H 102 73.10 -89.60 -39.28
C LYS H 102 71.70 -89.59 -38.72
N ASP H 103 71.01 -90.74 -38.76
CA ASP H 103 69.73 -90.98 -38.13
C ASP H 103 69.73 -90.67 -36.62
N VAL H 104 70.75 -91.15 -35.89
CA VAL H 104 71.00 -90.85 -34.48
C VAL H 104 71.17 -89.35 -34.23
N LEU H 105 72.04 -88.70 -35.01
CA LEU H 105 72.29 -87.28 -34.94
C LEU H 105 71.03 -86.46 -35.19
N LEU H 106 70.26 -86.81 -36.25
CA LEU H 106 68.97 -86.23 -36.58
C LEU H 106 67.94 -86.34 -35.46
N ARG H 107 67.84 -87.54 -34.85
CA ARG H 107 67.00 -87.77 -33.69
C ARG H 107 67.34 -86.87 -32.51
N TYR H 108 68.63 -86.65 -32.19
CA TYR H 108 69.04 -85.66 -31.21
C TYR H 108 68.66 -84.21 -31.58
N ASP H 109 69.21 -83.65 -32.69
CA ASP H 109 68.79 -82.36 -33.20
C ASP H 109 69.24 -82.11 -34.64
N ARG H 110 68.65 -81.09 -35.30
CA ARG H 110 69.02 -80.71 -36.65
C ARG H 110 70.25 -79.83 -36.71
N SER H 111 70.62 -79.18 -35.59
CA SER H 111 71.58 -78.09 -35.57
C SER H 111 73.01 -78.52 -35.74
N LEU H 112 73.30 -79.81 -35.49
CA LEU H 112 74.59 -80.40 -35.78
C LEU H 112 74.62 -81.07 -37.14
N LEU H 113 73.56 -80.93 -37.95
CA LEU H 113 73.53 -81.41 -39.32
C LEU H 113 73.35 -80.24 -40.28
N VAL H 114 72.48 -79.28 -39.95
CA VAL H 114 72.18 -78.11 -40.75
C VAL H 114 72.43 -76.86 -39.90
N GLY H 115 73.30 -75.95 -40.40
CA GLY H 115 73.64 -74.69 -39.72
C GLY H 115 72.51 -73.72 -39.53
N ASP H 116 72.76 -72.64 -38.76
CA ASP H 116 71.78 -71.60 -38.49
C ASP H 116 71.41 -70.80 -39.75
N THR H 117 70.16 -70.30 -39.84
CA THR H 117 69.70 -69.48 -40.97
C THR H 117 69.61 -68.01 -40.59
N ARG H 118 69.85 -67.66 -39.32
CA ARG H 118 69.75 -66.30 -38.82
C ARG H 118 71.02 -65.50 -39.08
N ARG H 119 70.90 -64.29 -39.64
CA ARG H 119 72.03 -63.41 -39.95
C ARG H 119 71.61 -61.96 -39.68
N CYS H 120 72.55 -61.07 -39.33
CA CYS H 120 72.24 -59.69 -38.92
C CYS H 120 71.57 -58.79 -39.95
N GLU H 121 70.63 -57.96 -39.50
CA GLU H 121 69.95 -56.94 -40.28
C GLU H 121 70.62 -55.58 -40.03
N PRO H 122 71.19 -54.88 -41.02
CA PRO H 122 71.82 -53.57 -40.88
C PRO H 122 71.07 -52.49 -40.11
N LYS H 123 71.78 -51.65 -39.33
CA LYS H 123 71.26 -50.43 -38.79
C LYS H 123 70.89 -49.43 -39.90
N LYS H 124 69.77 -48.72 -39.71
CA LYS H 124 69.35 -47.65 -40.58
C LYS H 124 69.06 -46.44 -39.74
N PHE H 125 69.56 -45.27 -40.15
CA PHE H 125 69.29 -43.94 -39.63
C PHE H 125 67.91 -43.70 -38.99
N GLY H 126 67.88 -42.98 -37.86
CA GLY H 126 66.67 -42.69 -37.09
C GLY H 126 66.45 -43.59 -35.89
N GLY H 127 67.44 -44.43 -35.53
CA GLY H 127 67.32 -45.25 -34.35
C GLY H 127 68.54 -46.07 -34.09
N LYS H 128 68.74 -46.48 -32.82
CA LYS H 128 69.86 -47.29 -32.39
C LYS H 128 69.85 -48.72 -32.95
N GLY H 129 68.65 -49.35 -33.02
CA GLY H 129 68.46 -50.66 -33.59
C GLY H 129 68.40 -50.70 -35.10
N ALA H 130 68.17 -51.89 -35.66
CA ALA H 130 67.87 -52.10 -37.06
C ALA H 130 66.53 -51.47 -37.47
N ARG H 131 65.51 -51.62 -36.62
CA ARG H 131 64.15 -51.23 -36.82
C ARG H 131 63.70 -50.25 -35.75
N ALA H 132 64.16 -50.44 -34.50
CA ALA H 132 63.79 -49.58 -33.39
C ALA H 132 64.17 -48.12 -33.59
N ARG H 133 63.27 -47.15 -33.26
CA ARG H 133 63.44 -45.75 -33.60
C ARG H 133 63.48 -44.84 -32.38
N TYR H 134 64.16 -43.68 -32.49
CA TYR H 134 64.17 -42.63 -31.47
C TYR H 134 62.77 -42.07 -31.17
N GLN H 135 62.48 -41.64 -29.91
CA GLN H 135 61.14 -41.25 -29.51
C GLN H 135 60.55 -40.02 -30.22
N LYS H 136 59.29 -40.12 -30.70
CA LYS H 136 58.54 -38.98 -31.20
C LYS H 136 58.00 -38.11 -30.06
N SER H 137 57.72 -36.81 -30.34
CA SER H 137 57.33 -35.88 -29.29
C SER H 137 56.48 -34.74 -29.81
N TYR H 138 55.70 -34.10 -28.91
CA TYR H 138 54.71 -33.11 -29.27
C TYR H 138 54.81 -31.87 -28.33
N ARG I 1 51.58 -64.29 -54.48
CA ARG I 1 52.45 -64.73 -55.61
C ARG I 1 52.02 -64.23 -56.98
N VAL I 2 51.13 -64.96 -57.69
CA VAL I 2 50.67 -64.70 -59.06
C VAL I 2 51.73 -64.49 -60.14
N ARG I 3 51.29 -64.28 -61.40
CA ARG I 3 52.15 -64.05 -62.54
C ARG I 3 51.64 -62.87 -63.37
N THR I 4 52.51 -61.90 -63.66
CA THR I 4 52.13 -60.67 -64.36
C THR I 4 51.80 -60.86 -65.84
N LYS I 5 51.30 -59.78 -66.48
CA LYS I 5 50.87 -59.81 -67.87
C LYS I 5 51.98 -60.16 -68.82
N THR I 6 53.19 -59.56 -68.68
CA THR I 6 54.37 -59.94 -69.44
C THR I 6 54.68 -61.42 -69.40
N ILE I 7 54.62 -62.03 -68.21
CA ILE I 7 54.81 -63.46 -68.06
C ILE I 7 53.74 -64.26 -68.77
N LYS I 8 52.46 -63.95 -68.52
CA LYS I 8 51.36 -64.56 -69.22
C LYS I 8 51.33 -64.40 -70.73
N ARG I 9 51.65 -63.21 -71.26
CA ARG I 9 51.77 -62.92 -72.68
C ARG I 9 52.86 -63.75 -73.35
N ALA I 10 54.04 -63.84 -72.71
CA ALA I 10 55.13 -64.66 -73.18
C ALA I 10 54.75 -66.13 -73.20
N ALA I 11 54.05 -66.61 -72.14
CA ALA I 11 53.52 -67.94 -72.07
C ALA I 11 52.49 -68.27 -73.15
N ARG I 12 51.57 -67.34 -73.44
CA ARG I 12 50.61 -67.38 -74.54
C ARG I 12 51.24 -67.47 -75.93
N GLN I 13 52.26 -66.65 -76.25
CA GLN I 13 53.10 -66.81 -77.43
C GLN I 13 53.74 -68.20 -77.59
N ILE I 14 54.35 -68.68 -76.50
CA ILE I 14 54.77 -70.07 -76.34
C ILE I 14 53.53 -70.97 -76.38
N VAL I 15 53.68 -72.28 -76.70
CA VAL I 15 52.58 -73.21 -76.94
C VAL I 15 52.03 -72.98 -78.35
N GLU I 16 51.65 -71.73 -78.67
CA GLU I 16 51.10 -71.31 -79.95
C GLU I 16 52.01 -71.62 -81.12
N LYS I 17 53.32 -71.34 -80.97
CA LYS I 17 54.29 -71.64 -82.00
C LYS I 17 55.20 -72.79 -81.61
N TYR I 18 55.08 -73.32 -80.37
CA TYR I 18 56.16 -74.11 -79.79
C TYR I 18 55.69 -75.27 -78.92
N TYR I 19 54.42 -75.73 -79.02
CA TYR I 19 53.91 -76.82 -78.18
C TYR I 19 54.62 -78.12 -78.47
N ALA I 20 55.01 -78.34 -79.73
CA ALA I 20 55.74 -79.49 -80.17
C ALA I 20 57.16 -79.58 -79.62
N LYS I 21 57.64 -78.54 -78.92
CA LYS I 21 58.90 -78.59 -78.22
C LYS I 21 58.69 -78.76 -76.74
N LEU I 22 57.48 -78.47 -76.22
CA LEU I 22 57.19 -78.47 -74.80
C LEU I 22 57.02 -79.85 -74.18
N THR I 23 57.24 -79.93 -72.85
CA THR I 23 57.20 -81.18 -72.11
C THR I 23 56.66 -80.91 -70.71
N LEU I 24 56.40 -81.95 -69.93
CA LEU I 24 55.95 -81.84 -68.55
C LEU I 24 57.00 -81.27 -67.60
N ASP I 25 58.28 -81.71 -67.73
CA ASP I 25 59.36 -81.33 -66.84
C ASP I 25 59.73 -79.83 -66.84
N PHE I 26 59.89 -79.25 -65.63
CA PHE I 26 60.22 -77.85 -65.45
C PHE I 26 61.65 -77.54 -65.84
N GLN I 27 62.63 -78.39 -65.49
CA GLN I 27 64.01 -78.15 -65.85
C GLN I 27 64.25 -78.20 -67.35
N ILE I 28 63.67 -79.20 -68.04
CA ILE I 28 63.63 -79.21 -69.49
C ILE I 28 62.87 -78.02 -70.08
N ASN I 29 61.71 -77.63 -69.52
CA ASN I 29 61.02 -76.42 -69.93
C ASN I 29 61.85 -75.15 -69.75
N LYS I 30 62.61 -75.02 -68.65
CA LYS I 30 63.58 -73.98 -68.43
C LYS I 30 64.62 -73.93 -69.56
N LYS I 31 65.20 -75.09 -69.95
CA LYS I 31 66.02 -75.20 -71.14
C LYS I 31 65.31 -74.80 -72.44
N ILE I 32 64.08 -75.28 -72.69
CA ILE I 32 63.32 -74.97 -73.90
C ILE I 32 63.02 -73.50 -74.02
N THR I 33 62.56 -72.89 -72.93
CA THR I 33 62.22 -71.48 -72.86
C THR I 33 63.43 -70.61 -73.08
N GLU I 34 64.59 -70.96 -72.47
CA GLU I 34 65.85 -70.30 -72.75
C GLU I 34 66.28 -70.41 -74.20
N GLU I 35 66.17 -71.62 -74.79
CA GLU I 35 66.42 -71.88 -76.20
C GLU I 35 65.54 -71.06 -77.14
N VAL I 36 64.23 -70.97 -76.84
CA VAL I 36 63.24 -70.34 -77.69
C VAL I 36 63.21 -68.83 -77.50
N ALA I 37 63.15 -68.33 -76.25
CA ALA I 37 62.97 -66.92 -75.96
C ALA I 37 64.18 -66.33 -75.25
N ILE I 38 64.62 -65.14 -75.68
CA ILE I 38 65.86 -64.54 -75.23
C ILE I 38 65.59 -63.63 -74.03
N ILE I 39 64.95 -64.21 -73.00
CA ILE I 39 64.52 -63.57 -71.77
C ILE I 39 65.72 -62.99 -70.98
N PRO I 40 65.69 -61.80 -70.40
CA PRO I 40 66.92 -61.17 -69.92
C PRO I 40 67.28 -61.58 -68.51
N SER I 41 66.33 -62.05 -67.67
CA SER I 41 66.60 -62.45 -66.30
C SER I 41 66.21 -63.88 -66.03
N LYS I 42 67.00 -64.58 -65.20
CA LYS I 42 66.75 -65.90 -64.67
C LYS I 42 65.42 -65.99 -63.96
N ARG I 43 65.13 -65.05 -63.04
CA ARG I 43 63.87 -64.91 -62.34
C ARG I 43 62.67 -64.88 -63.29
N MET I 44 62.75 -64.03 -64.33
CA MET I 44 61.73 -63.89 -65.35
C MET I 44 61.58 -65.17 -66.15
N LYS I 45 62.71 -65.78 -66.54
CA LYS I 45 62.75 -67.00 -67.32
C LYS I 45 62.13 -68.15 -66.56
N ASN I 46 62.49 -68.32 -65.27
CA ASN I 46 61.90 -69.29 -64.39
C ASN I 46 60.40 -69.12 -64.22
N LYS I 47 59.90 -67.88 -63.99
CA LYS I 47 58.48 -67.62 -63.96
C LYS I 47 57.75 -67.97 -65.25
N VAL I 48 58.29 -67.57 -66.43
CA VAL I 48 57.69 -67.95 -67.71
C VAL I 48 57.68 -69.45 -67.92
N ALA I 49 58.79 -70.13 -67.58
CA ALA I 49 58.89 -71.57 -67.64
C ALA I 49 57.88 -72.27 -66.76
N GLY I 50 57.74 -71.78 -65.51
CA GLY I 50 56.74 -72.23 -64.57
C GLY I 50 55.33 -72.11 -65.04
N PHE I 51 54.90 -70.92 -65.47
CA PHE I 51 53.57 -70.75 -66.02
C PHE I 51 53.32 -71.52 -67.31
N VAL I 52 54.32 -71.66 -68.20
CA VAL I 52 54.20 -72.49 -69.38
C VAL I 52 54.01 -73.95 -69.01
N THR I 53 54.76 -74.42 -68.01
CA THR I 53 54.56 -75.74 -67.41
C THR I 53 53.18 -75.90 -66.80
N HIS I 54 52.69 -74.88 -66.09
CA HIS I 54 51.33 -74.86 -65.57
C HIS I 54 50.26 -74.92 -66.66
N LEU I 55 50.45 -74.18 -67.76
CA LEU I 55 49.61 -74.32 -68.94
C LEU I 55 49.66 -75.70 -69.55
N MET I 56 50.85 -76.34 -69.61
CA MET I 56 51.02 -77.71 -70.04
C MET I 56 50.18 -78.69 -69.22
N LYS I 57 50.20 -78.57 -67.88
CA LYS I 57 49.33 -79.33 -67.01
C LYS I 57 47.84 -79.11 -67.28
N ARG I 58 47.41 -77.85 -67.42
CA ARG I 58 46.06 -77.47 -67.82
C ARG I 58 45.61 -78.05 -69.16
N ILE I 59 46.48 -77.98 -70.18
CA ILE I 59 46.38 -78.65 -71.45
C ILE I 59 46.32 -80.16 -71.26
N GLN I 60 45.54 -80.87 -72.12
CA GLN I 60 45.27 -82.30 -72.08
C GLN I 60 44.17 -82.62 -71.08
N LYS I 61 44.18 -81.97 -69.90
CA LYS I 61 43.05 -81.95 -68.99
C LYS I 61 41.87 -81.18 -69.58
N GLY I 62 42.11 -80.04 -70.26
CA GLY I 62 41.11 -79.43 -71.12
C GLY I 62 41.70 -78.41 -72.05
N PRO I 63 40.97 -77.96 -73.08
CA PRO I 63 41.21 -76.70 -73.78
C PRO I 63 41.43 -75.48 -72.90
N VAL I 64 42.34 -74.56 -73.28
CA VAL I 64 42.66 -73.37 -72.52
C VAL I 64 42.41 -72.13 -73.38
N ARG I 65 41.75 -71.11 -72.81
CA ARG I 65 41.46 -69.83 -73.45
C ARG I 65 42.70 -69.03 -73.87
N GLY I 66 42.62 -68.28 -74.99
CA GLY I 66 43.63 -67.30 -75.39
C GLY I 66 44.82 -67.83 -76.15
N ILE I 67 44.80 -69.11 -76.53
CA ILE I 67 45.85 -69.75 -77.31
C ILE I 67 45.22 -70.59 -78.42
N SER I 68 46.03 -71.02 -79.40
CA SER I 68 45.56 -71.83 -80.52
C SER I 68 46.62 -72.83 -80.92
N LEU I 69 46.23 -74.09 -81.20
CA LEU I 69 47.14 -75.12 -81.66
C LEU I 69 46.55 -75.72 -82.92
N LYS I 70 47.31 -75.73 -84.02
CA LYS I 70 46.78 -76.05 -85.34
C LYS I 70 46.31 -77.48 -85.49
N LEU I 71 46.84 -78.39 -84.66
CA LEU I 71 46.41 -79.77 -84.64
C LEU I 71 45.00 -79.92 -84.07
N GLN I 72 44.70 -79.19 -82.98
CA GLN I 72 43.36 -79.07 -82.44
C GLN I 72 42.36 -78.46 -83.40
N GLU I 73 42.77 -77.41 -84.15
CA GLU I 73 41.96 -76.82 -85.20
C GLU I 73 41.55 -77.82 -86.27
N GLU I 74 42.55 -78.57 -86.79
CA GLU I 74 42.35 -79.66 -87.73
C GLU I 74 41.44 -80.74 -87.19
N GLU I 75 41.67 -81.17 -85.93
CA GLU I 75 40.81 -82.12 -85.24
C GLU I 75 39.38 -81.65 -85.13
N ARG I 76 39.14 -80.37 -84.77
CA ARG I 76 37.80 -79.83 -84.67
C ARG I 76 37.02 -79.83 -85.98
N GLU I 77 37.68 -79.41 -87.10
CA GLU I 77 37.15 -79.48 -88.44
C GLU I 77 36.80 -80.90 -88.89
N ARG I 78 37.69 -81.85 -88.59
CA ARG I 78 37.46 -83.26 -88.80
C ARG I 78 36.30 -83.85 -87.99
N ARG I 79 36.27 -83.56 -86.67
CA ARG I 79 35.36 -84.10 -85.68
C ARG I 79 33.89 -83.84 -85.96
N LEU I 80 33.55 -82.60 -86.39
CA LEU I 80 32.19 -82.18 -86.61
C LEU I 80 31.41 -83.01 -87.66
N ASP I 81 32.01 -83.34 -88.83
CA ASP I 81 31.37 -84.22 -89.79
C ASP I 81 31.34 -85.72 -89.32
N TYR I 95 2.22 -86.98 -94.05
CA TYR I 95 2.55 -85.91 -93.05
C TYR I 95 2.98 -86.45 -91.69
N VAL I 96 3.28 -85.56 -90.72
CA VAL I 96 3.86 -85.93 -89.43
C VAL I 96 2.87 -86.49 -88.42
N GLU I 97 3.42 -87.05 -87.32
CA GLU I 97 2.77 -87.59 -86.16
C GLU I 97 1.88 -86.62 -85.37
N PRO I 98 0.83 -87.05 -84.64
CA PRO I 98 -0.25 -86.19 -84.17
C PRO I 98 0.14 -84.99 -83.32
N ASP I 99 0.99 -85.16 -82.29
CA ASP I 99 1.36 -84.08 -81.39
C ASP I 99 2.15 -82.99 -82.13
N THR I 100 3.05 -83.39 -83.04
CA THR I 100 3.74 -82.52 -83.99
C THR I 100 2.79 -81.85 -84.99
N LEU I 101 1.79 -82.62 -85.47
CA LEU I 101 0.86 -82.32 -86.54
C LEU I 101 -0.03 -81.10 -86.32
N ARG I 102 -0.59 -80.91 -85.11
CA ARG I 102 -1.71 -80.00 -84.86
C ARG I 102 -1.47 -78.56 -85.27
N MET I 103 -0.26 -78.00 -85.08
CA MET I 103 0.09 -76.71 -85.60
C MET I 103 0.07 -76.61 -87.14
N ILE I 104 0.58 -77.62 -87.84
CA ILE I 104 0.59 -77.72 -89.30
C ILE I 104 -0.82 -77.80 -89.87
N LYS I 105 -1.68 -78.60 -89.23
CA LYS I 105 -3.08 -78.77 -89.58
C LYS I 105 -3.85 -77.47 -89.41
N SER I 106 -3.58 -76.76 -88.30
CA SER I 106 -4.12 -75.44 -88.00
C SER I 106 -3.73 -74.42 -89.05
N LEU I 107 -2.48 -74.46 -89.55
CA LEU I 107 -2.04 -73.70 -90.71
C LEU I 107 -2.78 -74.11 -91.99
N GLY I 108 -2.72 -75.40 -92.35
CA GLY I 108 -3.36 -75.95 -93.52
C GLY I 108 -2.48 -75.82 -94.79
N VAL J 1 122.89 17.72 -84.35
CA VAL J 1 122.00 17.39 -83.17
C VAL J 1 121.67 15.90 -82.94
N THR J 2 121.92 14.99 -83.91
CA THR J 2 121.47 13.59 -83.80
C THR J 2 122.27 12.73 -82.82
N ALA J 3 123.45 13.21 -82.39
CA ALA J 3 124.20 12.59 -81.30
C ALA J 3 123.53 12.76 -79.94
N ILE J 4 122.67 13.79 -79.81
CA ILE J 4 121.92 14.11 -78.61
C ILE J 4 120.62 13.33 -78.62
N GLN J 5 119.85 13.44 -79.73
CA GLN J 5 118.59 12.75 -79.97
C GLN J 5 118.64 11.24 -79.75
N LYS J 6 119.74 10.56 -80.16
CA LYS J 6 119.92 9.13 -80.01
C LYS J 6 120.00 8.72 -78.55
N VAL J 7 120.78 9.48 -77.75
CA VAL J 7 120.84 9.36 -76.30
C VAL J 7 119.49 9.59 -75.65
N ILE J 8 118.75 10.63 -76.06
CA ILE J 8 117.38 10.89 -75.60
C ILE J 8 116.45 9.70 -75.86
N LYS J 9 116.47 9.09 -77.06
CA LYS J 9 115.70 7.90 -77.39
C LYS J 9 116.06 6.69 -76.52
N ASN J 10 117.36 6.43 -76.33
CA ASN J 10 117.85 5.36 -75.47
C ASN J 10 117.41 5.51 -74.02
N ALA J 11 117.60 6.71 -73.43
CA ALA J 11 117.31 6.98 -72.04
C ALA J 11 115.82 7.02 -71.74
N HIS J 12 115.00 7.53 -72.69
CA HIS J 12 113.55 7.38 -72.70
C HIS J 12 113.11 5.92 -72.58
N VAL J 13 113.55 5.05 -73.51
CA VAL J 13 113.18 3.65 -73.51
C VAL J 13 113.70 2.90 -72.28
N HIS J 14 114.90 3.24 -71.78
CA HIS J 14 115.46 2.62 -70.59
C HIS J 14 115.08 3.21 -69.23
N ASP J 15 114.09 4.12 -69.15
CA ASP J 15 113.44 4.62 -67.93
C ASP J 15 114.31 4.99 -66.70
N GLY J 16 113.87 4.58 -65.47
CA GLY J 16 114.50 4.85 -64.17
C GLY J 16 113.62 5.66 -63.21
N LEU J 17 113.03 4.99 -62.18
CA LEU J 17 112.20 5.64 -61.16
C LEU J 17 112.26 4.90 -59.82
N LYS J 18 112.21 5.65 -58.70
CA LYS J 18 111.96 5.13 -57.37
C LYS J 18 111.13 6.17 -56.63
N ILE J 19 110.07 5.74 -55.92
CA ILE J 19 109.33 6.62 -55.02
C ILE J 19 109.97 6.48 -53.64
N GLY J 20 111.02 7.28 -53.38
CA GLY J 20 111.87 7.10 -52.21
C GLY J 20 111.41 7.69 -50.90
N ILE J 21 110.29 8.45 -50.87
CA ILE J 21 109.68 9.19 -49.74
C ILE J 21 110.27 8.97 -48.34
N ARG J 22 109.80 7.93 -47.60
CA ARG J 22 110.24 7.59 -46.26
C ARG J 22 111.75 7.36 -46.15
N GLU J 23 112.32 6.58 -47.08
CA GLU J 23 113.76 6.34 -47.17
C GLU J 23 114.53 7.62 -47.44
N VAL J 24 114.00 8.51 -48.29
CA VAL J 24 114.56 9.83 -48.53
C VAL J 24 114.49 10.71 -47.27
N ILE J 25 113.40 10.65 -46.49
CA ILE J 25 113.27 11.24 -45.16
C ILE J 25 114.34 10.70 -44.18
N LYS J 26 114.52 9.37 -44.13
CA LYS J 26 115.50 8.64 -43.34
C LYS J 26 116.94 9.03 -43.71
N SER J 27 117.20 9.27 -45.01
CA SER J 27 118.52 9.54 -45.58
C SER J 27 119.13 10.85 -45.11
N ILE J 28 118.30 11.85 -44.77
CA ILE J 28 118.75 13.13 -44.23
C ILE J 28 119.38 12.91 -42.85
N GLU J 29 118.74 12.11 -41.98
CA GLU J 29 119.29 11.69 -40.70
C GLU J 29 120.52 10.78 -40.84
N SER J 30 120.47 9.77 -41.72
CA SER J 30 121.53 8.77 -41.86
C SER J 30 122.78 9.22 -42.60
N GLN J 31 122.63 9.99 -43.69
CA GLN J 31 123.66 10.45 -44.59
C GLN J 31 124.22 9.38 -45.53
N GLU J 32 123.35 8.57 -46.14
CA GLU J 32 123.71 7.76 -47.30
C GLU J 32 122.63 7.92 -48.38
N ALA J 33 123.00 8.37 -49.60
CA ALA J 33 122.04 8.75 -50.62
C ALA J 33 122.64 8.76 -52.03
N LYS J 34 121.80 8.99 -53.06
CA LYS J 34 122.23 9.14 -54.45
C LYS J 34 121.33 10.16 -55.16
N VAL J 35 121.84 10.78 -56.24
CA VAL J 35 121.24 11.88 -57.01
C VAL J 35 119.85 11.63 -57.63
N CYS J 36 119.04 12.72 -57.76
CA CYS J 36 117.72 12.72 -58.39
C CYS J 36 117.55 13.99 -59.19
N PHE J 37 116.90 13.91 -60.38
CA PHE J 37 116.44 15.04 -61.16
C PHE J 37 115.43 15.94 -60.42
N LEU J 38 115.46 17.24 -60.76
CA LEU J 38 114.50 18.22 -60.33
C LEU J 38 114.40 19.24 -61.45
N SER J 39 113.21 19.85 -61.65
CA SER J 39 113.00 20.77 -62.76
C SER J 39 113.38 22.18 -62.35
N ASP J 40 114.29 22.84 -63.12
CA ASP J 40 114.74 24.17 -62.80
C ASP J 40 113.66 25.23 -63.07
N VAL J 41 113.25 25.94 -62.01
CA VAL J 41 112.32 27.06 -62.09
C VAL J 41 112.93 28.32 -61.51
N CYS J 42 114.22 28.30 -61.10
CA CYS J 42 114.74 29.35 -60.22
C CYS J 42 116.26 29.43 -60.10
N SER J 43 117.02 28.52 -60.74
CA SER J 43 118.46 28.50 -60.80
C SER J 43 119.18 28.42 -59.46
N GLU J 44 118.85 27.40 -58.63
CA GLU J 44 119.57 27.15 -57.38
C GLU J 44 121.02 26.71 -57.63
N PRO J 45 122.07 27.37 -57.16
CA PRO J 45 123.36 27.24 -57.84
C PRO J 45 124.26 26.21 -57.16
N ALA J 46 124.06 25.88 -55.87
CA ALA J 46 124.85 24.82 -55.25
C ALA J 46 124.46 23.43 -55.72
N TYR J 47 123.22 23.28 -56.25
CA TYR J 47 122.77 22.11 -56.98
C TYR J 47 123.55 21.93 -58.27
N LYS J 48 123.63 23.00 -59.09
CA LYS J 48 124.39 23.07 -60.33
C LYS J 48 125.88 22.80 -60.18
N LYS J 49 126.51 23.38 -59.14
CA LYS J 49 127.87 23.08 -58.72
C LYS J 49 128.08 21.59 -58.47
N LEU J 50 127.16 20.94 -57.73
CA LEU J 50 127.26 19.51 -57.48
C LEU J 50 127.02 18.70 -58.74
N ILE J 51 125.96 19.00 -59.52
CA ILE J 51 125.66 18.39 -60.82
C ILE J 51 126.86 18.38 -61.76
N THR J 52 127.41 19.57 -62.05
CA THR J 52 128.61 19.70 -62.88
C THR J 52 129.82 18.95 -62.37
N THR J 53 130.11 19.00 -61.06
CA THR J 53 131.10 18.15 -60.41
C THR J 53 130.86 16.65 -60.57
N LEU J 54 129.61 16.20 -60.32
CA LEU J 54 129.24 14.79 -60.30
C LEU J 54 129.22 14.14 -61.67
N CYS J 55 128.98 14.92 -62.73
CA CYS J 55 129.01 14.43 -64.10
C CYS J 55 130.44 14.35 -64.63
N ALA J 56 131.39 14.99 -63.94
CA ALA J 56 132.81 14.87 -64.22
C ALA J 56 133.45 13.72 -63.44
N GLU J 57 133.01 13.45 -62.19
CA GLU J 57 133.55 12.38 -61.35
C GLU J 57 133.19 10.95 -61.85
N MET J 64 118.34 22.12 -68.90
CA MET J 64 117.82 23.32 -68.15
C MET J 64 116.98 24.26 -69.03
N VAL J 65 117.58 25.06 -69.92
CA VAL J 65 116.85 25.77 -70.97
C VAL J 65 116.31 24.78 -71.99
N GLN J 66 117.10 23.74 -72.32
CA GLN J 66 116.62 22.56 -73.00
C GLN J 66 115.96 21.62 -72.00
N ASN J 67 114.74 21.12 -72.30
CA ASN J 67 113.98 20.29 -71.37
C ASN J 67 112.80 19.65 -72.09
N ASP J 68 112.81 18.31 -72.25
CA ASP J 68 111.74 17.56 -72.88
C ASP J 68 110.87 16.87 -71.84
N SER J 69 111.27 16.93 -70.54
CA SER J 69 110.55 16.27 -69.45
C SER J 69 109.14 16.81 -69.24
N LYS J 70 108.98 18.15 -69.32
CA LYS J 70 107.70 18.84 -69.30
C LYS J 70 106.62 18.29 -70.24
N ASP J 71 106.98 17.98 -71.50
CA ASP J 71 106.12 17.44 -72.54
C ASP J 71 105.61 16.04 -72.23
N LEU J 72 106.52 15.14 -71.78
CA LEU J 72 106.21 13.81 -71.31
C LEU J 72 105.22 13.82 -70.16
N GLY J 73 105.47 14.70 -69.16
CA GLY J 73 104.57 15.07 -68.07
C GLY J 73 103.21 15.54 -68.49
N HIS J 74 103.14 16.63 -69.30
CA HIS J 74 101.93 17.14 -69.92
C HIS J 74 100.97 16.09 -70.49
N TRP J 75 101.44 15.24 -71.42
CA TRP J 75 100.62 14.20 -72.02
C TRP J 75 100.09 13.18 -71.03
N ALA J 76 100.92 12.79 -70.04
CA ALA J 76 100.56 11.95 -68.92
C ALA J 76 99.63 12.60 -67.88
N GLY J 77 99.42 13.93 -67.94
CA GLY J 77 98.49 14.64 -67.06
C GLY J 77 98.85 14.73 -65.59
N LEU J 78 100.14 14.92 -65.24
CA LEU J 78 100.59 14.99 -63.85
C LEU J 78 99.94 16.10 -63.01
N PHE J 79 99.50 15.76 -61.79
CA PHE J 79 98.91 16.69 -60.85
C PHE J 79 100.00 17.26 -59.90
N ILE J 90 101.95 9.25 -59.77
CA ILE J 90 103.01 9.15 -58.68
C ILE J 90 103.09 10.38 -57.79
N ILE J 91 103.86 10.34 -56.70
CA ILE J 91 104.00 11.48 -55.79
C ILE J 91 105.40 11.46 -55.20
N GLY J 92 106.04 12.63 -55.01
CA GLY J 92 107.39 12.68 -54.47
C GLY J 92 107.94 14.08 -54.41
N ALA J 93 109.15 14.28 -54.96
CA ALA J 93 109.91 15.52 -54.91
C ALA J 93 109.24 16.77 -55.50
N SER J 94 109.61 17.96 -54.96
CA SER J 94 109.13 19.27 -55.41
C SER J 94 109.42 19.55 -56.88
N SER J 95 108.46 20.17 -57.59
CA SER J 95 108.45 20.42 -59.03
C SER J 95 108.06 19.18 -59.83
N VAL J 96 108.84 18.09 -59.72
CA VAL J 96 108.56 16.80 -60.31
C VAL J 96 109.35 15.74 -59.53
N ALA J 97 108.87 14.48 -59.47
CA ALA J 97 109.47 13.45 -58.66
C ALA J 97 110.38 12.51 -59.44
N VAL J 98 110.43 12.67 -60.78
CA VAL J 98 111.19 11.83 -61.69
C VAL J 98 112.70 11.91 -61.51
N VAL J 99 113.41 10.82 -61.88
CA VAL J 99 114.85 10.64 -61.67
C VAL J 99 115.59 10.81 -63.00
N ASP J 100 116.86 11.26 -62.94
CA ASP J 100 117.78 11.39 -64.03
C ASP J 100 118.15 10.08 -64.75
N PHE J 101 118.59 10.18 -66.03
CA PHE J 101 119.03 9.07 -66.86
C PHE J 101 120.29 8.35 -66.35
N GLY J 102 121.24 9.08 -65.72
CA GLY J 102 122.34 8.48 -64.97
C GLY J 102 123.60 8.14 -65.73
N GLU J 103 123.80 8.74 -66.91
CA GLU J 103 124.98 8.53 -67.73
C GLU J 103 125.92 9.74 -67.69
N ASP J 104 127.21 9.56 -68.04
CA ASP J 104 128.30 10.37 -67.53
C ASP J 104 129.05 11.23 -68.56
N SER J 105 129.53 12.40 -68.10
CA SER J 105 130.34 13.40 -68.80
C SER J 105 129.87 13.83 -70.19
N ALA J 106 130.80 14.26 -71.06
CA ALA J 106 130.61 14.65 -72.45
C ALA J 106 129.27 15.31 -72.84
N GLU J 107 128.58 14.75 -73.86
CA GLU J 107 127.38 15.32 -74.43
C GLU J 107 126.15 15.13 -73.52
N LYS J 108 126.21 14.16 -72.58
CA LYS J 108 125.31 14.04 -71.44
C LYS J 108 125.33 15.30 -70.55
N ASP J 109 126.53 15.65 -70.04
CA ASP J 109 126.83 16.87 -69.31
C ASP J 109 126.32 18.13 -70.01
N PHE J 110 126.59 18.28 -71.33
CA PHE J 110 125.98 19.27 -72.20
C PHE J 110 124.45 19.36 -72.06
N LEU J 111 123.71 18.29 -72.43
CA LEU J 111 122.26 18.23 -72.35
C LEU J 111 121.66 18.56 -70.98
N LEU J 112 122.27 18.06 -69.88
CA LEU J 112 121.90 18.46 -68.52
C LEU J 112 122.10 19.95 -68.23
N SER J 113 123.27 20.49 -68.61
CA SER J 113 123.67 21.90 -68.48
C SER J 113 122.81 22.87 -69.28
N GLN J 114 122.55 22.56 -70.56
CA GLN J 114 121.87 23.42 -71.52
C GLN J 114 120.45 23.85 -71.08
N TYR K 1 107.83 0.08 -44.54
CA TYR K 1 107.34 1.09 -45.54
C TYR K 1 107.64 0.66 -46.98
N SER K 2 106.80 1.09 -47.95
CA SER K 2 106.82 0.62 -49.34
C SER K 2 105.56 1.13 -50.03
N TYR K 3 105.56 1.21 -51.38
CA TYR K 3 104.47 1.77 -52.17
C TYR K 3 104.12 0.83 -53.35
N ILE K 4 103.44 1.36 -54.40
CA ILE K 4 103.03 0.62 -55.60
C ILE K 4 104.22 0.03 -56.38
N PRO K 5 104.24 -1.23 -56.85
CA PRO K 5 105.48 -1.82 -57.36
C PRO K 5 105.46 -1.91 -58.88
N LYS K 6 105.82 -0.81 -59.57
CA LYS K 6 105.90 -0.73 -61.02
C LYS K 6 106.81 -1.78 -61.68
N GLN K 7 108.02 -2.01 -61.13
CA GLN K 7 108.92 -3.06 -61.60
C GLN K 7 108.30 -4.45 -61.64
N ASN K 8 107.52 -4.80 -60.59
CA ASN K 8 106.77 -6.03 -60.55
C ASN K 8 105.70 -6.07 -61.62
N LYS K 9 104.99 -4.95 -61.86
CA LYS K 9 104.04 -4.82 -62.96
C LYS K 9 104.67 -5.06 -64.32
N LYS K 10 105.84 -4.45 -64.58
CA LYS K 10 106.61 -4.65 -65.80
C LYS K 10 107.00 -6.12 -66.02
N LEU K 11 107.46 -6.81 -64.97
CA LEU K 11 107.75 -8.24 -64.99
C LEU K 11 106.54 -9.09 -65.35
N ILE K 12 105.39 -8.79 -64.73
CA ILE K 12 104.11 -9.43 -64.93
C ILE K 12 103.64 -9.30 -66.37
N TYR K 13 103.78 -8.12 -66.97
CA TYR K 13 103.42 -7.85 -68.35
C TYR K 13 104.22 -8.71 -69.31
N GLU K 14 105.55 -8.77 -69.12
CA GLU K 14 106.43 -9.65 -69.89
C GLU K 14 106.00 -11.12 -69.85
N TYR K 15 105.78 -11.68 -68.64
CA TYR K 15 105.27 -13.02 -68.45
C TYR K 15 103.94 -13.28 -69.19
N LEU K 16 102.97 -12.35 -69.07
CA LEU K 16 101.70 -12.42 -69.76
C LEU K 16 101.83 -12.47 -71.27
N PHE K 17 102.63 -11.55 -71.85
CA PHE K 17 102.88 -11.53 -73.28
C PHE K 17 103.52 -12.82 -73.79
N LYS K 18 104.57 -13.31 -73.09
CA LYS K 18 105.28 -14.48 -73.49
C LYS K 18 104.41 -15.73 -73.63
N GLU K 19 103.55 -15.97 -72.63
CA GLU K 19 102.58 -17.04 -72.63
C GLU K 19 101.42 -16.80 -73.58
N GLY K 20 100.71 -15.68 -73.37
CA GLY K 20 99.45 -15.33 -74.01
C GLY K 20 98.25 -15.78 -73.21
N VAL K 21 98.48 -16.58 -72.15
CA VAL K 21 97.46 -17.04 -71.23
C VAL K 21 98.00 -17.03 -69.82
N ILE K 22 97.11 -16.94 -68.80
CA ILE K 22 97.49 -17.18 -67.42
C ILE K 22 96.39 -17.90 -66.64
N VAL K 23 96.81 -18.95 -65.91
CA VAL K 23 96.01 -19.69 -64.96
C VAL K 23 96.77 -19.60 -63.64
N VAL K 24 96.12 -19.14 -62.55
CA VAL K 24 96.82 -18.73 -61.34
C VAL K 24 95.92 -18.71 -60.10
N GLU K 25 94.61 -18.95 -60.27
CA GLU K 25 93.59 -18.89 -59.23
C GLU K 25 93.40 -17.53 -58.53
N LYS K 26 92.27 -17.39 -57.80
CA LYS K 26 91.80 -16.16 -57.20
C LYS K 26 92.59 -15.58 -56.04
N ASP K 27 93.00 -16.41 -55.06
CA ASP K 27 93.45 -15.94 -53.75
C ASP K 27 94.64 -14.97 -53.77
N ALA K 28 94.54 -13.88 -52.98
CA ALA K 28 95.52 -12.83 -52.98
C ALA K 28 96.59 -12.98 -51.92
N LYS K 29 96.35 -13.81 -50.88
CA LYS K 29 97.29 -13.99 -49.77
C LYS K 29 98.56 -14.73 -50.16
N ILE K 30 98.44 -15.82 -50.95
CA ILE K 30 99.54 -16.55 -51.53
C ILE K 30 100.39 -15.72 -52.53
N PRO K 31 101.72 -15.82 -52.56
CA PRO K 31 102.48 -15.12 -53.60
C PRO K 31 103.18 -16.13 -54.49
N ARG K 32 103.13 -17.43 -54.18
CA ARG K 32 103.82 -18.46 -54.92
C ARG K 32 102.96 -19.04 -56.04
N HIS K 33 103.51 -19.05 -57.26
CA HIS K 33 102.91 -19.61 -58.46
C HIS K 33 104.05 -20.30 -59.19
N PRO K 34 103.88 -21.35 -59.98
CA PRO K 34 105.00 -22.07 -60.58
C PRO K 34 105.95 -21.25 -61.43
N HIS K 35 105.47 -20.18 -62.08
CA HIS K 35 106.33 -19.29 -62.85
C HIS K 35 106.60 -17.98 -62.16
N LEU K 36 106.06 -17.73 -60.95
CA LEU K 36 106.06 -16.40 -60.39
C LEU K 36 106.12 -16.38 -58.88
N ASN K 37 107.00 -15.52 -58.31
CA ASN K 37 107.15 -15.41 -56.86
C ASN K 37 106.66 -14.04 -56.37
N VAL K 38 106.07 -13.25 -57.28
CA VAL K 38 105.48 -11.95 -57.00
C VAL K 38 104.01 -12.17 -56.58
N PRO K 39 103.46 -11.46 -55.58
CA PRO K 39 102.06 -11.56 -55.18
C PRO K 39 100.99 -11.65 -56.26
N ASN K 40 100.02 -12.55 -56.04
CA ASN K 40 98.87 -12.77 -56.91
C ASN K 40 98.03 -11.51 -57.04
N LEU K 41 97.92 -10.71 -55.97
CA LEU K 41 97.09 -9.53 -55.94
C LEU K 41 97.49 -8.50 -56.98
N HIS K 42 98.81 -8.24 -57.12
CA HIS K 42 99.33 -7.31 -58.10
C HIS K 42 98.96 -7.69 -59.52
N ILE K 43 99.23 -8.96 -59.91
CA ILE K 43 98.85 -9.49 -61.20
C ILE K 43 97.33 -9.47 -61.41
N MET K 44 96.55 -9.85 -60.40
CA MET K 44 95.10 -9.87 -60.44
C MET K 44 94.48 -8.52 -60.72
N MET K 45 94.94 -7.45 -60.02
CA MET K 45 94.52 -6.09 -60.31
C MET K 45 94.84 -5.66 -61.73
N THR K 46 96.06 -5.98 -62.24
CA THR K 46 96.39 -5.65 -63.63
C THR K 46 95.53 -6.38 -64.65
N LEU K 47 95.27 -7.69 -64.44
CA LEU K 47 94.38 -8.49 -65.26
C LEU K 47 92.96 -7.97 -65.32
N LYS K 48 92.42 -7.49 -64.18
CA LYS K 48 91.12 -6.85 -64.10
C LYS K 48 91.04 -5.64 -65.01
N SER K 49 92.04 -4.74 -64.92
CA SER K 49 92.19 -3.61 -65.83
C SER K 49 92.27 -3.99 -67.30
N LEU K 50 93.14 -4.96 -67.65
CA LEU K 50 93.24 -5.47 -69.01
C LEU K 50 91.95 -6.08 -69.55
N LYS K 51 91.24 -6.89 -68.75
CA LYS K 51 89.93 -7.40 -69.09
C LYS K 51 88.92 -6.31 -69.39
N SER K 52 88.84 -5.28 -68.52
CA SER K 52 87.98 -4.11 -68.69
C SER K 52 88.22 -3.34 -69.97
N ARG K 53 89.50 -3.17 -70.33
CA ARG K 53 89.93 -2.49 -71.54
C ARG K 53 89.74 -3.35 -72.78
N ASN K 54 89.47 -4.65 -72.58
CA ASN K 54 89.11 -5.64 -73.58
C ASN K 54 90.34 -6.18 -74.27
N TYR K 55 91.47 -6.18 -73.57
CA TYR K 55 92.73 -6.72 -74.05
C TYR K 55 92.90 -8.15 -73.57
N VAL K 56 92.05 -8.59 -72.62
CA VAL K 56 92.05 -9.92 -72.04
C VAL K 56 90.63 -10.43 -72.02
N GLU K 57 90.42 -11.74 -72.26
CA GLU K 57 89.14 -12.37 -71.97
C GLU K 57 89.30 -13.30 -70.77
N GLU K 58 88.35 -13.21 -69.82
CA GLU K 58 88.13 -14.14 -68.73
C GLU K 58 87.26 -15.32 -69.13
N LYS K 59 87.58 -16.53 -68.63
CA LYS K 59 86.60 -17.58 -68.42
C LYS K 59 86.77 -17.99 -66.97
N TYR K 60 85.67 -18.28 -66.26
CA TYR K 60 85.73 -18.43 -64.82
C TYR K 60 84.98 -19.67 -64.35
N ASN K 61 85.68 -20.56 -63.60
CA ASN K 61 85.04 -21.68 -62.93
C ASN K 61 85.58 -21.80 -61.53
N TRP K 62 84.75 -21.52 -60.51
CA TRP K 62 85.07 -21.57 -59.08
C TRP K 62 86.53 -21.29 -58.69
N LYS K 63 86.92 -20.01 -58.80
CA LYS K 63 88.22 -19.46 -58.47
C LYS K 63 89.27 -19.70 -59.54
N HIS K 64 88.99 -20.53 -60.55
CA HIS K 64 89.88 -20.71 -61.68
C HIS K 64 89.49 -19.71 -62.75
N GLN K 65 90.42 -18.82 -63.11
CA GLN K 65 90.11 -17.55 -63.75
C GLN K 65 90.51 -17.44 -65.22
N TYR K 66 91.10 -18.51 -65.79
CA TYR K 66 91.45 -18.70 -67.21
C TYR K 66 91.55 -17.45 -68.10
N PHE K 67 92.64 -16.68 -67.98
CA PHE K 67 92.76 -15.42 -68.70
C PHE K 67 93.50 -15.61 -70.01
N ILE K 68 92.91 -15.18 -71.14
CA ILE K 68 93.54 -15.22 -72.45
C ILE K 68 93.79 -13.79 -72.92
N LEU K 69 95.01 -13.49 -73.43
CA LEU K 69 95.35 -12.22 -74.02
C LEU K 69 94.84 -12.09 -75.45
N ASN K 70 94.19 -10.96 -75.78
CA ASN K 70 93.53 -10.76 -77.06
C ASN K 70 94.51 -10.21 -78.09
N ASN K 71 94.23 -10.34 -79.41
CA ASN K 71 95.14 -9.89 -80.46
C ASN K 71 95.46 -8.40 -80.43
N GLU K 72 94.45 -7.56 -80.16
CA GLU K 72 94.59 -6.15 -79.85
C GLU K 72 95.43 -5.91 -78.60
N GLY K 73 95.32 -6.81 -77.60
CA GLY K 73 96.10 -6.78 -76.37
C GLY K 73 97.54 -7.13 -76.59
N ILE K 74 97.84 -8.12 -77.44
CA ILE K 74 99.20 -8.50 -77.83
C ILE K 74 99.93 -7.33 -78.48
N GLU K 75 99.28 -6.66 -79.44
CA GLU K 75 99.89 -5.55 -80.15
C GLU K 75 100.19 -4.35 -79.26
N TYR K 76 99.21 -3.94 -78.43
CA TYR K 76 99.34 -2.90 -77.43
C TYR K 76 100.44 -3.15 -76.37
N LEU K 77 100.45 -4.37 -75.79
CA LEU K 77 101.37 -4.81 -74.77
C LEU K 77 102.84 -4.86 -75.15
N ARG K 78 103.14 -5.23 -76.41
CA ARG K 78 104.45 -5.71 -76.84
C ARG K 78 105.65 -4.81 -76.58
N GLU K 79 105.57 -3.49 -76.88
CA GLU K 79 106.69 -2.56 -76.82
C GLU K 79 107.85 -2.92 -77.79
N ARG L 1 82.95 -80.22 -10.98
CA ARG L 1 83.60 -78.88 -10.76
C ARG L 1 85.11 -78.94 -10.94
N LEU L 2 85.87 -79.54 -9.99
CA LEU L 2 87.30 -79.74 -10.19
C LEU L 2 87.63 -80.76 -11.29
N LEU L 3 86.92 -81.91 -11.35
CA LEU L 3 87.22 -82.93 -12.32
C LEU L 3 85.96 -83.68 -12.76
N GLU L 4 85.79 -83.89 -14.08
CA GLU L 4 84.68 -84.63 -14.66
C GLU L 4 85.21 -85.75 -15.57
N PRO L 5 84.56 -86.91 -15.69
CA PRO L 5 84.94 -87.93 -16.66
C PRO L 5 84.54 -87.56 -18.09
N VAL L 6 85.41 -87.85 -19.07
CA VAL L 6 85.19 -87.53 -20.48
C VAL L 6 85.76 -88.66 -21.32
N PRO L 7 85.38 -88.85 -22.58
CA PRO L 7 85.78 -90.05 -23.31
C PRO L 7 87.05 -89.81 -24.12
N PHE L 8 87.33 -88.58 -24.54
CA PHE L 8 88.41 -88.25 -25.45
C PHE L 8 89.79 -88.25 -24.81
N VAL L 9 90.82 -88.49 -25.64
CA VAL L 9 92.22 -88.44 -25.24
C VAL L 9 92.70 -86.98 -25.20
N LYS L 10 93.65 -86.67 -24.31
CA LYS L 10 94.21 -85.33 -24.15
C LYS L 10 95.73 -85.38 -24.21
N THR L 11 96.39 -84.24 -24.43
CA THR L 11 97.85 -84.16 -24.54
C THR L 11 98.61 -84.49 -23.25
N ASN L 12 98.16 -83.97 -22.10
CA ASN L 12 98.60 -84.28 -20.75
C ASN L 12 100.03 -83.89 -20.40
N ASN L 13 100.46 -82.66 -20.72
CA ASN L 13 101.80 -82.20 -20.39
C ASN L 13 102.02 -80.70 -20.50
N CYS L 14 101.01 -79.90 -20.89
CA CYS L 14 101.18 -78.49 -21.19
C CYS L 14 100.15 -77.65 -20.46
N ILE L 15 100.24 -76.30 -20.57
CA ILE L 15 99.22 -75.41 -20.01
C ILE L 15 97.88 -75.56 -20.73
N LYS L 16 97.94 -76.06 -21.97
CA LYS L 16 96.78 -76.39 -22.77
C LYS L 16 96.08 -77.67 -22.31
N ASP L 17 96.55 -78.26 -21.20
CA ASP L 17 95.86 -79.30 -20.45
C ASP L 17 95.45 -78.83 -19.05
N VAL L 18 95.67 -77.56 -18.66
CA VAL L 18 95.66 -77.19 -17.25
C VAL L 18 94.60 -76.17 -16.88
N ASP L 19 94.04 -76.27 -15.66
CA ASP L 19 93.26 -75.20 -15.06
C ASP L 19 94.13 -73.99 -14.78
N ALA L 20 93.93 -72.92 -15.58
CA ALA L 20 94.74 -71.73 -15.58
C ALA L 20 94.99 -71.10 -14.22
N ASP L 21 93.92 -70.90 -13.42
CA ASP L 21 93.99 -70.28 -12.13
C ASP L 21 94.80 -71.10 -11.13
N LEU L 22 94.52 -72.41 -11.04
CA LEU L 22 95.22 -73.37 -10.21
C LEU L 22 96.69 -73.40 -10.55
N PHE L 23 97.01 -73.48 -11.85
CA PHE L 23 98.35 -73.40 -12.35
C PHE L 23 99.03 -72.08 -11.98
N ILE L 24 98.38 -70.93 -12.26
CA ILE L 24 98.89 -69.61 -11.96
C ILE L 24 99.24 -69.41 -10.51
N ARG L 25 98.31 -69.75 -9.59
CA ARG L 25 98.52 -69.67 -8.16
C ARG L 25 99.62 -70.60 -7.67
N SER L 26 99.64 -71.85 -8.16
CA SER L 26 100.64 -72.83 -7.75
C SER L 26 102.04 -72.41 -8.13
N TYR L 27 102.25 -72.01 -9.40
CA TYR L 27 103.54 -71.53 -9.85
C TYR L 27 103.97 -70.27 -9.14
N ALA L 28 103.06 -69.30 -8.90
CA ALA L 28 103.34 -68.12 -8.12
C ALA L 28 103.80 -68.44 -6.70
N THR L 29 103.10 -69.38 -6.04
CA THR L 29 103.47 -69.89 -4.73
C THR L 29 104.82 -70.59 -4.73
N HIS L 30 105.11 -71.40 -5.77
CA HIS L 30 106.39 -72.07 -5.96
C HIS L 30 107.54 -71.11 -6.14
N LEU L 31 107.35 -70.09 -7.00
CA LEU L 31 108.26 -69.00 -7.23
C LEU L 31 108.57 -68.20 -5.97
N LYS L 32 107.53 -67.84 -5.19
CA LYS L 32 107.72 -67.19 -3.90
C LYS L 32 108.45 -68.06 -2.87
N LEU L 33 108.13 -69.37 -2.80
CA LEU L 33 108.86 -70.37 -2.04
C LEU L 33 110.35 -70.42 -2.38
N HIS L 34 110.65 -70.49 -3.68
CA HIS L 34 112.00 -70.40 -4.24
C HIS L 34 112.70 -69.10 -3.90
N ASN L 35 111.98 -67.96 -3.99
CA ASN L 35 112.38 -66.62 -3.58
C ASN L 35 113.20 -65.94 -4.67
N LYS L 36 113.02 -66.41 -5.92
CA LYS L 36 113.62 -65.77 -7.07
C LYS L 36 112.97 -64.44 -7.37
N ILE L 37 111.63 -64.43 -7.37
CA ILE L 37 110.80 -63.24 -7.50
C ILE L 37 110.85 -62.35 -6.26
N THR L 38 110.72 -61.02 -6.47
CA THR L 38 110.63 -60.00 -5.43
C THR L 38 109.46 -59.08 -5.79
N TYR L 39 108.77 -58.49 -4.79
CA TYR L 39 107.58 -57.67 -5.04
C TYR L 39 107.81 -56.43 -5.90
N PRO L 40 108.86 -55.62 -5.71
CA PRO L 40 109.52 -55.32 -4.45
C PRO L 40 108.83 -54.12 -3.78
N LYS L 41 109.35 -53.65 -2.63
CA LYS L 41 109.01 -52.42 -1.91
C LYS L 41 107.86 -51.55 -2.43
N TRP L 42 108.14 -50.62 -3.36
CA TRP L 42 107.21 -49.64 -3.92
C TRP L 42 105.95 -50.26 -4.50
N CYS L 43 106.07 -51.47 -5.05
CA CYS L 43 105.00 -52.20 -5.69
C CYS L 43 103.94 -52.66 -4.70
N THR L 44 104.23 -52.65 -3.38
CA THR L 44 103.18 -52.84 -2.38
C THR L 44 102.16 -51.70 -2.37
N PHE L 45 102.60 -50.47 -2.73
CA PHE L 45 101.82 -49.27 -2.60
C PHE L 45 100.92 -49.00 -3.80
N VAL L 46 101.46 -49.19 -5.02
CA VAL L 46 100.85 -48.89 -6.32
C VAL L 46 99.42 -49.37 -6.58
N LYS L 47 98.84 -48.88 -7.70
CA LYS L 47 97.54 -49.29 -8.19
C LYS L 47 97.74 -50.01 -9.51
N THR L 48 96.83 -50.94 -9.85
CA THR L 48 97.01 -51.88 -10.94
C THR L 48 96.41 -51.42 -12.25
N GLY L 49 95.64 -50.31 -12.25
CA GLY L 49 95.01 -49.80 -13.46
C GLY L 49 93.85 -48.91 -13.12
N LYS L 50 93.63 -47.85 -13.92
CA LYS L 50 92.66 -46.82 -13.60
C LYS L 50 91.24 -47.27 -13.87
N GLY L 51 91.09 -48.33 -14.70
CA GLY L 51 89.84 -49.07 -14.85
C GLY L 51 89.39 -49.73 -13.56
N ARG L 52 90.34 -50.08 -12.68
CA ARG L 52 90.03 -50.58 -11.35
C ARG L 52 89.89 -49.44 -10.36
N LYS L 53 90.92 -48.57 -10.31
CA LYS L 53 91.20 -47.59 -9.26
C LYS L 53 91.86 -48.26 -8.06
N LEU L 54 91.28 -49.37 -7.58
CA LEU L 54 91.73 -50.17 -6.47
C LEU L 54 93.00 -50.99 -6.77
N ALA L 55 93.09 -52.20 -6.18
CA ALA L 55 94.22 -53.09 -6.26
C ALA L 55 93.68 -54.47 -5.86
N PRO L 56 94.41 -55.59 -6.00
CA PRO L 56 93.78 -56.90 -5.95
C PRO L 56 93.34 -57.38 -4.58
N LEU L 57 93.84 -56.75 -3.49
CA LEU L 57 93.47 -57.07 -2.11
C LEU L 57 93.84 -58.50 -1.70
N ASN L 58 95.09 -58.91 -1.96
CA ASN L 58 95.51 -60.29 -1.71
C ASN L 58 96.94 -60.41 -1.20
N GLU L 59 97.77 -59.34 -1.27
CA GLU L 59 99.17 -59.28 -0.85
C GLU L 59 100.18 -60.18 -1.58
N ASP L 60 99.74 -61.24 -2.27
CA ASP L 60 100.57 -62.12 -3.08
C ASP L 60 100.29 -61.91 -4.56
N TRP L 61 99.50 -60.87 -4.88
CA TRP L 61 99.04 -60.57 -6.22
C TRP L 61 100.11 -60.37 -7.27
N TYR L 62 101.26 -59.78 -6.94
CA TYR L 62 102.32 -59.56 -7.91
C TYR L 62 102.86 -60.87 -8.46
N PHE L 63 103.15 -61.84 -7.57
CA PHE L 63 103.55 -63.19 -7.96
C PHE L 63 102.53 -63.90 -8.84
N ILE L 64 101.25 -63.79 -8.47
CA ILE L 64 100.09 -64.22 -9.25
C ILE L 64 100.07 -63.61 -10.64
N ARG L 65 100.24 -62.29 -10.73
CA ARG L 65 100.32 -61.54 -11.97
C ARG L 65 101.51 -61.93 -12.82
N ALA L 66 102.71 -62.05 -12.23
CA ALA L 66 103.90 -62.60 -12.87
C ALA L 66 103.68 -63.97 -13.50
N SER L 67 103.10 -64.88 -12.72
CA SER L 67 102.69 -66.21 -13.15
C SER L 67 101.67 -66.16 -14.30
N SER L 68 100.65 -65.31 -14.18
CA SER L 68 99.65 -65.06 -15.20
C SER L 68 100.26 -64.55 -16.50
N ILE L 69 101.21 -63.60 -16.44
CA ILE L 69 102.01 -63.15 -17.56
C ILE L 69 102.77 -64.30 -18.22
N LEU L 70 103.48 -65.13 -17.44
CA LEU L 70 104.17 -66.29 -17.91
C LEU L 70 103.28 -67.30 -18.66
N ARG L 71 102.04 -67.51 -18.21
CA ARG L 71 101.06 -68.26 -18.97
C ARG L 71 100.72 -67.62 -20.33
N ARG L 72 100.49 -66.30 -20.38
CA ARG L 72 100.29 -65.56 -21.61
C ARG L 72 101.45 -65.68 -22.59
N LEU L 73 102.68 -65.62 -22.07
CA LEU L 73 103.92 -65.95 -22.74
C LEU L 73 103.91 -67.33 -23.39
N TYR L 74 103.46 -68.38 -22.66
CA TYR L 74 103.35 -69.71 -23.24
C TYR L 74 102.33 -69.78 -24.38
N LEU L 75 101.17 -69.13 -24.25
CA LEU L 75 100.24 -68.93 -25.35
C LEU L 75 100.78 -68.14 -26.56
N HIS L 76 101.37 -66.96 -26.31
CA HIS L 76 101.67 -65.99 -27.35
C HIS L 76 103.16 -65.70 -27.38
N PRO L 77 103.92 -66.00 -28.42
CA PRO L 77 105.34 -66.26 -28.24
C PRO L 77 106.18 -65.00 -28.08
N ASP L 78 106.00 -63.97 -28.92
CA ASP L 78 106.99 -62.91 -29.05
C ASP L 78 106.45 -61.56 -28.60
N ILE L 79 105.37 -61.58 -27.82
CA ILE L 79 104.67 -60.40 -27.32
C ILE L 79 105.49 -59.42 -26.47
N GLY L 80 105.11 -58.13 -26.50
CA GLY L 80 105.75 -57.09 -25.72
C GLY L 80 104.84 -56.32 -24.81
N VAL L 81 105.39 -55.27 -24.19
CA VAL L 81 104.74 -54.53 -23.12
C VAL L 81 103.41 -53.86 -23.48
N GLY L 82 103.28 -53.20 -24.63
CA GLY L 82 102.02 -52.66 -25.12
C GLY L 82 100.97 -53.71 -25.33
N PHE L 83 101.35 -54.88 -25.85
CA PHE L 83 100.50 -56.05 -25.88
C PHE L 83 100.05 -56.49 -24.49
N LEU L 84 100.94 -56.51 -23.49
CA LEU L 84 100.60 -56.77 -22.10
C LEU L 84 99.60 -55.77 -21.53
N ARG L 85 99.79 -54.46 -21.77
CA ARG L 85 98.90 -53.42 -21.27
C ARG L 85 97.49 -53.62 -21.80
N ARG L 86 97.39 -53.86 -23.12
CA ARG L 86 96.19 -54.26 -23.81
C ARG L 86 95.58 -55.57 -23.30
N GLN L 87 96.41 -56.59 -23.03
CA GLN L 87 95.97 -57.88 -22.53
C GLN L 87 95.21 -57.73 -21.21
N PHE L 88 95.82 -57.04 -20.23
CA PHE L 88 95.25 -56.80 -18.92
C PHE L 88 94.22 -55.68 -18.82
N SER L 89 93.83 -55.07 -19.96
CA SER L 89 92.77 -54.06 -20.09
C SER L 89 91.41 -54.44 -19.49
N SER L 90 90.67 -53.44 -18.98
CA SER L 90 89.24 -53.58 -18.70
C SER L 90 88.47 -52.33 -19.11
N LYS L 91 87.16 -52.26 -18.79
CA LYS L 91 86.36 -51.04 -18.83
C LYS L 91 86.61 -50.06 -17.68
N GLN L 92 86.52 -48.74 -17.94
CA GLN L 92 86.64 -47.70 -16.94
C GLN L 92 85.37 -46.86 -16.84
N ARG L 93 84.69 -46.86 -15.67
CA ARG L 93 83.54 -46.00 -15.43
C ARG L 93 83.95 -44.52 -15.40
N ARG L 94 83.46 -43.72 -16.36
CA ARG L 94 83.92 -42.36 -16.64
C ARG L 94 83.18 -41.32 -15.80
N GLY L 95 82.68 -41.70 -14.61
CA GLY L 95 81.79 -40.88 -13.79
C GLY L 95 80.38 -41.00 -14.31
N VAL L 96 79.67 -39.87 -14.45
CA VAL L 96 78.39 -39.84 -15.12
C VAL L 96 78.46 -40.28 -16.61
N ALA L 97 79.55 -39.98 -17.33
CA ALA L 97 79.70 -40.40 -18.71
C ALA L 97 79.92 -41.94 -18.87
N PRO L 98 79.55 -42.54 -20.01
CA PRO L 98 79.79 -43.94 -20.34
C PRO L 98 81.22 -44.45 -20.31
N ASN L 99 81.37 -45.78 -20.28
CA ASN L 99 82.66 -46.44 -20.18
C ASN L 99 83.52 -46.33 -21.42
N HIS L 100 84.85 -46.31 -21.22
CA HIS L 100 85.81 -46.57 -22.26
C HIS L 100 86.95 -47.40 -21.70
N THR L 101 87.61 -48.20 -22.53
CA THR L 101 88.67 -49.12 -22.15
C THR L 101 89.89 -48.46 -21.51
N SER L 102 90.50 -49.17 -20.55
CA SER L 102 91.60 -48.66 -19.75
C SER L 102 92.60 -49.75 -19.44
N LEU L 103 93.87 -49.45 -19.75
CA LEU L 103 95.03 -50.29 -19.55
C LEU L 103 95.35 -50.57 -18.08
N ALA L 104 95.95 -51.75 -17.82
CA ALA L 104 96.69 -51.98 -16.60
C ALA L 104 97.96 -51.11 -16.51
N SER L 105 98.43 -50.78 -15.30
CA SER L 105 99.65 -50.03 -15.03
C SER L 105 100.89 -50.64 -15.68
N GLY L 106 101.65 -49.86 -16.47
CA GLY L 106 102.70 -50.42 -17.32
C GLY L 106 104.00 -50.72 -16.64
N LYS L 107 104.26 -50.08 -15.49
CA LYS L 107 105.48 -50.28 -14.73
C LYS L 107 105.51 -51.65 -14.10
N ILE L 108 104.41 -52.08 -13.45
CA ILE L 108 104.35 -53.42 -12.88
C ILE L 108 104.56 -54.52 -13.91
N LEU L 109 103.98 -54.37 -15.11
CA LEU L 109 104.18 -55.28 -16.23
C LEU L 109 105.62 -55.31 -16.70
N ARG L 110 106.20 -54.12 -16.93
CA ARG L 110 107.59 -53.93 -17.29
C ARG L 110 108.53 -54.53 -16.27
N SER L 111 108.27 -54.28 -14.97
CA SER L 111 109.04 -54.85 -13.88
C SER L 111 109.01 -56.37 -13.84
N ILE L 112 107.83 -57.01 -13.98
CA ILE L 112 107.72 -58.44 -14.11
C ILE L 112 108.47 -58.98 -15.30
N LEU L 113 108.32 -58.33 -16.47
CA LEU L 113 108.95 -58.73 -17.70
C LEU L 113 110.46 -58.77 -17.61
N GLN L 114 111.03 -57.68 -17.06
CA GLN L 114 112.42 -57.56 -16.70
C GLN L 114 112.87 -58.57 -15.66
N GLN L 115 112.11 -58.76 -14.58
CA GLN L 115 112.44 -59.70 -13.52
C GLN L 115 112.52 -61.14 -14.00
N LEU L 116 111.54 -61.60 -14.78
CA LEU L 116 111.53 -62.92 -15.41
C LEU L 116 112.75 -63.13 -16.31
N GLU L 117 113.12 -62.10 -17.08
CA GLU L 117 114.29 -62.05 -17.93
C GLU L 117 115.59 -62.13 -17.16
N ASN L 118 115.70 -61.39 -16.03
CA ASN L 118 116.82 -61.43 -15.11
C ASN L 118 116.97 -62.81 -14.47
N LEU L 119 115.84 -63.48 -14.21
CA LEU L 119 115.80 -64.81 -13.67
C LEU L 119 115.85 -65.86 -14.77
N GLY L 120 116.03 -65.42 -16.03
CA GLY L 120 116.38 -66.26 -17.16
C GLY L 120 115.25 -67.00 -17.81
N TYR L 121 113.99 -66.74 -17.44
CA TYR L 121 112.85 -67.49 -17.92
C TYR L 121 112.38 -67.06 -19.30
N VAL L 122 112.77 -65.85 -19.73
CA VAL L 122 112.49 -65.30 -21.04
C VAL L 122 113.73 -64.68 -21.61
N GLU L 123 113.74 -64.52 -22.95
CA GLU L 123 114.82 -63.95 -23.70
C GLU L 123 114.29 -63.04 -24.79
N GLN L 124 114.65 -61.75 -24.72
CA GLN L 124 114.57 -60.82 -25.83
C GLN L 124 115.60 -61.14 -26.91
N ASN L 125 115.16 -61.40 -28.16
CA ASN L 125 116.06 -61.63 -29.28
C ASN L 125 116.16 -60.36 -30.11
N PRO L 126 117.19 -60.17 -30.94
CA PRO L 126 117.21 -59.12 -31.95
C PRO L 126 116.10 -59.29 -32.98
N LYS L 127 115.77 -60.55 -33.32
CA LYS L 127 114.66 -60.93 -34.18
C LYS L 127 113.29 -60.56 -33.60
N LYS L 128 112.30 -60.24 -34.49
CA LYS L 128 110.91 -59.98 -34.15
C LYS L 128 110.67 -58.84 -33.13
N LYS L 129 109.62 -58.95 -32.30
CA LYS L 129 109.21 -57.91 -31.38
C LYS L 129 109.90 -58.01 -30.02
N GLY L 130 109.24 -58.68 -29.04
CA GLY L 130 109.67 -58.75 -27.66
C GLY L 130 110.22 -60.09 -27.24
N ARG L 131 110.21 -60.30 -25.92
CA ARG L 131 110.60 -61.49 -25.19
C ARG L 131 109.84 -62.76 -25.54
N ARG L 132 110.56 -63.86 -25.87
CA ARG L 132 109.96 -65.19 -25.81
C ARG L 132 110.58 -66.03 -24.70
N LEU L 133 109.96 -67.17 -24.38
CA LEU L 133 110.39 -68.11 -23.37
C LEU L 133 111.76 -68.74 -23.53
N THR L 134 112.45 -68.97 -22.40
CA THR L 134 113.63 -69.81 -22.28
C THR L 134 113.20 -71.24 -21.97
N THR L 135 113.95 -72.24 -22.46
CA THR L 135 113.61 -73.66 -22.41
C THR L 135 113.47 -74.19 -21.01
N LYS L 136 114.34 -73.75 -20.08
CA LYS L 136 114.33 -74.15 -18.69
C LYS L 136 113.02 -73.78 -18.03
N GLY L 137 112.56 -72.53 -18.22
CA GLY L 137 111.23 -72.08 -17.79
C GLY L 137 110.10 -72.91 -18.37
N GLU L 138 110.12 -73.20 -19.68
CA GLU L 138 109.13 -74.04 -20.33
C GLU L 138 109.07 -75.46 -19.76
N ASN L 139 110.23 -76.07 -19.52
CA ASN L 139 110.36 -77.40 -18.95
C ASN L 139 109.80 -77.45 -17.52
N ALA L 140 110.08 -76.41 -16.71
CA ALA L 140 109.47 -76.22 -15.41
C ALA L 140 107.95 -76.09 -15.43
N ILE L 141 107.39 -75.30 -16.36
CA ILE L 141 105.96 -75.16 -16.56
C ILE L 141 105.32 -76.49 -16.92
N ASN L 142 105.98 -77.25 -17.80
CA ASN L 142 105.60 -78.60 -18.16
C ASN L 142 105.65 -79.54 -16.97
N ASN L 143 106.68 -79.47 -16.11
CA ASN L 143 106.80 -80.27 -14.91
C ASN L 143 105.67 -79.97 -13.91
N PHE L 144 105.40 -78.69 -13.62
CA PHE L 144 104.25 -78.29 -12.83
C PHE L 144 102.93 -78.72 -13.43
N ALA L 145 102.75 -78.61 -14.75
CA ALA L 145 101.62 -79.16 -15.48
C ALA L 145 101.45 -80.66 -15.25
N ARG L 146 102.55 -81.44 -15.36
CA ARG L 146 102.63 -82.85 -15.03
C ARG L 146 102.23 -83.17 -13.59
N TYR L 147 102.71 -82.39 -12.59
CA TYR L 147 102.38 -82.60 -11.18
C TYR L 147 100.86 -82.48 -10.96
N ILE L 148 100.24 -81.39 -11.45
CA ILE L 148 98.81 -81.13 -11.41
C ILE L 148 98.02 -82.23 -12.11
N ASN L 149 98.45 -82.62 -13.32
CA ASN L 149 97.83 -83.66 -14.13
C ASN L 149 97.77 -84.99 -13.40
N LYS L 150 98.89 -85.43 -12.77
CA LYS L 150 98.92 -86.55 -11.87
C LYS L 150 98.01 -86.39 -10.65
N LYS L 151 98.07 -85.22 -10.00
CA LYS L 151 97.32 -84.89 -8.80
C LYS L 151 95.81 -84.99 -8.99
N VAL L 152 95.26 -84.41 -10.07
CA VAL L 152 93.86 -84.62 -10.44
C VAL L 152 93.52 -86.06 -10.80
N TYR L 153 94.37 -86.72 -11.62
CA TYR L 153 94.15 -88.05 -12.17
C TYR L 153 94.00 -89.17 -11.14
N ASN L 154 94.87 -89.24 -10.12
CA ASN L 154 94.83 -90.31 -9.15
C ASN L 154 93.86 -90.00 -7.97
N ILE M 1 25.58 -27.24 -105.77
CA ILE M 1 24.16 -27.51 -105.34
C ILE M 1 23.67 -28.86 -105.86
N TYR M 2 22.79 -29.53 -105.09
CA TYR M 2 22.33 -30.87 -105.39
C TYR M 2 20.99 -31.11 -104.71
N ILE M 3 20.33 -32.25 -104.97
CA ILE M 3 19.08 -32.60 -104.32
C ILE M 3 19.35 -33.76 -103.36
N PRO M 4 19.27 -33.60 -102.04
CA PRO M 4 19.36 -34.69 -101.06
C PRO M 4 18.39 -35.85 -101.26
N ARG M 5 18.72 -37.03 -100.70
CA ARG M 5 17.84 -38.19 -100.74
C ARG M 5 16.51 -37.98 -100.01
N LYS M 6 15.46 -38.60 -100.55
CA LYS M 6 14.16 -38.64 -99.94
C LYS M 6 13.86 -40.10 -99.63
N CYS M 7 13.31 -40.38 -98.43
CA CYS M 7 12.84 -41.68 -98.00
C CYS M 7 11.80 -42.33 -98.92
N SER M 8 11.97 -43.61 -99.27
CA SER M 8 10.98 -44.38 -100.01
C SER M 8 9.73 -44.62 -99.18
N ALA M 9 9.90 -44.97 -97.89
CA ALA M 9 8.79 -45.26 -97.02
C ALA M 9 7.90 -44.07 -96.67
N THR M 10 8.50 -42.93 -96.28
CA THR M 10 7.74 -41.82 -95.70
C THR M 10 7.61 -40.66 -96.64
N SER M 11 8.30 -40.70 -97.80
CA SER M 11 8.32 -39.62 -98.78
C SER M 11 8.85 -38.31 -98.22
N ARG M 12 9.87 -38.36 -97.35
CA ARG M 12 10.41 -37.20 -96.68
C ARG M 12 11.93 -37.18 -96.74
N LEU M 13 12.53 -35.98 -96.53
CA LEU M 13 13.92 -35.73 -96.85
C LEU M 13 14.91 -36.21 -95.80
N ILE M 14 16.04 -36.75 -96.27
CA ILE M 14 17.10 -37.30 -95.46
C ILE M 14 18.26 -36.29 -95.45
N PRO M 15 18.65 -35.69 -94.32
CA PRO M 15 19.82 -34.82 -94.25
C PRO M 15 21.17 -35.42 -94.60
N ALA M 16 22.15 -34.57 -94.93
CA ALA M 16 23.50 -34.97 -95.28
C ALA M 16 24.25 -35.65 -94.14
N LYS M 17 24.11 -35.11 -92.93
CA LYS M 17 24.80 -35.63 -91.76
C LYS M 17 23.87 -36.42 -90.89
N GLU M 18 22.78 -36.94 -91.47
CA GLU M 18 21.87 -37.83 -90.80
C GLU M 18 22.54 -39.13 -90.34
N HIS M 19 23.38 -39.73 -91.22
CA HIS M 19 24.23 -40.88 -90.91
C HIS M 19 23.55 -42.10 -90.29
N GLY M 20 22.40 -42.52 -90.83
CA GLY M 20 21.70 -43.71 -90.37
C GLY M 20 20.86 -44.34 -91.45
N ALA M 21 20.32 -43.54 -92.36
CA ALA M 21 19.62 -43.95 -93.55
C ALA M 21 20.45 -44.76 -94.54
N VAL M 22 19.79 -45.67 -95.26
CA VAL M 22 20.41 -46.74 -96.00
C VAL M 22 19.71 -46.92 -97.34
N GLN M 23 20.43 -47.51 -98.31
CA GLN M 23 19.88 -47.79 -99.62
C GLN M 23 19.89 -49.29 -99.77
N ILE M 24 18.69 -49.89 -99.89
CA ILE M 24 18.54 -51.32 -99.98
C ILE M 24 18.43 -51.70 -101.45
N ASN M 25 19.45 -52.46 -101.92
CA ASN M 25 19.51 -52.96 -103.27
C ASN M 25 18.82 -54.32 -103.29
N VAL M 26 17.77 -54.49 -104.13
CA VAL M 26 16.99 -55.70 -104.25
C VAL M 26 17.23 -56.34 -105.60
N GLY M 27 17.83 -57.54 -105.65
CA GLY M 27 18.16 -58.18 -106.92
C GLY M 27 16.98 -58.74 -107.66
N MET M 28 16.81 -58.38 -108.94
CA MET M 28 15.82 -58.98 -109.79
C MET M 28 16.12 -60.41 -110.18
N VAL M 29 15.08 -61.24 -110.31
CA VAL M 29 15.25 -62.62 -110.71
C VAL M 29 15.19 -62.83 -112.21
N ASP M 30 15.78 -63.94 -112.64
CA ASP M 30 15.58 -64.60 -113.90
C ASP M 30 14.40 -65.57 -113.74
N ALA M 31 13.76 -65.96 -114.86
CA ALA M 31 12.65 -66.90 -114.91
C ALA M 31 12.94 -68.26 -114.26
N ASN M 32 14.21 -68.69 -114.23
CA ASN M 32 14.61 -69.95 -113.61
C ASN M 32 14.98 -69.76 -112.14
N GLY M 33 14.82 -68.53 -111.60
CA GLY M 33 15.09 -68.22 -110.20
C GLY M 33 16.55 -67.93 -109.92
N VAL M 34 17.26 -67.41 -110.93
CA VAL M 34 18.67 -67.03 -110.86
C VAL M 34 18.75 -65.51 -110.77
N TYR M 35 19.83 -64.94 -110.20
CA TYR M 35 20.09 -63.51 -110.16
C TYR M 35 20.27 -62.86 -111.54
N ASN M 36 19.24 -62.13 -112.03
CA ASN M 36 19.34 -61.16 -113.10
C ASN M 36 20.46 -60.12 -112.91
N GLY M 37 20.94 -59.50 -114.00
CA GLY M 37 21.91 -58.40 -113.92
C GLY M 37 21.37 -57.17 -113.22
N LYS M 38 20.11 -56.78 -113.49
CA LYS M 38 19.54 -55.57 -112.95
C LYS M 38 18.97 -55.72 -111.53
N THR M 39 18.99 -54.59 -110.79
CA THR M 39 18.76 -54.50 -109.35
C THR M 39 17.90 -53.29 -109.01
N GLU M 40 16.77 -53.44 -108.28
CA GLU M 40 15.92 -52.33 -107.87
C GLU M 40 16.33 -51.75 -106.51
N THR M 41 16.46 -50.42 -106.41
CA THR M 41 17.00 -49.72 -105.24
C THR M 41 15.98 -48.87 -104.50
N PHE M 42 16.02 -48.91 -103.15
CA PHE M 42 15.07 -48.20 -102.30
C PHE M 42 15.80 -47.52 -101.16
N ALA M 43 15.33 -46.36 -100.70
CA ALA M 43 15.99 -45.58 -99.68
C ALA M 43 15.20 -45.60 -98.39
N ILE M 44 15.80 -46.10 -97.30
CA ILE M 44 15.15 -46.27 -96.01
C ILE M 44 15.79 -45.38 -94.96
N SER M 45 15.02 -44.44 -94.39
CA SER M 45 15.47 -43.56 -93.30
C SER M 45 15.85 -44.28 -92.03
N GLY M 46 16.87 -43.74 -91.32
CA GLY M 46 17.25 -44.09 -89.96
C GLY M 46 16.14 -43.89 -88.98
N HIS M 47 15.29 -42.87 -89.20
CA HIS M 47 14.11 -42.60 -88.40
C HIS M 47 13.09 -43.73 -88.44
N VAL M 48 12.78 -44.29 -89.61
CA VAL M 48 11.83 -45.40 -89.74
C VAL M 48 12.33 -46.66 -89.04
N ARG M 49 13.66 -46.86 -89.11
CA ARG M 49 14.40 -47.90 -88.44
C ARG M 49 14.41 -47.74 -86.91
N GLN M 50 14.57 -46.50 -86.43
CA GLN M 50 14.49 -46.07 -85.04
C GLN M 50 13.10 -46.32 -84.45
N ASN M 51 12.03 -45.99 -85.21
CA ASN M 51 10.67 -46.41 -84.92
C ASN M 51 10.52 -47.93 -84.88
N GLY M 52 11.18 -48.64 -85.82
CA GLY M 52 11.14 -50.09 -85.94
C GLY M 52 10.17 -50.55 -86.99
N GLU M 53 9.72 -49.60 -87.83
CA GLU M 53 8.62 -49.82 -88.75
C GLU M 53 9.11 -50.21 -90.13
N SER M 54 10.44 -50.37 -90.29
CA SER M 54 11.06 -50.55 -91.60
C SER M 54 10.61 -51.80 -92.30
N ASP M 55 10.49 -52.93 -91.59
CA ASP M 55 9.98 -54.16 -92.17
C ASP M 55 8.57 -54.01 -92.74
N ALA M 56 7.63 -53.40 -91.99
CA ALA M 56 6.29 -53.10 -92.46
C ALA M 56 6.25 -52.22 -93.70
N CYS M 57 7.03 -51.14 -93.69
CA CYS M 57 7.19 -50.22 -94.80
C CYS M 57 7.74 -50.87 -96.05
N LEU M 58 8.77 -51.72 -95.88
CA LEU M 58 9.42 -52.51 -96.91
C LEU M 58 8.41 -53.41 -97.59
N ASN M 59 7.54 -54.06 -96.80
CA ASN M 59 6.47 -54.90 -97.27
C ASN M 59 5.53 -54.13 -98.18
N ARG M 60 5.07 -52.93 -97.76
CA ARG M 60 4.21 -52.11 -98.61
C ARG M 60 4.90 -51.65 -99.88
N LEU M 61 6.18 -51.29 -99.79
CA LEU M 61 7.00 -50.92 -100.91
C LEU M 61 7.24 -52.05 -101.91
N MET M 62 7.59 -53.25 -101.41
CA MET M 62 7.72 -54.46 -102.19
C MET M 62 6.41 -54.85 -102.85
N TYR M 63 5.28 -54.70 -102.14
CA TYR M 63 3.95 -54.94 -102.65
C TYR M 63 3.62 -54.02 -103.82
N GLU M 64 3.93 -52.72 -103.70
CA GLU M 64 3.78 -51.76 -104.79
C GLU M 64 4.64 -52.12 -106.01
N LYS M 65 5.89 -52.53 -105.78
CA LYS M 65 6.80 -52.93 -106.82
C LYS M 65 6.57 -54.34 -107.38
N LYS M 66 5.72 -55.14 -106.71
CA LYS M 66 5.37 -56.52 -107.03
C LYS M 66 6.51 -57.50 -106.74
N LEU M 67 7.17 -57.31 -105.59
CA LEU M 67 8.30 -58.10 -105.16
C LEU M 67 7.99 -58.90 -103.89
N LEU M 68 6.78 -58.72 -103.32
CA LEU M 68 6.23 -59.56 -102.26
C LEU M 68 4.73 -59.63 -102.50
N SER M 69 4.08 -60.75 -102.07
CA SER M 69 2.70 -61.02 -102.47
C SER M 69 1.68 -60.71 -101.40
N PHE M 70 2.10 -60.62 -100.13
CA PHE M 70 1.17 -60.66 -99.01
C PHE M 70 0.88 -59.32 -98.36
N GLN M 71 1.57 -58.25 -98.82
CA GLN M 71 1.29 -56.86 -98.48
C GLN M 71 1.77 -56.41 -97.10
N ASN M 72 1.41 -57.16 -96.05
CA ASN M 72 1.47 -56.72 -94.67
C ASN M 72 2.58 -57.44 -93.85
N ASP N 1 33.50 49.03 -119.13
CA ASP N 1 33.41 47.80 -120.00
C ASP N 1 32.03 47.59 -120.61
N GLN N 2 31.95 46.77 -121.69
CA GLN N 2 30.69 46.33 -122.27
C GLN N 2 30.28 45.01 -121.63
N PHE N 3 28.97 44.73 -121.58
CA PHE N 3 28.42 43.62 -120.83
C PHE N 3 27.12 43.20 -121.48
N THR N 4 26.62 41.99 -121.19
CA THR N 4 25.43 41.48 -121.87
C THR N 4 24.25 41.51 -120.93
N ILE N 5 23.11 42.08 -121.36
CA ILE N 5 21.87 42.03 -120.60
C ILE N 5 20.90 41.06 -121.23
N ARG N 6 20.65 39.93 -120.54
CA ARG N 6 19.54 39.04 -120.82
C ARG N 6 18.35 39.40 -119.95
N VAL N 7 17.14 39.29 -120.50
CA VAL N 7 15.93 39.85 -119.94
C VAL N 7 14.94 38.74 -119.78
N LYS N 8 14.72 38.28 -118.54
CA LYS N 8 13.76 37.26 -118.24
C LYS N 8 12.45 37.89 -117.78
N LYS N 9 11.34 37.14 -117.92
CA LYS N 9 9.97 37.49 -117.59
C LYS N 9 9.60 38.99 -117.65
N TYR N 10 9.47 39.48 -118.89
CA TYR N 10 9.14 40.85 -119.20
C TYR N 10 7.61 40.97 -119.30
N MET N 11 7.08 42.00 -118.63
CA MET N 11 5.67 42.25 -118.53
C MET N 11 5.44 43.76 -118.52
N SER N 12 4.74 44.27 -119.56
CA SER N 12 4.26 45.64 -119.56
C SER N 12 2.93 45.69 -118.81
N ASN N 13 2.89 46.51 -117.74
CA ASN N 13 1.79 46.65 -116.82
C ASN N 13 1.11 48.01 -117.00
N PRO N 14 0.00 48.17 -117.70
CA PRO N 14 -0.64 49.46 -117.86
C PRO N 14 -1.20 50.00 -116.56
N LEU N 15 -1.59 49.14 -115.61
CA LEU N 15 -2.22 49.57 -114.37
C LEU N 15 -1.31 50.43 -113.53
N LEU N 16 -0.05 50.00 -113.34
CA LEU N 16 0.96 50.72 -112.61
C LEU N 16 1.85 51.49 -113.56
N ARG N 17 1.48 51.49 -114.86
CA ARG N 17 2.07 52.29 -115.91
C ARG N 17 3.57 52.07 -116.10
N ARG N 18 3.98 50.80 -116.09
CA ARG N 18 5.37 50.42 -116.04
C ARG N 18 5.66 49.19 -116.88
N LYS N 19 6.91 49.01 -117.29
CA LYS N 19 7.38 47.73 -117.75
C LYS N 19 8.25 47.13 -116.66
N GLN N 20 7.92 45.90 -116.21
CA GLN N 20 8.70 45.16 -115.24
C GLN N 20 9.34 43.92 -115.84
N PHE N 21 10.49 43.50 -115.29
CA PHE N 21 11.28 42.40 -115.81
C PHE N 21 12.40 42.02 -114.86
N ALA N 22 12.84 40.75 -114.95
CA ALA N 22 14.05 40.26 -114.33
C ALA N 22 15.24 40.47 -115.25
N LEU N 23 16.39 40.85 -114.69
CA LEU N 23 17.52 41.31 -115.47
C LEU N 23 18.76 40.53 -115.13
N GLU N 24 19.25 39.75 -116.10
CA GLU N 24 20.39 38.88 -115.96
C GLU N 24 21.54 39.50 -116.72
N ILE N 25 22.48 40.12 -115.99
CA ILE N 25 23.62 40.78 -116.58
C ILE N 25 24.77 39.79 -116.62
N LEU N 26 25.21 39.35 -117.82
CA LEU N 26 26.43 38.58 -117.93
C LEU N 26 27.67 39.45 -117.91
N HIS N 27 28.76 38.97 -117.31
CA HIS N 27 30.04 39.66 -117.33
C HIS N 27 31.20 38.76 -116.90
N PRO N 28 31.50 37.64 -117.57
CA PRO N 28 32.63 36.79 -117.22
C PRO N 28 33.98 37.49 -117.08
N ASN N 29 34.66 37.27 -115.93
CA ASN N 29 35.99 37.78 -115.61
C ASN N 29 35.99 39.25 -115.23
N LYS N 30 34.80 39.83 -114.97
CA LYS N 30 34.66 41.19 -114.51
C LYS N 30 33.91 41.18 -113.19
N GLY N 31 34.27 42.08 -112.26
CA GLY N 31 33.47 42.32 -111.06
C GLY N 31 32.10 42.90 -111.32
N SER N 32 31.29 43.01 -110.24
CA SER N 32 29.99 43.65 -110.18
C SER N 32 29.71 44.86 -111.09
N VAL N 33 28.55 44.89 -111.76
CA VAL N 33 28.17 46.00 -112.62
C VAL N 33 27.39 47.04 -111.84
N ALA N 34 27.88 48.29 -111.78
CA ALA N 34 27.20 49.40 -111.15
C ALA N 34 25.87 49.79 -111.82
N LYS N 35 24.91 50.30 -111.04
CA LYS N 35 23.53 50.51 -111.48
C LYS N 35 23.38 51.59 -112.55
N LYS N 36 24.18 52.66 -112.51
CA LYS N 36 24.17 53.69 -113.54
C LYS N 36 24.46 53.18 -114.95
N GLU N 37 25.48 52.31 -115.11
CA GLU N 37 25.81 51.63 -116.34
C GLU N 37 24.63 50.82 -116.90
N VAL N 38 24.00 50.00 -116.04
CA VAL N 38 22.81 49.23 -116.35
C VAL N 38 21.65 50.07 -116.87
N LYS N 39 21.39 51.24 -116.23
CA LYS N 39 20.41 52.20 -116.67
C LYS N 39 20.71 52.72 -118.05
N GLU N 40 21.97 53.12 -118.31
CA GLU N 40 22.40 53.53 -119.63
C GLU N 40 22.24 52.42 -120.68
N ARG N 41 22.60 51.17 -120.33
CA ARG N 41 22.44 50.04 -121.22
C ARG N 41 20.98 49.74 -121.56
N LEU N 42 20.09 49.75 -120.57
CA LEU N 42 18.65 49.67 -120.74
C LEU N 42 18.08 50.79 -121.55
N ALA N 43 18.52 52.04 -121.31
CA ALA N 43 18.15 53.20 -122.08
C ALA N 43 18.53 53.08 -123.54
N LYS N 44 19.73 52.57 -123.83
CA LYS N 44 20.21 52.30 -125.17
C LYS N 44 19.37 51.25 -125.88
N MET N 45 18.99 50.17 -125.15
CA MET N 45 18.13 49.11 -125.62
C MET N 45 16.78 49.59 -126.16
N TYR N 46 16.10 50.50 -125.44
CA TYR N 46 14.76 50.92 -125.82
C TYR N 46 14.74 52.37 -126.30
N LYS N 47 15.92 52.89 -126.70
CA LYS N 47 16.12 54.25 -127.22
C LYS N 47 15.53 55.37 -126.38
N LEU N 48 15.75 55.31 -125.05
CA LEU N 48 15.16 56.22 -124.09
C LEU N 48 15.94 57.51 -123.92
N ASN N 49 15.28 58.55 -123.39
CA ASN N 49 15.87 59.87 -123.22
C ASN N 49 16.07 60.21 -121.76
N ASN N 50 15.86 59.23 -120.86
CA ASN N 50 16.04 59.43 -119.44
C ASN N 50 16.46 58.11 -118.79
N VAL N 51 17.34 58.20 -117.77
CA VAL N 51 17.80 57.07 -116.99
C VAL N 51 17.24 57.09 -115.58
N ASN N 52 16.52 58.14 -115.16
CA ASN N 52 15.93 58.18 -113.82
C ASN N 52 14.48 57.75 -113.81
N THR N 53 13.96 57.31 -114.98
CA THR N 53 12.65 56.66 -115.12
C THR N 53 12.80 55.15 -115.08
N ILE N 54 14.05 54.68 -114.91
CA ILE N 54 14.39 53.27 -114.79
C ILE N 54 14.79 53.06 -113.35
N VAL N 55 14.22 52.05 -112.67
CA VAL N 55 14.47 51.78 -111.28
C VAL N 55 15.03 50.38 -111.19
N LEU N 56 16.07 50.19 -110.37
CA LEU N 56 16.80 48.95 -110.31
C LEU N 56 16.97 48.53 -108.88
N PHE N 57 16.87 47.22 -108.59
CA PHE N 57 17.03 46.74 -107.23
C PHE N 57 17.32 45.24 -107.19
N GLY N 58 17.78 44.75 -106.02
CA GLY N 58 18.03 43.33 -105.78
C GLY N 58 19.10 42.70 -106.62
N PHE N 59 20.10 43.47 -107.08
CA PHE N 59 21.07 42.94 -108.02
C PHE N 59 22.18 42.20 -107.30
N LYS N 60 22.16 40.85 -107.38
CA LYS N 60 23.14 39.98 -106.78
C LYS N 60 23.96 39.18 -107.79
N THR N 61 25.30 39.17 -107.62
CA THR N 61 26.25 38.42 -108.45
C THR N 61 26.07 36.92 -108.41
N LEU N 62 25.77 36.36 -107.23
CA LEU N 62 25.70 34.91 -107.00
C LEU N 62 27.09 34.28 -106.95
N PHE N 63 27.19 33.07 -106.36
CA PHE N 63 28.47 32.42 -106.10
C PHE N 63 29.34 32.22 -107.35
N GLY N 64 30.60 32.69 -107.29
CA GLY N 64 31.53 32.68 -108.41
C GLY N 64 31.34 33.76 -109.45
N GLY N 65 30.35 34.66 -109.29
CA GLY N 65 30.08 35.81 -110.16
C GLY N 65 30.01 35.58 -111.66
N GLY N 66 30.37 36.62 -112.46
CA GLY N 66 30.36 36.60 -113.92
C GLY N 66 28.99 36.75 -114.52
N ARG N 67 28.02 36.93 -113.62
CA ARG N 67 26.61 36.99 -113.80
C ARG N 67 26.15 37.90 -112.69
N THR N 68 25.16 38.77 -112.92
CA THR N 68 24.44 39.46 -111.86
C THR N 68 22.97 39.41 -112.19
N LYS N 69 22.13 38.86 -111.29
CA LYS N 69 20.70 38.88 -111.48
C LYS N 69 20.07 39.94 -110.59
N GLY N 70 19.19 40.79 -111.16
CA GLY N 70 18.36 41.74 -110.45
C GLY N 70 17.00 41.89 -111.04
N PHE N 71 16.32 42.99 -110.69
CA PHE N 71 14.99 43.31 -111.14
C PHE N 71 14.94 44.77 -111.55
N GLY N 72 14.26 45.05 -112.68
CA GLY N 72 14.14 46.40 -113.19
C GLY N 72 12.71 46.78 -113.45
N LEU N 73 12.42 48.07 -113.36
CA LEU N 73 11.11 48.66 -113.59
C LEU N 73 11.33 49.92 -114.39
N ILE N 74 10.53 50.14 -115.44
CA ILE N 74 10.65 51.32 -116.28
C ILE N 74 9.28 51.90 -116.42
N TYR N 75 9.09 53.13 -115.92
CA TYR N 75 7.79 53.76 -115.87
C TYR N 75 7.51 54.59 -117.11
N LYS N 76 6.21 54.75 -117.44
CA LYS N 76 5.70 55.44 -118.61
C LYS N 76 6.13 56.91 -118.71
N ASN N 77 6.10 57.64 -117.57
CA ASN N 77 6.51 59.03 -117.50
C ASN N 77 6.92 59.35 -116.07
N VAL N 78 7.43 60.57 -115.84
CA VAL N 78 7.81 61.03 -114.51
C VAL N 78 6.64 61.08 -113.54
N ASP N 79 5.43 61.39 -114.04
CA ASP N 79 4.21 61.38 -113.27
C ASP N 79 3.92 60.00 -112.68
N ALA N 80 4.07 58.93 -113.48
CA ALA N 80 4.03 57.55 -113.05
C ALA N 80 5.04 57.18 -111.97
N VAL N 81 6.29 57.70 -112.09
CA VAL N 81 7.33 57.50 -111.08
C VAL N 81 6.93 58.11 -109.74
N LYS N 82 6.38 59.34 -109.75
CA LYS N 82 5.81 59.96 -108.57
C LYS N 82 4.61 59.20 -108.00
N LYS N 83 3.66 58.83 -108.85
CA LYS N 83 2.42 58.16 -108.54
C LYS N 83 2.60 56.79 -107.88
N PHE N 84 3.37 55.89 -108.49
CA PHE N 84 3.35 54.48 -108.16
C PHE N 84 4.73 53.92 -107.84
N GLU N 85 5.57 54.69 -107.12
CA GLU N 85 6.84 54.19 -106.62
C GLU N 85 7.01 54.54 -105.14
N LYS N 86 7.80 53.73 -104.42
CA LYS N 86 7.98 53.78 -102.98
C LYS N 86 9.01 54.83 -102.58
N LYS N 87 8.77 55.52 -101.44
CA LYS N 87 9.57 56.67 -101.10
C LYS N 87 11.04 56.38 -100.84
N TYR N 88 11.38 55.28 -100.15
CA TYR N 88 12.76 54.88 -100.00
C TYR N 88 13.48 54.62 -101.32
N ARG N 89 12.79 53.99 -102.29
CA ARG N 89 13.29 53.72 -103.60
C ARG N 89 13.47 54.98 -104.44
N LEU N 90 12.54 55.94 -104.33
CA LEU N 90 12.73 57.28 -104.86
C LEU N 90 13.93 58.01 -104.26
N VAL N 91 14.12 57.96 -102.93
CA VAL N 91 15.33 58.43 -102.25
C VAL N 91 16.61 57.78 -102.76
N ARG N 92 16.63 56.43 -102.88
CA ARG N 92 17.74 55.64 -103.38
C ARG N 92 18.15 56.04 -104.80
N GLU N 93 17.17 56.25 -105.68
CA GLU N 93 17.32 56.89 -106.98
C GLU N 93 17.88 58.32 -106.89
N GLY N 94 17.21 59.16 -106.07
CA GLY N 94 17.61 60.51 -105.77
C GLY N 94 16.41 61.35 -105.43
N LEU N 95 16.22 61.60 -104.13
CA LEU N 95 15.19 62.47 -103.60
C LEU N 95 15.60 62.81 -102.17
N ILE N 96 15.02 63.87 -101.56
CA ILE N 96 15.35 64.32 -100.21
C ILE N 96 15.12 63.31 -99.07
N ASP N 97 16.00 63.34 -98.04
CA ASP N 97 15.93 62.48 -96.86
C ASP N 97 14.65 62.64 -96.01
N LYS N 98 14.22 61.54 -95.33
CA LYS N 98 12.92 61.41 -94.67
C LYS N 98 12.59 62.46 -93.60
N GLU N 99 11.31 62.92 -93.54
CA GLU N 99 10.81 63.88 -92.56
C GLU N 99 10.45 63.24 -91.21
N THR N 100 10.37 64.08 -90.15
CA THR N 100 9.85 63.74 -88.81
C THR N 100 10.52 62.56 -88.15
N LYS N 101 11.84 62.67 -87.96
CA LYS N 101 12.67 61.60 -87.44
C LYS N 101 12.79 61.68 -85.93
N ALA N 102 12.08 60.78 -85.20
CA ALA N 102 12.06 60.85 -83.75
C ALA N 102 11.59 59.58 -83.04
N GLY N 103 11.26 58.48 -83.75
CA GLY N 103 10.62 57.30 -83.15
C GLY N 103 9.39 57.59 -82.29
N ARG N 104 9.34 57.03 -81.06
CA ARG N 104 8.13 57.06 -80.26
C ARG N 104 8.03 58.25 -79.32
N ARG N 105 9.02 59.15 -79.36
CA ARG N 105 8.98 60.40 -78.62
C ARG N 105 7.91 61.35 -79.16
N ALA N 106 7.64 61.28 -80.48
CA ALA N 106 6.45 61.83 -81.12
C ALA N 106 5.13 61.45 -80.43
N SER N 107 4.91 60.13 -80.20
CA SER N 107 3.76 59.58 -79.49
C SER N 107 3.63 60.13 -78.08
N LYS N 108 4.76 60.20 -77.37
CA LYS N 108 4.86 60.66 -76.00
C LYS N 108 4.41 62.10 -75.89
N GLU N 109 4.92 63.00 -76.75
CA GLU N 109 4.43 64.36 -76.80
C GLU N 109 2.96 64.47 -77.22
N LEU N 110 2.50 63.62 -78.17
CA LEU N 110 1.14 63.59 -78.68
C LEU N 110 0.05 63.26 -77.65
N LYS N 111 0.27 62.23 -76.82
CA LYS N 111 -0.79 61.67 -76.00
C LYS N 111 -1.15 62.51 -74.79
N ASN N 112 -0.27 63.45 -74.37
CA ASN N 112 -0.49 64.35 -73.24
C ASN N 112 -1.72 65.26 -73.27
N ARG N 113 -2.18 65.74 -74.44
CA ARG N 113 -3.19 66.79 -74.54
C ARG N 113 -4.56 66.49 -73.91
N ARG N 114 -5.16 67.47 -73.21
CA ARG N 114 -6.56 67.46 -72.81
C ARG N 114 -7.28 68.64 -73.47
N LYS N 115 -8.35 68.37 -74.26
CA LYS N 115 -9.29 69.29 -74.90
C LYS N 115 -8.90 70.77 -75.06
N LYS N 116 -8.04 71.06 -76.05
CA LYS N 116 -7.45 72.35 -76.37
C LYS N 116 -6.83 73.14 -75.21
N VAL N 117 -6.15 72.48 -74.25
CA VAL N 117 -5.41 73.19 -73.21
C VAL N 117 -4.29 74.03 -73.82
N ARG N 118 -3.60 73.45 -74.81
CA ARG N 118 -2.60 74.06 -75.63
C ARG N 118 -2.54 73.17 -76.85
N GLY N 119 -2.02 73.66 -77.99
CA GLY N 119 -1.81 72.80 -79.16
C GLY N 119 -0.58 71.93 -78.99
N THR N 120 0.48 72.52 -78.42
CA THR N 120 1.74 71.87 -78.09
C THR N 120 1.76 71.34 -76.64
N LYS O 1 68.53 -55.74 10.10
CA LYS O 1 67.70 -55.36 11.29
C LYS O 1 68.38 -55.67 12.62
N LEU O 2 68.34 -56.95 13.09
CA LEU O 2 69.08 -57.38 14.28
C LEU O 2 69.94 -58.60 13.95
N ASN O 3 70.01 -58.97 12.66
CA ASN O 3 70.55 -60.22 12.16
C ASN O 3 72.08 -60.20 11.96
N HIS O 4 72.84 -59.84 13.00
CA HIS O 4 74.26 -59.53 12.86
C HIS O 4 74.96 -59.46 14.21
N ALA O 5 75.83 -60.45 14.48
CA ALA O 5 76.56 -60.58 15.73
C ALA O 5 77.78 -61.47 15.51
N VAL O 6 78.69 -61.57 16.50
CA VAL O 6 79.92 -62.36 16.36
C VAL O 6 79.86 -63.68 17.09
N PHE O 7 79.09 -63.78 18.20
CA PHE O 7 79.16 -64.92 19.12
C PHE O 7 77.82 -65.60 19.37
N ILE O 8 77.83 -66.94 19.55
CA ILE O 8 76.66 -67.74 19.95
C ILE O 8 76.71 -67.96 21.49
N VAL O 24 69.94 -78.73 6.42
CA VAL O 24 70.26 -78.63 4.93
C VAL O 24 71.32 -77.57 4.64
N ILE O 25 72.34 -77.90 3.80
CA ILE O 25 73.49 -77.03 3.56
C ILE O 25 73.16 -75.98 2.50
N THR O 26 73.29 -74.67 2.84
CA THR O 26 72.98 -73.52 1.98
C THR O 26 73.02 -72.25 2.84
N PRO O 27 73.61 -71.12 2.43
CA PRO O 27 74.01 -70.06 3.35
C PRO O 27 72.83 -69.26 3.83
N SER O 28 71.86 -68.98 2.96
CA SER O 28 70.67 -68.22 3.30
C SER O 28 69.85 -68.85 4.40
N ALA O 29 69.68 -70.19 4.36
CA ALA O 29 69.04 -70.94 5.42
C ALA O 29 69.74 -70.81 6.76
N ILE O 30 71.09 -70.93 6.77
CA ILE O 30 71.92 -70.71 7.95
C ILE O 30 71.76 -69.29 8.49
N ALA O 31 71.75 -68.29 7.59
CA ALA O 31 71.56 -66.91 7.94
C ALA O 31 70.19 -66.62 8.56
N GLU O 32 69.12 -67.23 8.05
CA GLU O 32 67.82 -67.29 8.71
C GLU O 32 67.81 -67.98 10.07
N LYS O 33 68.34 -69.21 10.15
CA LYS O 33 68.25 -70.09 11.31
C LYS O 33 68.89 -69.53 12.58
N TYR O 34 70.09 -68.94 12.46
CA TYR O 34 70.81 -68.37 13.58
C TYR O 34 70.66 -66.86 13.60
N LYS O 35 69.95 -66.28 12.61
CA LYS O 35 69.72 -64.84 12.47
C LYS O 35 71.01 -64.03 12.28
N VAL O 36 71.79 -64.32 11.23
CA VAL O 36 73.12 -63.79 11.00
C VAL O 36 73.29 -63.35 9.54
N ASN O 37 74.44 -62.72 9.21
CA ASN O 37 74.79 -62.33 7.85
C ASN O 37 75.24 -63.51 6.99
N LEU O 38 75.28 -63.34 5.66
CA LEU O 38 75.70 -64.40 4.74
C LEU O 38 77.19 -64.67 4.82
N SER O 39 77.99 -63.67 5.20
CA SER O 39 79.39 -63.80 5.53
C SER O 39 79.60 -64.68 6.74
N VAL O 40 78.78 -64.49 7.79
CA VAL O 40 78.80 -65.31 8.97
C VAL O 40 78.32 -66.72 8.67
N ALA O 41 77.30 -66.88 7.81
CA ALA O 41 76.85 -68.17 7.31
C ALA O 41 77.92 -68.98 6.58
N ARG O 42 78.65 -68.33 5.66
CA ARG O 42 79.77 -68.88 4.93
C ARG O 42 80.89 -69.36 5.83
N ALA O 43 81.25 -68.57 6.85
CA ALA O 43 82.19 -68.97 7.88
C ALA O 43 81.75 -70.23 8.63
N VAL O 44 80.46 -70.33 9.00
CA VAL O 44 79.85 -71.53 9.58
C VAL O 44 79.92 -72.72 8.61
N ILE O 45 79.63 -72.52 7.31
CA ILE O 45 79.82 -73.52 6.27
C ILE O 45 81.26 -74.01 6.21
N ASN O 46 82.23 -73.09 6.22
CA ASN O 46 83.64 -73.45 6.21
C ASN O 46 84.06 -74.28 7.44
N HIS O 47 83.63 -73.87 8.65
CA HIS O 47 83.78 -74.66 9.88
C HIS O 47 83.14 -76.04 9.82
N LEU O 48 81.93 -76.17 9.24
CA LEU O 48 81.24 -77.42 8.96
C LEU O 48 82.01 -78.34 8.03
N ALA O 49 82.55 -77.77 6.93
CA ALA O 49 83.33 -78.49 5.94
C ALA O 49 84.56 -79.18 6.52
N ASP O 50 85.29 -78.49 7.42
CA ASP O 50 86.35 -79.08 8.20
C ASP O 50 85.88 -80.30 9.07
N SER O 63 80.47 -65.65 -7.55
CA SER O 63 80.46 -67.17 -7.68
C SER O 63 79.25 -67.80 -7.03
N GLN O 64 79.25 -69.14 -6.91
CA GLN O 64 78.35 -69.89 -6.07
C GLN O 64 79.05 -71.23 -5.88
N LYS O 65 78.55 -72.09 -4.99
CA LYS O 65 79.23 -73.32 -4.61
C LYS O 65 78.24 -74.47 -4.65
N LEU O 66 78.72 -75.73 -4.58
CA LEU O 66 77.86 -76.90 -4.65
C LEU O 66 77.75 -77.55 -3.27
N TYR O 67 76.54 -77.58 -2.69
CA TYR O 67 76.31 -77.98 -1.31
C TYR O 67 75.83 -79.43 -1.22
N THR O 68 75.70 -80.08 -2.39
CA THR O 68 75.23 -81.45 -2.54
C THR O 68 76.43 -82.42 -2.56
N PRO P 1 15.70 -31.88 -55.93
CA PRO P 1 14.37 -31.96 -56.60
C PRO P 1 13.66 -33.13 -55.95
N LYS P 2 12.59 -33.67 -56.56
CA LYS P 2 12.01 -34.91 -56.09
C LYS P 2 12.99 -36.09 -56.16
N LYS P 3 13.34 -36.64 -54.99
CA LYS P 3 14.15 -37.82 -54.86
C LYS P 3 13.30 -39.07 -55.09
N ARG P 4 12.08 -39.08 -54.54
CA ARG P 4 11.22 -40.23 -54.50
C ARG P 4 9.91 -40.03 -55.25
N ARG P 5 9.68 -40.83 -56.30
CA ARG P 5 8.51 -40.82 -57.18
C ARG P 5 7.22 -40.95 -56.41
N ASN P 6 7.18 -41.87 -55.43
CA ASN P 6 6.01 -42.08 -54.59
C ASN P 6 6.15 -41.44 -53.21
N GLY P 7 7.25 -40.71 -52.94
CA GLY P 7 7.48 -40.08 -51.63
C GLY P 7 7.99 -41.00 -50.56
N GLY P 8 8.36 -42.25 -50.93
CA GLY P 8 8.86 -43.26 -50.01
C GLY P 8 7.76 -44.01 -49.30
N ARG P 9 6.65 -44.25 -50.01
CA ARG P 9 5.41 -44.71 -49.42
C ARG P 9 4.45 -45.16 -50.53
N SER P 10 3.11 -45.08 -50.35
CA SER P 10 2.17 -45.61 -51.34
C SER P 10 0.87 -44.84 -51.43
N LYS P 11 0.82 -43.58 -50.95
CA LYS P 11 -0.39 -42.79 -50.91
C LYS P 11 -0.87 -42.26 -52.28
N HIS P 12 -1.60 -43.11 -53.03
CA HIS P 12 -2.27 -42.75 -54.28
C HIS P 12 -3.75 -42.92 -54.06
N ASN P 13 -4.58 -42.00 -54.58
CA ASN P 13 -6.05 -42.00 -54.47
C ASN P 13 -6.55 -42.05 -53.04
N ARG P 14 -5.82 -41.41 -52.11
CA ARG P 14 -6.08 -41.43 -50.69
C ARG P 14 -5.61 -40.09 -50.16
N GLY P 15 -6.34 -39.46 -49.21
CA GLY P 15 -5.86 -38.23 -48.56
C GLY P 15 -5.04 -38.52 -47.33
N HIS P 16 -5.41 -39.57 -46.60
CA HIS P 16 -4.77 -39.98 -45.37
C HIS P 16 -4.73 -41.50 -45.29
N VAL P 17 -3.61 -42.02 -44.78
CA VAL P 17 -3.41 -43.42 -44.47
C VAL P 17 -3.10 -43.47 -42.99
N ASN P 18 -3.78 -44.35 -42.23
CA ASN P 18 -3.71 -44.34 -40.79
C ASN P 18 -2.30 -44.55 -40.21
N PRO P 19 -1.90 -43.85 -39.16
CA PRO P 19 -0.64 -44.08 -38.50
C PRO P 19 -0.64 -45.33 -37.65
N LEU P 20 0.45 -46.09 -37.71
CA LEU P 20 0.85 -47.05 -36.72
C LEU P 20 1.95 -46.42 -35.92
N ARG P 21 2.33 -47.02 -34.77
CA ARG P 21 3.45 -46.52 -34.01
C ARG P 21 4.58 -47.53 -34.04
N CYS P 22 5.81 -47.03 -34.26
CA CYS P 22 7.02 -47.79 -34.44
C CYS P 22 7.36 -48.71 -33.27
N SER P 23 7.89 -49.91 -33.55
CA SER P 23 8.20 -50.90 -32.54
C SER P 23 9.49 -50.58 -31.82
N ASN P 24 10.29 -49.67 -32.41
CA ASN P 24 11.62 -49.34 -31.96
C ASN P 24 11.63 -47.97 -31.31
N CYS P 25 11.60 -46.87 -32.10
CA CYS P 25 11.62 -45.53 -31.52
C CYS P 25 10.30 -45.08 -30.95
N GLY P 26 9.20 -45.76 -31.32
CA GLY P 26 7.86 -45.43 -30.85
C GLY P 26 7.15 -44.34 -31.60
N ARG P 27 7.74 -43.75 -32.65
CA ARG P 27 7.08 -42.70 -33.42
C ARG P 27 5.81 -43.11 -34.14
N CYS P 28 4.81 -42.22 -34.21
CA CYS P 28 3.71 -42.34 -35.16
C CYS P 28 4.19 -42.30 -36.60
N VAL P 29 3.71 -43.18 -37.48
CA VAL P 29 4.11 -43.16 -38.87
C VAL P 29 3.01 -43.78 -39.73
N PRO P 30 2.55 -43.19 -40.83
CA PRO P 30 1.59 -43.81 -41.73
C PRO P 30 1.94 -45.20 -42.20
N LYS P 31 0.98 -46.14 -42.19
CA LYS P 31 1.19 -47.55 -42.49
C LYS P 31 1.85 -47.83 -43.84
N ASP P 32 1.55 -47.04 -44.90
CA ASP P 32 2.22 -47.13 -46.18
C ASP P 32 3.69 -46.66 -46.15
N LYS P 33 3.95 -45.55 -45.46
CA LYS P 33 5.27 -45.00 -45.26
C LYS P 33 6.15 -45.87 -44.36
N ALA P 34 5.56 -46.49 -43.32
CA ALA P 34 6.20 -47.34 -42.34
C ALA P 34 6.96 -48.56 -42.87
N ILE P 35 8.10 -48.91 -42.25
CA ILE P 35 8.91 -50.03 -42.69
C ILE P 35 8.55 -51.24 -41.85
N LYS P 36 7.74 -52.13 -42.44
CA LYS P 36 7.09 -53.22 -41.74
C LYS P 36 7.78 -54.53 -42.02
N ARG P 37 8.20 -55.29 -41.00
CA ARG P 37 8.79 -56.61 -41.19
C ARG P 37 8.04 -57.65 -40.37
N PHE P 38 7.38 -58.60 -41.07
CA PHE P 38 6.48 -59.60 -40.52
C PHE P 38 7.13 -60.51 -39.49
N ASN P 39 8.37 -60.98 -39.76
CA ASN P 39 9.23 -61.61 -38.77
C ASN P 39 8.69 -62.90 -38.14
N ILE P 40 8.69 -63.99 -38.93
CA ILE P 40 8.47 -65.33 -38.38
C ILE P 40 9.83 -65.87 -37.94
N ARG P 41 9.96 -66.20 -36.65
CA ARG P 41 11.24 -66.47 -36.02
C ARG P 41 11.12 -67.66 -35.08
N ASN P 42 12.19 -68.42 -34.88
CA ASN P 42 12.17 -69.56 -33.98
C ASN P 42 12.74 -69.16 -32.62
N ILE P 43 12.21 -69.75 -31.53
CA ILE P 43 12.50 -69.33 -30.15
C ILE P 43 13.95 -69.53 -29.77
N VAL P 44 14.51 -70.70 -30.10
CA VAL P 44 15.89 -71.03 -29.81
C VAL P 44 16.47 -71.77 -30.99
N ASP P 45 17.81 -71.78 -31.10
CA ASP P 45 18.52 -72.53 -32.11
C ASP P 45 18.79 -73.95 -31.60
N THR P 46 19.85 -74.59 -32.10
CA THR P 46 19.84 -76.03 -32.34
C THR P 46 20.13 -76.84 -31.12
N SER P 47 21.19 -76.55 -30.35
CA SER P 47 21.51 -77.29 -29.14
C SER P 47 20.41 -77.15 -28.10
N ALA P 48 19.92 -75.92 -27.91
CA ALA P 48 18.79 -75.61 -27.09
C ALA P 48 17.51 -76.34 -27.48
N GLN P 49 17.16 -76.32 -28.78
CA GLN P 49 16.03 -77.03 -29.33
C GLN P 49 16.13 -78.54 -29.12
N ARG P 50 17.33 -79.10 -29.31
CA ARG P 50 17.62 -80.50 -29.02
C ARG P 50 17.41 -80.86 -27.54
N ASP P 51 17.96 -80.05 -26.62
CA ASP P 51 17.85 -80.30 -25.20
C ASP P 51 16.43 -80.20 -24.70
N ILE P 52 15.68 -79.16 -25.13
CA ILE P 52 14.31 -79.00 -24.70
C ILE P 52 13.43 -80.11 -25.24
N LYS P 53 13.63 -80.53 -26.51
CA LYS P 53 12.94 -81.67 -27.07
C LYS P 53 13.18 -82.98 -26.32
N GLU P 54 14.44 -83.29 -25.96
CA GLU P 54 14.79 -84.43 -25.13
C GLU P 54 14.18 -84.41 -23.72
N ALA P 55 14.21 -83.23 -23.06
CA ALA P 55 13.58 -82.99 -21.78
C ALA P 55 12.06 -83.14 -21.84
N SER P 56 11.47 -82.68 -22.93
CA SER P 56 10.06 -82.76 -23.22
C SER P 56 9.44 -84.14 -23.30
N VAL P 57 8.15 -84.20 -22.94
CA VAL P 57 7.24 -85.26 -23.33
C VAL P 57 6.96 -85.15 -24.84
N TYR P 58 6.34 -86.18 -25.45
CA TYR P 58 5.76 -86.13 -26.80
C TYR P 58 6.75 -86.31 -27.93
N SER P 59 6.59 -87.40 -28.70
CA SER P 59 7.29 -87.63 -29.97
C SER P 59 6.94 -86.57 -31.01
N THR P 60 5.65 -86.22 -31.07
CA THR P 60 4.99 -85.25 -31.93
C THR P 60 5.43 -83.80 -31.77
N PHE P 61 5.54 -83.30 -30.53
CA PHE P 61 5.68 -81.88 -30.23
C PHE P 61 6.92 -81.20 -30.83
N GLN P 62 6.76 -79.94 -31.23
CA GLN P 62 7.82 -79.11 -31.74
C GLN P 62 7.48 -77.70 -31.29
N LEU P 63 8.51 -76.87 -31.01
CA LEU P 63 8.34 -75.57 -30.41
C LEU P 63 7.46 -74.60 -31.19
N PRO P 64 6.62 -73.76 -30.55
CA PRO P 64 5.99 -72.60 -31.16
C PRO P 64 6.88 -71.69 -32.00
N LYS P 65 6.32 -71.08 -33.04
CA LYS P 65 7.00 -70.03 -33.77
C LYS P 65 6.67 -68.67 -33.17
N LEU P 66 7.52 -67.68 -33.44
CA LEU P 66 7.35 -66.33 -32.97
C LEU P 66 6.81 -65.49 -34.12
N TYR P 67 5.61 -64.91 -33.91
CA TYR P 67 4.94 -64.10 -34.90
C TYR P 67 4.88 -62.68 -34.38
N ILE P 68 5.73 -61.80 -34.94
CA ILE P 68 5.98 -60.50 -34.35
C ILE P 68 5.30 -59.35 -35.09
N LYS P 69 5.67 -59.09 -36.35
CA LYS P 69 5.43 -57.85 -37.07
C LYS P 69 6.09 -56.63 -36.45
N GLN P 70 7.36 -56.39 -36.81
CA GLN P 70 8.19 -55.36 -36.24
C GLN P 70 8.28 -54.17 -37.18
N CYS P 71 7.89 -52.99 -36.69
CA CYS P 71 7.84 -51.76 -37.45
C CYS P 71 9.01 -50.85 -37.12
N TYR P 72 9.76 -50.43 -38.14
CA TYR P 72 10.94 -49.61 -38.03
C TYR P 72 10.61 -48.28 -38.69
N CYS P 73 11.11 -47.16 -38.13
CA CYS P 73 11.11 -45.91 -38.86
C CYS P 73 12.37 -45.82 -39.69
N VAL P 74 12.47 -44.76 -40.50
CA VAL P 74 13.57 -44.56 -41.43
C VAL P 74 14.90 -44.43 -40.70
N SER P 75 14.94 -43.60 -39.64
CA SER P 75 16.09 -43.48 -38.74
C SER P 75 16.46 -44.79 -38.10
N CYS P 76 15.46 -45.54 -37.59
CA CYS P 76 15.68 -46.82 -36.94
C CYS P 76 16.31 -47.83 -37.87
N ALA P 77 15.78 -47.94 -39.10
CA ALA P 77 16.23 -48.92 -40.06
C ALA P 77 17.69 -48.72 -40.45
N ILE P 78 18.11 -47.46 -40.69
CA ILE P 78 19.50 -47.15 -40.88
C ILE P 78 20.34 -47.34 -39.62
N HIS P 79 19.80 -46.97 -38.43
CA HIS P 79 20.54 -47.03 -37.18
C HIS P 79 21.00 -48.41 -36.76
N SER P 80 20.08 -49.41 -36.79
CA SER P 80 20.37 -50.75 -36.33
C SER P 80 20.91 -51.64 -37.43
N ARG P 81 21.28 -51.03 -38.58
CA ARG P 81 21.78 -51.70 -39.77
C ARG P 81 20.75 -52.66 -40.37
N PHE P 82 19.45 -52.28 -40.37
CA PHE P 82 18.41 -53.09 -40.92
C PHE P 82 18.40 -53.03 -42.44
N VAL P 83 18.59 -51.82 -43.00
CA VAL P 83 18.56 -51.61 -44.43
C VAL P 83 19.76 -50.82 -44.90
N ARG P 84 20.09 -50.94 -46.20
CA ARG P 84 21.10 -50.14 -46.88
C ARG P 84 20.47 -48.87 -47.45
N VAL P 85 21.29 -47.99 -48.04
CA VAL P 85 20.78 -46.80 -48.73
C VAL P 85 20.69 -47.03 -50.23
N ARG P 86 20.92 -48.29 -50.68
CA ARG P 86 21.07 -48.66 -52.08
C ARG P 86 22.05 -47.76 -52.87
N SER P 87 21.67 -47.32 -54.08
CA SER P 87 22.45 -46.46 -54.95
C SER P 87 21.39 -45.76 -55.73
N ARG P 88 21.60 -44.54 -56.24
CA ARG P 88 20.52 -43.70 -56.70
C ARG P 88 19.52 -44.32 -57.70
N GLU P 89 20.01 -44.95 -58.77
CA GLU P 89 19.26 -45.80 -59.69
C GLU P 89 18.64 -47.03 -59.03
N GLN P 90 19.41 -47.65 -58.13
CA GLN P 90 19.09 -48.89 -57.47
C GLN P 90 17.98 -48.73 -56.44
N ARG P 91 17.73 -47.51 -55.92
CA ARG P 91 16.59 -47.17 -55.09
C ARG P 91 15.19 -47.46 -55.66
N ARG P 92 15.08 -48.04 -56.87
CA ARG P 92 13.83 -48.53 -57.41
C ARG P 92 13.85 -50.05 -57.51
N VAL P 93 14.99 -50.69 -57.24
CA VAL P 93 15.17 -52.12 -57.38
C VAL P 93 14.74 -52.81 -56.09
N ARG P 94 13.46 -53.20 -56.03
CA ARG P 94 12.86 -54.02 -54.99
C ARG P 94 13.45 -55.43 -54.94
N LYS P 95 13.45 -56.08 -53.76
CA LYS P 95 13.81 -57.49 -53.65
C LYS P 95 12.84 -58.42 -54.44
N ASN Q 1 -4.67 -49.44 -92.46
CA ASN Q 1 -5.78 -48.46 -92.80
C ASN Q 1 -7.17 -48.94 -92.38
N PRO Q 2 -8.18 -48.10 -92.05
CA PRO Q 2 -9.28 -48.57 -91.21
C PRO Q 2 -10.50 -48.93 -92.04
N ASP Q 3 -10.55 -48.58 -93.33
CA ASP Q 3 -11.74 -48.73 -94.14
C ASP Q 3 -12.29 -50.16 -94.28
N PRO Q 4 -11.55 -51.24 -94.53
CA PRO Q 4 -12.16 -52.54 -94.79
C PRO Q 4 -12.21 -53.36 -93.51
N VAL Q 5 -11.87 -52.78 -92.35
CA VAL Q 5 -11.76 -53.51 -91.09
C VAL Q 5 -13.07 -54.13 -90.63
N GLU Q 6 -12.97 -55.39 -90.18
CA GLU Q 6 -14.04 -56.25 -89.79
C GLU Q 6 -13.97 -56.57 -88.29
N GLU Q 7 -12.78 -56.44 -87.68
CA GLU Q 7 -12.55 -56.81 -86.30
C GLU Q 7 -12.69 -55.62 -85.35
N SER Q 8 -13.23 -54.51 -85.87
CA SER Q 8 -13.45 -53.28 -85.14
C SER Q 8 -14.61 -53.34 -84.16
N LYS Q 9 -15.52 -54.31 -84.37
CA LYS Q 9 -16.76 -54.44 -83.63
C LYS Q 9 -16.61 -54.86 -82.18
N LYS Q 10 -15.44 -55.40 -81.78
CA LYS Q 10 -15.17 -55.81 -80.42
C LYS Q 10 -15.18 -54.66 -79.41
N HIS Q 11 -14.63 -53.50 -79.82
CA HIS Q 11 -14.57 -52.27 -79.04
C HIS Q 11 -15.90 -51.71 -78.57
N LYS Q 12 -15.84 -50.80 -77.58
CA LYS Q 12 -16.92 -49.95 -77.09
C LYS Q 12 -17.96 -49.53 -78.14
N LEU Q 13 -19.25 -49.45 -77.72
CA LEU Q 13 -20.43 -49.09 -78.48
C LEU Q 13 -20.25 -48.10 -79.63
N LYS Q 14 -19.50 -47.01 -79.39
CA LYS Q 14 -19.09 -46.08 -80.41
C LYS Q 14 -17.79 -46.58 -81.06
N ARG Q 15 -17.88 -47.13 -82.29
CA ARG Q 15 -16.72 -47.59 -83.06
C ARG Q 15 -16.42 -46.62 -84.19
N LEU Q 16 -15.74 -47.09 -85.26
CA LEU Q 16 -15.47 -46.32 -86.47
C LEU Q 16 -16.75 -45.87 -87.14
N ILE Q 17 -17.71 -46.82 -87.23
CA ILE Q 17 -19.10 -46.54 -87.46
C ILE Q 17 -19.81 -47.09 -86.23
N PRO Q 18 -20.38 -46.28 -85.34
CA PRO Q 18 -21.27 -46.73 -84.26
C PRO Q 18 -22.40 -47.68 -84.64
N THR Q 19 -22.67 -48.69 -83.80
CA THR Q 19 -23.70 -49.70 -84.06
C THR Q 19 -24.34 -50.10 -82.75
N PRO Q 20 -25.60 -50.54 -82.70
CA PRO Q 20 -26.14 -51.18 -81.52
C PRO Q 20 -25.59 -52.58 -81.35
N ASN Q 21 -25.28 -52.99 -80.10
CA ASN Q 21 -24.99 -54.38 -79.80
C ASN Q 21 -26.28 -55.20 -79.75
N SER Q 22 -27.33 -54.59 -79.17
CA SER Q 22 -28.64 -55.18 -78.94
C SER Q 22 -29.41 -55.66 -80.17
N TYR Q 23 -30.24 -56.70 -79.99
CA TYR Q 23 -31.03 -57.28 -81.04
C TYR Q 23 -32.34 -57.82 -80.49
N PHE Q 24 -33.27 -58.13 -81.39
CA PHE Q 24 -34.53 -58.76 -81.07
C PHE Q 24 -34.47 -60.25 -81.39
N MET Q 25 -35.29 -61.06 -80.69
CA MET Q 25 -35.38 -62.49 -80.83
C MET Q 25 -36.85 -62.87 -80.91
N ASP Q 26 -37.19 -63.78 -81.83
CA ASP Q 26 -38.46 -64.49 -81.88
C ASP Q 26 -38.43 -65.67 -80.92
N VAL Q 27 -39.24 -65.67 -79.86
CA VAL Q 27 -39.18 -66.68 -78.81
C VAL Q 27 -40.48 -67.44 -78.70
N LYS Q 28 -40.39 -68.76 -78.46
CA LYS Q 28 -41.52 -69.63 -78.20
C LYS Q 28 -41.19 -70.52 -77.02
N CYS Q 29 -42.21 -70.81 -76.19
CA CYS Q 29 -42.07 -71.48 -74.91
C CYS Q 29 -42.92 -72.75 -74.87
N PRO Q 30 -42.44 -73.91 -74.39
CA PRO Q 30 -43.28 -75.08 -74.10
C PRO Q 30 -44.48 -74.78 -73.20
N GLY Q 31 -45.65 -75.38 -73.51
CA GLY Q 31 -46.89 -75.26 -72.73
C GLY Q 31 -47.68 -74.01 -73.03
N CYS Q 32 -46.99 -72.86 -73.16
CA CYS Q 32 -47.58 -71.60 -73.58
C CYS Q 32 -48.01 -71.63 -75.04
N LEU Q 33 -47.15 -72.22 -75.90
CA LEU Q 33 -47.39 -72.47 -77.32
C LEU Q 33 -47.75 -71.22 -78.12
N GLN Q 34 -46.88 -70.21 -78.00
CA GLN Q 34 -47.07 -68.91 -78.61
C GLN Q 34 -45.71 -68.39 -79.01
N ILE Q 35 -45.65 -67.60 -80.09
CA ILE Q 35 -44.42 -67.11 -80.67
C ILE Q 35 -44.38 -65.59 -80.53
N THR Q 36 -43.34 -65.03 -79.89
CA THR Q 36 -43.31 -63.62 -79.51
C THR Q 36 -41.95 -62.98 -79.64
N THR Q 37 -41.94 -61.78 -80.25
CA THR Q 37 -40.83 -60.82 -80.28
C THR Q 37 -40.37 -60.38 -78.91
N LEU Q 38 -39.04 -60.37 -78.65
CA LEU Q 38 -38.47 -60.08 -77.36
C LEU Q 38 -37.10 -59.46 -77.58
N PHE Q 39 -36.62 -58.65 -76.63
CA PHE Q 39 -35.51 -57.75 -76.79
C PHE Q 39 -34.33 -58.16 -75.93
N SER Q 40 -33.17 -58.46 -76.53
CA SER Q 40 -31.92 -58.56 -75.80
C SER Q 40 -31.56 -57.25 -75.11
N HIS Q 41 -31.50 -57.27 -73.76
CA HIS Q 41 -31.35 -56.14 -72.85
C HIS Q 41 -32.67 -55.50 -72.43
N ALA Q 42 -33.79 -56.25 -72.54
CA ALA Q 42 -35.05 -55.90 -71.90
C ALA Q 42 -34.98 -55.85 -70.36
N GLN Q 43 -35.79 -54.97 -69.76
CA GLN Q 43 -35.63 -54.57 -68.38
C GLN Q 43 -36.77 -54.99 -67.47
N ASN Q 44 -37.72 -55.81 -67.95
CA ASN Q 44 -38.81 -56.32 -67.14
C ASN Q 44 -39.15 -57.75 -67.46
N VAL Q 45 -39.83 -58.44 -66.52
CA VAL Q 45 -40.45 -59.74 -66.75
C VAL Q 45 -41.53 -59.65 -67.83
N VAL Q 46 -41.67 -60.70 -68.66
CA VAL Q 46 -42.59 -60.71 -69.80
C VAL Q 46 -43.47 -61.91 -69.64
N LEU Q 47 -44.80 -61.74 -69.74
CA LEU Q 47 -45.75 -62.82 -69.60
C LEU Q 47 -46.16 -63.35 -70.97
N CYS Q 48 -46.63 -64.61 -71.03
CA CYS Q 48 -47.25 -65.14 -72.23
C CYS Q 48 -48.54 -64.44 -72.62
N GLY Q 49 -48.80 -64.28 -73.95
CA GLY Q 49 -50.01 -63.64 -74.45
C GLY Q 49 -51.17 -64.60 -74.56
N SER Q 50 -50.87 -65.91 -74.68
CA SER Q 50 -51.86 -66.98 -74.70
C SER Q 50 -52.59 -67.16 -73.38
N CYS Q 51 -51.85 -67.10 -72.25
CA CYS Q 51 -52.39 -67.31 -70.92
C CYS Q 51 -51.82 -66.26 -69.97
N ASN Q 52 -51.23 -66.66 -68.81
CA ASN Q 52 -50.83 -65.70 -67.78
C ASN Q 52 -49.39 -65.87 -67.29
N ILE Q 53 -48.79 -67.08 -67.34
CA ILE Q 53 -47.46 -67.33 -66.80
C ILE Q 53 -46.29 -66.60 -67.48
N MET Q 54 -45.23 -66.32 -66.70
CA MET Q 54 -44.01 -65.68 -67.17
C MET Q 54 -43.22 -66.44 -68.23
N LEU Q 55 -42.56 -65.68 -69.12
CA LEU Q 55 -41.58 -66.19 -70.06
C LEU Q 55 -40.16 -65.84 -69.64
N CYS Q 56 -39.67 -64.65 -70.07
CA CYS Q 56 -38.33 -64.14 -69.84
C CYS Q 56 -38.02 -63.68 -68.42
N GLN Q 57 -36.78 -63.94 -67.97
CA GLN Q 57 -36.15 -63.30 -66.82
C GLN Q 57 -35.26 -62.15 -67.29
N PRO Q 58 -35.49 -60.88 -66.94
CA PRO Q 58 -34.57 -59.78 -67.26
C PRO Q 58 -33.30 -59.82 -66.44
N THR Q 59 -32.24 -59.14 -66.92
CA THR Q 59 -31.01 -58.94 -66.18
C THR Q 59 -30.26 -57.81 -66.84
N GLY Q 60 -29.11 -57.37 -66.28
CA GLY Q 60 -28.30 -56.31 -66.85
C GLY Q 60 -27.50 -56.70 -68.08
N GLY Q 61 -26.82 -57.86 -68.07
CA GLY Q 61 -26.09 -58.37 -69.22
C GLY Q 61 -27.00 -59.13 -70.14
N LYS Q 62 -27.39 -58.54 -71.28
CA LYS Q 62 -28.46 -59.04 -72.13
C LYS Q 62 -29.75 -59.33 -71.36
N CYS Q 63 -30.33 -60.54 -71.52
CA CYS Q 63 -31.44 -61.04 -70.75
C CYS Q 63 -31.13 -62.45 -70.32
N LYS Q 64 -31.82 -62.98 -69.29
CA LYS Q 64 -31.53 -64.30 -68.78
C LYS Q 64 -32.50 -65.33 -69.35
N LEU Q 65 -33.49 -64.86 -70.14
CA LEU Q 65 -34.40 -65.70 -70.90
C LEU Q 65 -35.15 -66.72 -70.05
N THR Q 66 -35.08 -68.00 -70.41
CA THR Q 66 -35.78 -69.07 -69.69
C THR Q 66 -34.89 -70.29 -69.79
N GLU Q 67 -34.99 -71.24 -68.81
CA GLU Q 67 -34.25 -72.49 -68.84
C GLU Q 67 -34.60 -73.40 -70.01
N GLY Q 68 -35.91 -73.48 -70.36
CA GLY Q 68 -36.41 -74.09 -71.59
C GLY Q 68 -36.49 -73.07 -72.71
N CYS Q 69 -37.50 -73.22 -73.60
CA CYS Q 69 -37.79 -72.31 -74.70
C CYS Q 69 -36.82 -72.34 -75.87
N SER Q 70 -37.26 -71.87 -77.05
CA SER Q 70 -36.38 -71.73 -78.20
C SER Q 70 -36.47 -70.32 -78.73
N PHE Q 71 -35.35 -69.73 -79.17
CA PHE Q 71 -35.31 -68.36 -79.63
C PHE Q 71 -34.56 -68.25 -80.94
N ARG Q 72 -35.27 -67.87 -82.02
CA ARG Q 72 -34.64 -67.45 -83.26
C ARG Q 72 -34.26 -65.98 -83.19
N LYS Q 73 -33.18 -65.53 -83.85
CA LYS Q 73 -32.84 -64.11 -83.85
C LYS Q 73 -33.59 -63.36 -84.93
N LYS Q 74 -34.16 -62.18 -84.61
CA LYS Q 74 -34.85 -61.35 -85.57
C LYS Q 74 -33.89 -60.78 -86.62
N ILE Q 75 -34.24 -60.94 -87.90
CA ILE Q 75 -33.53 -60.33 -89.00
C ILE Q 75 -34.52 -59.46 -89.75
N GLU Q 76 -34.04 -58.36 -90.35
CA GLU Q 76 -34.89 -57.53 -91.16
C GLU Q 76 -35.10 -58.09 -92.60
N GLU R 1 37.30 -77.20 -7.37
CA GLU R 1 35.86 -77.27 -7.77
C GLU R 1 35.63 -78.01 -9.09
N LYS R 2 34.38 -78.02 -9.62
CA LYS R 2 34.02 -78.70 -10.85
C LYS R 2 34.72 -78.18 -12.11
N SER R 3 35.08 -79.09 -13.04
CA SER R 3 35.64 -78.74 -14.34
C SER R 3 35.54 -79.95 -15.24
N LYS R 4 35.69 -79.76 -16.57
CA LYS R 4 35.63 -80.87 -17.50
C LYS R 4 36.58 -80.65 -18.67
N LEU R 5 37.37 -81.68 -19.05
CA LEU R 5 38.11 -81.64 -20.30
C LEU R 5 37.18 -81.84 -21.50
N ALA R 6 37.10 -80.84 -22.40
CA ALA R 6 36.22 -80.88 -23.55
C ALA R 6 37.03 -80.71 -24.83
N LYS R 7 36.76 -81.53 -25.85
CA LYS R 7 37.65 -81.69 -26.99
C LYS R 7 37.22 -80.79 -28.13
N VAL R 8 38.12 -79.96 -28.68
CA VAL R 8 37.76 -78.97 -29.67
C VAL R 8 37.38 -79.64 -30.98
N GLU R 9 36.17 -79.28 -31.44
CA GLU R 9 35.45 -79.89 -32.52
C GLU R 9 35.58 -79.04 -33.76
N LYS R 10 35.29 -77.73 -33.63
CA LYS R 10 35.44 -76.80 -34.72
C LYS R 10 35.89 -75.46 -34.16
N VAL R 11 36.82 -74.79 -34.85
CA VAL R 11 37.20 -73.42 -34.57
C VAL R 11 36.38 -72.56 -35.50
N LEU R 12 35.52 -71.71 -34.92
CA LEU R 12 34.48 -71.04 -35.66
C LEU R 12 34.94 -69.72 -36.22
N GLY R 13 35.61 -68.86 -35.43
CA GLY R 13 35.98 -67.55 -35.94
C GLY R 13 36.62 -66.69 -34.91
N ARG R 14 37.34 -65.64 -35.33
CA ARG R 14 38.00 -64.74 -34.40
C ARG R 14 37.04 -63.64 -33.99
N THR R 15 36.91 -63.46 -32.68
CA THR R 15 35.92 -62.62 -32.05
C THR R 15 36.60 -61.58 -31.15
N GLY R 16 35.80 -60.83 -30.37
CA GLY R 16 36.26 -59.59 -29.73
C GLY R 16 36.33 -58.45 -30.73
N SER R 17 36.13 -57.20 -30.27
CA SER R 17 36.13 -56.02 -31.13
C SER R 17 37.49 -55.75 -31.77
N ARG R 18 38.57 -56.07 -31.03
CA ARG R 18 39.94 -55.98 -31.48
C ARG R 18 40.49 -57.34 -31.95
N GLY R 19 39.63 -58.37 -32.06
CA GLY R 19 39.96 -59.64 -32.72
C GLY R 19 40.78 -60.64 -31.93
N GLY R 20 41.06 -60.37 -30.64
CA GLY R 20 41.97 -61.19 -29.85
C GLY R 20 41.38 -62.46 -29.29
N VAL R 21 40.06 -62.57 -29.33
CA VAL R 21 39.31 -63.73 -28.85
C VAL R 21 39.05 -64.67 -30.02
N ILE R 22 38.88 -65.99 -29.79
CA ILE R 22 38.45 -66.88 -30.85
C ILE R 22 37.28 -67.70 -30.34
N GLN R 23 36.18 -67.73 -31.11
CA GLN R 23 35.03 -68.60 -30.91
C GLN R 23 35.29 -70.05 -31.28
N VAL R 24 34.99 -71.00 -30.38
CA VAL R 24 35.39 -72.39 -30.54
C VAL R 24 34.26 -73.30 -30.05
N ARG R 25 33.97 -74.34 -30.85
CA ARG R 25 32.99 -75.37 -30.56
C ARG R 25 33.69 -76.59 -29.99
N ALA R 26 33.20 -77.08 -28.85
CA ALA R 26 33.81 -78.09 -28.02
C ALA R 26 32.86 -79.26 -27.79
N GLN R 27 33.40 -80.48 -27.89
CA GLN R 27 32.68 -81.73 -27.87
C GLN R 27 32.96 -82.50 -26.59
N PHE R 28 31.86 -82.88 -25.90
CA PHE R 28 31.80 -83.68 -24.69
C PHE R 28 32.77 -84.91 -24.62
N GLY R 36 28.37 -86.79 -28.14
CA GLY R 36 27.66 -86.56 -26.82
C GLY R 36 26.92 -85.25 -26.73
N ARG R 37 27.66 -84.14 -26.60
CA ARG R 37 27.10 -82.80 -26.56
C ARG R 37 28.10 -81.84 -27.17
N PHE R 38 27.63 -80.86 -27.97
CA PHE R 38 28.45 -79.76 -28.40
C PHE R 38 28.16 -78.51 -27.58
N LEU R 39 29.24 -77.82 -27.19
CA LEU R 39 29.22 -76.55 -26.48
C LEU R 39 30.00 -75.56 -27.32
N ILE R 40 29.70 -74.25 -27.21
CA ILE R 40 30.47 -73.23 -27.87
C ILE R 40 30.96 -72.31 -26.80
N ARG R 41 32.26 -72.01 -26.80
CA ARG R 41 32.88 -71.16 -25.82
C ARG R 41 33.88 -70.27 -26.54
N ASN R 42 34.41 -69.26 -25.84
CA ASN R 42 35.32 -68.30 -26.40
C ASN R 42 36.67 -68.47 -25.75
N VAL R 43 37.77 -68.47 -26.53
CA VAL R 43 39.09 -68.85 -26.09
C VAL R 43 40.09 -67.74 -26.39
N LYS R 44 40.98 -67.44 -25.43
CA LYS R 44 42.12 -66.56 -25.59
C LYS R 44 43.40 -67.34 -25.91
N GLY R 45 44.23 -66.82 -26.85
CA GLY R 45 45.50 -67.41 -27.27
C GLY R 45 45.42 -68.57 -28.25
N PRO R 46 46.56 -69.05 -28.74
CA PRO R 46 46.67 -70.02 -29.84
C PRO R 46 45.96 -71.35 -29.64
N VAL R 47 45.02 -71.72 -30.52
CA VAL R 47 44.23 -72.92 -30.37
C VAL R 47 43.80 -73.42 -31.73
N ARG R 48 43.69 -74.75 -31.91
CA ARG R 48 43.23 -75.34 -33.15
C ARG R 48 42.41 -76.60 -32.89
N GLU R 49 41.78 -77.15 -33.93
CA GLU R 49 40.90 -78.29 -33.80
C GLU R 49 41.61 -79.57 -33.35
N GLY R 50 41.04 -80.24 -32.34
CA GLY R 50 41.67 -81.35 -31.65
C GLY R 50 42.39 -80.96 -30.37
N ASP R 51 42.44 -79.67 -30.02
CA ASP R 51 42.85 -79.22 -28.70
C ASP R 51 41.78 -79.53 -27.64
N ILE R 52 42.09 -79.29 -26.35
CA ILE R 52 41.19 -79.61 -25.25
C ILE R 52 41.02 -78.38 -24.38
N LEU R 53 39.77 -77.94 -24.17
CA LEU R 53 39.46 -76.80 -23.35
C LEU R 53 39.27 -77.19 -21.90
N ALA R 54 39.66 -76.28 -20.99
CA ALA R 54 39.61 -76.46 -19.55
C ALA R 54 38.21 -76.60 -18.97
N LEU R 55 37.25 -75.78 -19.47
CA LEU R 55 35.84 -75.81 -19.15
C LEU R 55 35.49 -75.85 -17.65
N LEU R 56 35.93 -74.81 -16.90
CA LEU R 56 35.55 -74.59 -15.52
C LEU R 56 34.05 -74.36 -15.38
N GLU R 57 33.51 -73.49 -16.24
CA GLU R 57 32.09 -73.26 -16.36
C GLU R 57 31.56 -74.14 -17.46
N THR R 58 30.68 -75.09 -17.11
CA THR R 58 30.25 -76.19 -17.96
C THR R 58 28.83 -76.00 -18.47
N GLU R 59 28.29 -74.76 -18.42
CA GLU R 59 26.90 -74.50 -18.75
C GLU R 59 26.69 -73.72 -20.03
N ARG R 60 26.79 -72.37 -20.01
CA ARG R 60 26.23 -71.59 -21.10
C ARG R 60 27.09 -71.51 -22.35
N GLU R 61 26.48 -71.94 -23.46
CA GLU R 61 26.92 -71.82 -24.80
C GLU R 61 27.04 -70.36 -25.26
N ALA R 62 28.21 -69.97 -25.79
CA ALA R 62 28.42 -68.68 -26.41
C ALA R 62 27.58 -68.48 -27.68
N ARG R 63 27.02 -67.27 -27.90
CA ARG R 63 26.21 -67.02 -29.07
C ARG R 63 26.99 -67.07 -30.38
N ARG R 64 26.48 -67.84 -31.37
CA ARG R 64 27.03 -67.94 -32.70
C ARG R 64 27.02 -66.61 -33.47
N LEU R 65 28.13 -66.28 -34.16
CA LEU R 65 28.28 -65.04 -34.90
C LEU R 65 27.62 -65.10 -36.31
N GLY S 1 45.40 12.43 -37.52
CA GLY S 1 44.04 11.90 -37.94
C GLY S 1 43.74 11.99 -39.41
N SER S 2 42.62 11.39 -39.86
CA SER S 2 42.25 11.33 -41.28
C SER S 2 42.02 12.67 -41.94
N LEU S 3 41.65 13.70 -41.16
CA LEU S 3 41.49 15.07 -41.62
C LEU S 3 42.80 15.68 -42.08
N ALA S 4 43.88 15.40 -41.34
CA ALA S 4 45.24 15.75 -41.67
C ALA S 4 45.76 15.01 -42.90
N ARG S 5 45.40 13.72 -43.03
CA ARG S 5 45.99 12.78 -43.95
C ARG S 5 45.65 13.07 -45.40
N ALA S 6 44.38 13.43 -45.68
CA ALA S 6 43.85 13.93 -46.94
C ALA S 6 44.76 14.74 -47.88
N GLY S 7 44.67 14.48 -49.19
CA GLY S 7 45.36 15.22 -50.24
C GLY S 7 46.82 14.92 -50.49
N LYS S 8 47.38 13.87 -49.87
CA LYS S 8 48.80 13.55 -49.91
C LYS S 8 49.48 13.45 -51.29
N VAL S 9 49.05 12.50 -52.14
CA VAL S 9 49.91 11.99 -53.20
C VAL S 9 50.25 12.97 -54.31
N LYS S 10 49.28 13.75 -54.83
CA LYS S 10 49.53 14.75 -55.86
C LYS S 10 50.54 15.80 -55.42
N ASN S 11 50.36 16.33 -54.19
CA ASN S 11 51.35 17.18 -53.54
C ASN S 11 52.70 16.51 -53.32
N GLN S 12 52.69 15.24 -52.87
CA GLN S 12 53.85 14.43 -52.60
C GLN S 12 54.79 14.17 -53.78
N THR S 13 54.23 13.81 -54.95
CA THR S 13 55.01 13.44 -56.14
C THR S 13 55.96 14.53 -56.66
N PRO S 14 57.11 14.19 -57.25
CA PRO S 14 57.98 15.21 -57.80
C PRO S 14 57.59 15.45 -59.25
N LYS S 15 56.86 16.55 -59.51
CA LYS S 15 56.40 16.90 -60.83
C LYS S 15 57.50 17.20 -61.84
N VAL S 16 57.27 16.84 -63.10
CA VAL S 16 58.21 17.06 -64.19
C VAL S 16 57.49 17.90 -65.26
N PRO S 17 58.05 18.99 -65.77
CA PRO S 17 57.57 19.68 -66.97
C PRO S 17 57.27 18.84 -68.20
N LYS S 18 56.45 19.36 -69.13
CA LYS S 18 56.00 18.62 -70.29
C LYS S 18 56.83 18.90 -71.54
N LEU S 19 57.81 19.84 -71.43
CA LEU S 19 58.81 20.18 -72.43
C LEU S 19 58.36 20.41 -73.89
N ASP S 20 59.27 20.22 -74.87
CA ASP S 20 59.08 20.53 -76.27
C ASP S 20 58.15 19.55 -76.98
N LYS S 21 57.05 20.06 -77.58
CA LYS S 21 56.08 19.26 -78.32
C LYS S 21 55.93 19.80 -79.74
N LYS S 22 56.05 18.94 -80.77
CA LYS S 22 55.74 19.30 -82.14
C LYS S 22 54.24 19.11 -82.41
N LYS S 23 53.61 20.04 -83.14
CA LYS S 23 52.20 19.98 -83.50
C LYS S 23 51.80 18.76 -84.33
N ARG S 24 50.61 18.19 -84.05
CA ARG S 24 50.08 17.04 -84.74
C ARG S 24 49.28 17.43 -85.97
N LEU S 25 49.13 16.48 -86.93
CA LEU S 25 48.15 16.56 -88.01
C LEU S 25 46.71 16.53 -87.51
N THR S 26 45.79 17.19 -88.22
CA THR S 26 44.36 17.11 -87.95
C THR S 26 43.64 16.32 -89.02
N GLY S 27 42.44 15.81 -88.71
CA GLY S 27 41.44 15.56 -89.75
C GLY S 27 41.77 14.46 -90.74
N ARG S 28 41.38 14.70 -92.01
CA ARG S 28 41.66 13.87 -93.16
C ARG S 28 43.13 13.49 -93.32
N ALA S 29 44.05 14.45 -93.11
CA ALA S 29 45.48 14.25 -93.16
C ALA S 29 45.95 13.29 -92.09
N LYS S 30 45.49 13.51 -90.85
CA LYS S 30 45.81 12.66 -89.73
C LYS S 30 45.28 11.25 -89.90
N LYS S 31 44.02 11.11 -90.31
CA LYS S 31 43.41 9.83 -90.62
C LYS S 31 44.08 9.10 -91.76
N ARG S 32 44.39 9.78 -92.88
CA ARG S 32 45.12 9.19 -93.98
C ARG S 32 46.51 8.70 -93.59
N GLN S 33 47.26 9.50 -92.84
CA GLN S 33 48.58 9.17 -92.36
C GLN S 33 48.54 7.98 -91.42
N LEU S 34 47.60 7.95 -90.47
CA LEU S 34 47.31 6.80 -89.63
C LEU S 34 46.97 5.56 -90.42
N TYR S 35 46.06 5.66 -91.42
CA TYR S 35 45.74 4.57 -92.32
C TYR S 35 46.98 4.01 -93.01
N ASN S 36 47.83 4.90 -93.53
CA ASN S 36 49.06 4.46 -94.17
C ASN S 36 50.03 3.80 -93.20
N ARG S 37 50.14 4.31 -91.96
CA ARG S 37 51.05 3.77 -90.96
C ARG S 37 50.69 2.36 -90.48
N ARG S 38 49.39 2.12 -90.32
CA ARG S 38 48.84 0.84 -89.97
C ARG S 38 48.81 -0.19 -91.08
N PHE S 39 48.37 0.19 -92.28
CA PHE S 39 47.77 -0.74 -93.22
C PHE S 39 48.55 -0.94 -94.51
N SER S 40 49.59 -0.14 -94.81
CA SER S 40 50.23 -0.21 -96.13
C SER S 40 51.28 -1.32 -96.18
N ASP S 41 52.53 -1.06 -95.76
CA ASP S 41 53.53 -2.09 -95.56
C ASP S 41 53.13 -3.02 -94.40
N ASN S 42 52.50 -2.45 -93.36
CA ASN S 42 52.26 -3.14 -92.11
C ASN S 42 50.91 -3.85 -92.07
N GLY S 43 50.18 -3.90 -93.21
CA GLY S 43 48.93 -4.63 -93.33
C GLY S 43 49.08 -5.96 -94.10
N PHE T 1 6.60 -70.21 3.56
CA PHE T 1 5.79 -71.45 3.27
C PHE T 1 5.19 -72.10 4.51
N THR T 2 4.08 -72.84 4.33
CA THR T 2 3.50 -73.72 5.32
C THR T 2 2.75 -74.75 4.51
N LYS T 3 2.44 -75.90 5.12
CA LYS T 3 2.02 -77.10 4.44
C LYS T 3 0.77 -77.02 3.57
N LYS T 4 0.80 -77.83 2.49
CA LYS T 4 -0.25 -77.92 1.50
C LYS T 4 -0.32 -79.39 1.09
N GLU T 5 -1.37 -79.81 0.37
CA GLU T 5 -1.66 -81.23 0.22
C GLU T 5 -2.36 -81.49 -1.10
N TRP T 6 -1.82 -82.47 -1.86
CA TRP T 6 -2.31 -82.83 -3.17
C TRP T 6 -3.75 -83.38 -3.17
N TYR T 7 -4.52 -83.05 -4.21
CA TYR T 7 -5.91 -83.40 -4.39
C TYR T 7 -6.15 -83.62 -5.88
N ASP T 8 -6.85 -84.70 -6.24
CA ASP T 8 -6.91 -85.16 -7.61
C ASP T 8 -7.92 -84.40 -8.46
N LEU T 9 -7.50 -84.12 -9.70
CA LEU T 9 -8.24 -83.43 -10.71
C LEU T 9 -8.91 -84.40 -11.68
N LYS T 10 -10.23 -84.61 -11.55
CA LYS T 10 -10.99 -85.49 -12.40
C LYS T 10 -11.52 -84.76 -13.63
N ALA T 11 -11.78 -85.48 -14.73
CA ALA T 11 -12.39 -84.93 -15.92
C ALA T 11 -13.71 -85.67 -16.23
N PRO T 12 -14.74 -85.00 -16.76
CA PRO T 12 -16.00 -85.61 -17.16
C PRO T 12 -15.94 -86.84 -18.08
N LYS T 13 -17.08 -87.56 -18.17
CA LYS T 13 -17.25 -88.82 -18.87
C LYS T 13 -16.86 -88.78 -20.35
N MET T 14 -16.96 -87.60 -20.97
CA MET T 14 -16.66 -87.33 -22.35
C MET T 14 -15.16 -87.32 -22.67
N PHE T 15 -14.30 -87.26 -21.64
CA PHE T 15 -12.87 -87.12 -21.80
C PHE T 15 -12.17 -88.39 -21.32
N LEU T 16 -11.35 -89.02 -22.18
CA LEU T 16 -11.01 -90.43 -22.03
C LEU T 16 -10.23 -90.83 -20.78
N VAL T 17 -9.19 -90.06 -20.39
CA VAL T 17 -8.44 -90.36 -19.19
C VAL T 17 -9.22 -90.23 -17.88
N ARG T 18 -10.09 -89.20 -17.78
CA ARG T 18 -10.87 -88.83 -16.61
C ARG T 18 -10.09 -88.38 -15.38
N ASN T 19 -8.75 -88.31 -15.47
CA ASN T 19 -7.88 -87.93 -14.38
C ASN T 19 -6.75 -87.12 -14.99
N PHE T 20 -6.81 -85.77 -14.91
CA PHE T 20 -5.81 -84.97 -15.59
C PHE T 20 -4.75 -84.38 -14.65
N GLY T 21 -4.77 -84.76 -13.36
CA GLY T 21 -3.62 -84.56 -12.49
C GLY T 21 -3.96 -84.48 -11.03
N LYS T 22 -3.06 -83.85 -10.26
CA LYS T 22 -3.18 -83.52 -8.86
C LYS T 22 -2.88 -82.05 -8.66
N THR T 23 -3.57 -81.39 -7.72
CA THR T 23 -3.31 -80.01 -7.35
C THR T 23 -3.09 -79.95 -5.85
N LEU T 24 -2.06 -79.22 -5.39
CA LEU T 24 -1.90 -79.02 -3.95
C LEU T 24 -2.72 -77.83 -3.48
N VAL T 25 -3.22 -77.92 -2.24
CA VAL T 25 -4.08 -76.93 -1.64
C VAL T 25 -3.70 -76.89 -0.18
N THR T 26 -3.53 -75.68 0.35
CA THR T 26 -3.08 -75.34 1.69
C THR T 26 -3.89 -75.99 2.80
N LYS T 27 -3.21 -76.59 3.80
CA LYS T 27 -3.82 -77.25 4.93
C LYS T 27 -4.84 -76.40 5.70
N THR T 28 -5.90 -77.06 6.23
CA THR T 28 -7.05 -76.42 6.87
C THR T 28 -6.74 -75.61 8.11
N ILE T 29 -7.55 -74.55 8.32
CA ILE T 29 -7.58 -73.73 9.51
C ILE T 29 -9.05 -73.56 9.89
N GLY T 30 -9.35 -73.01 11.08
CA GLY T 30 -10.73 -72.68 11.47
C GLY T 30 -11.42 -71.70 10.54
N LYS T 31 -12.71 -71.94 10.24
CA LYS T 31 -13.60 -71.07 9.48
C LYS T 31 -13.25 -70.86 7.99
N LYS T 32 -12.00 -71.08 7.56
CA LYS T 32 -11.57 -71.11 6.18
C LYS T 32 -11.01 -72.48 5.92
N LEU T 33 -11.69 -73.27 5.09
CA LEU T 33 -11.69 -74.71 5.22
C LEU T 33 -11.07 -75.39 4.02
N ALA T 34 -10.42 -74.61 3.13
CA ALA T 34 -9.67 -75.03 1.96
C ALA T 34 -10.50 -75.61 0.81
N THR T 35 -11.69 -76.14 1.12
CA THR T 35 -12.78 -76.49 0.22
C THR T 35 -13.16 -75.31 -0.63
N ASP T 36 -13.38 -74.17 0.04
CA ASP T 36 -13.55 -72.86 -0.53
C ASP T 36 -12.46 -72.45 -1.53
N SER T 37 -11.17 -72.61 -1.16
CA SER T 37 -10.03 -72.41 -2.05
C SER T 37 -9.98 -73.34 -3.25
N LEU T 38 -10.21 -74.65 -3.06
CA LEU T 38 -10.33 -75.59 -4.16
C LEU T 38 -11.48 -75.26 -5.13
N LYS T 39 -12.69 -74.98 -4.61
CA LYS T 39 -13.83 -74.56 -5.40
C LYS T 39 -13.65 -73.25 -6.16
N GLY T 40 -14.23 -73.16 -7.37
CA GLY T 40 -14.34 -71.94 -8.16
C GLY T 40 -13.15 -71.64 -9.02
N ARG T 41 -11.94 -72.11 -8.66
CA ARG T 41 -10.75 -71.93 -9.47
C ARG T 41 -10.79 -72.63 -10.83
N ILE T 42 -9.85 -72.27 -11.73
CA ILE T 42 -9.94 -72.54 -13.16
C ILE T 42 -8.66 -73.18 -13.65
N TYR T 43 -8.72 -74.14 -14.57
CA TYR T 43 -7.59 -74.91 -15.07
C TYR T 43 -7.56 -74.85 -16.59
N GLU T 44 -6.38 -74.56 -17.16
CA GLU T 44 -6.19 -74.52 -18.60
C GLU T 44 -5.74 -75.91 -19.05
N VAL T 45 -6.65 -76.63 -19.71
CA VAL T 45 -6.54 -78.02 -20.08
C VAL T 45 -6.32 -78.18 -21.57
N ASN T 46 -5.30 -78.95 -22.01
CA ASN T 46 -4.87 -78.92 -23.39
C ASN T 46 -5.52 -79.97 -24.29
N LEU T 47 -6.49 -80.76 -23.77
CA LEU T 47 -7.43 -81.58 -24.52
C LEU T 47 -6.85 -82.87 -25.06
N ALA T 48 -5.77 -82.75 -25.85
CA ALA T 48 -4.98 -83.82 -26.38
C ALA T 48 -4.45 -84.71 -25.28
N ASP T 49 -3.86 -84.11 -24.23
CA ASP T 49 -3.44 -84.81 -23.04
C ASP T 49 -4.53 -85.46 -22.18
N LEU T 50 -5.81 -85.42 -22.60
CA LEU T 50 -6.89 -86.12 -21.92
C LEU T 50 -7.43 -87.24 -22.78
N ASN T 51 -7.48 -87.02 -24.10
CA ASN T 51 -8.01 -87.98 -25.04
C ASN T 51 -6.92 -88.86 -25.66
N ASN T 52 -5.70 -88.31 -25.79
CA ASN T 52 -4.48 -88.98 -26.22
C ASN T 52 -4.32 -89.04 -27.73
N ASP T 53 -4.85 -88.02 -28.42
CA ASP T 53 -4.58 -87.77 -29.83
C ASP T 53 -3.94 -86.39 -29.91
N GLU T 54 -2.73 -86.33 -30.50
CA GLU T 54 -1.90 -85.15 -30.56
C GLU T 54 -2.38 -84.13 -31.56
N ASP T 55 -3.30 -84.52 -32.46
CA ASP T 55 -3.93 -83.61 -33.39
C ASP T 55 -4.72 -82.50 -32.68
N GLN T 56 -5.34 -82.80 -31.52
CA GLN T 56 -6.25 -81.90 -30.83
C GLN T 56 -5.54 -80.94 -29.89
N ALA T 57 -4.19 -80.92 -29.91
CA ALA T 57 -3.38 -80.11 -29.02
C ALA T 57 -3.43 -78.63 -29.38
N HIS T 58 -3.98 -78.31 -30.57
CA HIS T 58 -4.21 -76.95 -31.01
C HIS T 58 -5.34 -76.26 -30.27
N LYS T 59 -6.20 -77.00 -29.57
CA LYS T 59 -7.20 -76.42 -28.70
C LYS T 59 -6.74 -76.47 -27.26
N LYS T 60 -7.23 -75.54 -26.42
CA LYS T 60 -7.30 -75.76 -25.00
C LYS T 60 -8.72 -75.45 -24.53
N ILE T 61 -9.18 -76.18 -23.52
CA ILE T 61 -10.44 -75.97 -22.85
C ILE T 61 -10.17 -75.50 -21.45
N LYS T 62 -11.04 -74.67 -20.89
CA LYS T 62 -10.96 -74.20 -19.53
C LYS T 62 -11.96 -74.99 -18.71
N LEU T 63 -11.50 -75.46 -17.53
CA LEU T 63 -12.26 -76.30 -16.64
C LEU T 63 -12.33 -75.59 -15.30
N SER T 64 -13.52 -75.51 -14.71
CA SER T 64 -13.75 -74.88 -13.42
C SER T 64 -14.01 -75.93 -12.35
N CYS T 65 -13.70 -75.59 -11.09
CA CYS T 65 -13.94 -76.49 -9.97
C CYS T 65 -15.30 -76.23 -9.36
N ASP T 66 -16.20 -77.25 -9.41
CA ASP T 66 -17.59 -77.04 -9.06
C ASP T 66 -18.12 -78.04 -8.05
N HIS T 67 -17.51 -79.24 -7.92
CA HIS T 67 -17.87 -80.14 -6.83
C HIS T 67 -16.69 -80.92 -6.34
N ILE T 68 -16.53 -80.95 -5.01
CA ILE T 68 -15.44 -81.60 -4.32
C ILE T 68 -16.05 -82.57 -3.32
N ILE T 69 -15.44 -83.75 -3.15
CA ILE T 69 -15.62 -84.58 -1.98
C ILE T 69 -14.23 -84.99 -1.55
N ASN T 70 -13.95 -84.97 -0.23
CA ASN T 70 -12.71 -85.46 0.34
C ASN T 70 -11.44 -84.94 -0.34
N ARG T 71 -10.76 -85.79 -1.11
CA ARG T 71 -9.55 -85.46 -1.82
C ARG T 71 -9.77 -85.36 -3.33
N ASP T 72 -11.03 -85.27 -3.79
CA ASP T 72 -11.36 -85.37 -5.20
C ASP T 72 -12.21 -84.19 -5.65
N CYS T 73 -11.83 -83.52 -6.77
CA CYS T 73 -12.65 -82.52 -7.43
C CYS T 73 -13.08 -83.00 -8.80
N TYR T 74 -14.39 -82.97 -9.07
CA TYR T 74 -14.96 -83.48 -10.31
C TYR T 74 -14.74 -82.58 -11.52
N THR T 75 -14.95 -81.26 -11.37
CA THR T 75 -14.76 -80.23 -12.41
C THR T 75 -15.80 -80.19 -13.53
N ASP T 76 -16.09 -78.96 -14.02
CA ASP T 76 -16.98 -78.74 -15.14
C ASP T 76 -16.34 -77.85 -16.20
N PHE T 77 -16.83 -77.95 -17.45
CA PHE T 77 -16.51 -77.10 -18.58
C PHE T 77 -16.89 -75.62 -18.36
N CYS T 78 -15.99 -74.70 -18.74
CA CYS T 78 -16.26 -73.26 -18.67
C CYS T 78 -15.90 -72.54 -19.98
N GLY T 79 -14.92 -72.99 -20.77
CA GLY T 79 -14.71 -72.37 -22.08
C GLY T 79 -13.68 -73.03 -22.93
N LEU T 80 -13.41 -72.48 -24.12
CA LEU T 80 -12.62 -73.11 -25.16
C LEU T 80 -11.86 -72.07 -25.94
N SER T 81 -10.53 -72.16 -26.06
CA SER T 81 -9.82 -71.35 -27.05
C SER T 81 -8.92 -72.21 -27.89
N ILE T 82 -8.70 -71.82 -29.16
CA ILE T 82 -7.52 -72.20 -29.93
C ILE T 82 -6.22 -71.71 -29.29
N THR T 83 -5.10 -72.47 -29.40
CA THR T 83 -3.76 -71.95 -29.10
C THR T 83 -3.32 -70.87 -30.09
N ARG T 84 -2.75 -69.78 -29.55
CA ARG T 84 -2.25 -68.65 -30.29
C ARG T 84 -1.28 -68.97 -31.43
N ASP T 85 -0.35 -69.92 -31.22
CA ASP T 85 0.61 -70.33 -32.24
C ASP T 85 -0.06 -70.88 -33.49
N LYS T 86 -1.02 -71.80 -33.29
CA LYS T 86 -1.84 -72.33 -34.36
C LYS T 86 -2.63 -71.25 -35.06
N LEU T 87 -3.28 -70.35 -34.31
CA LEU T 87 -4.09 -69.29 -34.87
C LEU T 87 -3.31 -68.35 -35.78
N CYS T 88 -2.14 -67.89 -35.32
CA CYS T 88 -1.22 -67.09 -36.11
C CYS T 88 -0.77 -67.78 -37.39
N SER T 89 -0.47 -69.08 -37.29
CA SER T 89 -0.07 -69.92 -38.40
C SER T 89 -1.14 -70.05 -39.47
N LEU T 90 -2.39 -70.31 -39.05
CA LEU T 90 -3.57 -70.37 -39.89
C LEU T 90 -3.80 -69.12 -40.70
N ILE T 91 -3.66 -67.93 -40.09
CA ILE T 91 -3.68 -66.66 -40.79
C ILE T 91 -2.59 -66.58 -41.86
N ARG T 92 -3.01 -66.50 -43.15
CA ARG T 92 -2.12 -66.41 -44.29
C ARG T 92 -2.58 -65.29 -45.21
N LYS T 93 -1.64 -64.41 -45.61
CA LYS T 93 -1.89 -63.27 -46.47
C LYS T 93 -2.32 -63.61 -47.89
N GLY T 94 -3.13 -62.74 -48.51
CA GLY T 94 -3.64 -62.95 -49.87
C GLY T 94 -5.00 -63.62 -49.91
N TYR T 95 -5.53 -63.97 -48.73
CA TYR T 95 -6.78 -64.68 -48.56
C TYR T 95 -7.66 -63.90 -47.61
N THR T 96 -8.96 -64.22 -47.56
CA THR T 96 -9.95 -63.36 -46.92
C THR T 96 -10.34 -63.89 -45.56
N LEU T 97 -10.01 -63.17 -44.48
CA LEU T 97 -10.44 -63.45 -43.13
C LEU T 97 -11.84 -62.96 -42.83
N ILE T 98 -12.75 -63.89 -42.48
CA ILE T 98 -14.08 -63.60 -42.00
C ILE T 98 -14.16 -64.12 -40.57
N GLU T 99 -14.65 -63.31 -39.61
CA GLU T 99 -14.98 -63.83 -38.28
C GLU T 99 -16.38 -63.41 -37.87
N GLY T 100 -17.23 -64.41 -37.62
CA GLY T 100 -18.59 -64.29 -37.11
C GLY T 100 -18.67 -64.42 -35.61
N HIS T 101 -19.78 -63.96 -35.04
CA HIS T 101 -20.06 -64.17 -33.65
C HIS T 101 -21.55 -64.01 -33.40
N THR T 102 -22.05 -64.62 -32.32
CA THR T 102 -23.37 -64.34 -31.79
C THR T 102 -23.42 -64.78 -30.33
N ASP T 103 -24.41 -64.28 -29.59
CA ASP T 103 -24.65 -64.59 -28.21
C ASP T 103 -25.91 -65.46 -28.22
N VAL T 104 -25.89 -66.57 -27.48
CA VAL T 104 -26.77 -67.68 -27.74
C VAL T 104 -27.08 -68.41 -26.45
N LYS T 105 -28.20 -69.17 -26.41
CA LYS T 105 -28.50 -70.05 -25.31
C LYS T 105 -28.67 -71.48 -25.78
N THR T 106 -28.22 -72.40 -24.94
CA THR T 106 -28.12 -73.84 -25.13
C THR T 106 -29.35 -74.47 -24.56
N LEU T 107 -29.96 -75.49 -25.21
CA LEU T 107 -31.12 -76.26 -24.79
C LEU T 107 -31.44 -76.35 -23.29
N ASP T 108 -30.41 -76.63 -22.46
CA ASP T 108 -30.46 -76.83 -21.03
C ASP T 108 -30.25 -75.53 -20.24
N ASN T 109 -30.33 -74.38 -20.92
CA ASN T 109 -30.27 -73.02 -20.41
C ASN T 109 -28.88 -72.59 -20.00
N TYR T 110 -27.86 -72.96 -20.80
CA TYR T 110 -26.51 -72.44 -20.60
C TYR T 110 -26.33 -71.35 -21.65
N HIS T 111 -25.89 -70.15 -21.22
CA HIS T 111 -25.78 -69.01 -22.10
C HIS T 111 -24.35 -68.78 -22.52
N LEU T 112 -24.07 -68.74 -23.84
CA LEU T 112 -22.73 -68.64 -24.38
C LEU T 112 -22.53 -67.51 -25.36
N ARG T 113 -21.26 -67.19 -25.66
CA ARG T 113 -20.84 -66.33 -26.75
C ARG T 113 -19.84 -67.16 -27.55
N MET T 114 -20.02 -67.22 -28.88
CA MET T 114 -19.27 -68.13 -29.71
C MET T 114 -18.65 -67.39 -30.88
N PHE T 115 -17.34 -67.61 -31.12
CA PHE T 115 -16.53 -66.83 -32.03
C PHE T 115 -15.98 -67.69 -33.17
N CYS T 116 -16.43 -67.51 -34.42
CA CYS T 116 -16.07 -68.42 -35.50
C CYS T 116 -15.30 -67.73 -36.60
N ILE T 117 -14.06 -68.17 -36.85
CA ILE T 117 -13.19 -67.66 -37.89
C ILE T 117 -13.32 -68.48 -39.17
N ALA T 118 -12.97 -67.89 -40.32
CA ALA T 118 -12.94 -68.58 -41.59
C ALA T 118 -12.04 -67.86 -42.58
N PHE T 119 -11.26 -68.63 -43.35
CA PHE T 119 -10.39 -68.13 -44.41
C PHE T 119 -10.92 -68.56 -45.75
N THR T 120 -10.74 -67.76 -46.82
CA THR T 120 -11.01 -68.23 -48.19
C THR T 120 -10.07 -69.32 -48.68
N LYS T 121 -10.60 -70.28 -49.49
CA LYS T 121 -9.81 -71.34 -50.06
C LYS T 121 -8.78 -70.90 -51.10
N LYS T 122 -7.62 -71.57 -51.15
CA LYS T 122 -6.63 -71.38 -52.20
C LYS T 122 -7.13 -71.74 -53.59
N ARG T 123 -7.75 -72.94 -53.73
CA ARG T 123 -8.23 -73.54 -54.98
C ARG T 123 -7.28 -73.54 -56.19
N GLN T 124 -7.72 -74.13 -57.33
CA GLN T 124 -6.88 -74.31 -58.49
C GLN T 124 -7.14 -73.25 -59.55
N ASN T 125 -8.20 -72.44 -59.33
CA ASN T 125 -8.66 -71.46 -60.28
C ASN T 125 -8.31 -70.04 -59.86
N GLN T 126 -7.55 -69.83 -58.76
CA GLN T 126 -7.24 -68.47 -58.33
C GLN T 126 -6.22 -67.76 -59.23
N THR T 127 -5.42 -68.55 -59.98
CA THR T 127 -4.31 -68.09 -60.81
C THR T 127 -3.35 -67.16 -60.07
N LYS T 128 -3.32 -65.88 -60.45
CA LYS T 128 -2.66 -64.79 -59.76
C LYS T 128 -2.91 -64.68 -58.25
N SER T 129 -2.01 -63.93 -57.57
CA SER T 129 -1.89 -63.91 -56.12
C SER T 129 -3.11 -63.47 -55.34
N THR T 130 -3.81 -62.39 -55.76
CA THR T 130 -5.00 -61.91 -55.05
C THR T 130 -6.18 -62.88 -55.12
N CYS T 131 -6.58 -63.42 -53.96
CA CYS T 131 -7.67 -64.38 -53.85
C CYS T 131 -8.74 -63.83 -52.89
N TYR T 132 -8.70 -62.52 -52.65
CA TYR T 132 -9.70 -61.84 -51.85
C TYR T 132 -11.11 -61.92 -52.43
N ALA T 133 -12.11 -62.20 -51.59
CA ALA T 133 -13.51 -62.20 -51.96
C ALA T 133 -14.11 -60.80 -51.95
N GLN T 134 -15.32 -60.66 -52.51
CA GLN T 134 -16.05 -59.40 -52.48
C GLN T 134 -16.79 -59.21 -51.17
N THR T 135 -16.94 -57.96 -50.71
CA THR T 135 -17.43 -57.63 -49.38
C THR T 135 -18.86 -58.07 -49.16
N SER T 136 -19.73 -57.89 -50.17
CA SER T 136 -21.10 -58.38 -50.16
C SER T 136 -21.16 -59.89 -49.90
N GLN T 137 -20.28 -60.65 -50.58
CA GLN T 137 -20.13 -62.07 -50.34
C GLN T 137 -19.71 -62.38 -48.92
N ILE T 138 -18.67 -61.72 -48.38
CA ILE T 138 -18.26 -62.00 -47.01
C ILE T 138 -19.30 -61.63 -45.98
N LYS T 139 -20.09 -60.56 -46.19
CA LYS T 139 -21.26 -60.30 -45.37
C LYS T 139 -22.28 -61.42 -45.41
N LYS T 140 -22.60 -61.92 -46.61
CA LYS T 140 -23.52 -63.03 -46.76
C LYS T 140 -23.03 -64.29 -46.08
N ILE T 141 -21.73 -64.60 -46.24
CA ILE T 141 -21.06 -65.70 -45.57
C ILE T 141 -21.10 -65.52 -44.07
N ARG T 142 -20.78 -64.33 -43.56
CA ARG T 142 -20.81 -63.99 -42.16
C ARG T 142 -22.19 -64.21 -41.53
N LYS T 143 -23.25 -63.67 -42.16
CA LYS T 143 -24.62 -63.95 -41.76
C LYS T 143 -24.97 -65.43 -41.78
N LYS T 144 -24.58 -66.15 -42.84
CA LYS T 144 -24.82 -67.57 -42.97
C LYS T 144 -24.09 -68.40 -41.92
N MET T 145 -22.81 -68.07 -41.67
CA MET T 145 -21.96 -68.70 -40.67
C MET T 145 -22.56 -68.59 -39.28
N VAL T 146 -23.01 -67.39 -38.89
CA VAL T 146 -23.73 -67.18 -37.66
C VAL T 146 -25.02 -67.99 -37.57
N ASP T 147 -25.82 -68.01 -38.66
CA ASP T 147 -27.07 -68.75 -38.69
C ASP T 147 -26.89 -70.24 -38.44
N ILE T 148 -25.92 -70.89 -39.11
CA ILE T 148 -25.58 -72.29 -38.89
C ILE T 148 -25.11 -72.54 -37.48
N MET T 149 -24.26 -71.64 -36.96
CA MET T 149 -23.68 -71.76 -35.64
C MET T 149 -24.71 -71.65 -34.55
N THR T 150 -25.63 -70.66 -34.64
CA THR T 150 -26.71 -70.52 -33.69
C THR T 150 -27.69 -71.68 -33.72
N ALA T 151 -28.00 -72.21 -34.92
CA ALA T 151 -28.78 -73.43 -35.04
C ALA T 151 -28.13 -74.64 -34.38
N GLU T 152 -26.83 -74.86 -34.60
CA GLU T 152 -26.04 -75.94 -34.01
C GLU T 152 -25.89 -75.84 -32.49
N ALA T 153 -25.54 -74.67 -31.96
CA ALA T 153 -25.53 -74.45 -30.53
C ALA T 153 -26.87 -74.70 -29.81
N SER T 154 -27.97 -74.14 -30.33
CA SER T 154 -29.28 -74.17 -29.65
C SER T 154 -29.89 -75.55 -29.43
N LYS T 155 -29.94 -76.38 -30.50
CA LYS T 155 -30.44 -77.74 -30.52
C LYS T 155 -30.18 -78.63 -29.31
N VAL T 156 -28.90 -78.90 -29.02
CA VAL T 156 -28.45 -79.90 -28.07
C VAL T 156 -28.11 -79.35 -26.69
N LEU T 157 -28.00 -80.26 -25.69
CA LEU T 157 -27.36 -80.07 -24.39
C LEU T 157 -25.90 -79.60 -24.44
N LEU T 158 -25.31 -79.27 -23.27
CA LEU T 158 -23.95 -78.78 -23.18
C LEU T 158 -22.91 -79.82 -23.55
N LYS T 159 -23.07 -81.07 -23.06
CA LYS T 159 -22.09 -82.11 -23.32
C LYS T 159 -21.94 -82.44 -24.80
N ASP T 160 -23.07 -82.56 -25.52
CA ASP T 160 -23.14 -82.76 -26.94
C ASP T 160 -22.58 -81.59 -27.75
N LEU T 161 -22.79 -80.34 -27.32
CA LEU T 161 -22.17 -79.18 -27.94
C LEU T 161 -20.64 -79.20 -27.86
N VAL T 162 -20.11 -79.55 -26.67
CA VAL T 162 -18.70 -79.77 -26.42
C VAL T 162 -18.18 -80.90 -27.30
N LYS T 163 -18.95 -81.99 -27.45
CA LYS T 163 -18.65 -83.09 -28.32
C LYS T 163 -18.62 -82.68 -29.79
N LYS T 164 -19.56 -81.84 -30.26
CA LYS T 164 -19.54 -81.23 -31.58
C LYS T 164 -18.30 -80.38 -31.83
N PHE T 165 -17.87 -79.57 -30.84
CA PHE T 165 -16.64 -78.79 -30.94
C PHE T 165 -15.38 -79.60 -31.27
N ILE T 166 -15.15 -80.73 -30.59
CA ILE T 166 -13.93 -81.54 -30.71
C ILE T 166 -13.51 -81.92 -32.12
N PRO T 167 -14.31 -82.45 -33.04
CA PRO T 167 -13.85 -82.74 -34.39
C PRO T 167 -14.21 -81.59 -35.29
N GLU T 168 -14.77 -80.50 -34.73
CA GLU T 168 -15.21 -79.31 -35.42
C GLU T 168 -16.32 -79.58 -36.45
N SER T 169 -17.40 -80.25 -36.01
CA SER T 169 -18.52 -80.62 -36.88
C SER T 169 -19.25 -79.41 -37.41
N ILE T 170 -19.43 -78.39 -36.55
CA ILE T 170 -20.02 -77.11 -36.88
C ILE T 170 -19.27 -76.44 -38.03
N GLY T 171 -17.92 -76.35 -37.94
CA GLY T 171 -17.07 -75.91 -39.03
C GLY T 171 -17.24 -76.62 -40.34
N LYS T 172 -17.41 -77.95 -40.34
CA LYS T 172 -17.70 -78.71 -41.55
C LYS T 172 -19.05 -78.33 -42.16
N GLU T 173 -20.09 -78.20 -41.32
CA GLU T 173 -21.42 -77.80 -41.78
C GLU T 173 -21.44 -76.39 -42.36
N ILE T 174 -20.74 -75.44 -41.70
CA ILE T 174 -20.53 -74.08 -42.17
C ILE T 174 -19.86 -74.08 -43.53
N GLU T 175 -18.79 -74.89 -43.69
CA GLU T 175 -18.00 -74.99 -44.90
C GLU T 175 -18.87 -75.47 -46.06
N LYS T 176 -19.66 -76.54 -45.85
CA LYS T 176 -20.50 -77.12 -46.88
C LYS T 176 -21.51 -76.12 -47.46
N GLN T 177 -22.22 -75.37 -46.61
CA GLN T 177 -23.10 -74.32 -47.10
C GLN T 177 -22.39 -73.13 -47.72
N CYS T 178 -21.29 -72.64 -47.13
CA CYS T 178 -20.68 -71.39 -47.55
C CYS T 178 -19.78 -71.52 -48.75
N LYS T 179 -19.31 -72.76 -49.06
CA LYS T 179 -18.61 -73.10 -50.30
C LYS T 179 -19.36 -72.68 -51.55
N LYS T 180 -20.71 -72.75 -51.50
CA LYS T 180 -21.59 -72.33 -52.56
C LYS T 180 -21.49 -70.84 -52.84
N ILE T 181 -21.44 -70.00 -51.79
CA ILE T 181 -21.21 -68.57 -51.91
C ILE T 181 -19.79 -68.28 -52.41
N TYR T 182 -18.78 -68.88 -51.76
CA TYR T 182 -17.43 -68.90 -52.26
C TYR T 182 -16.66 -69.98 -51.50
N PRO T 183 -15.70 -70.68 -52.09
CA PRO T 183 -14.82 -71.60 -51.39
C PRO T 183 -14.10 -71.07 -50.15
N LEU T 184 -14.19 -71.79 -49.03
CA LEU T 184 -13.47 -71.43 -47.82
C LEU T 184 -12.51 -72.54 -47.44
N GLN T 185 -11.72 -72.31 -46.39
CA GLN T 185 -10.62 -73.14 -45.99
C GLN T 185 -10.82 -73.49 -44.54
N ASN T 186 -9.83 -73.33 -43.65
CA ASN T 186 -10.03 -73.57 -42.23
C ASN T 186 -11.08 -72.65 -41.60
N VAL T 187 -12.30 -73.17 -41.42
CA VAL T 187 -13.35 -72.53 -40.67
C VAL T 187 -13.42 -73.20 -39.30
N LEU T 188 -12.92 -72.49 -38.28
CA LEU T 188 -12.87 -72.98 -36.91
C LEU T 188 -13.68 -72.11 -35.99
N ILE T 189 -14.00 -72.60 -34.79
CA ILE T 189 -14.47 -71.75 -33.72
C ILE T 189 -13.24 -71.44 -32.88
N ARG T 190 -12.79 -70.18 -32.97
CA ARG T 190 -11.61 -69.62 -32.33
C ARG T 190 -11.72 -69.62 -30.82
N LYS T 191 -12.85 -69.11 -30.31
CA LYS T 191 -13.07 -69.01 -28.89
C LYS T 191 -14.52 -69.32 -28.56
N VAL T 192 -14.78 -69.82 -27.35
CA VAL T 192 -16.09 -70.01 -26.80
C VAL T 192 -16.05 -69.47 -25.38
N LYS T 193 -17.05 -68.67 -24.98
CA LYS T 193 -17.16 -68.09 -23.67
C LYS T 193 -18.52 -68.43 -23.12
N ILE T 194 -18.63 -68.69 -21.81
CA ILE T 194 -19.93 -68.71 -21.17
C ILE T 194 -20.28 -67.30 -20.72
N LEU T 195 -21.56 -66.94 -20.86
CA LEU T 195 -22.12 -65.72 -20.34
C LEU T 195 -22.74 -66.03 -18.99
N LYS T 196 -23.59 -67.06 -18.95
CA LYS T 196 -24.34 -67.44 -17.77
C LYS T 196 -24.41 -68.95 -17.71
N ARG T 197 -23.48 -69.56 -16.95
CA ARG T 197 -23.44 -70.97 -16.65
C ARG T 197 -24.24 -71.24 -15.38
N PRO T 198 -25.26 -72.10 -15.34
CA PRO T 198 -26.15 -72.25 -14.18
C PRO T 198 -25.51 -72.48 -12.83
N LYS T 199 -25.84 -71.61 -11.85
CA LYS T 199 -25.50 -71.76 -10.45
C LYS T 199 -26.23 -72.95 -9.83
N LEU T 200 -27.52 -73.10 -10.16
CA LEU T 200 -28.37 -74.17 -9.70
C LEU T 200 -28.19 -75.44 -10.53
N ASP T 201 -28.79 -76.56 -10.05
CA ASP T 201 -28.78 -77.88 -10.67
C ASP T 201 -27.44 -78.61 -10.60
N ILE T 202 -26.73 -78.47 -9.45
CA ILE T 202 -25.59 -79.28 -9.05
C ILE T 202 -25.79 -80.78 -9.23
N SER T 203 -26.97 -81.31 -8.87
CA SER T 203 -27.38 -82.68 -9.10
C SER T 203 -27.23 -83.14 -10.54
N LYS T 204 -27.82 -82.40 -11.49
CA LYS T 204 -27.61 -82.61 -12.91
C LYS T 204 -26.15 -82.52 -13.33
N LEU T 205 -25.38 -81.53 -12.83
CA LEU T 205 -23.95 -81.42 -13.04
C LEU T 205 -23.17 -82.67 -12.65
N MET T 206 -23.43 -83.21 -11.45
CA MET T 206 -22.86 -84.43 -10.95
C MET T 206 -23.19 -85.64 -11.84
N GLU T 207 -24.44 -85.72 -12.30
CA GLU T 207 -24.91 -86.71 -13.25
C GLU T 207 -24.22 -86.60 -14.60
N LEU T 208 -24.08 -85.37 -15.15
CA LEU T 208 -23.31 -85.11 -16.34
C LEU T 208 -21.85 -85.50 -16.20
N HIS T 209 -21.21 -85.17 -15.05
CA HIS T 209 -19.88 -85.63 -14.75
C HIS T 209 -19.74 -87.15 -14.73
N THR T 210 -20.66 -87.84 -14.01
CA THR T 210 -20.72 -89.28 -13.79
C THR T 210 -19.34 -90.03 -13.68
N GLY U 1 -12.26 39.81 -75.02
CA GLY U 1 -13.55 39.05 -74.85
C GLY U 1 -13.58 37.72 -75.55
N LYS U 2 -14.63 37.49 -76.37
CA LYS U 2 -14.78 36.28 -77.16
C LYS U 2 -15.71 36.62 -78.33
N GLY U 3 -15.26 37.55 -79.19
CA GLY U 3 -16.03 38.10 -80.29
C GLY U 3 -15.49 37.70 -81.64
N ILE U 4 -15.53 38.63 -82.61
CA ILE U 4 -15.17 38.33 -83.99
C ILE U 4 -13.67 38.43 -84.20
N LYS U 5 -13.00 37.28 -84.38
CA LYS U 5 -11.60 37.19 -84.71
C LYS U 5 -11.30 37.75 -86.09
N LYS U 6 -10.71 38.96 -86.16
CA LYS U 6 -10.56 39.70 -87.40
C LYS U 6 -9.49 39.17 -88.35
N HIS U 7 -8.32 38.77 -87.84
CA HIS U 7 -7.16 38.45 -88.67
C HIS U 7 -7.16 37.02 -89.22
N LEU U 8 -6.26 36.74 -90.19
CA LEU U 8 -6.03 35.40 -90.69
C LEU U 8 -4.53 35.15 -90.81
N LYS U 9 -4.06 34.05 -90.19
CA LYS U 9 -2.66 33.65 -90.22
C LYS U 9 -2.29 32.89 -91.47
N ARG U 10 -0.98 32.71 -91.69
CA ARG U 10 -0.40 32.17 -92.89
C ARG U 10 -0.91 30.77 -93.26
N VAL U 11 -0.67 29.76 -92.41
CA VAL U 11 -1.15 28.42 -92.70
C VAL U 11 -2.55 28.19 -92.16
N ASN U 12 -3.16 29.22 -91.55
CA ASN U 12 -4.58 29.25 -91.30
C ASN U 12 -5.39 29.46 -92.59
N ALA U 13 -4.79 30.05 -93.64
CA ALA U 13 -5.41 30.22 -94.93
C ALA U 13 -5.76 28.90 -95.65
N PRO U 14 -6.85 28.81 -96.43
CA PRO U 14 -7.10 27.68 -97.33
C PRO U 14 -5.95 27.35 -98.26
N SER U 15 -5.87 26.07 -98.69
CA SER U 15 -4.73 25.49 -99.38
C SER U 15 -4.34 26.18 -100.68
N HIS U 16 -5.34 26.60 -101.45
CA HIS U 16 -5.14 27.10 -102.79
C HIS U 16 -4.88 28.59 -102.83
N TRP U 17 -4.62 29.22 -101.67
CA TRP U 17 -4.02 30.53 -101.61
C TRP U 17 -2.61 30.52 -102.19
N MET U 18 -1.82 29.49 -101.84
CA MET U 18 -0.40 29.37 -102.16
C MET U 18 0.44 30.51 -101.60
N LEU U 19 0.10 30.97 -100.37
CA LEU U 19 0.93 31.88 -99.62
C LEU U 19 1.89 31.07 -98.79
N ASN U 20 3.07 30.82 -99.35
CA ASN U 20 4.17 30.04 -98.83
C ASN U 20 4.61 30.34 -97.39
N LYS U 21 5.42 29.43 -96.79
CA LYS U 21 5.88 29.54 -95.42
C LYS U 21 6.74 30.76 -95.19
N MET U 22 7.66 31.05 -96.12
CA MET U 22 8.41 32.26 -96.13
C MET U 22 7.59 33.45 -96.61
N GLY U 23 8.12 34.68 -96.45
CA GLY U 23 7.54 35.85 -97.10
C GLY U 23 6.32 36.45 -96.44
N GLY U 24 6.00 36.05 -95.20
CA GLY U 24 4.89 36.64 -94.48
C GLY U 24 4.35 35.75 -93.39
N GLN U 25 3.59 36.35 -92.47
CA GLN U 25 3.09 35.73 -91.25
C GLN U 25 1.57 35.64 -91.29
N TYR U 26 0.96 36.31 -92.27
CA TYR U 26 -0.46 36.47 -92.34
C TYR U 26 -0.91 36.26 -93.77
N ALA U 27 -2.23 36.14 -93.92
CA ALA U 27 -2.95 36.12 -95.17
C ALA U 27 -4.02 37.22 -95.10
N PRO U 28 -4.58 37.74 -96.18
CA PRO U 28 -5.71 38.64 -96.11
C PRO U 28 -6.99 37.88 -95.77
N LYS U 29 -7.85 38.43 -94.91
CA LYS U 29 -9.17 37.86 -94.67
C LYS U 29 -10.17 38.57 -95.57
N THR U 30 -10.97 37.83 -96.35
CA THR U 30 -11.93 38.42 -97.28
C THR U 30 -13.02 39.25 -96.63
N SER U 31 -13.49 40.30 -97.34
CA SER U 31 -14.76 40.93 -97.01
C SER U 31 -15.91 39.96 -97.16
N SER U 32 -16.95 40.10 -96.33
CA SER U 32 -18.20 39.37 -96.45
C SER U 32 -18.90 39.48 -97.80
N GLY U 33 -19.94 38.63 -98.02
CA GLY U 33 -20.95 38.86 -99.06
C GLY U 33 -20.92 37.93 -100.25
N PRO U 34 -20.31 38.26 -101.42
CA PRO U 34 -20.56 37.59 -102.69
C PRO U 34 -20.52 36.07 -102.68
N HIS U 35 -19.50 35.47 -102.07
CA HIS U 35 -19.43 34.04 -101.89
C HIS U 35 -18.83 33.78 -100.51
N LYS U 36 -18.93 32.54 -100.00
CA LYS U 36 -18.27 32.14 -98.78
C LYS U 36 -16.75 32.25 -98.83
N LEU U 37 -16.14 32.67 -97.70
CA LEU U 37 -14.71 32.84 -97.51
C LEU U 37 -13.87 31.66 -97.97
N LEU U 38 -14.25 30.46 -97.52
CA LEU U 38 -13.64 29.20 -97.90
C LEU U 38 -13.89 28.80 -99.35
N GLU U 39 -14.75 29.53 -100.07
CA GLU U 39 -15.14 29.25 -101.44
C GLU U 39 -14.95 30.54 -102.23
N SER U 40 -13.79 31.17 -102.04
CA SER U 40 -13.49 32.46 -102.61
C SER U 40 -12.00 32.61 -102.70
N ILE U 41 -11.54 33.57 -103.51
CA ILE U 41 -10.19 34.07 -103.49
C ILE U 41 -10.28 35.59 -103.48
N PRO U 42 -9.53 36.38 -102.74
CA PRO U 42 -9.53 37.83 -102.94
C PRO U 42 -8.76 38.27 -104.17
N LEU U 43 -8.94 39.55 -104.54
CA LEU U 43 -8.20 40.21 -105.59
C LEU U 43 -6.69 40.23 -105.40
N VAL U 44 -6.20 40.31 -104.14
CA VAL U 44 -4.79 40.34 -103.83
C VAL U 44 -4.03 39.16 -104.39
N ILE U 45 -4.54 37.94 -104.13
CA ILE U 45 -3.98 36.71 -104.64
C ILE U 45 -3.99 36.68 -106.14
N LEU U 46 -5.10 37.07 -106.77
CA LEU U 46 -5.17 37.09 -108.20
C LEU U 46 -4.20 38.05 -108.85
N LEU U 47 -4.12 39.30 -108.37
CA LEU U 47 -3.28 40.31 -108.96
C LEU U 47 -1.81 40.07 -108.70
N ARG U 48 -1.44 39.64 -107.48
CA ARG U 48 -0.06 39.49 -107.11
C ARG U 48 0.43 38.06 -107.28
N ASN U 49 -0.25 37.08 -106.66
CA ASN U 49 0.25 35.73 -106.61
C ASN U 49 -0.03 34.91 -107.87
N ARG U 50 -1.10 35.23 -108.63
CA ARG U 50 -1.41 34.53 -109.86
C ARG U 50 -0.96 35.31 -111.09
N LEU U 51 -1.57 36.47 -111.36
CA LEU U 51 -1.33 37.31 -112.53
C LEU U 51 0.06 37.94 -112.51
N LYS U 52 0.54 38.29 -111.31
CA LYS U 52 1.85 38.86 -111.07
C LYS U 52 1.98 40.27 -111.64
N TYR U 53 0.93 41.07 -111.40
CA TYR U 53 0.76 42.42 -111.89
C TYR U 53 1.11 43.44 -110.82
N ALA U 54 1.52 42.95 -109.65
CA ALA U 54 1.91 43.74 -108.52
C ALA U 54 3.01 43.01 -107.79
N LEU U 55 4.04 43.72 -107.32
CA LEU U 55 5.08 43.15 -106.48
C LEU U 55 4.59 42.82 -105.07
N THR U 56 3.79 43.73 -104.49
CA THR U 56 3.40 43.71 -103.09
C THR U 56 1.93 43.95 -102.94
N PHE U 57 1.41 43.75 -101.72
CA PHE U 57 0.05 44.08 -101.30
C PHE U 57 -0.15 45.59 -101.40
N ASP U 58 0.88 46.39 -101.04
CA ASP U 58 0.90 47.81 -101.29
C ASP U 58 0.74 48.17 -102.78
N GLU U 59 1.45 47.49 -103.71
CA GLU U 59 1.18 47.67 -105.12
C GLU U 59 -0.25 47.26 -105.54
N VAL U 60 -0.84 46.19 -104.97
CA VAL U 60 -2.27 45.90 -105.09
C VAL U 60 -3.17 47.05 -104.65
N LYS U 61 -2.85 47.68 -103.51
CA LYS U 61 -3.53 48.85 -102.98
C LYS U 61 -3.49 50.02 -103.95
N MET U 62 -2.32 50.27 -104.55
CA MET U 62 -2.13 51.24 -105.61
C MET U 62 -3.00 50.95 -106.84
N ILE U 63 -3.12 49.67 -107.26
CA ILE U 63 -4.05 49.26 -108.30
C ILE U 63 -5.49 49.55 -107.90
N LEU U 64 -5.89 49.16 -106.67
CA LEU U 64 -7.24 49.28 -106.21
C LEU U 64 -7.75 50.72 -106.02
N ILE U 65 -6.92 51.68 -105.56
CA ILE U 65 -7.31 53.08 -105.52
C ILE U 65 -7.68 53.63 -106.89
N GLN U 66 -6.88 53.33 -107.93
CA GLN U 66 -7.24 53.59 -109.31
C GLN U 66 -8.48 52.81 -109.77
N LYS U 67 -9.33 53.45 -110.59
CA LYS U 67 -10.70 52.98 -110.77
C LYS U 67 -10.90 52.17 -112.03
N ILE U 68 -9.81 51.66 -112.64
CA ILE U 68 -9.87 50.92 -113.89
C ILE U 68 -10.31 49.47 -113.74
N VAL U 69 -10.30 48.93 -112.50
CA VAL U 69 -10.69 47.55 -112.23
C VAL U 69 -12.15 47.48 -111.81
N LYS U 70 -12.85 46.51 -112.40
CA LYS U 70 -14.27 46.28 -112.26
C LYS U 70 -14.54 44.82 -112.00
N VAL U 71 -15.39 44.48 -111.01
CA VAL U 71 -15.82 43.11 -110.80
C VAL U 71 -17.33 43.11 -110.99
N ASP U 72 -17.88 42.11 -111.72
CA ASP U 72 -19.25 42.07 -112.22
C ASP U 72 -19.53 43.25 -113.17
N ASN U 73 -18.48 43.73 -113.88
CA ASN U 73 -18.47 44.95 -114.68
C ASN U 73 -18.79 46.22 -113.88
N LYS U 74 -18.52 46.22 -112.57
CA LYS U 74 -18.81 47.32 -111.67
C LYS U 74 -17.58 47.59 -110.82
N VAL U 75 -17.17 48.86 -110.64
CA VAL U 75 -16.01 49.18 -109.81
C VAL U 75 -16.16 48.75 -108.35
N ARG U 76 -15.09 48.19 -107.78
CA ARG U 76 -15.07 47.72 -106.41
C ARG U 76 -13.94 48.39 -105.67
N THR U 77 -14.14 48.69 -104.37
CA THR U 77 -13.33 49.70 -103.69
C THR U 77 -12.26 49.14 -102.77
N ASP U 78 -12.10 47.81 -102.67
CA ASP U 78 -11.13 47.26 -101.76
C ASP U 78 -10.52 45.95 -102.25
N CYS U 79 -9.27 45.73 -101.82
CA CYS U 79 -8.44 44.58 -102.05
C CYS U 79 -9.03 43.28 -101.53
N THR U 80 -9.77 43.32 -100.42
CA THR U 80 -10.27 42.13 -99.75
C THR U 80 -11.63 41.72 -100.25
N PHE U 81 -12.16 42.40 -101.29
CA PHE U 81 -13.38 42.00 -101.97
C PHE U 81 -13.28 40.57 -102.54
N PRO U 82 -14.27 39.68 -102.42
CA PRO U 82 -14.03 38.28 -102.74
C PRO U 82 -14.49 37.99 -104.16
N VAL U 83 -13.69 37.20 -104.90
CA VAL U 83 -13.94 36.95 -106.30
C VAL U 83 -14.66 35.59 -106.46
N GLY U 84 -14.95 34.93 -105.31
CA GLY U 84 -15.83 33.77 -105.29
C GLY U 84 -15.40 32.53 -106.01
N LEU U 85 -16.37 31.62 -106.23
CA LEU U 85 -16.21 30.46 -107.09
C LEU U 85 -16.09 30.86 -108.55
N MET U 86 -17.01 31.73 -109.02
CA MET U 86 -16.99 32.21 -110.38
C MET U 86 -17.53 33.62 -110.44
N ASP U 87 -16.75 34.54 -111.04
CA ASP U 87 -17.21 35.87 -111.37
C ASP U 87 -16.25 36.51 -112.36
N VAL U 88 -16.55 37.73 -112.82
CA VAL U 88 -15.86 38.38 -113.91
C VAL U 88 -15.10 39.59 -113.40
N ILE U 89 -13.78 39.59 -113.59
CA ILE U 89 -12.93 40.76 -113.43
C ILE U 89 -12.73 41.42 -114.78
N HIS U 90 -12.95 42.73 -114.89
CA HIS U 90 -12.67 43.51 -116.08
C HIS U 90 -11.68 44.62 -115.76
N ILE U 91 -10.56 44.63 -116.49
CA ILE U 91 -9.51 45.63 -116.35
C ILE U 91 -9.61 46.51 -117.56
N THR U 92 -10.09 47.74 -117.34
CA THR U 92 -10.49 48.68 -118.40
C THR U 92 -9.34 49.10 -119.29
N LYS U 93 -8.17 49.44 -118.69
CA LYS U 93 -7.04 50.00 -119.41
C LYS U 93 -6.40 49.03 -120.39
N SER U 94 -6.22 47.76 -119.98
CA SER U 94 -5.72 46.70 -120.84
C SER U 94 -6.80 46.10 -121.71
N ASN U 95 -8.07 46.35 -121.35
CA ASN U 95 -9.28 45.84 -121.99
C ASN U 95 -9.44 44.34 -121.80
N GLU U 96 -9.11 43.83 -120.60
CA GLU U 96 -9.05 42.40 -120.35
C GLU U 96 -10.21 41.97 -119.51
N TYR U 97 -10.80 40.82 -119.83
CA TYR U 97 -11.82 40.21 -119.00
C TYR U 97 -11.36 38.81 -118.62
N PHE U 98 -11.43 38.46 -117.32
CA PHE U 98 -11.17 37.13 -116.83
C PHE U 98 -12.36 36.62 -116.07
N ARG U 99 -12.71 35.35 -116.27
CA ARG U 99 -13.68 34.67 -115.43
C ARG U 99 -12.92 33.68 -114.55
N LEU U 100 -13.29 33.60 -113.27
CA LEU U 100 -12.60 32.77 -112.31
C LEU U 100 -13.16 31.36 -112.26
N LEU U 101 -12.31 30.32 -112.40
CA LEU U 101 -12.75 28.95 -112.25
C LEU U 101 -11.76 28.18 -111.37
N TYR U 102 -12.20 27.06 -110.75
CA TYR U 102 -11.29 26.07 -110.22
C TYR U 102 -10.60 25.25 -111.32
N ASP U 103 -9.28 25.08 -111.19
CA ASP U 103 -8.48 24.19 -112.01
C ASP U 103 -8.58 22.73 -111.54
N ILE U 104 -8.11 21.79 -112.38
CA ILE U 104 -7.98 20.37 -112.10
C ILE U 104 -7.05 20.07 -110.93
N LYS U 105 -6.02 20.92 -110.69
CA LYS U 105 -5.16 20.83 -109.53
C LYS U 105 -5.87 21.24 -108.25
N GLY U 106 -7.06 21.87 -108.36
CA GLY U 106 -7.89 22.25 -107.22
C GLY U 106 -7.61 23.63 -106.70
N ARG U 107 -7.14 24.55 -107.58
CA ARG U 107 -6.86 25.92 -107.20
C ARG U 107 -7.46 26.88 -108.21
N PHE U 108 -7.68 28.14 -107.81
CA PHE U 108 -8.39 29.11 -108.64
C PHE U 108 -7.50 29.74 -109.69
N VAL U 109 -7.95 29.71 -110.95
CA VAL U 109 -7.32 30.35 -112.08
C VAL U 109 -8.25 31.38 -112.72
N PRO U 110 -7.76 32.53 -113.19
CA PRO U 110 -8.58 33.44 -113.98
C PRO U 110 -8.43 33.06 -115.44
N HIS U 111 -9.53 32.64 -116.08
CA HIS U 111 -9.55 32.17 -117.44
C HIS U 111 -10.11 33.28 -118.32
N ARG U 112 -9.30 33.75 -119.29
CA ARG U 112 -9.68 34.78 -120.24
C ARG U 112 -10.99 34.61 -121.01
N ILE U 113 -11.91 35.57 -120.81
CA ILE U 113 -13.23 35.59 -121.38
C ILE U 113 -13.27 36.80 -122.32
N THR U 114 -13.99 36.73 -123.45
CA THR U 114 -14.09 37.85 -124.38
C THR U 114 -15.31 38.70 -124.08
N ASN U 115 -15.44 39.84 -124.79
CA ASN U 115 -16.51 40.79 -124.64
C ASN U 115 -17.90 40.19 -124.79
N GLU U 116 -18.12 39.35 -125.82
CA GLU U 116 -19.41 38.80 -126.15
C GLU U 116 -20.04 37.95 -125.04
N GLU U 117 -19.27 37.03 -124.43
CA GLU U 117 -19.72 36.21 -123.33
C GLU U 117 -19.65 36.93 -121.99
N SER U 118 -18.89 38.05 -121.92
CA SER U 118 -18.73 38.83 -120.70
C SER U 118 -20.02 39.44 -120.19
N LYS U 119 -20.95 39.83 -121.09
CA LYS U 119 -22.19 40.49 -120.73
C LYS U 119 -23.18 39.64 -119.93
N TYR U 120 -22.91 38.33 -119.82
CA TYR U 120 -23.69 37.39 -119.06
C TYR U 120 -22.77 36.52 -118.21
N LYS U 121 -23.33 35.82 -117.22
CA LYS U 121 -22.65 34.74 -116.57
C LYS U 121 -23.67 33.63 -116.35
N LEU U 122 -23.22 32.42 -115.99
CA LEU U 122 -24.10 31.30 -115.72
C LEU U 122 -24.02 31.02 -114.22
N CYS U 123 -25.18 31.10 -113.56
CA CYS U 123 -25.27 31.25 -112.12
C CYS U 123 -26.11 30.16 -111.48
N LYS U 124 -25.52 29.24 -110.68
CA LYS U 124 -26.32 28.29 -109.94
C LYS U 124 -27.11 28.88 -108.78
N VAL U 125 -28.42 28.60 -108.72
CA VAL U 125 -29.27 28.98 -107.62
C VAL U 125 -29.04 28.06 -106.42
N LYS U 126 -28.88 28.66 -105.23
CA LYS U 126 -28.67 27.92 -104.01
C LYS U 126 -30.01 27.68 -103.33
N LYS U 127 -30.94 28.64 -103.46
CA LYS U 127 -32.27 28.57 -102.89
C LYS U 127 -33.24 29.24 -103.84
N ILE U 128 -34.53 28.88 -103.77
CA ILE U 128 -35.58 29.66 -104.41
C ILE U 128 -36.70 29.74 -103.39
N LEU U 129 -37.02 30.98 -103.01
CA LEU U 129 -37.87 31.34 -101.92
C LEU U 129 -39.13 32.04 -102.40
N LEU U 130 -40.26 31.80 -101.72
CA LEU U 130 -41.52 32.47 -101.95
C LEU U 130 -41.69 33.60 -100.95
N ARG U 131 -41.71 34.85 -101.43
CA ARG U 131 -41.83 36.03 -100.62
C ARG U 131 -43.24 36.59 -100.83
N LYS U 132 -43.69 37.48 -99.93
CA LYS U 132 -45.03 38.02 -99.91
C LYS U 132 -45.54 38.65 -101.20
N GLY U 133 -46.87 38.58 -101.40
CA GLY U 133 -47.55 38.93 -102.63
C GLY U 133 -47.55 37.81 -103.63
N ARG U 134 -47.21 36.58 -103.20
CA ARG U 134 -47.02 35.41 -104.04
C ARG U 134 -45.94 35.62 -105.08
N LEU U 135 -44.77 36.11 -104.62
CA LEU U 135 -43.69 36.54 -105.47
C LEU U 135 -42.45 35.71 -105.21
N SER U 136 -41.99 34.97 -106.23
CA SER U 136 -40.76 34.22 -106.15
C SER U 136 -39.50 35.10 -106.10
N ILE U 137 -38.47 34.60 -105.40
CA ILE U 137 -37.13 35.15 -105.44
C ILE U 137 -36.15 34.00 -105.48
N ALA U 138 -35.17 34.05 -106.40
CA ALA U 138 -34.05 33.14 -106.41
C ALA U 138 -32.87 33.73 -105.67
N VAL U 139 -32.01 32.85 -105.11
CA VAL U 139 -30.82 33.22 -104.40
C VAL U 139 -29.68 32.47 -105.03
N THR U 140 -28.66 33.17 -105.50
CA THR U 140 -27.57 32.62 -106.30
C THR U 140 -26.34 32.37 -105.48
N HIS U 141 -25.47 31.46 -105.96
CA HIS U 141 -24.15 31.22 -105.39
C HIS U 141 -23.29 32.48 -105.23
N ASP U 142 -23.41 33.45 -106.16
CA ASP U 142 -22.67 34.69 -106.13
C ASP U 142 -23.41 35.83 -105.40
N GLY U 143 -24.50 35.49 -104.69
CA GLY U 143 -25.15 36.41 -103.77
C GLY U 143 -26.01 37.46 -104.41
N ARG U 144 -26.80 37.09 -105.44
CA ARG U 144 -27.79 37.94 -106.05
C ARG U 144 -29.17 37.41 -105.77
N SER U 145 -30.13 38.34 -105.65
CA SER U 145 -31.53 38.03 -105.51
C SER U 145 -32.16 38.22 -106.86
N ILE U 146 -32.98 37.26 -107.31
CA ILE U 146 -33.68 37.39 -108.57
C ILE U 146 -35.16 37.37 -108.26
N PRO U 147 -35.84 38.49 -108.28
CA PRO U 147 -37.29 38.54 -108.12
C PRO U 147 -37.93 38.21 -109.45
N TYR U 148 -39.07 37.51 -109.40
CA TYR U 148 -39.93 37.23 -110.55
C TYR U 148 -39.41 36.02 -111.32
N ILE U 149 -38.54 35.21 -110.70
CA ILE U 149 -37.95 34.02 -111.30
C ILE U 149 -39.00 32.99 -111.72
N HIS U 150 -38.83 32.40 -112.92
CA HIS U 150 -39.79 31.52 -113.55
C HIS U 150 -40.12 30.28 -112.70
N PRO U 151 -41.37 29.88 -112.51
CA PRO U 151 -41.75 29.09 -111.35
C PRO U 151 -41.38 27.64 -111.52
N ASP U 152 -41.07 27.19 -112.75
CA ASP U 152 -40.70 25.83 -113.01
C ASP U 152 -39.18 25.66 -112.95
N VAL U 153 -38.41 26.75 -112.74
CA VAL U 153 -37.02 26.67 -112.31
C VAL U 153 -36.95 26.14 -110.88
N LYS U 154 -36.00 25.25 -110.57
CA LYS U 154 -35.93 24.60 -109.27
C LYS U 154 -34.58 24.80 -108.61
N VAL U 155 -34.43 24.39 -107.34
CA VAL U 155 -33.42 24.90 -106.42
C VAL U 155 -31.99 24.47 -106.68
N ASN U 156 -31.75 23.48 -107.57
CA ASN U 156 -30.40 23.14 -108.00
C ASN U 156 -30.17 23.55 -109.46
N ASP U 157 -31.15 24.18 -110.13
CA ASP U 157 -30.99 24.64 -111.50
C ASP U 157 -29.99 25.80 -111.61
N THR U 158 -29.25 25.88 -112.72
CA THR U 158 -28.46 27.08 -112.99
C THR U 158 -29.23 28.01 -113.91
N VAL U 159 -28.77 29.26 -114.05
CA VAL U 159 -29.50 30.26 -114.79
C VAL U 159 -28.52 31.16 -115.49
N ARG U 160 -28.76 31.49 -116.78
CA ARG U 160 -27.94 32.46 -117.47
C ARG U 160 -28.45 33.85 -117.11
N LEU U 161 -27.56 34.77 -116.75
CA LEU U 161 -27.94 35.99 -116.09
C LEU U 161 -27.16 37.14 -116.71
N ASP U 162 -27.86 38.15 -117.26
CA ASP U 162 -27.24 39.40 -117.68
C ASP U 162 -26.57 40.14 -116.52
N LEU U 163 -25.56 40.99 -116.80
CA LEU U 163 -24.78 41.63 -115.75
C LEU U 163 -24.93 43.13 -115.72
N GLU U 164 -25.74 43.71 -116.62
CA GLU U 164 -25.94 45.15 -116.67
C GLU U 164 -27.37 45.46 -116.28
N THR U 165 -28.30 44.64 -116.77
CA THR U 165 -29.73 44.76 -116.50
C THR U 165 -30.14 43.82 -115.39
N GLY U 166 -29.35 42.74 -115.16
CA GLY U 166 -29.62 41.77 -114.11
C GLY U 166 -30.72 40.78 -114.44
N LYS U 167 -31.24 40.78 -115.68
CA LYS U 167 -32.31 39.89 -116.06
C LYS U 167 -31.84 38.48 -116.43
N VAL U 168 -32.67 37.47 -116.15
CA VAL U 168 -32.36 36.11 -116.53
C VAL U 168 -32.75 35.86 -117.98
N LEU U 169 -31.85 35.18 -118.70
CA LEU U 169 -31.92 34.97 -120.12
C LEU U 169 -32.57 33.63 -120.45
N GLU U 170 -32.18 32.58 -119.71
CA GLU U 170 -32.64 31.23 -119.89
C GLU U 170 -32.29 30.47 -118.63
N HIS U 171 -32.65 29.18 -118.52
CA HIS U 171 -32.25 28.36 -117.39
C HIS U 171 -31.96 26.96 -117.87
N LEU U 172 -31.12 26.25 -117.11
CA LEU U 172 -30.66 24.94 -117.45
C LEU U 172 -31.11 24.02 -116.33
N LYS U 173 -32.10 23.16 -116.64
CA LYS U 173 -32.69 22.26 -115.69
C LYS U 173 -31.81 21.07 -115.33
N PHE U 174 -31.59 20.86 -114.03
CA PHE U 174 -30.79 19.78 -113.49
C PHE U 174 -31.42 18.40 -113.70
N GLN U 175 -30.70 17.50 -114.39
CA GLN U 175 -31.19 16.23 -114.86
C GLN U 175 -30.03 15.23 -114.91
N VAL U 176 -30.30 13.95 -115.24
CA VAL U 176 -29.28 12.91 -115.29
C VAL U 176 -28.32 13.03 -116.46
N GLY U 177 -28.68 13.80 -117.51
CA GLY U 177 -27.81 14.03 -118.66
C GLY U 177 -27.06 15.33 -118.63
N SER U 178 -27.24 16.15 -117.57
CA SER U 178 -26.60 17.46 -117.47
C SER U 178 -25.08 17.44 -117.35
N LEU U 179 -24.37 18.28 -118.13
CA LEU U 179 -22.97 18.57 -117.85
C LEU U 179 -22.77 19.30 -116.52
N VAL U 180 -21.99 18.72 -115.61
CA VAL U 180 -21.76 19.22 -114.28
C VAL U 180 -20.30 19.46 -113.98
N MET U 181 -20.00 20.51 -113.19
CA MET U 181 -18.68 20.91 -112.72
C MET U 181 -18.61 20.75 -111.21
N VAL U 182 -17.57 20.09 -110.69
CA VAL U 182 -17.45 19.83 -109.26
C VAL U 182 -16.77 20.99 -108.55
N THR U 183 -17.39 21.49 -107.46
CA THR U 183 -16.88 22.65 -106.74
C THR U 183 -15.75 22.31 -105.81
N ALA U 184 -15.87 21.24 -105.01
CA ALA U 184 -15.01 21.12 -103.85
C ALA U 184 -14.85 19.70 -103.30
N GLY U 185 -15.37 18.68 -103.99
CA GLY U 185 -15.23 17.28 -103.61
C GLY U 185 -13.82 16.73 -103.67
N HIS U 186 -13.66 15.41 -103.50
CA HIS U 186 -12.38 14.74 -103.73
C HIS U 186 -12.03 14.79 -105.22
N SER U 187 -13.08 14.93 -106.02
CA SER U 187 -13.15 15.11 -107.44
C SER U 187 -13.15 16.58 -107.85
N VAL U 188 -12.89 17.51 -106.90
CA VAL U 188 -12.72 18.95 -107.09
C VAL U 188 -12.17 19.45 -108.43
N GLY U 189 -12.85 20.46 -109.03
CA GLY U 189 -12.32 21.18 -110.18
C GLY U 189 -12.36 20.44 -111.48
N ARG U 190 -13.42 19.65 -111.70
CA ARG U 190 -13.50 18.76 -112.84
C ARG U 190 -14.93 18.64 -113.31
N VAL U 191 -15.10 18.14 -114.55
CA VAL U 191 -16.38 18.22 -115.24
C VAL U 191 -16.77 16.84 -115.73
N GLY U 192 -18.08 16.51 -115.70
CA GLY U 192 -18.57 15.30 -116.31
C GLY U 192 -20.03 15.41 -116.64
N VAL U 193 -20.61 14.35 -117.22
CA VAL U 193 -21.92 14.43 -117.86
C VAL U 193 -23.04 13.85 -117.03
N ILE U 194 -22.71 13.37 -115.81
CA ILE U 194 -23.64 12.68 -114.91
C ILE U 194 -24.04 11.29 -115.40
N SER U 195 -23.76 10.26 -114.59
CA SER U 195 -24.29 8.91 -114.80
C SER U 195 -25.64 8.75 -114.13
N SER U 196 -25.79 9.26 -112.90
CA SER U 196 -27.06 9.15 -112.16
C SER U 196 -27.11 10.22 -111.10
N ILE U 197 -28.33 10.75 -110.84
CA ILE U 197 -28.60 11.60 -109.71
C ILE U 197 -29.44 10.81 -108.72
N ASP U 198 -29.00 10.78 -107.46
CA ASP U 198 -29.46 9.83 -106.49
C ASP U 198 -29.98 10.57 -105.26
N LYS U 199 -31.29 10.41 -104.95
CA LYS U 199 -31.95 11.15 -103.87
C LYS U 199 -32.40 10.19 -102.77
N ASN U 200 -32.14 10.53 -101.50
CA ASN U 200 -32.52 9.73 -100.37
C ASN U 200 -33.04 10.62 -99.24
N MET U 201 -34.12 10.18 -98.56
CA MET U 201 -34.82 10.94 -97.54
C MET U 201 -33.97 11.36 -96.35
N GLY U 202 -34.11 12.63 -95.93
CA GLY U 202 -33.46 13.25 -94.77
C GLY U 202 -31.98 13.00 -94.60
N THR U 203 -31.19 13.12 -95.68
CA THR U 203 -29.76 12.84 -95.63
C THR U 203 -29.07 13.49 -96.81
N TYR U 204 -27.73 13.50 -96.82
CA TYR U 204 -26.90 13.97 -97.93
C TYR U 204 -27.15 13.22 -99.23
N ASP U 205 -27.03 13.90 -100.38
CA ASP U 205 -27.37 13.31 -101.66
C ASP U 205 -26.17 13.17 -102.57
N ILE U 206 -26.16 12.08 -103.33
CA ILE U 206 -25.06 11.56 -104.11
C ILE U 206 -25.32 11.76 -105.60
N ILE U 207 -24.28 12.06 -106.39
CA ILE U 207 -24.39 11.92 -107.83
C ILE U 207 -23.23 11.09 -108.34
N HIS U 208 -23.55 10.13 -109.20
CA HIS U 208 -22.57 9.34 -109.92
C HIS U 208 -22.19 10.07 -111.20
N VAL U 209 -20.89 10.31 -111.44
CA VAL U 209 -20.43 11.17 -112.51
C VAL U 209 -19.60 10.38 -113.52
N LYS U 210 -19.89 10.56 -114.83
CA LYS U 210 -19.16 9.93 -115.92
C LYS U 210 -18.29 10.94 -116.64
N ASP U 211 -17.04 10.55 -116.84
CA ASP U 211 -15.94 11.30 -117.40
C ASP U 211 -15.97 11.35 -118.92
N SER U 212 -15.40 12.42 -119.50
CA SER U 212 -15.02 12.51 -120.91
C SER U 212 -14.12 11.35 -121.35
N ARG U 213 -13.26 10.84 -120.45
CA ARG U 213 -12.44 9.66 -120.73
C ARG U 213 -13.21 8.37 -120.46
N ASN U 214 -14.50 8.49 -120.13
CA ASN U 214 -15.47 7.42 -119.96
C ASN U 214 -15.14 6.49 -118.82
N LYS U 215 -14.73 7.09 -117.71
CA LYS U 215 -14.48 6.48 -116.43
C LYS U 215 -15.52 7.02 -115.48
N VAL U 216 -15.78 6.37 -114.34
CA VAL U 216 -16.88 6.76 -113.48
C VAL U 216 -16.34 7.12 -112.11
N PHE U 217 -16.92 8.17 -111.47
CA PHE U 217 -16.54 8.58 -110.14
C PHE U 217 -17.73 9.20 -109.43
N ALA U 218 -17.76 9.12 -108.09
CA ALA U 218 -18.85 9.64 -107.28
C ALA U 218 -18.56 11.06 -106.80
N THR U 219 -19.61 11.87 -106.56
CA THR U 219 -19.47 13.22 -106.03
C THR U 219 -20.76 13.61 -105.32
N ARG U 220 -20.70 14.41 -104.25
CA ARG U 220 -21.87 14.88 -103.53
C ARG U 220 -22.70 15.93 -104.28
N LEU U 221 -24.03 15.78 -104.30
CA LEU U 221 -24.98 16.65 -104.99
C LEU U 221 -24.90 18.11 -104.55
N SER U 222 -24.60 18.35 -103.27
CA SER U 222 -24.45 19.67 -102.71
C SER U 222 -23.38 20.54 -103.38
N ASN U 223 -22.21 19.97 -103.76
CA ASN U 223 -21.08 20.77 -104.25
C ASN U 223 -20.94 20.75 -105.76
N VAL U 224 -21.95 20.33 -106.51
CA VAL U 224 -21.84 20.17 -107.94
C VAL U 224 -22.64 21.24 -108.65
N PHE U 225 -21.97 21.95 -109.56
CA PHE U 225 -22.39 23.19 -110.16
C PHE U 225 -22.71 22.90 -111.62
N VAL U 226 -24.00 22.97 -112.00
CA VAL U 226 -24.42 22.67 -113.36
C VAL U 226 -23.83 23.67 -114.34
N ILE U 227 -23.34 23.20 -115.50
CA ILE U 227 -22.37 23.97 -116.27
C ILE U 227 -22.65 23.89 -117.76
N GLY U 228 -23.39 22.87 -118.19
CA GLY U 228 -23.89 22.84 -119.56
C GLY U 228 -24.85 21.72 -119.74
N ASP U 229 -25.05 21.34 -121.00
CA ASP U 229 -25.90 20.26 -121.40
C ASP U 229 -24.99 19.32 -122.17
N ASN U 230 -25.41 18.07 -122.38
CA ASN U 230 -24.62 17.07 -123.08
C ASN U 230 -24.23 17.46 -124.51
N THR U 231 -24.91 18.46 -125.11
CA THR U 231 -24.46 19.17 -126.30
C THR U 231 -23.16 19.93 -126.14
N LYS U 232 -23.02 20.76 -125.08
CA LYS U 232 -21.88 21.64 -124.90
C LYS U 232 -21.82 22.17 -123.47
N PRO U 233 -20.64 22.52 -122.92
CA PRO U 233 -20.56 23.46 -121.81
C PRO U 233 -21.11 24.81 -122.22
N TYR U 234 -21.95 25.42 -121.36
CA TYR U 234 -22.64 26.64 -121.73
C TYR U 234 -21.70 27.83 -121.65
N ILE U 235 -20.84 27.85 -120.63
CA ILE U 235 -19.76 28.80 -120.50
C ILE U 235 -18.48 28.26 -121.13
N SER U 236 -17.44 29.12 -121.23
CA SER U 236 -16.11 28.68 -121.64
C SER U 236 -15.38 28.04 -120.47
N LEU U 237 -15.34 26.69 -120.44
CA LEU U 237 -14.47 25.96 -119.56
C LEU U 237 -13.00 26.17 -119.93
N PRO U 238 -12.04 26.17 -119.00
CA PRO U 238 -10.60 26.18 -119.25
C PRO U 238 -10.08 25.32 -120.37
N ARG U 239 -8.92 25.67 -120.94
CA ARG U 239 -8.37 25.01 -122.12
C ARG U 239 -8.12 23.51 -121.98
N GLU U 240 -7.82 23.02 -120.76
CA GLU U 240 -7.64 21.59 -120.51
C GLU U 240 -8.92 20.92 -120.03
N LYS U 241 -10.05 21.66 -119.99
CA LYS U 241 -11.42 21.15 -119.96
C LYS U 241 -11.77 20.11 -118.89
N GLY U 242 -11.17 20.21 -117.69
CA GLY U 242 -11.56 19.38 -116.55
C GLY U 242 -11.06 17.95 -116.60
N ILE U 243 -10.25 17.60 -117.62
CA ILE U 243 -9.79 16.25 -117.89
C ILE U 243 -8.93 15.64 -116.78
N LYS U 244 -9.15 14.36 -116.47
CA LYS U 244 -8.34 13.61 -115.52
C LYS U 244 -7.08 13.10 -116.16
N LEU U 245 -5.91 13.33 -115.56
CA LEU U 245 -4.69 12.65 -115.91
C LEU U 245 -4.22 11.87 -114.71
N ASP U 246 -3.71 10.66 -114.93
CA ASP U 246 -3.08 9.89 -113.90
C ASP U 246 -1.74 10.50 -113.49
N ILE U 247 -1.26 10.18 -112.28
CA ILE U 247 0.07 10.48 -111.80
C ILE U 247 1.15 9.98 -112.76
N ILE U 248 1.05 8.71 -113.23
CA ILE U 248 1.98 8.12 -114.17
C ILE U 248 1.94 8.86 -115.49
N GLU U 249 0.72 9.14 -116.01
CA GLU U 249 0.58 9.93 -117.22
C GLU U 249 1.17 11.31 -117.08
N GLU U 250 0.91 11.99 -115.95
CA GLU U 250 1.43 13.31 -115.72
C GLU U 250 2.94 13.38 -115.68
N ARG U 251 3.64 12.48 -114.97
CA ARG U 251 5.10 12.51 -114.96
C ARG U 251 5.72 12.15 -116.31
N ARG U 252 5.12 11.16 -117.00
CA ARG U 252 5.53 10.76 -118.34
C ARG U 252 5.39 11.90 -119.34
N ASN U 253 4.26 12.63 -119.28
CA ASN U 253 4.06 13.93 -119.93
C ASN U 253 5.04 15.00 -119.49
N ARG U 254 5.32 15.16 -118.18
CA ARG U 254 6.23 16.13 -117.57
C ARG U 254 7.61 16.05 -118.20
N LEU U 255 8.17 14.83 -118.30
CA LEU U 255 9.40 14.59 -119.05
C LEU U 255 9.28 14.89 -120.55
N LYS U 256 8.14 14.54 -121.17
CA LYS U 256 7.82 14.72 -122.58
C LYS U 256 7.26 16.12 -122.86
N ALA U 257 8.05 17.16 -122.53
CA ALA U 257 7.71 18.54 -122.80
C ALA U 257 7.84 18.89 -124.31
N MET V 1 -14.44 82.39 -49.46
CA MET V 1 -13.71 83.68 -49.71
C MET V 1 -14.10 84.41 -50.99
N LYS V 2 -13.76 83.87 -52.18
CA LYS V 2 -13.97 84.62 -53.41
C LYS V 2 -15.36 84.40 -53.98
N LEU V 3 -16.05 85.49 -54.28
CA LEU V 3 -17.37 85.48 -54.84
C LEU V 3 -17.25 85.94 -56.28
N ASN V 4 -17.76 85.12 -57.21
CA ASN V 4 -17.80 85.43 -58.62
C ASN V 4 -19.23 85.75 -59.02
N ILE V 5 -19.50 87.04 -59.25
CA ILE V 5 -20.82 87.60 -59.51
C ILE V 5 -21.00 87.85 -61.00
N SER V 6 -22.07 87.34 -61.62
CA SER V 6 -22.32 87.55 -63.03
C SER V 6 -23.58 88.37 -63.22
N ASN V 7 -23.58 89.19 -64.27
CA ASN V 7 -24.66 90.02 -64.72
C ASN V 7 -25.09 89.41 -66.05
N PRO V 8 -26.18 88.65 -66.11
CA PRO V 8 -26.48 87.86 -67.30
C PRO V 8 -27.13 88.75 -68.34
N LEU V 9 -27.72 89.88 -67.91
CA LEU V 9 -28.37 90.84 -68.77
C LEU V 9 -27.40 91.58 -69.66
N ASN V 10 -26.25 92.01 -69.10
CA ASN V 10 -25.22 92.73 -69.85
C ASN V 10 -24.04 91.84 -70.23
N ASN V 11 -24.07 90.55 -69.81
CA ASN V 11 -23.15 89.47 -70.18
C ASN V 11 -21.79 89.53 -69.48
N VAL V 12 -21.65 90.42 -68.47
CA VAL V 12 -20.39 90.70 -67.79
C VAL V 12 -20.34 90.08 -66.40
N GLN V 13 -19.15 90.05 -65.78
CA GLN V 13 -18.95 89.31 -64.55
C GLN V 13 -17.74 89.84 -63.79
N LYS V 14 -17.81 89.79 -62.45
CA LYS V 14 -16.90 90.42 -61.52
C LYS V 14 -16.52 89.45 -60.40
N SER V 15 -15.32 89.61 -59.82
CA SER V 15 -14.90 88.86 -58.64
C SER V 15 -14.70 89.81 -57.47
N ILE V 16 -14.82 89.28 -56.25
CA ILE V 16 -14.64 90.02 -55.04
C ILE V 16 -14.34 89.02 -53.95
N GLU V 17 -13.64 89.42 -52.87
CA GLU V 17 -13.15 88.52 -51.86
C GLU V 17 -13.74 88.93 -50.53
N ILE V 18 -14.50 88.01 -49.90
CA ILE V 18 -15.33 88.29 -48.76
C ILE V 18 -14.79 87.55 -47.55
N ASP V 19 -14.34 88.31 -46.53
CA ASP V 19 -13.46 87.87 -45.49
C ASP V 19 -14.12 87.60 -44.14
N ASP V 20 -15.46 87.73 -44.03
CA ASP V 20 -16.12 87.73 -42.74
C ASP V 20 -17.46 87.00 -42.78
N GLU V 21 -17.74 86.22 -41.72
CA GLU V 21 -18.99 85.52 -41.48
C GLU V 21 -20.22 86.41 -41.57
N LYS V 22 -20.15 87.64 -41.04
CA LYS V 22 -21.25 88.59 -41.04
C LYS V 22 -21.60 89.07 -42.44
N LYS V 23 -20.61 89.14 -43.35
CA LYS V 23 -20.85 89.45 -44.74
C LYS V 23 -21.59 88.33 -45.44
N LEU V 24 -21.14 87.09 -45.21
CA LEU V 24 -21.78 85.86 -45.65
C LEU V 24 -23.22 85.68 -45.15
N LEU V 25 -23.38 85.55 -43.81
CA LEU V 25 -24.55 85.32 -42.96
C LEU V 25 -25.92 84.92 -43.56
N PRO V 26 -26.67 85.66 -44.38
CA PRO V 26 -27.84 85.15 -45.11
C PRO V 26 -27.56 83.91 -45.94
N PHE V 27 -26.31 83.67 -46.35
CA PHE V 27 -25.96 82.53 -47.17
C PHE V 27 -26.01 81.22 -46.41
N MET V 28 -25.90 81.25 -45.07
CA MET V 28 -25.97 80.04 -44.29
C MET V 28 -27.32 79.33 -44.41
N GLU V 29 -27.29 77.99 -44.60
CA GLU V 29 -28.45 77.12 -44.69
C GLU V 29 -29.19 77.19 -46.04
N LYS V 30 -28.82 78.13 -46.92
CA LYS V 30 -29.38 78.25 -48.26
C LYS V 30 -28.90 77.15 -49.19
N ARG V 31 -29.75 76.73 -50.13
CA ARG V 31 -29.37 75.85 -51.20
C ARG V 31 -28.75 76.67 -52.31
N ILE V 32 -27.81 76.11 -53.08
CA ILE V 32 -27.53 76.66 -54.40
C ILE V 32 -28.76 76.64 -55.29
N GLY V 33 -28.96 77.71 -56.08
CA GLY V 33 -30.15 77.97 -56.87
C GLY V 33 -31.14 78.87 -56.16
N ASN V 34 -31.02 79.02 -54.82
CA ASN V 34 -31.79 79.99 -54.07
C ASN V 34 -31.33 81.43 -54.30
N ALA V 35 -32.19 82.38 -53.87
CA ALA V 35 -31.83 83.78 -53.78
C ALA V 35 -31.28 84.15 -52.41
N VAL V 36 -30.50 85.23 -52.35
CA VAL V 36 -30.00 85.84 -51.13
C VAL V 36 -29.97 87.36 -51.33
N PRO V 37 -30.26 88.17 -50.32
CA PRO V 37 -30.11 89.62 -50.43
C PRO V 37 -28.66 90.05 -50.41
N GLY V 38 -28.31 91.11 -51.15
CA GLY V 38 -26.94 91.64 -51.17
C GLY V 38 -26.58 92.52 -49.99
N ASP V 39 -27.57 92.84 -49.16
CA ASP V 39 -27.53 93.87 -48.15
C ASP V 39 -26.47 93.64 -47.07
N SER V 40 -26.31 92.39 -46.62
CA SER V 40 -25.43 92.08 -45.50
C SER V 40 -23.98 92.02 -45.93
N ILE V 41 -23.71 91.95 -47.25
CA ILE V 41 -22.36 91.78 -47.76
C ILE V 41 -21.65 93.13 -47.85
N GLY V 42 -22.40 94.24 -47.66
CA GLY V 42 -21.84 95.59 -47.65
C GLY V 42 -22.72 96.59 -48.33
N GLU V 43 -22.40 97.89 -48.13
CA GLU V 43 -23.17 99.03 -48.58
C GLU V 43 -23.30 99.08 -50.08
N GLU V 44 -22.18 98.87 -50.77
CA GLU V 44 -21.99 98.67 -52.19
C GLU V 44 -22.95 97.67 -52.82
N PHE V 45 -23.34 96.62 -52.07
CA PHE V 45 -24.17 95.53 -52.53
C PHE V 45 -25.61 95.67 -52.07
N THR V 46 -25.99 96.76 -51.38
CA THR V 46 -27.36 96.91 -50.87
C THR V 46 -28.47 96.91 -51.90
N GLY V 47 -29.58 96.22 -51.55
CA GLY V 47 -30.80 96.05 -52.31
C GLY V 47 -30.74 95.04 -53.43
N TYR V 48 -29.58 94.41 -53.67
CA TYR V 48 -29.45 93.35 -54.65
C TYR V 48 -30.20 92.10 -54.25
N VAL V 49 -30.67 91.36 -55.27
CA VAL V 49 -31.02 89.97 -55.09
C VAL V 49 -30.01 89.20 -55.91
N PHE V 50 -29.30 88.26 -55.28
CA PHE V 50 -28.35 87.39 -55.91
C PHE V 50 -28.84 85.97 -55.88
N ARG V 51 -28.78 85.25 -57.01
CA ARG V 51 -29.03 83.83 -57.08
C ARG V 51 -27.70 83.12 -57.04
N ILE V 52 -27.37 82.46 -55.90
CA ILE V 52 -26.22 81.58 -55.80
C ILE V 52 -26.44 80.37 -56.72
N THR V 53 -25.40 79.85 -57.38
CA THR V 53 -25.58 78.83 -58.41
C THR V 53 -24.44 77.84 -58.41
N GLY V 54 -23.36 78.12 -57.66
CA GLY V 54 -22.29 77.15 -57.51
C GLY V 54 -21.29 77.62 -56.51
N GLY V 55 -20.18 76.89 -56.39
CA GLY V 55 -19.10 77.23 -55.49
C GLY V 55 -18.23 76.03 -55.24
N ASN V 56 -17.14 76.23 -54.49
CA ASN V 56 -16.10 75.24 -54.35
C ASN V 56 -15.47 75.30 -52.98
N ASP V 57 -14.99 74.14 -52.51
CA ASP V 57 -14.37 73.97 -51.23
C ASP V 57 -12.89 74.37 -51.27
N LYS V 58 -12.20 74.38 -50.11
CA LYS V 58 -10.76 74.43 -50.05
C LYS V 58 -10.15 73.07 -50.42
N GLN V 59 -10.98 72.00 -50.43
CA GLN V 59 -10.66 70.77 -51.12
C GLN V 59 -10.81 70.88 -52.64
N GLY V 60 -11.45 71.96 -53.13
CA GLY V 60 -11.67 72.23 -54.54
C GLY V 60 -12.83 71.49 -55.14
N PHE V 61 -13.53 70.67 -54.35
CA PHE V 61 -14.73 69.97 -54.78
C PHE V 61 -15.88 70.92 -55.09
N PRO V 62 -16.70 70.69 -56.10
CA PRO V 62 -17.81 71.56 -56.42
C PRO V 62 -18.99 71.26 -55.54
N MET V 63 -19.77 72.30 -55.21
CA MET V 63 -21.12 72.12 -54.74
C MET V 63 -22.02 71.46 -55.78
N ILE V 64 -22.84 70.47 -55.39
CA ILE V 64 -23.73 69.75 -56.29
C ILE V 64 -25.18 69.89 -55.85
N GLN V 65 -26.10 70.06 -56.82
CA GLN V 65 -27.50 70.37 -56.58
C GLN V 65 -28.29 69.32 -55.82
N GLY V 66 -28.10 68.01 -56.15
CA GLY V 66 -28.92 66.94 -55.59
C GLY V 66 -28.72 66.66 -54.12
N VAL V 67 -27.47 66.80 -53.64
CA VAL V 67 -27.05 66.36 -52.33
C VAL V 67 -27.40 67.38 -51.26
N LEU V 68 -28.09 66.97 -50.18
CA LEU V 68 -28.75 67.90 -49.29
C LEU V 68 -27.89 68.34 -48.11
N THR V 69 -26.62 67.92 -48.09
CA THR V 69 -25.66 68.29 -47.06
C THR V 69 -25.09 69.67 -47.24
N ASN V 70 -24.53 70.25 -46.15
CA ASN V 70 -23.56 71.31 -46.29
C ASN V 70 -22.18 70.74 -46.61
N ASN V 71 -21.81 69.69 -45.85
CA ASN V 71 -20.57 68.93 -45.98
C ASN V 71 -20.35 68.21 -47.31
N ARG V 72 -19.20 67.54 -47.40
CA ARG V 72 -18.74 66.78 -48.55
C ARG V 72 -19.17 65.32 -48.45
N VAL V 73 -19.44 64.69 -49.59
CA VAL V 73 -19.71 63.26 -49.69
C VAL V 73 -19.00 62.69 -50.92
N ARG V 74 -18.59 61.40 -50.89
CA ARG V 74 -18.19 60.68 -52.08
C ARG V 74 -19.31 59.76 -52.56
N LEU V 75 -19.77 59.96 -53.80
CA LEU V 75 -20.85 59.19 -54.39
C LEU V 75 -20.57 58.86 -55.84
N LEU V 76 -21.29 57.86 -56.39
CA LEU V 76 -21.12 57.43 -57.76
C LEU V 76 -21.72 58.39 -58.77
N PHE V 77 -20.89 58.82 -59.73
CA PHE V 77 -21.25 59.72 -60.81
C PHE V 77 -21.36 58.93 -62.10
N LYS V 78 -22.11 59.50 -63.04
CA LYS V 78 -22.48 58.87 -64.28
C LYS V 78 -22.74 59.97 -65.27
N LYS V 79 -22.87 59.64 -66.57
CA LYS V 79 -23.04 60.60 -67.65
C LYS V 79 -24.33 61.41 -67.52
N GLY V 80 -25.37 60.79 -66.94
CA GLY V 80 -26.66 61.43 -66.69
C GLY V 80 -26.67 62.38 -65.52
N MET V 81 -25.55 62.48 -64.77
CA MET V 81 -25.37 63.51 -63.75
C MET V 81 -24.58 64.68 -64.33
N LYS V 82 -24.80 65.88 -63.74
CA LYS V 82 -24.26 67.13 -64.27
C LYS V 82 -22.75 67.27 -64.25
N CYS V 83 -22.09 66.85 -63.15
CA CYS V 83 -20.64 66.93 -62.98
C CYS V 83 -19.95 65.62 -63.42
N TYR V 84 -18.59 65.62 -63.44
CA TYR V 84 -17.73 64.54 -63.93
C TYR V 84 -17.63 64.55 -65.46
N ARG V 85 -16.45 64.20 -66.02
CA ARG V 85 -16.26 64.07 -67.45
C ARG V 85 -16.04 62.62 -67.84
N PRO V 86 -16.96 61.93 -68.48
CA PRO V 86 -16.70 60.62 -69.08
C PRO V 86 -15.56 60.60 -70.10
N ARG V 87 -14.56 59.72 -69.93
CA ARG V 87 -13.48 59.57 -70.90
C ARG V 87 -13.82 58.47 -71.91
N LYS V 88 -14.82 57.63 -71.60
CA LYS V 88 -15.36 56.65 -72.51
C LYS V 88 -16.87 56.63 -72.31
N LYS V 89 -17.62 56.15 -73.31
CA LYS V 89 -19.05 55.96 -73.16
C LYS V 89 -19.40 54.94 -72.07
N GLY V 90 -20.43 55.24 -71.25
CA GLY V 90 -20.87 54.35 -70.17
C GLY V 90 -20.05 54.43 -68.90
N GLU V 91 -19.04 55.32 -68.85
CA GLU V 91 -18.18 55.48 -67.70
C GLU V 91 -18.86 56.02 -66.45
N ARG V 92 -18.69 55.32 -65.30
CA ARG V 92 -19.19 55.74 -64.00
C ARG V 92 -18.06 55.71 -62.99
N LYS V 93 -18.00 56.69 -62.08
CA LYS V 93 -16.89 56.80 -61.14
C LYS V 93 -17.33 57.42 -59.84
N ARG V 94 -16.77 56.94 -58.70
CA ARG V 94 -17.06 57.54 -57.41
C ARG V 94 -16.10 58.68 -57.15
N LYS V 95 -16.67 59.89 -56.96
CA LYS V 95 -15.90 61.10 -56.75
C LYS V 95 -16.45 61.82 -55.53
N SER V 96 -15.60 62.57 -54.80
CA SER V 96 -16.11 63.53 -53.82
C SER V 96 -16.70 64.79 -54.44
N VAL V 97 -17.76 65.31 -53.80
CA VAL V 97 -18.46 66.51 -54.17
C VAL V 97 -18.96 67.13 -52.88
N ARG V 98 -19.23 68.43 -52.88
CA ARG V 98 -19.84 69.09 -51.75
C ARG V 98 -21.34 69.21 -51.96
N GLY V 99 -22.17 69.02 -50.92
CA GLY V 99 -23.61 69.20 -51.03
C GLY V 99 -24.09 70.59 -51.43
N CYS V 100 -25.43 70.74 -51.56
CA CYS V 100 -26.06 71.93 -52.08
C CYS V 100 -26.14 73.10 -51.11
N ILE V 101 -25.78 72.92 -49.84
CA ILE V 101 -26.07 73.91 -48.81
C ILE V 101 -24.82 74.71 -48.51
N VAL V 102 -24.90 76.04 -48.71
CA VAL V 102 -23.81 76.99 -48.56
C VAL V 102 -23.30 77.09 -47.12
N GLY V 103 -21.96 77.03 -46.93
CA GLY V 103 -21.33 77.06 -45.62
C GLY V 103 -20.21 78.05 -45.50
N GLN V 104 -19.71 78.23 -44.27
CA GLN V 104 -18.67 79.16 -43.89
C GLN V 104 -17.33 78.93 -44.56
N ASP V 105 -16.98 77.65 -44.75
CA ASP V 105 -15.65 77.17 -45.02
C ASP V 105 -15.34 76.97 -46.51
N LEU V 106 -16.26 77.37 -47.41
CA LEU V 106 -16.03 77.36 -48.84
C LEU V 106 -14.86 78.22 -49.28
N SER V 107 -14.09 77.77 -50.28
CA SER V 107 -13.09 78.60 -50.92
C SER V 107 -13.75 79.68 -51.75
N ALA V 108 -14.75 79.29 -52.55
CA ALA V 108 -15.27 80.17 -53.57
C ALA V 108 -16.75 79.94 -53.80
N LEU V 109 -17.43 80.97 -54.34
CA LEU V 109 -18.85 80.94 -54.59
C LEU V 109 -19.15 81.56 -55.95
N ASN V 110 -20.14 81.02 -56.67
CA ASN V 110 -20.57 81.55 -57.93
C ASN V 110 -22.01 81.98 -57.75
N LEU V 111 -22.29 83.25 -58.02
CA LEU V 111 -23.58 83.88 -57.90
C LEU V 111 -23.93 84.69 -59.14
N THR V 112 -25.21 85.01 -59.33
CA THR V 112 -25.67 85.82 -60.46
C THR V 112 -26.69 86.80 -59.95
N LEU V 113 -26.58 88.09 -60.31
CA LEU V 113 -27.57 89.06 -59.91
C LEU V 113 -28.89 88.89 -60.64
N VAL V 114 -30.01 88.99 -59.90
CA VAL V 114 -31.35 88.75 -60.42
C VAL V 114 -32.10 90.06 -60.45
N LYS V 115 -32.03 90.86 -59.37
CA LYS V 115 -32.61 92.17 -59.33
C LYS V 115 -31.55 93.16 -58.89
N LYS V 116 -31.51 94.35 -59.52
CA LYS V 116 -30.47 95.33 -59.26
C LYS V 116 -30.52 95.95 -57.86
N GLY V 117 -29.33 96.29 -57.31
CA GLY V 117 -29.20 97.00 -56.05
C GLY V 117 -29.77 98.39 -55.99
N VAL V 118 -30.15 98.84 -54.78
CA VAL V 118 -30.44 100.25 -54.52
C VAL V 118 -29.14 101.01 -54.41
N ASN V 119 -28.04 100.27 -54.11
CA ASN V 119 -26.71 100.66 -54.43
C ASN V 119 -26.22 99.58 -55.38
N GLU V 120 -25.96 99.99 -56.63
CA GLU V 120 -25.53 99.17 -57.71
C GLU V 120 -24.02 98.94 -57.70
N ILE V 121 -23.54 97.75 -58.16
CA ILE V 121 -22.12 97.41 -58.20
C ILE V 121 -21.40 98.20 -59.29
N PRO V 122 -20.38 99.01 -59.02
CA PRO V 122 -19.72 99.80 -60.04
C PRO V 122 -18.90 98.90 -60.96
N GLY V 123 -18.96 99.17 -62.27
CA GLY V 123 -18.24 98.40 -63.29
C GLY V 123 -19.10 97.29 -63.81
N LEU V 124 -19.53 96.36 -62.94
CA LEU V 124 -20.37 95.23 -63.29
C LEU V 124 -21.73 95.68 -63.81
N THR V 125 -22.32 96.72 -63.18
CA THR V 125 -23.53 97.34 -63.70
C THR V 125 -23.28 98.15 -64.95
N ASP V 126 -22.21 98.98 -64.94
CA ASP V 126 -21.87 99.94 -65.97
C ASP V 126 -21.52 99.33 -67.33
N LYS V 127 -20.67 98.29 -67.35
CA LYS V 127 -20.16 97.69 -68.56
C LYS V 127 -21.16 96.73 -69.21
N ALA V 128 -20.98 96.47 -70.51
CA ALA V 128 -21.72 95.46 -71.21
C ALA V 128 -20.88 94.91 -72.35
N VAL V 129 -21.04 93.60 -72.66
CA VAL V 129 -20.40 92.97 -73.81
C VAL V 129 -21.49 92.33 -74.66
N GLY V 130 -21.39 92.49 -76.00
CA GLY V 130 -22.34 91.90 -76.94
C GLY V 130 -22.17 90.41 -77.15
N LYS V 131 -22.97 89.84 -78.07
CA LYS V 131 -22.87 88.45 -78.43
C LYS V 131 -21.97 88.28 -79.66
N LYS V 132 -20.77 87.70 -79.45
CA LYS V 132 -19.75 87.51 -80.48
C LYS V 132 -20.18 86.58 -81.60
N LEU V 133 -20.84 85.47 -81.25
CA LEU V 133 -21.33 84.50 -82.20
C LEU V 133 -22.81 84.75 -82.41
N GLY V 134 -23.18 85.13 -83.65
CA GLY V 134 -24.56 85.07 -84.09
C GLY V 134 -24.87 83.72 -84.69
N PRO V 135 -26.12 83.45 -85.06
CA PRO V 135 -26.53 82.17 -85.59
C PRO V 135 -25.83 81.66 -86.85
N LYS V 136 -25.90 80.34 -87.10
CA LYS V 136 -25.52 79.75 -88.37
C LYS V 136 -26.74 79.17 -89.09
N ARG V 137 -27.88 79.05 -88.40
CA ARG V 137 -29.08 78.53 -89.02
C ARG V 137 -29.92 79.59 -89.68
N ALA V 138 -30.48 79.26 -90.86
CA ALA V 138 -31.23 80.17 -91.69
C ALA V 138 -32.50 80.68 -91.03
N SER V 139 -33.32 79.77 -90.46
CA SER V 139 -34.52 80.14 -89.72
C SER V 139 -34.23 81.00 -88.50
N LYS V 140 -33.13 80.71 -87.78
CA LYS V 140 -32.68 81.50 -86.65
C LYS V 140 -32.27 82.92 -87.04
N ILE V 141 -31.50 83.10 -88.14
CA ILE V 141 -31.24 84.41 -88.74
C ILE V 141 -32.53 85.13 -89.15
N ARG V 142 -33.44 84.40 -89.83
CA ARG V 142 -34.70 84.91 -90.34
C ARG V 142 -35.59 85.46 -89.24
N LYS V 143 -35.71 84.72 -88.12
CA LYS V 143 -36.24 85.18 -86.86
C LYS V 143 -35.51 86.37 -86.24
N LEU V 144 -34.16 86.30 -86.10
CA LEU V 144 -33.38 87.27 -85.36
C LEU V 144 -33.42 88.71 -85.90
N PHE V 145 -33.36 88.88 -87.24
CA PHE V 145 -33.35 90.20 -87.83
C PHE V 145 -34.75 90.63 -88.26
N ASN V 146 -35.68 89.66 -88.36
CA ASN V 146 -37.07 89.85 -88.77
C ASN V 146 -37.23 90.44 -90.16
N LEU V 147 -36.35 90.03 -91.10
CA LEU V 147 -36.39 90.51 -92.49
C LEU V 147 -36.96 89.43 -93.40
N ASP V 148 -37.28 88.26 -92.80
CA ASP V 148 -37.89 87.10 -93.39
C ASP V 148 -37.39 86.66 -94.77
N LYS V 149 -38.31 86.35 -95.69
CA LYS V 149 -38.04 85.96 -97.05
C LYS V 149 -38.31 87.15 -97.95
N SER V 150 -38.86 88.23 -97.37
CA SER V 150 -39.07 89.54 -97.99
C SER V 150 -37.78 90.19 -98.42
N ASP V 151 -36.73 90.13 -97.58
CA ASP V 151 -35.41 90.52 -97.99
C ASP V 151 -34.44 89.51 -97.39
N ASP V 152 -33.47 89.04 -98.22
CA ASP V 152 -32.69 87.86 -97.93
C ASP V 152 -31.82 87.92 -96.66
N VAL V 153 -31.80 86.79 -95.93
CA VAL V 153 -31.02 86.57 -94.73
C VAL V 153 -29.52 86.64 -94.98
N ARG V 154 -29.07 86.17 -96.16
CA ARG V 154 -27.67 86.10 -96.57
C ARG V 154 -26.99 87.45 -96.62
N LYS V 155 -27.72 88.50 -97.00
CA LYS V 155 -27.23 89.87 -96.99
C LYS V 155 -26.90 90.41 -95.59
N TYR V 156 -27.72 90.07 -94.56
CA TYR V 156 -27.64 90.67 -93.24
C TYR V 156 -26.93 89.79 -92.22
N VAL V 157 -26.24 88.73 -92.66
CA VAL V 157 -25.37 87.92 -91.83
C VAL V 157 -24.25 88.68 -91.10
N ILE V 158 -23.80 88.13 -89.95
CA ILE V 158 -22.69 88.62 -89.15
C ILE V 158 -21.36 88.62 -89.91
N ILE V 159 -20.50 89.62 -89.67
CA ILE V 159 -19.24 89.76 -90.37
C ILE V 159 -18.23 90.36 -89.41
N GLY V 160 -16.94 89.95 -89.51
CA GLY V 160 -15.86 90.45 -88.69
C GLY V 160 -14.71 90.96 -89.58
N PHE V 171 -13.74 91.97 -92.34
CA PHE V 171 -13.18 90.97 -93.32
C PHE V 171 -14.13 89.85 -93.72
N ILE V 172 -14.45 88.89 -92.82
CA ILE V 172 -15.02 87.58 -93.19
C ILE V 172 -16.27 87.23 -92.39
N LYS V 173 -17.02 86.21 -92.88
CA LYS V 173 -18.38 85.92 -92.45
C LYS V 173 -18.62 84.40 -92.48
N PRO V 174 -19.55 83.84 -91.69
CA PRO V 174 -19.59 82.40 -91.43
C PRO V 174 -20.37 81.61 -92.46
N LYS V 175 -20.07 80.30 -92.62
CA LYS V 175 -20.93 79.37 -93.31
C LYS V 175 -22.28 79.18 -92.62
N ILE V 176 -23.38 79.05 -93.39
CA ILE V 176 -24.74 78.93 -92.87
C ILE V 176 -25.45 77.74 -93.48
N GLN V 177 -26.51 77.23 -92.82
CA GLN V 177 -27.18 75.99 -93.17
C GLN V 177 -28.69 76.14 -93.05
N ARG V 178 -29.41 75.17 -93.64
CA ARG V 178 -30.86 75.09 -93.78
C ARG V 178 -31.33 75.98 -94.90
N LEU V 179 -30.57 75.94 -96.01
CA LEU V 179 -30.68 76.86 -97.12
C LEU V 179 -31.63 76.37 -98.23
N VAL V 180 -31.87 77.24 -99.22
CA VAL V 180 -32.81 77.02 -100.32
C VAL V 180 -32.07 76.77 -101.64
N THR V 181 -30.80 76.34 -101.54
CA THR V 181 -29.89 76.12 -102.65
C THR V 181 -30.29 75.08 -103.68
N GLU V 182 -29.82 75.31 -104.92
CA GLU V 182 -30.07 74.51 -106.09
C GLU V 182 -29.62 73.05 -105.97
N LYS V 183 -28.47 72.77 -105.33
CA LYS V 183 -27.99 71.42 -105.09
C LYS V 183 -28.92 70.64 -104.17
N ARG V 184 -29.44 71.31 -103.13
CA ARG V 184 -30.40 70.73 -102.21
C ARG V 184 -31.73 70.41 -102.90
N LEU V 185 -32.21 71.33 -103.75
CA LEU V 185 -33.40 71.12 -104.56
C LEU V 185 -33.22 69.99 -105.55
N LEU V 186 -32.12 69.99 -106.33
CA LEU V 186 -31.85 68.97 -107.32
C LEU V 186 -31.77 67.57 -106.75
N ARG V 187 -31.10 67.43 -105.60
CA ARG V 187 -31.11 66.22 -104.82
C ARG V 187 -32.50 65.69 -104.48
N LYS V 188 -33.39 66.57 -103.97
CA LYS V 188 -34.77 66.20 -103.70
C LYS V 188 -35.56 65.78 -104.92
N ARG V 189 -35.45 66.54 -106.03
CA ARG V 189 -36.02 66.21 -107.32
C ARG V 189 -35.62 64.82 -107.81
N ASN V 190 -34.31 64.52 -107.77
CA ASN V 190 -33.75 63.26 -108.17
C ASN V 190 -34.28 62.10 -107.34
N LEU V 191 -34.41 62.27 -106.01
CA LEU V 191 -35.02 61.28 -105.15
C LEU V 191 -36.46 60.92 -105.54
N LEU V 192 -37.35 61.91 -105.71
CA LEU V 192 -38.71 61.71 -106.16
C LEU V 192 -38.83 61.04 -107.54
N GLN V 193 -38.02 61.51 -108.50
CA GLN V 193 -37.88 60.92 -109.82
C GLN V 193 -37.47 59.46 -109.79
N ALA V 194 -36.49 59.10 -108.94
CA ALA V 194 -35.99 57.75 -108.77
C ALA V 194 -37.05 56.80 -108.24
N LYS V 195 -37.82 57.22 -107.22
CA LYS V 195 -38.95 56.47 -106.70
C LYS V 195 -39.99 56.20 -107.77
N ASP V 196 -40.37 57.24 -108.55
CA ASP V 196 -41.28 57.07 -109.66
C ASP V 196 -40.78 56.11 -110.75
N LYS V 197 -39.49 56.23 -111.13
CA LYS V 197 -38.83 55.37 -112.09
C LYS V 197 -38.78 53.92 -111.65
N ARG V 198 -38.35 53.66 -110.41
CA ARG V 198 -38.32 52.35 -109.82
C ARG V 198 -39.70 51.71 -109.75
N ARG V 199 -40.72 52.50 -109.37
CA ARG V 199 -42.10 52.03 -109.37
C ARG V 199 -42.57 51.60 -110.75
N LEU V 200 -42.33 52.44 -111.79
CA LEU V 200 -42.64 52.09 -113.17
C LEU V 200 -41.93 50.84 -113.68
N GLU V 201 -40.63 50.72 -113.40
CA GLU V 201 -39.83 49.53 -113.68
C GLU V 201 -40.36 48.28 -113.00
N LYS V 202 -40.73 48.39 -111.71
CA LYS V 202 -41.34 47.32 -110.96
C LYS V 202 -42.66 46.87 -111.56
N LYS V 203 -43.57 47.79 -111.92
CA LYS V 203 -44.80 47.44 -112.62
C LYS V 203 -44.59 46.73 -113.95
N GLN V 204 -43.61 47.17 -114.78
CA GLN V 204 -43.21 46.43 -115.97
C GLN V 204 -42.72 45.01 -115.72
N GLN V 205 -41.88 44.83 -114.69
CA GLN V 205 -41.46 43.52 -114.24
C GLN V 205 -42.55 42.63 -113.69
N LEU V 206 -43.45 43.18 -112.86
CA LEU V 206 -44.66 42.50 -112.41
C LEU V 206 -45.54 42.04 -113.57
N LYS V 207 -45.76 42.89 -114.58
CA LYS V 207 -46.47 42.55 -115.80
C LYS V 207 -45.83 41.37 -116.54
N GLU V 208 -44.50 41.41 -116.73
CA GLU V 208 -43.72 40.26 -117.18
C GLU V 208 -43.94 38.99 -116.36
N TYR V 209 -43.89 39.07 -115.01
CA TYR V 209 -44.12 37.96 -114.10
C TYR V 209 -45.48 37.30 -114.27
N LYS V 210 -46.56 38.09 -114.40
CA LYS V 210 -47.89 37.60 -114.72
C LYS V 210 -47.97 36.82 -116.03
N GLN V 211 -47.35 37.37 -117.08
CA GLN V 211 -47.24 36.77 -118.39
C GLN V 211 -46.55 35.41 -118.36
N LEU V 212 -45.40 35.32 -117.69
CA LEU V 212 -44.70 34.08 -117.41
C LEU V 212 -45.55 33.06 -116.65
N LEU V 213 -46.20 33.50 -115.57
CA LEU V 213 -47.02 32.68 -114.70
C LEU V 213 -48.19 31.98 -115.39
N ASN V 214 -49.01 32.72 -116.16
CA ASN V 214 -50.20 32.18 -116.78
C ASN V 214 -49.89 31.22 -117.97
N ALA W 1 -61.40 -39.62 -121.22
CA ALA W 1 -61.28 -40.91 -120.48
C ALA W 1 -59.88 -41.20 -119.92
N VAL W 2 -59.27 -42.36 -120.25
CA VAL W 2 -58.06 -42.88 -119.61
C VAL W 2 -56.80 -42.03 -119.72
N GLN W 3 -56.51 -41.44 -120.90
CA GLN W 3 -55.32 -40.61 -121.09
C GLN W 3 -55.36 -39.36 -120.23
N LYS W 4 -56.53 -38.69 -120.21
CA LYS W 4 -56.81 -37.54 -119.38
C LYS W 4 -56.78 -37.86 -117.89
N ARG W 5 -57.32 -39.03 -117.50
CA ARG W 5 -57.27 -39.53 -116.15
C ARG W 5 -55.84 -39.77 -115.64
N VAL W 6 -54.98 -40.43 -116.44
CA VAL W 6 -53.63 -40.77 -116.01
C VAL W 6 -52.64 -39.62 -116.12
N LEU W 7 -52.60 -38.90 -117.25
CA LEU W 7 -51.51 -37.99 -117.56
C LEU W 7 -51.76 -36.57 -117.06
N LYS W 8 -50.90 -36.06 -116.16
CA LYS W 8 -50.92 -34.66 -115.76
C LYS W 8 -50.43 -33.74 -116.88
N SER W 9 -49.29 -34.11 -117.52
CA SER W 9 -48.77 -33.41 -118.68
C SER W 9 -49.65 -33.47 -119.91
N ASN W 10 -49.58 -32.44 -120.78
CA ASN W 10 -50.31 -32.36 -122.04
C ASN W 10 -49.99 -33.52 -123.01
N PRO W 11 -50.90 -33.97 -123.88
CA PRO W 11 -50.82 -35.28 -124.54
C PRO W 11 -49.52 -35.63 -125.26
N SER W 12 -48.89 -36.78 -124.91
CA SER W 12 -47.64 -37.20 -125.54
C SER W 12 -47.51 -38.72 -125.55
N ASP W 13 -46.99 -39.26 -126.67
CA ASP W 13 -46.94 -40.67 -127.03
C ASP W 13 -46.27 -41.65 -126.07
N LEU W 14 -45.12 -41.32 -125.48
CA LEU W 14 -44.31 -42.30 -124.76
C LEU W 14 -44.82 -42.38 -123.34
N GLU W 15 -45.24 -41.24 -122.82
CA GLU W 15 -46.00 -41.03 -121.62
C GLU W 15 -47.32 -41.79 -121.70
N LYS W 16 -48.03 -41.65 -122.83
CA LYS W 16 -49.22 -42.41 -123.16
C LYS W 16 -48.96 -43.90 -123.23
N GLU W 17 -47.82 -44.36 -123.76
CA GLU W 17 -47.42 -45.76 -123.73
C GLU W 17 -47.29 -46.30 -122.30
N ILE W 18 -46.67 -45.54 -121.36
CA ILE W 18 -46.64 -45.97 -119.96
C ILE W 18 -48.05 -46.04 -119.36
N ALA W 19 -48.87 -45.01 -119.59
CA ALA W 19 -50.28 -44.99 -119.23
C ALA W 19 -51.05 -46.19 -119.75
N GLN W 20 -50.82 -46.56 -121.02
CA GLN W 20 -51.31 -47.75 -121.67
C GLN W 20 -50.88 -49.02 -120.96
N CYS W 21 -49.60 -49.18 -120.63
CA CYS W 21 -49.10 -50.31 -119.87
C CYS W 21 -49.75 -50.44 -118.50
N LEU W 22 -49.87 -49.34 -117.74
CA LEU W 22 -50.59 -49.32 -116.49
C LEU W 22 -52.07 -49.68 -116.64
N LEU W 23 -52.74 -49.11 -117.66
CA LEU W 23 -54.07 -49.50 -118.07
C LEU W 23 -54.19 -50.98 -118.46
N ASP W 24 -53.20 -51.53 -119.19
CA ASP W 24 -53.12 -52.93 -119.58
C ASP W 24 -53.09 -53.83 -118.35
N ILE W 25 -52.30 -53.46 -117.33
CA ILE W 25 -52.34 -54.16 -116.04
C ILE W 25 -53.71 -54.03 -115.36
N GLU W 26 -54.29 -52.82 -115.33
CA GLU W 26 -55.59 -52.52 -114.73
C GLU W 26 -56.81 -53.24 -115.33
N LEU W 27 -56.92 -53.28 -116.66
CA LEU W 27 -57.93 -54.00 -117.42
C LEU W 27 -57.91 -55.49 -117.18
N SER W 28 -56.70 -56.07 -117.14
CA SER W 28 -56.50 -57.52 -117.10
C SER W 28 -56.74 -58.04 -115.71
N SER W 29 -56.24 -57.29 -114.69
CA SER W 29 -56.46 -57.57 -113.28
C SER W 29 -55.50 -58.63 -112.80
N SER W 30 -54.18 -58.35 -112.94
CA SER W 30 -53.09 -59.21 -112.49
C SER W 30 -53.16 -59.50 -110.98
N SER W 31 -52.71 -60.70 -110.57
CA SER W 31 -53.01 -61.25 -109.24
C SER W 31 -52.47 -60.42 -108.07
N ASP W 32 -51.23 -59.90 -108.18
CA ASP W 32 -50.54 -59.30 -107.05
C ASP W 32 -50.45 -57.77 -107.17
N ILE W 33 -51.19 -57.14 -108.13
CA ILE W 33 -51.36 -55.69 -108.13
C ILE W 33 -52.55 -55.33 -107.24
N LYS W 34 -52.25 -55.14 -105.94
CA LYS W 34 -53.24 -54.99 -104.90
C LYS W 34 -54.06 -53.71 -105.01
N THR W 35 -55.40 -53.86 -105.12
CA THR W 35 -56.37 -52.77 -105.34
C THR W 35 -56.07 -51.98 -106.60
N ASP W 36 -55.61 -52.69 -107.64
CA ASP W 36 -55.32 -52.20 -108.96
C ASP W 36 -54.26 -51.09 -109.08
N ALA W 37 -53.87 -50.78 -110.34
CA ALA W 37 -53.04 -49.66 -110.73
C ALA W 37 -53.76 -48.31 -110.62
N LYS W 38 -55.09 -48.32 -110.51
CA LYS W 38 -55.96 -47.30 -111.02
C LYS W 38 -55.88 -45.90 -110.42
N GLU W 39 -55.32 -45.71 -109.21
CA GLU W 39 -55.13 -44.36 -108.68
C GLU W 39 -53.74 -43.79 -108.97
N ILE W 40 -52.91 -44.47 -109.78
CA ILE W 40 -51.64 -43.92 -110.26
C ILE W 40 -51.87 -42.76 -111.24
N LYS W 41 -51.15 -41.64 -111.03
CA LYS W 41 -51.19 -40.47 -111.87
C LYS W 41 -49.78 -40.15 -112.32
N LEU W 42 -49.55 -40.00 -113.63
CA LEU W 42 -48.23 -39.76 -114.17
C LEU W 42 -48.05 -38.26 -114.33
N LEU W 43 -47.03 -37.67 -113.66
CA LEU W 43 -46.80 -36.25 -113.76
C LEU W 43 -46.09 -35.92 -115.07
N SER W 44 -44.93 -36.56 -115.28
CA SER W 44 -44.17 -36.46 -116.52
C SER W 44 -43.15 -37.58 -116.54
N CYS W 45 -42.53 -37.81 -117.71
CA CYS W 45 -41.56 -38.87 -117.92
C CYS W 45 -40.36 -38.32 -118.70
N ASP W 46 -39.16 -38.88 -118.46
CA ASP W 46 -37.95 -38.53 -119.16
C ASP W 46 -37.26 -39.82 -119.61
N LEU W 47 -36.55 -39.75 -120.75
CA LEU W 47 -35.88 -40.89 -121.34
C LEU W 47 -34.40 -40.62 -121.30
N ILE W 48 -33.63 -41.61 -120.83
CA ILE W 48 -32.23 -41.50 -120.57
C ILE W 48 -31.56 -42.72 -121.18
N GLU W 49 -30.39 -42.55 -121.79
CA GLU W 49 -29.70 -43.63 -122.46
C GLU W 49 -28.29 -43.71 -121.89
N VAL W 50 -27.91 -44.90 -121.38
CA VAL W 50 -26.66 -45.08 -120.66
C VAL W 50 -25.48 -45.29 -121.59
N GLU W 51 -24.26 -44.96 -121.11
CA GLU W 51 -23.02 -45.07 -121.86
C GLU W 51 -22.71 -46.49 -122.30
N LYS W 52 -22.99 -47.48 -121.42
CA LYS W 52 -22.76 -48.88 -121.69
C LYS W 52 -23.77 -49.49 -122.65
N LEU W 53 -24.87 -48.77 -122.92
CA LEU W 53 -25.91 -49.09 -123.86
C LEU W 53 -26.55 -50.47 -123.69
N LYS W 54 -27.06 -50.75 -122.48
CA LYS W 54 -27.94 -51.88 -122.25
C LYS W 54 -29.35 -51.34 -122.02
N LYS W 55 -30.22 -51.54 -123.02
CA LYS W 55 -31.49 -50.85 -123.19
C LYS W 55 -31.45 -49.34 -122.98
N LYS W 56 -32.60 -48.75 -122.60
CA LYS W 56 -32.77 -47.34 -122.33
C LYS W 56 -33.57 -47.27 -121.05
N THR W 57 -33.46 -46.18 -120.27
CA THR W 57 -34.19 -46.05 -119.01
C THR W 57 -35.12 -44.86 -119.02
N ILE W 58 -36.30 -45.07 -118.43
CA ILE W 58 -37.34 -44.09 -118.30
C ILE W 58 -37.42 -43.69 -116.86
N LEU W 59 -37.32 -42.38 -116.59
CA LEU W 59 -37.61 -41.83 -115.29
C LEU W 59 -39.03 -41.29 -115.33
N ILE W 60 -39.82 -41.56 -114.29
CA ILE W 60 -41.19 -41.15 -114.14
C ILE W 60 -41.34 -40.28 -112.92
N TYR W 61 -41.81 -39.05 -113.09
CA TYR W 61 -42.17 -38.19 -111.98
C TYR W 61 -43.64 -38.39 -111.65
N ILE W 62 -43.95 -38.48 -110.35
CA ILE W 62 -45.28 -38.75 -109.82
C ILE W 62 -45.55 -37.65 -108.81
N PRO W 63 -46.75 -37.09 -108.65
CA PRO W 63 -47.08 -36.20 -107.54
C PRO W 63 -46.87 -36.85 -106.18
N TYR W 64 -46.10 -36.19 -105.29
CA TYR W 64 -45.72 -36.62 -103.95
C TYR W 64 -46.76 -37.41 -103.15
N LYS W 65 -47.99 -36.88 -102.99
CA LYS W 65 -49.07 -37.52 -102.25
C LYS W 65 -49.49 -38.89 -102.77
N ILE W 66 -49.67 -39.04 -104.10
CA ILE W 66 -49.92 -40.31 -104.78
C ILE W 66 -48.78 -41.28 -104.57
N TYR W 67 -47.54 -40.80 -104.74
CA TYR W 67 -46.36 -41.61 -104.60
C TYR W 67 -46.20 -42.23 -103.21
N THR W 68 -46.28 -41.42 -102.14
CA THR W 68 -46.26 -41.90 -100.76
C THR W 68 -47.39 -42.84 -100.41
N THR W 69 -48.64 -42.50 -100.78
CA THR W 69 -49.82 -43.23 -100.35
C THR W 69 -49.97 -44.51 -101.14
N TYR W 70 -49.86 -44.43 -102.47
CA TYR W 70 -50.13 -45.54 -103.34
C TYR W 70 -48.84 -46.22 -103.75
N VAL W 71 -47.90 -45.51 -104.41
CA VAL W 71 -46.76 -46.15 -105.06
C VAL W 71 -45.78 -46.85 -104.12
N ARG W 72 -45.38 -46.18 -103.03
CA ARG W 72 -44.48 -46.70 -102.02
C ARG W 72 -44.92 -48.01 -101.37
N LYS W 73 -46.23 -48.15 -101.10
CA LYS W 73 -46.83 -49.27 -100.42
C LYS W 73 -46.60 -50.61 -101.13
N ILE W 74 -46.70 -50.60 -102.46
CA ILE W 74 -46.78 -51.78 -103.29
C ILE W 74 -45.59 -51.91 -104.21
N GLN W 75 -44.51 -51.12 -103.99
CA GLN W 75 -43.66 -50.65 -105.06
C GLN W 75 -42.93 -51.72 -105.85
N ARG W 76 -42.39 -52.76 -105.18
CA ARG W 76 -41.68 -53.86 -105.80
C ARG W 76 -42.56 -54.62 -106.78
N LYS W 77 -43.79 -54.95 -106.35
CA LYS W 77 -44.74 -55.72 -107.12
C LYS W 77 -45.21 -54.92 -108.33
N LEU W 78 -45.49 -53.62 -108.11
CA LEU W 78 -45.94 -52.70 -109.12
C LEU W 78 -44.88 -52.48 -110.18
N ILE W 79 -43.63 -52.21 -109.78
CA ILE W 79 -42.55 -52.00 -110.72
C ILE W 79 -42.27 -53.23 -111.58
N ASN W 80 -42.24 -54.45 -111.00
CA ASN W 80 -42.00 -55.65 -111.78
C ASN W 80 -43.04 -55.89 -112.88
N GLU W 81 -44.34 -55.73 -112.58
CA GLU W 81 -45.41 -55.79 -113.56
C GLU W 81 -45.26 -54.74 -114.66
N LEU W 82 -44.96 -53.48 -114.28
CA LEU W 82 -44.73 -52.43 -115.24
C LEU W 82 -43.53 -52.67 -116.13
N GLU W 83 -42.39 -53.08 -115.55
CA GLU W 83 -41.22 -53.59 -116.23
C GLU W 83 -41.51 -54.70 -117.23
N LYS W 84 -42.32 -55.71 -116.86
CA LYS W 84 -42.76 -56.77 -117.76
C LYS W 84 -43.50 -56.25 -119.00
N LYS W 85 -44.47 -55.33 -118.82
CA LYS W 85 -45.16 -54.65 -119.90
C LYS W 85 -44.27 -53.74 -120.74
N THR W 86 -43.54 -52.84 -120.07
CA THR W 86 -42.65 -51.85 -120.66
C THR W 86 -41.46 -52.46 -121.38
N LYS W 87 -40.98 -51.81 -122.44
CA LYS W 87 -39.95 -52.39 -123.29
C LYS W 87 -38.56 -51.91 -122.86
N LYS W 88 -38.51 -51.01 -121.84
CA LYS W 88 -37.34 -50.29 -121.40
C LYS W 88 -37.34 -50.26 -119.87
N TYR W 89 -36.20 -49.92 -119.21
CA TYR W 89 -36.11 -49.94 -117.74
C TYR W 89 -36.73 -48.71 -117.08
N VAL W 90 -37.78 -48.91 -116.26
CA VAL W 90 -38.52 -47.82 -115.65
C VAL W 90 -38.11 -47.57 -114.20
N VAL W 91 -37.97 -46.29 -113.77
CA VAL W 91 -38.00 -45.95 -112.35
C VAL W 91 -38.98 -44.80 -112.05
N LEU W 92 -39.81 -44.94 -110.99
CA LEU W 92 -40.78 -43.96 -110.51
C LEU W 92 -40.24 -43.16 -109.32
N VAL W 93 -40.27 -41.81 -109.38
CA VAL W 93 -39.86 -40.95 -108.28
C VAL W 93 -40.92 -39.91 -107.95
N ALA W 94 -40.95 -39.43 -106.70
CA ALA W 94 -41.82 -38.35 -106.29
C ALA W 94 -41.27 -36.97 -106.65
N LYS W 95 -42.09 -36.14 -107.34
CA LYS W 95 -41.80 -34.72 -107.51
C LYS W 95 -41.78 -33.97 -106.16
N ARG W 96 -40.80 -33.07 -105.95
CA ARG W 96 -40.57 -32.41 -104.67
C ARG W 96 -40.21 -30.94 -104.89
N THR W 97 -40.81 -30.02 -104.12
CA THR W 97 -40.49 -28.59 -104.19
C THR W 97 -39.09 -28.26 -103.67
N ILE W 98 -38.31 -27.49 -104.45
CA ILE W 98 -36.99 -27.01 -104.10
C ILE W 98 -37.02 -25.49 -104.17
N LEU W 99 -36.63 -24.80 -103.10
CA LEU W 99 -36.62 -23.35 -103.06
C LEU W 99 -35.70 -22.86 -101.97
N LYS W 100 -35.31 -21.56 -102.00
CA LYS W 100 -34.38 -20.99 -101.04
C LYS W 100 -35.05 -19.93 -100.22
N GLY W 101 -34.83 -19.91 -98.88
CA GLY W 101 -35.58 -19.05 -97.96
C GLY W 101 -35.17 -17.60 -97.99
N LYS W 102 -34.07 -17.30 -98.67
CA LYS W 102 -33.59 -15.95 -98.88
C LYS W 102 -34.42 -15.22 -99.93
N GLN W 103 -35.22 -15.97 -100.73
CA GLN W 103 -36.20 -15.42 -101.63
C GLN W 103 -37.45 -14.95 -100.86
N LYS W 104 -37.58 -15.41 -99.60
CA LYS W 104 -38.60 -15.03 -98.65
C LYS W 104 -40.04 -15.26 -99.13
N ASN W 105 -40.30 -16.50 -99.58
CA ASN W 105 -41.55 -16.94 -100.17
C ASN W 105 -42.79 -16.82 -99.27
N LYS W 106 -43.93 -16.54 -99.92
CA LYS W 106 -45.15 -16.04 -99.29
C LYS W 106 -45.78 -16.90 -98.19
N SER W 107 -45.83 -18.23 -98.35
CA SER W 107 -46.57 -19.11 -97.44
C SER W 107 -45.69 -19.73 -96.37
N PHE W 108 -44.46 -19.22 -96.18
CA PHE W 108 -43.47 -19.87 -95.34
C PHE W 108 -42.99 -19.04 -94.17
N LYS W 109 -43.17 -19.58 -92.95
CA LYS W 109 -42.35 -19.22 -91.80
C LYS W 109 -41.21 -20.23 -91.73
N ILE W 110 -40.08 -19.93 -92.41
CA ILE W 110 -38.93 -20.82 -92.56
C ILE W 110 -39.22 -21.99 -93.51
N ILE W 111 -38.36 -22.23 -94.52
CA ILE W 111 -38.48 -23.36 -95.42
C ILE W 111 -38.35 -24.72 -94.69
N PRO W 112 -39.25 -25.70 -94.83
CA PRO W 112 -39.10 -26.99 -94.18
C PRO W 112 -37.87 -27.76 -94.60
N ARG W 113 -37.39 -28.70 -93.76
CA ARG W 113 -36.22 -29.50 -94.04
C ARG W 113 -36.45 -30.40 -95.23
N SER W 114 -37.69 -30.90 -95.36
CA SER W 114 -38.20 -31.63 -96.51
C SER W 114 -38.12 -30.90 -97.83
N ARG W 115 -37.96 -29.55 -97.83
CA ARG W 115 -37.84 -28.77 -99.04
C ARG W 115 -36.40 -28.27 -99.20
N THR W 116 -35.45 -28.78 -98.40
CA THR W 116 -34.03 -28.50 -98.56
C THR W 116 -33.41 -29.37 -99.64
N LEU W 117 -32.56 -28.78 -100.49
CA LEU W 117 -31.91 -29.39 -101.64
C LEU W 117 -31.22 -30.70 -101.32
N THR W 118 -30.38 -30.72 -100.28
CA THR W 118 -29.73 -31.92 -99.78
C THR W 118 -30.68 -33.02 -99.36
N SER W 119 -31.73 -32.68 -98.57
CA SER W 119 -32.75 -33.63 -98.16
C SER W 119 -33.52 -34.19 -99.34
N VAL W 120 -33.88 -33.33 -100.30
CA VAL W 120 -34.57 -33.71 -101.52
C VAL W 120 -33.75 -34.70 -102.32
N TYR W 121 -32.44 -34.46 -102.49
CA TYR W 121 -31.59 -35.37 -103.21
C TYR W 121 -31.39 -36.69 -102.50
N ASP W 122 -31.29 -36.69 -101.17
CA ASP W 122 -31.26 -37.92 -100.40
C ASP W 122 -32.56 -38.74 -100.52
N SER W 123 -33.70 -38.04 -100.44
CA SER W 123 -35.03 -38.62 -100.62
C SER W 123 -35.24 -39.21 -102.01
N ILE W 124 -34.75 -38.53 -103.06
CA ILE W 124 -34.79 -39.03 -104.43
C ILE W 124 -33.88 -40.23 -104.61
N LEU W 125 -32.70 -40.25 -103.94
CA LEU W 125 -31.82 -41.40 -103.94
C LEU W 125 -32.49 -42.63 -103.35
N GLU W 126 -33.23 -42.45 -102.23
CA GLU W 126 -34.14 -43.44 -101.69
C GLU W 126 -35.20 -43.91 -102.71
N ASP W 127 -35.89 -42.98 -103.40
CA ASP W 127 -36.89 -43.32 -104.41
C ASP W 127 -36.33 -44.18 -105.55
N ILE W 128 -35.14 -43.88 -106.10
CA ILE W 128 -34.67 -44.64 -107.25
C ILE W 128 -34.26 -46.07 -106.89
N VAL W 129 -33.54 -46.27 -105.77
CA VAL W 129 -33.17 -47.59 -105.33
C VAL W 129 -34.32 -48.44 -104.84
N SER W 130 -35.42 -47.78 -104.38
CA SER W 130 -36.55 -48.24 -103.58
C SER W 130 -36.88 -49.74 -103.48
N PRO W 131 -37.07 -50.57 -104.51
CA PRO W 131 -37.14 -52.02 -104.36
C PRO W 131 -35.99 -52.65 -103.60
N SER W 132 -34.82 -52.00 -103.56
CA SER W 132 -33.69 -52.34 -102.73
C SER W 132 -33.41 -51.20 -101.77
N GLU W 133 -32.74 -51.49 -100.64
CA GLU W 133 -32.58 -50.59 -99.52
C GLU W 133 -31.12 -50.23 -99.27
N ILE W 134 -30.84 -48.93 -99.00
CA ILE W 134 -29.50 -48.40 -98.79
C ILE W 134 -28.94 -48.81 -97.44
N ILE W 135 -27.73 -49.40 -97.45
CA ILE W 135 -26.98 -49.73 -96.27
C ILE W 135 -26.12 -48.55 -95.84
N GLY W 136 -25.49 -47.83 -96.78
CA GLY W 136 -24.64 -46.71 -96.41
C GLY W 136 -24.13 -45.90 -97.58
N LYS W 137 -23.82 -44.62 -97.30
CA LYS W 137 -23.38 -43.62 -98.25
C LYS W 137 -21.98 -43.14 -97.92
N ARG W 138 -21.13 -42.91 -98.95
CA ARG W 138 -19.78 -42.45 -98.76
C ARG W 138 -19.37 -41.59 -99.96
N ILE W 139 -18.86 -40.37 -99.72
CA ILE W 139 -18.53 -39.44 -100.78
C ILE W 139 -17.02 -39.34 -100.93
N SER W 140 -16.48 -39.86 -102.04
CA SER W 140 -15.06 -39.80 -102.31
C SER W 140 -14.72 -38.54 -103.09
N MET W 141 -13.80 -37.74 -102.56
CA MET W 141 -13.32 -36.52 -103.15
C MET W 141 -12.03 -36.76 -103.91
N LYS W 142 -12.13 -36.91 -105.24
CA LYS W 142 -11.02 -37.02 -106.17
C LYS W 142 -10.02 -35.88 -106.06
N ALA W 143 -8.76 -36.11 -106.47
CA ALA W 143 -7.68 -35.14 -106.37
C ALA W 143 -7.96 -33.84 -107.12
N ASP W 144 -8.73 -33.93 -108.22
CA ASP W 144 -9.10 -32.79 -109.03
C ASP W 144 -10.42 -32.18 -108.55
N GLY W 145 -10.92 -32.60 -107.39
CA GLY W 145 -12.09 -32.04 -106.70
C GLY W 145 -13.42 -32.56 -107.15
N LYS W 146 -13.45 -33.49 -108.11
CA LYS W 146 -14.65 -34.22 -108.46
C LYS W 146 -15.13 -35.12 -107.34
N ARG W 147 -16.46 -35.23 -107.13
CA ARG W 147 -17.01 -35.94 -105.99
C ARG W 147 -17.89 -37.09 -106.41
N VAL W 148 -17.62 -38.27 -105.82
CA VAL W 148 -18.25 -39.52 -106.20
C VAL W 148 -18.99 -40.12 -105.03
N PHE W 149 -20.29 -40.36 -105.19
CA PHE W 149 -21.17 -40.89 -104.19
C PHE W 149 -21.22 -42.41 -104.28
N LYS W 150 -20.49 -43.11 -103.40
CA LYS W 150 -20.45 -44.55 -103.27
C LYS W 150 -21.58 -45.10 -102.43
N ILE W 151 -22.60 -45.71 -103.06
CA ILE W 151 -23.81 -46.15 -102.40
C ILE W 151 -23.90 -47.67 -102.28
N MET W 152 -23.87 -48.21 -101.05
CA MET W 152 -23.98 -49.63 -100.82
C MET W 152 -25.44 -50.02 -100.60
N LEU W 153 -25.95 -50.96 -101.41
CA LEU W 153 -27.26 -51.56 -101.29
C LEU W 153 -27.28 -52.85 -100.46
N ASP W 154 -28.50 -53.33 -100.11
CA ASP W 154 -28.76 -54.59 -99.43
C ASP W 154 -28.15 -55.89 -99.99
N SER W 155 -28.24 -56.97 -99.19
CA SER W 155 -27.78 -58.30 -99.57
C SER W 155 -28.89 -59.17 -100.15
N LYS W 156 -30.16 -58.74 -100.07
CA LYS W 156 -31.28 -59.50 -100.60
C LYS W 156 -31.35 -59.49 -102.11
N GLU W 157 -31.18 -58.31 -102.73
CA GLU W 157 -31.33 -58.13 -104.17
C GLU W 157 -29.99 -58.27 -104.89
N ARG W 158 -28.94 -58.63 -104.12
CA ARG W 158 -27.61 -58.98 -104.58
C ARG W 158 -27.59 -60.18 -105.52
N GLN W 159 -28.49 -61.15 -105.29
CA GLN W 159 -28.47 -62.43 -105.97
C GLN W 159 -29.31 -62.44 -107.24
N ARG W 160 -29.94 -61.31 -107.60
CA ARG W 160 -30.53 -61.08 -108.91
C ARG W 160 -29.51 -61.06 -110.06
N ASP W 161 -29.93 -61.46 -111.27
CA ASP W 161 -29.07 -61.51 -112.42
C ASP W 161 -28.85 -60.14 -113.07
N ASN W 162 -29.79 -59.22 -112.85
CA ASN W 162 -29.86 -57.91 -113.49
C ASN W 162 -29.03 -56.84 -112.78
N ILE W 163 -28.45 -57.18 -111.63
CA ILE W 163 -27.70 -56.27 -110.76
C ILE W 163 -26.85 -55.18 -111.40
N GLU W 164 -25.72 -55.48 -112.07
CA GLU W 164 -24.80 -54.45 -112.53
C GLU W 164 -25.37 -53.45 -113.52
N GLU W 165 -26.16 -53.91 -114.51
CA GLU W 165 -26.95 -53.03 -115.38
C GLU W 165 -27.92 -52.12 -114.63
N LYS W 166 -28.62 -52.66 -113.61
CA LYS W 166 -29.42 -51.87 -112.69
C LYS W 166 -28.62 -50.86 -111.88
N LEU W 167 -27.44 -51.24 -111.35
CA LEU W 167 -26.56 -50.32 -110.64
C LEU W 167 -26.08 -49.16 -111.51
N ILE W 168 -25.70 -49.47 -112.76
CA ILE W 168 -25.40 -48.51 -113.82
C ILE W 168 -26.58 -47.60 -114.07
N SER W 169 -27.79 -48.17 -114.15
CA SER W 169 -29.03 -47.42 -114.29
C SER W 169 -29.30 -46.49 -113.13
N PHE W 170 -29.16 -46.93 -111.86
CA PHE W 170 -29.27 -46.05 -110.71
C PHE W 170 -28.28 -44.90 -110.75
N ALA W 171 -26.99 -45.19 -111.02
CA ALA W 171 -25.96 -44.20 -111.18
C ALA W 171 -26.25 -43.18 -112.26
N ALA W 172 -26.71 -43.64 -113.44
CA ALA W 172 -27.14 -42.85 -114.55
C ALA W 172 -28.29 -41.90 -114.20
N VAL W 173 -29.34 -42.41 -113.54
CA VAL W 173 -30.52 -41.64 -113.19
C VAL W 173 -30.17 -40.55 -112.20
N TYR W 174 -29.37 -40.85 -111.17
CA TYR W 174 -29.01 -39.86 -110.18
C TYR W 174 -28.16 -38.75 -110.79
N LYS W 175 -27.22 -39.10 -111.69
CA LYS W 175 -26.41 -38.16 -112.45
C LYS W 175 -27.22 -37.23 -113.35
N LYS W 176 -28.23 -37.78 -114.06
CA LYS W 176 -29.16 -37.01 -114.85
C LYS W 176 -29.97 -36.03 -114.01
N ILE W 177 -30.44 -36.48 -112.83
CA ILE W 177 -31.14 -35.66 -111.86
C ILE W 177 -30.25 -34.56 -111.27
N THR W 178 -29.04 -34.90 -110.85
CA THR W 178 -28.08 -33.93 -110.36
C THR W 178 -26.70 -34.41 -110.70
N ARG W 179 -25.80 -33.51 -111.13
CA ARG W 179 -24.68 -33.87 -111.98
C ARG W 179 -23.46 -34.41 -111.23
N ARG W 180 -23.69 -34.85 -109.97
CA ARG W 180 -22.82 -35.66 -109.16
C ARG W 180 -22.53 -37.02 -109.79
N ASP W 181 -21.29 -37.54 -109.60
CA ASP W 181 -20.98 -38.89 -110.00
C ASP W 181 -21.36 -39.86 -108.91
N ALA W 182 -22.01 -40.97 -109.26
CA ALA W 182 -22.31 -42.03 -108.33
C ALA W 182 -21.48 -43.27 -108.62
N VAL W 183 -21.35 -44.14 -107.61
CA VAL W 183 -20.93 -45.51 -107.75
C VAL W 183 -21.87 -46.26 -106.83
N PHE W 184 -22.16 -47.54 -107.14
CA PHE W 184 -23.08 -48.34 -106.38
C PHE W 184 -22.41 -49.66 -106.11
N SER W 185 -22.86 -50.37 -105.07
CA SER W 185 -22.23 -51.61 -104.70
C SER W 185 -23.18 -52.47 -103.90
N LEU W 186 -22.73 -53.71 -103.63
CA LEU W 186 -23.44 -54.78 -103.01
C LEU W 186 -22.42 -55.47 -102.12
N PRO W 187 -22.78 -56.04 -100.98
CA PRO W 187 -21.79 -56.38 -99.96
C PRO W 187 -20.97 -57.60 -100.37
N PRO W 188 -19.68 -57.70 -100.07
CA PRO W 188 -18.90 -58.90 -100.36
C PRO W 188 -19.38 -60.15 -99.64
N ARG X 1 -28.77 31.80 -61.32
CA ARG X 1 -28.69 32.32 -62.73
C ARG X 1 -28.54 31.19 -63.77
N ASP X 2 -28.58 31.52 -65.09
CA ASP X 2 -28.44 30.59 -66.20
C ASP X 2 -27.19 29.67 -66.18
N GLY X 3 -27.23 28.60 -66.99
CA GLY X 3 -26.14 27.67 -67.27
C GLY X 3 -25.50 26.85 -66.16
N ARG X 4 -24.41 26.17 -66.54
CA ARG X 4 -23.53 25.32 -65.74
C ARG X 4 -23.36 25.68 -64.27
N HIS X 5 -23.35 24.63 -63.40
CA HIS X 5 -23.24 24.60 -61.94
C HIS X 5 -24.30 23.71 -61.31
N LYS X 6 -25.26 23.20 -62.09
CA LYS X 6 -26.21 22.21 -61.61
C LYS X 6 -25.63 20.81 -61.62
N LEU X 7 -26.23 19.86 -60.88
CA LEU X 7 -25.69 18.52 -60.73
C LEU X 7 -25.58 17.71 -62.02
N ARG X 8 -24.52 16.87 -62.09
CA ARG X 8 -24.18 16.00 -63.20
C ARG X 8 -25.23 14.94 -63.47
N LEU X 9 -25.27 14.36 -64.69
CA LEU X 9 -26.22 13.32 -65.07
C LEU X 9 -26.12 12.07 -64.22
N THR X 10 -24.93 11.82 -63.67
CA THR X 10 -24.67 10.76 -62.71
C THR X 10 -25.16 11.09 -61.31
N GLY X 11 -25.49 12.36 -61.07
CA GLY X 11 -25.79 12.94 -59.77
C GLY X 11 -24.58 13.61 -59.15
N GLY X 12 -23.39 13.47 -59.78
CA GLY X 12 -22.15 14.07 -59.31
C GLY X 12 -22.09 15.59 -59.20
N LYS X 13 -21.18 16.09 -58.35
CA LYS X 13 -20.97 17.51 -58.17
C LYS X 13 -19.91 17.97 -59.15
N LYS X 14 -20.32 18.60 -60.27
CA LYS X 14 -19.36 19.01 -61.30
C LYS X 14 -18.63 20.28 -60.92
N LYS X 15 -17.28 20.21 -60.84
CA LYS X 15 -16.41 21.35 -60.64
C LYS X 15 -16.45 22.34 -61.81
N ILE X 16 -16.47 23.65 -61.52
CA ILE X 16 -16.77 24.66 -62.51
C ILE X 16 -15.59 25.57 -62.72
N HIS X 17 -15.29 25.83 -63.98
CA HIS X 17 -14.41 26.87 -64.46
C HIS X 17 -15.06 27.31 -65.75
N LYS X 18 -14.52 28.34 -66.44
CA LYS X 18 -15.22 29.09 -67.46
C LYS X 18 -16.27 29.97 -66.80
N LYS X 19 -15.84 31.18 -66.37
CA LYS X 19 -16.64 32.16 -65.68
C LYS X 19 -17.86 32.60 -66.49
N LYS X 20 -18.91 33.08 -65.81
CA LYS X 20 -20.16 33.52 -66.42
C LYS X 20 -19.99 34.50 -67.58
N ARG X 21 -20.61 34.21 -68.73
CA ARG X 21 -20.50 35.02 -69.93
C ARG X 21 -21.74 35.87 -70.11
N LYS X 22 -21.64 36.95 -70.91
CA LYS X 22 -22.74 37.87 -71.08
C LYS X 22 -24.02 37.23 -71.60
N TYR X 23 -23.89 36.30 -72.56
CA TYR X 23 -24.98 35.55 -73.15
C TYR X 23 -25.69 34.56 -72.21
N GLU X 24 -25.31 34.51 -70.93
CA GLU X 24 -25.91 33.70 -69.91
C GLU X 24 -26.66 34.60 -68.95
N LEU X 25 -27.99 34.46 -68.86
CA LEU X 25 -28.83 35.42 -68.16
C LEU X 25 -29.31 34.92 -66.80
N GLY X 26 -30.64 34.97 -66.56
CA GLY X 26 -31.22 35.03 -65.22
C GLY X 26 -31.59 36.47 -64.96
N ARG X 27 -32.87 36.81 -65.24
CA ARG X 27 -33.40 38.15 -65.37
C ARG X 27 -34.76 38.22 -64.67
N PRO X 28 -35.34 39.37 -64.36
CA PRO X 28 -36.37 39.45 -63.35
C PRO X 28 -37.73 38.97 -63.86
N PRO X 29 -38.50 38.20 -63.11
CA PRO X 29 -39.92 37.97 -63.35
C PRO X 29 -40.79 39.17 -63.67
N SER X 30 -41.74 39.03 -64.62
CA SER X 30 -42.88 39.96 -64.69
C SER X 30 -43.77 39.85 -63.46
N ASN X 31 -44.34 41.00 -63.06
CA ASN X 31 -45.28 41.07 -61.97
C ASN X 31 -46.34 42.09 -62.33
N THR X 32 -46.85 42.05 -63.58
CA THR X 32 -47.92 42.97 -64.00
C THR X 32 -49.17 42.85 -63.16
N LYS X 33 -49.75 44.00 -62.78
CA LYS X 33 -50.84 44.09 -61.86
C LYS X 33 -52.09 44.58 -62.57
N LEU X 34 -53.17 44.78 -61.80
CA LEU X 34 -54.38 45.37 -62.32
C LEU X 34 -54.38 46.85 -61.94
N GLY X 35 -54.36 47.73 -62.95
CA GLY X 35 -54.28 49.16 -62.71
C GLY X 35 -53.89 49.87 -63.97
N SER X 36 -53.97 51.22 -63.97
CA SER X 36 -53.73 52.03 -65.16
C SER X 36 -52.35 51.81 -65.78
N ARG X 37 -52.33 51.25 -67.01
CA ARG X 37 -51.20 50.75 -67.76
C ARG X 37 -49.81 51.35 -67.58
N GLN X 38 -48.82 50.47 -67.38
CA GLN X 38 -47.45 50.84 -67.20
C GLN X 38 -46.61 49.71 -67.76
N VAL X 39 -45.64 50.03 -68.62
CA VAL X 39 -44.75 49.04 -69.19
C VAL X 39 -43.37 49.64 -69.27
N HIS X 40 -42.32 48.83 -69.06
CA HIS X 40 -40.95 49.26 -69.23
C HIS X 40 -40.31 48.48 -70.35
N VAL X 41 -39.62 49.19 -71.26
CA VAL X 41 -38.85 48.59 -72.35
C VAL X 41 -37.57 47.94 -71.83
N VAL X 42 -37.30 46.69 -72.23
CA VAL X 42 -36.13 45.93 -71.82
C VAL X 42 -35.28 45.66 -73.05
N ARG X 43 -33.95 45.84 -72.94
CA ARG X 43 -32.99 45.65 -74.00
C ARG X 43 -32.36 44.26 -73.93
N GLY X 44 -32.73 43.38 -74.87
CA GLY X 44 -32.20 42.04 -75.05
C GLY X 44 -31.05 42.02 -76.01
N ARG X 45 -30.22 40.96 -75.97
CA ARG X 45 -29.12 40.71 -76.90
C ARG X 45 -29.41 41.04 -78.37
N GLY X 46 -28.47 41.73 -79.06
CA GLY X 46 -28.70 42.21 -80.43
C GLY X 46 -29.49 43.50 -80.52
N ARG X 47 -29.80 44.11 -79.36
CA ARG X 47 -30.70 45.26 -79.19
C ARG X 47 -32.14 44.93 -79.57
N ASN X 48 -32.53 43.66 -79.35
CA ASN X 48 -33.89 43.21 -79.46
C ASN X 48 -34.72 43.68 -78.28
N TYR X 49 -35.70 44.57 -78.50
CA TYR X 49 -36.47 45.16 -77.43
C TYR X 49 -37.68 44.33 -77.03
N LYS X 50 -37.86 44.16 -75.70
CA LYS X 50 -38.96 43.43 -75.11
C LYS X 50 -39.72 44.37 -74.21
N TYR X 51 -40.99 44.07 -73.92
CA TYR X 51 -41.81 44.95 -73.12
C TYR X 51 -42.23 44.26 -71.83
N ARG X 52 -41.80 44.79 -70.68
CA ARG X 52 -42.10 44.28 -69.35
C ARG X 52 -43.29 44.99 -68.71
N ALA X 53 -44.51 44.48 -68.89
CA ALA X 53 -45.71 45.05 -68.30
C ALA X 53 -45.73 45.04 -66.76
N ILE X 54 -45.95 46.21 -66.14
CA ILE X 54 -46.03 46.34 -64.69
C ILE X 54 -47.47 46.59 -64.24
N LYS X 55 -48.30 47.19 -65.09
CA LYS X 55 -49.71 47.37 -64.82
C LYS X 55 -50.46 47.19 -66.12
N LEU X 56 -51.67 46.61 -66.07
CA LEU X 56 -52.49 46.40 -67.24
C LEU X 56 -53.95 46.48 -66.83
N ASP X 57 -54.83 46.51 -67.86
CA ASP X 57 -56.13 47.12 -67.71
C ASP X 57 -57.06 46.82 -68.87
N SER X 58 -56.69 47.22 -70.10
CA SER X 58 -57.44 46.94 -71.33
C SER X 58 -56.65 46.09 -72.30
N GLY X 59 -57.04 44.83 -72.51
CA GLY X 59 -56.42 43.98 -73.53
C GLY X 59 -57.35 43.74 -74.69
N SER X 60 -56.91 42.99 -75.70
CA SER X 60 -57.69 42.65 -76.87
C SER X 60 -58.23 41.25 -76.75
N PHE X 61 -59.55 41.13 -76.60
CA PHE X 61 -60.23 39.92 -76.22
C PHE X 61 -61.09 39.38 -77.33
N SER X 62 -60.98 38.06 -77.56
CA SER X 62 -61.52 37.45 -78.75
C SER X 62 -62.69 36.58 -78.37
N TRP X 63 -63.78 36.83 -79.09
CA TRP X 63 -65.06 36.16 -79.05
C TRP X 63 -65.03 34.91 -79.92
N PRO X 64 -64.82 33.71 -79.39
CA PRO X 64 -64.57 32.50 -80.18
C PRO X 64 -65.67 32.23 -81.19
N THR X 65 -66.94 32.35 -80.77
CA THR X 65 -68.13 32.03 -81.54
C THR X 65 -68.20 32.67 -82.91
N PHE X 66 -67.72 33.93 -83.07
CA PHE X 66 -67.64 34.54 -84.39
C PHE X 66 -66.19 34.73 -84.83
N GLY X 67 -65.20 34.35 -84.01
CA GLY X 67 -63.77 34.45 -84.32
C GLY X 67 -63.23 35.86 -84.47
N ILE X 68 -63.80 36.84 -83.73
CA ILE X 68 -63.43 38.25 -83.84
C ILE X 68 -62.93 38.78 -82.51
N SER X 69 -62.08 39.82 -82.53
CA SER X 69 -61.41 40.31 -81.34
C SER X 69 -61.58 41.81 -81.22
N LYS X 70 -61.80 42.34 -80.00
CA LYS X 70 -61.83 43.78 -79.79
C LYS X 70 -61.10 44.19 -78.52
N ASN X 71 -60.62 45.45 -78.45
CA ASN X 71 -59.88 45.91 -77.29
C ASN X 71 -60.85 46.39 -76.22
N THR X 72 -60.69 45.84 -75.01
CA THR X 72 -61.73 45.78 -74.00
C THR X 72 -61.13 45.89 -72.61
N ARG X 73 -61.77 46.63 -71.69
CA ARG X 73 -61.35 46.71 -70.30
C ARG X 73 -61.54 45.39 -69.54
N ILE X 74 -60.59 45.05 -68.66
CA ILE X 74 -60.68 43.91 -67.79
C ILE X 74 -61.11 44.39 -66.43
N ILE X 75 -62.19 43.79 -65.92
CA ILE X 75 -62.82 44.11 -64.66
C ILE X 75 -62.00 43.62 -63.48
N ASP X 76 -61.45 42.39 -63.57
CA ASP X 76 -60.78 41.81 -62.44
C ASP X 76 -59.97 40.60 -62.87
N VAL X 77 -58.99 40.18 -62.05
CA VAL X 77 -58.34 38.89 -62.09
C VAL X 77 -59.06 37.98 -61.12
N VAL X 78 -59.45 36.76 -61.53
CA VAL X 78 -60.36 35.97 -60.72
C VAL X 78 -59.87 34.58 -60.38
N TYR X 79 -59.10 33.91 -61.27
CA TYR X 79 -58.67 32.56 -60.99
C TYR X 79 -57.34 32.28 -61.67
N ASN X 80 -56.51 31.44 -61.02
CA ASN X 80 -55.24 30.98 -61.53
C ASN X 80 -55.19 29.47 -61.36
N ALA X 81 -54.87 28.73 -62.43
CA ALA X 81 -54.82 27.28 -62.39
C ALA X 81 -53.56 26.77 -61.72
N SER X 82 -52.51 27.59 -61.59
CA SER X 82 -51.33 27.26 -60.81
C SER X 82 -51.45 27.78 -59.36
N ASN X 83 -50.45 28.53 -58.87
CA ASN X 83 -50.33 29.04 -57.52
C ASN X 83 -51.46 29.94 -56.99
N ASN X 84 -51.59 30.01 -55.65
CA ASN X 84 -52.52 30.90 -54.99
C ASN X 84 -52.05 32.36 -54.99
N GLU X 85 -50.74 32.58 -55.14
CA GLU X 85 -50.12 33.90 -55.11
C GLU X 85 -50.57 34.88 -56.18
N LEU X 86 -50.64 34.44 -57.44
CA LEU X 86 -50.92 35.29 -58.59
C LEU X 86 -52.32 35.87 -58.52
N VAL X 87 -53.32 35.01 -58.23
CA VAL X 87 -54.70 35.43 -58.17
C VAL X 87 -54.98 36.32 -56.95
N ARG X 88 -54.44 36.02 -55.76
CA ARG X 88 -54.63 36.85 -54.57
C ARG X 88 -54.06 38.24 -54.75
N THR X 89 -52.85 38.32 -55.33
CA THR X 89 -52.18 39.59 -55.59
C THR X 89 -52.75 40.30 -56.80
N LYS X 90 -53.63 39.65 -57.57
CA LYS X 90 -54.21 40.13 -58.80
C LYS X 90 -53.15 40.52 -59.82
N THR X 91 -52.20 39.59 -60.02
CA THR X 91 -51.12 39.73 -60.97
C THR X 91 -51.31 38.68 -62.02
N LEU X 92 -51.19 39.08 -63.29
CA LEU X 92 -51.75 38.34 -64.39
C LEU X 92 -50.69 37.90 -65.39
N VAL X 93 -50.85 36.68 -65.92
CA VAL X 93 -49.91 36.00 -66.80
C VAL X 93 -50.75 35.21 -67.78
N LYS X 94 -50.17 34.57 -68.83
CA LYS X 94 -51.00 33.93 -69.85
C LYS X 94 -51.78 32.69 -69.38
N ASN X 95 -51.42 32.11 -68.23
CA ASN X 95 -52.27 31.13 -67.58
C ASN X 95 -53.61 31.72 -67.06
N CYS X 96 -53.58 32.97 -66.53
CA CYS X 96 -54.65 33.55 -65.74
C CYS X 96 -56.01 33.74 -66.39
N ILE X 97 -57.04 33.62 -65.53
CA ILE X 97 -58.44 33.83 -65.81
C ILE X 97 -58.84 35.17 -65.25
N VAL X 98 -59.23 36.08 -66.14
CA VAL X 98 -59.68 37.42 -65.81
C VAL X 98 -61.17 37.54 -66.11
N VAL X 99 -61.77 38.71 -65.83
CA VAL X 99 -63.14 39.01 -66.20
C VAL X 99 -63.15 40.27 -67.04
N ILE X 100 -63.87 40.27 -68.17
CA ILE X 100 -64.04 41.41 -69.06
C ILE X 100 -65.48 41.91 -69.09
N ASP X 101 -65.68 43.21 -69.37
CA ASP X 101 -66.98 43.74 -69.72
C ASP X 101 -67.50 43.21 -71.07
N SER X 102 -68.76 42.76 -71.16
CA SER X 102 -69.27 42.21 -72.40
C SER X 102 -69.81 43.19 -73.44
N HIS X 103 -69.71 44.51 -73.26
CA HIS X 103 -70.36 45.42 -74.20
C HIS X 103 -69.87 45.44 -75.62
N PRO X 104 -68.61 45.32 -76.02
CA PRO X 104 -68.22 45.23 -77.42
C PRO X 104 -68.86 44.08 -78.16
N PHE X 105 -68.84 42.92 -77.52
CA PHE X 105 -69.41 41.66 -77.99
C PHE X 105 -70.91 41.72 -78.08
N THR X 106 -71.54 42.25 -77.01
CA THR X 106 -72.97 42.52 -76.94
C THR X 106 -73.42 43.44 -78.04
N THR X 107 -72.66 44.51 -78.30
CA THR X 107 -72.88 45.42 -79.42
C THR X 107 -72.76 44.74 -80.77
N TRP X 108 -71.72 43.91 -80.96
CA TRP X 108 -71.46 43.19 -82.19
C TRP X 108 -72.58 42.20 -82.51
N TYR X 109 -73.05 41.45 -81.50
CA TYR X 109 -74.18 40.55 -81.61
C TYR X 109 -75.47 41.27 -82.01
N GLU X 110 -75.74 42.45 -81.43
CA GLU X 110 -76.81 43.35 -81.80
C GLU X 110 -76.68 43.80 -83.26
N ASN X 111 -75.47 44.19 -83.69
CA ASN X 111 -75.20 44.54 -85.07
C ASN X 111 -75.50 43.40 -86.04
N THR X 112 -75.12 42.16 -85.69
CA THR X 112 -75.36 41.00 -86.54
C THR X 112 -76.82 40.56 -86.55
N PHE X 113 -77.47 40.38 -85.38
CA PHE X 113 -78.80 39.77 -85.34
C PHE X 113 -79.95 40.76 -85.09
N GLY X 114 -79.70 41.92 -84.47
CA GLY X 114 -80.73 42.93 -84.17
C GLY X 114 -81.33 42.86 -82.79
N THR X 115 -80.89 41.92 -81.94
CA THR X 115 -81.32 41.80 -80.56
C THR X 115 -80.30 40.96 -79.80
N THR X 116 -80.26 41.05 -78.45
CA THR X 116 -79.31 40.32 -77.62
C THR X 116 -80.03 39.63 -76.43
N ILE X 158 -68.20 37.44 -90.89
CA ILE X 158 -69.60 37.64 -90.33
C ILE X 158 -70.61 36.65 -90.92
N GLY X 159 -71.82 36.53 -90.34
CA GLY X 159 -72.85 35.60 -90.81
C GLY X 159 -73.27 34.58 -89.79
N LYS X 160 -74.26 33.74 -90.16
CA LYS X 160 -74.90 32.72 -89.35
C LYS X 160 -73.96 31.62 -88.82
N SER X 161 -74.23 31.14 -87.59
CA SER X 161 -73.56 29.98 -87.02
C SER X 161 -74.55 29.21 -86.16
N LYS X 162 -74.07 28.50 -85.12
CA LYS X 162 -74.93 27.87 -84.13
C LYS X 162 -75.19 28.81 -82.97
N ASN X 163 -74.63 30.04 -83.04
CA ASN X 163 -74.86 31.16 -82.15
C ASN X 163 -74.50 30.92 -80.67
N ILE X 164 -74.98 31.79 -79.75
CA ILE X 164 -74.58 31.80 -78.35
C ILE X 164 -74.87 30.51 -77.55
N ASP X 165 -73.92 30.09 -76.70
CA ASP X 165 -74.01 28.92 -75.84
C ASP X 165 -74.60 29.31 -74.48
N PRO X 166 -75.24 28.46 -73.69
CA PRO X 166 -75.83 28.85 -72.41
C PRO X 166 -74.79 29.30 -71.40
N LEU X 167 -73.61 28.68 -71.34
CA LEU X 167 -72.54 29.14 -70.47
C LEU X 167 -72.07 30.55 -70.82
N LEU X 168 -71.84 30.83 -72.11
CA LEU X 168 -71.57 32.17 -72.62
C LEU X 168 -72.70 33.15 -72.32
N LEU X 169 -73.96 32.71 -72.49
CA LEU X 169 -75.14 33.45 -72.15
C LEU X 169 -75.19 33.83 -70.67
N GLU X 170 -74.86 32.91 -69.74
CA GLU X 170 -74.73 33.23 -68.33
C GLU X 170 -73.71 34.33 -68.05
N GLN X 171 -72.51 34.23 -68.65
CA GLN X 171 -71.49 35.25 -68.51
C GLN X 171 -71.90 36.62 -69.02
N PHE X 172 -72.54 36.66 -70.20
CA PHE X 172 -73.06 37.88 -70.78
C PHE X 172 -74.16 38.53 -69.94
N LYS X 173 -75.06 37.71 -69.37
CA LYS X 173 -76.21 38.10 -68.60
C LYS X 173 -75.90 38.95 -67.36
N GLN X 174 -74.80 38.63 -66.67
CA GLN X 174 -74.35 39.40 -65.54
C GLN X 174 -73.46 40.57 -65.95
N GLY X 175 -73.22 40.72 -67.27
CA GLY X 175 -72.47 41.80 -67.90
C GLY X 175 -70.97 41.68 -67.80
N ARG X 176 -70.51 40.61 -67.15
CA ARG X 176 -69.16 40.46 -66.69
C ARG X 176 -68.71 39.05 -67.05
N VAL X 177 -67.72 38.91 -67.94
CA VAL X 177 -67.46 37.67 -68.64
C VAL X 177 -66.07 37.15 -68.36
N LEU X 178 -65.97 35.89 -67.89
CA LEU X 178 -64.71 35.19 -67.76
C LEU X 178 -63.92 35.07 -69.06
N ALA X 179 -62.61 35.39 -69.02
CA ALA X 179 -61.75 35.27 -70.17
C ALA X 179 -60.37 34.75 -69.78
N CYS X 180 -59.69 34.07 -70.72
CA CYS X 180 -58.35 33.56 -70.57
C CYS X 180 -57.38 34.37 -71.40
N ILE X 181 -56.33 34.90 -70.74
CA ILE X 181 -55.23 35.59 -71.38
C ILE X 181 -54.46 34.67 -72.34
N SER X 182 -54.14 35.17 -73.54
CA SER X 182 -53.53 34.44 -74.62
C SER X 182 -52.17 35.01 -75.02
N SER X 183 -51.63 36.02 -74.31
CA SER X 183 -50.33 36.62 -74.64
C SER X 183 -49.48 36.83 -73.39
N ARG X 184 -48.14 36.93 -73.54
CA ARG X 184 -47.22 37.01 -72.42
C ARG X 184 -46.89 38.45 -72.05
N PRO X 185 -47.52 39.09 -71.05
CA PRO X 185 -47.32 40.49 -70.69
C PRO X 185 -45.88 40.90 -70.47
N GLY X 186 -45.08 40.06 -69.81
CA GLY X 186 -43.67 40.29 -69.56
C GLY X 186 -42.78 40.33 -70.78
N GLN X 187 -43.24 39.77 -71.90
CA GLN X 187 -42.49 39.77 -73.13
C GLN X 187 -43.08 40.74 -74.13
N CYS X 188 -44.42 40.78 -74.27
CA CYS X 188 -45.08 41.53 -75.32
C CYS X 188 -45.73 42.82 -74.85
N GLY X 189 -45.80 43.03 -73.52
CA GLY X 189 -46.42 44.21 -72.95
C GLY X 189 -47.92 44.16 -72.87
N LYS X 190 -48.55 43.04 -73.25
CA LYS X 190 -49.98 42.94 -73.31
C LYS X 190 -50.49 41.62 -72.79
N ALA X 191 -51.77 41.60 -72.38
CA ALA X 191 -52.46 40.45 -71.86
C ALA X 191 -53.77 40.29 -72.62
N ASP X 192 -53.67 40.32 -73.95
CA ASP X 192 -54.73 40.02 -74.88
C ASP X 192 -55.21 38.58 -74.69
N GLY X 193 -56.49 38.29 -74.94
CA GLY X 193 -57.07 37.03 -74.52
C GLY X 193 -58.23 36.56 -75.34
N TYR X 194 -58.89 35.50 -74.86
CA TYR X 194 -60.10 34.99 -75.46
C TYR X 194 -61.10 34.75 -74.34
N ILE X 195 -62.40 34.96 -74.60
CA ILE X 195 -63.44 34.57 -73.65
C ILE X 195 -63.44 33.06 -73.48
N ILE X 196 -63.35 32.57 -72.24
CA ILE X 196 -63.20 31.15 -71.98
C ILE X 196 -64.50 30.41 -72.24
N GLU X 197 -64.42 29.32 -73.05
CA GLU X 197 -65.56 28.75 -73.72
C GLU X 197 -65.85 27.31 -73.29
N GLY X 198 -67.13 26.90 -73.40
CA GLY X 198 -67.65 25.53 -73.30
C GLY X 198 -67.06 24.60 -72.27
N ASP X 199 -66.26 23.61 -72.72
CA ASP X 199 -65.79 22.55 -71.86
C ASP X 199 -64.73 23.06 -70.90
N GLU X 200 -63.82 23.89 -71.42
CA GLU X 200 -62.81 24.58 -70.64
C GLU X 200 -63.45 25.46 -69.59
N LEU X 201 -64.49 26.24 -69.98
CA LEU X 201 -65.28 27.03 -69.06
C LEU X 201 -65.90 26.21 -67.96
N LEU X 202 -66.59 25.11 -68.31
CA LEU X 202 -67.27 24.27 -67.36
C LEU X 202 -66.33 23.64 -66.35
N PHE X 203 -65.22 23.06 -66.84
CA PHE X 203 -64.18 22.47 -66.04
C PHE X 203 -63.60 23.43 -65.02
N TYR X 204 -63.17 24.62 -65.47
CA TYR X 204 -62.64 25.62 -64.59
C TYR X 204 -63.64 26.25 -63.65
N LYS X 205 -64.89 26.47 -64.07
CA LYS X 205 -65.97 26.97 -63.24
C LYS X 205 -66.23 26.05 -62.06
N ARG X 206 -66.33 24.74 -62.34
CA ARG X 206 -66.44 23.71 -61.34
C ARG X 206 -65.22 23.68 -60.43
N LYS X 207 -64.00 23.65 -60.99
CA LYS X 207 -62.76 23.68 -60.26
C LYS X 207 -62.59 24.90 -59.35
N MET X 208 -62.98 26.09 -59.83
CA MET X 208 -63.03 27.34 -59.10
C MET X 208 -63.95 27.33 -57.89
N ASP X 209 -65.13 26.71 -58.00
CA ASP X 209 -66.08 26.65 -56.93
C ASP X 209 -65.72 25.71 -55.74
N LYS X 212 -68.75 26.99 -54.28
CA LYS X 212 -69.58 26.08 -53.44
C LYS X 212 -68.80 25.63 -52.20
N ARG X 213 -67.64 24.96 -52.42
CA ARG X 213 -66.59 24.79 -51.43
C ARG X 213 -65.97 26.14 -51.09
N ASN X 214 -65.75 26.98 -52.13
CA ASN X 214 -65.57 28.40 -51.97
C ASN X 214 -66.98 29.08 -51.88
N ILE Y 1 103.02 -58.46 -62.50
CA ILE Y 1 102.33 -57.24 -63.02
C ILE Y 1 101.00 -57.02 -62.31
N ALA Y 2 100.83 -55.85 -61.67
CA ALA Y 2 99.65 -55.50 -60.91
C ALA Y 2 98.74 -54.57 -61.69
N LEU Y 3 97.43 -54.88 -61.69
CA LEU Y 3 96.39 -54.15 -62.39
C LEU Y 3 95.41 -53.62 -61.35
N THR Y 4 95.19 -52.30 -61.31
CA THR Y 4 94.21 -51.67 -60.42
C THR Y 4 93.22 -50.86 -61.23
N SER Y 5 91.91 -51.02 -60.99
CA SER Y 5 90.90 -50.24 -61.70
C SER Y 5 89.70 -50.04 -60.81
N LYS Y 6 88.81 -49.09 -61.16
CA LYS Y 6 87.51 -48.96 -60.55
C LYS Y 6 86.43 -49.61 -61.40
N ASN Y 7 86.79 -50.13 -62.59
CA ASN Y 7 85.85 -50.74 -63.52
C ASN Y 7 86.17 -52.21 -63.72
N LEU Y 8 85.28 -53.07 -63.18
CA LEU Y 8 85.20 -54.50 -63.42
C LEU Y 8 85.43 -54.98 -64.84
N ARG Y 9 84.66 -54.48 -65.82
CA ARG Y 9 84.73 -54.95 -67.19
C ARG Y 9 86.08 -54.68 -67.83
N ALA Y 10 86.65 -53.48 -67.60
CA ALA Y 10 87.94 -53.11 -68.12
C ALA Y 10 89.08 -53.96 -67.58
N ILE Y 11 89.11 -54.22 -66.27
CA ILE Y 11 90.06 -55.13 -65.65
C ILE Y 11 89.96 -56.57 -66.17
N GLU Y 12 88.76 -57.15 -66.25
CA GLU Y 12 88.49 -58.43 -66.88
C GLU Y 12 88.91 -58.53 -68.36
N LYS Y 13 88.64 -57.49 -69.18
CA LYS Y 13 89.11 -57.39 -70.55
C LYS Y 13 90.65 -57.50 -70.62
N VAL Y 14 91.35 -56.73 -69.75
CA VAL Y 14 92.78 -56.79 -69.56
C VAL Y 14 93.24 -58.20 -69.19
N CYS Y 15 92.50 -58.92 -68.32
CA CYS Y 15 92.78 -60.31 -67.97
C CYS Y 15 92.86 -61.25 -69.17
N SER Y 16 91.85 -61.19 -70.07
CA SER Y 16 91.81 -61.99 -71.28
C SER Y 16 92.96 -61.63 -72.22
N ASP Y 17 93.20 -60.32 -72.38
CA ASP Y 17 94.30 -59.79 -73.14
C ASP Y 17 95.65 -60.27 -72.64
N ILE Y 18 95.94 -60.21 -71.34
CA ILE Y 18 97.21 -60.67 -70.79
C ILE Y 18 97.38 -62.17 -70.90
N MET Y 19 96.31 -62.97 -70.72
CA MET Y 19 96.35 -64.40 -70.95
C MET Y 19 96.75 -64.77 -72.38
N LYS Y 20 96.10 -64.15 -73.39
CA LYS Y 20 96.54 -64.24 -74.78
C LYS Y 20 97.99 -63.79 -75.00
N GLY Y 21 98.36 -62.62 -74.47
CA GLY Y 21 99.67 -61.97 -74.54
C GLY Y 21 100.79 -62.82 -74.01
N ALA Y 22 100.59 -63.46 -72.85
CA ALA Y 22 101.49 -64.42 -72.28
C ALA Y 22 101.71 -65.62 -73.20
N LYS Y 23 100.63 -66.21 -73.73
CA LYS Y 23 100.71 -67.34 -74.64
C LYS Y 23 101.35 -67.00 -76.00
N GLU Y 24 101.31 -65.73 -76.45
CA GLU Y 24 102.00 -65.28 -77.65
C GLU Y 24 103.50 -65.52 -77.62
N LYS Y 25 104.18 -65.16 -76.51
CA LYS Y 25 105.58 -65.51 -76.30
C LYS Y 25 105.75 -66.78 -75.46
N ASN Y 26 104.67 -67.58 -75.32
CA ASN Y 26 104.57 -68.82 -74.55
C ASN Y 26 105.21 -68.76 -73.15
N LEU Y 27 104.85 -67.74 -72.36
CA LEU Y 27 105.45 -67.48 -71.07
C LEU Y 27 104.88 -68.34 -69.95
N ASN Y 28 105.66 -68.49 -68.86
CA ASN Y 28 105.26 -69.26 -67.70
C ASN Y 28 104.67 -68.30 -66.66
N VAL Y 29 103.33 -68.36 -66.51
CA VAL Y 29 102.59 -67.43 -65.67
C VAL Y 29 102.05 -68.10 -64.43
N SER Y 30 101.93 -67.32 -63.34
CA SER Y 30 101.13 -67.71 -62.18
C SER Y 30 99.76 -67.06 -62.34
N GLY Y 31 98.67 -67.84 -62.16
CA GLY Y 31 97.30 -67.40 -62.43
C GLY Y 31 96.88 -66.09 -61.77
N PRO Y 32 96.09 -65.21 -62.41
CA PRO Y 32 95.71 -63.91 -61.84
C PRO Y 32 95.10 -63.93 -60.44
N VAL Y 33 95.76 -63.25 -59.51
CA VAL Y 33 95.49 -63.19 -58.09
C VAL Y 33 94.70 -61.94 -57.80
N ARG Y 34 93.42 -62.10 -57.45
CA ARG Y 34 92.56 -60.99 -57.14
C ARG Y 34 92.73 -60.60 -55.68
N LEU Y 35 93.20 -59.37 -55.43
CA LEU Y 35 93.50 -58.87 -54.10
C LEU Y 35 92.22 -58.32 -53.46
N PRO Y 36 92.03 -58.41 -52.14
CA PRO Y 36 90.90 -57.82 -51.43
C PRO Y 36 90.42 -56.45 -51.87
N VAL Y 37 89.11 -56.31 -52.16
CA VAL Y 37 88.49 -55.09 -52.64
C VAL Y 37 88.50 -53.99 -51.60
N LYS Y 38 88.91 -52.77 -51.99
CA LYS Y 38 88.83 -51.62 -51.14
C LYS Y 38 87.67 -50.78 -51.66
N THR Y 39 86.76 -50.38 -50.76
CA THR Y 39 85.68 -49.46 -51.12
C THR Y 39 85.88 -48.19 -50.34
N LEU Y 40 85.84 -47.08 -51.07
CA LEU Y 40 85.90 -45.75 -50.56
C LEU Y 40 84.47 -45.37 -50.27
N ARG Y 41 84.07 -45.44 -49.00
CA ARG Y 41 82.69 -45.29 -48.61
C ARG Y 41 82.46 -43.93 -48.00
N ILE Y 42 81.49 -43.19 -48.54
CA ILE Y 42 81.03 -41.95 -47.94
C ILE Y 42 79.58 -42.12 -47.55
N THR Y 43 79.24 -41.92 -46.28
CA THR Y 43 77.85 -42.02 -45.83
C THR Y 43 77.40 -40.61 -45.60
N THR Y 44 76.48 -40.18 -46.47
CA THR Y 44 76.26 -38.79 -46.74
C THR Y 44 74.86 -38.42 -46.31
N ARG Y 45 74.69 -37.34 -45.54
CA ARG Y 45 73.36 -36.86 -45.24
C ARG Y 45 72.70 -36.27 -46.47
N LYS Y 46 71.44 -36.60 -46.75
CA LYS Y 46 70.65 -35.90 -47.74
C LYS Y 46 70.17 -34.55 -47.21
N SER Y 47 70.04 -33.55 -48.10
CA SER Y 47 69.62 -32.17 -47.82
C SER Y 47 70.79 -31.22 -47.64
N PRO Y 48 70.92 -30.11 -48.37
CA PRO Y 48 72.03 -29.17 -48.21
C PRO Y 48 71.87 -28.30 -46.98
N CYS Y 49 70.63 -28.16 -46.44
CA CYS Y 49 70.37 -27.35 -45.27
C CYS Y 49 70.00 -28.21 -44.08
N GLY Y 50 70.06 -29.54 -44.22
CA GLY Y 50 69.80 -30.50 -43.15
C GLY Y 50 68.35 -30.59 -42.73
N GLU Y 51 67.42 -30.49 -43.69
CA GLU Y 51 65.98 -30.51 -43.47
C GLU Y 51 65.39 -31.88 -43.12
N GLY Y 52 64.11 -31.88 -42.70
CA GLY Y 52 63.23 -33.01 -42.44
C GLY Y 52 63.78 -34.16 -41.62
N THR Y 53 63.34 -35.39 -41.92
CA THR Y 53 63.92 -36.63 -41.39
C THR Y 53 65.40 -36.73 -41.76
N ASN Y 54 66.29 -37.19 -40.85
CA ASN Y 54 67.73 -37.01 -41.03
C ASN Y 54 68.31 -37.52 -42.35
N THR Y 55 68.08 -38.81 -42.66
CA THR Y 55 68.16 -39.37 -44.00
C THR Y 55 69.55 -39.39 -44.62
N TRP Y 56 70.24 -40.52 -44.51
CA TRP Y 56 71.59 -40.67 -45.01
C TRP Y 56 71.63 -41.65 -46.18
N ASP Y 57 72.49 -41.42 -47.18
CA ASP Y 57 72.75 -42.36 -48.27
C ASP Y 57 74.25 -42.68 -48.39
N ARG Y 58 74.55 -43.94 -48.76
CA ARG Y 58 75.89 -44.49 -48.65
C ARG Y 58 76.48 -44.66 -50.04
N PHE Y 59 77.46 -43.81 -50.38
CA PHE Y 59 78.17 -43.80 -51.65
C PHE Y 59 79.45 -44.62 -51.60
N GLU Y 60 79.73 -45.38 -52.67
CA GLU Y 60 80.84 -46.29 -52.78
C GLU Y 60 81.64 -46.08 -54.05
N LEU Y 61 82.94 -45.81 -53.92
CA LEU Y 61 83.91 -45.92 -54.99
C LEU Y 61 84.76 -47.17 -54.75
N ARG Y 62 84.44 -48.28 -55.45
CA ARG Y 62 85.00 -49.60 -55.20
C ARG Y 62 86.14 -49.87 -56.18
N ILE Y 63 87.39 -49.94 -55.69
CA ILE Y 63 88.52 -50.22 -56.55
C ILE Y 63 88.96 -51.67 -56.42
N TYR Y 64 89.18 -52.29 -57.59
CA TYR Y 64 89.60 -53.66 -57.79
C TYR Y 64 91.09 -53.72 -58.05
N LYS Y 65 91.84 -54.57 -57.31
CA LYS Y 65 93.24 -54.81 -57.57
C LYS Y 65 93.45 -56.28 -57.91
N ARG Y 66 94.28 -56.57 -58.91
CA ARG Y 66 94.61 -57.90 -59.34
C ARG Y 66 96.10 -57.98 -59.66
N LEU Y 67 96.73 -59.16 -59.52
CA LEU Y 67 98.14 -59.32 -59.81
C LEU Y 67 98.32 -60.61 -60.60
N ILE Y 68 99.06 -60.55 -61.71
CA ILE Y 68 99.42 -61.71 -62.50
C ILE Y 68 100.92 -61.62 -62.69
N ASP Y 69 101.66 -62.70 -62.43
CA ASP Y 69 103.11 -62.60 -62.43
C ASP Y 69 103.73 -63.70 -63.26
N LEU Y 70 104.96 -63.45 -63.72
CA LEU Y 70 105.59 -64.14 -64.83
C LEU Y 70 107.06 -64.36 -64.52
N TYR Y 71 107.60 -65.54 -64.86
CA TYR Y 71 109.02 -65.78 -64.73
C TYR Y 71 109.58 -65.66 -66.14
N SER Y 72 110.17 -64.50 -66.45
CA SER Y 72 110.69 -64.20 -67.78
C SER Y 72 111.63 -63.03 -67.67
N GLN Y 73 112.55 -62.86 -68.64
CA GLN Y 73 113.48 -61.75 -68.71
C GLN Y 73 112.82 -60.38 -68.80
N CYS Y 74 113.52 -59.36 -68.25
CA CYS Y 74 113.04 -58.00 -68.06
C CYS Y 74 112.54 -57.30 -69.32
N GLU Y 75 113.30 -57.39 -70.42
CA GLU Y 75 112.94 -56.85 -71.71
C GLU Y 75 111.61 -57.38 -72.27
N VAL Y 76 111.40 -58.71 -72.21
CA VAL Y 76 110.22 -59.39 -72.74
C VAL Y 76 108.94 -58.90 -72.09
N VAL Y 77 108.94 -58.79 -70.75
CA VAL Y 77 107.79 -58.37 -70.01
C VAL Y 77 107.43 -56.91 -70.22
N THR Y 78 108.41 -55.98 -70.24
CA THR Y 78 108.14 -54.58 -70.54
C THR Y 78 107.61 -54.37 -71.95
N GLN Y 79 108.21 -55.00 -72.98
CA GLN Y 79 107.67 -54.99 -74.33
C GLN Y 79 106.27 -55.56 -74.44
N MET Y 80 105.98 -56.70 -73.76
CA MET Y 80 104.64 -57.26 -73.69
C MET Y 80 103.64 -56.29 -73.09
N THR Y 81 104.04 -55.63 -71.99
CA THR Y 81 103.24 -54.63 -71.28
C THR Y 81 102.87 -53.48 -72.19
N SER Y 82 103.84 -52.96 -72.96
CA SER Y 82 103.59 -51.85 -73.88
C SER Y 82 102.65 -52.19 -75.02
N ILE Y 83 102.69 -53.41 -75.58
CA ILE Y 83 101.67 -53.82 -76.54
C ILE Y 83 100.29 -54.05 -75.89
N ASN Y 84 100.24 -54.59 -74.65
CA ASN Y 84 99.00 -54.94 -73.98
C ASN Y 84 98.16 -53.79 -73.39
N ILE Y 85 98.72 -52.58 -73.18
CA ILE Y 85 98.01 -51.49 -72.50
C ILE Y 85 96.77 -50.91 -73.18
N ASP Y 86 95.82 -50.44 -72.34
CA ASP Y 86 94.66 -49.64 -72.69
C ASP Y 86 94.62 -48.47 -71.70
N PRO Y 87 93.96 -47.32 -71.94
CA PRO Y 87 94.15 -46.15 -71.09
C PRO Y 87 93.60 -46.24 -69.67
N VAL Y 88 92.46 -46.92 -69.47
CA VAL Y 88 91.70 -46.85 -68.22
C VAL Y 88 92.32 -47.51 -66.99
N VAL Y 89 92.95 -48.70 -67.13
CA VAL Y 89 93.51 -49.46 -66.01
C VAL Y 89 94.87 -48.92 -65.56
N GLU Y 90 95.20 -49.03 -64.26
CA GLU Y 90 96.48 -48.64 -63.70
C GLU Y 90 97.40 -49.86 -63.62
N VAL Y 91 98.52 -49.85 -64.37
CA VAL Y 91 99.45 -50.97 -64.47
C VAL Y 91 100.74 -50.70 -63.69
N GLU Y 92 101.21 -51.67 -62.88
CA GLU Y 92 102.52 -51.62 -62.23
C GLU Y 92 103.32 -52.88 -62.57
N VAL Y 93 104.60 -52.72 -62.94
CA VAL Y 93 105.46 -53.82 -63.35
C VAL Y 93 106.55 -54.03 -62.32
N ILE Y 94 106.60 -55.24 -61.72
CA ILE Y 94 107.48 -55.54 -60.59
C ILE Y 94 108.45 -56.66 -60.89
N ILE Y 95 108.52 -57.11 -62.16
CA ILE Y 95 109.26 -58.30 -62.56
C ILE Y 95 110.74 -58.01 -62.76
N THR Y 96 111.62 -58.74 -62.05
CA THR Y 96 113.08 -58.65 -62.20
C THR Y 96 113.66 -59.97 -62.68
N ASP Y 97 112.80 -60.99 -62.83
CA ASP Y 97 113.02 -62.35 -63.27
C ASP Y 97 113.90 -62.59 -64.52
N SER Y 98 114.33 -63.86 -64.69
CA SER Y 98 115.10 -64.29 -65.83
C SER Y 98 114.76 -65.78 -66.14
N GLU Z 1 2.25 -91.61 -11.01
CA GLU Z 1 3.61 -91.07 -11.35
C GLU Z 1 3.66 -89.54 -11.43
N LEU Z 2 3.85 -88.93 -12.63
CA LEU Z 2 4.19 -87.52 -12.79
C LEU Z 2 3.20 -86.50 -12.22
N VAL Z 3 3.76 -85.41 -11.66
CA VAL Z 3 3.00 -84.32 -11.07
C VAL Z 3 3.40 -83.06 -11.80
N PHE Z 4 2.42 -82.38 -12.40
CA PHE Z 4 2.65 -81.26 -13.29
C PHE Z 4 2.35 -79.94 -12.62
N GLY Z 5 3.23 -78.94 -12.83
CA GLY Z 5 3.02 -77.55 -12.46
C GLY Z 5 3.01 -76.69 -13.70
N VAL Z 6 2.74 -75.38 -13.56
CA VAL Z 6 2.88 -74.46 -14.68
C VAL Z 6 3.89 -73.38 -14.36
N ALA Z 7 4.94 -73.32 -15.20
CA ALA Z 7 6.02 -72.38 -15.13
C ALA Z 7 5.73 -71.16 -15.99
N HIS Z 8 5.26 -70.08 -15.34
CA HIS Z 8 5.19 -68.78 -15.98
C HIS Z 8 6.56 -68.17 -16.08
N ILE Z 9 7.01 -67.85 -17.30
CA ILE Z 9 8.29 -67.20 -17.49
C ILE Z 9 7.98 -65.85 -18.10
N PHE Z 10 8.21 -64.80 -17.32
CA PHE Z 10 7.80 -63.45 -17.60
C PHE Z 10 9.02 -62.60 -17.84
N ALA Z 11 9.28 -62.20 -19.08
CA ALA Z 11 10.51 -61.51 -19.40
C ALA Z 11 10.21 -60.06 -19.71
N SER Z 12 10.80 -59.14 -18.94
CA SER Z 12 10.59 -57.70 -19.07
C SER Z 12 11.72 -57.04 -19.84
N PHE Z 13 12.68 -57.87 -20.32
CA PHE Z 13 13.88 -57.49 -21.06
C PHE Z 13 14.93 -56.98 -20.10
N ASN Z 14 14.50 -56.10 -19.19
CA ASN Z 14 15.20 -55.61 -18.02
C ASN Z 14 15.47 -56.72 -17.01
N ASP Z 15 14.57 -57.71 -16.90
CA ASP Z 15 14.82 -58.93 -16.16
C ASP Z 15 13.99 -60.05 -16.77
N THR Z 16 14.32 -61.31 -16.42
CA THR Z 16 13.57 -62.50 -16.80
C THR Z 16 13.11 -63.21 -15.55
N PHE Z 17 11.81 -63.11 -15.26
CA PHE Z 17 11.16 -63.69 -14.12
C PHE Z 17 10.76 -65.13 -14.38
N ILE Z 18 11.04 -66.00 -13.41
CA ILE Z 18 10.53 -67.36 -13.41
C ILE Z 18 9.63 -67.47 -12.19
N HIS Z 19 8.32 -67.67 -12.44
CA HIS Z 19 7.33 -67.76 -11.40
C HIS Z 19 6.43 -68.96 -11.65
N VAL Z 20 6.74 -70.09 -10.99
CA VAL Z 20 6.04 -71.33 -11.20
C VAL Z 20 4.92 -71.48 -10.19
N THR Z 21 3.79 -72.05 -10.62
CA THR Z 21 2.57 -72.14 -9.84
C THR Z 21 1.89 -73.47 -10.00
N ASP Z 22 0.81 -73.72 -9.22
CA ASP Z 22 -0.23 -74.67 -9.60
C ASP Z 22 -0.78 -74.39 -11.00
N LEU Z 23 -1.30 -75.43 -11.67
CA LEU Z 23 -1.92 -75.33 -12.97
C LEU Z 23 -3.13 -74.38 -13.00
N SER Z 24 -3.77 -74.09 -11.85
CA SER Z 24 -4.78 -73.05 -11.76
C SER Z 24 -4.24 -71.64 -11.65
N GLY Z 25 -2.94 -71.46 -11.39
CA GLY Z 25 -2.35 -70.17 -11.10
C GLY Z 25 -2.38 -69.89 -9.63
N ARG Z 26 -3.59 -69.96 -9.03
CA ARG Z 26 -3.80 -69.84 -7.61
C ARG Z 26 -3.02 -70.89 -6.82
N GLU Z 27 -2.41 -70.49 -5.69
CA GLU Z 27 -1.48 -71.31 -4.96
C GLU Z 27 -0.18 -71.54 -5.75
N THR Z 28 0.68 -70.51 -5.68
CA THR Z 28 1.96 -70.41 -6.35
C THR Z 28 3.00 -71.33 -5.74
N LEU Z 29 4.14 -71.56 -6.43
CA LEU Z 29 5.14 -72.49 -5.95
C LEU Z 29 6.49 -71.83 -5.74
N VAL Z 30 7.04 -71.10 -6.74
CA VAL Z 30 8.30 -70.40 -6.55
C VAL Z 30 8.25 -69.05 -7.24
N ARG Z 31 8.62 -67.98 -6.53
CA ARG Z 31 9.04 -66.71 -7.08
C ARG Z 31 10.55 -66.67 -6.99
N ILE Z 32 11.28 -66.34 -8.09
CA ILE Z 32 12.72 -66.16 -7.97
C ILE Z 32 13.27 -65.03 -8.85
N THR Z 33 12.36 -64.27 -9.54
CA THR Z 33 12.70 -63.29 -10.58
C THR Z 33 13.82 -63.74 -11.52
N GLY Z 34 14.69 -62.84 -12.00
CA GLY Z 34 16.09 -63.16 -12.18
C GLY Z 34 16.95 -62.23 -11.34
N GLY Z 35 16.48 -60.99 -11.13
CA GLY Z 35 17.15 -59.91 -10.44
C GLY Z 35 17.48 -60.15 -8.99
N MET Z 36 16.74 -61.01 -8.28
CA MET Z 36 17.09 -61.48 -6.96
C MET Z 36 18.47 -62.13 -6.88
N LYS Z 37 18.86 -62.87 -7.94
CA LYS Z 37 20.13 -63.55 -7.98
C LYS Z 37 21.32 -62.65 -8.33
N VAL Z 38 21.08 -61.42 -8.84
CA VAL Z 38 22.13 -60.49 -9.17
C VAL Z 38 22.76 -59.89 -7.92
N LYS Z 39 24.07 -60.16 -7.71
CA LYS Z 39 24.75 -59.82 -6.47
C LYS Z 39 25.54 -58.52 -6.57
N ALA Z 40 25.61 -57.90 -7.76
CA ALA Z 40 26.41 -56.72 -7.98
C ALA Z 40 25.61 -55.42 -7.88
N ASP Z 41 24.27 -55.53 -7.77
CA ASP Z 41 23.31 -54.42 -7.73
C ASP Z 41 23.40 -53.47 -8.94
N ARG Z 42 23.66 -54.04 -10.13
CA ARG Z 42 23.73 -53.33 -11.40
C ARG Z 42 23.59 -54.35 -12.52
N ASP Z 43 23.40 -53.91 -13.77
CA ASP Z 43 23.27 -54.76 -14.96
C ASP Z 43 22.28 -55.93 -14.81
N GLU Z 44 21.03 -55.64 -14.47
CA GLU Z 44 20.05 -56.54 -13.95
C GLU Z 44 19.67 -57.72 -14.83
N SER Z 45 19.55 -57.55 -16.16
CA SER Z 45 19.21 -58.67 -17.04
C SER Z 45 20.41 -59.53 -17.37
N SER Z 46 20.38 -60.83 -17.02
CA SER Z 46 21.48 -61.73 -17.34
C SER Z 46 20.97 -63.14 -17.61
N PRO Z 47 21.34 -63.78 -18.71
CA PRO Z 47 21.18 -65.20 -18.91
C PRO Z 47 21.74 -66.07 -17.80
N TYR Z 48 22.91 -65.71 -17.23
CA TYR Z 48 23.51 -66.42 -16.11
C TYR Z 48 22.59 -66.41 -14.89
N ALA Z 49 22.06 -65.23 -14.55
CA ALA Z 49 21.13 -65.05 -13.46
C ALA Z 49 19.85 -65.84 -13.67
N ALA Z 50 19.30 -65.84 -14.90
CA ALA Z 50 18.14 -66.62 -15.24
C ALA Z 50 18.35 -68.12 -15.08
N MET Z 51 19.51 -68.63 -15.53
CA MET Z 51 19.92 -69.99 -15.29
C MET Z 51 20.03 -70.36 -13.82
N MET Z 52 20.67 -69.52 -12.99
CA MET Z 52 20.73 -69.75 -11.56
C MET Z 52 19.36 -69.79 -10.89
N ALA Z 53 18.47 -68.88 -11.29
CA ALA Z 53 17.10 -68.81 -10.86
C ALA Z 53 16.33 -70.09 -11.20
N ALA Z 54 16.49 -70.58 -12.43
CA ALA Z 54 15.96 -71.86 -12.86
C ALA Z 54 16.47 -73.04 -12.05
N GLN Z 55 17.79 -73.10 -11.74
CA GLN Z 55 18.39 -74.11 -10.90
C GLN Z 55 17.81 -74.11 -9.50
N ASP Z 56 17.62 -72.93 -8.90
CA ASP Z 56 16.95 -72.76 -7.64
C ASP Z 56 15.50 -73.24 -7.68
N VAL Z 57 14.71 -72.82 -8.68
CA VAL Z 57 13.36 -73.32 -8.92
C VAL Z 57 13.32 -74.83 -9.04
N ALA Z 58 14.21 -75.44 -9.84
CA ALA Z 58 14.32 -76.87 -9.95
C ALA Z 58 14.64 -77.59 -8.63
N ALA Z 59 15.60 -77.06 -7.85
CA ALA Z 59 15.90 -77.51 -6.51
C ALA Z 59 14.69 -77.49 -5.58
N ARG Z 60 13.98 -76.35 -5.54
CA ARG Z 60 12.75 -76.17 -4.82
C ARG Z 60 11.63 -77.11 -5.27
N LEU Z 61 11.41 -77.29 -6.59
CA LEU Z 61 10.41 -78.21 -7.09
C LEU Z 61 10.72 -79.65 -6.74
N LYS Z 62 12.00 -80.06 -6.80
CA LYS Z 62 12.44 -81.35 -6.30
C LYS Z 62 12.24 -81.52 -4.79
N GLU Z 63 12.48 -80.46 -4.00
CA GLU Z 63 12.15 -80.35 -2.59
C GLU Z 63 10.65 -80.51 -2.29
N LEU Z 64 9.79 -79.88 -3.11
CA LEU Z 64 8.35 -79.99 -3.06
C LEU Z 64 7.84 -81.37 -3.43
N GLY Z 65 8.25 -81.86 -4.62
CA GLY Z 65 7.78 -83.12 -5.19
C GLY Z 65 7.00 -82.94 -6.47
N VAL Z 66 7.14 -81.78 -7.12
CA VAL Z 66 6.56 -81.55 -8.44
C VAL Z 66 7.60 -81.93 -9.47
N THR Z 67 7.31 -82.93 -10.30
CA THR Z 67 8.32 -83.59 -11.13
C THR Z 67 8.28 -83.15 -12.57
N ALA Z 68 7.29 -82.34 -12.94
CA ALA Z 68 7.09 -81.91 -14.30
C ALA Z 68 6.50 -80.51 -14.35
N ILE Z 69 6.76 -79.76 -15.42
CA ILE Z 69 6.20 -78.43 -15.62
C ILE Z 69 5.79 -78.23 -17.06
N HIS Z 70 4.63 -77.60 -17.22
CA HIS Z 70 4.16 -76.98 -18.44
C HIS Z 70 4.65 -75.56 -18.46
N ILE Z 71 5.09 -75.01 -19.61
CA ILE Z 71 5.72 -73.70 -19.65
C ILE Z 71 4.80 -72.69 -20.31
N LYS Z 72 4.62 -71.52 -19.68
CA LYS Z 72 3.94 -70.40 -20.29
C LYS Z 72 4.94 -69.27 -20.41
N LEU Z 73 5.38 -68.96 -21.64
CA LEU Z 73 6.21 -67.79 -21.88
C LEU Z 73 5.35 -66.54 -22.01
N ARG Z 74 5.85 -65.39 -21.51
CA ARG Z 74 5.20 -64.13 -21.69
C ARG Z 74 6.25 -63.04 -21.72
N ALA Z 75 6.27 -62.22 -22.78
CA ALA Z 75 7.14 -61.07 -22.83
C ALA Z 75 6.41 -59.84 -22.36
N SER Z 76 6.91 -59.23 -21.28
CA SER Z 76 6.51 -57.93 -20.72
C SER Z 76 5.02 -57.61 -20.70
N GLY Z 77 4.68 -56.32 -20.81
CA GLY Z 77 3.43 -55.87 -21.42
C GLY Z 77 3.70 -55.75 -22.89
N GLY Z 78 2.78 -56.23 -23.75
CA GLY Z 78 3.07 -56.28 -25.18
C GLY Z 78 2.95 -54.95 -25.88
N THR Z 79 2.39 -53.94 -25.17
CA THR Z 79 2.50 -52.53 -25.52
C THR Z 79 3.92 -52.00 -25.39
N LYS Z 80 4.68 -52.45 -24.36
CA LYS Z 80 6.05 -52.05 -24.18
C LYS Z 80 7.00 -52.63 -25.21
N SER Z 81 6.92 -53.94 -25.49
CA SER Z 81 7.69 -54.56 -26.56
C SER Z 81 7.13 -55.91 -26.91
N LYS Z 82 7.42 -56.40 -28.15
CA LYS Z 82 7.07 -57.73 -28.59
C LYS Z 82 8.26 -58.67 -28.49
N THR Z 83 9.46 -58.14 -28.18
CA THR Z 83 10.69 -58.93 -28.05
C THR Z 83 10.68 -59.88 -26.85
N PRO Z 84 11.06 -61.15 -26.93
CA PRO Z 84 11.36 -61.95 -25.75
C PRO Z 84 12.69 -61.54 -25.14
N GLY Z 85 12.79 -61.54 -23.79
CA GLY Z 85 14.03 -61.19 -23.08
C GLY Z 85 15.19 -62.13 -23.32
N PRO Z 86 16.43 -61.67 -23.24
CA PRO Z 86 17.61 -62.47 -23.52
C PRO Z 86 17.73 -63.75 -22.70
N GLY Z 87 17.48 -63.67 -21.39
CA GLY Z 87 17.63 -64.80 -20.48
C GLY Z 87 16.56 -65.84 -20.57
N ALA Z 88 15.47 -65.58 -21.31
CA ALA Z 88 14.39 -66.54 -21.54
C ALA Z 88 14.86 -67.85 -22.12
N GLN Z 89 15.76 -67.78 -23.13
CA GLN Z 89 16.38 -68.94 -23.73
C GLN Z 89 17.21 -69.71 -22.71
N SER Z 90 17.97 -68.99 -21.88
CA SER Z 90 18.73 -69.53 -20.77
C SER Z 90 17.86 -70.25 -19.74
N ALA Z 91 16.72 -69.64 -19.36
CA ALA Z 91 15.76 -70.21 -18.45
C ALA Z 91 15.17 -71.51 -18.98
N LEU Z 92 14.80 -71.51 -20.27
CA LEU Z 92 14.34 -72.68 -20.99
C LEU Z 92 15.39 -73.78 -21.03
N ARG Z 93 16.65 -73.44 -21.35
CA ARG Z 93 17.76 -74.38 -21.43
C ARG Z 93 18.13 -74.98 -20.09
N ALA Z 94 18.12 -74.17 -19.03
CA ALA Z 94 18.29 -74.61 -17.66
C ALA Z 94 17.21 -75.59 -17.21
N LEU Z 95 15.94 -75.32 -17.55
CA LEU Z 95 14.84 -76.24 -17.29
C LEU Z 95 15.03 -77.55 -18.02
N ALA Z 96 15.49 -77.51 -19.29
CA ALA Z 96 15.88 -78.67 -20.04
C ALA Z 96 17.01 -79.46 -19.40
N ARG Z 97 18.08 -78.78 -18.94
CA ARG Z 97 19.18 -79.38 -18.22
C ARG Z 97 18.79 -80.05 -16.89
N SER Z 98 17.87 -79.41 -16.13
CA SER Z 98 17.48 -79.79 -14.77
C SER Z 98 17.15 -81.27 -14.56
N GLY Z 99 16.37 -81.85 -15.49
CA GLY Z 99 15.84 -83.20 -15.37
C GLY Z 99 14.39 -83.22 -14.99
N LEU Z 100 13.78 -82.04 -14.72
CA LEU Z 100 12.33 -81.91 -14.67
C LEU Z 100 11.68 -82.18 -16.03
N LYS Z 101 10.50 -82.81 -16.03
CA LYS Z 101 9.87 -83.22 -17.28
C LYS Z 101 9.03 -82.11 -17.90
N ILE Z 102 9.25 -81.84 -19.18
CA ILE Z 102 8.74 -80.67 -19.87
C ILE Z 102 7.49 -80.97 -20.69
N GLY Z 103 6.29 -80.53 -20.23
CA GLY Z 103 5.06 -80.78 -20.97
C GLY Z 103 4.78 -79.67 -21.99
N ARG Z 104 3.50 -79.31 -22.21
CA ARG Z 104 3.12 -78.32 -23.20
C ARG Z 104 3.74 -76.94 -22.98
N ILE Z 105 4.23 -76.29 -24.05
CA ILE Z 105 4.86 -74.99 -23.95
C ILE Z 105 4.05 -74.05 -24.84
N GLU Z 106 3.64 -72.90 -24.28
CA GLU Z 106 2.81 -71.92 -24.98
C GLU Z 106 3.34 -70.50 -24.77
N ASP Z 107 3.15 -69.62 -25.77
CA ASP Z 107 3.32 -68.19 -25.63
C ASP Z 107 2.00 -67.55 -25.24
N VAL Z 108 2.00 -66.75 -24.17
CA VAL Z 108 0.90 -65.94 -23.73
C VAL Z 108 1.31 -64.47 -23.59
N THR Z 109 2.30 -64.00 -24.37
CA THR Z 109 2.69 -62.59 -24.47
C THR Z 109 1.54 -61.60 -24.76
N PRO Z 110 1.29 -60.50 -24.05
CA PRO Z 110 -0.04 -59.91 -24.05
C PRO Z 110 -0.02 -58.64 -24.89
N ILE Z 111 0.19 -58.80 -26.20
CA ILE Z 111 0.06 -57.73 -27.17
C ILE Z 111 -1.36 -57.15 -27.26
N PRO Z 112 -1.55 -55.87 -27.57
CA PRO Z 112 -2.87 -55.31 -27.78
C PRO Z 112 -3.51 -55.78 -29.07
N THR Z 113 -4.82 -56.04 -29.08
CA THR Z 113 -5.56 -56.51 -30.26
C THR Z 113 -6.15 -55.31 -31.00
N ASP Z 114 -5.78 -54.11 -30.57
CA ASP Z 114 -6.23 -52.83 -31.09
C ASP Z 114 -5.05 -51.93 -31.46
N SER Z 115 -5.14 -50.63 -31.16
CA SER Z 115 -4.18 -49.62 -31.57
C SER Z 115 -4.19 -48.38 -30.66
N THR Z 116 -4.76 -48.44 -29.43
CA THR Z 116 -4.76 -47.32 -28.48
C THR Z 116 -3.37 -46.76 -28.12
N ARG Z 117 -3.29 -45.42 -27.94
CA ARG Z 117 -2.05 -44.65 -27.84
C ARG Z 117 -1.13 -45.06 -26.69
N LYS Z 118 0.21 -44.90 -26.89
CA LYS Z 118 1.21 -45.36 -25.95
C LYS Z 118 2.35 -44.37 -25.78
N LYS Z 119 3.18 -44.60 -24.74
CA LYS Z 119 4.34 -43.83 -24.33
C LYS Z 119 5.20 -43.14 -25.39
N SER Z 120 5.63 -41.90 -25.09
CA SER Z 120 6.49 -41.04 -25.89
C SER Z 120 5.75 -40.25 -26.94
N GLY Z 121 6.31 -39.08 -27.33
CA GLY Z 121 5.77 -38.20 -28.37
C GLY Z 121 5.60 -38.83 -29.73
N ARG Z 122 4.99 -38.09 -30.67
CA ARG Z 122 4.62 -38.62 -31.96
C ARG Z 122 5.82 -38.82 -32.89
N ARG Z 123 6.93 -38.17 -32.55
CA ARG Z 123 8.22 -38.30 -33.21
C ARG Z 123 9.03 -39.39 -32.53
N GLY Z 124 8.43 -40.04 -31.51
CA GLY Z 124 9.04 -41.07 -30.71
C GLY Z 124 10.05 -40.59 -29.72
N ARG Z 125 10.60 -41.54 -28.96
CA ARG Z 125 11.78 -41.35 -28.16
C ARG Z 125 13.02 -41.15 -29.02
N ARG Z 126 13.90 -40.18 -28.66
CA ARG Z 126 15.07 -39.85 -29.45
C ARG Z 126 16.33 -40.57 -28.95
N LEU Z 127 16.18 -41.43 -27.93
CA LEU Z 127 17.24 -42.25 -27.37
C LEU Z 127 17.63 -43.44 -28.29
N GLY AA 1 -4.51 -22.30 -76.52
CA GLY AA 1 -4.83 -23.19 -75.35
C GLY AA 1 -3.70 -23.31 -74.37
N SER AA 2 -4.01 -23.56 -73.07
CA SER AA 2 -3.02 -23.57 -71.99
C SER AA 2 -2.30 -22.23 -71.84
N GLY AA 3 -3.07 -21.14 -71.68
CA GLY AA 3 -2.51 -19.80 -71.60
C GLY AA 3 -3.57 -18.73 -71.52
N LYS AA 4 -3.23 -17.53 -72.02
CA LYS AA 4 -4.08 -16.35 -72.04
C LYS AA 4 -5.37 -16.53 -72.86
N PRO AA 5 -6.52 -15.94 -72.53
CA PRO AA 5 -7.75 -16.02 -73.32
C PRO AA 5 -7.66 -15.51 -74.76
N SER AA 6 -8.04 -16.33 -75.73
CA SER AA 6 -8.08 -16.01 -77.15
C SER AA 6 -9.24 -15.12 -77.55
N GLY AA 7 -10.36 -15.16 -76.80
CA GLY AA 7 -11.64 -14.52 -77.08
C GLY AA 7 -11.65 -13.13 -77.64
N LEU AA 8 -12.54 -12.88 -78.61
CA LEU AA 8 -12.67 -11.62 -79.31
C LEU AA 8 -13.06 -10.48 -78.40
N ARG AA 9 -13.99 -10.75 -77.48
CA ARG AA 9 -14.55 -9.77 -76.59
C ARG AA 9 -13.78 -9.71 -75.27
N ALA AA 10 -12.60 -10.37 -75.21
CA ALA AA 10 -11.83 -10.51 -73.99
C ALA AA 10 -10.78 -9.40 -73.76
N ALA AA 11 -10.88 -8.25 -74.47
CA ALA AA 11 -9.93 -7.15 -74.32
C ALA AA 11 -9.92 -6.58 -72.91
N ARG AA 12 -11.08 -6.63 -72.25
CA ARG AA 12 -11.28 -6.17 -70.91
C ARG AA 12 -10.40 -6.90 -69.91
N LYS AA 13 -10.34 -8.24 -70.04
CA LYS AA 13 -9.49 -9.06 -69.22
C LYS AA 13 -8.03 -8.77 -69.47
N LEU AA 14 -7.61 -8.67 -70.75
CA LEU AA 14 -6.23 -8.36 -71.07
C LEU AA 14 -5.77 -7.00 -70.55
N ARG AA 15 -6.65 -5.99 -70.61
CA ARG AA 15 -6.33 -4.66 -70.13
C ARG AA 15 -6.23 -4.62 -68.63
N ILE AA 16 -7.22 -5.17 -67.90
CA ILE AA 16 -7.23 -5.19 -66.46
C ILE AA 16 -6.08 -6.00 -65.88
N ARG AA 17 -5.83 -7.22 -66.40
CA ARG AA 17 -4.69 -8.02 -66.02
C ARG AA 17 -3.37 -7.31 -66.25
N ARG AA 18 -3.17 -6.69 -67.42
CA ARG AA 18 -1.98 -5.90 -67.66
C ARG AA 18 -1.82 -4.70 -66.75
N ARG AA 19 -2.92 -3.96 -66.51
CA ARG AA 19 -2.95 -2.74 -65.75
C ARG AA 19 -2.55 -2.96 -64.31
N THR AA 20 -3.14 -4.00 -63.70
CA THR AA 20 -2.85 -4.43 -62.34
C THR AA 20 -1.45 -4.98 -62.17
N GLN AA 21 -0.96 -5.76 -63.14
CA GLN AA 21 0.29 -6.44 -63.00
C GLN AA 21 1.49 -5.56 -63.33
N ARG AA 22 1.28 -4.49 -64.11
CA ARG AA 22 2.27 -3.46 -64.38
C ARG AA 22 3.04 -2.89 -63.18
N TRP AA 23 2.35 -2.70 -62.02
CA TRP AA 23 2.89 -2.09 -60.83
C TRP AA 23 4.13 -2.72 -60.22
N ALA AA 24 4.36 -4.03 -60.45
CA ALA AA 24 5.49 -4.73 -59.89
C ALA AA 24 6.85 -4.35 -60.51
N ASP AA 25 6.87 -3.69 -61.70
CA ASP AA 25 8.07 -3.10 -62.25
C ASP AA 25 8.61 -1.95 -61.37
N LYS AA 26 9.92 -1.98 -61.07
CA LYS AA 26 10.57 -1.01 -60.21
C LYS AA 26 10.59 0.41 -60.76
N SER AA 27 10.98 0.58 -62.04
CA SER AA 27 10.97 1.86 -62.72
C SER AA 27 9.59 2.49 -62.82
N TYR AA 28 8.60 1.67 -63.18
CA TYR AA 28 7.22 2.05 -63.26
C TYR AA 28 6.68 2.52 -61.91
N LYS AA 29 6.97 1.80 -60.81
CA LYS AA 29 6.55 2.27 -59.50
C LYS AA 29 7.10 3.64 -59.10
N LYS AA 30 8.43 3.85 -59.23
CA LYS AA 30 9.07 5.10 -58.87
C LYS AA 30 8.54 6.26 -59.69
N SER AA 31 8.39 6.05 -61.00
CA SER AA 31 7.82 7.05 -61.88
C SER AA 31 6.35 7.33 -61.66
N HIS AA 32 5.50 6.30 -61.41
CA HIS AA 32 4.06 6.48 -61.34
C HIS AA 32 3.49 6.65 -59.94
N LEU AA 33 4.27 6.40 -58.87
CA LEU AA 33 3.88 6.71 -57.50
C LEU AA 33 4.42 8.09 -57.10
N GLY AA 34 3.80 8.73 -56.08
CA GLY AA 34 4.13 10.09 -55.66
C GLY AA 34 5.49 10.27 -55.04
N THR AA 35 6.09 9.17 -54.55
CA THR AA 35 7.36 9.13 -53.83
C THR AA 35 8.52 9.85 -54.49
N ARG AA 36 8.67 9.76 -55.83
CA ARG AA 36 9.54 10.60 -56.66
C ARG AA 36 9.60 12.06 -56.22
N TRP AA 37 8.48 12.79 -56.37
CA TRP AA 37 8.32 14.18 -56.03
C TRP AA 37 8.48 14.50 -54.55
N LYS AA 38 8.42 13.46 -53.70
CA LYS AA 38 8.53 13.55 -52.26
C LYS AA 38 9.94 13.27 -51.76
N SER AA 39 10.42 12.01 -51.84
CA SER AA 39 11.58 11.54 -51.08
C SER AA 39 12.90 12.03 -51.63
N ASN AA 40 13.01 12.26 -52.96
CA ASN AA 40 14.19 12.83 -53.58
C ASN AA 40 14.48 14.25 -53.06
N PRO AA 41 15.62 14.59 -52.48
CA PRO AA 41 15.90 15.94 -52.01
C PRO AA 41 16.17 16.87 -53.16
N PHE AA 42 16.52 16.36 -54.36
CA PHE AA 42 16.76 17.17 -55.54
C PHE AA 42 15.47 17.50 -56.28
N ARG AA 43 14.37 16.80 -55.93
CA ARG AA 43 13.02 17.03 -56.41
C ARG AA 43 12.88 17.19 -57.92
N GLY AA 44 13.47 16.25 -58.68
CA GLY AA 44 13.41 16.23 -60.14
C GLY AA 44 14.41 17.14 -60.83
N SER AA 45 15.26 17.85 -60.08
CA SER AA 45 16.40 18.54 -60.67
C SER AA 45 17.59 17.61 -60.81
N SER AA 46 18.49 17.86 -61.79
CA SER AA 46 19.80 17.23 -61.82
C SER AA 46 20.73 17.84 -60.78
N HIS AA 47 20.51 19.10 -60.42
CA HIS AA 47 21.49 19.94 -59.78
C HIS AA 47 20.84 20.77 -58.70
N ALA AA 48 21.61 21.11 -57.66
CA ALA AA 48 21.08 21.83 -56.54
C ALA AA 48 22.18 22.67 -55.89
N LYS AA 49 21.84 23.86 -55.35
CA LYS AA 49 22.81 24.65 -54.61
C LYS AA 49 22.62 24.43 -53.12
N GLY AA 50 23.73 24.12 -52.41
CA GLY AA 50 23.74 23.96 -50.97
C GLY AA 50 24.99 24.53 -50.36
N ILE AA 51 25.07 24.42 -49.03
CA ILE AA 51 26.19 24.90 -48.23
C ILE AA 51 26.80 23.76 -47.43
N VAL AA 52 28.13 23.69 -47.33
CA VAL AA 52 28.81 22.65 -46.57
C VAL AA 52 28.67 22.89 -45.08
N VAL AA 53 28.12 21.88 -44.39
CA VAL AA 53 28.02 21.83 -42.95
C VAL AA 53 29.28 21.23 -42.35
N GLU AA 54 29.68 20.02 -42.82
CA GLU AA 54 30.74 19.22 -42.20
C GLU AA 54 31.58 18.46 -43.23
N LYS AA 55 32.91 18.39 -43.00
CA LYS AA 55 33.85 17.55 -43.73
C LYS AA 55 34.07 16.22 -43.00
N VAL AA 56 33.68 15.09 -43.61
CA VAL AA 56 33.75 13.78 -42.95
C VAL AA 56 34.61 12.81 -43.76
N ALA AA 57 35.25 11.82 -43.11
CA ALA AA 57 36.08 10.83 -43.78
C ALA AA 57 35.46 9.45 -43.61
N ILE AA 58 34.64 9.02 -44.58
CA ILE AA 58 33.94 7.75 -44.57
C ILE AA 58 34.82 6.56 -44.93
N GLU AA 59 34.79 5.45 -44.16
CA GLU AA 59 35.58 4.28 -44.49
C GLU AA 59 34.89 3.41 -45.55
N ALA AA 60 35.66 2.94 -46.54
CA ALA AA 60 35.23 2.12 -47.65
C ALA AA 60 34.60 0.76 -47.28
N LYS AA 61 33.67 0.25 -48.12
CA LYS AA 61 33.11 -1.09 -47.98
C LYS AA 61 34.14 -2.21 -48.01
N GLN AA 62 33.81 -3.32 -47.31
CA GLN AA 62 34.68 -4.41 -46.90
C GLN AA 62 35.81 -4.86 -47.81
N PRO AA 63 35.68 -5.06 -49.13
CA PRO AA 63 36.80 -5.46 -49.98
C PRO AA 63 37.95 -4.47 -50.01
N ASN AA 64 37.67 -3.17 -49.81
CA ASN AA 64 38.68 -2.14 -49.83
C ASN AA 64 38.96 -1.64 -48.42
N SER AA 65 40.15 -1.05 -48.22
CA SER AA 65 40.48 -0.30 -47.01
C SER AA 65 40.93 1.08 -47.43
N ALA AA 66 40.25 2.14 -46.96
CA ALA AA 66 40.45 3.49 -47.43
C ALA AA 66 39.40 4.44 -46.85
N TYR AA 67 39.79 5.69 -46.59
CA TYR AA 67 38.90 6.68 -46.02
C TYR AA 67 38.59 7.68 -47.11
N ARG AA 68 37.31 7.81 -47.49
CA ARG AA 68 36.88 8.68 -48.55
C ARG AA 68 36.41 9.98 -47.96
N LYS AA 69 37.04 11.07 -48.40
CA LYS AA 69 36.80 12.38 -47.84
C LYS AA 69 35.57 12.99 -48.49
N CYS AA 70 34.53 13.25 -47.68
CA CYS AA 70 33.20 13.60 -48.12
C CYS AA 70 32.73 14.84 -47.40
N VAL AA 71 31.59 15.40 -47.84
CA VAL AA 71 31.06 16.64 -47.31
C VAL AA 71 29.57 16.52 -47.06
N ARG AA 72 29.14 16.86 -45.84
CA ARG AA 72 27.76 16.89 -45.48
C ARG AA 72 27.27 18.30 -45.76
N VAL AA 73 26.26 18.40 -46.64
CA VAL AA 73 25.84 19.62 -47.29
C VAL AA 73 24.38 19.86 -46.99
N GLN AA 74 23.99 21.11 -46.75
CA GLN AA 74 22.60 21.49 -46.59
C GLN AA 74 22.13 22.25 -47.80
N LEU AA 75 21.26 21.64 -48.63
CA LEU AA 75 20.65 22.28 -49.77
C LEU AA 75 19.85 23.52 -49.40
N ILE AA 76 20.11 24.64 -50.10
CA ILE AA 76 19.43 25.91 -49.90
C ILE AA 76 18.04 25.84 -50.51
N LYS AA 77 17.94 25.16 -51.67
CA LYS AA 77 16.74 25.01 -52.46
C LYS AA 77 15.53 24.46 -51.69
N ASN AA 78 15.69 23.35 -50.95
CA ASN AA 78 14.58 22.75 -50.22
C ASN AA 78 14.85 22.66 -48.73
N GLY AA 79 15.98 23.22 -48.26
CA GLY AA 79 16.35 23.18 -46.85
C GLY AA 79 16.71 21.80 -46.32
N LYS AA 80 17.28 20.93 -47.18
CA LYS AA 80 17.52 19.53 -46.83
C LYS AA 80 18.99 19.20 -46.66
N LYS AA 81 19.35 18.45 -45.59
CA LYS AA 81 20.69 17.96 -45.40
C LYS AA 81 20.94 16.69 -46.20
N ILE AA 82 22.08 16.62 -46.88
CA ILE AA 82 22.51 15.46 -47.66
C ILE AA 82 23.99 15.23 -47.40
N THR AA 83 24.51 14.02 -47.63
CA THR AA 83 25.95 13.84 -47.71
C THR AA 83 26.33 13.74 -49.17
N ALA AA 84 27.35 14.50 -49.60
CA ALA AA 84 27.83 14.54 -50.94
C ALA AA 84 29.31 14.19 -51.01
N PHE AA 85 29.71 13.51 -52.09
CA PHE AA 85 31.09 13.24 -52.39
C PHE AA 85 31.77 14.44 -53.02
N VAL AA 86 33.07 14.61 -52.74
CA VAL AA 86 33.90 15.57 -53.43
C VAL AA 86 35.02 14.81 -54.13
N PRO AA 87 35.05 14.75 -55.47
CA PRO AA 87 36.19 14.18 -56.20
C PRO AA 87 37.43 15.07 -56.12
N GLY AA 88 38.63 14.47 -56.05
CA GLY AA 88 39.90 15.18 -55.98
C GLY AA 88 40.39 15.33 -54.56
N ASP AA 89 41.52 14.70 -54.27
CA ASP AA 89 42.12 14.57 -52.97
C ASP AA 89 42.44 15.88 -52.26
N GLY AA 90 43.16 16.80 -52.94
CA GLY AA 90 43.47 18.12 -52.40
C GLY AA 90 42.38 19.14 -52.57
N CYS AA 91 41.29 18.78 -53.25
CA CYS AA 91 40.23 19.74 -53.52
C CYS AA 91 39.36 19.92 -52.31
N LEU AA 92 39.13 18.85 -51.53
CA LEU AA 92 38.60 18.87 -50.18
C LEU AA 92 39.42 19.76 -49.25
N ASN AA 93 40.75 19.67 -49.34
CA ASN AA 93 41.67 20.54 -48.61
C ASN AA 93 41.50 21.99 -49.01
N PHE AA 94 41.41 22.29 -50.32
CA PHE AA 94 41.10 23.60 -50.82
C PHE AA 94 39.75 24.15 -50.32
N ILE AA 95 38.67 23.35 -50.43
CA ILE AA 95 37.31 23.68 -50.02
C ILE AA 95 37.19 24.21 -48.59
N ASP AA 96 36.38 25.26 -48.40
CA ASP AA 96 36.31 26.05 -47.20
C ASP AA 96 35.26 25.57 -46.19
N GLU AA 97 35.25 26.22 -45.01
CA GLU AA 97 34.50 25.85 -43.82
C GLU AA 97 32.98 25.75 -44.02
N ASN AA 98 32.39 26.72 -44.73
CA ASN AA 98 30.99 26.68 -45.10
C ASN AA 98 30.87 27.06 -46.55
N ASP AA 99 31.56 26.28 -47.41
CA ASP AA 99 31.58 26.43 -48.84
C ASP AA 99 30.20 26.36 -49.50
N GLU AA 100 29.95 27.16 -50.55
CA GLU AA 100 28.73 27.13 -51.32
C GLU AA 100 28.93 26.22 -52.53
N VAL AA 101 28.21 25.10 -52.56
CA VAL AA 101 28.44 24.01 -53.48
C VAL AA 101 27.32 23.86 -54.47
N LEU AA 102 27.66 23.52 -55.73
CA LEU AA 102 26.71 23.08 -56.71
C LEU AA 102 26.91 21.58 -56.85
N VAL AA 103 25.90 20.84 -56.39
CA VAL AA 103 25.93 19.41 -56.23
C VAL AA 103 24.97 18.79 -57.22
N SER AA 104 25.36 17.61 -57.72
CA SER AA 104 24.69 16.88 -58.76
C SER AA 104 24.42 15.46 -58.30
N GLY AA 105 23.77 14.67 -59.17
CA GLY AA 105 23.66 13.22 -59.03
C GLY AA 105 24.95 12.52 -59.36
N PHE AA 106 24.96 11.17 -59.27
CA PHE AA 106 26.20 10.44 -59.20
C PHE AA 106 26.25 9.27 -60.17
N GLY AA 107 25.41 9.33 -61.23
CA GLY AA 107 25.50 8.41 -62.36
C GLY AA 107 24.69 7.15 -62.25
N ARG AA 108 23.67 7.13 -61.38
CA ARG AA 108 23.02 5.90 -60.98
C ARG AA 108 21.56 6.13 -60.59
N SER AA 109 20.96 7.29 -60.93
CA SER AA 109 19.51 7.52 -60.84
C SER AA 109 18.90 7.30 -59.46
N GLY AA 110 19.61 7.75 -58.41
CA GLY AA 110 19.24 7.58 -57.02
C GLY AA 110 19.63 6.25 -56.39
N HIS AA 111 20.33 5.37 -57.13
CA HIS AA 111 20.91 4.18 -56.54
C HIS AA 111 22.33 4.42 -56.04
N SER AA 112 22.81 3.56 -55.12
CA SER AA 112 24.16 3.57 -54.58
C SER AA 112 25.27 3.37 -55.61
N VAL AA 113 26.45 3.99 -55.37
CA VAL AA 113 27.56 4.00 -56.32
C VAL AA 113 28.79 3.39 -55.68
N GLY AA 114 29.41 2.39 -56.35
CA GLY AA 114 30.62 1.72 -55.88
C GLY AA 114 30.61 1.28 -54.44
N ASP AA 115 31.71 1.54 -53.72
CA ASP AA 115 31.89 1.19 -52.33
C ASP AA 115 31.52 2.33 -51.39
N LEU AA 116 30.84 3.38 -51.91
CA LEU AA 116 30.37 4.47 -51.09
C LEU AA 116 29.01 4.14 -50.44
N PRO AA 117 28.73 4.49 -49.18
CA PRO AA 117 27.61 3.87 -48.49
C PRO AA 117 26.46 4.85 -48.39
N GLY AA 118 25.58 4.89 -49.41
CA GLY AA 118 24.40 5.75 -49.39
C GLY AA 118 24.69 7.18 -49.74
N VAL AA 119 25.93 7.47 -50.16
CA VAL AA 119 26.33 8.78 -50.63
C VAL AA 119 25.97 8.87 -52.11
N LYS AA 120 24.84 9.53 -52.42
CA LYS AA 120 24.22 9.43 -53.73
C LYS AA 120 24.43 10.68 -54.58
N PHE AA 121 25.24 11.63 -54.09
CA PHE AA 121 25.43 12.92 -54.73
C PHE AA 121 26.90 13.28 -54.77
N LYS AA 122 27.29 14.14 -55.73
CA LYS AA 122 28.66 14.59 -55.86
C LYS AA 122 28.74 16.08 -56.19
N VAL AA 123 29.69 16.83 -55.57
CA VAL AA 123 29.80 18.26 -55.81
C VAL AA 123 30.70 18.50 -57.00
N VAL AA 124 30.24 19.35 -57.95
CA VAL AA 124 30.92 19.47 -59.23
C VAL AA 124 31.32 20.91 -59.54
N LYS AA 125 30.94 21.84 -58.67
CA LYS AA 125 31.31 23.23 -58.78
C LYS AA 125 31.19 23.81 -57.40
N VAL AA 126 32.17 24.62 -56.95
CA VAL AA 126 32.09 25.26 -55.65
C VAL AA 126 32.36 26.73 -55.84
N ALA AA 127 31.61 27.59 -55.11
CA ALA AA 127 31.61 29.04 -55.23
C ALA AA 127 31.58 29.57 -56.67
N ARG AA 128 30.73 28.95 -57.52
CA ARG AA 128 30.63 29.11 -58.96
C ARG AA 128 31.86 28.78 -59.81
N VAL AA 129 32.92 28.18 -59.23
CA VAL AA 129 34.14 27.81 -59.92
C VAL AA 129 34.17 26.30 -60.15
N SER AA 130 34.77 25.86 -61.26
CA SER AA 130 34.75 24.46 -61.69
C SER AA 130 35.68 23.55 -60.91
N LEU AA 131 35.16 22.38 -60.51
CA LEU AA 131 35.87 21.35 -59.78
C LEU AA 131 37.02 20.77 -60.58
N LEU AA 132 36.78 20.53 -61.88
CA LEU AA 132 37.79 20.01 -62.78
C LEU AA 132 38.96 20.95 -62.92
N ALA AA 133 38.70 22.26 -63.06
CA ALA AA 133 39.73 23.27 -63.09
C ALA AA 133 40.60 23.32 -61.84
N LEU AA 134 39.97 23.20 -60.65
CA LEU AA 134 40.63 23.08 -59.36
C LEU AA 134 41.51 21.84 -59.27
N PHE AA 135 41.05 20.72 -59.85
CA PHE AA 135 41.81 19.48 -59.87
C PHE AA 135 43.00 19.56 -60.82
N LYS AA 136 42.80 20.13 -62.03
CA LYS AA 136 43.79 20.34 -63.05
C LYS AA 136 45.01 21.14 -62.58
N GLU AA 137 44.93 22.49 -62.66
CA GLU AA 137 45.92 23.52 -62.30
C GLU AA 137 46.36 24.27 -63.55
N LYS AA 138 46.43 23.57 -64.71
CA LYS AA 138 46.57 24.22 -66.00
C LYS AA 138 45.33 25.02 -66.34
N LYS AA 139 44.15 24.42 -66.07
CA LYS AA 139 42.89 25.07 -66.20
C LYS AA 139 42.59 25.99 -65.02
N GLU AA 140 41.59 26.89 -65.19
CA GLU AA 140 41.24 28.06 -64.39
C GLU AA 140 41.67 28.12 -62.92
N LYS AA 141 42.25 29.27 -62.52
CA LYS AA 141 42.79 29.52 -61.22
C LYS AA 141 41.74 29.49 -60.09
N PRO AA 142 42.06 29.00 -58.90
CA PRO AA 142 41.25 29.14 -57.68
C PRO AA 142 40.64 30.51 -57.41
N ARG AA 143 39.42 30.53 -56.85
CA ARG AA 143 38.74 31.69 -56.31
C ARG AA 143 39.53 32.58 -55.34
N SER AA 144 39.06 33.82 -55.15
CA SER AA 144 39.61 34.74 -54.16
C SER AA 144 38.92 34.55 -52.79
N GLN BA 1 82.42 -54.58 25.46
CA GLN BA 1 83.39 -55.63 25.00
C GLN BA 1 83.63 -55.71 23.49
N HIS BA 2 82.62 -56.08 22.68
CA HIS BA 2 82.87 -56.55 21.33
C HIS BA 2 82.60 -55.56 20.21
N ILE BA 3 81.99 -54.39 20.49
CA ILE BA 3 81.66 -53.40 19.46
C ILE BA 3 82.18 -52.03 19.88
N LEU BA 4 83.40 -52.01 20.43
CA LEU BA 4 84.11 -50.81 20.89
C LEU BA 4 84.27 -49.72 19.83
N ARG BA 5 84.19 -48.45 20.27
CA ARG BA 5 83.99 -47.30 19.41
C ARG BA 5 85.30 -46.78 18.79
N ILE BA 6 85.21 -45.81 17.85
CA ILE BA 6 86.33 -45.34 17.04
C ILE BA 6 86.43 -43.82 17.05
N LEU BA 7 87.56 -43.28 16.54
CA LEU BA 7 88.02 -41.88 16.49
C LEU BA 7 86.97 -40.76 16.51
N ASN BA 8 87.22 -39.75 17.38
CA ASN BA 8 86.36 -38.62 17.67
C ASN BA 8 84.92 -38.99 18.00
N THR BA 9 84.77 -40.05 18.81
CA THR BA 9 83.52 -40.59 19.33
C THR BA 9 82.54 -41.00 18.23
N ASN BA 10 82.95 -41.98 17.40
CA ASN BA 10 82.10 -42.57 16.37
C ASN BA 10 81.89 -44.05 16.70
N VAL BA 11 80.67 -44.57 16.53
CA VAL BA 11 80.25 -45.76 17.28
C VAL BA 11 80.45 -47.07 16.55
N ASP BA 12 80.99 -47.03 15.33
CA ASP BA 12 81.45 -48.12 14.51
C ASP BA 12 82.17 -49.26 15.27
N GLY BA 13 81.90 -50.53 14.91
CA GLY BA 13 82.44 -51.67 15.63
C GLY BA 13 82.14 -53.03 15.05
N LYS BA 14 81.14 -53.16 14.17
CA LYS BA 14 80.82 -54.42 13.49
C LYS BA 14 81.09 -54.27 12.00
N GLU BA 15 81.44 -53.05 11.59
CA GLU BA 15 82.16 -52.70 10.40
C GLU BA 15 83.52 -53.38 10.39
N LYS BA 16 84.01 -53.80 9.21
CA LYS BA 16 85.39 -54.19 9.04
C LYS BA 16 86.33 -53.02 9.28
N VAL BA 17 87.58 -53.24 9.71
CA VAL BA 17 88.52 -52.19 10.06
C VAL BA 17 88.73 -51.13 8.98
N ILE BA 18 88.89 -51.54 7.71
CA ILE BA 18 88.89 -50.67 6.55
C ILE BA 18 87.60 -49.88 6.40
N ILE BA 19 86.45 -50.53 6.55
CA ILE BA 19 85.15 -49.92 6.39
C ILE BA 19 84.87 -48.92 7.51
N ALA BA 20 85.29 -49.23 8.74
CA ALA BA 20 85.25 -48.27 9.81
C ALA BA 20 86.12 -47.03 9.56
N LEU BA 21 87.39 -47.23 9.15
CA LEU BA 21 88.31 -46.16 8.86
C LEU BA 21 87.84 -45.24 7.74
N THR BA 22 87.30 -45.84 6.66
CA THR BA 22 86.72 -45.12 5.55
C THR BA 22 85.54 -44.25 5.95
N ALA BA 23 84.66 -44.76 6.82
CA ALA BA 23 83.62 -44.00 7.47
C ALA BA 23 84.06 -42.79 8.33
N ILE BA 24 85.37 -42.54 8.46
CA ILE BA 24 85.90 -41.29 8.94
C ILE BA 24 86.21 -40.49 7.69
N LYS BA 25 87.41 -40.67 7.13
CA LYS BA 25 87.86 -40.06 5.91
C LYS BA 25 88.75 -41.08 5.25
N GLY BA 26 88.83 -41.02 3.91
CA GLY BA 26 89.59 -42.00 3.14
C GLY BA 26 88.73 -42.91 2.31
N ILE BA 27 87.47 -42.53 2.00
CA ILE BA 27 86.47 -43.45 1.46
C ILE BA 27 86.52 -43.54 -0.07
N GLY BA 28 87.62 -43.02 -0.66
CA GLY BA 28 88.10 -43.51 -1.95
C GLY BA 28 88.79 -44.85 -1.81
N LYS BA 29 89.01 -45.28 -0.56
CA LYS BA 29 89.38 -46.60 -0.11
C LYS BA 29 90.81 -47.02 -0.40
N ARG BA 30 91.51 -46.34 -1.33
CA ARG BA 30 92.93 -46.50 -1.54
C ARG BA 30 93.69 -46.03 -0.31
N MET BA 31 93.25 -44.89 0.27
CA MET BA 31 93.79 -44.34 1.49
C MET BA 31 93.69 -45.29 2.66
N ALA BA 32 92.51 -45.90 2.84
CA ALA BA 32 92.28 -46.89 3.85
C ALA BA 32 93.11 -48.15 3.65
N THR BA 33 93.22 -48.61 2.40
CA THR BA 33 93.95 -49.80 2.05
C THR BA 33 95.41 -49.66 2.37
N VAL BA 34 96.04 -48.53 1.99
CA VAL BA 34 97.42 -48.28 2.34
C VAL BA 34 97.63 -48.12 3.84
N ILE BA 35 96.77 -47.38 4.56
CA ILE BA 35 96.83 -47.25 6.01
C ILE BA 35 96.75 -48.60 6.72
N CYS BA 36 95.83 -49.47 6.28
CA CYS BA 36 95.69 -50.84 6.74
C CYS BA 36 96.98 -51.62 6.56
N LYS BA 37 97.55 -51.60 5.35
CA LYS BA 37 98.86 -52.14 5.08
C LYS BA 37 100.00 -51.54 5.91
N GLN BA 38 100.07 -50.21 6.08
CA GLN BA 38 101.09 -49.57 6.91
C GLN BA 38 100.99 -50.00 8.37
N ALA BA 39 99.76 -50.07 8.91
CA ALA BA 39 99.45 -50.67 10.20
C ALA BA 39 99.84 -52.15 10.29
N ASN BA 40 99.61 -52.90 9.20
CA ASN BA 40 99.80 -54.33 9.04
C ASN BA 40 98.78 -55.13 9.84
N VAL BA 41 97.53 -54.65 9.82
CA VAL BA 41 96.40 -55.34 10.41
C VAL BA 41 95.62 -56.05 9.33
N ASP BA 42 94.76 -57.01 9.71
CA ASP BA 42 93.96 -57.76 8.76
C ASP BA 42 92.71 -56.96 8.34
N PRO BA 43 92.47 -56.64 7.06
CA PRO BA 43 91.32 -55.83 6.65
C PRO BA 43 90.03 -56.58 6.83
N THR BA 44 90.06 -57.92 7.00
CA THR BA 44 88.86 -58.71 7.17
C THR BA 44 88.30 -58.65 8.58
N LYS BA 45 89.13 -58.25 9.55
CA LYS BA 45 88.74 -58.15 10.95
C LYS BA 45 87.77 -57.01 11.23
N ARG BA 46 86.93 -57.22 12.26
CA ARG BA 46 85.88 -56.31 12.65
C ARG BA 46 86.39 -55.31 13.67
N ALA BA 47 86.02 -54.04 13.49
CA ALA BA 47 86.57 -52.88 14.18
C ALA BA 47 86.58 -52.92 15.71
N GLY BA 48 85.53 -53.47 16.34
CA GLY BA 48 85.34 -53.40 17.79
C GLY BA 48 86.20 -54.30 18.62
N GLU BA 49 87.06 -55.11 17.98
CA GLU BA 49 88.02 -55.96 18.67
C GLU BA 49 89.46 -55.53 18.43
N LEU BA 50 89.72 -54.38 17.77
CA LEU BA 50 91.01 -53.73 17.86
C LEU BA 50 91.31 -53.22 19.27
N THR BA 51 92.57 -53.29 19.71
CA THR BA 51 93.01 -52.62 20.93
C THR BA 51 93.35 -51.19 20.60
N THR BA 52 93.40 -50.33 21.63
CA THR BA 52 93.66 -48.90 21.49
C THR BA 52 94.97 -48.60 20.78
N GLU BA 53 96.03 -49.38 21.05
CA GLU BA 53 97.31 -49.25 20.38
C GLU BA 53 97.26 -49.35 18.85
N GLU BA 54 96.53 -50.34 18.30
CA GLU BA 54 96.29 -50.46 16.86
C GLU BA 54 95.61 -49.24 16.29
N ILE BA 55 94.55 -48.74 16.96
CA ILE BA 55 93.87 -47.52 16.61
C ILE BA 55 94.79 -46.30 16.64
N ASP BA 56 95.62 -46.15 17.69
CA ASP BA 56 96.58 -45.09 17.83
C ASP BA 56 97.61 -45.10 16.70
N ASN BA 57 98.17 -46.27 16.37
CA ASN BA 57 99.04 -46.45 15.21
C ASN BA 57 98.40 -45.97 13.92
N ILE BA 58 97.15 -46.36 13.65
CA ILE BA 58 96.38 -45.94 12.49
C ILE BA 58 96.19 -44.43 12.45
N VAL BA 59 95.84 -43.82 13.60
CA VAL BA 59 95.69 -42.39 13.73
C VAL BA 59 97.02 -41.68 13.50
N HIS BA 60 98.12 -42.23 14.01
CA HIS BA 60 99.46 -41.74 13.75
C HIS BA 60 99.82 -41.78 12.27
N ILE BA 61 99.54 -42.90 11.58
CA ILE BA 61 99.79 -43.06 10.15
C ILE BA 61 98.99 -42.07 9.33
N MET BA 62 97.68 -41.95 9.60
CA MET BA 62 96.81 -40.97 8.97
C MET BA 62 97.26 -39.53 9.20
N SER BA 63 97.58 -39.19 10.47
CA SER BA 63 98.03 -37.86 10.84
C SER BA 63 99.39 -37.47 10.26
N THR BA 64 100.37 -38.39 10.30
CA THR BA 64 101.74 -38.11 9.91
C THR BA 64 102.15 -39.06 8.80
N PRO BA 65 102.27 -38.63 7.54
CA PRO BA 65 102.57 -39.56 6.46
C PRO BA 65 104.07 -39.63 6.27
N THR BA 66 104.80 -38.69 6.88
CA THR BA 66 106.19 -38.34 6.61
C THR BA 66 107.18 -39.48 6.78
N GLN BA 67 106.99 -40.31 7.83
CA GLN BA 67 107.91 -41.39 8.13
C GLN BA 67 107.51 -42.69 7.45
N PHE BA 68 106.43 -42.66 6.65
CA PHE BA 68 105.93 -43.81 5.93
C PHE BA 68 106.24 -43.66 4.46
N LYS BA 69 106.29 -44.79 3.74
CA LYS BA 69 106.54 -44.82 2.31
C LYS BA 69 105.30 -44.44 1.50
N ILE BA 70 104.86 -43.19 1.66
CA ILE BA 70 103.68 -42.63 1.03
C ILE BA 70 104.17 -41.51 0.12
N PRO BA 71 103.98 -41.56 -1.20
CA PRO BA 71 104.59 -40.59 -2.11
C PRO BA 71 103.73 -39.35 -2.25
N ASP BA 72 104.33 -38.22 -2.69
CA ASP BA 72 103.70 -36.92 -2.79
C ASP BA 72 102.46 -36.91 -3.67
N TRP BA 73 102.49 -37.64 -4.80
CA TRP BA 73 101.34 -37.80 -5.67
C TRP BA 73 100.16 -38.44 -4.97
N PHE BA 74 100.39 -39.36 -4.02
CA PHE BA 74 99.32 -39.92 -3.23
C PHE BA 74 98.67 -38.90 -2.27
N LEU BA 75 99.48 -38.02 -1.66
CA LEU BA 75 99.07 -37.19 -0.53
C LEU BA 75 97.88 -36.26 -0.70
N ASN BA 76 97.05 -36.20 0.37
CA ASN BA 76 96.14 -35.11 0.67
C ASN BA 76 96.91 -33.80 0.86
N ARG BA 77 96.34 -32.67 0.39
CA ARG BA 77 96.95 -31.35 0.46
C ARG BA 77 98.40 -31.26 -0.03
N ARG BA 78 98.62 -31.53 -1.33
CA ARG BA 78 99.88 -31.92 -1.90
C ARG BA 78 101.06 -30.95 -1.81
N LYS BA 79 100.86 -29.67 -2.17
CA LYS BA 79 101.93 -28.68 -2.18
C LYS BA 79 101.71 -27.59 -1.14
N ASP BA 80 100.44 -27.13 -1.03
CA ASP BA 80 100.00 -26.09 -0.14
C ASP BA 80 100.63 -24.71 -0.36
N LEU BA 81 100.51 -24.22 -1.61
CA LEU BA 81 100.55 -22.81 -1.95
C LEU BA 81 101.89 -22.11 -1.72
N LYS BA 82 102.04 -21.43 -0.56
CA LYS BA 82 103.25 -20.79 -0.10
C LYS BA 82 104.51 -21.67 -0.11
N GLU BA 83 105.69 -21.03 -0.05
CA GLU BA 83 106.99 -21.65 -0.08
C GLU BA 83 107.23 -22.66 1.04
N GLY BA 84 106.70 -22.37 2.25
CA GLY BA 84 106.60 -23.34 3.33
C GLY BA 84 105.60 -24.44 3.06
N LYS BA 85 106.08 -25.63 2.66
CA LYS BA 85 105.28 -26.81 2.43
C LYS BA 85 104.59 -27.32 3.69
N ASN BA 86 103.35 -27.80 3.53
CA ASN BA 86 102.62 -28.52 4.54
C ASN BA 86 101.87 -29.58 3.77
N ILE BA 87 101.55 -30.72 4.40
CA ILE BA 87 100.94 -31.86 3.70
C ILE BA 87 99.92 -32.53 4.60
N HIS BA 88 98.92 -33.17 3.97
CA HIS BA 88 97.96 -34.08 4.58
C HIS BA 88 97.14 -33.53 5.73
N VAL BA 89 96.50 -32.37 5.53
CA VAL BA 89 95.74 -31.67 6.55
C VAL BA 89 94.56 -32.46 7.11
N ILE BA 90 93.80 -33.15 6.21
CA ILE BA 90 92.71 -34.08 6.47
C ILE BA 90 91.56 -33.68 7.42
N ALA BA 91 90.41 -34.38 7.31
CA ALA BA 91 89.29 -34.29 8.23
C ALA BA 91 88.67 -32.92 8.43
N ASN BA 92 88.33 -32.55 9.68
CA ASN BA 92 87.75 -31.26 10.00
C ASN BA 92 88.70 -30.11 9.74
N GLN BA 93 90.02 -30.37 9.85
CA GLN BA 93 91.03 -29.38 9.57
C GLN BA 93 91.08 -29.06 8.09
N LEU BA 94 90.94 -30.08 7.22
CA LEU BA 94 90.78 -29.90 5.79
C LEU BA 94 89.55 -29.10 5.44
N ASP BA 95 88.37 -29.46 6.01
CA ASP BA 95 87.15 -28.71 5.85
C ASP BA 95 87.25 -27.23 6.26
N SER BA 96 87.87 -26.97 7.44
CA SER BA 96 88.15 -25.63 7.93
C SER BA 96 89.09 -24.85 7.04
N TYR BA 97 90.21 -25.47 6.65
CA TYR BA 97 91.17 -24.90 5.72
C TYR BA 97 90.56 -24.57 4.37
N LEU BA 98 89.67 -25.45 3.84
CA LEU BA 98 88.96 -25.22 2.61
C LEU BA 98 88.03 -24.02 2.70
N ARG BA 99 87.30 -23.86 3.81
CA ARG BA 99 86.53 -22.66 4.10
C ARG BA 99 87.38 -21.39 4.12
N GLU BA 100 88.56 -21.46 4.76
CA GLU BA 100 89.57 -20.41 4.72
C GLU BA 100 90.05 -20.10 3.30
N ASP BA 101 90.33 -21.12 2.46
CA ASP BA 101 90.63 -20.94 1.06
C ASP BA 101 89.51 -20.24 0.30
N LEU BA 102 88.24 -20.65 0.45
CA LEU BA 102 87.13 -19.96 -0.18
C LEU BA 102 87.01 -18.50 0.26
N GLU BA 103 87.20 -18.21 1.56
CA GLU BA 103 87.29 -16.86 2.06
C GLU BA 103 88.44 -16.06 1.46
N ARG BA 104 89.63 -16.65 1.34
CA ARG BA 104 90.79 -16.03 0.74
C ARG BA 104 90.59 -15.70 -0.73
N MET BA 105 90.08 -16.66 -1.53
CA MET BA 105 89.65 -16.47 -2.90
C MET BA 105 88.66 -15.33 -3.08
N LYS BA 106 87.64 -15.27 -2.22
CA LYS BA 106 86.65 -14.21 -2.23
C LYS BA 106 87.24 -12.83 -2.01
N LYS BA 107 88.09 -12.67 -0.98
CA LYS BA 107 88.75 -11.43 -0.66
C LYS BA 107 89.64 -10.88 -1.76
N ILE BA 108 90.49 -11.74 -2.34
CA ILE BA 108 91.28 -11.49 -3.54
C ILE BA 108 90.44 -11.12 -4.74
N ARG BA 109 89.33 -11.85 -4.93
CA ARG BA 109 88.52 -11.96 -6.11
C ARG BA 109 89.13 -12.96 -7.08
N LEU BA 110 88.51 -14.14 -7.18
CA LEU BA 110 88.72 -15.06 -8.28
C LEU BA 110 87.33 -15.44 -8.71
N HIS BA 111 87.14 -15.81 -9.99
CA HIS BA 111 85.87 -16.30 -10.53
C HIS BA 111 85.22 -17.37 -9.67
N ARG BA 112 86.01 -18.37 -9.21
CA ARG BA 112 85.51 -19.42 -8.36
C ARG BA 112 85.05 -18.92 -6.99
N GLY BA 113 85.86 -18.03 -6.36
CA GLY BA 113 85.51 -17.31 -5.13
C GLY BA 113 84.22 -16.56 -5.24
N LEU BA 114 84.11 -15.77 -6.31
CA LEU BA 114 82.93 -14.99 -6.64
C LEU BA 114 81.71 -15.87 -6.85
N ARG BA 115 81.81 -16.94 -7.64
CA ARG BA 115 80.78 -17.95 -7.75
C ARG BA 115 80.39 -18.62 -6.43
N HIS BA 116 81.36 -18.95 -5.56
CA HIS BA 116 81.08 -19.43 -4.21
C HIS BA 116 80.28 -18.45 -3.38
N HIS BA 117 80.65 -17.16 -3.45
CA HIS BA 117 79.89 -16.08 -2.83
C HIS BA 117 78.46 -15.94 -3.35
N TRP BA 118 78.27 -15.97 -4.69
CA TRP BA 118 76.95 -16.00 -5.31
C TRP BA 118 76.13 -17.23 -4.95
N GLY BA 119 76.79 -18.40 -4.83
CA GLY BA 119 76.14 -19.69 -4.63
C GLY BA 119 75.94 -20.41 -5.95
N LEU BA 120 76.91 -20.26 -6.86
CA LEU BA 120 76.90 -20.84 -8.18
C LEU BA 120 77.94 -21.94 -8.31
N ARG BA 121 77.61 -22.97 -9.11
CA ARG BA 121 78.49 -24.07 -9.45
C ARG BA 121 79.73 -23.62 -10.21
N VAL BA 122 80.93 -24.17 -9.88
CA VAL BA 122 82.20 -23.82 -10.50
C VAL BA 122 82.27 -24.34 -11.92
N ARG BA 123 81.85 -25.60 -12.13
CA ARG BA 123 81.72 -26.17 -13.45
C ARG BA 123 80.48 -25.66 -14.20
N GLY BA 124 79.55 -25.01 -13.48
CA GLY BA 124 78.34 -24.40 -14.04
C GLY BA 124 77.21 -25.38 -14.23
N GLN BA 125 75.97 -24.96 -13.93
CA GLN BA 125 74.80 -25.85 -14.05
C GLN BA 125 74.22 -25.83 -15.46
N HIS BA 126 74.64 -24.87 -16.31
CA HIS BA 126 74.34 -24.84 -17.74
C HIS BA 126 72.87 -24.63 -18.07
N THR BA 127 72.43 -23.37 -18.02
CA THR BA 127 71.13 -22.88 -18.45
C THR BA 127 70.01 -23.15 -17.46
N LYS BA 128 69.80 -24.44 -17.14
CA LYS BA 128 68.78 -24.93 -16.26
C LYS BA 128 69.27 -25.09 -14.79
N VAL CA 1 97.56 -8.18 -41.37
CA VAL CA 1 97.25 -9.64 -41.16
C VAL CA 1 98.02 -10.28 -39.99
N HIS CA 2 97.50 -11.39 -39.41
CA HIS CA 2 98.21 -12.20 -38.42
C HIS CA 2 97.71 -13.65 -38.55
N PRO CA 3 98.49 -14.61 -39.04
CA PRO CA 3 97.95 -15.87 -39.55
C PRO CA 3 97.72 -16.89 -38.46
N LYS CA 4 96.82 -17.86 -38.75
CA LYS CA 4 96.47 -18.96 -37.89
C LYS CA 4 96.64 -20.24 -38.71
N LYS CA 5 97.45 -21.21 -38.22
CA LYS CA 5 97.90 -22.34 -39.03
C LYS CA 5 97.09 -23.62 -38.79
N TYR CA 6 96.07 -23.58 -37.93
CA TYR CA 6 95.36 -24.77 -37.48
C TYR CA 6 93.96 -24.40 -37.03
N GLY CA 7 93.05 -25.38 -36.88
CA GLY CA 7 91.64 -25.10 -36.61
C GLY CA 7 90.87 -24.57 -37.80
N GLN CA 8 89.68 -24.00 -37.56
CA GLN CA 8 88.66 -23.73 -38.55
C GLN CA 8 89.09 -22.90 -39.75
N GLY CA 9 89.88 -21.83 -39.53
CA GLY CA 9 90.34 -20.95 -40.61
C GLY CA 9 91.46 -21.51 -41.45
N SER CA 10 92.00 -22.68 -41.11
CA SER CA 10 93.11 -23.29 -41.85
C SER CA 10 92.63 -24.05 -43.09
N ARG CA 11 91.32 -24.21 -43.24
CA ARG CA 11 90.75 -25.10 -44.21
C ARG CA 11 89.43 -24.54 -44.73
N GLN CA 12 88.95 -25.10 -45.85
CA GLN CA 12 87.72 -24.71 -46.49
C GLN CA 12 87.26 -25.82 -47.42
N CYS CA 13 86.02 -25.75 -47.94
CA CYS CA 13 85.64 -26.49 -49.15
C CYS CA 13 86.43 -25.98 -50.36
N ARG CA 14 87.13 -26.88 -51.07
CA ARG CA 14 87.93 -26.49 -52.22
C ARG CA 14 87.09 -25.88 -53.32
N VAL CA 15 85.88 -26.42 -53.56
CA VAL CA 15 84.97 -25.88 -54.55
C VAL CA 15 84.43 -24.49 -54.19
N CYS CA 16 83.86 -24.30 -52.99
CA CYS CA 16 83.07 -23.10 -52.73
C CYS CA 16 83.62 -22.17 -51.68
N SER CA 17 84.72 -22.53 -51.00
CA SER CA 17 85.37 -21.75 -49.95
C SER CA 17 84.63 -21.65 -48.63
N ASN CA 18 83.38 -22.14 -48.54
CA ASN CA 18 82.64 -22.21 -47.30
C ASN CA 18 83.31 -23.15 -46.29
N LYS CA 19 83.19 -22.85 -45.00
CA LYS CA 19 83.92 -23.53 -43.96
C LYS CA 19 83.10 -24.63 -43.29
N HIS CA 20 81.89 -24.90 -43.79
CA HIS CA 20 80.94 -25.79 -43.11
C HIS CA 20 80.70 -27.08 -43.87
N ALA CA 21 80.42 -28.15 -43.12
CA ALA CA 21 80.13 -29.50 -43.54
C ALA CA 21 81.14 -30.13 -44.50
N ILE CA 22 82.45 -29.99 -44.23
CA ILE CA 22 83.49 -30.39 -45.16
C ILE CA 22 83.86 -31.83 -44.90
N ILE CA 23 83.88 -32.64 -45.98
CA ILE CA 23 84.36 -34.00 -45.97
C ILE CA 23 85.88 -34.01 -46.09
N ARG CA 24 86.60 -34.31 -45.00
CA ARG CA 24 88.05 -34.43 -44.99
C ARG CA 24 88.44 -35.89 -45.02
N LYS CA 25 87.46 -36.79 -44.95
CA LYS CA 25 87.60 -38.22 -45.15
C LYS CA 25 88.26 -38.52 -46.49
N TYR CA 26 89.32 -39.35 -46.49
CA TYR CA 26 90.11 -39.68 -47.65
C TYR CA 26 90.80 -38.46 -48.30
N ASN CA 27 90.84 -37.32 -47.59
CA ASN CA 27 91.30 -36.02 -48.05
C ASN CA 27 90.53 -35.46 -49.24
N ILE CA 28 89.19 -35.59 -49.26
CA ILE CA 28 88.38 -35.00 -50.33
C ILE CA 28 88.40 -33.47 -50.30
N ASN CA 29 88.13 -32.87 -49.12
CA ASN CA 29 88.08 -31.44 -48.86
C ASN CA 29 87.00 -30.70 -49.63
N ILE CA 30 85.79 -31.30 -49.73
CA ILE CA 30 84.64 -30.71 -50.37
C ILE CA 30 83.50 -30.81 -49.37
N CYS CA 31 82.65 -29.77 -49.25
CA CYS CA 31 81.48 -29.83 -48.41
C CYS CA 31 80.41 -30.69 -49.03
N ARG CA 32 79.62 -31.46 -48.24
CA ARG CA 32 78.79 -32.50 -48.82
C ARG CA 32 77.73 -31.99 -49.80
N GLN CA 33 77.20 -30.78 -49.58
CA GLN CA 33 76.28 -30.09 -50.46
C GLN CA 33 76.84 -29.85 -51.86
N CYS CA 34 78.13 -29.50 -51.97
CA CYS CA 34 78.84 -29.44 -53.24
C CYS CA 34 79.16 -30.84 -53.77
N PHE CA 35 79.75 -31.71 -52.93
CA PHE CA 35 80.13 -33.07 -53.25
C PHE CA 35 79.04 -33.94 -53.88
N ARG CA 36 77.77 -33.85 -53.43
CA ARG CA 36 76.72 -34.72 -53.94
C ARG CA 36 76.38 -34.45 -55.40
N GLU CA 37 76.63 -33.21 -55.87
CA GLU CA 37 76.61 -32.85 -57.26
C GLU CA 37 77.65 -33.61 -58.08
N ARG CA 38 78.86 -33.73 -57.54
CA ARG CA 38 80.03 -34.16 -58.28
C ARG CA 38 80.44 -35.59 -58.00
N ALA CA 39 79.81 -36.28 -57.04
CA ALA CA 39 80.27 -37.58 -56.57
C ALA CA 39 80.26 -38.66 -57.64
N ASP CA 40 79.38 -38.50 -58.64
CA ASP CA 40 79.24 -39.39 -59.76
C ASP CA 40 80.40 -39.15 -60.72
N ILE CA 41 80.69 -37.88 -61.05
CA ILE CA 41 81.81 -37.52 -61.89
C ILE CA 41 83.16 -37.80 -61.20
N ILE CA 42 83.18 -37.79 -59.86
CA ILE CA 42 84.32 -38.25 -59.07
C ILE CA 42 84.47 -39.77 -59.14
N GLY CA 43 83.34 -40.51 -59.18
CA GLY CA 43 83.31 -41.92 -59.56
C GLY CA 43 82.56 -42.79 -58.61
N PHE CA 44 82.04 -42.21 -57.51
CA PHE CA 44 81.23 -42.86 -56.52
C PHE CA 44 79.85 -43.22 -57.06
N LYS CA 45 79.26 -44.29 -56.52
CA LYS CA 45 77.87 -44.64 -56.78
C LYS CA 45 77.30 -45.19 -55.50
N LYS CA 46 76.04 -44.86 -55.18
CA LYS CA 46 75.36 -45.42 -54.03
C LYS CA 46 74.63 -46.70 -54.37
N TYR CA 47 74.58 -47.63 -53.39
CA TYR CA 47 74.02 -48.97 -53.59
C TYR CA 47 73.17 -49.42 -52.38
N ARG CA 48 73.44 -48.86 -51.20
CA ARG CA 48 72.80 -49.16 -49.94
C ARG CA 48 72.10 -47.88 -49.38
N ARG DA 1 -18.82 -35.39 -67.89
CA ARG DA 1 -19.85 -35.38 -66.78
C ARG DA 1 -19.96 -34.01 -66.10
N MET DA 2 -21.18 -33.55 -65.76
CA MET DA 2 -21.43 -32.21 -65.28
C MET DA 2 -20.72 -31.86 -63.98
N TYR DA 3 -20.84 -32.75 -62.97
CA TYR DA 3 -20.22 -32.51 -61.68
C TYR DA 3 -19.24 -33.60 -61.32
N GLY DA 4 -19.57 -34.88 -61.64
CA GLY DA 4 -18.69 -36.01 -61.37
C GLY DA 4 -17.31 -35.94 -61.99
N LYS DA 5 -16.31 -36.48 -61.27
CA LYS DA 5 -14.95 -36.60 -61.76
C LYS DA 5 -14.84 -37.61 -62.91
N GLY DA 6 -15.56 -38.75 -62.80
CA GLY DA 6 -15.68 -39.76 -63.84
C GLY DA 6 -16.27 -39.30 -65.16
N LYS DA 7 -16.24 -40.18 -66.17
CA LYS DA 7 -16.72 -39.85 -67.49
C LYS DA 7 -17.08 -41.13 -68.23
N GLY DA 8 -18.12 -41.82 -67.75
CA GLY DA 8 -18.75 -42.90 -68.48
C GLY DA 8 -19.53 -42.40 -69.66
N ILE DA 9 -19.44 -43.09 -70.81
CA ILE DA 9 -20.10 -42.65 -72.03
C ILE DA 9 -21.15 -43.64 -72.45
N SER DA 10 -21.50 -44.59 -71.56
CA SER DA 10 -22.61 -45.52 -71.79
C SER DA 10 -23.93 -44.81 -72.08
N SER DA 11 -24.57 -45.16 -73.21
CA SER DA 11 -25.71 -44.42 -73.70
C SER DA 11 -26.42 -45.26 -74.74
N SER DA 12 -27.58 -44.81 -75.24
CA SER DA 12 -28.20 -45.35 -76.45
C SER DA 12 -27.33 -45.15 -77.70
N THR DA 13 -27.19 -46.16 -78.56
CA THR DA 13 -26.70 -45.97 -79.92
C THR DA 13 -27.66 -46.61 -80.87
N LEU DA 14 -28.43 -45.77 -81.57
CA LEU DA 14 -29.37 -46.18 -82.59
C LEU DA 14 -28.69 -46.92 -83.76
N PRO DA 15 -29.33 -47.87 -84.45
CA PRO DA 15 -28.89 -48.29 -85.77
C PRO DA 15 -28.77 -47.17 -86.79
N TYR DA 16 -27.97 -47.39 -87.86
CA TYR DA 16 -27.85 -46.43 -88.95
C TYR DA 16 -29.20 -46.20 -89.64
N LYS DA 17 -29.97 -47.28 -89.84
CA LYS DA 17 -31.34 -47.19 -90.30
C LYS DA 17 -32.26 -46.43 -89.35
N ARG DA 18 -32.90 -45.36 -89.86
CA ARG DA 18 -33.78 -44.51 -89.09
C ARG DA 18 -35.24 -44.69 -89.47
N LYS DA 19 -35.53 -45.66 -90.36
CA LYS DA 19 -36.87 -45.96 -90.82
C LYS DA 19 -37.42 -47.21 -90.14
N GLN DA 20 -38.75 -47.39 -90.21
CA GLN DA 20 -39.53 -48.52 -89.72
C GLN DA 20 -38.88 -49.93 -89.80
N PRO DA 21 -38.85 -50.75 -88.74
CA PRO DA 21 -38.62 -52.20 -88.83
C PRO DA 21 -39.48 -52.94 -89.85
N SER DA 22 -38.89 -53.85 -90.64
CA SER DA 22 -39.57 -54.54 -91.72
C SER DA 22 -40.74 -55.40 -91.28
N TRP DA 23 -40.58 -56.10 -90.14
CA TRP DA 23 -41.52 -57.04 -89.59
C TRP DA 23 -42.68 -56.37 -88.87
N LEU DA 24 -42.61 -55.06 -88.57
CA LEU DA 24 -43.66 -54.35 -87.88
C LEU DA 24 -45.01 -54.35 -88.60
N LYS DA 25 -46.13 -54.59 -87.86
CA LYS DA 25 -47.45 -54.67 -88.46
C LYS DA 25 -48.29 -53.44 -88.13
N GLN DA 26 -47.98 -52.79 -87.01
CA GLN DA 26 -48.63 -51.63 -86.45
C GLN DA 26 -48.58 -50.38 -87.33
N LYS DA 27 -49.70 -49.64 -87.40
CA LYS DA 27 -49.76 -48.30 -87.94
C LYS DA 27 -49.54 -47.29 -86.82
N PRO DA 28 -49.36 -46.00 -87.09
CA PRO DA 28 -49.21 -44.97 -86.05
C PRO DA 28 -50.36 -44.93 -85.06
N SER DA 29 -51.59 -45.20 -85.52
CA SER DA 29 -52.77 -45.31 -84.67
C SER DA 29 -52.67 -46.34 -83.57
N GLU DA 30 -52.14 -47.54 -83.86
CA GLU DA 30 -51.84 -48.58 -82.89
C GLU DA 30 -50.81 -48.15 -81.86
N ILE DA 31 -49.72 -47.49 -82.31
CA ILE DA 31 -48.67 -47.04 -81.41
C ILE DA 31 -49.17 -45.92 -80.51
N GLU DA 32 -49.97 -45.00 -81.08
CA GLU DA 32 -50.69 -43.96 -80.37
C GLU DA 32 -51.59 -44.53 -79.28
N ASP DA 33 -52.37 -45.58 -79.60
CA ASP DA 33 -53.22 -46.27 -78.65
C ASP DA 33 -52.43 -46.91 -77.50
N ALA DA 34 -51.32 -47.59 -77.80
CA ALA DA 34 -50.43 -48.12 -76.79
C ALA DA 34 -49.85 -47.05 -75.86
N ILE DA 35 -49.37 -45.93 -76.44
CA ILE DA 35 -48.90 -44.76 -75.70
C ILE DA 35 -50.01 -44.19 -74.82
N ILE DA 36 -51.23 -44.02 -75.37
CA ILE DA 36 -52.40 -43.52 -74.67
C ILE DA 36 -52.75 -44.40 -73.49
N LYS DA 37 -52.79 -45.74 -73.66
CA LYS DA 37 -53.04 -46.65 -72.58
C LYS DA 37 -52.01 -46.56 -71.46
N LEU DA 38 -50.71 -46.62 -71.79
CA LEU DA 38 -49.65 -46.46 -70.81
C LEU DA 38 -49.63 -45.11 -70.09
N ALA DA 39 -49.76 -44.01 -70.85
CA ALA DA 39 -49.82 -42.66 -70.35
C ALA DA 39 -50.94 -42.43 -69.36
N LYS DA 40 -52.16 -42.84 -69.74
CA LYS DA 40 -53.36 -42.78 -68.95
C LYS DA 40 -53.23 -43.59 -67.67
N LYS DA 41 -52.65 -44.80 -67.75
CA LYS DA 41 -52.36 -45.62 -66.59
C LYS DA 41 -51.31 -45.01 -65.66
N GLY DA 42 -50.60 -43.96 -66.13
CA GLY DA 42 -49.78 -43.07 -65.33
C GLY DA 42 -48.33 -43.16 -65.63
N GLN DA 43 -47.95 -43.87 -66.71
CA GLN DA 43 -46.57 -43.91 -67.16
C GLN DA 43 -46.11 -42.60 -67.76
N THR DA 44 -44.82 -42.24 -67.56
CA THR DA 44 -44.23 -41.02 -68.08
C THR DA 44 -43.38 -41.34 -69.31
N PRO DA 45 -43.01 -40.43 -70.22
CA PRO DA 45 -42.50 -40.79 -71.54
C PRO DA 45 -41.31 -41.73 -71.60
N SER DA 46 -40.32 -41.59 -70.71
CA SER DA 46 -39.26 -42.59 -70.61
C SER DA 46 -39.78 -43.99 -70.29
N GLN DA 47 -40.69 -44.07 -69.30
CA GLN DA 47 -41.32 -45.31 -68.90
C GLN DA 47 -42.16 -45.93 -70.01
N ILE DA 48 -42.89 -45.08 -70.77
CA ILE DA 48 -43.65 -45.51 -71.94
C ILE DA 48 -42.73 -46.05 -73.01
N GLY DA 49 -41.65 -45.32 -73.38
CA GLY DA 49 -40.71 -45.77 -74.39
C GLY DA 49 -40.01 -47.07 -74.06
N ALA DA 50 -39.52 -47.19 -72.82
CA ALA DA 50 -38.95 -48.42 -72.33
C ALA DA 50 -39.94 -49.59 -72.34
N THR DA 51 -41.17 -49.37 -71.84
CA THR DA 51 -42.27 -50.35 -71.91
C THR DA 51 -42.59 -50.79 -73.32
N LEU DA 52 -42.69 -49.84 -74.27
CA LEU DA 52 -42.98 -50.11 -75.66
C LEU DA 52 -41.93 -50.97 -76.31
N ARG DA 53 -40.64 -50.66 -76.05
CA ARG DA 53 -39.55 -51.48 -76.52
C ARG DA 53 -39.52 -52.87 -75.89
N ASP DA 54 -39.74 -52.99 -74.57
CA ASP DA 54 -39.57 -54.23 -73.87
C ASP DA 54 -40.81 -55.12 -73.86
N ASN DA 55 -41.93 -54.61 -73.29
CA ASN DA 55 -43.18 -55.33 -73.18
C ASN DA 55 -43.80 -55.62 -74.54
N TYR DA 56 -43.84 -54.62 -75.42
CA TYR DA 56 -44.54 -54.74 -76.67
C TYR DA 56 -43.60 -55.04 -77.83
N GLY DA 57 -42.27 -54.93 -77.64
CA GLY DA 57 -41.29 -55.31 -78.64
C GLY DA 57 -41.03 -54.30 -79.73
N ILE DA 58 -41.50 -53.04 -79.57
CA ILE DA 58 -41.51 -52.07 -80.65
C ILE DA 58 -40.48 -50.97 -80.35
N PRO DA 59 -39.36 -50.87 -81.06
CA PRO DA 59 -38.37 -49.81 -80.83
C PRO DA 59 -38.80 -48.45 -81.37
N GLN DA 60 -37.97 -47.42 -81.09
CA GLN DA 60 -38.09 -45.99 -81.40
C GLN DA 60 -39.34 -45.43 -82.09
N VAL DA 61 -40.16 -44.66 -81.33
CA VAL DA 61 -41.42 -44.06 -81.76
C VAL DA 61 -41.31 -43.15 -82.97
N LYS DA 62 -40.15 -42.49 -83.12
CA LYS DA 62 -39.80 -41.60 -84.21
C LYS DA 62 -39.65 -42.31 -85.54
N SER DA 63 -39.42 -43.64 -85.49
CA SER DA 63 -39.22 -44.47 -86.66
C SER DA 63 -40.52 -45.11 -87.06
N VAL DA 64 -41.29 -45.59 -86.08
CA VAL DA 64 -42.55 -46.27 -86.31
C VAL DA 64 -43.73 -45.31 -86.48
N THR DA 65 -43.58 -44.04 -86.06
CA THR DA 65 -44.56 -42.99 -86.28
C THR DA 65 -43.86 -41.77 -86.83
N GLY DA 66 -44.64 -40.77 -87.29
CA GLY DA 66 -44.10 -39.51 -87.81
C GLY DA 66 -43.71 -38.51 -86.75
N ASN DA 67 -43.93 -38.82 -85.46
CA ASN DA 67 -43.79 -37.87 -84.37
C ASN DA 67 -42.98 -38.48 -83.22
N LYS DA 68 -42.67 -37.65 -82.21
CA LYS DA 68 -41.81 -37.97 -81.10
C LYS DA 68 -42.63 -37.90 -79.81
N ILE DA 69 -42.41 -38.80 -78.84
CA ILE DA 69 -43.40 -39.12 -77.83
C ILE DA 69 -43.81 -37.98 -76.91
N LEU DA 70 -42.91 -37.09 -76.47
CA LEU DA 70 -43.33 -35.96 -75.67
C LEU DA 70 -44.27 -35.05 -76.44
N ARG DA 71 -43.96 -34.79 -77.72
CA ARG DA 71 -44.83 -34.14 -78.67
C ARG DA 71 -46.19 -34.80 -78.81
N ILE DA 72 -46.22 -36.14 -78.94
CA ILE DA 72 -47.45 -36.91 -79.01
C ILE DA 72 -48.25 -36.78 -77.72
N LEU DA 73 -47.59 -36.81 -76.56
CA LEU DA 73 -48.22 -36.69 -75.26
C LEU DA 73 -48.89 -35.34 -75.06
N ARG DA 74 -48.19 -34.27 -75.44
CA ARG DA 74 -48.70 -32.92 -75.55
C ARG DA 74 -49.86 -32.77 -76.52
N ALA DA 75 -49.74 -33.38 -77.72
CA ALA DA 75 -50.74 -33.32 -78.77
C ALA DA 75 -52.06 -33.96 -78.39
N GLN DA 76 -52.03 -35.13 -77.72
CA GLN DA 76 -53.22 -35.77 -77.21
C GLN DA 76 -53.71 -35.17 -75.90
N GLY DA 77 -52.96 -34.20 -75.33
CA GLY DA 77 -53.35 -33.40 -74.18
C GLY DA 77 -53.13 -34.03 -72.83
N ILE DA 78 -52.51 -35.21 -72.80
CA ILE DA 78 -52.22 -35.93 -71.58
C ILE DA 78 -51.13 -35.27 -70.75
N ALA DA 79 -50.07 -34.77 -71.43
CA ALA DA 79 -48.87 -34.18 -70.86
C ALA DA 79 -48.95 -33.33 -69.60
N THR DA 80 -48.08 -33.64 -68.62
CA THR DA 80 -47.80 -32.79 -67.46
C THR DA 80 -47.12 -31.49 -67.84
N THR DA 81 -47.42 -30.41 -67.11
CA THR DA 81 -46.71 -29.14 -67.26
C THR DA 81 -45.26 -29.27 -66.82
N ILE DA 82 -45.03 -29.91 -65.66
CA ILE DA 82 -43.72 -30.26 -65.18
C ILE DA 82 -43.04 -31.35 -66.04
N PRO DA 83 -41.81 -31.21 -66.47
CA PRO DA 83 -41.05 -32.28 -67.10
C PRO DA 83 -40.64 -33.39 -66.14
N GLU DA 84 -40.40 -34.62 -66.67
CA GLU DA 84 -39.94 -35.77 -65.90
C GLU DA 84 -38.69 -35.48 -65.08
N ASP DA 85 -37.66 -34.95 -65.74
CA ASP DA 85 -36.37 -34.63 -65.19
C ASP DA 85 -36.43 -33.66 -64.02
N LEU DA 86 -37.17 -32.54 -64.18
CA LEU DA 86 -37.44 -31.61 -63.11
C LEU DA 86 -38.21 -32.23 -61.96
N TYR DA 87 -39.25 -33.04 -62.24
CA TYR DA 87 -40.00 -33.77 -61.22
C TYR DA 87 -39.12 -34.68 -60.37
N PHE DA 88 -38.29 -35.52 -61.01
CA PHE DA 88 -37.42 -36.43 -60.29
C PHE DA 88 -36.39 -35.71 -59.44
N LEU DA 89 -35.77 -34.66 -60.00
CA LEU DA 89 -34.79 -33.86 -59.31
C LEU DA 89 -35.32 -33.15 -58.08
N ILE DA 90 -36.52 -32.53 -58.21
CA ILE DA 90 -37.23 -31.94 -57.09
C ILE DA 90 -37.53 -32.97 -56.01
N LYS DA 91 -38.06 -34.16 -56.38
CA LYS DA 91 -38.33 -35.22 -55.44
C LYS DA 91 -37.07 -35.66 -54.70
N LYS DA 92 -35.98 -35.86 -55.43
CA LYS DA 92 -34.69 -36.18 -54.89
C LYS DA 92 -34.17 -35.12 -53.94
N ALA DA 93 -34.29 -33.84 -54.30
CA ALA DA 93 -33.93 -32.74 -53.43
C ALA DA 93 -34.80 -32.64 -52.19
N VAL DA 94 -36.11 -32.87 -52.32
CA VAL DA 94 -37.05 -32.95 -51.21
C VAL DA 94 -36.69 -34.08 -50.27
N SER DA 95 -36.26 -35.22 -50.84
CA SER DA 95 -35.83 -36.38 -50.08
C SER DA 95 -34.62 -36.07 -49.23
N MET DA 96 -33.59 -35.46 -49.83
CA MET DA 96 -32.46 -34.93 -49.11
C MET DA 96 -32.83 -33.91 -48.05
N ARG DA 97 -33.70 -32.94 -48.36
CA ARG DA 97 -34.10 -31.92 -47.42
C ARG DA 97 -34.89 -32.46 -46.24
N LYS DA 98 -35.83 -33.39 -46.51
CA LYS DA 98 -36.54 -34.13 -45.49
C LYS DA 98 -35.61 -34.88 -44.58
N HIS DA 99 -34.64 -35.60 -45.17
CA HIS DA 99 -33.63 -36.34 -44.43
C HIS DA 99 -32.75 -35.45 -43.57
N LEU DA 100 -32.31 -34.31 -44.12
CA LEU DA 100 -31.53 -33.31 -43.41
C LEU DA 100 -32.28 -32.65 -42.25
N GLU DA 101 -33.59 -32.44 -42.39
CA GLU DA 101 -34.45 -32.00 -41.31
C GLU DA 101 -34.46 -32.96 -40.14
N LYS DA 102 -34.51 -34.27 -40.43
CA LYS DA 102 -34.42 -35.31 -39.44
C LYS DA 102 -33.02 -35.41 -38.83
N ASN DA 103 -31.98 -35.43 -39.66
CA ASN DA 103 -30.60 -35.62 -39.26
C ASN DA 103 -29.76 -34.44 -39.70
N LYS DA 104 -29.34 -33.58 -38.75
CA LYS DA 104 -28.64 -32.34 -39.06
C LYS DA 104 -27.15 -32.50 -39.32
N LYS DA 105 -26.56 -33.65 -38.96
CA LYS DA 105 -25.12 -33.83 -38.97
C LYS DA 105 -24.62 -34.43 -40.29
N ASP DA 106 -25.52 -34.63 -41.27
CA ASP DA 106 -25.15 -35.19 -42.56
C ASP DA 106 -24.67 -34.10 -43.51
N LYS DA 107 -23.35 -33.98 -43.58
CA LYS DA 107 -22.63 -32.99 -44.35
C LYS DA 107 -22.68 -33.32 -45.83
N ASP DA 108 -22.51 -34.61 -46.18
CA ASP DA 108 -22.59 -35.11 -47.54
C ASP DA 108 -24.00 -34.87 -48.12
N CYS DA 109 -25.06 -35.08 -47.33
CA CYS DA 109 -26.41 -34.79 -47.74
C CYS DA 109 -26.58 -33.31 -48.00
N LYS DA 110 -26.07 -32.43 -47.12
CA LYS DA 110 -26.09 -30.99 -47.35
C LYS DA 110 -25.37 -30.59 -48.65
N PHE DA 111 -24.18 -31.15 -48.90
CA PHE DA 111 -23.37 -30.92 -50.07
C PHE DA 111 -24.09 -31.33 -51.35
N ARG DA 112 -24.69 -32.53 -51.35
CA ARG DA 112 -25.54 -33.03 -52.40
C ARG DA 112 -26.79 -32.19 -52.60
N LEU DA 113 -27.42 -31.72 -51.52
CA LEU DA 113 -28.61 -30.90 -51.59
C LEU DA 113 -28.33 -29.58 -52.28
N ILE DA 114 -27.20 -28.93 -51.97
CA ILE DA 114 -26.80 -27.72 -52.65
C ILE DA 114 -26.48 -27.98 -54.12
N LEU DA 115 -25.78 -29.09 -54.41
CA LEU DA 115 -25.47 -29.48 -55.76
C LEU DA 115 -26.70 -29.73 -56.63
N THR DA 116 -27.63 -30.54 -56.12
CA THR DA 116 -28.90 -30.81 -56.77
C THR DA 116 -29.77 -29.58 -56.94
N GLU DA 117 -29.91 -28.73 -55.92
CA GLU DA 117 -30.55 -27.43 -56.03
C GLU DA 117 -29.92 -26.55 -57.10
N SER DA 118 -28.58 -26.53 -57.20
CA SER DA 118 -27.89 -25.84 -58.27
C SER DA 118 -28.25 -26.37 -59.64
N LYS DA 119 -28.37 -27.70 -59.79
CA LYS DA 119 -28.85 -28.28 -61.01
C LYS DA 119 -30.32 -27.93 -61.28
N ILE DA 120 -31.18 -27.84 -60.24
CA ILE DA 120 -32.57 -27.41 -60.36
C ILE DA 120 -32.66 -26.01 -60.93
N HIS DA 121 -31.88 -25.07 -60.38
CA HIS DA 121 -31.85 -23.70 -60.85
C HIS DA 121 -31.40 -23.59 -62.29
N ARG DA 122 -30.35 -24.33 -62.67
CA ARG DA 122 -29.89 -24.41 -64.04
C ARG DA 122 -30.96 -24.93 -64.99
N ILE DA 123 -31.66 -26.00 -64.63
CA ILE DA 123 -32.75 -26.56 -65.43
C ILE DA 123 -33.92 -25.59 -65.52
N SER DA 124 -34.27 -24.93 -64.41
CA SER DA 124 -35.28 -23.89 -64.37
C SER DA 124 -34.93 -22.71 -65.26
N ARG DA 125 -33.69 -22.22 -65.19
CA ARG DA 125 -33.22 -21.10 -65.99
C ARG DA 125 -33.28 -21.40 -67.49
N TYR DA 126 -32.93 -22.64 -67.88
CA TYR DA 126 -33.06 -23.14 -69.23
C TYR DA 126 -34.51 -23.23 -69.71
N TYR DA 127 -35.42 -23.81 -68.90
CA TYR DA 127 -36.83 -23.91 -69.22
C TYR DA 127 -37.54 -22.58 -69.31
N LYS DA 128 -37.19 -21.64 -68.41
CA LYS DA 128 -37.61 -20.26 -68.47
C LYS DA 128 -37.10 -19.50 -69.70
N ARG DA 129 -35.82 -19.70 -70.08
CA ARG DA 129 -35.26 -19.21 -71.33
C ARG DA 129 -35.92 -19.80 -72.58
N LYS DA 130 -36.29 -21.10 -72.55
CA LYS DA 130 -37.24 -21.69 -73.47
C LYS DA 130 -38.65 -21.16 -73.20
N LYS DA 131 -39.63 -21.53 -74.02
CA LYS DA 131 -40.99 -21.03 -73.80
C LYS DA 131 -41.76 -21.96 -72.86
N LEU DA 132 -41.07 -22.98 -72.33
CA LEU DA 132 -41.62 -24.06 -71.54
C LEU DA 132 -42.17 -23.67 -70.18
N LEU DA 133 -41.45 -22.83 -69.42
CA LEU DA 133 -41.75 -22.60 -68.01
C LEU DA 133 -42.23 -21.17 -67.77
N PRO DA 134 -43.37 -20.91 -67.11
CA PRO DA 134 -43.81 -19.57 -66.72
C PRO DA 134 -42.78 -18.67 -66.06
N SER DA 135 -42.75 -17.39 -66.43
CA SER DA 135 -41.82 -16.38 -65.93
C SER DA 135 -41.97 -16.14 -64.44
N ASN DA 136 -43.22 -16.12 -63.97
CA ASN DA 136 -43.58 -16.00 -62.58
C ASN DA 136 -43.12 -17.19 -61.75
N TRP DA 137 -43.15 -18.42 -62.31
CA TRP DA 137 -42.74 -19.61 -61.61
C TRP DA 137 -41.30 -19.57 -61.15
N LYS DA 138 -41.02 -20.02 -59.91
CA LYS DA 138 -39.66 -20.22 -59.47
C LYS DA 138 -39.64 -21.31 -58.43
N TYR DA 139 -38.53 -22.06 -58.37
CA TYR DA 139 -38.23 -22.96 -57.28
C TYR DA 139 -38.09 -22.22 -55.95
N GLN DA 140 -38.49 -22.90 -54.86
CA GLN DA 140 -38.40 -22.42 -53.51
C GLN DA 140 -38.06 -23.64 -52.68
N SER DA 141 -37.25 -23.49 -51.62
CA SER DA 141 -36.57 -24.58 -50.94
C SER DA 141 -37.44 -25.68 -50.36
N SER DA 142 -38.56 -25.31 -49.73
CA SER DA 142 -39.27 -26.21 -48.82
C SER DA 142 -40.71 -26.43 -49.18
N THR DA 143 -41.26 -25.63 -50.11
CA THR DA 143 -42.65 -25.72 -50.54
C THR DA 143 -42.81 -26.62 -51.77
N ALA DA 144 -41.70 -27.09 -52.33
CA ALA DA 144 -41.62 -27.74 -53.62
C ALA DA 144 -42.42 -29.03 -53.72
N SER DA 145 -42.35 -29.89 -52.68
CA SER DA 145 -43.09 -31.15 -52.60
C SER DA 145 -44.59 -30.96 -52.78
N ALA DA 146 -45.20 -30.05 -52.01
CA ALA DA 146 -46.57 -29.61 -52.14
C ALA DA 146 -46.89 -29.02 -53.51
N LEU DA 147 -45.97 -28.22 -54.07
CA LEU DA 147 -46.10 -27.59 -55.38
C LEU DA 147 -46.29 -28.58 -56.52
N ILE DA 148 -45.53 -29.69 -56.57
CA ILE DA 148 -45.48 -30.52 -57.76
C ILE DA 148 -46.29 -31.81 -57.65
N ALA DA 149 -46.83 -32.12 -56.46
CA ALA DA 149 -47.65 -33.29 -56.22
C ALA DA 149 -49.03 -33.25 -56.95
N ASP EA 1 -62.85 10.40 -73.28
CA ASP EA 1 -62.50 9.66 -72.01
C ASP EA 1 -62.38 10.59 -70.80
N VAL EA 2 -62.11 10.03 -69.60
CA VAL EA 2 -62.02 10.78 -68.35
C VAL EA 2 -60.85 11.77 -68.24
N GLN EA 3 -61.09 12.87 -67.51
CA GLN EA 3 -60.10 13.89 -67.21
C GLN EA 3 -59.75 13.79 -65.72
N HIS EA 4 -58.54 14.23 -65.35
CA HIS EA 4 -57.98 13.94 -64.05
C HIS EA 4 -56.80 14.85 -63.70
N GLU EA 5 -56.36 15.66 -64.66
CA GLU EA 5 -55.30 16.62 -64.56
C GLU EA 5 -55.88 18.03 -64.39
N ARG EA 6 -55.06 19.01 -63.98
CA ARG EA 6 -55.55 20.36 -63.67
C ARG EA 6 -55.44 21.32 -64.84
N ALA EA 7 -54.97 20.82 -65.99
CA ALA EA 7 -54.78 21.59 -67.20
C ALA EA 7 -55.83 21.22 -68.24
N TYR EA 8 -56.39 22.23 -68.92
CA TYR EA 8 -57.17 22.04 -70.12
C TYR EA 8 -56.35 21.35 -71.23
N GLN EA 9 -56.98 20.44 -71.97
CA GLN EA 9 -56.32 19.68 -73.01
C GLN EA 9 -56.49 20.34 -74.37
N LYS EA 10 -55.54 21.21 -74.75
CA LYS EA 10 -55.65 21.99 -75.98
C LYS EA 10 -55.51 21.21 -77.28
N GLN EA 11 -54.48 20.34 -77.40
CA GLN EA 11 -54.11 19.66 -78.65
C GLN EA 11 -53.95 20.63 -79.82
N GLU EA 12 -53.01 21.59 -79.70
CA GLU EA 12 -52.95 22.77 -80.55
C GLU EA 12 -52.93 22.52 -82.06
N GLY EA 13 -53.68 23.36 -82.82
CA GLY EA 13 -53.89 23.19 -84.25
C GLY EA 13 -55.12 22.37 -84.59
N ALA EA 14 -55.91 21.95 -83.59
CA ALA EA 14 -57.12 21.19 -83.78
C ALA EA 14 -58.23 21.89 -84.56
N SER EA 15 -58.48 23.20 -84.28
CA SER EA 15 -59.53 24.01 -84.89
C SER EA 15 -60.94 23.65 -84.48
N PHE EA 16 -61.86 24.64 -84.45
CA PHE EA 16 -63.14 24.46 -83.76
C PHE EA 16 -64.35 25.16 -84.37
N PHE EA 17 -64.22 25.86 -85.51
CA PHE EA 17 -65.33 26.55 -86.17
C PHE EA 17 -65.48 26.10 -87.61
N ASN EA 18 -64.41 25.56 -88.23
CA ASN EA 18 -64.50 24.70 -89.40
C ASN EA 18 -65.36 23.44 -89.13
N SER EA 19 -66.14 22.98 -90.14
CA SER EA 19 -66.99 21.80 -90.02
C SER EA 19 -66.24 20.49 -89.78
N LYS EA 20 -66.79 19.63 -88.91
CA LYS EA 20 -66.30 18.28 -88.69
C LYS EA 20 -67.22 17.27 -89.45
N ARG EA 31 -58.92 14.91 -85.77
CA ARG EA 31 -57.86 15.46 -84.87
C ARG EA 31 -56.55 15.81 -85.59
N TYR EA 32 -55.53 16.30 -84.86
CA TYR EA 32 -54.26 16.68 -85.44
C TYR EA 32 -53.25 15.54 -85.36
N TRP EA 33 -52.59 15.25 -86.50
CA TRP EA 33 -51.39 14.46 -86.58
C TRP EA 33 -50.72 14.72 -87.94
N LYS EA 34 -49.46 14.27 -88.12
CA LYS EA 34 -48.58 14.65 -89.22
C LYS EA 34 -47.99 13.42 -89.92
N LYS EA 35 -47.31 13.60 -91.08
CA LYS EA 35 -46.74 12.49 -91.83
C LYS EA 35 -45.61 11.73 -91.14
N VAL EA 36 -44.76 12.45 -90.38
CA VAL EA 36 -43.53 12.00 -89.69
C VAL EA 36 -42.37 11.53 -90.54
N GLY EA 37 -42.63 11.06 -91.77
CA GLY EA 37 -41.62 10.81 -92.79
C GLY EA 37 -40.59 9.73 -92.55
N LEU EA 38 -39.57 9.68 -93.44
CA LEU EA 38 -38.48 8.72 -93.44
C LEU EA 38 -38.94 7.27 -93.54
N GLY EA 39 -40.04 7.04 -94.28
CA GLY EA 39 -40.65 5.73 -94.45
C GLY EA 39 -41.47 5.29 -93.26
N PHE EA 40 -41.60 6.14 -92.24
CA PHE EA 40 -42.39 5.87 -91.06
C PHE EA 40 -43.77 6.51 -91.20
N ALA EA 41 -44.71 6.10 -90.34
CA ALA EA 41 -46.07 6.57 -90.39
C ALA EA 41 -46.69 6.52 -89.01
N THR EA 42 -47.78 7.28 -88.80
CA THR EA 42 -48.54 7.28 -87.57
C THR EA 42 -49.13 5.91 -87.22
N PRO EA 43 -49.12 5.45 -85.97
CA PRO EA 43 -49.82 4.23 -85.59
C PRO EA 43 -51.32 4.43 -85.58
N LYS EA 44 -52.09 3.32 -85.58
CA LYS EA 44 -53.54 3.35 -85.50
C LYS EA 44 -54.06 4.06 -84.27
N GLU EA 45 -53.34 3.93 -83.13
CA GLU EA 45 -53.71 4.61 -81.93
C GLU EA 45 -53.41 6.10 -82.00
N ALA EA 46 -52.45 6.52 -82.84
CA ALA EA 46 -52.28 7.93 -83.12
C ALA EA 46 -53.39 8.50 -83.98
N LYS EA 47 -53.76 7.77 -85.05
CA LYS EA 47 -54.75 8.26 -85.99
C LYS EA 47 -56.13 8.41 -85.41
N GLU EA 48 -56.57 7.43 -84.61
CA GLU EA 48 -57.93 7.37 -84.12
C GLU EA 48 -58.06 7.71 -82.64
N GLY EA 49 -56.96 7.70 -81.87
CA GLY EA 49 -57.00 7.88 -80.42
C GLY EA 49 -57.39 9.26 -79.93
N VAL EA 50 -57.87 9.33 -78.68
CA VAL EA 50 -58.35 10.57 -78.08
C VAL EA 50 -57.24 11.38 -77.40
N TYR EA 51 -56.13 10.71 -77.03
CA TYR EA 51 -54.92 11.22 -76.37
C TYR EA 51 -54.50 12.67 -76.64
N VAL EA 52 -54.04 13.38 -75.60
CA VAL EA 52 -53.49 14.71 -75.74
C VAL EA 52 -52.13 14.75 -75.06
N ASP EA 53 -51.15 15.40 -75.71
CA ASP EA 53 -49.81 15.62 -75.21
C ASP EA 53 -49.23 16.79 -76.00
N LYS EA 54 -48.04 17.27 -75.63
CA LYS EA 54 -47.29 18.24 -76.40
C LYS EA 54 -45.90 17.70 -76.75
N LYS EA 55 -45.47 16.60 -76.09
CA LYS EA 55 -44.18 15.99 -76.30
C LYS EA 55 -44.31 14.72 -77.14
N CYS EA 56 -45.56 14.32 -77.48
CA CYS EA 56 -45.84 13.29 -78.47
C CYS EA 56 -45.34 13.69 -79.86
N PRO EA 57 -44.68 12.86 -80.66
CA PRO EA 57 -44.12 13.31 -81.92
C PRO EA 57 -45.21 13.48 -82.94
N PHE EA 58 -46.25 12.63 -82.89
CA PHE EA 58 -47.34 12.62 -83.83
C PHE EA 58 -48.23 13.84 -83.74
N THR EA 59 -48.67 14.22 -82.52
CA THR EA 59 -49.66 15.29 -82.36
C THR EA 59 -49.07 16.52 -81.69
N GLY EA 60 -47.79 16.46 -81.25
CA GLY EA 60 -47.10 17.64 -80.69
C GLY EA 60 -46.41 18.49 -81.73
N ASN EA 61 -45.76 19.57 -81.28
CA ASN EA 61 -44.98 20.44 -82.15
C ASN EA 61 -43.51 20.10 -82.13
N VAL EA 62 -43.10 19.07 -81.39
CA VAL EA 62 -41.72 18.60 -81.33
C VAL EA 62 -41.19 18.15 -82.69
N SER EA 63 -39.99 18.60 -83.06
CA SER EA 63 -39.47 18.36 -84.40
C SER EA 63 -38.71 17.06 -84.45
N ILE EA 64 -39.16 16.14 -85.32
CA ILE EA 64 -38.54 14.84 -85.56
C ILE EA 64 -37.33 15.01 -86.47
N ARG EA 65 -36.33 15.70 -85.93
CA ARG EA 65 -35.10 16.05 -86.58
C ARG EA 65 -33.98 15.17 -86.06
N GLY EA 66 -32.83 15.19 -86.77
CA GLY EA 66 -31.63 14.45 -86.38
C GLY EA 66 -31.71 12.94 -86.37
N ARG EA 67 -30.68 12.33 -85.76
CA ARG EA 67 -30.35 10.91 -85.78
C ARG EA 67 -31.42 9.96 -85.24
N ILE EA 68 -31.56 8.79 -85.87
CA ILE EA 68 -32.53 7.76 -85.54
C ILE EA 68 -31.82 6.46 -85.21
N LEU EA 69 -31.91 5.96 -83.96
CA LEU EA 69 -31.19 4.78 -83.52
C LEU EA 69 -32.18 3.83 -82.87
N LYS EA 70 -31.77 2.55 -82.74
CA LYS EA 70 -32.52 1.53 -82.04
C LYS EA 70 -31.90 1.23 -80.69
N GLY EA 71 -32.72 1.02 -79.64
CA GLY EA 71 -32.23 0.53 -78.35
C GLY EA 71 -33.23 -0.38 -77.68
N MET EA 72 -32.90 -0.84 -76.47
CA MET EA 72 -33.69 -1.76 -75.68
C MET EA 72 -34.19 -1.08 -74.44
N VAL EA 73 -35.51 -1.11 -74.16
CA VAL EA 73 -36.03 -0.46 -72.98
C VAL EA 73 -35.73 -1.20 -71.69
N ILE EA 74 -35.21 -0.44 -70.70
CA ILE EA 74 -34.73 -0.98 -69.43
C ILE EA 74 -35.63 -0.53 -68.31
N SER EA 75 -36.26 0.65 -68.46
CA SER EA 75 -37.18 1.18 -67.47
C SER EA 75 -38.33 1.83 -68.18
N ASN EA 76 -39.54 1.56 -67.69
CA ASN EA 76 -40.78 1.95 -68.34
C ASN EA 76 -41.69 2.67 -67.35
N LYS EA 77 -41.17 3.06 -66.16
CA LYS EA 77 -42.04 3.41 -65.06
C LYS EA 77 -42.19 4.91 -64.79
N MET EA 78 -41.60 5.76 -65.64
CA MET EA 78 -41.83 7.18 -65.57
C MET EA 78 -43.00 7.59 -66.45
N LYS EA 79 -43.69 8.69 -66.12
CA LYS EA 79 -44.85 9.16 -66.87
C LYS EA 79 -44.53 9.50 -68.31
N ARG EA 80 -45.07 8.66 -69.23
CA ARG EA 80 -44.84 8.70 -70.67
C ARG EA 80 -43.36 8.80 -71.05
N THR EA 81 -42.46 8.16 -70.29
CA THR EA 81 -41.03 8.34 -70.49
C THR EA 81 -40.34 7.01 -70.23
N ILE EA 82 -39.32 6.69 -71.03
CA ILE EA 82 -38.63 5.42 -71.05
C ILE EA 82 -37.14 5.63 -71.05
N ILE EA 83 -36.39 4.63 -70.55
CA ILE EA 83 -34.94 4.64 -70.61
C ILE EA 83 -34.56 3.49 -71.49
N ILE EA 84 -33.73 3.75 -72.51
CA ILE EA 84 -33.31 2.75 -73.45
C ILE EA 84 -31.82 2.57 -73.29
N ARG EA 85 -31.34 1.32 -73.28
CA ARG EA 85 -29.94 1.05 -73.35
C ARG EA 85 -29.51 0.75 -74.76
N ARG EA 86 -28.45 1.42 -75.22
CA ARG EA 86 -27.82 1.19 -76.49
C ARG EA 86 -26.54 0.39 -76.23
N ASN EA 87 -26.59 -0.89 -76.60
CA ASN EA 87 -25.55 -1.89 -76.40
C ASN EA 87 -24.54 -1.95 -77.56
N TYR EA 88 -23.24 -2.13 -77.28
CA TYR EA 88 -22.25 -2.14 -78.34
C TYR EA 88 -20.96 -2.82 -77.91
N LEU EA 89 -20.12 -3.16 -78.91
CA LEU EA 89 -18.79 -3.66 -78.66
C LEU EA 89 -17.79 -2.56 -79.00
N HIS EA 90 -16.93 -2.20 -78.04
CA HIS EA 90 -15.95 -1.15 -78.20
C HIS EA 90 -14.62 -1.75 -78.59
N TYR EA 91 -14.00 -1.23 -79.66
CA TYR EA 91 -12.74 -1.76 -80.14
C TYR EA 91 -11.54 -1.24 -79.36
N VAL EA 92 -10.69 -2.17 -78.91
CA VAL EA 92 -9.45 -1.89 -78.24
C VAL EA 92 -8.29 -2.15 -79.20
N LYS EA 93 -7.62 -1.06 -79.63
CA LYS EA 93 -6.52 -1.11 -80.57
C LYS EA 93 -5.32 -1.89 -80.08
N LYS EA 94 -4.94 -1.71 -78.79
CA LYS EA 94 -3.74 -2.29 -78.21
C LYS EA 94 -3.69 -3.81 -78.31
N TYR EA 95 -4.79 -4.49 -77.97
CA TYR EA 95 -4.82 -5.94 -78.02
C TYR EA 95 -5.44 -6.39 -79.32
N ASN EA 96 -5.94 -5.43 -80.11
CA ASN EA 96 -6.65 -5.65 -81.37
C ASN EA 96 -7.90 -6.49 -81.19
N ARG EA 97 -8.68 -6.16 -80.15
CA ARG EA 97 -9.73 -6.98 -79.56
C ARG EA 97 -10.91 -6.08 -79.26
N PHE EA 98 -12.05 -6.66 -78.88
CA PHE EA 98 -13.23 -5.90 -78.51
C PHE EA 98 -13.52 -6.08 -77.04
N GLU EA 99 -14.38 -5.20 -76.48
CA GLU EA 99 -14.90 -5.35 -75.15
C GLU EA 99 -16.35 -4.89 -75.15
N LYS EA 100 -17.19 -5.48 -74.28
CA LYS EA 100 -18.59 -5.07 -74.13
C LYS EA 100 -18.77 -3.70 -73.49
N ARG EA 101 -19.49 -2.77 -74.13
CA ARG EA 101 -19.77 -1.48 -73.54
C ARG EA 101 -21.24 -1.12 -73.81
N HIS EA 102 -21.80 -0.15 -73.08
CA HIS EA 102 -23.19 0.23 -73.29
C HIS EA 102 -23.45 1.64 -72.81
N LYS EA 103 -24.57 2.24 -73.24
CA LYS EA 103 -24.88 3.63 -72.94
C LYS EA 103 -26.39 3.79 -72.78
N ASN EA 104 -26.85 4.57 -71.78
CA ASN EA 104 -28.27 4.78 -71.52
C ASN EA 104 -28.76 6.07 -72.16
N ILE EA 105 -29.89 6.02 -72.89
CA ILE EA 105 -30.49 7.17 -73.58
C ILE EA 105 -31.90 7.38 -73.02
N PRO EA 106 -32.20 8.51 -72.38
CA PRO EA 106 -33.53 8.82 -71.92
C PRO EA 106 -34.41 9.28 -73.06
N CYS EA 107 -35.60 8.68 -73.18
CA CYS EA 107 -36.49 8.90 -74.28
C CYS EA 107 -37.93 9.13 -73.85
N HIS EA 108 -38.64 10.10 -74.46
CA HIS EA 108 -40.09 10.16 -74.32
C HIS EA 108 -40.77 8.93 -74.95
N CYS EA 109 -41.91 8.48 -74.41
CA CYS EA 109 -42.50 7.20 -74.76
C CYS EA 109 -43.79 7.29 -75.59
N SER EA 110 -44.46 8.45 -75.63
CA SER EA 110 -45.76 8.64 -76.27
C SER EA 110 -46.92 7.99 -75.53
N PRO EA 111 -48.14 8.55 -75.50
CA PRO EA 111 -49.31 7.82 -75.04
C PRO EA 111 -49.73 6.76 -76.04
N CYS EA 112 -49.19 6.78 -77.26
CA CYS EA 112 -49.46 5.76 -78.26
C CYS EA 112 -48.98 4.39 -77.87
N PHE EA 113 -47.79 4.30 -77.24
CA PHE EA 113 -47.08 3.04 -77.11
C PHE EA 113 -47.01 2.59 -75.66
N ASP EA 114 -47.60 1.41 -75.36
CA ASP EA 114 -47.62 0.81 -74.04
C ASP EA 114 -46.44 -0.18 -73.93
N VAL EA 115 -45.22 0.33 -74.15
CA VAL EA 115 -43.97 -0.41 -74.19
C VAL EA 115 -43.67 -1.19 -72.91
N LYS EA 116 -43.04 -2.38 -73.02
CA LYS EA 116 -42.72 -3.23 -71.91
C LYS EA 116 -41.25 -3.59 -71.94
N GLU EA 117 -40.67 -3.93 -70.79
CA GLU EA 117 -39.30 -4.36 -70.58
C GLU EA 117 -38.72 -5.26 -71.66
N GLY EA 118 -37.59 -4.86 -72.29
CA GLY EA 118 -36.94 -5.67 -73.30
C GLY EA 118 -37.54 -5.59 -74.69
N ASP EA 119 -38.61 -4.82 -74.90
CA ASP EA 119 -38.98 -4.33 -76.22
C ASP EA 119 -37.84 -3.55 -76.88
N ILE EA 120 -37.59 -3.80 -78.18
CA ILE EA 120 -36.74 -2.92 -78.96
C ILE EA 120 -37.56 -1.69 -79.36
N VAL EA 121 -36.92 -0.52 -79.38
CA VAL EA 121 -37.57 0.74 -79.68
C VAL EA 121 -36.66 1.49 -80.61
N THR EA 122 -37.27 2.17 -81.59
CA THR EA 122 -36.53 3.00 -82.52
C THR EA 122 -36.81 4.40 -82.11
N VAL EA 123 -35.80 5.12 -81.64
CA VAL EA 123 -35.91 6.46 -81.12
C VAL EA 123 -35.30 7.47 -82.08
N GLY EA 124 -35.70 8.74 -82.01
CA GLY EA 124 -35.05 9.81 -82.72
C GLY EA 124 -34.56 10.89 -81.80
N GLN EA 125 -33.58 11.65 -82.31
CA GLN EA 125 -32.87 12.72 -81.64
C GLN EA 125 -33.75 13.87 -81.23
N CYS EA 126 -34.63 14.30 -82.16
CA CYS EA 126 -35.63 15.34 -81.99
C CYS EA 126 -35.17 16.65 -81.33
N ARG EA 127 -36.11 17.41 -80.70
CA ARG EA 127 -35.80 18.60 -79.93
C ARG EA 127 -35.52 18.24 -78.47
N PRO EA 128 -34.47 18.69 -77.78
CA PRO EA 128 -34.26 18.39 -76.37
C PRO EA 128 -35.42 18.83 -75.49
N LEU EA 129 -35.98 17.90 -74.69
CA LEU EA 129 -37.16 18.17 -73.92
C LEU EA 129 -36.84 18.82 -72.59
N SER EA 130 -35.83 18.31 -71.86
CA SER EA 130 -35.47 18.83 -70.56
C SER EA 130 -34.06 18.39 -70.22
N LYS EA 131 -33.65 18.64 -68.97
CA LYS EA 131 -32.36 18.36 -68.36
C LYS EA 131 -31.78 17.01 -68.74
N THR EA 132 -32.45 15.90 -68.42
CA THR EA 132 -31.97 14.58 -68.77
C THR EA 132 -32.60 14.16 -70.08
N VAL EA 133 -33.94 14.19 -70.17
CA VAL EA 133 -34.66 13.68 -71.32
C VAL EA 133 -34.48 14.52 -72.58
N ARG EA 134 -34.05 13.88 -73.68
CA ARG EA 134 -33.76 14.58 -74.92
C ARG EA 134 -34.24 13.85 -76.19
N PHE EA 135 -34.50 12.52 -76.16
CA PHE EA 135 -34.89 11.78 -77.36
C PHE EA 135 -36.35 11.36 -77.31
N ASN EA 136 -36.90 10.80 -78.41
CA ASN EA 136 -38.29 10.34 -78.42
C ASN EA 136 -38.46 9.05 -79.24
N VAL EA 137 -39.22 8.06 -78.75
CA VAL EA 137 -39.59 6.89 -79.55
C VAL EA 137 -40.43 7.19 -80.79
N LEU EA 138 -40.04 6.61 -81.94
CA LEU EA 138 -40.80 6.69 -83.16
C LEU EA 138 -41.46 5.35 -83.52
N HIS EA 139 -40.88 4.21 -83.10
CA HIS EA 139 -41.41 2.90 -83.43
C HIS EA 139 -41.12 1.90 -82.33
N VAL EA 140 -42.14 1.14 -81.87
CA VAL EA 140 -41.96 0.05 -80.91
C VAL EA 140 -41.98 -1.29 -81.62
N GLU EA 141 -40.80 -1.94 -81.71
CA GLU EA 141 -40.68 -3.30 -82.19
C GLU EA 141 -40.73 -4.28 -81.02
N LYS EA 142 -41.90 -4.92 -80.82
CA LYS EA 142 -42.15 -5.80 -79.69
C LYS EA 142 -41.18 -6.98 -79.57
N HIS EA 143 -40.63 -7.22 -78.37
CA HIS EA 143 -39.63 -8.24 -78.18
C HIS EA 143 -39.61 -8.80 -76.77
N GLN EA 144 -39.20 -10.07 -76.63
CA GLN EA 144 -39.27 -10.79 -75.37
C GLN EA 144 -37.91 -11.32 -74.96
N ILE EA 145 -37.47 -10.96 -73.76
CA ILE EA 145 -36.30 -11.56 -73.14
C ILE EA 145 -36.62 -11.75 -71.67
N PHE EA 146 -36.39 -12.95 -71.13
CA PHE EA 146 -36.78 -13.27 -69.77
C PHE EA 146 -35.67 -13.00 -68.76
N GLY EA 147 -34.42 -12.82 -69.22
CA GLY EA 147 -33.33 -12.32 -68.38
C GLY EA 147 -33.53 -10.90 -67.94
N SER EA 148 -33.07 -10.55 -66.72
CA SER EA 148 -33.22 -9.21 -66.15
C SER EA 148 -32.56 -8.10 -66.94
N ALA EA 149 -33.27 -6.98 -67.17
CA ALA EA 149 -32.95 -5.97 -68.16
C ALA EA 149 -31.58 -5.34 -68.02
N ARG EA 150 -31.17 -5.07 -66.76
CA ARG EA 150 -29.87 -4.51 -66.42
C ARG EA 150 -28.72 -5.35 -66.94
N LYS EA 151 -28.90 -6.67 -67.04
CA LYS EA 151 -27.86 -7.57 -67.50
C LYS EA 151 -27.95 -7.89 -68.99
N GLN EA 152 -28.98 -7.42 -69.73
CA GLN EA 152 -29.18 -7.92 -71.09
C GLN EA 152 -28.39 -7.21 -72.18
N PHE EA 153 -27.84 -8.00 -73.11
CA PHE EA 153 -27.12 -7.54 -74.27
C PHE EA 153 -27.90 -8.00 -75.47
N VAL EA 154 -28.06 -7.10 -76.46
CA VAL EA 154 -28.76 -7.36 -77.69
C VAL EA 154 -28.00 -6.58 -78.76
N LEU EA 155 -28.34 -6.74 -80.04
CA LEU EA 155 -27.61 -6.12 -81.14
C LEU EA 155 -28.03 -4.67 -81.37
N PHE EA 156 -28.56 -4.03 -80.32
CA PHE EA 156 -29.20 -2.74 -80.36
C PHE EA 156 -28.68 -1.86 -79.19
N ASP FA 1 106.07 -15.53 1.08
CA ASP FA 1 106.74 -14.29 1.55
C ASP FA 1 107.35 -13.47 0.42
N LEU FA 2 106.92 -12.20 0.26
CA LEU FA 2 107.23 -11.34 -0.88
C LEU FA 2 108.72 -11.14 -1.15
N ASP FA 3 109.51 -10.87 -0.09
CA ASP FA 3 110.95 -10.66 -0.16
C ASP FA 3 111.67 -11.84 -0.79
N LYS FA 4 111.32 -13.06 -0.36
CA LYS FA 4 111.91 -14.29 -0.87
C LYS FA 4 111.52 -14.52 -2.32
N LEU FA 5 110.24 -14.31 -2.65
CA LEU FA 5 109.72 -14.37 -4.01
C LEU FA 5 110.41 -13.41 -4.97
N LEU FA 6 110.63 -12.15 -4.53
CA LEU FA 6 111.40 -11.16 -5.26
C LEU FA 6 112.83 -11.60 -5.51
N ASP FA 7 113.49 -12.15 -4.48
CA ASP FA 7 114.85 -12.62 -4.55
C ASP FA 7 115.06 -13.74 -5.59
N LEU FA 8 114.26 -14.82 -5.51
CA LEU FA 8 114.39 -15.96 -6.40
C LEU FA 8 114.24 -15.69 -7.90
N SER FA 9 114.90 -16.52 -8.73
CA SER FA 9 114.91 -16.41 -10.17
C SER FA 9 113.64 -16.90 -10.84
N GLN FA 10 113.44 -16.58 -12.14
CA GLN FA 10 112.31 -17.05 -12.91
C GLN FA 10 112.19 -18.57 -12.98
N ASP FA 11 113.31 -19.30 -13.14
CA ASP FA 11 113.35 -20.76 -13.12
C ASP FA 11 112.84 -21.34 -11.81
N GLU FA 12 113.30 -20.74 -10.68
CA GLU FA 12 112.83 -21.06 -9.37
C GLU FA 12 111.35 -20.75 -9.17
N LEU FA 13 110.86 -19.59 -9.62
CA LEU FA 13 109.46 -19.22 -9.54
C LEU FA 13 108.52 -20.15 -10.30
N ILE FA 14 108.87 -20.52 -11.54
CA ILE FA 14 108.14 -21.54 -12.29
C ILE FA 14 108.15 -22.89 -11.60
N LYS FA 15 109.32 -23.34 -11.09
CA LYS FA 15 109.43 -24.57 -10.32
C LYS FA 15 108.59 -24.56 -9.03
N LEU FA 16 108.59 -23.42 -8.31
CA LEU FA 16 107.78 -23.19 -7.14
C LEU FA 16 106.27 -23.34 -7.36
N PHE FA 17 105.73 -22.86 -8.50
CA PHE FA 17 104.31 -22.88 -8.73
C PHE FA 17 103.85 -24.07 -9.57
N LYS FA 18 102.51 -24.31 -9.53
CA LYS FA 18 101.78 -25.34 -10.23
C LYS FA 18 102.04 -25.47 -11.72
N ALA FA 19 101.83 -26.67 -12.29
CA ALA FA 19 102.27 -27.05 -13.61
C ALA FA 19 101.72 -26.19 -14.75
N ARG FA 20 100.44 -25.79 -14.71
CA ARG FA 20 99.79 -25.01 -15.75
C ARG FA 20 100.53 -23.69 -16.04
N GLN FA 21 100.84 -22.95 -14.97
CA GLN FA 21 101.68 -21.78 -14.94
C GLN FA 21 103.08 -22.03 -15.44
N ARG FA 22 103.77 -23.05 -14.88
CA ARG FA 22 105.12 -23.44 -15.23
C ARG FA 22 105.28 -23.71 -16.72
N ARG FA 23 104.35 -24.50 -17.28
CA ARG FA 23 104.23 -24.87 -18.67
C ARG FA 23 104.07 -23.67 -19.59
N LYS FA 24 103.14 -22.75 -19.25
CA LYS FA 24 102.90 -21.53 -20.02
C LYS FA 24 104.15 -20.67 -20.19
N PHE FA 25 104.88 -20.45 -19.09
CA PHE FA 25 106.13 -19.72 -19.09
C PHE FA 25 107.21 -20.40 -19.91
N GLN FA 26 107.31 -21.74 -19.79
CA GLN FA 26 108.24 -22.53 -20.54
C GLN FA 26 107.96 -22.50 -22.04
N ARG FA 27 106.70 -22.61 -22.47
CA ARG FA 27 106.33 -22.35 -23.85
C ARG FA 27 106.62 -20.94 -24.35
N GLY FA 28 106.29 -19.88 -23.59
CA GLY FA 28 106.59 -18.53 -24.03
C GLY FA 28 105.96 -17.42 -23.22
N ILE FA 29 105.76 -16.25 -23.86
CA ILE FA 29 105.32 -15.05 -23.17
C ILE FA 29 104.68 -14.00 -24.09
N SER FA 30 104.74 -14.16 -25.43
CA SER FA 30 104.25 -13.21 -26.44
C SER FA 30 104.85 -11.79 -26.38
N LYS FA 31 104.37 -10.88 -27.26
CA LYS FA 31 104.64 -9.45 -27.23
C LYS FA 31 104.14 -8.81 -25.94
N LYS FA 32 102.88 -8.31 -25.96
CA LYS FA 32 101.95 -8.01 -24.89
C LYS FA 32 102.45 -8.06 -23.45
N ALA FA 33 102.64 -9.28 -22.91
CA ALA FA 33 103.05 -9.51 -21.54
C ALA FA 33 104.41 -8.95 -21.17
N LYS FA 34 105.45 -9.12 -22.01
CA LYS FA 34 106.77 -8.55 -21.77
C LYS FA 34 106.75 -7.04 -21.67
N SER FA 35 106.04 -6.40 -22.60
CA SER FA 35 105.87 -4.97 -22.69
C SER FA 35 105.20 -4.41 -21.47
N LEU FA 36 104.10 -5.03 -21.03
CA LEU FA 36 103.42 -4.69 -19.80
C LEU FA 36 104.31 -4.82 -18.56
N LEU FA 37 105.06 -5.93 -18.44
CA LEU FA 37 105.99 -6.17 -17.36
C LEU FA 37 107.08 -5.11 -17.27
N LYS FA 38 107.68 -4.78 -18.44
CA LYS FA 38 108.64 -3.72 -18.59
C LYS FA 38 108.11 -2.36 -18.14
N LYS FA 39 106.89 -2.01 -18.57
CA LYS FA 39 106.17 -0.82 -18.14
C LYS FA 39 105.89 -0.81 -16.65
N ILE FA 40 105.41 -1.94 -16.07
CA ILE FA 40 105.14 -2.05 -14.65
C ILE FA 40 106.40 -1.86 -13.82
N ARG FA 41 107.54 -2.44 -14.21
CA ARG FA 41 108.82 -2.19 -13.55
C ARG FA 41 109.20 -0.71 -13.53
N LYS FA 42 109.17 -0.06 -14.71
CA LYS FA 42 109.50 1.34 -14.88
C LYS FA 42 108.57 2.28 -14.12
N SER FA 43 107.24 2.09 -14.21
CA SER FA 43 106.27 2.87 -13.47
C SER FA 43 106.39 2.69 -11.98
N LYS FA 44 106.52 1.45 -11.50
CA LYS FA 44 106.72 1.13 -10.09
C LYS FA 44 107.96 1.80 -9.51
N LYS FA 45 109.09 1.76 -10.25
CA LYS FA 45 110.28 2.54 -9.92
C LYS FA 45 110.02 4.05 -9.89
N ASN FA 46 109.39 4.60 -10.94
CA ASN FA 46 109.22 6.03 -11.14
C ASN FA 46 108.16 6.71 -10.27
N CYS FA 47 107.33 5.97 -9.51
CA CYS FA 47 106.16 6.54 -8.87
C CYS FA 47 106.12 6.52 -7.34
N GLU FA 48 105.37 7.49 -6.77
CA GLU FA 48 104.77 7.40 -5.46
C GLU FA 48 103.39 6.72 -5.61
N PRO FA 49 102.67 6.25 -4.57
CA PRO FA 49 101.61 5.24 -4.69
C PRO FA 49 100.46 5.45 -5.66
N GLY FA 50 100.16 6.68 -6.09
CA GLY FA 50 98.97 6.98 -6.90
C GLY FA 50 99.05 6.67 -8.39
N GLU FA 51 100.21 6.26 -8.93
CA GLU FA 51 100.32 5.98 -10.36
C GLU FA 51 99.89 4.57 -10.72
N LYS FA 52 98.93 4.43 -11.67
CA LYS FA 52 98.39 3.13 -12.05
C LYS FA 52 98.50 2.91 -13.56
N PRO FA 53 99.39 2.04 -14.06
CA PRO FA 53 99.62 1.88 -15.49
C PRO FA 53 98.71 0.80 -16.06
N ASN FA 54 98.63 0.69 -17.39
CA ASN FA 54 97.72 -0.24 -18.03
C ASN FA 54 98.25 -0.62 -19.41
N PRO FA 55 97.92 -1.77 -20.00
CA PRO FA 55 98.33 -2.18 -21.35
C PRO FA 55 98.23 -1.17 -22.49
N VAL FA 56 99.15 -1.28 -23.48
CA VAL FA 56 99.09 -0.66 -24.80
C VAL FA 56 97.77 -0.89 -25.54
N PRO FA 57 97.35 -0.11 -26.55
CA PRO FA 57 96.00 -0.12 -27.13
C PRO FA 57 95.37 -1.48 -27.42
N THR FA 58 96.16 -2.43 -27.94
CA THR FA 58 95.78 -3.83 -27.95
C THR FA 58 96.10 -4.46 -26.60
N HIS FA 59 95.10 -4.51 -25.69
CA HIS FA 59 95.25 -4.95 -24.31
C HIS FA 59 95.35 -6.47 -24.12
N LEU FA 60 95.64 -6.94 -22.88
CA LEU FA 60 95.64 -8.37 -22.56
C LEU FA 60 95.09 -8.68 -21.17
N ARG FA 61 94.64 -9.94 -20.98
CA ARG FA 61 94.14 -10.49 -19.72
C ARG FA 61 95.07 -11.57 -19.18
N ASN FA 62 96.13 -11.89 -19.93
CA ASN FA 62 96.74 -13.20 -19.86
C ASN FA 62 98.09 -13.19 -19.17
N MET FA 63 98.08 -12.96 -17.85
CA MET FA 63 99.29 -12.91 -17.08
C MET FA 63 98.98 -13.28 -15.64
N THR FA 64 100.01 -13.58 -14.83
CA THR FA 64 99.85 -13.84 -13.40
C THR FA 64 101.13 -13.41 -12.74
N ILE FA 65 101.14 -13.29 -11.40
CA ILE FA 65 102.16 -12.58 -10.65
C ILE FA 65 103.60 -13.04 -10.83
N ILE FA 66 104.38 -12.19 -11.52
CA ILE FA 66 105.79 -12.04 -11.30
C ILE FA 66 105.87 -11.03 -10.16
N PRO FA 67 106.63 -11.19 -9.08
CA PRO FA 67 106.45 -10.42 -7.85
C PRO FA 67 106.48 -8.91 -7.96
N GLU FA 68 107.12 -8.36 -9.00
CA GLU FA 68 107.11 -6.96 -9.36
C GLU FA 68 105.71 -6.41 -9.67
N MET FA 69 104.83 -7.27 -10.23
CA MET FA 69 103.52 -6.90 -10.72
C MET FA 69 102.56 -6.36 -9.69
N VAL FA 70 102.56 -6.92 -8.46
CA VAL FA 70 101.75 -6.52 -7.32
C VAL FA 70 101.48 -5.03 -7.20
N GLY FA 71 100.22 -4.60 -6.99
CA GLY FA 71 99.85 -3.19 -6.96
C GLY FA 71 99.60 -2.54 -8.29
N SER FA 72 99.68 -3.29 -9.40
CA SER FA 72 99.27 -2.83 -10.74
C SER FA 72 97.77 -3.06 -10.96
N ILE FA 73 97.20 -2.49 -12.05
CA ILE FA 73 95.78 -2.57 -12.36
C ILE FA 73 95.50 -3.27 -13.68
N VAL FA 74 94.42 -4.08 -13.71
CA VAL FA 74 93.91 -4.78 -14.88
C VAL FA 74 93.35 -3.88 -15.99
N ALA FA 75 93.38 -4.38 -17.25
CA ALA FA 75 92.82 -3.69 -18.40
C ALA FA 75 91.27 -3.82 -18.54
N THR FA 83 88.80 -3.87 -16.14
CA THR FA 83 89.50 -2.53 -16.01
C THR FA 83 89.58 -2.00 -14.61
N ASN FA 84 90.73 -1.39 -14.22
CA ASN FA 84 90.91 -0.62 -12.99
C ASN FA 84 90.65 -1.33 -11.67
N VAL FA 85 91.17 -2.56 -11.53
CA VAL FA 85 91.15 -3.29 -10.27
C VAL FA 85 92.59 -3.65 -9.96
N GLU FA 86 93.03 -3.37 -8.72
CA GLU FA 86 94.41 -3.53 -8.32
C GLU FA 86 94.72 -4.93 -7.82
N ILE FA 87 95.85 -5.52 -8.25
CA ILE FA 87 96.24 -6.88 -7.88
C ILE FA 87 97.05 -6.97 -6.59
N LYS FA 88 96.83 -8.07 -5.84
CA LYS FA 88 97.34 -8.29 -4.50
C LYS FA 88 98.18 -9.56 -4.47
N PRO FA 89 99.21 -9.68 -3.63
CA PRO FA 89 100.31 -10.61 -3.84
C PRO FA 89 99.94 -12.07 -3.65
N GLU FA 90 98.89 -12.38 -2.86
CA GLU FA 90 98.64 -13.75 -2.45
C GLU FA 90 97.72 -14.48 -3.42
N MET FA 91 97.38 -13.82 -4.55
CA MET FA 91 96.82 -14.48 -5.72
C MET FA 91 97.81 -15.44 -6.37
N ILE FA 92 99.07 -14.99 -6.53
CA ILE FA 92 100.20 -15.71 -7.10
C ILE FA 92 100.00 -16.19 -8.54
N GLY FA 93 99.37 -17.36 -8.72
CA GLY FA 93 99.39 -18.12 -9.96
C GLY FA 93 98.08 -18.15 -10.69
N TYR FA 94 97.00 -17.69 -10.07
CA TYR FA 94 95.66 -17.91 -10.56
C TYR FA 94 95.18 -16.86 -11.56
N TYR FA 95 96.09 -16.05 -12.11
CA TYR FA 95 95.88 -15.14 -13.22
C TYR FA 95 95.04 -13.90 -12.93
N LEU FA 96 95.23 -12.84 -13.76
CA LEU FA 96 94.47 -11.60 -13.68
C LEU FA 96 92.97 -11.82 -13.82
N GLY FA 97 92.55 -12.58 -14.86
CA GLY FA 97 91.19 -13.09 -15.00
C GLY FA 97 90.12 -12.04 -15.05
N GLU FA 98 90.42 -10.85 -15.59
CA GLU FA 98 89.49 -9.75 -15.57
C GLU FA 98 89.62 -8.89 -16.81
N PHE FA 99 88.46 -8.44 -17.36
CA PHE FA 99 88.41 -7.44 -18.41
C PHE FA 99 87.08 -6.73 -18.32
N SER FA 100 85.97 -7.45 -18.55
CA SER FA 100 84.63 -6.88 -18.61
C SER FA 100 83.55 -7.96 -18.52
N ILE FA 101 83.70 -8.97 -17.63
CA ILE FA 101 82.64 -9.94 -17.37
C ILE FA 101 81.41 -9.30 -16.71
N THR FA 102 80.21 -9.61 -17.21
CA THR FA 102 78.98 -8.91 -16.83
C THR FA 102 78.12 -9.68 -15.84
N TYR FA 103 77.27 -8.95 -15.10
CA TYR FA 103 76.20 -9.48 -14.30
C TYR FA 103 75.00 -8.49 -14.42
N LYS GA 1 10.24 -78.01 -103.17
CA LYS GA 1 8.97 -77.27 -103.50
C LYS GA 1 8.10 -77.06 -102.26
N GLU GA 2 7.25 -78.04 -101.87
CA GLU GA 2 6.68 -78.16 -100.53
C GLU GA 2 7.72 -78.55 -99.48
N GLU GA 3 8.71 -79.37 -99.86
CA GLU GA 3 9.66 -80.04 -99.00
C GLU GA 3 10.48 -79.11 -98.10
N SER GA 4 10.95 -77.98 -98.65
CA SER GA 4 11.62 -76.91 -97.92
C SER GA 4 10.75 -76.30 -96.83
N ILE GA 5 9.47 -76.04 -97.17
CA ILE GA 5 8.43 -75.57 -96.29
C ILE GA 5 8.15 -76.58 -95.19
N ALA GA 6 8.04 -77.86 -95.58
CA ALA GA 6 7.79 -78.98 -94.70
C ALA GA 6 8.92 -79.18 -93.70
N LYS GA 7 10.19 -79.16 -94.14
CA LYS GA 7 11.31 -79.21 -93.22
C LYS GA 7 11.31 -78.07 -92.20
N MET GA 8 11.02 -76.83 -92.66
CA MET GA 8 10.83 -75.68 -91.80
C MET GA 8 9.75 -75.89 -90.75
N LEU GA 9 8.59 -76.45 -91.13
CA LEU GA 9 7.54 -76.93 -90.26
C LEU GA 9 7.99 -77.99 -89.24
N ILE GA 10 8.73 -79.03 -89.67
CA ILE GA 10 9.24 -80.11 -88.83
C ILE GA 10 10.20 -79.61 -87.75
N CYS GA 11 11.14 -78.72 -88.12
CA CYS GA 11 11.93 -77.96 -87.17
C CYS GA 11 11.06 -77.00 -86.36
N LYS GA 12 11.44 -76.67 -85.12
CA LYS GA 12 10.53 -76.04 -84.16
C LYS GA 12 10.41 -74.52 -84.31
N VAL GA 13 10.58 -74.03 -85.55
CA VAL GA 13 10.64 -72.64 -85.97
C VAL GA 13 9.39 -71.87 -85.62
N HIS GA 14 8.24 -72.56 -85.72
CA HIS GA 14 6.92 -72.01 -85.51
C HIS GA 14 6.62 -71.66 -84.06
N ILE GA 15 7.43 -72.10 -83.09
CA ILE GA 15 7.20 -71.79 -81.69
C ILE GA 15 7.76 -70.43 -81.30
N GLY GA 16 6.91 -69.38 -81.38
CA GLY GA 16 6.99 -68.17 -80.58
C GLY GA 16 6.70 -68.42 -79.12
N THR GA 17 7.20 -67.58 -78.22
CA THR GA 17 6.99 -67.74 -76.78
C THR GA 17 6.69 -66.38 -76.16
N LYS GA 18 6.21 -66.38 -74.89
CA LYS GA 18 5.73 -65.27 -74.07
C LYS GA 18 5.88 -63.83 -74.59
N ASN GA 19 4.72 -63.14 -74.75
CA ASN GA 19 4.58 -61.83 -75.37
C ASN GA 19 4.75 -61.89 -76.89
N LEU GA 20 3.70 -61.46 -77.64
CA LEU GA 20 3.67 -61.53 -79.10
C LEU GA 20 4.71 -60.67 -79.79
N GLU GA 21 4.93 -59.44 -79.25
CA GLU GA 21 5.41 -58.27 -79.96
C GLU GA 21 4.35 -57.73 -80.88
N ASN GA 22 3.79 -56.57 -80.49
CA ASN GA 22 2.80 -55.79 -81.21
C ASN GA 22 3.03 -55.72 -82.71
N LYS GA 23 4.18 -55.18 -83.13
CA LYS GA 23 4.65 -55.12 -84.50
C LYS GA 23 4.72 -56.46 -85.26
N MET GA 24 5.08 -57.56 -84.57
CA MET GA 24 5.29 -58.86 -85.17
C MET GA 24 4.00 -59.67 -85.33
N LYS GA 25 2.85 -59.11 -84.91
CA LYS GA 25 1.59 -59.84 -84.86
C LYS GA 25 1.04 -60.20 -86.23
N ARG GA 26 1.49 -59.48 -87.28
CA ARG GA 26 1.22 -59.78 -88.67
C ARG GA 26 1.98 -60.99 -89.20
N TYR GA 27 2.99 -61.47 -88.47
CA TYR GA 27 3.69 -62.71 -88.79
C TYR GA 27 3.31 -63.84 -87.85
N VAL GA 28 2.71 -63.52 -86.70
CA VAL GA 28 2.08 -64.52 -85.86
C VAL GA 28 0.80 -65.01 -86.54
N TYR GA 29 0.51 -66.31 -86.44
CA TYR GA 29 -0.68 -66.91 -86.99
C TYR GA 29 -1.82 -66.90 -85.98
N THR GA 30 -1.60 -67.50 -84.79
CA THR GA 30 -2.54 -67.42 -83.68
C THR GA 30 -1.79 -67.58 -82.37
N ARG GA 31 -2.27 -66.95 -81.26
CA ARG GA 31 -1.83 -67.35 -79.93
C ARG GA 31 -2.38 -68.73 -79.54
N ALA GA 32 -1.50 -69.72 -79.30
CA ALA GA 32 -1.89 -71.00 -78.74
C ALA GA 32 -2.31 -70.92 -77.27
N LYS GA 33 -3.33 -71.72 -76.89
CA LYS GA 33 -3.82 -71.83 -75.52
C LYS GA 33 -2.74 -72.28 -74.53
N ASP GA 34 -1.76 -73.07 -75.01
CA ASP GA 34 -0.63 -73.57 -74.23
C ASP GA 34 0.34 -72.47 -73.78
N GLY GA 35 0.22 -71.24 -74.34
CA GLY GA 35 1.06 -70.10 -73.98
C GLY GA 35 2.25 -69.95 -74.88
N VAL GA 36 2.08 -70.34 -76.15
CA VAL GA 36 3.08 -70.25 -77.20
C VAL GA 36 2.40 -69.62 -78.38
N HIS GA 37 3.17 -68.97 -79.25
CA HIS GA 37 2.60 -68.21 -80.35
C HIS GA 37 2.97 -68.90 -81.63
N ILE GA 38 2.00 -69.15 -82.51
CA ILE GA 38 2.29 -69.85 -83.75
C ILE GA 38 2.75 -68.84 -84.79
N ILE GA 39 3.75 -69.17 -85.60
CA ILE GA 39 4.31 -68.31 -86.63
C ILE GA 39 3.87 -68.80 -87.99
N ASN GA 40 3.48 -67.89 -88.89
CA ASN GA 40 2.97 -68.21 -90.22
C ASN GA 40 3.89 -69.08 -91.10
N LEU GA 41 5.20 -68.74 -91.18
CA LEU GA 41 6.24 -69.47 -91.91
C LEU GA 41 6.15 -69.49 -93.43
N ALA GA 42 4.95 -69.40 -94.03
CA ALA GA 42 4.73 -69.31 -95.45
C ALA GA 42 5.25 -67.98 -95.97
N LYS GA 43 4.91 -66.90 -95.25
CA LYS GA 43 5.43 -65.57 -95.48
C LYS GA 43 6.93 -65.53 -95.22
N THR GA 44 7.41 -66.24 -94.18
CA THR GA 44 8.82 -66.33 -93.83
C THR GA 44 9.69 -66.88 -94.95
N TYR GA 45 9.28 -67.99 -95.59
CA TYR GA 45 10.01 -68.56 -96.73
C TYR GA 45 10.18 -67.57 -97.89
N GLU GA 46 9.08 -66.89 -98.30
CA GLU GA 46 9.12 -65.84 -99.29
C GLU GA 46 9.98 -64.63 -98.88
N LYS GA 47 9.88 -64.20 -97.62
CA LYS GA 47 10.70 -63.16 -97.04
C LYS GA 47 12.19 -63.51 -97.02
N LEU GA 48 12.52 -64.75 -96.64
CA LEU GA 48 13.86 -65.31 -96.73
C LEU GA 48 14.44 -65.22 -98.13
N GLN GA 49 13.64 -65.55 -99.15
CA GLN GA 49 13.94 -65.33 -100.55
C GLN GA 49 14.25 -63.86 -100.90
N LEU GA 50 13.47 -62.89 -100.39
CA LEU GA 50 13.77 -61.46 -100.48
C LEU GA 50 15.13 -61.11 -99.87
N ALA GA 51 15.42 -61.63 -98.66
CA ALA GA 51 16.70 -61.47 -98.01
C ALA GA 51 17.84 -62.01 -98.87
N ALA GA 52 17.66 -63.19 -99.48
CA ALA GA 52 18.55 -63.69 -100.49
C ALA GA 52 18.70 -62.75 -101.69
N ARG GA 53 17.59 -62.19 -102.23
CA ARG GA 53 17.68 -61.17 -103.27
C ARG GA 53 18.51 -59.93 -102.87
N ILE GA 54 18.33 -59.41 -101.65
CA ILE GA 54 19.16 -58.33 -101.17
C ILE GA 54 20.62 -58.72 -100.99
N ILE GA 55 20.90 -59.92 -100.44
CA ILE GA 55 22.24 -60.43 -100.28
C ILE GA 55 22.93 -60.62 -101.62
N VAL GA 56 22.27 -61.25 -102.61
CA VAL GA 56 22.82 -61.39 -103.95
C VAL GA 56 23.09 -60.05 -104.61
N ALA GA 57 22.16 -59.08 -104.49
CA ALA GA 57 22.44 -57.71 -104.83
C ALA GA 57 23.60 -57.00 -104.11
N ILE GA 58 24.30 -57.64 -103.16
CA ILE GA 58 25.60 -57.20 -102.69
C ILE GA 58 26.63 -57.96 -103.49
N SER GA 59 27.45 -57.25 -104.27
CA SER GA 59 28.27 -57.87 -105.29
C SER GA 59 29.45 -58.68 -104.79
N ASN GA 60 29.88 -58.47 -103.53
CA ASN GA 60 30.95 -59.23 -102.94
C ASN GA 60 30.49 -59.78 -101.58
N PRO GA 61 30.64 -61.06 -101.25
CA PRO GA 61 30.13 -61.61 -99.99
C PRO GA 61 30.97 -61.18 -98.80
N ALA GA 62 32.19 -60.68 -98.98
CA ALA GA 62 33.07 -60.36 -97.87
C ALA GA 62 32.63 -59.10 -97.13
N ASP GA 63 31.80 -58.27 -97.80
CA ASP GA 63 31.29 -57.02 -97.27
C ASP GA 63 29.92 -57.25 -96.62
N VAL GA 64 29.58 -58.54 -96.43
CA VAL GA 64 28.44 -59.00 -95.71
C VAL GA 64 28.98 -59.65 -94.45
N VAL GA 65 28.65 -59.08 -93.28
CA VAL GA 65 29.14 -59.54 -92.01
C VAL GA 65 28.01 -60.25 -91.26
N VAL GA 66 28.28 -61.45 -90.74
CA VAL GA 66 27.36 -62.23 -89.94
C VAL GA 66 27.68 -62.03 -88.47
N VAL GA 67 26.68 -62.09 -87.57
CA VAL GA 67 26.92 -61.98 -86.15
C VAL GA 67 26.08 -62.95 -85.36
N SER GA 68 26.66 -63.55 -84.31
CA SER GA 68 25.93 -64.32 -83.34
C SER GA 68 26.63 -64.20 -81.99
N ALA GA 69 25.86 -63.90 -80.94
CA ALA GA 69 26.31 -64.02 -79.57
C ALA GA 69 25.76 -65.28 -78.90
N ARG GA 70 25.02 -66.14 -79.64
CA ARG GA 70 24.51 -67.40 -79.11
C ARG GA 70 25.53 -68.51 -79.34
N PRO GA 71 25.98 -69.28 -78.35
CA PRO GA 71 26.96 -70.36 -78.51
C PRO GA 71 26.72 -71.34 -79.64
N PHE GA 72 25.51 -71.91 -79.71
CA PHE GA 72 25.16 -72.85 -80.76
C PHE GA 72 24.95 -72.21 -82.13
N GLY GA 73 24.61 -70.90 -82.15
CA GLY GA 73 24.43 -70.19 -83.42
C GLY GA 73 25.73 -69.67 -83.97
N SER GA 74 26.75 -69.60 -83.11
CA SER GA 74 28.13 -69.31 -83.46
C SER GA 74 28.68 -70.33 -84.44
N ARG GA 75 28.45 -71.62 -84.16
CA ARG GA 75 28.73 -72.71 -85.06
C ARG GA 75 27.96 -72.61 -86.38
N ALA GA 76 26.65 -72.29 -86.33
CA ALA GA 76 25.82 -72.05 -87.50
C ALA GA 76 26.25 -70.92 -88.43
N VAL GA 77 26.60 -69.74 -87.88
CA VAL GA 77 27.13 -68.62 -88.65
C VAL GA 77 28.46 -68.95 -89.29
N LEU GA 78 29.33 -69.69 -88.57
CA LEU GA 78 30.61 -70.15 -89.07
C LEU GA 78 30.43 -71.08 -90.27
N LYS GA 79 29.50 -72.06 -90.19
CA LYS GA 79 29.09 -72.83 -91.35
C LYS GA 79 28.56 -72.01 -92.53
N PHE GA 80 27.70 -71.01 -92.26
CA PHE GA 80 27.21 -70.08 -93.25
C PHE GA 80 28.35 -69.32 -93.97
N ALA GA 81 29.33 -68.83 -93.18
CA ALA GA 81 30.53 -68.17 -93.62
C ALA GA 81 31.44 -69.04 -94.48
N GLN GA 82 31.60 -70.33 -94.12
CA GLN GA 82 32.30 -71.31 -94.94
C GLN GA 82 31.72 -71.47 -96.34
N TYR GA 83 30.38 -71.63 -96.46
CA TYR GA 83 29.76 -71.84 -97.76
C TYR GA 83 29.79 -70.60 -98.64
N THR GA 84 29.40 -69.43 -98.12
CA THR GA 84 29.46 -68.17 -98.85
C THR GA 84 30.24 -67.20 -98.01
N GLY GA 85 31.25 -66.52 -98.59
CA GLY GA 85 32.34 -65.86 -97.88
C GLY GA 85 32.05 -64.61 -97.09
N ALA GA 86 30.87 -64.52 -96.46
CA ALA GA 86 30.54 -63.57 -95.43
C ALA GA 86 31.40 -63.73 -94.17
N GLN GA 87 31.89 -62.62 -93.59
CA GLN GA 87 32.72 -62.71 -92.40
C GLN GA 87 31.86 -62.86 -91.13
N ALA GA 88 32.08 -63.92 -90.32
CA ALA GA 88 31.31 -64.09 -89.09
C ALA GA 88 31.96 -63.49 -87.85
N ILE GA 89 31.14 -62.93 -86.96
CA ILE GA 89 31.54 -62.46 -85.64
C ILE GA 89 30.87 -63.33 -84.58
N ALA GA 90 31.69 -63.96 -83.72
CA ALA GA 90 31.25 -64.81 -82.64
C ALA GA 90 31.95 -64.41 -81.34
N GLY GA 91 31.41 -64.83 -80.18
CA GLY GA 91 31.87 -64.38 -78.86
C GLY GA 91 31.54 -62.92 -78.57
N ARG GA 92 32.38 -62.24 -77.75
CA ARG GA 92 32.17 -60.85 -77.40
C ARG GA 92 32.28 -59.87 -78.58
N TRP GA 93 31.14 -59.27 -78.97
CA TRP GA 93 31.06 -58.13 -79.86
C TRP GA 93 31.81 -56.92 -79.31
N THR GA 94 32.36 -56.08 -80.19
CA THR GA 94 33.05 -54.87 -79.79
C THR GA 94 32.36 -53.71 -80.49
N PRO GA 95 31.84 -52.68 -79.80
CA PRO GA 95 31.09 -51.60 -80.44
C PRO GA 95 31.83 -50.83 -81.52
N GLY GA 96 33.17 -50.74 -81.38
CA GLY GA 96 34.01 -50.00 -82.30
C GLY GA 96 34.22 -50.65 -83.64
N MET GA 97 33.75 -51.90 -83.83
CA MET GA 97 33.88 -52.65 -85.07
C MET GA 97 33.27 -51.95 -86.28
N LEU GA 98 32.20 -51.16 -86.05
CA LEU GA 98 31.63 -50.31 -87.08
C LEU GA 98 31.85 -48.82 -86.83
N THR GA 99 32.17 -48.39 -85.60
CA THR GA 99 32.23 -46.95 -85.31
C THR GA 99 33.63 -46.40 -85.16
N ASN GA 100 34.65 -47.23 -84.92
CA ASN GA 100 35.97 -46.76 -84.58
C ASN GA 100 36.92 -47.06 -85.72
N GLN GA 101 37.23 -46.04 -86.55
CA GLN GA 101 37.94 -46.21 -87.80
C GLN GA 101 39.32 -46.83 -87.65
N ILE GA 102 40.03 -46.48 -86.57
CA ILE GA 102 41.41 -46.89 -86.39
C ILE GA 102 41.52 -48.18 -85.58
N ILE GA 103 40.40 -48.77 -85.09
CA ILE GA 103 40.47 -50.03 -84.35
C ILE GA 103 41.01 -51.21 -85.17
N GLN GA 104 41.75 -52.13 -84.51
CA GLN GA 104 42.37 -53.28 -85.14
C GLN GA 104 41.35 -54.24 -85.74
N LYS GA 105 40.16 -54.31 -85.11
CA LYS GA 105 39.13 -55.29 -85.39
C LYS GA 105 38.12 -54.79 -86.42
N PHE GA 106 38.38 -53.62 -87.04
CA PHE GA 106 37.42 -52.87 -87.83
C PHE GA 106 36.82 -53.60 -89.03
N THR GA 107 35.53 -53.34 -89.28
CA THR GA 107 34.80 -53.77 -90.45
C THR GA 107 34.17 -52.56 -91.10
N GLU GA 108 34.35 -52.40 -92.43
CA GLU GA 108 33.64 -51.40 -93.22
C GLU GA 108 32.68 -52.13 -94.17
N PRO GA 109 31.63 -52.82 -93.72
CA PRO GA 109 30.82 -53.67 -94.57
C PRO GA 109 29.77 -52.89 -95.32
N ARG GA 110 28.93 -53.60 -96.08
CA ARG GA 110 27.76 -53.05 -96.73
C ARG GA 110 26.49 -53.62 -96.15
N LEU GA 111 26.58 -54.75 -95.42
CA LEU GA 111 25.42 -55.44 -94.91
C LEU GA 111 25.77 -56.17 -93.62
N LEU GA 112 24.75 -56.36 -92.76
CA LEU GA 112 24.88 -57.09 -91.53
C LEU GA 112 23.79 -58.16 -91.52
N ILE GA 113 24.13 -59.38 -91.12
CA ILE GA 113 23.22 -60.49 -90.94
C ILE GA 113 23.22 -60.87 -89.47
N VAL GA 114 22.04 -60.86 -88.83
CA VAL GA 114 21.91 -61.03 -87.40
C VAL GA 114 21.15 -62.29 -87.09
N THR GA 115 21.59 -63.01 -86.03
CA THR GA 115 21.07 -64.30 -85.64
C THR GA 115 19.94 -64.14 -84.65
N ASP GA 116 20.05 -63.20 -83.70
CA ASP GA 116 18.94 -62.83 -82.85
C ASP GA 116 19.06 -61.36 -82.42
N PRO GA 117 18.07 -60.49 -82.64
CA PRO GA 117 18.10 -59.13 -82.13
C PRO GA 117 18.17 -58.99 -80.63
N ARG GA 118 17.66 -59.95 -79.83
CA ARG GA 118 17.76 -59.82 -78.38
C ARG GA 118 19.19 -60.06 -77.90
N THR GA 119 19.85 -61.15 -78.33
CA THR GA 119 21.25 -61.36 -78.00
C THR GA 119 22.19 -60.39 -78.67
N ASP GA 120 21.99 -60.10 -79.96
CA ASP GA 120 23.00 -59.43 -80.76
C ASP GA 120 22.66 -57.93 -80.87
N ALA GA 121 21.88 -57.42 -79.91
CA ALA GA 121 21.32 -56.08 -79.85
C ALA GA 121 22.29 -54.92 -79.96
N GLN GA 122 23.50 -55.04 -79.39
CA GLN GA 122 24.49 -53.98 -79.36
C GLN GA 122 24.96 -53.66 -80.77
N SER GA 123 25.27 -54.71 -81.54
CA SER GA 123 25.73 -54.62 -82.91
C SER GA 123 24.69 -53.96 -83.80
N VAL GA 124 23.42 -54.37 -83.65
CA VAL GA 124 22.29 -53.79 -84.35
C VAL GA 124 22.15 -52.31 -84.07
N LYS GA 125 22.20 -51.91 -82.77
CA LYS GA 125 22.15 -50.53 -82.37
C LYS GA 125 23.28 -49.68 -82.95
N GLU GA 126 24.54 -50.15 -82.84
CA GLU GA 126 25.68 -49.50 -83.45
C GLU GA 126 25.59 -49.40 -84.96
N SER GA 127 25.10 -50.46 -85.62
CA SER GA 127 24.93 -50.53 -87.07
C SER GA 127 24.06 -49.43 -87.62
N ALA GA 128 23.01 -49.03 -86.90
CA ALA GA 128 22.19 -47.91 -87.30
C ALA GA 128 22.89 -46.55 -87.27
N TYR GA 129 23.90 -46.36 -86.42
CA TYR GA 129 24.71 -45.14 -86.42
C TYR GA 129 25.76 -45.18 -87.51
N ALA GA 130 26.05 -46.38 -88.02
CA ALA GA 130 26.99 -46.60 -89.08
C ALA GA 130 26.30 -46.88 -90.41
N ASN GA 131 24.98 -46.62 -90.49
CA ASN GA 131 24.15 -46.82 -91.66
C ASN GA 131 24.33 -48.13 -92.43
N ILE GA 132 24.11 -49.26 -91.75
CA ILE GA 132 24.13 -50.58 -92.38
C ILE GA 132 22.71 -51.17 -92.28
N PRO GA 133 22.10 -51.81 -93.29
CA PRO GA 133 20.67 -52.16 -93.27
C PRO GA 133 20.20 -53.13 -92.19
N VAL GA 134 20.98 -54.18 -91.88
CA VAL GA 134 20.63 -55.22 -90.92
C VAL GA 134 19.43 -56.08 -91.31
N ILE GA 135 19.71 -57.30 -91.82
CA ILE GA 135 18.70 -58.35 -91.89
C ILE GA 135 18.81 -59.19 -90.63
N ALA GA 136 17.68 -59.75 -90.17
CA ALA GA 136 17.60 -60.31 -88.85
C ALA GA 136 16.67 -61.50 -88.74
N LEU GA 137 17.18 -62.63 -88.23
CA LEU GA 137 16.36 -63.75 -87.84
C LEU GA 137 15.76 -63.41 -86.47
N CYS GA 138 14.45 -63.14 -86.40
CA CYS GA 138 13.81 -62.51 -85.27
C CYS GA 138 12.78 -63.41 -84.60
N ASP GA 139 12.57 -63.21 -83.29
CA ASP GA 139 11.72 -64.04 -82.47
C ASP GA 139 10.78 -63.13 -81.70
N SER GA 140 9.73 -63.70 -81.08
CA SER GA 140 8.60 -62.99 -80.50
C SER GA 140 8.95 -62.01 -79.41
N ASP GA 141 9.91 -62.36 -78.54
CA ASP GA 141 10.37 -61.54 -77.46
C ASP GA 141 11.56 -60.65 -77.85
N SER GA 142 12.00 -60.69 -79.12
CA SER GA 142 13.17 -59.95 -79.59
C SER GA 142 12.79 -58.61 -80.21
N PRO GA 143 13.54 -57.51 -80.00
CA PRO GA 143 13.14 -56.18 -80.45
C PRO GA 143 13.32 -55.99 -81.95
N LEU GA 144 12.44 -55.19 -82.58
CA LEU GA 144 12.45 -55.00 -84.02
C LEU GA 144 12.98 -53.64 -84.44
N GLU GA 145 13.51 -52.84 -83.50
CA GLU GA 145 14.23 -51.62 -83.84
C GLU GA 145 15.48 -51.87 -84.69
N HIS GA 146 15.68 -51.01 -85.70
CA HIS GA 146 16.85 -50.98 -86.57
C HIS GA 146 17.19 -52.23 -87.37
N VAL GA 147 16.18 -52.99 -87.80
CA VAL GA 147 16.35 -54.08 -88.75
C VAL GA 147 15.46 -53.78 -89.94
N ASP GA 148 15.94 -54.03 -91.17
CA ASP GA 148 15.14 -53.76 -92.35
C ASP GA 148 14.34 -54.98 -92.75
N ILE GA 149 14.99 -56.13 -93.02
CA ILE GA 149 14.31 -57.39 -93.19
C ILE GA 149 14.22 -58.14 -91.89
N ALA GA 150 12.99 -58.45 -91.43
CA ALA GA 150 12.79 -59.36 -90.34
C ALA GA 150 12.34 -60.71 -90.89
N ILE GA 151 13.03 -61.79 -90.51
CA ILE GA 151 12.70 -63.15 -90.83
C ILE GA 151 12.21 -63.84 -89.58
N PRO GA 152 10.93 -64.11 -89.37
CA PRO GA 152 10.48 -64.76 -88.15
C PRO GA 152 11.05 -66.15 -87.95
N CYS GA 153 11.61 -66.42 -86.77
CA CYS GA 153 12.18 -67.70 -86.44
C CYS GA 153 12.18 -67.87 -84.94
N ASN GA 154 11.89 -69.08 -84.43
CA ASN GA 154 12.25 -69.46 -83.08
C ASN GA 154 13.78 -69.47 -82.91
N ASN GA 155 14.35 -68.48 -82.19
CA ASN GA 155 15.79 -68.33 -82.17
C ASN GA 155 16.43 -69.11 -81.04
N LYS GA 156 15.60 -69.66 -80.14
CA LYS GA 156 16.01 -70.41 -78.98
C LYS GA 156 16.64 -71.77 -79.33
N GLY GA 157 16.07 -72.48 -80.32
CA GLY GA 157 16.52 -73.81 -80.71
C GLY GA 157 17.65 -73.85 -81.71
N LYS GA 158 18.52 -74.87 -81.61
CA LYS GA 158 19.66 -75.05 -82.49
C LYS GA 158 19.28 -75.37 -83.92
N GLU GA 159 18.32 -76.30 -84.08
CA GLU GA 159 17.78 -76.80 -85.33
C GLU GA 159 17.18 -75.71 -86.20
N SER GA 160 16.37 -74.83 -85.60
CA SER GA 160 15.72 -73.70 -86.23
C SER GA 160 16.68 -72.72 -86.88
N ILE GA 161 17.74 -72.32 -86.14
CA ILE GA 161 18.81 -71.46 -86.65
C ILE GA 161 19.55 -72.11 -87.81
N ALA GA 162 19.91 -73.39 -87.65
CA ALA GA 162 20.56 -74.21 -88.63
C ALA GA 162 19.76 -74.32 -89.92
N LEU GA 163 18.46 -74.63 -89.81
CA LEU GA 163 17.50 -74.72 -90.91
C LEU GA 163 17.42 -73.42 -91.70
N MET GA 164 17.31 -72.28 -91.00
CA MET GA 164 17.27 -70.98 -91.65
C MET GA 164 18.54 -70.68 -92.40
N TYR GA 165 19.71 -70.86 -91.77
CA TYR GA 165 20.98 -70.70 -92.46
C TYR GA 165 21.14 -71.68 -93.62
N TRP GA 166 20.78 -72.96 -93.47
CA TRP GA 166 20.80 -73.93 -94.54
C TRP GA 166 19.92 -73.55 -95.72
N LEU GA 167 18.67 -73.15 -95.48
CA LEU GA 167 17.78 -72.69 -96.51
C LEU GA 167 18.27 -71.42 -97.22
N LEU GA 168 18.67 -70.41 -96.42
CA LEU GA 168 19.33 -69.21 -96.90
C LEU GA 168 20.53 -69.46 -97.79
N ALA GA 169 21.45 -70.34 -97.34
CA ALA GA 169 22.62 -70.75 -98.07
C ALA GA 169 22.29 -71.34 -99.42
N GLN GA 170 21.30 -72.25 -99.46
CA GLN GA 170 20.84 -72.85 -100.70
C GLN GA 170 20.26 -71.81 -101.65
N GLU GA 171 19.40 -70.92 -101.15
CA GLU GA 171 18.88 -69.83 -101.95
C GLU GA 171 19.94 -68.91 -102.53
N VAL GA 172 20.95 -68.48 -101.74
CA VAL GA 172 22.04 -67.68 -102.27
C VAL GA 172 22.89 -68.44 -103.29
N LEU GA 173 23.21 -69.71 -103.04
CA LEU GA 173 23.87 -70.59 -103.98
C LEU GA 173 23.11 -70.75 -105.30
N TYR GA 174 21.78 -70.96 -105.22
CA TYR GA 174 20.88 -70.93 -106.36
C TYR GA 174 20.85 -69.60 -107.12
N LEU GA 175 20.77 -68.45 -106.42
CA LEU GA 175 20.84 -67.13 -107.05
C LEU GA 175 22.18 -66.87 -107.72
N LYS GA 176 23.27 -67.22 -107.02
CA LYS GA 176 24.59 -67.34 -107.58
C LYS GA 176 24.68 -68.43 -108.66
N GLY GA 177 25.79 -68.51 -109.42
CA GLY GA 177 25.93 -69.45 -110.53
C GLY GA 177 26.27 -70.86 -110.13
N VAL GA 178 26.43 -71.13 -108.82
CA VAL GA 178 27.00 -72.36 -108.28
C VAL GA 178 26.24 -73.61 -108.65
N ILE GA 179 24.92 -73.59 -108.52
CA ILE GA 179 24.11 -74.78 -108.73
C ILE GA 179 22.78 -74.37 -109.35
N PRO GA 180 22.28 -75.02 -110.42
CA PRO GA 180 20.90 -74.90 -110.88
C PRO GA 180 19.82 -75.08 -109.82
N ARG GA 181 18.76 -74.26 -109.86
CA ARG GA 181 17.67 -74.28 -108.89
C ARG GA 181 16.93 -75.60 -108.82
N SER GA 182 16.71 -76.24 -109.99
CA SER GA 182 16.07 -77.54 -110.09
C SER GA 182 16.81 -78.64 -109.36
N GLU GA 183 18.16 -78.64 -109.43
CA GLU GA 183 18.99 -79.59 -108.73
C GLU GA 183 18.93 -79.43 -107.21
N PRO GA 184 18.82 -80.48 -106.40
CA PRO GA 184 18.92 -80.37 -104.96
C PRO GA 184 20.37 -80.17 -104.52
N TRP GA 185 20.63 -79.34 -103.50
CA TRP GA 185 21.95 -79.15 -102.95
C TRP GA 185 22.14 -80.03 -101.72
N ASN GA 186 23.33 -80.66 -101.59
CA ASN GA 186 23.52 -81.73 -100.63
C ASN GA 186 24.92 -81.73 -100.04
N VAL GA 187 25.67 -80.60 -100.10
CA VAL GA 187 27.07 -80.60 -99.68
C VAL GA 187 27.22 -80.46 -98.18
N MET GA 188 27.30 -81.62 -97.49
CA MET GA 188 27.42 -81.78 -96.05
C MET GA 188 26.25 -81.17 -95.27
N VAL GA 189 25.03 -81.47 -95.74
CA VAL GA 189 23.78 -81.04 -95.12
C VAL GA 189 23.54 -81.59 -93.72
N ASP GA 190 22.92 -80.76 -92.86
CA ASP GA 190 22.54 -81.06 -91.49
C ASP GA 190 23.71 -81.40 -90.57
N MET GA 191 24.79 -80.59 -90.63
CA MET GA 191 26.02 -80.80 -89.89
C MET GA 191 26.43 -79.48 -89.26
N PHE GA 192 25.45 -78.75 -88.70
CA PHE GA 192 25.59 -77.32 -88.48
C PHE GA 192 25.59 -76.93 -87.02
N LEU GA 193 25.68 -77.91 -86.10
CA LEU GA 193 25.55 -77.67 -84.68
C LEU GA 193 26.58 -78.43 -83.87
N TRP GA 194 26.71 -78.08 -82.58
CA TRP GA 194 27.59 -78.78 -81.67
C TRP GA 194 27.02 -78.71 -80.27
N ARG GA 195 27.70 -79.32 -79.29
CA ARG GA 195 27.26 -79.52 -77.92
C ARG GA 195 26.85 -78.22 -77.16
N VAL KA 1 -6.80 -5.33 61.73
CA VAL KA 1 -6.21 -5.45 63.12
C VAL KA 1 -5.02 -4.51 63.31
N ALA KA 2 -4.82 -3.97 64.52
CA ALA KA 2 -3.77 -3.04 64.80
C ALA KA 2 -3.43 -3.10 66.28
N HIS KA 3 -2.26 -2.54 66.65
CA HIS KA 3 -1.74 -2.45 68.01
C HIS KA 3 -1.81 -3.73 68.83
N ASN KA 4 -2.27 -3.68 70.11
CA ASN KA 4 -2.18 -4.80 71.02
C ASN KA 4 -3.44 -5.65 70.99
N ASN KA 5 -4.33 -5.37 70.04
CA ASN KA 5 -5.64 -5.95 69.98
C ASN KA 5 -5.66 -7.40 69.51
N VAL KA 6 -6.29 -8.28 70.31
CA VAL KA 6 -6.49 -9.69 70.00
C VAL KA 6 -7.29 -9.92 68.72
N LEU KA 7 -7.00 -10.99 67.98
CA LEU KA 7 -7.77 -11.35 66.81
C LEU KA 7 -9.26 -11.63 67.14
N PRO KA 8 -10.22 -11.09 66.41
CA PRO KA 8 -11.63 -11.29 66.69
C PRO KA 8 -12.11 -12.68 66.34
N ASN KA 9 -13.30 -13.04 66.83
CA ASN KA 9 -13.88 -14.36 66.66
C ASN KA 9 -15.38 -14.24 66.42
N VAL KA 10 -15.82 -13.12 65.82
CA VAL KA 10 -17.23 -12.88 65.53
C VAL KA 10 -17.65 -13.52 64.21
N HIS KA 11 -18.94 -13.88 64.10
CA HIS KA 11 -19.48 -14.60 62.97
C HIS KA 11 -20.56 -13.80 62.27
N LEU KA 12 -20.44 -12.46 62.30
CA LEU KA 12 -21.49 -11.57 61.83
C LEU KA 12 -21.36 -11.22 60.35
N HIS KA 13 -20.51 -11.98 59.63
CA HIS KA 13 -20.34 -11.92 58.20
C HIS KA 13 -21.54 -12.42 57.40
N LYS KA 14 -22.18 -13.54 57.83
CA LYS KA 14 -23.50 -13.94 57.38
C LYS KA 14 -24.59 -12.92 57.76
N TRP KA 15 -25.73 -12.88 57.04
CA TRP KA 15 -26.80 -11.92 57.27
C TRP KA 15 -27.63 -12.15 58.55
N TRP KA 16 -27.00 -11.93 59.72
CA TRP KA 16 -27.54 -12.14 61.04
C TRP KA 16 -28.73 -11.27 61.45
N GLN KA 17 -29.09 -10.25 60.67
CA GLN KA 17 -29.98 -9.21 61.09
C GLN KA 17 -31.43 -9.64 61.00
N HIS KA 18 -31.67 -10.77 60.33
CA HIS KA 18 -32.98 -11.38 60.20
C HIS KA 18 -32.90 -12.79 60.77
N ARG KA 19 -31.84 -13.05 61.58
CA ARG KA 19 -31.58 -14.30 62.24
C ARG KA 19 -31.23 -14.02 63.71
N VAL KA 20 -31.80 -12.94 64.27
CA VAL KA 20 -31.53 -12.45 65.61
C VAL KA 20 -32.84 -12.25 66.36
N ARG KA 21 -32.86 -12.52 67.67
CA ARG KA 21 -34.06 -12.45 68.48
C ARG KA 21 -33.74 -11.92 69.86
N VAL KA 22 -34.57 -11.00 70.38
CA VAL KA 22 -34.35 -10.36 71.66
C VAL KA 22 -35.55 -10.66 72.55
N ASN KA 23 -35.29 -11.15 73.78
CA ASN KA 23 -36.34 -11.57 74.68
C ASN KA 23 -36.81 -10.42 75.55
N PHE KA 24 -38.03 -9.92 75.28
CA PHE KA 24 -38.70 -8.96 76.13
C PHE KA 24 -39.92 -9.56 76.82
N SER KA 25 -40.22 -10.84 76.57
CA SER KA 25 -41.40 -11.52 77.11
C SER KA 25 -41.11 -12.31 78.36
N LYS KA 26 -39.85 -12.40 78.83
CA LYS KA 26 -39.39 -13.31 79.89
C LYS KA 26 -40.26 -13.40 81.14
N ASN KA 27 -40.34 -12.31 81.93
CA ASN KA 27 -41.09 -12.29 83.18
C ASN KA 27 -42.58 -12.53 83.01
N ILE KA 28 -43.21 -11.93 81.98
CA ILE KA 28 -44.59 -12.27 81.66
C ILE KA 28 -44.78 -13.73 81.21
N LYS KA 29 -43.89 -14.29 80.38
CA LYS KA 29 -43.86 -15.72 80.04
C LYS KA 29 -43.79 -16.61 81.27
N LYS KA 30 -42.93 -16.25 82.24
CA LYS KA 30 -42.84 -16.91 83.52
C LYS KA 30 -44.16 -16.85 84.29
N LYS KA 31 -44.81 -15.67 84.32
CA LYS KA 31 -46.12 -15.51 84.89
C LYS KA 31 -47.17 -16.40 84.22
N LYS KA 32 -47.21 -16.43 82.88
CA LYS KA 32 -48.09 -17.30 82.11
C LYS KA 32 -47.90 -18.77 82.41
N ARG KA 33 -46.65 -19.26 82.49
CA ARG KA 33 -46.35 -20.62 82.90
C ARG KA 33 -46.89 -20.95 84.29
N ARG KA 34 -46.67 -20.05 85.27
CA ARG KA 34 -47.21 -20.17 86.62
C ARG KA 34 -48.71 -20.27 86.66
N LEU KA 35 -49.38 -19.35 85.94
CA LEU KA 35 -50.81 -19.33 85.76
C LEU KA 35 -51.36 -20.60 85.14
N LEU KA 36 -50.70 -21.13 84.09
CA LEU KA 36 -51.12 -22.35 83.44
C LEU KA 36 -51.09 -23.58 84.35
N ARG KA 37 -49.98 -23.77 85.09
CA ARG KA 37 -49.87 -24.90 86.00
C ARG KA 37 -50.78 -24.78 87.21
N GLU KA 38 -50.91 -23.57 87.80
CA GLU KA 38 -51.83 -23.27 88.88
C GLU KA 38 -53.28 -23.57 88.50
N LYS KA 39 -53.72 -23.11 87.32
CA LYS KA 39 -55.04 -23.39 86.78
C LYS KA 39 -55.27 -24.87 86.60
N ARG KA 40 -54.27 -25.60 86.06
CA ARG KA 40 -54.34 -27.03 85.87
C ARG KA 40 -54.48 -27.79 87.18
N ARG KA 41 -53.61 -27.55 88.16
CA ARG KA 41 -53.72 -28.14 89.48
C ARG KA 41 -55.08 -27.95 90.15
N LYS KA 42 -55.59 -26.70 90.16
CA LYS KA 42 -56.88 -26.35 90.69
C LYS KA 42 -58.04 -27.08 90.04
N ALA KA 43 -58.02 -27.19 88.70
CA ALA KA 43 -58.97 -27.97 87.93
C ALA KA 43 -58.99 -29.45 88.31
N ASN KA 44 -57.81 -30.02 88.65
CA ASN KA 44 -57.67 -31.38 89.14
C ASN KA 44 -57.99 -31.51 90.63
N GLY KA 45 -58.86 -30.64 91.16
CA GLY KA 45 -59.35 -30.71 92.53
C GLY KA 45 -58.34 -30.22 93.54
N GLY KA 46 -57.24 -29.62 93.05
CA GLY KA 46 -56.06 -29.28 93.83
C GLY KA 46 -55.14 -30.46 94.06
N THR KA 47 -55.46 -31.65 93.48
CA THR KA 47 -54.62 -32.83 93.64
C THR KA 47 -53.29 -32.70 92.90
N PRO KA 48 -52.17 -33.25 93.40
CA PRO KA 48 -50.87 -33.18 92.75
C PRO KA 48 -50.82 -33.49 91.26
N ILE KA 49 -50.02 -32.74 90.50
CA ILE KA 49 -49.85 -32.95 89.07
C ILE KA 49 -48.39 -33.35 88.79
N GLU KA 50 -47.57 -33.31 89.84
CA GLU KA 50 -46.19 -33.70 89.95
C GLU KA 50 -45.90 -35.16 89.60
N LYS KA 51 -44.68 -35.42 89.09
CA LYS KA 51 -44.30 -36.73 88.59
C LYS KA 51 -43.12 -37.25 89.41
N LEU KA 52 -43.24 -38.46 89.98
CA LEU KA 52 -42.20 -38.99 90.85
C LEU KA 52 -41.20 -39.82 90.06
N HIS KA 53 -39.95 -39.35 89.96
CA HIS KA 53 -38.93 -39.99 89.15
C HIS KA 53 -38.17 -41.07 89.92
N PRO KA 54 -37.58 -42.09 89.32
CA PRO KA 54 -36.51 -42.85 89.94
C PRO KA 54 -35.27 -42.01 90.18
N ILE KA 55 -34.46 -42.35 91.21
CA ILE KA 55 -33.12 -41.81 91.36
C ILE KA 55 -32.15 -42.64 90.55
N VAL KA 56 -31.30 -41.99 89.74
CA VAL KA 56 -30.46 -42.64 88.76
C VAL KA 56 -29.07 -42.02 88.79
N HIS KA 57 -28.03 -42.70 88.26
CA HIS KA 57 -26.68 -42.17 88.35
C HIS KA 57 -26.36 -41.26 87.18
N CYS KA 58 -25.69 -40.12 87.45
CA CYS KA 58 -25.09 -39.29 86.43
C CYS KA 58 -23.83 -39.95 85.82
N PRO KA 59 -23.48 -39.76 84.56
CA PRO KA 59 -22.61 -40.72 83.87
C PRO KA 59 -21.15 -40.27 83.84
N THR KA 60 -20.29 -41.13 83.25
CA THR KA 60 -18.85 -40.98 83.06
C THR KA 60 -18.03 -40.62 84.29
N GLN KA 61 -16.70 -40.44 84.10
CA GLN KA 61 -15.70 -40.17 85.11
C GLN KA 61 -16.02 -38.92 85.92
N ARG KA 62 -16.42 -37.84 85.24
CA ARG KA 62 -16.76 -36.57 85.85
C ARG KA 62 -17.92 -36.61 86.83
N TYR KA 63 -19.05 -37.24 86.49
CA TYR KA 63 -20.28 -37.06 87.26
C TYR KA 63 -20.73 -38.32 87.98
N ASN KA 64 -19.96 -39.42 87.96
CA ASN KA 64 -20.32 -40.70 88.54
C ASN KA 64 -20.71 -40.70 90.03
N PHE KA 65 -20.15 -39.77 90.81
CA PHE KA 65 -20.54 -39.52 92.18
C PHE KA 65 -22.01 -39.10 92.34
N ARG KA 66 -22.53 -38.33 91.39
CA ARG KA 66 -23.79 -37.64 91.48
C ARG KA 66 -24.95 -38.49 90.95
N THR KA 67 -26.17 -38.14 91.39
CA THR KA 67 -27.37 -38.90 91.16
C THR KA 67 -28.50 -37.92 90.94
N ARG KA 68 -29.42 -38.26 90.03
CA ARG KA 68 -30.43 -37.35 89.57
C ARG KA 68 -31.72 -38.06 89.28
N LEU KA 69 -32.76 -37.28 88.98
CA LEU KA 69 -34.05 -37.78 88.54
C LEU KA 69 -33.97 -38.46 87.18
N GLY KA 70 -34.44 -39.71 87.08
CA GLY KA 70 -34.45 -40.50 85.85
C GLY KA 70 -35.78 -40.54 85.13
N LYS KA 71 -35.80 -41.19 83.96
CA LYS KA 71 -36.97 -41.28 83.10
C LYS KA 71 -38.16 -42.07 83.69
N GLY KA 72 -37.93 -43.23 84.31
CA GLY KA 72 -39.03 -44.03 84.80
C GLY KA 72 -38.58 -45.29 85.46
N PHE KA 73 -39.40 -45.80 86.39
CA PHE KA 73 -39.05 -46.96 87.19
C PHE KA 73 -38.79 -48.26 86.43
N THR KA 74 -39.59 -48.59 85.40
CA THR KA 74 -39.42 -49.82 84.60
C THR KA 74 -39.67 -51.12 85.39
N PHE KA 75 -39.91 -52.24 84.69
CA PHE KA 75 -40.51 -53.45 85.23
C PHE KA 75 -39.85 -54.08 86.46
N GLU KA 76 -38.51 -54.19 86.55
CA GLU KA 76 -37.89 -54.87 87.66
C GLU KA 76 -38.11 -54.16 88.98
N GLU KA 77 -38.01 -52.81 88.98
CA GLU KA 77 -38.30 -51.98 90.13
C GLU KA 77 -39.79 -52.01 90.48
N LEU KA 78 -40.67 -51.95 89.48
CA LEU KA 78 -42.11 -52.09 89.64
C LEU KA 78 -42.52 -53.44 90.22
N LYS KA 79 -41.94 -54.54 89.74
CA LYS KA 79 -42.12 -55.88 90.27
C LYS KA 79 -41.66 -55.99 91.71
N GLY KA 80 -40.46 -55.44 92.04
CA GLY KA 80 -40.00 -55.34 93.43
C GLY KA 80 -40.91 -54.54 94.34
N ALA KA 81 -41.47 -53.43 93.83
CA ALA KA 81 -42.51 -52.68 94.52
C ALA KA 81 -43.83 -53.41 94.70
N GLY KA 82 -44.20 -54.25 93.72
CA GLY KA 82 -45.49 -54.93 93.67
C GLY KA 82 -46.52 -54.09 92.98
N LEU KA 83 -46.10 -53.28 92.00
CA LEU KA 83 -46.95 -52.35 91.29
C LEU KA 83 -46.97 -52.70 89.81
N THR KA 84 -48.13 -52.57 89.15
CA THR KA 84 -48.24 -52.86 87.72
C THR KA 84 -47.85 -51.67 86.86
N PRO KA 85 -47.52 -51.83 85.58
CA PRO KA 85 -47.34 -50.71 84.65
C PRO KA 85 -48.57 -49.82 84.54
N ARG KA 86 -49.75 -50.45 84.44
CA ARG KA 86 -51.02 -49.78 84.48
C ARG KA 86 -51.27 -48.95 85.72
N ALA KA 87 -50.92 -49.50 86.90
CA ALA KA 87 -50.89 -48.77 88.14
C ALA KA 87 -49.92 -47.59 88.10
N ALA KA 88 -48.71 -47.80 87.52
CA ALA KA 88 -47.69 -46.80 87.41
C ALA KA 88 -48.13 -45.60 86.58
N GLN KA 89 -48.80 -45.85 85.44
CA GLN KA 89 -49.53 -44.81 84.73
C GLN KA 89 -50.65 -44.15 85.54
N THR KA 90 -51.48 -44.94 86.25
CA THR KA 90 -52.58 -44.45 87.07
C THR KA 90 -52.16 -43.52 88.20
N ILE KA 91 -51.03 -43.83 88.86
CA ILE KA 91 -50.45 -43.05 89.93
C ILE KA 91 -49.37 -42.10 89.41
N GLY KA 92 -48.75 -41.30 90.31
CA GLY KA 92 -47.83 -40.25 89.93
C GLY KA 92 -46.42 -40.66 89.61
N ILE KA 93 -46.06 -41.94 89.79
CA ILE KA 93 -44.74 -42.42 89.45
C ILE KA 93 -44.41 -42.38 87.96
N CYS KA 94 -43.16 -42.04 87.63
CA CYS KA 94 -42.68 -41.97 86.26
C CYS KA 94 -42.51 -43.31 85.57
N TYR KA 95 -42.79 -43.34 84.25
CA TYR KA 95 -42.98 -44.55 83.48
C TYR KA 95 -41.88 -44.74 82.44
N ASP KA 96 -41.48 -46.00 82.22
CA ASP KA 96 -40.58 -46.34 81.14
C ASP KA 96 -40.71 -47.81 80.75
N LYS KA 97 -39.91 -48.23 79.76
CA LYS KA 97 -40.04 -49.46 79.03
C LYS KA 97 -38.68 -49.96 78.55
N ARG KA 98 -37.60 -49.17 78.67
CA ARG KA 98 -36.31 -49.53 78.11
C ARG KA 98 -35.14 -49.11 78.98
N ARG KA 99 -35.35 -48.23 79.98
CA ARG KA 99 -34.38 -48.08 81.05
C ARG KA 99 -34.22 -49.38 81.83
N LYS KA 100 -33.08 -50.08 81.65
CA LYS KA 100 -32.71 -51.22 82.45
C LYS KA 100 -32.49 -50.83 83.91
N ASN KA 101 -32.81 -51.74 84.85
CA ASN KA 101 -32.78 -51.42 86.26
C ASN KA 101 -31.45 -51.81 86.89
N ARG KA 102 -30.47 -52.21 86.06
CA ARG KA 102 -29.06 -52.28 86.36
C ARG KA 102 -28.67 -53.04 87.65
N SER KA 103 -27.62 -52.57 88.34
CA SER KA 103 -27.11 -53.05 89.63
C SER KA 103 -28.11 -53.23 90.77
N GLU KA 104 -27.75 -54.07 91.76
CA GLU KA 104 -28.57 -54.32 92.92
C GLU KA 104 -28.84 -53.11 93.80
N GLU KA 105 -27.78 -52.33 94.12
CA GLU KA 105 -27.86 -51.18 95.00
C GLU KA 105 -28.82 -50.09 94.53
N SER KA 106 -28.76 -49.75 93.23
CA SER KA 106 -29.68 -48.82 92.59
C SER KA 106 -31.11 -49.31 92.57
N LEU KA 107 -31.34 -50.59 92.23
CA LEU KA 107 -32.66 -51.19 92.23
C LEU KA 107 -33.26 -51.21 93.62
N THR KA 108 -32.47 -51.63 94.61
CA THR KA 108 -32.84 -51.69 96.02
C THR KA 108 -33.19 -50.32 96.55
N LYS KA 109 -32.40 -49.29 96.23
CA LYS KA 109 -32.76 -47.92 96.56
C LYS KA 109 -34.07 -47.46 95.91
N ASN KA 110 -34.27 -47.69 94.60
CA ASN KA 110 -35.49 -47.27 93.95
C ASN KA 110 -36.73 -48.03 94.36
N VAL KA 111 -36.65 -49.33 94.69
CA VAL KA 111 -37.80 -50.04 95.24
C VAL KA 111 -38.17 -49.51 96.61
N GLU KA 112 -37.19 -49.11 97.43
CA GLU KA 112 -37.42 -48.46 98.70
C GLU KA 112 -38.13 -47.12 98.52
N ARG KA 113 -37.71 -46.33 97.52
CA ARG KA 113 -38.38 -45.09 97.14
C ARG KA 113 -39.82 -45.30 96.68
N LEU KA 114 -40.06 -46.35 95.86
CA LEU KA 114 -41.38 -46.79 95.48
C LEU KA 114 -42.23 -47.18 96.67
N LEU KA 115 -41.66 -47.96 97.59
CA LEU KA 115 -42.29 -48.38 98.82
C LEU KA 115 -42.65 -47.20 99.69
N LYS KA 116 -41.74 -46.23 99.84
CA LYS KA 116 -42.02 -44.96 100.49
C LYS KA 116 -43.21 -44.22 99.89
N TYR KA 117 -43.26 -44.08 98.56
CA TYR KA 117 -44.41 -43.51 97.87
C TYR KA 117 -45.69 -44.33 98.08
N LYS KA 118 -45.60 -45.65 97.98
CA LYS KA 118 -46.72 -46.57 98.10
C LYS KA 118 -47.38 -46.48 99.46
N ASN KA 119 -46.56 -46.42 100.53
CA ASN KA 119 -47.02 -46.18 101.88
C ASN KA 119 -47.64 -44.80 102.04
N SER KA 120 -47.00 -43.78 101.44
CA SER KA 120 -47.43 -42.39 101.47
C SER KA 120 -48.81 -42.17 100.87
N LEU KA 121 -49.01 -42.69 99.66
CA LEU KA 121 -50.19 -42.52 98.85
C LEU KA 121 -51.52 -42.93 99.49
N VAL KA 122 -52.54 -42.08 99.33
CA VAL KA 122 -53.92 -42.30 99.68
C VAL KA 122 -54.69 -42.09 98.40
N MET KA 123 -55.64 -42.99 98.05
CA MET KA 123 -56.35 -42.89 96.77
C MET KA 123 -57.82 -42.60 96.98
N ILE KA 124 -58.34 -41.55 96.33
CA ILE KA 124 -59.75 -41.16 96.39
C ILE KA 124 -60.60 -42.24 95.72
N PRO KA 125 -61.72 -42.74 96.28
CA PRO KA 125 -62.66 -43.65 95.62
C PRO KA 125 -62.98 -43.33 94.16
N LEU KA 126 -63.04 -44.35 93.28
CA LEU KA 126 -63.25 -44.15 91.86
C LEU KA 126 -64.60 -43.54 91.52
N LYS KA 127 -65.67 -44.05 92.16
CA LYS KA 127 -67.04 -43.68 91.82
C LYS KA 127 -67.73 -42.88 92.93
N LYS KA 128 -67.04 -42.64 94.05
CA LYS KA 128 -67.50 -41.94 95.25
C LYS KA 128 -68.68 -42.62 95.94
N ASN KA 129 -68.42 -43.30 97.08
CA ASN KA 129 -69.39 -44.00 97.93
C ASN KA 129 -69.73 -45.40 97.44
N LYS KA 130 -68.81 -46.03 96.66
CA LYS KA 130 -68.98 -47.40 96.19
C LYS KA 130 -67.65 -48.11 96.38
N ALA KA 131 -67.04 -47.94 97.58
CA ALA KA 131 -65.69 -48.33 97.89
C ALA KA 131 -65.32 -49.81 97.68
N LYS KA 132 -64.11 -50.05 97.15
CA LYS KA 132 -63.60 -51.37 96.78
C LYS KA 132 -62.16 -51.55 97.25
N LYS KA 133 -61.68 -52.81 97.24
CA LYS KA 133 -60.29 -53.12 97.47
C LYS KA 133 -59.39 -52.77 96.28
N GLY KA 134 -59.86 -53.02 95.03
CA GLY KA 134 -59.23 -52.56 93.80
C GLY KA 134 -57.90 -53.15 93.38
N ILE KA 135 -57.39 -52.67 92.23
CA ILE KA 135 -56.34 -53.31 91.45
C ILE KA 135 -54.93 -52.74 91.61
N GLY KA 136 -53.93 -53.48 91.07
CA GLY KA 136 -52.64 -52.94 90.64
C GLY KA 136 -51.62 -52.68 91.72
N GLY KA 137 -51.94 -53.03 92.97
CA GLY KA 137 -51.14 -52.69 94.14
C GLY KA 137 -51.43 -51.29 94.63
N ILE KA 138 -52.38 -50.60 94.00
CA ILE KA 138 -52.92 -49.33 94.42
C ILE KA 138 -53.65 -49.51 95.76
N PRO KA 139 -53.54 -48.62 96.75
CA PRO KA 139 -54.36 -48.62 97.95
C PRO KA 139 -55.85 -48.87 97.77
N ALA KA 140 -56.48 -49.64 98.70
CA ALA KA 140 -57.91 -49.76 98.80
C ALA KA 140 -58.60 -48.43 99.09
N ASP KA 141 -59.85 -48.25 98.63
CA ASP KA 141 -60.54 -46.99 98.66
C ASP KA 141 -60.69 -46.36 100.05
N ALA KA 142 -60.31 -45.08 100.18
CA ALA KA 142 -60.35 -44.33 101.42
C ALA KA 142 -61.76 -44.14 101.98
N ASP KA 143 -61.89 -44.11 103.33
CA ASP KA 143 -63.14 -43.77 103.97
C ASP KA 143 -63.44 -42.27 103.88
N LYS KA 144 -64.69 -41.89 104.18
CA LYS KA 144 -65.20 -40.58 103.86
C LYS KA 144 -64.69 -39.56 104.87
N ASN KA 145 -64.65 -39.93 106.16
CA ASN KA 145 -64.10 -39.09 107.19
C ASN KA 145 -62.63 -38.75 107.00
N THR KA 146 -61.79 -39.77 106.79
CA THR KA 146 -60.38 -39.58 106.52
C THR KA 146 -60.08 -38.76 105.30
N ILE KA 147 -60.70 -39.08 104.15
CA ILE KA 147 -60.40 -38.37 102.91
C ILE KA 147 -60.73 -36.88 102.99
N LYS KA 148 -61.89 -36.53 103.58
CA LYS KA 148 -62.27 -35.17 103.88
C LYS KA 148 -61.29 -34.47 104.81
N GLU KA 149 -60.86 -35.14 105.89
CA GLU KA 149 -59.87 -34.62 106.83
C GLU KA 149 -58.52 -34.38 106.17
N PHE KA 150 -58.07 -35.32 105.33
CA PHE KA 150 -56.86 -35.22 104.54
C PHE KA 150 -56.93 -34.10 103.52
N ARG KA 151 -58.07 -33.92 102.82
CA ARG KA 151 -58.29 -32.88 101.83
C ARG KA 151 -58.02 -31.48 102.38
N ASN KA 152 -58.49 -31.20 103.61
CA ASN KA 152 -58.20 -29.96 104.33
C ASN KA 152 -56.72 -29.64 104.54
N LYS KA 153 -55.84 -30.65 104.59
CA LYS KA 153 -54.43 -30.47 104.85
C LYS KA 153 -53.61 -30.24 103.58
N LYS KA 154 -52.38 -29.69 103.73
CA LYS KA 154 -51.42 -29.61 102.64
C LYS KA 154 -50.95 -30.99 102.14
N PRO KA 155 -50.68 -31.21 100.86
CA PRO KA 155 -50.00 -32.42 100.40
C PRO KA 155 -48.51 -32.35 100.73
N LEU KA 156 -47.90 -33.49 101.11
CA LEU KA 156 -46.49 -33.57 101.41
C LEU KA 156 -45.72 -34.01 100.17
N LEU KA 157 -45.00 -33.07 99.52
CA LEU KA 157 -44.43 -33.28 98.20
C LEU KA 157 -42.91 -33.15 98.23
N SER KA 158 -42.32 -33.29 99.42
CA SER KA 158 -40.88 -33.20 99.66
C SER KA 158 -40.07 -34.23 98.89
N ILE KA 159 -40.59 -35.47 98.77
CA ILE KA 159 -39.87 -36.63 98.23
C ILE KA 159 -39.59 -36.53 96.74
N PHE KA 160 -40.30 -35.65 96.03
CA PHE KA 160 -40.14 -35.39 94.63
C PHE KA 160 -38.79 -34.74 94.31
N LYS KA 161 -38.37 -33.74 95.12
CA LYS KA 161 -37.09 -33.07 95.01
C LYS KA 161 -35.88 -33.97 95.31
N LYS KA 162 -34.71 -33.69 94.70
CA LYS KA 162 -33.45 -34.37 94.98
C LYS KA 162 -33.01 -34.30 96.44
N GLU KA 163 -32.41 -35.38 96.98
CA GLU KA 163 -31.95 -35.43 98.36
C GLU KA 163 -30.54 -34.88 98.56
N LYS KA 164 -30.24 -34.46 99.79
CA LYS KA 164 -28.91 -34.00 100.19
C LYS KA 164 -28.03 -35.17 100.60
N ASN KA 165 -26.74 -34.90 100.90
CA ASN KA 165 -25.77 -35.91 101.27
C ASN KA 165 -24.98 -35.43 102.49
N THR KA 166 -24.24 -36.32 103.19
CA THR KA 166 -23.41 -36.08 104.38
C THR KA 166 -22.79 -34.70 104.53
N LYS KA 167 -23.16 -33.96 105.60
CA LYS KA 167 -22.74 -32.59 105.80
C LYS KA 167 -21.26 -32.39 106.18
N PRO KA 168 -20.62 -33.10 107.12
CA PRO KA 168 -19.24 -32.80 107.46
C PRO KA 168 -18.23 -33.64 106.68
N PHE KA 169 -18.26 -34.98 106.82
CA PHE KA 169 -17.25 -35.93 106.36
C PHE KA 169 -15.80 -35.58 106.71
N TYR KA 170 -15.61 -35.18 107.98
CA TYR KA 170 -14.32 -34.76 108.50
C TYR KA 170 -13.81 -35.76 109.53
N GLU KA 171 -14.39 -36.99 109.54
CA GLU KA 171 -14.37 -37.90 110.67
C GLU KA 171 -12.99 -38.31 111.20
N THR KA 172 -12.93 -38.51 112.51
CA THR KA 172 -11.80 -38.98 113.27
C THR KA 172 -11.36 -40.39 112.91
N ILE KA 173 -10.05 -40.65 112.99
CA ILE KA 173 -9.57 -42.01 113.06
C ILE KA 173 -8.33 -42.03 113.92
N GLU KA 174 -8.22 -43.01 114.83
CA GLU KA 174 -7.08 -43.24 115.67
C GLU KA 174 -5.79 -43.56 114.92
N VAL KA 175 -4.66 -43.02 115.40
CA VAL KA 175 -3.35 -43.12 114.78
C VAL KA 175 -2.89 -44.54 114.48
N SER KA 176 -3.11 -45.48 115.41
CA SER KA 176 -2.64 -46.84 115.26
C SER KA 176 -3.52 -47.69 114.38
N LYS KA 177 -4.62 -47.12 113.83
CA LYS KA 177 -5.54 -47.83 112.97
C LYS KA 177 -5.29 -47.51 111.51
N ILE KA 178 -4.37 -46.58 111.23
CA ILE KA 178 -3.93 -46.25 109.88
C ILE KA 178 -2.45 -46.63 109.73
N ASP KA 179 -1.97 -46.70 108.47
CA ASP KA 179 -0.60 -47.07 108.18
C ASP KA 179 -0.02 -46.19 107.07
N LYS KA 180 1.31 -46.27 106.95
CA LYS KA 180 2.16 -45.47 106.09
C LYS KA 180 2.66 -46.28 104.91
N GLU KA 181 2.19 -47.53 104.78
CA GLU KA 181 2.65 -48.53 103.84
C GLU KA 181 2.52 -48.12 102.37
N PHE KA 182 1.37 -47.53 102.02
CA PHE KA 182 0.86 -47.31 100.68
C PHE KA 182 1.77 -46.58 99.69
N LEU KA 183 1.67 -46.97 98.41
CA LEU KA 183 2.34 -46.32 97.31
C LEU KA 183 1.32 -46.15 96.19
N ALA KA 184 0.58 -45.02 96.22
CA ALA KA 184 -0.53 -44.76 95.35
C ALA KA 184 -0.09 -44.43 93.93
N TYR KA 185 0.97 -43.61 93.77
CA TYR KA 185 1.50 -43.20 92.48
C TYR KA 185 2.01 -44.40 91.70
N LYS KA 186 2.72 -45.31 92.39
CA LYS KA 186 3.17 -46.57 91.86
C LYS KA 186 2.00 -47.44 91.43
N THR KA 187 0.96 -47.54 92.30
CA THR KA 187 -0.22 -48.36 92.06
C THR KA 187 -0.96 -47.95 90.82
N LEU KA 188 -1.15 -46.64 90.62
CA LEU KA 188 -1.80 -46.08 89.46
C LEU KA 188 -1.09 -46.43 88.15
N ARG KA 189 0.22 -46.16 88.07
CA ARG KA 189 1.02 -46.41 86.89
C ARG KA 189 1.09 -47.87 86.51
N ARG KA 190 1.35 -48.74 87.50
CA ARG KA 190 1.26 -50.18 87.36
C ARG KA 190 -0.09 -50.68 86.87
N ALA KA 191 -1.21 -50.20 87.44
CA ALA KA 191 -2.55 -50.53 87.01
C ALA KA 191 -2.81 -50.26 85.53
N LYS KA 192 -2.43 -49.08 85.02
CA LYS KA 192 -2.50 -48.76 83.61
C LYS KA 192 -1.60 -49.63 82.76
N LEU KA 193 -0.35 -49.85 83.21
CA LEU KA 193 0.60 -50.70 82.51
C LEU KA 193 0.14 -52.15 82.35
N ALA KA 194 -0.44 -52.74 83.41
CA ALA KA 194 -0.87 -54.12 83.42
C ALA KA 194 -2.22 -54.37 82.75
N GLU KA 195 -2.86 -53.31 82.23
CA GLU KA 195 -4.14 -53.39 81.55
C GLU KA 195 -4.07 -54.25 80.29
N ARG KA 196 -3.03 -54.03 79.47
CA ARG KA 196 -2.77 -54.77 78.24
C ARG KA 196 -2.69 -56.27 78.48
N ARG KA 197 -1.91 -56.69 79.49
CA ARG KA 197 -1.71 -58.09 79.84
C ARG KA 197 -3.02 -58.79 80.22
N LYS KA 198 -3.83 -58.08 81.02
CA LYS KA 198 -5.15 -58.49 81.43
C LYS KA 198 -6.17 -58.56 80.31
N ASN KA 199 -6.20 -57.57 79.40
CA ASN KA 199 -7.11 -57.51 78.28
C ASN KA 199 -6.97 -58.71 77.35
N CYS KA 200 -5.71 -59.08 77.06
CA CYS KA 200 -5.34 -60.25 76.30
C CYS KA 200 -5.80 -61.53 76.98
N ARG KA 201 -5.53 -61.64 78.30
CA ARG KA 201 -6.00 -62.76 79.10
C ARG KA 201 -7.52 -62.88 79.11
N GLN KA 202 -8.23 -61.77 79.31
CA GLN KA 202 -9.67 -61.72 79.30
C GLN KA 202 -10.27 -62.13 77.97
N GLN KA 203 -9.72 -61.67 76.83
CA GLN KA 203 -10.16 -62.13 75.53
C GLN KA 203 -10.09 -63.65 75.38
N LYS KA 204 -8.97 -64.26 75.81
CA LYS KA 204 -8.83 -65.71 75.88
C LYS KA 204 -9.83 -66.38 76.83
N LYS KA 205 -10.08 -65.83 78.03
CA LYS KA 205 -11.17 -66.23 78.90
C LYS KA 205 -12.53 -66.20 78.22
N ASP KA 206 -12.87 -65.08 77.56
CA ASP KA 206 -14.11 -64.92 76.84
C ASP KA 206 -14.29 -65.98 75.74
N ILE KA 207 -13.26 -66.24 74.93
CA ILE KA 207 -13.22 -67.36 73.98
C ILE KA 207 -13.49 -68.72 74.64
N LYS KA 208 -12.82 -69.03 75.76
CA LYS KA 208 -13.01 -70.27 76.48
C LYS KA 208 -14.43 -70.47 76.99
N PHE KA 209 -15.00 -69.44 77.63
CA PHE KA 209 -16.38 -69.38 78.09
C PHE KA 209 -17.40 -69.66 76.99
N LYS KA 210 -17.21 -68.99 75.84
CA LYS KA 210 -18.02 -69.07 74.65
C LYS KA 210 -17.97 -70.44 73.97
N SER KA 211 -16.83 -71.14 74.12
CA SER KA 211 -16.60 -72.46 73.54
C SER KA 211 -17.59 -73.56 74.06
N GLY LA 1 -74.44 -49.06 -51.43
CA GLY LA 1 -75.11 -49.74 -50.24
C GLY LA 1 -75.08 -48.94 -48.96
N LYS LA 2 -76.22 -48.31 -48.61
CA LYS LA 2 -76.37 -47.48 -47.42
C LYS LA 2 -76.13 -48.18 -46.09
N LEU LA 3 -75.60 -47.45 -45.10
CA LEU LA 3 -75.65 -47.87 -43.70
C LEU LA 3 -77.07 -47.90 -43.16
N LEU LA 4 -77.86 -46.87 -43.49
CA LEU LA 4 -79.19 -46.69 -42.98
C LEU LA 4 -80.20 -47.68 -43.56
N LYS LA 5 -80.74 -48.56 -42.69
CA LYS LA 5 -81.74 -49.55 -43.04
C LYS LA 5 -82.85 -49.47 -42.01
N PRO LA 6 -84.13 -49.21 -42.31
CA PRO LA 6 -85.23 -49.27 -41.34
C PRO LA 6 -85.23 -50.49 -40.42
N GLY LA 7 -85.43 -50.29 -39.11
CA GLY LA 7 -85.31 -51.34 -38.10
C GLY LA 7 -83.92 -51.60 -37.60
N LYS LA 8 -82.91 -50.90 -38.13
CA LYS LA 8 -81.62 -50.73 -37.50
C LYS LA 8 -81.65 -49.99 -36.16
N VAL LA 9 -80.87 -50.48 -35.18
CA VAL LA 9 -80.79 -49.85 -33.87
C VAL LA 9 -79.64 -48.84 -33.90
N ILE LA 10 -79.88 -47.66 -33.32
CA ILE LA 10 -79.03 -46.51 -33.41
C ILE LA 10 -78.92 -45.86 -32.04
N ILE LA 11 -77.82 -45.14 -31.81
CA ILE LA 11 -77.57 -44.31 -30.67
C ILE LA 11 -77.80 -42.86 -31.07
N ILE LA 12 -78.69 -42.14 -30.35
CA ILE LA 12 -78.89 -40.72 -30.53
C ILE LA 12 -77.71 -39.91 -29.99
N LEU LA 13 -77.35 -38.79 -30.65
CA LEU LA 13 -76.16 -38.02 -30.34
C LEU LA 13 -76.44 -36.59 -29.84
N ASN LA 14 -77.71 -36.22 -29.60
CA ASN LA 14 -78.10 -34.83 -29.43
C ASN LA 14 -79.41 -34.71 -28.65
N GLY LA 15 -79.76 -33.48 -28.22
CA GLY LA 15 -81.08 -33.11 -27.70
C GLY LA 15 -81.56 -33.72 -26.42
N ARG LA 16 -82.87 -33.57 -26.13
CA ARG LA 16 -83.48 -34.02 -24.90
C ARG LA 16 -83.59 -35.54 -24.82
N ARG LA 17 -83.43 -36.22 -25.96
CA ARG LA 17 -83.38 -37.68 -26.03
C ARG LA 17 -81.95 -38.17 -25.91
N ALA LA 18 -81.00 -37.24 -25.71
CA ALA LA 18 -79.64 -37.44 -25.30
C ALA LA 18 -78.87 -38.57 -25.99
N GLY LA 19 -78.13 -39.38 -25.21
CA GLY LA 19 -77.35 -40.49 -25.74
C GLY LA 19 -78.17 -41.72 -26.03
N LYS LA 20 -79.46 -41.69 -25.73
CA LYS LA 20 -80.32 -42.85 -25.66
C LYS LA 20 -80.51 -43.63 -26.96
N LYS LA 21 -80.83 -44.94 -26.84
CA LYS LA 21 -80.89 -45.83 -27.98
C LYS LA 21 -82.28 -45.86 -28.59
N ALA LA 22 -82.33 -46.01 -29.92
CA ALA LA 22 -83.57 -46.02 -30.63
C ALA LA 22 -83.49 -46.83 -31.91
N VAL LA 23 -84.64 -47.09 -32.56
CA VAL LA 23 -84.76 -47.85 -33.77
C VAL LA 23 -85.27 -46.93 -34.87
N ILE LA 24 -84.53 -46.80 -35.99
CA ILE LA 24 -84.98 -45.97 -37.09
C ILE LA 24 -86.19 -46.53 -37.81
N VAL LA 25 -87.14 -45.64 -38.10
CA VAL LA 25 -88.43 -45.96 -38.67
C VAL LA 25 -88.36 -45.99 -40.19
N ASN LA 26 -87.65 -45.03 -40.79
CA ASN LA 26 -87.64 -44.84 -42.22
C ASN LA 26 -86.29 -44.23 -42.58
N THR LA 27 -86.05 -43.89 -43.85
CA THR LA 27 -85.03 -42.93 -44.22
C THR LA 27 -85.65 -42.04 -45.28
N TYR LA 28 -85.72 -40.72 -45.04
CA TYR LA 28 -86.51 -39.83 -45.89
C TYR LA 28 -85.68 -39.11 -46.93
N GLU LA 29 -84.38 -38.90 -46.68
CA GLU LA 29 -83.46 -38.19 -47.56
C GLU LA 29 -83.92 -36.78 -47.96
N GLY LA 30 -84.35 -35.98 -46.96
CA GLY LA 30 -84.85 -34.60 -47.12
C GLY LA 30 -84.05 -33.64 -47.98
N GLN LA 31 -84.78 -32.78 -48.72
CA GLN LA 31 -84.24 -31.80 -49.63
C GLN LA 31 -85.10 -30.54 -49.60
N THR LA 32 -85.98 -30.42 -48.60
CA THR LA 32 -87.05 -29.43 -48.58
C THR LA 32 -86.63 -28.15 -47.91
N ARG LA 33 -87.50 -27.13 -48.00
CA ARG LA 33 -87.37 -25.89 -47.25
C ARG LA 33 -87.41 -26.13 -45.74
N GLU LA 34 -88.36 -26.96 -45.29
CA GLU LA 34 -88.54 -27.33 -43.91
C GLU LA 34 -87.38 -28.13 -43.36
N ARG LA 35 -86.91 -29.14 -44.12
CA ARG LA 35 -85.81 -30.00 -43.72
C ARG LA 35 -84.87 -30.20 -44.91
N PRO LA 36 -83.81 -29.44 -45.06
CA PRO LA 36 -82.90 -29.58 -46.21
C PRO LA 36 -81.93 -30.72 -45.97
N TYR LA 37 -81.87 -31.23 -44.74
CA TYR LA 37 -81.06 -32.36 -44.33
C TYR LA 37 -81.84 -33.66 -44.37
N SER LA 38 -81.12 -34.78 -44.61
CA SER LA 38 -81.65 -36.11 -44.45
C SER LA 38 -82.05 -36.46 -43.03
N TYR LA 39 -83.16 -37.20 -42.87
CA TYR LA 39 -83.65 -37.58 -41.56
C TYR LA 39 -84.30 -38.95 -41.65
N CYS LA 40 -84.51 -39.63 -40.51
CA CYS LA 40 -84.96 -41.03 -40.51
C CYS LA 40 -86.22 -41.29 -39.72
N LEU LA 41 -86.52 -40.48 -38.68
CA LEU LA 41 -87.55 -40.75 -37.68
C LEU LA 41 -87.19 -41.95 -36.80
N VAL LA 42 -87.20 -41.76 -35.47
CA VAL LA 42 -86.70 -42.78 -34.58
C VAL LA 42 -87.68 -43.08 -33.45
N ALA LA 43 -87.82 -44.37 -33.11
CA ALA LA 43 -88.62 -44.83 -31.99
C ALA LA 43 -87.71 -45.48 -30.95
N GLY LA 44 -87.67 -44.96 -29.70
CA GLY LA 44 -86.69 -45.35 -28.71
C GLY LA 44 -87.23 -45.54 -27.32
N ILE LA 45 -86.35 -45.95 -26.39
CA ILE LA 45 -86.64 -46.14 -24.98
C ILE LA 45 -86.05 -45.03 -24.14
N GLU LA 46 -86.93 -44.25 -23.52
CA GLU LA 46 -86.65 -43.10 -22.69
C GLU LA 46 -86.18 -43.61 -21.34
N LYS LA 47 -86.90 -44.60 -20.78
CA LYS LA 47 -86.43 -45.35 -19.65
C LYS LA 47 -86.47 -46.80 -20.07
N HIS LA 48 -85.30 -47.47 -20.08
CA HIS LA 48 -85.14 -48.89 -20.32
C HIS LA 48 -85.89 -49.72 -19.27
N PRO LA 49 -86.36 -50.95 -19.52
CA PRO LA 49 -87.09 -51.74 -18.54
C PRO LA 49 -86.41 -51.91 -17.19
N LEU LA 50 -87.10 -51.57 -16.08
CA LEU LA 50 -86.53 -51.57 -14.74
C LEU LA 50 -86.01 -52.93 -14.26
N LYS LA 51 -84.87 -52.92 -13.52
CA LYS LA 51 -84.06 -54.09 -13.26
C LYS LA 51 -84.73 -55.21 -12.49
N VAL LA 52 -84.58 -56.45 -12.95
CA VAL LA 52 -85.25 -57.63 -12.41
C VAL LA 52 -84.24 -58.76 -12.28
N ASN LA 53 -84.52 -59.80 -11.47
CA ASN LA 53 -83.53 -60.82 -11.17
C ASN LA 53 -84.14 -62.14 -10.71
N LYS LA 54 -83.28 -63.18 -10.55
CA LYS LA 54 -83.64 -64.52 -10.10
C LYS LA 54 -84.28 -64.56 -8.72
N SER LA 55 -83.71 -63.81 -7.76
CA SER LA 55 -84.20 -63.73 -6.39
C SER LA 55 -85.58 -63.12 -6.28
N MET LA 56 -85.87 -62.10 -7.11
CA MET LA 56 -87.16 -61.43 -7.19
C MET LA 56 -88.34 -62.35 -7.53
N THR LA 57 -89.50 -62.13 -6.88
CA THR LA 57 -90.69 -62.95 -7.04
C THR LA 57 -91.56 -62.51 -8.20
N LYS LA 58 -92.40 -63.42 -8.73
CA LYS LA 58 -93.13 -63.20 -9.97
C LYS LA 58 -94.07 -62.00 -9.98
N LYS LA 59 -94.83 -61.79 -8.88
CA LYS LA 59 -95.67 -60.62 -8.66
C LYS LA 59 -94.89 -59.32 -8.72
N LYS LA 60 -93.73 -59.32 -8.00
CA LYS LA 60 -92.81 -58.22 -7.95
C LYS LA 60 -92.19 -57.90 -9.29
N ILE LA 61 -91.79 -58.91 -10.08
CA ILE LA 61 -91.32 -58.75 -11.46
C ILE LA 61 -92.34 -58.05 -12.34
N VAL LA 62 -93.62 -58.45 -12.21
CA VAL LA 62 -94.72 -57.88 -12.98
C VAL LA 62 -94.94 -56.43 -12.61
N LYS LA 63 -94.93 -56.08 -11.32
CA LYS LA 63 -95.00 -54.69 -10.89
C LYS LA 63 -93.79 -53.85 -11.32
N ARG LA 64 -92.58 -54.41 -11.19
CA ARG LA 64 -91.29 -53.79 -11.46
C ARG LA 64 -91.06 -53.38 -12.89
N SER LA 65 -91.35 -54.25 -13.86
CA SER LA 65 -90.67 -54.23 -15.16
C SER LA 65 -91.22 -53.24 -16.19
N LYS LA 66 -91.85 -52.15 -15.73
CA LYS LA 66 -92.15 -50.89 -16.40
C LYS LA 66 -91.12 -50.38 -17.43
N VAL LA 67 -91.58 -49.79 -18.55
CA VAL LA 67 -90.70 -49.21 -19.57
C VAL LA 67 -91.33 -47.96 -20.19
N LYS LA 68 -90.54 -46.87 -20.31
CA LYS LA 68 -90.92 -45.62 -20.98
C LYS LA 68 -90.36 -45.48 -22.39
N ALA LA 69 -91.19 -45.41 -23.44
CA ALA LA 69 -90.74 -45.19 -24.81
C ALA LA 69 -90.71 -43.71 -25.24
N PHE LA 70 -90.40 -43.45 -26.53
CA PHE LA 70 -90.48 -42.14 -27.18
C PHE LA 70 -90.40 -42.24 -28.71
N ILE LA 71 -91.02 -41.28 -29.42
CA ILE LA 71 -90.92 -41.11 -30.87
C ILE LA 71 -90.45 -39.70 -31.20
N LYS LA 72 -89.26 -39.54 -31.82
CA LYS LA 72 -88.76 -38.24 -32.23
C LYS LA 72 -88.11 -38.30 -33.62
N CYS LA 73 -88.42 -37.32 -34.50
CA CYS LA 73 -87.68 -37.10 -35.74
C CYS LA 73 -86.23 -36.66 -35.53
N ILE LA 74 -85.29 -37.18 -36.35
CA ILE LA 74 -83.87 -36.98 -36.09
C ILE LA 74 -83.05 -36.93 -37.38
N ASN LA 75 -82.13 -35.94 -37.51
CA ASN LA 75 -81.14 -35.84 -38.56
C ASN LA 75 -80.18 -37.03 -38.55
N VAL LA 76 -79.74 -37.47 -39.74
CA VAL LA 76 -78.76 -38.54 -39.88
C VAL LA 76 -77.41 -38.20 -39.26
N ASN LA 77 -77.01 -36.92 -39.24
CA ASN LA 77 -75.84 -36.45 -38.51
C ASN LA 77 -75.98 -36.48 -37.00
N HIS LA 78 -77.16 -36.81 -36.47
CA HIS LA 78 -77.41 -36.88 -35.05
C HIS LA 78 -77.67 -38.30 -34.59
N ILE LA 79 -77.47 -39.29 -35.47
CA ILE LA 79 -77.58 -40.70 -35.13
C ILE LA 79 -76.28 -41.43 -35.42
N LEU LA 80 -75.88 -42.30 -34.49
CA LEU LA 80 -74.82 -43.25 -34.67
C LEU LA 80 -75.46 -44.60 -34.96
N PRO LA 81 -75.35 -45.20 -36.13
CA PRO LA 81 -75.95 -46.51 -36.38
C PRO LA 81 -75.11 -47.63 -35.78
N THR LA 82 -75.76 -48.72 -35.32
CA THR LA 82 -75.10 -49.88 -34.74
C THR LA 82 -75.18 -51.08 -35.66
N ARG LA 83 -74.41 -52.16 -35.40
CA ARG LA 83 -74.54 -53.39 -36.17
C ARG LA 83 -75.81 -54.17 -35.84
N TYR LA 84 -76.35 -53.96 -34.64
CA TYR LA 84 -77.56 -54.56 -34.15
C TYR LA 84 -78.80 -54.14 -34.93
N GLN LA 85 -79.67 -55.10 -35.33
CA GLN LA 85 -80.89 -54.80 -36.06
C GLN LA 85 -82.05 -55.64 -35.60
N VAL LA 86 -83.20 -55.00 -35.32
CA VAL LA 86 -84.44 -55.66 -34.93
C VAL LA 86 -85.38 -55.76 -36.12
N ALA LA 87 -84.94 -55.29 -37.30
CA ALA LA 87 -85.63 -55.39 -38.56
C ALA LA 87 -85.99 -56.82 -38.94
N ASN LA 88 -85.10 -57.77 -38.57
CA ASN LA 88 -85.26 -59.17 -38.89
C ASN LA 88 -86.03 -59.91 -37.80
N ASP LA 89 -86.59 -59.19 -36.80
CA ASP LA 89 -87.31 -59.82 -35.73
C ASP LA 89 -88.48 -58.97 -35.22
N PHE LA 90 -88.85 -57.89 -35.94
CA PHE LA 90 -90.00 -57.08 -35.61
C PHE LA 90 -90.52 -56.42 -36.88
N ASP LA 91 -91.82 -56.07 -36.89
CA ASP LA 91 -92.49 -55.49 -38.03
C ASP LA 91 -92.37 -53.97 -37.99
N ILE LA 92 -91.57 -53.40 -38.92
CA ILE LA 92 -91.28 -51.98 -38.89
C ILE LA 92 -92.41 -51.13 -39.48
N LYS LA 93 -93.35 -51.70 -40.25
CA LYS LA 93 -94.59 -51.00 -40.56
C LYS LA 93 -95.51 -50.89 -39.36
N SER LA 94 -95.53 -51.92 -38.48
CA SER LA 94 -96.19 -51.88 -37.18
C SER LA 94 -95.59 -50.83 -36.28
N LEU LA 95 -94.24 -50.71 -36.28
CA LEU LA 95 -93.52 -49.65 -35.63
C LEU LA 95 -93.91 -48.27 -36.16
N ALA LA 96 -93.97 -48.14 -37.51
CA ALA LA 96 -94.27 -46.91 -38.20
C ALA LA 96 -95.61 -46.25 -37.89
N SER LA 97 -95.62 -44.92 -37.98
CA SER LA 97 -96.75 -44.08 -37.63
C SER LA 97 -96.50 -42.68 -38.18
N ASP LA 98 -96.13 -42.61 -39.48
CA ASP LA 98 -95.66 -41.43 -40.20
C ASP LA 98 -96.48 -40.17 -39.95
N ASP LA 99 -97.78 -40.24 -40.26
CA ASP LA 99 -98.80 -39.25 -40.07
C ASP LA 99 -98.87 -38.66 -38.65
N VAL LA 100 -98.59 -39.48 -37.61
CA VAL LA 100 -98.79 -39.11 -36.23
C VAL LA 100 -97.69 -38.17 -35.75
N LEU LA 101 -96.55 -38.12 -36.46
CA LEU LA 101 -95.51 -37.11 -36.26
C LEU LA 101 -96.06 -35.71 -36.52
N LYS LA 102 -96.76 -35.53 -37.65
CA LYS LA 102 -97.46 -34.31 -37.99
C LYS LA 102 -98.68 -34.06 -37.11
N SER LA 103 -99.42 -35.12 -36.72
CA SER LA 103 -100.58 -35.03 -35.85
C SER LA 103 -100.23 -34.86 -34.36
N LYS LA 104 -101.09 -35.37 -33.45
CA LYS LA 104 -101.06 -34.98 -32.05
C LYS LA 104 -101.49 -36.10 -31.11
N ASN LA 105 -101.64 -37.33 -31.62
CA ASN LA 105 -102.02 -38.49 -30.84
C ASN LA 105 -100.79 -39.29 -30.43
N LYS LA 106 -99.63 -38.61 -30.42
CA LYS LA 106 -98.31 -39.15 -30.24
C LYS LA 106 -98.13 -39.73 -28.85
N LYS LA 107 -98.63 -39.04 -27.82
CA LYS LA 107 -98.53 -39.47 -26.43
C LYS LA 107 -99.17 -40.82 -26.22
N LYS LA 108 -100.38 -41.02 -26.78
CA LYS LA 108 -101.08 -42.28 -26.77
C LYS LA 108 -100.33 -43.35 -27.56
N GLU LA 109 -99.88 -43.00 -28.78
CA GLU LA 109 -99.13 -43.89 -29.64
C GLU LA 109 -97.83 -44.39 -29.01
N VAL LA 110 -97.02 -43.50 -28.44
CA VAL LA 110 -95.81 -43.83 -27.70
C VAL LA 110 -96.05 -44.70 -26.48
N LYS LA 111 -97.13 -44.43 -25.73
CA LYS LA 111 -97.54 -45.19 -24.56
C LYS LA 111 -97.87 -46.64 -24.93
N LYS LA 112 -98.69 -46.81 -25.98
CA LYS LA 112 -99.03 -48.09 -26.57
C LYS LA 112 -97.84 -48.84 -27.13
N LEU LA 113 -96.97 -48.16 -27.89
CA LEU LA 113 -95.72 -48.68 -28.41
C LEU LA 113 -94.81 -49.25 -27.35
N GLY LA 114 -94.66 -48.52 -26.23
CA GLY LA 114 -93.89 -48.93 -25.08
C GLY LA 114 -94.40 -50.20 -24.47
N LYS LA 115 -95.74 -50.38 -24.38
CA LYS LA 115 -96.33 -51.64 -23.99
C LYS LA 115 -96.03 -52.79 -24.95
N ILE LA 116 -96.06 -52.56 -26.28
CA ILE LA 116 -95.67 -53.57 -27.26
C ILE LA 116 -94.20 -53.99 -27.08
N PHE LA 117 -93.32 -53.00 -26.90
CA PHE LA 117 -91.93 -53.22 -26.60
C PHE LA 117 -91.70 -53.99 -25.32
N ARG LA 118 -92.43 -53.68 -24.24
CA ARG LA 118 -92.37 -54.41 -22.99
C ARG LA 118 -92.72 -55.88 -23.13
N ASP LA 119 -93.81 -56.19 -23.86
CA ASP LA 119 -94.20 -57.53 -24.24
C ASP LA 119 -93.14 -58.24 -25.06
N LYS LA 120 -92.54 -57.53 -26.04
CA LYS LA 120 -91.46 -58.07 -26.85
C LYS LA 120 -90.22 -58.39 -26.04
N PHE LA 121 -89.78 -57.48 -25.16
CA PHE LA 121 -88.70 -57.70 -24.22
C PHE LA 121 -88.96 -58.87 -23.29
N LEU LA 122 -90.18 -58.99 -22.76
CA LEU LA 122 -90.54 -60.08 -21.90
C LEU LA 122 -90.58 -61.41 -22.63
N GLU LA 123 -91.21 -61.48 -23.82
CA GLU LA 123 -91.26 -62.68 -24.62
C GLU LA 123 -90.88 -62.43 -26.07
N PRO LA 124 -89.65 -62.74 -26.49
CA PRO LA 124 -89.35 -63.03 -27.89
C PRO LA 124 -89.82 -64.44 -28.23
N VAL LA 125 -90.31 -64.65 -29.47
CA VAL LA 125 -90.70 -65.95 -29.98
C VAL LA 125 -89.71 -66.38 -31.09
N GLU LA 131 -87.07 -66.13 -32.98
CA GLU LA 131 -86.07 -66.74 -32.07
C GLU LA 131 -85.33 -65.71 -31.21
N VAL LA 132 -84.71 -66.11 -30.08
CA VAL LA 132 -83.91 -65.23 -29.24
C VAL LA 132 -82.67 -64.70 -29.96
N SER LA 133 -82.30 -63.41 -29.78
CA SER LA 133 -81.12 -62.84 -30.42
C SER LA 133 -80.54 -61.69 -29.61
N LYS LA 134 -79.23 -61.43 -29.79
CA LYS LA 134 -78.45 -60.41 -29.11
C LYS LA 134 -78.94 -58.99 -29.34
N ASP LA 135 -79.44 -58.67 -30.56
CA ASP LA 135 -79.93 -57.39 -30.99
C ASP LA 135 -80.99 -56.79 -30.09
N ILE LA 136 -81.99 -57.62 -29.72
CA ILE LA 136 -83.05 -57.31 -28.78
C ILE LA 136 -82.48 -57.03 -27.40
N SER LA 137 -81.50 -57.83 -26.94
CA SER LA 137 -80.84 -57.67 -25.65
C SER LA 137 -80.10 -56.35 -25.55
N PHE LA 138 -79.34 -55.98 -26.60
CA PHE LA 138 -78.73 -54.69 -26.76
C PHE LA 138 -79.75 -53.56 -26.66
N LEU LA 139 -80.88 -53.65 -27.39
CA LEU LA 139 -81.93 -52.66 -27.32
C LEU LA 139 -82.56 -52.53 -25.93
N HIS LA 140 -82.85 -53.68 -25.28
CA HIS LA 140 -83.34 -53.78 -23.91
C HIS LA 140 -82.44 -53.18 -22.84
N LYS LA 141 -81.14 -53.50 -22.87
CA LYS LA 141 -80.19 -53.13 -21.85
C LYS LA 141 -79.87 -51.65 -21.82
N LYS LA 142 -79.87 -51.00 -20.64
CA LYS LA 142 -79.41 -49.63 -20.49
C LYS LA 142 -77.92 -49.43 -20.82
N LEU LA 143 -77.58 -48.32 -21.51
CA LEU LA 143 -76.21 -47.94 -21.77
C LEU LA 143 -75.88 -46.69 -20.96
N TYR LA 144 -74.61 -46.53 -20.58
CA TYR LA 144 -74.18 -45.56 -19.59
C TYR LA 144 -73.18 -44.61 -20.22
N PHE LA 145 -73.32 -43.31 -19.95
CA PHE LA 145 -72.71 -42.26 -20.74
C PHE LA 145 -71.73 -41.33 -19.96
N SER MA 1 -21.95 6.03 116.02
CA SER MA 1 -21.64 4.99 114.95
C SER MA 1 -21.26 5.58 113.60
N ASN MA 2 -22.13 5.49 112.56
CA ASN MA 2 -21.75 5.68 111.17
C ASN MA 2 -21.99 7.06 110.62
N VAL MA 3 -22.19 8.07 111.48
CA VAL MA 3 -22.70 9.36 111.06
C VAL MA 3 -22.11 10.48 111.91
N SER MA 4 -21.98 11.68 111.31
CA SER MA 4 -21.57 12.88 112.00
C SER MA 4 -22.08 14.06 111.21
N ASN MA 5 -22.11 15.26 111.83
CA ASN MA 5 -22.45 16.50 111.16
C ASN MA 5 -21.51 16.80 109.99
N ALA MA 6 -20.20 16.55 110.21
CA ALA MA 6 -19.19 16.60 109.17
C ALA MA 6 -19.48 15.69 107.99
N LEU MA 7 -19.87 14.43 108.25
CA LEU MA 7 -20.33 13.52 107.22
C LEU MA 7 -21.58 14.01 106.51
N VAL MA 8 -22.53 14.59 107.26
CA VAL MA 8 -23.71 15.18 106.68
C VAL MA 8 -23.38 16.31 105.73
N TRP MA 9 -22.44 17.22 106.04
CA TRP MA 9 -21.98 18.20 105.07
C TRP MA 9 -21.41 17.57 103.82
N GLU MA 10 -20.58 16.54 103.95
CA GLU MA 10 -20.09 15.77 102.82
C GLU MA 10 -21.20 15.21 101.95
N LEU MA 11 -22.25 14.61 102.55
CA LEU MA 11 -23.43 14.20 101.82
C LEU MA 11 -24.22 15.34 101.18
N THR MA 12 -24.39 16.47 101.90
CA THR MA 12 -25.36 17.47 101.53
C THR MA 12 -24.82 18.80 101.03
N ARG MA 13 -23.52 18.93 100.70
CA ARG MA 13 -23.02 20.27 100.40
C ARG MA 13 -23.39 20.80 99.02
N LYS MA 14 -23.86 19.91 98.15
CA LYS MA 14 -24.50 20.28 96.90
C LYS MA 14 -25.97 19.93 96.93
N SER MA 15 -26.38 19.06 97.85
CA SER MA 15 -27.64 18.35 97.71
C SER MA 15 -28.51 18.57 98.90
N ASN MA 16 -29.59 19.35 98.72
CA ASN MA 16 -30.49 19.80 99.77
C ASN MA 16 -31.42 20.77 99.07
N CYS MA 17 -32.73 20.66 99.33
CA CYS MA 17 -33.76 21.54 98.78
C CYS MA 17 -33.52 23.00 99.10
N PHE MA 18 -33.04 23.27 100.33
CA PHE MA 18 -32.83 24.62 100.81
C PHE MA 18 -31.64 25.32 100.18
N ILE MA 19 -30.65 24.58 99.63
CA ILE MA 19 -29.62 25.18 98.79
C ILE MA 19 -30.20 25.86 97.55
N LYS MA 20 -30.02 27.18 97.39
CA LYS MA 20 -30.32 27.90 96.16
C LYS MA 20 -29.11 28.69 95.67
N LYS MA 21 -28.66 28.51 94.42
CA LYS MA 21 -27.53 29.21 93.85
C LYS MA 21 -27.91 30.08 92.67
N ASN MA 22 -27.46 31.36 92.67
CA ASN MA 22 -27.77 32.30 91.61
C ASN MA 22 -27.15 31.93 90.25
N LYS MA 23 -27.98 31.79 89.21
CA LYS MA 23 -27.51 31.68 87.85
C LYS MA 23 -27.04 33.03 87.31
N ALA MA 24 -27.77 34.11 87.65
CA ALA MA 24 -27.58 35.46 87.13
C ALA MA 24 -26.36 36.17 87.73
N GLY MA 25 -25.17 35.64 87.40
CA GLY MA 25 -23.92 35.95 88.06
C GLY MA 25 -23.68 34.87 89.09
N LYS MA 26 -22.50 34.23 89.06
CA LYS MA 26 -22.33 32.97 89.76
C LYS MA 26 -21.81 33.13 91.17
N LYS MA 27 -21.60 34.38 91.64
CA LYS MA 27 -21.25 34.65 93.01
C LYS MA 27 -22.50 34.79 93.86
N GLY MA 28 -22.88 33.72 94.57
CA GLY MA 28 -24.02 33.72 95.50
C GLY MA 28 -24.68 32.37 95.59
N VAL MA 29 -24.39 31.64 96.68
CA VAL MA 29 -24.97 30.33 96.93
C VAL MA 29 -25.53 30.34 98.34
N PHE MA 30 -26.83 30.11 98.46
CA PHE MA 30 -27.55 30.27 99.69
C PHE MA 30 -28.01 28.93 100.21
N LEU MA 31 -28.22 28.82 101.53
CA LEU MA 31 -28.84 27.70 102.20
C LEU MA 31 -29.98 28.25 103.08
N CYS MA 32 -31.25 27.98 102.73
CA CYS MA 32 -32.39 28.60 103.42
C CYS MA 32 -33.12 27.71 104.44
N ASP MA 33 -32.45 26.73 105.11
CA ASP MA 33 -33.11 25.86 106.08
C ASP MA 33 -33.69 26.57 107.32
N PRO MA 34 -34.76 26.09 107.95
CA PRO MA 34 -35.37 26.73 109.10
C PRO MA 34 -34.48 27.02 110.29
N LEU MA 35 -33.37 26.30 110.48
CA LEU MA 35 -32.50 26.51 111.61
C LEU MA 35 -31.21 27.18 111.16
N ASN MA 36 -31.08 27.47 109.86
CA ASN MA 36 -29.93 28.15 109.30
C ASN MA 36 -29.84 29.64 109.71
N VAL MA 37 -28.79 30.03 110.45
CA VAL MA 37 -28.65 31.39 110.99
C VAL MA 37 -28.46 32.50 109.97
N ASN MA 38 -27.52 32.36 109.02
CA ASN MA 38 -27.19 33.37 108.03
C ASN MA 38 -27.20 32.68 106.69
N TYR MA 39 -27.99 33.15 105.72
CA TYR MA 39 -28.52 32.26 104.69
C TYR MA 39 -27.60 31.98 103.52
N LYS MA 40 -26.31 32.33 103.62
CA LYS MA 40 -25.26 31.72 102.82
C LYS MA 40 -25.10 30.21 103.05
N ASN MA 41 -24.60 29.48 102.03
CA ASN MA 41 -24.36 28.06 102.15
C ASN MA 41 -22.99 27.73 102.74
N THR MA 42 -22.94 27.45 104.05
CA THR MA 42 -21.76 26.90 104.73
C THR MA 42 -22.29 25.94 105.78
N PRO MA 43 -21.56 24.94 106.28
CA PRO MA 43 -21.99 24.14 107.41
C PRO MA 43 -22.11 24.96 108.67
N SER MA 44 -21.25 25.98 108.87
CA SER MA 44 -21.39 26.82 110.04
C SER MA 44 -22.63 27.71 110.02
N SER MA 45 -23.10 28.14 108.84
CA SER MA 45 -24.47 28.59 108.65
C SER MA 45 -25.54 27.54 108.86
N SER MA 46 -25.30 26.29 108.41
CA SER MA 46 -26.28 25.22 108.34
C SER MA 46 -26.95 24.85 109.65
N GLY MA 47 -28.26 24.56 109.60
CA GLY MA 47 -29.04 24.09 110.72
C GLY MA 47 -28.83 22.63 111.01
N LEU MA 48 -28.05 21.92 110.18
CA LEU MA 48 -27.85 20.50 110.32
C LEU MA 48 -26.58 20.17 111.11
N VAL MA 49 -25.85 21.18 111.61
CA VAL MA 49 -24.60 20.99 112.32
C VAL MA 49 -24.73 21.16 113.82
N LYS MA 50 -25.12 22.36 114.31
CA LYS MA 50 -25.24 22.64 115.74
C LYS MA 50 -26.26 21.76 116.46
N SER MA 51 -25.92 21.31 117.68
CA SER MA 51 -26.67 20.31 118.46
C SER MA 51 -28.08 20.72 118.83
N ASN MA 52 -28.24 21.97 119.26
CA ASN MA 52 -29.49 22.52 119.70
C ASN MA 52 -29.60 23.91 119.11
N SER MA 53 -29.54 23.97 117.76
CA SER MA 53 -29.49 25.20 116.98
C SER MA 53 -30.65 26.16 117.20
N THR MA 54 -30.37 27.46 117.06
CA THR MA 54 -31.26 28.57 117.39
C THR MA 54 -31.38 29.50 116.19
N ASN MA 55 -32.59 29.81 115.72
CA ASN MA 55 -32.73 30.70 114.58
C ASN MA 55 -33.98 31.55 114.66
N VAL MA 56 -33.87 32.82 114.26
CA VAL MA 56 -35.02 33.68 114.03
C VAL MA 56 -35.42 33.58 112.56
N THR MA 57 -36.64 33.13 112.28
CA THR MA 57 -37.21 33.08 110.94
C THR MA 57 -38.43 33.99 110.83
N LEU MA 58 -39.17 33.89 109.73
CA LEU MA 58 -40.49 34.46 109.60
C LEU MA 58 -41.28 33.45 108.80
N LYS MA 59 -42.49 33.10 109.23
CA LYS MA 59 -43.36 32.22 108.47
C LYS MA 59 -44.80 32.51 108.82
N ASP MA 60 -45.72 32.30 107.85
CA ASP MA 60 -47.16 32.43 108.02
C ASP MA 60 -47.60 33.78 108.57
N GLY MA 61 -46.94 34.86 108.08
CA GLY MA 61 -47.22 36.21 108.52
C GLY MA 61 -46.60 36.58 109.85
N LYS MA 62 -45.73 35.72 110.42
CA LYS MA 62 -45.23 35.93 111.76
C LYS MA 62 -43.75 35.62 111.93
N VAL MA 63 -43.00 36.54 112.59
CA VAL MA 63 -41.66 36.32 113.10
C VAL MA 63 -41.61 35.21 114.14
N VAL MA 64 -40.87 34.13 113.88
CA VAL MA 64 -40.81 32.98 114.75
C VAL MA 64 -39.38 32.78 115.19
N PHE MA 65 -39.14 32.60 116.49
CA PHE MA 65 -37.85 32.18 116.99
C PHE MA 65 -37.96 30.68 117.23
N SER MA 66 -37.04 29.93 116.64
CA SER MA 66 -37.02 28.50 116.70
C SER MA 66 -35.76 28.02 117.37
N VAL MA 67 -35.87 26.91 118.10
CA VAL MA 67 -34.75 26.27 118.75
C VAL MA 67 -34.91 24.78 118.50
N LYS MA 68 -33.82 24.06 118.23
CA LYS MA 68 -33.84 22.61 118.17
C LYS MA 68 -33.77 22.00 119.59
N VAL MA 76 -37.27 18.29 121.16
CA VAL MA 76 -36.56 18.59 119.86
C VAL MA 76 -37.45 19.42 118.95
N ASN MA 77 -37.03 20.64 118.59
CA ASN MA 77 -37.77 21.63 117.81
C ASN MA 77 -38.85 22.32 118.61
N GLN MA 78 -38.63 23.59 118.96
CA GLN MA 78 -39.49 24.39 119.79
C GLN MA 78 -39.55 25.77 119.15
N HIS MA 79 -40.70 26.46 119.28
CA HIS MA 79 -40.96 27.64 118.47
C HIS MA 79 -41.71 28.68 119.26
N PHE MA 80 -41.34 29.96 119.10
CA PHE MA 80 -41.84 31.05 119.92
C PHE MA 80 -42.03 32.28 119.07
N LYS MA 81 -42.85 33.23 119.53
CA LYS MA 81 -42.99 34.52 118.90
C LYS MA 81 -42.46 35.59 119.90
N MET MA 85 -40.21 42.78 121.11
CA MET MA 85 -38.74 42.85 121.47
C MET MA 85 -38.35 42.24 122.80
N LYS MA 86 -39.10 42.50 123.89
CA LYS MA 86 -38.77 42.02 125.22
C LYS MA 86 -38.82 40.52 125.27
N ASN MA 87 -39.85 39.96 124.63
CA ASN MA 87 -40.06 38.54 124.46
C ASN MA 87 -38.91 37.86 123.72
N VAL MA 88 -38.45 38.46 122.61
CA VAL MA 88 -37.28 38.03 121.89
C VAL MA 88 -36.00 38.07 122.69
N GLU MA 89 -35.76 39.22 123.37
CA GLU MA 89 -34.62 39.46 124.23
C GLU MA 89 -34.49 38.39 125.32
N LYS MA 90 -35.61 38.14 126.02
CA LYS MA 90 -35.73 37.13 127.05
C LYS MA 90 -35.43 35.73 126.54
N LEU MA 91 -36.01 35.31 125.39
CA LEU MA 91 -35.79 33.99 124.84
C LEU MA 91 -34.33 33.72 124.43
N LEU MA 92 -33.69 34.69 123.76
CA LEU MA 92 -32.28 34.62 123.40
C LEU MA 92 -31.35 34.44 124.59
N GLN MA 93 -31.59 35.21 125.68
CA GLN MA 93 -30.87 35.06 126.93
C GLN MA 93 -31.02 33.69 127.58
N GLN MA 94 -32.24 33.15 127.56
CA GLN MA 94 -32.58 31.88 128.15
C GLN MA 94 -31.87 30.68 127.51
N HIS MA 95 -32.42 30.10 126.43
CA HIS MA 95 -31.94 28.84 125.91
C HIS MA 95 -30.62 28.88 125.17
N GLY MA 96 -30.26 30.05 124.60
CA GLY MA 96 -29.08 30.24 123.75
C GLY MA 96 -27.72 29.83 124.30
N SER MA 97 -26.83 29.44 123.39
CA SER MA 97 -25.42 29.25 123.65
C SER MA 97 -24.65 29.78 122.42
N LYS MA 102 -20.07 36.62 119.03
CA LYS MA 102 -20.58 36.64 117.61
C LYS MA 102 -22.05 36.33 117.43
N ASN MA 103 -22.53 35.16 117.88
CA ASN MA 103 -23.85 34.67 117.54
C ASN MA 103 -25.03 35.50 118.07
N LYS MA 104 -24.96 35.95 119.33
CA LYS MA 104 -25.99 36.73 119.97
C LYS MA 104 -26.25 38.04 119.24
N GLU MA 105 -25.13 38.73 118.95
CA GLU MA 105 -25.07 39.97 118.22
C GLU MA 105 -25.70 39.88 116.84
N LYS MA 106 -25.42 38.79 116.11
CA LYS MA 106 -26.06 38.52 114.85
C LYS MA 106 -27.56 38.29 114.98
N LEU MA 107 -27.99 37.47 115.94
CA LEU MA 107 -29.40 37.23 116.18
C LEU MA 107 -30.19 38.49 116.52
N LEU MA 108 -29.62 39.36 117.37
CA LEU MA 108 -30.16 40.69 117.60
C LEU MA 108 -30.29 41.56 116.35
N LYS MA 109 -29.22 41.63 115.52
CA LYS MA 109 -29.22 42.32 114.24
C LYS MA 109 -30.28 41.80 113.28
N LYS MA 110 -30.38 40.46 113.16
CA LYS MA 110 -31.42 39.80 112.40
C LYS MA 110 -32.84 40.12 112.86
N TYR MA 111 -33.09 40.09 114.18
CA TYR MA 111 -34.37 40.50 114.74
C TYR MA 111 -34.77 41.93 114.41
N LYS MA 112 -33.84 42.90 114.53
CA LYS MA 112 -34.06 44.28 114.16
C LYS MA 112 -34.56 44.43 112.73
N ARG MA 113 -33.89 43.76 111.78
CA ARG MA 113 -34.34 43.71 110.41
C ARG MA 113 -35.70 43.02 110.22
N LEU MA 114 -35.90 41.83 110.82
CA LEU MA 114 -37.13 41.07 110.70
C LEU MA 114 -38.36 41.74 111.28
N SER MA 115 -38.23 42.37 112.46
CA SER MA 115 -39.33 42.89 113.24
C SER MA 115 -40.19 43.95 112.56
N LYS MA 116 -39.59 44.93 111.87
CA LYS MA 116 -40.30 45.89 111.04
C LYS MA 116 -41.21 45.30 109.96
N LEU MA 117 -40.79 44.20 109.30
CA LEU MA 117 -41.44 43.65 108.13
C LEU MA 117 -42.95 43.36 108.23
N TYR MA 118 -43.68 43.61 107.13
CA TYR MA 118 -45.06 43.21 106.96
C TYR MA 118 -45.11 42.22 105.78
N ALA NA 1 5.68 5.71 40.85
CA ALA NA 1 5.62 6.95 40.04
C ALA NA 1 6.42 8.12 40.66
N LYS NA 2 7.57 8.50 40.05
CA LYS NA 2 8.54 9.53 40.44
C LYS NA 2 8.55 10.02 41.89
N SER NA 3 9.14 9.21 42.79
CA SER NA 3 9.21 9.48 44.21
C SER NA 3 10.48 10.23 44.59
N LYS NA 4 10.45 10.98 45.71
CA LYS NA 4 11.67 11.44 46.38
C LYS NA 4 12.32 10.27 47.14
N ASN NA 5 13.64 10.28 47.37
CA ASN NA 5 14.35 9.11 47.86
C ASN NA 5 14.51 9.09 49.37
N HIS NA 6 15.10 10.16 49.96
CA HIS NA 6 15.46 10.11 51.37
C HIS NA 6 15.72 11.50 51.95
N THR NA 7 15.59 11.65 53.28
CA THR NA 7 16.41 12.61 54.00
C THR NA 7 16.50 12.26 55.47
N ASN NA 8 17.65 12.56 56.09
CA ASN NA 8 17.90 12.50 57.51
C ASN NA 8 17.31 13.67 58.29
N HIS NA 9 16.93 14.76 57.60
CA HIS NA 9 16.29 15.95 58.15
C HIS NA 9 15.30 15.76 59.31
N ASN NA 10 15.38 16.63 60.34
CA ASN NA 10 14.52 16.64 61.52
C ASN NA 10 14.66 15.44 62.47
N GLN NA 11 15.17 14.28 62.05
CA GLN NA 11 15.27 13.11 62.89
C GLN NA 11 16.15 13.31 64.12
N ASN NA 12 17.33 13.96 63.94
CA ASN NA 12 18.20 14.34 65.04
C ASN NA 12 17.49 15.31 65.99
N ARG NA 13 16.77 16.30 65.44
CA ARG NA 13 16.03 17.29 66.21
C ARG NA 13 14.90 16.61 67.00
N LYS NA 14 14.20 15.62 66.41
CA LYS NA 14 13.21 14.78 67.08
C LYS NA 14 13.81 13.96 68.22
N ALA NA 15 15.00 13.37 68.01
CA ALA NA 15 15.72 12.65 69.03
C ALA NA 15 16.03 13.53 70.23
N HIS NA 16 16.44 14.79 70.00
CA HIS NA 16 16.70 15.72 71.08
C HIS NA 16 15.46 16.21 71.81
N LYS NA 17 14.23 16.00 71.28
CA LYS NA 17 13.01 16.38 71.97
C LYS NA 17 12.79 15.62 73.27
N ASN NA 18 13.07 14.30 73.28
CA ASN NA 18 13.03 13.51 74.50
C ASN NA 18 14.44 13.16 74.97
N GLY NA 19 15.46 13.72 74.31
CA GLY NA 19 16.86 13.36 74.50
C GLY NA 19 17.21 11.95 74.06
N ILE NA 20 18.51 11.65 74.03
CA ILE NA 20 19.02 10.34 73.67
C ILE NA 20 19.20 9.57 74.96
N LYS NA 21 18.30 8.61 75.23
CA LYS NA 21 18.34 7.79 76.43
C LYS NA 21 19.53 6.84 76.49
N LYS NA 22 20.00 6.54 77.72
CA LYS NA 22 21.28 5.90 77.97
C LYS NA 22 21.10 4.78 78.98
N PRO NA 23 22.03 3.84 79.13
CA PRO NA 23 21.96 2.72 80.08
C PRO NA 23 21.52 3.01 81.50
N LYS NA 24 20.84 2.03 82.12
CA LYS NA 24 20.39 2.13 83.49
C LYS NA 24 21.51 1.79 84.47
N LYS NA 25 22.58 1.13 83.98
CA LYS NA 25 23.84 0.91 84.69
C LYS NA 25 23.73 0.09 85.98
N HIS NA 26 23.02 -1.05 85.92
CA HIS NA 26 22.83 -1.97 87.04
C HIS NA 26 24.13 -2.58 87.60
N LYS NA 27 24.21 -2.79 88.94
CA LYS NA 27 25.38 -3.41 89.54
C LYS NA 27 25.40 -4.94 89.36
N PHE NA 28 24.23 -5.54 89.06
CA PHE NA 28 24.12 -6.94 88.75
C PHE NA 28 23.52 -7.14 87.37
N MET NA 29 23.97 -8.22 86.70
CA MET NA 29 23.64 -8.49 85.32
C MET NA 29 23.49 -10.00 85.16
N SER NA 30 22.44 -10.46 84.46
CA SER NA 30 22.23 -11.88 84.22
C SER NA 30 23.37 -12.56 83.49
N ARG NA 31 23.82 -13.73 83.97
CA ARG NA 31 25.10 -14.29 83.58
C ARG NA 31 24.97 -15.68 82.99
N LYS NA 32 23.99 -15.87 82.09
CA LYS NA 32 23.81 -17.08 81.31
C LYS NA 32 25.00 -17.42 80.40
N GLY NA 33 25.54 -16.41 79.69
CA GLY NA 33 26.60 -16.61 78.70
C GLY NA 33 28.00 -16.71 79.24
N LEU NA 34 28.20 -16.55 80.55
CA LEU NA 34 29.53 -16.41 81.13
C LEU NA 34 30.16 -17.75 81.52
N ASP NA 35 31.39 -17.97 81.04
CA ASP NA 35 32.35 -19.05 81.29
C ASP NA 35 31.90 -20.30 82.09
N PRO NA 36 31.29 -21.31 81.47
CA PRO NA 36 31.10 -22.63 82.05
C PRO NA 36 32.33 -23.24 82.69
N ASN NA 37 32.12 -24.15 83.66
CA ASN NA 37 33.13 -24.68 84.58
C ASN NA 37 33.43 -23.69 85.67
N PHE NA 38 34.10 -22.56 85.35
CA PHE NA 38 34.36 -21.49 86.29
C PHE NA 38 33.11 -20.91 86.94
N PHE NA 39 32.04 -20.72 86.16
CA PHE NA 39 30.79 -20.26 86.71
C PHE NA 39 30.00 -21.31 87.45
N ARG NA 40 29.95 -22.58 86.99
CA ARG NA 40 29.37 -23.60 87.85
C ARG NA 40 30.15 -23.84 89.15
N ASN NA 41 31.50 -23.82 89.16
CA ASN NA 41 32.24 -23.71 90.41
C ASN NA 41 31.88 -22.49 91.27
N GLN NA 42 31.64 -21.32 90.66
CA GLN NA 42 31.11 -20.17 91.37
C GLN NA 42 29.76 -20.45 91.98
N LYS NA 43 28.86 -21.11 91.24
CA LYS NA 43 27.58 -21.56 91.77
C LYS NA 43 27.75 -22.51 92.95
N TYR NA 44 28.66 -23.49 92.89
CA TYR NA 44 29.03 -24.30 94.04
C TYR NA 44 29.62 -23.52 95.20
N CYS NA 45 30.55 -22.58 94.95
CA CYS NA 45 31.08 -21.66 95.95
C CYS NA 45 30.01 -20.86 96.63
N LEU NA 46 29.10 -20.26 95.85
CA LEU NA 46 28.00 -19.45 96.31
C LEU NA 46 27.04 -20.25 97.17
N LYS NA 47 26.68 -21.45 96.73
CA LYS NA 47 25.89 -22.42 97.46
C LYS NA 47 26.60 -22.83 98.74
N GLY NA 48 27.92 -23.03 98.67
CA GLY NA 48 28.82 -23.28 99.79
C GLY NA 48 28.81 -22.18 100.82
N ILE NA 49 28.91 -20.92 100.40
CA ILE NA 49 28.83 -19.73 101.24
C ILE NA 49 27.46 -19.63 101.89
N GLN NA 50 26.38 -19.90 101.13
CA GLN NA 50 25.03 -19.90 101.64
C GLN NA 50 24.85 -20.96 102.71
N LYS NA 51 25.37 -22.17 102.48
CA LYS NA 51 25.44 -23.26 103.42
C LYS NA 51 26.23 -22.92 104.67
N LYS NA 52 27.40 -22.29 104.52
CA LYS NA 52 28.21 -21.76 105.59
C LYS NA 52 27.48 -20.74 106.46
N LYS NA 53 26.76 -19.80 105.81
CA LYS NA 53 25.91 -18.82 106.46
C LYS NA 53 24.76 -19.48 107.20
N LYS NA 54 24.12 -20.49 106.57
CA LYS NA 54 23.01 -21.26 107.12
C LYS NA 54 23.44 -22.04 108.37
N GLU NA 55 24.59 -22.72 108.32
CA GLU NA 55 25.19 -23.45 109.41
C GLU NA 55 25.47 -22.55 110.60
N LEU NA 56 26.09 -21.38 110.33
CA LEU NA 56 26.34 -20.35 111.30
C LEU NA 56 25.07 -19.81 111.92
N LYS NA 57 24.07 -19.45 111.09
CA LYS NA 57 22.80 -18.91 111.51
C LYS NA 57 21.98 -19.90 112.33
N LEU NA 58 21.89 -21.16 111.89
CA LEU NA 58 21.16 -22.19 112.59
C LEU NA 58 21.78 -22.52 113.93
N LYS NA 59 23.10 -22.72 113.98
CA LYS NA 59 23.78 -23.01 115.22
C LYS NA 59 23.70 -21.88 116.23
N ALA NA 60 23.95 -20.62 115.80
CA ALA NA 60 23.82 -19.46 116.64
C ALA NA 60 22.44 -19.24 117.23
N LYS NA 61 21.38 -19.39 116.42
CA LYS NA 61 20.00 -19.32 116.85
C LYS NA 61 19.64 -20.40 117.87
N GLN NA 62 19.99 -21.66 117.58
CA GLN NA 62 19.84 -22.78 118.49
C GLN NA 62 20.61 -22.61 119.81
N GLU NA 63 21.86 -22.12 119.78
CA GLU NA 63 22.63 -21.69 120.95
C GLU NA 63 21.95 -20.60 121.78
N LYS NA 64 21.40 -19.56 121.12
CA LYS NA 64 20.70 -18.46 121.79
C LYS NA 64 19.43 -18.90 122.49
N ASN NA 65 18.59 -19.71 121.83
CA ASN NA 65 17.47 -20.40 122.48
C ASN NA 65 17.93 -21.36 123.58
N ASN NA 66 18.90 -22.23 123.26
CA ASN NA 66 19.61 -23.16 124.11
C ASN NA 66 18.83 -24.47 124.43
N SER OA 1 -39.72 -47.99 -49.75
CA SER OA 1 -40.68 -48.29 -50.89
C SER OA 1 -42.15 -48.03 -50.62
N ALA OA 2 -42.72 -48.57 -49.51
CA ALA OA 2 -44.16 -48.65 -49.32
C ALA OA 2 -44.89 -47.31 -49.31
N GLY OA 3 -44.36 -46.32 -48.57
CA GLY OA 3 -44.96 -44.98 -48.53
C GLY OA 3 -44.98 -44.28 -49.86
N ASP OA 4 -43.92 -44.46 -50.66
CA ASP OA 4 -43.79 -44.00 -52.03
C ASP OA 4 -44.83 -44.62 -52.94
N ASN OA 5 -45.04 -45.96 -52.85
CA ASN OA 5 -46.02 -46.69 -53.64
C ASN OA 5 -47.42 -46.16 -53.38
N ILE OA 6 -47.79 -46.04 -52.09
CA ILE OA 6 -49.02 -45.40 -51.67
C ILE OA 6 -49.13 -43.96 -52.18
N ASN OA 7 -48.08 -43.12 -52.04
CA ASN OA 7 -48.08 -41.77 -52.59
C ASN OA 7 -48.34 -41.69 -54.09
N ALA OA 8 -47.78 -42.62 -54.90
CA ALA OA 8 -48.11 -42.73 -56.31
C ALA OA 8 -49.59 -43.00 -56.56
N LYS OA 9 -50.17 -43.94 -55.79
CA LYS OA 9 -51.59 -44.22 -55.81
C LYS OA 9 -52.42 -43.01 -55.44
N LEU OA 10 -52.05 -42.29 -54.37
CA LEU OA 10 -52.70 -41.07 -53.93
C LEU OA 10 -52.59 -39.98 -54.98
N GLN OA 11 -51.44 -39.83 -55.63
CA GLN OA 11 -51.24 -38.94 -56.75
C GLN OA 11 -52.17 -39.27 -57.91
N LEU OA 12 -52.30 -40.55 -58.29
CA LEU OA 12 -53.28 -40.98 -59.26
C LEU OA 12 -54.73 -40.67 -58.85
N VAL OA 13 -55.08 -40.91 -57.58
CA VAL OA 13 -56.40 -40.63 -57.02
C VAL OA 13 -56.68 -39.13 -57.04
N MET OA 14 -55.70 -38.30 -56.67
CA MET OA 14 -55.78 -36.87 -56.80
C MET OA 14 -56.00 -36.43 -58.25
N LYS OA 15 -55.17 -36.92 -59.19
CA LYS OA 15 -55.25 -36.60 -60.59
C LYS OA 15 -56.53 -37.02 -61.30
N SER OA 16 -57.01 -38.27 -61.13
CA SER OA 16 -58.07 -38.79 -61.98
C SER OA 16 -59.18 -39.47 -61.20
N GLY OA 17 -58.92 -39.93 -59.97
CA GLY OA 17 -59.98 -40.35 -59.06
C GLY OA 17 -60.88 -39.23 -58.59
N LYS OA 18 -61.99 -39.61 -57.95
CA LYS OA 18 -62.87 -38.73 -57.22
C LYS OA 18 -62.77 -39.13 -55.78
N TYR OA 19 -62.44 -38.17 -54.91
CA TYR OA 19 -62.18 -38.42 -53.51
C TYR OA 19 -62.77 -37.31 -52.67
N GLN OA 20 -62.87 -37.52 -51.34
CA GLN OA 20 -63.40 -36.54 -50.42
C GLN OA 20 -62.64 -36.69 -49.13
N PHE OA 21 -62.23 -35.54 -48.56
CA PHE OA 21 -61.30 -35.47 -47.44
C PHE OA 21 -61.90 -34.83 -46.20
N GLY OA 22 -61.44 -35.29 -45.02
CA GLY OA 22 -61.90 -34.82 -43.73
C GLY OA 22 -63.09 -35.55 -43.16
N ARG OA 23 -63.20 -35.55 -41.83
CA ARG OA 23 -64.10 -36.38 -41.05
C ARG OA 23 -65.56 -36.38 -41.46
N LYS OA 24 -66.21 -35.20 -41.60
CA LYS OA 24 -67.65 -35.14 -41.81
C LYS OA 24 -68.08 -35.69 -43.17
N SER OA 25 -67.44 -35.22 -44.26
CA SER OA 25 -67.62 -35.77 -45.59
C SER OA 25 -67.32 -37.27 -45.68
N CYS OA 26 -66.25 -37.74 -45.03
CA CYS OA 26 -65.85 -39.13 -45.04
C CYS OA 26 -66.91 -40.04 -44.43
N LEU OA 27 -67.47 -39.65 -43.27
CA LEU OA 27 -68.57 -40.34 -42.64
C LEU OA 27 -69.81 -40.35 -43.51
N LYS OA 28 -70.21 -39.19 -44.06
CA LYS OA 28 -71.34 -39.06 -44.95
C LYS OA 28 -71.24 -39.96 -46.18
N ALA OA 29 -70.07 -40.05 -46.81
CA ALA OA 29 -69.80 -40.94 -47.92
C ALA OA 29 -69.96 -42.41 -47.57
N LEU OA 30 -69.41 -42.84 -46.42
CA LEU OA 30 -69.59 -44.17 -45.86
C LEU OA 30 -71.02 -44.49 -45.52
N ARG OA 31 -71.74 -43.54 -44.90
CA ARG OA 31 -73.15 -43.66 -44.55
C ARG OA 31 -74.03 -43.85 -45.77
N THR OA 32 -73.77 -43.03 -46.80
CA THR OA 32 -74.31 -43.15 -48.15
C THR OA 32 -73.98 -44.49 -48.77
N GLY OA 33 -72.73 -44.95 -48.59
CA GLY OA 33 -72.22 -46.18 -49.19
C GLY OA 33 -71.65 -45.93 -50.54
N LYS OA 34 -71.33 -44.66 -50.84
CA LYS OA 34 -70.70 -44.26 -52.08
C LYS OA 34 -69.22 -44.62 -52.10
N GLY OA 35 -68.54 -44.52 -50.93
CA GLY OA 35 -67.12 -44.80 -50.76
C GLY OA 35 -66.58 -46.13 -51.26
N LYS OA 36 -65.40 -46.09 -51.89
CA LYS OA 36 -64.72 -47.25 -52.45
C LYS OA 36 -63.58 -47.71 -51.57
N LEU OA 37 -62.90 -46.78 -50.87
CA LEU OA 37 -61.70 -47.08 -50.12
C LEU OA 37 -61.41 -45.91 -49.20
N VAL OA 38 -61.14 -46.17 -47.91
CA VAL OA 38 -60.85 -45.14 -46.95
C VAL OA 38 -59.40 -45.21 -46.57
N ILE OA 39 -58.66 -44.09 -46.58
CA ILE OA 39 -57.27 -44.12 -46.27
C ILE OA 39 -57.10 -43.16 -45.12
N VAL OA 40 -56.73 -43.73 -43.97
CA VAL OA 40 -56.73 -43.09 -42.66
C VAL OA 40 -55.31 -43.02 -42.15
N SER OA 41 -54.79 -41.84 -41.77
CA SER OA 41 -53.49 -41.78 -41.09
C SER OA 41 -53.57 -42.30 -39.67
N SER OA 42 -52.48 -42.89 -39.15
CA SER OA 42 -52.40 -43.30 -37.75
C SER OA 42 -52.32 -42.10 -36.82
N ASN OA 43 -52.08 -40.91 -37.39
CA ASN OA 43 -51.98 -39.65 -36.67
C ASN OA 43 -53.35 -38.99 -36.58
N CYS OA 44 -54.40 -39.64 -37.07
CA CYS OA 44 -55.76 -39.30 -36.73
C CYS OA 44 -56.05 -39.48 -35.24
N PRO OA 45 -56.96 -38.74 -34.60
CA PRO OA 45 -57.55 -39.12 -33.32
C PRO OA 45 -57.99 -40.57 -33.24
N SER OA 46 -57.76 -41.24 -32.09
CA SER OA 46 -58.11 -42.63 -31.84
C SER OA 46 -59.59 -42.89 -32.08
N ILE OA 47 -60.40 -41.98 -31.54
CA ILE OA 47 -61.84 -41.97 -31.64
C ILE OA 47 -62.29 -41.73 -33.07
N GLN OA 48 -61.72 -40.74 -33.78
CA GLN OA 48 -62.08 -40.47 -35.16
C GLN OA 48 -61.75 -41.63 -36.06
N ARG OA 49 -60.56 -42.24 -35.91
CA ARG OA 49 -60.20 -43.45 -36.62
C ARG OA 49 -61.17 -44.58 -36.36
N SER OA 50 -61.47 -44.83 -35.08
CA SER OA 50 -62.37 -45.89 -34.66
C SER OA 50 -63.75 -45.78 -35.27
N VAL OA 51 -64.35 -44.57 -35.27
CA VAL OA 51 -65.65 -44.34 -35.86
C VAL OA 51 -65.66 -44.64 -37.35
N ILE OA 52 -64.67 -44.14 -38.09
CA ILE OA 52 -64.51 -44.38 -39.51
C ILE OA 52 -64.35 -45.87 -39.82
N GLU OA 53 -63.51 -46.59 -39.06
CA GLU OA 53 -63.34 -48.02 -39.20
C GLU OA 53 -64.62 -48.81 -38.98
N TYR OA 54 -65.38 -48.49 -37.92
CA TYR OA 54 -66.68 -49.07 -37.66
C TYR OA 54 -67.67 -48.85 -38.81
N TYR OA 55 -67.79 -47.59 -39.28
CA TYR OA 55 -68.61 -47.21 -40.42
C TYR OA 55 -68.24 -47.94 -41.69
N ALA OA 56 -66.93 -48.02 -41.99
CA ALA OA 56 -66.40 -48.76 -43.11
C ALA OA 56 -66.72 -50.24 -43.08
N MET OA 57 -66.42 -50.93 -41.96
CA MET OA 57 -66.82 -52.31 -41.71
C MET OA 57 -68.29 -52.61 -41.93
N LEU OA 58 -69.19 -51.74 -41.41
CA LEU OA 58 -70.62 -51.85 -41.64
C LEU OA 58 -71.03 -51.73 -43.09
N SER OA 59 -70.37 -50.83 -43.84
CA SER OA 59 -70.76 -50.42 -45.18
C SER OA 59 -70.03 -51.25 -46.23
N LYS OA 60 -69.21 -52.22 -45.78
CA LYS OA 60 -68.43 -53.13 -46.59
C LYS OA 60 -67.37 -52.42 -47.40
N CYS OA 61 -66.66 -51.47 -46.76
CA CYS OA 61 -65.66 -50.65 -47.40
C CYS OA 61 -64.32 -50.92 -46.76
N GLY OA 62 -63.26 -51.09 -47.58
CA GLY OA 62 -61.89 -51.22 -47.09
C GLY OA 62 -61.34 -49.96 -46.46
N VAL OA 63 -60.44 -50.15 -45.48
CA VAL OA 63 -59.68 -49.08 -44.86
C VAL OA 63 -58.19 -49.40 -45.00
N HIS OA 64 -57.38 -48.41 -45.38
CA HIS OA 64 -55.93 -48.55 -45.42
C HIS OA 64 -55.27 -47.55 -44.49
N ASP OA 65 -54.35 -48.02 -43.65
CA ASP OA 65 -53.54 -47.16 -42.82
C ASP OA 65 -52.51 -46.41 -43.66
N TYR OA 66 -52.43 -45.07 -43.54
CA TYR OA 66 -51.32 -44.29 -44.05
C TYR OA 66 -50.28 -44.05 -42.94
N HIS OA 67 -48.99 -44.32 -43.24
CA HIS OA 67 -47.93 -44.15 -42.27
C HIS OA 67 -47.61 -42.72 -41.91
N GLY OA 68 -47.51 -41.82 -42.92
CA GLY OA 68 -47.17 -40.41 -42.71
C GLY OA 68 -48.19 -39.61 -41.93
N ASP OA 69 -47.82 -38.37 -41.58
CA ASP OA 69 -48.66 -37.44 -40.86
C ASP OA 69 -49.91 -37.01 -41.63
N ASN OA 70 -50.92 -36.52 -40.89
CA ASN OA 70 -52.08 -35.83 -41.41
C ASN OA 70 -51.73 -34.70 -42.38
N ASN OA 71 -50.73 -33.87 -42.02
CA ASN OA 71 -50.10 -32.88 -42.90
C ASN OA 71 -49.45 -33.51 -44.13
N ASP OA 72 -48.71 -34.61 -43.95
CA ASP OA 72 -48.01 -35.32 -45.01
C ASP OA 72 -48.98 -35.87 -46.06
N LEU OA 73 -50.14 -36.39 -45.62
CA LEU OA 73 -51.22 -36.83 -46.49
C LEU OA 73 -51.83 -35.68 -47.28
N GLY OA 74 -51.73 -34.45 -46.73
CA GLY OA 74 -52.20 -33.23 -47.36
C GLY OA 74 -51.23 -32.79 -48.42
N THR OA 75 -49.92 -32.81 -48.11
CA THR OA 75 -48.89 -32.47 -49.10
C THR OA 75 -48.76 -33.53 -50.16
N ALA OA 76 -49.01 -34.81 -49.82
CA ALA OA 76 -49.17 -35.87 -50.78
C ALA OA 76 -50.31 -35.63 -51.76
N CYS OA 77 -51.41 -35.00 -51.29
CA CYS OA 77 -52.52 -34.58 -52.13
C CYS OA 77 -52.36 -33.16 -52.65
N GLY OA 78 -51.17 -32.54 -52.49
CA GLY OA 78 -50.85 -31.23 -53.03
C GLY OA 78 -51.57 -30.06 -52.39
N LYS OA 79 -51.79 -30.10 -51.07
CA LYS OA 79 -52.41 -29.02 -50.33
C LYS OA 79 -51.58 -28.66 -49.11
N LEU OA 80 -51.74 -27.43 -48.58
CA LEU OA 80 -50.89 -26.93 -47.51
C LEU OA 80 -51.52 -27.13 -46.15
N PHE OA 81 -52.70 -27.78 -46.11
CA PHE OA 81 -53.44 -28.06 -44.90
C PHE OA 81 -53.59 -29.57 -44.72
N ARG OA 82 -53.65 -30.03 -43.45
CA ARG OA 82 -53.83 -31.43 -43.13
C ARG OA 82 -55.12 -32.05 -43.64
N ILE OA 83 -55.05 -33.34 -44.03
CA ILE OA 83 -56.21 -34.06 -44.54
C ILE OA 83 -56.65 -35.13 -43.55
N SER OA 84 -55.68 -35.89 -42.99
CA SER OA 84 -55.90 -36.91 -41.95
C SER OA 84 -56.48 -38.19 -42.49
N CYS OA 85 -57.60 -38.09 -43.21
CA CYS OA 85 -58.33 -39.20 -43.75
C CYS OA 85 -59.11 -38.74 -44.97
N LEU OA 86 -59.13 -39.59 -46.01
CA LEU OA 86 -59.95 -39.36 -47.17
C LEU OA 86 -60.59 -40.66 -47.59
N VAL OA 87 -61.65 -40.54 -48.38
CA VAL OA 87 -62.41 -41.61 -48.96
C VAL OA 87 -62.44 -41.43 -50.46
N ILE OA 88 -62.04 -42.46 -51.22
CA ILE OA 88 -62.15 -42.51 -52.65
C ILE OA 88 -63.60 -42.82 -53.01
N THR OA 89 -64.21 -42.02 -53.89
CA THR OA 89 -65.61 -42.17 -54.28
C THR OA 89 -65.73 -42.50 -55.75
N ASP OA 90 -64.61 -42.42 -56.50
CA ASP OA 90 -64.47 -43.08 -57.78
C ASP OA 90 -62.99 -43.42 -57.93
N VAL OA 91 -62.67 -44.68 -58.26
CA VAL OA 91 -61.30 -45.10 -58.46
C VAL OA 91 -60.71 -44.49 -59.72
N GLY OA 92 -59.48 -43.93 -59.62
CA GLY OA 92 -58.77 -43.41 -60.78
C GLY OA 92 -58.03 -44.50 -61.50
N ASP OA 93 -56.85 -44.14 -62.04
CA ASP OA 93 -55.96 -45.07 -62.69
C ASP OA 93 -55.16 -45.89 -61.67
N SER OA 94 -55.18 -45.42 -60.40
CA SER OA 94 -54.78 -46.08 -59.17
C SER OA 94 -55.09 -47.57 -59.02
N ASP OA 95 -54.12 -48.33 -58.44
CA ASP OA 95 -54.26 -49.75 -58.18
C ASP OA 95 -54.51 -49.99 -56.69
N ILE OA 96 -55.70 -49.62 -56.20
CA ILE OA 96 -56.03 -49.65 -54.78
C ILE OA 96 -56.31 -51.06 -54.26
N ILE OA 97 -56.55 -52.02 -55.17
CA ILE OA 97 -56.93 -53.38 -54.85
C ILE OA 97 -56.45 -54.27 -56.00
N LYS OA 98 -56.26 -55.57 -55.76
CA LYS OA 98 -55.82 -56.52 -56.76
C LYS OA 98 -56.95 -56.87 -57.77
N PRO PA 1 -70.99 75.95 13.26
CA PRO PA 1 -70.73 74.67 12.50
C PRO PA 1 -70.75 74.95 11.01
N VAL PA 2 -70.14 74.08 10.18
CA VAL PA 2 -69.85 74.41 8.78
C VAL PA 2 -69.80 73.16 7.92
N THR PA 3 -70.12 73.36 6.63
CA THR PA 3 -69.97 72.35 5.58
C THR PA 3 -68.97 72.86 4.57
N LYS PA 4 -67.88 72.12 4.31
CA LYS PA 4 -66.86 72.53 3.37
C LYS PA 4 -66.63 71.48 2.29
N PHE PA 5 -66.11 71.91 1.14
CA PHE PA 5 -65.80 71.06 0.00
C PHE PA 5 -64.34 71.25 -0.31
N ILE PA 6 -63.56 70.17 -0.29
CA ILE PA 6 -62.13 70.26 -0.43
C ILE PA 6 -61.65 69.29 -1.47
N THR PA 7 -60.41 69.49 -1.95
CA THR PA 7 -59.75 68.56 -2.83
C THR PA 7 -58.52 68.09 -2.11
N ILE PA 8 -58.40 66.77 -1.95
CA ILE PA 8 -57.26 66.12 -1.35
C ILE PA 8 -56.40 65.48 -2.42
N ASN PA 9 -55.13 65.89 -2.58
CA ASN PA 9 -54.21 65.08 -3.36
C ASN PA 9 -53.75 63.87 -2.53
N LEU PA 10 -54.30 62.68 -2.85
CA LEU PA 10 -53.96 61.47 -2.14
C LEU PA 10 -52.57 60.98 -2.47
N SER PA 11 -52.03 61.29 -3.66
CA SER PA 11 -50.74 60.77 -4.11
C SER PA 11 -49.59 61.16 -3.20
N LYS PA 12 -49.52 62.44 -2.79
CA LYS PA 12 -48.54 62.93 -1.85
C LYS PA 12 -48.66 62.24 -0.49
N LEU PA 13 -49.88 62.09 0.03
CA LEU PA 13 -50.17 61.38 1.28
C LEU PA 13 -49.76 59.91 1.26
N THR PA 14 -49.94 59.23 0.12
CA THR PA 14 -49.81 57.79 -0.07
C THR PA 14 -48.37 57.39 -0.30
N HIS PA 15 -47.53 58.37 -0.67
CA HIS PA 15 -46.16 58.22 -1.12
C HIS PA 15 -45.26 57.25 -0.34
N LYS PA 16 -45.20 57.31 1.01
CA LYS PA 16 -44.24 56.53 1.77
C LYS PA 16 -44.60 55.06 2.03
N VAL PA 17 -45.86 54.65 1.83
CA VAL PA 17 -46.36 53.36 2.30
C VAL PA 17 -46.38 52.28 1.20
N CYS PA 18 -46.02 51.02 1.56
CA CYS PA 18 -46.02 49.82 0.72
C CYS PA 18 -47.37 49.43 0.13
N TYR PA 19 -47.39 48.71 -1.01
CA TYR PA 19 -48.61 48.38 -1.77
C TYR PA 19 -49.77 47.89 -0.93
N LYS PA 20 -49.51 46.82 -0.13
CA LYS PA 20 -50.47 46.19 0.74
C LYS PA 20 -51.22 47.13 1.66
N ARG PA 21 -50.52 48.17 2.15
CA ARG PA 21 -50.99 49.05 3.18
C ARG PA 21 -51.30 50.44 2.63
N LYS PA 22 -51.10 50.67 1.31
CA LYS PA 22 -51.36 51.95 0.67
C LYS PA 22 -52.76 52.49 0.85
N ALA PA 23 -53.79 51.75 0.40
CA ALA PA 23 -55.16 52.19 0.53
C ALA PA 23 -55.67 52.27 1.98
N PRO PA 24 -55.41 51.33 2.89
CA PRO PA 24 -55.74 51.50 4.30
C PRO PA 24 -55.07 52.70 4.91
N ARG PA 25 -53.76 52.88 4.70
CA ARG PA 25 -53.06 54.01 5.23
C ARG PA 25 -53.57 55.32 4.67
N ALA PA 26 -53.82 55.42 3.35
CA ALA PA 26 -54.44 56.56 2.73
C ALA PA 26 -55.79 56.92 3.36
N ILE PA 27 -56.63 55.91 3.64
CA ILE PA 27 -57.87 56.07 4.39
C ILE PA 27 -57.59 56.62 5.78
N LYS PA 28 -56.57 56.10 6.49
CA LYS PA 28 -56.15 56.64 7.77
C LYS PA 28 -55.68 58.09 7.68
N GLU PA 29 -54.86 58.44 6.68
CA GLU PA 29 -54.50 59.80 6.34
C GLU PA 29 -55.71 60.69 6.06
N ILE PA 30 -56.71 60.21 5.30
CA ILE PA 30 -57.98 60.88 5.07
C ILE PA 30 -58.68 61.22 6.37
N ARG PA 31 -58.85 60.25 7.29
CA ARG PA 31 -59.41 60.53 8.60
C ARG PA 31 -58.57 61.54 9.38
N SER PA 32 -57.24 61.35 9.41
CA SER PA 32 -56.31 62.30 10.02
C SER PA 32 -56.37 63.73 9.50
N ILE PA 33 -56.37 63.94 8.16
CA ILE PA 33 -56.48 65.24 7.54
C ILE PA 33 -57.80 65.93 7.82
N ALA PA 34 -58.93 65.20 7.66
CA ALA PA 34 -60.25 65.69 7.98
C ALA PA 34 -60.39 66.12 9.43
N GLY PA 35 -59.85 65.32 10.38
CA GLY PA 35 -59.76 65.66 11.80
C GLY PA 35 -59.04 66.95 12.06
N LYS PA 36 -57.87 67.10 11.44
CA LYS PA 36 -57.05 68.28 11.44
C LYS PA 36 -57.77 69.50 10.89
N LEU PA 37 -58.52 69.35 9.79
CA LEU PA 37 -59.24 70.43 9.17
C LEU PA 37 -60.42 70.92 10.02
N MET PA 38 -61.25 70.01 10.54
CA MET PA 38 -62.49 70.39 11.19
C MET PA 38 -62.32 70.52 12.69
N HIS PA 39 -61.16 70.09 13.23
CA HIS PA 39 -60.81 70.08 14.64
C HIS PA 39 -61.63 69.10 15.43
N THR PA 40 -61.80 67.89 14.88
CA THR PA 40 -62.69 66.87 15.42
C THR PA 40 -61.97 65.54 15.55
N LYS PA 41 -61.97 64.94 16.76
CA LYS PA 41 -61.51 63.57 16.94
C LYS PA 41 -62.41 62.55 16.23
N ASP PA 42 -63.73 62.76 16.29
CA ASP PA 42 -64.70 61.87 15.70
C ASP PA 42 -64.96 62.25 14.24
N VAL PA 43 -64.34 61.48 13.32
CA VAL PA 43 -64.48 61.68 11.89
C VAL PA 43 -65.16 60.45 11.34
N ARG PA 44 -66.40 60.61 10.86
CA ARG PA 44 -67.20 59.51 10.35
C ARG PA 44 -67.02 59.42 8.83
N LEU PA 45 -66.57 58.26 8.33
CA LEU PA 45 -66.04 58.14 6.98
C LEU PA 45 -66.92 57.33 6.05
N ASP PA 46 -67.26 57.91 4.89
CA ASP PA 46 -68.06 57.31 3.84
C ASP PA 46 -67.49 56.02 3.23
N VAL PA 47 -68.27 54.94 3.33
CA VAL PA 47 -67.99 53.65 2.72
C VAL PA 47 -67.91 53.73 1.21
N LYS PA 48 -68.76 54.56 0.58
CA LYS PA 48 -68.79 54.80 -0.84
C LYS PA 48 -67.51 55.45 -1.33
N LEU PA 49 -66.97 56.44 -0.59
CA LEU PA 49 -65.67 57.02 -0.86
C LEU PA 49 -64.55 55.98 -0.78
N ASN PA 50 -64.56 55.16 0.27
CA ASN PA 50 -63.60 54.08 0.42
C ASN PA 50 -63.67 53.10 -0.73
N LYS PA 51 -64.88 52.67 -1.10
CA LYS PA 51 -65.12 51.83 -2.25
C LYS PA 51 -64.59 52.46 -3.54
N PHE PA 52 -64.88 53.75 -3.79
CA PHE PA 52 -64.35 54.53 -4.90
C PHE PA 52 -62.82 54.55 -4.96
N ILE PA 53 -62.16 54.72 -3.80
CA ILE PA 53 -60.72 54.68 -3.68
C ILE PA 53 -60.16 53.29 -3.94
N TRP PA 54 -60.82 52.25 -3.41
CA TRP PA 54 -60.37 50.88 -3.35
C TRP PA 54 -60.70 50.09 -4.62
N SER PA 55 -61.41 50.70 -5.58
CA SER PA 55 -62.00 50.03 -6.72
C SER PA 55 -61.00 49.53 -7.76
N LYS PA 56 -59.81 50.16 -7.86
CA LYS PA 56 -58.69 49.67 -8.66
C LYS PA 56 -57.69 48.95 -7.76
N GLY PA 57 -58.17 48.42 -6.62
CA GLY PA 57 -57.40 47.69 -5.62
C GLY PA 57 -56.61 48.57 -4.70
N VAL PA 58 -55.97 47.95 -3.68
CA VAL PA 58 -55.22 48.67 -2.66
C VAL PA 58 -53.88 49.19 -3.16
N ARG PA 59 -53.42 48.67 -4.31
CA ARG PA 59 -52.08 48.82 -4.84
C ARG PA 59 -51.77 50.25 -5.33
N ASN PA 60 -52.81 51.06 -5.53
CA ASN PA 60 -52.69 52.38 -6.12
C ASN PA 60 -53.78 53.28 -5.54
N PRO PA 61 -53.58 54.60 -5.45
CA PRO PA 61 -54.65 55.51 -5.08
C PRO PA 61 -55.16 56.23 -6.33
N PRO PA 62 -56.36 56.81 -6.35
CA PRO PA 62 -56.63 58.05 -7.09
C PRO PA 62 -55.60 59.13 -6.80
N LYS PA 63 -55.14 59.91 -7.78
CA LYS PA 63 -54.22 61.01 -7.49
C LYS PA 63 -54.89 62.13 -6.68
N ARG PA 64 -56.16 62.46 -6.98
CA ARG PA 64 -56.86 63.61 -6.43
C ARG PA 64 -58.32 63.20 -6.14
N VAL PA 65 -58.86 63.54 -4.95
CA VAL PA 65 -60.24 63.31 -4.55
C VAL PA 65 -60.94 64.56 -4.02
N ARG PA 66 -62.20 64.81 -4.42
CA ARG PA 66 -63.00 65.86 -3.80
C ARG PA 66 -63.90 65.28 -2.73
N VAL PA 67 -63.65 65.72 -1.48
CA VAL PA 67 -64.33 65.31 -0.27
C VAL PA 67 -65.23 66.44 0.25
N LYS PA 68 -66.41 66.10 0.80
CA LYS PA 68 -67.30 67.03 1.45
C LYS PA 68 -67.34 66.71 2.94
N LEU PA 69 -66.96 67.69 3.79
CA LEU PA 69 -66.91 67.61 5.23
C LEU PA 69 -68.02 68.40 5.91
N GLU PA 70 -68.77 67.80 6.85
CA GLU PA 70 -69.83 68.44 7.61
C GLU PA 70 -69.57 68.38 9.10
N ARG PA 71 -69.22 69.50 9.76
CA ARG PA 71 -69.09 69.58 11.22
C ARG PA 71 -70.47 69.58 11.89
N LYS PA 72 -70.71 68.67 12.86
CA LYS PA 72 -72.02 68.45 13.44
C LYS PA 72 -71.97 68.13 14.93
N ARG PA 73 -72.82 68.82 15.73
CA ARG PA 73 -72.83 68.72 17.18
C ARG PA 73 -73.35 67.40 17.72
N ASN PA 74 -74.51 66.95 17.21
CA ASN PA 74 -75.19 65.78 17.70
C ASN PA 74 -75.91 65.13 16.50
N GLU PA 81 -67.93 70.01 24.38
CA GLU PA 81 -68.83 68.80 24.47
C GLU PA 81 -68.70 67.85 23.29
N LYS PA 82 -69.68 66.95 23.07
CA LYS PA 82 -69.75 66.10 21.89
C LYS PA 82 -69.83 66.90 20.60
N MET PA 83 -69.17 66.41 19.54
CA MET PA 83 -68.94 67.17 18.34
C MET PA 83 -68.15 66.29 17.39
N TYR PA 84 -68.60 66.19 16.12
CA TYR PA 84 -68.02 65.27 15.17
C TYR PA 84 -68.09 65.85 13.78
N THR PA 85 -67.49 65.15 12.81
CA THR PA 85 -67.69 65.50 11.42
C THR PA 85 -67.98 64.26 10.63
N ILE PA 86 -68.67 64.44 9.51
CA ILE PA 86 -69.01 63.41 8.56
C ILE PA 86 -68.32 63.81 7.28
N VAL PA 87 -67.55 62.90 6.66
CA VAL PA 87 -66.81 63.20 5.46
C VAL PA 87 -67.17 62.23 4.36
N GLU PA 88 -67.46 62.75 3.16
CA GLU PA 88 -68.04 61.94 2.11
C GLU PA 88 -67.60 62.28 0.70
N HIS PA 89 -67.74 61.29 -0.20
CA HIS PA 89 -67.40 61.38 -1.61
C HIS PA 89 -68.19 62.41 -2.40
N VAL PA 90 -67.51 63.04 -3.37
CA VAL PA 90 -68.15 63.86 -4.39
C VAL PA 90 -67.78 63.31 -5.75
N MET PA 91 -68.78 63.02 -6.60
CA MET PA 91 -68.56 62.44 -7.90
C MET PA 91 -68.41 63.50 -9.00
N VAL PA 92 -67.27 63.47 -9.73
CA VAL PA 92 -66.98 64.38 -10.83
C VAL PA 92 -65.96 63.71 -11.74
N ASP PA 93 -65.92 64.10 -13.02
CA ASP PA 93 -65.05 63.51 -14.03
C ASP PA 93 -63.56 63.67 -13.76
N SER PA 94 -63.13 64.86 -13.32
CA SER PA 94 -61.73 65.18 -13.12
C SER PA 94 -61.62 66.35 -12.18
N TYR PA 95 -60.39 66.63 -11.70
CA TYR PA 95 -60.18 67.54 -10.58
C TYR PA 95 -59.44 68.79 -11.02
N LYS PA 96 -59.34 69.01 -12.34
CA LYS PA 96 -58.70 70.14 -12.97
C LYS PA 96 -59.29 71.49 -12.53
N GLY PA 97 -58.50 72.32 -11.82
CA GLY PA 97 -58.91 73.66 -11.40
C GLY PA 97 -59.83 73.72 -10.19
N LEU PA 98 -60.14 72.58 -9.53
CA LEU PA 98 -61.11 72.56 -8.45
C LEU PA 98 -60.52 72.93 -7.09
N VAL PA 99 -60.40 74.23 -6.85
CA VAL PA 99 -60.05 74.82 -5.56
C VAL PA 99 -61.05 74.54 -4.44
N ASN PA 100 -60.57 74.55 -3.19
CA ASN PA 100 -61.38 74.38 -1.99
C ASN PA 100 -62.44 75.47 -1.77
N GLU PA 101 -63.58 75.13 -1.12
CA GLU PA 101 -64.64 76.11 -0.90
C GLU PA 101 -65.54 75.73 0.27
N CYS PA 102 -66.35 76.69 0.76
CA CYS PA 102 -67.32 76.48 1.82
C CYS PA 102 -68.74 76.80 1.27
N VAL QA 1 62.53 104.77 45.81
CA VAL QA 1 61.35 105.67 45.51
C VAL QA 1 60.06 105.17 46.14
N GLU QA 2 58.99 105.99 46.13
CA GLU QA 2 57.78 105.72 46.86
C GLU QA 2 56.62 106.51 46.27
N LEU QA 3 55.38 106.11 46.57
CA LEU QA 3 54.16 106.73 46.07
C LEU QA 3 53.95 108.17 46.55
N THR QA 4 53.42 109.06 45.69
CA THR QA 4 53.17 110.45 46.00
C THR QA 4 51.68 110.76 45.91
N GLU QA 5 51.15 110.81 44.69
CA GLU QA 5 49.75 111.02 44.37
C GLU QA 5 49.17 109.73 43.84
N GLU QA 6 50.06 108.75 43.53
CA GLU QA 6 49.73 107.37 43.30
C GLU QA 6 49.18 106.71 44.57
N GLU QA 7 49.50 107.30 45.73
CA GLU QA 7 48.94 106.99 47.02
C GLU QA 7 47.41 107.14 47.06
N LEU QA 8 46.87 108.24 46.48
CA LEU QA 8 45.43 108.42 46.27
C LEU QA 8 44.83 107.34 45.40
N TYR QA 9 45.50 107.03 44.28
CA TYR QA 9 45.07 106.05 43.32
C TYR QA 9 44.92 104.65 43.91
N ILE QA 10 45.95 104.12 44.63
CA ILE QA 10 45.84 102.88 45.37
C ILE QA 10 44.77 102.88 46.46
N SER QA 11 44.65 103.98 47.22
CA SER QA 11 43.59 104.22 48.19
C SER QA 11 42.19 104.11 47.61
N LYS QA 12 41.97 104.70 46.44
CA LYS QA 12 40.66 104.96 45.87
C LYS QA 12 40.27 103.87 44.85
N LYS QA 13 41.01 102.74 44.83
CA LYS QA 13 40.57 101.52 44.18
C LYS QA 13 39.25 100.96 44.74
N ASN QA 14 38.43 100.36 43.85
CA ASN QA 14 37.06 99.97 44.16
C ASN QA 14 36.96 98.45 44.34
N LEU QA 15 38.08 97.78 44.67
CA LEU QA 15 38.16 96.33 44.73
C LEU QA 15 37.16 95.68 45.69
N LEU QA 16 36.41 94.67 45.20
CA LEU QA 16 35.39 93.97 45.95
C LEU QA 16 35.93 93.16 47.10
N PHE QA 17 37.04 92.44 46.85
CA PHE QA 17 37.62 91.52 47.81
C PHE QA 17 38.17 92.19 49.05
N LYS QA 18 37.71 91.68 50.21
CA LYS QA 18 37.93 92.23 51.53
C LYS QA 18 37.77 91.05 52.47
N ARG QA 19 38.08 91.26 53.77
CA ARG QA 19 37.90 90.27 54.84
C ARG QA 19 38.62 88.95 54.62
N PHE QA 20 39.88 89.07 54.22
CA PHE QA 20 40.88 88.04 54.03
C PHE QA 20 41.15 87.21 55.28
N VAL QA 21 41.51 85.92 55.18
CA VAL QA 21 41.75 85.09 56.37
C VAL QA 21 43.09 85.36 57.09
N GLU QA 22 43.49 86.63 57.18
CA GLU QA 22 44.67 87.12 57.83
C GLU QA 22 44.73 86.79 59.33
N PRO QA 23 45.89 86.41 59.89
CA PRO QA 23 46.05 86.24 61.32
C PRO QA 23 45.66 87.45 62.15
N GLY QA 24 44.75 87.29 63.12
CA GLY QA 24 44.27 88.39 63.93
C GLY QA 24 43.10 89.14 63.35
N ARG QA 25 42.30 88.53 62.46
CA ARG QA 25 41.06 89.11 62.00
C ARG QA 25 39.92 88.61 62.88
N LEU QA 26 38.99 89.52 63.25
CA LEU QA 26 37.85 89.17 64.06
C LEU QA 26 36.76 88.43 63.28
N CYS QA 27 36.20 87.37 63.88
CA CYS QA 27 35.22 86.50 63.27
C CYS QA 27 34.17 86.08 64.28
N LEU QA 28 32.90 86.01 63.84
CA LEU QA 28 31.75 85.64 64.64
C LEU QA 28 31.31 84.22 64.34
N ILE QA 29 31.42 83.32 65.34
CA ILE QA 29 31.01 81.93 65.25
C ILE QA 29 29.50 81.78 65.09
N GLU QA 30 29.01 81.06 64.06
CA GLU QA 30 27.58 80.95 63.77
C GLU QA 30 26.96 79.59 64.10
N TYR QA 31 27.77 78.63 64.59
CA TYR QA 31 27.32 77.27 64.77
C TYR QA 31 28.18 76.62 65.86
N GLY QA 32 27.69 75.53 66.47
CA GLY QA 32 28.42 74.77 67.49
C GLY QA 32 28.32 75.33 68.89
N PRO QA 33 29.00 74.73 69.86
CA PRO QA 33 28.90 75.08 71.28
C PRO QA 33 29.22 76.52 71.60
N TYR QA 34 30.13 77.13 70.83
CA TYR QA 34 30.62 78.48 71.06
C TYR QA 34 30.04 79.46 70.05
N ALA QA 35 28.86 79.14 69.47
CA ALA QA 35 28.14 80.06 68.61
C ALA QA 35 27.79 81.40 69.25
N GLY QA 36 27.82 82.47 68.44
CA GLY QA 36 27.53 83.84 68.83
C GLY QA 36 28.66 84.55 69.49
N LYS QA 37 29.81 83.87 69.63
CA LYS QA 37 31.00 84.45 70.19
C LYS QA 37 31.92 84.98 69.12
N LEU QA 38 32.70 86.03 69.46
CA LEU QA 38 33.70 86.59 68.57
C LEU QA 38 35.08 86.00 68.87
N CYS QA 39 35.93 85.91 67.84
CA CYS QA 39 37.18 85.19 67.94
C CYS QA 39 38.15 85.64 66.88
N PHE QA 40 39.45 85.45 67.11
CA PHE QA 40 40.47 85.75 66.14
C PHE QA 40 40.85 84.53 65.31
N ILE QA 41 41.24 84.76 64.05
CA ILE QA 41 41.85 83.76 63.19
C ILE QA 41 43.32 83.65 63.54
N VAL QA 42 43.77 82.54 64.14
CA VAL QA 42 45.18 82.26 64.32
C VAL QA 42 45.79 81.64 63.05
N ASP QA 43 45.69 80.31 62.94
CA ASP QA 43 46.27 79.49 61.89
C ASP QA 43 45.21 79.06 60.89
N ILE QA 44 45.65 78.41 59.81
CA ILE QA 44 44.80 77.81 58.81
C ILE QA 44 45.29 76.37 58.76
N VAL QA 45 44.44 75.39 59.06
CA VAL QA 45 44.84 74.00 59.05
C VAL QA 45 44.88 73.49 57.63
N THR QA 46 43.83 73.82 56.87
CA THR QA 46 43.59 73.30 55.53
C THR QA 46 42.53 74.20 54.92
N ILE QA 47 42.09 73.93 53.68
CA ILE QA 47 41.11 74.74 52.97
C ILE QA 47 39.77 74.89 53.70
N THR QA 48 39.21 73.80 54.28
CA THR QA 48 38.02 73.90 55.12
C THR QA 48 38.25 74.51 56.49
N ARG QA 49 39.38 74.20 57.17
CA ARG QA 49 39.51 74.42 58.60
C ARG QA 49 40.63 75.35 59.00
N VAL QA 50 40.37 76.11 60.07
CA VAL QA 50 41.22 77.15 60.61
C VAL QA 50 41.36 76.96 62.11
N ILE QA 51 42.44 77.49 62.70
CA ILE QA 51 42.60 77.55 64.13
C ILE QA 51 42.11 78.90 64.58
N VAL QA 52 41.04 78.90 65.38
CA VAL QA 52 40.42 80.06 65.93
C VAL QA 52 40.78 80.14 67.40
N ASP QA 53 40.78 81.36 67.95
CA ASP QA 53 41.10 81.58 69.33
C ASP QA 53 40.26 82.75 69.78
N GLY QA 54 39.32 82.50 70.71
CA GLY QA 54 38.47 83.51 71.31
C GLY QA 54 39.14 84.72 71.91
N ALA QA 55 38.35 85.78 72.10
CA ALA QA 55 38.72 86.84 73.01
C ALA QA 55 38.60 86.37 74.44
N PHE QA 56 39.37 86.98 75.35
CA PHE QA 56 39.28 86.73 76.78
C PHE QA 56 37.92 87.17 77.31
N ILE QA 57 37.35 88.22 76.68
CA ILE QA 57 35.99 88.66 76.87
C ILE QA 57 34.97 87.60 76.48
N THR QA 58 35.14 86.93 75.33
CA THR QA 58 34.13 86.03 74.79
C THR QA 58 34.25 84.62 75.30
N GLY QA 59 35.43 84.22 75.82
CA GLY QA 59 35.58 82.97 76.57
C GLY QA 59 35.58 81.71 75.74
N VAL QA 60 36.32 81.71 74.62
CA VAL QA 60 36.36 80.58 73.71
C VAL QA 60 37.81 80.14 73.62
N PRO QA 61 38.18 78.89 73.86
CA PRO QA 61 39.57 78.46 73.82
C PRO QA 61 40.14 78.45 72.41
N ARG QA 62 41.46 78.30 72.30
CA ARG QA 62 42.15 78.00 71.05
C ARG QA 62 41.73 76.64 70.49
N MET QA 63 41.31 76.56 69.22
CA MET QA 63 40.68 75.35 68.71
C MET QA 63 40.48 75.37 67.21
N VAL QA 64 40.41 74.16 66.59
CA VAL QA 64 40.11 74.05 65.18
C VAL QA 64 38.61 74.12 64.94
N ILE QA 65 38.18 74.88 63.93
CA ILE QA 65 36.83 74.85 63.41
C ILE QA 65 36.89 75.00 61.91
N PRO QA 66 35.88 74.55 61.17
CA PRO QA 66 35.74 74.94 59.78
C PRO QA 66 35.42 76.41 59.61
N LEU QA 67 36.01 77.03 58.59
CA LEU QA 67 35.84 78.42 58.20
C LEU QA 67 34.39 78.75 57.90
N LYS QA 68 33.63 77.73 57.45
CA LYS QA 68 32.22 77.76 57.17
C LYS QA 68 31.37 78.10 58.39
N ARG QA 69 31.94 77.96 59.60
CA ARG QA 69 31.25 78.24 60.84
C ARG QA 69 31.47 79.68 61.30
N LEU QA 70 32.20 80.49 60.52
CA LEU QA 70 32.47 81.87 60.89
C LEU QA 70 31.81 82.87 59.97
N LYS QA 71 31.48 84.06 60.51
CA LYS QA 71 31.03 85.20 59.76
C LYS QA 71 32.06 86.28 60.05
N LEU QA 72 32.93 86.53 59.06
CA LEU QA 72 34.09 87.38 59.21
C LEU QA 72 33.77 88.85 59.35
N LEU QA 73 34.49 89.55 60.23
CA LEU QA 73 34.29 90.96 60.45
C LEU QA 73 35.39 91.73 59.79
N LYS QA 74 35.11 93.02 59.56
CA LYS QA 74 36.00 93.93 58.85
C LYS QA 74 37.37 94.08 59.49
N GLU QA 75 37.40 94.43 60.78
CA GLU QA 75 38.62 94.61 61.54
C GLU QA 75 39.61 93.45 61.61
N ARG QA 76 40.91 93.81 61.62
CA ARG QA 76 42.01 92.90 61.76
C ARG QA 76 43.18 93.60 62.41
N ILE QA 77 43.93 92.86 63.24
CA ILE QA 77 45.07 93.36 63.98
C ILE QA 77 46.26 92.53 63.55
N LYS QA 78 47.36 93.20 63.16
CA LYS QA 78 48.54 92.50 62.70
C LYS QA 78 49.42 92.07 63.85
N ILE QA 79 49.77 90.78 63.88
CA ILE QA 79 50.52 90.14 64.94
C ILE QA 79 51.54 89.20 64.32
N ASN QA 80 52.60 88.82 65.07
CA ASN QA 80 53.54 87.80 64.64
C ASN QA 80 52.87 86.43 64.64
N LYS QA 81 53.28 85.51 63.77
CA LYS QA 81 52.55 84.27 63.57
C LYS QA 81 52.59 83.25 64.71
N ASN QA 82 53.56 83.36 65.65
CA ASN QA 82 53.79 82.32 66.63
C ASN QA 82 53.18 82.62 68.01
N CYS QA 83 52.52 83.79 68.16
CA CYS QA 83 52.02 84.29 69.43
C CYS QA 83 51.00 83.46 70.20
N LYS QA 84 51.11 83.48 71.55
CA LYS QA 84 50.21 82.81 72.48
C LYS QA 84 49.40 83.79 73.35
N SER QA 85 48.88 83.32 74.51
CA SER QA 85 47.73 83.94 75.18
C SER QA 85 47.98 85.28 75.83
N GLY QA 86 49.17 85.44 76.46
CA GLY QA 86 49.62 86.71 77.04
C GLY QA 86 49.71 87.81 76.04
N PHE QA 87 50.41 87.57 74.93
CA PHE QA 87 50.56 88.52 73.85
C PHE QA 87 49.22 88.83 73.19
N LEU QA 88 48.37 87.81 72.98
CA LEU QA 88 47.03 88.04 72.48
C LEU QA 88 46.19 88.90 73.41
N ARG QA 89 46.24 88.67 74.74
CA ARG QA 89 45.59 89.55 75.69
C ARG QA 89 46.12 90.98 75.68
N LYS QA 90 47.46 91.15 75.67
CA LYS QA 90 48.12 92.43 75.59
C LYS QA 90 47.77 93.22 74.34
N THR QA 91 47.71 92.53 73.20
CA THR QA 91 47.35 93.12 71.92
C THR QA 91 45.90 93.51 71.85
N VAL QA 92 44.96 92.67 72.29
CA VAL QA 92 43.54 92.97 72.28
C VAL QA 92 43.21 94.16 73.16
N ASN QA 93 43.82 94.22 74.36
CA ASN QA 93 43.70 95.33 75.29
C ASN QA 93 44.22 96.63 74.69
N SER QA 94 45.40 96.57 74.02
CA SER QA 94 45.97 97.67 73.26
C SER QA 94 45.06 98.20 72.17
N THR QA 95 44.57 97.30 71.29
CA THR QA 95 43.90 97.71 70.06
C THR QA 95 42.42 98.02 70.19
N LYS QA 96 41.78 97.67 71.33
CA LYS QA 96 40.39 97.97 71.65
C LYS QA 96 39.38 97.69 70.54
N VAL QA 97 39.46 96.46 69.97
CA VAL QA 97 38.72 96.05 68.79
C VAL QA 97 37.23 95.91 69.08
N LEU QA 98 36.87 95.49 70.31
CA LEU QA 98 35.48 95.36 70.72
C LEU QA 98 34.72 96.68 70.65
N GLU QA 99 35.37 97.80 71.03
CA GLU QA 99 34.79 99.12 70.83
C GLU QA 99 34.51 99.43 69.37
N GLU QA 100 35.45 99.10 68.46
CA GLU QA 100 35.26 99.22 67.02
C GLU QA 100 34.08 98.40 66.52
N PHE QA 101 33.94 97.15 67.03
CA PHE QA 101 32.81 96.28 66.78
C PHE QA 101 31.50 96.88 67.26
N ASN QA 102 31.46 97.43 68.49
CA ASN QA 102 30.28 98.09 69.04
C ASN QA 102 29.81 99.26 68.17
N ASN QA 103 30.75 100.11 67.75
CA ASN QA 103 30.51 101.15 66.76
C ASN QA 103 29.98 100.63 65.42
N SER QA 104 30.52 99.50 64.92
CA SER QA 104 30.07 98.87 63.68
C SER QA 104 28.60 98.49 63.68
N LYS QA 105 27.91 98.68 62.55
CA LYS QA 105 26.47 98.50 62.42
C LYS QA 105 25.94 97.14 62.83
N LEU QA 106 26.57 96.02 62.40
CA LEU QA 106 26.19 94.69 62.84
C LEU QA 106 26.29 94.51 64.36
N GLY QA 107 27.42 94.94 64.95
CA GLY QA 107 27.65 94.99 66.38
C GLY QA 107 26.60 95.77 67.11
N LYS QA 108 26.30 96.96 66.59
CA LYS QA 108 25.27 97.85 67.09
C LYS QA 108 23.88 97.21 67.06
N LYS QA 109 23.51 96.51 65.98
CA LYS QA 109 22.25 95.77 65.93
C LYS QA 109 22.20 94.67 66.97
N MET QA 110 23.32 93.93 67.15
CA MET QA 110 23.45 92.89 68.15
C MET QA 110 23.32 93.38 69.58
N ILE QA 111 24.00 94.48 69.94
CA ILE QA 111 23.91 95.03 71.28
C ILE QA 111 22.54 95.62 71.58
N ILE QA 112 21.87 96.28 70.61
CA ILE QA 112 20.50 96.75 70.79
C ILE QA 112 19.55 95.59 71.04
N LYS QA 113 19.68 94.51 70.25
CA LYS QA 113 18.91 93.30 70.41
C LYS QA 113 19.12 92.66 71.78
N LYS QA 114 20.37 92.61 72.26
CA LYS QA 114 20.73 92.09 73.57
C LYS QA 114 20.04 92.81 74.72
N LYS QA 115 20.01 94.16 74.70
CA LYS QA 115 19.25 94.98 75.63
C LYS QA 115 17.76 94.65 75.61
N ARG QA 116 17.16 94.58 74.40
CA ARG QA 116 15.78 94.24 74.21
C ARG QA 116 15.40 92.87 74.75
N ASP QA 117 16.24 91.85 74.50
CA ASP QA 117 16.10 90.51 75.04
C ASP QA 117 16.06 90.49 76.57
N GLU QA 118 16.96 91.23 77.22
CA GLU QA 118 17.09 91.22 78.66
C GLU QA 118 16.13 92.15 79.39
N ALA QA 119 15.42 93.05 78.67
CA ALA QA 119 14.52 94.03 79.25
C ALA QA 119 13.41 93.48 80.14
N THR QA 120 13.22 94.10 81.32
CA THR QA 120 12.22 93.68 82.30
C THR QA 120 10.81 94.13 81.95
N ASP QA 121 9.79 93.63 82.66
CA ASP QA 121 8.41 93.94 82.39
C ASP QA 121 8.07 95.43 82.48
N PHE QA 122 8.55 96.12 83.53
CA PHE QA 122 8.41 97.55 83.65
C PHE QA 122 9.13 98.29 82.52
N GLU QA 123 10.37 97.90 82.19
CA GLU QA 123 11.10 98.40 81.03
C GLU QA 123 10.35 98.24 79.70
N ARG QA 124 9.71 97.09 79.47
CA ARG QA 124 8.88 96.85 78.30
C ARG QA 124 7.70 97.81 78.22
N PHE QA 125 7.01 98.02 79.35
CA PHE QA 125 5.94 99.00 79.43
C PHE QA 125 6.44 100.40 79.15
N GLN QA 126 7.59 100.77 79.74
CA GLN QA 126 8.20 102.06 79.52
C GLN QA 126 8.51 102.31 78.06
N VAL QA 127 9.07 101.33 77.33
CA VAL QA 127 9.22 101.44 75.88
C VAL QA 127 7.89 101.65 75.14
N TYR QA 128 6.82 100.93 75.52
CA TYR QA 128 5.49 101.14 75.00
C TYR QA 128 4.96 102.54 75.25
N PHE QA 129 5.05 102.98 76.51
CA PHE QA 129 4.61 104.28 76.97
C PHE QA 129 5.34 105.43 76.27
N ALA QA 130 6.67 105.34 76.13
CA ALA QA 130 7.50 106.28 75.41
C ALA QA 130 7.15 106.42 73.94
N LYS QA 131 6.98 105.29 73.24
CA LYS QA 131 6.51 105.25 71.87
C LYS QA 131 5.12 105.87 71.75
N ARG QA 132 4.22 105.62 72.73
CA ARG QA 132 2.93 106.26 72.74
C ARG QA 132 3.00 107.78 72.88
N GLU QA 133 3.87 108.32 73.76
CA GLU QA 133 4.16 109.74 73.88
C GLU QA 133 4.70 110.32 72.59
N LEU QA 134 5.66 109.61 71.96
CA LEU QA 134 6.22 109.98 70.68
C LEU QA 134 5.17 110.06 69.60
N LYS QA 135 4.29 109.05 69.45
CA LYS QA 135 3.25 109.08 68.44
C LYS QA 135 2.30 110.25 68.58
N LYS QA 136 1.85 110.56 69.80
CA LYS QA 136 1.05 111.72 70.13
C LYS QA 136 1.69 113.03 69.69
N LYS QA 137 2.94 113.27 70.10
CA LYS QA 137 3.73 114.42 69.68
C LYS QA 137 3.99 114.47 68.17
N MET QA 138 4.41 113.35 67.56
CA MET QA 138 4.73 113.19 66.16
C MET QA 138 3.53 113.42 65.26
N THR QA 139 2.36 112.87 65.61
CA THR QA 139 1.09 113.14 64.92
C THR QA 139 0.72 114.61 65.00
N THR QA 140 0.90 115.25 66.16
CA THR QA 140 0.71 116.68 66.37
C THR QA 140 1.64 117.50 65.50
N ILE QA 141 2.90 117.08 65.35
CA ILE QA 141 3.82 117.67 64.38
C ILE QA 141 3.34 117.46 62.95
N LYS QA 142 2.82 116.28 62.58
CA LYS QA 142 2.23 116.07 61.27
C LYS QA 142 1.05 116.99 60.98
N ASN QA 143 0.17 117.26 61.97
CA ASN QA 143 -0.82 118.32 61.93
C ASN QA 143 -0.22 119.70 61.68
N LYS QA 144 0.88 120.03 62.41
CA LYS QA 144 1.65 121.25 62.29
C LYS QA 144 2.20 121.54 60.89
N LYS QA 145 2.72 120.51 60.19
CA LYS QA 145 3.42 120.67 58.94
C LYS QA 145 2.59 121.22 57.77
N ASN QA 146 1.33 120.80 57.58
CA ASN QA 146 0.52 121.22 56.45
C ASN QA 146 0.18 122.75 56.45
N ALA RA 1 -12.24 53.78 75.45
CA ALA RA 1 -11.46 52.55 75.80
C ALA RA 1 -11.86 51.92 77.15
N VAL RA 2 -10.91 51.69 78.08
CA VAL RA 2 -11.15 51.10 79.40
C VAL RA 2 -12.11 51.91 80.26
N LYS RA 3 -13.00 51.25 81.05
CA LYS RA 3 -14.08 51.91 81.76
C LYS RA 3 -14.01 51.74 83.27
N LYS RA 4 -13.16 52.55 83.96
CA LYS RA 4 -13.23 52.69 85.41
C LYS RA 4 -14.54 53.30 85.93
N VAL RA 5 -15.07 52.74 87.03
CA VAL RA 5 -16.07 53.38 87.86
C VAL RA 5 -15.76 52.99 89.30
N GLY RA 6 -15.34 53.94 90.16
CA GLY RA 6 -14.74 53.61 91.46
C GLY RA 6 -13.58 52.65 91.35
N LYS RA 7 -13.50 51.65 92.26
CA LYS RA 7 -12.53 50.57 92.12
C LYS RA 7 -13.11 49.40 91.32
N ILE RA 8 -14.11 49.64 90.46
CA ILE RA 8 -14.62 48.65 89.52
C ILE RA 8 -14.12 49.06 88.15
N ILE RA 9 -13.06 48.36 87.69
CA ILE RA 9 -12.50 48.55 86.37
C ILE RA 9 -12.99 47.46 85.45
N LYS RA 10 -13.71 47.82 84.36
CA LYS RA 10 -14.03 46.88 83.31
C LYS RA 10 -13.24 47.24 82.06
N LYS RA 11 -12.56 46.23 81.50
CA LYS RA 11 -11.56 46.40 80.47
C LYS RA 11 -12.11 46.77 79.11
N ARG RA 12 -13.19 46.10 78.70
CA ARG RA 12 -13.70 46.18 77.36
C ARG RA 12 -15.21 46.35 77.36
N THR RA 13 -15.70 47.44 76.77
CA THR RA 13 -17.14 47.65 76.58
C THR RA 13 -17.67 46.92 75.36
N LYS RA 14 -16.97 47.01 74.21
CA LYS RA 14 -17.42 46.48 72.94
C LYS RA 14 -17.42 44.96 72.87
N LYS RA 15 -18.60 44.35 72.63
CA LYS RA 15 -18.77 42.93 72.44
C LYS RA 15 -17.99 42.42 71.22
N PHE RA 16 -17.39 41.22 71.33
CA PHE RA 16 -16.64 40.56 70.27
C PHE RA 16 -17.56 39.92 69.23
N THR RA 17 -18.29 40.77 68.46
CA THR RA 17 -19.18 40.35 67.38
C THR RA 17 -18.48 39.58 66.27
N ARG RA 18 -19.12 38.52 65.75
CA ARG RA 18 -18.52 37.53 64.89
C ARG RA 18 -17.99 38.01 63.54
N PHE RA 19 -16.80 37.50 63.16
CA PHE RA 19 -16.10 37.71 61.90
C PHE RA 19 -16.97 37.84 60.66
N GLN RA 20 -16.91 39.04 60.03
CA GLN RA 20 -17.56 39.41 58.79
C GLN RA 20 -19.05 39.05 58.71
N SER RA 21 -19.81 39.27 59.80
CA SER RA 21 -21.18 38.79 59.91
C SER RA 21 -22.14 39.43 58.91
N ASN RA 22 -21.94 40.74 58.61
CA ASN RA 22 -22.66 41.43 57.57
C ASN RA 22 -22.31 41.00 56.15
N ARG RA 23 -21.09 40.47 55.92
CA ARG RA 23 -20.61 40.08 54.60
C ARG RA 23 -21.41 38.90 54.05
N PHE RA 24 -21.60 37.84 54.86
CA PHE RA 24 -22.50 36.75 54.50
C PHE RA 24 -23.72 36.79 55.40
N MET RA 25 -24.90 37.09 54.83
CA MET RA 25 -26.12 37.44 55.55
C MET RA 25 -26.60 36.34 56.51
N ARG RA 26 -26.47 35.07 56.10
CA ARG RA 26 -26.67 33.87 56.87
C ARG RA 26 -25.96 33.82 58.23
N VAL RA 27 -24.78 34.44 58.39
CA VAL RA 27 -24.07 34.56 59.65
C VAL RA 27 -24.81 35.39 60.71
N LYS RA 28 -24.74 34.97 62.00
CA LYS RA 28 -25.36 35.66 63.13
C LYS RA 28 -24.26 36.32 63.98
N PRO RA 29 -24.52 37.33 64.79
CA PRO RA 29 -23.45 38.18 65.31
C PRO RA 29 -22.74 37.59 66.50
N ALA RA 30 -23.35 36.63 67.23
CA ALA RA 30 -22.71 35.95 68.34
C ALA RA 30 -21.50 35.11 67.94
N TRP RA 31 -20.44 35.10 68.76
CA TRP RA 31 -19.15 34.53 68.43
C TRP RA 31 -19.17 33.03 68.11
N ARG RA 32 -18.37 32.67 67.09
CA ARG RA 32 -18.17 31.31 66.67
C ARG RA 32 -16.73 31.24 66.20
N LYS RA 33 -15.95 30.24 66.65
CA LYS RA 33 -14.52 30.25 66.48
C LYS RA 33 -14.13 29.58 65.17
N PRO RA 34 -13.52 30.25 64.19
CA PRO RA 34 -13.16 29.61 62.94
C PRO RA 34 -12.25 28.39 63.08
N ARG RA 35 -12.67 27.26 62.49
CA ARG RA 35 -11.80 26.11 62.29
C ARG RA 35 -11.20 26.15 60.89
N GLY RA 36 -11.54 27.22 60.13
CA GLY RA 36 -10.99 27.50 58.82
C GLY RA 36 -9.50 27.66 58.74
N ILE RA 37 -8.91 27.26 57.61
CA ILE RA 37 -7.52 27.49 57.32
C ILE RA 37 -7.38 28.80 56.54
N ASP RA 38 -6.44 29.66 56.99
CA ASP RA 38 -6.24 31.00 56.45
C ASP RA 38 -7.42 31.93 56.71
N CYS RA 39 -7.97 31.86 57.94
CA CYS RA 39 -9.21 32.52 58.29
C CYS RA 39 -9.12 34.00 58.58
N ARG RA 40 -7.89 34.52 58.78
CA ARG RA 40 -7.63 35.92 59.10
C ARG RA 40 -8.13 36.30 60.49
N VAL RA 41 -8.22 35.31 61.37
CA VAL RA 41 -8.63 35.46 62.75
C VAL RA 41 -7.62 34.71 63.58
N ARG RA 42 -7.64 33.37 63.52
CA ARG RA 42 -6.64 32.52 64.12
C ARG RA 42 -5.26 32.73 63.51
N ARG RA 43 -5.19 32.80 62.16
CA ARG RA 43 -4.02 33.36 61.50
C ARG RA 43 -4.15 34.88 61.60
N ARG RA 44 -3.30 35.47 62.45
CA ARG RA 44 -3.68 36.53 63.36
C ARG RA 44 -3.44 37.92 62.76
N TYR RA 45 -3.76 38.06 61.47
CA TYR RA 45 -3.63 39.28 60.72
C TYR RA 45 -4.38 40.45 61.32
N LYS RA 46 -3.66 41.53 61.62
CA LYS RA 46 -4.18 42.73 62.21
C LYS RA 46 -5.21 43.46 61.34
N GLY RA 47 -6.22 44.11 61.96
CA GLY RA 47 -7.23 44.92 61.26
C GLY RA 47 -8.56 44.24 60.98
N THR RA 48 -8.72 42.96 61.35
CA THR RA 48 -9.97 42.21 61.29
C THR RA 48 -10.74 42.30 62.60
N ASN RA 49 -12.00 41.79 62.63
CA ASN RA 49 -12.75 41.60 63.87
C ASN RA 49 -11.97 40.81 64.94
N LEU RA 50 -11.74 41.42 66.12
CA LEU RA 50 -10.94 40.81 67.17
C LEU RA 50 -11.54 39.56 67.78
N MET RA 51 -10.69 38.55 68.04
CA MET RA 51 -11.03 37.39 68.82
C MET RA 51 -11.35 37.77 70.28
N PRO RA 52 -12.36 37.24 70.97
CA PRO RA 52 -12.42 37.30 72.43
C PRO RA 52 -11.24 36.60 73.11
N SER RA 53 -10.85 37.01 74.32
CA SER RA 53 -9.72 36.37 75.00
C SER RA 53 -9.93 36.45 76.47
N ILE RA 54 -9.51 35.40 77.20
CA ILE RA 54 -9.63 35.28 78.64
C ILE RA 54 -9.01 36.46 79.39
N GLY RA 55 -7.97 37.09 78.81
CA GLY RA 55 -7.24 38.26 79.32
C GLY RA 55 -8.12 39.45 79.62
N TYR RA 56 -9.21 39.61 78.85
CA TYR RA 56 -10.22 40.63 79.00
C TYR RA 56 -11.09 40.40 80.24
N GLY RA 57 -11.11 39.18 80.78
CA GLY RA 57 -11.80 38.80 82.00
C GLY RA 57 -11.73 39.75 83.19
N SER RA 58 -12.85 39.86 83.92
CA SER RA 58 -13.03 40.73 85.08
C SER RA 58 -12.14 40.44 86.28
N ASN RA 59 -11.72 41.50 87.02
CA ASN RA 59 -11.00 41.40 88.28
C ASN RA 59 -11.77 40.65 89.36
N LYS RA 60 -11.09 39.86 90.19
CA LYS RA 60 -11.73 38.98 91.14
C LYS RA 60 -12.57 39.65 92.21
N LYS RA 61 -12.18 40.86 92.67
CA LYS RA 61 -13.04 41.65 93.56
C LYS RA 61 -14.37 42.06 92.90
N THR RA 62 -14.36 42.46 91.62
CA THR RA 62 -15.57 42.81 90.88
C THR RA 62 -16.36 41.60 90.44
N LYS RA 63 -15.69 40.71 89.70
CA LYS RA 63 -16.15 39.58 88.92
C LYS RA 63 -17.44 39.68 88.11
N PHE RA 64 -18.61 39.86 88.75
CA PHE RA 64 -19.90 39.97 88.09
C PHE RA 64 -20.59 41.29 88.44
N LEU RA 65 -19.91 42.21 89.14
CA LEU RA 65 -20.53 43.42 89.69
C LEU RA 65 -21.15 44.41 88.70
N LEU RA 66 -22.19 45.13 89.18
CA LEU RA 66 -22.89 46.16 88.45
C LEU RA 66 -22.41 47.53 88.91
N PRO RA 67 -22.52 48.59 88.10
CA PRO RA 67 -22.35 49.99 88.50
C PRO RA 67 -23.21 50.44 89.68
N ASN RA 68 -24.28 49.67 89.96
CA ASN RA 68 -25.12 49.74 91.13
C ASN RA 68 -24.35 49.50 92.43
N ASN RA 69 -23.26 48.72 92.35
CA ASN RA 69 -22.36 48.35 93.44
C ASN RA 69 -22.95 47.22 94.25
N LYS RA 70 -23.91 46.49 93.68
CA LYS RA 70 -24.56 45.39 94.34
C LYS RA 70 -24.73 44.30 93.30
N TYR RA 71 -24.45 43.04 93.66
CA TYR RA 71 -24.66 41.89 92.79
C TYR RA 71 -26.13 41.63 92.49
N LYS RA 72 -26.51 41.44 91.22
CA LYS RA 72 -27.90 41.22 90.88
C LYS RA 72 -28.42 39.82 91.16
N TYR RA 73 -29.58 39.75 91.81
CA TYR RA 73 -30.25 38.53 92.16
C TYR RA 73 -31.65 38.57 91.59
N VAL RA 74 -32.00 37.57 90.75
CA VAL RA 74 -33.28 37.58 90.07
C VAL RA 74 -34.36 36.87 90.89
N VAL RA 75 -35.55 37.48 90.95
CA VAL RA 75 -36.57 37.22 91.93
C VAL RA 75 -37.88 36.95 91.23
N LYS RA 76 -38.48 35.78 91.51
CA LYS RA 76 -39.73 35.33 90.95
C LYS RA 76 -40.72 34.90 92.03
N ASN RA 77 -40.32 34.96 93.32
CA ASN RA 77 -41.19 34.60 94.41
C ASN RA 77 -40.88 35.51 95.58
N VAL RA 78 -41.90 35.77 96.42
CA VAL RA 78 -41.82 36.60 97.60
C VAL RA 78 -40.81 36.07 98.58
N LYS RA 79 -40.80 34.73 98.77
CA LYS RA 79 -39.97 33.99 99.71
C LYS RA 79 -38.47 34.25 99.57
N GLU RA 80 -38.03 34.72 98.40
CA GLU RA 80 -36.67 35.07 98.09
C GLU RA 80 -36.15 36.29 98.87
N MET RA 81 -37.06 37.03 99.54
CA MET RA 81 -36.74 38.12 100.45
C MET RA 81 -35.85 37.70 101.62
N GLU RA 82 -36.11 36.51 102.20
CA GLU RA 82 -35.48 36.03 103.41
C GLU RA 82 -33.96 35.87 103.33
N PRO RA 83 -33.31 35.47 102.25
CA PRO RA 83 -31.86 35.57 102.19
C PRO RA 83 -31.49 36.98 101.79
N LEU RA 84 -32.27 37.64 100.92
CA LEU RA 84 -31.93 38.96 100.44
C LEU RA 84 -31.86 40.05 101.51
N ILE RA 85 -32.58 39.94 102.65
CA ILE RA 85 -32.42 40.87 103.75
C ILE RA 85 -31.04 40.86 104.38
N MET RA 86 -30.43 39.69 104.51
CA MET RA 86 -29.13 39.57 105.14
C MET RA 86 -28.01 39.98 104.21
N ASN RA 87 -28.30 40.00 102.89
CA ASN RA 87 -27.32 40.26 101.86
C ASN RA 87 -27.56 41.60 101.17
N HIS RA 88 -28.51 42.41 101.65
CA HIS RA 88 -29.02 43.61 100.99
C HIS RA 88 -27.95 44.66 100.69
N THR RA 89 -26.97 44.74 101.59
CA THR RA 89 -25.85 45.66 101.52
C THR RA 89 -24.86 45.26 100.41
N LYS RA 90 -24.93 44.00 99.90
CA LYS RA 90 -24.06 43.50 98.86
C LYS RA 90 -24.81 43.06 97.58
N TYR RA 91 -26.13 42.85 97.65
CA TYR RA 91 -26.94 42.30 96.58
C TYR RA 91 -28.14 43.19 96.26
N CYS RA 92 -28.55 43.23 94.97
CA CYS RA 92 -29.73 43.95 94.49
C CYS RA 92 -30.73 43.02 93.82
N VAL RA 93 -32.03 43.30 94.00
CA VAL RA 93 -33.10 42.56 93.37
C VAL RA 93 -33.37 43.00 91.94
N GLN RA 94 -33.53 42.02 91.04
CA GLN RA 94 -34.12 42.15 89.73
C GLN RA 94 -35.37 41.28 89.67
N ILE RA 95 -36.53 41.80 89.26
CA ILE RA 95 -37.71 40.96 89.18
C ILE RA 95 -37.81 40.27 87.83
N ALA RA 96 -37.98 38.94 87.85
CA ALA RA 96 -38.12 38.07 86.70
C ALA RA 96 -39.21 38.41 85.66
N HIS RA 97 -39.02 37.88 84.44
CA HIS RA 97 -39.83 38.09 83.24
C HIS RA 97 -41.33 37.86 83.37
N ASN RA 98 -41.70 36.72 83.95
CA ASN RA 98 -43.01 36.19 84.11
C ASN RA 98 -43.94 37.00 85.01
N VAL RA 99 -43.38 37.53 86.12
CA VAL RA 99 -44.09 37.83 87.35
C VAL RA 99 -45.35 38.68 87.21
N SER RA 100 -46.49 38.06 87.55
CA SER RA 100 -47.81 38.67 87.52
C SER RA 100 -47.87 39.93 88.38
N SER RA 101 -48.63 40.94 87.92
CA SER RA 101 -48.57 42.31 88.42
C SER RA 101 -48.89 42.46 89.90
N LYS RA 102 -49.92 41.74 90.38
CA LYS RA 102 -50.29 41.71 91.78
C LYS RA 102 -49.15 41.20 92.67
N LYS RA 103 -48.58 40.03 92.32
CA LYS RA 103 -47.40 39.48 92.96
C LYS RA 103 -46.19 40.39 92.83
N ARG RA 104 -45.95 40.95 91.64
CA ARG RA 104 -44.84 41.83 91.35
C ARG RA 104 -44.86 43.07 92.22
N LYS RA 105 -46.00 43.75 92.30
CA LYS RA 105 -46.24 44.86 93.21
C LYS RA 105 -45.95 44.51 94.65
N GLN RA 106 -46.43 43.34 95.13
CA GLN RA 106 -46.15 42.85 96.46
C GLN RA 106 -44.66 42.65 96.71
N ILE RA 107 -43.93 42.05 95.76
CA ILE RA 107 -42.48 41.94 95.82
C ILE RA 107 -41.80 43.29 95.87
N ILE RA 108 -42.25 44.27 95.06
CA ILE RA 108 -41.72 45.63 95.07
C ILE RA 108 -41.88 46.28 96.45
N GLU RA 109 -43.06 46.21 97.05
CA GLU RA 109 -43.28 46.62 98.42
C GLU RA 109 -42.36 45.94 99.43
N ARG RA 110 -42.22 44.60 99.35
CA ARG RA 110 -41.28 43.84 100.14
C ARG RA 110 -39.83 44.29 100.00
N ALA RA 111 -39.37 44.56 98.78
CA ALA RA 111 -38.05 45.08 98.50
C ALA RA 111 -37.77 46.40 99.19
N LYS RA 112 -38.77 47.30 99.25
CA LYS RA 112 -38.70 48.53 100.00
C LYS RA 112 -38.61 48.30 101.51
N GLN RA 113 -39.33 47.29 102.05
CA GLN RA 113 -39.18 46.87 103.45
C GLN RA 113 -37.79 46.34 103.74
N MET RA 114 -37.15 45.71 102.74
CA MET RA 114 -35.83 45.16 102.85
C MET RA 114 -34.79 46.24 102.62
N ASN RA 115 -35.23 47.41 102.14
CA ASN RA 115 -34.42 48.59 101.87
C ASN RA 115 -33.47 48.38 100.71
N VAL RA 116 -33.94 47.66 99.67
CA VAL RA 116 -33.15 47.38 98.48
C VAL RA 116 -33.96 47.70 97.25
N SER RA 117 -33.41 48.55 96.37
CA SER RA 117 -34.06 48.92 95.12
C SER RA 117 -34.14 47.78 94.12
N VAL RA 118 -35.24 47.77 93.35
CA VAL RA 118 -35.40 46.87 92.22
C VAL RA 118 -34.83 47.54 90.98
N ILE RA 119 -33.91 46.89 90.25
CA ILE RA 119 -33.22 47.55 89.14
C ILE RA 119 -34.08 47.72 87.91
N ASN RA 120 -35.20 46.98 87.82
CA ASN RA 120 -36.21 47.07 86.78
C ASN RA 120 -37.58 47.46 87.37
N ALA RA 121 -37.59 48.32 88.41
CA ALA RA 121 -38.75 48.67 89.21
C ALA RA 121 -39.98 49.19 88.48
N LYS RA 122 -39.79 49.99 87.41
CA LYS RA 122 -40.89 50.58 86.68
C LYS RA 122 -41.70 49.60 85.85
N ALA RA 123 -41.18 48.39 85.62
CA ALA RA 123 -41.81 47.38 84.79
C ALA RA 123 -43.22 46.95 85.21
N ARG RA 124 -44.07 46.65 84.19
CA ARG RA 124 -45.43 46.15 84.36
C ARG RA 124 -46.36 47.13 85.08
N LEU RA 125 -46.19 48.45 84.82
CA LEU RA 125 -46.96 49.51 85.45
C LEU RA 125 -47.44 50.54 84.39
N LEU SA 1 -7.50 95.84 72.27
CA LEU SA 1 -9.00 95.90 72.19
C LEU SA 1 -9.66 95.13 73.34
N GLN SA 2 -10.93 94.71 73.24
CA GLN SA 2 -11.68 94.17 74.37
C GLN SA 2 -11.11 92.89 74.98
N ALA SA 3 -10.72 91.91 74.14
CA ALA SA 3 -10.16 90.68 74.61
C ALA SA 3 -8.64 90.75 74.80
N VAL SA 4 -8.10 90.00 75.78
CA VAL SA 4 -6.68 89.72 75.90
C VAL SA 4 -6.52 88.21 75.96
N ARG SA 5 -5.72 87.64 75.05
CA ARG SA 5 -5.71 86.20 74.80
C ARG SA 5 -5.05 85.31 75.86
N LEU SA 6 -3.85 85.66 76.37
CA LEU SA 6 -3.20 84.99 77.49
C LEU SA 6 -2.98 83.46 77.36
N TYR SA 7 -2.50 83.04 76.19
CA TYR SA 7 -2.08 81.70 75.85
C TYR SA 7 -1.10 81.94 74.73
N GLU SA 8 -0.40 80.92 74.21
CA GLU SA 8 0.26 81.06 72.94
C GLU SA 8 -0.38 80.14 71.94
N LYS SA 9 -0.25 80.46 70.65
CA LYS SA 9 -0.86 79.72 69.56
C LYS SA 9 -0.13 78.43 69.28
N GLY SA 10 -0.90 77.44 68.80
CA GLY SA 10 -0.32 76.23 68.27
C GLY SA 10 -1.21 75.65 67.24
N VAL SA 11 -0.73 74.59 66.59
CA VAL SA 11 -1.43 73.83 65.58
C VAL SA 11 -1.44 72.40 66.02
N ILE SA 12 -2.64 71.83 66.23
CA ILE SA 12 -2.81 70.41 66.46
C ILE SA 12 -2.50 69.66 65.19
N LEU SA 13 -1.34 69.00 65.14
CA LEU SA 13 -0.92 68.20 64.01
C LEU SA 13 -1.68 66.86 64.06
N GLY SA 14 -1.11 65.76 63.52
CA GLY SA 14 -1.74 64.46 63.73
C GLY SA 14 -1.59 63.93 65.15
N TYR SA 15 -1.97 62.65 65.33
CA TYR SA 15 -1.57 61.88 66.48
C TYR SA 15 -0.11 61.50 66.33
N LYS SA 16 0.51 60.86 67.33
CA LYS SA 16 1.89 60.48 67.24
C LYS SA 16 2.09 59.25 66.37
N ARG SA 17 1.87 59.42 65.07
CA ARG SA 17 2.28 58.56 64.01
C ARG SA 17 3.74 58.14 64.02
N SER SA 18 4.01 57.15 63.19
CA SER SA 18 5.29 56.70 62.73
C SER SA 18 4.87 56.19 61.37
N GLN SA 19 5.79 55.88 60.43
CA GLN SA 19 5.35 55.44 59.10
C GLN SA 19 4.36 54.27 59.16
N ARG SA 20 3.19 54.45 58.52
CA ARG SA 20 2.07 53.51 58.42
C ARG SA 20 1.64 52.83 59.73
N ASN SA 21 1.77 53.54 60.87
CA ASN SA 21 1.42 53.03 62.17
C ASN SA 21 0.90 54.19 62.99
N GLN SA 22 -0.08 53.91 63.86
CA GLN SA 22 -0.76 54.93 64.65
C GLN SA 22 -0.72 54.66 66.14
N ASP SA 23 -0.38 55.70 66.93
CA ASP SA 23 -0.51 55.70 68.37
C ASP SA 23 -1.46 56.85 68.77
N PRO SA 24 -2.63 56.64 69.35
CA PRO SA 24 -3.60 57.73 69.48
C PRO SA 24 -3.52 58.28 70.88
N ASN SA 25 -2.77 57.62 71.77
CA ASN SA 25 -2.48 58.01 73.14
C ASN SA 25 -1.76 59.34 73.26
N PHE SA 26 -0.91 59.68 72.26
CA PHE SA 26 -0.11 60.89 72.26
C PHE SA 26 -0.43 61.69 71.00
N THR SA 27 -0.52 63.03 71.15
CA THR SA 27 -0.88 63.94 70.07
C THR SA 27 0.32 64.79 69.76
N LEU SA 28 0.46 65.31 68.54
CA LEU SA 28 1.60 66.11 68.15
C LEU SA 28 1.21 67.57 68.00
N ILE SA 29 1.99 68.43 68.64
CA ILE SA 29 1.70 69.83 68.77
C ILE SA 29 2.85 70.64 68.19
N SER SA 30 2.48 71.59 67.32
CA SER SA 30 3.31 72.63 66.77
C SER SA 30 3.01 73.88 67.56
N ILE SA 31 4.04 74.47 68.20
CA ILE SA 31 3.94 75.73 68.92
C ILE SA 31 4.63 76.79 68.07
N LYS SA 32 3.96 77.93 67.79
CA LYS SA 32 4.36 78.90 66.78
C LYS SA 32 5.80 79.38 66.85
N ASN SA 33 6.27 79.78 68.05
CA ASN SA 33 7.63 80.26 68.21
C ASN SA 33 8.68 79.19 67.98
N VAL SA 34 8.48 77.99 68.54
CA VAL SA 34 9.53 76.99 68.68
C VAL SA 34 10.06 76.39 67.38
N ASN SA 35 11.36 76.07 67.37
CA ASN SA 35 11.98 75.35 66.26
C ASN SA 35 13.15 74.51 66.76
N THR SA 36 13.26 74.25 68.09
CA THR SA 36 14.32 73.42 68.64
C THR SA 36 13.79 72.63 69.81
N LYS SA 37 14.32 71.42 70.02
CA LYS SA 37 14.15 70.63 71.23
C LYS SA 37 14.44 71.41 72.49
N LYS SA 38 15.60 72.12 72.52
CA LYS SA 38 16.02 72.90 73.66
C LYS SA 38 15.06 74.02 74.04
N HIS SA 39 14.57 74.80 73.07
CA HIS SA 39 13.53 75.77 73.29
C HIS SA 39 12.20 75.17 73.69
N ALA SA 40 11.80 74.04 73.07
CA ALA SA 40 10.60 73.32 73.43
C ALA SA 40 10.60 72.83 74.88
N GLN SA 41 11.77 72.40 75.38
CA GLN SA 41 11.99 71.94 76.73
C GLN SA 41 11.58 72.93 77.81
N PHE SA 42 11.64 74.25 77.51
CA PHE SA 42 11.12 75.30 78.36
C PHE SA 42 9.62 75.15 78.65
N TYR SA 43 8.83 74.74 77.65
CA TYR SA 43 7.39 74.72 77.71
C TYR SA 43 6.87 73.35 78.09
N VAL SA 44 7.77 72.42 78.48
CA VAL SA 44 7.50 71.00 78.48
C VAL SA 44 6.33 70.50 79.34
N GLY SA 45 6.12 71.05 80.56
CA GLY SA 45 5.06 70.58 81.46
C GLY SA 45 3.75 71.31 81.37
N LYS SA 46 3.60 72.30 80.48
CA LYS SA 46 2.45 73.18 80.43
C LYS SA 46 1.09 72.55 80.09
N ARG SA 47 0.01 73.01 80.76
CA ARG SA 47 -1.37 72.69 80.43
C ARG SA 47 -1.84 73.21 79.05
N VAL SA 48 -2.55 72.37 78.27
CA VAL SA 48 -2.97 72.66 76.92
C VAL SA 48 -4.49 72.53 76.80
N ALA SA 49 -5.14 73.49 76.11
CA ALA SA 49 -6.58 73.53 75.95
C ALA SA 49 -6.99 73.56 74.48
N TYR SA 50 -7.80 72.58 74.04
CA TYR SA 50 -8.40 72.60 72.72
C TYR SA 50 -9.85 73.07 72.84
N VAL SA 51 -10.13 74.28 72.37
CA VAL SA 51 -11.47 74.84 72.34
C VAL SA 51 -12.05 74.74 70.94
N TYR SA 52 -13.33 74.35 70.83
CA TYR SA 52 -13.98 74.09 69.57
C TYR SA 52 -15.44 74.51 69.51
N ARG SA 53 -15.93 74.85 68.31
CA ARG SA 53 -17.27 75.35 68.07
C ARG SA 53 -18.16 74.26 67.49
N THR SA 54 -19.45 74.25 67.89
CA THR SA 54 -20.43 73.20 67.59
C THR SA 54 -21.73 73.78 67.07
N THR SA 55 -22.70 72.91 66.67
CA THR SA 55 -23.91 73.34 65.98
C THR SA 55 -25.00 73.72 66.94
N LYS SA 56 -25.31 72.85 67.90
CA LYS SA 56 -26.39 73.09 68.83
C LYS SA 56 -25.92 73.69 70.14
N HIS SA 57 -26.86 74.28 70.92
CA HIS SA 57 -26.62 74.58 72.32
C HIS SA 57 -26.48 73.32 73.16
N HIS SA 58 -25.36 73.20 73.88
CA HIS SA 58 -25.11 72.08 74.76
C HIS SA 58 -25.56 72.45 76.14
N ASP SA 59 -24.67 72.92 77.02
CA ASP SA 59 -25.04 73.55 78.26
C ASP SA 59 -25.39 75.02 78.01
N GLY SA 60 -26.29 75.26 77.04
CA GLY SA 60 -26.76 76.58 76.62
C GLY SA 60 -25.82 77.31 75.69
N VAL SA 61 -24.71 76.66 75.30
CA VAL SA 61 -23.62 77.30 74.58
C VAL SA 61 -23.16 76.41 73.45
N LYS SA 62 -22.46 77.01 72.45
CA LYS SA 62 -22.01 76.32 71.25
C LYS SA 62 -20.49 76.17 71.21
N ILE SA 63 -19.80 76.45 72.34
CA ILE SA 63 -18.36 76.29 72.49
C ILE SA 63 -18.08 75.17 73.49
N LYS SA 64 -17.14 74.26 73.16
CA LYS SA 64 -16.73 73.17 74.03
C LYS SA 64 -15.21 73.12 74.15
N CYS SA 65 -14.68 72.31 75.10
CA CYS SA 65 -13.26 72.27 75.40
C CYS SA 65 -12.78 70.86 75.72
N ILE SA 66 -11.59 70.47 75.19
CA ILE SA 66 -10.83 69.31 75.65
C ILE SA 66 -9.55 69.80 76.32
N TRP SA 67 -9.16 69.19 77.46
CA TRP SA 67 -7.90 69.49 78.14
C TRP SA 67 -6.84 68.41 77.97
N GLY SA 68 -5.58 68.84 77.84
CA GLY SA 68 -4.41 67.96 77.88
C GLY SA 68 -3.23 68.66 78.49
N LYS SA 69 -2.07 67.99 78.54
CA LYS SA 69 -0.83 68.57 78.99
C LYS SA 69 0.31 68.12 78.08
N VAL SA 70 1.18 69.04 77.58
CA VAL SA 70 2.47 68.70 76.99
C VAL SA 70 3.37 67.88 77.92
N CYS SA 71 4.22 67.00 77.34
CA CYS SA 71 5.00 66.14 78.21
C CYS SA 71 6.38 65.69 77.70
N ARG SA 72 6.70 65.77 76.40
CA ARG SA 72 8.02 65.34 75.91
C ARG SA 72 8.16 65.69 74.46
N THR SA 73 9.36 65.88 73.90
CA THR SA 73 9.47 66.25 72.49
C THR SA 73 9.27 65.05 71.58
N HIS SA 74 9.06 65.30 70.29
CA HIS SA 74 8.97 64.33 69.23
C HIS SA 74 10.00 64.61 68.15
N GLY SA 75 10.95 65.55 68.39
CA GLY SA 75 12.00 65.80 67.43
C GLY SA 75 12.93 66.92 67.82
N ASN SA 76 14.00 67.09 67.03
CA ASN SA 76 15.03 68.09 67.28
C ASN SA 76 14.58 69.50 66.99
N SER SA 77 13.52 69.64 66.18
CA SER SA 77 12.92 70.90 65.84
C SER SA 77 11.82 71.30 66.81
N GLY SA 78 11.68 70.57 67.93
CA GLY SA 78 10.82 70.99 69.03
C GLY SA 78 9.35 70.72 68.89
N VAL SA 79 8.93 69.97 67.84
CA VAL SA 79 7.56 69.45 67.75
C VAL SA 79 7.31 68.50 68.91
N ILE SA 80 6.21 68.68 69.65
CA ILE SA 80 6.13 68.15 70.99
C ILE SA 80 4.97 67.19 71.11
N ARG SA 81 5.15 66.15 71.93
CA ARG SA 81 4.13 65.18 72.28
C ARG SA 81 3.31 65.71 73.45
N ALA SA 82 1.98 65.62 73.32
CA ALA SA 82 1.04 66.01 74.34
C ALA SA 82 0.10 64.86 74.60
N LYS SA 83 -0.14 64.57 75.89
CA LYS SA 83 -1.07 63.54 76.29
C LYS SA 83 -2.34 64.20 76.81
N PHE SA 84 -3.49 63.79 76.29
CA PHE SA 84 -4.77 64.41 76.58
C PHE SA 84 -5.60 63.49 77.47
N LYS SA 85 -6.63 64.05 78.13
CA LYS SA 85 -7.49 63.29 79.01
C LYS SA 85 -8.47 62.39 78.26
N THR SA 86 -8.69 62.68 76.98
CA THR SA 86 -9.37 61.82 76.04
C THR SA 86 -8.81 62.19 74.68
N HIS SA 87 -8.80 61.28 73.68
CA HIS SA 87 -8.21 61.57 72.38
C HIS SA 87 -8.93 62.66 71.59
N ILE SA 88 -8.19 63.67 71.09
CA ILE SA 88 -8.74 64.72 70.24
C ILE SA 88 -9.16 64.20 68.87
N PRO SA 89 -10.14 64.74 68.16
CA PRO SA 89 -10.64 64.10 66.95
C PRO SA 89 -9.71 64.31 65.76
N PRO SA 90 -9.56 63.37 64.83
CA PRO SA 90 -8.89 63.58 63.56
C PRO SA 90 -9.48 64.69 62.75
N LYS SA 91 -10.78 64.97 62.94
CA LYS SA 91 -11.50 66.10 62.39
C LYS SA 91 -10.83 67.43 62.74
N ALA SA 92 -10.20 67.51 63.93
CA ALA SA 92 -9.57 68.71 64.42
C ALA SA 92 -8.09 68.77 64.06
N PHE SA 93 -7.55 67.81 63.29
CA PHE SA 93 -6.18 67.96 62.79
C PHE SA 93 -6.02 69.20 61.93
N GLY SA 94 -4.94 69.95 62.15
CA GLY SA 94 -4.67 71.24 61.56
C GLY SA 94 -5.39 72.40 62.21
N ASP SA 95 -6.24 72.16 63.22
CA ASP SA 95 -6.84 73.24 63.99
C ASP SA 95 -5.89 73.84 65.04
N ARG SA 96 -6.33 74.95 65.62
CA ARG SA 96 -5.61 75.73 66.60
C ARG SA 96 -5.79 75.23 68.03
N VAL SA 97 -4.74 75.38 68.86
CA VAL SA 97 -4.77 74.99 70.26
C VAL SA 97 -4.18 76.09 71.13
N ARG SA 98 -4.52 76.09 72.43
CA ARG SA 98 -4.14 77.09 73.39
C ARG SA 98 -3.17 76.47 74.37
N ILE SA 99 -2.00 77.08 74.53
CA ILE SA 99 -0.97 76.60 75.43
C ILE SA 99 -0.86 77.61 76.53
N LEU SA 100 -1.33 77.22 77.73
CA LEU SA 100 -1.44 78.10 78.88
C LEU SA 100 -0.10 78.33 79.56
N MET SA 101 0.02 79.45 80.31
CA MET SA 101 1.27 79.84 80.92
C MET SA 101 1.59 79.09 82.20
N TYR SA 102 0.59 78.44 82.82
CA TYR SA 102 0.75 77.66 84.04
C TYR SA 102 0.94 76.18 83.72
N PRO SA 103 1.44 75.32 84.62
CA PRO SA 103 1.95 75.62 85.96
C PRO SA 103 3.26 76.40 86.00
N ALA TA 1 -69.50 20.11 -11.91
CA ALA TA 1 -69.75 18.81 -11.22
C ALA TA 1 -69.93 18.93 -9.70
N GLN TA 2 -69.81 17.81 -8.96
CA GLN TA 2 -69.85 17.82 -7.51
C GLN TA 2 -69.08 16.63 -7.02
N ARG TA 3 -68.86 16.55 -5.69
CA ARG TA 3 -68.23 15.40 -5.10
C ARG TA 3 -69.25 14.46 -4.48
N VAL TA 4 -68.84 13.20 -4.26
CA VAL TA 4 -69.70 12.11 -3.84
C VAL TA 4 -69.01 11.24 -2.80
N HIS TA 5 -69.73 10.31 -2.15
CA HIS TA 5 -69.10 9.32 -1.30
C HIS TA 5 -70.01 8.11 -1.10
N TYR TA 6 -69.41 6.97 -0.69
CA TYR TA 6 -70.10 5.75 -0.35
C TYR TA 6 -70.99 5.93 0.88
N ARG TA 7 -72.13 5.21 0.94
CA ARG TA 7 -73.00 5.24 2.10
C ARG TA 7 -72.77 4.01 2.99
N ARG TA 8 -71.84 3.12 2.58
CA ARG TA 8 -71.53 1.89 3.30
C ARG TA 8 -70.09 1.86 3.80
N HIS TA 9 -69.38 3.02 3.82
CA HIS TA 9 -67.93 3.09 3.99
C HIS TA 9 -67.16 2.34 2.92
N ASN TA 10 -65.89 1.94 3.20
CA ASN TA 10 -65.06 1.12 2.32
C ASN TA 10 -64.83 1.72 0.95
N HIS TA 11 -64.30 2.95 0.96
CA HIS TA 11 -64.25 3.80 -0.20
C HIS TA 11 -63.21 3.42 -1.25
N TYR TA 12 -62.17 2.68 -0.84
CA TYR TA 12 -61.27 1.97 -1.72
C TYR TA 12 -61.97 0.92 -2.62
N ASN TA 13 -61.63 0.87 -3.92
CA ASN TA 13 -62.33 0.06 -4.91
C ASN TA 13 -61.84 -1.39 -4.92
N THR TA 14 -62.10 -2.15 -3.84
CA THR TA 14 -61.80 -3.57 -3.75
C THR TA 14 -62.53 -4.46 -4.74
N LYS TA 15 -62.28 -5.77 -4.66
CA LYS TA 15 -62.98 -6.84 -5.36
C LYS TA 15 -64.50 -6.77 -5.16
N SER TA 16 -64.96 -6.49 -3.93
CA SER TA 16 -66.38 -6.41 -3.62
C SER TA 16 -66.90 -4.98 -3.55
N ASN TA 17 -66.05 -3.99 -3.24
CA ASN TA 17 -66.49 -2.62 -3.01
C ASN TA 17 -66.46 -1.74 -4.25
N LYS TA 18 -67.09 -2.16 -5.35
CA LYS TA 18 -67.15 -1.35 -6.56
C LYS TA 18 -68.38 -0.44 -6.59
N VAL TA 19 -68.33 0.64 -7.40
CA VAL TA 19 -69.34 1.70 -7.31
C VAL TA 19 -69.76 2.30 -8.66
N ARG TA 20 -71.04 2.65 -8.82
CA ARG TA 20 -71.56 3.36 -9.98
C ARG TA 20 -72.11 4.74 -9.57
N PRO TA 21 -71.53 5.88 -9.92
CA PRO TA 21 -72.15 7.18 -9.69
C PRO TA 21 -73.45 7.40 -10.46
N VAL TA 22 -74.47 7.98 -9.83
CA VAL TA 22 -75.77 8.16 -10.43
C VAL TA 22 -76.43 9.49 -10.04
N ARG TA 23 -77.06 10.22 -10.99
CA ARG TA 23 -77.87 11.40 -10.68
C ARG TA 23 -79.33 11.05 -10.34
N THR TA 24 -79.86 11.60 -9.23
CA THR TA 24 -81.19 11.30 -8.71
C THR TA 24 -82.32 12.14 -9.31
N PRO TA 25 -83.58 11.78 -9.06
CA PRO TA 25 -84.73 12.66 -9.22
C PRO TA 25 -84.64 13.97 -8.47
N GLY TA 26 -83.87 14.02 -7.36
CA GLY TA 26 -83.60 15.25 -6.64
C GLY TA 26 -82.54 16.09 -7.32
N GLY TA 27 -81.97 15.59 -8.43
CA GLY TA 27 -80.93 16.25 -9.21
C GLY TA 27 -79.57 16.09 -8.62
N LYS TA 28 -79.45 15.28 -7.56
CA LYS TA 28 -78.26 15.11 -6.77
C LYS TA 28 -77.44 14.01 -7.42
N LEU TA 29 -76.14 14.24 -7.70
CA LEU TA 29 -75.29 13.17 -8.17
C LEU TA 29 -74.78 12.45 -6.95
N THR TA 30 -75.11 11.16 -6.86
CA THR TA 30 -74.81 10.30 -5.74
C THR TA 30 -73.99 9.13 -6.23
N ILE TA 31 -73.67 8.20 -5.33
CA ILE TA 31 -72.93 6.99 -5.62
C ILE TA 31 -73.76 5.78 -5.19
N HIS TA 32 -73.81 4.71 -6.00
CA HIS TA 32 -74.46 3.47 -5.63
C HIS TA 32 -73.49 2.30 -5.73
N VAL TA 33 -73.44 1.42 -4.73
CA VAL TA 33 -72.51 0.30 -4.74
C VAL TA 33 -73.01 -0.79 -5.68
N VAL TA 34 -72.28 -1.04 -6.79
CA VAL TA 34 -72.72 -1.93 -7.85
C VAL TA 34 -72.50 -3.41 -7.48
N LYS TA 35 -73.45 -4.30 -7.84
CA LYS TA 35 -73.34 -5.72 -7.50
C LYS TA 35 -72.17 -6.45 -8.16
N LYS TA 36 -71.53 -7.37 -7.41
CA LYS TA 36 -70.29 -8.02 -7.79
C LYS TA 36 -70.37 -8.95 -9.01
N LYS TA 37 -69.79 -8.53 -10.15
CA LYS TA 37 -69.64 -9.35 -11.35
C LYS TA 37 -68.70 -10.54 -11.15
N ALA TA 38 -68.91 -11.64 -11.90
CA ALA TA 38 -68.19 -12.88 -11.72
C ALA TA 38 -67.68 -13.47 -13.03
N GLY TA 39 -66.79 -14.47 -12.93
CA GLY TA 39 -66.49 -15.41 -14.01
C GLY TA 39 -67.62 -16.39 -14.23
N LYS TA 40 -67.42 -17.39 -15.10
CA LYS TA 40 -68.50 -18.26 -15.53
C LYS TA 40 -68.27 -19.73 -15.12
N PRO TA 41 -69.24 -20.48 -14.59
CA PRO TA 41 -69.26 -21.94 -14.52
C PRO TA 41 -68.81 -22.68 -15.75
N LYS TA 42 -68.06 -23.78 -15.55
CA LYS TA 42 -67.26 -24.40 -16.58
C LYS TA 42 -67.60 -25.86 -16.84
N CYS TA 43 -67.60 -26.29 -18.12
CA CYS TA 43 -67.64 -27.69 -18.54
C CYS TA 43 -66.53 -28.50 -17.89
N ALA TA 44 -66.81 -29.75 -17.47
CA ALA TA 44 -65.89 -30.49 -16.64
C ALA TA 44 -64.56 -30.83 -17.31
N ASP TA 45 -64.60 -31.35 -18.54
CA ASP TA 45 -63.39 -31.70 -19.26
C ASP TA 45 -62.69 -30.48 -19.82
N CYS TA 46 -63.45 -29.58 -20.45
CA CYS TA 46 -62.86 -28.59 -21.33
C CYS TA 46 -62.69 -27.24 -20.66
N LYS TA 47 -63.30 -27.07 -19.48
CA LYS TA 47 -63.29 -25.85 -18.69
C LYS TA 47 -63.92 -24.66 -19.42
N THR TA 48 -64.88 -24.95 -20.30
CA THR TA 48 -65.55 -24.03 -21.20
C THR TA 48 -66.92 -23.64 -20.68
N ALA TA 49 -67.21 -22.33 -20.55
CA ALA TA 49 -68.54 -21.86 -20.23
C ALA TA 49 -69.66 -22.38 -21.15
N ILE TA 50 -70.80 -22.76 -20.56
CA ILE TA 50 -71.80 -23.58 -21.23
C ILE TA 50 -72.92 -22.71 -21.80
N GLN TA 51 -73.37 -23.01 -23.03
CA GLN TA 51 -74.56 -22.42 -23.62
C GLN TA 51 -75.83 -22.68 -22.80
N GLY TA 52 -76.73 -21.70 -22.73
CA GLY TA 52 -78.03 -21.88 -22.10
C GLY TA 52 -78.08 -21.83 -20.58
N VAL TA 53 -76.95 -21.53 -19.92
CA VAL TA 53 -76.92 -21.40 -18.46
C VAL TA 53 -76.46 -20.00 -18.08
N LYS TA 54 -77.25 -19.32 -17.23
CA LYS TA 54 -76.96 -17.96 -16.83
C LYS TA 54 -75.89 -17.88 -15.74
N ALA TA 55 -75.13 -16.79 -15.71
CA ALA TA 55 -73.88 -16.74 -15.00
C ALA TA 55 -74.01 -16.10 -13.62
N LEU TA 56 -75.26 -15.88 -13.18
CA LEU TA 56 -75.69 -15.40 -11.88
C LEU TA 56 -74.83 -15.77 -10.66
N ARG TA 57 -74.54 -14.77 -9.80
CA ARG TA 57 -73.80 -14.91 -8.56
C ARG TA 57 -74.47 -15.87 -7.57
N PRO TA 58 -73.86 -16.59 -6.62
CA PRO TA 58 -74.55 -17.69 -5.94
C PRO TA 58 -75.77 -17.31 -5.11
N ALA TA 59 -75.93 -16.04 -4.73
CA ALA TA 59 -77.15 -15.56 -4.09
C ALA TA 59 -78.30 -15.48 -5.09
N ASP TA 60 -78.01 -14.94 -6.29
CA ASP TA 60 -78.98 -14.84 -7.34
C ASP TA 60 -79.23 -16.21 -7.93
N ASN TA 61 -78.22 -17.10 -7.99
CA ASN TA 61 -78.41 -18.47 -8.41
C ASN TA 61 -79.26 -19.29 -7.43
N TYR TA 62 -79.34 -18.90 -6.15
CA TYR TA 62 -80.20 -19.53 -5.17
C TYR TA 62 -81.62 -19.04 -5.39
N ARG TA 63 -81.78 -17.76 -5.73
CA ARG TA 63 -83.10 -17.20 -5.96
C ARG TA 63 -83.64 -17.53 -7.34
N ALA TA 64 -82.79 -17.69 -8.37
CA ALA TA 64 -83.13 -18.13 -9.71
C ALA TA 64 -83.85 -19.47 -9.79
N ARG TA 65 -84.76 -19.61 -10.78
CA ARG TA 65 -85.51 -20.84 -11.02
C ARG TA 65 -84.68 -21.85 -11.81
N ARG TA 66 -85.09 -23.13 -11.79
CA ARG TA 66 -84.29 -24.25 -12.27
C ARG TA 66 -84.12 -24.21 -13.77
N LYS TA 67 -85.11 -23.67 -14.50
CA LYS TA 67 -85.01 -23.42 -15.93
C LYS TA 67 -83.86 -22.49 -16.31
N ASN TA 68 -83.55 -21.49 -15.45
CA ASN TA 68 -82.47 -20.56 -15.69
C ASN TA 68 -81.12 -21.22 -15.49
N ARG TA 69 -81.05 -22.13 -14.50
CA ARG TA 69 -79.85 -22.78 -14.07
C ARG TA 69 -79.25 -23.79 -15.02
N THR TA 70 -80.08 -24.61 -15.71
CA THR TA 70 -79.57 -25.82 -16.33
C THR TA 70 -80.35 -26.15 -17.58
N VAL TA 71 -79.86 -27.13 -18.36
CA VAL TA 71 -80.36 -27.48 -19.68
C VAL TA 71 -80.82 -28.93 -19.67
N ALA TA 72 -81.99 -29.23 -20.28
CA ALA TA 72 -82.57 -30.56 -20.31
C ALA TA 72 -81.72 -31.61 -21.00
N ARG TA 73 -81.09 -31.21 -22.11
CA ARG TA 73 -80.14 -31.99 -22.89
C ARG TA 73 -79.05 -32.67 -22.08
N ALA TA 74 -78.99 -34.02 -22.20
CA ALA TA 74 -78.02 -34.88 -21.55
C ALA TA 74 -77.60 -34.51 -20.12
N TYR TA 75 -76.29 -34.41 -19.84
CA TYR TA 75 -75.78 -34.12 -18.51
C TYR TA 75 -75.73 -32.63 -18.22
N GLY TA 76 -76.80 -31.88 -18.60
CA GLY TA 76 -77.04 -30.47 -18.30
C GLY TA 76 -75.86 -29.53 -18.43
N GLY TA 77 -75.56 -28.76 -17.37
CA GLY TA 77 -74.43 -27.85 -17.34
C GLY TA 77 -73.10 -28.50 -17.04
N SER TA 78 -73.06 -29.81 -16.77
CA SER TA 78 -71.85 -30.51 -16.38
C SER TA 78 -70.79 -30.51 -17.46
N ILE TA 79 -71.19 -30.80 -18.71
CA ILE TA 79 -70.29 -30.91 -19.84
C ILE TA 79 -71.05 -30.48 -21.08
N CYS TA 80 -70.31 -29.96 -22.09
CA CYS TA 80 -70.92 -29.40 -23.30
C CYS TA 80 -71.30 -30.47 -24.32
N ALA TA 81 -72.23 -30.13 -25.21
CA ALA TA 81 -72.97 -31.08 -25.99
C ALA TA 81 -72.11 -31.85 -26.98
N ARG TA 82 -71.24 -31.15 -27.72
CA ARG TA 82 -70.26 -31.76 -28.62
C ARG TA 82 -69.34 -32.73 -27.88
N CYS TA 83 -68.88 -32.34 -26.69
CA CYS TA 83 -67.98 -33.10 -25.85
C CYS TA 83 -68.61 -34.41 -25.37
N ILE TA 84 -69.89 -34.33 -24.94
CA ILE TA 84 -70.72 -35.47 -24.57
C ILE TA 84 -70.78 -36.51 -25.68
N ARG TA 85 -71.08 -36.08 -26.91
CA ARG TA 85 -71.21 -36.94 -28.07
C ARG TA 85 -69.99 -37.81 -28.34
N GLU TA 86 -68.80 -37.18 -28.40
CA GLU TA 86 -67.54 -37.87 -28.57
C GLU TA 86 -67.26 -38.89 -27.47
N ARG TA 87 -67.51 -38.52 -26.20
CA ARG TA 87 -67.39 -39.42 -25.08
C ARG TA 87 -68.32 -40.63 -25.17
N ILE TA 88 -69.61 -40.42 -25.50
CA ILE TA 88 -70.54 -41.49 -25.85
C ILE TA 88 -70.06 -42.42 -26.94
N MET TA 89 -69.50 -41.87 -28.05
CA MET TA 89 -68.93 -42.66 -29.12
C MET TA 89 -67.79 -43.53 -28.63
N ARG TA 90 -66.86 -42.93 -27.85
CA ARG TA 90 -65.75 -43.65 -27.25
C ARG TA 90 -66.20 -44.76 -26.32
N ALA TA 91 -67.19 -44.50 -25.46
CA ALA TA 91 -67.71 -45.50 -24.58
C ALA TA 91 -68.38 -46.67 -25.29
N PHE TA 92 -69.08 -46.41 -26.41
CA PHE TA 92 -69.75 -47.44 -27.17
C PHE TA 92 -68.77 -48.28 -27.98
N LEU TA 93 -67.90 -47.63 -28.74
CA LEU TA 93 -66.91 -48.27 -29.56
C LEU TA 93 -65.94 -49.13 -28.77
N PHE TA 94 -65.48 -48.67 -27.61
CA PHE TA 94 -64.65 -49.48 -26.75
C PHE TA 94 -65.38 -50.72 -26.23
N GLU TA 95 -66.68 -50.66 -25.88
CA GLU TA 95 -67.45 -51.87 -25.61
C GLU TA 95 -67.54 -52.82 -26.81
N GLU TA 96 -67.78 -52.31 -28.02
CA GLU TA 96 -67.69 -53.07 -29.25
C GLU TA 96 -66.33 -53.73 -29.46
N GLN TA 97 -65.24 -52.98 -29.28
CA GLN TA 97 -63.86 -53.43 -29.38
C GLN TA 97 -63.55 -54.54 -28.39
N LYS TA 98 -63.99 -54.38 -27.13
CA LYS TA 98 -63.97 -55.40 -26.10
C LYS TA 98 -64.70 -56.66 -26.51
N CYS TA 99 -65.93 -56.54 -27.04
CA CYS TA 99 -66.67 -57.68 -27.56
C CYS TA 99 -65.95 -58.42 -28.69
N VAL TA 100 -65.29 -57.70 -29.61
CA VAL TA 100 -64.45 -58.28 -30.65
C VAL TA 100 -63.28 -59.06 -30.07
N ARG TA 101 -62.60 -58.51 -29.04
CA ARG TA 101 -61.59 -59.23 -28.28
C ARG TA 101 -62.11 -60.52 -27.65
N GLN TA 102 -63.26 -60.49 -26.96
CA GLN TA 102 -63.89 -61.68 -26.42
C GLN TA 102 -64.18 -62.78 -27.45
N VAL TA 103 -64.72 -62.40 -28.62
CA VAL TA 103 -64.93 -63.29 -29.76
C VAL TA 103 -63.63 -63.89 -30.28
N LEU TA 104 -62.60 -63.06 -30.45
CA LEU TA 104 -61.27 -63.47 -30.87
C LEU TA 104 -60.61 -64.49 -29.97
N LYS TA 105 -60.67 -64.28 -28.64
CA LYS TA 105 -59.95 -65.03 -27.64
C LYS TA 105 -60.26 -66.54 -27.57
N GLU TA 106 -61.55 -66.92 -27.65
CA GLU TA 106 -61.93 -68.32 -27.53
C GLU TA 106 -61.76 -69.08 -28.88
N GLY UA 1 -11.64 -51.06 78.17
CA GLY UA 1 -11.73 -51.41 79.63
C GLY UA 1 -13.08 -51.99 80.02
N ARG UA 2 -13.11 -53.04 80.86
CA ARG UA 2 -14.35 -53.70 81.22
C ARG UA 2 -14.29 -54.12 82.67
N LYS UA 3 -15.45 -53.99 83.34
CA LYS UA 3 -15.63 -54.22 84.75
C LYS UA 3 -15.49 -55.67 85.16
N SER UA 4 -16.05 -56.58 84.33
CA SER UA 4 -16.15 -58.02 84.55
C SER UA 4 -17.27 -58.42 85.50
N THR UA 5 -18.24 -59.22 85.01
CA THR UA 5 -19.34 -59.75 85.83
C THR UA 5 -18.85 -60.70 86.91
N ILE UA 6 -17.93 -61.61 86.56
CA ILE UA 6 -17.27 -62.47 87.51
C ILE UA 6 -16.05 -61.75 88.05
N LYS UA 7 -15.91 -61.73 89.39
CA LYS UA 7 -14.87 -61.04 90.14
C LYS UA 7 -15.14 -59.52 90.22
N PRO UA 8 -15.54 -58.96 91.37
CA PRO UA 8 -15.95 -57.55 91.45
C PRO UA 8 -14.80 -56.59 91.28
N ALA UA 9 -15.12 -55.34 90.90
CA ALA UA 9 -14.16 -54.29 90.64
C ALA UA 9 -13.26 -53.88 91.80
N THR UA 10 -12.01 -53.52 91.49
CA THR UA 10 -11.10 -52.89 92.44
C THR UA 10 -11.39 -51.41 92.58
N GLY UA 11 -11.08 -50.80 93.73
CA GLY UA 11 -11.44 -49.41 93.99
C GLY UA 11 -10.57 -48.35 93.36
N ILE UA 12 -9.52 -48.76 92.62
CA ILE UA 12 -8.48 -47.87 92.09
C ILE UA 12 -9.00 -46.88 91.05
N ALA UA 13 -9.81 -47.37 90.10
CA ALA UA 13 -10.49 -46.63 89.05
C ALA UA 13 -9.63 -46.38 87.80
N VAL UA 14 -8.56 -47.18 87.62
CA VAL UA 14 -7.78 -47.23 86.40
C VAL UA 14 -7.38 -48.67 86.20
N GLY UA 15 -7.04 -49.06 84.95
CA GLY UA 15 -6.84 -50.45 84.57
C GLY UA 15 -8.13 -51.25 84.47
N PHE UA 16 -8.01 -52.50 83.99
CA PHE UA 16 -9.12 -53.43 83.85
C PHE UA 16 -9.78 -53.77 85.19
N ASN UA 17 -11.10 -54.06 85.19
CA ASN UA 17 -11.86 -54.44 86.37
C ASN UA 17 -11.81 -53.46 87.55
N SER UA 18 -12.03 -52.16 87.31
CA SER UA 18 -11.79 -51.18 88.36
C SER UA 18 -12.80 -50.06 88.34
N GLY UA 19 -13.06 -49.46 89.51
CA GLY UA 19 -14.08 -48.44 89.70
C GLY UA 19 -14.81 -48.60 91.01
N HIS UA 20 -15.92 -47.89 91.17
CA HIS UA 20 -16.73 -47.89 92.37
C HIS UA 20 -17.36 -49.23 92.77
N VAL UA 21 -17.54 -49.46 94.09
CA VAL UA 21 -18.11 -50.70 94.64
C VAL UA 21 -19.55 -50.93 94.21
N VAL UA 22 -19.87 -52.12 93.66
CA VAL UA 22 -21.18 -52.35 93.05
C VAL UA 22 -21.47 -53.85 92.89
N THR UA 23 -22.76 -54.24 92.81
CA THR UA 23 -23.18 -55.63 92.62
C THR UA 23 -24.10 -55.76 91.43
N LYS UA 24 -23.68 -56.49 90.38
CA LYS UA 24 -24.52 -56.80 89.24
C LYS UA 24 -25.38 -58.04 89.46
N ARG UA 25 -26.53 -58.11 88.77
CA ARG UA 25 -27.50 -59.17 88.96
C ARG UA 25 -27.54 -60.18 87.82
N ASN UA 26 -26.81 -59.94 86.72
CA ASN UA 26 -26.72 -60.85 85.60
C ASN UA 26 -25.37 -61.64 85.68
N SER UA 37 -34.05 -72.70 63.74
CA SER UA 37 -35.50 -73.13 63.84
C SER UA 37 -35.90 -74.17 62.79
N LYS UA 38 -37.21 -74.39 62.53
CA LYS UA 38 -37.68 -75.55 61.77
C LYS UA 38 -38.67 -75.19 60.68
N ARG UA 39 -39.68 -74.35 60.98
CA ARG UA 39 -40.68 -73.94 60.00
C ARG UA 39 -40.04 -73.06 58.94
N LYS UA 40 -39.26 -72.07 59.40
CA LYS UA 40 -38.46 -71.16 58.58
C LYS UA 40 -37.42 -71.90 57.76
N GLU UA 41 -36.76 -72.90 58.38
CA GLU UA 41 -35.84 -73.78 57.70
C GLU UA 41 -36.50 -74.56 56.56
N LEU UA 42 -37.71 -75.11 56.79
CA LEU UA 42 -38.52 -75.73 55.77
C LEU UA 42 -38.90 -74.78 54.64
N ILE UA 43 -39.30 -73.53 54.97
CA ILE UA 43 -39.56 -72.48 53.99
C ILE UA 43 -38.36 -72.26 53.08
N LYS UA 44 -37.16 -72.12 53.66
CA LYS UA 44 -35.94 -71.83 52.93
C LYS UA 44 -35.60 -72.89 51.91
N ASP UA 45 -35.64 -74.17 52.30
CA ASP UA 45 -35.40 -75.29 51.42
C ASP UA 45 -36.41 -75.36 50.27
N VAL UA 46 -37.71 -75.12 50.54
CA VAL UA 46 -38.74 -75.02 49.53
C VAL UA 46 -38.48 -73.85 48.58
N VAL UA 47 -38.16 -72.66 49.11
CA VAL UA 47 -37.84 -71.51 48.29
C VAL UA 47 -36.62 -71.74 47.41
N ARG UA 48 -35.57 -72.40 47.90
CA ARG UA 48 -34.44 -72.81 47.08
C ARG UA 48 -34.80 -73.76 45.95
N GLU UA 49 -35.70 -74.73 46.18
CA GLU UA 49 -36.24 -75.59 45.12
C GLU UA 49 -36.91 -74.77 44.02
N ILE UA 50 -37.68 -73.74 44.41
CA ILE UA 50 -38.28 -72.79 43.49
C ILE UA 50 -37.23 -71.95 42.77
N THR UA 51 -36.27 -71.32 43.48
CA THR UA 51 -35.44 -70.27 42.92
C THR UA 51 -34.08 -70.72 42.41
N GLY UA 52 -33.60 -71.91 42.78
CA GLY UA 52 -32.26 -72.39 42.48
C GLY UA 52 -31.15 -71.50 43.00
N PHE UA 53 -30.07 -71.35 42.23
CA PHE UA 53 -28.91 -70.57 42.62
C PHE UA 53 -28.66 -69.47 41.61
N SER UA 54 -28.32 -68.27 42.11
CA SER UA 54 -27.97 -67.12 41.30
C SER UA 54 -26.73 -67.35 40.46
N PRO UA 55 -26.52 -66.76 39.31
CA PRO UA 55 -25.35 -67.04 38.49
C PRO UA 55 -24.02 -66.81 39.18
N TYR UA 56 -23.87 -65.76 39.99
CA TYR UA 56 -22.66 -65.62 40.79
C TYR UA 56 -22.51 -66.72 41.83
N GLU UA 57 -23.61 -67.11 42.51
CA GLU UA 57 -23.65 -68.26 43.43
C GLU UA 57 -23.18 -69.52 42.73
N LYS UA 58 -23.69 -69.77 41.51
CA LYS UA 58 -23.27 -70.85 40.64
C LYS UA 58 -21.81 -70.79 40.26
N ARG UA 59 -21.29 -69.61 39.86
CA ARG UA 59 -19.88 -69.45 39.59
C ARG UA 59 -18.98 -69.78 40.77
N ILE UA 60 -19.36 -69.30 41.98
CA ILE UA 60 -18.72 -69.68 43.24
C ILE UA 60 -18.79 -71.18 43.48
N ILE UA 61 -19.95 -71.83 43.25
CA ILE UA 61 -20.08 -73.28 43.33
C ILE UA 61 -19.06 -73.97 42.44
N GLU UA 62 -18.88 -73.52 41.19
CA GLU UA 62 -17.88 -74.09 40.32
C GLU UA 62 -16.45 -73.91 40.82
N LEU UA 63 -16.08 -72.71 41.31
CA LEU UA 63 -14.78 -72.50 41.92
C LEU UA 63 -14.50 -73.37 43.15
N ILE UA 64 -15.48 -73.47 44.05
CA ILE UA 64 -15.40 -74.31 45.23
C ILE UA 64 -15.29 -75.78 44.88
N LYS UA 65 -16.02 -76.24 43.85
CA LYS UA 65 -15.94 -77.59 43.35
C LYS UA 65 -14.56 -77.98 42.83
N ILE UA 66 -13.89 -77.10 42.05
CA ILE UA 66 -12.47 -77.17 41.75
C ILE UA 66 -11.58 -77.28 43.00
N GLY UA 67 -11.82 -76.41 44.00
CA GLY UA 67 -11.38 -76.62 45.39
C GLY UA 67 -9.93 -76.35 45.72
N THR UA 68 -9.15 -75.86 44.76
CA THR UA 68 -7.75 -75.45 44.94
C THR UA 68 -7.58 -74.26 45.87
N SER UA 69 -6.35 -74.07 46.40
CA SER UA 69 -6.06 -72.90 47.23
C SER UA 69 -6.17 -71.60 46.44
N ALA UA 70 -5.70 -71.62 45.17
CA ALA UA 70 -5.90 -70.53 44.25
C ALA UA 70 -7.36 -70.20 43.94
N SER UA 71 -8.18 -71.21 43.60
CA SER UA 71 -9.61 -71.03 43.34
C SER UA 71 -10.37 -70.55 44.55
N THR UA 72 -10.12 -71.13 45.74
CA THR UA 72 -10.71 -70.64 46.98
C THR UA 72 -10.31 -69.20 47.31
N LYS UA 73 -9.03 -68.82 47.13
CA LYS UA 73 -8.60 -67.45 47.30
C LYS UA 73 -9.29 -66.49 46.34
N ARG UA 74 -9.40 -66.90 45.06
CA ARG UA 74 -10.16 -66.22 44.03
C ARG UA 74 -11.62 -66.09 44.43
N SER UA 75 -12.22 -67.16 44.97
CA SER UA 75 -13.61 -67.22 45.40
C SER UA 75 -13.94 -66.18 46.43
N LEU UA 76 -13.11 -66.03 47.47
CA LEU UA 76 -13.33 -64.98 48.46
C LEU UA 76 -13.22 -63.57 47.87
N LYS UA 77 -12.22 -63.33 46.99
CA LYS UA 77 -12.07 -62.06 46.31
C LYS UA 77 -13.26 -61.72 45.42
N TYR UA 78 -13.73 -62.69 44.62
CA TYR UA 78 -14.89 -62.58 43.78
C TYR UA 78 -16.15 -62.34 44.56
N ALA UA 79 -16.36 -63.07 45.67
CA ALA UA 79 -17.50 -62.86 46.53
C ALA UA 79 -17.53 -61.49 47.20
N LYS UA 80 -16.38 -61.00 47.72
CA LYS UA 80 -16.24 -59.64 48.21
C LYS UA 80 -16.53 -58.60 47.17
N LYS UA 81 -16.00 -58.79 45.95
CA LYS UA 81 -16.26 -57.90 44.84
C LYS UA 81 -17.73 -57.87 44.45
N LYS UA 82 -18.40 -59.04 44.35
CA LYS UA 82 -19.79 -59.08 43.97
C LYS UA 82 -20.78 -58.62 45.04
N LEU UA 83 -20.67 -59.10 46.28
CA LEU UA 83 -21.58 -58.73 47.34
C LEU UA 83 -21.25 -57.45 48.11
N GLY UA 84 -19.98 -57.00 48.07
CA GLY UA 84 -19.44 -56.10 49.08
C GLY UA 84 -19.15 -56.79 50.41
N THR UA 85 -18.07 -56.33 51.09
CA THR UA 85 -17.60 -56.82 52.40
C THR UA 85 -16.97 -58.19 52.39
N HIS UA 86 -15.90 -58.38 53.18
CA HIS UA 86 -15.32 -59.70 53.36
C HIS UA 86 -16.26 -60.65 54.09
N LYS UA 87 -16.95 -60.16 55.14
CA LYS UA 87 -17.86 -60.95 55.93
C LYS UA 87 -19.03 -61.54 55.17
N ARG UA 88 -19.74 -60.75 54.34
CA ARG UA 88 -20.79 -61.22 53.45
C ARG UA 88 -20.28 -62.31 52.50
N GLY UA 89 -19.08 -62.09 51.92
CA GLY UA 89 -18.42 -63.05 51.04
C GLY UA 89 -18.09 -64.36 51.71
N LYS UA 90 -17.48 -64.34 52.90
CA LYS UA 90 -17.23 -65.52 53.70
C LYS UA 90 -18.50 -66.28 54.05
N ALA UA 91 -19.55 -65.57 54.50
CA ALA UA 91 -20.85 -66.14 54.82
C ALA UA 91 -21.50 -66.87 53.64
N LYS UA 92 -21.49 -66.23 52.46
CA LYS UA 92 -21.94 -66.83 51.22
C LYS UA 92 -21.11 -68.06 50.87
N ARG UA 93 -19.77 -67.96 51.00
CA ARG UA 93 -18.88 -69.10 50.83
C ARG UA 93 -19.24 -70.27 51.74
N GLU UA 94 -19.59 -70.01 53.01
CA GLU UA 94 -20.06 -71.05 53.93
C GLU UA 94 -21.35 -71.71 53.45
N GLU UA 95 -22.35 -70.94 52.99
CA GLU UA 95 -23.53 -71.50 52.35
C GLU UA 95 -23.19 -72.40 51.17
N ILE UA 96 -22.27 -71.98 50.29
CA ILE UA 96 -21.81 -72.78 49.18
C ILE UA 96 -21.13 -74.07 49.62
N GLN UA 97 -20.25 -74.04 50.63
CA GLN UA 97 -19.58 -75.22 51.17
C GLN UA 97 -20.57 -76.24 51.69
N LYS UA 98 -21.59 -75.78 52.43
CA LYS UA 98 -22.71 -76.59 52.87
C LYS UA 98 -23.45 -77.25 51.72
N VAL UA 99 -23.77 -76.50 50.65
CA VAL UA 99 -24.41 -77.03 49.46
C VAL UA 99 -23.53 -78.07 48.77
N VAL UA 100 -22.22 -77.83 48.63
CA VAL UA 100 -21.28 -78.81 48.15
C VAL UA 100 -21.22 -80.08 49.00
N ILE UA 101 -21.26 -79.97 50.34
CA ILE UA 101 -21.40 -81.12 51.23
C ILE UA 101 -22.68 -81.92 50.97
N LEU UA 102 -23.82 -81.24 50.77
CA LEU UA 102 -25.06 -81.85 50.37
C LEU UA 102 -24.98 -82.56 49.02
N GLN UA 103 -24.35 -81.90 48.03
CA GLN UA 103 -24.20 -82.39 46.68
C GLN UA 103 -23.39 -83.68 46.60
N ARG UA 104 -22.32 -83.80 47.40
CA ARG UA 104 -21.49 -84.98 47.51
C ARG UA 104 -22.22 -86.24 47.95
N ARG UA 105 -23.14 -86.12 48.92
CA ARG UA 105 -23.79 -87.25 49.55
C ARG UA 105 -24.92 -87.87 48.68
N PRO VA 1 -93.99 -1.78 -8.30
CA PRO VA 1 -94.94 -1.14 -9.28
C PRO VA 1 -94.96 -1.99 -10.52
N LYS VA 2 -96.13 -2.27 -11.11
CA LYS VA 2 -96.19 -3.15 -12.27
C LYS VA 2 -97.28 -2.74 -13.25
N GLN VA 3 -96.91 -2.44 -14.51
CA GLN VA 3 -97.87 -2.15 -15.55
C GLN VA 3 -98.68 -3.38 -15.96
N ILE VA 4 -100.02 -3.26 -16.00
CA ILE VA 4 -100.89 -4.35 -16.42
C ILE VA 4 -101.62 -3.93 -17.68
N THR VA 5 -101.25 -4.55 -18.81
CA THR VA 5 -101.81 -4.28 -20.12
C THR VA 5 -103.26 -4.67 -20.25
N ASP VA 6 -103.62 -5.85 -19.68
CA ASP VA 6 -104.92 -6.45 -19.87
C ASP VA 6 -105.93 -5.91 -18.86
N ILE VA 7 -106.85 -5.05 -19.33
CA ILE VA 7 -107.99 -4.49 -18.62
C ILE VA 7 -108.83 -5.51 -17.86
N ARG VA 8 -109.10 -6.66 -18.49
CA ARG VA 8 -109.84 -7.73 -17.87
C ARG VA 8 -109.09 -8.34 -16.70
N LYS VA 9 -107.78 -8.61 -16.86
CA LYS VA 9 -106.92 -8.97 -15.75
C LYS VA 9 -106.85 -7.90 -14.67
N PHE VA 10 -106.81 -6.61 -15.04
CA PHE VA 10 -106.88 -5.49 -14.13
C PHE VA 10 -108.15 -5.49 -13.27
N LEU VA 11 -109.31 -5.70 -13.90
CA LEU VA 11 -110.56 -5.97 -13.24
C LEU VA 11 -110.52 -7.19 -12.35
N LYS VA 12 -109.86 -8.29 -12.76
CA LYS VA 12 -109.71 -9.47 -11.95
C LYS VA 12 -108.91 -9.20 -10.69
N ILE VA 13 -107.76 -8.50 -10.82
CA ILE VA 13 -106.94 -8.02 -9.72
C ILE VA 13 -107.73 -7.14 -8.76
N SER VA 14 -108.57 -6.23 -9.29
CA SER VA 14 -109.50 -5.46 -8.45
C SER VA 14 -110.45 -6.32 -7.63
N ARG VA 15 -111.05 -7.35 -8.26
CA ARG VA 15 -111.90 -8.32 -7.62
C ARG VA 15 -111.21 -9.21 -6.58
N LYS VA 16 -109.88 -9.40 -6.67
CA LYS VA 16 -109.10 -10.12 -5.67
C LYS VA 16 -109.15 -9.49 -4.27
N PRO VA 17 -109.11 -10.27 -3.18
CA PRO VA 17 -109.50 -9.76 -1.87
C PRO VA 17 -108.39 -8.97 -1.21
N ASP VA 18 -107.12 -9.19 -1.56
CA ASP VA 18 -106.01 -8.44 -1.01
C ASP VA 18 -106.03 -6.95 -1.40
N THR VA 19 -106.43 -6.66 -2.66
CA THR VA 19 -106.52 -5.31 -3.23
C THR VA 19 -107.45 -4.37 -2.46
N THR VA 20 -107.03 -3.12 -2.20
CA THR VA 20 -107.76 -2.22 -1.30
C THR VA 20 -108.08 -0.86 -1.87
N ALA VA 21 -107.29 -0.35 -2.83
CA ALA VA 21 -107.42 1.04 -3.19
C ALA VA 21 -107.08 1.34 -4.62
N VAL VA 22 -107.65 2.43 -5.12
CA VAL VA 22 -107.62 2.91 -6.48
C VAL VA 22 -107.05 4.31 -6.45
N ILE VA 23 -105.88 4.53 -7.04
CA ILE VA 23 -105.27 5.83 -7.17
C ILE VA 23 -105.42 6.24 -8.61
N ILE VA 24 -106.26 7.24 -8.88
CA ILE VA 24 -106.65 7.61 -10.22
C ILE VA 24 -106.35 9.07 -10.46
N MET VA 25 -105.68 9.39 -11.58
CA MET VA 25 -105.33 10.77 -11.84
C MET VA 25 -105.36 11.12 -13.31
N LYS VA 26 -105.99 12.27 -13.61
CA LYS VA 26 -106.12 12.83 -14.95
C LYS VA 26 -104.91 13.67 -15.32
N LYS VA 27 -104.44 13.53 -16.56
CA LYS VA 27 -103.22 14.14 -17.06
C LYS VA 27 -103.53 15.08 -18.23
N LYS VA 28 -102.91 16.27 -18.21
CA LYS VA 28 -103.17 17.36 -19.14
C LYS VA 28 -102.42 17.25 -20.47
N SER VA 29 -102.81 18.11 -21.45
CA SER VA 29 -102.23 18.19 -22.79
C SER VA 29 -100.73 18.43 -22.82
N LYS VA 30 -100.05 17.85 -23.83
CA LYS VA 30 -98.65 18.08 -24.10
C LYS VA 30 -98.48 18.51 -25.58
N THR VA 35 -106.84 17.82 -24.42
CA THR VA 35 -106.90 16.31 -24.38
C THR VA 35 -106.59 15.77 -22.99
N VAL VA 36 -107.42 14.89 -22.42
CA VAL VA 36 -107.22 14.37 -21.07
C VAL VA 36 -107.04 12.87 -21.09
N ILE VA 37 -105.95 12.41 -20.46
CA ILE VA 37 -105.57 11.01 -20.36
C ILE VA 37 -105.66 10.69 -18.88
N THR VA 38 -105.94 9.44 -18.48
CA THR VA 38 -106.09 9.11 -17.07
C THR VA 38 -105.25 7.91 -16.71
N LYS VA 39 -104.38 8.04 -15.69
CA LYS VA 39 -103.61 6.94 -15.18
C LYS VA 39 -104.25 6.42 -13.92
N LEU VA 40 -104.60 5.12 -13.91
CA LEU VA 40 -105.11 4.44 -12.76
C LEU VA 40 -104.08 3.48 -12.20
N LYS VA 41 -103.62 3.69 -10.96
CA LYS VA 41 -102.81 2.71 -10.26
C LYS VA 41 -103.56 2.11 -9.07
N LEU VA 42 -103.60 0.78 -9.04
CA LEU VA 42 -104.43 -0.05 -8.21
C LEU VA 42 -103.58 -0.76 -7.15
N ARG VA 43 -104.00 -0.75 -5.87
CA ARG VA 43 -103.10 -1.07 -4.78
C ARG VA 43 -103.49 -2.36 -4.09
N THR VA 44 -102.72 -3.39 -4.44
CA THR VA 44 -102.57 -4.71 -3.85
C THR VA 44 -101.38 -4.66 -2.90
N LYS VA 45 -101.32 -5.44 -1.81
CA LYS VA 45 -100.16 -5.39 -0.92
C LYS VA 45 -98.86 -5.77 -1.62
N LYS VA 46 -98.88 -6.81 -2.47
CA LYS VA 46 -97.75 -7.23 -3.26
C LYS VA 46 -97.21 -6.19 -4.23
N TYR VA 47 -98.08 -5.48 -4.96
CA TYR VA 47 -97.65 -4.46 -5.90
C TYR VA 47 -98.70 -3.40 -6.11
N LEU VA 48 -98.28 -2.31 -6.74
CA LEU VA 48 -99.12 -1.23 -7.16
C LEU VA 48 -99.16 -1.37 -8.68
N TYR VA 49 -100.33 -1.77 -9.18
CA TYR VA 49 -100.51 -2.16 -10.55
C TYR VA 49 -101.01 -1.00 -11.38
N THR VA 50 -100.49 -0.76 -12.59
CA THR VA 50 -100.80 0.48 -13.30
C THR VA 50 -101.43 0.17 -14.64
N MET VA 51 -102.57 0.82 -14.94
CA MET VA 51 -103.13 0.95 -16.27
C MET VA 51 -103.32 2.41 -16.68
N VAL VA 52 -102.86 2.76 -17.89
CA VAL VA 52 -103.05 4.07 -18.48
C VAL VA 52 -104.23 4.04 -19.41
N PHE VA 53 -105.33 4.70 -19.03
CA PHE VA 53 -106.54 4.75 -19.80
C PHE VA 53 -106.56 6.01 -20.65
N ALA VA 54 -106.60 5.83 -21.99
CA ALA VA 54 -106.42 6.88 -22.97
C ALA VA 54 -107.41 8.05 -22.92
N ASP VA 55 -108.70 7.78 -22.67
CA ASP VA 55 -109.76 8.76 -22.83
C ASP VA 55 -110.79 8.70 -21.71
N ARG VA 56 -111.72 9.69 -21.69
CA ARG VA 56 -112.80 9.78 -20.74
C ARG VA 56 -113.70 8.56 -20.71
N LYS VA 57 -114.10 8.05 -21.89
CA LYS VA 57 -115.03 6.95 -22.02
C LYS VA 57 -114.50 5.67 -21.38
N LYS VA 58 -113.22 5.34 -21.65
CA LYS VA 58 -112.48 4.38 -20.89
C LYS VA 58 -112.44 4.64 -19.38
N ALA VA 59 -112.04 5.86 -18.97
CA ALA VA 59 -111.92 6.28 -17.59
C ALA VA 59 -113.20 6.21 -16.75
N GLU VA 60 -114.34 6.65 -17.30
CA GLU VA 60 -115.64 6.52 -16.66
C GLU VA 60 -116.04 5.07 -16.53
N ARG VA 61 -115.84 4.27 -17.59
CA ARG VA 61 -116.18 2.86 -17.61
C ARG VA 61 -115.40 2.08 -16.58
N ILE VA 62 -114.08 2.30 -16.43
CA ILE VA 62 -113.31 1.68 -15.37
C ILE VA 62 -113.75 2.13 -13.98
N GLU VA 63 -113.94 3.44 -13.75
CA GLU VA 63 -114.32 3.96 -12.45
C GLU VA 63 -115.64 3.42 -11.93
N ASN VA 64 -116.65 3.34 -12.82
CA ASN VA 64 -117.90 2.65 -12.57
C ASN VA 64 -117.74 1.15 -12.34
N SER VA 65 -116.95 0.47 -13.18
CA SER VA 65 -116.72 -0.98 -13.11
C SER VA 65 -116.10 -1.45 -11.82
N LEU VA 66 -115.12 -0.70 -11.29
CA LEU VA 66 -114.47 -0.98 -10.04
C LEU VA 66 -115.42 -1.08 -8.85
N LEU VA 67 -115.11 -1.99 -7.94
CA LEU VA 67 -115.92 -2.26 -6.77
C LEU VA 67 -116.01 -1.09 -5.80
N PRO VA 68 -117.14 -0.80 -5.16
CA PRO VA 68 -117.32 0.46 -4.45
C PRO VA 68 -116.63 0.42 -3.11
N SER VA 69 -116.31 -0.79 -2.64
CA SER VA 69 -115.53 -1.06 -1.45
C SER VA 69 -114.13 -0.50 -1.53
N LEU VA 70 -113.51 -0.55 -2.73
CA LEU VA 70 -112.19 0.00 -2.98
C LEU VA 70 -112.09 1.50 -2.72
N LYS VA 71 -111.01 1.92 -2.05
CA LYS VA 71 -110.82 3.31 -1.67
C LYS VA 71 -110.32 4.13 -2.84
N ARG VA 72 -111.09 5.16 -3.26
CA ARG VA 72 -110.79 5.92 -4.45
C ARG VA 72 -110.03 7.18 -4.09
N ILE VA 73 -108.81 7.32 -4.62
CA ILE VA 73 -107.90 8.40 -4.30
C ILE VA 73 -107.70 9.28 -5.52
N TYR VA 74 -108.03 10.57 -5.36
CA TYR VA 74 -107.92 11.61 -6.37
C TYR VA 74 -106.99 12.67 -5.77
N TYR VA 75 -105.96 13.12 -6.49
CA TYR VA 75 -105.07 14.15 -5.97
C TYR VA 75 -105.69 15.54 -5.72
N PRO VA 76 -106.58 16.10 -6.53
CA PRO VA 76 -107.29 17.33 -6.18
C PRO VA 76 -108.23 17.18 -4.97
N GLY WA 1 -62.83 3.25 17.39
CA GLY WA 1 -63.00 4.72 17.57
C GLY WA 1 -64.38 5.23 17.29
N SER WA 2 -64.71 5.46 16.01
CA SER WA 2 -66.04 5.87 15.58
C SER WA 2 -67.09 4.81 15.90
N ILE WA 3 -66.78 3.55 15.60
CA ILE WA 3 -67.49 2.39 16.13
C ILE WA 3 -67.04 2.09 17.55
N LYS WA 4 -67.93 1.54 18.38
CA LYS WA 4 -67.67 1.43 19.81
C LYS WA 4 -68.03 0.06 20.39
N ARG WA 5 -67.58 -0.16 21.64
CA ARG WA 5 -67.78 -1.38 22.40
C ARG WA 5 -68.67 -1.05 23.57
N PHE WA 6 -69.66 -1.93 23.88
CA PHE WA 6 -70.66 -1.68 24.90
C PHE WA 6 -70.05 -1.44 26.29
N ARG WA 7 -69.02 -2.22 26.68
CA ARG WA 7 -68.34 -2.02 27.95
C ARG WA 7 -67.64 -0.67 28.03
N LEU WA 8 -66.89 -0.31 26.95
CA LEU WA 8 -66.19 0.96 26.88
C LEU WA 8 -67.15 2.14 26.95
N LYS WA 9 -68.24 2.07 26.16
CA LYS WA 9 -69.23 3.10 26.11
C LYS WA 9 -69.89 3.34 27.46
N GLN WA 10 -70.24 2.26 28.17
CA GLN WA 10 -70.78 2.36 29.51
C GLN WA 10 -69.81 3.00 30.50
N ARG WA 11 -68.55 2.54 30.55
CA ARG WA 11 -67.56 3.15 31.43
C ARG WA 11 -67.32 4.62 31.15
N LEU WA 12 -67.22 5.01 29.87
CA LEU WA 12 -67.08 6.39 29.48
C LEU WA 12 -68.27 7.22 29.94
N GLY WA 13 -69.51 6.71 29.77
CA GLY WA 13 -70.68 7.38 30.31
C GLY WA 13 -70.71 7.53 31.81
N LYS WA 14 -70.25 6.51 32.55
CA LYS WA 14 -69.97 6.61 33.97
C LYS WA 14 -69.00 7.71 34.35
N CYS WA 15 -67.85 7.78 33.65
CA CYS WA 15 -66.83 8.76 33.90
C CYS WA 15 -67.34 10.17 33.68
N ARG WA 16 -68.11 10.39 32.61
CA ARG WA 16 -68.84 11.60 32.38
C ARG WA 16 -69.83 11.95 33.50
N ARG WA 17 -70.63 10.97 33.99
CA ARG WA 17 -71.54 11.20 35.10
C ARG WA 17 -70.83 11.60 36.39
N GLN WA 18 -69.75 10.90 36.74
CA GLN WA 18 -68.90 11.25 37.85
C GLN WA 18 -68.27 12.65 37.78
N ASN WA 19 -67.77 13.04 36.60
CA ASN WA 19 -67.20 14.34 36.31
C ASN WA 19 -67.96 15.59 36.77
N ARG WA 20 -69.29 15.67 36.54
CA ARG WA 20 -70.12 16.83 36.85
C ARG WA 20 -70.03 17.35 38.30
N PRO WA 21 -70.16 18.66 38.56
CA PRO WA 21 -69.85 19.27 39.85
C PRO WA 21 -70.72 18.81 41.01
N VAL WA 22 -70.20 18.98 42.25
CA VAL WA 22 -70.87 18.64 43.49
C VAL WA 22 -72.19 19.39 43.73
N PRO WA 23 -73.22 18.79 44.33
CA PRO WA 23 -74.35 19.52 44.90
C PRO WA 23 -73.98 20.61 45.89
N HIS WA 24 -74.47 21.85 45.67
CA HIS WA 24 -74.17 22.99 46.53
C HIS WA 24 -74.71 22.84 47.93
N TRP WA 25 -75.84 22.12 48.08
CA TRP WA 25 -76.48 21.87 49.37
C TRP WA 25 -75.60 21.07 50.31
N TYR WA 26 -74.73 20.18 49.78
CA TYR WA 26 -73.80 19.38 50.57
C TYR WA 26 -72.87 20.26 51.41
N ARG WA 27 -72.37 21.38 50.86
CA ARG WA 27 -71.58 22.36 51.61
C ARG WA 27 -72.35 23.14 52.68
N LEU WA 28 -73.68 23.00 52.77
CA LEU WA 28 -74.49 23.76 53.70
C LEU WA 28 -74.82 22.97 54.98
N LYS WA 29 -74.60 21.65 54.97
CA LYS WA 29 -74.77 20.82 56.16
C LYS WA 29 -73.48 20.86 57.05
N ASN WA 37 -65.90 18.68 46.41
CA ASN WA 37 -65.31 19.12 45.08
C ASN WA 37 -63.79 19.02 44.99
N THR WA 38 -63.22 17.80 45.06
CA THR WA 38 -61.78 17.61 45.17
C THR WA 38 -61.14 17.11 43.88
N LYS WA 39 -61.92 16.53 42.96
CA LYS WA 39 -61.37 15.85 41.80
C LYS WA 39 -62.31 16.05 40.62
N ARG WA 40 -61.75 16.35 39.42
CA ARG WA 40 -62.50 16.54 38.20
C ARG WA 40 -61.52 16.35 37.05
N ARG WA 41 -61.98 15.98 35.85
CA ARG WA 41 -61.14 15.83 34.67
C ARG WA 41 -61.59 16.79 33.60
N HIS WA 42 -60.63 17.29 32.79
CA HIS WA 42 -60.93 18.08 31.61
C HIS WA 42 -60.38 17.36 30.41
N TRP WA 43 -61.22 17.14 29.40
CA TRP WA 43 -60.97 16.22 28.31
C TRP WA 43 -59.69 16.50 27.51
N ARG WA 44 -59.40 17.77 27.20
CA ARG WA 44 -58.21 18.12 26.44
C ARG WA 44 -56.90 17.81 27.15
N ARG WA 45 -56.76 18.17 28.45
CA ARG WA 45 -55.48 18.03 29.13
C ARG WA 45 -55.36 16.74 29.93
N THR WA 46 -56.49 16.05 30.19
CA THR WA 46 -56.50 14.79 30.93
C THR WA 46 -57.32 13.78 30.20
N LYS WA 47 -56.69 12.69 29.73
CA LYS WA 47 -57.35 11.57 29.11
C LYS WA 47 -57.65 10.50 30.15
N LEU WA 48 -58.58 9.59 29.84
CA LEU WA 48 -59.03 8.57 30.79
C LEU WA 48 -57.99 7.49 31.07
N GLY WA 49 -56.96 7.36 30.19
CA GLY WA 49 -55.82 6.47 30.44
C GLY WA 49 -56.10 5.03 30.14
N LEU WA 50 -57.24 4.78 29.51
CA LEU WA 50 -57.74 3.46 29.18
C LEU WA 50 -57.00 2.82 27.97
N ALA XA 1 43.96 72.07 -14.68
CA ALA XA 1 43.17 72.29 -13.42
C ALA XA 1 43.62 73.52 -12.63
N ILE XA 2 43.17 73.66 -11.37
CA ILE XA 2 43.60 74.71 -10.45
C ILE XA 2 45.07 74.69 -10.11
N GLU XA 3 45.60 75.88 -9.74
CA GLU XA 3 46.98 76.07 -9.31
C GLU XA 3 47.38 75.20 -8.12
N PRO XA 4 48.62 74.72 -8.00
CA PRO XA 4 49.07 73.93 -6.86
C PRO XA 4 48.75 74.50 -5.50
N SER XA 5 48.94 75.82 -5.28
CA SER XA 5 48.57 76.48 -4.03
C SER XA 5 47.08 76.40 -3.71
N LEU XA 6 46.21 76.68 -4.71
CA LEU XA 6 44.78 76.51 -4.60
C LEU XA 6 44.37 75.09 -4.28
N ALA XA 7 44.97 74.11 -5.00
CA ALA XA 7 44.77 72.70 -4.73
C ALA XA 7 45.17 72.30 -3.32
N GLN XA 8 46.34 72.73 -2.84
CA GLN XA 8 46.81 72.51 -1.48
C GLN XA 8 45.90 73.09 -0.42
N LEU XA 9 45.38 74.31 -0.64
CA LEU XA 9 44.42 74.97 0.21
C LEU XA 9 43.11 74.21 0.27
N ALA XA 10 42.61 73.77 -0.90
CA ALA XA 10 41.42 72.97 -0.96
C ALA XA 10 41.58 71.61 -0.32
N GLN XA 11 42.73 70.94 -0.51
CA GLN XA 11 43.06 69.69 0.14
C GLN XA 11 43.20 69.81 1.64
N LYS XA 12 43.85 70.86 2.15
CA LYS XA 12 43.78 71.27 3.55
C LYS XA 12 42.38 71.24 4.19
N TYR XA 13 41.33 71.65 3.43
CA TYR XA 13 39.96 71.56 3.90
C TYR XA 13 39.36 70.17 3.66
N ASN XA 14 39.47 69.66 2.42
CA ASN XA 14 38.75 68.49 1.98
C ASN XA 14 39.39 67.15 2.25
N CYS XA 15 40.72 67.08 2.43
CA CYS XA 15 41.44 65.83 2.21
C CYS XA 15 42.39 65.45 3.32
N GLN XA 16 43.03 66.41 4.01
CA GLN XA 16 44.09 66.07 4.94
C GLN XA 16 43.62 65.52 6.28
N LYS XA 17 42.34 65.75 6.61
CA LYS XA 17 41.71 65.33 7.85
C LYS XA 17 41.80 63.83 8.17
N LEU XA 18 41.87 63.52 9.46
CA LEU XA 18 42.10 62.18 9.96
C LEU XA 18 40.77 61.51 10.23
N ILE XA 19 40.72 60.17 10.32
CA ILE XA 19 39.46 59.44 10.37
C ILE XA 19 39.50 58.39 11.48
N CYS XA 20 38.47 58.31 12.34
CA CYS XA 20 38.25 57.16 13.22
C CYS XA 20 38.00 55.85 12.49
N ARG XA 21 38.84 54.81 12.70
CA ARG XA 21 38.56 53.51 12.10
C ARG XA 21 37.20 52.93 12.50
N LYS XA 22 36.82 53.03 13.79
CA LYS XA 22 35.59 52.44 14.26
C LYS XA 22 34.41 53.41 14.27
N CYS XA 23 34.54 54.65 13.75
CA CYS XA 23 33.37 55.51 13.64
C CYS XA 23 33.45 56.59 12.58
N TYR XA 24 34.47 56.58 11.73
CA TYR XA 24 34.52 57.27 10.45
C TYR XA 24 34.58 58.81 10.43
N ALA XA 25 34.21 59.50 11.53
CA ALA XA 25 34.15 60.95 11.60
C ALA XA 25 35.45 61.70 11.27
N ARG XA 26 35.35 62.91 10.68
CA ARG XA 26 36.52 63.67 10.28
C ARG XA 26 37.15 64.42 11.44
N LEU XA 27 38.47 64.26 11.60
CA LEU XA 27 39.26 64.76 12.69
C LEU XA 27 40.42 65.60 12.21
N HIS XA 28 41.01 66.41 13.13
CA HIS XA 28 42.24 67.13 12.89
C HIS XA 28 43.38 66.19 12.45
N PRO XA 29 44.23 66.53 11.49
CA PRO XA 29 45.26 65.64 10.96
C PRO XA 29 46.20 65.01 11.96
N ARG XA 30 46.47 65.65 13.11
CA ARG XA 30 47.38 65.12 14.09
C ARG XA 30 46.67 64.68 15.37
N ALA XA 31 45.32 64.52 15.33
CA ALA XA 31 44.52 64.16 16.48
C ALA XA 31 44.89 62.83 17.15
N THR XA 32 44.75 62.77 18.50
CA THR XA 32 45.05 61.56 19.25
C THR XA 32 43.87 60.60 19.33
N ASN XA 33 42.66 61.09 19.66
CA ASN XA 33 41.54 60.23 20.03
C ASN XA 33 40.25 60.75 19.42
N CYS XA 34 39.24 59.87 19.24
CA CYS XA 34 38.20 60.05 18.22
C CYS XA 34 37.14 61.11 18.42
N ARG XA 35 36.99 61.67 19.64
CA ARG XA 35 36.03 62.72 19.94
C ARG XA 35 34.58 62.28 19.66
N ASN XA 36 34.24 61.05 20.07
CA ASN XA 36 32.91 60.53 19.86
C ASN XA 36 32.51 59.72 21.07
N LYS XA 37 31.36 60.10 21.66
CA LYS XA 37 30.86 59.57 22.92
C LYS XA 37 30.44 58.11 22.86
N LYS XA 38 29.66 57.69 21.85
CA LYS XA 38 29.21 56.31 21.74
C LYS XA 38 30.29 55.41 21.15
N CYS XA 39 31.28 56.00 20.45
CA CYS XA 39 32.49 55.29 20.08
C CYS XA 39 33.45 55.16 21.25
N GLY XA 40 33.25 55.95 22.31
CA GLY XA 40 34.01 55.82 23.55
C GLY XA 40 35.36 56.49 23.55
N ARG XA 41 35.60 57.42 22.60
CA ARG XA 41 36.81 58.23 22.53
C ARG XA 41 38.09 57.40 22.31
N THR XA 42 37.99 56.40 21.41
CA THR XA 42 39.03 55.50 20.96
C THR XA 42 40.23 56.16 20.29
N ASN XA 43 41.40 55.49 20.34
CA ASN XA 43 42.66 56.00 19.80
C ASN XA 43 42.92 55.47 18.39
N GLN XA 44 42.02 54.66 17.83
CA GLN XA 44 42.26 53.94 16.58
C GLN XA 44 41.86 54.75 15.37
N LEU XA 45 42.80 55.56 14.88
CA LEU XA 45 42.59 56.53 13.82
C LEU XA 45 43.45 56.19 12.63
N ARG XA 46 42.91 56.35 11.42
CA ARG XA 46 43.53 56.02 10.18
C ARG XA 46 43.48 57.26 9.31
N PRO XA 47 44.33 57.39 8.31
CA PRO XA 47 44.30 58.53 7.40
C PRO XA 47 43.24 58.36 6.34
N LYS XA 48 42.70 59.47 5.80
CA LYS XA 48 41.91 59.47 4.59
C LYS XA 48 42.70 58.94 3.39
N LYS XA 49 42.11 58.02 2.59
CA LYS XA 49 42.89 57.34 1.57
C LYS XA 49 43.32 58.24 0.40
N LYS XA 50 44.49 57.93 -0.19
CA LYS XA 50 45.04 58.64 -1.34
C LYS XA 50 44.17 58.59 -2.61
N LEU XA 51 44.33 59.59 -3.50
CA LEU XA 51 43.82 59.51 -4.86
C LEU XA 51 44.70 58.60 -5.79
N GLY YA 1 -48.71 -68.11 56.83
CA GLY YA 1 -47.73 -68.84 55.93
C GLY YA 1 -47.48 -68.26 54.56
N ALA YA 2 -48.53 -68.03 53.75
CA ALA YA 2 -48.41 -67.67 52.33
C ALA YA 2 -47.57 -66.46 52.03
N TYR YA 3 -47.80 -65.33 52.75
CA TYR YA 3 -47.06 -64.11 52.47
C TYR YA 3 -45.57 -64.26 52.71
N LYS YA 4 -45.16 -64.98 53.78
CA LYS YA 4 -43.76 -65.31 54.04
C LYS YA 4 -43.11 -66.10 52.92
N TYR YA 5 -43.80 -67.10 52.35
CA TYR YA 5 -43.32 -67.80 51.16
C TYR YA 5 -43.10 -66.84 50.00
N ILE YA 6 -44.08 -65.96 49.73
CA ILE YA 6 -44.03 -65.07 48.61
C ILE YA 6 -42.92 -64.05 48.78
N GLN YA 7 -42.73 -63.56 50.01
CA GLN YA 7 -41.65 -62.69 50.39
C GLN YA 7 -40.28 -63.24 50.04
N GLU YA 8 -39.98 -64.45 50.49
CA GLU YA 8 -38.73 -65.12 50.24
C GLU YA 8 -38.49 -65.42 48.76
N ILE YA 9 -39.53 -65.85 48.04
CA ILE YA 9 -39.49 -66.05 46.60
C ILE YA 9 -39.13 -64.76 45.87
N TRP YA 10 -39.74 -63.64 46.30
CA TRP YA 10 -39.47 -62.36 45.71
C TRP YA 10 -38.11 -61.82 46.11
N LYS YA 11 -37.62 -62.19 47.31
CA LYS YA 11 -36.36 -61.73 47.85
C LYS YA 11 -35.12 -62.13 47.06
N LYS YA 12 -35.08 -63.33 46.46
CA LYS YA 12 -33.94 -63.73 45.65
C LYS YA 12 -33.74 -62.90 44.38
N LYS YA 13 -34.80 -62.65 43.59
CA LYS YA 13 -34.81 -61.69 42.48
C LYS YA 13 -34.18 -62.19 41.20
N GLN YA 14 -32.99 -62.83 41.29
CA GLN YA 14 -32.21 -63.16 40.11
C GLN YA 14 -32.53 -64.55 39.55
N SER YA 15 -33.58 -65.20 40.09
CA SER YA 15 -34.14 -66.42 39.50
C SER YA 15 -34.67 -66.21 38.10
N ASP YA 16 -34.44 -67.19 37.20
CA ASP YA 16 -34.98 -67.31 35.86
C ASP YA 16 -36.46 -66.98 35.76
N ALA YA 17 -37.27 -67.65 36.61
CA ALA YA 17 -38.70 -67.47 36.73
C ALA YA 17 -39.06 -66.05 37.10
N MET YA 18 -38.41 -65.49 38.13
CA MET YA 18 -38.60 -64.11 38.53
C MET YA 18 -38.21 -63.13 37.43
N HIS YA 19 -37.09 -63.39 36.75
CA HIS YA 19 -36.61 -62.58 35.64
C HIS YA 19 -37.56 -62.62 34.47
N PHE YA 20 -38.04 -63.82 34.08
CA PHE YA 20 -39.06 -64.00 33.07
C PHE YA 20 -40.31 -63.18 33.35
N LEU YA 21 -40.90 -63.39 34.54
CA LEU YA 21 -42.10 -62.75 34.97
C LEU YA 21 -41.97 -61.25 35.07
N LEU YA 22 -40.86 -60.77 35.64
CA LEU YA 22 -40.53 -59.37 35.71
C LEU YA 22 -40.39 -58.72 34.35
N ARG YA 23 -39.68 -59.37 33.40
CA ARG YA 23 -39.57 -58.87 32.05
C ARG YA 23 -40.88 -58.72 31.31
N VAL YA 24 -41.76 -59.73 31.41
CA VAL YA 24 -43.12 -59.71 30.86
C VAL YA 24 -43.99 -58.62 31.48
N ARG YA 25 -44.00 -58.53 32.83
CA ARG YA 25 -44.73 -57.49 33.52
C ARG YA 25 -44.20 -56.11 33.20
N THR YA 26 -42.88 -55.89 33.25
CA THR YA 26 -42.25 -54.64 32.81
C THR YA 26 -42.59 -54.28 31.37
N TRP YA 27 -42.60 -55.27 30.46
CA TRP YA 27 -43.09 -55.11 29.10
C TRP YA 27 -44.51 -54.56 29.04
N GLU YA 28 -45.44 -55.17 29.79
CA GLU YA 28 -46.82 -54.70 29.89
C GLU YA 28 -46.89 -53.28 30.45
N TYR YA 29 -46.10 -53.00 31.49
CA TYR YA 29 -45.99 -51.70 32.12
C TYR YA 29 -45.50 -50.63 31.13
N ARG YA 30 -44.47 -50.92 30.31
CA ARG YA 30 -44.06 -50.07 29.22
C ARG YA 30 -45.16 -49.65 28.25
N GLN YA 31 -46.18 -50.50 28.03
CA GLN YA 31 -47.30 -50.17 27.17
C GLN YA 31 -48.25 -49.14 27.78
N LEU YA 32 -48.63 -49.34 29.06
CA LEU YA 32 -49.69 -48.66 29.76
C LEU YA 32 -49.58 -47.13 29.94
N PRO YA 33 -50.71 -46.39 30.05
CA PRO YA 33 -50.79 -45.01 30.52
C PRO YA 33 -49.95 -44.60 31.72
N VAL YA 34 -49.53 -43.32 31.77
CA VAL YA 34 -48.53 -42.82 32.71
C VAL YA 34 -48.83 -43.03 34.18
N VAL YA 35 -50.03 -42.64 34.62
CA VAL YA 35 -50.58 -42.96 35.93
C VAL YA 35 -51.87 -43.72 35.70
N HIS YA 36 -52.02 -44.95 36.22
CA HIS YA 36 -53.23 -45.72 36.00
C HIS YA 36 -53.64 -46.56 37.19
N ARG YA 37 -54.97 -46.73 37.37
CA ARG YA 37 -55.56 -47.51 38.44
C ARG YA 37 -55.20 -48.99 38.34
N VAL YA 38 -54.88 -49.63 39.48
CA VAL YA 38 -54.86 -51.08 39.56
C VAL YA 38 -55.94 -51.49 40.56
N SER YA 39 -56.54 -52.68 40.40
CA SER YA 39 -57.53 -53.21 41.35
C SER YA 39 -56.91 -53.61 42.68
N LYS YA 40 -55.74 -54.25 42.64
CA LYS YA 40 -55.07 -54.84 43.77
C LYS YA 40 -53.58 -54.65 43.53
N PRO YA 41 -52.71 -54.63 44.54
CA PRO YA 41 -51.28 -54.48 44.33
C PRO YA 41 -50.67 -55.70 43.68
N SER YA 42 -49.67 -55.49 42.82
CA SER YA 42 -48.92 -56.54 42.15
C SER YA 42 -48.20 -57.48 43.10
N ARG YA 43 -47.60 -56.96 44.19
CA ARG YA 43 -47.08 -57.76 45.27
C ARG YA 43 -47.88 -57.47 46.55
N PRO YA 44 -48.76 -58.37 46.97
CA PRO YA 44 -49.54 -58.24 48.19
C PRO YA 44 -48.70 -58.13 49.43
N ASP YA 45 -47.68 -58.99 49.59
CA ASP YA 45 -46.85 -59.02 50.78
C ASP YA 45 -46.16 -57.68 51.01
N LYS YA 46 -45.50 -57.12 49.97
CA LYS YA 46 -44.83 -55.84 50.11
C LYS YA 46 -45.82 -54.73 50.43
N ALA YA 47 -46.95 -54.70 49.72
CA ALA YA 47 -48.02 -53.75 49.96
C ALA YA 47 -48.63 -53.78 51.36
N ARG YA 48 -49.01 -54.97 51.88
CA ARG YA 48 -49.54 -55.15 53.22
C ARG YA 48 -48.58 -54.62 54.27
N ARG YA 49 -47.30 -55.02 54.16
CA ARG YA 49 -46.22 -54.54 54.98
C ARG YA 49 -45.98 -53.03 54.87
N LEU YA 50 -46.14 -52.44 53.68
CA LEU YA 50 -46.08 -51.01 53.51
C LEU YA 50 -47.44 -50.32 53.78
N GLY YA 51 -48.26 -50.97 54.63
CA GLY YA 51 -49.45 -50.37 55.23
C GLY YA 51 -50.72 -50.49 54.44
N TYR YA 52 -50.75 -51.21 53.32
CA TYR YA 52 -51.99 -51.52 52.65
C TYR YA 52 -52.94 -52.29 53.55
N LYS YA 53 -54.21 -51.88 53.56
CA LYS YA 53 -55.27 -52.58 54.24
C LYS YA 53 -56.30 -52.92 53.19
N ALA YA 54 -56.81 -54.17 53.14
CA ALA YA 54 -57.74 -54.55 52.11
C ALA YA 54 -59.17 -54.08 52.35
N ILE YA 55 -59.38 -52.76 52.31
CA ILE YA 55 -60.65 -52.12 52.53
C ILE YA 55 -60.98 -51.24 51.35
N GLN YA 56 -62.24 -50.78 51.29
CA GLN YA 56 -62.82 -50.07 50.16
C GLN YA 56 -62.09 -48.77 49.82
N GLY YA 57 -61.71 -47.98 50.86
CA GLY YA 57 -61.11 -46.66 50.68
C GLY YA 57 -59.64 -46.67 50.35
N PHE YA 58 -59.02 -47.86 50.33
CA PHE YA 58 -57.65 -48.08 49.98
C PHE YA 58 -57.53 -48.43 48.51
N VAL YA 59 -56.82 -47.60 47.73
CA VAL YA 59 -56.81 -47.67 46.29
C VAL YA 59 -55.36 -47.76 45.80
N ILE YA 60 -55.11 -48.51 44.70
CA ILE YA 60 -53.80 -48.65 44.11
C ILE YA 60 -53.73 -47.92 42.78
N TYR YA 61 -52.62 -47.19 42.56
CA TYR YA 61 -52.31 -46.54 41.31
C TYR YA 61 -50.88 -46.88 40.89
N ARG YA 62 -50.67 -47.25 39.63
CA ARG YA 62 -49.38 -47.59 39.09
C ARG YA 62 -48.85 -46.47 38.20
N VAL YA 63 -47.61 -46.06 38.47
CA VAL YA 63 -47.01 -44.81 38.05
C VAL YA 63 -45.71 -45.07 37.29
N ARG YA 64 -45.45 -44.30 36.21
CA ARG YA 64 -44.27 -44.44 35.39
C ARG YA 64 -43.34 -43.27 35.71
N VAL YA 65 -42.05 -43.53 35.98
CA VAL YA 65 -41.02 -42.51 36.08
C VAL YA 65 -39.82 -42.86 35.21
N ARG YA 66 -39.25 -41.89 34.47
CA ARG YA 66 -38.03 -42.13 33.73
C ARG YA 66 -36.78 -42.30 34.61
N ARG YA 67 -35.88 -43.22 34.23
CA ARG YA 67 -34.58 -43.45 34.81
C ARG YA 67 -33.60 -42.28 34.76
N GLY YA 68 -32.58 -42.29 35.64
CA GLY YA 68 -31.44 -41.38 35.62
C GLY YA 68 -31.71 -39.96 36.06
N ASP YA 69 -30.63 -39.18 36.26
CA ASP YA 69 -30.69 -37.76 36.59
C ASP YA 69 -30.99 -36.92 35.33
N ARG YA 70 -30.43 -35.70 35.23
CA ARG YA 70 -30.82 -34.69 34.26
C ARG YA 70 -30.06 -33.39 34.49
N LYS YA 71 -29.77 -32.67 33.39
CA LYS YA 71 -29.12 -31.37 33.41
C LYS YA 71 -29.86 -30.30 34.19
N LYS YA 72 -29.13 -29.41 34.88
CA LYS YA 72 -29.68 -28.20 35.46
C LYS YA 72 -30.25 -27.27 34.39
N ARG YA 73 -31.33 -26.51 34.68
CA ARG YA 73 -31.93 -25.64 33.68
C ARG YA 73 -31.05 -24.44 33.29
N VAL YA 74 -30.99 -24.05 31.98
CA VAL YA 74 -30.03 -23.10 31.44
C VAL YA 74 -30.59 -22.32 30.25
N LYS YA 75 -29.86 -21.29 29.76
CA LYS YA 75 -30.29 -20.53 28.59
C LYS YA 75 -30.11 -21.27 27.27
N LYS YA 76 -28.90 -21.82 27.03
CA LYS YA 76 -28.57 -22.60 25.87
C LYS YA 76 -27.37 -23.40 26.28
N GLY YA 77 -26.21 -22.74 26.42
CA GLY YA 77 -25.12 -23.23 27.23
C GLY YA 77 -25.40 -22.94 28.68
N ILE YA 78 -24.46 -23.33 29.55
CA ILE YA 78 -24.51 -23.11 30.99
C ILE YA 78 -24.64 -21.64 31.40
N VAL YA 79 -25.40 -21.37 32.48
CA VAL YA 79 -25.42 -20.10 33.20
C VAL YA 79 -24.05 -19.52 33.56
N HIS YA 80 -24.00 -18.23 33.96
CA HIS YA 80 -22.76 -17.49 34.12
C HIS YA 80 -22.16 -17.59 35.52
N GLY YA 81 -22.61 -18.58 36.33
CA GLY YA 81 -22.11 -18.88 37.67
C GLY YA 81 -20.61 -19.15 37.81
N LYS YA 82 -20.12 -19.16 39.05
CA LYS YA 82 -18.72 -19.30 39.41
C LYS YA 82 -17.97 -20.54 38.87
N PRO YA 83 -16.63 -20.55 38.74
CA PRO YA 83 -15.88 -21.69 38.19
C PRO YA 83 -16.07 -23.00 38.93
N LYS YA 84 -16.39 -22.98 40.22
CA LYS YA 84 -16.92 -24.09 40.96
C LYS YA 84 -18.26 -24.65 40.45
N HIS YA 85 -19.16 -23.77 39.98
CA HIS YA 85 -20.55 -24.07 39.72
C HIS YA 85 -20.84 -24.47 38.29
N GLN YA 86 -20.95 -25.79 38.03
CA GLN YA 86 -21.44 -26.30 36.78
C GLN YA 86 -22.53 -27.34 37.02
N GLY YA 87 -23.73 -27.11 36.47
CA GLY YA 87 -24.87 -28.04 36.55
C GLY YA 87 -24.95 -28.90 35.32
N VAL YA 88 -23.86 -28.89 34.56
CA VAL YA 88 -23.67 -29.56 33.29
C VAL YA 88 -23.80 -31.08 33.39
N HIS YA 89 -24.54 -31.68 32.44
CA HIS YA 89 -24.92 -33.09 32.39
C HIS YA 89 -25.81 -33.60 33.54
N LYS YA 90 -25.68 -33.04 34.74
CA LYS YA 90 -26.22 -33.61 35.95
C LYS YA 90 -26.27 -32.61 37.08
N GLN YA 91 -27.08 -32.93 38.09
CA GLN YA 91 -27.06 -32.25 39.37
C GLN YA 91 -27.23 -33.25 40.50
N LYS YA 92 -27.88 -34.40 40.24
CA LYS YA 92 -28.16 -35.47 41.19
C LYS YA 92 -28.84 -34.99 42.46
N SER YA 93 -29.96 -34.26 42.29
CA SER YA 93 -30.58 -33.55 43.40
C SER YA 93 -31.48 -34.41 44.24
N THR YA 94 -32.04 -33.76 45.27
CA THR YA 94 -32.61 -34.24 46.51
C THR YA 94 -33.75 -35.22 46.41
N ARG YA 95 -34.75 -35.00 45.54
CA ARG YA 95 -35.85 -35.94 45.41
C ARG YA 95 -35.45 -37.26 44.75
N ASN YA 96 -35.52 -38.36 45.51
CA ASN YA 96 -35.38 -39.69 44.96
C ASN YA 96 -36.49 -40.04 43.98
N LEU YA 97 -36.22 -40.92 43.00
CA LEU YA 97 -37.17 -41.25 41.96
C LEU YA 97 -38.50 -41.82 42.46
N LYS YA 98 -38.50 -42.56 43.60
CA LYS YA 98 -39.74 -42.91 44.24
C LYS YA 98 -40.57 -41.70 44.68
N SER YA 99 -39.94 -40.73 45.36
CA SER YA 99 -40.57 -39.48 45.72
C SER YA 99 -41.05 -38.66 44.54
N VAL YA 100 -40.27 -38.61 43.44
CA VAL YA 100 -40.68 -38.00 42.20
C VAL YA 100 -41.95 -38.62 41.61
N ALA YA 101 -42.03 -39.96 41.58
CA ALA YA 101 -43.22 -40.68 41.16
C ALA YA 101 -44.45 -40.36 42.00
N GLU YA 102 -44.27 -40.27 43.33
CA GLU YA 102 -45.33 -39.92 44.25
C GLU YA 102 -45.83 -38.50 44.01
N GLY YA 103 -44.93 -37.55 43.71
CA GLY YA 103 -45.30 -36.19 43.32
C GLY YA 103 -46.18 -36.09 42.09
N LYS YA 104 -45.90 -36.92 41.06
CA LYS YA 104 -46.64 -36.89 39.82
C LYS YA 104 -48.08 -37.34 40.00
N VAL YA 105 -48.30 -38.41 40.78
CA VAL YA 105 -49.64 -38.87 41.12
C VAL YA 105 -50.29 -37.93 42.12
N GLY YA 106 -49.53 -37.51 43.15
CA GLY YA 106 -49.93 -36.54 44.15
C GLY YA 106 -50.50 -35.24 43.64
N LYS YA 107 -50.01 -34.73 42.50
CA LYS YA 107 -50.66 -33.60 41.88
C LYS YA 107 -51.75 -33.99 40.90
N SER YA 108 -51.56 -35.09 40.13
CA SER YA 108 -52.44 -35.35 39.00
C SER YA 108 -53.75 -36.04 39.36
N ILE YA 109 -53.74 -36.94 40.35
CA ILE YA 109 -54.87 -37.81 40.63
C ILE YA 109 -55.33 -37.56 42.05
N CYS YA 110 -54.37 -37.25 42.95
CA CYS YA 110 -54.67 -36.97 44.32
C CYS YA 110 -55.19 -35.56 44.53
N GLY YA 111 -55.85 -35.34 45.68
CA GLY YA 111 -56.63 -34.14 45.98
C GLY YA 111 -57.92 -34.62 46.56
N ASN YA 112 -58.66 -35.43 45.78
CA ASN YA 112 -59.64 -36.33 46.34
C ASN YA 112 -58.94 -37.43 47.15
N LEU YA 113 -57.95 -38.12 46.54
CA LEU YA 113 -57.15 -39.10 47.26
C LEU YA 113 -56.00 -38.43 48.00
N ARG YA 114 -55.45 -39.13 49.00
CA ARG YA 114 -54.25 -38.78 49.70
C ARG YA 114 -53.24 -39.92 49.60
N VAL YA 115 -51.96 -39.62 49.26
CA VAL YA 115 -50.89 -40.61 49.18
C VAL YA 115 -50.54 -41.20 50.54
N LEU YA 116 -50.52 -42.55 50.66
CA LEU YA 116 -50.00 -43.16 51.86
C LEU YA 116 -48.55 -43.54 51.70
N ASN YA 117 -48.21 -44.34 50.68
CA ASN YA 117 -46.84 -44.81 50.45
C ASN YA 117 -46.78 -45.46 49.08
N SER YA 118 -45.60 -46.01 48.69
CA SER YA 118 -45.39 -46.57 47.37
C SER YA 118 -44.20 -47.52 47.36
N TYR YA 119 -44.29 -48.58 46.54
CA TYR YA 119 -43.30 -49.63 46.53
C TYR YA 119 -42.80 -49.92 45.12
N TRP YA 120 -41.64 -50.60 45.03
CA TRP YA 120 -40.79 -50.57 43.87
C TRP YA 120 -41.36 -51.22 42.62
N VAL YA 121 -41.91 -52.44 42.74
CA VAL YA 121 -42.56 -53.17 41.64
C VAL YA 121 -41.57 -53.69 40.59
N GLY YA 122 -40.93 -52.80 39.82
CA GLY YA 122 -40.06 -53.19 38.73
C GLY YA 122 -39.49 -52.04 37.95
N GLN YA 123 -38.43 -52.33 37.20
CA GLN YA 123 -37.70 -51.32 36.45
C GLN YA 123 -36.98 -51.95 35.27
N ASP YA 124 -36.70 -51.15 34.24
CA ASP YA 124 -35.69 -51.44 33.25
C ASP YA 124 -34.65 -50.33 33.36
N ALA YA 125 -33.84 -50.09 32.31
CA ALA YA 125 -32.83 -49.05 32.34
C ALA YA 125 -33.28 -47.75 31.70
N VAL YA 126 -34.56 -47.61 31.30
CA VAL YA 126 -35.09 -46.35 30.81
C VAL YA 126 -36.25 -45.87 31.67
N TYR YA 127 -37.08 -46.77 32.22
CA TYR YA 127 -38.12 -46.42 33.16
C TYR YA 127 -38.06 -47.25 34.44
N LYS YA 128 -38.48 -46.66 35.58
CA LYS YA 128 -38.94 -47.41 36.73
C LYS YA 128 -40.47 -47.30 36.79
N TYR YA 129 -41.15 -48.41 37.14
CA TYR YA 129 -42.59 -48.45 37.31
C TYR YA 129 -42.92 -48.71 38.77
N TYR YA 130 -43.65 -47.80 39.47
CA TYR YA 130 -43.94 -47.94 40.89
C TYR YA 130 -45.43 -48.11 41.12
N GLU YA 131 -45.84 -48.78 42.22
CA GLU YA 131 -47.22 -48.80 42.66
C GLU YA 131 -47.40 -48.02 43.95
N VAL YA 132 -48.34 -47.08 43.95
CA VAL YA 132 -48.64 -46.16 45.02
C VAL YA 132 -49.95 -46.55 45.71
N ILE YA 133 -49.86 -46.68 47.03
CA ILE YA 133 -50.96 -46.86 47.93
C ILE YA 133 -51.56 -45.50 48.25
N LEU YA 134 -52.86 -45.34 47.96
CA LEU YA 134 -53.58 -44.10 48.12
C LEU YA 134 -54.85 -44.37 48.93
N VAL YA 135 -55.42 -43.32 49.55
CA VAL YA 135 -56.56 -43.48 50.44
C VAL YA 135 -57.47 -42.27 50.28
N ASP YA 136 -58.81 -42.49 50.27
CA ASP YA 136 -59.80 -41.43 50.32
C ASP YA 136 -60.10 -41.03 51.78
N PRO YA 137 -59.97 -39.78 52.20
CA PRO YA 137 -60.36 -39.37 53.54
C PRO YA 137 -61.86 -39.20 53.69
N ASN YA 138 -62.67 -39.17 52.62
CA ASN YA 138 -64.08 -38.88 52.74
C ASN YA 138 -64.92 -40.07 53.19
N HIS YA 139 -64.71 -41.25 52.59
CA HIS YA 139 -65.57 -42.39 52.77
C HIS YA 139 -65.73 -42.90 54.20
N ASN YA 140 -66.97 -43.35 54.49
CA ASN YA 140 -67.48 -43.70 55.79
C ASN YA 140 -66.71 -44.80 56.50
N ALA YA 141 -66.32 -45.89 55.80
CA ALA YA 141 -65.54 -46.96 56.40
C ALA YA 141 -64.22 -46.54 57.01
N VAL YA 142 -63.54 -45.54 56.41
CA VAL YA 142 -62.21 -45.15 56.85
C VAL YA 142 -62.33 -44.16 57.99
N ARG YA 143 -63.33 -43.27 57.90
CA ARG YA 143 -63.72 -42.38 58.97
C ARG YA 143 -64.20 -43.13 60.21
N ASN YA 144 -64.96 -44.22 60.01
CA ASN YA 144 -65.40 -45.11 61.04
C ASN YA 144 -64.24 -45.89 61.66
N ASN YA 145 -63.41 -46.58 60.84
CA ASN YA 145 -62.23 -47.31 61.30
C ASN YA 145 -61.32 -46.49 62.22
N PRO YA 146 -61.01 -46.89 63.46
CA PRO YA 146 -60.09 -46.16 64.32
C PRO YA 146 -58.67 -46.25 63.82
N LYS YA 147 -58.30 -47.36 63.16
CA LYS YA 147 -57.04 -47.51 62.47
C LYS YA 147 -57.02 -46.60 61.24
N ILE YA 148 -55.85 -46.01 60.89
CA ILE YA 148 -55.64 -45.18 59.70
C ILE YA 148 -56.30 -43.80 59.75
N ASN YA 149 -57.45 -43.69 60.43
CA ASN YA 149 -58.29 -42.54 60.72
C ASN YA 149 -57.62 -41.17 60.83
N TRP YA 150 -56.43 -41.13 61.43
CA TRP YA 150 -55.60 -39.94 61.50
C TRP YA 150 -55.43 -39.27 60.14
N ILE YA 151 -55.31 -40.04 59.04
CA ILE YA 151 -55.16 -39.54 57.70
C ILE YA 151 -56.31 -38.67 57.22
N CYS YA 152 -57.48 -38.75 57.88
CA CYS YA 152 -58.63 -37.93 57.59
C CYS YA 152 -58.46 -36.47 57.99
N ASN YA 153 -57.50 -36.16 58.88
CA ASN YA 153 -57.20 -34.80 59.30
C ASN YA 153 -56.59 -33.96 58.19
N PRO YA 154 -56.81 -32.65 58.08
CA PRO YA 154 -56.56 -31.90 56.85
C PRO YA 154 -55.08 -31.66 56.61
N VAL YA 155 -54.20 -31.95 57.59
CA VAL YA 155 -52.76 -31.83 57.46
C VAL YA 155 -52.16 -32.86 56.51
N HIS YA 156 -52.96 -33.89 56.15
CA HIS YA 156 -52.53 -34.96 55.28
C HIS YA 156 -52.85 -34.68 53.83
N LYS YA 157 -53.35 -33.48 53.52
CA LYS YA 157 -53.34 -32.97 52.16
C LYS YA 157 -51.91 -32.79 51.64
N HIS YA 158 -51.53 -33.57 50.60
CA HIS YA 158 -50.20 -33.57 50.01
C HIS YA 158 -49.05 -33.99 50.92
N ARG YA 159 -49.17 -35.18 51.57
CA ARG YA 159 -48.13 -35.75 52.40
C ARG YA 159 -46.78 -35.89 51.70
N GLU YA 160 -46.77 -36.31 50.44
CA GLU YA 160 -45.57 -36.49 49.67
C GLU YA 160 -44.88 -35.18 49.33
N LEU YA 161 -45.65 -34.09 49.20
CA LEU YA 161 -45.12 -32.79 48.91
C LEU YA 161 -44.71 -32.06 50.17
N ARG YA 162 -45.01 -32.63 51.35
CA ARG YA 162 -44.37 -32.22 52.58
C ARG YA 162 -43.25 -33.20 52.92
N GLY YA 163 -43.16 -34.31 52.16
CA GLY YA 163 -42.16 -35.33 52.34
C GLY YA 163 -42.36 -36.19 53.55
N LEU YA 164 -43.61 -36.57 53.86
CA LEU YA 164 -43.93 -37.33 55.06
C LEU YA 164 -43.97 -38.84 54.81
N THR YA 165 -43.96 -39.23 53.52
CA THR YA 165 -43.95 -40.61 53.07
C THR YA 165 -42.64 -41.29 53.36
N SER YA 166 -42.54 -42.62 53.18
CA SER YA 166 -41.30 -43.34 53.40
C SER YA 166 -40.16 -42.82 52.53
N ALA YA 167 -40.46 -42.48 51.26
CA ALA YA 167 -39.54 -41.84 50.35
C ALA YA 167 -39.07 -40.46 50.84
N GLY YA 168 -40.02 -39.67 51.38
CA GLY YA 168 -39.77 -38.35 51.92
C GLY YA 168 -38.96 -38.38 53.19
N LYS YA 169 -39.30 -39.33 54.09
CA LYS YA 169 -38.56 -39.58 55.30
C LYS YA 169 -37.12 -39.93 55.01
N LYS YA 170 -36.87 -40.77 53.99
CA LYS YA 170 -35.56 -41.08 53.48
C LYS YA 170 -34.73 -39.85 53.10
N TYR YA 171 -35.21 -39.00 52.16
CA TYR YA 171 -34.32 -37.95 51.70
C TYR YA 171 -34.18 -36.80 52.69
N ARG YA 172 -35.14 -36.65 53.62
CA ARG YA 172 -34.99 -35.72 54.71
C ARG YA 172 -34.16 -36.30 55.84
N GLY YA 173 -33.87 -37.61 55.78
CA GLY YA 173 -32.95 -38.29 56.69
C GLY YA 173 -33.57 -38.71 57.99
N LEU YA 174 -34.90 -38.83 58.03
CA LEU YA 174 -35.62 -39.11 59.26
C LEU YA 174 -35.50 -40.56 59.70
N ARG YA 175 -35.13 -41.46 58.77
CA ARG YA 175 -34.71 -42.80 59.11
C ARG YA 175 -33.43 -42.81 59.95
N VAL YA 176 -32.46 -41.97 59.58
CA VAL YA 176 -31.23 -41.78 60.31
C VAL YA 176 -31.48 -41.12 61.66
N LYS YA 177 -30.94 -41.70 62.74
CA LYS YA 177 -30.95 -41.13 64.07
C LYS YA 177 -29.51 -41.06 64.55
N GLY YA 178 -29.29 -40.58 65.79
CA GLY YA 178 -27.94 -40.47 66.36
C GLY YA 178 -27.04 -39.47 65.70
N HIS YA 179 -25.73 -39.56 65.97
CA HIS YA 179 -24.77 -38.55 65.56
C HIS YA 179 -24.54 -38.45 64.07
N LEU YA 180 -25.03 -39.45 63.32
CA LEU YA 180 -25.09 -39.45 61.88
C LEU YA 180 -26.19 -38.52 61.36
N SER YA 181 -27.13 -38.11 62.23
CA SER YA 181 -28.23 -37.20 61.92
C SER YA 181 -28.07 -35.85 62.61
N ALA YA 182 -26.90 -35.55 63.19
CA ALA YA 182 -26.68 -34.43 64.10
C ALA YA 182 -27.03 -33.04 63.55
N LYS YA 183 -26.74 -32.77 62.27
CA LYS YA 183 -27.00 -31.49 61.64
C LYS YA 183 -28.39 -31.48 60.97
N SER YA 184 -29.22 -32.51 61.21
CA SER YA 184 -30.43 -32.71 60.44
C SER YA 184 -31.66 -33.08 61.26
N ARG YA 185 -31.50 -33.65 62.47
CA ARG YA 185 -32.58 -34.32 63.19
C ARG YA 185 -33.91 -33.56 63.40
N PRO YA 186 -34.04 -32.30 63.83
CA PRO YA 186 -35.36 -31.69 64.05
C PRO YA 186 -35.95 -31.22 62.74
N SER YA 187 -35.14 -31.27 61.66
CA SER YA 187 -35.32 -30.82 60.30
C SER YA 187 -34.05 -30.08 59.95
N ILE YA 188 -33.69 -30.07 58.66
CA ILE YA 188 -32.53 -29.41 58.10
C ILE YA 188 -32.71 -27.91 58.27
N ARG YA 189 -33.89 -27.40 57.90
CA ARG YA 189 -34.31 -26.03 58.13
C ARG YA 189 -34.25 -25.66 59.61
N ALA YA 190 -34.95 -26.42 60.47
CA ALA YA 190 -34.99 -26.24 61.91
C ALA YA 190 -33.63 -26.19 62.58
N ASN YA 191 -32.78 -27.20 62.32
CA ASN YA 191 -31.45 -27.32 62.89
C ASN YA 191 -30.58 -26.12 62.53
N TRP YA 192 -30.56 -25.74 61.24
CA TRP YA 192 -29.84 -24.57 60.78
C TRP YA 192 -30.38 -23.30 61.41
N LYS YA 193 -31.72 -23.07 61.43
CA LYS YA 193 -32.24 -21.89 62.09
C LYS YA 193 -31.90 -21.79 63.57
N ARG YA 194 -31.93 -22.92 64.32
CA ARG YA 194 -31.54 -22.94 65.70
C ARG YA 194 -30.08 -22.55 65.92
N ARG YA 195 -29.19 -23.12 65.09
CA ARG YA 195 -27.78 -22.81 65.08
C ARG YA 195 -27.47 -21.38 64.67
N GLN YA 196 -28.10 -20.88 63.60
CA GLN YA 196 -28.00 -19.50 63.18
C GLN YA 196 -28.44 -18.48 64.23
N LEU YA 197 -29.55 -18.77 64.94
CA LEU YA 197 -30.20 -17.82 65.82
C LEU YA 197 -29.32 -17.21 66.92
N ILE YA 198 -29.34 -15.86 67.02
CA ILE YA 198 -28.64 -15.12 68.06
C ILE YA 198 -29.68 -14.62 69.04
N LYS YA 199 -29.57 -15.05 70.31
CA LYS YA 199 -30.59 -14.82 71.32
C LYS YA 199 -30.07 -13.90 72.41
N LEU YA 200 -30.75 -12.76 72.63
CA LEU YA 200 -30.33 -11.74 73.56
C LEU YA 200 -31.37 -11.55 74.65
N ARG YA 201 -30.96 -11.44 75.93
CA ARG YA 201 -31.87 -11.03 76.99
C ARG YA 201 -32.00 -9.51 77.05
N LYS YA 202 -33.05 -9.00 77.71
CA LYS YA 202 -33.25 -7.58 77.95
C LYS YA 202 -32.14 -6.91 78.78
N CYS YA 203 -31.62 -7.60 79.80
CA CYS YA 203 -30.47 -7.15 80.58
C CYS YA 203 -29.19 -7.85 80.13
N ARG YA 204 -29.30 -8.60 79.02
CA ARG YA 204 -28.26 -9.38 78.37
C ARG YA 204 -27.75 -10.60 79.19
N SER ZA 1 -35.97 -7.92 -36.00
CA SER ZA 1 -35.21 -8.33 -37.24
C SER ZA 1 -34.32 -7.23 -37.81
N ARG ZA 2 -34.78 -6.50 -38.85
CA ARG ZA 2 -34.03 -5.47 -39.55
C ARG ZA 2 -33.97 -4.17 -38.76
N ARG ZA 3 -33.27 -4.24 -37.62
CA ARG ZA 3 -33.12 -3.16 -36.67
C ARG ZA 3 -31.71 -3.24 -36.13
N THR ZA 4 -31.40 -4.35 -35.43
CA THR ZA 4 -30.11 -4.57 -34.78
C THR ZA 4 -29.19 -5.40 -35.65
N LYS ZA 5 -27.87 -5.23 -35.46
CA LYS ZA 5 -26.85 -5.95 -36.19
C LYS ZA 5 -26.62 -7.37 -35.71
N LYS ZA 6 -26.48 -7.60 -34.39
CA LYS ZA 6 -26.05 -8.89 -33.88
C LYS ZA 6 -26.78 -9.28 -32.59
N VAL ZA 7 -27.30 -8.32 -31.80
CA VAL ZA 7 -27.94 -8.62 -30.52
C VAL ZA 7 -29.33 -9.25 -30.64
N GLY ZA 8 -29.98 -9.12 -31.83
CA GLY ZA 8 -31.36 -9.49 -32.13
C GLY ZA 8 -32.35 -9.43 -31.00
N LEU ZA 9 -32.96 -10.58 -30.67
CA LEU ZA 9 -34.02 -10.69 -29.70
C LEU ZA 9 -33.61 -10.38 -28.25
N THR ZA 10 -32.30 -10.20 -27.99
CA THR ZA 10 -31.82 -9.82 -26.68
C THR ZA 10 -31.57 -8.34 -26.60
N GLY ZA 11 -32.02 -7.58 -27.61
CA GLY ZA 11 -31.87 -6.14 -27.67
C GLY ZA 11 -32.64 -5.42 -26.61
N LYS ZA 12 -33.78 -5.98 -26.16
CA LYS ZA 12 -34.45 -5.56 -24.95
C LYS ZA 12 -33.61 -5.58 -23.67
N TYR ZA 13 -32.64 -6.51 -23.57
CA TYR ZA 13 -31.64 -6.55 -22.53
C TYR ZA 13 -30.46 -5.63 -22.74
N GLY ZA 14 -30.22 -5.21 -24.00
CA GLY ZA 14 -28.96 -4.73 -24.56
C GLY ZA 14 -28.10 -3.79 -23.74
N THR ZA 15 -28.70 -2.79 -23.08
CA THR ZA 15 -27.95 -1.83 -22.29
C THR ZA 15 -27.47 -2.37 -20.95
N ARG ZA 16 -27.97 -3.52 -20.51
CA ARG ZA 16 -27.61 -4.14 -19.25
C ARG ZA 16 -27.05 -5.53 -19.46
N TYR ZA 17 -26.23 -5.98 -18.48
CA TYR ZA 17 -25.74 -7.35 -18.34
C TYR ZA 17 -24.64 -7.71 -19.35
N GLY ZA 18 -23.67 -8.55 -18.93
CA GLY ZA 18 -22.54 -8.98 -19.75
C GLY ZA 18 -22.86 -9.57 -21.11
N SER ZA 19 -22.08 -9.22 -22.14
CA SER ZA 19 -22.31 -9.61 -23.53
C SER ZA 19 -22.39 -11.11 -23.76
N SER ZA 20 -21.48 -11.88 -23.14
CA SER ZA 20 -21.46 -13.33 -23.17
C SER ZA 20 -22.71 -13.93 -22.54
N LEU ZA 21 -23.16 -13.38 -21.40
CA LEU ZA 21 -24.44 -13.73 -20.80
C LEU ZA 21 -25.59 -13.42 -21.74
N ARG ZA 22 -25.58 -12.25 -22.41
CA ARG ZA 22 -26.58 -11.96 -23.43
C ARG ZA 22 -26.54 -12.94 -24.59
N LYS ZA 23 -25.35 -13.42 -25.01
CA LYS ZA 23 -25.22 -14.50 -25.98
C LYS ZA 23 -25.88 -15.78 -25.47
N GLN ZA 24 -25.61 -16.17 -24.22
CA GLN ZA 24 -26.19 -17.33 -23.58
C GLN ZA 24 -27.70 -17.24 -23.47
N ILE ZA 25 -28.21 -16.08 -23.03
CA ILE ZA 25 -29.63 -15.78 -22.99
C ILE ZA 25 -30.26 -15.87 -24.37
N LYS ZA 26 -29.63 -15.30 -25.41
CA LYS ZA 26 -30.14 -15.34 -26.78
C LYS ZA 26 -30.44 -16.74 -27.32
N LYS ZA 27 -29.55 -17.70 -27.07
CA LYS ZA 27 -29.73 -19.08 -27.48
C LYS ZA 27 -30.91 -19.72 -26.76
N ILE ZA 28 -31.02 -19.50 -25.44
CA ILE ZA 28 -32.08 -20.09 -24.64
C ILE ZA 28 -33.43 -19.49 -24.97
N GLU ZA 29 -33.50 -18.17 -25.17
CA GLU ZA 29 -34.73 -17.46 -25.48
C GLU ZA 29 -35.25 -17.79 -26.85
N LEU ZA 30 -34.36 -18.00 -27.82
CA LEU ZA 30 -34.74 -18.45 -29.14
C LEU ZA 30 -35.50 -19.77 -29.08
N MET ZA 31 -34.98 -20.75 -28.33
CA MET ZA 31 -35.70 -21.97 -28.03
C MET ZA 31 -36.99 -21.75 -27.23
N GLN ZA 32 -36.92 -20.94 -26.15
CA GLN ZA 32 -38.01 -20.64 -25.24
C GLN ZA 32 -39.29 -20.12 -25.90
N HIS ZA 33 -39.16 -19.12 -26.80
CA HIS ZA 33 -40.31 -18.47 -27.40
C HIS ZA 33 -40.73 -19.07 -28.73
N ALA ZA 34 -40.07 -20.17 -29.17
CA ALA ZA 34 -40.47 -20.93 -30.34
C ALA ZA 34 -41.85 -21.60 -30.22
N LYS ZA 35 -42.57 -21.77 -31.34
CA LYS ZA 35 -43.88 -22.40 -31.36
C LYS ZA 35 -43.79 -23.77 -32.02
N TYR ZA 36 -43.83 -24.81 -31.18
CA TYR ZA 36 -43.56 -26.20 -31.50
C TYR ZA 36 -44.73 -26.91 -32.20
N LEU ZA 37 -44.41 -27.99 -32.95
CA LEU ZA 37 -45.38 -28.78 -33.69
C LEU ZA 37 -46.06 -29.79 -32.78
N CYS ZA 38 -47.40 -29.80 -32.78
CA CYS ZA 38 -48.18 -30.55 -31.83
C CYS ZA 38 -48.42 -31.95 -32.32
N THR ZA 39 -48.04 -32.94 -31.49
CA THR ZA 39 -48.28 -34.35 -31.74
C THR ZA 39 -49.75 -34.71 -31.68
N PHE ZA 40 -50.56 -33.90 -30.98
CA PHE ZA 40 -51.96 -34.13 -30.75
C PHE ZA 40 -52.87 -33.18 -31.51
N CYS ZA 41 -52.38 -32.58 -32.62
CA CYS ZA 41 -53.25 -32.05 -33.67
C CYS ZA 41 -52.55 -31.55 -34.93
N GLY ZA 42 -51.20 -31.56 -35.01
CA GLY ZA 42 -50.51 -31.27 -36.28
C GLY ZA 42 -50.48 -29.82 -36.71
N LYS ZA 43 -50.30 -28.89 -35.76
CA LYS ZA 43 -50.14 -27.48 -36.04
C LYS ZA 43 -48.98 -26.97 -35.21
N THR ZA 44 -48.33 -25.88 -35.61
CA THR ZA 44 -47.11 -25.36 -34.98
C THR ZA 44 -47.45 -24.24 -34.03
N ALA ZA 45 -48.38 -24.51 -33.10
CA ALA ZA 45 -48.87 -23.53 -32.15
C ALA ZA 45 -48.50 -23.83 -30.71
N THR ZA 46 -47.89 -25.01 -30.45
CA THR ZA 46 -47.50 -25.44 -29.09
C THR ZA 46 -46.56 -24.49 -28.39
N LYS ZA 47 -47.00 -23.86 -27.29
CA LYS ZA 47 -46.22 -22.85 -26.61
C LYS ZA 47 -46.03 -23.21 -25.16
N ARG ZA 48 -45.00 -22.66 -24.49
CA ARG ZA 48 -44.76 -22.90 -23.09
C ARG ZA 48 -45.64 -22.00 -22.25
N THR ZA 49 -46.38 -22.55 -21.28
CA THR ZA 49 -47.28 -21.74 -20.46
C THR ZA 49 -46.74 -21.59 -19.07
N CYS ZA 50 -45.95 -22.55 -18.63
CA CYS ZA 50 -45.18 -22.45 -17.42
C CYS ZA 50 -44.04 -23.42 -17.62
N VAL ZA 51 -42.96 -23.31 -16.84
CA VAL ZA 51 -41.63 -23.84 -17.10
C VAL ZA 51 -41.54 -25.23 -17.75
N GLY ZA 52 -42.15 -26.27 -17.14
CA GLY ZA 52 -42.13 -27.62 -17.63
C GLY ZA 52 -43.27 -28.00 -18.53
N ILE ZA 53 -44.19 -27.07 -18.83
CA ILE ZA 53 -45.46 -27.38 -19.47
C ILE ZA 53 -45.58 -26.61 -20.76
N TRP ZA 54 -45.90 -27.35 -21.83
CA TRP ZA 54 -46.04 -26.82 -23.14
C TRP ZA 54 -47.43 -27.21 -23.58
N LYS ZA 55 -48.26 -26.19 -23.81
CA LYS ZA 55 -49.66 -26.35 -24.09
C LYS ZA 55 -49.94 -26.10 -25.55
N CYS ZA 56 -50.74 -26.96 -26.19
CA CYS ZA 56 -51.29 -26.60 -27.47
C CYS ZA 56 -52.54 -25.77 -27.26
N LYS ZA 57 -52.63 -24.61 -27.93
CA LYS ZA 57 -53.79 -23.76 -27.90
C LYS ZA 57 -55.00 -24.38 -28.59
N LYS ZA 58 -54.76 -24.97 -29.78
CA LYS ZA 58 -55.79 -25.55 -30.62
C LYS ZA 58 -56.51 -26.73 -30.03
N CYS ZA 59 -55.78 -27.74 -29.51
CA CYS ZA 59 -56.43 -28.90 -28.92
C CYS ZA 59 -56.42 -28.83 -27.41
N LYS ZA 60 -55.95 -27.70 -26.85
CA LYS ZA 60 -56.06 -27.33 -25.45
C LYS ZA 60 -55.44 -28.35 -24.49
N ARG ZA 61 -54.19 -28.76 -24.75
CA ARG ZA 61 -53.65 -29.97 -24.14
C ARG ZA 61 -52.23 -29.75 -23.65
N LYS ZA 62 -51.90 -30.25 -22.43
CA LYS ZA 62 -50.65 -29.98 -21.77
C LYS ZA 62 -49.68 -31.15 -21.89
N VAL ZA 63 -48.60 -30.95 -22.63
CA VAL ZA 63 -47.46 -31.84 -22.70
C VAL ZA 63 -46.39 -31.39 -21.70
N CYS ZA 64 -45.83 -32.33 -20.90
CA CYS ZA 64 -44.71 -32.04 -20.05
C CYS ZA 64 -43.42 -32.12 -20.87
N GLY ZA 65 -42.54 -31.13 -20.72
CA GLY ZA 65 -41.33 -31.02 -21.50
C GLY ZA 65 -40.18 -30.49 -20.72
N GLY ZA 66 -39.09 -30.13 -21.42
CA GLY ZA 66 -37.95 -29.44 -20.84
C GLY ZA 66 -38.24 -28.02 -20.43
N ALA ZA 67 -37.27 -27.35 -19.78
CA ALA ZA 67 -37.42 -25.98 -19.35
C ALA ZA 67 -37.53 -24.98 -20.50
N TRP ZA 68 -36.71 -25.16 -21.55
CA TRP ZA 68 -36.60 -24.16 -22.60
C TRP ZA 68 -36.95 -24.71 -23.98
N SER ZA 69 -37.20 -26.02 -24.08
CA SER ZA 69 -37.57 -26.65 -25.33
C SER ZA 69 -38.48 -27.80 -25.03
N LEU ZA 70 -39.19 -28.31 -26.05
CA LEU ZA 70 -40.17 -29.35 -25.85
C LEU ZA 70 -39.61 -30.65 -25.27
N THR ZA 71 -38.44 -31.11 -25.73
CA THR ZA 71 -37.87 -32.37 -25.30
C THR ZA 71 -36.36 -32.31 -25.18
N THR ZA 72 -35.82 -32.89 -24.10
CA THR ZA 72 -34.39 -33.13 -23.91
C THR ZA 72 -33.85 -34.27 -24.77
N PRO ZA 73 -32.57 -34.31 -25.14
CA PRO ZA 73 -32.00 -35.43 -25.87
C PRO ZA 73 -32.01 -36.68 -25.02
N ALA ZA 74 -31.80 -36.53 -23.71
CA ALA ZA 74 -31.90 -37.61 -22.76
C ALA ZA 74 -33.23 -38.35 -22.76
N ALA ZA 75 -34.37 -37.63 -22.70
CA ALA ZA 75 -35.68 -38.24 -22.69
C ALA ZA 75 -36.01 -39.02 -23.97
N VAL ZA 76 -35.64 -38.46 -25.13
CA VAL ZA 76 -35.79 -39.08 -26.43
C VAL ZA 76 -35.03 -40.40 -26.50
N ALA ZA 77 -33.76 -40.40 -26.05
CA ALA ZA 77 -32.95 -41.58 -25.96
C ALA ZA 77 -33.53 -42.64 -25.04
N ALA ZA 78 -34.03 -42.25 -23.85
CA ALA ZA 78 -34.69 -43.13 -22.94
C ALA ZA 78 -35.93 -43.77 -23.53
N LYS ZA 79 -36.82 -42.95 -24.15
CA LYS ZA 79 -38.00 -43.41 -24.86
C LYS ZA 79 -37.68 -44.43 -25.93
N SER ZA 80 -36.65 -44.12 -26.72
CA SER ZA 80 -36.13 -44.97 -27.78
C SER ZA 80 -35.62 -46.28 -27.24
N THR ZA 81 -34.80 -46.22 -26.18
CA THR ZA 81 -34.28 -47.38 -25.46
C THR ZA 81 -35.37 -48.32 -24.98
N ILE ZA 82 -36.43 -47.78 -24.35
CA ILE ZA 82 -37.54 -48.59 -23.88
C ILE ZA 82 -38.25 -49.32 -25.01
N ILE ZA 83 -38.51 -48.63 -26.15
CA ILE ZA 83 -39.05 -49.27 -27.34
C ILE ZA 83 -38.14 -50.35 -27.91
N ARG ZA 84 -36.82 -50.10 -27.91
CA ARG ZA 84 -35.78 -51.02 -28.34
C ARG ZA 84 -35.75 -52.34 -27.59
N LEU ZA 85 -35.81 -52.29 -26.25
CA LEU ZA 85 -35.81 -53.45 -25.38
C LEU ZA 85 -37.05 -54.39 -25.56
N VAL AB 1 31.76 -31.02 42.17
CA VAL AB 1 32.22 -31.28 43.55
C VAL AB 1 32.25 -32.77 43.86
N ASN AB 2 33.33 -33.27 44.50
CA ASN AB 2 33.64 -34.68 44.55
C ASN AB 2 33.90 -35.17 45.97
N VAL AB 3 33.15 -36.20 46.39
CA VAL AB 3 33.33 -36.88 47.65
C VAL AB 3 33.67 -38.35 47.38
N PRO AB 4 34.58 -38.99 48.14
CA PRO AB 4 34.78 -40.43 48.10
C PRO AB 4 33.61 -41.22 48.66
N LYS AB 5 33.64 -42.56 48.48
CA LYS AB 5 32.56 -43.46 48.85
C LYS AB 5 32.50 -43.79 50.33
N THR AB 6 33.57 -43.52 51.10
CA THR AB 6 33.67 -43.85 52.52
C THR AB 6 34.25 -42.71 53.32
N ARG AB 7 33.85 -42.57 54.60
CA ARG AB 7 34.36 -41.53 55.48
C ARG AB 7 34.37 -42.02 56.93
N LYS AB 8 35.50 -41.88 57.64
CA LYS AB 8 35.54 -42.04 59.07
C LYS AB 8 35.10 -40.74 59.74
N THR AB 9 33.97 -40.79 60.46
CA THR AB 9 33.34 -39.61 61.04
C THR AB 9 32.50 -40.03 62.24
N TYR AB 10 32.10 -39.08 63.09
CA TYR AB 10 31.31 -39.35 64.27
C TYR AB 10 29.93 -39.99 64.00
N CYS AB 11 29.67 -41.12 64.67
CA CYS AB 11 28.32 -41.61 64.87
C CYS AB 11 27.80 -41.14 66.22
N SER AB 12 26.68 -40.41 66.25
CA SER AB 12 26.08 -39.98 67.51
C SER AB 12 25.30 -41.06 68.24
N ASN AB 13 24.46 -41.83 67.52
CA ASN AB 13 23.47 -42.70 68.09
C ASN AB 13 23.71 -44.17 67.77
N LYS AB 14 23.54 -45.05 68.77
CA LYS AB 14 23.72 -46.50 68.72
C LYS AB 14 25.18 -46.95 68.54
N CYS AB 15 26.00 -46.11 67.90
CA CYS AB 15 27.42 -46.06 68.01
C CYS AB 15 27.68 -44.63 68.45
N LYS AB 16 28.68 -44.42 69.33
CA LYS AB 16 28.79 -43.20 70.12
C LYS AB 16 30.10 -42.46 69.85
N LYS AB 17 30.69 -42.65 68.66
CA LYS AB 17 32.10 -42.42 68.44
C LYS AB 17 32.41 -42.32 66.96
N HIS AB 18 33.60 -41.79 66.62
CA HIS AB 18 34.11 -41.76 65.27
C HIS AB 18 34.38 -43.15 64.74
N THR AB 19 33.74 -43.48 63.60
CA THR AB 19 33.82 -44.78 62.99
C THR AB 19 33.64 -44.60 61.51
N MET AB 20 33.85 -45.65 60.71
CA MET AB 20 33.57 -45.59 59.30
C MET AB 20 32.09 -45.55 58.97
N HIS AB 21 31.79 -44.83 57.90
CA HIS AB 21 30.50 -44.79 57.29
C HIS AB 21 30.72 -44.89 55.80
N LYS AB 22 29.77 -45.51 55.11
CA LYS AB 22 29.68 -45.45 53.66
C LYS AB 22 28.86 -44.21 53.30
N VAL AB 23 29.21 -43.57 52.19
CA VAL AB 23 28.70 -42.26 51.83
C VAL AB 23 27.95 -42.42 50.52
N SER AB 24 26.72 -41.91 50.46
CA SER AB 24 25.87 -42.07 49.31
C SER AB 24 25.04 -40.83 49.11
N GLN AB 25 24.37 -40.73 47.96
CA GLN AB 25 23.60 -39.59 47.54
C GLN AB 25 22.12 -39.81 47.77
N TYR AB 26 21.45 -38.94 48.54
CA TYR AB 26 20.00 -38.95 48.68
C TYR AB 26 19.27 -38.73 47.35
N LYS AB 27 18.25 -39.58 47.06
CA LYS AB 27 17.62 -39.64 45.75
C LYS AB 27 16.28 -38.93 45.71
N LYS AB 28 15.86 -38.34 46.85
CA LYS AB 28 14.72 -37.45 46.96
C LYS AB 28 13.36 -38.15 47.01
N GLY AB 29 13.35 -39.47 47.32
CA GLY AB 29 12.15 -40.28 47.52
C GLY AB 29 11.11 -40.25 46.41
N LYS AB 30 9.92 -40.82 46.69
CA LYS AB 30 8.79 -40.66 45.81
C LYS AB 30 7.48 -40.73 46.59
N GLU AB 31 6.51 -39.84 46.28
CA GLU AB 31 5.23 -39.74 46.96
C GLU AB 31 4.39 -41.01 46.94
N ARG AB 32 3.70 -41.32 48.06
CA ARG AB 32 2.69 -42.37 48.09
C ARG AB 32 1.29 -41.79 48.28
N LEU AB 33 0.27 -42.53 47.78
CA LEU AB 33 -1.11 -42.10 47.72
C LEU AB 33 -1.75 -41.82 49.09
N SER AB 34 -1.28 -42.52 50.13
CA SER AB 34 -1.93 -42.54 51.43
C SER AB 34 -1.53 -41.40 52.35
N SER AB 35 -0.67 -40.48 51.87
CA SER AB 35 -0.37 -39.23 52.55
C SER AB 35 -1.59 -38.35 52.77
N LEU AB 36 -1.74 -37.79 53.99
CA LEU AB 36 -2.85 -36.95 54.39
C LEU AB 36 -3.15 -35.76 53.48
N GLY AB 37 -2.12 -34.97 53.10
CA GLY AB 37 -2.29 -33.84 52.20
C GLY AB 37 -2.75 -34.22 50.82
N ARG AB 38 -2.20 -35.32 50.26
CA ARG AB 38 -2.67 -35.89 49.02
C ARG AB 38 -4.11 -36.38 49.09
N ARG AB 39 -4.51 -37.06 50.18
CA ARG AB 39 -5.89 -37.42 50.45
C ARG AB 39 -6.83 -36.23 50.43
N ARG AB 40 -6.45 -35.17 51.16
CA ARG AB 40 -7.18 -33.94 51.16
C ARG AB 40 -7.25 -33.30 49.77
N TYR AB 41 -6.09 -33.20 49.08
CA TYR AB 41 -6.03 -32.59 47.77
C TYR AB 41 -6.83 -33.33 46.71
N ASP AB 42 -6.77 -34.67 46.66
CA ASP AB 42 -7.56 -35.46 45.75
C ASP AB 42 -9.06 -35.27 45.93
N MET AB 43 -9.54 -35.30 47.18
CA MET AB 43 -10.93 -35.08 47.47
C MET AB 43 -11.43 -33.70 47.07
N LYS AB 44 -10.67 -32.65 47.41
CA LYS AB 44 -11.00 -31.30 46.98
C LYS AB 44 -10.97 -31.11 45.47
N GLN AB 45 -9.93 -31.62 44.80
CA GLN AB 45 -9.80 -31.61 43.35
C GLN AB 45 -10.97 -32.28 42.64
N LYS AB 46 -11.37 -33.47 43.11
CA LYS AB 46 -12.52 -34.22 42.64
C LYS AB 46 -13.85 -33.46 42.59
N GLY AB 47 -14.75 -33.85 41.68
CA GLY AB 47 -15.98 -33.12 41.41
C GLY AB 47 -15.79 -31.99 40.45
N PHE AB 48 -16.86 -31.23 40.15
CA PHE AB 48 -16.76 -30.01 39.37
C PHE AB 48 -15.90 -28.94 40.03
N GLY AB 49 -15.22 -28.10 39.21
CA GLY AB 49 -14.46 -26.94 39.71
C GLY AB 49 -13.05 -26.80 39.21
N GLY AB 50 -12.55 -27.73 38.37
CA GLY AB 50 -11.17 -27.73 37.89
C GLY AB 50 -10.08 -27.82 38.93
N GLN AB 51 -8.87 -27.31 38.62
CA GLN AB 51 -7.76 -27.27 39.56
C GLN AB 51 -8.04 -26.47 40.83
N THR AB 52 -7.64 -27.00 42.01
CA THR AB 52 -7.99 -26.45 43.31
C THR AB 52 -6.79 -25.92 44.10
N LYS AB 53 -5.56 -26.04 43.57
CA LYS AB 53 -4.38 -25.53 44.24
C LYS AB 53 -3.47 -24.85 43.22
N PRO AB 54 -2.53 -23.99 43.60
CA PRO AB 54 -1.50 -23.46 42.72
C PRO AB 54 -0.67 -24.48 41.96
N VAL AB 55 -0.07 -24.05 40.84
CA VAL AB 55 0.81 -24.85 40.02
C VAL AB 55 2.10 -24.06 39.86
N PHE AB 56 3.20 -24.57 40.43
CA PHE AB 56 4.45 -23.84 40.51
C PHE AB 56 5.26 -23.87 39.22
N LYS AB 57 4.74 -23.20 38.18
CA LYS AB 57 5.37 -23.02 36.91
C LYS AB 57 6.68 -22.23 36.98
N LYS AB 58 6.69 -21.13 37.76
CA LYS AB 58 7.86 -20.30 37.96
C LYS AB 58 9.06 -21.03 38.57
N LYS AB 59 10.27 -20.72 38.04
CA LYS AB 59 11.49 -21.36 38.46
C LYS AB 59 12.65 -20.41 38.23
N ALA AB 60 13.67 -20.48 39.08
CA ALA AB 60 14.81 -19.58 39.02
C ALA AB 60 16.13 -20.34 39.16
N LYS AB 61 16.11 -21.55 39.74
CA LYS AB 61 17.31 -22.31 40.01
C LYS AB 61 17.35 -23.62 39.24
N THR AB 62 18.52 -23.92 38.61
CA THR AB 62 18.77 -25.21 37.96
C THR AB 62 19.56 -26.12 38.88
N THR AB 63 20.00 -25.57 40.01
CA THR AB 63 20.91 -26.17 40.97
C THR AB 63 20.18 -26.76 42.14
N LYS AB 64 20.87 -27.57 42.97
CA LYS AB 64 20.31 -28.27 44.10
C LYS AB 64 21.33 -28.27 45.24
N LYS AB 65 20.95 -28.01 46.50
CA LYS AB 65 21.77 -28.46 47.63
C LYS AB 65 22.04 -29.95 47.58
N ILE AB 66 23.29 -30.38 47.84
CA ILE AB 66 23.56 -31.80 47.83
C ILE AB 66 23.60 -32.29 49.26
N VAL AB 67 22.96 -33.45 49.52
CA VAL AB 67 22.87 -34.03 50.84
C VAL AB 67 23.25 -35.50 50.77
N LEU AB 68 24.24 -35.85 51.59
CA LEU AB 68 24.81 -37.14 51.64
C LEU AB 68 24.09 -37.98 52.68
N LYS AB 69 23.84 -39.24 52.31
CA LYS AB 69 23.44 -40.26 53.23
C LYS AB 69 24.69 -40.94 53.75
N LEU AB 70 24.88 -40.92 55.06
CA LEU AB 70 25.98 -41.55 55.73
C LEU AB 70 25.46 -42.79 56.42
N GLU AB 71 25.97 -43.96 56.06
CA GLU AB 71 25.45 -45.23 56.50
C GLU AB 71 26.51 -45.87 57.38
N CYS AB 72 26.22 -46.02 58.68
CA CYS AB 72 27.21 -46.49 59.65
C CYS AB 72 27.71 -47.90 59.40
N THR AB 73 29.05 -48.09 59.34
CA THR AB 73 29.62 -49.43 59.28
C THR AB 73 29.37 -50.21 60.56
N LYS AB 74 29.58 -49.58 61.73
CA LYS AB 74 29.42 -50.23 63.01
C LYS AB 74 27.99 -50.60 63.38
N CYS AB 75 27.03 -49.68 63.19
CA CYS AB 75 25.65 -49.88 63.61
C CYS AB 75 24.72 -49.76 62.41
N LYS AB 76 23.39 -49.89 62.64
CA LYS AB 76 22.43 -50.02 61.57
C LYS AB 76 21.83 -48.69 61.14
N LYS AB 77 22.43 -47.58 61.60
CA LYS AB 77 21.87 -46.25 61.47
C LYS AB 77 22.30 -45.48 60.23
N LYS AB 78 21.39 -44.62 59.74
CA LYS AB 78 21.69 -43.61 58.75
C LYS AB 78 21.76 -42.24 59.41
N ARG AB 79 22.53 -41.33 58.78
CA ARG AB 79 22.76 -39.99 59.27
C ARG AB 79 22.93 -39.07 58.08
N PHE AB 80 22.43 -37.82 58.15
CA PHE AB 80 22.47 -36.91 57.02
C PHE AB 80 23.63 -35.96 57.14
N GLN AB 81 24.15 -35.49 56.00
CA GLN AB 81 25.09 -34.42 55.96
C GLN AB 81 24.83 -33.62 54.72
N THR AB 82 24.44 -32.35 54.87
CA THR AB 82 24.07 -31.50 53.74
C THR AB 82 25.17 -30.49 53.51
N MET AB 83 25.37 -30.08 52.24
CA MET AB 83 26.44 -29.21 51.85
C MET AB 83 26.10 -28.47 50.57
N LYS AB 84 26.83 -27.35 50.37
CA LYS AB 84 26.56 -26.25 49.45
C LYS AB 84 25.88 -26.51 48.11
N ARG AB 85 25.03 -25.54 47.70
CA ARG AB 85 24.25 -25.60 46.48
C ARG AB 85 25.09 -25.69 45.22
N CYS AB 86 24.92 -26.77 44.45
CA CYS AB 86 25.82 -27.14 43.39
C CYS AB 86 25.12 -27.38 42.07
N LYS AB 87 25.81 -27.02 40.97
CA LYS AB 87 25.43 -27.44 39.63
C LYS AB 87 26.26 -28.66 39.22
N THR AB 88 27.39 -28.92 39.90
CA THR AB 88 28.35 -29.95 39.49
C THR AB 88 28.62 -30.91 40.62
N PHE AB 89 28.37 -32.23 40.44
CA PHE AB 89 28.54 -33.20 41.51
C PHE AB 89 29.02 -34.57 41.00
N GLU AB 90 29.95 -35.16 41.76
CA GLU AB 90 30.73 -36.34 41.43
C GLU AB 90 30.89 -37.24 42.67
N MET AB 91 30.85 -38.56 42.46
CA MET AB 91 31.22 -39.55 43.45
C MET AB 91 32.46 -40.33 43.01
N GLY AB 92 33.54 -40.28 43.79
CA GLY AB 92 34.80 -40.96 43.48
C GLY AB 92 35.51 -40.55 42.20
N ALA AB 93 36.55 -41.31 41.81
CA ALA AB 93 37.42 -41.05 40.66
C ALA AB 93 38.23 -39.75 40.77
N ASP AB 94 38.95 -39.61 41.89
CA ASP AB 94 39.87 -38.54 42.26
C ASP AB 94 40.89 -38.11 41.19
N LYS AB 95 41.41 -36.88 41.32
CA LYS AB 95 42.35 -36.28 40.39
C LYS AB 95 43.78 -36.87 40.52
N LYS BB 1 9.10 68.46 114.85
CA LYS BB 1 8.75 69.61 113.93
C LYS BB 1 9.16 69.45 112.48
N HIS BB 2 10.40 68.97 112.19
CA HIS BB 2 10.84 68.69 110.83
C HIS BB 2 11.61 67.39 110.80
N TYR BB 3 11.86 66.82 109.60
CA TYR BB 3 12.82 65.75 109.47
C TYR BB 3 13.99 66.18 108.60
N ASN BB 4 15.22 65.78 109.01
CA ASN BB 4 16.47 66.32 108.52
C ASN BB 4 17.30 65.26 107.81
N VAL BB 5 16.72 64.12 107.39
CA VAL BB 5 17.47 63.13 106.62
C VAL BB 5 18.01 63.68 105.30
N LYS BB 6 19.32 63.48 105.02
CA LYS BB 6 20.05 64.11 103.93
C LYS BB 6 20.04 65.64 103.96
N GLY BB 7 19.89 66.24 105.16
CA GLY BB 7 19.94 67.67 105.42
C GLY BB 7 18.70 68.46 105.09
N LYS BB 8 17.60 67.78 104.69
CA LYS BB 8 16.45 68.41 104.06
C LYS BB 8 15.64 69.41 104.88
N LYS BB 9 15.34 69.12 106.17
CA LYS BB 9 14.58 69.98 107.08
C LYS BB 9 13.18 70.32 106.58
N LYS BB 10 12.34 69.28 106.40
CA LYS BB 10 11.08 69.35 105.66
C LYS BB 10 9.98 70.29 106.16
N VAL BB 11 9.73 70.33 107.49
CA VAL BB 11 8.64 71.04 108.15
C VAL BB 11 7.32 70.30 108.02
N LEU BB 12 6.82 69.80 109.15
CA LEU BB 12 5.66 68.94 109.23
C LEU BB 12 4.44 69.62 109.82
N VAL BB 13 3.28 69.41 109.18
CA VAL BB 13 1.98 69.91 109.58
C VAL BB 13 1.13 68.71 109.98
N PRO BB 14 0.44 68.60 111.09
CA PRO BB 14 -0.47 67.48 111.35
C PRO BB 14 -1.53 67.29 110.27
N VAL BB 15 -1.57 66.12 109.60
CA VAL BB 15 -2.57 65.79 108.60
C VAL BB 15 -3.98 65.73 109.18
N ASN BB 16 -5.01 66.25 108.45
CA ASN BB 16 -6.37 66.25 108.99
C ASN BB 16 -6.98 64.86 109.06
N ALA BB 17 -6.84 64.06 107.97
CA ALA BB 17 -7.36 62.71 107.83
C ALA BB 17 -8.87 62.64 107.76
N LYS BB 18 -9.44 62.20 106.62
CA LYS BB 18 -10.87 62.30 106.40
C LYS BB 18 -11.48 61.07 105.73
N LYS BB 19 -10.75 60.35 104.89
CA LYS BB 19 -11.34 59.34 104.04
C LYS BB 19 -11.39 57.97 104.71
N THR BB 20 -12.59 57.42 104.89
CA THR BB 20 -12.78 56.10 105.47
C THR BB 20 -13.05 55.07 104.40
N ILE BB 21 -12.54 53.86 104.64
CA ILE BB 21 -12.83 52.69 103.82
C ILE BB 21 -13.32 51.61 104.73
N ASN BB 22 -14.31 50.83 104.28
CA ASN BB 22 -14.57 49.50 104.82
C ASN BB 22 -13.33 48.60 104.71
N LYS BB 23 -12.92 47.94 105.81
CA LYS BB 23 -11.64 47.27 105.88
C LYS BB 23 -11.76 45.75 105.64
N LYS BB 24 -10.71 44.93 105.92
CA LYS BB 24 -10.60 43.56 105.40
C LYS BB 24 -11.76 42.61 105.68
N TYR BB 25 -12.29 42.59 106.92
CA TYR BB 25 -13.54 41.91 107.22
C TYR BB 25 -14.46 42.87 107.97
N PHE BB 26 -14.14 43.10 109.25
CA PHE BB 26 -14.95 43.79 110.22
C PHE BB 26 -14.82 45.29 110.15
N GLY BB 27 -15.96 46.01 110.03
CA GLY BB 27 -16.01 47.46 110.04
C GLY BB 27 -15.15 48.23 109.06
N ARG BB 28 -14.70 49.40 109.51
CA ARG BB 28 -14.11 50.44 108.70
C ARG BB 28 -12.84 50.96 109.32
N LYS BB 29 -12.00 51.64 108.54
CA LYS BB 29 -10.92 52.45 109.08
C LYS BB 29 -10.66 53.66 108.19
N VAL BB 30 -10.10 54.75 108.75
CA VAL BB 30 -9.52 55.83 107.97
C VAL BB 30 -8.36 55.33 107.11
N ALA BB 31 -8.27 55.81 105.85
CA ALA BB 31 -7.25 55.42 104.92
C ALA BB 31 -5.83 55.84 105.31
N SER BB 32 -5.67 57.11 105.74
CA SER BB 32 -4.38 57.66 106.09
C SER BB 32 -3.75 57.09 107.36
N LYS BB 33 -2.69 56.26 107.20
CA LYS BB 33 -1.86 55.77 108.28
C LYS BB 33 -0.96 56.85 108.90
N LYS BB 34 -0.32 57.68 108.06
CA LYS BB 34 0.50 58.81 108.44
C LYS BB 34 -0.24 59.92 109.20
N LYS BB 35 0.48 60.70 110.01
CA LYS BB 35 -0.11 61.65 110.94
C LYS BB 35 0.31 63.07 110.62
N TYR BB 36 1.45 63.25 109.95
CA TYR BB 36 2.04 64.50 109.58
C TYR BB 36 2.17 64.67 108.08
N VAL BB 37 1.50 65.68 107.49
CA VAL BB 37 1.70 66.06 106.11
C VAL BB 37 2.77 67.17 106.02
N VAL BB 38 3.73 67.01 105.10
CA VAL BB 38 4.75 68.00 104.75
C VAL BB 38 4.23 69.40 104.38
N GLN BB 39 4.80 70.46 105.00
CA GLN BB 39 4.62 71.83 104.59
C GLN BB 39 5.08 72.10 103.14
N ARG BB 40 4.36 72.95 102.37
CA ARG BB 40 4.52 73.09 100.92
C ARG BB 40 5.91 73.49 100.43
N LYS BB 41 6.57 74.47 101.11
CA LYS BB 41 7.92 74.89 100.80
C LYS BB 41 8.11 75.48 99.39
N LEU BB 42 7.41 76.61 99.16
CA LEU BB 42 7.33 77.33 97.90
C LEU BB 42 8.67 77.75 97.31
N ARG BB 43 8.75 77.81 95.95
CA ARG BB 43 9.91 78.29 95.22
C ARG BB 43 10.29 79.74 95.51
N LYS BB 44 11.60 80.06 95.40
CA LYS BB 44 12.18 81.28 95.93
C LYS BB 44 11.82 82.54 95.18
N SER BB 45 11.28 82.40 93.96
CA SER BB 45 10.77 83.51 93.15
C SER BB 45 9.62 84.25 93.83
N ILE BB 46 8.73 83.50 94.49
CA ILE BB 46 7.58 84.02 95.19
C ILE BB 46 7.98 84.86 96.41
N GLU BB 47 7.64 86.17 96.44
CA GLU BB 47 8.02 87.01 97.56
C GLU BB 47 7.11 88.22 97.72
N VAL BB 48 6.95 88.70 98.96
CA VAL BB 48 5.99 89.71 99.37
C VAL BB 48 6.12 91.06 98.67
N GLY BB 49 7.35 91.58 98.48
CA GLY BB 49 7.55 92.91 97.89
C GLY BB 49 7.37 92.92 96.39
N LYS BB 50 7.17 91.74 95.79
CA LYS BB 50 7.08 91.61 94.36
C LYS BB 50 5.67 91.83 93.84
N VAL BB 51 5.60 92.40 92.63
CA VAL BB 51 4.38 92.56 91.87
C VAL BB 51 4.30 91.42 90.87
N ALA BB 52 3.12 90.82 90.74
CA ALA BB 52 2.92 89.58 90.04
C ALA BB 52 1.72 89.64 89.12
N ILE BB 53 1.71 88.85 88.04
CA ILE BB 53 0.59 88.84 87.13
C ILE BB 53 -0.40 87.77 87.54
N ILE BB 54 -1.68 88.13 87.70
CA ILE BB 54 -2.73 87.13 87.89
C ILE BB 54 -3.10 86.55 86.54
N LEU BB 55 -2.91 85.22 86.36
CA LEU BB 55 -2.96 84.64 85.04
C LEU BB 55 -4.36 84.42 84.49
N THR BB 56 -5.31 83.94 85.30
CA THR BB 56 -6.55 83.43 84.72
C THR BB 56 -7.78 83.64 85.60
N GLY BB 57 -7.68 84.48 86.64
CA GLY BB 57 -8.85 84.92 87.41
C GLY BB 57 -9.78 85.84 86.68
N LYS BB 58 -10.83 86.35 87.36
CA LYS BB 58 -11.70 87.35 86.79
C LYS BB 58 -10.95 88.63 86.45
N HIS BB 59 -10.01 89.01 87.32
CA HIS BB 59 -9.22 90.21 87.19
C HIS BB 59 -7.92 89.94 86.43
N MET BB 60 -7.85 88.84 85.67
CA MET BB 60 -6.64 88.39 85.01
C MET BB 60 -5.94 89.41 84.14
N GLY BB 61 -4.59 89.30 84.12
CA GLY BB 61 -3.67 90.18 83.40
C GLY BB 61 -3.19 91.32 84.26
N LYS BB 62 -3.89 91.63 85.35
CA LYS BB 62 -3.48 92.64 86.31
C LYS BB 62 -2.18 92.34 87.04
N ARG BB 63 -1.45 93.43 87.35
CA ARG BB 63 -0.23 93.40 88.11
C ARG BB 63 -0.56 93.68 89.58
N CYS BB 64 -0.47 92.64 90.40
CA CYS BB 64 -0.93 92.62 91.76
C CYS BB 64 0.18 92.26 92.72
N ILE BB 65 0.26 92.93 93.88
CA ILE BB 65 1.31 92.75 94.85
C ILE BB 65 0.96 91.71 95.92
N ILE BB 66 1.92 90.84 96.25
CA ILE BB 66 1.77 89.82 97.27
C ILE BB 66 1.64 90.40 98.67
N THR BB 67 0.80 89.81 99.54
CA THR BB 67 0.69 90.22 100.94
C THR BB 67 1.15 89.10 101.86
N LYS BB 68 0.29 88.14 102.22
CA LYS BB 68 0.65 87.08 103.15
C LYS BB 68 0.56 85.70 102.52
N ILE BB 69 1.61 84.87 102.68
CA ILE BB 69 1.54 83.42 102.47
C ILE BB 69 0.77 82.74 103.57
N LEU BB 70 -0.38 82.10 103.27
CA LEU BB 70 -1.15 81.35 104.24
C LEU BB 70 -0.59 79.95 104.43
N ASN BB 71 -1.02 79.25 105.51
CA ASN BB 71 -0.48 77.95 105.90
C ASN BB 71 -0.89 76.82 104.96
N SER BB 72 -1.89 77.10 104.11
CA SER BB 72 -2.35 76.26 103.02
C SER BB 72 -1.38 76.24 101.85
N GLY BB 73 -0.41 77.18 101.82
CA GLY BB 73 0.50 77.37 100.71
C GLY BB 73 -0.07 78.24 99.62
N LEU BB 74 -1.24 78.83 99.90
CA LEU BB 74 -1.94 79.78 99.07
C LEU BB 74 -1.61 81.14 99.63
N LEU BB 75 -1.28 82.11 98.78
CA LEU BB 75 -0.89 83.40 99.26
C LEU BB 75 -1.87 84.43 98.75
N ALA BB 76 -1.92 85.57 99.44
CA ALA BB 76 -2.82 86.64 99.13
C ALA BB 76 -2.14 87.71 98.29
N VAL BB 77 -2.90 88.35 97.40
CA VAL BB 77 -2.36 89.26 96.42
C VAL BB 77 -3.40 90.33 96.13
N VAL BB 78 -2.98 91.58 95.84
CA VAL BB 78 -3.91 92.66 95.56
C VAL BB 78 -3.37 93.55 94.44
N GLY BB 79 -4.19 93.82 93.41
CA GLY BB 79 -3.91 94.83 92.40
C GLY BB 79 -4.56 96.10 92.83
N PRO BB 80 -3.91 97.01 93.57
CA PRO BB 80 -4.53 97.85 94.59
C PRO BB 80 -5.92 98.40 94.33
N TYR BB 81 -6.79 98.28 95.33
CA TYR BB 81 -8.20 98.62 95.21
C TYR BB 81 -8.44 100.07 94.82
N GLU BB 82 -7.59 100.99 95.29
CA GLU BB 82 -7.61 102.37 94.84
C GLU BB 82 -7.27 102.53 93.36
N ILE BB 83 -6.22 101.82 92.90
CA ILE BB 83 -5.74 101.83 91.53
C ILE BB 83 -6.69 101.17 90.56
N ASN BB 84 -7.12 99.93 90.87
CA ASN BB 84 -7.79 99.09 89.89
C ASN BB 84 -9.16 98.65 90.31
N GLY BB 85 -9.57 98.87 91.57
CA GLY BB 85 -10.84 98.35 92.08
C GLY BB 85 -10.80 96.87 92.40
N VAL BB 86 -9.63 96.23 92.31
CA VAL BB 86 -9.51 94.79 92.38
C VAL BB 86 -9.44 94.31 93.84
N PRO BB 87 -10.28 93.37 94.27
CA PRO BB 87 -10.17 92.66 95.54
C PRO BB 87 -8.81 92.13 95.95
N LEU BB 88 -8.54 92.12 97.26
CA LEU BB 88 -7.54 91.28 97.88
C LEU BB 88 -7.93 89.81 97.71
N LYS BB 89 -7.19 89.12 96.84
CA LYS BB 89 -7.58 87.84 96.30
C LYS BB 89 -6.67 86.74 96.82
N ARG BB 90 -7.22 85.53 97.04
CA ARG BB 90 -6.41 84.38 97.35
C ARG BB 90 -5.98 83.75 96.02
N VAL BB 91 -4.75 83.22 95.95
CA VAL BB 91 -4.24 82.66 94.73
C VAL BB 91 -3.17 81.62 95.06
N ASP BB 92 -2.93 80.65 94.15
CA ASP BB 92 -1.78 79.79 94.21
C ASP BB 92 -0.59 80.45 93.53
N SER BB 93 0.64 80.01 93.83
CA SER BB 93 1.82 80.44 93.11
C SER BB 93 1.88 79.85 91.71
N ARG BB 94 1.13 78.76 91.46
CA ARG BB 94 0.99 78.20 90.13
C ARG BB 94 0.14 79.04 89.19
N TYR BB 95 -0.69 79.97 89.71
CA TYR BB 95 -1.58 80.75 88.86
C TYR BB 95 -1.19 82.23 88.85
N LEU BB 96 -0.03 82.53 89.45
CA LEU BB 96 0.45 83.87 89.62
C LEU BB 96 1.86 83.99 89.09
N VAL BB 97 2.12 84.90 88.13
CA VAL BB 97 3.45 85.06 87.57
C VAL BB 97 4.21 86.13 88.33
N VAL BB 98 5.09 85.75 89.25
CA VAL BB 98 5.83 86.71 90.07
C VAL BB 98 6.98 87.36 89.31
N THR BB 99 7.00 88.71 89.22
CA THR BB 99 8.09 89.44 88.61
C THR BB 99 9.24 89.72 89.57
N SER BB 100 10.42 90.08 89.03
CA SER BB 100 11.55 90.61 89.76
C SER BB 100 11.28 91.99 90.35
N THR BB 101 10.34 92.73 89.76
CA THR BB 101 9.96 94.10 90.09
C THR BB 101 9.40 94.22 91.49
N ASN BB 102 9.78 95.28 92.22
CA ASN BB 102 9.61 95.42 93.64
C ASN BB 102 8.76 96.66 93.88
N ILE BB 103 7.70 96.52 94.70
CA ILE BB 103 6.85 97.62 95.11
C ILE BB 103 7.62 98.71 95.85
N PHE BB 104 8.61 98.33 96.67
CA PHE BB 104 9.44 99.23 97.43
C PHE BB 104 10.57 99.84 96.62
N ASN BB 105 10.23 100.50 95.48
CA ASN BB 105 11.16 101.25 94.66
C ASN BB 105 11.77 102.46 95.37
N PHE BB 106 10.95 103.16 96.19
CA PHE BB 106 11.36 104.42 96.78
C PHE BB 106 11.28 104.39 98.29
N GLU BB 107 12.02 105.32 98.92
CA GLU BB 107 12.27 105.42 100.35
C GLU BB 107 10.99 105.66 101.12
N ASN BB 108 10.16 106.60 100.62
CA ASN BB 108 8.81 106.84 101.09
C ASN BB 108 7.95 105.56 101.17
N ILE BB 109 7.87 104.75 100.09
CA ILE BB 109 7.16 103.48 100.11
C ILE BB 109 7.74 102.49 101.13
N ALA BB 110 9.07 102.50 101.31
CA ALA BB 110 9.78 101.62 102.21
C ALA BB 110 9.59 102.02 103.66
N LYS BB 111 9.24 103.28 103.90
CA LYS BB 111 9.00 103.82 105.22
C LYS BB 111 7.61 103.44 105.71
N LEU BB 112 6.74 102.99 104.80
CA LEU BB 112 5.40 102.55 105.14
C LEU BB 112 5.31 101.04 105.06
N LYS BB 113 6.43 100.35 105.35
CA LYS BB 113 6.54 98.92 105.24
C LYS BB 113 5.92 98.22 106.43
N ASP BB 114 6.17 98.71 107.66
CA ASP BB 114 5.66 98.10 108.88
C ASP BB 114 4.13 98.13 108.98
N ASP BB 115 3.49 99.27 108.61
CA ASP BB 115 2.04 99.39 108.58
C ASP BB 115 1.43 98.38 107.61
N PHE BB 116 2.02 98.27 106.41
CA PHE BB 116 1.63 97.30 105.41
C PHE BB 116 1.81 95.87 105.92
N LEU BB 117 2.94 95.56 106.57
CA LEU BB 117 3.18 94.30 107.25
C LEU BB 117 2.15 93.96 108.32
N ASN BB 118 1.76 94.90 109.19
CA ASN BB 118 0.73 94.64 110.18
C ASN BB 118 -0.63 94.32 109.55
N TYR BB 119 -1.03 95.10 108.52
CA TYR BB 119 -2.20 94.85 107.71
C TYR BB 119 -2.19 93.49 107.04
N ALA BB 120 -1.03 93.13 106.43
CA ALA BB 120 -0.75 91.84 105.85
C ALA BB 120 -0.85 90.71 106.86
N GLN BB 121 -0.27 90.89 108.05
CA GLN BB 121 -0.25 89.90 109.11
C GLN BB 121 -1.64 89.46 109.57
N ASP BB 122 -2.59 90.38 109.77
CA ASP BB 122 -3.91 90.06 110.28
C ASP BB 122 -4.76 89.01 109.50
N ILE BB 123 -4.71 89.01 108.15
CA ILE BB 123 -5.56 88.14 107.33
C ILE BB 123 -5.36 86.64 107.53
N ASP BB 124 -6.43 85.85 107.27
CA ASP BB 124 -6.38 84.41 107.40
C ASP BB 124 -7.38 83.76 106.46
N ASP BB 125 -7.17 82.46 106.19
CA ASP BB 125 -7.85 81.58 105.25
C ASP BB 125 -9.36 81.55 105.45
N ASP BB 126 -9.80 81.60 106.72
CA ASP BB 126 -11.17 81.50 107.18
C ASP BB 126 -12.01 82.68 106.70
N SER BB 127 -11.36 83.81 106.35
CA SER BB 127 -12.05 84.98 105.82
C SER BB 127 -12.45 84.77 104.38
N PHE BB 128 -11.76 83.86 103.68
CA PHE BB 128 -11.93 83.59 102.27
C PHE BB 128 -12.91 82.45 102.02
N ILE BB 129 -13.33 81.70 103.06
CA ILE BB 129 -14.34 80.66 102.93
C ILE BB 129 -15.70 81.16 102.42
N LYS BB 130 -16.39 80.36 101.57
CA LYS BB 130 -17.67 80.74 100.98
C LYS BB 130 -18.79 80.90 102.01
N THR BB 131 -18.84 79.96 102.99
CA THR BB 131 -19.85 79.85 104.04
C THR BB 131 -21.10 79.17 103.54
N LEU BB 132 -21.39 77.94 104.04
CA LEU BB 132 -22.45 77.10 103.53
C LEU BB 132 -23.84 77.71 103.65
N GLU BB 133 -24.14 78.36 104.79
CA GLU BB 133 -25.39 79.06 105.01
C GLU BB 133 -25.63 80.15 103.98
N ILE BB 134 -24.59 80.97 103.71
CA ILE BB 134 -24.61 82.03 102.71
C ILE BB 134 -24.74 81.47 101.32
N LYS BB 135 -23.96 80.42 100.98
CA LYS BB 135 -24.02 79.77 99.70
C LYS BB 135 -25.42 79.21 99.39
N LYS BB 136 -26.05 78.51 100.36
CA LYS BB 136 -27.44 78.10 100.31
C LYS BB 136 -28.45 79.22 100.18
N LYS BB 137 -28.26 80.33 100.90
CA LYS BB 137 -29.09 81.52 100.83
C LYS BB 137 -29.18 82.08 99.43
N GLN BB 138 -28.04 82.15 98.73
CA GLN BB 138 -27.95 82.56 97.35
C GLN BB 138 -28.63 81.55 96.42
N LYS BB 139 -28.35 80.26 96.60
CA LYS BB 139 -28.98 79.18 95.86
C LYS BB 139 -30.51 79.11 95.98
N LYS BB 140 -31.06 79.25 97.21
CA LYS BB 140 -32.49 79.25 97.50
C LYS BB 140 -33.33 80.29 96.74
N LEU BB 141 -32.71 81.24 96.03
CA LEU BB 141 -33.38 82.21 95.20
C LEU BB 141 -33.86 81.67 93.85
N LEU BB 142 -33.33 80.53 93.37
CA LEU BB 142 -33.60 80.02 92.04
C LEU BB 142 -35.06 79.66 91.73
N LYS BB 143 -35.72 78.90 92.62
CA LYS BB 143 -37.05 78.37 92.39
C LYS BB 143 -38.14 79.27 93.04
N PHE BB 150 -36.03 90.46 85.41
CA PHE BB 150 -36.33 89.44 86.48
C PHE BB 150 -35.12 88.61 86.91
N MET BB 151 -34.59 87.72 86.05
CA MET BB 151 -33.43 86.89 86.35
C MET BB 151 -32.15 87.65 86.72
N ASN BB 152 -31.83 88.73 85.98
CA ASN BB 152 -30.64 89.56 86.18
C ASN BB 152 -30.56 90.18 87.58
N ASN BB 153 -31.72 90.60 88.10
CA ASN BB 153 -31.96 91.17 89.42
C ASN BB 153 -31.51 90.24 90.51
N VAL BB 154 -31.81 88.94 90.37
CA VAL BB 154 -31.43 87.91 91.31
C VAL BB 154 -29.91 87.77 91.36
N ILE BB 155 -29.21 87.90 90.23
CA ILE BB 155 -27.75 87.94 90.20
C ILE BB 155 -27.20 89.13 90.98
N ASP BB 156 -27.80 90.32 90.82
CA ASP BB 156 -27.51 91.48 91.67
C ASP BB 156 -27.73 91.21 93.17
N LYS BB 157 -28.86 90.56 93.54
CA LYS BB 157 -29.16 90.15 94.89
C LYS BB 157 -28.11 89.20 95.48
N ILE BB 158 -27.64 88.21 94.70
CA ILE BB 158 -26.54 87.34 95.06
C ILE BB 158 -25.28 88.14 95.36
N LYS BB 159 -24.96 89.15 94.54
CA LYS BB 159 -23.85 90.04 94.80
C LYS BB 159 -24.03 90.85 96.09
N GLU BB 160 -25.23 91.37 96.37
CA GLU BB 160 -25.59 91.97 97.65
C GLU BB 160 -25.40 91.05 98.86
N ILE BB 161 -25.86 89.78 98.75
CA ILE BB 161 -25.66 88.75 99.76
C ILE BB 161 -24.18 88.48 100.01
N ARG BB 162 -23.36 88.35 98.96
CA ARG BB 162 -21.91 88.30 99.07
C ARG BB 162 -21.34 89.50 99.81
N LYS BB 163 -21.78 90.72 99.44
CA LYS BB 163 -21.38 91.97 100.02
C LYS BB 163 -21.66 92.08 101.53
N GLU BB 164 -22.85 91.65 101.98
CA GLU BB 164 -23.29 91.70 103.37
C GLU BB 164 -22.39 91.00 104.40
N ASP BB 165 -21.81 89.82 104.06
CA ASP BB 165 -20.91 89.02 104.89
C ASP BB 165 -19.88 89.79 105.79
N PRO BB 166 -19.72 89.48 107.08
CA PRO BB 166 -18.77 90.19 107.92
C PRO BB 166 -17.34 89.95 107.55
N LYS BB 167 -16.96 88.72 107.17
CA LYS BB 167 -15.63 88.38 106.71
C LYS BB 167 -15.21 89.15 105.47
N VAL BB 168 -16.11 89.23 104.45
CA VAL BB 168 -15.90 90.07 103.27
C VAL BB 168 -15.66 91.51 103.64
N GLN BB 169 -16.50 92.09 104.53
CA GLN BB 169 -16.31 93.42 105.03
C GLN BB 169 -15.00 93.61 105.76
N LYS BB 170 -14.62 92.68 106.66
CA LYS BB 170 -13.35 92.69 107.34
C LYS BB 170 -12.16 92.67 106.38
N LEU BB 171 -12.18 91.80 105.36
CA LEU BB 171 -11.16 91.74 104.34
C LEU BB 171 -11.05 93.02 103.53
N GLU BB 172 -12.21 93.58 103.13
CA GLU BB 172 -12.32 94.84 102.43
C GLU BB 172 -11.76 96.01 103.21
N GLY BB 173 -11.99 96.07 104.54
CA GLY BB 173 -11.35 97.04 105.41
C GLY BB 173 -9.84 97.09 105.34
N ILE BB 174 -9.18 95.93 105.46
CA ILE BB 174 -7.73 95.79 105.39
C ILE BB 174 -7.18 96.17 104.02
N GLN BB 175 -7.89 95.73 102.98
CA GLN BB 175 -7.67 96.04 101.58
C GLN BB 175 -7.67 97.54 101.31
N LYS BB 176 -8.69 98.24 101.81
CA LYS BB 176 -8.82 99.68 101.78
C LYS BB 176 -7.71 100.37 102.54
N ASP BB 177 -7.38 99.92 103.76
CA ASP BB 177 -6.27 100.42 104.55
C ASP BB 177 -4.93 100.31 103.83
N ILE BB 178 -4.61 99.14 103.24
CA ILE BB 178 -3.42 98.94 102.42
C ILE BB 178 -3.41 99.89 101.21
N GLY BB 179 -4.55 99.99 100.49
CA GLY BB 179 -4.66 100.86 99.33
C GLY BB 179 -4.46 102.31 99.69
N SER BB 180 -5.14 102.77 100.76
CA SER BB 180 -5.01 104.11 101.31
C SER BB 180 -3.59 104.46 101.72
N LEU BB 181 -2.91 103.51 102.38
CA LEU BB 181 -1.52 103.65 102.79
C LEU BB 181 -0.56 103.79 101.62
N LEU BB 182 -0.75 103.00 100.56
CA LEU BB 182 0.24 102.90 99.50
C LEU BB 182 -0.01 103.93 98.42
N LYS BB 183 -1.29 104.16 98.06
CA LYS BB 183 -1.74 105.01 96.96
C LYS BB 183 -0.99 106.32 96.76
N PRO BB 184 -0.79 107.27 97.67
CA PRO BB 184 -0.25 108.58 97.31
C PRO BB 184 1.14 108.48 96.71
N GLU BB 185 2.05 107.71 97.34
CA GLU BB 185 3.39 107.54 96.86
C GLU BB 185 3.44 106.82 95.52
N ILE BB 186 2.63 105.76 95.35
CA ILE BB 186 2.44 105.11 94.07
C ILE BB 186 1.90 106.03 92.99
N LEU BB 187 0.84 106.80 93.32
CA LEU BB 187 0.14 107.72 92.46
C LEU BB 187 1.00 108.86 91.95
N LYS BB 188 1.88 109.40 92.82
CA LYS BB 188 2.78 110.49 92.50
C LYS BB 188 3.69 110.21 91.29
N ASN BB 189 4.28 109.01 91.21
CA ASN BB 189 4.97 108.58 90.01
C ASN BB 189 3.96 108.03 89.00
N LYS BB 190 3.59 108.87 88.01
CA LYS BB 190 2.63 108.54 86.99
C LYS BB 190 3.02 107.33 86.15
N VAL BB 191 4.28 107.21 85.71
CA VAL BB 191 4.73 106.10 84.88
C VAL BB 191 4.58 104.75 85.55
N PHE BB 192 5.00 104.65 86.83
CA PHE BB 192 4.82 103.45 87.64
C PHE BB 192 3.35 103.12 87.89
N ALA BB 193 2.51 104.14 88.15
CA ALA BB 193 1.07 104.01 88.26
C ALA BB 193 0.44 103.43 87.01
N HIS BB 194 0.84 103.92 85.83
CA HIS BB 194 0.41 103.43 84.56
C HIS BB 194 0.82 101.99 84.33
N TYR BB 195 2.06 101.62 84.66
CA TYR BB 195 2.50 100.24 84.65
C TYR BB 195 1.64 99.33 85.53
N LEU BB 196 1.39 99.74 86.78
CA LEU BB 196 0.48 99.08 87.70
C LEU BB 196 -0.93 98.91 87.18
N LYS BB 197 -1.52 99.96 86.59
CA LYS BB 197 -2.80 99.91 85.92
C LYS BB 197 -2.79 98.99 84.72
N SER BB 198 -1.76 99.09 83.87
CA SER BB 198 -1.61 98.34 82.63
C SER BB 198 -1.67 96.83 82.78
N LYS BB 199 -2.38 96.18 81.85
CA LYS BB 199 -2.59 94.75 81.84
C LYS BB 199 -1.44 94.05 81.15
N PHE BB 200 -1.03 92.86 81.62
CA PHE BB 200 -0.15 91.99 80.86
C PHE BB 200 -0.79 91.56 79.53
N THR BB 201 0.03 91.45 78.47
CA THR BB 201 -0.46 91.16 77.12
C THR BB 201 0.47 90.20 76.41
N LEU BB 202 -0.09 89.41 75.48
CA LEU BB 202 0.67 88.57 74.58
C LEU BB 202 0.30 88.92 73.15
N ARG BB 203 1.32 89.05 72.28
CA ARG BB 203 1.25 89.54 70.93
C ARG BB 203 2.41 88.91 70.20
N ASN BB 204 2.63 89.23 68.90
CA ASN BB 204 3.85 88.84 68.22
C ASN BB 204 5.10 89.39 68.90
N ASP BB 205 6.17 88.58 68.92
CA ASP BB 205 7.46 88.90 69.50
C ASP BB 205 7.45 88.74 71.03
N MET BB 206 6.44 88.07 71.59
CA MET BB 206 6.48 87.62 72.97
C MET BB 206 7.09 86.22 72.98
N VAL BB 207 8.43 86.16 73.15
CA VAL BB 207 9.21 84.94 73.08
C VAL BB 207 8.92 83.93 74.16
N LEU BB 208 8.68 84.38 75.41
CA LEU BB 208 8.37 83.58 76.58
C LEU BB 208 9.60 82.91 77.15
N HIS BB 209 10.26 82.05 76.34
CA HIS BB 209 11.45 81.31 76.72
C HIS BB 209 12.63 82.17 77.10
N LYS BB 210 12.92 83.25 76.36
CA LYS BB 210 14.00 84.14 76.77
C LYS BB 210 13.52 85.28 77.66
N MET BB 211 12.20 85.49 77.77
CA MET BB 211 11.61 86.65 78.42
C MET BB 211 11.89 86.75 79.92
N LYS BB 212 12.23 87.97 80.38
CA LYS BB 212 12.62 88.23 81.74
C LYS BB 212 11.48 88.90 82.50
N PHE BB 213 11.27 88.48 83.76
CA PHE BB 213 10.17 88.94 84.58
C PHE BB 213 10.71 89.36 85.97
N LYS CB 1 -95.45 -65.97 -16.40
CA LYS CB 1 -94.62 -66.06 -15.14
C LYS CB 1 -93.28 -66.77 -15.33
N ASP CB 2 -92.36 -66.64 -14.34
CA ASP CB 2 -90.99 -67.15 -14.37
C ASP CB 2 -90.07 -66.36 -15.31
N ASN CB 3 -90.12 -66.65 -16.63
CA ASN CB 3 -89.43 -65.89 -17.67
C ASN CB 3 -87.92 -65.67 -17.48
N PRO CB 4 -87.09 -66.68 -17.26
CA PRO CB 4 -85.72 -66.48 -16.78
C PRO CB 4 -84.74 -65.94 -17.82
N LEU CB 5 -85.11 -65.86 -19.11
CA LEU CB 5 -84.25 -65.41 -20.21
C LEU CB 5 -83.68 -63.99 -20.07
N ILE CB 6 -84.42 -63.12 -19.38
CA ILE CB 6 -84.16 -61.69 -19.25
C ILE CB 6 -82.84 -61.35 -18.58
N PHE CB 7 -82.50 -62.04 -17.48
CA PHE CB 7 -81.53 -61.60 -16.52
C PHE CB 7 -80.06 -61.62 -17.02
N ILE CB 15 -54.04 -61.73 -19.11
CA ILE CB 15 -55.25 -60.88 -19.37
C ILE CB 15 -55.12 -59.45 -18.83
N ILE CB 16 -55.84 -58.48 -19.41
CA ILE CB 16 -55.78 -57.08 -18.98
C ILE CB 16 -56.34 -56.84 -17.58
N GLY CB 17 -55.81 -55.80 -16.89
CA GLY CB 17 -56.23 -55.38 -15.55
C GLY CB 17 -56.24 -56.44 -14.48
N VAL CB 18 -57.28 -56.43 -13.64
CA VAL CB 18 -57.48 -57.38 -12.55
C VAL CB 18 -58.91 -57.91 -12.62
N GLY CB 19 -59.21 -59.03 -11.92
CA GLY CB 19 -60.54 -59.64 -11.94
C GLY CB 19 -61.57 -58.93 -11.10
N VAL CB 20 -61.12 -57.94 -10.30
CA VAL CB 20 -61.90 -57.06 -9.44
C VAL CB 20 -62.40 -57.73 -8.17
N ARG CB 21 -61.93 -57.26 -6.98
CA ARG CB 21 -62.28 -57.81 -5.67
C ARG CB 21 -63.78 -57.72 -5.32
N PRO CB 22 -64.34 -58.66 -4.55
CA PRO CB 22 -65.76 -58.67 -4.23
C PRO CB 22 -66.06 -57.75 -3.06
N LYS CB 23 -65.02 -57.22 -2.38
CA LYS CB 23 -65.15 -56.22 -1.33
C LYS CB 23 -65.88 -56.73 -0.09
N LYS CB 24 -65.46 -57.91 0.42
CA LYS CB 24 -65.89 -58.55 1.66
C LYS CB 24 -65.91 -57.69 2.94
N ASP CB 25 -66.54 -58.22 4.01
CA ASP CB 25 -66.76 -57.60 5.30
C ASP CB 25 -65.55 -56.99 6.06
N LEU CB 26 -65.85 -56.38 7.24
CA LEU CB 26 -64.89 -55.79 8.15
C LEU CB 26 -63.85 -56.79 8.65
N SER CB 27 -64.24 -58.06 8.83
CA SER CB 27 -63.37 -59.18 9.17
C SER CB 27 -62.58 -59.07 10.48
N LYS CB 28 -61.49 -59.86 10.62
CA LYS CB 28 -60.79 -60.03 11.89
C LYS CB 28 -59.56 -59.14 12.01
N TYR CB 29 -59.31 -58.27 11.02
CA TYR CB 29 -58.19 -57.34 11.02
C TYR CB 29 -58.50 -56.04 11.76
N VAL CB 30 -59.23 -56.14 12.89
CA VAL CB 30 -59.59 -55.05 13.78
C VAL CB 30 -58.37 -54.35 14.40
N LYS CB 31 -58.37 -53.00 14.43
CA LYS CB 31 -57.28 -52.23 15.00
C LYS CB 31 -57.24 -52.27 16.53
N TRP CB 32 -58.44 -52.33 17.14
CA TRP CB 32 -58.67 -52.45 18.58
C TRP CB 32 -58.39 -51.17 19.36
N PRO CB 33 -59.00 -50.93 20.52
CA PRO CB 33 -58.55 -49.95 21.50
C PRO CB 33 -57.08 -49.95 21.85
N ARG CB 34 -56.61 -48.92 22.57
CA ARG CB 34 -55.27 -48.87 23.13
C ARG CB 34 -55.00 -50.06 24.06
N TYR CB 35 -56.00 -50.41 24.90
CA TYR CB 35 -56.02 -51.60 25.72
C TYR CB 35 -56.47 -52.81 24.90
N ILE CB 36 -56.25 -54.03 25.42
CA ILE CB 36 -56.50 -55.35 24.81
C ILE CB 36 -55.71 -55.68 23.56
N ARG CB 37 -55.32 -54.68 22.75
CA ARG CB 37 -54.42 -54.83 21.63
C ARG CB 37 -53.06 -55.30 22.10
N ILE CB 38 -52.59 -54.65 23.17
CA ILE CB 38 -51.42 -54.99 23.92
C ILE CB 38 -51.53 -56.35 24.58
N GLN CB 39 -52.70 -56.71 25.15
CA GLN CB 39 -52.96 -58.01 25.73
C GLN CB 39 -52.80 -59.16 24.75
N ARG CB 40 -53.29 -58.99 23.50
CA ARG CB 40 -53.01 -59.92 22.42
C ARG CB 40 -51.52 -60.13 22.18
N LYS CB 41 -50.74 -59.05 22.05
CA LYS CB 41 -49.30 -59.13 21.88
C LYS CB 41 -48.59 -59.79 23.06
N LYS CB 42 -48.97 -59.44 24.30
CA LYS CB 42 -48.55 -60.08 25.53
C LYS CB 42 -48.76 -61.59 25.55
N LYS CB 43 -49.94 -62.05 25.12
CA LYS CB 43 -50.27 -63.46 25.01
C LYS CB 43 -49.32 -64.20 24.08
N ILE CB 44 -49.06 -63.61 22.89
CA ILE CB 44 -48.13 -64.14 21.93
C ILE CB 44 -46.72 -64.18 22.50
N LEU CB 45 -46.29 -63.11 23.19
CA LEU CB 45 -45.01 -63.00 23.85
C LEU CB 45 -44.81 -64.10 24.89
N LEU CB 46 -45.82 -64.30 25.75
CA LEU CB 46 -45.84 -65.34 26.75
C LEU CB 46 -45.70 -66.74 26.17
N GLN CB 47 -46.43 -67.04 25.09
CA GLN CB 47 -46.28 -68.27 24.33
C GLN CB 47 -44.93 -68.42 23.65
N ARG CB 48 -44.44 -67.35 23.01
CA ARG CB 48 -43.20 -67.34 22.27
C ARG CB 48 -41.95 -67.54 23.11
N LEU CB 49 -41.74 -66.79 24.20
CA LEU CB 49 -40.54 -66.95 24.99
C LEU CB 49 -40.56 -68.18 25.90
N LYS CB 50 -39.50 -69.00 25.84
CA LYS CB 50 -39.13 -70.10 26.73
C LYS CB 50 -39.55 -69.95 28.20
N VAL CB 51 -40.30 -70.93 28.75
CA VAL CB 51 -41.03 -70.76 30.00
C VAL CB 51 -40.47 -71.68 31.08
N PRO CB 52 -39.90 -71.18 32.18
CA PRO CB 52 -39.50 -71.97 33.34
C PRO CB 52 -40.53 -72.95 33.84
N PRO CB 53 -40.23 -74.18 34.24
CA PRO CB 53 -41.18 -75.18 34.72
C PRO CB 53 -42.22 -74.73 35.73
N SER CB 54 -41.81 -73.94 36.74
CA SER CB 54 -42.69 -73.41 37.77
C SER CB 54 -43.74 -72.48 37.22
N ILE CB 55 -43.38 -71.57 36.30
CA ILE CB 55 -44.33 -70.82 35.52
C ILE CB 55 -45.16 -71.72 34.61
N ASN CB 56 -44.49 -72.67 33.93
CA ASN CB 56 -45.04 -73.53 32.92
C ASN CB 56 -46.16 -74.44 33.41
N GLN CB 57 -46.00 -75.10 34.57
CA GLN CB 57 -46.92 -76.11 35.08
C GLN CB 57 -48.39 -75.71 35.19
N PHE CB 58 -48.67 -74.40 35.20
CA PHE CB 58 -50.00 -73.88 35.40
C PHE CB 58 -50.77 -73.74 34.09
N ASN CB 59 -50.24 -74.30 32.99
CA ASN CB 59 -51.03 -74.57 31.80
C ASN CB 59 -51.47 -76.03 31.72
N HIS CB 60 -51.21 -76.83 32.78
CA HIS CB 60 -51.53 -78.23 32.83
C HIS CB 60 -52.52 -78.51 33.97
N THR CB 61 -53.57 -79.34 33.72
CA THR CB 61 -54.65 -79.60 34.67
C THR CB 61 -55.07 -81.06 34.63
N LEU CB 62 -55.99 -81.46 35.53
CA LEU CB 62 -56.75 -82.69 35.37
C LEU CB 62 -57.60 -82.71 34.09
N PRO CB 63 -57.91 -83.88 33.51
CA PRO CB 63 -58.93 -84.05 32.48
C PRO CB 63 -60.25 -83.34 32.73
N LYS CB 64 -60.81 -82.65 31.73
CA LYS CB 64 -61.92 -81.72 31.91
C LYS CB 64 -63.21 -82.28 32.50
N SER CB 65 -63.70 -83.42 31.97
CA SER CB 65 -64.89 -84.09 32.48
C SER CB 65 -64.71 -84.62 33.87
N GLN CB 66 -63.52 -85.19 34.15
CA GLN CB 66 -63.15 -85.67 35.46
C GLN CB 66 -63.05 -84.56 36.48
N THR CB 67 -62.50 -83.41 36.06
CA THR CB 67 -62.50 -82.16 36.81
C THR CB 67 -63.90 -81.71 37.16
N GLN CB 68 -64.84 -81.74 36.21
CA GLN CB 68 -66.24 -81.39 36.44
C GLN CB 68 -66.86 -82.32 37.48
N ASP CB 69 -66.60 -83.62 37.36
CA ASP CB 69 -67.04 -84.63 38.29
C ASP CB 69 -66.49 -84.41 39.70
N LEU CB 70 -65.19 -84.08 39.83
CA LEU CB 70 -64.55 -83.71 41.09
C LEU CB 70 -65.17 -82.48 41.73
N LEU CB 71 -65.38 -81.41 40.95
CA LEU CB 71 -65.99 -80.17 41.38
C LEU CB 71 -67.40 -80.37 41.94
N ASN CB 72 -68.24 -81.14 41.24
CA ASN CB 72 -69.59 -81.47 41.66
C ASN CB 72 -69.61 -82.33 42.91
N PHE CB 73 -68.72 -83.32 43.04
CA PHE CB 73 -68.54 -84.06 44.27
C PHE CB 73 -68.14 -83.14 45.45
N LEU CB 74 -67.16 -82.24 45.25
CA LEU CB 74 -66.74 -81.28 46.25
C LEU CB 74 -67.84 -80.32 46.71
N LYS CB 75 -68.69 -79.87 45.76
CA LYS CB 75 -69.87 -79.04 45.95
C LYS CB 75 -70.78 -79.40 47.12
N ALA CB 76 -70.97 -80.70 47.40
CA ALA CB 76 -71.85 -81.22 48.43
C ALA CB 76 -71.59 -80.71 49.84
N TYR CB 77 -70.35 -80.27 50.12
CA TYR CB 77 -69.84 -79.95 51.43
C TYR CB 77 -69.67 -78.45 51.58
N LYS CB 78 -70.36 -77.68 50.73
CA LYS CB 78 -70.56 -76.24 50.79
C LYS CB 78 -70.71 -75.61 52.20
N PRO CB 79 -70.11 -74.46 52.48
CA PRO CB 79 -70.24 -73.78 53.77
C PRO CB 79 -71.63 -73.22 54.04
N GLU CB 80 -71.87 -72.73 55.28
CA GLU CB 80 -73.13 -72.13 55.69
C GLU CB 80 -73.51 -70.81 55.02
N SER CB 81 -74.77 -70.38 55.24
CA SER CB 81 -75.30 -69.10 54.84
C SER CB 81 -75.90 -68.42 56.06
N LYS CB 82 -76.34 -67.17 55.91
CA LYS CB 82 -76.96 -66.32 56.91
C LYS CB 82 -78.07 -66.99 57.71
N THR CB 83 -78.97 -67.66 56.98
CA THR CB 83 -80.14 -68.37 57.48
C THR CB 83 -79.77 -69.51 58.41
N ASP CB 84 -78.72 -70.27 58.05
CA ASP CB 84 -78.18 -71.33 58.86
C ASP CB 84 -77.67 -70.82 60.20
N LYS CB 85 -76.87 -69.75 60.23
CA LYS CB 85 -76.44 -69.12 61.46
C LYS CB 85 -77.56 -68.72 62.41
N LYS CB 86 -78.63 -68.11 61.86
CA LYS CB 86 -79.83 -67.77 62.62
C LYS CB 86 -80.48 -69.01 63.22
N GLN CB 87 -80.62 -70.08 62.42
CA GLN CB 87 -81.12 -71.36 62.85
C GLN CB 87 -80.30 -71.99 63.99
N ARG CB 88 -78.96 -71.90 63.88
CA ARG CB 88 -78.02 -72.44 64.85
C ARG CB 88 -78.19 -71.78 66.20
N LEU CB 89 -78.34 -70.44 66.24
CA LEU CB 89 -78.70 -69.77 67.46
C LEU CB 89 -80.10 -70.09 67.99
N LEU CB 90 -81.13 -70.03 67.10
CA LEU CB 90 -82.52 -70.14 67.48
C LEU CB 90 -83.01 -71.46 68.06
N ASN CB 91 -82.57 -72.62 67.49
CA ASN CB 91 -83.29 -73.88 67.63
C ASN CB 91 -83.59 -74.38 69.04
N LYS CB 92 -82.60 -74.43 69.95
CA LYS CB 92 -82.81 -74.95 71.29
C LYS CB 92 -83.48 -73.89 72.23
N LEU CB 108 -64.78 -81.46 57.40
CA LEU CB 108 -66.20 -81.36 56.97
C LEU CB 108 -66.43 -80.40 55.81
N PHE CB 109 -66.56 -79.08 56.10
CA PHE CB 109 -66.90 -78.07 55.10
C PHE CB 109 -65.80 -77.74 54.11
N LEU CB 110 -66.11 -76.87 53.13
CA LEU CB 110 -65.15 -76.43 52.14
C LEU CB 110 -64.43 -75.22 52.67
N LYS CB 111 -63.10 -75.31 52.64
CA LYS CB 111 -62.18 -74.46 53.32
C LYS CB 111 -61.53 -73.57 52.30
N TYR CB 112 -61.40 -72.27 52.58
CA TYR CB 112 -60.91 -71.31 51.61
C TYR CB 112 -59.76 -70.57 52.26
N GLY CB 113 -59.15 -69.62 51.53
CA GLY CB 113 -58.13 -68.75 52.07
C GLY CB 113 -56.75 -69.33 52.00
N ILE CB 114 -55.87 -68.79 51.15
CA ILE CB 114 -54.54 -69.36 50.95
C ILE CB 114 -53.66 -69.34 52.18
N ASN CB 115 -53.81 -68.33 53.06
CA ASN CB 115 -53.12 -68.33 54.33
C ASN CB 115 -53.62 -69.42 55.26
N HIS CB 116 -54.93 -69.61 55.36
CA HIS CB 116 -55.48 -70.75 56.09
C HIS CB 116 -55.09 -72.11 55.48
N ILE CB 117 -55.16 -72.25 54.15
CA ILE CB 117 -54.81 -73.47 53.43
C ILE CB 117 -53.38 -73.86 53.59
N THR CB 118 -52.46 -72.89 53.54
CA THR CB 118 -51.05 -73.12 53.81
C THR CB 118 -50.82 -73.57 55.23
N LYS CB 119 -51.55 -73.00 56.21
CA LYS CB 119 -51.55 -73.46 57.58
C LYS CB 119 -52.03 -74.91 57.71
N LEU CB 120 -53.11 -75.27 57.00
CA LEU CB 120 -53.62 -76.63 56.92
C LEU CB 120 -52.57 -77.59 56.37
N VAL CB 121 -51.90 -77.22 55.28
CA VAL CB 121 -50.85 -78.01 54.68
C VAL CB 121 -49.64 -78.16 55.60
N GLU CB 122 -49.20 -77.10 56.29
CA GLU CB 122 -48.15 -77.19 57.31
C GLU CB 122 -48.46 -78.18 58.41
N ASN CB 123 -49.71 -78.17 58.89
CA ASN CB 123 -50.15 -79.02 59.99
C ASN CB 123 -50.64 -80.40 59.52
N LYS CB 124 -50.65 -80.64 58.19
CA LYS CB 124 -51.12 -81.87 57.56
C LYS CB 124 -52.60 -82.15 57.79
N LYS CB 125 -53.42 -81.10 57.87
CA LYS CB 125 -54.83 -81.22 58.21
C LYS CB 125 -55.69 -81.14 56.97
N ALA CB 126 -55.09 -80.88 55.81
CA ALA CB 126 -55.75 -80.97 54.53
C ALA CB 126 -55.87 -82.42 54.06
N ASN CB 127 -56.78 -82.70 53.11
CA ASN CB 127 -56.78 -83.97 52.41
C ASN CB 127 -56.63 -83.72 50.91
N LEU CB 128 -57.42 -82.78 50.34
CA LEU CB 128 -57.28 -82.40 48.96
C LEU CB 128 -57.45 -80.91 48.81
N VAL CB 129 -56.50 -80.25 48.13
CA VAL CB 129 -56.55 -78.84 47.84
C VAL CB 129 -56.70 -78.68 46.35
N VAL CB 130 -57.60 -77.80 45.90
CA VAL CB 130 -57.83 -77.46 44.51
C VAL CB 130 -57.43 -76.02 44.26
N ILE CB 131 -56.50 -75.84 43.32
CA ILE CB 131 -55.87 -74.57 43.01
C ILE CB 131 -56.38 -74.10 41.65
N ALA CB 132 -56.75 -72.80 41.53
CA ALA CB 132 -56.97 -72.15 40.25
C ALA CB 132 -55.68 -71.69 39.56
N ASN CB 133 -55.62 -71.73 38.21
CA ASN CB 133 -54.54 -71.08 37.45
C ASN CB 133 -54.99 -69.77 36.80
N ASP CB 134 -56.27 -69.40 36.98
CA ASP CB 134 -56.87 -68.26 36.32
C ASP CB 134 -56.82 -67.03 37.23
N VAL CB 135 -56.24 -67.15 38.43
CA VAL CB 135 -55.87 -66.01 39.26
C VAL CB 135 -54.84 -65.09 38.61
N SER CB 136 -55.00 -63.76 38.78
CA SER CB 136 -54.10 -62.78 38.16
C SER CB 136 -52.67 -62.83 38.68
N PRO CB 137 -52.40 -62.92 39.98
CA PRO CB 137 -51.09 -63.35 40.46
C PRO CB 137 -51.16 -64.85 40.66
N ILE CB 138 -50.30 -65.61 39.99
CA ILE CB 138 -50.25 -67.06 40.12
C ILE CB 138 -49.14 -67.37 41.12
N GLU CB 139 -48.29 -66.37 41.37
CA GLU CB 139 -47.13 -66.44 42.23
C GLU CB 139 -47.51 -66.82 43.65
N LEU CB 140 -48.63 -66.25 44.12
CA LEU CB 140 -49.16 -66.46 45.46
C LEU CB 140 -49.60 -67.90 45.77
N VAL CB 141 -49.51 -68.80 44.79
CA VAL CB 141 -49.89 -70.19 44.98
C VAL CB 141 -48.95 -71.07 44.17
N LEU CB 142 -47.99 -70.46 43.45
CA LEU CB 142 -46.92 -71.13 42.73
C LEU CB 142 -46.10 -72.09 43.59
N PHE CB 143 -45.76 -71.67 44.83
CA PHE CB 143 -45.06 -72.51 45.77
C PHE CB 143 -45.87 -73.67 46.31
N LEU CB 144 -47.21 -73.60 46.22
CA LEU CB 144 -48.08 -74.53 46.88
C LEU CB 144 -47.97 -75.93 46.32
N PRO CB 145 -47.94 -76.23 45.01
CA PRO CB 145 -47.75 -77.61 44.55
C PRO CB 145 -46.41 -78.19 44.93
N ALA CB 146 -45.35 -77.36 44.91
CA ALA CB 146 -44.04 -77.75 45.37
C ALA CB 146 -44.03 -78.13 46.85
N LEU CB 147 -44.63 -77.28 47.68
CA LEU CB 147 -44.84 -77.50 49.09
C LEU CB 147 -45.68 -78.73 49.39
N CYS CB 148 -46.83 -78.89 48.70
CA CYS CB 148 -47.71 -80.03 48.80
C CYS CB 148 -47.07 -81.33 48.39
N ARG CB 149 -46.25 -81.32 47.32
CA ARG CB 149 -45.43 -82.44 46.91
C ARG CB 149 -44.43 -82.85 47.99
N LEU CB 150 -43.71 -81.89 48.60
CA LEU CB 150 -42.79 -82.13 49.70
C LEU CB 150 -43.49 -82.65 50.94
N LYS CB 151 -44.64 -82.06 51.29
CA LYS CB 151 -45.50 -82.49 52.37
C LYS CB 151 -46.26 -83.79 52.07
N GLU CB 152 -46.10 -84.33 50.84
CA GLU CB 152 -46.72 -85.53 50.32
C GLU CB 152 -48.25 -85.56 50.47
N VAL CB 153 -48.92 -84.45 50.16
CA VAL CB 153 -50.35 -84.31 50.36
C VAL CB 153 -51.01 -84.07 49.01
N PRO CB 154 -52.13 -84.70 48.66
CA PRO CB 154 -52.82 -84.44 47.41
C PRO CB 154 -53.22 -82.99 47.13
N TYR CB 155 -52.79 -82.48 45.98
CA TYR CB 155 -53.16 -81.18 45.46
C TYR CB 155 -53.66 -81.40 44.04
N CYS CB 156 -54.52 -80.51 43.55
CA CYS CB 156 -54.90 -80.52 42.15
C CYS CB 156 -54.96 -79.12 41.57
N ILE CB 157 -54.36 -78.98 40.39
CA ILE CB 157 -54.37 -77.78 39.60
C ILE CB 157 -55.47 -77.86 38.55
N VAL CB 158 -56.36 -76.86 38.55
CA VAL CB 158 -57.65 -76.91 37.90
C VAL CB 158 -57.89 -75.54 37.28
N LYS CB 159 -58.53 -75.53 36.08
CA LYS CB 159 -58.58 -74.36 35.23
C LYS CB 159 -59.36 -73.15 35.73
N ASP CB 160 -60.59 -73.34 36.27
CA ASP CB 160 -61.49 -72.22 36.47
C ASP CB 160 -61.51 -71.65 37.90
N LYS CB 161 -61.21 -70.35 38.01
CA LYS CB 161 -61.26 -69.55 39.22
C LYS CB 161 -62.67 -69.33 39.73
N ALA CB 162 -63.59 -68.96 38.83
CA ALA CB 162 -64.95 -68.58 39.13
C ALA CB 162 -65.75 -69.69 39.77
N THR CB 163 -65.68 -70.92 39.24
CA THR CB 163 -66.35 -72.09 39.78
C THR CB 163 -65.89 -72.42 41.19
N LEU CB 164 -64.58 -72.33 41.49
CA LEU CB 164 -64.10 -72.49 42.84
C LEU CB 164 -64.69 -71.44 43.79
N GLY CB 165 -64.90 -70.21 43.29
CA GLY CB 165 -65.58 -69.15 44.03
C GLY CB 165 -67.00 -69.48 44.34
N LYS CB 166 -67.74 -70.06 43.37
CA LYS CB 166 -69.09 -70.53 43.56
C LYS CB 166 -69.18 -71.57 44.67
N LEU CB 167 -68.29 -72.59 44.67
CA LEU CB 167 -68.23 -73.58 45.74
C LEU CB 167 -68.06 -73.04 47.17
N VAL CB 168 -67.45 -71.86 47.36
CA VAL CB 168 -67.29 -71.22 48.66
C VAL CB 168 -68.25 -70.07 48.87
N HIS CB 169 -69.24 -69.91 47.97
CA HIS CB 169 -70.27 -68.88 48.02
C HIS CB 169 -69.72 -67.46 47.87
N LYS CB 170 -68.81 -67.28 46.89
CA LYS CB 170 -68.15 -66.03 46.60
C LYS CB 170 -68.10 -65.84 45.10
N LYS CB 171 -67.66 -64.66 44.62
CA LYS CB 171 -67.49 -64.42 43.19
C LYS CB 171 -66.20 -65.01 42.64
N THR CB 172 -65.25 -65.39 43.52
CA THR CB 172 -63.92 -65.81 43.13
C THR CB 172 -63.32 -66.65 44.24
N ALA CB 173 -62.35 -67.52 43.92
CA ALA CB 173 -61.53 -68.15 44.93
C ALA CB 173 -60.16 -68.50 44.37
N THR CB 174 -59.12 -68.35 45.20
CA THR CB 174 -57.76 -68.62 44.79
C THR CB 174 -57.43 -70.10 44.91
N ALA CB 175 -57.58 -70.65 46.12
CA ALA CB 175 -57.55 -72.07 46.36
C ALA CB 175 -58.70 -72.45 47.27
N VAL CB 176 -59.06 -73.75 47.33
CA VAL CB 176 -60.17 -74.28 48.09
C VAL CB 176 -59.77 -75.68 48.51
N CYS CB 177 -60.16 -76.11 49.71
CA CYS CB 177 -59.72 -77.33 50.34
C CYS CB 177 -60.89 -78.10 50.88
N LEU CB 178 -60.82 -79.44 50.75
CA LEU CB 178 -61.72 -80.37 51.37
C LEU CB 178 -60.83 -81.25 52.22
N GLU CB 179 -60.99 -81.16 53.54
CA GLU CB 179 -59.92 -81.41 54.47
C GLU CB 179 -60.01 -82.76 55.15
N SER CB 180 -61.18 -83.43 55.07
CA SER CB 180 -61.48 -84.80 55.49
C SER CB 180 -62.98 -84.93 55.62
N VAL CB 181 -63.53 -86.07 55.17
CA VAL CB 181 -64.97 -86.28 55.07
C VAL CB 181 -65.35 -87.60 55.72
N LYS CB 182 -66.68 -87.82 55.88
CA LYS CB 182 -67.27 -89.04 56.39
C LYS CB 182 -66.88 -90.26 55.59
N LYS CB 183 -66.66 -91.42 56.25
CA LYS CB 183 -66.07 -92.62 55.69
C LYS CB 183 -66.70 -93.12 54.40
N GLU CB 184 -68.04 -93.08 54.33
CA GLU CB 184 -68.80 -93.48 53.17
C GLU CB 184 -68.56 -92.60 51.95
N ASP CB 185 -68.16 -91.32 52.12
CA ASP CB 185 -67.85 -90.47 50.98
C ASP CB 185 -66.33 -90.33 50.83
N GLN CB 186 -65.56 -90.59 51.89
CA GLN CB 186 -64.12 -90.80 51.92
C GLN CB 186 -63.57 -91.64 50.80
N GLU CB 187 -64.20 -92.79 50.49
CA GLU CB 187 -63.77 -93.69 49.44
C GLU CB 187 -63.76 -93.03 48.06
N LYS CB 188 -64.81 -92.28 47.69
CA LYS CB 188 -64.79 -91.49 46.47
C LYS CB 188 -63.71 -90.41 46.46
N LEU CB 189 -63.50 -89.72 47.60
CA LEU CB 189 -62.41 -88.76 47.74
C LEU CB 189 -61.01 -89.39 47.60
N ASP CB 190 -60.84 -90.63 48.10
CA ASP CB 190 -59.66 -91.43 47.95
C ASP CB 190 -59.40 -91.78 46.50
N TYR CB 191 -60.43 -92.14 45.71
CA TYR CB 191 -60.32 -92.28 44.27
C TYR CB 191 -59.88 -90.98 43.59
N PHE CB 192 -60.47 -89.83 43.94
CA PHE CB 192 -60.02 -88.55 43.46
C PHE CB 192 -58.58 -88.25 43.82
N ALA CB 193 -58.19 -88.50 45.08
CA ALA CB 193 -56.84 -88.35 45.56
C ALA CB 193 -55.84 -89.22 44.83
N LYS CB 194 -56.18 -90.49 44.55
CA LYS CB 194 -55.42 -91.39 43.71
C LYS CB 194 -55.16 -90.83 42.32
N VAL CB 195 -56.20 -90.32 41.64
CA VAL CB 195 -56.10 -89.62 40.36
C VAL CB 195 -55.16 -88.42 40.42
N CYS CB 196 -55.39 -87.51 41.38
CA CYS CB 196 -54.58 -86.33 41.63
C CYS CB 196 -53.13 -86.66 41.89
N LYS CB 197 -52.86 -87.69 42.71
CA LYS CB 197 -51.54 -88.18 43.00
C LYS CB 197 -50.84 -88.71 41.78
N GLU CB 198 -51.56 -89.50 40.96
CA GLU CB 198 -51.06 -90.02 39.70
C GLU CB 198 -50.71 -88.93 38.70
N ASN CB 199 -51.60 -87.95 38.57
CA ASN CB 199 -51.40 -86.82 37.68
C ASN CB 199 -50.28 -85.90 38.14
N PHE CB 200 -50.27 -85.49 39.42
CA PHE CB 200 -49.41 -84.41 39.88
C PHE CB 200 -48.31 -84.87 40.81
N ASN CB 201 -48.65 -85.46 41.98
CA ASN CB 201 -47.69 -85.77 43.02
C ASN CB 201 -46.63 -86.78 42.61
N ASP CB 202 -47.04 -87.87 41.92
CA ASP CB 202 -46.16 -88.87 41.38
C ASP CB 202 -45.31 -88.35 40.22
N ASN CB 203 -45.93 -87.58 39.31
CA ASN CB 203 -45.31 -87.06 38.11
C ASN CB 203 -44.27 -85.98 38.40
N VAL CB 204 -42.98 -86.22 38.08
CA VAL CB 204 -41.93 -85.22 38.21
C VAL CB 204 -41.46 -84.75 36.85
N ASP CB 205 -41.98 -85.36 35.77
CA ASP CB 205 -41.73 -84.99 34.41
C ASP CB 205 -42.26 -83.59 34.10
N LEU CB 206 -43.45 -83.26 34.63
CA LEU CB 206 -44.01 -81.92 34.58
C LEU CB 206 -43.17 -80.90 35.35
N ARG CB 207 -42.48 -81.36 36.41
CA ARG CB 207 -41.64 -80.52 37.23
C ARG CB 207 -40.34 -80.26 36.50
N ARG CB 208 -39.80 -81.27 35.80
CA ARG CB 208 -38.77 -81.08 34.79
C ARG CB 208 -39.15 -80.13 33.64
N LYS CB 209 -40.34 -80.32 33.04
CA LYS CB 209 -40.76 -79.71 31.79
C LYS CB 209 -40.82 -78.17 31.71
N TRP CB 210 -39.87 -77.58 30.95
CA TRP CB 210 -39.93 -76.21 30.43
C TRP CB 210 -40.95 -76.05 29.31
N GLY CB 211 -41.49 -74.83 29.11
CA GLY CB 211 -42.39 -74.52 28.00
C GLY CB 211 -41.84 -73.47 27.08
N GLY CB 212 -42.72 -72.85 26.27
CA GLY CB 212 -42.37 -71.75 25.37
C GLY CB 212 -41.74 -72.15 24.05
N GLN CB 213 -41.33 -71.14 23.27
CA GLN CB 213 -40.82 -71.25 21.91
C GLN CB 213 -41.88 -71.75 20.95
N LYS CB 214 -43.12 -71.25 21.13
CA LYS CB 214 -44.24 -71.56 20.29
C LYS CB 214 -44.35 -70.48 19.21
N MET CB 215 -43.99 -70.84 17.97
CA MET CB 215 -44.01 -69.92 16.84
C MET CB 215 -45.37 -69.37 16.42
N SER CB 216 -45.34 -68.16 15.85
CA SER CB 216 -46.49 -67.50 15.24
C SER CB 216 -46.57 -67.93 13.79
N ALA CB 217 -47.65 -67.56 13.07
CA ALA CB 217 -47.91 -68.01 11.71
C ALA CB 217 -46.77 -67.76 10.70
N LYS CB 218 -46.32 -66.50 10.56
CA LYS CB 218 -45.21 -66.12 9.70
C LYS CB 218 -43.90 -66.81 10.08
N SER CB 219 -43.51 -66.80 11.37
CA SER CB 219 -42.31 -67.46 11.87
C SER CB 219 -42.33 -68.96 11.68
N MET CB 220 -43.46 -69.63 11.96
CA MET CB 220 -43.65 -71.03 11.74
C MET CB 220 -43.54 -71.42 10.27
N LEU CB 221 -44.21 -70.68 9.37
CA LEU CB 221 -44.19 -70.89 7.95
C LEU CB 221 -42.79 -70.69 7.36
N LEU CB 222 -42.08 -69.65 7.82
CA LEU CB 222 -40.71 -69.39 7.47
C LEU CB 222 -39.78 -70.51 7.93
N LYS CB 223 -39.91 -70.95 9.20
CA LYS CB 223 -39.22 -72.12 9.72
C LYS CB 223 -39.49 -73.38 8.92
N LYS CB 224 -40.76 -73.64 8.55
CA LYS CB 224 -41.15 -74.72 7.66
C LYS CB 224 -40.40 -74.69 6.33
N MET CB 225 -40.35 -73.53 5.66
CA MET CB 225 -39.52 -73.31 4.50
C MET CB 225 -38.01 -73.50 4.73
N LYS CB 226 -37.43 -72.92 5.80
CA LYS CB 226 -36.02 -73.02 6.10
C LYS CB 226 -35.57 -74.44 6.38
N ASP CB 227 -36.37 -75.18 7.18
CA ASP CB 227 -36.23 -76.60 7.40
C ASP CB 227 -36.33 -77.41 6.12
N LYS CB 228 -37.30 -77.11 5.24
CA LYS CB 228 -37.58 -77.87 4.04
C LYS CB 228 -36.46 -77.78 3.03
N ALA CB 229 -36.04 -76.55 2.67
CA ALA CB 229 -35.00 -76.34 1.71
C ALA CB 229 -33.66 -76.93 2.13
N ARG CB 230 -33.25 -76.68 3.39
CA ARG CB 230 -32.05 -77.27 3.95
C ARG CB 230 -32.06 -78.78 3.98
N LYS CB 231 -33.10 -79.37 4.59
CA LYS CB 231 -33.23 -80.81 4.73
C LYS CB 231 -33.30 -81.57 3.43
N ILE CB 232 -34.07 -81.08 2.45
CA ILE CB 232 -34.11 -81.67 1.11
C ILE CB 232 -32.75 -81.60 0.42
N GLU CB 233 -32.05 -80.44 0.45
CA GLU CB 233 -30.69 -80.36 -0.07
C GLU CB 233 -29.71 -81.31 0.61
N GLU CB 234 -29.76 -81.40 1.95
CA GLU CB 234 -28.99 -82.31 2.77
C GLU CB 234 -29.23 -83.78 2.43
N ALA CB 235 -30.50 -84.20 2.29
CA ALA CB 235 -30.88 -85.53 1.88
C ALA CB 235 -30.43 -85.91 0.48
N LYS CB 236 -30.47 -84.96 -0.48
CA LYS CB 236 -30.19 -85.24 -1.87
C LYS CB 236 -28.71 -85.31 -2.10
N LYS CB 237 -27.94 -84.34 -1.56
CA LYS CB 237 -26.49 -84.38 -1.58
C LYS CB 237 -25.92 -85.66 -0.97
N LYS CB 238 -26.49 -86.13 0.17
CA LYS CB 238 -26.17 -87.41 0.79
C LYS CB 238 -26.42 -88.62 -0.12
N GLU CB 239 -27.53 -88.63 -0.88
CA GLU CB 239 -27.83 -89.65 -1.87
C GLU CB 239 -26.79 -89.74 -2.97
N ILE CB 240 -26.43 -88.59 -3.57
CA ILE CB 240 -25.37 -88.49 -4.56
C ILE CB 240 -24.00 -88.91 -4.02
N SER CB 241 -23.64 -88.53 -2.77
CA SER CB 241 -22.43 -88.90 -2.05
C SER CB 241 -22.22 -90.41 -1.93
N ALA CB 242 -23.32 -91.14 -1.67
CA ALA CB 242 -23.36 -92.58 -1.67
C ALA CB 242 -23.11 -93.16 -3.07
N LYS CB 243 -23.79 -92.61 -4.09
CA LYS CB 243 -23.64 -93.03 -5.48
C LYS CB 243 -22.22 -92.86 -6.03
N LEU CB 244 -21.56 -91.72 -5.75
CA LEU CB 244 -20.18 -91.48 -6.12
C LEU CB 244 -19.15 -92.38 -5.34
N GLY DB 1 -35.36 11.27 7.93
CA GLY DB 1 -36.68 10.66 8.29
C GLY DB 1 -37.47 11.40 9.33
N LYS DB 2 -38.76 11.71 9.05
CA LYS DB 2 -39.56 12.55 9.94
C LYS DB 2 -40.28 11.72 10.98
N ALA DB 3 -40.07 10.40 10.95
CA ALA DB 3 -40.51 9.48 11.97
C ALA DB 3 -39.37 9.13 12.94
N GLY DB 4 -38.24 9.86 12.84
CA GLY DB 4 -36.98 9.63 13.55
C GLY DB 4 -37.01 9.39 15.04
N LYS DB 5 -35.95 8.74 15.55
CA LYS DB 5 -35.74 8.41 16.95
C LYS DB 5 -35.62 9.67 17.82
N GLY DB 6 -36.72 9.99 18.53
CA GLY DB 6 -36.98 11.34 19.03
C GLY DB 6 -38.41 11.72 18.74
N THR DB 7 -38.72 13.02 18.58
CA THR DB 7 -40.10 13.52 18.46
C THR DB 7 -40.87 12.92 17.33
N GLY DB 8 -40.22 12.76 16.15
CA GLY DB 8 -40.87 12.25 14.95
C GLY DB 8 -41.50 10.89 15.11
N SER DB 9 -40.92 10.05 15.97
CA SER DB 9 -41.43 8.74 16.29
C SER DB 9 -42.85 8.74 16.87
N PHE DB 10 -43.18 9.72 17.71
CA PHE DB 10 -44.41 9.72 18.47
C PHE DB 10 -45.66 9.96 17.64
N GLY DB 11 -45.54 10.52 16.42
CA GLY DB 11 -46.71 10.79 15.59
C GLY DB 11 -47.37 9.55 15.04
N LYS DB 12 -46.58 8.47 14.83
CA LYS DB 12 -47.06 7.21 14.30
C LYS DB 12 -47.65 6.31 15.40
N ARG DB 13 -47.55 6.72 16.67
CA ARG DB 13 -48.30 6.07 17.74
C ARG DB 13 -49.81 6.16 17.53
N ASN DB 14 -50.45 5.03 17.25
CA ASN DB 14 -51.88 4.85 17.36
C ASN DB 14 -52.08 3.36 17.43
N GLY DB 15 -53.19 2.91 18.03
CA GLY DB 15 -53.46 1.48 18.19
C GLY DB 15 -52.86 0.95 19.46
N LYS DB 16 -53.57 1.12 20.57
CA LYS DB 16 -53.19 0.60 21.86
C LYS DB 16 -53.20 -0.92 21.89
N THR DB 17 -52.07 -1.56 22.24
CA THR DB 17 -52.02 -3.02 22.27
C THR DB 17 -52.25 -3.54 23.67
N HIS DB 18 -52.47 -2.66 24.65
CA HIS DB 18 -52.95 -3.04 25.97
C HIS DB 18 -54.31 -2.44 26.29
N PHE DB 19 -55.18 -3.25 26.92
CA PHE DB 19 -56.52 -2.86 27.32
C PHE DB 19 -56.72 -3.12 28.80
N LEU DB 20 -57.95 -3.01 29.30
CA LEU DB 20 -58.27 -2.91 30.71
C LEU DB 20 -58.09 -4.15 31.58
N CYS DB 21 -58.48 -5.33 31.05
CA CYS DB 21 -58.53 -6.61 31.77
C CYS DB 21 -59.68 -6.70 32.77
N LEU DB 22 -60.63 -7.60 32.48
CA LEU DB 22 -61.79 -7.88 33.32
C LEU DB 22 -61.43 -8.43 34.70
N ARG DB 23 -60.36 -9.25 34.80
CA ARG DB 23 -59.92 -9.77 36.08
C ARG DB 23 -58.89 -8.86 36.74
N CYS DB 24 -58.78 -7.59 36.29
CA CYS DB 24 -57.81 -6.67 36.85
C CYS DB 24 -58.40 -5.31 37.16
N GLY DB 25 -58.91 -4.57 36.14
CA GLY DB 25 -59.41 -3.21 36.32
C GLY DB 25 -58.31 -2.16 36.40
N LYS DB 26 -57.06 -2.59 36.24
CA LYS DB 26 -55.86 -1.80 36.15
C LYS DB 26 -55.31 -2.16 34.79
N ARG DB 27 -55.10 -1.15 33.91
CA ARG DB 27 -54.87 -1.34 32.49
C ARG DB 27 -53.64 -2.19 32.19
N SER DB 28 -53.85 -3.40 31.63
CA SER DB 28 -52.80 -4.41 31.63
C SER DB 28 -53.05 -5.62 30.73
N TYR DB 29 -54.15 -5.66 29.94
CA TYR DB 29 -54.42 -6.78 29.06
C TYR DB 29 -53.75 -6.58 27.71
N HIS DB 30 -52.67 -7.30 27.43
CA HIS DB 30 -52.09 -7.28 26.11
C HIS DB 30 -52.97 -7.98 25.09
N LEU DB 31 -53.54 -7.22 24.16
CA LEU DB 31 -54.51 -7.73 23.19
C LEU DB 31 -53.90 -8.72 22.20
N GLN DB 32 -52.68 -8.42 21.69
CA GLN DB 32 -52.04 -9.22 20.67
C GLN DB 32 -51.74 -10.62 21.15
N LYS DB 33 -51.22 -10.74 22.38
CA LYS DB 33 -50.83 -12.03 22.92
C LYS DB 33 -51.87 -12.53 23.90
N LYS DB 34 -53.00 -11.81 24.03
CA LYS DB 34 -54.16 -12.16 24.82
C LYS DB 34 -53.86 -12.57 26.26
N LYS DB 35 -53.21 -11.68 27.02
CA LYS DB 35 -52.63 -12.02 28.29
C LYS DB 35 -52.65 -10.81 29.17
N CYS DB 36 -53.01 -10.95 30.46
CA CYS DB 36 -52.85 -9.83 31.36
C CYS DB 36 -51.46 -9.82 31.96
N ALA DB 37 -50.80 -8.67 31.92
CA ALA DB 37 -49.49 -8.45 32.49
C ALA DB 37 -49.49 -8.46 34.00
N SER DB 38 -50.56 -7.93 34.62
CA SER DB 38 -50.66 -7.75 36.05
C SER DB 38 -51.23 -8.96 36.78
N CYS DB 39 -52.38 -9.50 36.35
CA CYS DB 39 -53.06 -10.56 37.10
C CYS DB 39 -53.06 -11.90 36.41
N GLY DB 40 -52.41 -12.01 35.23
CA GLY DB 40 -52.31 -13.29 34.52
C GLY DB 40 -53.59 -13.95 34.03
N TYR DB 41 -54.65 -13.16 33.73
CA TYR DB 41 -55.99 -13.60 33.36
C TYR DB 41 -56.20 -14.90 32.55
N PRO DB 42 -55.56 -15.22 31.42
CA PRO DB 42 -55.74 -16.53 30.77
C PRO DB 42 -55.32 -17.71 31.63
N SER DB 43 -54.43 -17.52 32.62
CA SER DB 43 -54.07 -18.53 33.59
C SER DB 43 -54.98 -18.42 34.80
N ALA DB 44 -55.32 -19.55 35.45
CA ALA DB 44 -56.02 -19.56 36.72
C ALA DB 44 -55.23 -18.84 37.81
N LYS DB 45 -53.90 -19.06 37.83
CA LYS DB 45 -52.98 -18.38 38.71
C LYS DB 45 -52.92 -16.87 38.51
N LYS DB 46 -52.80 -16.13 39.62
CA LYS DB 46 -53.07 -14.71 39.69
C LYS DB 46 -51.84 -13.82 39.53
N ARG DB 47 -50.64 -14.43 39.33
CA ARG DB 47 -49.39 -13.72 39.09
C ARG DB 47 -48.91 -12.87 40.27
N ARG DB 48 -48.97 -13.41 41.50
CA ARG DB 48 -48.70 -12.65 42.70
C ARG DB 48 -47.24 -12.83 43.16
N PHE DB 49 -46.29 -12.27 42.38
CA PHE DB 49 -44.86 -12.25 42.66
C PHE DB 49 -44.49 -11.56 43.97
N ASN DB 50 -43.40 -12.02 44.62
CA ASN DB 50 -43.04 -11.56 45.94
C ASN DB 50 -41.83 -10.62 45.93
N TRP DB 51 -41.25 -10.34 44.75
CA TRP DB 51 -40.09 -9.46 44.68
C TRP DB 51 -40.39 -7.97 44.85
N SER DB 52 -41.65 -7.51 44.71
CA SER DB 52 -42.03 -6.13 45.02
C SER DB 52 -43.08 -6.07 46.12
N VAL DB 53 -42.73 -5.43 47.25
CA VAL DB 53 -43.60 -5.20 48.39
C VAL DB 53 -44.74 -4.27 48.03
N LYS DB 54 -44.44 -3.19 47.28
CA LYS DB 54 -45.41 -2.24 46.80
C LYS DB 54 -46.46 -2.90 45.93
N ALA DB 55 -46.03 -3.71 44.94
CA ALA DB 55 -46.91 -4.49 44.10
C ALA DB 55 -47.73 -5.50 44.89
N LYS DB 56 -47.09 -6.17 45.85
CA LYS DB 56 -47.71 -7.14 46.74
C LYS DB 56 -48.82 -6.52 47.57
N ARG DB 57 -48.58 -5.36 48.19
CA ARG DB 57 -49.60 -4.73 49.01
C ARG DB 57 -50.71 -4.05 48.20
N ARG DB 58 -50.43 -3.40 47.05
CA ARG DB 58 -51.46 -2.59 46.38
C ARG DB 58 -52.57 -3.36 45.65
N ASN DB 59 -52.67 -4.68 45.88
CA ASN DB 59 -53.93 -5.37 45.81
C ASN DB 59 -53.88 -6.44 46.90
N THR DB 60 -54.91 -6.53 47.75
CA THR DB 60 -54.92 -7.45 48.89
C THR DB 60 -56.34 -7.67 49.40
N THR DB 61 -56.59 -8.70 50.22
CA THR DB 61 -57.87 -8.88 50.89
C THR DB 61 -58.18 -7.74 51.83
N GLY DB 62 -59.25 -7.01 51.57
CA GLY DB 62 -59.63 -5.78 52.25
C GLY DB 62 -59.49 -4.61 51.35
N THR DB 63 -59.28 -4.87 50.04
CA THR DB 63 -59.34 -3.84 49.01
C THR DB 63 -60.77 -3.68 48.54
N GLY DB 64 -61.48 -4.81 48.41
CA GLY DB 64 -62.74 -4.94 47.67
C GLY DB 64 -63.97 -5.08 48.50
N ARG DB 65 -63.97 -4.55 49.74
CA ARG DB 65 -65.05 -4.59 50.71
C ARG DB 65 -65.43 -5.96 51.26
N CYS DB 66 -64.91 -7.05 50.67
CA CYS DB 66 -64.99 -8.39 51.23
C CYS DB 66 -66.38 -8.90 51.49
N ARG DB 67 -67.15 -9.08 50.40
CA ARG DB 67 -68.58 -9.29 50.38
C ARG DB 67 -69.10 -10.50 51.17
N TYR DB 68 -68.24 -11.48 51.52
CA TYR DB 68 -68.61 -12.57 52.38
C TYR DB 68 -67.73 -12.54 53.62
N ILE DB 69 -66.41 -12.35 53.51
CA ILE DB 69 -65.50 -12.27 54.64
C ILE DB 69 -65.86 -11.20 55.68
N LYS DB 70 -66.23 -9.97 55.26
CA LYS DB 70 -66.69 -8.91 56.15
C LYS DB 70 -67.91 -9.35 56.96
N THR DB 71 -68.85 -10.02 56.28
CA THR DB 71 -70.06 -10.59 56.84
C THR DB 71 -69.76 -11.70 57.83
N LEU DB 72 -68.79 -12.57 57.50
CA LEU DB 72 -68.27 -13.63 58.34
C LEU DB 72 -67.65 -13.15 59.66
N ARG DB 73 -66.95 -12.00 59.67
CA ARG DB 73 -66.44 -11.44 60.91
C ARG DB 73 -67.55 -11.17 61.94
N ARG DB 74 -67.22 -11.32 63.25
CA ARG DB 74 -68.12 -11.25 64.39
C ARG DB 74 -68.87 -12.53 64.65
N LYS DB 75 -69.30 -13.27 63.61
CA LYS DB 75 -69.99 -14.54 63.72
C LYS DB 75 -69.21 -15.57 64.52
N LEU DB 76 -67.91 -15.68 64.19
CA LEU DB 76 -66.89 -16.41 64.90
C LEU DB 76 -66.83 -16.10 66.40
N LYS DB 77 -66.82 -14.80 66.76
CA LYS DB 77 -66.90 -14.32 68.13
C LYS DB 77 -68.21 -14.68 68.82
N ASN DB 78 -69.36 -14.47 68.15
CA ASN DB 78 -70.68 -14.73 68.69
C ASN DB 78 -71.01 -16.18 69.01
N LYS DB 79 -70.73 -17.09 68.05
CA LYS DB 79 -71.02 -18.51 68.15
C LYS DB 79 -72.48 -18.89 68.38
N PHE DB 80 -73.43 -18.22 67.71
CA PHE DB 80 -74.81 -18.68 67.57
C PHE DB 80 -74.88 -19.94 66.71
N THR DB 81 -75.84 -20.86 66.97
CA THR DB 81 -76.13 -21.91 65.98
C THR DB 81 -76.77 -21.31 64.74
N GLU DB 82 -76.45 -21.87 63.58
CA GLU DB 82 -77.07 -21.53 62.33
C GLU DB 82 -78.58 -21.79 62.35
N GLY DB 83 -79.35 -20.83 61.83
CA GLY DB 83 -80.81 -20.84 61.87
C GLY DB 83 -81.41 -20.32 63.16
N SER DB 84 -80.60 -20.01 64.19
CA SER DB 84 -81.12 -19.52 65.47
C SER DB 84 -81.39 -18.03 65.45
N THR DB 85 -82.21 -17.55 66.40
CA THR DB 85 -82.62 -16.15 66.46
C THR DB 85 -82.67 -15.71 67.93
N PRO DB 86 -82.71 -14.43 68.26
CA PRO DB 86 -83.36 -13.95 69.48
C PRO DB 86 -84.76 -14.50 69.74
N LYS DB 87 -85.21 -14.53 71.01
CA LYS DB 87 -86.54 -14.99 71.37
C LYS DB 87 -87.59 -13.88 71.21
N PRO DB 88 -88.85 -14.19 70.89
CA PRO DB 88 -89.95 -13.21 70.81
C PRO DB 88 -90.32 -12.57 72.16
N LYS DB 89 -91.15 -11.51 72.12
CA LYS DB 89 -91.61 -10.74 73.26
C LYS DB 89 -92.38 -11.56 74.35
N MET EB 1 1.06 77.62 58.43
CA MET EB 1 1.56 78.56 59.49
C MET EB 1 0.42 79.03 60.37
N TYR EB 2 0.25 80.35 60.57
CA TYR EB 2 -0.59 80.96 61.58
C TYR EB 2 -1.17 82.25 61.00
N LYS EB 3 -1.36 82.25 59.68
CA LYS EB 3 -1.70 83.42 58.89
C LYS EB 3 -2.62 82.97 57.79
N LYS EB 4 -3.54 83.84 57.32
CA LYS EB 4 -4.51 83.50 56.30
C LYS EB 4 -3.93 83.03 54.95
N GLU EB 5 -2.93 83.74 54.40
CA GLU EB 5 -2.43 83.49 53.05
C GLU EB 5 -0.93 83.68 52.97
N TYR EB 6 -0.12 82.63 52.68
CA TYR EB 6 1.25 82.88 52.21
C TYR EB 6 1.29 83.11 50.71
N VAL EB 7 1.84 84.24 50.24
CA VAL EB 7 2.21 84.47 48.84
C VAL EB 7 3.70 84.26 48.63
N ILE EB 8 4.13 83.43 47.67
CA ILE EB 8 5.53 83.11 47.48
C ILE EB 8 6.01 83.55 46.10
N ASP EB 9 7.05 84.40 46.04
CA ASP EB 9 7.72 84.77 44.80
C ASP EB 9 8.70 83.67 44.40
N CYS EB 10 8.31 82.83 43.44
CA CYS EB 10 8.98 81.57 43.19
C CYS EB 10 10.12 81.69 42.18
N LYS EB 11 10.47 82.93 41.75
CA LYS EB 11 11.67 83.18 40.97
C LYS EB 11 12.94 82.74 41.69
N GLY EB 12 13.85 82.06 40.97
CA GLY EB 12 15.18 81.70 41.49
C GLY EB 12 15.17 80.53 42.44
N HIS EB 13 14.01 79.90 42.66
CA HIS EB 13 13.85 78.77 43.54
C HIS EB 13 14.02 77.47 42.78
N LEU EB 14 14.64 76.46 43.41
CA LEU EB 14 14.85 75.14 42.88
C LEU EB 14 13.64 74.25 43.12
N LEU EB 15 13.06 73.73 42.01
CA LEU EB 15 11.86 72.91 41.92
C LEU EB 15 11.56 71.96 43.07
N GLY EB 16 12.37 70.91 43.30
CA GLY EB 16 12.13 69.93 44.34
C GLY EB 16 11.97 70.47 45.74
N ARG EB 17 12.94 71.29 46.18
CA ARG EB 17 12.88 71.94 47.47
C ARG EB 17 11.70 72.88 47.62
N LEU EB 18 11.42 73.69 46.59
CA LEU EB 18 10.27 74.58 46.57
C LEU EB 18 8.96 73.82 46.77
N ALA EB 19 8.78 72.72 46.02
CA ALA EB 19 7.68 71.82 46.17
C ALA EB 19 7.58 71.21 47.56
N SER EB 20 8.66 70.63 48.07
CA SER EB 20 8.68 70.00 49.38
C SER EB 20 8.31 70.90 50.54
N LEU EB 21 8.89 72.12 50.60
CA LEU EB 21 8.55 73.10 51.60
C LEU EB 21 7.10 73.55 51.53
N ILE EB 22 6.57 73.77 50.32
CA ILE EB 22 5.16 74.09 50.12
C ILE EB 22 4.27 72.97 50.60
N ALA EB 23 4.58 71.71 50.23
CA ALA EB 23 3.79 70.55 50.56
C ALA EB 23 3.64 70.31 52.06
N LYS EB 24 4.74 70.38 52.83
CA LYS EB 24 4.72 70.17 54.25
C LYS EB 24 3.87 71.24 54.94
N GLU EB 25 4.01 72.52 54.54
CA GLU EB 25 3.10 73.56 54.95
C GLU EB 25 1.64 73.33 54.63
N LEU EB 26 1.28 72.86 53.42
CA LEU EB 26 -0.08 72.50 53.09
C LEU EB 26 -0.61 71.42 54.02
N LEU EB 27 0.19 70.37 54.26
CA LEU EB 27 -0.09 69.32 55.20
C LEU EB 27 -0.25 69.82 56.63
N ASN EB 28 0.65 70.70 57.10
CA ASN EB 28 0.54 71.40 58.36
C ASN EB 28 -0.73 72.24 58.45
N GLY EB 29 -1.11 72.89 57.34
CA GLY EB 29 -2.27 73.74 57.22
C GLY EB 29 -1.86 75.14 56.87
N GLN EB 30 -2.22 75.59 55.65
CA GLN EB 30 -1.90 76.89 55.13
C GLN EB 30 -2.43 77.03 53.71
N ARG EB 31 -3.12 78.14 53.37
CA ARG EB 31 -3.32 78.48 51.97
C ARG EB 31 -2.09 79.19 51.42
N ILE EB 32 -1.59 78.69 50.27
CA ILE EB 32 -0.33 79.12 49.68
C ILE EB 32 -0.57 79.49 48.24
N VAL EB 33 -0.30 80.76 47.88
CA VAL EB 33 -0.30 81.25 46.52
C VAL EB 33 1.12 81.29 45.99
N ALA EB 34 1.47 80.32 45.14
CA ALA EB 34 2.73 80.29 44.43
C ALA EB 34 2.68 81.24 43.23
N VAL EB 35 3.53 82.26 43.22
CA VAL EB 35 3.51 83.35 42.28
C VAL EB 35 4.83 83.39 41.53
N ARG EB 36 4.82 83.90 40.27
CA ARG EB 36 5.99 84.06 39.43
C ARG EB 36 6.67 82.74 39.07
N CYS EB 37 5.86 81.77 38.62
CA CYS EB 37 6.30 80.39 38.59
C CYS EB 37 6.96 79.92 37.31
N GLU EB 38 7.19 80.80 36.32
CA GLU EB 38 8.04 80.44 35.19
C GLU EB 38 9.53 80.59 35.51
N ASP EB 39 9.88 81.39 36.54
CA ASP EB 39 11.25 81.71 36.85
C ASP EB 39 11.82 80.77 37.92
N ILE EB 40 11.10 79.68 38.19
CA ILE EB 40 11.57 78.49 38.90
C ILE EB 40 12.73 77.84 38.14
N ASN EB 41 13.70 77.28 38.87
CA ASN EB 41 14.87 76.63 38.34
C ASN EB 41 14.75 75.12 38.47
N ILE EB 42 15.11 74.39 37.41
CA ILE EB 42 15.36 72.96 37.47
C ILE EB 42 16.88 72.81 37.51
N SER EB 43 17.44 71.81 38.19
CA SER EB 43 18.89 71.66 38.26
C SER EB 43 19.52 71.00 37.04
N GLY EB 44 18.76 70.27 36.22
CA GLY EB 44 19.26 69.71 34.97
C GLY EB 44 19.57 70.74 33.90
N SER EB 45 20.26 70.32 32.83
CA SER EB 45 20.49 71.16 31.65
C SER EB 45 19.25 71.26 30.78
N LEU EB 46 19.25 72.18 29.80
CA LEU EB 46 18.13 72.38 28.92
C LEU EB 46 17.85 71.17 28.07
N TYR EB 47 18.90 70.57 27.46
CA TYR EB 47 18.76 69.35 26.70
C TYR EB 47 18.30 68.18 27.55
N ARG EB 48 18.95 67.97 28.72
CA ARG EB 48 18.58 66.93 29.66
C ARG EB 48 17.13 67.01 30.14
N ASN EB 49 16.69 68.21 30.54
CA ASN EB 49 15.30 68.47 30.85
C ASN EB 49 14.35 68.25 29.67
N LYS EB 50 14.72 68.67 28.45
CA LYS EB 50 13.97 68.42 27.24
C LYS EB 50 13.75 66.94 26.98
N LEU EB 51 14.83 66.15 27.11
CA LEU EB 51 14.79 64.70 27.16
C LEU EB 51 13.81 64.15 28.21
N LYS EB 52 13.88 64.59 29.47
CA LYS EB 52 12.93 64.18 30.50
C LYS EB 52 11.47 64.48 30.16
N TYR EB 53 11.17 65.69 29.70
CA TYR EB 53 9.85 66.05 29.23
C TYR EB 53 9.43 65.22 28.03
N GLN EB 54 10.33 64.93 27.07
CA GLN EB 54 10.11 63.98 26.00
C GLN EB 54 9.67 62.60 26.47
N GLU EB 55 10.33 62.04 27.49
CA GLU EB 55 9.93 60.80 28.13
C GLU EB 55 8.54 60.89 28.77
N PHE EB 56 8.24 62.02 29.42
CA PHE EB 56 6.95 62.31 30.01
C PHE EB 56 5.84 62.35 28.96
N LEU EB 57 6.06 63.05 27.83
CA LEU EB 57 5.19 63.03 26.67
C LEU EB 57 4.98 61.64 26.08
N ARG EB 58 6.07 60.87 25.88
CA ARG EB 58 6.01 59.49 25.44
C ARG EB 58 5.09 58.60 26.29
N LEU EB 59 5.13 58.74 27.63
CA LEU EB 59 4.19 58.06 28.52
C LEU EB 59 2.74 58.48 28.26
N ARG EB 60 1.88 57.55 27.80
CA ARG EB 60 0.50 57.83 27.47
C ARG EB 60 -0.37 56.61 27.76
N THR EB 61 -1.28 56.22 26.86
CA THR EB 61 -1.95 54.93 26.98
C THR EB 61 -2.26 54.38 25.62
N ASN EB 62 -2.08 53.07 25.44
CA ASN EB 62 -2.49 52.37 24.25
C ASN EB 62 -4.01 52.34 24.06
N THR EB 63 -4.75 52.17 25.17
CA THR EB 63 -6.18 51.89 25.16
C THR EB 63 -7.00 53.02 24.57
N ASN EB 64 -6.76 54.25 25.05
CA ASN EB 64 -7.71 55.34 24.95
C ASN EB 64 -7.13 56.54 25.71
N PRO EB 65 -6.53 57.54 25.07
CA PRO EB 65 -5.95 58.68 25.77
C PRO EB 65 -6.96 59.54 26.49
N LYS EB 66 -8.27 59.43 26.18
CA LYS EB 66 -9.36 59.94 27.02
C LYS EB 66 -9.33 59.44 28.47
N LYS EB 67 -8.71 58.27 28.72
CA LYS EB 67 -8.44 57.78 30.05
C LYS EB 67 -6.94 57.81 30.32
N GLY EB 68 -6.16 58.54 29.50
CA GLY EB 68 -4.73 58.71 29.67
C GLY EB 68 -4.33 59.74 30.72
N PRO EB 69 -3.04 59.90 30.95
CA PRO EB 69 -2.49 60.92 31.82
C PRO EB 69 -2.58 62.33 31.24
N LEU EB 70 -2.36 63.35 32.09
CA LEU EB 70 -2.35 64.75 31.68
C LEU EB 70 -0.93 65.27 31.50
N HIS EB 71 -0.62 65.78 30.30
CA HIS EB 71 0.64 66.39 29.97
C HIS EB 71 0.50 67.90 30.03
N LEU EB 72 0.27 68.41 31.24
CA LEU EB 72 0.11 69.83 31.49
C LEU EB 72 1.34 70.64 31.06
N ARG EB 73 1.11 71.76 30.35
CA ARG EB 73 2.16 72.53 29.73
C ARG EB 73 2.49 73.80 30.49
N GLU EB 74 1.60 74.30 31.37
CA GLU EB 74 1.89 75.49 32.15
C GLU EB 74 3.02 75.30 33.15
N PRO EB 75 4.00 76.19 33.33
CA PRO EB 75 5.07 76.03 34.31
C PRO EB 75 4.53 75.96 35.73
N SER EB 76 3.45 76.72 36.00
CA SER EB 76 2.69 76.70 37.23
C SER EB 76 2.06 75.34 37.49
N LYS EB 77 1.43 74.75 36.46
CA LYS EB 77 0.91 73.40 36.50
C LYS EB 77 1.98 72.36 36.67
N ILE EB 78 3.19 72.55 36.10
CA ILE EB 78 4.33 71.69 36.36
C ILE EB 78 4.70 71.69 37.85
N LEU EB 79 4.84 72.86 38.49
CA LEU EB 79 4.99 72.94 39.93
C LEU EB 79 3.87 72.26 40.69
N TRP EB 80 2.60 72.54 40.33
CA TRP EB 80 1.42 71.93 40.90
C TRP EB 80 1.46 70.40 40.86
N ARG EB 81 1.80 69.84 39.70
CA ARG EB 81 1.99 68.42 39.48
C ARG EB 81 3.05 67.84 40.39
N CYS EB 82 4.22 68.48 40.48
CA CYS EB 82 5.26 68.10 41.42
C CYS EB 82 4.79 68.12 42.87
N VAL EB 83 4.10 69.19 43.31
CA VAL EB 83 3.52 69.24 44.65
C VAL EB 83 2.49 68.13 44.86
N ARG EB 84 1.65 67.84 43.85
CA ARG EB 84 0.69 66.75 43.85
C ARG EB 84 1.35 65.39 44.08
N GLY EB 85 2.46 65.13 43.38
CA GLY EB 85 3.41 64.04 43.63
C GLY EB 85 3.91 63.91 45.05
N MET EB 86 4.05 65.05 45.74
CA MET EB 86 4.50 65.14 47.10
C MET EB 86 3.34 65.23 48.09
N LEU EB 87 2.12 64.84 47.66
CA LEU EB 87 0.95 64.77 48.49
C LEU EB 87 0.27 63.42 48.29
N PRO EB 88 -0.60 62.99 49.19
CA PRO EB 88 -1.28 61.71 49.04
C PRO EB 88 -2.64 62.03 48.47
N HIS EB 89 -2.68 62.48 47.21
CA HIS EB 89 -3.78 63.18 46.60
C HIS EB 89 -5.01 62.35 46.31
N LYS EB 90 -4.92 61.02 46.46
CA LYS EB 90 -6.05 60.13 46.27
C LYS EB 90 -6.81 59.93 47.58
N THR EB 91 -6.32 60.56 48.66
CA THR EB 91 -7.01 60.67 49.95
C THR EB 91 -7.86 61.94 50.02
N TYR EB 92 -8.53 62.18 51.16
CA TYR EB 92 -9.37 63.34 51.41
C TYR EB 92 -8.47 64.41 52.03
N LYS EB 93 -7.64 64.02 53.01
CA LYS EB 93 -6.62 64.83 53.62
C LYS EB 93 -5.67 65.45 52.59
N GLY EB 94 -5.15 64.63 51.65
CA GLY EB 94 -4.38 65.07 50.49
C GLY EB 94 -5.13 65.99 49.57
N GLN EB 95 -6.40 65.68 49.27
CA GLN EB 95 -7.24 66.51 48.41
C GLN EB 95 -7.47 67.88 49.01
N LEU EB 96 -7.73 67.95 50.32
CA LEU EB 96 -7.85 69.21 51.03
C LEU EB 96 -6.57 70.04 50.97
N ALA EB 97 -5.40 69.41 51.17
CA ALA EB 97 -4.11 70.04 50.97
C ALA EB 97 -3.91 70.54 49.54
N LEU EB 98 -4.26 69.70 48.56
CA LEU EB 98 -4.23 70.03 47.15
C LEU EB 98 -5.08 71.24 46.79
N LYS EB 99 -6.29 71.33 47.37
CA LYS EB 99 -7.19 72.46 47.18
C LYS EB 99 -6.62 73.75 47.76
N LYS EB 100 -6.02 73.71 48.96
CA LYS EB 100 -5.31 74.83 49.55
C LYS EB 100 -4.22 75.51 48.70
N LEU EB 101 -3.43 74.75 47.92
CA LEU EB 101 -2.48 75.31 46.96
C LEU EB 101 -3.13 76.08 45.81
N LYS EB 102 -2.66 77.32 45.55
CA LYS EB 102 -3.01 78.06 44.36
C LYS EB 102 -1.73 78.39 43.62
N VAL EB 103 -1.70 78.22 42.29
CA VAL EB 103 -0.52 78.45 41.47
C VAL EB 103 -0.78 79.52 40.42
N CYS EB 104 0.19 80.44 40.20
CA CYS EB 104 0.10 81.44 39.14
C CYS EB 104 1.45 81.73 38.52
N VAL EB 105 1.48 81.83 37.18
CA VAL EB 105 2.63 82.31 36.45
C VAL EB 105 2.61 83.84 36.48
N GLY EB 106 3.79 84.50 36.50
CA GLY EB 106 3.87 85.94 36.76
C GLY EB 106 3.25 86.40 38.07
N MET EB 107 3.12 87.72 38.24
CA MET EB 107 2.51 88.37 39.38
C MET EB 107 1.05 88.74 39.10
N PRO EB 108 0.02 87.97 39.46
CA PRO EB 108 -1.35 88.47 39.53
C PRO EB 108 -1.51 89.65 40.46
N ALA EB 109 -2.01 90.78 39.95
CA ALA EB 109 -2.03 92.05 40.64
C ALA EB 109 -2.77 92.11 41.97
N PRO EB 110 -3.92 91.48 42.23
CA PRO EB 110 -4.50 91.40 43.57
C PRO EB 110 -3.59 90.76 44.60
N TYR EB 111 -2.64 89.91 44.18
CA TYR EB 111 -1.75 89.27 45.12
C TYR EB 111 -0.35 89.85 45.02
N ASP EB 112 -0.09 90.75 44.06
CA ASP EB 112 1.04 91.65 44.07
C ASP EB 112 0.88 92.80 45.07
N LYS EB 113 -0.36 93.24 45.35
CA LYS EB 113 -0.62 94.20 46.41
C LYS EB 113 -0.20 93.63 47.76
N LYS EB 114 -0.50 92.34 47.98
CA LYS EB 114 0.03 91.56 49.07
C LYS EB 114 1.55 91.41 49.07
N LYS EB 115 2.11 91.26 50.28
CA LYS EB 115 3.50 90.91 50.52
C LYS EB 115 3.89 89.56 49.93
N LYS EB 116 5.13 89.45 49.38
CA LYS EB 116 5.65 88.20 48.87
C LYS EB 116 6.76 87.71 49.79
N TYR EB 117 6.74 86.41 50.11
CA TYR EB 117 7.76 85.73 50.84
C TYR EB 117 8.59 84.86 49.89
N VAL EB 118 9.75 84.39 50.37
CA VAL EB 118 10.62 83.47 49.67
C VAL EB 118 10.99 82.35 50.63
N LEU EB 119 11.53 81.24 50.10
CA LEU EB 119 11.96 80.12 50.90
C LEU EB 119 13.48 80.03 50.84
N PRO EB 120 14.24 80.35 51.90
CA PRO EB 120 15.61 80.83 51.73
C PRO EB 120 16.57 79.70 51.43
N SER EB 121 16.25 78.46 51.84
CA SER EB 121 17.09 77.31 51.57
C SER EB 121 16.92 76.78 50.16
N ALA EB 122 15.85 77.20 49.45
CA ALA EB 122 15.45 76.62 48.20
C ALA EB 122 15.95 77.38 46.99
N LEU EB 123 16.67 78.50 47.15
CA LEU EB 123 17.23 79.22 46.03
C LEU EB 123 18.30 78.47 45.24
N ARG EB 124 18.38 78.71 43.92
CA ARG EB 124 19.39 78.16 43.03
C ARG EB 124 20.81 78.42 43.49
N ALA EB 125 21.09 79.65 43.94
CA ALA EB 125 22.32 80.03 44.58
C ALA EB 125 22.65 79.20 45.82
N PHE EB 126 21.62 78.91 46.63
CA PHE EB 126 21.77 78.33 47.94
C PHE EB 126 22.24 76.88 47.92
N ARG EB 127 21.66 76.01 47.06
CA ARG EB 127 22.00 74.59 47.08
C ARG EB 127 22.68 74.06 45.83
N LEU EB 128 23.04 74.91 44.85
CA LEU EB 128 23.76 74.49 43.66
C LEU EB 128 25.07 75.24 43.53
N LYS EB 129 26.15 74.53 43.13
CA LYS EB 129 27.40 75.15 42.74
C LYS EB 129 27.31 76.03 41.48
N LYS EB 130 28.16 77.08 41.42
CA LYS EB 130 28.18 78.05 40.34
C LYS EB 130 28.53 77.46 38.99
N HIS EB 131 29.48 76.51 38.95
CA HIS EB 131 30.07 76.04 37.72
C HIS EB 131 29.34 74.84 37.12
N ARG EB 132 28.13 74.54 37.63
CA ARG EB 132 27.36 73.38 37.20
C ARG EB 132 26.07 73.84 36.54
N ARG EB 133 25.77 73.28 35.35
CA ARG EB 133 24.65 73.67 34.52
C ARG EB 133 23.26 73.49 35.15
N TYR EB 134 22.31 74.35 34.75
CA TYR EB 134 20.95 74.39 35.24
C TYR EB 134 20.04 74.89 34.13
N CYS EB 135 18.72 74.98 34.38
CA CYS EB 135 17.79 75.50 33.40
C CYS EB 135 16.51 76.00 34.06
N ARG EB 136 16.09 77.20 33.65
CA ARG EB 136 14.86 77.85 34.04
C ARG EB 136 13.62 77.16 33.48
N LEU EB 137 12.62 76.90 34.35
CA LEU EB 137 11.45 76.09 34.06
C LEU EB 137 10.59 76.68 32.96
N GLY EB 138 10.43 78.02 32.93
CA GLY EB 138 9.77 78.73 31.84
C GLY EB 138 10.47 78.59 30.51
N THR EB 139 11.82 78.63 30.51
CA THR EB 139 12.62 78.38 29.30
C THR EB 139 12.36 76.98 28.74
N LEU EB 140 12.37 75.97 29.62
CA LEU EB 140 12.04 74.61 29.25
C LEU EB 140 10.62 74.46 28.70
N SER EB 141 9.62 75.09 29.35
CA SER EB 141 8.23 75.07 28.93
C SER EB 141 8.02 75.68 27.56
N SER EB 142 8.70 76.80 27.31
CA SER EB 142 8.79 77.46 26.01
C SER EB 142 9.39 76.54 24.96
N ARG EB 143 10.50 75.86 25.29
CA ARG EB 143 11.08 74.83 24.44
C ARG EB 143 10.09 73.72 24.07
N VAL EB 144 9.28 73.24 25.02
CA VAL EB 144 8.23 72.26 24.73
C VAL EB 144 6.87 72.90 24.49
N GLY EB 145 6.86 74.17 24.01
CA GLY EB 145 5.73 74.75 23.32
C GLY EB 145 4.61 75.37 24.12
N TRP EB 146 4.80 75.70 25.41
CA TRP EB 146 3.77 76.37 26.19
C TRP EB 146 3.36 77.73 25.62
N ASN EB 147 4.35 78.58 25.29
CA ASN EB 147 4.24 79.72 24.41
C ASN EB 147 3.16 80.73 24.78
N TYR EB 148 3.01 81.00 26.08
CA TYR EB 148 2.15 82.04 26.61
C TYR EB 148 3.06 83.05 27.30
N ASP EB 149 4.26 83.25 26.74
CA ASP EB 149 5.38 83.76 27.48
C ASP EB 149 5.48 85.26 27.34
N THR EB 150 5.44 85.79 26.11
CA THR EB 150 5.62 87.20 25.78
C THR EB 150 4.63 88.12 26.48
N LEU EB 151 3.39 87.65 26.65
CA LEU EB 151 2.36 88.40 27.34
C LEU EB 151 2.71 88.66 28.79
N VAL EB 152 3.16 87.59 29.48
CA VAL EB 152 3.69 87.65 30.83
C VAL EB 152 4.89 88.56 30.91
N LYS EB 153 5.81 88.50 29.93
CA LYS EB 153 7.01 89.32 29.92
C LYS EB 153 6.66 90.79 29.91
N LYS EB 154 5.74 91.20 29.02
CA LYS EB 154 5.20 92.55 28.99
C LYS EB 154 4.50 92.94 30.29
N ASN EB 155 3.62 92.07 30.83
CA ASN EB 155 2.89 92.33 32.05
C ASN EB 155 3.78 92.54 33.27
N GLU EB 156 4.76 91.64 33.49
CA GLU EB 156 5.75 91.75 34.54
C GLU EB 156 6.56 93.04 34.52
N VAL EB 157 7.02 93.48 33.35
CA VAL EB 157 7.72 94.75 33.15
C VAL EB 157 6.87 95.94 33.55
N LEU EB 158 5.60 95.99 33.11
CA LEU EB 158 4.67 97.06 33.43
C LEU EB 158 4.39 97.14 34.92
N ARG EB 159 4.20 95.98 35.56
CA ARG EB 159 4.01 95.85 36.98
C ARG EB 159 5.23 96.30 37.76
N LYS EB 160 6.43 95.89 37.34
CA LYS EB 160 7.70 96.27 37.92
C LYS EB 160 8.00 97.77 37.90
N GLN EB 161 7.75 98.45 36.77
CA GLN EB 161 7.86 99.90 36.63
C GLN EB 161 6.96 100.66 37.59
N VAL EB 162 5.69 100.25 37.70
CA VAL EB 162 4.75 100.77 38.67
C VAL EB 162 5.24 100.52 40.09
N SER EB 163 5.74 99.31 40.37
CA SER EB 163 6.43 98.99 41.60
C SER EB 163 7.61 99.90 41.93
N LYS EB 164 8.46 100.27 40.94
CA LYS EB 164 9.45 101.31 41.11
C LYS EB 164 8.88 102.68 41.51
N ALA EB 165 7.79 103.13 40.87
CA ALA EB 165 7.08 104.32 41.26
C ALA EB 165 6.52 104.26 42.69
N TYR EB 166 5.96 103.09 43.06
CA TYR EB 166 5.51 102.72 44.39
C TYR EB 166 6.66 102.75 45.41
N TYR EB 167 7.82 102.16 45.09
CA TYR EB 167 8.99 102.07 45.95
C TYR EB 167 9.55 103.46 46.25
N LYS EB 168 9.65 104.34 45.24
CA LYS EB 168 10.11 105.69 45.44
C LYS EB 168 9.17 106.51 46.32
N LYS EB 169 7.85 106.38 46.11
CA LYS EB 169 6.83 106.95 46.98
C LYS EB 169 6.92 106.44 48.42
N LYS EB 170 7.09 105.12 48.61
CA LYS EB 170 7.31 104.50 49.90
C LYS EB 170 8.54 105.04 50.61
N VAL EB 171 9.66 105.17 49.87
CA VAL EB 171 10.90 105.76 50.35
C VAL EB 171 10.70 107.20 50.78
N ASN EB 172 10.00 108.01 49.96
CA ASN EB 172 9.61 109.37 50.28
C ASN EB 172 8.82 109.44 51.59
N ASN EB 173 7.77 108.63 51.72
CA ASN EB 173 6.97 108.52 52.92
C ASN EB 173 7.76 108.11 54.15
N LEU EB 174 8.63 107.09 54.04
CA LEU EB 174 9.46 106.59 55.13
C LEU EB 174 10.46 107.63 55.61
N ASN EB 175 11.14 108.33 54.68
CA ASN EB 175 12.04 109.42 54.95
C ASN EB 175 11.35 110.56 55.69
N GLU EB 176 10.17 110.98 55.24
CA GLU EB 176 9.38 111.97 55.93
C GLU EB 176 8.98 111.52 57.35
N LYS EB 177 8.53 110.26 57.52
CA LYS EB 177 8.24 109.70 58.83
C LYS EB 177 9.45 109.68 59.76
N LYS EB 178 10.65 109.35 59.24
CA LYS EB 178 11.91 109.47 59.94
C LYS EB 178 12.22 110.91 60.35
N GLU EB 179 12.06 111.86 59.43
CA GLU EB 179 12.24 113.27 59.71
C GLU EB 179 11.32 113.80 60.81
N ILE EB 180 10.00 113.55 60.74
CA ILE EB 180 9.10 113.94 61.82
C ILE EB 180 9.40 113.26 63.14
N LYS EB 181 9.69 111.95 63.14
CA LYS EB 181 10.11 111.20 64.30
C LYS EB 181 11.33 111.77 65.01
N THR EB 182 12.38 112.09 64.25
CA THR EB 182 13.61 112.68 64.77
C THR EB 182 13.40 114.06 65.36
N GLU EB 183 12.62 114.94 64.70
CA GLU EB 183 12.18 116.21 65.24
C GLU EB 183 11.39 116.05 66.54
N ALA EB 184 10.42 115.12 66.58
CA ALA EB 184 9.52 115.02 67.71
C ALA EB 184 10.07 114.09 68.78
N LEU EB 185 11.32 113.64 68.62
CA LEU EB 185 12.05 112.90 69.63
C LEU EB 185 12.54 113.86 70.70
N ASN EB 186 12.85 115.10 70.30
CA ASN EB 186 13.23 116.18 71.19
C ASN EB 186 12.14 116.56 72.17
N LEU EB 187 10.88 116.48 71.72
CA LEU EB 187 9.73 116.90 72.48
C LEU EB 187 9.31 115.92 73.56
N ILE EB 188 9.75 114.65 73.47
CA ILE EB 188 9.53 113.64 74.50
C ILE EB 188 10.19 114.03 75.83
N ASN EB 189 9.56 113.69 76.98
CA ASN EB 189 10.18 113.84 78.29
C ASN EB 189 11.52 113.09 78.39
N PRO EB 190 12.58 113.66 78.98
CA PRO EB 190 13.96 113.19 78.89
C PRO EB 190 14.18 111.73 79.24
N GLU EB 191 13.75 111.28 80.42
CA GLU EB 191 13.85 109.90 80.87
C GLU EB 191 13.21 108.91 79.91
N GLN EB 192 11.96 109.17 79.48
CA GLN EB 192 11.26 108.33 78.53
C GLN EB 192 11.99 108.30 77.20
N ARG EB 193 12.46 109.46 76.74
CA ARG EB 193 13.24 109.58 75.53
C ARG EB 193 14.54 108.79 75.59
N GLN EB 194 15.26 108.87 76.72
CA GLN EB 194 16.45 108.06 77.00
C GLN EB 194 16.18 106.58 76.96
N VAL EB 195 15.06 106.11 77.55
CA VAL EB 195 14.66 104.72 77.51
C VAL EB 195 14.40 104.24 76.09
N LEU EB 196 13.67 105.04 75.29
CA LEU EB 196 13.33 104.69 73.92
C LEU EB 196 14.57 104.60 73.02
N GLU EB 197 15.50 105.56 73.19
CA GLU EB 197 16.82 105.52 72.61
C GLU EB 197 17.63 104.29 73.00
N ASN EB 198 17.62 103.92 74.30
CA ASN EB 198 18.31 102.77 74.84
C ASN EB 198 17.90 101.46 74.17
N PHE EB 199 16.59 101.28 73.96
CA PHE EB 199 16.02 100.11 73.33
C PHE EB 199 15.87 100.25 71.83
N GLY EB 200 16.57 101.24 71.23
CA GLY EB 200 16.97 101.16 69.83
C GLY EB 200 16.33 102.12 68.88
N TYR EB 201 15.65 103.17 69.37
CA TYR EB 201 15.12 104.19 68.49
C TYR EB 201 16.17 105.31 68.20
N THR FB 1 11.25 62.77 -26.04
CA THR FB 1 9.76 62.47 -25.98
C THR FB 1 9.15 62.62 -24.59
N LEU FB 2 8.18 63.54 -24.40
CA LEU FB 2 7.39 63.67 -23.18
C LEU FB 2 6.56 62.42 -22.92
N LYS FB 3 6.54 61.93 -21.68
CA LYS FB 3 5.89 60.67 -21.34
C LYS FB 3 4.79 60.92 -20.31
N ASN FB 4 4.55 62.21 -20.04
CA ASN FB 4 3.51 62.76 -19.20
C ASN FB 4 2.10 62.41 -19.68
N LYS FB 5 1.15 62.21 -18.75
CA LYS FB 5 -0.14 61.69 -19.12
C LYS FB 5 -1.18 62.02 -18.06
N MET FB 6 -2.11 62.95 -18.39
CA MET FB 6 -3.24 63.28 -17.55
C MET FB 6 -4.16 62.07 -17.32
N ARG FB 7 -4.72 61.94 -16.10
CA ARG FB 7 -5.43 60.75 -15.65
C ARG FB 7 -6.56 60.26 -16.54
N ILE FB 8 -6.56 58.94 -16.83
CA ILE FB 8 -7.62 58.27 -17.55
C ILE FB 8 -8.16 57.24 -16.57
N THR FB 9 -9.49 57.20 -16.35
CA THR FB 9 -10.23 56.19 -15.60
C THR FB 9 -9.69 54.77 -15.70
N LEU FB 10 -9.42 54.11 -14.55
CA LEU FB 10 -8.87 52.76 -14.52
C LEU FB 10 -9.79 51.74 -15.17
N SER FB 11 -9.19 50.74 -15.82
CA SER FB 11 -9.92 49.83 -16.66
C SER FB 11 -9.10 48.57 -16.75
N LEU FB 12 -9.48 47.64 -17.65
CA LEU FB 12 -8.84 46.38 -17.96
C LEU FB 12 -8.00 45.72 -16.86
N PRO FB 13 -8.61 45.10 -15.87
CA PRO FB 13 -7.98 44.08 -15.05
C PRO FB 13 -7.18 43.03 -15.79
N VAL FB 14 -6.09 42.53 -15.19
CA VAL FB 14 -5.41 41.36 -15.69
C VAL FB 14 -6.30 40.13 -15.80
N GLY FB 15 -6.10 39.37 -16.89
CA GLY FB 15 -7.02 38.34 -17.34
C GLY FB 15 -7.96 38.82 -18.43
N ALA FB 16 -8.05 40.13 -18.69
CA ALA FB 16 -8.72 40.65 -19.87
C ALA FB 16 -8.14 40.19 -21.21
N LEU FB 17 -9.01 39.90 -22.19
CA LEU FB 17 -8.62 39.45 -23.51
C LEU FB 17 -9.00 40.50 -24.55
N ILE FB 18 -8.00 41.14 -25.18
CA ILE FB 18 -8.19 42.32 -26.01
C ILE FB 18 -7.62 42.06 -27.39
N ASN FB 19 -8.15 42.70 -28.43
CA ASN FB 19 -7.67 42.55 -29.80
C ASN FB 19 -6.23 43.04 -30.03
N CYS FB 20 -5.44 42.30 -30.85
CA CYS FB 20 -4.04 42.64 -31.12
C CYS FB 20 -3.82 43.70 -32.21
N CYS FB 21 -4.83 43.92 -33.09
CA CYS FB 21 -4.98 45.11 -33.94
C CYS FB 21 -3.89 45.36 -35.00
N ASP FB 22 -3.18 44.32 -35.47
CA ASP FB 22 -2.05 44.51 -36.36
C ASP FB 22 -1.84 43.26 -37.21
N ASN FB 23 -0.89 43.36 -38.15
CA ASN FB 23 -0.50 42.37 -39.14
C ASN FB 23 0.69 41.57 -38.62
N SER FB 24 0.88 41.61 -37.30
CA SER FB 24 1.77 40.77 -36.52
C SER FB 24 1.44 39.30 -36.66
N GLY FB 25 0.14 39.00 -36.82
CA GLY FB 25 -0.40 37.65 -36.92
C GLY FB 25 -1.00 37.22 -35.63
N GLY FB 26 -0.88 38.05 -34.57
CA GLY FB 26 -1.68 37.94 -33.35
C GLY FB 26 -3.11 38.32 -33.61
N LYS FB 27 -4.07 37.57 -33.04
CA LYS FB 27 -5.47 37.92 -33.18
C LYS FB 27 -5.98 38.52 -31.88
N ASN FB 28 -5.48 38.01 -30.74
CA ASN FB 28 -5.85 38.48 -29.42
C ASN FB 28 -4.64 38.62 -28.53
N LEU FB 29 -4.80 39.31 -27.40
CA LEU FB 29 -3.79 39.50 -26.39
C LEU FB 29 -4.47 39.35 -25.05
N TYR FB 30 -3.90 38.48 -24.21
CA TYR FB 30 -4.37 38.20 -22.89
C TYR FB 30 -3.41 38.88 -21.93
N ILE FB 31 -3.84 39.93 -21.24
CA ILE FB 31 -2.98 40.71 -20.37
C ILE FB 31 -2.79 40.03 -19.03
N ILE FB 32 -1.53 39.75 -18.67
CA ILE FB 32 -1.21 38.99 -17.49
C ILE FB 32 -0.60 39.86 -16.43
N ALA FB 33 -0.13 41.06 -16.80
CA ALA FB 33 0.48 41.96 -15.85
C ALA FB 33 0.50 43.36 -16.41
N VAL FB 34 0.60 44.36 -15.52
CA VAL FB 34 0.72 45.75 -15.88
C VAL FB 34 2.10 46.23 -15.47
N GLN FB 35 2.78 47.02 -16.33
CA GLN FB 35 4.07 47.59 -16.01
C GLN FB 35 3.88 48.95 -15.36
N GLY FB 36 4.50 49.16 -14.20
CA GLY FB 36 4.44 50.40 -13.45
C GLY FB 36 3.37 50.43 -12.40
N PHE FB 37 2.60 49.34 -12.25
CA PHE FB 37 1.45 49.30 -11.37
C PHE FB 37 1.79 49.47 -9.87
N GLY FB 38 0.97 50.25 -9.14
CA GLY FB 38 1.14 50.51 -7.71
C GLY FB 38 1.03 49.31 -6.80
N SER FB 39 1.52 49.45 -5.55
CA SER FB 39 1.41 48.41 -4.54
C SER FB 39 0.11 48.54 -3.78
N CYS FB 40 -0.62 47.43 -3.53
CA CYS FB 40 -1.90 47.44 -2.85
C CYS FB 40 -2.45 46.02 -2.73
N LEU FB 41 -2.96 45.66 -1.54
CA LEU FB 41 -3.61 44.39 -1.30
C LEU FB 41 -4.86 44.20 -2.14
N ASN FB 42 -5.75 45.20 -2.15
CA ASN FB 42 -7.04 45.11 -2.80
C ASN FB 42 -6.98 45.07 -4.33
N ARG FB 43 -6.25 46.00 -4.98
CA ARG FB 43 -6.27 46.16 -6.41
C ARG FB 43 -5.83 44.95 -7.23
N LEU FB 44 -6.62 44.53 -8.23
CA LEU FB 44 -6.05 43.88 -9.39
C LEU FB 44 -5.19 44.88 -10.18
N PRO FB 45 -4.09 44.50 -10.81
CA PRO FB 45 -3.45 45.30 -11.84
C PRO FB 45 -4.42 45.70 -12.94
N ALA FB 46 -4.50 47.01 -13.20
CA ALA FB 46 -5.54 47.62 -13.98
C ALA FB 46 -4.91 48.63 -14.93
N ALA FB 47 -5.42 48.73 -16.16
CA ALA FB 47 -4.78 49.48 -17.21
C ALA FB 47 -5.78 50.34 -17.98
N SER FB 48 -5.37 51.58 -18.24
CA SER FB 48 -6.00 52.51 -19.15
C SER FB 48 -5.38 52.37 -20.54
N LEU FB 49 -5.82 53.20 -21.49
CA LEU FB 49 -5.23 53.30 -22.82
C LEU FB 49 -3.71 53.49 -22.80
N GLY FB 50 -3.22 54.50 -22.05
CA GLY FB 50 -1.81 54.86 -22.11
C GLY FB 50 -0.87 53.95 -21.38
N ASP FB 51 -1.40 53.03 -20.56
CA ASP FB 51 -0.60 52.07 -19.81
C ASP FB 51 0.10 51.02 -20.67
N MET FB 52 1.33 50.66 -20.26
CA MET FB 52 2.06 49.54 -20.80
C MET FB 52 1.74 48.27 -20.04
N VAL FB 53 1.06 47.32 -20.70
CA VAL FB 53 0.78 46.02 -20.12
C VAL FB 53 1.78 45.01 -20.59
N LEU FB 54 1.71 43.81 -19.99
CA LEU FB 54 2.37 42.62 -20.44
C LEU FB 54 1.30 41.61 -20.76
N ALA FB 55 1.37 41.02 -21.97
CA ALA FB 55 0.40 40.07 -22.43
C ALA FB 55 1.04 38.80 -23.01
N THR FB 56 0.19 37.79 -23.22
CA THR FB 56 0.47 36.57 -23.96
C THR FB 56 -0.53 36.40 -25.07
N VAL FB 57 -0.19 35.63 -26.12
CA VAL FB 57 -1.04 35.45 -27.28
C VAL FB 57 -1.81 34.13 -27.20
N LYS FB 58 -3.14 34.22 -27.00
CA LYS FB 58 -4.03 33.06 -26.93
C LYS FB 58 -4.51 32.57 -28.29
N LYS FB 59 -4.81 33.49 -29.24
CA LYS FB 59 -5.05 33.13 -30.62
C LYS FB 59 -4.12 33.97 -31.48
N GLY FB 60 -3.42 33.36 -32.45
CA GLY FB 60 -2.28 34.01 -33.08
C GLY FB 60 -1.20 33.03 -33.47
N LYS FB 61 -0.04 33.52 -33.95
CA LYS FB 61 1.12 32.73 -34.37
C LYS FB 61 1.68 31.77 -33.30
N PRO FB 62 2.26 30.60 -33.64
CA PRO FB 62 2.61 29.59 -32.63
C PRO FB 62 3.76 29.98 -31.73
N ASP FB 63 4.76 30.71 -32.24
CA ASP FB 63 5.89 31.20 -31.45
C ASP FB 63 5.43 32.19 -30.39
N LEU FB 64 4.47 33.08 -30.75
CA LEU FB 64 3.89 34.07 -29.88
C LEU FB 64 3.12 33.48 -28.69
N ARG FB 65 2.51 32.28 -28.84
CA ARG FB 65 1.93 31.55 -27.74
C ARG FB 65 2.93 31.27 -26.61
N LYS FB 66 2.48 31.28 -25.33
CA LYS FB 66 3.29 31.09 -24.12
C LYS FB 66 4.06 32.34 -23.71
N LYS FB 67 4.87 32.86 -24.64
CA LYS FB 67 5.83 33.93 -24.45
C LYS FB 67 5.22 35.28 -24.09
N VAL FB 68 5.90 36.05 -23.23
CA VAL FB 68 5.43 37.31 -22.69
C VAL FB 68 5.95 38.49 -23.50
N LEU FB 69 5.09 39.47 -23.79
CA LEU FB 69 5.40 40.62 -24.62
C LEU FB 69 4.64 41.84 -24.11
N ASN FB 70 5.24 43.03 -24.26
CA ASN FB 70 4.65 44.29 -23.86
C ASN FB 70 3.57 44.74 -24.84
N ALA FB 71 2.55 45.48 -24.38
CA ALA FB 71 1.63 46.13 -25.29
C ALA FB 71 1.14 47.47 -24.75
N ILE FB 72 0.56 48.31 -25.62
CA ILE FB 72 -0.07 49.57 -25.29
C ILE FB 72 -1.52 49.51 -25.74
N ILE FB 73 -2.48 49.93 -24.92
CA ILE FB 73 -3.90 49.87 -25.21
C ILE FB 73 -4.35 51.04 -26.11
N CYS FB 74 -5.14 50.74 -27.15
CA CYS FB 74 -5.51 51.70 -28.19
C CYS FB 74 -7.01 51.94 -28.23
N ARG FB 75 -7.81 50.89 -28.00
CA ARG FB 75 -9.27 50.92 -27.96
C ARG FB 75 -9.74 50.36 -26.63
N GLN FB 76 -10.76 50.97 -26.00
CA GLN FB 76 -11.19 50.64 -24.65
C GLN FB 76 -12.71 50.71 -24.47
N SER FB 77 -13.34 49.65 -23.96
CA SER FB 77 -14.78 49.60 -23.67
C SER FB 77 -15.26 50.59 -22.62
N LYS FB 78 -14.56 50.71 -21.46
CA LYS FB 78 -14.94 51.64 -20.41
C LYS FB 78 -14.80 53.12 -20.80
N ALA FB 79 -15.83 53.95 -20.51
CA ALA FB 79 -15.76 55.38 -20.73
C ALA FB 79 -14.77 56.14 -19.86
N TRP FB 80 -14.18 57.22 -20.41
CA TRP FB 80 -13.46 58.20 -19.61
C TRP FB 80 -13.94 59.60 -19.92
N ARG FB 81 -13.70 60.57 -19.00
CA ARG FB 81 -14.00 61.97 -19.25
C ARG FB 81 -12.84 62.64 -19.96
N ARG FB 82 -13.00 63.08 -21.22
CA ARG FB 82 -12.01 63.96 -21.78
C ARG FB 82 -12.30 65.40 -21.34
N HIS FB 83 -11.24 66.22 -21.14
CA HIS FB 83 -11.33 67.53 -20.49
C HIS FB 83 -12.00 68.56 -21.35
N GLU FB 84 -12.20 68.21 -22.63
CA GLU FB 84 -12.93 68.91 -23.65
C GLU FB 84 -14.43 68.95 -23.36
N GLY FB 85 -14.89 68.10 -22.41
CA GLY FB 85 -16.24 68.16 -21.86
C GLY FB 85 -17.16 67.12 -22.41
N TYR FB 86 -16.64 65.91 -22.65
CA TYR FB 86 -17.46 64.78 -23.04
C TYR FB 86 -16.85 63.47 -22.60
N TYR FB 87 -17.69 62.45 -22.37
CA TYR FB 87 -17.22 61.11 -22.04
C TYR FB 87 -17.08 60.27 -23.30
N ILE FB 88 -15.85 59.83 -23.60
CA ILE FB 88 -15.54 59.02 -24.75
C ILE FB 88 -15.50 57.54 -24.39
N TYR FB 89 -15.98 56.63 -25.27
CA TYR FB 89 -15.79 55.21 -25.15
C TYR FB 89 -15.77 54.50 -26.51
N PHE FB 90 -15.07 53.35 -26.59
CA PHE FB 90 -14.97 52.56 -27.80
C PHE FB 90 -15.93 51.40 -27.79
N GLU FB 91 -16.22 50.88 -29.00
CA GLU FB 91 -16.93 49.63 -29.17
C GLU FB 91 -16.20 48.40 -28.62
N ASP FB 92 -14.87 48.29 -28.82
CA ASP FB 92 -14.11 47.10 -28.49
C ASP FB 92 -12.88 47.45 -27.63
N ASN FB 93 -12.19 46.41 -27.11
CA ASN FB 93 -10.95 46.55 -26.39
C ASN FB 93 -9.80 46.05 -27.24
N ALA FB 94 -8.74 46.85 -27.43
CA ALA FB 94 -7.65 46.45 -28.28
C ALA FB 94 -6.36 47.15 -27.91
N GLY FB 95 -5.22 46.45 -28.02
CA GLY FB 95 -3.90 47.06 -27.91
C GLY FB 95 -2.97 46.53 -28.97
N VAL FB 96 -1.77 47.10 -29.06
CA VAL FB 96 -0.74 46.66 -29.98
C VAL FB 96 0.56 46.32 -29.27
N ILE FB 97 1.15 45.15 -29.59
CA ILE FB 97 2.40 44.71 -28.99
C ILE FB 97 3.62 45.53 -29.37
N VAL FB 98 4.56 45.63 -28.40
CA VAL FB 98 5.75 46.45 -28.48
C VAL FB 98 6.86 45.79 -27.67
N ASN FB 99 8.05 46.41 -27.68
CA ASN FB 99 9.27 45.95 -27.02
C ASN FB 99 9.35 46.53 -25.61
N PRO FB 100 10.22 46.05 -24.72
CA PRO FB 100 10.35 46.60 -23.37
C PRO FB 100 11.12 47.90 -23.40
N LYS FB 101 11.78 48.24 -24.53
CA LYS FB 101 12.37 49.53 -24.74
C LYS FB 101 11.39 50.44 -25.48
N GLY FB 102 10.15 49.97 -25.68
CA GLY FB 102 9.05 50.71 -26.26
C GLY FB 102 9.04 50.76 -27.76
N GLU FB 103 10.02 50.12 -28.42
CA GLU FB 103 10.01 49.97 -29.87
C GLU FB 103 8.82 49.15 -30.35
N MET FB 104 8.21 49.51 -31.49
CA MET FB 104 7.05 48.82 -32.03
C MET FB 104 7.34 47.38 -32.48
N LYS FB 105 6.44 46.42 -32.18
CA LYS FB 105 6.56 45.06 -32.70
C LYS FB 105 5.57 44.85 -33.84
N GLY FB 106 4.50 45.67 -33.89
CA GLY FB 106 3.55 45.73 -34.99
C GLY FB 106 4.08 46.36 -36.26
N SER FB 107 3.18 46.57 -37.23
CA SER FB 107 3.49 47.11 -38.53
C SER FB 107 2.43 48.10 -39.01
N ALA FB 108 1.20 48.04 -38.48
CA ALA FB 108 0.10 48.88 -38.93
C ALA FB 108 -1.16 48.65 -38.08
N ILE FB 109 -1.64 49.70 -37.39
CA ILE FB 109 -2.69 49.60 -36.39
C ILE FB 109 -4.03 49.79 -37.06
N THR FB 110 -4.75 48.67 -37.23
CA THR FB 110 -5.92 48.57 -38.08
C THR FB 110 -7.16 49.30 -37.60
N GLY FB 111 -7.44 49.26 -36.28
CA GLY FB 111 -8.51 50.00 -35.64
C GLY FB 111 -8.21 51.48 -35.44
N PRO FB 112 -9.09 52.20 -34.76
CA PRO FB 112 -8.79 53.58 -34.36
C PRO FB 112 -7.95 53.62 -33.09
N VAL FB 113 -7.30 54.76 -32.81
CA VAL FB 113 -6.48 54.97 -31.63
C VAL FB 113 -6.83 56.26 -30.92
N ALA FB 114 -7.12 56.21 -29.60
CA ALA FB 114 -7.17 57.40 -28.77
C ALA FB 114 -6.01 58.37 -28.95
N ARG FB 115 -6.30 59.65 -29.25
CA ARG FB 115 -5.32 60.59 -29.75
C ARG FB 115 -4.25 60.96 -28.75
N GLU FB 116 -4.61 61.05 -27.46
CA GLU FB 116 -3.71 61.31 -26.38
C GLU FB 116 -2.69 60.20 -26.16
N CYS FB 117 -3.06 58.97 -26.56
CA CYS FB 117 -2.25 57.78 -26.41
C CYS FB 117 -1.38 57.65 -27.62
N ALA FB 118 -1.93 57.96 -28.81
CA ALA FB 118 -1.15 57.99 -30.01
C ALA FB 118 -0.04 59.02 -29.96
N GLU FB 119 -0.33 60.27 -29.54
CA GLU FB 119 0.73 61.22 -29.31
C GLU FB 119 1.63 60.91 -28.12
N LEU FB 120 1.15 60.15 -27.11
CA LEU FB 120 1.98 59.52 -26.08
C LEU FB 120 3.12 58.67 -26.63
N TRP FB 121 2.78 57.63 -27.42
CA TRP FB 121 3.75 56.72 -27.97
C TRP FB 121 3.94 56.96 -29.47
N PRO FB 122 5.00 57.65 -29.93
CA PRO FB 122 5.21 58.07 -31.32
C PRO FB 122 4.94 57.04 -32.38
N LYS FB 123 5.51 55.84 -32.20
CA LYS FB 123 5.43 54.71 -33.11
C LYS FB 123 4.02 54.22 -33.37
N LEU FB 124 3.06 54.58 -32.51
CA LEU FB 124 1.68 54.21 -32.67
C LEU FB 124 0.99 55.24 -33.51
N SER FB 125 1.29 56.54 -33.30
CA SER FB 125 0.76 57.64 -34.11
C SER FB 125 1.12 57.46 -35.58
N SER FB 126 2.40 57.17 -35.85
CA SER FB 126 2.90 56.70 -37.13
C SER FB 126 2.07 55.60 -37.78
N ALA FB 127 1.84 54.49 -37.05
CA ALA FB 127 1.24 53.29 -37.58
C ALA FB 127 -0.29 53.33 -37.66
N ALA FB 128 -0.93 54.32 -37.04
CA ALA FB 128 -2.36 54.35 -36.84
C ALA FB 128 -3.20 54.86 -38.00
N SER FB 129 -4.26 54.10 -38.35
CA SER FB 129 -5.19 54.54 -39.38
C SER FB 129 -6.06 55.76 -39.01
N ALA FB 130 -6.56 55.87 -37.75
CA ALA FB 130 -7.34 57.04 -37.36
C ALA FB 130 -7.18 57.46 -35.90
N ILE FB 131 -7.25 58.79 -35.67
CA ILE FB 131 -7.09 59.46 -34.39
C ILE FB 131 -8.40 59.83 -33.72
N VAL FB 132 -8.64 59.36 -32.48
CA VAL FB 132 -9.83 59.66 -31.70
C VAL FB 132 -9.55 60.74 -30.61
N GLY GB 1 12.71 38.12 74.33
CA GLY GB 1 12.00 36.85 74.67
C GLY GB 1 12.85 35.95 75.51
N ILE GB 2 12.31 35.42 76.62
CA ILE GB 2 13.06 34.54 77.49
C ILE GB 2 13.00 33.10 77.03
N ALA GB 3 14.18 32.48 76.79
CA ALA GB 3 14.28 31.09 76.43
C ALA GB 3 13.94 30.17 77.62
N LEU GB 4 12.93 29.29 77.49
CA LEU GB 4 12.49 28.50 78.62
C LEU GB 4 12.29 27.04 78.29
N LYS GB 5 13.01 26.18 79.02
CA LYS GB 5 12.79 24.75 79.05
C LYS GB 5 11.46 24.40 79.71
N ASN GB 6 10.60 23.63 79.01
CA ASN GB 6 9.24 23.26 79.40
C ASN GB 6 8.38 24.46 79.74
N VAL GB 7 8.61 25.58 79.03
CA VAL GB 7 7.95 26.88 79.15
C VAL GB 7 7.87 27.40 80.60
N GLY GB 8 8.91 27.05 81.40
CA GLY GB 8 9.06 27.49 82.78
C GLY GB 8 8.23 26.69 83.75
N ARG GB 9 7.47 25.69 83.26
CA ARG GB 9 6.46 25.03 84.04
C ARG GB 9 6.98 23.79 84.70
N ILE GB 10 6.58 23.57 85.97
CA ILE GB 10 6.63 22.26 86.59
C ILE GB 10 5.34 21.57 86.21
N LYS GB 11 5.43 20.45 85.46
CA LYS GB 11 4.27 19.72 84.97
C LYS GB 11 4.34 18.27 85.42
N LYS GB 12 4.73 18.06 86.69
CA LYS GB 12 4.59 16.81 87.41
C LYS GB 12 3.20 16.16 87.37
N HIS GB 13 3.11 14.87 87.70
CA HIS GB 13 1.98 14.05 87.33
C HIS GB 13 1.28 13.42 88.55
N GLY GB 14 0.34 12.49 88.29
CA GLY GB 14 -0.37 11.74 89.33
C GLY GB 14 -1.58 12.43 89.91
N ARG GB 15 -2.29 11.71 90.80
CA ARG GB 15 -3.57 12.11 91.35
C ARG GB 15 -3.58 13.49 92.01
N LYS GB 16 -4.53 14.37 91.61
CA LYS GB 16 -4.73 15.67 92.22
C LYS GB 16 -5.45 15.56 93.57
N HIS GB 17 -6.54 14.77 93.59
CA HIS GB 17 -7.38 14.58 94.75
C HIS GB 17 -8.20 13.34 94.49
N LEU GB 18 -8.92 12.82 95.49
CA LEU GB 18 -9.74 11.63 95.35
C LEU GB 18 -10.89 11.83 94.37
N VAL GB 19 -10.93 10.99 93.32
CA VAL GB 19 -11.94 11.10 92.27
C VAL GB 19 -13.28 10.51 92.67
N SER GB 20 -13.29 9.56 93.63
CA SER GB 20 -14.50 8.96 94.17
C SER GB 20 -15.40 9.95 94.88
N LYS GB 21 -16.72 9.73 94.79
CA LYS GB 21 -17.72 10.54 95.45
C LYS GB 21 -18.13 9.91 96.78
N ASN GB 22 -17.44 8.81 97.18
CA ASN GB 22 -17.67 8.11 98.44
C ASN GB 22 -17.44 9.00 99.68
N PRO GB 23 -18.45 9.32 100.49
CA PRO GB 23 -18.33 10.28 101.58
C PRO GB 23 -17.31 9.89 102.63
N TYR GB 24 -17.29 8.62 103.07
CA TYR GB 24 -16.41 8.15 104.11
C TYR GB 24 -14.94 8.27 103.72
N LEU GB 25 -14.60 7.87 102.48
CA LEU GB 25 -13.24 8.01 102.01
C LEU GB 25 -12.83 9.45 101.80
N ARG GB 26 -13.72 10.32 101.30
CA ARG GB 26 -13.44 11.75 101.20
C ARG GB 26 -13.17 12.40 102.55
N LEU GB 27 -13.98 12.04 103.55
CA LEU GB 27 -13.80 12.43 104.93
C LEU GB 27 -12.47 11.93 105.50
N LEU GB 28 -12.14 10.66 105.25
CA LEU GB 28 -10.91 10.05 105.70
C LEU GB 28 -9.66 10.71 105.14
N VAL GB 29 -9.65 11.06 103.84
CA VAL GB 29 -8.52 11.71 103.24
C VAL GB 29 -8.37 13.13 103.74
N LYS GB 30 -9.46 13.88 103.99
CA LYS GB 30 -9.38 15.16 104.66
C LYS GB 30 -8.64 15.09 105.99
N LEU GB 31 -8.97 14.08 106.83
CA LEU GB 31 -8.29 13.81 108.08
C LEU GB 31 -6.81 13.56 107.88
N TYR GB 32 -6.46 12.61 107.02
CA TYR GB 32 -5.08 12.26 106.84
C TYR GB 32 -4.28 13.35 106.16
N ASN GB 33 -4.87 14.15 105.25
CA ASN GB 33 -4.24 15.36 104.75
C ASN GB 33 -3.92 16.37 105.84
N PHE GB 34 -4.88 16.62 106.75
CA PHE GB 34 -4.69 17.49 107.90
C PHE GB 34 -3.52 17.06 108.78
N LEU GB 35 -3.46 15.76 109.09
CA LEU GB 35 -2.41 15.18 109.88
C LEU GB 35 -1.07 15.29 109.19
N ALA GB 36 -1.03 14.95 107.88
CA ALA GB 36 0.13 15.02 107.04
C ALA GB 36 0.77 16.39 106.95
N ARG GB 37 -0.04 17.46 106.71
CA ARG GB 37 0.49 18.81 106.65
C ARG GB 37 1.01 19.33 107.98
N ARG GB 38 0.30 19.09 109.09
CA ARG GB 38 0.75 19.57 110.39
C ARG GB 38 1.93 18.77 110.94
N THR GB 39 1.81 17.44 111.00
CA THR GB 39 2.83 16.55 111.58
C THR GB 39 4.17 16.64 110.87
N ASN GB 40 5.30 16.60 111.62
CA ASN GB 40 6.66 16.60 111.11
C ASN GB 40 7.00 15.39 110.24
N ALA GB 41 6.59 14.19 110.68
CA ALA GB 41 6.92 12.90 110.09
C ALA GB 41 6.49 12.67 108.64
N ASN GB 42 7.26 11.82 107.92
CA ASN GB 42 6.92 11.36 106.59
C ASN GB 42 5.66 10.49 106.59
N PHE GB 43 5.49 9.66 107.65
CA PHE GB 43 4.57 8.55 107.74
C PHE GB 43 3.14 8.88 107.35
N ASN GB 44 2.61 9.97 107.92
CA ASN GB 44 1.27 10.46 107.67
C ASN GB 44 1.06 10.88 106.23
N LYS GB 45 2.06 11.56 105.63
CA LYS GB 45 2.04 12.04 104.26
C LYS GB 45 1.98 10.90 103.26
N ILE GB 46 2.83 9.89 103.49
CA ILE GB 46 2.85 8.66 102.72
C ILE GB 46 1.53 7.93 102.79
N ILE GB 47 0.92 7.81 103.99
CA ILE GB 47 -0.40 7.22 104.16
C ILE GB 47 -1.46 7.99 103.40
N ALA GB 48 -1.48 9.34 103.50
CA ALA GB 48 -2.41 10.18 102.79
C ALA GB 48 -2.35 10.00 101.28
N LYS GB 49 -1.14 10.00 100.69
CA LYS GB 49 -0.93 9.77 99.27
C LYS GB 49 -1.44 8.40 98.87
N ARG GB 50 -1.06 7.36 99.64
CA ARG GB 50 -1.44 6.00 99.37
C ARG GB 50 -2.95 5.77 99.47
N LEU GB 51 -3.64 6.41 100.41
CA LEU GB 51 -5.09 6.48 100.45
C LEU GB 51 -5.73 7.06 99.19
N ILE GB 52 -5.15 8.12 98.59
CA ILE GB 52 -5.65 8.72 97.36
C ILE GB 52 -5.61 7.78 96.15
N MET GB 53 -4.58 6.93 96.02
CA MET GB 53 -4.27 6.11 94.85
C MET GB 53 -5.40 5.29 94.15
N PRO GB 54 -5.29 5.01 92.84
CA PRO GB 54 -6.19 4.10 92.13
C PRO GB 54 -6.36 2.72 92.68
N LYS GB 55 -7.43 2.02 92.26
CA LYS GB 55 -7.79 0.66 92.61
C LYS GB 55 -6.68 -0.36 92.39
N ARG GB 56 -5.98 -0.29 91.26
CA ARG GB 56 -4.88 -1.22 91.00
C ARG GB 56 -3.67 -0.92 91.88
N TYR GB 57 -3.59 0.30 92.42
CA TYR GB 57 -2.65 0.67 93.46
C TYR GB 57 -3.27 0.54 94.84
N ARG GB 58 -4.49 0.00 94.95
CA ARG GB 58 -5.06 -0.51 96.18
C ARG GB 58 -5.09 -2.05 96.13
N PRO GB 59 -3.99 -2.80 96.02
CA PRO GB 59 -4.05 -4.26 96.03
C PRO GB 59 -4.44 -4.83 97.39
N PRO GB 60 -4.88 -6.06 97.49
CA PRO GB 60 -5.01 -6.71 98.78
C PRO GB 60 -3.66 -7.18 99.30
N LEU GB 61 -3.47 -7.10 100.62
CA LEU GB 61 -2.36 -7.65 101.36
C LEU GB 61 -2.78 -8.97 102.00
N SER GB 62 -1.95 -10.01 101.87
CA SER GB 62 -2.26 -11.30 102.46
C SER GB 62 -1.98 -11.30 103.95
N LEU GB 63 -2.91 -11.89 104.72
CA LEU GB 63 -2.80 -12.08 106.16
C LEU GB 63 -1.53 -12.84 106.54
N SER GB 64 -1.21 -13.91 105.79
CA SER GB 64 0.02 -14.67 105.92
C SER GB 64 1.26 -13.82 105.72
N LYS GB 65 1.26 -12.94 104.69
CA LYS GB 65 2.37 -12.05 104.42
C LYS GB 65 2.57 -11.02 105.53
N LEU GB 66 1.46 -10.44 106.04
CA LEU GB 66 1.49 -9.54 107.17
C LEU GB 66 2.04 -10.23 108.41
N GLN GB 67 1.56 -11.45 108.66
CA GLN GB 67 1.99 -12.29 109.76
C GLN GB 67 3.47 -12.62 109.66
N TYR GB 68 3.94 -12.99 108.47
CA TYR GB 68 5.33 -13.25 108.19
C TYR GB 68 6.21 -12.03 108.47
N HIS GB 69 5.78 -10.82 108.06
CA HIS GB 69 6.52 -9.62 108.42
C HIS GB 69 6.53 -9.25 109.88
N MET GB 70 5.38 -9.39 110.58
CA MET GB 70 5.24 -8.87 111.93
C MET GB 70 5.89 -9.72 113.01
N ALA GB 71 6.41 -10.92 112.68
CA ALA GB 71 7.03 -11.80 113.65
C ALA GB 71 8.40 -11.29 114.11
N ASN GB 72 8.96 -10.33 113.37
CA ASN GB 72 10.20 -9.64 113.73
C ASN GB 72 9.88 -8.33 114.45
N HIS GB 73 8.59 -8.05 114.68
CA HIS GB 73 8.11 -6.78 115.18
C HIS GB 73 6.96 -7.06 116.15
N PRO GB 74 7.22 -7.78 117.24
CA PRO GB 74 6.28 -8.76 117.75
C PRO GB 74 5.17 -8.15 118.56
N ASN GB 75 5.33 -6.90 119.04
CA ASN GB 75 4.35 -6.23 119.86
C ASN GB 75 3.78 -5.01 119.15
N ASP GB 76 4.15 -4.82 117.88
CA ASP GB 76 3.96 -3.57 117.17
C ASP GB 76 2.69 -3.56 116.31
N ILE GB 77 2.25 -2.35 115.90
CA ILE GB 77 1.01 -2.17 115.15
C ILE GB 77 1.29 -1.96 113.67
N ALA GB 78 0.88 -2.95 112.85
CA ALA GB 78 0.83 -2.88 111.42
C ALA GB 78 -0.28 -1.98 110.89
N VAL GB 79 0.04 -1.04 110.00
CA VAL GB 79 -0.96 -0.36 109.21
C VAL GB 79 -0.80 -0.72 107.74
N VAL GB 80 -1.92 -0.95 107.05
CA VAL GB 80 -1.98 -1.40 105.69
C VAL GB 80 -2.89 -0.49 104.89
N VAL GB 81 -2.36 0.23 103.89
CA VAL GB 81 -3.15 1.11 103.05
C VAL GB 81 -4.02 0.40 102.00
N GLY GB 82 -4.31 -0.89 102.19
CA GLY GB 82 -5.16 -1.70 101.32
C GLY GB 82 -6.07 -2.60 102.09
N SER GB 83 -6.57 -3.65 101.43
CA SER GB 83 -7.47 -4.63 102.05
C SER GB 83 -6.68 -5.82 102.55
N ILE GB 84 -7.08 -6.45 103.67
CA ILE GB 84 -6.45 -7.67 104.13
C ILE GB 84 -7.32 -8.87 103.85
N THR GB 85 -6.75 -9.88 103.16
CA THR GB 85 -7.47 -11.07 102.75
C THR GB 85 -7.03 -12.25 103.58
N ASP GB 86 -7.92 -13.25 103.69
CA ASP GB 86 -7.70 -14.43 104.49
C ASP GB 86 -6.97 -15.48 103.66
N ASP GB 87 -6.50 -16.55 104.31
CA ASP GB 87 -5.71 -17.55 103.67
C ASP GB 87 -6.12 -18.96 104.08
N LYS GB 88 -6.51 -19.76 103.07
CA LYS GB 88 -6.96 -21.11 103.26
C LYS GB 88 -5.80 -22.07 103.01
N ARG GB 89 -4.59 -21.53 102.78
CA ARG GB 89 -3.34 -22.26 102.85
C ARG GB 89 -2.72 -22.09 104.23
N LEU GB 90 -3.34 -21.26 105.09
CA LEU GB 90 -2.79 -20.92 106.38
C LEU GB 90 -3.46 -21.72 107.48
N PHE GB 91 -2.66 -22.49 108.26
CA PHE GB 91 -3.15 -23.35 109.32
C PHE GB 91 -3.76 -22.61 110.51
N SER GB 92 -3.11 -21.54 111.00
CA SER GB 92 -3.55 -20.84 112.20
C SER GB 92 -2.88 -19.47 112.28
N LEU GB 93 -3.32 -18.60 113.22
CA LEU GB 93 -2.74 -17.30 113.43
C LEU GB 93 -1.90 -17.23 114.69
N LYS GB 94 -1.00 -16.24 114.77
CA LYS GB 94 -0.05 -16.04 115.85
C LYS GB 94 -0.36 -14.78 116.67
N GLN GB 95 -1.56 -14.18 116.43
CA GLN GB 95 -2.09 -12.99 117.09
C GLN GB 95 -1.44 -11.68 116.66
N LEU GB 96 -2.25 -10.78 116.07
CA LEU GB 96 -1.73 -9.64 115.32
C LEU GB 96 -2.47 -8.34 115.65
N LYS GB 97 -1.82 -7.20 115.39
CA LYS GB 97 -2.41 -5.89 115.54
C LYS GB 97 -2.41 -5.27 114.16
N VAL GB 98 -3.59 -5.16 113.52
CA VAL GB 98 -3.70 -4.70 112.15
C VAL GB 98 -4.71 -3.58 111.96
N CYS GB 99 -4.23 -2.49 111.32
CA CYS GB 99 -5.03 -1.45 110.72
C CYS GB 99 -5.07 -1.63 109.22
N ALA GB 100 -6.26 -1.70 108.60
CA ALA GB 100 -6.34 -1.86 107.17
C ALA GB 100 -7.49 -1.04 106.58
N LEU GB 101 -7.45 -0.79 105.26
CA LEU GB 101 -8.49 -0.05 104.55
C LEU GB 101 -9.81 -0.81 104.50
N ARG GB 102 -9.72 -2.14 104.33
CA ARG GB 102 -10.86 -3.02 104.28
C ARG GB 102 -10.47 -4.36 104.86
N PHE GB 103 -11.36 -5.00 105.62
CA PHE GB 103 -11.17 -6.34 106.14
C PHE GB 103 -12.17 -7.27 105.49
N THR GB 104 -11.76 -8.42 104.91
CA THR GB 104 -12.73 -9.51 104.69
C THR GB 104 -13.24 -10.03 106.02
N GLU GB 105 -14.52 -10.37 106.08
CA GLU GB 105 -15.17 -10.75 107.31
C GLU GB 105 -14.57 -12.01 107.93
N THR GB 106 -14.26 -13.03 107.11
CA THR GB 106 -13.56 -14.23 107.59
C THR GB 106 -12.20 -13.93 108.22
N ALA GB 107 -11.38 -13.05 107.62
CA ALA GB 107 -10.11 -12.62 108.20
C ALA GB 107 -10.29 -11.90 109.51
N ARG GB 108 -11.24 -10.93 109.55
CA ARG GB 108 -11.54 -10.16 110.73
C ARG GB 108 -11.94 -11.04 111.90
N LYS GB 109 -12.85 -11.99 111.65
CA LYS GB 109 -13.28 -13.01 112.58
C LYS GB 109 -12.13 -13.87 113.06
N ARG GB 110 -11.24 -14.32 112.15
CA ARG GB 110 -10.03 -15.01 112.49
C ARG GB 110 -9.09 -14.22 113.39
N ILE GB 111 -8.87 -12.92 113.08
CA ILE GB 111 -8.11 -11.99 113.91
C ILE GB 111 -8.72 -11.82 115.30
N GLU GB 112 -10.05 -11.65 115.39
CA GLU GB 112 -10.75 -11.57 116.66
C GLU GB 112 -10.63 -12.85 117.49
N ASP GB 113 -10.81 -14.02 116.84
CA ASP GB 113 -10.65 -15.34 117.39
C ASP GB 113 -9.24 -15.54 117.94
N ALA GB 114 -8.21 -15.16 117.15
CA ALA GB 114 -6.82 -15.13 117.57
C ALA GB 114 -6.52 -14.18 118.73
N GLY GB 115 -7.43 -13.26 119.07
CA GLY GB 115 -7.25 -12.28 120.14
C GLY GB 115 -6.48 -11.08 119.67
N GLY GB 116 -6.36 -10.92 118.35
CA GLY GB 116 -5.77 -9.77 117.69
C GLY GB 116 -6.67 -8.56 117.69
N GLU GB 117 -6.25 -7.52 116.94
CA GLU GB 117 -6.87 -6.22 116.97
C GLU GB 117 -7.15 -5.71 115.57
N CYS GB 118 -8.41 -5.33 115.30
CA CYS GB 118 -8.85 -4.78 114.02
C CYS GB 118 -9.04 -3.28 114.17
N LEU GB 119 -8.13 -2.51 113.55
CA LEU GB 119 -8.13 -1.07 113.63
C LEU GB 119 -8.61 -0.44 112.33
N THR GB 120 -9.58 0.48 112.41
CA THR GB 120 -9.83 1.41 111.32
C THR GB 120 -8.81 2.53 111.32
N PHE GB 121 -8.66 3.25 110.20
CA PHE GB 121 -7.69 4.33 110.09
C PHE GB 121 -8.01 5.53 110.99
N ASP GB 122 -9.28 5.87 111.21
CA ASP GB 122 -9.68 6.85 112.21
C ASP GB 122 -9.27 6.49 113.64
N GLN GB 123 -9.49 5.21 114.03
CA GLN GB 123 -9.05 4.67 115.30
C GLN GB 123 -7.53 4.69 115.43
N LEU GB 124 -6.81 4.32 114.37
CA LEU GB 124 -5.36 4.44 114.32
C LEU GB 124 -4.90 5.88 114.48
N ALA GB 125 -5.51 6.83 113.77
CA ALA GB 125 -5.25 8.25 113.87
C ALA GB 125 -5.37 8.77 115.30
N LEU GB 126 -6.45 8.39 115.98
CA LEU GB 126 -6.66 8.73 117.37
C LEU GB 126 -5.57 8.17 118.29
N LYS GB 127 -5.25 6.88 118.13
CA LYS GB 127 -4.33 6.20 119.00
C LYS GB 127 -2.87 6.53 118.76
N TYR GB 128 -2.49 6.66 117.48
CA TYR GB 128 -1.12 6.87 117.05
C TYR GB 128 -1.05 8.00 116.02
N PRO GB 129 -1.27 9.26 116.35
CA PRO GB 129 -1.23 10.34 115.38
C PRO GB 129 0.17 10.58 114.85
N THR GB 130 1.21 10.36 115.67
CA THR GB 130 2.61 10.45 115.26
C THR GB 130 3.03 9.36 114.30
N GLY GB 131 2.51 8.13 114.49
CA GLY GB 131 3.00 6.94 113.83
C GLY GB 131 4.22 6.32 114.49
N LYS GB 132 4.64 6.83 115.68
CA LYS GB 132 5.72 6.22 116.43
C LYS GB 132 5.38 4.79 116.87
N LYS GB 133 6.37 3.89 116.77
CA LYS GB 133 6.25 2.46 116.96
C LYS GB 133 5.19 1.77 116.10
N CYS GB 134 4.85 2.35 114.93
CA CYS GB 134 3.94 1.74 113.97
C CYS GB 134 4.67 1.24 112.74
N VAL GB 135 4.03 0.41 111.91
CA VAL GB 135 4.72 -0.23 110.80
C VAL GB 135 3.85 -0.14 109.58
N LEU GB 136 4.32 0.63 108.58
CA LEU GB 136 3.68 0.76 107.30
C LEU GB 136 3.85 -0.45 106.39
N LEU GB 137 2.75 -1.06 105.93
CA LEU GB 137 2.74 -2.18 105.02
C LEU GB 137 1.89 -1.91 103.78
N ARG GB 138 2.23 -2.61 102.69
CA ARG GB 138 1.51 -2.54 101.44
C ARG GB 138 1.66 -3.87 100.70
N GLY GB 139 0.64 -4.23 99.88
CA GLY GB 139 0.64 -5.48 99.10
C GLY GB 139 1.41 -5.42 97.80
N PRO GB 140 1.53 -6.54 97.10
CA PRO GB 140 2.17 -6.63 95.78
C PRO GB 140 1.59 -5.75 94.67
N THR GB 141 2.42 -4.91 94.03
CA THR GB 141 2.02 -4.10 92.88
C THR GB 141 1.89 -4.88 91.60
N LYS GB 142 2.87 -5.76 91.28
CA LYS GB 142 3.03 -6.35 89.97
C LYS GB 142 2.42 -7.74 89.90
N ALA GB 143 1.68 -8.16 90.95
CA ALA GB 143 0.96 -9.40 90.99
C ALA GB 143 -0.16 -9.52 89.94
N ARG GB 144 -0.84 -8.39 89.65
CA ARG GB 144 -1.96 -8.32 88.75
C ARG GB 144 -1.74 -8.84 87.32
N THR GB 145 -2.78 -9.46 86.75
CA THR GB 145 -2.75 -10.16 85.47
C THR GB 145 -2.53 -9.27 84.25
N ALA GB 146 -2.97 -7.99 84.27
CA ALA GB 146 -2.62 -7.05 83.22
C ALA GB 146 -1.11 -6.84 83.06
N GLU GB 147 -0.39 -6.65 84.18
CA GLU GB 147 1.05 -6.53 84.24
C GLU GB 147 1.77 -7.78 83.79
N LYS GB 148 1.14 -8.97 83.91
CA LYS GB 148 1.64 -10.22 83.37
C LYS GB 148 1.66 -10.25 81.84
N HIS GB 149 0.96 -9.31 81.19
CA HIS GB 149 0.96 -9.13 79.75
C HIS GB 149 1.84 -7.97 79.35
N PHE GB 150 2.29 -7.14 80.30
CA PHE GB 150 3.12 -5.98 80.00
C PHE GB 150 4.57 -6.39 79.79
N GLY GB 151 5.40 -5.46 79.25
CA GLY GB 151 6.79 -5.74 78.88
C GLY GB 151 6.95 -6.27 77.48
N LYS GB 152 8.21 -6.54 77.09
CA LYS GB 152 8.66 -6.86 75.73
C LYS GB 152 7.75 -7.74 74.87
N ALA GB 153 7.48 -7.24 73.64
CA ALA GB 153 6.71 -7.86 72.58
C ALA GB 153 6.75 -9.40 72.49
N PRO GB 154 5.62 -10.11 72.53
CA PRO GB 154 5.57 -11.55 72.32
C PRO GB 154 6.27 -12.04 71.05
N GLY GB 155 7.20 -13.01 71.21
CA GLY GB 155 7.96 -13.55 70.10
C GLY GB 155 9.22 -12.79 69.77
N LYS GB 156 9.52 -11.70 70.48
CA LYS GB 156 10.73 -10.93 70.29
C LYS GB 156 11.81 -11.40 71.29
N PRO GB 157 13.08 -11.64 70.94
CA PRO GB 157 14.08 -12.32 71.78
C PRO GB 157 14.16 -11.95 73.25
N LYS GB 158 14.27 -12.97 74.13
CA LYS GB 158 14.34 -12.85 75.59
C LYS GB 158 13.03 -12.44 76.25
N SER GB 159 11.97 -12.11 75.48
CA SER GB 159 10.65 -11.78 76.01
C SER GB 159 10.01 -12.89 76.84
N LYS GB 160 9.17 -12.49 77.80
CA LYS GB 160 8.44 -13.45 78.59
C LYS GB 160 7.09 -12.90 79.05
N ALA GB 161 6.59 -11.82 78.39
CA ALA GB 161 5.23 -11.35 78.59
C ALA GB 161 4.16 -12.35 78.10
N ARG GB 162 3.04 -12.52 78.84
CA ARG GB 162 1.93 -13.32 78.35
C ARG GB 162 1.26 -12.68 77.13
N PRO GB 163 0.93 -13.38 76.06
CA PRO GB 163 0.18 -12.79 74.97
C PRO GB 163 -1.27 -12.56 75.35
N TYR GB 164 -1.95 -11.57 74.75
CA TYR GB 164 -3.40 -11.51 74.78
C TYR GB 164 -3.97 -12.56 73.81
N VAL GB 165 -3.92 -13.84 74.20
CA VAL GB 165 -4.33 -14.97 73.39
C VAL GB 165 -5.77 -14.95 72.91
N ARG GB 166 -5.98 -15.48 71.70
CA ARG GB 166 -7.26 -15.61 71.04
C ARG GB 166 -8.26 -16.45 71.83
N SER GB 167 -7.83 -17.64 72.29
CA SER GB 167 -8.65 -18.54 73.06
C SER GB 167 -7.73 -19.56 73.69
N LYS GB 168 -8.28 -20.49 74.48
CA LYS GB 168 -7.53 -21.50 75.20
C LYS GB 168 -6.95 -22.63 74.34
N GLY GB 169 -7.50 -22.82 73.11
CA GLY GB 169 -7.26 -23.94 72.20
C GLY GB 169 -5.84 -24.43 71.98
N ARG GB 170 -5.71 -25.76 71.80
CA ARG GB 170 -4.43 -26.45 71.72
C ARG GB 170 -3.61 -26.08 70.48
N LYS GB 171 -4.31 -25.87 69.35
CA LYS GB 171 -3.69 -25.66 68.06
C LYS GB 171 -3.16 -24.24 67.91
N PHE GB 172 -3.62 -23.32 68.77
CA PHE GB 172 -3.41 -21.90 68.60
C PHE GB 172 -2.21 -21.38 69.37
N GLU GB 173 -1.45 -20.49 68.71
CA GLU GB 173 -0.41 -19.65 69.29
C GLU GB 173 0.76 -20.38 69.94
N LYS GB 174 1.16 -21.53 69.34
CA LYS GB 174 2.31 -22.31 69.76
C LYS GB 174 3.24 -22.60 68.58
N ALA GB 175 2.89 -22.15 67.36
CA ALA GB 175 3.64 -22.48 66.16
C ALA GB 175 4.70 -21.44 65.82
N ARG GB 176 4.55 -20.73 64.68
CA ARG GB 176 5.45 -19.71 64.15
C ARG GB 176 6.20 -18.85 65.19
N GLY GB 177 7.52 -18.98 65.31
CA GLY GB 177 8.27 -18.11 66.22
C GLY GB 177 8.17 -18.47 67.67
N ARG GB 178 7.41 -19.51 68.01
CA ARG GB 178 7.26 -19.97 69.37
C ARG GB 178 7.72 -21.42 69.47
N ARG GB 179 8.10 -22.05 68.34
CA ARG GB 179 8.82 -23.30 68.34
C ARG GB 179 9.73 -23.35 67.13
N LYS GB 180 10.98 -23.81 67.31
CA LYS GB 180 12.04 -23.73 66.29
C LYS GB 180 11.66 -24.44 64.99
N SER GB 181 10.90 -25.54 65.13
CA SER GB 181 10.37 -26.36 64.05
C SER GB 181 9.54 -25.59 63.05
N ARG GB 182 8.71 -24.62 63.50
CA ARG GB 182 7.89 -23.85 62.60
C ARG GB 182 8.43 -22.44 62.52
N ALA GB 183 9.04 -22.11 61.37
CA ALA GB 183 9.69 -20.85 61.09
C ALA GB 183 10.95 -20.59 61.92
N TYR GB 184 10.77 -20.25 63.21
CA TYR GB 184 11.80 -19.76 64.08
C TYR GB 184 11.36 -19.92 65.52
N LYS GB 185 12.21 -19.53 66.47
CA LYS GB 185 11.75 -19.35 67.82
C LYS GB 185 12.40 -18.12 68.46
N LYS GB 186 11.60 -17.40 69.27
CA LYS GB 186 12.03 -16.43 70.26
C LYS GB 186 13.19 -16.94 71.18
N ALA HB 1 -25.22 7.91 78.18
CA ALA HB 1 -23.92 7.73 77.43
C ALA HB 1 -23.56 8.89 76.51
N THR HB 2 -24.48 9.23 75.59
CA THR HB 2 -24.34 10.21 74.50
C THR HB 2 -23.77 11.57 74.85
N ARG HB 3 -23.99 12.05 76.08
CA ARG HB 3 -23.58 13.38 76.48
C ARG HB 3 -22.13 13.53 76.89
N PHE HB 4 -21.36 12.44 77.08
CA PHE HB 4 -19.96 12.54 77.47
C PHE HB 4 -19.00 12.22 76.36
N LYS HB 5 -19.52 11.73 75.22
CA LYS HB 5 -18.73 11.21 74.11
C LYS HB 5 -17.68 12.13 73.48
N LYS HB 6 -16.67 11.55 72.79
CA LYS HB 6 -15.60 12.30 72.14
C LYS HB 6 -16.11 13.22 71.03
N ASN HB 7 -17.17 12.79 70.33
CA ASN HB 7 -17.89 13.57 69.35
C ASN HB 7 -18.46 14.84 69.96
N ARG HB 8 -18.97 14.79 71.19
CA ARG HB 8 -19.36 15.98 71.92
C ARG HB 8 -18.20 16.91 72.26
N LYS HB 9 -16.96 16.40 72.38
CA LYS HB 9 -15.82 17.26 72.57
C LYS HB 9 -15.37 17.94 71.28
N LYS HB 10 -15.56 17.24 70.16
CA LYS HB 10 -15.06 17.63 68.87
C LYS HB 10 -16.13 18.04 67.87
N ARG HB 11 -17.33 18.46 68.33
CA ARG HB 11 -18.53 18.49 67.50
C ARG HB 11 -18.43 19.33 66.21
N GLY HB 12 -17.82 20.54 66.29
CA GLY HB 12 -17.49 21.34 65.11
C GLY HB 12 -16.02 21.33 64.81
N HIS HB 13 -15.52 20.35 64.04
CA HIS HB 13 -14.09 20.15 63.85
C HIS HB 13 -13.74 19.34 62.59
N VAL HB 14 -14.68 19.20 61.64
CA VAL HB 14 -14.50 18.74 60.27
C VAL HB 14 -14.23 17.25 60.18
N SER HB 15 -12.95 16.81 60.08
CA SER HB 15 -12.57 15.41 60.24
C SER HB 15 -12.79 14.95 61.67
N ALA HB 16 -12.57 15.88 62.62
CA ALA HB 16 -12.93 15.75 64.01
C ALA HB 16 -12.17 14.69 64.80
N GLY HB 17 -10.83 14.71 64.70
CA GLY HB 17 -9.97 13.86 65.49
C GLY HB 17 -9.48 12.66 64.75
N HIS HB 18 -9.82 12.58 63.46
CA HIS HB 18 -9.53 11.44 62.62
C HIS HB 18 -8.60 11.80 61.48
N GLY HB 19 -8.09 13.06 61.49
CA GLY HB 19 -7.07 13.52 60.57
C GLY HB 19 -7.60 14.22 59.36
N ARG HB 20 -7.39 15.56 59.29
CA ARG HB 20 -7.80 16.39 58.18
C ARG HB 20 -7.12 16.01 56.87
N VAL HB 21 -5.81 15.70 56.92
CA VAL HB 21 -5.04 15.23 55.78
C VAL HB 21 -5.50 13.86 55.33
N GLY HB 22 -5.61 12.91 56.27
CA GLY HB 22 -6.14 11.57 56.08
C GLY HB 22 -7.47 11.48 55.37
N LYS HB 23 -8.45 12.27 55.83
CA LYS HB 23 -9.82 12.28 55.35
C LYS HB 23 -10.53 10.93 55.47
N HIS HB 24 -10.37 10.32 56.67
CA HIS HB 24 -10.96 9.11 57.23
C HIS HB 24 -11.85 8.21 56.37
N ARG HB 25 -11.38 7.00 56.02
CA ARG HB 25 -12.16 6.00 55.29
C ARG HB 25 -11.97 4.61 55.88
N LYS HB 26 -13.05 3.80 55.85
CA LYS HB 26 -13.11 2.47 56.47
C LYS HB 26 -12.09 1.45 55.98
N HIS HB 27 -11.62 0.58 56.93
CA HIS HB 27 -10.69 -0.54 56.76
C HIS HB 27 -9.68 -0.47 55.59
N PRO HB 28 -8.68 0.41 55.63
CA PRO HB 28 -8.02 0.82 54.40
C PRO HB 28 -6.80 -0.06 54.13
N GLY HB 29 -6.59 -1.12 54.93
CA GLY HB 29 -5.64 -2.17 54.59
C GLY HB 29 -6.32 -3.39 54.02
N GLY HB 30 -7.67 -3.40 54.02
CA GLY HB 30 -8.49 -4.60 53.83
C GLY HB 30 -9.16 -5.05 55.11
N ARG HB 31 -10.20 -5.91 54.99
CA ARG HB 31 -11.02 -6.41 56.10
C ARG HB 31 -10.35 -7.21 57.22
N GLY HB 32 -10.90 -7.12 58.44
CA GLY HB 32 -10.66 -8.04 59.55
C GLY HB 32 -9.24 -8.41 59.88
N LYS HB 33 -8.95 -9.72 59.90
CA LYS HB 33 -7.66 -10.26 60.24
C LYS HB 33 -6.81 -10.45 59.00
N ALA HB 34 -7.37 -10.11 57.84
CA ALA HB 34 -6.93 -10.59 56.56
C ALA HB 34 -5.51 -10.23 56.16
N GLY HB 35 -5.03 -9.02 56.53
CA GLY HB 35 -3.69 -8.58 56.16
C GLY HB 35 -2.59 -9.24 56.93
N GLY HB 36 -2.89 -10.07 57.94
CA GLY HB 36 -1.94 -10.94 58.64
C GLY HB 36 -0.99 -11.70 57.72
N LEU HB 37 0.30 -11.80 58.12
CA LEU HB 37 1.40 -12.41 57.36
C LEU HB 37 1.79 -11.67 56.07
N HIS HB 38 0.84 -10.96 55.44
CA HIS HB 38 1.01 -10.31 54.17
C HIS HB 38 1.42 -8.86 54.32
N HIS HB 39 0.67 -8.13 55.16
CA HIS HB 39 0.77 -6.68 55.28
C HIS HB 39 0.86 -6.28 56.74
N MET HB 40 0.28 -7.11 57.63
CA MET HB 40 0.28 -6.92 59.06
C MET HB 40 1.17 -7.95 59.72
N ARG HB 41 2.18 -8.48 58.99
CA ARG HB 41 3.04 -9.54 59.49
C ARG HB 41 3.81 -9.09 60.71
N ILE HB 42 4.32 -7.85 60.66
CA ILE HB 42 5.03 -7.21 61.73
C ILE HB 42 4.21 -7.13 63.01
N ASN HB 43 2.93 -6.71 62.94
CA ASN HB 43 2.01 -6.75 64.06
C ASN HB 43 1.80 -8.17 64.59
N PHE HB 44 1.44 -9.12 63.70
CA PHE HB 44 1.14 -10.47 64.13
C PHE HB 44 2.35 -11.16 64.74
N ASP HB 45 3.56 -11.04 64.14
CA ASP HB 45 4.78 -11.56 64.69
C ASP HB 45 5.11 -10.97 66.07
N LYS HB 46 4.93 -9.64 66.26
CA LYS HB 46 5.33 -8.95 67.46
C LYS HB 46 4.31 -9.12 68.59
N TYR HB 47 3.06 -9.44 68.29
CA TYR HB 47 2.01 -9.44 69.28
C TYR HB 47 1.29 -10.77 69.41
N HIS HB 48 1.39 -11.66 68.40
CA HIS HB 48 0.72 -12.95 68.37
C HIS HB 48 1.60 -13.99 67.66
N PRO HB 49 2.84 -14.23 68.09
CA PRO HB 49 3.83 -15.02 67.34
C PRO HB 49 3.36 -16.34 66.75
N GLY HB 50 2.90 -17.31 67.58
CA GLY HB 50 2.72 -18.69 67.17
C GLY HB 50 1.48 -19.00 66.38
N TYR HB 51 0.92 -17.97 65.74
CA TYR HB 51 -0.33 -18.01 65.01
C TYR HB 51 -0.34 -18.90 63.77
N PHE HB 52 0.69 -18.79 62.89
CA PHE HB 52 0.65 -19.44 61.60
C PHE HB 52 1.30 -20.82 61.60
N GLY HB 53 0.73 -21.75 60.80
CA GLY HB 53 1.21 -23.11 60.61
C GLY HB 53 0.25 -24.19 61.08
N LYS HB 54 0.69 -25.46 61.00
CA LYS HB 54 -0.07 -26.60 61.48
C LYS HB 54 0.78 -27.43 62.43
N VAL HB 55 0.33 -27.64 63.69
CA VAL HB 55 1.11 -28.36 64.70
C VAL HB 55 0.29 -29.44 65.39
N GLY HB 56 0.85 -30.66 65.47
CA GLY HB 56 0.28 -31.81 66.17
C GLY HB 56 -0.72 -32.63 65.39
N MET HB 57 -0.86 -33.91 65.77
CA MET HB 57 -1.96 -34.79 65.43
C MET HB 57 -3.36 -34.23 65.71
N ARG HB 58 -4.43 -34.93 65.30
CA ARG HB 58 -5.80 -34.55 65.65
C ARG HB 58 -6.51 -35.62 66.44
N HIS HB 59 -7.39 -35.18 67.36
CA HIS HB 59 -8.26 -36.05 68.14
C HIS HB 59 -9.68 -35.66 67.78
N LEU HB 60 -10.36 -36.49 66.98
CA LEU HB 60 -11.55 -36.09 66.25
C LEU HB 60 -12.75 -35.69 67.11
N ASN HB 61 -13.05 -36.43 68.20
CA ASN HB 61 -14.08 -36.01 69.14
C ASN HB 61 -13.47 -36.01 70.53
N LEU HB 62 -13.14 -34.82 71.09
CA LEU HB 62 -12.40 -34.72 72.34
C LEU HB 62 -13.10 -35.27 73.57
N LEU HB 63 -14.39 -34.89 73.78
CA LEU HB 63 -15.22 -35.34 74.89
C LEU HB 63 -14.62 -35.08 76.28
N LYS HB 64 -14.37 -33.79 76.59
CA LYS HB 64 -13.62 -33.25 77.72
C LYS HB 64 -13.96 -33.80 79.11
N ASN HB 65 -15.20 -34.28 79.33
CA ASN HB 65 -15.63 -34.90 80.56
C ASN HB 65 -14.91 -36.21 80.86
N ARG HB 66 -14.49 -36.97 79.83
CA ARG HB 66 -13.74 -38.21 79.98
C ARG HB 66 -12.43 -38.02 80.74
N THR HB 67 -11.72 -36.93 80.46
CA THR HB 67 -10.40 -36.63 81.01
C THR HB 67 -10.45 -35.55 82.08
N TYR HB 68 -11.63 -35.31 82.66
CA TYR HB 68 -11.87 -34.24 83.64
C TYR HB 68 -10.93 -34.25 84.85
N CYS HB 69 -10.46 -33.05 85.28
CA CYS HB 69 -9.42 -32.95 86.29
C CYS HB 69 -9.64 -31.79 87.27
N PRO HB 70 -10.31 -32.03 88.37
CA PRO HB 70 -10.40 -31.06 89.46
C PRO HB 70 -9.31 -31.35 90.48
N THR HB 71 -8.36 -30.42 90.65
CA THR HB 71 -7.20 -30.59 91.52
C THR HB 71 -7.31 -29.82 92.82
N ILE HB 72 -6.52 -30.23 93.83
CA ILE HB 72 -6.18 -29.44 94.99
C ILE HB 72 -4.71 -29.66 95.30
N ASN HB 73 -4.01 -28.63 95.80
CA ASN HB 73 -2.71 -28.82 96.42
C ASN HB 73 -2.84 -29.22 97.87
N VAL HB 74 -1.83 -29.93 98.38
CA VAL HB 74 -1.68 -30.30 99.78
C VAL HB 74 -1.76 -29.08 100.68
N ASP HB 75 -1.13 -27.96 100.29
CA ASP HB 75 -1.27 -26.66 100.94
C ASP HB 75 -2.71 -26.28 101.37
N LYS HB 76 -3.70 -26.46 100.48
CA LYS HB 76 -5.08 -26.11 100.76
C LYS HB 76 -5.92 -27.29 101.26
N LEU HB 77 -5.32 -28.49 101.39
CA LEU HB 77 -6.02 -29.68 101.88
C LEU HB 77 -6.57 -29.53 103.28
N TRP HB 78 -5.73 -29.03 104.22
CA TRP HB 78 -6.16 -28.68 105.57
C TRP HB 78 -7.23 -27.61 105.58
N GLY HB 79 -7.25 -26.72 104.58
CA GLY HB 79 -8.20 -25.63 104.47
C GLY HB 79 -9.62 -26.07 104.21
N LEU HB 80 -9.80 -27.31 103.72
CA LEU HB 80 -11.11 -27.90 103.59
C LEU HB 80 -11.73 -28.25 104.94
N LEU HB 81 -10.91 -28.28 106.01
CA LEU HB 81 -11.32 -28.58 107.35
C LEU HB 81 -11.58 -27.27 108.11
N PRO HB 82 -12.71 -27.07 108.78
CA PRO HB 82 -12.93 -25.99 109.75
C PRO HB 82 -11.87 -25.73 110.80
N GLU HB 83 -11.79 -24.48 111.28
CA GLU HB 83 -10.83 -24.04 112.28
C GLU HB 83 -10.95 -24.74 113.61
N GLU HB 84 -12.15 -24.81 114.19
CA GLU HB 84 -12.35 -25.44 115.49
C GLU HB 84 -12.09 -26.95 115.47
N LYS HB 85 -12.53 -27.65 114.42
CA LYS HB 85 -12.22 -29.05 114.18
C LYS HB 85 -10.74 -29.31 114.07
N LYS HB 86 -10.03 -28.46 113.32
CA LYS HB 86 -8.59 -28.49 113.18
C LYS HB 86 -7.85 -28.31 114.49
N LYS HB 87 -8.32 -27.38 115.35
CA LYS HB 87 -7.83 -27.21 116.70
C LYS HB 87 -7.97 -28.45 117.56
N GLU HB 88 -9.13 -29.15 117.47
CA GLU HB 88 -9.33 -30.42 118.12
C GLU HB 88 -8.34 -31.49 117.67
N PHE HB 89 -8.08 -31.62 116.36
CA PHE HB 89 -7.04 -32.49 115.85
C PHE HB 89 -5.63 -32.12 116.31
N SER HB 90 -5.30 -30.82 116.35
CA SER HB 90 -4.04 -30.32 116.88
C SER HB 90 -3.84 -30.70 118.34
N GLU HB 91 -4.88 -30.49 119.17
CA GLU HB 91 -4.92 -30.91 120.56
C GLU HB 91 -4.74 -32.40 120.77
N ASN HB 92 -5.44 -33.25 119.99
CA ASN HB 92 -5.53 -34.66 120.28
C ASN HB 92 -4.60 -35.48 119.40
N LYS HB 93 -3.45 -35.88 120.01
CA LYS HB 93 -2.36 -36.57 119.37
C LYS HB 93 -2.73 -37.94 118.85
N ASP HB 94 -3.70 -38.58 119.51
CA ASP HB 94 -4.18 -39.92 119.32
C ASP HB 94 -5.04 -40.13 118.09
N ILE HB 95 -5.55 -39.07 117.45
CA ILE HB 95 -6.44 -39.17 116.30
C ILE HB 95 -5.98 -38.29 115.16
N ALA HB 96 -6.47 -38.60 113.95
CA ALA HB 96 -6.21 -37.88 112.73
C ALA HB 96 -7.54 -37.60 112.01
N PRO HB 97 -7.63 -36.58 111.16
CA PRO HB 97 -8.84 -36.32 110.40
C PRO HB 97 -8.82 -37.09 109.10
N VAL HB 98 -9.93 -37.76 108.75
CA VAL HB 98 -10.15 -38.21 107.39
C VAL HB 98 -10.73 -37.08 106.56
N ILE HB 99 -10.19 -36.87 105.35
CA ILE HB 99 -10.65 -35.89 104.38
C ILE HB 99 -10.98 -36.59 103.08
N ASP HB 100 -12.27 -36.62 102.73
CA ASP HB 100 -12.71 -37.09 101.43
C ASP HB 100 -12.71 -35.93 100.44
N VAL HB 101 -11.64 -35.81 99.64
CA VAL HB 101 -11.48 -34.70 98.73
C VAL HB 101 -12.47 -34.76 97.56
N THR HB 102 -12.87 -35.97 97.13
CA THR HB 102 -13.85 -36.20 96.08
C THR HB 102 -15.24 -35.83 96.49
N ARG HB 103 -15.62 -36.17 97.74
CA ARG HB 103 -16.88 -35.73 98.32
C ARG HB 103 -16.93 -34.21 98.47
N LYS HB 104 -15.76 -33.55 98.58
CA LYS HB 104 -15.63 -32.11 98.50
C LYS HB 104 -15.36 -31.61 97.07
N GLY HB 105 -15.32 -32.51 96.07
CA GLY HB 105 -15.28 -32.18 94.64
C GLY HB 105 -13.98 -32.35 93.88
N TYR HB 106 -12.93 -32.98 94.43
CA TYR HB 106 -11.62 -33.03 93.79
C TYR HB 106 -11.18 -34.45 93.47
N PHE HB 107 -10.35 -34.65 92.43
CA PHE HB 107 -9.89 -35.97 92.03
C PHE HB 107 -8.39 -36.13 92.23
N LYS HB 108 -7.58 -35.08 91.97
CA LYS HB 108 -6.14 -35.16 92.10
C LYS HB 108 -5.61 -34.23 93.17
N VAL HB 109 -4.68 -34.75 94.00
CA VAL HB 109 -4.03 -33.94 95.02
C VAL HB 109 -2.59 -33.76 94.59
N LEU HB 110 -2.17 -32.49 94.46
CA LEU HB 110 -0.85 -32.09 94.01
C LEU HB 110 0.00 -31.60 95.17
N GLY HB 111 1.31 -31.40 94.93
CA GLY HB 111 2.31 -31.29 95.97
C GLY HB 111 2.76 -29.93 96.37
N ASN HB 112 2.16 -28.82 95.90
CA ASN HB 112 2.54 -27.51 96.39
C ASN HB 112 2.27 -27.35 97.89
N GLY HB 113 3.24 -26.79 98.63
CA GLY HB 113 3.02 -26.27 99.97
C GLY HB 113 3.56 -27.08 101.13
N LYS HB 114 3.05 -26.77 102.33
CA LYS HB 114 3.52 -27.34 103.57
C LYS HB 114 2.42 -28.14 104.25
N LEU HB 115 2.77 -29.31 104.79
CA LEU HB 115 1.96 -29.97 105.78
C LEU HB 115 2.67 -29.77 107.12
N LYS HB 116 1.92 -29.37 108.17
CA LYS HB 116 2.47 -29.20 109.51
C LYS HB 116 3.09 -30.49 110.06
N HIS HB 117 4.33 -30.41 110.56
CA HIS HB 117 5.08 -31.56 111.03
C HIS HB 117 4.47 -32.27 112.22
N ASN HB 118 4.62 -33.62 112.26
CA ASN HB 118 4.14 -34.45 113.35
C ASN HB 118 2.63 -34.39 113.53
N GLN HB 119 1.88 -34.51 112.43
CA GLN HB 119 0.45 -34.30 112.47
C GLN HB 119 -0.26 -35.15 111.39
N PRO HB 120 -0.44 -36.45 111.58
CA PRO HB 120 -1.22 -37.32 110.69
C PRO HB 120 -2.58 -36.81 110.21
N ILE HB 121 -2.92 -37.14 108.94
CA ILE HB 121 -4.17 -36.79 108.29
C ILE HB 121 -4.43 -37.89 107.27
N VAL HB 122 -5.70 -38.30 107.05
CA VAL HB 122 -6.01 -39.29 106.05
C VAL HB 122 -6.63 -38.63 104.83
N VAL HB 123 -6.02 -38.82 103.66
CA VAL HB 123 -6.42 -38.14 102.44
C VAL HB 123 -7.02 -39.14 101.48
N LYS HB 124 -8.31 -39.01 101.13
CA LYS HB 124 -8.94 -39.89 100.18
C LYS HB 124 -9.09 -39.22 98.83
N ALA HB 125 -8.51 -39.79 97.75
CA ALA HB 125 -8.59 -39.21 96.42
C ALA HB 125 -8.40 -40.25 95.32
N ARG HB 126 -8.82 -39.91 94.07
CA ARG HB 126 -8.59 -40.75 92.91
C ARG HB 126 -7.13 -40.75 92.47
N TYR HB 127 -6.51 -39.57 92.45
CA TYR HB 127 -5.17 -39.35 91.97
C TYR HB 127 -4.37 -38.57 92.99
N PHE HB 128 -3.06 -38.86 93.11
CA PHE HB 128 -2.18 -38.12 93.98
C PHE HB 128 -0.90 -37.89 93.19
N SER HB 129 -0.22 -36.75 93.36
CA SER HB 129 1.15 -36.60 92.87
C SER HB 129 2.14 -37.40 93.68
N SER HB 130 3.26 -37.79 93.06
CA SER HB 130 4.45 -38.30 93.71
C SER HB 130 4.90 -37.49 94.92
N VAL HB 131 5.02 -36.16 94.76
CA VAL HB 131 5.29 -35.24 95.84
C VAL HB 131 4.22 -35.23 96.93
N ALA HB 132 2.92 -35.21 96.57
CA ALA HB 132 1.82 -35.27 97.50
C ALA HB 132 1.87 -36.52 98.37
N GLU HB 133 2.03 -37.69 97.73
CA GLU HB 133 2.23 -38.97 98.35
C GLU HB 133 3.39 -38.98 99.34
N LYS HB 134 4.53 -38.41 98.96
CA LYS HB 134 5.72 -38.30 99.75
C LYS HB 134 5.48 -37.49 101.01
N LYS HB 135 4.81 -36.35 100.88
CA LYS HB 135 4.41 -35.51 101.99
C LYS HB 135 3.47 -36.20 102.96
N ILE HB 136 2.44 -36.89 102.45
CA ILE HB 136 1.48 -37.62 103.25
C ILE HB 136 2.16 -38.72 104.05
N LYS HB 137 3.08 -39.49 103.42
CA LYS HB 137 3.85 -40.49 104.13
C LYS HB 137 4.78 -39.85 105.17
N ALA HB 138 5.51 -38.78 104.79
CA ALA HB 138 6.42 -38.03 105.64
C ALA HB 138 5.81 -37.49 106.92
N VAL HB 139 4.53 -37.08 106.89
CA VAL HB 139 3.87 -36.49 108.03
C VAL HB 139 3.12 -37.54 108.83
N GLY HB 140 3.18 -38.81 108.37
CA GLY HB 140 2.59 -39.94 109.06
C GLY HB 140 1.12 -40.10 108.79
N GLY HB 141 0.59 -39.33 107.83
CA GLY HB 141 -0.74 -39.53 107.31
C GLY HB 141 -0.91 -40.78 106.48
N GLN HB 142 -2.12 -41.00 105.96
CA GLN HB 142 -2.36 -42.08 105.04
C GLN HB 142 -3.00 -41.54 103.78
N CYS HB 143 -2.71 -42.17 102.62
CA CYS HB 143 -3.39 -41.88 101.37
C CYS HB 143 -4.33 -43.01 101.03
N ILE HB 144 -5.57 -42.69 100.65
CA ILE HB 144 -6.54 -43.65 100.22
C ILE HB 144 -6.85 -43.39 98.76
N LEU HB 145 -6.48 -44.34 97.88
CA LEU HB 145 -7.05 -44.46 96.56
C LEU HB 145 -8.52 -44.82 96.65
N VAL HB 146 -9.42 -44.02 96.05
CA VAL HB 146 -10.85 -44.25 96.15
C VAL HB 146 -11.52 -43.86 94.85
N ALA HB 147 -12.56 -44.62 94.44
CA ALA HB 147 -13.36 -44.31 93.28
C ALA HB 147 -14.62 -43.50 93.66
N GLY IB 1 32.08 21.64 15.22
CA GLY IB 1 31.90 22.54 16.43
C GLY IB 1 31.70 21.81 17.74
N ARG IB 2 31.56 22.57 18.84
CA ARG IB 2 31.35 22.02 20.17
C ARG IB 2 30.70 23.10 21.04
N ARG IB 3 30.33 22.75 22.30
CA ARG IB 3 29.82 23.65 23.32
C ARG IB 3 30.53 25.02 23.40
N PRO IB 4 29.92 26.10 23.88
CA PRO IB 4 30.36 27.43 23.47
C PRO IB 4 31.37 28.00 24.45
N ALA IB 5 31.89 27.19 25.39
CA ALA IB 5 32.99 27.51 26.31
C ALA IB 5 32.71 28.57 27.37
N ARG IB 6 31.73 29.45 27.16
CA ARG IB 6 31.22 30.45 28.09
C ARG IB 6 30.83 29.84 29.43
N CYS IB 7 30.16 28.68 29.39
CA CYS IB 7 29.80 27.90 30.55
C CYS IB 7 30.98 27.44 31.39
N TYR IB 8 32.14 27.14 30.77
CA TYR IB 8 33.31 26.69 31.49
C TYR IB 8 34.20 27.82 31.94
N ARG IB 9 33.70 29.08 31.96
CA ARG IB 9 34.31 30.19 32.66
C ARG IB 9 34.38 29.91 34.15
N TYR IB 10 33.28 29.39 34.73
CA TYR IB 10 33.24 28.88 36.08
C TYR IB 10 34.01 27.58 36.27
N CYS IB 11 34.66 27.45 37.44
CA CYS IB 11 35.24 26.20 37.90
C CYS IB 11 34.24 25.50 38.81
N LYS IB 12 33.83 24.28 38.46
CA LYS IB 12 32.85 23.55 39.23
C LYS IB 12 32.94 22.07 38.90
N ASN IB 13 32.31 21.22 39.74
CA ASN IB 13 32.32 19.76 39.63
C ASN IB 13 33.68 19.16 40.00
N LYS IB 14 33.72 17.88 40.45
CA LYS IB 14 34.98 17.23 40.77
C LYS IB 14 35.95 17.12 39.58
N PRO IB 15 37.27 17.13 39.78
CA PRO IB 15 38.25 16.85 38.74
C PRO IB 15 38.02 15.57 37.95
N TYR IB 16 37.99 15.63 36.61
CA TYR IB 16 37.78 14.49 35.76
C TYR IB 16 38.88 14.32 34.70
N PRO IB 17 40.14 14.07 35.03
CA PRO IB 17 41.13 13.62 34.06
C PRO IB 17 40.88 12.20 33.54
N LYS IB 18 41.65 11.76 32.52
CA LYS IB 18 41.65 10.39 32.05
C LYS IB 18 42.04 9.36 33.11
N SER IB 19 41.50 8.13 33.01
CA SER IB 19 41.67 7.13 34.05
C SER IB 19 41.40 5.74 33.51
N ARG IB 20 41.73 4.69 34.30
CA ARG IB 20 41.39 3.32 33.96
C ARG IB 20 39.89 3.12 33.89
N TYR IB 21 39.16 3.86 34.73
CA TYR IB 21 37.72 3.89 34.79
C TYR IB 21 37.08 4.50 33.54
N CYS IB 22 37.60 5.65 33.06
CA CYS IB 22 36.95 6.45 32.04
C CYS IB 22 36.89 5.84 30.64
N ARG IB 23 38.05 5.48 30.07
CA ARG IB 23 38.22 5.15 28.65
C ARG IB 23 37.74 6.23 27.65
N GLY IB 24 38.10 6.04 26.36
CA GLY IB 24 37.50 6.76 25.23
C GLY IB 24 37.69 8.26 25.14
N VAL IB 25 38.77 8.81 25.73
CA VAL IB 25 39.04 10.24 25.69
C VAL IB 25 39.34 10.81 24.30
N PRO IB 26 38.88 12.01 23.91
CA PRO IB 26 39.40 12.70 22.74
C PRO IB 26 40.77 13.28 23.03
N ASP IB 27 41.69 13.26 22.05
CA ASP IB 27 43.02 13.81 22.19
C ASP IB 27 43.06 15.34 22.40
N PRO IB 28 44.00 15.92 23.16
CA PRO IB 28 44.34 17.33 23.13
C PRO IB 28 44.52 17.95 21.76
N LYS IB 29 44.12 19.22 21.59
CA LYS IB 29 44.57 20.01 20.46
C LYS IB 29 46.04 20.34 20.59
N ILE IB 30 46.48 20.79 21.79
CA ILE IB 30 47.88 21.09 22.03
C ILE IB 30 48.64 19.85 22.49
N ARG IB 31 49.42 19.27 21.55
CA ARG IB 31 50.46 18.31 21.85
C ARG IB 31 51.81 18.90 21.47
N ILE IB 32 51.84 20.16 21.00
CA ILE IB 32 53.03 20.80 20.50
C ILE IB 32 53.96 21.30 21.61
N TYR IB 33 53.39 21.94 22.64
CA TYR IB 33 54.12 22.65 23.70
C TYR IB 33 55.20 23.61 23.21
N ASP IB 34 56.23 23.84 24.04
CA ASP IB 34 57.36 24.72 23.85
C ASP IB 34 57.97 24.89 22.45
N MET IB 35 58.64 26.05 22.25
CA MET IB 35 59.19 26.48 20.99
C MET IB 35 60.40 27.36 21.27
N GLY IB 36 61.18 27.68 20.22
CA GLY IB 36 62.39 28.50 20.35
C GLY IB 36 63.62 27.64 20.24
N ARG IB 37 64.76 28.12 20.77
CA ARG IB 37 65.99 27.35 20.78
C ARG IB 37 65.92 26.32 21.91
N LYS IB 38 65.43 25.11 21.58
CA LYS IB 38 64.92 24.16 22.55
C LYS IB 38 65.92 23.66 23.57
N LYS IB 39 67.14 23.33 23.12
CA LYS IB 39 68.15 22.71 23.96
C LYS IB 39 69.10 23.74 24.55
N ALA IB 40 68.80 25.05 24.37
CA ALA IB 40 69.57 26.14 24.94
C ALA IB 40 69.67 26.10 26.46
N ASP IB 41 70.85 26.43 27.02
CA ASP IB 41 71.08 26.44 28.43
C ASP IB 41 70.61 27.75 29.07
N VAL IB 42 70.43 27.76 30.40
CA VAL IB 42 70.11 28.95 31.18
C VAL IB 42 71.14 30.05 31.08
N ASN IB 43 72.43 29.73 30.95
CA ASN IB 43 73.48 30.73 30.86
C ASN IB 43 73.44 31.43 29.51
N GLU IB 44 72.68 30.89 28.54
CA GLU IB 44 72.66 31.33 27.17
C GLU IB 44 71.53 32.31 26.87
N PHE IB 45 70.75 32.68 27.90
CA PHE IB 45 69.77 33.76 27.86
C PHE IB 45 69.78 34.36 29.26
N SER IB 46 69.03 35.44 29.52
CA SER IB 46 69.23 36.20 30.74
C SER IB 46 67.97 36.56 31.48
N GLY IB 47 66.80 36.64 30.81
CA GLY IB 47 65.55 37.05 31.42
C GLY IB 47 64.41 36.12 31.11
N VAL IB 48 63.27 36.34 31.79
CA VAL IB 48 62.04 35.59 31.63
C VAL IB 48 60.84 36.50 31.84
N VAL IB 49 59.77 36.28 31.06
CA VAL IB 49 58.52 37.01 31.16
C VAL IB 49 57.40 35.99 31.23
N HIS IB 50 56.24 36.36 31.81
CA HIS IB 50 55.25 35.39 32.24
C HIS IB 50 53.83 35.90 32.06
N LEU IB 51 52.94 35.06 31.53
CA LEU IB 51 51.53 35.35 31.38
C LEU IB 51 50.78 34.57 32.45
N VAL IB 52 50.09 35.28 33.34
CA VAL IB 52 49.66 34.79 34.62
C VAL IB 52 48.15 34.79 34.73
N SER IB 53 47.58 33.67 35.21
CA SER IB 53 46.16 33.47 35.45
C SER IB 53 45.54 34.46 36.44
N TYR IB 54 44.30 34.89 36.17
CA TYR IB 54 43.69 35.97 36.91
C TYR IB 54 42.16 35.97 36.82
N GLU IB 55 41.53 34.89 36.29
CA GLU IB 55 40.09 34.76 36.17
C GLU IB 55 39.54 33.57 36.97
N TYR IB 56 40.38 32.55 37.20
CA TYR IB 56 40.05 31.17 37.55
C TYR IB 56 39.60 30.47 36.26
N GLU IB 57 40.38 30.74 35.21
CA GLU IB 57 40.27 30.26 33.86
C GLU IB 57 40.56 28.76 33.69
N GLN IB 58 39.62 28.03 33.05
CA GLN IB 58 39.78 26.61 32.79
C GLN IB 58 40.83 26.32 31.74
N ILE IB 59 40.89 27.16 30.69
CA ILE IB 59 41.85 27.10 29.59
C ILE IB 59 41.63 25.89 28.71
N SER IB 60 40.96 26.11 27.55
CA SER IB 60 40.82 25.11 26.52
C SER IB 60 42.12 24.75 25.84
N SER IB 61 42.23 23.52 25.35
CA SER IB 61 43.39 23.02 24.64
C SER IB 61 43.68 23.83 23.39
N GLU IB 62 42.63 24.10 22.59
CA GLU IB 62 42.64 25.06 21.52
C GLU IB 62 43.05 26.48 21.89
N ALA IB 63 42.56 27.07 23.00
CA ALA IB 63 43.02 28.36 23.46
C ALA IB 63 44.52 28.40 23.75
N LEU IB 64 45.03 27.38 24.46
CA LEU IB 64 46.44 27.23 24.74
C LEU IB 64 47.28 27.09 23.47
N GLU IB 65 46.84 26.26 22.52
CA GLU IB 65 47.48 26.13 21.23
C GLU IB 65 47.52 27.43 20.44
N ALA IB 66 46.36 28.11 20.32
CA ALA IB 66 46.16 29.32 19.58
C ALA IB 66 46.99 30.48 20.11
N ALA IB 67 46.98 30.70 21.42
CA ALA IB 67 47.80 31.70 22.06
C ALA IB 67 49.28 31.47 21.81
N ARG IB 68 49.77 30.24 22.10
CA ARG IB 68 51.14 29.87 21.85
C ARG IB 68 51.61 30.04 20.43
N ILE IB 69 50.83 29.59 19.44
CA ILE IB 69 51.25 29.66 18.05
C ILE IB 69 51.38 31.09 17.58
N SER IB 70 50.43 31.93 18.01
CA SER IB 70 50.42 33.36 17.75
C SER IB 70 51.60 34.07 18.35
N ALA IB 71 51.87 33.82 19.66
CA ALA IB 71 53.04 34.25 20.38
C ALA IB 71 54.34 33.91 19.68
N ASN IB 72 54.48 32.64 19.25
CA ASN IB 72 55.65 32.11 18.60
C ASN IB 72 55.91 32.82 17.29
N LYS IB 73 54.88 33.00 16.46
CA LYS IB 73 54.99 33.68 15.19
C LYS IB 73 55.40 35.14 15.38
N TYR IB 74 54.79 35.82 16.37
CA TYR IB 74 55.14 37.18 16.70
C TYR IB 74 56.60 37.29 17.15
N MET IB 75 57.05 36.40 18.04
CA MET IB 75 58.45 36.29 18.38
C MET IB 75 59.39 36.00 17.21
N ILE IB 76 59.11 35.00 16.38
CA ILE IB 76 59.94 34.72 15.20
C ILE IB 76 60.01 35.86 14.21
N THR IB 77 58.88 36.53 13.93
CA THR IB 77 58.83 37.67 13.00
C THR IB 77 59.58 38.88 13.49
N ASN IB 78 59.41 39.22 14.77
CA ASN IB 78 60.08 40.32 15.42
C ASN IB 78 61.55 40.03 15.74
N CYS IB 79 61.82 39.02 16.58
CA CYS IB 79 63.09 38.87 17.26
C CYS IB 79 63.89 37.66 16.78
N GLY IB 80 63.36 36.87 15.82
CA GLY IB 80 64.05 35.73 15.23
C GLY IB 80 63.98 34.47 16.06
N LYS IB 81 63.85 33.31 15.38
CA LYS IB 81 63.47 32.05 15.99
C LYS IB 81 64.40 31.51 17.06
N ASP IB 82 65.71 31.75 16.91
CA ASP IB 82 66.74 31.18 17.72
C ASP IB 82 67.13 32.09 18.89
N ASN IB 83 66.40 33.18 19.11
CA ASN IB 83 66.76 34.22 20.06
C ASN IB 83 65.85 34.25 21.26
N PHE IB 84 65.06 33.19 21.47
CA PHE IB 84 64.22 33.07 22.61
C PHE IB 84 63.91 31.61 22.88
N HIS IB 85 63.24 31.34 24.00
CA HIS IB 85 62.57 30.09 24.23
C HIS IB 85 61.20 30.41 24.77
N LEU IB 86 60.16 29.86 24.15
CA LEU IB 86 58.77 30.04 24.50
C LEU IB 86 58.30 28.78 25.17
N ARG IB 87 57.90 28.90 26.43
CA ARG IB 87 57.53 27.79 27.28
C ARG IB 87 56.06 27.79 27.56
N VAL IB 88 55.42 26.66 27.31
CA VAL IB 88 54.04 26.39 27.66
C VAL IB 88 54.06 25.73 29.03
N ARG IB 89 53.95 26.54 30.10
CA ARG IB 89 54.15 26.06 31.44
C ARG IB 89 53.01 25.19 31.96
N ILE IB 90 51.76 25.62 31.72
CA ILE IB 90 50.58 24.83 32.05
C ILE IB 90 50.39 23.59 31.15
N HIS IB 91 49.89 22.48 31.72
CA HIS IB 91 49.49 21.31 30.94
C HIS IB 91 48.02 20.98 31.20
N PRO IB 92 47.11 21.16 30.25
CA PRO IB 92 45.78 20.58 30.25
C PRO IB 92 45.74 19.08 30.51
N PHE IB 93 44.76 18.62 31.29
CA PHE IB 93 44.63 17.22 31.64
C PHE IB 93 43.19 16.85 31.96
N HIS IB 94 42.29 17.82 32.12
CA HIS IB 94 40.98 17.60 32.65
C HIS IB 94 39.99 17.44 31.51
N VAL IB 95 39.30 16.29 31.46
CA VAL IB 95 38.44 15.93 30.34
C VAL IB 95 37.00 16.36 30.64
N LEU IB 96 36.41 17.19 29.79
CA LEU IB 96 35.02 17.55 29.89
C LEU IB 96 34.10 16.42 29.44
N ARG IB 97 32.79 16.53 29.68
CA ARG IB 97 31.87 15.51 29.19
C ARG IB 97 30.50 16.15 28.95
N ILE IB 98 29.73 15.61 27.97
CA ILE IB 98 28.54 16.27 27.44
C ILE IB 98 27.44 15.28 27.05
N ASN IB 99 26.21 15.78 26.86
CA ASN IB 99 25.11 15.00 26.34
C ASN IB 99 24.42 15.73 25.20
N LYS IB 100 23.64 14.96 24.43
CA LYS IB 100 22.72 15.43 23.41
C LYS IB 100 21.28 15.05 23.85
N ALA IB 117 23.07 7.62 34.42
CA ALA IB 117 23.41 8.46 33.25
C ALA IB 117 24.67 9.31 33.49
N PHE IB 118 25.56 9.40 32.47
CA PHE IB 118 26.81 10.11 32.62
C PHE IB 118 27.18 10.68 31.26
N GLY IB 119 27.67 11.93 31.20
CA GLY IB 119 28.13 12.53 29.94
C GLY IB 119 29.19 11.76 29.17
N LYS IB 120 29.16 11.87 27.83
CA LYS IB 120 30.17 11.28 26.98
C LYS IB 120 31.34 12.26 26.83
N PRO IB 121 32.61 11.84 26.84
CA PRO IB 121 33.77 12.71 26.75
C PRO IB 121 33.77 13.85 25.74
N ASN IB 122 34.32 15.00 26.16
CA ASN IB 122 34.46 16.23 25.43
C ASN IB 122 35.88 16.72 25.72
N GLY IB 123 36.33 17.80 25.06
CA GLY IB 123 37.69 18.33 25.11
C GLY IB 123 38.36 18.59 26.45
N VAL IB 124 39.66 18.91 26.39
CA VAL IB 124 40.52 18.97 27.55
C VAL IB 124 40.72 20.40 28.03
N VAL IB 125 40.64 20.61 29.36
CA VAL IB 125 40.93 21.86 30.03
C VAL IB 125 41.93 21.62 31.16
N ALA IB 126 42.33 22.68 31.87
CA ALA IB 126 43.29 22.60 32.95
C ALA IB 126 42.76 23.06 34.32
N ARG IB 127 41.56 23.67 34.39
CA ARG IB 127 40.94 24.21 35.60
C ARG IB 127 41.83 25.06 36.52
N VAL IB 128 42.47 26.12 35.97
CA VAL IB 128 43.57 26.80 36.62
C VAL IB 128 43.11 27.98 37.48
N ASP IB 129 43.46 27.98 38.78
CA ASP IB 129 43.19 29.12 39.64
C ASP IB 129 44.21 30.25 39.42
N ILE IB 130 43.91 31.43 39.96
CA ILE IB 130 44.64 32.68 39.89
C ILE IB 130 46.06 32.63 40.45
N GLY IB 131 47.02 33.32 39.80
CA GLY IB 131 48.39 33.45 40.27
C GLY IB 131 49.33 32.39 39.78
N GLN IB 132 48.98 31.71 38.67
CA GLN IB 132 49.79 30.68 38.05
C GLN IB 132 50.18 31.12 36.65
N VAL IB 133 51.47 31.00 36.29
CA VAL IB 133 51.94 31.24 34.93
C VAL IB 133 51.45 30.19 33.94
N LEU IB 134 50.82 30.63 32.85
CA LEU IB 134 50.33 29.77 31.79
C LEU IB 134 51.39 29.61 30.71
N LEU IB 135 51.90 30.75 30.21
CA LEU IB 135 52.90 30.81 29.17
C LEU IB 135 54.03 31.69 29.66
N SER IB 136 55.26 31.40 29.22
CA SER IB 136 56.41 32.18 29.61
C SER IB 136 57.40 32.20 28.48
N ILE IB 137 58.17 33.30 28.33
CA ILE IB 137 59.20 33.40 27.31
C ILE IB 137 60.51 33.72 28.00
N ARG IB 138 61.60 33.04 27.60
CA ARG IB 138 62.95 33.29 28.04
C ARG IB 138 63.77 33.85 26.90
N THR IB 139 64.53 34.93 27.14
CA THR IB 139 65.27 35.62 26.10
C THR IB 139 66.34 36.50 26.73
N LYS IB 140 67.12 37.20 25.90
CA LYS IB 140 68.05 38.25 26.29
C LYS IB 140 67.33 39.51 26.76
N GLU IB 141 67.95 40.33 27.62
CA GLU IB 141 67.39 41.54 28.20
C GLU IB 141 66.80 42.51 27.19
N ASN IB 142 67.40 42.55 25.99
CA ASN IB 142 67.00 43.34 24.86
C ASN IB 142 65.59 43.07 24.34
N PHE IB 143 65.04 41.85 24.53
CA PHE IB 143 63.80 41.46 23.87
C PHE IB 143 62.71 41.10 24.87
N VAL IB 144 62.88 41.42 26.17
CA VAL IB 144 61.89 41.12 27.18
C VAL IB 144 60.58 41.89 27.01
N SER IB 145 60.65 43.17 26.63
CA SER IB 145 59.48 43.98 26.31
C SER IB 145 58.71 43.46 25.10
N LYS IB 146 59.44 43.00 24.07
CA LYS IB 146 58.90 42.35 22.89
C LYS IB 146 58.15 41.07 23.24
N ALA IB 147 58.77 40.27 24.12
CA ALA IB 147 58.21 39.07 24.70
C ALA IB 147 56.94 39.37 25.50
N CYS IB 148 56.97 40.42 26.36
CA CYS IB 148 55.80 40.90 27.06
C CYS IB 148 54.66 41.28 26.14
N GLU IB 149 54.95 42.00 25.03
CA GLU IB 149 53.98 42.28 24.00
C GLU IB 149 53.40 41.04 23.34
N ALA IB 150 54.23 40.02 23.02
CA ALA IB 150 53.74 38.77 22.48
C ALA IB 150 52.73 38.07 23.39
N LEU IB 151 53.04 38.01 24.69
CA LEU IB 151 52.12 37.59 25.72
C LEU IB 151 50.85 38.43 25.82
N ARG IB 152 50.93 39.76 25.67
CA ARG IB 152 49.76 40.61 25.61
C ARG IB 152 48.86 40.30 24.42
N ARG IB 153 49.44 40.01 23.23
CA ARG IB 153 48.70 39.53 22.09
C ARG IB 153 48.04 38.17 22.36
N ALA IB 154 48.79 37.26 23.00
CA ALA IB 154 48.35 35.94 23.40
C ALA IB 154 47.14 35.97 24.33
N LYS IB 155 47.11 36.92 25.29
CA LYS IB 155 46.02 37.11 26.22
C LYS IB 155 44.67 37.30 25.56
N TYR IB 156 44.61 38.00 24.41
CA TYR IB 156 43.39 38.13 23.63
C TYR IB 156 42.80 36.81 23.11
N LYS IB 157 43.53 35.69 23.22
CA LYS IB 157 43.03 34.38 22.87
C LYS IB 157 42.89 33.52 24.12
N PHE IB 158 42.98 34.12 25.33
CA PHE IB 158 42.70 33.45 26.58
C PHE IB 158 41.39 33.97 27.19
N PRO IB 159 40.45 33.10 27.62
CA PRO IB 159 39.24 33.46 28.36
C PRO IB 159 39.38 34.44 29.49
N GLY IB 160 38.40 35.35 29.70
CA GLY IB 160 38.41 36.32 30.78
C GLY IB 160 39.63 37.22 30.87
N ARG IB 161 40.04 37.58 32.10
CA ARG IB 161 41.16 38.48 32.35
C ARG IB 161 42.37 37.77 32.94
N GLN IB 162 43.58 38.14 32.46
CA GLN IB 162 44.85 37.62 32.91
C GLN IB 162 45.73 38.79 33.34
N LYS IB 163 46.92 38.51 33.88
CA LYS IB 163 47.91 39.52 34.22
C LYS IB 163 49.26 39.09 33.69
N VAL IB 164 50.21 40.03 33.61
CA VAL IB 164 51.53 39.81 33.01
C VAL IB 164 52.62 40.22 33.99
N PHE IB 165 53.75 39.50 33.97
CA PHE IB 165 54.81 39.70 34.93
C PHE IB 165 56.14 39.45 34.24
N VAL IB 166 57.20 40.14 34.70
CA VAL IB 166 58.57 39.94 34.23
C VAL IB 166 59.43 39.80 35.47
N SER IB 167 60.14 38.66 35.62
CA SER IB 167 60.84 38.36 36.86
C SER IB 167 62.29 38.83 36.87
N ASN IB 168 62.82 39.05 38.08
CA ASN IB 168 64.21 39.40 38.32
C ASN IB 168 64.99 38.17 38.76
N LYS IB 169 64.37 36.98 38.65
CA LYS IB 169 65.10 35.74 38.53
C LYS IB 169 65.97 35.71 37.29
N TRP IB 170 67.09 34.96 37.31
CA TRP IB 170 67.89 34.70 36.14
C TRP IB 170 67.09 33.98 35.08
N GLY IB 171 66.20 33.06 35.51
CA GLY IB 171 65.15 32.48 34.68
C GLY IB 171 65.40 31.06 34.28
N PHE IB 172 64.34 30.22 34.39
CA PHE IB 172 64.37 28.76 34.24
C PHE IB 172 65.27 28.10 35.28
N THR IB 173 65.41 28.80 36.42
CA THR IB 173 66.08 28.34 37.63
C THR IB 173 65.55 29.26 38.70
N PRO IB 174 65.46 28.96 40.00
CA PRO IB 174 64.76 29.85 40.93
C PRO IB 174 65.57 31.06 41.33
N PHE IB 175 66.89 31.03 41.12
CA PHE IB 175 67.81 32.07 41.54
C PHE IB 175 67.61 33.44 40.91
N SER IB 176 67.80 34.52 41.71
CA SER IB 176 67.94 35.89 41.25
C SER IB 176 69.06 36.09 40.25
N LYS IB 177 69.02 37.12 39.39
CA LYS IB 177 70.11 37.48 38.51
C LYS IB 177 71.42 37.77 39.25
N ASP IB 178 71.35 38.60 40.31
CA ASP IB 178 72.44 38.83 41.25
C ASP IB 178 72.92 37.56 41.98
N GLU IB 179 72.00 36.69 42.44
CA GLU IB 179 72.34 35.40 43.03
C GLU IB 179 73.08 34.49 42.07
N TYR IB 180 72.61 34.42 40.81
CA TYR IB 180 73.23 33.65 39.73
C TYR IB 180 74.68 34.08 39.54
N GLN IB 181 74.94 35.40 39.46
CA GLN IB 181 76.28 35.90 39.28
C GLN IB 181 77.18 35.56 40.47
N GLN IB 182 76.70 35.73 41.71
CA GLN IB 182 77.46 35.43 42.90
C GLN IB 182 77.85 33.97 43.06
N TYR IB 183 76.89 33.06 42.89
CA TYR IB 183 77.12 31.64 42.93
C TYR IB 183 78.04 31.16 41.83
N LYS IB 184 77.83 31.62 40.59
CA LYS IB 184 78.68 31.35 39.46
C LYS IB 184 80.12 31.81 39.65
N LYS IB 185 80.30 33.01 40.24
CA LYS IB 185 81.58 33.60 40.55
C LYS IB 185 82.42 32.76 41.48
N LYS IB 186 81.78 32.16 42.50
CA LYS IB 186 82.48 31.30 43.44
C LYS IB 186 82.26 29.84 43.13
N GLY IB 187 81.84 29.52 41.89
CA GLY IB 187 81.69 28.17 41.37
C GLY IB 187 80.74 27.25 42.10
N ARG IB 188 79.69 27.80 42.76
CA ARG IB 188 78.83 27.03 43.62
C ARG IB 188 77.63 26.48 42.89
N ILE IB 189 77.45 26.91 41.62
CA ILE IB 189 76.33 26.50 40.81
C ILE IB 189 76.85 25.89 39.52
N ILE IB 190 76.45 24.64 39.27
CA ILE IB 190 76.82 23.88 38.08
C ILE IB 190 75.59 23.55 37.26
N SER IB 191 75.62 23.80 35.94
CA SER IB 191 74.49 23.49 35.08
C SER IB 191 74.55 22.06 34.62
N ASP IB 192 73.42 21.37 34.78
CA ASP IB 192 73.16 20.04 34.34
C ASP IB 192 72.42 20.09 33.01
N GLY IB 193 72.33 21.30 32.41
CA GLY IB 193 71.65 21.59 31.16
C GLY IB 193 70.31 22.20 31.44
N VAL IB 194 70.26 23.54 31.54
CA VAL IB 194 69.11 24.34 31.96
C VAL IB 194 68.94 24.25 33.46
N SER IB 195 68.62 23.04 33.94
CA SER IB 195 68.63 22.71 35.35
C SER IB 195 70.03 22.85 35.95
N CYS IB 196 70.10 23.34 37.18
CA CYS IB 196 71.36 23.69 37.79
C CYS IB 196 71.42 23.17 39.21
N LYS IB 197 72.56 22.61 39.60
CA LYS IB 197 72.75 22.10 40.92
C LYS IB 197 73.56 23.09 41.71
N PHE IB 198 73.07 23.40 42.92
CA PHE IB 198 73.77 24.23 43.87
C PHE IB 198 74.51 23.28 44.77
N ILE IB 199 75.85 23.39 44.80
CA ILE IB 199 76.72 22.41 45.43
C ILE IB 199 76.57 22.43 46.95
N ARG IB 200 76.16 21.29 47.55
CA ARG IB 200 75.74 21.21 48.95
C ARG IB 200 76.75 20.48 49.83
N GLU IB 201 78.01 20.38 49.34
CA GLU IB 201 79.17 19.91 50.08
C GLU IB 201 79.12 18.43 50.43
N LYS IB 202 78.76 17.57 49.46
CA LYS IB 202 78.59 16.15 49.69
C LYS IB 202 79.15 15.30 48.56
N GLY IB 203 79.42 14.00 48.86
CA GLY IB 203 79.76 12.96 47.89
C GLY IB 203 81.15 13.00 47.27
N PRO IB 204 81.46 12.04 46.41
CA PRO IB 204 82.78 11.87 45.83
C PRO IB 204 82.98 12.76 44.59
N LEU IB 205 84.24 12.98 44.20
CA LEU IB 205 84.61 13.71 43.00
C LEU IB 205 85.53 12.83 42.10
N LYS JB 1 65.53 -1.04 36.08
CA LYS JB 1 66.19 -0.26 37.19
C LYS JB 1 67.20 -1.10 37.98
N VAL JB 2 68.26 -0.49 38.54
CA VAL JB 2 69.10 -1.10 39.56
C VAL JB 2 68.33 -1.52 40.80
N VAL JB 3 68.80 -2.55 41.51
CA VAL JB 3 68.09 -3.14 42.63
C VAL JB 3 67.93 -2.21 43.81
N LYS JB 4 69.01 -1.50 44.20
CA LYS JB 4 69.04 -0.73 45.42
C LYS JB 4 68.75 0.74 45.13
N ASN JB 5 67.69 1.31 45.75
CA ASN JB 5 67.22 2.67 45.46
C ASN JB 5 66.69 3.31 46.73
N LYS JB 6 66.73 4.66 46.81
CA LYS JB 6 66.26 5.41 47.96
C LYS JB 6 64.83 5.13 48.38
N ALA JB 7 63.90 5.03 47.41
CA ALA JB 7 62.51 4.67 47.65
C ALA JB 7 62.38 3.31 48.31
N TYR JB 8 63.12 2.31 47.80
CA TYR JB 8 63.23 0.98 48.34
C TYR JB 8 63.78 1.01 49.76
N PHE JB 9 64.84 1.79 50.03
CA PHE JB 9 65.37 1.90 51.38
C PHE JB 9 64.38 2.52 52.36
N LYS JB 10 63.70 3.61 51.93
CA LYS JB 10 62.72 4.31 52.71
C LYS JB 10 61.51 3.45 53.06
N ARG JB 11 60.97 2.75 52.06
CA ARG JB 11 59.89 1.80 52.21
C ARG JB 11 60.21 0.54 53.00
N TYR JB 12 61.41 -0.06 52.85
CA TYR JB 12 61.78 -1.31 53.49
C TYR JB 12 61.57 -1.34 55.01
N GLN JB 13 60.95 -2.43 55.49
CA GLN JB 13 60.67 -2.59 56.90
C GLN JB 13 61.52 -3.72 57.43
N VAL JB 14 62.32 -3.44 58.45
CA VAL JB 14 63.15 -4.42 59.10
C VAL JB 14 62.41 -5.57 59.78
N LYS JB 15 63.05 -6.76 59.79
CA LYS JB 15 62.61 -7.87 60.60
C LYS JB 15 63.17 -7.76 62.01
N TYR JB 16 62.52 -8.39 63.00
CA TYR JB 16 62.90 -8.30 64.41
C TYR JB 16 64.32 -8.77 64.71
N ARG JB 17 64.98 -8.12 65.70
CA ARG JB 17 66.41 -8.21 65.93
C ARG JB 17 66.97 -9.60 66.15
N ARG JB 18 66.31 -10.39 67.01
CA ARG JB 18 66.62 -11.78 67.25
C ARG JB 18 66.40 -12.67 66.03
N ARG JB 19 65.34 -12.44 65.25
CA ARG JB 19 65.14 -13.09 63.96
C ARG JB 19 66.26 -12.76 62.98
N ARG JB 20 66.76 -11.49 62.96
CA ARG JB 20 67.93 -11.12 62.19
C ARG JB 20 69.18 -11.89 62.60
N GLU JB 21 69.43 -12.01 63.92
CA GLU JB 21 70.48 -12.84 64.47
C GLU JB 21 70.31 -14.33 64.10
N GLY JB 22 69.05 -14.81 64.18
CA GLY JB 22 68.56 -16.07 63.64
C GLY JB 22 67.85 -16.88 64.68
N LYS JB 23 67.87 -16.37 65.93
CA LYS JB 23 67.54 -17.08 67.13
C LYS JB 23 66.07 -17.40 67.33
N THR JB 24 65.18 -16.44 67.03
CA THR JB 24 63.77 -16.56 67.41
C THR JB 24 62.86 -16.77 66.22
N ASP JB 25 61.94 -17.74 66.37
CA ASP JB 25 60.89 -17.99 65.40
C ASP JB 25 59.75 -16.96 65.47
N TYR JB 26 59.33 -16.61 66.71
CA TYR JB 26 58.20 -15.73 67.01
C TYR JB 26 56.87 -16.43 66.87
N ARG JB 27 56.57 -17.05 65.72
CA ARG JB 27 55.32 -17.75 65.51
C ARG JB 27 55.13 -18.94 66.46
N ALA JB 28 56.12 -19.83 66.57
CA ALA JB 28 56.17 -20.81 67.64
C ALA JB 28 56.26 -20.21 69.04
N ARG JB 29 57.12 -19.18 69.20
CA ARG JB 29 57.40 -18.51 70.47
C ARG JB 29 56.15 -17.96 71.11
N LYS JB 30 55.29 -17.22 70.39
CA LYS JB 30 54.07 -16.69 70.96
C LYS JB 30 53.13 -17.78 71.48
N ALA JB 31 52.94 -18.89 70.74
CA ALA JB 31 52.19 -20.03 71.22
C ALA JB 31 52.80 -20.70 72.46
N LEU JB 32 54.13 -20.90 72.47
CA LEU JB 32 54.88 -21.30 73.64
C LEU JB 32 54.68 -20.41 74.87
N ILE JB 33 54.70 -19.08 74.69
CA ILE JB 33 54.40 -18.08 75.70
C ILE JB 33 52.98 -18.14 76.20
N LEU JB 34 52.02 -17.88 75.29
CA LEU JB 34 50.70 -17.44 75.63
C LEU JB 34 49.84 -18.44 76.38
N GLN JB 35 49.56 -18.15 77.65
CA GLN JB 35 48.55 -18.80 78.46
C GLN JB 35 47.15 -18.45 77.98
N ASP JB 36 46.15 -19.31 78.21
CA ASP JB 36 44.75 -18.96 78.03
C ASP JB 36 44.37 -17.74 78.89
N LYS JB 37 43.71 -16.72 78.33
CA LYS JB 37 43.62 -15.43 78.98
C LYS JB 37 42.86 -15.44 80.30
N ASN JB 38 41.77 -16.21 80.34
CA ASN JB 38 40.98 -16.50 81.53
C ASN JB 38 41.71 -17.34 82.59
N LYS JB 39 42.91 -17.87 82.28
CA LYS JB 39 43.74 -18.66 83.15
C LYS JB 39 44.96 -17.83 83.61
N TYR JB 40 44.78 -16.50 83.68
CA TYR JB 40 45.66 -15.51 84.29
C TYR JB 40 46.51 -15.91 85.50
N ASN JB 41 47.71 -15.30 85.61
CA ASN JB 41 48.66 -15.41 86.71
C ASN JB 41 49.48 -16.69 86.69
N ALA JB 42 49.31 -17.52 85.65
CA ALA JB 42 50.07 -18.72 85.43
C ALA JB 42 50.84 -18.57 84.14
N GLN JB 43 52.17 -18.71 84.18
CA GLN JB 43 53.01 -18.37 83.05
C GLN JB 43 53.70 -19.61 82.58
N LYS JB 44 53.55 -19.95 81.28
CA LYS JB 44 54.12 -21.16 80.71
C LYS JB 44 55.64 -21.20 80.75
N LEU JB 45 56.21 -22.14 81.51
CA LEU JB 45 57.62 -22.44 81.47
C LEU JB 45 58.12 -22.99 80.14
N ARG JB 46 59.21 -22.40 79.61
CA ARG JB 46 59.96 -22.97 78.52
C ARG JB 46 61.13 -23.72 79.08
N PHE JB 47 61.32 -24.96 78.62
CA PHE JB 47 62.53 -25.72 78.80
C PHE JB 47 63.35 -25.48 77.54
N VAL JB 48 64.33 -24.59 77.66
CA VAL JB 48 65.13 -24.12 76.58
C VAL JB 48 66.27 -25.07 76.34
N VAL JB 49 66.44 -25.54 75.10
CA VAL JB 49 67.60 -26.31 74.71
C VAL JB 49 68.14 -25.67 73.47
N ARG JB 50 69.40 -25.20 73.51
CA ARG JB 50 70.07 -24.70 72.34
C ARG JB 50 71.37 -25.47 72.21
N LYS JB 51 71.63 -26.00 71.00
CA LYS JB 51 72.72 -26.92 70.72
C LYS JB 51 73.90 -26.24 70.05
N THR JB 52 74.89 -25.79 70.84
CA THR JB 52 76.07 -25.10 70.33
C THR JB 52 77.10 -26.12 69.92
N ASN JB 53 78.03 -25.74 69.02
CA ASN JB 53 78.92 -26.66 68.35
C ASN JB 53 80.12 -27.03 69.22
N SER JB 54 79.88 -27.15 70.53
CA SER JB 54 80.91 -27.27 71.55
C SER JB 54 80.38 -27.82 72.86
N GLN JB 55 79.04 -27.88 73.05
CA GLN JB 55 78.36 -28.12 74.32
C GLN JB 55 76.91 -27.68 74.18
N VAL JB 56 75.97 -28.29 74.92
CA VAL JB 56 74.56 -27.95 74.83
C VAL JB 56 74.09 -27.21 76.07
N ILE JB 57 73.14 -26.28 75.88
CA ILE JB 57 72.72 -25.35 76.91
C ILE JB 57 71.25 -25.61 77.18
N CYS JB 58 70.91 -25.88 78.45
CA CYS JB 58 69.58 -26.22 78.92
C CYS JB 58 69.10 -25.25 79.99
N GLN JB 59 68.02 -24.49 79.75
CA GLN JB 59 67.52 -23.51 80.71
C GLN JB 59 66.05 -23.70 81.03
N ILE JB 60 65.61 -23.35 82.25
CA ILE JB 60 64.21 -23.08 82.56
C ILE JB 60 63.95 -21.59 82.51
N ALA JB 61 63.14 -21.14 81.53
CA ALA JB 61 62.79 -19.75 81.35
C ALA JB 61 61.28 -19.50 81.50
N CYS JB 62 60.91 -18.33 82.06
CA CYS JB 62 59.55 -17.93 82.35
C CYS JB 62 59.24 -16.57 81.73
N ALA JB 63 58.28 -16.45 80.81
CA ALA JB 63 58.16 -15.25 80.01
C ALA JB 63 57.44 -14.10 80.74
N HIS JB 64 58.01 -12.88 80.64
CA HIS JB 64 57.49 -11.69 81.26
C HIS JB 64 57.61 -10.56 80.25
N ILE JB 65 56.89 -9.43 80.46
CA ILE JB 65 56.73 -8.38 79.46
C ILE JB 65 58.02 -7.68 79.05
N GLU JB 66 58.96 -7.55 79.98
CA GLU JB 66 60.28 -6.99 79.78
C GLU JB 66 61.29 -8.08 79.41
N GLY JB 67 60.81 -9.29 79.10
CA GLY JB 67 61.60 -10.43 78.69
C GLY JB 67 61.61 -11.57 79.68
N ASP JB 68 62.03 -12.74 79.18
CA ASP JB 68 62.11 -14.01 79.87
C ASP JB 68 62.99 -13.97 81.12
N LYS JB 69 62.47 -14.45 82.26
CA LYS JB 69 63.18 -14.58 83.50
C LYS JB 69 63.73 -15.98 83.64
N ILE JB 70 65.03 -16.15 83.90
CA ILE JB 70 65.64 -17.47 83.86
C ILE JB 70 65.76 -17.99 85.27
N LEU JB 71 65.08 -19.12 85.48
CA LEU JB 71 64.95 -19.76 86.76
C LEU JB 71 66.05 -20.77 86.97
N ALA JB 72 66.28 -21.66 85.99
CA ALA JB 72 67.29 -22.71 86.07
C ALA JB 72 68.18 -22.72 84.85
N GLU JB 73 69.46 -23.10 85.02
CA GLU JB 73 70.41 -23.08 83.93
C GLU JB 73 71.39 -24.23 84.07
N ALA JB 74 71.65 -24.97 82.97
CA ALA JB 74 72.72 -25.94 82.87
C ALA JB 74 73.44 -25.87 81.53
N LYS JB 75 74.78 -25.89 81.53
CA LYS JB 75 75.60 -26.05 80.35
C LYS JB 75 76.39 -27.32 80.49
N SER JB 76 76.73 -27.99 79.38
CA SER JB 76 77.52 -29.22 79.38
C SER JB 76 78.87 -29.08 80.06
N LYS JB 77 79.50 -27.90 80.06
CA LYS JB 77 80.81 -27.73 80.67
C LYS JB 77 80.72 -27.59 82.19
N GLU JB 78 79.50 -27.62 82.78
CA GLU JB 78 79.31 -27.94 84.19
C GLU JB 78 79.55 -29.42 84.48
N LEU JB 79 79.25 -30.33 83.53
CA LEU JB 79 79.49 -31.78 83.62
C LEU JB 79 80.93 -32.16 83.96
N ILE JB 80 81.90 -31.30 83.62
CA ILE JB 80 83.27 -31.35 84.10
C ILE JB 80 83.38 -31.49 85.63
N ARG JB 81 82.54 -30.78 86.41
CA ARG JB 81 82.42 -30.84 87.87
C ARG JB 81 81.94 -32.21 88.34
N TYR JB 82 81.34 -32.97 87.41
CA TYR JB 82 80.73 -34.26 87.63
C TYR JB 82 81.58 -35.31 86.93
N GLY JB 83 82.77 -34.92 86.44
CA GLY JB 83 83.79 -35.81 85.93
C GLY JB 83 83.68 -36.17 84.48
N ILE JB 84 82.91 -35.40 83.70
CA ILE JB 84 82.76 -35.64 82.27
C ILE JB 84 83.57 -34.61 81.49
N PRO JB 85 84.64 -34.94 80.77
CA PRO JB 85 85.56 -33.90 80.31
C PRO JB 85 85.50 -33.79 78.80
N VAL JB 86 84.69 -34.61 78.12
CA VAL JB 86 84.72 -34.75 76.68
C VAL JB 86 83.38 -35.30 76.24
N GLY JB 87 83.01 -35.12 74.95
CA GLY JB 87 81.71 -35.59 74.43
C GLY JB 87 80.58 -34.63 74.69
N LEU JB 88 80.89 -33.34 74.82
CA LEU JB 88 79.96 -32.30 75.26
C LEU JB 88 78.74 -32.09 74.36
N LYS JB 89 78.91 -32.25 73.03
CA LYS JB 89 77.80 -32.18 72.10
C LYS JB 89 76.92 -33.43 72.12
N ASN JB 90 77.43 -34.54 72.66
CA ASN JB 90 76.82 -35.85 72.56
C ASN JB 90 75.40 -35.99 73.13
N TYR JB 91 74.63 -36.93 72.58
CA TYR JB 91 73.34 -37.39 73.04
C TYR JB 91 73.31 -37.72 74.55
N ALA JB 92 74.34 -38.45 75.03
CA ALA JB 92 74.53 -38.77 76.41
C ALA JB 92 74.75 -37.55 77.30
N ALA JB 93 75.61 -36.61 76.85
CA ALA JB 93 75.78 -35.31 77.45
C ALA JB 93 74.51 -34.49 77.52
N ALA JB 94 73.70 -34.48 76.44
CA ALA JB 94 72.44 -33.80 76.40
C ALA JB 94 71.45 -34.31 77.44
N TYR JB 95 71.33 -35.63 77.56
CA TYR JB 95 70.54 -36.27 78.59
C TYR JB 95 70.97 -35.85 80.01
N ALA JB 96 72.28 -35.94 80.31
CA ALA JB 96 72.85 -35.47 81.54
C ALA JB 96 72.63 -33.99 81.85
N THR JB 97 72.83 -33.13 80.83
CA THR JB 97 72.59 -31.69 80.91
C THR JB 97 71.14 -31.38 81.26
N GLY JB 98 70.20 -32.13 80.66
CA GLY JB 98 68.78 -32.06 80.95
C GLY JB 98 68.44 -32.50 82.35
N LEU JB 99 69.02 -33.63 82.79
CA LEU JB 99 68.89 -34.16 84.13
C LEU JB 99 69.40 -33.18 85.18
N LEU JB 100 70.55 -32.55 84.90
CA LEU JB 100 71.20 -31.58 85.75
C LEU JB 100 70.38 -30.31 85.90
N CYS JB 101 69.83 -29.76 84.80
CA CYS JB 101 68.98 -28.58 84.85
C CYS JB 101 67.71 -28.83 85.65
N ALA JB 102 67.05 -29.99 85.44
CA ALA JB 102 65.90 -30.41 86.21
C ALA JB 102 66.19 -30.53 87.70
N ARG JB 103 67.34 -31.15 88.04
CA ARG JB 103 67.79 -31.29 89.40
C ARG JB 103 68.05 -29.95 90.07
N ARG JB 104 68.72 -29.01 89.37
CA ARG JB 104 68.92 -27.65 89.83
C ARG JB 104 67.60 -26.91 90.04
N PHE JB 105 66.65 -27.04 89.09
CA PHE JB 105 65.33 -26.46 89.21
C PHE JB 105 64.56 -26.98 90.43
N LEU JB 106 64.52 -28.31 90.59
CA LEU JB 106 63.93 -28.97 91.73
C LEU JB 106 64.56 -28.57 93.05
N LYS JB 107 65.90 -28.48 93.13
CA LYS JB 107 66.60 -27.97 94.29
C LYS JB 107 66.20 -26.54 94.64
N SER JB 108 66.09 -25.66 93.62
CA SER JB 108 65.67 -24.27 93.76
C SER JB 108 64.29 -24.13 94.36
N LEU JB 109 63.33 -24.91 93.84
CA LEU JB 109 62.00 -25.04 94.37
C LEU JB 109 61.97 -25.62 95.78
N ASN JB 110 62.87 -26.60 96.03
CA ASN JB 110 63.02 -27.46 97.19
C ASN JB 110 62.13 -28.70 97.00
N LEU JB 111 61.53 -28.80 95.80
CA LEU JB 111 60.59 -29.82 95.38
C LEU JB 111 61.24 -31.17 95.17
N ASP JB 112 62.58 -31.20 95.04
CA ASP JB 112 63.41 -32.39 94.97
C ASP JB 112 63.09 -33.47 96.02
N THR JB 113 62.83 -33.05 97.26
CA THR JB 113 62.38 -33.93 98.34
C THR JB 113 61.05 -34.61 98.07
N GLN JB 114 60.11 -33.91 97.41
CA GLN JB 114 58.84 -34.45 96.99
C GLN JB 114 58.98 -35.35 95.78
N PHE JB 115 59.70 -34.88 94.75
CA PHE JB 115 59.86 -35.60 93.51
C PHE JB 115 61.34 -35.72 93.18
N LEU JB 116 61.88 -36.95 93.35
CA LEU JB 116 63.25 -37.23 92.99
C LEU JB 116 63.39 -37.59 91.52
N GLY JB 117 62.26 -37.95 90.86
CA GLY JB 117 62.29 -38.60 89.56
C GLY JB 117 62.78 -40.03 89.65
N VAL JB 118 62.77 -40.76 88.54
CA VAL JB 118 63.09 -42.17 88.56
C VAL JB 118 64.60 -42.40 88.46
N GLU JB 119 65.20 -43.02 89.49
CA GLU JB 119 66.59 -43.43 89.47
C GLU JB 119 66.81 -44.59 88.49
N LYS JB 120 67.58 -44.33 87.41
CA LYS JB 120 67.91 -45.28 86.35
C LYS JB 120 66.76 -45.71 85.44
N VAL JB 121 67.08 -45.97 84.15
CA VAL JB 121 66.10 -46.18 83.11
C VAL JB 121 65.57 -47.61 83.01
N THR JB 122 64.50 -47.80 82.21
CA THR JB 122 63.92 -49.11 81.91
C THR JB 122 64.88 -49.97 81.04
N ARG JB 137 49.09 -36.14 93.74
CA ARG JB 137 50.34 -35.32 93.57
C ARG JB 137 51.08 -35.60 92.27
N LYS JB 138 51.75 -34.59 91.68
CA LYS JB 138 52.47 -34.78 90.43
C LYS JB 138 53.57 -33.74 90.27
N PRO JB 139 54.64 -33.97 89.50
CA PRO JB 139 55.62 -32.94 89.18
C PRO JB 139 55.12 -31.80 88.31
N ILE JB 140 55.87 -30.68 88.32
CA ILE JB 140 55.64 -29.49 87.52
C ILE JB 140 55.70 -29.68 86.01
N LYS JB 141 54.74 -29.09 85.27
CA LYS JB 141 54.68 -29.12 83.84
C LYS JB 141 55.42 -27.95 83.19
N ALA JB 142 56.12 -28.22 82.07
CA ALA JB 142 56.91 -27.25 81.36
C ALA JB 142 57.04 -27.73 79.93
N PHE JB 143 57.43 -26.84 79.00
CA PHE JB 143 57.30 -27.12 77.58
C PHE JB 143 58.61 -26.87 76.86
N LEU JB 144 59.04 -27.83 76.00
CA LEU JB 144 60.26 -27.71 75.23
C LEU JB 144 60.27 -26.53 74.26
N ASP JB 145 61.32 -25.69 74.31
CA ASP JB 145 61.63 -24.65 73.36
C ASP JB 145 61.75 -25.15 71.91
N VAL JB 146 61.62 -24.22 70.95
CA VAL JB 146 61.75 -24.49 69.54
C VAL JB 146 63.13 -25.06 69.16
N GLY JB 147 64.23 -24.48 69.68
CA GLY JB 147 65.58 -25.03 69.49
C GLY JB 147 66.15 -24.87 68.10
N ILE JB 148 65.40 -24.22 67.19
CA ILE JB 148 65.53 -24.15 65.73
C ILE JB 148 66.38 -25.24 65.06
N THR JB 149 65.74 -26.40 64.83
CA THR JB 149 66.34 -27.60 64.29
C THR JB 149 65.26 -28.28 63.49
N ARG JB 150 65.60 -28.92 62.35
CA ARG JB 150 64.62 -29.76 61.67
C ARG JB 150 64.48 -31.05 62.47
N THR JB 151 63.26 -31.35 62.98
CA THR JB 151 63.02 -32.48 63.88
C THR JB 151 63.31 -33.85 63.29
N THR JB 152 63.93 -34.73 64.11
CA THR JB 152 64.44 -36.03 63.70
C THR JB 152 64.31 -36.99 64.85
N THR JB 153 64.26 -38.30 64.57
CA THR JB 153 64.45 -39.31 65.62
C THR JB 153 65.84 -39.20 66.23
N GLY JB 154 65.94 -39.22 67.58
CA GLY JB 154 67.23 -39.21 68.24
C GLY JB 154 67.93 -37.86 68.33
N ASN JB 155 67.25 -36.76 67.98
CA ASN JB 155 67.79 -35.41 68.17
C ASN JB 155 68.17 -35.10 69.61
N ARG JB 156 69.07 -34.12 69.82
CA ARG JB 156 69.65 -33.89 71.13
C ARG JB 156 68.64 -33.18 72.00
N VAL JB 157 67.75 -32.34 71.43
CA VAL JB 157 66.67 -31.74 72.19
C VAL JB 157 65.76 -32.75 72.89
N PHE JB 158 65.43 -33.85 72.20
CA PHE JB 158 64.65 -34.94 72.75
C PHE JB 158 65.39 -35.70 73.85
N ALA JB 159 66.70 -35.89 73.69
CA ALA JB 159 67.56 -36.50 74.69
C ALA JB 159 67.60 -35.70 75.99
N ALA JB 160 67.74 -34.37 75.86
CA ALA JB 160 67.66 -33.43 76.95
C ALA JB 160 66.30 -33.42 77.61
N LEU JB 161 65.20 -33.49 76.82
CA LEU JB 161 63.86 -33.60 77.36
C LEU JB 161 63.65 -34.89 78.14
N LYS JB 162 64.14 -36.01 77.61
CA LYS JB 162 64.09 -37.28 78.32
C LYS JB 162 64.86 -37.24 79.61
N GLY JB 163 66.10 -36.71 79.59
CA GLY JB 163 66.90 -36.50 80.79
C GLY JB 163 66.26 -35.64 81.83
N ALA JB 164 65.65 -34.51 81.42
CA ALA JB 164 64.89 -33.64 82.28
C ALA JB 164 63.67 -34.30 82.91
N CYS JB 165 62.89 -35.05 82.12
CA CYS JB 165 61.80 -35.86 82.60
C CYS JB 165 62.20 -36.93 83.62
N ASP JB 166 63.25 -37.70 83.33
CA ASP JB 166 63.81 -38.73 84.18
C ASP JB 166 64.38 -38.13 85.46
N GLY JB 167 64.92 -36.89 85.31
CA GLY JB 167 65.34 -35.96 86.34
C GLY JB 167 64.20 -35.68 87.27
N GLY JB 168 63.17 -34.98 86.78
CA GLY JB 168 61.90 -35.00 87.48
C GLY JB 168 60.77 -34.29 86.79
N LEU JB 169 61.05 -33.47 85.76
CA LEU JB 169 60.05 -32.62 85.13
C LEU JB 169 58.91 -33.36 84.43
N ASN JB 170 57.71 -32.77 84.39
CA ASN JB 170 56.58 -33.32 83.67
C ASN JB 170 56.44 -32.60 82.33
N ILE JB 171 57.44 -32.74 81.43
CA ILE JB 171 57.35 -32.21 80.08
C ILE JB 171 56.53 -33.17 79.24
N PRO JB 172 55.35 -32.85 78.73
CA PRO JB 172 54.57 -33.77 77.92
C PRO JB 172 55.17 -33.92 76.53
N HIS JB 173 55.10 -35.14 75.96
CA HIS JB 173 55.83 -35.45 74.75
C HIS JB 173 55.28 -36.67 74.06
N GLY JB 174 55.49 -36.76 72.74
CA GLY JB 174 55.30 -37.99 71.98
C GLY JB 174 56.52 -38.86 72.06
N ASN JB 175 56.47 -40.06 71.47
CA ASN JB 175 57.45 -41.08 71.78
C ASN JB 175 58.23 -41.57 70.57
N ASN JB 176 57.92 -41.08 69.36
CA ASN JB 176 58.45 -41.64 68.13
C ASN JB 176 59.61 -40.82 67.58
N ARG JB 177 60.05 -39.79 68.33
CA ARG JB 177 61.30 -39.11 68.08
C ARG JB 177 62.41 -39.73 68.91
N PHE JB 178 62.08 -40.84 69.58
CA PHE JB 178 63.03 -41.81 70.06
C PHE JB 178 62.91 -43.03 69.15
N PRO JB 179 63.93 -43.88 69.00
CA PRO JB 179 63.87 -45.12 68.22
C PRO JB 179 62.66 -46.05 68.39
N GLY JB 180 62.32 -46.84 67.35
CA GLY JB 180 61.22 -47.81 67.40
C GLY JB 180 59.87 -47.26 66.98
N SER JB 181 59.84 -46.37 65.97
CA SER JB 181 58.61 -45.85 65.38
C SER JB 181 57.93 -46.90 64.47
N PHE JB 185 57.85 -47.75 70.19
CA PHE JB 185 59.00 -47.36 71.10
C PHE JB 185 60.02 -48.49 71.28
N ASN JB 186 61.33 -48.16 71.38
CA ASN JB 186 62.37 -49.09 71.74
C ASN JB 186 63.15 -48.53 72.94
N PRO JB 187 63.12 -49.14 74.12
CA PRO JB 187 63.85 -48.64 75.28
C PRO JB 187 65.32 -48.95 75.19
N GLU JB 188 65.73 -50.13 74.70
CA GLU JB 188 67.12 -50.54 74.59
C GLU JB 188 67.97 -49.62 73.74
N GLN JB 189 67.48 -49.23 72.56
CA GLN JB 189 68.15 -48.29 71.69
C GLN JB 189 68.34 -46.94 72.35
N LEU JB 190 67.30 -46.42 73.02
CA LEU JB 190 67.39 -45.22 73.83
C LEU JB 190 68.42 -45.33 74.96
N ARG JB 191 68.44 -46.48 75.66
CA ARG JB 191 69.38 -46.79 76.72
C ARG JB 191 70.80 -46.79 76.22
N LYS JB 192 71.07 -47.46 75.09
CA LYS JB 192 72.35 -47.42 74.41
C LYS JB 192 72.77 -46.01 74.02
N ASN JB 193 71.84 -45.21 73.48
CA ASN JB 193 72.06 -43.82 73.14
C ASN JB 193 72.47 -42.96 74.32
N ILE JB 194 71.75 -43.05 75.45
CA ILE JB 194 72.05 -42.22 76.61
C ILE JB 194 73.28 -42.68 77.37
N LEU JB 195 73.58 -43.99 77.39
CA LEU JB 195 74.85 -44.53 77.85
C LEU JB 195 76.06 -44.11 77.04
N GLY JB 196 75.94 -44.05 75.69
CA GLY JB 196 77.07 -43.77 74.80
C GLY JB 196 77.67 -45.02 74.22
N ILE JB 197 76.91 -46.13 74.24
CA ILE JB 197 77.35 -47.44 73.79
C ILE JB 197 77.62 -47.43 72.30
N HIS JB 198 76.78 -46.73 71.54
CA HIS JB 198 76.98 -46.54 70.12
C HIS JB 198 78.30 -45.83 69.78
N VAL JB 199 78.72 -44.82 70.56
CA VAL JB 199 80.04 -44.22 70.46
C VAL JB 199 81.16 -45.23 70.67
N ALA JB 200 81.04 -46.04 71.73
CA ALA JB 200 81.98 -47.08 72.10
C ALA JB 200 82.19 -48.12 71.01
N GLU JB 201 81.09 -48.64 70.46
CA GLU JB 201 81.11 -49.55 69.34
C GLU JB 201 81.75 -48.95 68.10
N TYR JB 202 81.43 -47.68 67.77
CA TYR JB 202 82.11 -46.99 66.68
C TYR JB 202 83.60 -46.80 66.94
N MET JB 203 84.03 -46.48 68.19
CA MET JB 203 85.44 -46.45 68.54
C MET JB 203 86.15 -47.76 68.28
N LYS JB 204 85.56 -48.89 68.74
CA LYS JB 204 86.10 -50.22 68.57
C LYS JB 204 86.19 -50.61 67.11
N THR JB 205 85.14 -50.28 66.34
CA THR JB 205 85.07 -50.47 64.90
C THR JB 205 86.11 -49.67 64.17
N LEU JB 206 86.29 -48.39 64.53
CA LEU JB 206 87.30 -47.51 64.01
C LEU JB 206 88.72 -47.98 64.29
N GLN JB 207 89.00 -48.47 65.53
CA GLN JB 207 90.27 -49.09 65.89
C GLN JB 207 90.55 -50.33 65.07
N GLU JB 208 89.52 -51.17 64.83
CA GLU JB 208 89.61 -52.33 63.98
C GLU JB 208 89.95 -51.96 62.54
N GLU JB 209 89.28 -50.93 61.98
CA GLU JB 209 89.50 -50.43 60.65
C GLU JB 209 90.88 -49.78 60.45
N ASP JB 210 91.28 -48.85 61.33
CA ASP JB 210 92.50 -48.09 61.17
C ASP JB 210 92.80 -47.33 62.46
N ASN JB 211 93.97 -47.60 63.06
CA ASN JB 211 94.28 -47.12 64.39
C ASN JB 211 94.78 -45.68 64.36
N ASP JB 212 95.53 -45.26 63.31
CA ASP JB 212 95.89 -43.88 63.08
C ASP JB 212 94.64 -43.01 62.89
N LYS JB 213 93.68 -43.50 62.11
CA LYS JB 213 92.42 -42.86 61.87
C LYS JB 213 91.60 -42.74 63.14
N TYR JB 214 91.58 -43.80 63.98
CA TYR JB 214 91.01 -43.74 65.30
C TYR JB 214 91.66 -42.69 66.21
N LYS JB 215 93.00 -42.65 66.31
CA LYS JB 215 93.68 -41.69 67.16
C LYS JB 215 93.47 -40.25 66.73
N THR JB 216 93.61 -40.01 65.42
CA THR JB 216 93.34 -38.75 64.76
C THR JB 216 91.93 -38.26 64.94
N HIS JB 217 90.91 -39.13 64.89
CA HIS JB 217 89.57 -38.79 65.32
C HIS JB 217 89.42 -38.41 66.80
N PHE JB 218 89.51 -39.40 67.71
CA PHE JB 218 89.15 -39.23 69.10
C PHE JB 218 90.32 -38.80 69.96
N ASN JB 219 90.99 -37.71 69.56
CA ASN JB 219 92.20 -37.27 70.23
C ASN JB 219 92.00 -36.95 71.71
N ASP JB 220 90.97 -36.16 72.05
CA ASP JB 220 90.63 -35.77 73.41
C ASP JB 220 90.38 -36.95 74.35
N TYR JB 221 89.61 -37.96 73.91
CA TYR JB 221 89.28 -39.13 74.71
C TYR JB 221 90.52 -39.89 75.17
N LEU JB 222 91.54 -39.98 74.29
CA LEU JB 222 92.82 -40.58 74.60
C LEU JB 222 93.62 -39.77 75.63
N LYS JB 223 93.65 -38.43 75.49
CA LYS JB 223 94.31 -37.50 76.40
C LYS JB 223 93.72 -37.61 77.80
N ASN JB 224 92.39 -37.63 77.88
CA ASN JB 224 91.63 -37.86 79.09
C ASN JB 224 91.86 -39.24 79.69
N ASN JB 225 92.15 -40.25 78.84
CA ASN JB 225 92.47 -41.62 79.19
C ASN JB 225 91.19 -42.42 79.31
N ILE JB 226 90.34 -42.32 78.28
CA ILE JB 226 89.04 -42.94 78.23
C ILE JB 226 89.03 -43.93 77.09
N GLY JB 227 88.84 -45.23 77.40
CA GLY JB 227 88.56 -46.25 76.40
C GLY JB 227 87.08 -46.39 76.18
N ALA JB 228 86.69 -47.17 75.15
CA ALA JB 228 85.32 -47.29 74.74
C ALA JB 228 84.40 -47.89 75.81
N ASP JB 229 84.79 -49.07 76.34
CA ASP JB 229 84.31 -49.68 77.57
C ASP JB 229 83.92 -48.76 78.72
N ASP JB 230 84.74 -47.72 78.97
CA ASP JB 230 84.67 -46.91 80.15
C ASP JB 230 83.55 -45.89 80.12
N ILE JB 231 82.99 -45.57 78.94
CA ILE JB 231 82.08 -44.45 78.75
C ILE JB 231 80.76 -44.64 79.47
N GLU JB 232 80.13 -45.83 79.33
CA GLU JB 232 78.86 -46.16 79.94
C GLU JB 232 78.91 -46.09 81.46
N GLN JB 233 80.01 -46.60 82.04
CA GLN JB 233 80.27 -46.65 83.46
C GLN JB 233 80.45 -45.26 84.04
N MET JB 234 81.23 -44.43 83.34
CA MET JB 234 81.49 -43.05 83.68
C MET JB 234 80.21 -42.22 83.67
N TYR JB 235 79.34 -42.43 82.67
CA TYR JB 235 78.03 -41.81 82.63
C TYR JB 235 77.13 -42.24 83.79
N LEU JB 236 77.12 -43.53 84.16
CA LEU JB 236 76.37 -44.01 85.31
C LEU JB 236 76.86 -43.39 86.61
N ASN JB 237 78.19 -43.29 86.80
CA ASN JB 237 78.78 -42.66 87.97
C ASN JB 237 78.42 -41.17 88.06
N ALA JB 238 78.51 -40.45 86.93
CA ALA JB 238 78.13 -39.07 86.82
C ALA JB 238 76.67 -38.80 87.16
N HIS JB 239 75.72 -39.63 86.66
CA HIS JB 239 74.30 -39.51 86.95
C HIS JB 239 74.01 -39.60 88.43
N GLU JB 240 74.59 -40.60 89.10
CA GLU JB 240 74.56 -40.74 90.54
C GLU JB 240 75.16 -39.54 91.27
N LYS JB 241 76.31 -39.01 90.80
CA LYS JB 241 76.93 -37.84 91.38
C LYS JB 241 76.05 -36.58 91.26
N ILE JB 242 75.46 -36.34 90.09
CA ILE JB 242 74.52 -35.25 89.84
C ILE JB 242 73.33 -35.32 90.78
N ARG JB 243 72.69 -36.50 90.89
CA ARG JB 243 71.58 -36.72 91.79
C ARG JB 243 71.94 -36.46 93.25
N GLN JB 244 73.10 -36.96 93.69
CA GLN JB 244 73.60 -36.73 95.03
C GLN JB 244 73.90 -35.28 95.34
N ASN JB 245 74.54 -34.57 94.39
CA ASN JB 245 75.05 -33.24 94.64
C ASN JB 245 74.75 -32.29 93.47
N PRO JB 246 73.60 -31.67 93.40
CA PRO JB 246 73.43 -30.46 92.60
C PRO JB 246 74.18 -29.28 93.23
N LYS JB 267 85.59 5.17 71.69
CA LYS JB 267 85.81 4.63 70.29
C LYS JB 267 85.21 5.50 69.18
N LYS JB 268 83.91 5.86 69.22
CA LYS JB 268 83.31 6.77 68.25
C LYS JB 268 83.93 8.17 68.18
N LEU JB 269 83.96 8.74 66.97
CA LEU JB 269 84.40 10.11 66.72
C LEU JB 269 83.27 11.12 66.92
N ASN JB 270 83.54 12.43 66.71
CA ASN JB 270 82.56 13.49 66.88
C ASN JB 270 82.51 14.38 65.65
N ALA JB 271 81.47 15.23 65.57
CA ALA JB 271 81.22 16.04 64.39
C ALA JB 271 82.29 17.08 64.10
N LYS JB 272 82.80 17.81 65.11
CA LYS JB 272 83.90 18.75 64.95
C LYS JB 272 85.16 18.11 64.40
N LEU JB 273 85.49 16.93 64.95
CA LEU JB 273 86.61 16.10 64.54
C LEU JB 273 86.47 15.60 63.13
N ARG JB 274 85.27 15.12 62.75
CA ARG JB 274 84.99 14.73 61.39
C ARG JB 274 85.12 15.87 60.41
N LYS JB 275 84.62 17.08 60.73
CA LYS JB 275 84.78 18.26 59.89
C LYS JB 275 86.23 18.62 59.60
N LYS JB 276 87.07 18.68 60.64
CA LYS JB 276 88.50 18.91 60.49
C LYS JB 276 89.20 17.85 59.64
N ARG JB 277 88.96 16.56 59.96
CA ARG JB 277 89.52 15.43 59.26
C ARG JB 277 89.11 15.33 57.79
N VAL JB 278 87.81 15.52 57.50
CA VAL JB 278 87.25 15.58 56.16
C VAL JB 278 87.89 16.66 55.32
N LYS JB 279 88.06 17.88 55.89
CA LYS JB 279 88.69 18.98 55.20
C LYS JB 279 90.12 18.66 54.81
N GLU JB 280 90.89 18.13 55.79
CA GLU JB 280 92.25 17.72 55.58
C GLU JB 280 92.41 16.61 54.55
N LYS JB 281 91.62 15.52 54.60
CA LYS JB 281 91.75 14.46 53.61
C LYS JB 281 91.43 14.87 52.17
N LEU JB 282 90.41 15.73 51.96
CA LEU JB 282 90.09 16.25 50.65
C LEU JB 282 91.20 17.11 50.07
N ALA JB 283 91.76 18.02 50.90
CA ALA JB 283 92.90 18.82 50.52
C ALA JB 283 94.14 17.99 50.22
N LEU JB 284 94.48 17.06 51.13
CA LEU JB 284 95.61 16.17 51.03
C LEU JB 284 95.62 15.33 49.77
N TYR JB 285 94.48 14.69 49.41
CA TYR JB 285 94.42 13.84 48.24
C TYR JB 285 94.68 14.62 46.95
N VAL JB 286 94.10 15.84 46.83
CA VAL JB 286 94.44 16.78 45.77
C VAL JB 286 95.91 17.20 45.77
N GLU JB 287 96.49 17.51 46.94
CA GLU JB 287 97.90 17.89 47.03
C GLU JB 287 98.88 16.78 46.64
N LEU JB 288 98.66 15.55 47.11
CA LEU JB 288 99.37 14.36 46.68
C LEU JB 288 99.29 14.02 45.19
N GLN JB 289 98.08 14.10 44.61
CA GLN JB 289 97.80 13.61 43.26
C GLN JB 289 97.49 14.79 42.27
N TYR KB 1 -51.49 52.22 55.29
CA TYR KB 1 -51.99 52.99 56.48
C TYR KB 1 -50.85 53.31 57.42
N ALA KB 2 -50.64 54.58 57.84
CA ALA KB 2 -49.49 54.87 58.70
C ALA KB 2 -49.57 56.16 59.52
N LYS KB 3 -50.73 56.85 59.54
CA LYS KB 3 -50.77 58.24 59.99
C LYS KB 3 -51.69 58.44 61.20
N LYS KB 4 -51.24 59.31 62.12
CA LYS KB 4 -52.03 59.87 63.21
C LYS KB 4 -52.31 61.30 62.82
N ILE KB 5 -53.57 61.74 62.90
CA ILE KB 5 -54.02 62.84 62.05
C ILE KB 5 -53.98 64.17 62.78
N ARG KB 6 -53.98 64.15 64.12
CA ARG KB 6 -54.17 65.29 65.03
C ARG KB 6 -55.65 65.65 65.15
N ASN KB 7 -56.32 65.87 64.00
CA ASN KB 7 -57.76 66.06 63.90
C ASN KB 7 -58.30 65.05 62.88
N LEU KB 8 -58.95 63.97 63.37
CA LEU KB 8 -59.29 62.77 62.61
C LEU KB 8 -60.27 62.99 61.48
N GLY KB 9 -61.15 64.00 61.61
CA GLY KB 9 -62.20 64.31 60.65
C GLY KB 9 -61.69 64.64 59.26
N LYS KB 10 -60.47 65.17 59.15
CA LYS KB 10 -60.00 65.86 57.97
C LYS KB 10 -59.23 64.97 57.00
N CYS KB 11 -59.35 63.64 57.16
CA CYS KB 11 -58.70 62.67 56.30
C CYS KB 11 -59.71 61.85 55.49
N ALA KB 12 -59.32 61.44 54.27
CA ALA KB 12 -60.16 60.80 53.29
C ALA KB 12 -59.46 59.60 52.64
N LYS KB 13 -60.00 58.39 52.77
CA LYS KB 13 -59.28 57.16 52.48
C LYS KB 13 -60.02 56.23 51.50
N GLY KB 14 -59.25 55.43 50.74
CA GLY KB 14 -59.79 54.29 49.99
C GLY KB 14 -58.71 53.33 49.55
N ALA KB 15 -59.13 52.16 49.04
CA ALA KB 15 -58.23 51.08 48.65
C ALA KB 15 -58.63 50.42 47.34
N GLY KB 16 -57.64 49.85 46.64
CA GLY KB 16 -57.84 48.90 45.57
C GLY KB 16 -57.20 47.63 46.01
N VAL KB 17 -57.98 46.54 46.07
CA VAL KB 17 -57.55 45.28 46.68
C VAL KB 17 -56.42 44.53 45.95
N ASP KB 18 -56.73 43.76 44.90
CA ASP KB 18 -55.76 42.93 44.22
C ASP KB 18 -55.93 43.17 42.73
N LEU KB 19 -55.40 44.29 42.22
CA LEU KB 19 -55.59 44.67 40.84
C LEU KB 19 -54.69 43.83 39.94
N ARG KB 20 -55.21 43.34 38.80
CA ARG KB 20 -54.52 42.41 37.91
C ARG KB 20 -53.25 42.98 37.28
N VAL KB 21 -53.28 44.27 36.93
CA VAL KB 21 -52.21 44.96 36.21
C VAL KB 21 -50.83 44.92 36.85
N HIS KB 22 -49.80 44.97 35.97
CA HIS KB 22 -48.40 44.94 36.32
C HIS KB 22 -47.93 45.97 37.35
N PHE KB 23 -47.33 45.46 38.44
CA PHE KB 23 -46.88 46.18 39.60
C PHE KB 23 -45.94 47.36 39.30
N LYS KB 24 -44.92 47.17 38.44
CA LYS KB 24 -43.84 48.14 38.26
C LYS KB 24 -44.37 49.45 37.71
N ASN KB 25 -45.19 49.34 36.66
CA ASN KB 25 -45.85 50.43 35.99
C ASN KB 25 -46.71 51.24 36.94
N THR KB 26 -47.51 50.54 37.75
CA THR KB 26 -48.38 51.15 38.73
C THR KB 26 -47.59 51.81 39.83
N TYR KB 27 -46.52 51.16 40.33
CA TYR KB 27 -45.67 51.76 41.33
C TYR KB 27 -45.00 53.07 40.87
N GLU KB 28 -44.42 53.11 39.65
CA GLU KB 28 -43.84 54.34 39.12
C GLU KB 28 -44.85 55.46 38.99
N ALA KB 29 -46.07 55.13 38.50
CA ALA KB 29 -47.16 56.07 38.44
C ALA KB 29 -47.61 56.57 39.82
N ALA KB 30 -47.76 55.67 40.80
CA ALA KB 30 -48.07 56.01 42.16
C ALA KB 30 -47.06 56.95 42.81
N ARG KB 31 -45.76 56.69 42.56
CA ARG KB 31 -44.68 57.56 42.96
C ARG KB 31 -44.81 58.96 42.39
N ALA KB 32 -45.21 59.09 41.11
CA ALA KB 32 -45.59 60.37 40.54
C ALA KB 32 -46.79 61.04 41.21
N ILE KB 33 -47.83 60.27 41.53
CA ILE KB 33 -49.07 60.69 42.15
C ILE KB 33 -48.94 61.35 43.52
N ARG KB 34 -48.20 60.75 44.47
CA ARG KB 34 -48.00 61.27 45.82
C ARG KB 34 -47.88 62.79 46.05
N ARG KB 35 -48.52 63.30 47.14
CA ARG KB 35 -48.45 64.69 47.60
C ARG KB 35 -48.99 65.73 46.62
N MET KB 36 -49.85 65.32 45.69
CA MET KB 36 -50.57 66.17 44.77
C MET KB 36 -51.97 66.45 45.28
N LYS KB 37 -52.54 67.64 44.98
CA LYS KB 37 -53.97 67.86 45.14
C LYS KB 37 -54.82 66.86 44.33
N LEU KB 38 -56.03 66.54 44.82
CA LEU KB 38 -56.89 65.50 44.29
C LEU KB 38 -57.32 65.78 42.85
N LEU KB 39 -57.76 67.02 42.59
CA LEU KB 39 -58.18 67.44 41.26
C LEU KB 39 -57.00 67.53 40.30
N GLU KB 40 -55.84 68.02 40.78
CA GLU KB 40 -54.60 68.01 40.04
C GLU KB 40 -54.15 66.61 39.66
N ALA KB 41 -54.19 65.67 40.62
CA ALA KB 41 -53.96 64.26 40.43
C ALA KB 41 -54.92 63.64 39.41
N LYS KB 42 -56.22 63.95 39.53
CA LYS KB 42 -57.24 63.52 38.59
C LYS KB 42 -56.98 64.00 37.17
N LYS KB 43 -56.69 65.30 37.01
CA LYS KB 43 -56.30 65.92 35.75
C LYS KB 43 -55.06 65.27 35.15
N TYR KB 44 -54.01 65.00 35.97
CA TYR KB 44 -52.82 64.32 35.52
C TYR KB 44 -53.08 62.94 34.93
N LEU KB 45 -53.93 62.13 35.58
CA LEU KB 45 -54.35 60.84 35.10
C LEU KB 45 -55.07 60.90 33.77
N ASN KB 46 -56.01 61.85 33.62
CA ASN KB 46 -56.69 62.09 32.37
C ASN KB 46 -55.75 62.54 31.25
N ASP KB 47 -54.77 63.40 31.56
CA ASP KB 47 -53.74 63.78 30.62
C ASP KB 47 -52.86 62.60 30.17
N VAL KB 48 -52.37 61.74 31.08
CA VAL KB 48 -51.54 60.60 30.70
C VAL KB 48 -52.28 59.57 29.86
N ILE KB 49 -53.54 59.22 30.17
CA ILE KB 49 -54.35 58.37 29.31
C ILE KB 49 -54.51 58.89 27.89
N GLU KB 50 -54.70 60.21 27.70
CA GLU KB 50 -54.78 60.76 26.37
C GLU KB 50 -53.42 61.18 25.84
N LYS KB 51 -52.35 60.59 26.40
CA LYS KB 51 -50.96 60.72 26.00
C LYS KB 51 -50.43 62.15 25.96
N LYS KB 52 -50.90 63.01 26.88
CA LYS KB 52 -50.56 64.43 26.88
C LYS KB 52 -49.46 64.75 27.88
N ARG KB 53 -49.17 63.81 28.81
CA ARG KB 53 -48.22 64.07 29.87
C ARG KB 53 -47.83 62.76 30.53
N CYS KB 54 -46.69 62.17 30.11
CA CYS KB 54 -46.15 60.92 30.62
C CYS KB 54 -45.97 60.79 32.13
N VAL KB 55 -45.96 59.53 32.61
CA VAL KB 55 -45.56 59.20 33.96
C VAL KB 55 -44.08 58.85 33.94
N PRO KB 56 -43.26 59.33 34.85
CA PRO KB 56 -41.82 59.28 34.63
C PRO KB 56 -41.32 57.96 35.18
N PHE KB 57 -40.72 57.15 34.30
CA PHE KB 57 -40.18 55.87 34.67
C PHE KB 57 -38.70 56.09 34.95
N ARG KB 58 -38.26 55.82 36.18
CA ARG KB 58 -36.90 56.12 36.57
C ARG KB 58 -36.45 55.34 37.79
N LYS KB 59 -37.34 54.58 38.46
CA LYS KB 59 -36.93 53.51 39.33
C LYS KB 59 -36.46 52.34 38.49
N TYR KB 60 -37.14 52.10 37.37
CA TYR KB 60 -36.81 51.09 36.42
C TYR KB 60 -36.39 51.76 35.13
N ASN KB 61 -35.09 51.69 34.77
CA ASN KB 61 -34.59 52.33 33.56
C ASN KB 61 -34.69 51.42 32.34
N GLY KB 62 -34.86 50.10 32.52
CA GLY KB 62 -34.78 49.11 31.45
C GLY KB 62 -35.76 49.26 30.31
N GLY KB 63 -35.25 49.73 29.16
CA GLY KB 63 -35.93 49.70 27.87
C GLY KB 63 -37.02 50.73 27.66
N VAL KB 64 -37.26 51.60 28.64
CA VAL KB 64 -38.23 52.68 28.50
C VAL KB 64 -37.65 53.82 27.70
N GLY KB 65 -38.35 54.16 26.60
CA GLY KB 65 -38.00 55.21 25.68
C GLY KB 65 -37.75 56.57 26.29
N ARG KB 66 -36.76 57.28 25.71
CA ARG KB 66 -36.58 58.69 25.92
C ARG KB 66 -37.74 59.50 25.35
N THR KB 67 -38.15 60.59 26.02
CA THR KB 67 -39.30 61.34 25.57
C THR KB 67 -39.15 62.82 25.84
N ASN KB 68 -39.67 63.58 24.87
CA ASN KB 68 -39.87 65.00 24.87
C ASN KB 68 -40.72 65.45 26.05
N GLN KB 69 -41.72 64.65 26.45
CA GLN KB 69 -42.61 65.03 27.52
C GLN KB 69 -41.98 65.02 28.91
N ALA KB 70 -40.87 64.28 29.13
CA ALA KB 70 -40.34 64.07 30.47
C ALA KB 70 -39.31 65.12 30.88
N LYS KB 71 -38.98 66.06 29.96
CA LYS KB 71 -38.12 67.19 30.23
C LYS KB 71 -38.56 68.05 31.41
N GLU KB 72 -39.88 68.08 31.67
CA GLU KB 72 -40.48 68.69 32.83
C GLU KB 72 -40.06 68.09 34.16
N PHE KB 73 -39.54 66.86 34.16
CA PHE KB 73 -39.09 66.19 35.36
C PHE KB 73 -37.59 66.01 35.23
N ASN KB 74 -36.98 66.79 34.33
CA ASN KB 74 -35.56 66.91 34.10
C ASN KB 74 -34.93 65.55 33.77
N HIS KB 75 -35.62 64.73 32.98
CA HIS KB 75 -35.26 63.35 32.85
C HIS KB 75 -35.63 62.84 31.48
N THR KB 76 -34.87 61.85 30.99
CA THR KB 76 -35.05 61.29 29.67
C THR KB 76 -36.28 60.41 29.51
N GLN KB 77 -36.54 59.49 30.44
CA GLN KB 77 -37.44 58.39 30.21
C GLN KB 77 -38.81 58.55 30.87
N GLY KB 78 -39.89 58.27 30.11
CA GLY KB 78 -41.26 58.21 30.63
C GLY KB 78 -42.09 57.24 29.84
N ARG KB 79 -43.29 56.88 30.36
CA ARG KB 79 -44.22 55.99 29.69
C ARG KB 79 -45.64 56.42 30.00
N TRP KB 80 -46.64 55.70 29.47
CA TRP KB 80 -48.03 56.05 29.58
C TRP KB 80 -48.92 54.81 29.78
N PRO KB 81 -48.63 53.86 30.67
CA PRO KB 81 -49.38 52.60 30.75
C PRO KB 81 -50.88 52.75 30.97
N ALA KB 82 -51.69 52.29 30.01
CA ALA KB 82 -53.10 52.60 29.92
C ALA KB 82 -53.92 51.93 31.00
N LYS KB 83 -53.81 50.58 31.14
CA LYS KB 83 -54.54 49.81 32.12
C LYS KB 83 -54.21 50.22 33.55
N SER KB 84 -52.91 50.50 33.83
CA SER KB 84 -52.43 50.95 35.12
C SER KB 84 -53.04 52.29 35.52
N CYS KB 85 -52.98 53.26 34.59
CA CYS KB 85 -53.58 54.56 34.79
C CYS KB 85 -55.08 54.48 34.98
N LYS KB 86 -55.78 53.62 34.23
CA LYS KB 86 -57.18 53.33 34.40
C LYS KB 86 -57.56 52.84 35.79
N PHE KB 87 -56.83 51.83 36.33
CA PHE KB 87 -57.00 51.39 37.70
C PHE KB 87 -56.75 52.49 38.71
N LEU KB 88 -55.70 53.30 38.51
CA LEU KB 88 -55.39 54.43 39.36
C LEU KB 88 -56.50 55.48 39.36
N LEU KB 89 -57.04 55.80 38.19
CA LEU KB 89 -58.18 56.69 38.04
C LEU KB 89 -59.41 56.19 38.77
N ASN KB 90 -59.74 54.90 38.64
CA ASN KB 90 -60.85 54.29 39.34
C ASN KB 90 -60.77 54.38 40.85
N ILE KB 91 -59.59 54.08 41.45
CA ILE KB 91 -59.46 54.23 42.89
C ILE KB 91 -59.55 55.68 43.33
N LEU KB 92 -58.93 56.62 42.60
CA LEU KB 92 -59.02 58.02 42.91
C LEU KB 92 -60.43 58.58 42.97
N ASP KB 93 -61.27 58.18 42.01
CA ASP KB 93 -62.68 58.44 41.96
C ASP KB 93 -63.44 57.87 43.16
N ASN KB 94 -63.13 56.62 43.54
CA ASN KB 94 -63.61 55.97 44.73
C ASN KB 94 -63.25 56.74 46.01
N VAL KB 95 -61.98 57.16 46.17
CA VAL KB 95 -61.54 58.00 47.28
C VAL KB 95 -62.31 59.30 47.34
N GLN KB 96 -62.50 59.94 46.17
CA GLN KB 96 -63.27 61.15 46.04
C GLN KB 96 -64.71 60.96 46.49
N ALA KB 97 -65.35 59.86 46.06
CA ALA KB 97 -66.67 59.51 46.51
C ALA KB 97 -66.75 59.25 48.01
N ASN KB 98 -65.78 58.52 48.59
CA ASN KB 98 -65.67 58.32 50.02
C ASN KB 98 -65.54 59.62 50.79
N ALA KB 99 -64.71 60.55 50.30
CA ALA KB 99 -64.57 61.88 50.87
C ALA KB 99 -65.86 62.68 50.84
N GLU KB 100 -66.60 62.64 49.73
CA GLU KB 100 -67.92 63.21 49.58
C GLU KB 100 -68.92 62.64 50.59
N SER KB 101 -68.92 61.31 50.77
CA SER KB 101 -69.66 60.62 51.82
C SER KB 101 -69.31 61.10 53.21
N ARG KB 102 -68.01 61.36 53.48
CA ARG KB 102 -67.57 61.92 54.74
C ARG KB 102 -67.92 63.41 54.90
N ASN KB 103 -68.09 64.12 53.77
CA ASN KB 103 -68.56 65.49 53.62
C ASN KB 103 -67.44 66.51 53.71
N LEU KB 104 -66.22 66.12 53.33
CA LEU KB 104 -65.10 67.02 53.21
C LEU KB 104 -65.13 67.79 51.90
N ASP KB 105 -64.46 68.96 51.83
CA ASP KB 105 -64.28 69.67 50.59
C ASP KB 105 -63.24 68.96 49.72
N VAL KB 106 -63.66 68.53 48.52
CA VAL KB 106 -62.84 67.90 47.50
C VAL KB 106 -61.74 68.84 47.04
N SER KB 107 -62.01 70.15 47.02
CA SER KB 107 -61.10 71.19 46.59
C SER KB 107 -59.85 71.27 47.42
N LYS KB 108 -60.02 71.09 48.75
CA LYS KB 108 -58.99 71.22 49.75
C LYS KB 108 -58.18 69.96 50.02
N LEU KB 109 -58.40 68.85 49.29
CA LEU KB 109 -57.72 67.59 49.57
C LEU KB 109 -56.39 67.46 48.86
N ARG KB 110 -55.33 67.11 49.60
CA ARG KB 110 -54.06 66.70 49.05
C ARG KB 110 -53.78 65.25 49.43
N LEU KB 111 -53.14 64.47 48.53
CA LEU KB 111 -52.81 63.07 48.72
C LEU KB 111 -51.63 62.84 49.66
N ILE KB 112 -51.88 62.36 50.89
CA ILE KB 112 -50.89 62.30 51.95
C ILE KB 112 -50.27 60.93 52.05
N HIS KB 113 -50.96 59.86 51.61
CA HIS KB 113 -50.46 58.51 51.78
C HIS KB 113 -50.94 57.64 50.66
N VAL KB 114 -50.06 57.46 49.66
CA VAL KB 114 -50.26 56.60 48.52
C VAL KB 114 -49.29 55.43 48.66
N MET KB 115 -49.79 54.23 48.93
CA MET KB 115 -48.96 53.04 49.06
C MET KB 115 -49.35 51.99 48.03
N VAL KB 116 -48.37 51.50 47.26
CA VAL KB 116 -48.57 50.49 46.23
C VAL KB 116 -47.63 49.33 46.44
N ASN KB 117 -48.17 48.14 46.72
CA ASN KB 117 -47.44 46.94 47.05
C ASN KB 117 -47.60 45.88 45.97
N LYS KB 118 -46.65 44.94 45.86
CA LYS KB 118 -46.76 43.83 44.91
C LYS KB 118 -47.60 42.71 45.51
N ALA KB 119 -48.46 42.08 44.70
CA ALA KB 119 -49.30 40.97 45.11
C ALA KB 119 -48.87 39.67 44.44
N ARG KB 120 -49.28 38.53 45.02
CA ARG KB 120 -48.90 37.20 44.56
C ARG KB 120 -49.34 36.85 43.13
N PRO KB 121 -48.53 36.13 42.37
CA PRO KB 121 -48.80 35.90 40.96
C PRO KB 121 -49.87 34.87 40.74
N GLY KB 122 -50.15 34.61 39.46
CA GLY KB 122 -50.82 33.42 38.99
C GLY KB 122 -49.93 32.86 37.92
N ARG KB 123 -49.61 31.56 38.03
CA ARG KB 123 -48.55 30.96 37.27
C ARG KB 123 -49.09 30.13 36.13
N ARG KB 124 -48.72 30.47 34.88
CA ARG KB 124 -49.07 29.64 33.75
C ARG KB 124 -47.79 28.99 33.24
N ARG KB 125 -47.84 28.25 32.12
CA ARG KB 125 -46.69 27.55 31.60
C ARG KB 125 -46.34 28.06 30.21
N THR KB 126 -45.04 28.14 29.91
CA THR KB 126 -44.51 28.44 28.59
C THR KB 126 -43.46 27.41 28.27
N TYR KB 127 -43.26 27.10 26.97
CA TYR KB 127 -42.45 25.97 26.57
C TYR KB 127 -41.25 26.56 25.84
N LYS KB 128 -40.05 26.25 26.34
CA LYS KB 128 -38.77 26.78 25.92
C LYS KB 128 -37.80 25.67 25.55
N ALA KB 129 -36.75 26.01 24.79
CA ALA KB 129 -35.57 25.18 24.58
C ALA KB 129 -35.77 23.71 24.17
N HIS KB 130 -34.85 22.82 24.60
CA HIS KB 130 -34.92 21.40 24.34
C HIS KB 130 -35.92 20.70 25.24
N GLY KB 131 -37.21 21.05 25.10
CA GLY KB 131 -38.31 20.45 25.84
C GLY KB 131 -38.38 20.83 27.28
N ARG KB 132 -38.26 22.13 27.59
CA ARG KB 132 -38.20 22.62 28.95
C ARG KB 132 -39.39 23.51 29.23
N ILE KB 133 -40.09 23.27 30.34
CA ILE KB 133 -41.23 24.08 30.75
C ILE KB 133 -40.79 25.15 31.71
N ASN KB 134 -41.22 26.40 31.48
CA ASN KB 134 -40.90 27.53 32.32
C ASN KB 134 -42.17 28.27 32.73
N PRO KB 135 -42.16 29.02 33.81
CA PRO KB 135 -43.33 29.73 34.27
C PRO KB 135 -43.57 31.01 33.49
N PHE KB 136 -44.85 31.39 33.34
CA PHE KB 136 -45.28 32.57 32.65
C PHE KB 136 -46.28 33.27 33.57
N MET KB 137 -45.82 34.26 34.35
CA MET KB 137 -46.51 34.73 35.54
C MET KB 137 -47.01 36.16 35.50
N SER KB 138 -48.18 36.41 36.12
CA SER KB 138 -48.69 37.74 36.38
C SER KB 138 -48.03 38.43 37.58
N SER KB 139 -47.96 39.78 37.58
CA SER KB 139 -47.52 40.53 38.76
C SER KB 139 -48.56 41.57 39.17
N PRO KB 140 -49.64 41.20 39.85
CA PRO KB 140 -50.69 42.12 40.28
C PRO KB 140 -50.29 42.99 41.48
N CYS KB 141 -51.22 43.78 42.05
CA CYS KB 141 -50.85 44.75 43.08
C CYS KB 141 -51.97 45.23 44.01
N HIS KB 142 -51.58 45.67 45.23
CA HIS KB 142 -52.42 46.39 46.17
C HIS KB 142 -52.22 47.91 46.06
N ILE KB 143 -53.28 48.72 46.17
CA ILE KB 143 -53.19 50.19 46.21
C ILE KB 143 -53.94 50.74 47.42
N GLN KB 144 -53.27 51.47 48.33
CA GLN KB 144 -53.91 52.29 49.36
C GLN KB 144 -53.70 53.78 49.11
N ILE KB 145 -54.77 54.62 49.20
CA ILE KB 145 -54.62 56.07 49.05
C ILE KB 145 -55.41 56.79 50.13
N ILE KB 146 -54.74 57.71 50.86
CA ILE KB 146 -55.33 58.65 51.80
C ILE KB 146 -55.04 60.07 51.37
N ALA KB 147 -56.09 60.90 51.22
CA ALA KB 147 -56.02 62.34 51.12
C ALA KB 147 -56.37 63.04 52.44
N ARG KB 148 -55.99 64.33 52.57
CA ARG KB 148 -56.19 65.14 53.75
C ARG KB 148 -56.49 66.58 53.36
N GLU KB 149 -57.38 67.27 54.12
CA GLU KB 149 -57.65 68.67 53.95
C GLU KB 149 -56.46 69.58 54.33
N ILE KB 150 -56.19 70.61 53.52
CA ILE KB 150 -55.10 71.56 53.65
C ILE KB 150 -55.44 72.82 54.48
N ASN KB 151 -54.45 73.74 54.62
CA ASN KB 151 -54.61 75.01 55.32
C ASN KB 151 -55.54 75.99 54.55
N UNK KB 152 -33.98 73.16 80.59
CA UNK KB 152 -33.70 73.59 82.00
C UNK KB 152 -33.12 74.99 82.14
N UNK KB 153 -33.12 75.56 83.36
CA UNK KB 153 -32.60 76.88 83.63
C UNK KB 153 -31.08 76.89 83.73
N UNK KB 154 -30.48 78.08 83.63
CA UNK KB 154 -29.05 78.27 83.86
C UNK KB 154 -28.61 77.94 85.29
N UNK KB 155 -27.42 77.30 85.44
CA UNK KB 155 -26.76 77.08 86.71
C UNK KB 155 -26.33 78.38 87.38
N UNK KB 156 -26.15 78.39 88.72
CA UNK KB 156 -25.74 79.59 89.43
C UNK KB 156 -24.36 80.09 89.01
N UNK KB 157 -23.40 79.14 88.85
CA UNK KB 157 -22.10 79.38 88.29
C UNK KB 157 -22.17 79.94 86.87
N UNK KB 158 -23.00 79.32 86.01
CA UNK KB 158 -23.25 79.76 84.66
C UNK KB 158 -23.84 81.16 84.58
N UNK KB 159 -24.84 81.49 85.42
CA UNK KB 159 -25.44 82.80 85.51
C UNK KB 159 -24.42 83.89 85.86
N UNK KB 160 -23.53 83.59 86.82
CA UNK KB 160 -22.41 84.44 87.16
C UNK KB 160 -21.44 84.64 86.00
N UNK KB 161 -21.07 83.54 85.32
CA UNK KB 161 -20.26 83.54 84.12
C UNK KB 161 -20.86 84.35 82.97
N UNK KB 162 -22.15 84.17 82.67
CA UNK KB 162 -22.86 84.92 81.66
C UNK KB 162 -22.86 86.43 81.89
N UNK KB 163 -23.11 86.86 83.14
CA UNK KB 163 -22.97 88.24 83.53
C UNK KB 163 -21.56 88.80 83.36
N UNK KB 164 -20.52 88.02 83.72
CA UNK KB 164 -19.13 88.32 83.46
C UNK KB 164 -18.80 88.50 81.98
N UNK KB 165 -19.35 87.64 81.11
CA UNK KB 165 -19.27 87.71 79.67
C UNK KB 165 -19.89 88.99 79.09
N UNK KB 166 -21.10 89.33 79.55
CA UNK KB 166 -21.78 90.55 79.15
C UNK KB 166 -20.99 91.81 79.51
N UNK KB 167 -20.45 91.85 80.74
CA UNK KB 167 -19.55 92.89 81.23
C UNK KB 167 -18.27 93.01 80.41
N UNK KB 168 -17.68 91.87 80.00
CA UNK KB 168 -16.53 91.72 79.15
C UNK KB 168 -16.76 92.29 77.76
N UNK KB 169 -17.92 91.98 77.15
CA UNK KB 169 -18.32 92.46 75.85
C UNK KB 169 -18.46 94.00 75.78
N UNK KB 170 -19.01 94.63 76.84
CA UNK KB 170 -19.18 96.06 76.94
C UNK KB 170 -17.87 96.91 76.93
N ALA LB 1 -79.62 -41.34 31.45
CA ALA LB 1 -79.89 -39.87 31.57
C ALA LB 1 -80.32 -39.43 32.97
N ARG LB 2 -80.11 -38.15 33.36
CA ARG LB 2 -80.33 -37.67 34.72
C ARG LB 2 -81.73 -37.88 35.30
N ASN LB 3 -81.78 -38.13 36.63
CA ASN LB 3 -83.00 -38.10 37.42
C ASN LB 3 -82.60 -38.04 38.91
N PRO LB 4 -81.97 -36.96 39.38
CA PRO LB 4 -81.36 -36.90 40.71
C PRO LB 4 -82.34 -37.10 41.86
N LYS LB 5 -81.82 -37.45 43.06
CA LYS LB 5 -82.62 -37.61 44.25
C LYS LB 5 -83.27 -36.31 44.70
N CYS LB 6 -82.51 -35.20 44.64
CA CYS LB 6 -83.00 -33.85 44.84
C CYS LB 6 -82.33 -32.95 43.81
N PRO LB 7 -82.96 -31.91 43.28
CA PRO LB 7 -82.28 -30.82 42.57
C PRO LB 7 -81.18 -30.14 43.37
N ARG LB 8 -80.30 -29.37 42.71
CA ARG LB 8 -79.20 -28.69 43.36
C ARG LB 8 -79.67 -27.68 44.41
N ILE LB 9 -80.60 -26.79 44.04
CA ILE LB 9 -81.30 -25.94 44.98
C ILE LB 9 -82.62 -25.56 44.34
N VAL LB 10 -83.70 -25.44 45.15
CA VAL LB 10 -85.07 -25.24 44.65
C VAL LB 10 -85.62 -23.91 45.11
N LYS LB 11 -84.72 -23.01 45.60
CA LYS LB 11 -84.97 -21.78 46.34
C LYS LB 11 -86.30 -21.08 46.10
N SER LB 12 -87.11 -20.93 47.17
CA SER LB 12 -88.53 -20.65 47.05
C SER LB 12 -88.85 -19.18 47.14
N CYS LB 13 -87.83 -18.32 47.24
CA CYS LB 13 -87.98 -16.87 47.20
C CYS LB 13 -88.66 -16.31 45.94
N HIS LB 14 -89.24 -15.12 46.04
CA HIS LB 14 -89.70 -14.35 44.89
C HIS LB 14 -88.59 -14.06 43.88
N SER LB 15 -88.95 -14.04 42.59
CA SER LB 15 -88.01 -13.85 41.48
C SER LB 15 -87.27 -12.53 41.50
N LYS LB 16 -85.98 -12.56 41.10
CA LYS LB 16 -85.21 -11.34 40.94
C LYS LB 16 -85.15 -10.93 39.47
N THR LB 17 -85.69 -11.76 38.55
CA THR LB 17 -85.82 -11.44 37.13
C THR LB 17 -86.68 -10.21 36.88
N LEU LB 18 -86.29 -9.37 35.89
CA LEU LB 18 -86.94 -8.12 35.56
C LEU LB 18 -88.42 -8.20 35.24
N ASP LB 19 -89.12 -7.10 35.55
CA ASP LB 19 -90.55 -7.03 35.66
C ASP LB 19 -90.95 -5.76 34.96
N LYS LB 20 -92.27 -5.60 34.66
CA LYS LB 20 -92.85 -4.49 33.92
C LYS LB 20 -92.44 -3.17 34.54
N TYR LB 21 -92.40 -3.16 35.88
CA TYR LB 21 -92.03 -2.01 36.65
C TYR LB 21 -90.53 -2.11 36.81
N GLY LB 22 -89.82 -1.31 36.01
CA GLY LB 22 -88.37 -1.29 35.94
C GLY LB 22 -87.90 -1.63 34.56
N LEU LB 23 -88.58 -2.55 33.82
CA LEU LB 23 -88.31 -2.72 32.41
C LEU LB 23 -88.58 -1.46 31.60
N ILE LB 24 -89.76 -0.86 31.77
CA ILE LB 24 -90.07 0.50 31.38
C ILE LB 24 -89.95 1.38 32.61
N LYS LB 25 -89.02 2.35 32.58
CA LYS LB 25 -88.78 3.24 33.68
C LYS LB 25 -89.70 4.46 33.65
N TYR LB 26 -89.76 5.19 32.52
CA TYR LB 26 -90.59 6.38 32.44
C TYR LB 26 -90.72 6.91 31.02
N PRO LB 27 -91.81 7.53 30.59
CA PRO LB 27 -91.86 8.27 29.33
C PRO LB 27 -90.92 9.48 29.30
N LEU LB 28 -90.29 9.75 28.15
CA LEU LB 28 -89.50 10.93 27.90
C LEU LB 28 -90.31 12.23 27.94
N THR LB 29 -89.70 13.32 28.41
CA THR LB 29 -90.38 14.59 28.63
C THR LB 29 -89.93 15.69 27.68
N SER LB 30 -89.05 15.38 26.72
CA SER LB 30 -88.53 16.37 25.79
C SER LB 30 -89.52 16.91 24.77
N GLU LB 31 -89.26 18.13 24.26
CA GLU LB 31 -89.91 18.68 23.09
C GLU LB 31 -89.93 17.74 21.89
N LYS LB 32 -88.80 17.03 21.67
CA LYS LB 32 -88.71 16.00 20.64
C LYS LB 32 -89.71 14.89 20.90
N ALA LB 33 -89.77 14.38 22.13
CA ALA LB 33 -90.73 13.35 22.49
C ALA LB 33 -92.18 13.83 22.35
N MET LB 34 -92.47 15.09 22.73
CA MET LB 34 -93.75 15.74 22.47
C MET LB 34 -94.09 15.79 20.99
N LYS LB 35 -93.15 16.21 20.14
CA LYS LB 35 -93.30 16.26 18.70
C LYS LB 35 -93.62 14.90 18.07
N LYS LB 36 -92.89 13.84 18.47
CA LYS LB 36 -93.19 12.47 18.09
C LYS LB 36 -94.60 12.01 18.48
N ILE LB 37 -95.04 12.28 19.72
CA ILE LB 37 -96.39 11.99 20.17
C ILE LB 37 -97.45 12.71 19.34
N GLU LB 38 -97.24 14.01 19.10
CA GLU LB 38 -98.14 14.87 18.38
C GLU LB 38 -98.32 14.47 16.93
N GLU LB 39 -97.21 14.25 16.20
CA GLU LB 39 -97.32 14.12 14.77
C GLU LB 39 -97.41 12.69 14.26
N ILE LB 40 -96.75 11.71 14.91
CA ILE LB 40 -96.56 10.41 14.26
C ILE LB 40 -97.07 9.23 15.08
N ASN LB 41 -97.83 9.46 16.16
CA ASN LB 41 -98.43 8.41 16.98
C ASN LB 41 -97.38 7.56 17.69
N THR LB 42 -96.34 8.22 18.22
CA THR LB 42 -95.18 7.57 18.79
C THR LB 42 -94.99 7.98 20.22
N LEU LB 43 -94.94 7.00 21.13
CA LEU LB 43 -94.66 7.22 22.54
C LEU LB 43 -93.21 6.87 22.79
N VAL LB 44 -92.49 7.73 23.51
CA VAL LB 44 -91.05 7.57 23.72
C VAL LB 44 -90.79 7.28 25.18
N PHE LB 45 -90.12 6.16 25.47
CA PHE LB 45 -89.98 5.63 26.81
C PHE LB 45 -88.54 5.34 27.18
N MET LB 46 -88.13 5.73 28.39
CA MET LB 46 -86.89 5.28 28.96
C MET LB 46 -87.11 3.92 29.62
N CYS LB 47 -86.17 3.00 29.42
CA CYS LB 47 -86.26 1.60 29.74
C CYS LB 47 -84.91 1.13 30.25
N ASP LB 48 -84.81 -0.05 30.89
CA ASP LB 48 -83.51 -0.55 31.33
C ASP LB 48 -82.52 -0.83 30.21
N LYS LB 49 -81.21 -0.63 30.46
CA LYS LB 49 -80.16 -0.99 29.53
C LYS LB 49 -80.15 -2.46 29.15
N ARG LB 50 -80.46 -3.38 30.07
CA ARG LB 50 -80.36 -4.80 29.81
C ARG LB 50 -81.65 -5.35 29.23
N ALA LB 51 -82.67 -4.49 29.09
CA ALA LB 51 -83.90 -4.79 28.39
C ALA LB 51 -83.69 -5.08 26.90
N ASN LB 52 -84.64 -5.82 26.28
CA ASN LB 52 -84.60 -6.18 24.87
C ASN LB 52 -85.94 -5.84 24.27
N LYS LB 53 -86.01 -5.71 22.93
CA LYS LB 53 -87.13 -5.05 22.27
C LYS LB 53 -88.48 -5.71 22.51
N LYS LB 54 -88.54 -7.04 22.40
CA LYS LB 54 -89.74 -7.82 22.65
C LYS LB 54 -90.26 -7.63 24.06
N ASN LB 55 -89.35 -7.65 25.03
CA ASN LB 55 -89.65 -7.46 26.43
C ASN LB 55 -90.20 -6.07 26.70
N ILE LB 56 -89.61 -5.03 26.06
CA ILE LB 56 -90.14 -3.67 26.11
C ILE LB 56 -91.55 -3.60 25.54
N LYS LB 57 -91.79 -4.25 24.39
CA LYS LB 57 -93.06 -4.27 23.70
C LYS LB 57 -94.15 -4.89 24.54
N LYS LB 58 -93.83 -6.05 25.15
CA LYS LB 58 -94.64 -6.78 26.08
C LYS LB 58 -95.00 -5.94 27.30
N SER LB 59 -94.00 -5.30 27.91
CA SER LB 59 -94.15 -4.44 29.08
C SER LB 59 -95.07 -3.27 28.84
N VAL LB 60 -94.89 -2.54 27.73
CA VAL LB 60 -95.73 -1.43 27.32
C VAL LB 60 -97.17 -1.87 27.14
N LYS LB 61 -97.40 -2.97 26.43
CA LYS LB 61 -98.73 -3.51 26.28
C LYS LB 61 -99.37 -3.94 27.59
N ASN LB 62 -98.59 -4.53 28.52
CA ASN LB 62 -99.08 -4.80 29.85
C ASN LB 62 -99.45 -3.57 30.65
N LEU LB 63 -98.58 -2.55 30.69
CA LEU LB 63 -98.88 -1.38 31.50
C LEU LB 63 -99.85 -0.41 30.87
N PHE LB 64 -99.97 -0.37 29.53
CA PHE LB 64 -100.72 0.71 28.90
C PHE LB 64 -101.83 0.20 28.02
N GLY LB 65 -101.95 -1.12 27.81
CA GLY LB 65 -103.05 -1.70 27.04
C GLY LB 65 -102.90 -1.53 25.55
N ILE LB 66 -101.72 -1.11 25.10
CA ILE LB 66 -101.51 -0.48 23.82
C ILE LB 66 -100.56 -1.31 22.95
N GLU LB 67 -100.82 -1.41 21.63
CA GLU LB 67 -100.04 -2.24 20.75
C GLU LB 67 -99.12 -1.41 19.84
N CYS LB 68 -97.96 -1.99 19.54
CA CYS LB 68 -96.81 -1.35 18.95
C CYS LB 68 -96.57 -1.86 17.54
N ASP LB 69 -96.57 -0.97 16.54
CA ASP LB 69 -96.21 -1.32 15.18
C ASP LB 69 -94.72 -1.60 15.05
N LYS LB 70 -93.87 -0.72 15.62
CA LYS LB 70 -92.46 -0.95 15.72
C LYS LB 70 -91.91 -0.29 16.97
N VAL LB 71 -90.90 -0.92 17.58
CA VAL LB 71 -90.19 -0.42 18.74
C VAL LB 71 -88.74 -0.24 18.36
N ASN LB 72 -88.26 1.01 18.33
CA ASN LB 72 -86.89 1.29 17.96
C ASN LB 72 -86.18 1.71 19.23
N VAL LB 73 -84.98 1.17 19.48
CA VAL LB 73 -84.32 1.34 20.76
C VAL LB 73 -82.91 1.90 20.66
N LEU LB 74 -82.41 2.50 21.75
CA LEU LB 74 -81.05 2.99 21.81
C LEU LB 74 -80.52 2.85 23.22
N ASN LB 75 -79.22 2.56 23.36
CA ASN LB 75 -78.46 2.49 24.58
C ASN LB 75 -77.72 3.81 24.83
N THR LB 76 -78.05 4.51 25.92
CA THR LB 76 -77.73 5.92 26.09
C THR LB 76 -76.45 6.17 26.88
N LEU LB 77 -75.97 7.44 26.85
CA LEU LB 77 -74.82 7.88 27.64
C LEU LB 77 -75.12 7.92 29.13
N ASN LB 78 -76.41 7.92 29.50
CA ASN LB 78 -76.85 7.92 30.88
C ASN LB 78 -77.13 6.51 31.33
N GLY LB 79 -76.87 5.51 30.47
CA GLY LB 79 -76.86 4.11 30.87
C GLY LB 79 -78.21 3.47 30.98
N ASP LB 80 -79.14 3.81 30.07
CA ASP LB 80 -80.44 3.18 30.00
C ASP LB 80 -80.79 2.98 28.54
N LYS LB 81 -81.90 2.27 28.28
CA LYS LB 81 -82.49 2.21 26.96
C LYS LB 81 -83.47 3.33 26.74
N LYS LB 82 -83.50 3.87 25.53
CA LYS LB 82 -84.45 4.88 25.12
C LYS LB 82 -85.17 4.29 23.93
N ALA LB 83 -86.48 4.05 24.11
CA ALA LB 83 -87.35 3.36 23.19
C ALA LB 83 -88.34 4.29 22.50
N TYR LB 84 -88.27 4.41 21.16
CA TYR LB 84 -89.29 5.06 20.36
C TYR LB 84 -90.28 4.00 19.94
N VAL LB 85 -91.54 4.12 20.39
CA VAL LB 85 -92.57 3.13 20.15
C VAL LB 85 -93.67 3.70 19.28
N ARG LB 86 -93.84 3.21 18.03
CA ARG LB 86 -94.90 3.66 17.15
C ARG LB 86 -96.14 2.86 17.48
N LEU LB 87 -97.21 3.55 17.87
CA LEU LB 87 -98.46 2.91 18.20
C LEU LB 87 -99.22 2.53 16.95
N SER LB 88 -99.96 1.42 17.01
CA SER LB 88 -100.86 1.01 15.95
C SER LB 88 -101.98 2.01 15.71
N GLY LB 89 -102.40 2.21 14.43
CA GLY LB 89 -103.16 3.39 14.04
C GLY LB 89 -104.61 3.42 14.44
N GLU LB 90 -105.15 2.30 14.95
CA GLU LB 90 -106.43 2.21 15.59
C GLU LB 90 -106.55 3.03 16.86
N HIS LB 91 -105.48 3.09 17.69
CA HIS LB 91 -105.49 3.74 18.98
C HIS LB 91 -104.46 4.86 19.05
N ASP LB 92 -104.88 6.01 19.60
CA ASP LB 92 -104.13 7.24 19.51
C ASP LB 92 -103.26 7.48 20.74
N ALA LB 93 -102.00 7.86 20.50
CA ALA LB 93 -101.04 8.35 21.45
C ALA LB 93 -101.56 9.49 22.31
N LEU LB 94 -102.36 10.43 21.75
CA LEU LB 94 -102.95 11.52 22.48
C LEU LB 94 -103.79 11.08 23.67
N GLU LB 95 -104.64 10.05 23.49
CA GLU LB 95 -105.43 9.50 24.58
C GLU LB 95 -104.55 8.95 25.70
N VAL LB 96 -103.50 8.19 25.34
CA VAL LB 96 -102.53 7.68 26.28
C VAL LB 96 -101.74 8.80 26.94
N ALA LB 97 -101.40 9.85 26.17
CA ALA LB 97 -100.74 11.06 26.62
C ALA LB 97 -101.52 11.77 27.70
N ASN LB 98 -102.84 11.95 27.49
CA ASN LB 98 -103.75 12.45 28.49
C ASN LB 98 -103.74 11.59 29.76
N LYS LB 99 -103.79 10.25 29.63
CA LYS LB 99 -103.60 9.37 30.77
C LYS LB 99 -102.26 9.49 31.52
N ILE LB 100 -101.10 9.53 30.82
CA ILE LB 100 -99.81 9.69 31.48
C ILE LB 100 -99.51 11.11 31.99
N GLY LB 101 -100.08 12.15 31.37
CA GLY LB 101 -99.81 13.55 31.69
C GLY LB 101 -99.09 14.27 30.53
N SER MB 1 -74.14 37.26 17.16
CA SER MB 1 -75.50 36.60 17.17
C SER MB 1 -75.85 35.65 16.05
N LEU MB 2 -75.72 36.04 14.76
CA LEU MB 2 -76.59 35.51 13.71
C LEU MB 2 -76.18 34.16 13.12
N THR MB 3 -75.03 33.65 13.57
CA THR MB 3 -74.51 32.30 13.39
C THR MB 3 -75.54 31.18 13.26
N LEU MB 4 -76.26 30.85 14.34
CA LEU MB 4 -77.38 29.90 14.37
C LEU MB 4 -78.34 29.99 13.18
N GLN MB 5 -78.83 31.19 12.89
CA GLN MB 5 -79.72 31.47 11.80
C GLN MB 5 -79.07 31.16 10.46
N LYS MB 6 -77.80 31.55 10.29
CA LYS MB 6 -77.04 31.25 9.10
C LYS MB 6 -76.81 29.76 8.87
N ARG MB 7 -76.53 28.97 9.91
CA ARG MB 7 -76.37 27.54 9.76
C ARG MB 7 -77.65 26.90 9.27
N LEU MB 8 -78.80 27.27 9.86
CA LEU MB 8 -80.08 26.83 9.38
C LEU MB 8 -80.40 27.33 7.97
N ALA MB 9 -80.12 28.61 7.69
CA ALA MB 9 -80.34 29.24 6.41
C ALA MB 9 -79.60 28.59 5.26
N ALA MB 10 -78.38 28.08 5.51
CA ALA MB 10 -77.60 27.38 4.52
C ALA MB 10 -78.30 26.09 4.10
N SER MB 11 -78.79 25.30 5.07
CA SER MB 11 -79.55 24.08 4.84
C SER MB 11 -80.89 24.35 4.16
N VAL MB 12 -81.65 25.37 4.63
CA VAL MB 12 -82.93 25.78 4.06
C VAL MB 12 -82.81 26.17 2.60
N LEU MB 13 -81.78 26.94 2.25
CA LEU MB 13 -81.52 27.37 0.88
C LEU MB 13 -80.90 26.27 0.05
N LYS MB 14 -80.13 25.36 0.69
CA LYS MB 14 -79.32 24.32 0.07
C LYS MB 14 -78.13 24.96 -0.64
N CYS MB 15 -77.52 25.97 0.01
CA CYS MB 15 -76.57 26.86 -0.62
C CYS MB 15 -75.54 27.30 0.40
N GLY MB 16 -74.30 27.62 -0.04
CA GLY MB 16 -73.23 28.09 0.82
C GLY MB 16 -73.51 29.32 1.66
N LYS MB 17 -72.85 29.43 2.83
CA LYS MB 17 -72.88 30.59 3.72
C LYS MB 17 -72.64 31.91 3.03
N ASN MB 18 -71.69 31.88 2.08
CA ASN MB 18 -71.29 33.01 1.29
C ASN MB 18 -72.37 33.50 0.33
N LYS MB 19 -73.45 32.73 0.15
CA LYS MB 19 -74.56 33.09 -0.71
C LYS MB 19 -75.83 33.41 0.04
N ILE MB 20 -75.78 33.46 1.38
CA ILE MB 20 -76.95 33.88 2.15
C ILE MB 20 -76.87 35.38 2.42
N TRP MB 21 -77.94 36.15 2.11
CA TRP MB 21 -78.06 37.54 2.49
C TRP MB 21 -79.05 37.80 3.61
N MET MB 22 -78.59 38.28 4.76
CA MET MB 22 -79.47 38.70 5.84
C MET MB 22 -79.55 40.22 5.91
N ASP MB 23 -80.76 40.80 5.75
CA ASP MB 23 -80.96 42.23 5.88
C ASP MB 23 -80.46 42.83 7.23
N PRO MB 24 -79.57 43.83 7.29
CA PRO MB 24 -79.18 44.46 8.53
C PRO MB 24 -80.29 45.35 9.03
N ASN MB 25 -81.29 45.65 8.20
CA ASN MB 25 -82.47 46.37 8.62
C ASN MB 25 -83.45 45.37 9.19
N GLU MB 26 -83.98 45.68 10.39
CA GLU MB 26 -84.88 44.81 11.15
C GLU MB 26 -84.24 43.48 11.53
N ILE MB 27 -82.95 43.54 11.92
CA ILE MB 27 -82.10 42.41 12.26
C ILE MB 27 -82.56 41.68 13.51
N SER MB 28 -83.21 42.38 14.45
CA SER MB 28 -83.65 41.82 15.73
C SER MB 28 -84.68 40.73 15.56
N GLU MB 29 -85.72 40.97 14.73
CA GLU MB 29 -86.68 39.96 14.32
C GLU MB 29 -86.02 38.73 13.68
N ILE MB 30 -85.02 38.93 12.80
CA ILE MB 30 -84.22 37.86 12.22
C ILE MB 30 -83.48 37.07 13.30
N SER MB 31 -82.83 37.78 14.23
CA SER MB 31 -82.12 37.21 15.36
C SER MB 31 -83.03 36.44 16.30
N LEU MB 32 -84.30 36.86 16.40
CA LEU MB 32 -85.30 36.21 17.21
C LEU MB 32 -85.71 34.85 16.64
N ALA MB 33 -85.56 34.64 15.31
CA ALA MB 33 -85.85 33.38 14.68
C ALA MB 33 -85.02 32.20 15.19
N ASN MB 34 -85.64 31.00 15.27
CA ASN MB 34 -85.12 29.95 16.12
C ASN MB 34 -85.53 28.56 15.64
N SER MB 35 -86.01 28.44 14.40
CA SER MB 35 -86.42 27.15 13.86
C SER MB 35 -86.28 27.21 12.37
N ARG MB 36 -86.10 26.05 11.72
CA ARG MB 36 -86.00 25.95 10.29
C ARG MB 36 -87.27 26.41 9.59
N PHE MB 37 -88.42 26.17 10.23
CA PHE MB 37 -89.71 26.68 9.84
C PHE MB 37 -89.74 28.21 9.88
N SER MB 38 -89.16 28.82 10.94
CA SER MB 38 -88.99 30.27 11.03
C SER MB 38 -88.13 30.82 9.91
N ILE MB 39 -87.02 30.15 9.60
CA ILE MB 39 -86.09 30.55 8.54
C ILE MB 39 -86.77 30.54 7.17
N ARG MB 40 -87.58 29.51 6.89
CA ARG MB 40 -88.43 29.47 5.72
C ARG MB 40 -89.35 30.69 5.63
N LYS MB 41 -90.07 31.02 6.72
CA LYS MB 41 -90.94 32.17 6.79
C LYS MB 41 -90.22 33.49 6.52
N LEU MB 42 -89.05 33.73 7.15
CA LEU MB 42 -88.19 34.85 6.84
C LEU MB 42 -87.80 34.97 5.37
N TYR MB 43 -87.35 33.87 4.73
CA TYR MB 43 -87.17 33.83 3.29
C TYR MB 43 -88.41 34.17 2.48
N LYS MB 44 -89.60 33.66 2.88
CA LYS MB 44 -90.86 34.00 2.28
C LYS MB 44 -91.21 35.47 2.40
N GLU MB 45 -91.09 36.06 3.59
CA GLU MB 45 -91.17 37.49 3.81
C GLU MB 45 -90.15 38.30 3.00
N GLY MB 46 -88.87 37.88 2.99
CA GLY MB 46 -87.81 38.52 2.22
C GLY MB 46 -86.76 39.17 3.08
N LEU MB 47 -86.69 38.83 4.37
CA LEU MB 47 -85.67 39.31 5.29
C LEU MB 47 -84.35 38.56 5.11
N ILE MB 48 -84.42 37.41 4.42
CA ILE MB 48 -83.26 36.61 4.10
C ILE MB 48 -83.43 36.24 2.64
N LEU MB 49 -82.41 36.51 1.82
CA LEU MB 49 -82.42 36.32 0.39
C LEU MB 49 -81.29 35.42 -0.07
N LYS MB 50 -81.54 34.59 -1.10
CA LYS MB 50 -80.48 33.92 -1.82
C LYS MB 50 -79.70 34.90 -2.69
N LYS MB 51 -78.37 34.97 -2.55
CA LYS MB 51 -77.54 35.75 -3.45
C LYS MB 51 -77.41 35.09 -4.83
N PRO MB 52 -77.28 35.84 -5.92
CA PRO MB 52 -76.71 35.35 -7.17
C PRO MB 52 -75.42 34.57 -7.05
N GLN MB 53 -75.16 33.62 -7.97
CA GLN MB 53 -73.83 33.06 -8.18
C GLN MB 53 -72.83 34.13 -8.60
N LYS MB 54 -71.52 34.00 -8.27
CA LYS MB 54 -70.53 34.83 -8.93
C LYS MB 54 -70.51 34.56 -10.44
N VAL MB 55 -70.57 35.62 -11.25
CA VAL MB 55 -70.88 35.49 -12.65
C VAL MB 55 -69.62 35.32 -13.47
N HIS MB 56 -69.37 34.09 -13.95
CA HIS MB 56 -68.21 33.76 -14.74
C HIS MB 56 -68.66 33.24 -16.10
N SER MB 57 -68.03 33.74 -17.16
CA SER MB 57 -68.49 33.67 -18.52
C SER MB 57 -67.57 32.91 -19.46
N ARG MB 58 -68.18 32.15 -20.39
CA ARG MB 58 -67.51 31.45 -21.46
C ARG MB 58 -67.14 32.36 -22.63
N ALA MB 59 -67.68 33.58 -22.69
CA ALA MB 59 -67.55 34.53 -23.78
C ALA MB 59 -66.15 34.66 -24.41
N ARG MB 60 -65.10 34.86 -23.58
CA ARG MB 60 -63.74 34.99 -24.06
C ARG MB 60 -63.23 33.68 -24.64
N VAL MB 61 -63.55 32.57 -23.96
CA VAL MB 61 -63.27 31.22 -24.39
C VAL MB 61 -63.97 30.90 -25.70
N ARG MB 62 -65.23 31.34 -25.88
CA ARG MB 62 -65.98 31.17 -27.10
C ARG MB 62 -65.41 31.95 -28.26
N LEU MB 63 -64.86 33.16 -28.02
CA LEU MB 63 -64.13 33.89 -29.04
C LEU MB 63 -62.87 33.15 -29.46
N TYR MB 64 -62.10 32.64 -28.49
CA TYR MB 64 -61.00 31.73 -28.75
C TYR MB 64 -61.43 30.48 -29.50
N LYS MB 65 -62.55 29.84 -29.14
CA LYS MB 65 -63.05 28.69 -29.88
C LYS MB 65 -63.50 29.04 -31.29
N LEU MB 66 -64.13 30.21 -31.51
CA LEU MB 66 -64.38 30.75 -32.83
C LEU MB 66 -63.11 30.89 -33.65
N ALA MB 67 -62.04 31.43 -33.04
CA ALA MB 67 -60.71 31.43 -33.64
C ALA MB 67 -60.15 30.03 -33.93
N LYS MB 68 -60.32 29.04 -33.03
CA LYS MB 68 -59.95 27.64 -33.23
C LYS MB 68 -60.73 27.00 -34.38
N ARG MB 69 -62.03 27.30 -34.55
CA ARG MB 69 -62.85 26.92 -35.69
C ARG MB 69 -62.31 27.48 -36.99
N LYS MB 70 -61.86 28.75 -36.98
CA LYS MB 70 -61.22 29.37 -38.12
C LYS MB 70 -59.78 28.87 -38.34
N GLY MB 71 -59.26 28.04 -37.42
CA GLY MB 71 -57.92 27.47 -37.49
C GLY MB 71 -56.85 28.43 -37.05
N ARG MB 72 -57.25 29.60 -36.54
CA ARG MB 72 -56.35 30.72 -36.34
C ARG MB 72 -55.80 30.80 -34.95
N HIS MB 73 -56.44 30.15 -33.96
CA HIS MB 73 -55.91 30.13 -32.62
C HIS MB 73 -54.59 29.38 -32.52
N MET MB 74 -54.47 28.28 -33.28
CA MET MB 74 -53.26 27.48 -33.37
C MET MB 74 -52.04 28.23 -33.91
N GLY MB 75 -50.86 27.94 -33.33
CA GLY MB 75 -49.60 28.56 -33.72
C GLY MB 75 -48.47 27.64 -33.38
N ILE MB 76 -47.38 27.70 -34.14
CA ILE MB 76 -46.26 26.78 -34.03
C ILE MB 76 -45.58 26.84 -32.68
N GLY MB 77 -45.26 28.05 -32.19
CA GLY MB 77 -44.52 28.24 -30.94
C GLY MB 77 -45.39 28.14 -29.73
N LYS MB 78 -46.70 28.13 -29.93
CA LYS MB 78 -47.68 27.90 -28.90
C LYS MB 78 -47.63 26.47 -28.36
N ARG MB 79 -47.34 25.51 -29.26
CA ARG MB 79 -47.12 24.12 -28.93
C ARG MB 79 -45.96 23.91 -27.96
N LYS MB 80 -46.18 23.07 -26.94
CA LYS MB 80 -45.20 22.73 -25.93
C LYS MB 80 -45.15 21.21 -25.79
N GLY MB 81 -46.27 20.51 -26.05
CA GLY MB 81 -46.30 19.07 -26.21
C GLY MB 81 -45.61 18.58 -27.46
N THR MB 82 -45.09 17.34 -27.42
CA THR MB 82 -44.58 16.62 -28.59
C THR MB 82 -45.56 16.54 -29.74
N LYS MB 83 -45.08 16.24 -30.95
CA LYS MB 83 -45.96 15.99 -32.08
C LYS MB 83 -46.97 14.87 -31.80
N ASN MB 84 -46.51 13.78 -31.15
CA ASN MB 84 -47.36 12.71 -30.67
C ASN MB 84 -48.34 13.13 -29.57
N ALA MB 85 -47.90 13.95 -28.61
CA ALA MB 85 -48.75 14.46 -27.57
C ALA MB 85 -49.81 15.44 -28.08
N ARG MB 86 -49.45 16.32 -29.05
CA ARG MB 86 -50.40 17.11 -29.83
C ARG MB 86 -51.48 16.28 -30.52
N THR MB 87 -51.07 15.30 -31.36
CA THR MB 87 -51.99 14.37 -32.01
C THR MB 87 -51.34 13.01 -32.09
N ASN MB 88 -52.01 11.97 -31.54
CA ASN MB 88 -51.43 10.65 -31.39
C ASN MB 88 -51.29 9.89 -32.71
N GLN MB 89 -50.04 9.50 -33.06
CA GLN MB 89 -49.74 8.75 -34.27
C GLN MB 89 -50.46 7.41 -34.43
N LYS MB 90 -50.60 6.62 -33.35
CA LYS MB 90 -51.36 5.39 -33.30
C LYS MB 90 -52.82 5.61 -33.66
N THR MB 91 -53.43 6.64 -33.07
CA THR MB 91 -54.80 7.07 -33.38
C THR MB 91 -54.99 7.46 -34.83
N LEU MB 92 -54.07 8.25 -35.40
CA LEU MB 92 -54.09 8.59 -36.81
C LEU MB 92 -53.97 7.37 -37.73
N TRP MB 93 -53.04 6.45 -37.42
CA TRP MB 93 -52.92 5.15 -38.06
C TRP MB 93 -54.22 4.32 -38.01
N ILE MB 94 -54.86 4.26 -36.84
CA ILE MB 94 -56.10 3.55 -36.59
C ILE MB 94 -57.22 4.12 -37.43
N LYS MB 95 -57.32 5.46 -37.52
CA LYS MB 95 -58.26 6.11 -38.42
C LYS MB 95 -58.06 5.68 -39.86
N ARG MB 96 -56.81 5.78 -40.37
CA ARG MB 96 -56.50 5.37 -41.72
C ARG MB 96 -56.80 3.90 -41.99
N GLN MB 97 -56.39 2.97 -41.10
CA GLN MB 97 -56.68 1.57 -41.29
C GLN MB 97 -58.16 1.26 -41.36
N ARG MB 98 -58.94 1.79 -40.39
CA ARG MB 98 -60.37 1.57 -40.36
C ARG MB 98 -61.08 2.14 -41.56
N VAL MB 99 -60.74 3.37 -42.00
CA VAL MB 99 -61.27 3.91 -43.24
C VAL MB 99 -60.87 3.09 -44.46
N LEU MB 100 -59.61 2.64 -44.57
CA LEU MB 100 -59.21 1.84 -45.72
C LEU MB 100 -59.89 0.49 -45.75
N ARG MB 101 -60.03 -0.17 -44.59
CA ARG MB 101 -60.69 -1.45 -44.52
C ARG MB 101 -62.17 -1.31 -44.75
N ARG MB 102 -62.80 -0.24 -44.22
CA ARG MB 102 -64.17 0.10 -44.52
C ARG MB 102 -64.43 0.28 -46.00
N LEU MB 103 -63.54 1.03 -46.69
CA LEU MB 103 -63.59 1.24 -48.11
C LEU MB 103 -63.49 -0.05 -48.91
N LEU MB 104 -62.51 -0.92 -48.61
CA LEU MB 104 -62.36 -2.22 -49.24
C LEU MB 104 -63.59 -3.12 -49.10
N LYS MB 105 -64.19 -3.17 -47.90
CA LYS MB 105 -65.36 -3.98 -47.65
C LYS MB 105 -66.56 -3.51 -48.45
N ARG MB 106 -66.77 -2.19 -48.56
CA ARG MB 106 -67.79 -1.61 -49.41
C ARG MB 106 -67.59 -1.94 -50.88
N LEU MB 107 -66.36 -1.88 -51.40
CA LEU MB 107 -66.03 -2.29 -52.75
C LEU MB 107 -66.27 -3.77 -53.02
N ARG MB 108 -65.98 -4.64 -52.04
CA ARG MB 108 -66.29 -6.05 -52.10
C ARG MB 108 -67.80 -6.34 -52.07
N ASP MB 109 -68.53 -5.69 -51.16
CA ASP MB 109 -69.97 -5.83 -51.00
C ASP MB 109 -70.73 -5.44 -52.27
N SER MB 110 -70.29 -4.35 -52.90
CA SER MB 110 -70.79 -3.87 -54.17
C SER MB 110 -70.27 -4.67 -55.35
N LYS MB 111 -69.29 -5.57 -55.09
CA LYS MB 111 -68.75 -6.53 -56.01
C LYS MB 111 -68.06 -5.87 -57.21
N LYS MB 112 -67.29 -4.81 -56.94
CA LYS MB 112 -66.57 -4.07 -57.97
C LYS MB 112 -65.13 -4.56 -58.04
N VAL MB 113 -64.73 -5.43 -57.11
CA VAL MB 113 -63.44 -6.09 -57.07
C VAL MB 113 -63.69 -7.55 -56.74
N ASP MB 114 -62.70 -8.42 -57.02
CA ASP MB 114 -62.75 -9.81 -56.65
C ASP MB 114 -62.05 -10.04 -55.33
N ARG MB 115 -62.25 -11.23 -54.71
CA ARG MB 115 -61.64 -11.64 -53.46
C ARG MB 115 -60.13 -11.55 -53.48
N HIS MB 116 -59.51 -11.96 -54.61
CA HIS MB 116 -58.09 -11.88 -54.87
C HIS MB 116 -57.57 -10.47 -54.80
N LEU MB 117 -58.20 -9.53 -55.54
CA LEU MB 117 -57.85 -8.13 -55.47
C LEU MB 117 -58.05 -7.52 -54.10
N TYR MB 118 -59.18 -7.84 -53.43
CA TYR MB 118 -59.50 -7.41 -52.08
C TYR MB 118 -58.41 -7.78 -51.08
N HIS MB 119 -58.04 -9.07 -51.05
CA HIS MB 119 -57.07 -9.61 -50.12
C HIS MB 119 -55.69 -9.02 -50.33
N SER MB 120 -55.27 -8.87 -51.60
CA SER MB 120 -54.02 -8.23 -51.96
C SER MB 120 -53.98 -6.77 -51.54
N PHE MB 121 -55.06 -6.01 -51.78
CA PHE MB 121 -55.15 -4.63 -51.40
C PHE MB 121 -55.22 -4.47 -49.89
N TYR MB 122 -55.89 -5.38 -49.16
CA TYR MB 122 -55.90 -5.39 -47.71
C TYR MB 122 -54.48 -5.51 -47.15
N LEU MB 123 -53.66 -6.44 -47.67
CA LEU MB 123 -52.28 -6.59 -47.29
C LEU MB 123 -51.42 -5.37 -47.62
N LYS MB 124 -51.64 -4.75 -48.79
CA LYS MB 124 -51.00 -3.51 -49.17
C LYS MB 124 -51.40 -2.31 -48.32
N CYS MB 125 -52.68 -2.19 -47.94
CA CYS MB 125 -53.15 -1.21 -46.98
C CYS MB 125 -52.54 -1.37 -45.60
N LYS MB 126 -52.43 -2.62 -45.11
CA LYS MB 126 -51.65 -2.95 -43.93
C LYS MB 126 -50.17 -2.57 -44.09
N GLY MB 127 -49.63 -2.78 -45.30
CA GLY MB 127 -48.33 -2.35 -45.82
C GLY MB 127 -48.04 -0.88 -45.66
N ASN MB 128 -49.01 -0.04 -46.07
CA ASN MB 128 -49.02 1.40 -45.96
C ASN MB 128 -48.40 2.04 -47.19
N GLN MB 129 -48.48 1.36 -48.35
CA GLN MB 129 -48.12 1.98 -49.62
C GLN MB 129 -49.25 2.85 -50.14
N PHE MB 130 -50.47 2.72 -49.58
CA PHE MB 130 -51.61 3.58 -49.85
C PHE MB 130 -51.95 4.31 -48.57
N LYS MB 131 -52.12 5.65 -48.65
CA LYS MB 131 -52.18 6.50 -47.48
C LYS MB 131 -53.49 7.27 -47.37
N ASN MB 132 -54.39 7.12 -48.35
CA ASN MB 132 -55.67 7.79 -48.34
C ASN MB 132 -56.60 7.10 -49.32
N LYS MB 133 -57.89 7.49 -49.32
CA LYS MB 133 -58.86 7.06 -50.30
C LYS MB 133 -58.40 7.25 -51.74
N ARG MB 134 -57.87 8.45 -52.08
CA ARG MB 134 -57.44 8.79 -53.43
C ARG MB 134 -56.47 7.78 -54.03
N THR MB 135 -55.41 7.46 -53.26
CA THR MB 135 -54.37 6.51 -53.64
C THR MB 135 -54.87 5.09 -53.82
N LEU MB 136 -55.62 4.55 -52.85
CA LEU MB 136 -56.22 3.23 -52.97
C LEU MB 136 -57.11 3.07 -54.19
N ILE MB 137 -58.03 4.04 -54.42
CA ILE MB 137 -58.92 4.07 -55.56
C ILE MB 137 -58.17 4.06 -56.88
N GLU MB 138 -57.15 4.93 -57.04
CA GLU MB 138 -56.35 4.96 -58.26
C GLU MB 138 -55.63 3.65 -58.51
N ALA MB 139 -55.01 3.07 -57.47
CA ALA MB 139 -54.37 1.78 -57.54
C ALA MB 139 -55.31 0.64 -57.97
N ILE MB 140 -56.53 0.58 -57.41
CA ILE MB 140 -57.55 -0.36 -57.82
C ILE MB 140 -57.95 -0.21 -59.27
N GLN MB 141 -58.19 1.03 -59.75
CA GLN MB 141 -58.46 1.30 -61.16
C GLN MB 141 -57.35 0.82 -62.09
N ARG MB 142 -56.09 1.12 -61.74
CA ARG MB 142 -54.92 0.66 -62.46
C ARG MB 142 -54.80 -0.86 -62.54
N GLU MB 143 -54.97 -1.53 -61.39
CA GLU MB 143 -54.92 -2.96 -61.28
C GLU MB 143 -56.04 -3.63 -62.07
N LYS MB 144 -57.26 -3.09 -61.97
CA LYS MB 144 -58.40 -3.56 -62.73
C LYS MB 144 -58.18 -3.45 -64.23
N ASN MB 145 -57.64 -2.30 -64.71
CA ASN MB 145 -57.36 -2.10 -66.12
C ASN MB 145 -56.35 -3.10 -66.67
N GLU MB 146 -55.26 -3.34 -65.93
CA GLU MB 146 -54.33 -4.41 -66.23
C GLU MB 146 -54.97 -5.78 -66.21
N THR MB 147 -55.79 -6.09 -65.19
CA THR MB 147 -56.43 -7.40 -65.03
C THR MB 147 -57.43 -7.72 -66.12
N LEU MB 148 -58.33 -6.78 -66.48
CA LEU MB 148 -59.25 -6.97 -67.58
C LEU MB 148 -58.58 -7.12 -68.94
N LYS MB 149 -57.55 -6.31 -69.26
CA LYS MB 149 -56.72 -6.47 -70.44
C LYS MB 149 -56.05 -7.85 -70.56
N LYS MB 150 -55.49 -8.34 -69.44
CA LYS MB 150 -54.90 -9.67 -69.31
C LYS MB 150 -55.93 -10.78 -69.53
N LYS MB 151 -57.12 -10.69 -68.90
CA LYS MB 151 -58.22 -11.59 -69.14
C LYS MB 151 -58.67 -11.58 -70.59
N ALA MB 152 -58.76 -10.39 -71.22
CA ALA MB 152 -59.15 -10.22 -72.60
C ALA MB 152 -58.18 -10.87 -73.57
N ILE MB 153 -56.87 -10.70 -73.37
CA ILE MB 153 -55.87 -11.37 -74.20
C ILE MB 153 -55.92 -12.89 -74.00
N ALA MB 154 -55.99 -13.36 -72.74
CA ALA MB 154 -56.06 -14.75 -72.37
C ALA MB 154 -57.29 -15.46 -72.94
N ASP MB 155 -58.46 -14.81 -72.86
CA ASP MB 155 -59.71 -15.29 -73.40
C ASP MB 155 -59.64 -15.48 -74.92
N GLN MB 156 -59.06 -14.54 -75.67
CA GLN MB 156 -58.87 -14.65 -77.11
C GLN MB 156 -57.97 -15.81 -77.52
N LEU MB 157 -56.80 -15.99 -76.86
CA LEU MB 157 -55.91 -17.10 -77.10
C LEU MB 157 -56.56 -18.47 -76.90
N GLU MB 158 -57.34 -18.61 -75.81
CA GLU MB 158 -58.13 -19.78 -75.51
C GLU MB 158 -59.19 -20.06 -76.57
N ALA MB 159 -59.91 -19.03 -77.04
CA ALA MB 159 -60.90 -19.13 -78.08
C ALA MB 159 -60.32 -19.62 -79.40
N LYS MB 160 -59.17 -19.07 -79.85
CA LYS MB 160 -58.47 -19.54 -81.05
C LYS MB 160 -58.01 -20.98 -80.89
N ARG MB 161 -57.43 -21.31 -79.72
CA ARG MB 161 -56.97 -22.65 -79.41
C ARG MB 161 -58.09 -23.69 -79.41
N LEU MB 162 -59.23 -23.38 -78.79
CA LEU MB 162 -60.43 -24.20 -78.80
C LEU MB 162 -60.99 -24.43 -80.18
N LYS MB 163 -61.06 -23.39 -81.04
CA LYS MB 163 -61.47 -23.51 -82.43
C LYS MB 163 -60.55 -24.41 -83.25
N ALA MB 164 -59.23 -24.28 -83.06
CA ALA MB 164 -58.21 -25.12 -83.67
C ALA MB 164 -58.35 -26.58 -83.26
N GLN MB 165 -58.58 -26.84 -81.96
CA GLN MB 165 -58.76 -28.18 -81.42
C GLN MB 165 -59.99 -28.88 -81.98
N VAL MB 166 -61.12 -28.17 -82.08
CA VAL MB 166 -62.37 -28.68 -82.65
C VAL MB 166 -62.21 -29.00 -84.12
N LEU MB 167 -61.54 -28.12 -84.89
CA LEU MB 167 -61.21 -28.37 -86.28
C LEU MB 167 -60.30 -29.58 -86.46
N ARG MB 168 -59.15 -29.64 -85.76
CA ARG MB 168 -58.24 -30.77 -85.78
C ARG MB 168 -58.86 -32.11 -85.41
N ASN MB 169 -59.67 -32.11 -84.33
CA ASN MB 169 -60.40 -33.27 -83.86
C ASN MB 169 -61.40 -33.75 -84.89
N LYS MB 170 -62.14 -32.83 -85.54
CA LYS MB 170 -63.01 -33.14 -86.65
C LYS MB 170 -62.28 -33.74 -87.84
N ARG MB 171 -61.13 -33.19 -88.25
CA ARG MB 171 -60.28 -33.73 -89.30
C ARG MB 171 -59.72 -35.11 -88.99
N LYS MB 172 -59.26 -35.35 -87.75
CA LYS MB 172 -58.79 -36.67 -87.32
C LYS MB 172 -59.88 -37.73 -87.34
N LEU MB 173 -61.10 -37.37 -86.91
CA LEU MB 173 -62.31 -38.17 -86.95
C LEU MB 173 -62.77 -38.48 -88.36
N LYS MB 174 -62.80 -37.47 -89.24
CA LYS MB 174 -63.12 -37.54 -90.65
C LYS MB 174 -62.16 -38.45 -91.41
N LYS MB 175 -60.84 -38.34 -91.13
CA LYS MB 175 -59.83 -39.22 -91.68
C LYS MB 175 -60.06 -40.68 -91.31
N ASP MB 176 -60.34 -40.94 -90.02
CA ASP MB 176 -60.70 -42.27 -89.54
C ASP MB 176 -61.98 -42.79 -90.22
N LYS MB 177 -63.02 -41.95 -90.37
CA LYS MB 177 -64.24 -42.30 -91.07
C LYS MB 177 -64.04 -42.63 -92.55
N GLU MB 178 -63.24 -41.83 -93.28
CA GLU MB 178 -62.83 -42.11 -94.64
C GLU MB 178 -62.07 -43.43 -94.79
N VAL MB 179 -61.08 -43.71 -93.91
CA VAL MB 179 -60.40 -45.01 -93.87
C VAL MB 179 -61.34 -46.19 -93.54
N VAL MB 180 -62.23 -46.06 -92.55
CA VAL MB 180 -63.20 -47.08 -92.15
C VAL MB 180 -64.26 -47.40 -93.20
N ALA MB 181 -64.89 -46.38 -93.82
CA ALA MB 181 -66.02 -46.54 -94.70
C ALA MB 181 -65.71 -47.29 -96.04
N LYS NB 1 -59.16 3.07 86.91
CA LYS NB 1 -57.80 2.86 87.50
C LYS NB 1 -57.33 1.42 87.41
N PHE NB 2 -57.77 0.54 88.33
CA PHE NB 2 -57.27 -0.83 88.45
C PHE NB 2 -57.51 -1.73 87.25
N ASN NB 3 -58.69 -1.69 86.61
CA ASN NB 3 -58.94 -2.53 85.45
C ASN NB 3 -57.95 -2.27 84.29
N LYS NB 4 -57.48 -3.35 83.63
CA LYS NB 4 -56.58 -3.22 82.51
C LYS NB 4 -57.32 -3.48 81.21
N GLN NB 5 -58.63 -3.72 81.31
CA GLN NB 5 -59.53 -3.91 80.20
C GLN NB 5 -59.73 -2.66 79.35
N LYS NB 6 -59.85 -1.47 79.97
CA LYS NB 6 -60.10 -0.22 79.28
C LYS NB 6 -58.89 0.69 79.36
N SER NB 7 -58.51 1.32 78.22
CA SER NB 7 -57.42 2.27 78.14
C SER NB 7 -57.56 3.48 79.05
N SER NB 8 -56.41 3.95 79.56
CA SER NB 8 -56.24 5.17 80.32
C SER NB 8 -55.69 6.28 79.45
N SER NB 9 -55.48 6.02 78.15
CA SER NB 9 -55.08 7.06 77.20
C SER NB 9 -56.11 8.15 76.97
N ARG NB 10 -55.63 9.39 76.76
CA ARG NB 10 -56.38 10.50 76.22
C ARG NB 10 -57.03 10.16 74.87
N ARG NB 11 -56.23 9.51 74.01
CA ARG NB 11 -56.57 9.15 72.66
C ARG NB 11 -57.83 8.30 72.50
N LYS NB 12 -57.97 7.18 73.21
CA LYS NB 12 -59.17 6.36 73.08
C LYS NB 12 -60.43 7.04 73.57
N MET NB 13 -60.35 7.72 74.73
CA MET NB 13 -61.46 8.43 75.33
C MET NB 13 -62.02 9.51 74.43
N ARG NB 14 -61.14 10.30 73.81
CA ARG NB 14 -61.55 11.28 72.83
C ARG NB 14 -62.24 10.69 71.62
N LYS NB 15 -61.71 9.60 71.04
CA LYS NB 15 -62.32 8.99 69.88
C LYS NB 15 -63.72 8.48 70.19
N ALA NB 16 -63.88 7.80 71.34
CA ALA NB 16 -65.14 7.39 71.91
C ALA NB 16 -66.11 8.55 72.13
N HIS NB 17 -65.62 9.68 72.67
CA HIS NB 17 -66.34 10.93 72.81
C HIS NB 17 -66.89 11.47 71.48
N PHE NB 18 -66.10 11.40 70.39
CA PHE NB 18 -66.58 11.89 69.11
C PHE NB 18 -67.45 10.91 68.36
N THR NB 19 -67.22 9.58 68.48
CA THR NB 19 -67.92 8.60 67.64
C THR NB 19 -69.13 7.95 68.31
N ALA NB 20 -69.58 8.49 69.45
CA ALA NB 20 -70.65 8.00 70.29
C ALA NB 20 -71.90 7.36 69.63
N PRO NB 21 -72.35 6.15 69.97
CA PRO NB 21 -73.72 5.70 69.70
C PRO NB 21 -74.72 6.44 70.56
N ALA NB 22 -76.02 6.33 70.27
CA ALA NB 22 -77.06 7.16 70.83
C ALA NB 22 -77.20 7.06 72.35
N GLY NB 23 -77.16 5.85 72.94
CA GLY NB 23 -77.17 5.67 74.38
C GLY NB 23 -76.04 6.38 75.09
N LEU NB 24 -74.83 6.34 74.50
CA LEU NB 24 -73.71 7.12 74.96
C LEU NB 24 -73.96 8.61 74.84
N ARG NB 25 -74.49 9.08 73.69
CA ARG NB 25 -74.92 10.46 73.52
C ARG NB 25 -75.90 10.91 74.60
N ARG NB 26 -76.91 10.07 74.92
CA ARG NB 26 -77.82 10.29 76.02
C ARG NB 26 -77.14 10.38 77.38
N LYS NB 27 -76.18 9.50 77.70
CA LYS NB 27 -75.39 9.57 78.91
C LYS NB 27 -74.65 10.88 79.10
N ILE NB 28 -74.03 11.41 78.03
CA ILE NB 28 -73.26 12.64 78.13
C ILE NB 28 -74.11 13.85 77.77
N MET NB 29 -75.44 13.65 77.75
CA MET NB 29 -76.46 14.67 77.75
C MET NB 29 -77.26 14.57 79.04
N SER NB 30 -76.66 14.00 80.11
CA SER NB 30 -77.32 14.03 81.40
C SER NB 30 -77.04 15.32 82.14
N SER NB 31 -77.95 15.72 83.03
CA SER NB 31 -77.76 16.87 83.91
C SER NB 31 -78.08 16.50 85.35
N LYS NB 32 -77.43 17.22 86.30
CA LYS NB 32 -77.65 17.06 87.72
C LYS NB 32 -79.07 17.41 88.15
N LEU NB 33 -79.65 16.61 89.05
CA LEU NB 33 -80.98 16.83 89.55
C LEU NB 33 -81.03 17.80 90.73
N SER NB 34 -82.17 18.51 90.89
CA SER NB 34 -82.50 19.35 92.03
C SER NB 34 -82.49 18.62 93.37
N LYS NB 35 -82.20 19.32 94.48
CA LYS NB 35 -81.73 18.69 95.71
C LYS NB 35 -82.72 17.79 96.43
N GLU NB 36 -83.96 18.24 96.61
CA GLU NB 36 -85.07 17.47 97.11
C GLU NB 36 -85.45 16.33 96.17
N LEU NB 37 -85.44 16.59 94.85
CA LEU NB 37 -85.59 15.56 93.84
C LEU NB 37 -84.53 14.47 93.89
N ARG NB 38 -83.23 14.80 94.06
CA ARG NB 38 -82.19 13.80 94.30
C ARG NB 38 -82.50 12.88 95.46
N LEU NB 39 -82.92 13.43 96.62
CA LEU NB 39 -83.43 12.66 97.73
C LEU NB 39 -84.64 11.79 97.38
N LYS NB 40 -85.61 12.35 96.65
CA LYS NB 40 -86.80 11.67 96.19
C LYS NB 40 -86.55 10.44 95.31
N TYR NB 41 -85.67 10.60 94.31
CA TYR NB 41 -85.41 9.60 93.30
C TYR NB 41 -84.23 8.72 93.62
N LYS NB 42 -83.38 9.16 94.57
CA LYS NB 42 -82.13 8.52 94.96
C LYS NB 42 -81.12 8.55 93.81
N THR NB 43 -81.05 9.70 93.11
CA THR NB 43 -80.39 9.79 91.81
C THR NB 43 -79.67 11.12 91.65
N ARG NB 44 -78.36 11.11 91.35
CA ARG NB 44 -77.59 12.34 91.16
C ARG NB 44 -77.94 13.12 89.88
N SER NB 45 -78.04 12.41 88.74
CA SER NB 45 -78.05 13.01 87.41
C SER NB 45 -78.95 12.22 86.48
N LEU NB 46 -79.62 12.88 85.52
CA LEU NB 46 -80.59 12.26 84.64
C LEU NB 46 -80.40 12.67 83.18
N PRO NB 47 -80.57 11.80 82.18
CA PRO NB 47 -80.57 12.17 80.76
C PRO NB 47 -81.67 13.14 80.37
N VAL NB 48 -81.32 14.29 79.77
CA VAL NB 48 -82.29 15.28 79.32
C VAL NB 48 -83.32 14.77 78.30
N ARG NB 49 -84.55 15.30 78.35
CA ARG NB 49 -85.65 14.97 77.47
C ARG NB 49 -86.37 16.26 77.07
N LYS NB 50 -87.28 16.20 76.07
CA LYS NB 50 -87.81 17.35 75.37
C LYS NB 50 -88.42 18.47 76.19
N ASP NB 51 -89.30 18.14 77.15
CA ASP NB 51 -90.12 19.13 77.83
C ASP NB 51 -89.64 19.42 79.24
N ASP NB 52 -88.40 19.02 79.57
CA ASP NB 52 -87.72 19.31 80.81
C ASP NB 52 -87.58 20.83 81.11
N GLU NB 53 -87.48 21.18 82.41
CA GLU NB 53 -87.33 22.55 82.87
C GLU NB 53 -86.03 22.69 83.63
N VAL NB 54 -85.05 23.42 83.06
CA VAL NB 54 -83.70 23.53 83.59
C VAL NB 54 -83.41 24.93 84.12
N LEU NB 55 -82.40 25.04 84.98
CA LEU NB 55 -81.83 26.29 85.44
C LEU NB 55 -80.40 26.33 85.01
N ILE NB 56 -79.94 27.48 84.49
CA ILE NB 56 -78.58 27.63 84.02
C ILE NB 56 -77.69 28.10 85.16
N CYS NB 57 -76.51 27.49 85.35
CA CYS NB 57 -75.65 27.80 86.49
C CYS NB 57 -74.30 28.38 86.11
N ARG NB 58 -74.02 28.48 84.80
CA ARG NB 58 -72.72 28.85 84.28
C ARG NB 58 -72.89 29.81 83.12
N GLY NB 59 -71.79 30.43 82.65
CA GLY NB 59 -71.81 31.35 81.53
C GLY NB 59 -72.52 32.65 81.77
N HIS NB 60 -72.66 33.46 80.70
CA HIS NB 60 -73.31 34.76 80.79
C HIS NB 60 -74.80 34.64 81.03
N ASN NB 61 -75.35 33.44 80.78
CA ASN NB 61 -76.77 33.15 80.86
C ASN NB 61 -77.15 32.53 82.19
N HIS NB 62 -76.21 32.46 83.15
CA HIS NB 62 -76.44 31.90 84.47
C HIS NB 62 -77.59 32.53 85.24
N GLY NB 63 -78.27 31.71 86.06
CA GLY NB 63 -79.36 32.10 86.93
C GLY NB 63 -80.69 32.17 86.24
N ARG NB 64 -80.73 31.91 84.92
CA ARG NB 64 -81.98 31.85 84.20
C ARG NB 64 -82.57 30.45 84.26
N GLU NB 65 -83.87 30.33 84.61
CA GLU NB 65 -84.63 29.09 84.51
C GLU NB 65 -85.44 29.07 83.22
N GLY NB 66 -85.88 27.89 82.77
CA GLY NB 66 -86.74 27.77 81.60
C GLY NB 66 -86.87 26.39 81.05
N LYS NB 67 -87.92 26.20 80.22
CA LYS NB 67 -88.16 24.99 79.48
C LYS NB 67 -87.20 24.77 78.33
N VAL NB 68 -86.85 23.50 78.11
CA VAL NB 68 -86.04 23.08 77.00
C VAL NB 68 -86.90 23.05 75.75
N VAL NB 69 -86.43 23.73 74.71
CA VAL NB 69 -87.01 23.74 73.38
C VAL NB 69 -86.65 22.44 72.67
N LYS NB 70 -85.45 22.44 72.08
CA LYS NB 70 -84.91 21.39 71.25
C LYS NB 70 -83.58 20.96 71.86
N ILE NB 71 -83.23 19.68 71.72
CA ILE NB 71 -81.93 19.17 72.11
C ILE NB 71 -81.17 18.81 70.86
N ASN NB 72 -79.89 19.23 70.78
CA ASN NB 72 -79.03 18.94 69.67
C ASN NB 72 -78.01 17.97 70.22
N ARG NB 73 -78.19 16.69 69.82
CA ARG NB 73 -77.35 15.59 70.21
C ARG NB 73 -75.99 15.66 69.54
N LYS NB 74 -75.96 16.08 68.27
CA LYS NB 74 -74.76 16.13 67.46
C LYS NB 74 -73.73 17.14 67.94
N ARG NB 75 -74.17 18.35 68.33
CA ARG NB 75 -73.27 19.35 68.86
C ARG NB 75 -73.25 19.32 70.38
N TYR NB 76 -74.08 18.44 70.97
CA TYR NB 76 -74.22 18.27 72.41
C TYR NB 76 -74.66 19.54 73.12
N LYS NB 77 -75.72 20.18 72.60
CA LYS NB 77 -76.15 21.50 73.00
C LYS NB 77 -77.65 21.42 73.20
N ILE NB 78 -78.16 21.92 74.33
CA ILE NB 78 -79.60 22.01 74.50
C ILE NB 78 -80.00 23.45 74.21
N TYR NB 79 -81.27 23.65 73.81
CA TYR NB 79 -81.79 24.98 73.58
C TYR NB 79 -82.90 25.21 74.58
N VAL NB 80 -82.96 26.42 75.17
CA VAL NB 80 -83.92 26.78 76.19
C VAL NB 80 -84.64 28.02 75.72
N GLU NB 81 -85.90 28.21 76.13
CA GLU NB 81 -86.80 29.21 75.58
C GLU NB 81 -86.32 30.66 75.72
N ARG NB 82 -85.79 31.04 76.90
CA ARG NB 82 -85.43 32.41 77.17
C ARG NB 82 -83.96 32.72 76.95
N VAL NB 83 -83.18 31.81 76.35
CA VAL NB 83 -81.82 32.11 75.92
C VAL NB 83 -81.82 32.32 74.42
N THR NB 84 -82.60 33.31 73.95
CA THR NB 84 -82.53 33.73 72.56
C THR NB 84 -81.27 34.54 72.28
N ARG NB 85 -80.87 34.62 71.01
CA ARG NB 85 -79.85 35.51 70.52
C ARG NB 85 -80.22 35.82 69.09
N GLU NB 86 -80.09 37.09 68.68
CA GLU NB 86 -80.19 37.48 67.31
C GLU NB 86 -78.87 37.26 66.60
N LYS NB 87 -78.92 36.90 65.31
CA LYS NB 87 -77.74 36.58 64.55
C LYS NB 87 -77.25 37.80 63.77
N VAL NB 88 -76.30 37.60 62.82
CA VAL NB 88 -75.71 38.70 62.05
C VAL NB 88 -76.76 39.49 61.24
N ASN NB 89 -77.79 38.80 60.73
CA ASN NB 89 -78.87 39.35 59.94
C ASN NB 89 -80.10 39.69 60.79
N GLY NB 90 -80.01 39.52 62.12
CA GLY NB 90 -81.10 39.78 63.04
C GLY NB 90 -82.09 38.66 63.17
N GLU NB 91 -81.89 37.49 62.54
CA GLU NB 91 -82.70 36.32 62.82
C GLU NB 91 -82.52 35.87 64.27
N SER NB 92 -83.62 35.57 64.98
CA SER NB 92 -83.52 35.07 66.35
C SER NB 92 -83.46 33.56 66.39
N THR NB 93 -82.38 33.00 66.96
CA THR NB 93 -82.31 31.58 67.31
C THR NB 93 -82.02 31.46 68.78
N PHE NB 94 -82.06 30.22 69.33
CA PHE NB 94 -81.70 29.99 70.71
C PHE NB 94 -80.23 29.63 70.82
N ILE NB 95 -79.57 30.18 71.84
CA ILE NB 95 -78.20 29.85 72.23
C ILE NB 95 -78.09 28.40 72.66
N GLY NB 96 -77.14 27.65 72.08
CA GLY NB 96 -76.93 26.26 72.45
C GLY NB 96 -76.09 26.12 73.69
N ILE NB 97 -76.56 25.32 74.65
CA ILE NB 97 -75.94 25.24 75.96
C ILE NB 97 -75.52 23.81 76.22
N HIS NB 98 -74.22 23.57 76.49
CA HIS NB 98 -73.75 22.25 76.89
C HIS NB 98 -74.31 21.79 78.23
N PRO NB 99 -74.68 20.53 78.43
CA PRO NB 99 -75.60 20.11 79.48
C PRO NB 99 -74.92 20.08 80.83
N SER NB 100 -73.60 20.27 80.85
CA SER NB 100 -72.77 20.50 82.01
C SER NB 100 -73.13 21.79 82.72
N ASN NB 101 -73.70 22.74 81.99
CA ASN NB 101 -73.93 24.09 82.47
C ASN NB 101 -75.32 24.31 83.04
N VAL NB 102 -76.16 23.26 83.12
CA VAL NB 102 -77.54 23.36 83.58
C VAL NB 102 -77.88 22.33 84.63
N VAL NB 103 -78.76 22.72 85.58
CA VAL NB 103 -79.29 21.86 86.61
C VAL NB 103 -80.77 21.70 86.32
N LEU NB 104 -81.26 20.46 86.42
CA LEU NB 104 -82.63 20.14 86.05
C LEU NB 104 -83.58 20.33 87.22
N THR NB 105 -84.63 21.16 87.02
CA THR NB 105 -85.72 21.36 87.95
C THR NB 105 -86.77 20.30 87.69
N LYS NB 106 -87.83 20.63 86.93
CA LYS NB 106 -88.86 19.65 86.64
C LYS NB 106 -88.52 18.86 85.40
N LEU NB 107 -88.14 17.59 85.60
CA LEU NB 107 -88.09 16.60 84.56
C LEU NB 107 -89.47 16.27 83.99
N LYS NB 108 -89.58 16.05 82.68
CA LYS NB 108 -90.75 15.48 82.04
C LYS NB 108 -90.96 14.02 82.41
N VAL NB 109 -92.18 13.65 82.85
CA VAL NB 109 -92.57 12.28 83.10
C VAL NB 109 -93.18 11.66 81.84
N ASP NB 110 -92.82 10.40 81.54
CA ASP NB 110 -93.31 9.63 80.40
C ASP NB 110 -93.00 8.19 80.74
N LYS NB 111 -93.45 7.20 79.93
CA LYS NB 111 -93.27 5.79 80.22
C LYS NB 111 -91.80 5.36 80.29
N ASN NB 112 -90.96 5.86 79.34
CA ASN NB 112 -89.53 5.59 79.33
C ASN NB 112 -88.83 6.18 80.55
N ARG NB 113 -89.14 7.45 80.88
CA ARG NB 113 -88.67 8.10 82.08
C ARG NB 113 -89.05 7.38 83.38
N LYS NB 114 -90.30 6.88 83.47
CA LYS NB 114 -90.75 6.08 84.58
C LYS NB 114 -89.92 4.83 84.77
N LYS NB 115 -89.62 4.14 83.67
CA LYS NB 115 -88.74 2.98 83.66
C LYS NB 115 -87.34 3.30 84.14
N ILE NB 116 -86.76 4.42 83.68
CA ILE NB 116 -85.48 4.93 84.14
C ILE NB 116 -85.51 5.24 85.63
N LEU NB 117 -86.53 5.98 86.11
CA LEU NB 117 -86.67 6.25 87.51
C LEU NB 117 -86.83 5.00 88.37
N ASP NB 118 -87.62 4.00 87.89
CA ASP NB 118 -87.76 2.72 88.54
C ASP NB 118 -86.43 1.96 88.60
N ARG NB 119 -85.66 1.94 87.50
CA ARG NB 119 -84.32 1.40 87.46
C ARG NB 119 -83.37 2.06 88.45
N LYS NB 120 -83.34 3.40 88.50
CA LYS NB 120 -82.52 4.14 89.44
C LYS NB 120 -82.82 3.97 90.93
N ALA NB 121 -84.10 4.05 91.35
CA ALA NB 121 -84.47 4.11 92.74
C ALA NB 121 -84.32 2.77 93.53
N ASN OB 1 -94.76 2.58 56.96
CA ASN OB 1 -96.26 2.51 57.04
C ASN OB 1 -96.73 1.12 57.48
N VAL OB 2 -96.84 0.13 56.56
CA VAL OB 2 -97.16 -1.25 56.91
C VAL OB 2 -96.11 -1.91 57.81
N LYS OB 3 -96.52 -2.76 58.76
CA LYS OB 3 -95.63 -3.32 59.76
C LYS OB 3 -95.66 -4.85 59.71
N ALA OB 4 -94.46 -5.47 59.74
CA ALA OB 4 -94.18 -6.87 59.48
C ALA OB 4 -95.18 -7.93 59.96
N TYR OB 5 -95.55 -7.90 61.25
CA TYR OB 5 -96.55 -8.76 61.86
C TYR OB 5 -97.92 -8.76 61.17
N GLU OB 6 -98.35 -7.62 60.62
CA GLU OB 6 -99.59 -7.54 59.88
C GLU OB 6 -99.49 -8.32 58.58
N LEU OB 7 -98.31 -8.23 57.92
CA LEU OB 7 -97.99 -8.99 56.75
C LEU OB 7 -97.86 -10.48 57.02
N ARG OB 8 -97.28 -10.85 58.18
CA ARG OB 8 -97.13 -12.23 58.59
C ARG OB 8 -98.47 -12.91 58.84
N THR OB 9 -99.46 -12.11 59.26
CA THR OB 9 -100.85 -12.53 59.38
C THR OB 9 -101.45 -13.02 58.08
N LEU OB 10 -101.18 -12.32 56.97
CA LEU OB 10 -101.71 -12.59 55.64
C LEU OB 10 -101.40 -13.97 55.05
N LYS OB 11 -102.33 -14.50 54.23
CA LYS OB 11 -102.13 -15.65 53.38
C LYS OB 11 -101.31 -15.27 52.15
N LYS OB 12 -100.75 -16.25 51.41
CA LYS OB 12 -99.83 -15.99 50.32
C LYS OB 12 -100.46 -15.27 49.17
N LYS OB 13 -101.72 -15.58 48.81
CA LYS OB 13 -102.44 -14.81 47.83
C LYS OB 13 -102.63 -13.37 48.25
N GLU OB 14 -103.02 -13.14 49.52
CA GLU OB 14 -103.27 -11.81 50.04
C GLU OB 14 -102.02 -10.96 50.09
N LEU OB 15 -100.90 -11.54 50.54
CA LEU OB 15 -99.61 -10.89 50.60
C LEU OB 15 -99.07 -10.46 49.24
N LEU OB 16 -99.18 -11.35 48.23
CA LEU OB 16 -98.83 -11.05 46.86
C LEU OB 16 -99.70 -9.98 46.22
N ASP OB 17 -101.01 -9.93 46.53
CA ASP OB 17 -101.90 -8.88 46.08
C ASP OB 17 -101.45 -7.51 46.61
N LYS OB 18 -101.10 -7.44 47.90
CA LYS OB 18 -100.46 -6.27 48.50
C LYS OB 18 -99.14 -5.91 47.82
N LEU OB 19 -98.29 -6.90 47.51
CA LEU OB 19 -97.04 -6.68 46.80
C LEU OB 19 -97.25 -6.04 45.43
N ASP OB 20 -98.21 -6.54 44.65
CA ASP OB 20 -98.56 -6.04 43.35
C ASP OB 20 -99.12 -4.63 43.41
N GLU OB 21 -99.99 -4.35 44.39
CA GLU OB 21 -100.54 -3.04 44.65
C GLU OB 21 -99.47 -2.00 44.91
N LEU OB 22 -98.50 -2.34 45.77
CA LEU OB 22 -97.37 -1.49 46.05
C LEU OB 22 -96.51 -1.18 44.83
N LYS OB 23 -96.20 -2.18 43.99
CA LYS OB 23 -95.50 -2.00 42.73
C LYS OB 23 -96.19 -0.99 41.80
N LYS OB 24 -97.50 -1.17 41.58
CA LYS OB 24 -98.29 -0.24 40.81
C LYS OB 24 -98.30 1.19 41.38
N GLU OB 25 -98.51 1.36 42.69
CA GLU OB 25 -98.36 2.64 43.36
C GLU OB 25 -96.98 3.28 43.26
N LEU OB 26 -95.92 2.46 43.47
CA LEU OB 26 -94.52 2.82 43.33
C LEU OB 26 -94.21 3.33 41.95
N SER OB 27 -94.72 2.64 40.92
CA SER OB 27 -94.63 3.06 39.53
C SER OB 27 -95.29 4.41 39.30
N GLY OB 28 -96.49 4.62 39.88
CA GLY OB 28 -97.20 5.90 39.79
C GLY OB 28 -96.42 7.05 40.38
N LEU OB 29 -95.79 6.83 41.54
CA LEU OB 29 -94.87 7.78 42.14
C LEU OB 29 -93.66 8.04 41.27
N ARG OB 30 -93.02 6.98 40.74
CA ARG OB 30 -91.92 7.06 39.82
C ARG OB 30 -92.21 7.85 38.55
N ILE OB 31 -93.35 7.60 37.90
CA ILE OB 31 -93.87 8.40 36.79
C ILE OB 31 -94.05 9.87 37.17
N SER OB 32 -94.65 10.12 38.34
CA SER OB 32 -94.84 11.46 38.90
C SER OB 32 -93.53 12.19 39.13
N LYS OB 33 -92.53 11.49 39.70
CA LYS OB 33 -91.17 11.96 39.87
C LYS OB 33 -90.49 12.26 38.54
N ALA OB 34 -90.67 11.38 37.52
CA ALA OB 34 -90.18 11.60 36.18
C ALA OB 34 -90.78 12.83 35.50
N LEU OB 35 -92.10 13.03 35.59
CA LEU OB 35 -92.75 14.31 35.34
C LEU OB 35 -92.16 15.50 36.11
N GLY OB 36 -92.55 16.74 35.76
CA GLY OB 36 -91.99 17.94 36.40
C GLY OB 36 -92.53 18.21 37.77
N ASN OB 37 -93.54 17.44 38.20
CA ASN OB 37 -94.16 17.49 39.51
C ASN OB 37 -93.22 17.12 40.67
N SER OB 38 -93.38 17.81 41.82
CA SER OB 38 -92.60 17.54 43.03
C SER OB 38 -93.52 17.19 44.17
N ALA OB 39 -94.78 16.81 43.86
CA ALA OB 39 -95.82 16.65 44.83
C ALA OB 39 -95.61 15.54 45.86
N LYS OB 40 -95.16 14.35 45.40
CA LYS OB 40 -95.17 13.15 46.24
C LYS OB 40 -93.81 12.49 46.33
N ASN OB 41 -92.72 13.16 45.89
CA ASN OB 41 -91.42 12.53 45.69
C ASN OB 41 -90.84 11.80 46.90
N SER OB 42 -90.96 12.40 48.10
CA SER OB 42 -90.44 11.86 49.34
C SER OB 42 -91.08 10.55 49.76
N LYS OB 43 -92.33 10.31 49.32
CA LYS OB 43 -93.08 9.14 49.69
C LYS OB 43 -92.54 7.87 49.06
N ILE OB 44 -91.76 8.00 47.96
CA ILE OB 44 -91.24 6.88 47.22
C ILE OB 44 -90.32 5.96 48.04
N HIS OB 45 -89.46 6.56 48.90
CA HIS OB 45 -88.63 5.87 49.86
C HIS OB 45 -89.43 4.95 50.78
N GLY OB 46 -90.53 5.49 51.34
CA GLY OB 46 -91.44 4.77 52.21
C GLY OB 46 -92.05 3.59 51.53
N VAL OB 47 -92.54 3.79 50.29
CA VAL OB 47 -93.10 2.72 49.48
C VAL OB 47 -92.08 1.67 49.15
N ARG OB 48 -90.86 2.06 48.76
CA ARG OB 48 -89.79 1.12 48.50
C ARG OB 48 -89.46 0.25 49.71
N LYS OB 49 -89.33 0.86 50.91
CA LYS OB 49 -89.28 0.14 52.16
C LYS OB 49 -90.47 -0.78 52.48
N ASN OB 50 -91.72 -0.31 52.27
CA ASN OB 50 -92.91 -1.14 52.33
C ASN OB 50 -92.88 -2.37 51.42
N VAL OB 51 -92.45 -2.22 50.16
CA VAL OB 51 -92.23 -3.30 49.22
C VAL OB 51 -91.20 -4.28 49.76
N ALA OB 52 -90.10 -3.74 50.32
CA ALA OB 52 -89.07 -4.53 50.92
C ALA OB 52 -89.58 -5.38 52.07
N ARG OB 53 -90.35 -4.79 53.00
CA ARG OB 53 -91.03 -5.53 54.05
C ARG OB 53 -91.92 -6.67 53.57
N VAL OB 54 -92.80 -6.43 52.57
CA VAL OB 54 -93.60 -7.45 51.94
C VAL OB 54 -92.79 -8.63 51.44
N LEU OB 55 -91.72 -8.34 50.68
CA LEU OB 55 -90.87 -9.35 50.11
C LEU OB 55 -90.13 -10.15 51.15
N THR OB 56 -89.56 -9.49 52.17
CA THR OB 56 -88.90 -10.18 53.26
C THR OB 56 -89.82 -11.12 54.00
N VAL OB 57 -91.03 -10.67 54.37
CA VAL OB 57 -92.02 -11.49 55.00
C VAL OB 57 -92.46 -12.67 54.15
N TYR OB 58 -92.74 -12.44 52.85
CA TYR OB 58 -93.13 -13.50 51.94
C TYR OB 58 -92.01 -14.53 51.78
N ASN OB 59 -90.77 -14.07 51.60
CA ASN OB 59 -89.61 -14.93 51.49
C ASN OB 59 -89.34 -15.72 52.76
N GLN OB 60 -89.42 -15.12 53.95
CA GLN OB 60 -89.32 -15.85 55.20
C GLN OB 60 -90.37 -16.94 55.35
N LYS OB 61 -91.62 -16.66 54.98
CA LYS OB 61 -92.68 -17.64 55.00
C LYS OB 61 -92.46 -18.78 54.02
N ARG OB 62 -92.08 -18.47 52.77
CA ARG OB 62 -91.66 -19.41 51.77
C ARG OB 62 -90.48 -20.28 52.16
N LYS OB 63 -89.42 -19.70 52.75
CA LYS OB 63 -88.30 -20.42 53.34
C LYS OB 63 -88.71 -21.38 54.44
N MET OB 64 -89.58 -20.94 55.36
CA MET OB 64 -90.16 -21.80 56.38
C MET OB 64 -90.97 -22.95 55.82
N GLU OB 65 -91.78 -22.71 54.78
CA GLU OB 65 -92.51 -23.72 54.05
C GLU OB 65 -91.61 -24.75 53.39
N LEU OB 66 -90.49 -24.30 52.79
CA LEU OB 66 -89.48 -25.16 52.22
C LEU OB 66 -88.81 -26.03 53.27
N ARG OB 67 -88.47 -25.44 54.43
CA ARG OB 67 -87.98 -26.16 55.58
C ARG OB 67 -88.99 -27.17 56.10
N GLN OB 68 -90.28 -26.79 56.20
CA GLN OB 68 -91.38 -27.67 56.54
C GLN OB 68 -91.54 -28.83 55.56
N LEU OB 69 -91.48 -28.56 54.25
CA LEU OB 69 -91.48 -29.56 53.19
C LEU OB 69 -90.33 -30.54 53.31
N TYR OB 70 -89.08 -30.05 53.48
CA TYR OB 70 -87.93 -30.90 53.72
C TYR OB 70 -87.65 -31.05 55.21
N LYS OB 71 -88.68 -31.28 56.05
CA LYS OB 71 -88.48 -31.75 57.40
C LYS OB 71 -87.96 -33.18 57.38
N ASN OB 72 -86.82 -33.41 58.06
CA ASN OB 72 -86.07 -34.65 58.06
C ASN OB 72 -85.84 -35.26 56.68
N LYS OB 73 -85.77 -36.60 56.61
CA LYS OB 73 -85.37 -37.36 55.44
C LYS OB 73 -83.95 -37.09 54.97
N LYS OB 74 -83.06 -36.71 55.94
CA LYS OB 74 -81.61 -36.75 55.85
C LYS OB 74 -80.99 -35.64 55.01
N PHE OB 75 -81.55 -35.39 53.82
CA PHE OB 75 -81.03 -34.45 52.86
C PHE OB 75 -82.04 -33.38 52.51
N LYS OB 76 -81.69 -32.13 52.87
CA LYS OB 76 -82.25 -30.93 52.28
C LYS OB 76 -81.49 -30.67 50.98
N PRO OB 77 -81.98 -29.95 49.98
CA PRO OB 77 -81.18 -29.41 48.88
C PRO OB 77 -79.92 -28.69 49.31
N TYR OB 78 -78.78 -28.87 48.61
CA TYR OB 78 -77.45 -28.33 48.88
C TYR OB 78 -77.37 -27.05 49.69
N ASN OB 79 -77.95 -25.94 49.19
CA ASN OB 79 -77.74 -24.64 49.79
C ASN OB 79 -78.87 -24.33 50.79
N LEU OB 80 -79.82 -25.26 50.96
CA LEU OB 80 -80.68 -25.28 52.13
C LEU OB 80 -80.06 -26.09 53.26
N ARG OB 81 -78.99 -26.88 52.98
CA ARG OB 81 -78.20 -27.55 53.99
C ARG OB 81 -77.33 -26.56 54.77
N LYS OB 82 -76.65 -27.05 55.83
CA LYS OB 82 -75.79 -26.27 56.70
C LYS OB 82 -74.63 -25.58 55.96
N LYS OB 83 -74.67 -24.24 55.88
CA LYS OB 83 -73.53 -23.45 55.43
C LYS OB 83 -72.75 -23.08 56.66
N LEU OB 84 -71.48 -23.52 56.67
CA LEU OB 84 -70.59 -23.48 57.78
C LEU OB 84 -69.24 -23.39 57.10
N THR OB 85 -68.11 -23.30 57.82
CA THR OB 85 -66.82 -23.31 57.12
C THR OB 85 -66.57 -24.60 56.35
N LYS OB 86 -65.90 -24.50 55.20
CA LYS OB 86 -65.54 -25.64 54.37
C LYS OB 86 -64.74 -26.68 55.15
N ASN OB 87 -63.81 -26.18 55.98
CA ASN OB 87 -63.02 -26.94 56.91
C ASN OB 87 -63.86 -27.66 57.94
N LYS OB 88 -64.79 -26.96 58.60
CA LYS OB 88 -65.68 -27.54 59.59
C LYS OB 88 -66.55 -28.62 58.99
N ARG OB 89 -67.10 -28.37 57.80
CA ARG OB 89 -67.80 -29.35 57.01
C ARG OB 89 -66.95 -30.58 56.66
N LEU OB 90 -65.70 -30.38 56.23
CA LEU OB 90 -64.76 -31.44 55.96
C LEU OB 90 -64.39 -32.29 57.18
N GLN OB 91 -64.09 -31.63 58.32
CA GLN OB 91 -63.70 -32.21 59.60
C GLN OB 91 -64.30 -33.55 60.01
N LEU OB 92 -63.46 -34.47 60.53
CA LEU OB 92 -63.90 -35.73 61.13
C LEU OB 92 -64.82 -35.52 62.34
N SER OB 93 -65.87 -36.34 62.50
CA SER OB 93 -66.77 -36.23 63.65
C SER OB 93 -66.07 -36.49 64.98
N PRO OB 94 -66.32 -35.73 66.05
CA PRO OB 94 -65.96 -36.10 67.41
C PRO OB 94 -66.36 -37.49 67.83
N LYS OB 95 -67.55 -37.97 67.39
CA LYS OB 95 -68.05 -39.31 67.67
C LYS OB 95 -67.13 -40.37 67.11
N GLN OB 96 -66.74 -40.17 65.83
CA GLN OB 96 -65.79 -41.01 65.14
C GLN OB 96 -64.37 -40.88 65.72
N LYS OB 97 -63.91 -39.65 66.02
CA LYS OB 97 -62.67 -39.40 66.74
C LYS OB 97 -62.56 -40.12 68.07
N ALA OB 98 -63.65 -40.08 68.88
CA ALA OB 98 -63.77 -40.78 70.13
C ALA OB 98 -63.65 -42.30 70.04
N ALA OB 99 -64.30 -42.93 69.03
CA ALA OB 99 -64.31 -44.35 68.82
C ALA OB 99 -62.91 -44.99 68.66
N MET OB 100 -62.75 -46.24 69.13
CA MET OB 100 -61.44 -46.85 69.27
C MET OB 100 -61.52 -48.36 69.20
N THR OB 101 -60.40 -49.03 68.91
CA THR OB 101 -60.26 -50.49 68.84
C THR OB 101 -60.62 -51.19 70.12
N LEU OB 102 -60.99 -52.48 70.05
CA LEU OB 102 -61.36 -53.27 71.21
C LEU OB 102 -60.28 -53.32 72.27
N ARG OB 103 -59.01 -53.57 71.91
CA ARG OB 103 -57.90 -53.45 72.83
C ARG OB 103 -57.74 -52.07 73.48
N GLN OB 104 -57.91 -50.98 72.71
CA GLN OB 104 -58.03 -49.64 73.27
C GLN OB 104 -59.21 -49.46 74.20
N LYS OB 105 -60.39 -50.00 73.87
CA LYS OB 105 -61.58 -49.95 74.71
C LYS OB 105 -61.33 -50.61 76.05
N LYS OB 106 -60.75 -51.82 76.05
CA LYS OB 106 -60.29 -52.51 77.23
C LYS OB 106 -59.31 -51.71 78.07
N LYS OB 107 -58.30 -51.09 77.44
CA LYS OB 107 -57.34 -50.26 78.12
C LYS OB 107 -57.98 -49.10 78.87
N VAL OB 108 -58.83 -48.31 78.18
CA VAL OB 108 -59.59 -47.23 78.76
C VAL OB 108 -60.47 -47.62 79.93
N GLN OB 109 -61.35 -48.62 79.75
CA GLN OB 109 -62.25 -49.06 80.77
C GLN OB 109 -61.60 -49.61 82.02
N ASN OB 110 -60.64 -50.53 81.83
CA ASN OB 110 -59.88 -51.09 82.93
C ASN OB 110 -59.04 -50.07 83.68
N PHE OB 111 -58.26 -49.25 82.95
CA PHE OB 111 -57.20 -48.45 83.53
C PHE OB 111 -57.40 -46.92 83.45
N PRO OB 112 -58.51 -46.26 83.79
CA PRO OB 112 -58.52 -44.81 83.92
C PRO OB 112 -57.65 -44.30 85.06
N GLN OB 113 -57.29 -43.01 85.03
CA GLN OB 113 -56.52 -42.38 86.08
C GLN OB 113 -57.43 -41.98 87.23
N ARG OB 114 -56.88 -41.87 88.45
CA ARG OB 114 -57.63 -41.53 89.65
C ARG OB 114 -56.89 -40.47 90.44
N LYS OB 115 -57.62 -39.76 91.34
CA LYS OB 115 -57.09 -38.68 92.14
C LYS OB 115 -56.78 -39.13 93.56
N TYR OB 116 -55.94 -38.38 94.28
CA TYR OB 116 -55.18 -38.95 95.37
C TYR OB 116 -54.75 -37.91 96.40
N LEU OB 117 -54.24 -38.40 97.54
CA LEU OB 117 -53.81 -37.64 98.70
C LEU OB 117 -52.61 -38.36 99.32
N VAL OB 118 -52.01 -37.77 100.37
CA VAL OB 118 -50.84 -38.30 101.06
C VAL OB 118 -50.90 -37.87 102.53
N VAL OB 119 -50.22 -38.61 103.44
CA VAL OB 119 -50.12 -38.26 104.85
C VAL OB 119 -48.64 -37.98 105.23
N ALA PB 1 7.87 32.94 126.15
CA ALA PB 1 7.85 33.43 124.72
C ALA PB 1 8.62 34.73 124.44
N ALA PB 2 8.35 35.81 125.22
CA ALA PB 2 8.91 37.14 125.00
C ALA PB 2 10.43 37.19 125.11
N LYS PB 3 10.99 36.47 126.10
CA LYS PB 3 12.42 36.36 126.32
C LYS PB 3 13.15 35.74 125.14
N LYS PB 4 12.61 34.65 124.55
CA LYS PB 4 13.12 34.10 123.31
C LYS PB 4 13.08 35.07 122.15
N ILE PB 5 11.94 35.76 121.94
CA ILE PB 5 11.80 36.81 120.93
C ILE PB 5 12.79 37.96 121.11
N LYS PB 6 12.93 38.45 122.36
CA LYS PB 6 13.89 39.48 122.74
C LYS PB 6 15.34 39.09 122.46
N THR PB 7 15.73 37.88 122.85
CA THR PB 7 17.07 37.32 122.63
C THR PB 7 17.40 37.26 121.17
N LEU PB 8 16.47 36.75 120.34
CA LEU PB 8 16.59 36.71 118.90
C LEU PB 8 16.77 38.08 118.29
N LYS PB 9 15.97 39.08 118.73
CA LYS PB 9 16.09 40.46 118.26
C LYS PB 9 17.45 41.07 118.58
N LEU PB 10 17.93 40.90 119.81
CA LEU PB 10 19.30 41.23 120.18
C LEU PB 10 20.37 40.55 119.32
N ILE PB 11 20.21 39.25 119.02
CA ILE PB 11 21.08 38.52 118.12
C ILE PB 11 21.07 39.08 116.70
N ASN PB 12 19.88 39.36 116.16
CA ASN PB 12 19.66 40.04 114.90
C ASN PB 12 20.32 41.42 114.82
N LYS PB 13 20.26 42.21 115.91
CA LYS PB 13 20.96 43.48 115.99
C LYS PB 13 22.48 43.30 116.00
N LYS PB 14 22.98 42.31 116.76
CA LYS PB 14 24.39 41.93 116.82
C LYS PB 14 24.95 41.59 115.46
N LYS PB 15 24.21 40.79 114.66
CA LYS PB 15 24.55 40.38 113.32
C LYS PB 15 24.72 41.57 112.39
N ARG PB 16 23.83 42.58 112.51
CA ARG PB 16 23.91 43.81 111.75
C ARG PB 16 25.14 44.62 112.14
N ASN PB 17 25.46 44.71 113.44
CA ASN PB 17 26.74 45.21 113.92
C ASN PB 17 27.94 44.45 113.34
N ASP PB 18 27.92 43.11 113.33
CA ASP PB 18 28.92 42.28 112.69
C ASP PB 18 29.08 42.57 111.20
N LEU PB 19 27.98 42.71 110.45
CA LEU PB 19 27.97 43.10 109.06
C LEU PB 19 28.57 44.48 108.82
N ARG PB 20 28.29 45.46 109.70
CA ARG PB 20 28.93 46.76 109.67
C ARG PB 20 30.44 46.64 109.80
N GLN PB 21 30.94 45.81 110.73
CA GLN PB 21 32.35 45.54 110.89
C GLN PB 21 32.97 44.88 109.66
N ARG PB 22 32.28 43.92 109.03
CA ARG PB 22 32.74 43.32 107.78
C ARG PB 22 32.82 44.37 106.69
N THR PB 23 31.78 45.20 106.58
CA THR PB 23 31.68 46.30 105.63
C THR PB 23 32.82 47.28 105.78
N LEU PB 24 33.20 47.62 107.01
CA LEU PB 24 34.36 48.43 107.31
C LEU PB 24 35.65 47.79 106.84
N ARG PB 25 35.87 46.49 107.11
CA ARG PB 25 37.05 45.82 106.58
C ARG PB 25 37.12 45.82 105.05
N TYR PB 26 35.97 45.56 104.39
CA TYR PB 26 35.79 45.68 102.96
C TYR PB 26 36.12 47.07 102.42
N GLU PB 27 35.60 48.12 103.06
CA GLU PB 27 35.85 49.51 102.73
C GLU PB 27 37.33 49.88 102.76
N GLU PB 28 38.06 49.44 103.81
CA GLU PB 28 39.50 49.55 103.89
C GLU PB 28 40.20 48.82 102.74
N GLU PB 29 39.79 47.57 102.48
CA GLU PB 29 40.32 46.75 101.41
C GLU PB 29 40.14 47.36 100.03
N TYR PB 30 38.95 47.93 99.70
CA TYR PB 30 38.69 48.61 98.44
C TYR PB 30 39.69 49.74 98.17
N GLU PB 31 39.91 50.64 99.15
CA GLU PB 31 40.84 51.74 99.03
C GLU PB 31 42.26 51.24 98.89
N SER PB 32 42.64 50.26 99.72
CA SER PB 32 43.94 49.60 99.67
C SER PB 32 44.25 49.01 98.29
N GLU PB 33 43.31 48.26 97.69
CA GLU PB 33 43.42 47.75 96.34
C GLU PB 33 43.59 48.83 95.27
N ARG PB 34 42.83 49.93 95.37
CA ARG PB 34 42.94 51.05 94.45
C ARG PB 34 44.29 51.69 94.52
N LYS PB 35 44.76 51.97 95.75
CA LYS PB 35 46.06 52.54 95.99
C LYS PB 35 47.20 51.65 95.52
N LYS PB 36 47.11 50.32 95.73
CA LYS PB 36 48.12 49.38 95.33
C LYS PB 36 48.37 49.34 93.83
N ILE PB 37 47.30 49.39 93.00
CA ILE PB 37 47.42 49.48 91.55
C ILE PB 37 48.19 50.71 91.11
N ILE PB 38 47.85 51.88 91.68
CA ILE PB 38 48.53 53.15 91.48
C ILE PB 38 50.00 53.06 91.82
N GLU PB 39 50.31 52.59 93.04
CA GLU PB 39 51.66 52.32 93.50
C GLU PB 39 52.44 51.39 92.57
N LEU PB 40 51.82 50.29 92.09
CA LEU PB 40 52.44 49.36 91.18
C LEU PB 40 52.82 50.03 89.87
N LYS PB 41 51.89 50.78 89.26
CA LYS PB 41 52.20 51.55 88.07
C LYS PB 41 53.30 52.59 88.27
N ARG PB 42 53.27 53.38 89.36
CA ARG PB 42 54.31 54.34 89.65
C ARG PB 42 55.70 53.75 89.91
N GLU PB 43 55.78 52.62 90.64
CA GLU PB 43 57.00 51.85 90.84
C GLU PB 43 57.58 51.33 89.53
N ALA PB 44 56.72 50.81 88.65
CA ALA PB 44 57.08 50.38 87.31
C ALA PB 44 57.69 51.51 86.47
N ARG PB 45 57.08 52.72 86.51
CA ARG PB 45 57.64 53.86 85.81
C ARG PB 45 59.02 54.27 86.33
N LYS PB 46 59.22 54.34 87.66
CA LYS PB 46 60.52 54.67 88.23
C LYS PB 46 61.64 53.73 87.83
N ASN PB 47 61.37 52.42 87.97
CA ASN PB 47 62.37 51.41 87.79
C ASN PB 47 62.71 51.10 86.35
N ASN PB 48 63.92 50.53 86.15
CA ASN PB 48 64.37 50.04 84.86
C ASN PB 48 63.50 48.87 84.39
N CYS PB 49 63.19 47.94 85.31
CA CYS PB 49 62.19 46.91 85.12
C CYS PB 49 60.77 47.44 84.95
N PHE PB 50 59.98 46.73 84.14
CA PHE PB 50 58.59 47.01 83.85
C PHE PB 50 57.74 45.99 84.61
N TYR PB 51 56.45 46.28 84.83
CA TYR PB 51 55.61 45.45 85.67
C TYR PB 51 54.19 45.44 85.16
N ARG PB 52 53.43 44.38 85.46
CA ARG PB 52 52.01 44.32 85.24
C ARG PB 52 51.33 43.74 86.45
N GLU PB 53 50.05 44.06 86.67
CA GLU PB 53 49.24 43.52 87.72
C GLU PB 53 48.61 42.18 87.34
N ALA PB 54 47.89 41.57 88.30
CA ALA PB 54 47.27 40.26 88.19
C ALA PB 54 46.00 40.20 87.34
N GLU PB 55 45.50 38.97 87.09
CA GLU PB 55 44.17 38.70 86.55
C GLU PB 55 43.04 39.25 87.44
N LYS PB 56 41.89 39.61 86.84
CA LYS PB 56 40.84 40.36 87.52
C LYS PB 56 39.69 39.46 87.97
N LYS PB 57 39.76 38.15 87.64
CA LYS PB 57 39.07 37.04 88.29
C LYS PB 57 37.61 36.86 87.90
N VAL PB 58 36.83 37.93 87.82
CA VAL PB 58 35.46 37.86 87.33
C VAL PB 58 35.37 38.47 85.94
N VAL PB 59 34.25 38.20 85.26
CA VAL PB 59 33.87 38.85 84.03
C VAL PB 59 32.34 38.94 84.03
N PHE PB 60 31.80 40.14 83.78
CA PHE PB 60 30.36 40.34 83.63
C PHE PB 60 29.94 40.17 82.17
N VAL PB 61 29.05 39.23 81.84
CA VAL PB 61 28.60 38.99 80.49
C VAL PB 61 27.14 39.39 80.33
N ILE PB 62 26.88 40.32 79.40
CA ILE PB 62 25.58 40.80 78.96
C ILE PB 62 25.15 40.21 77.62
N ARG PB 63 23.98 39.55 77.55
CA ARG PB 63 23.38 39.16 76.29
C ARG PB 63 22.87 40.34 75.46
N LEU PB 64 22.88 40.20 74.11
CA LEU PB 64 22.42 41.25 73.22
C LEU PB 64 21.34 40.82 72.23
N LYS PB 65 21.20 39.51 71.94
CA LYS PB 65 20.49 39.04 70.78
C LYS PB 65 19.29 38.17 71.14
N GLY PB 66 18.20 38.25 70.34
CA GLY PB 66 16.99 37.41 70.40
C GLY PB 66 17.16 35.91 70.48
N VAL PB 67 16.04 35.18 70.70
CA VAL PB 67 16.07 33.73 70.91
C VAL PB 67 15.56 32.97 69.71
N ASN PB 68 15.07 33.68 68.68
CA ASN PB 68 14.84 33.11 67.37
C ASN PB 68 16.14 32.58 66.72
N LYS PB 69 16.04 31.45 66.00
CA LYS PB 69 17.10 30.91 65.16
C LYS PB 69 18.46 30.69 65.83
N LEU PB 70 18.49 30.04 67.01
CA LEU PB 70 19.73 29.84 67.73
C LEU PB 70 20.41 28.52 67.38
N PRO PB 71 21.70 28.44 67.02
CA PRO PB 71 22.45 27.19 66.89
C PRO PB 71 22.39 26.27 68.11
N PRO PB 72 22.52 24.96 68.01
CA PRO PB 72 22.09 24.08 69.09
C PRO PB 72 23.08 24.07 70.22
N LYS PB 73 24.38 24.05 69.92
CA LYS PB 73 25.44 24.19 70.91
C LYS PB 73 25.33 25.51 71.65
N VAL PB 74 24.98 26.58 70.92
CA VAL PB 74 24.77 27.91 71.46
C VAL PB 74 23.57 27.91 72.40
N ARG PB 75 22.44 27.27 72.03
CA ARG PB 75 21.32 27.07 72.95
C ARG PB 75 21.72 26.38 74.26
N SER PB 76 22.49 25.30 74.18
CA SER PB 76 22.99 24.61 75.36
C SER PB 76 23.84 25.49 76.26
N VAL PB 77 24.85 26.17 75.70
CA VAL PB 77 25.70 27.05 76.48
C VAL PB 77 24.93 28.20 77.13
N PHE PB 78 23.97 28.81 76.40
CA PHE PB 78 23.06 29.80 76.94
C PHE PB 78 22.26 29.31 78.13
N ARG PB 79 21.72 28.08 78.02
CA ARG PB 79 20.99 27.42 79.06
C ARG PB 79 21.83 27.24 80.31
N LEU PB 80 23.06 26.71 80.20
CA LEU PB 80 24.01 26.65 81.31
C LEU PB 80 24.41 28.01 81.89
N LEU PB 81 24.75 28.97 81.01
CA LEU PB 81 25.12 30.34 81.33
C LEU PB 81 24.06 31.09 82.12
N ARG PB 82 22.79 30.88 81.73
CA ARG PB 82 21.56 31.39 82.31
C ARG PB 82 21.16 32.71 81.69
N LEU PB 83 21.68 33.05 80.49
CA LEU PB 83 21.28 34.26 79.79
C LEU PB 83 20.11 33.96 78.86
N LEU PB 84 19.01 33.52 79.46
CA LEU PB 84 17.78 33.11 78.81
C LEU PB 84 17.04 34.26 78.13
N GLN PB 85 16.99 35.43 78.77
CA GLN PB 85 16.39 36.64 78.26
C GLN PB 85 17.44 37.52 77.58
N VAL PB 86 17.02 38.25 76.55
CA VAL PB 86 17.87 39.00 75.63
C VAL PB 86 18.71 40.11 76.26
N HIS PB 87 18.26 40.66 77.39
CA HIS PB 87 18.98 41.67 78.15
C HIS PB 87 19.43 41.13 79.49
N ASN PB 88 19.58 39.80 79.65
CA ASN PB 88 20.26 39.25 80.80
C ASN PB 88 21.74 39.62 80.87
N GLY PB 89 22.17 40.07 82.07
CA GLY PB 89 23.56 40.16 82.46
C GLY PB 89 23.84 39.23 83.63
N VAL PB 90 25.06 38.67 83.71
CA VAL PB 90 25.43 37.78 84.81
C VAL PB 90 26.94 37.80 85.05
N PHE PB 91 27.37 37.53 86.30
CA PHE PB 91 28.76 37.45 86.65
C PHE PB 91 29.28 36.05 86.40
N VAL PB 92 30.51 35.95 85.88
CA VAL PB 92 31.15 34.70 85.54
C VAL PB 92 32.54 34.67 86.14
N LYS PB 93 32.89 33.55 86.76
CA LYS PB 93 34.21 33.23 87.25
C LYS PB 93 35.18 32.92 86.11
N VAL PB 94 36.19 33.79 85.90
CA VAL PB 94 37.23 33.59 84.91
C VAL PB 94 37.97 32.28 85.09
N ASN PB 95 37.94 31.48 84.02
CA ASN PB 95 38.47 30.16 83.92
C ASN PB 95 38.59 30.02 82.42
N LYS PB 96 39.07 28.88 81.95
CA LYS PB 96 39.46 28.62 80.60
C LYS PB 96 38.26 27.97 79.95
N ALA PB 97 37.64 26.99 80.63
CA ALA PB 97 36.41 26.41 80.17
C ALA PB 97 35.28 27.44 80.11
N THR PB 98 35.17 28.33 81.12
CA THR PB 98 34.21 29.42 81.07
C THR PB 98 34.49 30.38 79.94
N LYS PB 99 35.76 30.74 79.70
CA LYS PB 99 36.15 31.54 78.56
C LYS PB 99 35.85 30.89 77.22
N GLU PB 100 36.13 29.58 77.04
CA GLU PB 100 35.80 28.87 75.83
C GLU PB 100 34.31 28.80 75.53
N MET PB 101 33.49 28.51 76.56
CA MET PB 101 32.05 28.58 76.49
C MET PB 101 31.56 29.98 76.08
N LEU PB 102 32.13 31.02 76.69
CA LEU PB 102 31.87 32.40 76.36
C LEU PB 102 32.23 32.72 74.91
N LYS PB 103 33.38 32.24 74.40
CA LYS PB 103 33.76 32.35 73.01
C LYS PB 103 32.72 31.76 72.05
N ILE PB 104 32.18 30.57 72.35
CA ILE PB 104 31.15 29.99 71.51
C ILE PB 104 29.88 30.85 71.38
N VAL PB 105 29.42 31.54 72.44
CA VAL PB 105 28.22 32.35 72.34
C VAL PB 105 28.51 33.81 72.02
N GLU PB 106 29.80 34.15 71.87
CA GLU PB 106 30.30 35.49 71.65
C GLU PB 106 29.52 36.43 70.74
N PRO PB 107 29.07 36.10 69.52
CA PRO PB 107 28.34 37.04 68.68
C PRO PB 107 26.99 37.43 69.24
N TYR PB 108 26.56 36.86 70.38
CA TYR PB 108 25.25 37.11 70.94
C TYR PB 108 25.38 37.75 72.31
N VAL PB 109 26.62 38.05 72.73
CA VAL PB 109 26.91 38.60 74.04
C VAL PB 109 28.02 39.64 73.98
N THR PB 110 27.90 40.73 74.75
CA THR PB 110 29.03 41.57 75.12
C THR PB 110 29.51 41.20 76.51
N TYR PB 111 30.78 41.46 76.87
CA TYR PB 111 31.27 41.14 78.20
C TYR PB 111 32.46 41.98 78.61
N GLY PB 112 32.79 42.01 79.93
CA GLY PB 112 33.95 42.75 80.39
C GLY PB 112 34.12 42.76 81.89
N TYR PB 113 35.09 43.55 82.38
CA TYR PB 113 35.38 43.69 83.80
C TYR PB 113 34.53 44.84 84.38
N PRO PB 114 33.73 44.66 85.44
CA PRO PB 114 32.59 45.55 85.64
C PRO PB 114 32.89 46.78 86.46
N THR PB 115 33.89 46.78 87.35
CA THR PB 115 34.19 47.83 88.33
C THR PB 115 33.23 47.96 89.50
N LEU PB 116 33.76 48.38 90.65
CA LEU PB 116 33.11 48.33 91.95
C LEU PB 116 31.84 49.13 92.02
N SER PB 117 31.83 50.35 91.43
CA SER PB 117 30.65 51.20 91.40
C SER PB 117 29.49 50.51 90.71
N THR PB 118 29.77 49.92 89.55
CA THR PB 118 28.79 49.21 88.76
C THR PB 118 28.26 48.00 89.47
N VAL PB 119 29.14 47.16 90.04
CA VAL PB 119 28.74 45.99 90.82
C VAL PB 119 27.79 46.34 91.94
N ARG PB 120 28.15 47.37 92.74
CA ARG PB 120 27.32 47.89 93.80
C ARG PB 120 26.00 48.41 93.29
N LYS PB 121 26.04 49.29 92.27
CA LYS PB 121 24.89 49.90 91.68
C LYS PB 121 23.91 48.90 91.09
N LEU PB 122 24.41 47.93 90.31
CA LEU PB 122 23.60 46.93 89.66
C LEU PB 122 22.87 46.01 90.63
N LEU PB 123 23.58 45.50 91.66
CA LEU PB 123 22.97 44.69 92.68
C LEU PB 123 21.94 45.46 93.48
N TYR PB 124 22.21 46.74 93.77
CA TYR PB 124 21.29 47.57 94.49
C TYR PB 124 20.05 47.90 93.67
N LYS PB 125 20.20 48.35 92.41
CA LYS PB 125 19.06 48.81 91.64
C LYS PB 125 18.29 47.69 90.99
N ARG PB 126 18.91 46.54 90.69
CA ARG PB 126 18.31 45.54 89.83
C ARG PB 126 18.47 44.15 90.41
N GLY PB 127 18.98 44.03 91.65
CA GLY PB 127 19.06 42.76 92.38
C GLY PB 127 17.74 42.13 92.78
N TYR PB 128 17.43 40.98 92.14
CA TYR PB 128 16.36 40.08 92.53
C TYR PB 128 16.99 38.75 92.92
N VAL PB 129 16.30 37.94 93.72
CA VAL PB 129 16.87 36.74 94.29
C VAL PB 129 15.87 35.61 94.24
N ARG PB 130 16.34 34.36 94.21
CA ARG PB 130 15.48 33.19 94.17
C ARG PB 130 15.10 32.75 95.59
N VAL PB 131 13.83 32.97 96.01
CA VAL PB 131 13.47 32.77 97.41
C VAL PB 131 13.11 31.34 97.83
N GLY PB 132 12.31 30.61 97.01
CA GLY PB 132 11.73 29.32 97.38
C GLY PB 132 12.67 28.16 97.59
N LYS PB 133 12.10 26.98 97.94
CA LYS PB 133 12.77 25.69 97.99
C LYS PB 133 13.56 25.34 96.73
N VAL PB 134 14.49 24.37 96.81
CA VAL PB 134 15.31 23.95 95.68
C VAL PB 134 14.47 23.56 94.46
N ARG PB 135 14.64 24.32 93.37
CA ARG PB 135 13.86 24.29 92.15
C ARG PB 135 12.36 24.54 92.37
N ARG PB 136 12.01 25.38 93.33
CA ARG PB 136 10.65 25.83 93.56
C ARG PB 136 10.77 27.30 93.95
N TYR PB 137 11.87 27.92 93.48
CA TYR PB 137 12.21 29.33 93.54
C TYR PB 137 11.12 30.32 93.14
N ALA PB 138 11.31 31.59 93.53
CA ALA PB 138 10.43 32.67 93.12
C ALA PB 138 11.24 33.95 93.11
N ARG PB 139 10.89 34.93 92.26
CA ARG PB 139 11.71 36.12 92.00
C ARG PB 139 11.29 37.28 92.88
N LYS PB 140 12.10 37.58 93.90
CA LYS PB 140 11.83 38.63 94.86
C LYS PB 140 12.92 39.68 94.81
N LYS PB 141 12.57 40.97 94.75
CA LYS PB 141 13.51 42.04 95.05
C LYS PB 141 14.06 41.93 96.47
N ILE PB 142 15.36 42.24 96.69
CA ILE PB 142 15.98 41.96 97.99
C ILE PB 142 15.39 42.76 99.15
N GLN PB 143 15.61 44.08 99.18
CA GLN PB 143 15.02 45.05 100.11
C GLN PB 143 15.32 44.90 101.61
N ASP PB 144 15.71 43.71 102.09
CA ASP PB 144 16.15 43.44 103.44
C ASP PB 144 17.15 42.26 103.42
N ASN PB 145 18.17 42.30 104.31
CA ASN PB 145 19.19 41.27 104.40
C ASN PB 145 18.76 39.96 105.02
N ALA PB 146 17.70 39.91 105.86
CA ALA PB 146 17.43 38.72 106.64
C ALA PB 146 17.06 37.47 105.82
N ASP PB 147 16.36 37.68 104.71
CA ASP PB 147 16.03 36.66 103.73
C ASP PB 147 17.26 35.98 103.12
N ILE PB 148 18.28 36.77 102.75
CA ILE PB 148 19.42 36.25 102.00
C ILE PB 148 20.48 35.78 102.98
N SER PB 149 20.40 36.30 104.22
CA SER PB 149 21.14 35.82 105.37
C SER PB 149 20.68 34.48 105.84
N LYS PB 150 19.44 34.08 105.49
CA LYS PB 150 18.93 32.75 105.75
C LYS PB 150 19.61 31.73 104.85
N HIS PB 151 19.41 31.82 103.51
CA HIS PB 151 19.99 30.85 102.59
C HIS PB 151 21.51 30.84 102.56
N LEU PB 152 22.17 32.01 102.62
CA LEU PB 152 23.62 32.05 102.55
C LEU PB 152 24.22 32.19 103.95
N GLY PB 153 23.44 31.80 104.97
CA GLY PB 153 23.90 31.72 106.35
C GLY PB 153 24.75 30.52 106.61
N LYS PB 154 24.41 29.38 105.97
CA LYS PB 154 25.18 28.14 106.05
C LYS PB 154 26.58 28.33 105.49
N TYR PB 155 26.69 29.10 104.40
CA TYR PB 155 27.96 29.42 103.79
C TYR PB 155 28.51 30.75 104.28
N ASN PB 156 27.89 31.33 105.33
CA ASN PB 156 28.41 32.40 106.17
C ASN PB 156 28.59 33.75 105.49
N VAL PB 157 27.70 34.09 104.55
CA VAL PB 157 27.78 35.34 103.82
C VAL PB 157 27.01 36.42 104.57
N HIS PB 158 25.71 36.15 104.83
CA HIS PB 158 24.78 36.98 105.59
C HIS PB 158 24.90 38.50 105.51
N GLY PB 159 24.61 39.06 104.31
CA GLY PB 159 24.59 40.51 104.11
C GLY PB 159 24.90 40.91 102.69
N ILE PB 160 24.22 41.93 102.18
CA ILE PB 160 24.31 42.34 100.79
C ILE PB 160 25.68 42.90 100.40
N GLU PB 161 26.35 43.70 101.25
CA GLU PB 161 27.73 44.10 101.04
C GLU PB 161 28.69 42.93 100.83
N ASP PB 162 28.54 41.86 101.61
CA ASP PB 162 29.31 40.63 101.46
C ASP PB 162 29.08 40.00 100.07
N MET PB 163 27.80 39.99 99.63
CA MET PB 163 27.44 39.65 98.26
C MET PB 163 28.11 40.55 97.23
N VAL PB 164 28.13 41.88 97.43
CA VAL PB 164 28.83 42.81 96.56
C VAL PB 164 30.32 42.50 96.52
N TYR PB 165 30.97 42.27 97.67
CA TYR PB 165 32.36 41.92 97.80
C TYR PB 165 32.76 40.67 97.01
N GLN PB 166 32.04 39.54 97.20
CA GLN PB 166 32.24 38.35 96.42
C GLN PB 166 32.00 38.48 94.93
N LEU PB 167 30.93 39.18 94.51
CA LEU PB 167 30.67 39.43 93.10
C LEU PB 167 31.74 40.28 92.45
N TYR PB 168 32.23 41.32 93.14
CA TYR PB 168 33.28 42.20 92.68
C TYR PB 168 34.60 41.46 92.54
N THR PB 169 34.98 40.65 93.54
CA THR PB 169 36.17 39.84 93.45
C THR PB 169 35.85 38.45 93.93
N CYS PB 170 36.01 37.45 93.04
CA CYS PB 170 35.76 36.05 93.33
C CYS PB 170 36.58 35.55 94.52
N GLY PB 171 35.88 35.14 95.60
CA GLY PB 171 36.51 34.66 96.82
C GLY PB 171 36.05 33.26 97.15
N PRO PB 172 36.14 32.85 98.41
CA PRO PB 172 35.80 31.50 98.83
C PRO PB 172 34.37 31.11 98.57
N VAL PB 173 33.44 32.08 98.59
CA VAL PB 173 32.03 31.81 98.46
C VAL PB 173 31.49 32.61 97.29
N PHE PB 174 31.72 32.14 96.05
CA PHE PB 174 31.25 32.88 94.89
C PHE PB 174 30.13 32.13 94.21
N LYS PB 175 30.32 30.82 93.92
CA LYS PB 175 29.37 30.07 93.10
C LYS PB 175 27.96 30.11 93.63
N LYS PB 176 27.80 29.86 94.94
CA LYS PB 176 26.51 29.88 95.59
C LYS PB 176 25.80 31.20 95.54
N VAL PB 177 26.48 32.30 95.90
CA VAL PB 177 25.91 33.65 95.85
C VAL PB 177 25.45 34.02 94.46
N ASN PB 178 26.34 33.79 93.48
CA ASN PB 178 26.12 34.00 92.08
C ASN PB 178 24.90 33.25 91.56
N ASN PB 179 24.82 31.94 91.89
CA ASN PB 179 23.69 31.13 91.53
C ASN PB 179 22.38 31.57 92.18
N PHE PB 180 22.44 31.87 93.49
CA PHE PB 180 21.33 32.23 94.35
C PHE PB 180 20.59 33.50 93.90
N LEU PB 181 21.33 34.53 93.51
CA LEU PB 181 20.73 35.69 92.88
C LEU PB 181 20.05 35.36 91.55
N TRP PB 182 18.90 36.00 91.29
CA TRP PB 182 18.23 35.91 90.02
C TRP PB 182 19.05 36.61 88.93
N ALA PB 183 19.10 36.08 87.70
CA ALA PB 183 19.87 36.70 86.63
C ALA PB 183 19.36 38.11 86.28
N PHE PB 184 20.27 39.08 86.14
CA PHE PB 184 19.89 40.47 86.03
C PHE PB 184 19.15 40.77 84.74
N LYS PB 185 17.85 41.10 84.79
CA LYS PB 185 17.15 41.53 83.59
C LYS PB 185 17.33 43.02 83.44
N LEU PB 186 18.11 43.46 82.45
CA LEU PB 186 18.46 44.86 82.26
C LEU PB 186 17.47 45.56 81.33
N LYS PB 187 17.46 46.91 81.36
CA LYS PB 187 16.75 47.69 80.37
C LYS PB 187 17.51 47.69 79.04
N PRO PB 188 16.92 48.10 77.92
CA PRO PB 188 17.67 48.64 76.79
C PRO PB 188 18.68 49.74 77.17
N PRO PB 189 19.81 49.94 76.51
CA PRO PB 189 20.61 51.15 76.63
C PRO PB 189 19.87 52.45 76.31
N ARG PB 190 19.83 53.44 77.22
CA ARG PB 190 19.03 54.66 77.08
C ARG PB 190 19.59 55.67 76.09
N LYS PB 191 20.49 55.22 75.21
CA LYS PB 191 20.95 55.96 74.08
C LYS PB 191 21.43 55.02 72.99
N GLY PB 192 20.97 53.76 73.02
CA GLY PB 192 21.24 52.77 71.98
C GLY PB 192 22.66 52.40 71.65
N PHE PB 193 22.85 51.91 70.41
CA PHE PB 193 24.05 51.30 69.88
C PHE PB 193 24.47 51.94 68.54
N LYS PB 194 25.73 51.72 68.11
CA LYS PB 194 26.18 52.00 66.75
C LYS PB 194 25.55 51.04 65.75
N ALA PB 195 25.50 49.74 66.11
CA ALA PB 195 25.03 48.65 65.26
C ALA PB 195 25.15 47.31 66.00
N LYS PB 196 24.01 46.65 66.27
CA LYS PB 196 23.92 45.49 67.14
C LYS PB 196 24.69 44.26 66.65
N ARG PB 197 24.72 43.99 65.33
CA ARG PB 197 25.21 42.71 64.81
C ARG PB 197 26.71 42.72 64.51
N HIS PB 198 27.43 43.77 64.93
CA HIS PB 198 28.86 43.91 64.66
C HIS PB 198 29.65 43.89 65.95
N ALA PB 199 30.88 43.34 65.92
CA ALA PB 199 31.73 43.25 67.08
C ALA PB 199 32.28 44.58 67.55
N PHE PB 200 32.52 44.71 68.86
CA PHE PB 200 33.24 45.81 69.48
C PHE PB 200 34.67 45.87 68.94
N ASN PB 201 35.26 44.69 68.70
CA ASN PB 201 36.55 44.45 68.10
C ASN PB 201 36.72 44.98 66.67
N GLU PB 202 35.65 44.96 65.83
CA GLU PB 202 35.72 45.36 64.43
C GLU PB 202 36.20 46.81 64.19
N PRO PB 203 36.96 47.10 63.12
CA PRO PB 203 37.22 48.47 62.66
C PRO PB 203 35.93 49.19 62.31
N ARG PB 204 34.98 48.47 61.68
CA ARG PB 204 33.61 48.88 61.53
C ARG PB 204 32.93 49.08 62.89
N PRO PB 205 32.21 50.16 63.18
CA PRO PB 205 31.58 50.36 64.47
C PRO PB 205 30.66 49.24 64.94
N GLY PB 206 30.92 48.68 66.14
CA GLY PB 206 30.11 47.59 66.66
C GLY PB 206 30.24 47.45 68.14
N ASP PB 207 29.61 46.41 68.70
CA ASP PB 207 29.33 46.33 70.11
C ASP PB 207 29.49 44.95 70.73
N TRP PB 208 29.38 43.82 70.00
CA TRP PB 208 29.47 42.50 70.63
C TRP PB 208 30.90 42.06 70.97
N GLY PB 209 31.01 41.10 71.91
CA GLY PB 209 32.28 40.60 72.43
C GLY PB 209 32.84 41.42 73.57
N ASN PB 210 34.16 41.25 73.83
CA ASN PB 210 34.83 41.92 74.92
C ASN PB 210 34.81 43.44 74.81
N ARG PB 211 34.29 44.09 75.85
CA ARG PB 211 34.15 45.50 75.98
C ARG PB 211 34.96 45.95 77.17
N GLU PB 212 35.69 45.00 77.80
CA GLU PB 212 36.50 45.14 78.99
C GLU PB 212 35.93 46.07 80.05
N ALA PB 213 36.71 47.02 80.57
CA ALA PB 213 36.26 48.06 81.47
C ALA PB 213 34.99 48.76 81.00
N HIS PB 214 34.97 49.18 79.72
CA HIS PB 214 33.94 49.97 79.08
C HIS PB 214 32.56 49.33 79.07
N ILE PB 215 32.47 48.04 79.43
CA ILE PB 215 31.24 47.38 79.79
C ILE PB 215 30.45 48.17 80.82
N ASN PB 216 31.13 48.79 81.81
CA ASN PB 216 30.54 49.60 82.83
C ASN PB 216 29.67 50.75 82.33
N GLU PB 217 30.18 51.52 81.36
CA GLU PB 217 29.45 52.59 80.72
C GLU PB 217 28.20 52.08 80.06
N LEU PB 218 28.30 50.99 79.27
CA LEU PB 218 27.11 50.32 78.76
C LEU PB 218 26.12 49.88 79.82
N ILE PB 219 26.58 49.28 80.93
CA ILE PB 219 25.72 48.90 82.05
C ILE PB 219 25.00 50.09 82.65
N ASN PB 220 25.72 51.21 82.86
CA ASN PB 220 25.15 52.48 83.29
C ASN PB 220 24.14 53.05 82.30
N ARG PB 221 24.44 52.95 81.00
CA ARG PB 221 23.54 53.29 79.92
C ARG PB 221 22.24 52.49 79.94
N MET PB 222 22.28 51.18 80.31
CA MET PB 222 21.13 50.30 80.22
C MET PB 222 20.55 49.86 81.58
N ILE PB 223 20.74 50.67 82.64
CA ILE PB 223 20.26 50.37 83.99
C ILE PB 223 18.81 50.89 84.27
N GLY QB 1 -20.15 -14.20 21.78
CA GLY QB 1 -20.52 -12.91 21.06
C GLY QB 1 -21.99 -12.76 20.73
N ARG QB 2 -22.34 -12.67 19.44
CA ARG QB 2 -23.72 -12.69 18.98
C ARG QB 2 -23.87 -13.86 18.01
N VAL QB 3 -25.00 -14.58 18.11
CA VAL QB 3 -25.22 -15.83 17.41
C VAL QB 3 -25.16 -15.70 15.89
N ILE QB 4 -24.39 -16.58 15.24
CA ILE QB 4 -24.27 -16.62 13.80
C ILE QB 4 -25.56 -17.00 13.11
N ARG QB 5 -25.71 -16.56 11.85
CA ARG QB 5 -26.93 -16.63 11.09
C ARG QB 5 -27.44 -18.05 10.87
N GLY QB 6 -26.54 -19.00 10.56
CA GLY QB 6 -26.90 -20.40 10.40
C GLY QB 6 -27.40 -21.05 11.67
N GLN QB 7 -26.79 -20.74 12.83
CA GLN QB 7 -27.31 -21.17 14.12
C GLN QB 7 -28.66 -20.50 14.45
N ARG QB 8 -28.81 -19.19 14.18
CA ARG QB 8 -30.07 -18.51 14.33
C ARG QB 8 -31.21 -19.08 13.47
N LYS QB 9 -30.88 -19.69 12.32
CA LYS QB 9 -31.83 -20.25 11.40
C LYS QB 9 -32.65 -21.41 11.99
N GLY QB 10 -32.04 -22.23 12.88
CA GLY QB 10 -32.72 -23.37 13.50
C GLY QB 10 -33.65 -23.05 14.65
N ARG QB 11 -33.71 -21.77 15.11
CA ARG QB 11 -34.66 -21.35 16.14
C ARG QB 11 -36.10 -21.38 15.61
N GLY QB 12 -36.24 -21.48 14.26
CA GLY QB 12 -37.49 -21.78 13.56
C GLY QB 12 -38.07 -20.54 12.95
N SER QB 13 -38.68 -19.69 13.80
CA SER QB 13 -39.10 -18.33 13.53
C SER QB 13 -39.56 -18.02 12.10
N ILE QB 14 -38.87 -17.08 11.47
CA ILE QB 14 -39.13 -16.56 10.15
C ILE QB 14 -38.36 -17.33 9.11
N PHE QB 15 -37.73 -18.44 9.52
CA PHE QB 15 -36.91 -19.26 8.68
C PHE QB 15 -37.63 -20.55 8.28
N LYS QB 16 -38.87 -20.76 8.75
CA LYS QB 16 -39.75 -21.77 8.22
C LYS QB 16 -40.08 -21.58 6.73
N SER QB 17 -40.22 -22.68 5.98
CA SER QB 17 -40.35 -22.66 4.53
C SER QB 17 -41.59 -21.99 3.97
N HIS QB 18 -41.49 -21.38 2.77
CA HIS QB 18 -42.57 -20.63 2.15
C HIS QB 18 -43.52 -21.54 1.39
N ASN QB 19 -44.51 -22.14 2.08
CA ASN QB 19 -45.29 -23.22 1.51
C ASN QB 19 -46.60 -22.77 0.86
N HIS QB 20 -46.90 -21.47 0.85
CA HIS QB 20 -48.18 -20.94 0.36
C HIS QB 20 -48.49 -21.28 -1.09
N HIS QB 21 -47.49 -21.18 -1.98
CA HIS QB 21 -47.66 -21.49 -3.39
C HIS QB 21 -47.69 -22.99 -3.65
N ARG QB 22 -47.29 -23.80 -2.66
CA ARG QB 22 -47.04 -25.20 -2.88
C ARG QB 22 -48.29 -26.06 -2.67
N LYS QB 23 -48.48 -27.05 -3.56
CA LYS QB 23 -49.78 -27.61 -3.82
C LYS QB 23 -50.13 -28.84 -3.00
N GLY QB 24 -49.24 -29.25 -2.09
CA GLY QB 24 -49.34 -30.47 -1.28
C GLY QB 24 -48.06 -31.25 -1.39
N ALA QB 25 -47.82 -32.21 -0.47
CA ALA QB 25 -46.67 -33.10 -0.55
C ALA QB 25 -46.66 -33.99 -1.79
N ALA QB 26 -45.46 -34.26 -2.37
CA ALA QB 26 -45.37 -34.85 -3.69
C ALA QB 26 -45.19 -36.37 -3.68
N LYS QB 27 -45.40 -37.01 -2.51
CA LYS QB 27 -45.25 -38.45 -2.37
C LYS QB 27 -46.15 -39.28 -3.28
N LEU QB 28 -45.55 -40.30 -3.95
CA LEU QB 28 -46.20 -41.24 -4.84
C LEU QB 28 -47.36 -42.01 -4.26
N ARG QB 29 -47.99 -42.87 -5.07
CA ARG QB 29 -48.93 -43.87 -4.63
C ARG QB 29 -48.36 -44.77 -3.53
N HIS QB 30 -49.12 -44.95 -2.43
CA HIS QB 30 -48.83 -45.92 -1.38
C HIS QB 30 -48.90 -47.36 -1.88
N LEU QB 31 -48.07 -48.26 -1.35
CA LEU QB 31 -48.18 -49.68 -1.63
C LEU QB 31 -49.50 -50.26 -1.08
N ASP QB 32 -50.16 -51.11 -1.86
CA ASP QB 32 -51.33 -51.84 -1.42
C ASP QB 32 -51.33 -53.22 -2.05
N TYR QB 33 -52.32 -54.05 -1.66
CA TYR QB 33 -52.51 -55.39 -2.16
C TYR QB 33 -52.70 -55.44 -3.68
N CYS QB 34 -53.51 -54.52 -4.25
CA CYS QB 34 -53.71 -54.44 -5.68
C CYS QB 34 -52.45 -54.13 -6.47
N GLU QB 35 -51.60 -53.21 -5.96
CA GLU QB 35 -50.29 -52.94 -6.52
C GLU QB 35 -49.31 -54.10 -6.42
N LYS QB 36 -49.25 -54.71 -5.22
CA LYS QB 36 -48.43 -55.86 -4.89
C LYS QB 36 -48.62 -57.06 -5.81
N LYS QB 37 -49.88 -57.45 -6.06
CA LYS QB 37 -50.19 -58.69 -6.73
C LYS QB 37 -50.43 -58.54 -8.22
N GLY QB 38 -50.77 -57.32 -8.68
CA GLY QB 38 -51.26 -57.11 -10.05
C GLY QB 38 -50.81 -55.80 -10.58
N TYR QB 39 -51.74 -55.04 -11.16
CA TYR QB 39 -51.48 -53.67 -11.52
C TYR QB 39 -52.78 -52.88 -11.60
N ILE QB 40 -52.64 -51.55 -11.57
CA ILE QB 40 -53.73 -50.62 -11.74
C ILE QB 40 -53.31 -49.68 -12.84
N LYS QB 41 -54.20 -49.38 -13.80
CA LYS QB 41 -53.99 -48.32 -14.76
C LYS QB 41 -54.82 -47.11 -14.36
N GLY QB 42 -54.21 -45.92 -14.43
CA GLY QB 42 -54.82 -44.64 -14.14
C GLY QB 42 -54.61 -43.71 -15.29
N LEU QB 43 -55.31 -42.57 -15.26
CA LEU QB 43 -55.26 -41.55 -16.29
C LEU QB 43 -54.76 -40.25 -15.69
N VAL QB 44 -53.73 -39.65 -16.31
CA VAL QB 44 -53.26 -38.32 -15.94
C VAL QB 44 -54.24 -37.27 -16.44
N LYS QB 45 -54.98 -36.63 -15.53
CA LYS QB 45 -56.04 -35.71 -15.86
C LYS QB 45 -55.58 -34.26 -15.95
N ASP QB 46 -54.49 -33.89 -15.26
CA ASP QB 46 -54.01 -32.52 -15.34
C ASP QB 46 -52.56 -32.47 -14.89
N ILE QB 47 -51.80 -31.51 -15.43
CA ILE QB 47 -50.43 -31.24 -15.04
C ILE QB 47 -50.38 -29.85 -14.46
N ILE QB 48 -49.78 -29.66 -13.27
CA ILE QB 48 -49.82 -28.41 -12.54
C ILE QB 48 -48.44 -28.05 -12.02
N HIS QB 49 -48.15 -26.74 -11.93
CA HIS QB 49 -46.85 -26.27 -11.48
C HIS QB 49 -46.80 -25.97 -9.99
N ASP QB 50 -45.71 -26.45 -9.37
CA ASP QB 50 -45.34 -26.18 -8.01
C ASP QB 50 -43.98 -25.49 -8.07
N PRO QB 51 -43.69 -24.44 -7.30
CA PRO QB 51 -42.44 -23.72 -7.48
C PRO QB 51 -41.46 -24.15 -6.41
N GLY QB 52 -41.90 -24.89 -5.37
CA GLY QB 52 -40.98 -25.42 -4.37
C GLY QB 52 -40.28 -26.62 -4.91
N ARG QB 53 -41.06 -27.51 -5.54
CA ARG QB 53 -40.58 -28.55 -6.42
C ARG QB 53 -40.00 -27.92 -7.70
N GLY QB 54 -38.97 -28.58 -8.28
CA GLY QB 54 -38.35 -28.06 -9.50
C GLY QB 54 -39.11 -28.38 -10.76
N ALA QB 55 -40.13 -29.24 -10.66
CA ALA QB 55 -40.86 -29.77 -11.80
C ALA QB 55 -42.36 -29.84 -11.50
N PRO QB 56 -43.23 -29.99 -12.50
CA PRO QB 56 -44.66 -30.07 -12.27
C PRO QB 56 -45.13 -31.30 -11.50
N LEU QB 57 -46.33 -31.18 -10.90
CA LEU QB 57 -47.09 -32.28 -10.38
C LEU QB 57 -48.11 -32.71 -11.42
N ALA QB 58 -48.49 -33.98 -11.39
CA ALA QB 58 -49.46 -34.59 -12.26
C ALA QB 58 -50.63 -35.13 -11.44
N LYS QB 59 -51.84 -34.70 -11.77
CA LYS QB 59 -53.05 -35.12 -11.14
C LYS QB 59 -53.57 -36.38 -11.81
N VAL QB 60 -53.56 -37.51 -11.10
CA VAL QB 60 -53.82 -38.81 -11.65
C VAL QB 60 -55.03 -39.40 -10.97
N ILE QB 61 -55.99 -39.93 -11.76
CA ILE QB 61 -57.23 -40.47 -11.21
C ILE QB 61 -57.17 -41.98 -11.25
N PHE QB 62 -57.45 -42.59 -10.08
CA PHE QB 62 -57.69 -43.99 -9.90
C PHE QB 62 -59.10 -44.11 -9.38
N LYS QB 63 -59.72 -45.29 -9.48
CA LYS QB 63 -61.04 -45.53 -8.96
C LYS QB 63 -60.91 -46.38 -7.71
N ARG QB 64 -61.62 -46.00 -6.61
CA ARG QB 64 -61.46 -46.58 -5.29
C ARG QB 64 -61.67 -48.09 -5.23
N THR QB 65 -60.57 -48.85 -5.04
CA THR QB 65 -60.53 -50.31 -5.05
C THR QB 65 -61.35 -50.94 -3.96
N GLU QB 66 -61.42 -50.29 -2.80
CA GLU QB 66 -62.10 -50.76 -1.63
C GLU QB 66 -63.52 -50.23 -1.53
N LYS QB 67 -63.91 -49.31 -2.42
CA LYS QB 67 -65.18 -48.63 -2.32
C LYS QB 67 -65.72 -48.30 -3.70
N TYR QB 68 -66.17 -47.06 -3.93
CA TYR QB 68 -66.77 -46.61 -5.17
C TYR QB 68 -66.18 -45.25 -5.52
N GLY QB 69 -66.30 -44.82 -6.79
CA GLY QB 69 -65.93 -43.49 -7.25
C GLY QB 69 -64.45 -43.20 -7.44
N LYS QB 70 -64.17 -41.98 -7.90
CA LYS QB 70 -62.88 -41.52 -8.37
C LYS QB 70 -62.03 -40.84 -7.29
N LYS QB 71 -60.73 -41.21 -7.21
CA LYS QB 71 -59.78 -40.74 -6.24
C LYS QB 71 -58.58 -40.12 -6.94
N GLU QB 72 -58.13 -38.94 -6.46
CA GLU QB 72 -57.09 -38.14 -7.10
C GLU QB 72 -55.78 -38.22 -6.35
N GLU QB 73 -54.68 -38.52 -7.06
CA GLU QB 73 -53.34 -38.53 -6.52
C GLU QB 73 -52.53 -37.38 -7.10
N LEU QB 74 -51.39 -37.04 -6.46
CA LEU QB 74 -50.43 -36.08 -7.00
C LEU QB 74 -49.07 -36.75 -7.18
N ILE QB 75 -48.68 -37.00 -8.43
CA ILE QB 75 -47.46 -37.66 -8.86
C ILE QB 75 -46.52 -36.59 -9.40
N ILE QB 76 -45.18 -36.79 -9.38
CA ILE QB 76 -44.28 -35.85 -10.03
C ILE QB 76 -44.26 -36.12 -11.52
N ALA QB 77 -44.50 -35.08 -12.35
CA ALA QB 77 -44.62 -35.24 -13.77
C ALA QB 77 -43.30 -35.59 -14.46
N SER QB 78 -43.24 -36.79 -15.08
CA SER QB 78 -42.13 -37.17 -15.94
C SER QB 78 -42.08 -36.35 -17.21
N GLU QB 79 -40.88 -36.14 -17.78
CA GLU QB 79 -40.80 -35.53 -19.11
C GLU QB 79 -41.48 -36.40 -20.16
N GLY QB 80 -42.27 -35.79 -21.07
CA GLY QB 80 -43.04 -36.52 -22.06
C GLY QB 80 -44.35 -37.08 -21.55
N MET QB 81 -44.68 -36.85 -20.27
CA MET QB 81 -46.03 -37.03 -19.76
C MET QB 81 -47.01 -36.05 -20.42
N PHE QB 82 -48.28 -36.43 -20.57
CA PHE QB 82 -49.25 -35.54 -21.19
C PHE QB 82 -50.60 -35.73 -20.55
N THR QB 83 -51.48 -34.70 -20.62
CA THR QB 83 -52.85 -34.85 -20.18
C THR QB 83 -53.63 -35.84 -21.03
N GLY QB 84 -54.30 -36.79 -20.36
CA GLY QB 84 -54.87 -37.96 -21.02
C GLY QB 84 -53.90 -39.09 -21.23
N GLN QB 85 -52.69 -39.03 -20.66
CA GLN QB 85 -51.79 -40.17 -20.68
C GLN QB 85 -52.24 -41.23 -19.67
N TYR QB 86 -52.13 -42.51 -20.03
CA TYR QB 86 -52.43 -43.57 -19.10
C TYR QB 86 -51.15 -44.02 -18.45
N ILE QB 87 -51.18 -44.09 -17.12
CA ILE QB 87 -50.08 -44.42 -16.25
C ILE QB 87 -50.40 -45.73 -15.56
N SER QB 88 -49.47 -46.69 -15.54
CA SER QB 88 -49.74 -47.98 -14.93
C SER QB 88 -48.77 -48.21 -13.81
N CYS QB 89 -49.27 -48.81 -12.72
CA CYS QB 89 -48.53 -48.97 -11.50
C CYS QB 89 -48.77 -50.36 -10.94
N GLY QB 90 -47.70 -51.06 -10.57
CA GLY QB 90 -47.80 -52.38 -9.96
C GLY QB 90 -46.83 -53.38 -10.47
N THR QB 91 -46.79 -54.53 -9.80
CA THR QB 91 -45.90 -55.65 -10.05
C THR QB 91 -46.02 -56.22 -11.43
N LYS QB 92 -47.26 -56.37 -11.91
CA LYS QB 92 -47.52 -56.98 -13.20
C LYS QB 92 -47.70 -55.94 -14.30
N ALA QB 93 -47.48 -54.65 -13.99
CA ALA QB 93 -47.56 -53.57 -14.96
C ALA QB 93 -46.54 -53.67 -16.10
N PRO QB 94 -46.86 -53.27 -17.33
CA PRO QB 94 -45.92 -53.33 -18.45
C PRO QB 94 -44.84 -52.26 -18.36
N LEU QB 95 -43.61 -52.56 -18.83
CA LEU QB 95 -42.54 -51.59 -18.90
C LEU QB 95 -42.81 -50.48 -19.92
N SER QB 96 -42.99 -49.24 -19.45
CA SER QB 96 -43.12 -48.09 -20.33
C SER QB 96 -42.86 -46.85 -19.52
N VAL QB 97 -42.54 -45.74 -20.19
CA VAL QB 97 -42.19 -44.46 -19.57
C VAL QB 97 -43.29 -43.93 -18.65
N GLY QB 98 -42.90 -43.50 -17.43
CA GLY QB 98 -43.77 -42.95 -16.40
C GLY QB 98 -44.51 -43.98 -15.60
N ASN QB 99 -44.40 -45.28 -15.93
CA ASN QB 99 -44.99 -46.32 -15.11
C ASN QB 99 -44.25 -46.49 -13.81
N ILE QB 100 -44.93 -47.05 -12.79
CA ILE QB 100 -44.39 -47.15 -11.44
C ILE QB 100 -44.28 -48.62 -11.08
N LEU QB 101 -43.02 -49.07 -10.99
CA LEU QB 101 -42.65 -50.46 -11.02
C LEU QB 101 -41.68 -50.75 -9.89
N PRO QB 102 -41.69 -51.91 -9.23
CA PRO QB 102 -40.56 -52.37 -8.43
C PRO QB 102 -39.26 -52.42 -9.22
N ILE QB 103 -38.15 -51.95 -8.65
CA ILE QB 103 -36.87 -51.84 -9.33
C ILE QB 103 -36.32 -53.16 -9.81
N GLY QB 104 -36.65 -54.26 -9.11
CA GLY QB 104 -36.37 -55.64 -9.52
C GLY QB 104 -36.87 -56.03 -10.89
N LYS QB 105 -37.88 -55.32 -11.42
CA LYS QB 105 -38.52 -55.68 -12.65
C LYS QB 105 -38.09 -54.77 -13.78
N MET QB 106 -37.03 -53.98 -13.56
CA MET QB 106 -36.40 -53.20 -14.60
C MET QB 106 -35.29 -54.02 -15.25
N PRO QB 107 -35.13 -54.06 -16.56
CA PRO QB 107 -33.92 -54.55 -17.19
C PRO QB 107 -32.78 -53.55 -17.01
N GLU QB 108 -31.53 -54.03 -16.86
CA GLU QB 108 -30.37 -53.21 -16.55
C GLU QB 108 -30.06 -52.14 -17.59
N GLY QB 109 -29.56 -50.98 -17.11
CA GLY QB 109 -29.22 -49.81 -17.91
C GLY QB 109 -30.40 -48.91 -18.23
N THR QB 110 -31.61 -49.29 -17.79
CA THR QB 110 -32.79 -48.43 -17.83
C THR QB 110 -32.67 -47.15 -17.04
N LEU QB 111 -33.42 -46.11 -17.45
CA LEU QB 111 -33.40 -44.81 -16.82
C LEU QB 111 -34.72 -44.58 -16.12
N ILE QB 112 -34.66 -44.19 -14.84
CA ILE QB 112 -35.79 -44.15 -13.95
C ILE QB 112 -35.66 -42.93 -13.05
N CYS QB 113 -36.74 -42.59 -12.33
CA CYS QB 113 -36.79 -41.47 -11.43
C CYS QB 113 -37.73 -41.80 -10.27
N ASN QB 114 -37.85 -40.93 -9.26
CA ASN QB 114 -38.71 -41.09 -8.11
C ASN QB 114 -38.53 -42.40 -7.35
N LEU QB 115 -37.28 -42.76 -7.05
CA LEU QB 115 -36.92 -43.93 -6.28
C LEU QB 115 -37.33 -43.81 -4.82
N GLU QB 116 -37.57 -44.92 -4.14
CA GLU QB 116 -37.81 -44.93 -2.71
C GLU QB 116 -36.78 -45.79 -2.04
N HIS QB 117 -36.29 -45.36 -0.87
CA HIS QB 117 -35.25 -46.08 -0.14
C HIS QB 117 -35.74 -47.35 0.52
N ARG QB 118 -37.07 -47.47 0.71
CA ARG QB 118 -37.72 -48.66 1.19
C ARG QB 118 -39.08 -48.68 0.54
N THR QB 119 -39.64 -49.88 0.32
CA THR QB 119 -40.92 -50.09 -0.33
C THR QB 119 -42.06 -49.35 0.33
N GLY QB 120 -42.84 -48.57 -0.44
CA GLY QB 120 -44.00 -47.88 0.10
C GLY QB 120 -43.67 -46.61 0.84
N ASN QB 121 -42.47 -46.06 0.61
CA ASN QB 121 -42.06 -44.80 1.21
C ASN QB 121 -42.36 -43.67 0.25
N ARG QB 122 -42.83 -44.01 -0.96
CA ARG QB 122 -43.59 -43.15 -1.85
C ARG QB 122 -42.73 -42.13 -2.57
N GLY QB 123 -41.59 -42.58 -3.14
CA GLY QB 123 -40.75 -41.78 -4.03
C GLY QB 123 -39.88 -40.74 -3.36
N THR QB 124 -39.16 -41.12 -2.29
CA THR QB 124 -38.37 -40.21 -1.48
C THR QB 124 -37.08 -39.71 -2.12
N LEU QB 125 -36.58 -40.39 -3.17
CA LEU QB 125 -35.33 -40.11 -3.84
C LEU QB 125 -35.59 -39.72 -5.28
N VAL QB 126 -34.66 -38.99 -5.93
CA VAL QB 126 -34.68 -38.69 -7.36
C VAL QB 126 -35.91 -37.92 -7.82
N LYS QB 127 -36.10 -36.69 -7.28
CA LYS QB 127 -37.30 -35.92 -7.41
C LYS QB 127 -37.09 -34.59 -8.17
N ALA QB 128 -35.83 -34.12 -8.30
CA ALA QB 128 -35.52 -32.84 -8.93
C ALA QB 128 -35.64 -32.80 -10.47
N SER QB 129 -35.87 -31.60 -11.05
CA SER QB 129 -36.11 -31.43 -12.48
C SER QB 129 -35.01 -31.95 -13.38
N GLY QB 130 -35.40 -32.69 -14.45
CA GLY QB 130 -34.48 -33.24 -15.43
C GLY QB 130 -33.67 -34.42 -14.97
N CYS QB 131 -33.87 -34.87 -13.72
CA CYS QB 131 -32.99 -35.84 -13.10
C CYS QB 131 -33.43 -37.27 -13.32
N TYR QB 132 -32.46 -38.19 -13.15
CA TYR QB 132 -32.68 -39.59 -13.38
C TYR QB 132 -31.63 -40.43 -12.66
N ALA QB 133 -32.01 -41.67 -12.36
CA ALA QB 133 -31.19 -42.73 -11.85
C ALA QB 133 -31.11 -43.82 -12.91
N THR QB 134 -30.05 -44.64 -12.86
CA THR QB 134 -29.84 -45.73 -13.80
C THR QB 134 -29.83 -47.01 -13.02
N VAL QB 135 -30.46 -48.09 -13.52
CA VAL QB 135 -30.31 -49.39 -12.87
C VAL QB 135 -29.02 -50.02 -13.34
N VAL QB 136 -28.12 -50.39 -12.42
CA VAL QB 136 -26.77 -50.80 -12.75
C VAL QB 136 -26.53 -52.26 -12.42
N GLY QB 137 -27.52 -52.96 -11.86
CA GLY QB 137 -27.40 -54.38 -11.64
C GLY QB 137 -28.51 -54.96 -10.83
N GLN QB 138 -28.70 -56.27 -10.97
CA GLN QB 138 -29.78 -57.03 -10.36
C GLN QB 138 -29.15 -58.24 -9.72
N SER QB 139 -29.46 -58.51 -8.44
CA SER QB 139 -28.88 -59.63 -7.70
C SER QB 139 -29.16 -60.99 -8.33
N GLU QB 140 -28.16 -61.88 -8.31
CA GLU QB 140 -28.21 -63.22 -8.88
C GLU QB 140 -29.26 -64.13 -8.26
N ASP QB 141 -29.46 -64.02 -6.93
CA ASP QB 141 -30.52 -64.71 -6.21
C ASP QB 141 -31.66 -63.77 -5.91
N GLY QB 142 -31.75 -62.63 -6.63
CA GLY QB 142 -32.75 -61.59 -6.42
C GLY QB 142 -32.71 -60.92 -5.06
N LYS QB 143 -33.84 -60.30 -4.68
CA LYS QB 143 -34.07 -59.64 -3.41
C LYS QB 143 -33.48 -58.24 -3.34
N LYS QB 144 -32.21 -58.06 -3.74
CA LYS QB 144 -31.58 -56.77 -3.90
C LYS QB 144 -31.47 -56.34 -5.36
N THR QB 145 -31.28 -55.03 -5.58
CA THR QB 145 -31.10 -54.40 -6.88
C THR QB 145 -30.11 -53.27 -6.68
N LYS QB 146 -29.24 -53.01 -7.67
CA LYS QB 146 -28.22 -51.98 -7.63
C LYS QB 146 -28.55 -50.86 -8.60
N VAL QB 147 -28.63 -49.63 -8.08
CA VAL QB 147 -29.03 -48.46 -8.84
C VAL QB 147 -28.01 -47.36 -8.64
N ARG QB 148 -28.03 -46.36 -9.54
CA ARG QB 148 -27.08 -45.27 -9.56
C ARG QB 148 -27.79 -43.95 -9.42
N LEU QB 149 -27.57 -43.29 -8.28
CA LEU QB 149 -28.09 -41.99 -7.89
C LEU QB 149 -27.68 -40.87 -8.83
N PRO QB 150 -28.41 -39.75 -8.95
CA PRO QB 150 -28.08 -38.69 -9.90
C PRO QB 150 -26.80 -37.95 -9.54
N SER QB 151 -26.24 -38.17 -8.34
CA SER QB 151 -24.91 -37.76 -7.93
C SER QB 151 -23.82 -38.57 -8.60
N GLY QB 152 -24.20 -39.73 -9.16
CA GLY QB 152 -23.34 -40.72 -9.76
C GLY QB 152 -23.04 -41.85 -8.81
N ALA QB 153 -23.43 -41.73 -7.54
CA ALA QB 153 -23.22 -42.74 -6.53
C ALA QB 153 -24.03 -44.03 -6.73
N LYS QB 154 -23.45 -45.21 -6.42
CA LYS QB 154 -24.14 -46.48 -6.52
C LYS QB 154 -24.59 -46.97 -5.16
N LYS QB 155 -25.78 -47.58 -5.10
CA LYS QB 155 -26.44 -47.94 -3.88
C LYS QB 155 -27.22 -49.20 -4.13
N THR QB 156 -27.40 -50.05 -3.10
CA THR QB 156 -28.16 -51.30 -3.25
C THR QB 156 -29.37 -51.24 -2.35
N ILE QB 157 -30.55 -51.43 -2.96
CA ILE QB 157 -31.84 -51.34 -2.34
C ILE QB 157 -32.50 -52.69 -2.57
N ASP QB 158 -33.57 -53.05 -1.83
CA ASP QB 158 -34.40 -54.19 -2.15
C ASP QB 158 -35.10 -54.03 -3.50
N ALA QB 159 -35.26 -55.15 -4.21
CA ALA QB 159 -35.90 -55.29 -5.50
C ALA QB 159 -37.37 -54.88 -5.50
N LYS QB 160 -38.05 -55.16 -4.39
CA LYS QB 160 -39.43 -54.84 -4.14
C LYS QB 160 -39.77 -53.35 -4.19
N ALA QB 161 -38.83 -52.47 -3.77
CA ALA QB 161 -39.02 -51.03 -3.76
C ALA QB 161 -39.28 -50.43 -5.14
N ARG QB 162 -40.23 -49.50 -5.22
CA ARG QB 162 -40.69 -48.96 -6.49
C ARG QB 162 -39.91 -47.76 -6.99
N ALA QB 163 -40.06 -47.49 -8.30
CA ALA QB 163 -39.51 -46.34 -8.95
C ALA QB 163 -40.31 -46.12 -10.22
N MET QB 164 -40.07 -44.99 -10.89
CA MET QB 164 -40.91 -44.48 -11.95
C MET QB 164 -40.08 -44.34 -13.21
N VAL QB 165 -40.48 -45.01 -14.30
CA VAL QB 165 -39.71 -45.05 -15.53
C VAL QB 165 -39.50 -43.69 -16.18
N GLY QB 166 -38.27 -43.38 -16.64
CA GLY QB 166 -37.97 -42.15 -17.36
C GLY QB 166 -37.32 -41.10 -16.52
N VAL QB 167 -37.32 -39.85 -17.03
CA VAL QB 167 -36.62 -38.71 -16.44
C VAL QB 167 -37.62 -37.66 -15.99
N VAL QB 168 -37.32 -36.94 -14.90
CA VAL QB 168 -38.17 -35.87 -14.40
C VAL QB 168 -38.34 -34.71 -15.40
N GLY QB 169 -39.55 -34.11 -15.49
CA GLY QB 169 -39.80 -32.92 -16.29
C GLY QB 169 -38.97 -31.70 -15.96
N ALA QB 170 -39.11 -30.64 -16.79
CA ALA QB 170 -38.47 -29.34 -16.63
C ALA QB 170 -36.95 -29.37 -16.64
N GLY QB 171 -36.36 -30.34 -17.34
CA GLY QB 171 -34.92 -30.45 -17.52
C GLY QB 171 -34.26 -29.27 -18.18
N GLY QB 172 -32.98 -29.04 -17.83
CA GLY QB 172 -32.19 -27.96 -18.40
C GLY QB 172 -32.43 -26.64 -17.73
N ARG QB 173 -33.22 -26.61 -16.65
CA ARG QB 173 -33.60 -25.41 -15.94
C ARG QB 173 -32.41 -24.61 -15.45
N ILE QB 174 -31.36 -25.28 -14.95
CA ILE QB 174 -30.15 -24.62 -14.50
C ILE QB 174 -29.29 -24.03 -15.62
N ASP QB 175 -29.52 -24.41 -16.89
CA ASP QB 175 -28.72 -23.98 -18.01
C ASP QB 175 -28.85 -22.48 -18.28
N LYS QB 176 -30.07 -21.92 -18.21
CA LYS QB 176 -30.26 -20.48 -18.26
C LYS QB 176 -29.58 -19.78 -17.07
N PRO QB 177 -28.79 -18.72 -17.22
CA PRO QB 177 -28.21 -18.02 -16.08
C PRO QB 177 -29.25 -17.13 -15.40
N ILE QB 178 -29.05 -16.76 -14.13
CA ILE QB 178 -29.96 -15.84 -13.46
C ILE QB 178 -29.74 -14.43 -13.97
N LEU QB 179 -30.80 -13.83 -14.54
CA LEU QB 179 -30.70 -12.55 -15.20
C LEU QB 179 -30.34 -11.41 -14.25
N LYS QB 180 -31.02 -11.36 -13.09
CA LYS QB 180 -30.94 -10.19 -12.26
C LYS QB 180 -31.40 -10.45 -10.83
N ALA QB 181 -31.16 -9.49 -9.93
CA ALA QB 181 -31.44 -9.55 -8.51
C ALA QB 181 -32.92 -9.72 -8.20
N GLY QB 182 -33.80 -9.07 -8.97
CA GLY QB 182 -35.25 -9.26 -8.88
C GLY QB 182 -35.70 -10.67 -9.20
N VAL QB 183 -35.08 -11.31 -10.21
CA VAL QB 183 -35.32 -12.71 -10.52
C VAL QB 183 -34.87 -13.60 -9.37
N ALA QB 184 -33.71 -13.29 -8.76
CA ALA QB 184 -33.26 -14.00 -7.58
C ALA QB 184 -34.20 -13.81 -6.39
N HIS QB 185 -34.67 -12.58 -6.14
CA HIS QB 185 -35.74 -12.28 -5.20
C HIS QB 185 -37.01 -13.08 -5.42
N HIS QB 186 -37.53 -13.15 -6.66
CA HIS QB 186 -38.70 -13.96 -6.97
C HIS QB 186 -38.50 -15.45 -6.68
N LYS QB 187 -37.27 -15.97 -6.85
CA LYS QB 187 -36.94 -17.33 -6.52
C LYS QB 187 -36.96 -17.58 -5.03
N TYR QB 188 -36.39 -16.68 -4.24
CA TYR QB 188 -36.34 -16.85 -2.80
C TYR QB 188 -37.67 -16.55 -2.14
N ARG QB 189 -38.51 -15.71 -2.77
CA ARG QB 189 -39.86 -15.42 -2.33
C ARG QB 189 -40.75 -16.66 -2.24
N VAL QB 190 -40.54 -17.68 -3.10
CA VAL QB 190 -41.27 -18.94 -3.03
C VAL QB 190 -40.50 -20.07 -2.36
N LYS QB 191 -39.25 -19.83 -1.96
CA LYS QB 191 -38.42 -20.84 -1.33
C LYS QB 191 -38.38 -20.65 0.17
N ARG QB 192 -37.43 -19.85 0.66
CA ARG QB 192 -37.06 -19.81 2.05
C ARG QB 192 -36.50 -18.46 2.34
N ASN QB 193 -36.46 -18.09 3.63
CA ASN QB 193 -35.84 -16.87 4.08
C ASN QB 193 -34.34 -17.11 4.19
N CYS QB 194 -33.55 -16.57 3.24
CA CYS QB 194 -32.20 -17.04 3.06
C CYS QB 194 -31.31 -16.07 2.30
N TRP QB 195 -31.79 -14.85 2.04
CA TRP QB 195 -31.13 -14.00 1.08
C TRP QB 195 -31.53 -12.55 1.35
N PRO QB 196 -30.81 -11.50 0.94
CA PRO QB 196 -29.41 -11.45 0.53
C PRO QB 196 -28.43 -12.26 1.35
N LYS QB 197 -27.41 -12.90 0.74
CA LYS QB 197 -26.51 -13.79 1.47
C LYS QB 197 -25.14 -13.16 1.70
N VAL QB 198 -25.10 -12.23 2.66
CA VAL QB 198 -23.95 -11.43 3.05
C VAL QB 198 -22.73 -12.22 3.48
N ARG QB 199 -21.54 -11.79 3.02
CA ARG QB 199 -20.25 -12.32 3.42
C ARG QB 199 -19.97 -12.26 4.91
N GLY QB 200 -19.40 -13.34 5.48
CA GLY QB 200 -19.04 -13.41 6.89
C GLY QB 200 -17.82 -12.59 7.25
N VAL QB 201 -16.80 -12.57 6.36
CA VAL QB 201 -15.58 -11.81 6.49
C VAL QB 201 -15.78 -10.29 6.61
N ALA QB 202 -16.82 -9.72 5.97
CA ALA QB 202 -17.17 -8.33 6.09
C ALA QB 202 -17.55 -7.89 7.51
N MET QB 203 -18.29 -8.74 8.25
CA MET QB 203 -18.88 -8.44 9.54
C MET QB 203 -17.91 -8.25 10.71
N ASN QB 204 -18.46 -7.86 11.89
CA ASN QB 204 -17.76 -7.92 13.15
C ASN QB 204 -17.37 -9.35 13.53
N PRO QB 205 -16.23 -9.62 14.16
CA PRO QB 205 -15.80 -10.98 14.47
C PRO QB 205 -16.69 -11.59 15.55
N VAL QB 206 -17.33 -10.69 16.31
CA VAL QB 206 -18.31 -10.87 17.35
C VAL QB 206 -19.55 -11.58 16.82
N GLU QB 207 -19.92 -11.28 15.56
CA GLU QB 207 -21.21 -11.64 15.00
C GLU QB 207 -21.06 -12.58 13.80
N HIS QB 208 -19.80 -12.96 13.47
CA HIS QB 208 -19.45 -13.96 12.48
C HIS QB 208 -17.93 -14.11 12.50
N PRO QB 209 -17.34 -15.28 12.77
CA PRO QB 209 -15.95 -15.38 13.21
C PRO QB 209 -14.98 -15.23 12.07
N HIS QB 210 -15.45 -15.22 10.81
CA HIS QB 210 -14.61 -14.86 9.68
C HIS QB 210 -14.35 -13.36 9.63
N GLY QB 211 -15.20 -12.57 10.33
CA GLY QB 211 -15.13 -11.13 10.48
C GLY QB 211 -13.92 -10.55 11.17
N GLY QB 212 -13.92 -9.20 11.32
CA GLY QB 212 -12.80 -8.46 11.88
C GLY QB 212 -11.60 -8.30 10.95
N GLY QB 213 -10.54 -7.64 11.44
CA GLY QB 213 -9.38 -7.27 10.66
C GLY QB 213 -9.59 -5.96 9.96
N ASN QB 214 -8.65 -5.00 10.13
CA ASN QB 214 -8.82 -3.66 9.59
C ASN QB 214 -8.96 -3.62 8.08
N HIS QB 215 -8.29 -4.54 7.36
CA HIS QB 215 -8.41 -4.66 5.92
C HIS QB 215 -9.08 -5.97 5.55
N GLN QB 216 -10.03 -6.44 6.39
CA GLN QB 216 -10.90 -7.58 6.16
C GLN QB 216 -10.15 -8.90 6.04
N HIS QB 217 -9.21 -9.16 6.95
CA HIS QB 217 -8.45 -10.39 7.02
C HIS QB 217 -9.31 -11.61 7.37
N ILE QB 218 -8.97 -12.82 6.88
CA ILE QB 218 -9.58 -14.02 7.43
C ILE QB 218 -8.86 -14.41 8.72
N GLY QB 219 -7.51 -14.47 8.67
CA GLY QB 219 -6.65 -14.58 9.84
C GLY QB 219 -6.57 -15.95 10.47
N HIS QB 220 -7.27 -16.94 9.93
CA HIS QB 220 -7.28 -18.28 10.48
C HIS QB 220 -7.77 -19.23 9.40
N PRO QB 221 -7.42 -20.51 9.43
CA PRO QB 221 -7.90 -21.49 8.47
C PRO QB 221 -9.38 -21.51 8.16
N SER QB 222 -9.72 -21.65 6.86
CA SER QB 222 -11.10 -21.69 6.42
C SER QB 222 -11.57 -23.13 6.31
N THR QB 223 -10.72 -24.08 6.67
CA THR QB 223 -11.01 -25.51 6.63
C THR QB 223 -11.19 -25.99 8.04
N VAL QB 224 -12.38 -26.52 8.31
CA VAL QB 224 -12.87 -26.78 9.64
C VAL QB 224 -13.13 -28.27 9.78
N SER QB 225 -12.95 -28.85 10.98
CA SER QB 225 -13.30 -30.25 11.18
C SER QB 225 -14.79 -30.44 11.36
N ARG QB 226 -15.32 -31.61 10.97
CA ARG QB 226 -16.69 -31.98 11.31
C ARG QB 226 -16.84 -32.25 12.81
N SER QB 227 -15.70 -32.47 13.50
CA SER QB 227 -15.65 -32.52 14.95
C SER QB 227 -15.85 -31.16 15.63
N ALA QB 228 -15.75 -30.04 14.88
CA ALA QB 228 -15.91 -28.71 15.42
C ALA QB 228 -17.30 -28.40 16.03
N PRO QB 229 -17.40 -27.57 17.07
CA PRO QB 229 -18.65 -26.91 17.49
C PRO QB 229 -19.47 -26.26 16.39
N ALA QB 230 -20.81 -26.23 16.53
CA ALA QB 230 -21.70 -25.64 15.53
C ALA QB 230 -21.40 -24.18 15.23
N GLY QB 231 -21.07 -23.39 16.26
CA GLY QB 231 -20.70 -22.00 16.07
C GLY QB 231 -19.29 -21.82 15.54
N GLN QB 232 -18.52 -22.91 15.43
CA GLN QB 232 -17.19 -22.90 14.88
C GLN QB 232 -17.23 -23.45 13.46
N LYS QB 233 -18.33 -24.13 13.06
CA LYS QB 233 -18.50 -24.76 11.77
C LYS QB 233 -18.91 -23.81 10.62
N VAL QB 234 -18.50 -22.54 10.68
CA VAL QB 234 -18.75 -21.54 9.65
C VAL QB 234 -17.99 -21.81 8.34
N GLY QB 235 -16.71 -22.23 8.44
CA GLY QB 235 -15.87 -22.58 7.30
C GLY QB 235 -16.18 -23.92 6.67
N LEU QB 236 -15.24 -24.45 5.89
CA LEU QB 236 -15.45 -25.61 5.05
C LEU QB 236 -15.23 -26.90 5.83
N ILE QB 237 -16.33 -27.46 6.34
CA ILE QB 237 -16.35 -28.64 7.17
C ILE QB 237 -15.93 -29.93 6.47
N ALA QB 238 -14.97 -30.63 7.11
CA ALA QB 238 -14.40 -31.89 6.66
C ALA QB 238 -13.81 -31.85 5.25
N ALA QB 239 -13.20 -30.72 4.86
CA ALA QB 239 -12.69 -30.50 3.52
C ALA QB 239 -11.44 -31.31 3.16
N ARG QB 240 -11.64 -32.44 2.46
CA ARG QB 240 -10.58 -33.35 2.08
C ARG QB 240 -9.53 -32.73 1.17
N ARG QB 241 -9.98 -31.93 0.20
CA ARG QB 241 -9.14 -31.17 -0.68
C ARG QB 241 -9.81 -29.84 -0.96
N THR QB 242 -9.00 -28.80 -1.10
CA THR QB 242 -9.39 -27.42 -1.38
C THR QB 242 -8.54 -26.96 -2.55
N GLY QB 243 -8.71 -25.70 -2.99
CA GLY QB 243 -8.23 -25.24 -4.28
C GLY QB 243 -9.18 -25.58 -5.40
N LEU QB 244 -8.86 -25.15 -6.62
CA LEU QB 244 -9.63 -25.50 -7.80
C LEU QB 244 -9.66 -27.00 -8.05
N LEU QB 245 -10.81 -27.62 -8.37
CA LEU QB 245 -10.78 -29.04 -8.74
C LEU QB 245 -10.04 -29.27 -10.06
N ARG QB 246 -9.19 -30.30 -10.11
CA ARG QB 246 -8.34 -30.56 -11.25
C ARG QB 246 -8.26 -32.06 -11.42
N GLY QB 247 -8.33 -32.54 -12.68
CA GLY QB 247 -8.37 -33.95 -13.01
C GLY QB 247 -9.72 -34.63 -12.68
N SER RB 1 1.71 37.61 16.72
CA SER RB 1 2.65 37.79 15.60
C SER RB 1 2.27 38.87 14.62
N HIS RB 2 3.27 39.42 13.92
CA HIS RB 2 3.08 40.41 12.88
C HIS RB 2 2.22 39.95 11.70
N ARG RB 3 1.47 40.89 11.08
CA ARG RB 3 0.72 40.61 9.87
C ARG RB 3 1.60 40.17 8.69
N LYS RB 4 1.14 39.17 7.91
CA LYS RB 4 1.90 38.64 6.79
C LYS RB 4 2.10 39.67 5.70
N PHE RB 5 1.04 40.43 5.40
CA PHE RB 5 1.04 41.43 4.35
C PHE RB 5 0.60 42.72 4.99
N GLU RB 6 1.27 43.84 4.67
CA GLU RB 6 0.95 45.14 5.21
C GLU RB 6 -0.13 45.83 4.37
N ARG RB 7 -0.85 46.81 4.96
CA ARG RB 7 -1.96 47.48 4.32
C ARG RB 7 -2.38 48.67 5.18
N PRO RB 8 -2.33 49.94 4.76
CA PRO RB 8 -2.73 51.11 5.53
C PRO RB 8 -4.05 51.03 6.26
N ARG RB 9 -4.14 51.57 7.49
CA ARG RB 9 -5.37 51.58 8.28
C ARG RB 9 -6.53 52.33 7.62
N HIS RB 10 -7.75 51.86 7.90
CA HIS RB 10 -8.96 52.47 7.41
C HIS RB 10 -9.34 53.74 8.16
N GLY RB 11 -9.45 54.86 7.42
CA GLY RB 11 -9.85 56.15 7.92
C GLY RB 11 -8.83 56.84 8.82
N SER RB 12 -9.03 58.15 9.04
CA SER RB 12 -8.14 58.95 9.87
C SER RB 12 -8.52 58.92 11.35
N LEU RB 13 -7.56 58.56 12.22
CA LEU RB 13 -7.66 58.64 13.66
C LEU RB 13 -7.91 60.06 14.18
N GLY RB 14 -7.36 61.06 13.47
CA GLY RB 14 -7.41 62.47 13.83
C GLY RB 14 -8.75 63.14 13.75
N PHE RB 15 -9.77 62.46 13.20
CA PHE RB 15 -11.12 63.00 13.15
C PHE RB 15 -12.09 62.13 13.95
N LEU RB 16 -11.58 61.38 14.93
CA LEU RB 16 -12.38 61.01 16.09
C LEU RB 16 -12.68 62.26 16.95
N PRO RB 17 -13.78 62.35 17.65
CA PRO RB 17 -14.97 61.54 17.49
C PRO RB 17 -15.71 61.90 16.21
N ARG RB 18 -16.25 60.88 15.52
CA ARG RB 18 -17.10 61.04 14.37
C ARG RB 18 -18.55 61.24 14.80
N LYS RB 19 -18.85 62.46 15.28
CA LYS RB 19 -20.06 62.84 15.96
C LYS RB 19 -20.70 64.11 15.41
N ARG RB 20 -21.97 64.39 15.75
CA ARG RB 20 -22.66 65.59 15.34
C ARG RB 20 -22.05 66.91 15.85
N CYS RB 21 -21.96 67.93 14.98
CA CYS RB 21 -21.63 69.29 15.38
C CYS RB 21 -22.70 69.93 16.28
N LYS RB 22 -22.29 70.82 17.22
CA LYS RB 22 -23.21 71.45 18.16
C LYS RB 22 -23.77 72.77 17.66
N ARG RB 23 -23.53 73.12 16.39
CA ARG RB 23 -24.08 74.33 15.79
C ARG RB 23 -24.27 74.12 14.30
N LEU RB 24 -25.34 74.73 13.72
CA LEU RB 24 -25.55 74.75 12.27
C LEU RB 24 -24.54 75.65 11.57
N ARG RB 25 -24.30 76.86 12.15
CA ARG RB 25 -23.30 77.79 11.69
C ARG RB 25 -21.89 77.23 11.74
N GLY RB 26 -21.11 77.38 10.65
CA GLY RB 26 -19.67 77.11 10.67
C GLY RB 26 -18.92 77.84 11.75
N LYS RB 27 -17.85 77.24 12.28
CA LYS RB 27 -17.07 77.79 13.37
C LYS RB 27 -15.64 77.95 12.91
N ILE RB 28 -15.18 79.21 12.80
CA ILE RB 28 -13.78 79.48 12.48
C ILE RB 28 -12.90 79.13 13.66
N ARG RB 29 -11.97 78.17 13.49
CA ARG RB 29 -11.04 77.80 14.54
C ARG RB 29 -10.04 78.90 14.85
N SER RB 30 -9.48 79.51 13.80
CA SER RB 30 -8.42 80.49 13.95
C SER RB 30 -8.50 81.50 12.83
N PHE RB 31 -8.11 82.76 13.10
CA PHE RB 31 -8.17 83.84 12.14
C PHE RB 31 -6.78 84.15 11.58
N PRO RB 32 -6.68 84.79 10.40
CA PRO RB 32 -5.48 85.47 9.92
C PRO RB 32 -4.67 86.26 10.92
N LYS RB 33 -3.34 86.23 10.75
CA LYS RB 33 -2.40 86.70 11.73
C LYS RB 33 -1.79 88.03 11.31
N ASP RB 34 -1.15 88.74 12.27
CA ASP RB 34 -0.57 90.07 12.16
C ASP RB 34 0.03 90.51 10.81
N ASP RB 35 -0.35 91.72 10.35
CA ASP RB 35 0.19 92.37 9.16
C ASP RB 35 -0.07 93.86 9.30
N LYS RB 36 0.77 94.54 10.12
CA LYS RB 36 0.64 95.94 10.48
C LYS RB 36 0.67 96.89 9.28
N GLU RB 37 1.47 96.56 8.27
CA GLU RB 37 1.58 97.31 7.04
C GLU RB 37 0.30 97.34 6.22
N LYS RB 38 -0.42 96.21 6.14
CA LYS RB 38 -1.71 96.14 5.48
C LYS RB 38 -2.79 97.03 6.13
N PRO RB 39 -3.68 97.72 5.42
CA PRO RB 39 -4.76 98.48 6.07
C PRO RB 39 -5.79 97.56 6.72
N PRO RB 40 -6.48 97.93 7.79
CA PRO RB 40 -7.61 97.19 8.34
C PRO RB 40 -8.61 96.64 7.35
N HIS RB 41 -9.07 95.39 7.55
CA HIS RB 41 -10.08 94.81 6.69
C HIS RB 41 -10.72 93.60 7.34
N PHE RB 42 -11.94 93.27 6.89
CA PHE RB 42 -12.69 92.08 7.25
C PHE RB 42 -12.02 90.78 6.83
N THR RB 43 -12.17 89.70 7.62
CA THR RB 43 -11.52 88.42 7.34
C THR RB 43 -12.46 87.34 6.81
N ALA RB 44 -13.78 87.47 7.03
CA ALA RB 44 -14.70 86.37 6.88
C ALA RB 44 -16.07 86.80 6.41
N PHE RB 45 -16.89 85.83 5.92
CA PHE RB 45 -18.25 86.09 5.50
C PHE RB 45 -19.07 84.81 5.49
N MET RB 46 -20.33 84.87 5.92
CA MET RB 46 -21.28 83.78 5.77
C MET RB 46 -22.15 83.98 4.53
N GLY RB 47 -22.41 82.93 3.74
CA GLY RB 47 -23.29 82.98 2.57
C GLY RB 47 -23.98 81.65 2.43
N TYR RB 48 -24.98 81.51 1.55
CA TYR RB 48 -25.75 80.26 1.51
C TYR RB 48 -25.45 79.49 0.25
N LYS RB 49 -25.15 78.18 0.37
CA LYS RB 49 -24.89 77.34 -0.80
C LYS RB 49 -26.18 77.13 -1.58
N ALA RB 50 -26.20 77.51 -2.86
CA ALA RB 50 -27.44 77.42 -3.62
C ALA RB 50 -27.40 76.22 -4.53
N GLY RB 51 -26.24 75.93 -5.13
CA GLY RB 51 -26.07 74.70 -5.85
C GLY RB 51 -24.78 74.68 -6.59
N MET RB 52 -24.69 73.77 -7.58
CA MET RB 52 -23.55 73.62 -8.45
C MET RB 52 -23.93 73.85 -9.89
N THR RB 53 -22.96 74.28 -10.71
CA THR RB 53 -23.07 74.42 -12.16
C THR RB 53 -21.74 73.96 -12.73
N HIS RB 54 -21.61 73.92 -14.06
CA HIS RB 54 -20.32 73.78 -14.71
C HIS RB 54 -19.97 75.00 -15.53
N ILE RB 55 -18.67 75.15 -15.78
CA ILE RB 55 -18.06 76.29 -16.41
C ILE RB 55 -17.22 75.77 -17.57
N VAL RB 56 -16.95 76.60 -18.59
CA VAL RB 56 -15.89 76.39 -19.55
C VAL RB 56 -14.86 77.47 -19.34
N ARG RB 57 -13.58 77.12 -19.16
CA ARG RB 57 -12.53 78.08 -18.86
C ARG RB 57 -11.37 77.89 -19.81
N GLU RB 58 -10.71 78.99 -20.21
CA GLU RB 58 -9.51 78.93 -21.02
C GLU RB 58 -8.28 78.84 -20.13
N VAL RB 59 -7.33 77.94 -20.44
CA VAL RB 59 -6.26 77.55 -19.53
C VAL RB 59 -4.91 78.05 -20.03
N ASP RB 60 -4.06 78.58 -19.12
CA ASP RB 60 -2.71 78.96 -19.47
C ASP RB 60 -1.74 77.79 -19.24
N LYS RB 61 -1.70 77.29 -17.99
CA LYS RB 61 -0.85 76.23 -17.45
C LYS RB 61 0.43 75.86 -18.22
N PRO RB 62 1.52 76.61 -18.06
CA PRO RB 62 2.77 76.39 -18.81
C PRO RB 62 3.34 75.00 -18.78
N GLY RB 63 3.57 74.39 -19.95
CA GLY RB 63 4.20 73.09 -20.09
C GLY RB 63 3.29 71.92 -19.82
N SER RB 64 2.01 72.18 -19.51
CA SER RB 64 0.99 71.16 -19.34
C SER RB 64 0.73 70.33 -20.59
N LYS RB 65 0.21 69.11 -20.43
CA LYS RB 65 -0.30 68.33 -21.53
C LYS RB 65 -1.50 69.01 -22.20
N LEU RB 66 -2.42 69.55 -21.40
CA LEU RB 66 -3.51 70.38 -21.87
C LEU RB 66 -3.02 71.75 -22.33
N HIS RB 67 -2.15 72.38 -21.54
CA HIS RB 67 -1.56 73.70 -21.78
C HIS RB 67 -2.54 74.79 -22.17
N LYS RB 68 -2.42 75.33 -23.40
CA LYS RB 68 -3.23 76.38 -23.97
C LYS RB 68 -4.72 76.05 -24.08
N LYS RB 69 -5.06 74.78 -24.37
CA LYS RB 69 -6.42 74.34 -24.61
C LYS RB 69 -7.41 74.50 -23.45
N GLU RB 70 -8.69 74.77 -23.78
CA GLU RB 70 -9.80 74.99 -22.88
C GLU RB 70 -10.27 73.77 -22.10
N ILE RB 71 -10.72 73.99 -20.85
CA ILE RB 71 -11.19 72.94 -19.96
C ILE RB 71 -12.65 73.18 -19.56
N VAL RB 72 -13.38 72.11 -19.20
CA VAL RB 72 -14.69 72.19 -18.59
C VAL RB 72 -14.56 71.79 -17.12
N GLU RB 73 -15.11 72.58 -16.18
CA GLU RB 73 -14.94 72.38 -14.75
C GLU RB 73 -16.24 72.55 -14.00
N ALA RB 74 -16.48 71.71 -12.98
CA ALA RB 74 -17.51 71.92 -11.97
C ALA RB 74 -17.23 73.11 -11.04
N CYS RB 75 -18.29 73.81 -10.60
CA CYS RB 75 -18.18 75.00 -9.75
C CYS RB 75 -19.41 75.10 -8.87
N THR RB 76 -19.28 75.77 -7.73
CA THR RB 76 -20.34 75.94 -6.75
C THR RB 76 -20.86 77.37 -6.83
N ILE RB 77 -22.15 77.60 -6.55
CA ILE RB 77 -22.75 78.92 -6.49
C ILE RB 77 -23.32 79.12 -5.10
N ILE RB 78 -22.94 80.25 -4.50
CA ILE RB 78 -23.28 80.60 -3.14
C ILE RB 78 -23.92 81.96 -3.19
N GLU RB 79 -25.26 82.05 -3.03
CA GLU RB 79 -25.95 83.32 -2.85
C GLU RB 79 -25.50 84.04 -1.58
N CYS RB 80 -25.13 85.31 -1.70
CA CYS RB 80 -24.50 86.06 -0.64
C CYS RB 80 -25.25 87.36 -0.45
N ALA RB 81 -26.25 87.34 0.44
CA ALA RB 81 -26.88 88.54 0.94
C ALA RB 81 -25.89 89.38 1.76
N PRO RB 82 -25.78 90.70 1.60
CA PRO RB 82 -24.86 91.51 2.40
C PRO RB 82 -25.04 91.41 3.90
N MET RB 83 -24.01 90.97 4.66
CA MET RB 83 -24.02 90.99 6.10
C MET RB 83 -24.03 92.39 6.70
N VAL RB 84 -24.66 92.57 7.87
CA VAL RB 84 -24.72 93.85 8.54
C VAL RB 84 -23.98 93.79 9.85
N VAL RB 85 -23.09 94.77 10.12
CA VAL RB 85 -22.35 94.84 11.36
C VAL RB 85 -23.19 95.58 12.40
N VAL RB 86 -23.28 95.01 13.60
CA VAL RB 86 -24.16 95.50 14.65
C VAL RB 86 -23.40 95.70 15.94
N GLY RB 87 -22.24 95.04 16.13
CA GLY RB 87 -21.50 95.17 17.36
C GLY RB 87 -20.01 95.15 17.17
N ILE RB 88 -19.28 95.66 18.16
CA ILE RB 88 -17.84 95.69 18.22
C ILE RB 88 -17.42 94.86 19.42
N VAL RB 89 -16.43 93.95 19.26
CA VAL RB 89 -15.90 93.14 20.34
C VAL RB 89 -14.45 93.50 20.56
N GLY RB 90 -14.07 93.67 21.84
CA GLY RB 90 -12.70 93.97 22.22
C GLY RB 90 -12.16 92.85 23.07
N TYR RB 91 -11.12 92.18 22.55
CA TYR RB 91 -10.50 91.04 23.18
C TYR RB 91 -9.12 91.43 23.66
N ARG RB 92 -8.66 90.85 24.77
CA ARG RB 92 -7.36 91.12 25.31
C ARG RB 92 -6.65 89.82 25.60
N GLU RB 93 -5.34 89.81 25.31
CA GLU RB 93 -4.43 88.70 25.49
C GLU RB 93 -4.08 88.45 26.94
N THR RB 94 -4.28 87.21 27.41
CA THR RB 94 -3.99 86.81 28.78
C THR RB 94 -3.23 85.50 28.68
N PRO RB 95 -2.48 85.03 29.67
CA PRO RB 95 -1.82 83.73 29.60
C PRO RB 95 -2.82 82.59 29.64
N LYS RB 96 -4.11 82.90 29.85
CA LYS RB 96 -5.20 81.98 29.79
C LYS RB 96 -5.94 82.10 28.46
N GLY RB 97 -5.35 82.83 27.48
CA GLY RB 97 -5.96 83.04 26.16
C GLY RB 97 -6.58 84.39 25.97
N LEU RB 98 -7.25 84.59 24.82
CA LEU RB 98 -7.99 85.79 24.54
C LEU RB 98 -9.26 85.90 25.37
N ARG RB 99 -9.47 87.06 26.03
CA ARG RB 99 -10.63 87.30 26.86
C ARG RB 99 -11.32 88.58 26.44
N ILE RB 100 -12.66 88.56 26.33
CA ILE RB 100 -13.43 89.73 25.99
C ILE RB 100 -13.42 90.71 27.15
N LEU RB 101 -13.18 92.00 26.86
CA LEU RB 101 -13.31 93.06 27.83
C LEU RB 101 -14.75 93.52 27.88
N SER RB 102 -15.26 93.97 26.73
CA SER RB 102 -16.60 94.47 26.58
C SER RB 102 -16.99 94.40 25.13
N THR RB 103 -18.28 94.63 24.85
CA THR RB 103 -18.80 94.76 23.50
C THR RB 103 -19.58 96.06 23.42
N VAL RB 104 -19.48 96.73 22.27
CA VAL RB 104 -20.16 97.99 22.01
C VAL RB 104 -21.15 97.71 20.90
N TRP RB 105 -22.40 98.17 21.05
CA TRP RB 105 -23.44 97.93 20.08
C TRP RB 105 -23.76 99.16 19.28
N ALA RB 106 -24.29 98.96 18.06
CA ALA RB 106 -25.01 99.94 17.27
C ALA RB 106 -26.17 100.66 17.97
N ASN RB 107 -26.72 101.71 17.31
CA ASN RB 107 -27.74 102.55 17.91
C ASN RB 107 -29.15 102.10 17.54
N HIS RB 108 -29.27 101.04 16.74
CA HIS RB 108 -30.50 100.30 16.53
C HIS RB 108 -30.11 98.95 15.97
N VAL RB 109 -31.01 97.96 16.03
CA VAL RB 109 -30.74 96.60 15.56
C VAL RB 109 -31.91 96.09 14.76
N SER RB 110 -31.73 95.00 13.98
CA SER RB 110 -32.79 94.42 13.19
C SER RB 110 -33.72 93.54 14.00
N ASP RB 111 -34.98 93.40 13.56
CA ASP RB 111 -35.90 92.39 14.04
C ASP RB 111 -35.36 90.98 13.87
N GLU RB 112 -34.74 90.69 12.72
CA GLU RB 112 -34.11 89.44 12.37
C GLU RB 112 -32.97 89.05 13.32
N PHE RB 113 -32.17 90.03 13.77
CA PHE RB 113 -31.22 89.90 14.86
C PHE RB 113 -31.92 89.48 16.15
N ARG RB 114 -32.97 90.21 16.58
CA ARG RB 114 -33.71 89.89 17.78
C ARG RB 114 -34.40 88.51 17.76
N ARG RB 115 -34.95 88.09 16.60
CA ARG RB 115 -35.51 86.77 16.36
C ARG RB 115 -34.60 85.60 16.74
N ARG RB 116 -33.26 85.76 16.69
CA ARG RB 116 -32.33 84.69 16.97
C ARG RB 116 -32.30 84.39 18.47
N TYR RB 117 -32.49 85.42 19.32
CA TYR RB 117 -32.55 85.25 20.75
C TYR RB 117 -33.88 84.63 21.20
N TYR RB 118 -35.02 85.05 20.62
CA TYR RB 118 -36.32 84.51 20.94
C TYR RB 118 -36.58 83.10 20.41
N LYS RB 119 -36.96 82.16 21.30
CA LYS RB 119 -37.38 80.83 20.88
C LYS RB 119 -38.83 80.82 20.45
N ASN RB 120 -39.62 81.81 20.91
CA ASN RB 120 -41.05 81.90 20.65
C ASN RB 120 -41.40 83.32 20.28
N TRP RB 121 -40.80 83.86 19.20
CA TRP RB 121 -41.03 85.20 18.68
C TRP RB 121 -42.51 85.54 18.51
N TYR RB 122 -43.26 84.61 17.90
CA TYR RB 122 -44.69 84.68 17.73
C TYR RB 122 -45.47 84.87 19.04
N LYS RB 123 -45.15 84.10 20.09
CA LYS RB 123 -45.80 84.18 21.38
C LYS RB 123 -44.85 84.77 22.41
N SER RB 124 -44.55 86.07 22.26
CA SER RB 124 -43.74 86.82 23.20
C SER RB 124 -44.09 88.29 23.08
N GLU RB 125 -43.57 89.12 24.00
CA GLU RB 125 -43.82 90.55 24.04
C GLU RB 125 -42.56 91.31 23.65
N LYS RB 126 -41.50 90.58 23.24
CA LYS RB 126 -40.37 91.10 22.50
C LYS RB 126 -39.61 92.23 23.16
N LYS RB 127 -39.19 92.03 24.41
CA LYS RB 127 -38.68 93.07 25.25
C LYS RB 127 -37.16 93.18 25.22
N ALA RB 128 -36.47 92.30 24.49
CA ALA RB 128 -35.02 92.32 24.35
C ALA RB 128 -34.44 93.60 23.74
N PHE RB 129 -33.30 94.09 24.26
CA PHE RB 129 -32.67 95.33 23.81
C PHE RB 129 -33.55 96.56 23.93
N THR RB 130 -34.08 96.83 25.15
CA THR RB 130 -35.02 97.93 25.38
C THR RB 130 -34.62 98.79 26.56
N LYS RB 131 -33.94 98.23 27.58
CA LYS RB 131 -33.20 99.03 28.54
C LYS RB 131 -31.92 99.47 27.88
N SER RB 132 -31.36 98.55 27.07
CA SER RB 132 -30.15 98.74 26.29
C SER RB 132 -30.51 99.33 24.93
N LEU RB 133 -31.70 99.96 24.83
CA LEU RB 133 -32.12 100.77 23.70
C LEU RB 133 -31.17 101.94 23.48
N ASN RB 134 -30.80 102.64 24.57
CA ASN RB 134 -29.82 103.69 24.46
C ASN RB 134 -29.19 103.95 25.83
N VAL RB 135 -27.97 104.51 25.80
CA VAL RB 135 -27.22 104.98 26.95
C VAL RB 135 -26.59 106.28 26.46
N PRO RB 136 -26.06 107.16 27.29
CA PRO RB 136 -25.22 108.29 26.86
C PRO RB 136 -24.16 107.98 25.83
N GLU RB 137 -23.91 108.91 24.88
CA GLU RB 137 -22.88 108.72 23.86
C GLU RB 137 -21.50 108.76 24.48
N ALA RB 138 -21.38 109.47 25.61
CA ALA RB 138 -20.20 109.48 26.47
C ALA RB 138 -19.83 108.09 26.95
N THR RB 139 -20.83 107.28 27.35
CA THR RB 139 -20.61 105.90 27.80
C THR RB 139 -20.02 105.06 26.70
N LYS RB 140 -20.58 105.18 25.49
CA LYS RB 140 -20.11 104.51 24.30
C LYS RB 140 -18.67 104.87 23.96
N ASN RB 141 -18.37 106.17 23.98
CA ASN RB 141 -17.04 106.71 23.72
C ASN RB 141 -16.00 106.21 24.71
N CYS RB 142 -16.33 106.22 26.02
CA CYS RB 142 -15.50 105.67 27.07
C CYS RB 142 -15.18 104.20 26.86
N LEU RB 143 -16.19 103.39 26.48
CA LEU RB 143 -15.96 101.99 26.17
C LEU RB 143 -15.06 101.80 24.98
N LEU RB 144 -15.27 102.56 23.88
CA LEU RB 144 -14.37 102.55 22.74
C LEU RB 144 -12.93 102.93 23.07
N LYS RB 145 -12.73 104.04 23.82
CA LYS RB 145 -11.44 104.44 24.34
C LYS RB 145 -10.75 103.39 25.19
N ARG RB 146 -11.52 102.76 26.11
CA ARG RB 146 -11.11 101.67 26.95
C ARG RB 146 -10.63 100.47 26.14
N ILE RB 147 -11.40 100.07 25.11
CA ILE RB 147 -11.04 98.98 24.24
C ILE RB 147 -9.78 99.28 23.46
N GLU RB 148 -9.64 100.47 22.85
CA GLU RB 148 -8.39 100.84 22.19
C GLU RB 148 -7.16 100.74 23.08
N LYS RB 149 -7.26 101.28 24.31
CA LYS RB 149 -6.21 101.30 25.28
C LYS RB 149 -5.70 99.93 25.72
N TYR RB 150 -6.62 98.98 25.94
CA TYR RB 150 -6.30 97.72 26.61
C TYR RB 150 -6.43 96.50 25.74
N CYS RB 151 -7.38 96.45 24.81
CA CYS RB 151 -7.57 95.32 23.92
C CYS RB 151 -6.53 95.24 22.83
N THR RB 152 -6.21 94.01 22.39
CA THR RB 152 -5.17 93.78 21.39
C THR RB 152 -5.70 93.00 20.21
N VAL RB 153 -6.99 92.64 20.20
CA VAL RB 153 -7.64 91.98 19.09
C VAL RB 153 -9.01 92.57 18.96
N LEU RB 154 -9.41 92.91 17.72
CA LEU RB 154 -10.71 93.47 17.44
C LEU RB 154 -11.49 92.52 16.56
N ARG RB 155 -12.72 92.22 16.98
CA ARG RB 155 -13.70 91.53 16.17
C ARG RB 155 -14.94 92.37 16.01
N ALA RB 156 -15.63 92.26 14.87
CA ALA RB 156 -16.90 92.89 14.67
C ALA RB 156 -18.00 91.85 14.72
N ILE RB 157 -19.09 92.16 15.45
CA ILE RB 157 -20.28 91.35 15.52
C ILE RB 157 -21.14 91.73 14.33
N CYS RB 158 -21.27 90.79 13.41
CA CYS RB 158 -21.96 90.90 12.15
C CYS RB 158 -23.17 89.98 12.13
N HIS RB 159 -24.16 90.20 11.26
CA HIS RB 159 -25.23 89.23 11.11
C HIS RB 159 -25.75 89.13 9.70
N THR RB 160 -26.27 87.92 9.37
CA THR RB 160 -26.90 87.61 8.09
C THR RB 160 -28.24 88.26 7.95
N GLN RB 161 -28.65 88.50 6.69
CA GLN RB 161 -29.95 89.07 6.37
C GLN RB 161 -30.84 88.04 5.67
N PRO RB 162 -31.41 87.06 6.36
CA PRO RB 162 -32.18 85.98 5.76
C PRO RB 162 -33.47 86.49 5.12
N SER RB 163 -33.92 87.71 5.45
CA SER RB 163 -35.09 88.32 4.84
C SER RB 163 -34.94 88.58 3.36
N LYS RB 164 -33.70 88.68 2.87
CA LYS RB 164 -33.38 88.74 1.46
C LYS RB 164 -33.24 87.35 0.81
N THR RB 165 -33.91 86.31 1.33
CA THR RB 165 -33.71 84.93 0.87
C THR RB 165 -35.07 84.22 0.75
N PRO RB 166 -35.19 83.09 0.04
CA PRO RB 166 -36.46 82.36 -0.04
C PRO RB 166 -36.63 81.36 1.09
N LEU RB 167 -35.60 81.11 1.92
CA LEU RB 167 -35.59 80.10 2.96
C LEU RB 167 -36.67 80.24 4.04
N ARG RB 168 -37.08 79.10 4.62
CA ARG RB 168 -38.11 79.04 5.66
C ARG RB 168 -37.75 79.83 6.92
N MET RB 169 -36.48 79.72 7.37
CA MET RB 169 -35.95 80.45 8.51
C MET RB 169 -35.97 81.98 8.36
N LYS RB 170 -36.34 82.69 9.45
CA LYS RB 170 -36.36 84.13 9.52
C LYS RB 170 -35.39 84.66 10.57
N LYS RB 171 -34.88 83.80 11.48
CA LYS RB 171 -33.76 84.08 12.36
C LYS RB 171 -32.44 84.37 11.64
N ALA RB 172 -31.80 85.52 11.93
CA ALA RB 172 -30.44 85.81 11.48
C ALA RB 172 -29.39 84.90 12.11
N HIS RB 173 -28.28 84.65 11.40
CA HIS RB 173 -27.10 84.08 12.03
C HIS RB 173 -26.21 85.23 12.45
N ILE RB 174 -25.78 85.27 13.72
CA ILE RB 174 -25.01 86.38 14.25
C ILE RB 174 -23.61 85.84 14.47
N MET RB 175 -22.56 86.66 14.26
CA MET RB 175 -21.27 86.11 14.03
C MET RB 175 -20.18 87.11 14.32
N GLU RB 176 -19.05 86.66 14.89
CA GLU RB 176 -17.90 87.51 15.04
C GLU RB 176 -17.00 87.40 13.80
N VAL RB 177 -16.43 88.53 13.37
CA VAL RB 177 -15.48 88.61 12.27
C VAL RB 177 -14.25 89.34 12.75
N GLN RB 178 -13.07 88.71 12.86
CA GLN RB 178 -11.86 89.45 13.18
C GLN RB 178 -11.47 90.46 12.11
N ILE RB 179 -10.95 91.62 12.53
CA ILE RB 179 -10.44 92.65 11.63
C ILE RB 179 -8.93 92.61 11.75
N ASN RB 180 -8.24 92.46 10.61
CA ASN RB 180 -6.82 92.27 10.51
C ASN RB 180 -6.25 93.41 9.68
N GLY RB 181 -5.09 93.96 10.09
CA GLY RB 181 -4.44 95.08 9.41
C GLY RB 181 -3.63 95.91 10.38
N GLY RB 182 -3.82 97.25 10.34
CA GLY RB 182 -3.05 98.24 11.08
C GLY RB 182 -3.20 98.30 12.58
N SER RB 183 -3.00 99.50 13.16
CA SER RB 183 -3.15 99.75 14.59
C SER RB 183 -4.57 99.55 15.08
N MET RB 184 -4.75 99.19 16.37
CA MET RB 184 -6.04 99.09 17.02
C MET RB 184 -6.87 100.35 16.86
N LYS RB 185 -6.27 101.54 17.00
CA LYS RB 185 -6.96 102.78 16.69
C LYS RB 185 -7.44 102.87 15.25
N GLU RB 186 -6.60 102.55 14.25
CA GLU RB 186 -6.99 102.58 12.86
C GLU RB 186 -8.10 101.60 12.53
N LYS RB 187 -8.00 100.38 13.09
CA LYS RB 187 -9.04 99.38 13.07
C LYS RB 187 -10.34 99.84 13.67
N LEU RB 188 -10.29 100.47 14.85
CA LEU RB 188 -11.45 100.97 15.54
C LEU RB 188 -12.19 102.03 14.74
N GLU RB 189 -11.45 102.98 14.14
CA GLU RB 189 -11.98 103.95 13.20
C GLU RB 189 -12.65 103.28 12.01
N PHE RB 190 -12.01 102.24 11.45
CA PHE RB 190 -12.55 101.48 10.35
C PHE RB 190 -13.87 100.79 10.74
N VAL RB 191 -13.93 100.03 11.83
CA VAL RB 191 -15.18 99.38 12.23
C VAL RB 191 -16.31 100.35 12.56
N LYS RB 192 -16.01 101.47 13.26
CA LYS RB 192 -17.00 102.47 13.60
C LYS RB 192 -17.61 103.11 12.37
N GLU RB 193 -16.78 103.55 11.41
CA GLU RB 193 -17.27 104.09 10.16
C GLU RB 193 -18.10 103.09 9.36
N MET RB 194 -17.63 101.84 9.22
CA MET RB 194 -18.39 100.80 8.56
C MET RB 194 -19.71 100.44 9.22
N LEU RB 195 -19.74 100.31 10.57
CA LEU RB 195 -20.80 99.74 11.40
C LEU RB 195 -22.15 99.43 10.75
N GLU RB 196 -23.09 100.37 10.75
CA GLU RB 196 -24.47 100.18 10.35
C GLU RB 196 -24.70 99.81 8.90
N LYS RB 197 -23.68 99.92 8.03
CA LYS RB 197 -23.76 99.57 6.64
C LYS RB 197 -23.92 98.07 6.37
N ASN RB 198 -24.17 97.75 5.09
CA ASN RB 198 -24.36 96.41 4.60
C ASN RB 198 -23.11 96.08 3.79
N LEU RB 199 -22.55 94.87 3.94
CA LEU RB 199 -21.31 94.50 3.29
C LEU RB 199 -21.55 93.46 2.19
N PRO RB 200 -21.56 93.82 0.91
CA PRO RB 200 -21.45 92.87 -0.18
C PRO RB 200 -20.18 92.07 -0.13
N VAL RB 201 -20.16 90.85 -0.72
CA VAL RB 201 -18.95 90.05 -0.81
C VAL RB 201 -17.86 90.75 -1.59
N SER RB 202 -18.23 91.54 -2.62
CA SER RB 202 -17.31 92.40 -3.34
C SER RB 202 -16.63 93.45 -2.48
N THR RB 203 -17.24 93.83 -1.34
CA THR RB 203 -16.58 94.71 -0.38
C THR RB 203 -15.56 94.00 0.48
N VAL RB 204 -15.58 92.65 0.50
CA VAL RB 204 -14.76 91.87 1.40
C VAL RB 204 -13.70 91.12 0.60
N PHE RB 205 -14.03 90.71 -0.61
CA PHE RB 205 -13.24 89.80 -1.41
C PHE RB 205 -13.03 90.36 -2.79
N ASN RB 206 -12.05 89.80 -3.50
CA ASN RB 206 -11.74 90.12 -4.87
C ASN RB 206 -11.89 88.84 -5.69
N PRO RB 207 -12.36 88.85 -6.95
CA PRO RB 207 -12.33 87.65 -7.78
C PRO RB 207 -10.92 87.16 -7.97
N ASN RB 208 -10.76 85.86 -8.23
CA ASN RB 208 -9.50 85.15 -8.36
C ASN RB 208 -8.84 84.79 -7.03
N GLU RB 209 -9.32 85.32 -5.88
CA GLU RB 209 -8.79 84.94 -4.58
C GLU RB 209 -9.00 83.48 -4.22
N MET RB 210 -8.06 82.92 -3.44
CA MET RB 210 -8.14 81.59 -2.89
C MET RB 210 -8.75 81.67 -1.51
N ILE RB 211 -9.75 80.84 -1.19
CA ILE RB 211 -10.55 81.07 -0.01
C ILE RB 211 -10.71 79.79 0.77
N ASP RB 212 -10.85 79.91 2.09
CA ASP RB 212 -10.93 78.79 2.98
C ASP RB 212 -12.40 78.65 3.36
N VAL RB 213 -12.93 77.42 3.38
CA VAL RB 213 -14.35 77.19 3.44
C VAL RB 213 -14.67 76.33 4.65
N ILE RB 214 -15.54 76.86 5.50
CA ILE RB 214 -15.86 76.36 6.81
C ILE RB 214 -17.33 76.01 6.85
N SER RB 215 -17.66 74.72 7.03
CA SER RB 215 -19.04 74.25 6.99
C SER RB 215 -19.20 72.93 7.73
N VAL RB 216 -20.43 72.65 8.19
CA VAL RB 216 -20.90 71.36 8.66
C VAL RB 216 -21.35 70.45 7.51
N THR RB 217 -20.89 69.20 7.43
CA THR RB 217 -21.26 68.25 6.36
C THR RB 217 -22.70 67.77 6.33
N LYS RB 218 -23.12 67.24 5.17
CA LYS RB 218 -24.40 66.58 4.99
C LYS RB 218 -24.59 65.36 5.89
N GLY RB 219 -25.73 65.28 6.61
CA GLY RB 219 -26.07 64.18 7.51
C GLY RB 219 -26.38 62.84 6.87
N HIS RB 220 -26.51 61.80 7.71
CA HIS RB 220 -26.78 60.42 7.32
C HIS RB 220 -27.23 59.56 8.50
N GLY RB 221 -27.27 60.11 9.72
CA GLY RB 221 -27.52 59.43 10.99
C GLY RB 221 -26.44 58.49 11.43
N THR RB 222 -26.80 57.46 12.20
CA THR RB 222 -25.89 56.42 12.65
C THR RB 222 -25.74 55.31 11.61
N LYS RB 223 -24.50 55.05 11.18
CA LYS RB 223 -24.16 54.11 10.13
C LYS RB 223 -23.20 53.02 10.58
N GLY RB 224 -23.20 51.88 9.86
CA GLY RB 224 -22.26 50.77 10.05
C GLY RB 224 -20.83 51.05 9.68
N VAL RB 225 -19.92 50.18 10.14
CA VAL RB 225 -18.48 50.35 9.95
C VAL RB 225 -18.02 50.39 8.50
N VAL RB 226 -18.56 49.53 7.64
CA VAL RB 226 -18.33 49.54 6.20
C VAL RB 226 -18.56 50.91 5.59
N SER RB 227 -19.74 51.49 5.82
CA SER RB 227 -20.06 52.83 5.40
C SER RB 227 -19.21 53.91 6.03
N ARG RB 228 -19.06 53.87 7.37
CA ARG RB 228 -18.33 54.86 8.14
C ARG RB 228 -16.83 54.88 7.89
N TYR RB 229 -16.21 53.72 7.62
CA TYR RB 229 -14.76 53.58 7.60
C TYR RB 229 -14.21 52.80 6.43
N GLY RB 230 -15.03 52.13 5.60
CA GLY RB 230 -14.54 51.63 4.32
C GLY RB 230 -13.71 50.37 4.35
N VAL RB 231 -13.72 49.62 5.47
CA VAL RB 231 -13.08 48.32 5.60
C VAL RB 231 -13.44 47.31 4.50
N LYS RB 232 -12.57 46.32 4.22
CA LYS RB 232 -12.86 45.29 3.24
C LYS RB 232 -14.03 44.40 3.69
N ARG RB 233 -15.07 44.21 2.86
CA ARG RB 233 -16.28 43.50 3.28
C ARG RB 233 -16.10 42.04 3.69
N LEU RB 234 -16.98 41.51 4.56
CA LEU RB 234 -16.90 40.14 5.00
C LEU RB 234 -17.00 39.10 3.87
N PRO RB 235 -16.34 37.95 3.97
CA PRO RB 235 -16.53 36.80 3.09
C PRO RB 235 -17.96 36.37 2.81
N ARG RB 236 -18.14 35.62 1.71
CA ARG RB 236 -19.40 35.05 1.29
C ARG RB 236 -19.97 34.10 2.32
N LYS RB 237 -19.10 33.30 2.95
CA LYS RB 237 -19.43 32.46 4.07
C LYS RB 237 -19.24 33.19 5.39
N THR RB 238 -20.30 33.29 6.22
CA THR RB 238 -20.24 33.84 7.57
C THR RB 238 -21.28 33.15 8.43
N HIS RB 239 -21.05 33.07 9.76
CA HIS RB 239 -22.09 32.68 10.70
C HIS RB 239 -23.19 33.73 10.76
N ARG RB 240 -22.78 35.01 10.77
CA ARG RB 240 -23.69 36.11 10.90
C ARG RB 240 -23.17 37.30 10.08
N GLY RB 241 -24.08 37.96 9.33
CA GLY RB 241 -23.87 39.22 8.63
C GLY RB 241 -22.80 39.31 7.57
N LEU RB 242 -22.69 40.51 6.99
CA LEU RB 242 -21.74 40.80 5.95
C LEU RB 242 -21.26 42.23 6.02
N ARG RB 243 -22.02 43.10 6.72
CA ARG RB 243 -21.60 44.43 7.09
C ARG RB 243 -21.24 44.42 8.58
N LYS RB 244 -21.39 43.25 9.20
CA LYS RB 244 -20.92 42.92 10.54
C LYS RB 244 -19.40 43.09 10.69
N VAL RB 245 -18.96 43.52 11.89
CA VAL RB 245 -17.60 43.94 12.17
C VAL RB 245 -16.57 42.81 12.10
N ALA RB 246 -15.35 43.16 11.65
CA ALA RB 246 -14.10 42.46 11.89
C ALA RB 246 -13.81 42.08 13.36
N CYS RB 247 -12.66 41.43 13.62
CA CYS RB 247 -12.11 41.34 14.97
C CYS RB 247 -11.79 42.71 15.59
N ILE RB 248 -12.07 42.91 16.89
CA ILE RB 248 -11.70 44.16 17.56
C ILE RB 248 -10.21 44.24 17.85
N GLY RB 249 -9.58 43.13 18.31
CA GLY RB 249 -8.14 43.07 18.44
C GLY RB 249 -7.64 42.29 19.63
N ALA RB 250 -6.39 42.60 20.03
CA ALA RB 250 -5.62 41.94 21.06
C ALA RB 250 -6.26 41.80 22.45
N TRP RB 251 -5.75 40.82 23.24
CA TRP RB 251 -6.11 40.58 24.62
C TRP RB 251 -5.45 41.61 25.52
N HIS RB 252 -4.40 42.28 25.01
CA HIS RB 252 -3.67 43.25 25.76
C HIS RB 252 -3.54 44.52 24.94
N PRO RB 253 -3.95 45.72 25.37
CA PRO RB 253 -4.99 46.04 26.36
C PRO RB 253 -6.16 45.10 26.57
N ALA RB 254 -6.58 44.90 27.84
CA ALA RB 254 -7.73 44.09 28.20
C ALA RB 254 -9.04 44.89 28.13
N ARG RB 255 -9.09 45.76 27.11
CA ARG RB 255 -10.08 46.75 26.85
C ARG RB 255 -10.02 46.94 25.35
N VAL RB 256 -11.08 47.49 24.77
CA VAL RB 256 -11.10 47.90 23.39
C VAL RB 256 -10.13 49.05 23.15
N GLN RB 257 -9.07 48.76 22.39
CA GLN RB 257 -8.13 49.71 21.87
C GLN RB 257 -8.86 50.66 20.90
N PHE RB 258 -8.95 51.96 21.25
CA PHE RB 258 -9.92 52.88 20.70
C PHE RB 258 -9.80 53.14 19.20
N GLN RB 259 -8.65 52.83 18.61
CA GLN RB 259 -8.29 53.02 17.23
C GLN RB 259 -9.05 52.12 16.25
N ILE RB 260 -9.77 51.11 16.75
CA ILE RB 260 -10.67 50.28 15.98
C ILE RB 260 -11.84 51.04 15.32
N PRO RB 261 -12.14 50.87 14.03
CA PRO RB 261 -13.42 51.24 13.42
C PRO RB 261 -14.71 50.76 14.10
N ARG RB 262 -15.78 51.58 14.14
CA ARG RB 262 -16.99 51.28 14.91
C ARG RB 262 -18.23 51.89 14.25
N HIS RB 263 -19.42 51.28 14.44
CA HIS RB 263 -20.70 51.85 14.01
C HIS RB 263 -21.10 53.10 14.80
N GLY RB 264 -21.68 54.11 14.13
CA GLY RB 264 -21.99 55.39 14.79
C GLY RB 264 -22.25 56.45 13.76
N GLN RB 265 -22.46 57.70 14.19
CA GLN RB 265 -22.69 58.85 13.32
C GLN RB 265 -21.74 59.01 12.13
N LYS RB 266 -22.32 59.39 10.98
CA LYS RB 266 -21.62 59.60 9.74
C LYS RB 266 -22.21 60.86 9.12
N GLY RB 267 -21.36 61.87 8.85
CA GLY RB 267 -21.81 63.19 8.43
C GLY RB 267 -22.40 64.04 9.53
N TYR RB 268 -22.66 65.31 9.20
CA TYR RB 268 -22.97 66.40 10.12
C TYR RB 268 -21.77 66.73 11.01
N PHE RB 269 -20.58 66.66 10.39
CA PHE RB 269 -19.31 66.91 11.03
C PHE RB 269 -18.79 68.28 10.64
N HIS RB 270 -18.03 68.96 11.51
CA HIS RB 270 -17.43 70.22 11.11
C HIS RB 270 -16.16 70.03 10.34
N ARG RB 271 -15.94 70.78 9.25
CA ARG RB 271 -14.85 70.49 8.33
C ARG RB 271 -14.35 71.76 7.65
N THR RB 272 -13.02 71.87 7.46
CA THR RB 272 -12.40 72.95 6.71
C THR RB 272 -11.83 72.47 5.38
N GLU RB 273 -12.46 72.90 4.28
CA GLU RB 273 -11.94 72.77 2.93
C GLU RB 273 -11.04 73.98 2.64
N ARG RB 274 -9.86 73.79 2.00
CA ARG RB 274 -8.88 74.85 1.88
C ARG RB 274 -8.66 75.31 0.44
N ASN RB 275 -8.35 76.61 0.24
CA ASN RB 275 -7.81 77.14 -1.01
C ASN RB 275 -8.70 77.04 -2.24
N LYS RB 276 -9.98 77.41 -2.14
CA LYS RB 276 -10.91 77.36 -3.25
C LYS RB 276 -10.88 78.68 -4.03
N LYS RB 277 -10.65 78.64 -5.35
CA LYS RB 277 -10.54 79.89 -6.09
C LYS RB 277 -11.90 80.49 -6.43
N ILE RB 278 -12.04 81.81 -6.23
CA ILE RB 278 -13.21 82.59 -6.65
C ILE RB 278 -13.17 82.84 -8.15
N TYR RB 279 -14.11 82.25 -8.92
CA TYR RB 279 -14.14 82.39 -10.36
C TYR RB 279 -14.92 83.62 -10.82
N ARG RB 280 -15.94 84.05 -10.05
CA ARG RB 280 -16.64 85.29 -10.31
C ARG RB 280 -17.35 85.74 -9.05
N ILE RB 281 -17.38 87.07 -8.81
CA ILE RB 281 -18.24 87.66 -7.81
C ILE RB 281 -19.33 88.36 -8.58
N GLY RB 282 -20.55 87.82 -8.50
CA GLY RB 282 -21.69 88.28 -9.25
C GLY RB 282 -22.39 89.47 -8.67
N LEU RB 283 -23.16 90.16 -9.52
CA LEU RB 283 -23.84 91.38 -9.19
C LEU RB 283 -25.34 91.20 -9.29
N LYS RB 284 -26.06 91.58 -8.23
CA LYS RB 284 -27.51 91.54 -8.09
C LYS RB 284 -28.27 92.21 -9.22
N THR RB 285 -27.81 93.39 -9.66
CA THR RB 285 -28.51 94.20 -10.64
C THR RB 285 -28.07 93.93 -12.05
N ASP RB 286 -27.15 92.96 -12.27
CA ASP RB 286 -26.73 92.58 -13.59
C ASP RB 286 -27.68 91.52 -14.18
N LYS RB 287 -28.22 91.78 -15.38
CA LYS RB 287 -29.06 90.84 -16.09
C LYS RB 287 -28.23 89.99 -17.03
N ASN RB 288 -26.92 90.21 -17.08
CA ASN RB 288 -25.98 89.54 -17.95
C ASN RB 288 -25.06 88.67 -17.10
N SER RB 289 -25.50 88.32 -15.88
CA SER RB 289 -24.65 87.80 -14.83
C SER RB 289 -24.10 86.41 -15.07
N ALA RB 290 -24.69 85.63 -16.00
CA ALA RB 290 -24.11 84.38 -16.43
C ALA RB 290 -23.23 84.51 -17.67
N SER RB 291 -23.19 85.68 -18.33
CA SER RB 291 -22.56 85.78 -19.64
C SER RB 291 -21.07 86.02 -19.58
N THR RB 292 -20.39 85.86 -20.72
CA THR RB 292 -18.95 85.81 -20.86
C THR RB 292 -18.57 86.61 -22.08
N ASP RB 293 -17.26 86.87 -22.28
CA ASP RB 293 -16.73 87.54 -23.45
C ASP RB 293 -17.05 86.80 -24.74
N ALA RB 294 -16.99 85.45 -24.72
CA ALA RB 294 -17.43 84.64 -25.82
C ALA RB 294 -18.94 84.69 -26.07
N ASP RB 295 -19.76 84.59 -25.01
CA ASP RB 295 -21.21 84.56 -25.14
C ASP RB 295 -21.87 85.92 -25.47
N ILE RB 296 -21.49 86.99 -24.75
CA ILE RB 296 -22.08 88.33 -24.78
C ILE RB 296 -23.59 88.41 -25.07
N THR RB 297 -24.39 87.78 -24.20
CA THR RB 297 -25.83 87.59 -24.42
C THR RB 297 -26.53 87.74 -23.10
N GLU RB 298 -27.62 88.55 -23.04
CA GLU RB 298 -28.36 88.77 -21.81
C GLU RB 298 -28.93 87.48 -21.22
N LYS RB 299 -28.71 87.26 -19.91
CA LYS RB 299 -28.69 85.94 -19.33
C LYS RB 299 -28.24 86.01 -17.88
N LYS RB 300 -29.18 85.77 -16.95
CA LYS RB 300 -28.89 85.76 -15.53
C LYS RB 300 -28.30 84.44 -15.05
N ILE RB 301 -27.58 84.46 -13.92
CA ILE RB 301 -26.92 83.29 -13.34
C ILE RB 301 -27.83 82.11 -13.03
N THR RB 302 -29.05 82.35 -12.51
CA THR RB 302 -30.10 81.38 -12.22
C THR RB 302 -30.24 80.26 -13.26
N PRO RB 303 -30.15 78.97 -12.94
CA PRO RB 303 -30.38 77.88 -13.88
C PRO RB 303 -31.75 77.88 -14.49
N MET RB 304 -31.96 77.13 -15.58
CA MET RB 304 -33.27 76.78 -16.08
C MET RB 304 -34.07 76.03 -15.01
N GLY RB 305 -35.20 76.62 -14.56
CA GLY RB 305 -35.94 76.11 -13.40
C GLY RB 305 -35.32 76.46 -12.06
N GLY RB 306 -34.23 77.25 -12.05
CA GLY RB 306 -33.44 77.62 -10.89
C GLY RB 306 -32.68 76.49 -10.24
N PHE RB 307 -31.98 76.81 -9.13
CA PHE RB 307 -31.29 75.82 -8.33
C PHE RB 307 -32.23 74.84 -7.62
N PRO RB 308 -31.95 73.53 -7.55
CA PRO RB 308 -32.75 72.58 -6.80
C PRO RB 308 -32.96 72.98 -5.35
N HIS RB 309 -34.22 73.12 -4.92
CA HIS RB 309 -34.59 73.53 -3.59
C HIS RB 309 -34.19 74.94 -3.20
N TYR RB 310 -33.90 75.82 -4.17
CA TYR RB 310 -33.59 77.21 -3.88
C TYR RB 310 -34.10 78.15 -4.95
N GLY RB 311 -34.27 77.67 -6.20
CA GLY RB 311 -34.79 78.47 -7.29
C GLY RB 311 -33.91 79.61 -7.73
N VAL RB 312 -34.52 80.79 -7.86
CA VAL RB 312 -33.90 82.01 -8.30
C VAL RB 312 -32.76 82.56 -7.44
N VAL RB 313 -31.76 83.14 -8.11
CA VAL RB 313 -30.79 84.02 -7.49
C VAL RB 313 -31.30 85.44 -7.64
N ASN RB 314 -31.37 86.20 -6.54
CA ASN RB 314 -31.93 87.53 -6.52
C ASN RB 314 -31.03 88.52 -5.82
N GLU RB 315 -29.96 88.04 -5.16
CA GLU RB 315 -28.94 88.88 -4.55
C GLU RB 315 -27.61 88.64 -5.24
N ASP RB 316 -26.56 89.34 -4.79
CA ASP RB 316 -25.19 89.08 -5.13
C ASP RB 316 -24.76 87.63 -4.83
N PHE RB 317 -23.74 87.12 -5.54
CA PHE RB 317 -23.40 85.72 -5.44
C PHE RB 317 -21.94 85.48 -5.70
N LEU RB 318 -21.40 84.41 -5.11
CA LEU RB 318 -20.05 83.98 -5.33
C LEU RB 318 -20.05 82.72 -6.17
N LEU RB 319 -19.32 82.76 -7.31
CA LEU RB 319 -19.04 81.59 -8.12
C LEU RB 319 -17.68 81.03 -7.73
N LEU RB 320 -17.69 79.88 -7.05
CA LEU RB 320 -16.52 79.29 -6.46
C LEU RB 320 -16.09 78.05 -7.22
N LYS RB 321 -14.78 77.88 -7.44
CA LYS RB 321 -14.24 76.65 -7.98
C LYS RB 321 -14.49 75.46 -7.07
N GLY RB 322 -14.92 74.32 -7.65
CA GLY RB 322 -15.02 73.05 -6.93
C GLY RB 322 -15.98 72.93 -5.77
N CYS RB 323 -15.88 71.76 -5.11
CA CYS RB 323 -16.78 71.26 -4.07
C CYS RB 323 -16.82 72.05 -2.77
N VAL RB 324 -17.99 72.04 -2.10
CA VAL RB 324 -18.22 72.71 -0.84
C VAL RB 324 -19.00 71.80 0.09
N ALA RB 325 -18.52 71.61 1.34
CA ALA RB 325 -19.16 70.84 2.39
C ALA RB 325 -20.56 71.28 2.80
N GLY RB 326 -21.46 70.30 3.07
CA GLY RB 326 -22.82 70.57 3.51
C GLY RB 326 -23.86 70.50 2.41
N THR RB 327 -25.14 70.41 2.83
CA THR RB 327 -26.31 70.49 1.97
C THR RB 327 -26.45 71.79 1.21
N LYS RB 328 -27.13 71.72 0.05
CA LYS RB 328 -27.71 72.90 -0.55
C LYS RB 328 -28.73 73.53 0.40
N LYS RB 329 -28.78 74.88 0.40
CA LYS RB 329 -29.49 75.76 1.31
C LYS RB 329 -28.66 76.07 2.55
N ARG RB 330 -27.56 75.36 2.82
CA ARG RB 330 -26.83 75.53 4.06
C ARG RB 330 -26.04 76.85 4.12
N PRO RB 331 -26.00 77.63 5.20
CA PRO RB 331 -24.96 78.63 5.36
C PRO RB 331 -23.55 78.03 5.28
N ILE RB 332 -22.62 78.78 4.66
CA ILE RB 332 -21.26 78.40 4.38
C ILE RB 332 -20.40 79.58 4.79
N THR RB 333 -19.28 79.34 5.46
CA THR RB 333 -18.44 80.41 5.96
C THR RB 333 -17.21 80.50 5.10
N LEU RB 334 -16.96 81.67 4.53
CA LEU RB 334 -15.76 81.96 3.79
C LEU RB 334 -14.78 82.64 4.73
N ARG RB 335 -13.51 82.21 4.76
CA ARG RB 335 -12.46 82.92 5.45
C ARG RB 335 -11.30 83.15 4.50
N LYS RB 336 -10.64 84.30 4.61
CA LYS RB 336 -9.34 84.52 4.03
C LYS RB 336 -8.29 83.56 4.56
N ASN RB 337 -7.28 83.22 3.73
CA ASN RB 337 -6.22 82.35 4.17
C ASN RB 337 -5.42 82.95 5.31
N ILE RB 338 -5.01 82.15 6.33
CA ILE RB 338 -4.32 82.68 7.50
C ILE RB 338 -2.98 83.34 7.18
N VAL RB 339 -2.25 82.79 6.19
CA VAL RB 339 -1.16 83.44 5.49
C VAL RB 339 -1.57 83.43 4.03
N PRO RB 340 -1.57 84.53 3.27
CA PRO RB 340 -2.02 84.56 1.88
C PRO RB 340 -1.30 83.56 0.99
N GLN RB 341 -2.05 82.74 0.23
CA GLN RB 341 -1.48 81.77 -0.69
C GLN RB 341 -0.64 82.40 -1.79
N VAL RB 342 0.54 81.82 -2.06
CA VAL RB 342 1.43 82.23 -3.12
C VAL RB 342 1.66 81.03 -4.01
N SER RB 343 1.10 81.06 -5.22
CA SER RB 343 1.27 80.00 -6.18
C SER RB 343 0.90 80.55 -7.53
N ARG RB 344 1.26 79.83 -8.60
CA ARG RB 344 0.83 80.08 -9.97
C ARG RB 344 -0.68 80.24 -10.06
N ASP RB 345 -1.41 79.22 -9.60
CA ASP RB 345 -2.85 79.17 -9.52
C ASP RB 345 -3.44 80.29 -8.66
N ALA RB 346 -2.82 80.66 -7.53
CA ALA RB 346 -3.25 81.76 -6.71
C ALA RB 346 -3.15 83.09 -7.45
N LEU RB 347 -1.99 83.35 -8.07
CA LEU RB 347 -1.72 84.55 -8.84
C LEU RB 347 -2.59 84.68 -10.08
N ALA RB 348 -2.84 83.56 -10.78
CA ALA RB 348 -3.60 83.48 -12.01
C ALA RB 348 -4.96 84.17 -12.04
N GLN RB 349 -5.35 84.66 -13.23
CA GLN RB 349 -6.55 85.42 -13.46
C GLN RB 349 -7.45 84.62 -14.41
N VAL RB 350 -8.62 84.16 -13.93
CA VAL RB 350 -9.58 83.35 -14.67
C VAL RB 350 -10.19 84.05 -15.88
N SER RB 351 -10.24 83.36 -17.04
CA SER RB 351 -11.05 83.81 -18.17
C SER RB 351 -12.01 82.71 -18.53
N LEU RB 352 -13.27 82.87 -18.09
CA LEU RB 352 -14.37 82.02 -18.47
C LEU RB 352 -14.73 82.15 -19.95
N LYS RB 353 -15.17 81.03 -20.55
CA LYS RB 353 -15.68 80.97 -21.89
C LYS RB 353 -17.18 80.78 -21.85
N PHE RB 354 -17.70 80.01 -20.87
CA PHE RB 354 -19.11 79.75 -20.73
C PHE RB 354 -19.40 79.46 -19.27
N ILE RB 355 -20.59 79.87 -18.81
CA ILE RB 355 -21.16 79.45 -17.54
C ILE RB 355 -22.46 78.77 -17.90
N ASP RB 356 -22.64 77.49 -17.54
CA ASP RB 356 -23.92 76.85 -17.75
C ASP RB 356 -25.07 77.45 -16.94
N THR RB 357 -26.23 77.57 -17.60
CA THR RB 357 -27.51 77.88 -17.01
C THR RB 357 -28.57 76.89 -17.44
N SER RB 358 -28.21 75.73 -18.02
CA SER RB 358 -29.14 74.64 -18.26
C SER RB 358 -29.87 74.13 -17.02
N SER RB 359 -30.84 73.22 -17.19
CA SER RB 359 -31.53 72.64 -16.03
C SER RB 359 -30.62 71.78 -15.16
N LYS RB 360 -30.94 71.67 -13.87
CA LYS RB 360 -30.31 70.71 -12.98
C LYS RB 360 -31.37 69.77 -12.42
N ILE RB 361 -32.58 69.83 -13.02
CA ILE RB 361 -33.68 68.92 -12.79
C ILE RB 361 -33.98 68.32 -14.15
N GLY RB 362 -33.83 67.00 -14.28
CA GLY RB 362 -33.76 66.34 -15.56
C GLY RB 362 -32.58 66.77 -16.39
N HIS RB 363 -32.63 66.47 -17.69
CA HIS RB 363 -31.56 66.72 -18.62
C HIS RB 363 -31.93 67.88 -19.52
N GLY RB 364 -32.73 68.83 -18.99
CA GLY RB 364 -33.19 70.05 -19.65
C GLY RB 364 -32.08 70.87 -20.24
N ARG RB 365 -31.96 70.81 -21.57
CA ARG RB 365 -30.82 71.28 -22.33
C ARG RB 365 -30.67 72.78 -22.30
N PHE RB 366 -31.81 73.45 -22.48
CA PHE RB 366 -31.96 74.85 -22.75
C PHE RB 366 -31.37 75.74 -21.67
N GLN RB 367 -30.69 76.82 -22.07
CA GLN RB 367 -30.24 77.85 -21.18
C GLN RB 367 -31.40 78.71 -20.71
N THR RB 368 -32.34 79.03 -21.63
CA THR RB 368 -33.46 79.90 -21.34
C THR RB 368 -34.79 79.26 -21.69
N SER RB 369 -35.87 79.71 -21.03
CA SER RB 369 -37.25 79.33 -21.35
C SER RB 369 -37.62 79.73 -22.75
N GLU RB 370 -37.13 80.90 -23.18
CA GLU RB 370 -37.24 81.42 -24.51
C GLU RB 370 -36.67 80.47 -25.56
N GLU RB 371 -35.45 79.94 -25.34
CA GLU RB 371 -34.87 78.89 -26.17
C GLU RB 371 -35.74 77.62 -26.25
N LYS RB 372 -36.27 77.14 -25.11
CA LYS RB 372 -37.19 76.01 -25.08
C LYS RB 372 -38.46 76.19 -25.90
N VAL RB 373 -39.13 77.34 -25.72
CA VAL RB 373 -40.27 77.76 -26.52
C VAL RB 373 -39.96 77.83 -28.00
N LYS RB 374 -38.83 78.45 -28.37
CA LYS RB 374 -38.35 78.60 -29.72
C LYS RB 374 -38.14 77.29 -30.45
N TYR RB 375 -37.57 76.30 -29.75
CA TYR RB 375 -37.48 74.92 -30.21
C TYR RB 375 -38.84 74.30 -30.49
N TYR RB 376 -39.77 74.37 -29.54
CA TYR RB 376 -41.04 73.67 -29.59
C TYR RB 376 -42.06 74.33 -30.51
N GLY RB 377 -42.23 75.65 -30.41
CA GLY RB 377 -43.11 76.43 -31.27
C GLY RB 377 -44.53 76.54 -30.75
N PRO RB 378 -45.53 76.67 -31.63
CA PRO RB 378 -46.94 76.70 -31.28
C PRO RB 378 -47.45 75.70 -30.26
N LEU RB 379 -48.45 76.12 -29.46
CA LEU RB 379 -49.03 75.34 -28.40
C LEU RB 379 -50.54 75.57 -28.37
N LYS RB 380 -51.28 74.68 -27.69
CA LYS RB 380 -52.73 74.73 -27.65
C LYS RB 380 -53.25 75.69 -26.53
N PRO SB 1 -29.47 1.54 122.00
CA PRO SB 1 -30.07 2.84 121.60
C PRO SB 1 -31.54 2.66 121.30
N VAL SB 2 -32.42 3.27 122.12
CA VAL SB 2 -33.86 3.11 122.07
C VAL SB 2 -34.56 4.25 121.36
N ALA SB 3 -35.53 3.91 120.49
CA ALA SB 3 -36.40 4.89 119.88
C ALA SB 3 -37.82 4.64 120.38
N ASN SB 4 -38.55 5.73 120.66
CA ASN SB 4 -39.90 5.68 121.18
C ASN SB 4 -40.92 5.27 120.12
N VAL SB 5 -41.85 4.35 120.44
CA VAL SB 5 -42.95 4.06 119.53
C VAL SB 5 -44.17 4.83 119.98
N TYR SB 6 -44.97 5.36 119.04
CA TYR SB 6 -46.14 6.16 119.33
C TYR SB 6 -47.40 5.41 119.01
N SER SB 7 -48.53 5.82 119.60
CA SER SB 7 -49.85 5.31 119.19
C SER SB 7 -50.33 6.05 117.94
N THR SB 8 -51.43 5.57 117.34
CA THR SB 8 -52.08 6.20 116.19
C THR SB 8 -52.59 7.59 116.52
N ASN SB 9 -53.12 7.78 117.74
CA ASN SB 9 -53.17 9.08 118.35
C ASN SB 9 -51.77 9.43 118.87
N GLY SB 10 -51.13 10.45 118.30
CA GLY SB 10 -49.75 10.83 118.58
C GLY SB 10 -49.59 11.56 119.90
N LYS SB 11 -50.72 11.84 120.58
CA LYS SB 11 -50.76 12.25 121.97
C LYS SB 11 -50.18 11.18 122.88
N ASN SB 12 -50.32 9.90 122.48
CA ASN SB 12 -50.01 8.76 123.30
C ASN SB 12 -48.79 8.02 122.77
N VAL SB 13 -47.94 7.53 123.70
CA VAL SB 13 -46.64 6.96 123.39
C VAL SB 13 -46.58 5.59 124.04
N VAL SB 14 -46.32 4.53 123.24
CA VAL SB 14 -46.34 3.16 123.73
C VAL SB 14 -44.92 2.66 124.09
N GLY SB 15 -44.61 1.37 123.85
CA GLY SB 15 -43.34 0.74 124.18
C GLY SB 15 -42.19 1.14 123.30
N GLU SB 16 -41.11 1.61 123.91
CA GLU SB 16 -39.85 1.96 123.30
C GLU SB 16 -39.08 0.76 122.78
N VAL SB 17 -38.63 0.80 121.51
CA VAL SB 17 -37.95 -0.32 120.87
C VAL SB 17 -36.52 0.06 120.50
N GLU SB 18 -35.58 -0.90 120.67
CA GLU SB 18 -34.20 -0.77 120.23
C GLU SB 18 -34.07 -0.60 118.73
N ILE SB 19 -33.29 0.39 118.28
CA ILE SB 19 -33.07 0.65 116.87
C ILE SB 19 -32.35 -0.51 116.16
N PRO SB 20 -32.83 -1.07 115.04
CA PRO SB 20 -32.14 -2.11 114.31
C PRO SB 20 -30.72 -1.82 113.84
N VAL SB 21 -29.94 -2.88 113.60
CA VAL SB 21 -28.54 -2.79 113.23
C VAL SB 21 -28.37 -2.43 111.77
N VAL SB 22 -29.44 -2.56 110.98
CA VAL SB 22 -29.53 -2.10 109.60
C VAL SB 22 -29.29 -0.62 109.53
N PHE SB 23 -29.85 0.15 110.49
CA PHE SB 23 -29.71 1.60 110.51
C PHE SB 23 -28.31 2.06 110.87
N GLN SB 24 -27.43 1.14 111.25
CA GLN SB 24 -26.06 1.45 111.60
C GLN SB 24 -25.14 1.25 110.40
N THR SB 25 -25.66 0.73 109.28
CA THR SB 25 -24.89 0.52 108.06
C THR SB 25 -24.34 1.81 107.44
N PRO SB 26 -23.16 1.85 106.82
CA PRO SB 26 -22.66 3.01 106.08
C PRO SB 26 -23.61 3.60 105.06
N ILE SB 27 -23.61 4.94 104.91
CA ILE SB 27 -24.37 5.64 103.90
C ILE SB 27 -23.51 5.85 102.65
N ARG SB 28 -23.79 5.09 101.58
CA ARG SB 28 -23.04 5.09 100.34
C ARG SB 28 -23.85 5.79 99.25
N ASN SB 29 -23.95 7.14 99.27
CA ASN SB 29 -24.89 7.89 98.45
C ASN SB 29 -24.68 7.73 96.94
N ASP SB 30 -23.42 7.70 96.51
CA ASP SB 30 -22.97 7.42 95.17
C ASP SB 30 -23.38 6.02 94.67
N LEU SB 31 -23.31 5.02 95.55
CA LEU SB 31 -23.75 3.67 95.30
C LEU SB 31 -25.25 3.67 95.07
N ILE SB 32 -25.99 4.36 95.96
CA ILE SB 32 -27.44 4.49 95.85
C ILE SB 32 -27.84 5.17 94.55
N GLN SB 33 -27.19 6.27 94.15
CA GLN SB 33 -27.42 6.89 92.85
C GLN SB 33 -27.11 5.98 91.67
N SER SB 34 -25.93 5.34 91.67
CA SER SB 34 -25.56 4.45 90.57
C SER SB 34 -26.47 3.23 90.45
N VAL SB 35 -26.82 2.56 91.57
CA VAL SB 35 -27.84 1.53 91.54
C VAL SB 35 -29.21 2.01 91.06
N TYR SB 36 -29.73 3.15 91.55
CA TYR SB 36 -31.00 3.72 91.12
C TYR SB 36 -31.08 3.97 89.62
N THR SB 37 -30.01 4.56 89.07
CA THR SB 37 -29.89 4.81 87.64
C THR SB 37 -29.84 3.53 86.85
N ASN SB 38 -29.04 2.55 87.27
CA ASN SB 38 -29.01 1.21 86.70
C ASN SB 38 -30.36 0.51 86.74
N MET SB 39 -31.07 0.59 87.87
CA MET SB 39 -32.43 0.09 88.04
C MET SB 39 -33.40 0.77 87.08
N SER SB 40 -33.32 2.11 86.96
CA SER SB 40 -34.18 2.89 86.09
C SER SB 40 -34.07 2.47 84.62
N LYS SB 41 -32.84 2.23 84.12
CA LYS SB 41 -32.56 1.63 82.83
C LYS SB 41 -33.32 0.33 82.58
N ASN SB 42 -33.44 -0.56 83.60
CA ASN SB 42 -34.30 -1.74 83.55
C ASN SB 42 -35.80 -1.47 83.46
N ARG SB 43 -36.28 -0.29 83.83
CA ARG SB 43 -37.71 -0.01 83.83
C ARG SB 43 -38.14 0.70 82.56
N ARG SB 44 -37.19 1.36 81.87
CA ARG SB 44 -37.38 1.99 80.59
C ARG SB 44 -37.79 1.02 79.45
N HIS SB 45 -38.86 1.33 78.69
CA HIS SB 45 -39.30 0.56 77.54
C HIS SB 45 -38.33 0.56 76.34
N PRO SB 46 -38.21 -0.52 75.56
CA PRO SB 46 -37.47 -0.50 74.30
C PRO SB 46 -38.10 0.37 73.22
N TYR SB 47 -37.31 0.72 72.18
CA TYR SB 47 -37.75 1.53 71.06
C TYR SB 47 -37.03 1.15 69.78
N ALA SB 48 -37.70 1.31 68.62
CA ALA SB 48 -37.13 1.09 67.31
C ALA SB 48 -37.93 1.83 66.23
N VAL SB 49 -37.37 1.96 65.03
CA VAL SB 49 -37.99 2.61 63.89
C VAL SB 49 -38.51 1.56 62.88
N LYS SB 50 -39.45 1.92 61.98
CA LYS SB 50 -39.89 1.06 60.89
C LYS SB 50 -38.76 0.54 59.99
N LEU SB 51 -38.74 -0.78 59.73
CA LEU SB 51 -37.63 -1.45 59.08
C LEU SB 51 -37.37 -0.96 57.66
N GLY SB 52 -38.44 -0.87 56.85
CA GLY SB 52 -38.33 -0.46 55.45
C GLY SB 52 -38.34 1.02 55.21
N ALA SB 53 -38.58 1.82 56.26
CA ALA SB 53 -38.69 3.26 56.14
C ALA SB 53 -37.42 3.94 55.64
N GLY SB 54 -37.57 4.93 54.76
CA GLY SB 54 -36.43 5.65 54.21
C GLY SB 54 -35.68 4.92 53.13
N TYR SB 55 -36.22 3.78 52.63
CA TYR SB 55 -35.52 2.97 51.64
C TYR SB 55 -36.44 2.25 50.66
N GLU SB 56 -37.78 2.27 50.87
CA GLU SB 56 -38.70 1.52 50.03
C GLU SB 56 -38.73 1.94 48.55
N THR SB 57 -38.64 3.26 48.28
CA THR SB 57 -38.61 3.83 46.94
C THR SB 57 -37.46 3.34 46.05
N SER SB 58 -37.69 3.27 44.72
CA SER SB 58 -36.75 2.67 43.77
C SER SB 58 -35.41 3.40 43.61
N ALA SB 59 -35.45 4.75 43.52
CA ALA SB 59 -34.29 5.64 43.34
C ALA SB 59 -33.61 5.61 41.96
N GLU SB 60 -33.04 6.77 41.56
CA GLU SB 60 -32.57 7.05 40.20
C GLU SB 60 -31.50 8.14 40.22
N SER SB 61 -30.79 8.38 39.09
CA SER SB 61 -29.62 9.23 39.01
C SER SB 61 -29.51 9.91 37.64
N TRP SB 62 -30.34 10.92 37.37
CA TRP SB 62 -30.30 11.62 36.09
C TRP SB 62 -29.47 12.91 36.13
N GLY SB 63 -28.96 13.31 37.31
CA GLY SB 63 -28.29 14.60 37.51
C GLY SB 63 -26.83 14.71 37.14
N THR SB 64 -26.15 13.56 36.97
CA THR SB 64 -24.73 13.48 36.67
C THR SB 64 -24.51 13.49 35.17
N GLY SB 65 -24.14 14.65 34.62
CA GLY SB 65 -24.12 14.91 33.19
C GLY SB 65 -25.18 15.91 32.80
N ARG SB 66 -25.79 16.58 33.81
CA ARG SB 66 -26.84 17.58 33.66
C ARG SB 66 -26.82 18.55 34.84
N ALA SB 67 -25.72 18.57 35.62
CA ALA SB 67 -25.41 19.54 36.65
C ALA SB 67 -26.37 19.61 37.83
N VAL SB 68 -26.71 18.45 38.42
CA VAL SB 68 -27.48 18.39 39.66
C VAL SB 68 -26.73 17.49 40.62
N ALA SB 69 -26.71 17.81 41.93
CA ALA SB 69 -25.96 17.07 42.94
C ALA SB 69 -26.25 15.55 43.06
N ARG SB 70 -25.22 14.77 43.47
CA ARG SB 70 -25.09 13.35 43.16
C ARG SB 70 -25.74 12.38 44.15
N ILE SB 71 -26.54 12.89 45.10
CA ILE SB 71 -27.49 12.12 45.88
C ILE SB 71 -28.57 11.46 44.98
N PRO SB 72 -29.03 10.22 45.18
CA PRO SB 72 -30.17 9.64 44.48
C PRO SB 72 -31.44 10.46 44.43
N ARG SB 73 -32.19 10.37 43.32
CA ARG SB 73 -33.39 11.13 43.06
C ARG SB 73 -34.55 10.18 42.82
N VAL SB 74 -35.79 10.55 43.15
CA VAL SB 74 -36.98 9.74 42.90
C VAL SB 74 -37.30 9.67 41.39
N PRO SB 75 -37.47 8.50 40.75
CA PRO SB 75 -37.84 8.40 39.32
C PRO SB 75 -39.26 8.84 39.04
N GLY SB 76 -39.74 8.60 37.80
CA GLY SB 76 -41.08 8.95 37.36
C GLY SB 76 -41.17 10.32 36.74
N GLY SB 77 -42.39 10.71 36.32
CA GLY SB 77 -42.65 11.94 35.57
C GLY SB 77 -43.48 12.96 36.31
N GLY SB 78 -44.82 12.91 36.12
CA GLY SB 78 -45.73 13.98 36.53
C GLY SB 78 -45.89 14.20 38.01
N THR SB 79 -45.72 13.15 38.84
CA THR SB 79 -45.70 13.28 40.30
C THR SB 79 -44.57 14.21 40.77
N HIS SB 80 -44.82 15.01 41.83
CA HIS SB 80 -43.90 16.06 42.20
C HIS SB 80 -42.89 15.57 43.23
N ARG SB 81 -42.98 14.28 43.62
CA ARG SB 81 -41.87 13.51 44.12
C ARG SB 81 -40.76 13.34 43.09
N ALA SB 82 -41.11 13.18 41.80
CA ALA SB 82 -40.16 12.88 40.78
C ALA SB 82 -39.08 13.95 40.63
N GLY SB 83 -37.81 13.50 40.59
CA GLY SB 83 -36.65 14.38 40.53
C GLY SB 83 -36.29 14.99 41.85
N GLN SB 84 -37.00 14.66 42.94
CA GLN SB 84 -36.66 15.12 44.27
C GLN SB 84 -35.70 14.15 44.92
N GLY SB 85 -34.85 14.61 45.85
CA GLY SB 85 -33.90 13.76 46.59
C GLY SB 85 -34.57 12.60 47.31
N ALA SB 86 -34.08 11.36 47.05
CA ALA SB 86 -34.80 10.17 47.43
C ALA SB 86 -34.69 9.82 48.91
N PHE SB 87 -33.45 9.59 49.39
CA PHE SB 87 -33.21 9.23 50.76
C PHE SB 87 -31.75 9.41 51.09
N GLY SB 88 -31.40 9.22 52.38
CA GLY SB 88 -30.16 9.70 52.98
C GLY SB 88 -30.55 10.71 54.01
N ASN SB 89 -29.79 10.83 55.09
CA ASN SB 89 -30.26 11.47 56.32
C ASN SB 89 -30.49 12.97 56.21
N MET SB 90 -29.91 13.61 55.20
CA MET SB 90 -30.16 14.99 54.84
C MET SB 90 -31.49 15.23 54.13
N CYS SB 91 -32.15 14.20 53.56
CA CYS SB 91 -33.31 14.34 52.70
C CYS SB 91 -34.65 14.38 53.42
N ARG SB 92 -35.63 15.13 52.84
CA ARG SB 92 -37.04 14.93 53.15
C ARG SB 92 -37.45 13.51 52.76
N GLY SB 93 -37.99 12.74 53.72
CA GLY SB 93 -38.30 11.33 53.58
C GLY SB 93 -37.09 10.43 53.74
N GLY SB 94 -35.93 11.00 54.13
CA GLY SB 94 -34.66 10.29 54.14
C GLY SB 94 -34.39 9.35 55.29
N GLY SB 95 -35.23 9.39 56.36
CA GLY SB 95 -35.06 8.60 57.57
C GLY SB 95 -33.81 8.85 58.41
N MET SB 96 -33.65 8.07 59.50
CA MET SB 96 -32.52 8.15 60.41
C MET SB 96 -31.17 7.84 59.77
N PHE SB 97 -30.10 8.51 60.23
CA PHE SB 97 -28.73 8.19 59.84
C PHE SB 97 -28.33 6.79 60.30
N ASN SB 98 -28.68 6.45 61.55
CA ASN SB 98 -28.61 5.10 62.04
C ASN SB 98 -30.03 4.76 62.47
N PRO SB 99 -30.75 3.92 61.76
CA PRO SB 99 -32.04 3.41 62.19
C PRO SB 99 -32.04 2.74 63.56
N THR SB 100 -32.86 3.19 64.51
CA THR SB 100 -33.00 2.56 65.81
C THR SB 100 -33.61 1.18 65.72
N LYS SB 101 -33.06 0.24 66.50
CA LYS SB 101 -33.47 -1.15 66.47
C LYS SB 101 -33.55 -1.64 67.89
N ILE SB 102 -34.17 -2.82 68.10
CA ILE SB 102 -34.40 -3.31 69.46
C ILE SB 102 -33.18 -4.03 70.00
N TRP SB 103 -32.11 -4.02 69.20
CA TRP SB 103 -30.79 -4.53 69.52
C TRP SB 103 -30.19 -3.80 70.71
N ARG SB 104 -30.45 -2.48 70.81
CA ARG SB 104 -30.12 -1.58 71.90
C ARG SB 104 -30.11 -2.21 73.29
N ARG SB 105 -29.01 -2.03 74.02
CA ARG SB 105 -28.78 -2.51 75.36
C ARG SB 105 -29.52 -1.63 76.36
N TRP SB 106 -30.85 -1.79 76.46
CA TRP SB 106 -31.68 -1.03 77.37
C TRP SB 106 -31.46 -1.38 78.84
N GLY SB 107 -31.47 -2.69 79.19
CA GLY SB 107 -31.34 -3.15 80.57
C GLY SB 107 -29.92 -3.34 81.03
N ARG SB 108 -29.74 -3.72 82.30
CA ARG SB 108 -28.47 -3.90 82.96
C ARG SB 108 -28.59 -5.00 84.00
N LYS SB 109 -27.50 -5.76 84.26
CA LYS SB 109 -27.47 -6.64 85.41
C LYS SB 109 -27.03 -5.85 86.65
N VAL SB 110 -27.92 -5.74 87.65
CA VAL SB 110 -27.63 -5.04 88.89
C VAL SB 110 -27.43 -6.09 89.97
N ASN SB 111 -26.26 -6.09 90.64
CA ASN SB 111 -25.82 -7.28 91.33
C ASN SB 111 -26.43 -7.44 92.71
N LEU SB 112 -26.76 -8.68 93.08
CA LEU SB 112 -27.43 -9.05 94.31
C LEU SB 112 -26.87 -8.43 95.59
N LYS SB 113 -25.55 -8.56 95.84
CA LYS SB 113 -24.93 -7.92 96.98
C LYS SB 113 -25.08 -6.39 96.96
N GLU SB 114 -24.79 -5.75 95.82
CA GLU SB 114 -25.04 -4.34 95.57
C GLU SB 114 -26.47 -3.88 95.80
N LYS SB 115 -27.47 -4.64 95.31
CA LYS SB 115 -28.87 -4.37 95.51
C LYS SB 115 -29.26 -4.33 96.98
N ARG SB 116 -28.86 -5.37 97.74
CA ARG SB 116 -29.04 -5.46 99.17
C ARG SB 116 -28.40 -4.29 99.92
N TYR SB 117 -27.13 -3.96 99.60
CA TYR SB 117 -26.41 -2.84 100.18
C TYR SB 117 -27.16 -1.52 99.97
N ALA SB 118 -27.66 -1.26 98.76
CA ALA SB 118 -28.43 -0.08 98.43
C ALA SB 118 -29.69 0.05 99.27
N VAL SB 119 -30.47 -1.02 99.42
CA VAL SB 119 -31.62 -1.04 100.28
C VAL SB 119 -31.26 -0.78 101.75
N CYS SB 120 -30.28 -1.52 102.30
CA CYS SB 120 -29.87 -1.33 103.68
C CYS SB 120 -29.36 0.08 103.98
N SER SB 121 -28.48 0.60 103.12
CA SER SB 121 -27.92 1.93 103.25
C SER SB 121 -28.93 3.04 103.11
N SER SB 122 -29.91 2.90 102.20
CA SER SB 122 -31.04 3.81 102.05
C SER SB 122 -31.93 3.82 103.27
N ILE SB 123 -32.21 2.65 103.87
CA ILE SB 123 -32.91 2.55 105.13
C ILE SB 123 -32.13 3.23 106.24
N ALA SB 124 -30.82 2.98 106.37
CA ALA SB 124 -29.99 3.71 107.30
C ALA SB 124 -30.00 5.22 107.09
N ALA SB 125 -29.86 5.69 105.83
CA ALA SB 125 -30.01 7.09 105.46
C ALA SB 125 -31.35 7.69 105.84
N SER SB 126 -32.45 6.95 105.58
CA SER SB 126 -33.81 7.31 105.99
C SER SB 126 -33.94 7.57 107.49
N GLY SB 127 -33.27 6.72 108.29
CA GLY SB 127 -32.98 6.96 109.71
C GLY SB 127 -32.57 8.36 110.10
N VAL SB 128 -31.61 8.96 109.40
CA VAL SB 128 -30.99 10.22 109.79
C VAL SB 128 -31.91 11.43 109.67
N THR SB 129 -32.18 12.11 110.80
CA THR SB 129 -33.12 13.22 110.89
C THR SB 129 -32.74 14.39 110.00
N SER SB 130 -31.46 14.80 110.01
CA SER SB 130 -30.96 15.90 109.19
C SER SB 130 -31.16 15.68 107.72
N LEU SB 131 -30.90 14.43 107.27
CA LEU SB 131 -31.13 14.02 105.90
C LEU SB 131 -32.58 14.10 105.47
N VAL SB 132 -33.54 13.70 106.34
CA VAL SB 132 -34.97 13.80 106.08
C VAL SB 132 -35.40 15.22 105.73
N LEU SB 133 -34.99 16.21 106.55
CA LEU SB 133 -35.22 17.60 106.30
C LEU SB 133 -34.55 18.11 105.02
N ALA SB 134 -33.30 17.69 104.75
CA ALA SB 134 -32.57 18.04 103.55
C ALA SB 134 -33.23 17.56 102.26
N ARG SB 135 -33.79 16.33 102.30
CA ARG SB 135 -34.63 15.73 101.28
C ARG SB 135 -35.94 16.49 101.03
N GLY SB 136 -36.30 17.40 101.96
CA GLY SB 136 -37.41 18.32 101.80
C GLY SB 136 -38.63 17.95 102.58
N HIS SB 137 -38.58 16.86 103.37
CA HIS SB 137 -39.68 16.54 104.24
C HIS SB 137 -39.85 17.56 105.36
N ARG SB 138 -41.10 18.00 105.59
CA ARG SB 138 -41.44 18.98 106.60
C ARG SB 138 -41.51 18.31 107.97
N ILE SB 139 -40.36 18.29 108.66
CA ILE SB 139 -40.08 17.38 109.76
C ILE SB 139 -40.39 17.98 111.13
N SER SB 140 -40.75 19.26 111.16
CA SER SB 140 -40.69 20.11 112.34
C SER SB 140 -41.47 19.60 113.54
N HIS SB 141 -42.66 19.04 113.28
CA HIS SB 141 -43.57 18.63 114.33
C HIS SB 141 -43.52 17.14 114.60
N LEU SB 142 -42.62 16.40 113.91
CA LEU SB 142 -42.35 15.00 114.21
C LEU SB 142 -41.62 14.77 115.51
N LYS SB 143 -41.90 13.61 116.15
CA LYS SB 143 -41.60 13.40 117.56
C LYS SB 143 -40.67 12.22 117.81
N GLU SB 144 -40.09 11.63 116.74
CA GLU SB 144 -39.03 10.64 116.84
C GLU SB 144 -38.26 10.59 115.53
N VAL SB 145 -36.98 10.17 115.59
CA VAL SB 145 -36.04 10.24 114.48
C VAL SB 145 -36.36 9.27 113.33
N PRO SB 146 -36.50 7.96 113.43
CA PRO SB 146 -37.38 7.19 112.55
C PRO SB 146 -38.80 7.38 113.02
N LEU SB 147 -39.81 7.44 112.13
CA LEU SB 147 -41.15 7.63 112.67
C LEU SB 147 -41.79 6.26 112.88
N VAL SB 148 -42.02 5.88 114.14
CA VAL SB 148 -42.47 4.55 114.47
C VAL SB 148 -43.80 4.62 115.18
N VAL SB 149 -44.77 3.84 114.69
CA VAL SB 149 -46.11 3.79 115.25
C VAL SB 149 -46.37 2.36 115.65
N SER SB 150 -47.27 2.14 116.60
CA SER SB 150 -47.73 0.85 117.09
C SER SB 150 -48.21 -0.18 116.06
N ASN SB 151 -48.52 -1.40 116.51
CA ASN SB 151 -49.18 -2.43 115.70
C ASN SB 151 -50.55 -1.97 115.21
N ASP SB 152 -51.28 -1.24 116.07
CA ASP SB 152 -52.62 -0.71 115.88
C ASP SB 152 -52.80 0.15 114.63
N ILE SB 153 -51.71 0.67 114.04
CA ILE SB 153 -51.77 1.41 112.79
C ILE SB 153 -52.33 0.57 111.65
N GLU SB 154 -52.00 -0.74 111.61
CA GLU SB 154 -52.12 -1.57 110.44
C GLU SB 154 -53.54 -1.87 110.04
N SER SB 155 -54.49 -1.57 110.95
CA SER SB 155 -55.90 -1.80 110.79
C SER SB 155 -56.67 -0.56 110.35
N LEU SB 156 -56.06 0.65 110.33
CA LEU SB 156 -56.73 1.89 109.91
C LEU SB 156 -57.36 1.80 108.51
N SER SB 157 -58.56 2.40 108.32
CA SER SB 157 -59.50 1.92 107.32
C SER SB 157 -59.93 2.91 106.26
N LYS SB 158 -59.62 4.21 106.41
CA LYS SB 158 -60.22 5.24 105.58
C LYS SB 158 -59.24 6.36 105.36
N THR SB 159 -59.32 7.05 104.20
CA THR SB 159 -58.50 8.18 103.80
C THR SB 159 -58.52 9.30 104.81
N LYS SB 160 -59.70 9.62 105.37
CA LYS SB 160 -59.84 10.57 106.45
C LYS SB 160 -59.10 10.16 107.71
N GLU SB 161 -59.22 8.87 108.14
CA GLU SB 161 -58.49 8.35 109.28
C GLU SB 161 -56.99 8.43 109.09
N ALA SB 162 -56.50 8.11 107.87
CA ALA SB 162 -55.12 8.31 107.50
C ALA SB 162 -54.67 9.77 107.55
N VAL SB 163 -55.46 10.70 106.99
CA VAL SB 163 -55.22 12.13 107.10
C VAL SB 163 -55.17 12.61 108.54
N ASN SB 164 -56.13 12.18 109.37
CA ASN SB 164 -56.20 12.47 110.78
C ASN SB 164 -54.95 12.00 111.52
N PHE SB 165 -54.48 10.80 111.18
CA PHE SB 165 -53.26 10.22 111.68
C PHE SB 165 -52.03 11.04 111.26
N LEU SB 166 -51.89 11.42 109.97
CA LEU SB 166 -50.83 12.29 109.52
C LEU SB 166 -50.81 13.65 110.22
N VAL SB 167 -51.97 14.27 110.41
CA VAL SB 167 -52.14 15.48 111.20
C VAL SB 167 -51.72 15.26 112.65
N SER SB 168 -52.14 14.12 113.25
CA SER SB 168 -51.77 13.73 114.61
C SER SB 168 -50.27 13.55 114.78
N LEU SB 169 -49.58 12.90 113.82
CA LEU SB 169 -48.14 12.87 113.71
C LEU SB 169 -47.51 14.25 113.64
N GLY SB 170 -48.15 15.17 112.89
CA GLY SB 170 -47.69 16.54 112.69
C GLY SB 170 -47.33 16.84 111.27
N LEU SB 171 -47.75 15.99 110.32
CA LEU SB 171 -47.43 16.10 108.91
C LEU SB 171 -48.47 16.88 108.12
N LYS SB 172 -49.29 17.72 108.79
CA LYS SB 172 -50.26 18.58 108.14
C LYS SB 172 -49.65 19.46 107.05
N ASP SB 173 -48.54 20.15 107.38
CA ASP SB 173 -47.72 20.91 106.46
C ASP SB 173 -47.15 20.12 105.28
N GLU SB 174 -46.65 18.91 105.54
CA GLU SB 174 -46.26 17.98 104.50
C GLU SB 174 -47.41 17.61 103.57
N VAL SB 175 -48.60 17.31 104.14
CA VAL SB 175 -49.80 17.04 103.39
C VAL SB 175 -50.21 18.24 102.56
N ASN SB 176 -50.15 19.46 103.11
CA ASN SB 176 -50.25 20.70 102.35
C ASN SB 176 -49.27 20.80 101.18
N ARG SB 177 -47.96 20.52 101.37
CA ARG SB 177 -47.04 20.51 100.25
C ARG SB 177 -47.38 19.49 99.17
N LEU SB 178 -47.85 18.28 99.54
CA LEU SB 178 -48.33 17.29 98.61
C LEU SB 178 -49.52 17.73 97.77
N VAL SB 179 -50.56 18.31 98.39
CA VAL SB 179 -51.73 18.91 97.75
C VAL SB 179 -51.35 20.01 96.77
N LYS SB 180 -50.43 20.90 97.18
CA LYS SB 180 -49.86 21.95 96.37
C LYS SB 180 -49.13 21.40 95.16
N SER SB 181 -48.43 20.26 95.32
CA SER SB 181 -47.52 19.73 94.32
C SER SB 181 -48.18 19.08 93.11
N LYS SB 182 -49.54 19.00 93.05
CA LYS SB 182 -50.23 18.65 91.81
C LYS SB 182 -50.03 19.73 90.76
N LYS SB 183 -49.13 19.49 89.79
CA LYS SB 183 -48.86 20.43 88.73
C LYS SB 183 -48.75 19.69 87.42
N ILE SB 184 -49.09 20.36 86.31
CA ILE SB 184 -48.96 19.82 84.96
C ILE SB 184 -47.49 19.70 84.58
N ARG SB 185 -47.05 18.50 84.18
CA ARG SB 185 -45.74 18.29 83.61
C ARG SB 185 -45.72 18.80 82.16
N ALA SB 186 -44.79 19.71 81.83
CA ALA SB 186 -44.74 20.38 80.54
C ALA SB 186 -44.25 19.53 79.35
N GLY SB 187 -44.31 20.09 78.12
CA GLY SB 187 -43.77 19.50 76.89
C GLY SB 187 -44.55 18.34 76.32
N LYS SB 188 -43.87 17.42 75.61
CA LYS SB 188 -44.50 16.32 74.89
C LYS SB 188 -45.05 15.22 75.78
N GLY SB 189 -44.63 15.15 77.06
CA GLY SB 189 -45.11 14.21 78.07
C GLY SB 189 -46.60 14.14 78.16
N LYS SB 190 -47.25 15.31 78.15
CA LYS SB 190 -48.68 15.52 78.00
C LYS SB 190 -49.36 14.67 76.93
N MET SB 191 -48.70 14.45 75.79
CA MET SB 191 -49.30 13.78 74.66
C MET SB 191 -49.10 12.27 74.80
N ARG SB 192 -48.32 11.89 75.81
CA ARG SB 192 -47.89 10.55 76.06
C ARG SB 192 -48.41 10.12 77.42
N ASN SB 193 -49.40 10.88 77.92
CA ASN SB 193 -50.19 10.60 79.11
C ASN SB 193 -49.39 10.72 80.40
N ARG SB 194 -48.36 11.59 80.42
CA ARG SB 194 -47.60 11.93 81.61
C ARG SB 194 -48.03 13.32 82.07
N LYS SB 195 -49.33 13.48 82.38
CA LYS SB 195 -49.99 14.78 82.54
C LYS SB 195 -49.58 15.59 83.76
N TYR SB 196 -49.65 15.02 84.97
CA TYR SB 196 -49.29 15.72 86.19
C TYR SB 196 -48.03 15.13 86.77
N LYS SB 197 -47.27 15.93 87.52
CA LYS SB 197 -46.19 15.47 88.37
C LYS SB 197 -46.59 15.83 89.78
N ILE SB 198 -46.40 14.89 90.72
CA ILE SB 198 -46.62 15.09 92.14
C ILE SB 198 -45.34 14.75 92.87
N ARG SB 199 -45.13 15.34 94.06
CA ARG SB 199 -43.96 15.07 94.87
C ARG SB 199 -44.18 13.93 95.85
N ASN SB 200 -43.10 13.53 96.57
CA ASN SB 200 -43.07 12.33 97.35
C ASN SB 200 -42.89 12.66 98.82
N GLY SB 201 -43.83 12.18 99.64
CA GLY SB 201 -43.90 12.39 101.08
C GLY SB 201 -43.55 11.13 101.82
N PRO SB 202 -44.27 10.75 102.87
CA PRO SB 202 -44.12 9.48 103.55
C PRO SB 202 -44.00 8.20 102.72
N LEU SB 203 -43.14 7.29 103.18
CA LEU SB 203 -43.14 5.89 102.83
C LEU SB 203 -43.56 5.09 104.04
N ILE SB 204 -44.70 4.41 103.94
CA ILE SB 204 -45.30 3.60 104.97
C ILE SB 204 -44.82 2.16 104.82
N ILE SB 205 -44.18 1.61 105.87
CA ILE SB 205 -43.68 0.25 105.84
C ILE SB 205 -44.52 -0.57 106.79
N TYR SB 206 -45.21 -1.58 106.24
CA TYR SB 206 -46.25 -2.34 106.91
C TYR SB 206 -45.99 -3.83 106.83
N GLU SB 207 -46.45 -4.56 107.84
CA GLU SB 207 -46.51 -5.99 107.80
C GLU SB 207 -47.94 -6.41 107.50
N ASN SB 208 -48.86 -6.24 108.47
CA ASN SB 208 -50.23 -6.70 108.33
C ASN SB 208 -51.05 -5.97 107.29
N ASP SB 209 -51.94 -6.72 106.63
CA ASP SB 209 -52.60 -6.31 105.40
C ASP SB 209 -54.01 -5.79 105.65
N ASN SB 210 -54.41 -5.71 106.94
CA ASN SB 210 -55.79 -5.57 107.35
C ASN SB 210 -56.47 -4.27 106.94
N GLY SB 211 -55.78 -3.11 107.07
CA GLY SB 211 -56.35 -1.82 106.74
C GLY SB 211 -55.40 -0.91 106.02
N VAL SB 212 -54.18 -0.70 106.54
CA VAL SB 212 -53.18 0.24 105.99
C VAL SB 212 -52.96 0.17 104.50
N LYS SB 213 -52.78 -1.04 103.95
CA LYS SB 213 -52.64 -1.30 102.54
C LYS SB 213 -53.75 -0.67 101.70
N LYS SB 214 -55.02 -0.86 102.13
CA LYS SB 214 -56.16 -0.28 101.45
C LYS SB 214 -56.39 1.20 101.79
N ALA SB 215 -55.97 1.65 102.99
CA ALA SB 215 -56.21 2.99 103.49
C ALA SB 215 -55.25 4.06 103.00
N PHE SB 216 -53.97 3.69 102.81
CA PHE SB 216 -52.91 4.62 102.46
C PHE SB 216 -52.71 4.57 100.95
N ARG SB 217 -53.30 3.55 100.30
CA ARG SB 217 -53.68 3.60 98.92
C ARG SB 217 -54.60 4.80 98.63
N ASN SB 218 -54.39 5.47 97.48
CA ASN SB 218 -55.12 6.65 97.06
C ASN SB 218 -54.91 7.86 97.99
N ILE SB 219 -53.69 7.98 98.54
CA ILE SB 219 -53.26 9.16 99.24
C ILE SB 219 -52.20 9.79 98.36
N PRO SB 220 -52.37 10.99 97.83
CA PRO SB 220 -51.37 11.61 96.97
C PRO SB 220 -50.00 11.75 97.62
N GLY SB 221 -48.94 11.25 96.95
CA GLY SB 221 -47.55 11.42 97.37
C GLY SB 221 -47.05 10.49 98.44
N VAL SB 222 -47.89 9.55 98.90
CA VAL SB 222 -47.57 8.62 99.96
C VAL SB 222 -47.45 7.23 99.37
N ASP SB 223 -46.40 6.48 99.78
CA ASP SB 223 -46.06 5.18 99.24
C ASP SB 223 -46.15 4.11 100.30
N LEU SB 224 -46.39 2.85 99.89
CA LEU SB 224 -46.55 1.71 100.76
C LEU SB 224 -45.56 0.64 100.34
N CYS SB 225 -45.03 -0.13 101.31
CA CYS SB 225 -44.16 -1.26 101.04
C CYS SB 225 -44.31 -2.32 102.12
N LYS SB 226 -44.31 -3.59 101.69
CA LYS SB 226 -44.27 -4.76 102.55
C LYS SB 226 -42.85 -4.96 103.06
N VAL SB 227 -42.69 -5.33 104.35
CA VAL SB 227 -41.39 -5.43 105.01
C VAL SB 227 -40.37 -6.31 104.29
N THR SB 228 -40.78 -7.49 103.81
CA THR SB 228 -39.94 -8.35 102.99
C THR SB 228 -39.62 -7.75 101.64
N LYS SB 229 -40.63 -7.20 100.96
CA LYS SB 229 -40.55 -6.70 99.61
C LYS SB 229 -40.36 -5.19 99.59
N LEU SB 230 -39.29 -4.72 100.26
CA LEU SB 230 -38.80 -3.35 100.17
C LEU SB 230 -38.32 -2.96 98.77
N ASN SB 231 -38.52 -1.69 98.37
CA ASN SB 231 -38.16 -1.22 97.04
C ASN SB 231 -37.30 0.03 97.13
N LEU SB 232 -36.09 -0.03 96.55
CA LEU SB 232 -35.13 1.07 96.54
C LEU SB 232 -35.65 2.26 95.76
N LEU SB 233 -36.46 2.00 94.72
CA LEU SB 233 -37.13 3.04 93.97
C LEU SB 233 -38.12 3.83 94.79
N LYS SB 234 -38.68 3.22 95.84
CA LYS SB 234 -39.59 3.89 96.73
C LYS SB 234 -38.85 4.54 97.87
N LEU SB 235 -37.84 3.85 98.41
CA LEU SB 235 -36.97 4.35 99.46
C LEU SB 235 -36.14 5.58 99.10
N ALA SB 236 -35.83 5.78 97.80
CA ALA SB 236 -34.98 6.89 97.40
C ALA SB 236 -35.36 7.46 96.03
N PRO SB 237 -36.45 8.22 95.89
CA PRO SB 237 -36.90 8.73 94.59
C PRO SB 237 -35.90 9.70 93.98
N GLY SB 238 -35.63 9.59 92.67
CA GLY SB 238 -34.62 10.39 91.98
C GLY SB 238 -33.21 10.08 92.43
N GLY SB 239 -33.03 8.92 93.08
CA GLY SB 239 -31.81 8.51 93.76
C GLY SB 239 -31.54 9.30 95.01
N SER SB 240 -32.54 10.01 95.55
CA SER SB 240 -32.33 10.89 96.70
C SER SB 240 -32.45 10.14 98.00
N ILE SB 241 -31.35 10.10 98.77
CA ILE SB 241 -31.33 9.54 100.10
C ILE SB 241 -32.18 10.32 101.11
N GLY SB 242 -32.70 9.65 102.16
CA GLY SB 242 -33.35 10.34 103.26
C GLY SB 242 -34.85 10.54 103.13
N ARG SB 243 -35.57 9.62 102.47
CA ARG SB 243 -37.03 9.67 102.50
C ARG SB 243 -37.64 9.47 103.89
N LEU SB 244 -38.73 10.20 104.22
CA LEU SB 244 -39.52 10.02 105.41
C LEU SB 244 -40.16 8.64 105.52
N CYS SB 245 -39.65 7.79 106.44
CA CYS SB 245 -40.15 6.45 106.63
C CYS SB 245 -40.98 6.33 107.90
N ILE SB 246 -42.21 5.83 107.74
CA ILE SB 246 -43.17 5.53 108.78
C ILE SB 246 -43.30 4.03 108.94
N TRP SB 247 -42.93 3.50 110.11
CA TRP SB 247 -42.94 2.07 110.36
C TRP SB 247 -44.03 1.70 111.34
N SER SB 248 -44.73 0.57 111.12
CA SER SB 248 -45.36 -0.21 112.17
C SER SB 248 -44.34 -0.87 113.08
N GLU SB 249 -44.68 -1.08 114.36
CA GLU SB 249 -43.83 -1.83 115.28
C GLU SB 249 -43.59 -3.25 114.78
N SER SB 250 -44.63 -3.84 114.16
CA SER SB 250 -44.59 -5.11 113.47
C SER SB 250 -43.51 -5.14 112.40
N ALA SB 251 -43.52 -4.14 111.51
CA ALA SB 251 -42.56 -3.93 110.46
C ALA SB 251 -41.15 -3.75 111.00
N PHE SB 252 -40.97 -2.82 111.94
CA PHE SB 252 -39.70 -2.53 112.57
C PHE SB 252 -39.05 -3.76 113.20
N LYS SB 253 -39.82 -4.52 113.99
CA LYS SB 253 -39.37 -5.78 114.54
C LYS SB 253 -39.06 -6.84 113.49
N LYS SB 254 -39.91 -6.98 112.45
CA LYS SB 254 -39.64 -7.88 111.35
C LYS SB 254 -38.36 -7.57 110.59
N LEU SB 255 -38.07 -6.29 110.32
CA LEU SB 255 -36.84 -5.79 109.72
C LEU SB 255 -35.58 -6.31 110.40
N ASP SB 256 -35.56 -6.22 111.74
CA ASP SB 256 -34.48 -6.69 112.59
C ASP SB 256 -34.26 -8.20 112.42
N VAL SB 257 -35.35 -8.98 112.44
CA VAL SB 257 -35.32 -10.40 112.09
C VAL SB 257 -34.76 -10.69 110.71
N ILE SB 258 -35.22 -9.98 109.65
CA ILE SB 258 -34.90 -10.18 108.24
C ILE SB 258 -33.41 -10.17 108.00
N TYR SB 259 -32.70 -9.16 108.51
CA TYR SB 259 -31.31 -8.97 108.20
C TYR SB 259 -30.43 -9.52 109.32
N GLY SB 260 -30.99 -10.37 110.21
CA GLY SB 260 -30.17 -11.36 110.88
C GLY SB 260 -30.77 -11.94 112.11
N LYS SB 261 -31.47 -11.11 112.89
CA LYS SB 261 -31.85 -11.46 114.24
C LYS SB 261 -32.83 -12.62 114.35
N ILE SB 262 -32.72 -13.36 115.48
CA ILE SB 262 -33.40 -14.60 115.81
C ILE SB 262 -33.06 -15.80 114.93
N HIS SB 263 -32.38 -15.59 113.77
CA HIS SB 263 -31.96 -16.63 112.83
C HIS SB 263 -33.13 -17.41 112.26
N GLU SB 264 -34.22 -16.69 111.88
CA GLU SB 264 -35.41 -17.34 111.35
C GLU SB 264 -35.18 -17.83 109.93
N LYS SB 265 -35.31 -19.14 109.72
CA LYS SB 265 -34.85 -19.84 108.54
C LYS SB 265 -35.46 -19.35 107.22
N LYS SB 266 -36.75 -18.99 107.22
CA LYS SB 266 -37.43 -18.61 106.00
C LYS SB 266 -37.50 -17.10 105.88
N VAL SB 267 -37.69 -16.38 106.99
CA VAL SB 267 -37.71 -14.93 107.01
C VAL SB 267 -36.36 -14.29 106.72
N THR SB 268 -35.26 -14.80 107.30
CA THR SB 268 -33.91 -14.29 107.00
C THR SB 268 -33.48 -14.46 105.55
N LYS SB 269 -32.66 -13.52 105.04
CA LYS SB 269 -32.04 -13.64 103.73
C LYS SB 269 -30.81 -14.52 103.81
N LYS SB 270 -30.72 -15.55 102.94
CA LYS SB 270 -29.88 -16.73 103.13
C LYS SB 270 -28.40 -16.45 103.31
N ASN SB 271 -27.94 -16.55 104.57
CA ASN SB 271 -26.58 -16.32 105.02
C ASN SB 271 -26.06 -14.91 104.74
N TYR SB 272 -26.97 -13.93 104.60
CA TYR SB 272 -26.63 -12.54 104.37
C TYR SB 272 -25.93 -11.87 105.56
N ILE SB 273 -24.96 -10.98 105.27
CA ILE SB 273 -24.20 -10.25 106.28
C ILE SB 273 -24.22 -8.77 105.92
N LEU SB 274 -24.68 -7.91 106.85
CA LEU SB 274 -24.69 -6.46 106.67
C LEU SB 274 -23.29 -5.83 106.50
N PRO SB 275 -23.11 -4.79 105.69
CA PRO SB 275 -21.82 -4.11 105.54
C PRO SB 275 -21.47 -3.23 106.72
N LYS SB 276 -20.16 -2.96 106.90
CA LYS SB 276 -19.64 -2.13 107.96
C LYS SB 276 -18.90 -0.96 107.35
N SER SB 277 -18.96 0.21 108.00
CA SER SB 277 -18.27 1.42 107.55
C SER SB 277 -16.75 1.34 107.56
N ILE SB 278 -16.10 2.01 106.59
CA ILE SB 278 -14.64 2.13 106.53
C ILE SB 278 -14.12 2.96 107.70
N VAL SB 279 -14.79 4.08 107.98
CA VAL SB 279 -14.50 4.95 109.10
C VAL SB 279 -15.31 4.46 110.29
N HIS SB 280 -14.67 4.18 111.44
CA HIS SB 280 -15.38 3.71 112.62
C HIS SB 280 -16.26 4.77 113.26
N ASN SB 281 -15.76 6.00 113.41
CA ASN SB 281 -16.56 7.11 113.87
C ASN SB 281 -16.29 8.35 113.01
N PRO SB 282 -17.27 8.86 112.25
CA PRO SB 282 -17.09 10.05 111.42
C PRO SB 282 -16.86 11.39 112.11
N ASP SB 283 -16.84 11.51 113.45
CA ASP SB 283 -16.49 12.76 114.09
C ASP SB 283 -14.97 13.02 114.05
N ILE SB 284 -14.49 13.48 112.88
CA ILE SB 284 -13.10 13.78 112.62
C ILE SB 284 -12.60 14.92 113.48
N TYR SB 285 -13.41 15.96 113.65
CA TYR SB 285 -13.08 17.11 114.46
C TYR SB 285 -12.87 16.76 115.93
N ARG SB 286 -13.60 15.78 116.48
CA ARG SB 286 -13.32 15.24 117.80
C ARG SB 286 -11.94 14.57 117.89
N ILE SB 287 -11.52 13.83 116.84
CA ILE SB 287 -10.17 13.28 116.75
C ILE SB 287 -9.12 14.38 116.78
N ILE SB 288 -9.31 15.42 115.96
CA ILE SB 288 -8.49 16.63 115.93
C ILE SB 288 -8.40 17.31 117.29
N HIS SB 289 -9.55 17.49 117.96
CA HIS SB 289 -9.68 18.07 119.28
C HIS SB 289 -8.90 17.33 120.35
N SER SB 290 -8.93 15.98 120.34
CA SER SB 290 -8.26 15.10 121.29
C SER SB 290 -6.83 15.45 121.71
N ASP SB 291 -6.45 15.08 122.95
CA ASP SB 291 -5.24 15.50 123.59
C ASP SB 291 -4.01 14.93 122.92
N LYS SB 292 -4.03 13.63 122.58
CA LYS SB 292 -2.97 12.96 121.86
C LYS SB 292 -2.69 13.61 120.52
N VAL SB 293 -3.77 13.90 119.77
CA VAL SB 293 -3.69 14.57 118.49
C VAL SB 293 -3.17 15.99 118.65
N GLN SB 294 -3.73 16.79 119.57
CA GLN SB 294 -3.25 18.14 119.80
C GLN SB 294 -1.78 18.20 120.19
N ALA SB 295 -1.32 17.29 121.08
CA ALA SB 295 0.06 17.10 121.41
C ALA SB 295 0.95 16.80 120.20
N SER SB 296 0.48 15.92 119.31
CA SER SB 296 1.13 15.66 118.03
C SER SB 296 1.15 16.86 117.10
N LEU SB 297 0.03 17.59 116.95
CA LEU SB 297 -0.09 18.70 116.03
C LEU SB 297 0.90 19.84 116.27
N LEU SB 298 1.59 20.26 115.19
CA LEU SB 298 2.40 21.44 115.17
C LEU SB 298 1.56 22.71 115.34
N ALA SB 299 2.09 23.73 116.03
CA ALA SB 299 1.49 25.05 116.06
C ALA SB 299 1.37 25.70 114.68
N LYS SB 300 0.33 26.52 114.44
CA LYS SB 300 0.13 27.22 113.17
C LYS SB 300 1.32 28.10 112.77
N LYS SB 301 1.70 28.07 111.48
CA LYS SB 301 2.78 28.90 110.96
C LYS SB 301 2.22 30.23 110.44
N LYS SB 302 2.86 30.84 109.43
CA LYS SB 302 2.42 32.11 108.89
C LYS SB 302 2.77 32.19 107.40
N PRO SB 303 1.92 32.65 106.48
CA PRO SB 303 2.29 32.84 105.09
C PRO SB 303 3.13 34.10 104.90
N CYS SB 304 3.79 34.23 103.74
CA CYS SB 304 4.44 35.47 103.33
C CYS SB 304 3.47 36.65 103.17
N LYS SB 305 3.96 37.88 103.42
CA LYS SB 305 3.20 39.12 103.24
C LYS SB 305 2.83 39.42 101.77
N LYS SB 306 1.70 40.16 101.54
CA LYS SB 306 1.37 40.78 100.26
C LYS SB 306 2.50 41.56 99.60
N ARG SB 307 2.42 41.73 98.27
CA ARG SB 307 3.41 42.49 97.53
C ARG SB 307 3.53 43.94 98.00
N LEU SB 308 4.78 44.40 98.23
CA LEU SB 308 5.04 45.77 98.64
C LEU SB 308 5.82 46.42 97.52
N GLN SB 309 5.68 47.75 97.37
CA GLN SB 309 6.30 48.46 96.28
C GLN SB 309 7.81 48.66 96.41
N ASN SB 310 8.43 49.13 95.31
CA ASN SB 310 9.85 49.02 95.04
C ASN SB 310 10.69 50.11 95.69
N LYS SB 311 10.51 50.38 97.01
CA LYS SB 311 11.36 51.29 97.80
C LYS SB 311 12.84 51.23 97.44
N ASN SB 312 13.40 52.37 97.01
CA ASN SB 312 14.64 52.38 96.26
C ASN SB 312 15.87 52.26 97.15
N SER SB 313 16.74 51.30 96.81
CA SER SB 313 17.95 50.99 97.54
C SER SB 313 18.94 52.14 97.64
N LEU SB 314 19.12 52.92 96.57
CA LEU SB 314 19.99 54.07 96.57
C LEU SB 314 19.36 55.30 97.20
N THR SB 315 18.08 55.60 96.94
CA THR SB 315 17.50 56.89 97.33
C THR SB 315 16.55 56.85 98.51
N ASN SB 316 16.11 55.67 99.00
CA ASN SB 316 15.30 55.57 100.20
C ASN SB 316 16.23 55.30 101.37
N PHE SB 317 16.47 56.32 102.21
CA PHE SB 317 17.49 56.28 103.24
C PHE SB 317 17.32 55.16 104.27
N ALA SB 318 16.10 54.98 104.81
CA ALA SB 318 15.81 53.91 105.75
C ALA SB 318 16.10 52.53 105.20
N VAL SB 319 15.67 52.24 103.96
CA VAL SB 319 16.00 51.05 103.23
C VAL SB 319 17.49 50.92 102.97
N ARG SB 320 18.16 52.01 102.54
CA ARG SB 320 19.60 52.03 102.32
C ARG SB 320 20.39 51.68 103.57
N CYS SB 321 20.00 52.25 104.72
CA CYS SB 321 20.56 51.90 106.02
C CYS SB 321 20.27 50.46 106.41
N ARG SB 322 19.03 49.99 106.18
CA ARG SB 322 18.64 48.59 106.31
C ARG SB 322 19.56 47.64 105.56
N LEU SB 323 19.77 47.89 104.26
CA LEU SB 323 20.72 47.16 103.45
C LEU SB 323 22.16 47.32 103.92
N ASN SB 324 22.61 48.55 104.14
CA ASN SB 324 23.97 48.84 104.54
C ASN SB 324 23.98 49.62 105.86
N PRO SB 325 24.30 49.01 107.00
CA PRO SB 325 24.27 49.72 108.26
C PRO SB 325 25.51 50.60 108.42
N ALA SB 326 26.59 50.35 107.67
CA ALA SB 326 27.74 51.23 107.66
C ALA SB 326 27.54 52.55 106.92
N TYR SB 327 26.53 52.66 106.03
CA TYR SB 327 26.32 53.79 105.15
C TYR SB 327 26.32 55.18 105.81
N LYS SB 328 25.76 55.31 107.02
CA LYS SB 328 25.74 56.55 107.77
C LYS SB 328 27.13 57.15 107.97
N LEU SB 329 28.10 56.32 108.40
CA LEU SB 329 29.50 56.70 108.43
C LEU SB 329 30.07 57.10 107.07
N LEU SB 330 29.79 56.32 106.01
CA LEU SB 330 30.13 56.66 104.63
C LEU SB 330 29.55 58.01 104.15
N ARG SB 331 28.30 58.28 104.53
CA ARG SB 331 27.64 59.55 104.32
C ARG SB 331 28.38 60.66 105.06
N SER SB 332 28.78 60.41 106.32
CA SER SB 332 29.62 61.29 107.11
C SER SB 332 30.95 61.56 106.44
N LEU SB 333 31.66 60.55 105.93
CA LEU SB 333 32.90 60.71 105.20
C LEU SB 333 32.78 61.69 104.02
N ALA SB 334 31.76 61.48 103.16
CA ALA SB 334 31.44 62.38 102.08
C ALA SB 334 31.14 63.81 102.55
N VAL SB 335 30.30 63.95 103.59
CA VAL SB 335 30.00 65.21 104.23
C VAL SB 335 31.24 65.89 104.78
N LEU SB 336 32.19 65.18 105.41
CA LEU SB 336 33.42 65.73 105.92
C LEU SB 336 34.28 66.36 104.83
N ARG SB 337 34.46 65.66 103.70
CA ARG SB 337 35.12 66.23 102.55
C ARG SB 337 34.40 67.49 102.02
N MET SB 338 33.07 67.42 101.92
CA MET SB 338 32.22 68.53 101.54
C MET SB 338 32.29 69.76 102.46
N ARG SB 339 32.19 69.57 103.79
CA ARG SB 339 32.36 70.56 104.84
C ARG SB 339 33.57 71.46 104.67
N LYS SB 340 34.74 70.89 104.34
CA LYS SB 340 35.92 71.67 103.98
C LYS SB 340 35.65 72.54 102.75
N SER SB 341 35.67 73.86 102.98
CA SER SB 341 35.15 74.85 102.06
C SER SB 341 36.21 75.28 101.04
N ILE SB 342 35.84 76.20 100.13
CA ILE SB 342 36.67 76.56 99.01
C ILE SB 342 37.94 77.34 99.34
N LEU SB 343 37.97 78.16 100.42
CA LEU SB 343 39.16 78.89 100.83
C LEU SB 343 40.34 78.00 101.22
N GLU SB 344 40.11 76.97 102.05
CA GLU SB 344 41.08 75.98 102.45
C GLU SB 344 41.56 75.16 101.25
N LYS SB 345 40.64 74.69 100.38
CA LYS SB 345 40.98 74.08 99.09
C LYS SB 345 41.86 74.97 98.22
N SER SB 346 41.54 76.27 98.10
CA SER SB 346 42.36 77.23 97.38
C SER SB 346 43.77 77.41 97.96
N LYS SB 347 43.92 77.55 99.29
CA LYS SB 347 45.24 77.52 99.93
C LYS SB 347 46.03 76.24 99.67
N ASN SB 348 45.39 75.08 99.84
CA ASN SB 348 45.94 73.74 99.68
C ASN SB 348 46.46 73.41 98.29
N LYS SB 349 45.76 73.86 97.22
CA LYS SB 349 46.01 73.43 95.84
C LYS SB 349 47.43 73.70 95.38
N LYS SB 350 47.98 74.89 95.68
CA LYS SB 350 49.35 75.27 95.39
C LYS SB 350 50.39 74.33 96.00
N GLU SB 351 50.23 73.93 97.27
CA GLU SB 351 51.18 73.10 97.99
C GLU SB 351 51.29 71.71 97.41
N LYS SB 352 50.12 71.12 97.06
CA LYS SB 352 49.98 69.83 96.44
C LYS SB 352 50.72 69.77 95.10
N ARG SB 353 50.46 70.75 94.23
CA ARG SB 353 51.09 70.90 92.93
C ARG SB 353 52.59 71.10 93.02
N VAL SB 354 53.06 71.99 93.92
CA VAL SB 354 54.47 72.25 94.16
C VAL SB 354 55.19 71.01 94.64
N GLN SB 355 54.59 70.23 95.55
CA GLN SB 355 55.20 68.99 95.99
C GLN SB 355 55.16 67.88 94.95
N LYS SB 356 54.35 67.98 93.88
CA LYS SB 356 54.32 66.98 92.83
C LYS SB 356 55.39 67.18 91.76
N GLN SB 357 55.83 68.43 91.52
CA GLN SB 357 56.73 68.81 90.44
C GLN SB 357 57.97 67.95 90.17
N ILE SB 358 58.79 67.63 91.20
CA ILE SB 358 60.00 66.83 91.06
C ILE SB 358 59.73 65.47 90.43
N GLN SB 359 58.73 64.75 90.95
CA GLN SB 359 58.15 63.55 90.39
C GLN SB 359 57.65 63.73 88.96
N LYS SB 360 56.91 64.82 88.68
CA LYS SB 360 56.34 65.14 87.38
C LYS SB 360 57.42 65.32 86.32
N LYS SB 361 58.51 66.04 86.65
CA LYS SB 361 59.67 66.16 85.79
C LYS SB 361 60.32 64.81 85.51
N GLU SB 362 60.51 63.96 86.53
CA GLU SB 362 61.00 62.60 86.34
C GLU SB 362 60.11 61.72 85.48
N LEU SB 363 58.79 61.75 85.71
CA LEU SB 363 57.80 61.05 84.93
C LEU SB 363 57.78 61.50 83.47
N GLN SB 364 57.91 62.81 83.19
CA GLN SB 364 58.13 63.30 81.86
C GLN SB 364 59.37 62.73 81.19
N LYS SB 365 60.52 62.66 81.88
CA LYS SB 365 61.74 62.09 81.34
C LYS SB 365 61.60 60.62 80.98
N ILE SB 366 60.93 59.83 81.83
CA ILE SB 366 60.61 58.42 81.61
C ILE SB 366 59.81 58.17 80.34
N ASN SB 367 58.83 59.05 80.08
CA ASN SB 367 57.98 59.00 78.91
C ASN SB 367 58.72 59.48 77.69
N HIS SB 368 59.54 60.53 77.84
CA HIS SB 368 60.45 60.99 76.80
C HIS SB 368 61.43 59.91 76.31
N ASP SB 369 62.01 59.11 77.21
CA ASP SB 369 62.78 57.92 76.90
C ASP SB 369 61.98 56.83 76.17
N TYR SB 370 60.71 56.57 76.57
CA TYR SB 370 59.85 55.66 75.83
C TYR SB 370 59.66 56.11 74.37
N TYR SB 371 59.40 57.41 74.16
CA TYR SB 371 59.43 58.09 72.89
C TYR SB 371 60.78 57.98 72.16
N LYS SB 372 61.93 58.09 72.85
CA LYS SB 372 63.25 57.97 72.26
C LYS SB 372 63.39 56.61 71.58
N GLY SB 373 62.97 55.53 72.25
CA GLY SB 373 62.88 54.21 71.64
C GLY SB 373 62.02 54.12 70.40
N VAL SB 374 60.83 54.77 70.40
CA VAL SB 374 59.96 54.84 69.23
C VAL SB 374 60.63 55.54 68.06
N ALA SB 375 61.21 56.72 68.33
CA ALA SB 375 61.89 57.51 67.33
C ALA SB 375 63.08 56.75 66.75
N LYS SB 376 63.90 56.13 67.62
CA LYS SB 376 65.03 55.33 67.21
C LYS SB 376 64.63 54.16 66.33
N ALA SB 377 63.53 53.45 66.69
CA ALA SB 377 63.00 52.41 65.85
C ALA SB 377 62.54 52.87 64.48
N VAL SB 378 61.88 54.03 64.40
CA VAL SB 378 61.50 54.60 63.12
C VAL SB 378 62.68 54.96 62.25
N LYS SB 379 63.70 55.65 62.82
CA LYS SB 379 64.93 55.96 62.09
C LYS SB 379 65.70 54.76 61.57
N LYS SB 380 65.89 53.72 62.41
CA LYS SB 380 66.60 52.51 62.04
C LYS SB 380 65.90 51.73 60.93
N LYS SB 381 64.58 51.52 61.06
CA LYS SB 381 63.73 50.96 60.04
C LYS SB 381 63.75 51.70 58.70
N LYS SB 382 63.61 53.04 58.73
CA LYS SB 382 63.70 53.89 57.56
C LYS SB 382 65.03 53.78 56.80
N LYS SB 383 66.15 53.85 57.51
CA LYS SB 383 67.49 53.60 57.01
C LYS SB 383 67.67 52.25 56.33
N ARG SB 384 67.10 51.21 56.96
CA ARG SB 384 67.10 49.83 56.56
C ARG SB 384 66.41 49.66 55.23
N GLU SB 385 65.23 50.28 55.04
CA GLU SB 385 64.51 50.28 53.77
C GLU SB 385 65.31 50.89 52.64
N GLU SB 386 65.95 52.05 52.89
CA GLU SB 386 66.79 52.72 51.92
C GLU SB 386 68.00 51.88 51.55
N LYS SB 387 68.66 51.26 52.54
CA LYS SB 387 69.67 50.24 52.31
C LYS SB 387 69.20 49.03 51.48
N LYS SB 388 68.03 48.48 51.83
CA LYS SB 388 67.40 47.33 51.23
C LYS SB 388 67.05 47.48 49.76
N ALA SB 389 66.44 48.62 49.37
CA ALA SB 389 65.70 48.76 48.13
C ALA SB 389 66.45 48.46 46.83
N LYS SB 390 67.67 48.97 46.66
CA LYS SB 390 68.52 48.58 45.54
C LYS SB 390 69.55 47.51 45.99
N VAL TB 1 98.76 -18.22 53.36
CA VAL TB 1 97.60 -17.63 54.13
C VAL TB 1 96.43 -18.60 54.32
N MET TB 2 95.38 -18.19 55.09
CA MET TB 2 94.23 -19.02 55.42
C MET TB 2 93.35 -19.43 54.24
N ARG TB 3 93.10 -18.48 53.31
CA ARG TB 3 92.33 -18.63 52.08
C ARG TB 3 92.61 -19.85 51.17
N GLU TB 4 91.67 -20.10 50.24
CA GLU TB 4 91.58 -21.37 49.54
C GLU TB 4 90.87 -21.17 48.20
N ILE TB 5 91.05 -22.07 47.22
CA ILE TB 5 90.17 -22.16 46.06
C ILE TB 5 89.67 -23.60 46.03
N LYS TB 6 88.35 -23.82 45.93
CA LYS TB 6 87.78 -25.16 46.08
C LYS TB 6 86.53 -25.32 45.23
N VAL TB 7 86.31 -26.50 44.64
CA VAL TB 7 85.05 -26.83 43.99
C VAL TB 7 83.88 -26.88 44.98
N ASN TB 8 82.70 -26.37 44.57
CA ASN TB 8 81.48 -26.57 45.33
C ASN TB 8 80.64 -27.64 44.66
N LYS TB 9 80.31 -27.46 43.37
CA LYS TB 9 79.39 -28.32 42.67
C LYS TB 9 79.80 -28.44 41.22
N LEU TB 10 79.62 -29.61 40.62
CA LEU TB 10 79.58 -29.76 39.19
C LEU TB 10 78.20 -30.30 38.90
N VAL TB 11 77.57 -29.86 37.82
CA VAL TB 11 76.23 -30.27 37.47
C VAL TB 11 76.26 -30.82 36.05
N LEU TB 12 75.79 -32.07 35.90
CA LEU TB 12 75.48 -32.63 34.61
C LEU TB 12 74.03 -32.30 34.33
N ASN TB 13 73.72 -31.80 33.12
CA ASN TB 13 72.39 -31.39 32.77
C ASN TB 13 72.17 -31.67 31.29
N ILE TB 14 71.07 -32.37 30.94
CA ILE TB 14 70.68 -32.55 29.56
C ILE TB 14 69.19 -32.32 29.41
N CYS TB 15 68.79 -31.22 28.74
CA CYS TB 15 67.42 -31.05 28.29
C CYS TB 15 67.30 -31.67 26.92
N VAL TB 16 66.90 -32.95 26.90
CA VAL TB 16 66.81 -33.75 25.69
C VAL TB 16 65.70 -33.29 24.75
N GLY TB 17 64.51 -32.98 25.30
CA GLY TB 17 63.38 -32.43 24.55
C GLY TB 17 62.48 -33.39 23.80
N GLU TB 18 62.75 -34.71 23.84
CA GLU TB 18 61.85 -35.71 23.25
C GLU TB 18 61.05 -36.44 24.33
N SER TB 19 61.47 -36.31 25.60
CA SER TB 19 60.72 -36.70 26.79
C SER TB 19 60.36 -38.18 26.89
N GLY TB 20 61.24 -39.10 26.45
CA GLY TB 20 60.97 -40.53 26.56
C GLY TB 20 62.20 -41.39 26.57
N ASP TB 21 62.43 -42.15 25.49
CA ASP TB 21 63.44 -43.17 25.39
C ASP TB 21 64.86 -42.64 25.51
N ARG TB 22 65.20 -41.58 24.75
CA ARG TB 22 66.50 -40.95 24.84
C ARG TB 22 66.75 -40.35 26.21
N LEU TB 23 65.77 -39.62 26.79
CA LEU TB 23 65.89 -39.09 28.13
C LEU TB 23 66.09 -40.12 29.23
N THR TB 24 65.26 -41.18 29.24
CA THR TB 24 65.42 -42.30 30.15
C THR TB 24 66.74 -43.03 30.03
N ARG TB 25 67.21 -43.27 28.79
CA ARG TB 25 68.52 -43.80 28.52
C ARG TB 25 69.63 -42.89 29.01
N ALA TB 26 69.55 -41.59 28.70
CA ALA TB 26 70.48 -40.55 29.09
C ALA TB 26 70.65 -40.44 30.59
N ALA TB 27 69.55 -40.33 31.34
CA ALA TB 27 69.62 -40.34 32.79
C ALA TB 27 70.29 -41.58 33.38
N ARG TB 28 70.00 -42.77 32.82
CA ARG TB 28 70.67 -43.99 33.22
C ARG TB 28 72.17 -43.99 32.91
N VAL TB 29 72.55 -43.46 31.73
CA VAL TB 29 73.93 -43.23 31.32
C VAL TB 29 74.65 -42.29 32.25
N LEU TB 30 74.02 -41.15 32.61
CA LEU TB 30 74.60 -40.20 33.53
C LEU TB 30 74.83 -40.82 34.92
N GLU TB 31 73.86 -41.60 35.42
CA GLU TB 31 74.01 -42.41 36.63
C GLU TB 31 75.14 -43.43 36.55
N GLN TB 32 75.26 -44.16 35.43
CA GLN TB 32 76.36 -45.08 35.16
C GLN TB 32 77.73 -44.40 35.16
N LEU TB 33 77.85 -43.22 34.51
CA LEU TB 33 79.05 -42.42 34.46
C LEU TB 33 79.46 -41.86 35.83
N THR TB 34 78.53 -41.25 36.58
CA THR TB 34 78.78 -40.83 37.95
C THR TB 34 77.61 -41.24 38.82
N GLU TB 35 77.91 -41.93 39.92
CA GLU TB 35 77.04 -42.82 40.66
C GLU TB 35 75.69 -42.27 41.12
N GLN TB 36 75.65 -40.98 41.48
CA GLN TB 36 74.52 -40.28 42.05
C GLN TB 36 73.23 -40.40 41.23
N LYS TB 37 72.10 -40.64 41.92
CA LYS TB 37 70.80 -40.82 41.29
C LYS TB 37 70.25 -39.52 40.68
N PRO TB 38 69.88 -39.43 39.40
CA PRO TB 38 69.41 -38.19 38.78
C PRO TB 38 68.17 -37.53 39.35
N ILE TB 39 67.99 -36.26 38.98
CA ILE TB 39 66.87 -35.42 39.32
C ILE TB 39 66.43 -34.78 37.99
N PHE TB 40 65.18 -34.31 37.88
CA PHE TB 40 64.53 -34.16 36.58
C PHE TB 40 63.68 -32.90 36.45
N GLY TB 41 63.48 -32.46 35.19
CA GLY TB 41 62.70 -31.29 34.79
C GLY TB 41 61.20 -31.43 34.79
N LYS TB 42 60.53 -30.38 34.27
CA LYS TB 42 59.08 -30.23 34.19
C LYS TB 42 58.60 -30.32 32.75
N CYS TB 43 57.43 -29.75 32.41
CA CYS TB 43 56.97 -29.58 31.04
C CYS TB 43 56.07 -28.35 30.95
N ARG TB 44 56.13 -27.62 29.80
CA ARG TB 44 55.20 -26.55 29.51
C ARG TB 44 54.08 -27.11 28.58
N LYS TB 57 58.31 -34.71 32.32
CA LYS TB 57 59.74 -34.28 32.43
C LYS TB 57 60.48 -34.17 31.10
N ILE TB 58 61.19 -33.04 30.86
CA ILE TB 58 61.85 -32.76 29.59
C ILE TB 58 63.38 -32.81 29.68
N SER TB 59 63.91 -32.95 30.91
CA SER TB 59 65.32 -32.71 31.18
C SER TB 59 65.76 -33.56 32.33
N CYS TB 60 67.02 -34.00 32.32
CA CYS TB 60 67.63 -34.78 33.37
C CYS TB 60 68.89 -34.10 33.85
N PHE TB 61 69.17 -34.14 35.16
CA PHE TB 61 70.32 -33.49 35.72
C PHE TB 61 70.73 -34.15 37.03
N VAL TB 62 71.97 -33.90 37.48
CA VAL TB 62 72.43 -34.40 38.76
C VAL TB 62 73.62 -33.57 39.23
N THR TB 63 73.82 -33.46 40.55
CA THR TB 63 74.99 -32.80 41.12
C THR TB 63 76.11 -33.80 41.35
N VAL TB 64 77.35 -33.34 41.12
CA VAL TB 64 78.59 -34.07 41.29
C VAL TB 64 79.47 -33.24 42.21
N ARG TB 65 80.20 -33.85 43.17
CA ARG TB 65 80.92 -33.11 44.19
C ARG TB 65 82.39 -33.51 44.28
N GLY TB 66 83.22 -32.62 44.88
CA GLY TB 66 84.62 -32.84 45.27
C GLY TB 66 85.53 -33.53 44.29
N LYS TB 67 86.18 -34.61 44.76
CA LYS TB 67 87.06 -35.47 43.99
C LYS TB 67 86.42 -35.98 42.72
N LYS TB 68 85.18 -36.47 42.82
CA LYS TB 68 84.39 -36.98 41.71
C LYS TB 68 84.18 -35.94 40.62
N ALA TB 69 83.86 -34.69 40.99
CA ALA TB 69 83.71 -33.59 40.08
C ALA TB 69 85.00 -33.29 39.32
N LEU TB 70 86.14 -33.32 40.03
CA LEU TB 70 87.45 -33.14 39.43
C LEU TB 70 87.75 -34.20 38.38
N GLU TB 71 87.43 -35.49 38.63
CA GLU TB 71 87.47 -36.55 37.64
C GLU TB 71 86.68 -36.26 36.36
N ILE TB 72 85.43 -35.76 36.48
CA ILE TB 72 84.62 -35.37 35.34
C ILE TB 72 85.24 -34.21 34.56
N LEU TB 73 85.75 -33.20 35.28
CA LEU TB 73 86.51 -32.11 34.68
C LEU TB 73 87.74 -32.59 33.93
N GLU TB 74 88.53 -33.48 34.53
CA GLU TB 74 89.72 -34.07 33.95
C GLU TB 74 89.49 -34.81 32.63
N LYS TB 75 88.39 -35.59 32.50
CA LYS TB 75 88.04 -36.19 31.22
C LYS TB 75 87.52 -35.13 30.24
N GLY TB 76 86.65 -34.22 30.72
CA GLY TB 76 86.18 -33.06 29.96
C GLY TB 76 87.24 -32.21 29.30
N LEU TB 77 88.27 -31.82 30.07
CA LEU TB 77 89.29 -30.84 29.74
C LEU TB 77 89.96 -30.95 28.38
N LYS TB 78 90.34 -32.17 27.95
CA LYS TB 78 91.02 -32.40 26.70
C LYS TB 78 90.30 -33.52 25.92
N ARG TB 85 87.41 -19.05 22.75
CA ARG TB 85 86.70 -18.41 23.91
C ARG TB 85 87.49 -18.46 25.23
N ARG TB 86 87.74 -17.29 25.86
CA ARG TB 86 88.27 -17.21 27.21
C ARG TB 86 87.28 -16.50 28.11
N LYS TB 87 86.07 -16.21 27.58
CA LYS TB 87 85.04 -15.43 28.23
C LYS TB 87 83.89 -16.32 28.67
N ASN TB 88 84.18 -17.63 28.74
CA ASN TB 88 83.30 -18.66 29.27
C ASN TB 88 83.01 -18.50 30.76
N PHE TB 89 83.98 -18.03 31.56
CA PHE TB 89 83.79 -17.79 32.99
C PHE TB 89 82.72 -16.76 33.33
N SER TB 90 81.94 -17.03 34.39
CA SER TB 90 81.13 -16.02 35.05
C SER TB 90 81.96 -15.05 35.87
N ASP TB 91 81.36 -13.94 36.33
CA ASP TB 91 81.96 -13.04 37.28
C ASP TB 91 82.31 -13.71 38.62
N THR TB 92 81.52 -14.73 39.00
CA THR TB 92 81.69 -15.49 40.23
C THR TB 92 82.60 -16.70 40.03
N GLY TB 93 83.23 -16.81 38.83
CA GLY TB 93 84.30 -17.76 38.57
C GLY TB 93 83.87 -19.15 38.18
N ASN TB 94 82.60 -19.33 37.79
CA ASN TB 94 82.04 -20.62 37.45
C ASN TB 94 82.05 -20.80 35.94
N PHE TB 95 81.99 -22.04 35.42
CA PHE TB 95 82.20 -22.28 34.00
C PHE TB 95 81.66 -23.63 33.54
N GLY TB 96 81.47 -23.84 32.22
CA GLY TB 96 81.10 -25.14 31.69
C GLY TB 96 81.35 -25.24 30.22
N PHE TB 97 81.07 -26.42 29.63
CA PHE TB 97 81.21 -26.66 28.20
C PHE TB 97 80.50 -27.94 27.79
N GLY TB 98 80.38 -28.17 26.45
CA GLY TB 98 79.95 -29.43 25.85
C GLY TB 98 80.97 -30.01 24.89
N ILE TB 99 80.64 -31.13 24.21
CA ILE TB 99 81.48 -31.76 23.20
C ILE TB 99 81.26 -31.07 21.83
N GLY TB 117 77.56 -31.94 21.47
CA GLY TB 117 77.44 -33.20 22.30
C GLY TB 117 77.52 -32.94 23.78
N MET TB 118 77.25 -33.99 24.60
CA MET TB 118 77.12 -34.01 26.05
C MET TB 118 77.89 -32.97 26.89
N ASP TB 119 77.24 -32.39 27.92
CA ASP TB 119 77.66 -31.13 28.48
C ASP TB 119 77.39 -30.99 29.98
N PHE TB 120 78.18 -30.12 30.64
CA PHE TB 120 78.14 -29.96 32.08
C PHE TB 120 78.80 -28.64 32.51
N TYR TB 121 78.58 -28.25 33.78
CA TYR TB 121 78.93 -26.94 34.31
C TYR TB 121 79.44 -27.08 35.74
N VAL TB 122 80.43 -26.25 36.10
CA VAL TB 122 81.20 -26.33 37.32
C VAL TB 122 81.09 -25.03 38.09
N HIS TB 123 80.79 -25.13 39.39
CA HIS TB 123 80.74 -24.02 40.33
C HIS TB 123 81.78 -24.22 41.41
N LEU TB 124 82.60 -23.19 41.62
CA LEU TB 124 83.65 -23.17 42.62
C LEU TB 124 83.22 -22.31 43.80
N SER TB 125 83.42 -22.81 45.03
CA SER TB 125 83.30 -21.98 46.22
C SER TB 125 84.22 -22.49 47.31
N ARG TB 126 85.06 -21.58 47.86
CA ARG TB 126 85.92 -21.82 49.00
C ARG TB 126 85.18 -22.05 50.32
N SER TB 127 85.83 -22.74 51.27
CA SER TB 127 85.32 -23.00 52.62
C SER TB 127 84.84 -21.75 53.37
N GLY TB 128 83.87 -21.91 54.27
CA GLY TB 128 83.19 -20.77 54.88
C GLY TB 128 82.03 -20.26 54.06
N TYR TB 129 81.67 -20.95 52.96
CA TYR TB 129 80.47 -20.68 52.19
C TYR TB 129 79.21 -21.06 52.98
N ARG TB 130 79.38 -21.96 53.97
CA ARG TB 130 78.36 -22.56 54.80
C ARG TB 130 77.45 -21.56 55.48
N VAL TB 131 78.00 -20.39 55.86
CA VAL TB 131 77.34 -19.29 56.53
C VAL TB 131 76.03 -18.85 55.88
N THR TB 132 75.92 -19.04 54.56
CA THR TB 132 74.74 -18.76 53.77
C THR TB 132 73.60 -19.71 54.06
N ARG TB 133 73.95 -20.98 54.26
CA ARG TB 133 73.05 -22.10 54.44
C ARG TB 133 72.75 -22.41 55.89
N ARG TB 134 73.80 -22.40 56.75
CA ARG TB 134 73.80 -22.61 58.19
C ARG TB 134 72.62 -22.03 58.95
N THR TB 135 71.67 -22.90 59.34
CA THR TB 135 70.32 -22.53 59.74
C THR TB 135 70.25 -21.66 60.97
N ARG TB 136 71.12 -21.91 61.97
CA ARG TB 136 71.16 -21.15 63.20
C ARG TB 136 71.46 -19.66 63.02
N ARG TB 137 72.37 -19.35 62.08
CA ARG TB 137 72.88 -18.00 61.90
C ARG TB 137 73.13 -17.73 60.41
N ARG TB 138 72.11 -17.83 59.54
CA ARG TB 138 72.25 -17.60 58.09
C ARG TB 138 72.65 -16.15 57.74
N SER TB 139 73.69 -15.95 56.88
CA SER TB 139 74.16 -14.61 56.53
C SER TB 139 74.99 -14.60 55.26
N LYS TB 140 75.37 -13.40 54.78
CA LYS TB 140 76.14 -13.19 53.56
C LYS TB 140 77.66 -13.19 53.77
N ILE TB 141 78.40 -13.86 52.85
CA ILE TB 141 79.85 -13.77 52.69
C ILE TB 141 80.33 -12.36 52.31
N SER TB 142 81.52 -11.95 52.79
CA SER TB 142 82.16 -10.71 52.35
C SER TB 142 82.49 -10.68 50.86
N LYS TB 143 82.26 -9.52 50.21
CA LYS TB 143 82.59 -9.27 48.82
C LYS TB 143 84.06 -9.51 48.49
N THR TB 144 84.98 -9.09 49.38
CA THR TB 144 86.41 -9.34 49.23
C THR TB 144 86.83 -10.72 49.72
N HIS TB 145 85.89 -11.68 49.74
CA HIS TB 145 86.17 -13.06 50.07
C HIS TB 145 85.49 -13.97 49.07
N LYS TB 146 84.49 -13.47 48.32
CA LYS TB 146 83.96 -14.11 47.13
C LYS TB 146 85.05 -14.44 46.08
N VAL TB 147 84.84 -15.52 45.29
CA VAL TB 147 85.87 -16.13 44.46
C VAL TB 147 86.41 -15.23 43.35
N THR TB 148 85.53 -14.51 42.63
CA THR TB 148 85.86 -13.68 41.46
C THR TB 148 86.39 -14.43 40.24
N LYS TB 149 86.66 -13.70 39.14
CA LYS TB 149 87.20 -14.22 37.91
C LYS TB 149 88.65 -14.61 38.06
N GLU TB 150 89.48 -13.73 38.62
CA GLU TB 150 90.92 -13.80 38.64
C GLU TB 150 91.46 -15.06 39.30
N ASP TB 151 90.92 -15.42 40.49
CA ASP TB 151 91.28 -16.65 41.18
C ASP TB 151 90.94 -17.90 40.36
N ALA TB 152 89.74 -17.95 39.74
CA ALA TB 152 89.29 -19.00 38.86
C ALA TB 152 90.19 -19.21 37.65
N MET TB 153 90.53 -18.11 36.97
CA MET TB 153 91.42 -18.06 35.83
C MET TB 153 92.81 -18.60 36.16
N LYS TB 154 93.36 -18.20 37.32
CA LYS TB 154 94.60 -18.72 37.84
C LYS TB 154 94.53 -20.22 38.12
N TRP TB 155 93.45 -20.70 38.74
CA TRP TB 155 93.15 -22.09 38.99
C TRP TB 155 93.09 -22.91 37.70
N PHE TB 156 92.40 -22.40 36.66
CA PHE TB 156 92.35 -22.99 35.33
C PHE TB 156 93.74 -23.15 34.72
N GLN TB 157 94.57 -22.10 34.79
CA GLN TB 157 95.96 -22.19 34.37
C GLN TB 157 96.77 -23.19 35.18
N THR TB 158 96.55 -23.23 36.51
CA THR TB 158 97.17 -24.13 37.46
C THR TB 158 96.98 -25.59 37.11
N LYS TB 159 95.72 -26.01 36.88
CA LYS TB 159 95.40 -27.36 36.52
C LYS TB 159 95.90 -27.79 35.10
N ILE UB 1 36.00 66.51 75.25
CA ILE UB 1 35.07 67.71 75.33
C ILE UB 1 34.15 67.91 74.12
N ASP UB 2 34.68 68.27 72.92
CA ASP UB 2 33.92 68.47 71.70
C ASP UB 2 33.15 67.23 71.21
N ASN UB 3 32.00 67.46 70.55
CA ASN UB 3 31.35 66.43 69.77
C ASN UB 3 30.82 67.04 68.47
N SER UB 4 31.48 68.07 67.92
CA SER UB 4 31.03 68.75 66.71
C SER UB 4 32.06 68.69 65.60
N LEU UB 5 33.27 68.18 65.88
CA LEU UB 5 34.34 68.05 64.92
C LEU UB 5 35.31 66.94 65.32
N ASN UB 6 35.20 66.49 66.59
CA ASN UB 6 35.82 65.34 67.22
C ASN UB 6 36.22 64.13 66.38
N THR UB 7 37.41 63.58 66.68
CA THR UB 7 37.84 62.28 66.19
C THR UB 7 38.11 61.40 67.39
N ASN UB 8 37.53 60.18 67.40
CA ASN UB 8 37.65 59.27 68.53
C ASN UB 8 38.73 58.22 68.30
N ILE UB 9 39.43 58.32 67.14
CA ILE UB 9 40.63 57.56 66.86
C ILE UB 9 41.78 58.16 67.66
N HIS UB 10 42.40 57.35 68.52
CA HIS UB 10 43.49 57.74 69.38
C HIS UB 10 44.67 56.83 69.21
N GLN UB 11 45.84 57.21 69.75
CA GLN UB 11 47.02 56.39 69.60
C GLN UB 11 47.35 55.75 70.93
N TYR UB 12 47.71 54.46 70.90
CA TYR UB 12 48.04 53.70 72.09
C TYR UB 12 49.39 53.06 71.93
N HIS UB 13 50.30 53.19 72.92
CA HIS UB 13 51.51 52.40 73.01
C HIS UB 13 51.27 51.10 73.74
N ILE UB 14 51.45 49.96 73.05
CA ILE UB 14 51.14 48.66 73.58
C ILE UB 14 52.41 47.81 73.63
N VAL UB 15 52.63 47.18 74.78
CA VAL UB 15 53.74 46.30 75.05
C VAL UB 15 53.22 44.94 75.50
N GLY UB 16 53.80 43.84 74.99
CA GLY UB 16 53.45 42.49 75.41
C GLY UB 16 54.63 41.57 75.26
N ARG UB 17 54.50 40.32 75.72
CA ARG UB 17 55.58 39.37 75.59
C ARG UB 17 55.06 37.95 75.55
N ALA UB 18 55.93 37.03 75.12
CA ALA UB 18 55.73 35.60 75.18
C ALA UB 18 55.71 35.06 76.61
N ILE UB 19 54.78 34.14 76.94
CA ILE UB 19 54.79 33.45 78.22
C ILE UB 19 56.08 32.64 78.43
N PRO UB 20 56.79 32.72 79.57
CA PRO UB 20 57.91 31.83 79.90
C PRO UB 20 57.60 30.35 79.81
N THR UB 21 58.47 29.56 79.18
CA THR UB 21 58.30 28.11 79.06
C THR UB 21 59.65 27.44 79.24
N ALA UB 22 59.70 26.09 79.19
CA ALA UB 22 60.95 25.35 79.15
C ALA UB 22 61.79 25.68 77.91
N LYS UB 23 61.13 25.78 76.74
CA LYS UB 23 61.75 26.26 75.51
C LYS UB 23 62.08 27.75 75.56
N ASP UB 24 61.14 28.58 76.05
CA ASP UB 24 61.25 30.02 76.12
C ASP UB 24 61.55 30.44 77.55
N LYS UB 25 62.76 30.09 78.03
CA LYS UB 25 63.22 30.42 79.37
C LYS UB 25 63.36 31.92 79.60
N ASN UB 26 63.88 32.63 78.58
CA ASN UB 26 63.86 34.07 78.55
C ASN UB 26 63.03 34.49 77.35
N PRO UB 27 61.82 34.99 77.54
CA PRO UB 27 61.00 35.57 76.48
C PRO UB 27 61.62 36.73 75.70
N ASN UB 28 60.97 37.07 74.59
CA ASN UB 28 61.20 38.31 73.90
C ASN UB 28 60.03 39.24 74.17
N VAL UB 29 60.30 40.47 74.64
CA VAL UB 29 59.24 41.46 74.81
C VAL UB 29 59.12 42.29 73.54
N TYR UB 30 57.88 42.58 73.12
CA TYR UB 30 57.58 43.32 71.91
C TYR UB 30 56.80 44.58 72.21
N ARG UB 31 57.21 45.74 71.66
CA ARG UB 31 56.42 46.96 71.76
C ARG UB 31 56.01 47.51 70.40
N MET UB 32 54.84 48.17 70.33
CA MET UB 32 54.38 48.89 69.17
C MET UB 32 53.42 50.02 69.54
N CYS UB 33 53.39 51.13 68.79
CA CYS UB 33 52.31 52.10 68.87
C CYS UB 33 51.24 51.86 67.79
N ILE UB 34 49.95 51.97 68.16
CA ILE UB 34 48.83 51.60 67.31
C ILE UB 34 47.69 52.60 67.43
N PHE UB 35 47.15 53.06 66.27
CA PHE UB 35 46.05 53.98 66.21
C PHE UB 35 44.72 53.24 66.13
N ALA UB 36 43.83 53.48 67.11
CA ALA UB 36 42.56 52.77 67.22
C ALA UB 36 41.46 53.64 67.82
N LYS UB 37 40.19 53.20 67.70
CA LYS UB 37 39.06 53.94 68.25
C LYS UB 37 38.83 53.62 69.72
N ASN UB 38 39.39 52.51 70.21
CA ASN UB 38 39.27 52.10 71.59
C ASN UB 38 40.35 51.11 71.90
N ASP UB 39 40.51 50.78 73.19
CA ASP UB 39 41.54 49.92 73.70
C ASP UB 39 41.41 48.48 73.22
N THR UB 40 40.19 47.94 73.05
CA THR UB 40 39.99 46.57 72.57
C THR UB 40 40.43 46.44 71.13
N ASN UB 41 40.09 47.43 70.30
CA ASN UB 41 40.51 47.54 68.93
C ASN UB 41 42.03 47.66 68.82
N ALA UB 42 42.65 48.52 69.65
CA ALA UB 42 44.08 48.67 69.70
C ALA UB 42 44.81 47.37 70.04
N LYS UB 43 44.36 46.68 71.09
CA LYS UB 43 44.84 45.37 71.48
C LYS UB 43 44.65 44.32 70.40
N SER UB 44 43.47 44.24 69.76
CA SER UB 44 43.23 43.26 68.72
C SER UB 44 44.11 43.48 67.50
N ARG UB 45 44.33 44.73 67.07
CA ARG UB 45 45.31 45.03 66.05
C ARG UB 45 46.74 44.69 66.45
N PHE UB 46 47.14 44.99 67.71
CA PHE UB 46 48.43 44.58 68.24
C PHE UB 46 48.62 43.07 68.21
N TRP UB 47 47.62 42.32 68.69
CA TRP UB 47 47.57 40.88 68.62
C TRP UB 47 47.62 40.32 67.21
N TYR UB 48 46.91 40.94 66.25
CA TYR UB 48 46.97 40.54 64.86
C TYR UB 48 48.39 40.68 64.30
N PHE UB 49 49.07 41.79 64.57
CA PHE UB 49 50.46 41.93 64.20
C PHE UB 49 51.39 40.96 64.89
N MET UB 50 51.18 40.67 66.18
CA MET UB 50 51.91 39.64 66.90
C MET UB 50 51.72 38.28 66.24
N LYS UB 51 50.49 37.91 65.86
CA LYS UB 51 50.21 36.77 65.02
C LYS UB 51 50.85 36.81 63.63
N LYS UB 52 50.77 37.93 62.88
CA LYS UB 52 51.34 38.01 61.54
C LYS UB 52 52.86 37.90 61.51
N ILE UB 53 53.55 38.53 62.46
CA ILE UB 53 55.00 38.55 62.52
C ILE UB 53 55.51 37.34 63.26
N ASN UB 54 55.13 37.23 64.54
CA ASN UB 54 55.59 36.22 65.47
C ASN UB 54 54.66 35.00 65.45
N LYS UB 55 54.93 33.98 66.28
CA LYS UB 55 54.04 32.84 66.44
C LYS UB 55 53.08 33.05 67.61
N LEU UB 56 53.00 34.29 68.12
CA LEU UB 56 52.33 34.59 69.37
C LEU UB 56 50.89 35.04 69.16
N LYS UB 57 49.94 34.17 69.52
CA LYS UB 57 48.54 34.50 69.66
C LYS UB 57 48.27 34.93 71.08
N LYS UB 58 47.04 35.40 71.39
CA LYS UB 58 46.64 35.93 72.69
C LYS UB 58 46.89 34.95 73.82
N SER UB 59 46.66 33.67 73.52
CA SER UB 59 46.94 32.51 74.34
C SER UB 59 48.40 32.31 74.69
N ASN UB 60 49.32 32.72 73.80
CA ASN UB 60 50.73 32.40 73.93
C ASN UB 60 51.51 33.52 74.58
N GLY UB 61 50.85 34.63 74.90
CA GLY UB 61 51.51 35.82 75.39
C GLY UB 61 50.79 36.45 76.54
N GLU UB 62 51.36 37.54 77.04
CA GLU UB 62 50.82 38.29 78.16
C GLU UB 62 51.08 39.77 77.94
N LEU UB 63 50.07 40.61 78.26
CA LEU UB 63 50.15 42.02 77.97
C LEU UB 63 50.90 42.74 79.07
N LEU UB 64 51.96 43.48 78.73
CA LEU UB 64 52.73 44.23 79.68
C LEU UB 64 52.18 45.62 79.88
N ALA UB 65 51.76 46.26 78.77
CA ALA UB 65 51.29 47.61 78.84
C ALA UB 65 50.36 47.93 77.70
N CYS UB 66 49.34 48.76 77.96
CA CYS UB 66 48.62 49.47 76.92
C CYS UB 66 48.34 50.84 77.48
N GLU UB 67 48.78 51.91 76.81
CA GLU UB 67 48.44 53.25 77.24
C GLU UB 67 48.29 54.19 76.08
N GLN UB 68 47.30 55.10 76.17
CA GLN UB 68 47.08 56.16 75.21
C GLN UB 68 48.24 57.18 75.22
N ILE UB 69 48.70 57.63 74.05
CA ILE UB 69 49.90 58.46 73.94
C ILE UB 69 49.54 59.90 73.65
N LYS UB 70 50.24 60.84 74.29
CA LYS UB 70 49.74 62.17 74.57
C LYS UB 70 50.36 63.21 73.66
N GLU UB 71 49.53 64.11 73.10
CA GLU UB 71 49.99 65.18 72.25
C GLU UB 71 50.83 66.23 72.98
N ARG UB 72 52.07 66.46 72.50
CA ARG UB 72 52.99 67.39 73.10
C ARG UB 72 52.57 68.84 73.01
N PHE UB 73 52.08 69.26 71.84
CA PHE UB 73 51.84 70.66 71.54
C PHE UB 73 50.60 70.79 70.66
N PRO UB 74 49.39 70.67 71.17
CA PRO UB 74 48.18 70.50 70.36
C PRO UB 74 47.85 71.75 69.59
N LEU UB 75 48.28 72.92 70.07
CA LEU UB 75 48.09 74.19 69.41
C LEU UB 75 48.98 74.36 68.18
N ARG UB 76 50.06 73.56 68.06
CA ARG UB 76 50.95 73.64 66.94
C ARG UB 76 50.53 72.70 65.83
N VAL UB 77 50.51 73.22 64.59
CA VAL UB 77 50.24 72.45 63.38
C VAL UB 77 51.56 71.90 62.87
N LYS UB 78 51.56 70.63 62.43
CA LYS UB 78 52.75 69.86 62.16
C LYS UB 78 52.58 69.10 60.85
N ASN UB 79 53.69 68.72 60.19
CA ASN UB 79 53.63 68.06 58.90
C ASN UB 79 53.82 66.58 59.11
N TYR UB 80 52.79 65.77 58.90
CA TYR UB 80 52.86 64.35 59.07
C TYR UB 80 53.04 63.63 57.76
N GLY UB 81 54.05 62.75 57.69
CA GLY UB 81 54.17 61.82 56.58
C GLY UB 81 53.66 60.49 57.03
N VAL UB 82 52.80 59.84 56.24
CA VAL UB 82 52.21 58.57 56.58
C VAL UB 82 52.42 57.56 55.47
N LEU UB 83 52.81 56.33 55.84
CA LEU UB 83 53.14 55.25 54.95
C LEU UB 83 52.14 54.13 55.15
N LEU UB 84 51.49 53.69 54.06
CA LEU UB 84 50.40 52.74 54.08
C LEU UB 84 50.76 51.48 53.35
N ARG UB 85 50.10 50.39 53.78
CA ARG UB 85 49.77 49.23 53.00
C ARG UB 85 48.25 49.20 52.94
N TYR UB 86 47.63 49.17 51.75
CA TYR UB 86 46.19 49.05 51.64
C TYR UB 86 45.79 48.01 50.61
N ASP UB 87 44.56 47.51 50.71
CA ASP UB 87 44.03 46.56 49.78
C ASP UB 87 42.93 47.20 48.98
N SER UB 88 43.02 47.03 47.65
CA SER UB 88 41.99 47.38 46.68
C SER UB 88 41.15 46.14 46.42
N ARG UB 89 40.14 46.23 45.53
CA ARG UB 89 39.32 45.09 45.18
C ARG UB 89 40.12 44.00 44.50
N THR UB 90 41.07 44.39 43.64
CA THR UB 90 41.82 43.50 42.79
C THR UB 90 43.29 43.38 43.17
N GLY UB 91 43.72 43.88 44.35
CA GLY UB 91 45.14 43.87 44.71
C GLY UB 91 45.52 44.59 45.98
N THR UB 92 46.81 44.52 46.33
CA THR UB 92 47.38 45.18 47.51
C THR UB 92 48.41 46.19 47.04
N HIS UB 93 48.50 47.36 47.68
CA HIS UB 93 49.41 48.41 47.26
C HIS UB 93 50.04 49.11 48.47
N ASN UB 94 51.28 49.61 48.32
CA ASN UB 94 51.90 50.52 49.27
C ASN UB 94 51.81 51.96 48.79
N MET UB 95 51.74 52.93 49.71
CA MET UB 95 51.59 54.33 49.36
C MET UB 95 52.12 55.20 50.48
N TYR UB 96 52.67 56.38 50.16
CA TYR UB 96 53.23 57.31 51.11
C TYR UB 96 52.56 58.65 50.88
N LYS UB 97 51.90 59.23 51.90
CA LYS UB 97 51.10 60.44 51.81
C LYS UB 97 51.54 61.49 52.82
N GLU UB 98 51.31 62.79 52.52
CA GLU UB 98 51.59 63.90 53.42
C GLU UB 98 50.32 64.65 53.83
N PHE UB 99 50.18 64.92 55.14
CA PHE UB 99 49.13 65.72 55.72
C PHE UB 99 49.68 66.71 56.74
N ARG UB 100 49.38 68.00 56.58
CA ARG UB 100 49.61 68.97 57.64
C ARG UB 100 48.40 69.03 58.56
N ASP UB 101 48.59 68.75 59.87
CA ASP UB 101 47.51 68.69 60.84
C ASP UB 101 48.10 69.03 62.21
N THR UB 102 47.30 69.08 63.29
CA THR UB 102 47.80 69.40 64.62
C THR UB 102 48.52 68.21 65.20
N THR UB 103 48.00 67.01 64.88
CA THR UB 103 48.40 65.80 65.54
C THR UB 103 48.21 64.64 64.60
N LYS UB 104 48.94 63.56 64.89
CA LYS UB 104 48.97 62.32 64.14
C LYS UB 104 47.61 61.68 64.05
N GLU UB 105 46.84 61.69 65.15
CA GLU UB 105 45.50 61.14 65.19
C GLU UB 105 44.53 61.80 64.21
N GLY UB 106 44.51 63.16 64.14
CA GLY UB 106 43.80 63.92 63.11
C GLY UB 106 44.17 63.55 61.69
N ALA UB 107 45.47 63.34 61.45
CA ALA UB 107 46.00 62.86 60.20
C ALA UB 107 45.50 61.47 59.81
N ILE UB 108 45.47 60.50 60.75
CA ILE UB 108 44.98 59.15 60.49
C ILE UB 108 43.50 59.15 60.15
N ALA UB 109 42.70 59.94 60.88
CA ALA UB 109 41.30 60.15 60.54
C ALA UB 109 41.10 60.74 59.15
N GLN UB 110 41.91 61.76 58.81
CA GLN UB 110 41.98 62.35 57.50
C GLN UB 110 42.37 61.35 56.42
N LEU UB 111 43.36 60.49 56.69
CA LEU UB 111 43.81 59.42 55.83
C LEU UB 111 42.74 58.40 55.54
N TYR UB 112 42.01 57.92 56.57
CA TYR UB 112 40.89 57.03 56.37
C TYR UB 112 39.81 57.67 55.53
N SER UB 113 39.51 58.96 55.77
CA SER UB 113 38.57 59.74 54.98
C SER UB 113 38.96 59.87 53.51
N GLU UB 114 40.25 60.14 53.24
CA GLU UB 114 40.85 60.24 51.93
C GLU UB 114 40.83 58.92 51.17
N MET UB 115 41.27 57.83 51.80
CA MET UB 115 41.26 56.52 51.22
C MET UB 115 39.86 55.99 50.93
N ALA UB 116 38.91 56.19 51.87
CA ALA UB 116 37.53 55.88 51.65
C ALA UB 116 36.91 56.71 50.54
N GLY UB 117 37.17 58.03 50.53
CA GLY UB 117 36.49 58.93 49.62
C GLY UB 117 36.98 58.82 48.21
N ARG UB 118 38.31 58.72 48.04
CA ARG UB 118 38.92 58.75 46.74
C ARG UB 118 39.17 57.35 46.16
N HIS UB 119 39.24 56.30 47.01
CA HIS UB 119 39.64 54.99 46.55
C HIS UB 119 38.64 53.91 46.93
N ARG UB 120 37.64 54.25 47.76
CA ARG UB 120 36.62 53.36 48.28
C ARG UB 120 37.16 52.36 49.28
N ALA UB 121 38.30 52.68 49.93
CA ALA UB 121 38.97 51.76 50.84
C ALA UB 121 38.47 51.91 52.28
N ARG UB 122 37.90 50.83 52.86
CA ARG UB 122 37.40 50.84 54.22
C ARG UB 122 38.54 50.69 55.22
N ALA UB 123 38.33 51.14 56.47
CA ALA UB 123 39.34 51.19 57.53
C ALA UB 123 40.03 49.86 57.77
N SER UB 124 39.23 48.79 57.72
CA SER UB 124 39.64 47.40 57.75
C SER UB 124 40.67 47.02 56.68
N SER UB 125 40.59 47.62 55.48
CA SER UB 125 41.46 47.31 54.36
C SER UB 125 42.71 48.18 54.28
N ILE UB 126 42.91 49.08 55.27
CA ILE UB 126 44.07 49.97 55.34
C ILE UB 126 44.95 49.57 56.52
N ASN UB 127 46.29 49.62 56.35
CA ASN UB 127 47.24 49.43 57.44
C ASN UB 127 48.26 50.55 57.40
N ILE UB 128 48.28 51.42 58.41
CA ILE UB 128 49.34 52.40 58.61
C ILE UB 128 50.62 51.76 59.11
N ILE UB 129 51.68 51.83 58.31
CA ILE UB 129 53.01 51.43 58.74
C ILE UB 129 53.80 52.73 58.85
N ARG UB 130 53.88 53.29 60.07
CA ARG UB 130 54.52 54.55 60.37
C ARG UB 130 53.75 55.81 59.95
N ILE UB 131 53.46 56.68 60.94
CA ILE UB 131 53.08 58.07 60.75
C ILE UB 131 53.99 58.95 61.58
N SER UB 132 54.64 59.96 60.98
CA SER UB 132 55.62 60.77 61.71
C SER UB 132 55.73 62.19 61.20
N GLU UB 133 56.17 63.09 62.09
CA GLU UB 133 56.46 64.47 61.83
C GLU UB 133 57.70 64.63 60.96
N ILE UB 134 57.59 65.39 59.87
CA ILE UB 134 58.67 65.57 58.93
C ILE UB 134 58.83 67.05 58.60
N SER UB 135 60.01 67.45 58.08
CA SER UB 135 60.27 68.82 57.65
C SER UB 135 59.36 69.31 56.54
N SER UB 136 58.99 70.60 56.61
CA SER UB 136 58.12 71.30 55.69
C SER UB 136 58.63 71.28 54.25
N SER UB 137 59.95 71.41 54.08
CA SER UB 137 60.59 71.42 52.76
C SER UB 137 60.55 70.07 52.07
N LEU UB 138 60.30 68.98 52.80
CA LEU UB 138 60.34 67.64 52.28
C LEU UB 138 58.98 67.11 51.82
N VAL UB 139 57.91 67.90 51.98
CA VAL UB 139 56.57 67.57 51.49
C VAL UB 139 56.47 67.54 49.96
N ARG UB 140 55.75 66.54 49.37
CA ARG UB 140 55.61 66.47 47.92
C ARG UB 140 54.23 66.94 47.45
N ARG UB 141 53.29 67.22 48.36
CA ARG UB 141 51.93 67.54 47.97
C ARG UB 141 51.74 69.04 47.77
N PRO UB 142 51.26 69.51 46.61
CA PRO UB 142 51.18 70.92 46.27
C PRO UB 142 50.26 71.67 47.20
N HIS UB 143 49.20 71.01 47.69
CA HIS UB 143 48.18 71.62 48.49
C HIS UB 143 48.69 71.99 49.87
N ILE UB 144 49.79 71.35 50.29
CA ILE UB 144 50.39 71.61 51.58
C ILE UB 144 51.50 72.62 51.41
N LYS UB 145 52.21 72.57 50.26
CA LYS UB 145 53.18 73.56 49.85
C LYS UB 145 52.60 74.97 49.77
N GLN UB 146 51.35 75.07 49.28
CA GLN UB 146 50.56 76.29 49.24
C GLN UB 146 50.29 76.91 50.60
N LEU UB 147 50.02 76.08 51.63
CA LEU UB 147 49.87 76.55 53.00
C LEU UB 147 51.16 77.14 53.54
N LEU UB 148 52.29 76.45 53.32
CA LEU UB 148 53.64 76.83 53.72
C LEU UB 148 54.23 78.10 53.11
N LYS UB 149 53.48 78.87 52.29
CA LYS UB 149 53.86 80.20 51.83
C LYS UB 149 53.88 81.26 52.92
N ARG UB 150 54.65 82.35 52.73
CA ARG UB 150 54.81 83.43 53.70
C ARG UB 150 53.50 84.11 54.07
N ARG UB 151 52.70 84.45 53.06
CA ARG UB 151 51.54 85.29 53.21
C ARG UB 151 50.30 84.54 52.77
N LEU UB 152 49.46 84.17 53.74
CA LEU UB 152 48.27 83.37 53.52
C LEU UB 152 47.06 84.11 54.05
N ARG UB 153 46.12 84.45 53.15
CA ARG UB 153 45.10 85.44 53.45
C ARG UB 153 43.98 85.41 52.42
N PHE UB 154 43.58 84.22 51.96
CA PHE UB 154 42.48 84.07 51.02
C PHE UB 154 41.11 84.62 51.48
N PRO UB 155 40.23 85.05 50.59
CA PRO UB 155 38.82 85.29 50.93
C PRO UB 155 38.08 83.99 51.27
N ALA UB 156 37.20 84.01 52.27
CA ALA UB 156 36.54 82.81 52.78
C ALA UB 156 35.58 82.10 51.83
N LEU UB 157 34.67 82.86 51.17
CA LEU UB 157 33.81 82.38 50.09
C LEU UB 157 33.03 81.08 50.33
N HIS UB 158 32.17 81.05 51.37
CA HIS UB 158 31.32 79.91 51.63
C HIS UB 158 29.93 80.38 52.03
N LEU UB 159 28.94 79.47 51.93
CA LEU UB 159 27.56 79.75 52.30
C LEU UB 159 27.35 79.96 53.82
N PRO UB 160 26.50 80.88 54.28
CA PRO UB 160 25.88 80.84 55.61
C PRO UB 160 25.17 79.52 55.94
N THR UB 161 25.04 79.17 57.22
CA THR UB 161 24.22 78.03 57.63
C THR UB 161 23.51 78.29 58.95
N LEU UB 162 24.05 79.17 59.80
CA LEU UB 162 23.57 79.43 61.15
C LEU UB 162 23.33 78.15 61.97
N GLN UB 163 22.17 78.06 62.65
CA GLN UB 163 21.79 76.91 63.43
C GLN UB 163 20.28 76.89 63.56
N LYS UB 164 19.73 75.74 63.98
CA LYS UB 164 18.32 75.38 64.07
C LYS UB 164 17.32 76.46 64.49
N GLU UB 165 17.64 77.25 65.54
CA GLU UB 165 16.83 78.37 66.00
C GLU UB 165 16.56 79.41 64.91
N TYR UB 166 17.60 79.82 64.16
CA TYR UB 166 17.50 80.92 63.21
C TYR UB 166 17.52 80.35 61.80
N ARG UB 167 17.34 79.02 61.69
CA ARG UB 167 17.03 78.30 60.48
C ARG UB 167 15.57 78.49 60.10
N LYS UB 168 15.21 79.70 59.64
CA LYS UB 168 13.85 80.05 59.25
C LYS UB 168 13.32 79.28 58.06
N LYS UB 169 12.02 78.90 58.14
CA LYS UB 169 11.32 78.18 57.09
C LYS UB 169 11.14 79.00 55.81
N PHE UB 170 10.81 80.28 55.98
CA PHE UB 170 10.51 81.23 54.93
C PHE UB 170 11.17 82.54 55.32
N ALA UB 171 11.29 83.46 54.36
CA ALA UB 171 11.90 84.76 54.57
C ALA UB 171 11.18 85.83 53.78
N SER UB 172 11.20 87.08 54.29
CA SER UB 172 10.62 88.24 53.64
C SER UB 172 11.41 88.65 52.39
N LYS UB 173 12.73 88.71 52.50
CA LYS UB 173 13.62 89.07 51.41
C LYS UB 173 14.69 88.01 51.19
N ARG UB 174 15.37 88.08 50.03
CA ARG UB 174 16.34 87.09 49.62
C ARG UB 174 17.72 87.28 50.29
N PRO UB 175 18.40 86.26 50.79
CA PRO UB 175 19.70 86.37 51.45
C PRO UB 175 20.86 87.06 50.72
N SER UB 176 21.89 87.47 51.49
CA SER UB 176 23.11 88.08 51.00
C SER UB 176 24.25 87.06 50.97
N THR UB 177 24.68 86.63 49.77
CA THR UB 177 25.72 85.60 49.62
C THR UB 177 27.10 86.05 50.06
N TYR UB 178 27.50 87.30 49.76
CA TYR UB 178 28.84 87.78 50.00
C TYR UB 178 29.23 87.89 51.49
N ARG UB 179 28.28 88.35 52.33
CA ARG UB 179 28.34 88.39 53.79
C ARG UB 179 29.10 89.60 54.36
N MET UB 180 29.26 90.72 53.60
CA MET UB 180 30.11 91.82 54.03
C MET UB 180 29.39 93.20 54.15
N LYS VB 1 45.02 71.04 42.68
CA LYS VB 1 44.18 72.22 43.09
C LYS VB 1 45.05 73.38 43.60
N THR VB 2 44.52 74.61 43.72
CA THR VB 2 45.29 75.75 44.22
C THR VB 2 44.41 76.73 44.94
N ILE VB 3 44.99 77.51 45.86
CA ILE VB 3 44.32 78.61 46.52
C ILE VB 3 44.17 79.82 45.60
N VAL VB 4 45.24 80.18 44.86
CA VAL VB 4 45.28 81.42 44.10
C VAL VB 4 45.80 81.15 42.69
N SER VB 5 45.08 81.62 41.65
CA SER VB 5 45.58 81.63 40.28
C SER VB 5 45.41 83.02 39.68
N THR VB 6 46.43 83.58 39.01
CA THR VB 6 46.37 84.95 38.54
C THR VB 6 46.74 85.07 37.06
N GLN VB 7 46.42 86.23 36.48
CA GLN VB 7 46.87 86.65 35.18
C GLN VB 7 46.92 88.17 35.13
N LYS VB 8 47.95 88.75 34.47
CA LYS VB 8 48.10 90.18 34.32
C LYS VB 8 48.07 90.49 32.84
N VAL VB 9 47.01 91.16 32.40
CA VAL VB 9 46.65 91.32 31.01
C VAL VB 9 46.97 92.73 30.54
N LEU VB 10 48.01 92.87 29.69
CA LEU VB 10 48.34 94.12 29.04
C LEU VB 10 47.21 94.67 28.17
N ILE VB 11 47.01 96.01 28.21
CA ILE VB 11 45.98 96.67 27.43
C ILE VB 11 46.67 97.68 26.52
N PRO VB 12 46.47 97.69 25.20
CA PRO VB 12 46.87 98.78 24.31
C PRO VB 12 46.49 100.19 24.77
N GLU VB 13 47.23 101.21 24.32
CA GLU VB 13 47.09 102.58 24.78
C GLU VB 13 45.72 103.23 24.52
N GLY VB 14 45.11 103.03 23.35
CA GLY VB 14 43.88 103.71 22.96
C GLY VB 14 42.57 103.14 23.47
N VAL VB 15 42.58 101.97 24.13
CA VAL VB 15 41.36 101.27 24.52
C VAL VB 15 40.51 102.02 25.55
N LYS VB 16 39.22 102.18 25.25
CA LYS VB 16 38.25 102.78 26.13
C LYS VB 16 37.40 101.65 26.68
N VAL VB 17 37.68 101.26 27.93
CA VAL VB 17 37.06 100.13 28.59
C VAL VB 17 35.84 100.49 29.45
N ALA VB 18 34.97 99.50 29.71
CA ALA VB 18 33.80 99.66 30.56
C ALA VB 18 33.28 98.28 30.99
N ILE VB 19 33.99 97.61 31.94
CA ILE VB 19 33.93 96.17 32.07
C ILE VB 19 33.18 95.65 33.30
N ASN VB 20 32.41 96.51 33.99
CA ASN VB 20 31.83 96.21 35.29
C ASN VB 20 30.99 94.93 35.40
N ALA VB 21 31.18 94.21 36.54
CA ALA VB 21 30.49 92.98 36.89
C ALA VB 21 30.55 91.88 35.83
N ARG VB 22 31.74 91.79 35.17
CA ARG VB 22 32.11 90.79 34.18
C ARG VB 22 31.32 90.89 32.86
N LYS VB 23 30.61 92.00 32.69
CA LYS VB 23 30.06 92.40 31.42
C LYS VB 23 31.11 93.23 30.71
N VAL VB 24 32.06 92.57 30.00
CA VAL VB 24 33.17 93.31 29.41
C VAL VB 24 32.71 94.15 28.24
N THR VB 25 33.15 95.40 28.19
CA THR VB 25 32.93 96.29 27.06
C THR VB 25 34.24 96.94 26.74
N VAL VB 26 34.68 96.88 25.49
CA VAL VB 26 35.85 97.60 25.03
C VAL VB 26 35.43 98.43 23.83
N SER VB 27 35.79 99.72 23.84
CA SER VB 27 35.59 100.61 22.72
C SER VB 27 36.93 101.07 22.18
N GLY VB 28 36.99 101.42 20.90
CA GLY VB 28 38.20 101.91 20.27
C GLY VB 28 37.88 102.44 18.92
N LYS VB 29 38.88 102.59 18.04
CA LYS VB 29 38.74 103.29 16.78
C LYS VB 29 37.69 102.66 15.90
N TYR VB 30 37.74 101.32 15.82
CA TYR VB 30 36.76 100.55 15.10
C TYR VB 30 35.80 99.88 16.04
N GLY VB 31 35.04 100.68 16.82
CA GLY VB 31 33.78 100.23 17.35
C GLY VB 31 33.76 99.98 18.83
N THR VB 32 32.55 99.76 19.36
CA THR VB 32 32.34 99.33 20.72
C THR VB 32 31.85 97.90 20.69
N LEU VB 33 32.57 97.01 21.40
CA LEU VB 33 32.33 95.60 21.47
C LEU VB 33 31.89 95.20 22.88
N ARG VB 34 30.77 94.48 23.03
CA ARG VB 34 30.30 94.03 24.32
C ARG VB 34 30.26 92.50 24.32
N ARG VB 35 30.75 91.89 25.41
CA ARG VB 35 30.89 90.46 25.52
C ARG VB 35 30.83 90.09 26.98
N SER VB 36 29.69 89.52 27.43
CA SER VB 36 29.60 89.01 28.79
C SER VB 36 30.51 87.82 29.05
N PHE VB 37 31.04 87.73 30.28
CA PHE VB 37 31.79 86.60 30.77
C PHE VB 37 31.19 86.17 32.08
N ARG VB 38 29.92 86.52 32.35
CA ARG VB 38 29.29 86.37 33.65
C ARG VB 38 29.05 84.91 34.06
N HIS VB 39 29.16 83.97 33.13
CA HIS VB 39 29.17 82.55 33.42
C HIS VB 39 30.47 82.08 34.08
N LEU VB 40 31.53 82.89 33.97
CA LEU VB 40 32.86 82.59 34.45
C LEU VB 40 33.09 83.37 35.75
N PRO VB 41 33.34 82.78 36.92
CA PRO VB 41 33.20 83.53 38.16
C PRO VB 41 34.58 83.91 38.71
N ILE VB 42 35.18 84.97 38.15
CA ILE VB 42 36.56 85.31 38.41
C ILE VB 42 36.71 86.80 38.69
N ASP VB 43 37.81 87.21 39.35
CA ASP VB 43 38.04 88.58 39.74
C ASP VB 43 39.03 89.24 38.79
N ILE VB 44 38.60 89.45 37.54
CA ILE VB 44 39.15 90.55 36.77
C ILE VB 44 38.94 91.90 37.48
N ARG VB 45 40.04 92.66 37.69
CA ARG VB 45 40.01 94.05 38.08
C ARG VB 45 40.79 94.91 37.10
N LEU VB 46 40.24 96.09 36.78
CA LEU VB 46 40.90 97.05 35.92
C LEU VB 46 41.90 97.92 36.68
N ASN VB 47 42.88 98.49 35.96
CA ASN VB 47 43.75 99.55 36.40
C ASN VB 47 43.78 100.55 35.26
N LYS VB 48 43.22 101.76 35.47
CA LYS VB 48 43.25 102.78 34.45
C LYS VB 48 44.60 103.47 34.35
N LEU VB 49 45.17 103.87 35.50
CA LEU VB 49 46.32 104.76 35.53
C LEU VB 49 47.58 104.16 34.96
N LYS VB 50 47.92 102.92 35.38
CA LYS VB 50 49.16 102.28 34.95
C LYS VB 50 48.84 101.20 33.92
N LYS VB 51 47.66 101.33 33.30
CA LYS VB 51 47.08 100.39 32.35
C LYS VB 51 46.97 98.98 32.92
N TYR VB 52 46.87 97.96 32.05
CA TYR VB 52 46.65 96.56 32.41
C TYR VB 52 45.37 96.21 33.19
N ILE VB 53 45.05 94.90 33.16
CA ILE VB 53 43.99 94.28 33.93
C ILE VB 53 44.64 93.17 34.74
N LYS VB 54 44.21 92.97 36.00
CA LYS VB 54 44.61 91.81 36.78
C LYS VB 54 43.45 90.87 37.01
N VAL VB 55 43.56 89.64 36.53
CA VAL VB 55 42.56 88.60 36.73
C VAL VB 55 43.03 87.66 37.82
N VAL VB 56 42.21 87.38 38.85
CA VAL VB 56 42.56 86.45 39.89
C VAL VB 56 41.39 85.54 40.24
N MET VB 57 41.69 84.24 40.46
CA MET VB 57 40.73 83.26 40.88
C MET VB 57 41.09 82.69 42.23
N TRP VB 58 40.08 82.53 43.09
CA TRP VB 58 40.20 81.94 44.40
C TRP VB 58 39.76 80.50 44.36
N PHE VB 59 40.60 79.58 44.85
CA PHE VB 59 40.32 78.16 45.01
C PHE VB 59 40.25 77.42 43.70
N GLY VB 60 41.18 77.76 42.79
CA GLY VB 60 41.31 77.15 41.48
C GLY VB 60 41.48 75.64 41.43
N VAL VB 61 41.02 75.09 40.30
CA VAL VB 61 41.15 73.71 39.89
C VAL VB 61 41.61 73.83 38.45
N PRO VB 62 42.06 72.81 37.72
CA PRO VB 62 42.58 72.96 36.38
C PRO VB 62 41.55 73.53 35.43
N ASP VB 63 40.26 73.28 35.68
CA ASP VB 63 39.14 73.87 35.00
C ASP VB 63 39.20 75.39 35.07
N SER VB 64 39.46 75.93 36.27
CA SER VB 64 39.65 77.33 36.51
C SER VB 64 40.84 77.88 35.78
N LEU VB 65 41.96 77.15 35.74
CA LEU VB 65 43.15 77.56 35.01
C LEU VB 65 42.87 77.66 33.50
N ALA VB 66 42.13 76.69 32.96
CA ALA VB 66 41.63 76.75 31.60
C ALA VB 66 40.80 78.00 31.34
N CYS VB 67 39.85 78.30 32.25
CA CYS VB 67 39.10 79.54 32.18
C CYS VB 67 39.92 80.83 32.16
N ILE VB 68 40.95 80.96 33.01
CA ILE VB 68 41.79 82.14 33.09
C ILE VB 68 42.56 82.37 31.81
N ARG VB 69 43.17 81.29 31.30
CA ARG VB 69 43.92 81.37 30.06
C ARG VB 69 43.00 81.68 28.87
N THR VB 70 41.81 81.05 28.81
CA THR VB 70 40.79 81.36 27.82
C THR VB 70 40.30 82.79 27.83
N VAL VB 71 39.93 83.34 29.02
CA VAL VB 71 39.48 84.71 29.14
C VAL VB 71 40.51 85.74 28.72
N CYS VB 72 41.76 85.60 29.15
CA CYS VB 72 42.83 86.50 28.78
C CYS VB 72 43.09 86.54 27.28
N THR VB 73 43.11 85.37 26.62
CA THR VB 73 43.15 85.27 25.16
C THR VB 73 41.93 85.95 24.53
N HIS VB 74 40.71 85.70 25.05
CA HIS VB 74 39.50 86.28 24.53
C HIS VB 74 39.45 87.81 24.63
N LEU VB 75 39.83 88.35 25.78
CA LEU VB 75 39.97 89.77 26.06
C LEU VB 75 40.95 90.48 25.13
N LYS VB 76 42.11 89.83 24.88
CA LYS VB 76 43.13 90.28 23.96
C LYS VB 76 42.60 90.40 22.53
N ASN VB 77 41.83 89.40 22.10
CA ASN VB 77 41.08 89.46 20.85
C ASN VB 77 40.10 90.63 20.82
N MET VB 78 39.36 90.90 21.90
CA MET VB 78 38.49 92.05 21.94
C MET VB 78 39.22 93.39 21.78
N PHE VB 79 40.38 93.54 22.45
CA PHE VB 79 41.25 94.70 22.30
C PHE VB 79 41.76 94.82 20.87
N THR VB 80 42.21 93.69 20.31
CA THR VB 80 42.73 93.63 18.95
C THR VB 80 41.69 94.06 17.94
N GLY VB 81 40.45 93.56 18.08
CA GLY VB 81 39.32 93.88 17.21
C GLY VB 81 38.94 95.35 17.12
N VAL VB 82 38.77 96.02 18.27
CA VAL VB 82 38.42 97.44 18.28
C VAL VB 82 39.55 98.33 17.79
N THR VB 83 40.81 98.01 18.14
CA THR VB 83 41.97 98.70 17.60
C THR VB 83 42.12 98.54 16.09
N LYS VB 84 42.04 97.30 15.57
CA LYS VB 84 42.08 97.00 14.15
C LYS VB 84 41.12 95.88 13.84
N LYS VB 85 40.17 96.08 12.90
CA LYS VB 85 39.23 95.04 12.51
C LYS VB 85 39.89 93.77 11.98
N PHE VB 86 39.32 92.61 12.35
CA PHE VB 86 39.80 91.31 11.95
C PHE VB 86 39.34 91.04 10.54
N LEU VB 87 40.27 90.68 9.63
CA LEU VB 87 39.98 90.46 8.25
C LEU VB 87 40.29 89.03 7.86
N TYR VB 88 39.27 88.30 7.39
CA TYR VB 88 39.37 86.95 6.92
C TYR VB 88 39.34 87.00 5.40
N LYS VB 89 40.48 86.72 4.75
CA LYS VB 89 40.60 86.69 3.30
C LYS VB 89 40.23 85.31 2.77
N MET VB 90 39.15 85.23 1.98
CA MET VB 90 38.63 83.98 1.48
C MET VB 90 38.81 83.87 -0.01
N ARG VB 91 39.63 82.92 -0.47
CA ARG VB 91 39.82 82.62 -1.87
C ARG VB 91 38.78 81.68 -2.45
N LEU VB 92 38.20 82.02 -3.61
CA LEU VB 92 37.20 81.22 -4.28
C LEU VB 92 37.83 80.32 -5.34
N VAL VB 93 37.75 78.99 -5.15
CA VAL VB 93 38.43 78.03 -5.97
C VAL VB 93 37.44 77.39 -6.92
N HIS VB 94 37.75 77.36 -8.22
CA HIS VB 94 36.99 76.54 -9.15
C HIS VB 94 37.86 76.07 -10.28
N ALA VB 95 37.69 74.80 -10.66
CA ALA VB 95 38.50 74.15 -11.65
C ALA VB 95 37.81 74.07 -13.01
N HIS VB 96 36.57 74.56 -13.10
CA HIS VB 96 35.85 74.47 -14.35
C HIS VB 96 34.90 75.62 -14.54
N PHE VB 97 33.87 75.73 -13.68
CA PHE VB 97 32.82 76.71 -13.87
C PHE VB 97 33.18 78.05 -13.27
N PRO VB 98 33.01 79.18 -13.92
CA PRO VB 98 32.93 80.48 -13.27
C PRO VB 98 31.87 80.53 -12.18
N ILE VB 99 32.26 80.89 -10.95
CA ILE VB 99 31.34 81.04 -9.85
C ILE VB 99 31.20 82.52 -9.58
N ASN VB 100 29.97 83.04 -9.69
CA ASN VB 100 29.71 84.47 -9.68
C ASN VB 100 29.40 84.95 -8.29
N SER VB 101 30.27 85.82 -7.75
CA SER VB 101 30.17 86.39 -6.42
C SER VB 101 29.67 87.82 -6.49
N ASN VB 102 28.38 88.06 -6.27
CA ASN VB 102 27.82 89.38 -6.41
C ASN VB 102 27.41 89.86 -5.04
N ILE VB 103 28.14 90.86 -4.53
CA ILE VB 103 27.89 91.44 -3.23
C ILE VB 103 26.74 92.44 -3.29
N VAL VB 104 25.66 92.17 -2.55
CA VAL VB 104 24.49 93.03 -2.46
C VAL VB 104 24.31 93.54 -1.04
N ASP VB 105 23.34 94.46 -0.85
CA ASP VB 105 22.92 94.99 0.43
C ASP VB 105 24.02 95.71 1.20
N ASN VB 106 24.81 96.55 0.52
CA ASN VB 106 25.81 97.41 1.14
C ASN VB 106 26.86 96.65 1.93
N ASN VB 107 27.39 95.57 1.31
CA ASN VB 107 28.43 94.72 1.86
C ASN VB 107 27.92 93.81 2.95
N THR VB 108 26.61 93.48 2.94
CA THR VB 108 25.99 92.70 4.01
C THR VB 108 25.61 91.31 3.55
N ARG VB 109 25.30 91.11 2.26
CA ARG VB 109 24.94 89.79 1.79
C ARG VB 109 25.66 89.47 0.49
N ILE VB 110 26.49 88.41 0.48
CA ILE VB 110 27.10 87.91 -0.74
C ILE VB 110 26.18 86.94 -1.47
N GLU VB 111 25.86 87.24 -2.74
CA GLU VB 111 25.15 86.32 -3.59
C GLU VB 111 26.17 85.48 -4.33
N ILE VB 112 26.02 84.16 -4.30
CA ILE VB 112 26.88 83.24 -5.00
C ILE VB 112 26.05 82.56 -6.06
N ARG VB 113 26.55 82.48 -7.31
CA ARG VB 113 25.91 81.76 -8.37
C ARG VB 113 26.83 80.71 -8.94
N ASN VB 114 26.28 79.51 -9.24
CA ASN VB 114 26.84 78.58 -10.20
C ASN VB 114 27.86 77.58 -9.65
N TYR VB 115 27.75 77.19 -8.36
CA TYR VB 115 28.57 76.16 -7.76
C TYR VB 115 28.42 74.82 -8.46
N LEU VB 116 29.50 74.36 -9.12
CA LEU VB 116 29.52 73.12 -9.87
C LEU VB 116 28.62 73.21 -11.09
N GLY VB 117 28.45 74.44 -11.60
CA GLY VB 117 27.57 74.74 -12.71
C GLY VB 117 26.12 74.55 -12.40
N GLU VB 118 25.67 74.96 -11.20
CA GLU VB 118 24.30 74.70 -10.79
C GLU VB 118 23.22 75.57 -11.42
N LYS VB 119 23.59 76.73 -12.03
CA LYS VB 119 22.66 77.70 -12.60
C LYS VB 119 21.55 78.15 -11.65
N SER VB 120 21.94 78.51 -10.42
CA SER VB 120 21.01 78.83 -9.35
C SER VB 120 21.77 79.66 -8.34
N VAL VB 121 21.04 80.28 -7.41
CA VAL VB 121 21.54 81.29 -6.52
C VAL VB 121 21.61 80.76 -5.10
N ARG VB 122 22.77 80.93 -4.45
CA ARG VB 122 22.89 80.81 -3.02
C ARG VB 122 23.17 82.20 -2.45
N PHE VB 123 22.24 82.75 -1.67
CA PHE VB 123 22.45 83.97 -0.93
C PHE VB 123 22.85 83.65 0.52
N VAL VB 124 23.92 84.29 1.01
CA VAL VB 124 24.41 84.07 2.36
C VAL VB 124 24.67 85.42 3.03
N LYS VB 125 23.70 85.84 3.86
CA LYS VB 125 23.78 87.06 4.64
C LYS VB 125 24.79 86.97 5.78
N ALA VB 126 25.51 88.07 6.05
CA ALA VB 126 26.41 88.19 7.15
C ALA VB 126 25.72 88.38 8.51
N LEU VB 127 26.51 88.30 9.58
CA LEU VB 127 26.08 88.59 10.94
C LEU VB 127 26.17 90.09 11.22
N PRO VB 128 25.65 90.62 12.32
CA PRO VB 128 25.79 92.04 12.67
C PRO VB 128 27.23 92.55 12.73
N GLY VB 129 27.53 93.64 11.99
CA GLY VB 129 28.81 94.35 12.08
C GLY VB 129 29.95 93.75 11.29
N VAL VB 130 29.71 92.68 10.53
CA VAL VB 130 30.70 92.05 9.69
C VAL VB 130 30.41 92.33 8.23
N VAL VB 131 31.29 93.14 7.62
CA VAL VB 131 31.25 93.55 6.24
C VAL VB 131 31.90 92.54 5.32
N ILE VB 132 31.23 92.24 4.19
CA ILE VB 132 31.78 91.38 3.16
C ILE VB 132 32.07 92.27 1.97
N GLU VB 133 33.37 92.51 1.71
CA GLU VB 133 33.82 93.18 0.51
C GLU VB 133 34.51 92.18 -0.39
N LYS VB 134 34.75 92.52 -1.66
CA LYS VB 134 35.58 91.71 -2.52
C LYS VB 134 36.93 92.35 -2.73
N SER VB 135 37.90 91.59 -3.28
CA SER VB 135 39.23 92.09 -3.55
C SER VB 135 39.33 92.69 -4.94
N PRO VB 136 39.81 93.92 -5.12
CA PRO VB 136 40.16 94.43 -6.45
C PRO VB 136 41.40 93.74 -6.97
N ASN VB 137 42.33 93.41 -6.05
CA ASN VB 137 43.67 92.93 -6.34
C ASN VB 137 43.72 91.51 -6.90
N VAL VB 138 42.96 90.59 -6.30
CA VAL VB 138 42.95 89.18 -6.65
C VAL VB 138 41.52 88.79 -6.92
N LYS VB 139 41.22 88.30 -8.14
CA LYS VB 139 39.85 88.10 -8.59
C LYS VB 139 39.01 87.16 -7.74
N ASP VB 140 39.60 86.05 -7.27
CA ASP VB 140 38.91 85.08 -6.45
C ASP VB 140 38.75 85.46 -4.98
N GLU VB 141 39.60 86.37 -4.47
CA GLU VB 141 39.62 86.78 -3.08
C GLU VB 141 38.41 87.62 -2.62
N ILE VB 142 37.91 87.34 -1.39
CA ILE VB 142 36.77 88.00 -0.76
C ILE VB 142 37.16 88.38 0.66
N TYR VB 143 37.01 89.66 1.01
CA TYR VB 143 37.32 90.19 2.32
C TYR VB 143 36.14 90.12 3.27
N VAL VB 144 36.30 89.42 4.40
CA VAL VB 144 35.27 89.34 5.42
C VAL VB 144 35.86 90.00 6.64
N SER VB 145 35.36 91.20 7.00
CA SER VB 145 35.99 91.99 8.04
C SER VB 145 35.00 92.46 9.08
N GLY VB 146 35.47 92.67 10.33
CA GLY VB 146 34.64 93.14 11.42
C GLY VB 146 35.41 93.23 12.72
N ALA VB 147 34.73 93.64 13.80
CA ALA VB 147 35.37 93.87 15.08
C ALA VB 147 35.57 92.60 15.91
N ASP VB 148 34.89 91.50 15.56
CA ASP VB 148 34.94 90.27 16.32
C ASP VB 148 35.41 89.11 15.43
N ILE VB 149 36.51 88.46 15.85
CA ILE VB 149 37.04 87.24 15.28
C ILE VB 149 36.04 86.09 15.19
N GLU VB 150 35.06 86.01 16.10
CA GLU VB 150 34.13 84.91 16.10
C GLU VB 150 33.06 85.10 15.03
N ASN VB 151 32.39 86.26 14.99
CA ASN VB 151 31.43 86.57 13.96
C ASN VB 151 31.98 86.55 12.54
N VAL VB 152 33.18 87.09 12.26
CA VAL VB 152 33.78 86.96 10.94
C VAL VB 152 34.07 85.52 10.54
N SER VB 153 34.66 84.73 11.46
CA SER VB 153 34.87 83.31 11.26
C SER VB 153 33.59 82.53 11.04
N LEU VB 154 32.54 82.79 11.85
CA LEU VB 154 31.24 82.19 11.67
C LEU VB 154 30.64 82.55 10.33
N THR VB 155 30.72 83.82 9.92
CA THR VB 155 30.31 84.27 8.60
C THR VB 155 31.02 83.53 7.47
N ALA VB 156 32.35 83.35 7.59
CA ALA VB 156 33.13 82.57 6.66
C ALA VB 156 32.73 81.11 6.59
N ALA VB 157 32.54 80.46 7.76
CA ALA VB 157 32.03 79.13 7.91
C ALA VB 157 30.67 78.92 7.24
N LEU VB 158 29.73 79.86 7.42
CA LEU VB 158 28.43 79.87 6.76
C LEU VB 158 28.58 79.87 5.26
N ILE VB 159 29.48 80.71 4.74
CA ILE VB 159 29.81 80.74 3.34
C ILE VB 159 30.38 79.39 2.87
N HIS VB 160 31.34 78.76 3.59
CA HIS VB 160 31.78 77.41 3.23
C HIS VB 160 30.67 76.37 3.21
N GLN VB 161 29.90 76.31 4.31
CA GLN VB 161 28.82 75.39 4.52
C GLN VB 161 27.74 75.49 3.47
N SER VB 162 27.41 76.71 3.06
CA SER VB 162 26.45 77.00 2.00
C SER VB 162 26.88 76.43 0.65
N VAL VB 163 28.16 76.55 0.32
CA VAL VB 163 28.71 76.08 -0.93
C VAL VB 163 28.76 74.57 -1.06
N LEU VB 164 29.49 73.88 -0.16
CA LEU VB 164 29.84 72.45 -0.24
C LEU VB 164 28.84 71.43 -0.81
N CYS VB 165 29.33 70.48 -1.63
CA CYS VB 165 28.54 69.45 -2.31
C CYS VB 165 27.91 68.39 -1.41
N ARG VB 166 26.72 67.85 -1.80
CA ARG VB 166 26.15 66.69 -1.14
C ARG VB 166 26.95 65.41 -1.29
N ASN VB 167 27.37 65.04 -2.52
CA ASN VB 167 27.64 63.64 -2.78
C ASN VB 167 28.64 63.32 -3.89
N LYS VB 168 29.16 64.32 -4.61
CA LYS VB 168 30.25 64.12 -5.55
C LYS VB 168 31.56 64.16 -4.77
N ASP VB 169 32.44 63.13 -4.93
CA ASP VB 169 33.63 62.89 -4.11
C ASP VB 169 34.42 64.11 -3.59
N ILE VB 170 34.60 64.13 -2.26
CA ILE VB 170 35.32 65.13 -1.52
C ILE VB 170 36.79 65.21 -1.90
N ARG VB 171 37.45 64.06 -2.15
CA ARG VB 171 38.82 64.09 -2.62
C ARG VB 171 38.93 64.65 -4.03
N LYS VB 172 38.08 64.15 -4.96
CA LYS VB 172 38.07 64.55 -6.35
C LYS VB 172 37.71 66.01 -6.58
N PHE VB 173 36.65 66.51 -5.95
CA PHE VB 173 36.12 67.81 -6.25
C PHE VB 173 36.50 68.77 -5.15
N LEU VB 174 37.38 69.73 -5.51
CA LEU VB 174 38.03 70.61 -4.56
C LEU VB 174 37.42 72.00 -4.55
N ASP VB 175 36.54 72.30 -5.50
CA ASP VB 175 35.92 73.58 -5.73
C ASP VB 175 35.12 74.13 -4.54
N GLY VB 176 35.15 75.46 -4.37
CA GLY VB 176 34.50 76.18 -3.29
C GLY VB 176 35.37 77.28 -2.75
N ILE VB 177 34.81 78.12 -1.87
CA ILE VB 177 35.51 79.29 -1.34
C ILE VB 177 35.95 79.02 0.07
N TYR VB 178 37.26 79.17 0.33
CA TYR VB 178 37.88 78.78 1.58
C TYR VB 178 38.59 79.94 2.23
N VAL VB 179 38.81 79.89 3.56
CA VAL VB 179 39.62 80.86 4.28
C VAL VB 179 41.09 80.59 4.03
N SER VB 180 41.72 81.50 3.27
CA SER VB 180 43.15 81.46 3.06
C SER VB 180 43.85 82.12 4.24
N GLU VB 181 43.63 83.44 4.45
CA GLU VB 181 44.49 84.20 5.34
C GLU VB 181 43.72 85.02 6.36
N VAL VB 182 43.98 84.75 7.66
CA VAL VB 182 43.44 85.49 8.78
C VAL VB 182 44.38 86.62 9.18
N THR VB 183 43.94 87.87 9.00
CA THR VB 183 44.71 89.06 9.29
C THR VB 183 43.86 90.09 10.02
N THR VB 184 44.38 91.32 10.17
CA THR VB 184 43.62 92.49 10.56
C THR VB 184 43.90 93.55 9.52
N VAL VB 185 43.08 94.60 9.48
CA VAL VB 185 43.51 95.84 8.84
C VAL VB 185 44.69 96.54 9.62
N LYS WB 1 24.91 1.30 48.61
CA LYS WB 1 24.07 0.18 48.05
C LYS WB 1 24.22 -1.11 48.84
N SER WB 2 25.21 -1.98 48.52
CA SER WB 2 25.50 -3.17 49.32
C SER WB 2 25.96 -2.86 50.74
N ARG WB 3 25.68 -3.78 51.68
CA ARG WB 3 25.98 -3.58 53.07
C ARG WB 3 26.49 -4.87 53.72
N GLY WB 4 27.54 -5.51 53.15
CA GLY WB 4 28.24 -6.62 53.79
C GLY WB 4 29.08 -6.25 55.01
N LYS WB 5 29.78 -7.22 55.60
CA LYS WB 5 30.44 -7.03 56.89
C LYS WB 5 31.54 -5.98 56.92
N ARG WB 6 32.45 -5.96 55.94
CA ARG WB 6 33.58 -5.05 55.94
C ARG WB 6 33.31 -3.83 55.07
N SER WB 7 32.07 -3.66 54.59
CA SER WB 7 31.62 -2.52 53.82
C SER WB 7 32.18 -1.16 54.27
N GLY WB 8 32.92 -0.50 53.37
CA GLY WB 8 33.58 0.77 53.58
C GLY WB 8 34.80 0.75 54.48
N THR WB 9 35.72 -0.24 54.36
CA THR WB 9 36.88 -0.32 55.24
C THR WB 9 38.24 -0.22 54.56
N ARG WB 10 38.33 0.17 53.27
CA ARG WB 10 39.59 0.24 52.52
C ARG WB 10 40.67 1.07 53.18
N TYR WB 11 40.35 2.34 53.52
CA TYR WB 11 41.27 3.15 54.27
C TYR WB 11 41.35 2.73 55.72
N LYS WB 12 40.19 2.48 56.37
CA LYS WB 12 40.14 2.22 57.78
C LYS WB 12 40.89 0.98 58.26
N PHE WB 13 40.79 -0.15 57.54
CA PHE WB 13 41.46 -1.38 57.94
C PHE WB 13 42.77 -1.58 57.19
N SER WB 14 43.30 -0.54 56.54
CA SER WB 14 44.69 -0.55 56.09
C SER WB 14 45.72 -0.61 57.21
N LYS WB 15 46.87 -1.27 56.98
CA LYS WB 15 48.02 -1.14 57.84
C LYS WB 15 48.60 0.28 57.85
N LYS WB 16 49.09 0.74 59.02
CA LYS WB 16 50.00 1.86 59.09
C LYS WB 16 51.36 1.52 58.49
N PHE WB 17 52.05 2.49 57.86
CA PHE WB 17 53.36 2.28 57.27
C PHE WB 17 54.43 1.87 58.31
N ARG WB 18 55.26 0.85 57.96
CA ARG WB 18 56.38 0.35 58.73
C ARG WB 18 55.89 -0.52 59.89
N LYS WB 19 54.62 -0.93 59.85
CA LYS WB 19 53.99 -1.72 60.89
C LYS WB 19 53.43 -3.02 60.33
N HIS WB 20 53.82 -3.39 59.11
CA HIS WB 20 53.38 -4.56 58.37
C HIS WB 20 53.75 -5.88 59.02
N GLY WB 21 53.00 -6.95 58.73
CA GLY WB 21 53.24 -8.27 59.31
C GLY WB 21 52.79 -8.46 60.74
N GLU WB 22 52.99 -9.69 61.29
CA GLU WB 22 52.66 -10.04 62.65
C GLU WB 22 53.38 -9.23 63.70
N CYS WB 23 52.68 -8.89 64.79
CA CYS WB 23 53.22 -8.05 65.84
C CYS WB 23 53.69 -8.90 67.01
N THR WB 24 54.50 -8.29 67.91
CA THR WB 24 55.20 -8.97 69.01
C THR WB 24 54.31 -9.80 69.92
N ALA WB 25 54.86 -10.92 70.40
CA ALA WB 25 54.23 -11.83 71.32
C ALA WB 25 53.83 -11.15 72.62
N ASN WB 26 54.64 -10.18 73.04
CA ASN WB 26 54.54 -9.52 74.30
C ASN WB 26 53.35 -8.58 74.40
N LYS WB 27 52.75 -8.22 73.25
CA LYS WB 27 51.41 -7.65 73.19
C LYS WB 27 50.35 -8.57 73.76
N TYR WB 28 50.46 -9.88 73.45
CA TYR WB 28 49.46 -10.88 73.78
C TYR WB 28 49.54 -11.26 75.25
N LEU WB 29 50.72 -11.12 75.85
CA LEU WB 29 50.97 -11.52 77.21
C LEU WB 29 50.30 -10.62 78.23
N GLU WB 30 50.12 -9.32 77.89
CA GLU WB 30 49.36 -8.31 78.63
C GLU WB 30 48.14 -8.78 79.43
N LYS WB 31 48.08 -8.44 80.73
CA LYS WB 31 47.11 -9.03 81.64
C LYS WB 31 45.84 -8.22 81.77
N LEU WB 32 44.69 -8.90 81.74
CA LEU WB 32 43.38 -8.29 81.71
C LEU WB 32 42.56 -8.81 82.88
N ASN WB 33 41.74 -7.95 83.49
CA ASN WB 33 40.86 -8.34 84.56
C ASN WB 33 39.43 -8.10 84.14
N TYR WB 34 38.47 -8.82 84.76
CA TYR WB 34 37.06 -8.45 84.66
C TYR WB 34 36.85 -7.06 85.27
N GLY WB 35 36.06 -6.20 84.61
CA GLY WB 35 35.81 -4.84 85.09
C GLY WB 35 36.88 -3.83 84.78
N ASP WB 36 37.96 -4.22 84.08
CA ASP WB 36 38.86 -3.29 83.40
C ASP WB 36 38.13 -2.49 82.33
N TYR WB 37 38.50 -1.22 82.10
CA TYR WB 37 38.14 -0.60 80.83
C TYR WB 37 39.21 -1.01 79.81
N VAL WB 38 38.82 -1.11 78.53
CA VAL WB 38 39.73 -1.56 77.52
C VAL WB 38 39.33 -0.95 76.19
N ASP WB 39 40.33 -0.41 75.47
CA ASP WB 39 40.14 0.10 74.15
C ASP WB 39 40.14 -1.05 73.12
N ILE WB 40 39.37 -0.89 72.03
CA ILE WB 40 39.32 -1.84 70.95
C ILE WB 40 40.01 -1.23 69.76
N VAL WB 41 41.25 -1.65 69.49
CA VAL WB 41 42.12 -1.07 68.49
C VAL WB 41 42.74 -2.20 67.70
N CYS WB 42 42.53 -2.26 66.38
CA CYS WB 42 42.72 -3.50 65.65
C CYS WB 42 43.88 -3.46 64.68
N ASP WB 43 44.91 -4.28 64.92
CA ASP WB 43 45.83 -4.70 63.87
C ASP WB 43 45.09 -5.53 62.81
N SER WB 44 45.48 -5.38 61.53
CA SER WB 44 44.73 -5.95 60.43
C SER WB 44 45.23 -7.33 60.04
N THR WB 45 46.28 -7.87 60.68
CA THR WB 45 46.77 -9.20 60.33
C THR WB 45 45.84 -10.34 60.67
N GLN WB 46 45.27 -10.36 61.88
CA GLN WB 46 44.53 -11.52 62.32
C GLN WB 46 43.06 -11.26 62.10
N GLN WB 47 42.42 -12.10 61.27
CA GLN WB 47 41.15 -11.75 60.69
C GLN WB 47 39.96 -12.29 61.47
N LYS WB 48 40.15 -13.29 62.34
CA LYS WB 48 39.08 -13.85 63.13
C LYS WB 48 38.87 -13.03 64.37
N GLY WB 49 37.60 -12.77 64.75
CA GLY WB 49 37.28 -11.92 65.90
C GLY WB 49 37.36 -10.43 65.65
N MET WB 50 37.56 -10.03 64.39
CA MET WB 50 37.55 -8.64 63.96
C MET WB 50 36.22 -7.94 64.25
N PRO WB 51 36.14 -6.93 65.10
CA PRO WB 51 34.88 -6.23 65.36
C PRO WB 51 34.43 -5.34 64.22
N PHE WB 52 33.14 -5.00 64.21
CA PHE WB 52 32.53 -4.05 63.29
C PHE WB 52 33.10 -2.63 63.40
N ASN WB 53 33.08 -1.92 62.25
CA ASN WB 53 33.56 -0.58 61.97
C ASN WB 53 33.38 0.44 63.08
N TYR WB 54 32.20 0.42 63.75
CA TYR WB 54 31.85 1.39 64.75
C TYR WB 54 32.70 1.25 66.00
N TYR WB 55 33.14 0.02 66.32
CA TYR WB 55 33.81 -0.24 67.57
C TYR WB 55 35.30 0.02 67.52
N HIS WB 56 35.85 0.39 66.35
CA HIS WB 56 37.26 0.70 66.24
C HIS WB 56 37.60 1.99 66.97
N GLY WB 57 38.55 1.91 67.91
CA GLY WB 57 38.98 3.01 68.74
C GLY WB 57 38.04 3.29 69.88
N LYS WB 58 36.96 2.50 70.03
CA LYS WB 58 36.05 2.68 71.14
C LYS WB 58 36.59 2.01 72.39
N THR WB 59 36.04 2.41 73.56
CA THR WB 59 36.48 1.93 74.85
C THR WB 59 35.29 1.38 75.57
N GLY WB 60 35.46 0.35 76.40
CA GLY WB 60 34.38 -0.13 77.25
C GLY WB 60 34.89 -1.09 78.27
N LYS WB 61 34.01 -1.48 79.21
CA LYS WB 61 34.36 -2.44 80.23
C LYS WB 61 34.45 -3.85 79.72
N ILE WB 62 35.47 -4.59 80.19
CA ILE WB 62 35.52 -6.03 80.04
C ILE WB 62 34.52 -6.65 80.98
N PHE WB 63 33.61 -7.50 80.47
CA PHE WB 63 32.63 -8.16 81.31
C PHE WB 63 32.84 -9.66 81.31
N HIS WB 64 33.71 -10.17 80.42
CA HIS WB 64 33.86 -11.59 80.26
C HIS WB 64 35.18 -11.83 79.55
N ILE WB 65 35.93 -12.86 79.96
CA ILE WB 65 37.18 -13.22 79.32
C ILE WB 65 37.07 -14.69 78.98
N THR WB 66 37.61 -15.13 77.84
CA THR WB 66 37.61 -16.53 77.42
C THR WB 66 39.02 -16.98 77.13
N LYS WB 67 39.21 -17.97 76.24
CA LYS WB 67 40.51 -18.53 75.98
C LYS WB 67 41.44 -17.58 75.23
N ARG WB 68 40.98 -16.94 74.15
CA ARG WB 68 41.69 -15.88 73.44
C ARG WB 68 40.73 -14.75 73.08
N GLY WB 69 39.49 -14.83 73.57
CA GLY WB 69 38.48 -13.81 73.41
C GLY WB 69 38.31 -12.97 74.66
N VAL WB 70 37.84 -11.75 74.47
CA VAL WB 70 37.46 -10.85 75.54
C VAL WB 70 36.12 -10.24 75.14
N GLY WB 71 35.09 -10.39 76.00
CA GLY WB 71 33.85 -9.64 75.91
C GLY WB 71 33.96 -8.26 76.51
N VAL WB 72 33.55 -7.24 75.73
CA VAL WB 72 33.61 -5.84 76.07
C VAL WB 72 32.24 -5.22 75.91
N LEU WB 73 31.67 -4.63 76.97
CA LEU WB 73 30.43 -3.89 76.84
C LEU WB 73 30.71 -2.50 76.27
N VAL WB 74 30.30 -2.27 75.02
CA VAL WB 74 30.47 -0.99 74.35
C VAL WB 74 29.13 -0.35 74.12
N ASN WB 75 29.02 0.97 74.35
CA ASN WB 75 27.85 1.76 73.98
C ASN WB 75 27.75 2.05 72.49
N LYS WB 76 26.57 1.84 71.87
CA LYS WB 76 26.31 2.24 70.50
C LYS WB 76 25.05 3.07 70.44
N ARG WB 77 25.11 4.22 69.74
CA ARG WB 77 23.93 5.00 69.44
C ARG WB 77 23.13 4.39 68.30
N VAL WB 78 21.90 3.99 68.62
CA VAL WB 78 20.96 3.44 67.69
C VAL WB 78 19.80 4.43 67.58
N LYS WB 79 19.90 5.37 66.61
CA LYS WB 79 18.92 6.43 66.40
C LYS WB 79 18.72 7.33 67.63
N HIS WB 80 17.64 7.12 68.39
CA HIS WB 80 17.22 7.96 69.50
C HIS WB 80 17.65 7.41 70.85
N ARG WB 81 18.54 6.41 70.88
CA ARG WB 81 18.91 5.75 72.11
C ARG WB 81 20.31 5.18 72.02
N ILE WB 82 21.13 5.40 73.07
CA ILE WB 82 22.37 4.70 73.29
C ILE WB 82 22.08 3.42 74.06
N GLU WB 83 22.61 2.27 73.61
CA GLU WB 83 22.52 1.04 74.38
C GLU WB 83 23.84 0.29 74.41
N GLN WB 84 24.06 -0.50 75.49
CA GLN WB 84 25.25 -1.30 75.65
C GLN WB 84 25.16 -2.61 74.90
N LYS WB 85 26.16 -2.87 74.05
CA LYS WB 85 26.26 -3.99 73.15
C LYS WB 85 27.51 -4.81 73.40
N LYS WB 86 27.37 -6.15 73.38
CA LYS WB 86 28.41 -7.06 73.82
C LYS WB 86 29.39 -7.39 72.70
N VAL WB 87 30.46 -6.60 72.56
CA VAL WB 87 31.41 -6.80 71.49
C VAL WB 87 32.48 -7.80 71.93
N CYS WB 88 32.50 -9.00 71.32
CA CYS WB 88 33.58 -9.95 71.49
C CYS WB 88 34.78 -9.63 70.61
N VAL WB 89 35.95 -9.47 71.22
CA VAL WB 89 37.17 -9.10 70.54
C VAL WB 89 38.30 -10.00 71.00
N ARG WB 90 39.44 -9.95 70.30
CA ARG WB 90 40.56 -10.83 70.52
C ARG WB 90 41.63 -10.15 71.36
N ILE WB 91 42.60 -10.93 71.87
CA ILE WB 91 43.77 -10.42 72.58
C ILE WB 91 44.56 -9.44 71.71
N GLU WB 92 44.62 -9.73 70.41
CA GLU WB 92 45.13 -8.88 69.37
C GLU WB 92 44.53 -7.48 69.32
N HIS WB 93 43.24 -7.31 69.64
CA HIS WB 93 42.57 -6.03 69.44
C HIS WB 93 42.36 -5.22 70.71
N VAL WB 94 42.46 -5.84 71.89
CA VAL WB 94 42.42 -5.16 73.16
C VAL WB 94 43.65 -4.32 73.48
N ARG WB 95 43.44 -3.04 73.86
CA ARG WB 95 44.48 -2.23 74.45
C ARG WB 95 44.02 -1.76 75.81
N LYS WB 96 44.79 -2.03 76.87
CA LYS WB 96 44.55 -1.51 78.21
C LYS WB 96 44.29 0.01 78.27
N SER WB 97 43.14 0.45 78.82
CA SER WB 97 42.77 1.86 78.71
C SER WB 97 43.48 2.77 79.71
N ARG WB 98 43.55 4.08 79.42
CA ARG WB 98 44.46 5.00 80.08
C ARG WB 98 43.76 6.04 80.94
N CYS WB 99 42.46 6.30 80.76
CA CYS WB 99 41.71 7.19 81.63
C CYS WB 99 41.71 6.75 83.10
N ASN WB 100 41.46 5.44 83.33
CA ASN WB 100 41.60 4.74 84.58
C ASN WB 100 42.99 4.91 85.19
N GLU WB 101 44.05 4.88 84.37
CA GLU WB 101 45.43 5.02 84.81
C GLU WB 101 45.71 6.43 85.32
N ASP WB 102 45.14 7.48 84.70
CA ASP WB 102 45.16 8.80 85.31
C ASP WB 102 44.44 8.87 86.65
N PHE WB 103 43.26 8.22 86.76
CA PHE WB 103 42.57 8.16 88.04
C PHE WB 103 43.42 7.45 89.09
N LEU WB 104 44.02 6.31 88.76
CA LEU WB 104 44.87 5.57 89.64
C LEU WB 104 46.07 6.35 90.15
N LEU WB 105 46.85 6.98 89.25
CA LEU WB 105 47.92 7.88 89.63
C LEU WB 105 47.48 9.04 90.51
N ARG WB 106 46.33 9.66 90.18
CA ARG WB 106 45.73 10.74 90.93
C ARG WB 106 45.38 10.32 92.34
N LYS WB 107 44.73 9.16 92.49
CA LYS WB 107 44.42 8.52 93.74
C LYS WB 107 45.65 8.25 94.58
N ILE WB 108 46.71 7.66 94.00
CA ILE WB 108 47.98 7.41 94.67
C ILE WB 108 48.62 8.67 95.24
N LYS WB 109 48.80 9.73 94.42
CA LYS WB 109 49.33 10.99 94.92
C LYS WB 109 48.44 11.63 95.99
N ASN WB 110 47.12 11.62 95.77
CA ASN WB 110 46.15 12.09 96.74
C ASN WB 110 46.22 11.33 98.04
N ALA WB 111 46.34 9.99 98.03
CA ALA WB 111 46.47 9.18 99.21
C ALA WB 111 47.71 9.54 100.04
N GLU WB 112 48.88 9.70 99.41
CA GLU WB 112 50.07 10.22 100.07
C GLU WB 112 49.88 11.62 100.65
N LEU WB 113 49.27 12.54 99.87
CA LEU WB 113 48.88 13.85 100.34
C LEU WB 113 47.93 13.81 101.53
N ILE WB 114 46.88 12.97 101.49
CA ILE WB 114 45.96 12.70 102.58
C ILE WB 114 46.68 12.21 103.83
N LYS WB 115 47.60 11.25 103.71
CA LYS WB 115 48.44 10.81 104.81
C LYS WB 115 49.26 11.94 105.43
N GLU WB 116 49.95 12.74 104.60
CA GLU WB 116 50.67 13.91 105.05
C GLU WB 116 49.79 14.97 105.73
N ALA WB 117 48.65 15.33 105.11
CA ALA WB 117 47.72 16.29 105.62
C ALA WB 117 47.09 15.92 106.96
N LYS WB 118 46.72 14.64 107.12
CA LYS WB 118 46.28 14.06 108.37
C LYS WB 118 47.35 14.04 109.44
N LEU WB 119 48.59 13.67 109.05
CA LEU WB 119 49.76 13.74 109.91
C LEU WB 119 50.08 15.15 110.41
N LYS WB 120 49.82 16.18 109.60
CA LYS WB 120 50.12 17.55 109.94
C LYS WB 120 48.90 18.28 110.52
N ASN WB 121 47.72 17.64 110.45
CA ASN WB 121 46.43 18.11 110.91
C ASN WB 121 45.96 19.40 110.25
N GLU WB 122 46.14 19.51 108.93
CA GLU WB 122 45.78 20.68 108.14
C GLU WB 122 45.05 20.23 106.89
N HIS WB 123 43.86 20.81 106.62
CA HIS WB 123 43.05 20.48 105.44
C HIS WB 123 43.70 20.80 104.10
N ILE WB 124 43.33 20.03 103.07
CA ILE WB 124 43.79 20.23 101.69
C ILE WB 124 42.58 20.17 100.78
N ASN WB 125 42.72 20.68 99.54
CA ASN WB 125 41.68 20.61 98.54
C ASN WB 125 42.22 19.83 97.36
N ILE WB 126 41.62 18.65 97.10
CA ILE WB 126 42.05 17.73 96.08
C ILE WB 126 41.88 18.28 94.67
N LYS WB 127 40.74 18.94 94.42
CA LYS WB 127 40.27 19.54 93.18
C LYS WB 127 41.28 19.90 92.09
N ARG WB 128 41.09 19.40 90.86
CA ARG WB 128 41.79 19.85 89.68
C ARG WB 128 41.21 21.18 89.16
N LYS WB 129 41.34 22.23 89.98
CA LYS WB 129 40.90 23.58 89.75
C LYS WB 129 41.22 24.24 88.41
N THR WB 130 40.54 25.39 88.18
CA THR WB 130 40.64 26.34 87.08
C THR WB 130 42.00 26.62 86.44
N GLU WB 131 41.97 27.10 85.18
CA GLU WB 131 43.12 27.70 84.52
C GLU WB 131 42.70 29.08 84.06
N GLY WB 132 43.49 30.12 84.35
CA GLY WB 132 43.11 31.50 84.03
C GLY WB 132 43.67 32.53 84.98
N PRO WB 133 43.58 32.37 86.30
CA PRO WB 133 44.28 33.22 87.26
C PRO WB 133 45.77 33.36 87.05
N LYS WB 134 46.27 34.60 86.99
CA LYS WB 134 47.66 34.94 86.77
C LYS WB 134 48.06 35.95 87.83
N PRO WB 135 49.13 35.80 88.60
CA PRO WB 135 49.60 36.84 89.50
C PRO WB 135 50.16 38.04 88.75
N ALA WB 136 50.47 39.14 89.45
CA ALA WB 136 51.24 40.25 88.96
C ALA WB 136 52.68 39.86 88.58
N ALA WB 137 53.30 40.52 87.59
CA ALA WB 137 54.55 40.04 87.02
C ALA WB 137 55.47 41.14 86.52
N MET WB 138 56.77 40.81 86.43
CA MET WB 138 57.85 41.74 86.15
C MET WB 138 58.60 41.41 84.87
N ILE WB 139 58.99 42.45 84.11
CA ILE WB 139 59.83 42.35 82.93
C ILE WB 139 61.10 43.11 83.26
N LYS WB 140 62.27 42.43 83.26
CA LYS WB 140 63.53 43.03 83.65
C LYS WB 140 64.42 43.33 82.46
N VAL WB 141 63.89 43.19 81.23
CA VAL WB 141 64.62 43.46 79.99
C VAL WB 141 65.12 44.91 79.92
N PRO WB 142 66.38 45.21 79.60
CA PRO WB 142 66.88 46.56 79.39
C PRO WB 142 66.05 47.42 78.43
N PRO WB 143 65.94 48.72 78.60
CA PRO WB 143 64.87 49.51 78.01
C PRO WB 143 65.10 49.73 76.53
N SER WB 144 66.31 49.45 76.04
CA SER WB 144 66.60 49.53 74.62
C SER WB 144 66.92 48.14 74.05
N LYS WB 145 66.69 47.08 74.85
CA LYS WB 145 66.87 45.69 74.43
C LYS WB 145 65.52 45.04 74.13
N ILE WB 146 64.42 45.73 74.47
CA ILE WB 146 63.07 45.42 74.03
C ILE WB 146 62.89 45.48 72.51
N ILE WB 147 62.06 44.59 71.92
CA ILE WB 147 61.94 44.48 70.48
C ILE WB 147 60.85 45.41 69.93
N THR WB 148 61.24 46.25 68.97
CA THR WB 148 60.37 47.22 68.35
C THR WB 148 59.81 46.66 67.05
N ILE WB 149 58.48 46.53 66.96
CA ILE WB 149 57.82 45.92 65.82
C ILE WB 149 56.87 46.89 65.14
N GLU WB 150 56.65 46.68 63.83
CA GLU WB 150 55.77 47.47 62.98
C GLU WB 150 55.12 46.51 61.99
N PRO WB 151 53.99 46.81 61.34
CA PRO WB 151 53.41 45.99 60.28
C PRO WB 151 54.31 45.62 59.10
N LEU WB 152 53.91 44.60 58.31
CA LEU WB 152 54.69 44.11 57.19
C LEU WB 152 54.20 44.69 55.85
N PRO WB 153 55.02 45.28 54.99
CA PRO WB 153 54.58 45.80 53.69
C PRO WB 153 54.41 44.71 52.63
N PHE WB 154 54.06 45.09 51.40
CA PHE WB 154 53.70 44.19 50.32
C PHE WB 154 54.89 43.79 49.42
N TYR WB 155 54.65 42.82 48.53
CA TYR WB 155 55.52 42.26 47.52
C TYR WB 155 56.10 43.35 46.55
N HIS XB 1 10.81 -11.27 -46.36
CA HIS XB 1 11.03 -12.09 -47.55
C HIS XB 1 9.97 -11.82 -48.59
N GLY XB 2 9.77 -12.72 -49.59
CA GLY XB 2 8.57 -12.69 -50.43
C GLY XB 2 7.31 -13.00 -49.68
N ALA XB 3 6.16 -13.01 -50.38
CA ALA XB 3 4.91 -13.44 -49.81
C ALA XB 3 4.94 -14.93 -49.42
N SER XB 4 5.56 -15.77 -50.27
CA SER XB 4 5.76 -17.20 -50.07
C SER XB 4 6.59 -17.55 -48.83
N ARG XB 5 6.21 -18.62 -48.11
CA ARG XB 5 6.79 -18.95 -46.82
C ARG XB 5 8.08 -19.75 -46.91
N TYR XB 6 8.77 -19.90 -45.76
CA TYR XB 6 9.99 -20.68 -45.59
C TYR XB 6 11.03 -20.59 -46.71
N LYS XB 7 11.19 -21.67 -47.48
CA LYS XB 7 12.24 -21.87 -48.46
C LYS XB 7 13.64 -21.77 -47.88
N LYS XB 8 13.94 -22.72 -46.98
CA LYS XB 8 15.26 -22.90 -46.43
C LYS XB 8 16.24 -23.44 -47.47
N SER XB 9 17.17 -22.59 -47.96
CA SER XB 9 18.32 -23.00 -48.75
C SER XB 9 19.47 -23.27 -47.79
N ARG XB 10 20.46 -22.38 -47.78
CA ARG XB 10 21.27 -22.07 -46.63
C ARG XB 10 20.45 -21.34 -45.56
N ALA XB 11 19.64 -20.34 -46.00
CA ALA XB 11 18.84 -19.42 -45.21
C ALA XB 11 19.46 -18.87 -43.91
N LYS XB 12 18.62 -18.66 -42.89
CA LYS XB 12 18.99 -18.13 -41.59
C LYS XB 12 18.29 -18.98 -40.53
N MET XB 13 17.97 -18.39 -39.36
CA MET XB 13 17.08 -18.95 -38.35
C MET XB 13 15.77 -19.54 -38.89
N ARG XB 14 15.12 -20.41 -38.11
CA ARG XB 14 13.90 -21.08 -38.54
C ARG XB 14 12.76 -20.12 -38.88
N TRP XB 15 12.12 -20.30 -40.05
CA TRP XB 15 10.97 -19.51 -40.47
C TRP XB 15 9.82 -19.52 -39.46
N LYS XB 16 9.53 -20.70 -38.89
CA LYS XB 16 8.54 -20.85 -37.85
C LYS XB 16 8.87 -20.05 -36.60
N TRP XB 17 10.16 -20.04 -36.24
CA TRP XB 17 10.69 -19.20 -35.19
C TRP XB 17 10.62 -17.72 -35.50
N LYS XB 18 10.97 -17.28 -36.73
CA LYS XB 18 10.79 -15.90 -37.15
C LYS XB 18 9.32 -15.47 -37.04
N LYS XB 19 8.41 -16.33 -37.51
CA LYS XB 19 6.98 -16.22 -37.38
C LYS XB 19 6.49 -16.16 -35.94
N LYS XB 20 7.01 -17.02 -35.04
CA LYS XB 20 6.77 -16.95 -33.61
C LYS XB 20 7.20 -15.61 -33.01
N ARG XB 21 8.43 -15.13 -33.34
CA ARG XB 21 8.91 -13.82 -32.92
C ARG XB 21 8.00 -12.72 -33.41
N THR XB 22 7.60 -12.71 -34.69
CA THR XB 22 6.67 -11.70 -35.17
C THR XB 22 5.28 -11.80 -34.59
N ARG XB 23 4.70 -13.00 -34.40
CA ARG XB 23 3.40 -13.14 -33.73
C ARG XB 23 3.40 -12.62 -32.32
N ARG XB 24 4.43 -13.00 -31.53
CA ARG XB 24 4.69 -12.44 -30.22
C ARG XB 24 4.90 -10.91 -30.24
N LEU XB 25 5.71 -10.38 -31.18
CA LEU XB 25 5.90 -8.95 -31.42
C LEU XB 25 4.62 -8.18 -31.76
N GLN XB 26 3.79 -8.70 -32.67
CA GLN XB 26 2.50 -8.11 -33.01
C GLN XB 26 1.58 -7.97 -31.81
N LYS XB 27 1.46 -9.01 -30.97
CA LYS XB 27 0.78 -8.94 -29.68
C LYS XB 27 1.33 -7.85 -28.74
N LYS XB 28 2.66 -7.73 -28.60
CA LYS XB 28 3.36 -6.73 -27.84
C LYS XB 28 3.03 -5.31 -28.33
N ARG XB 29 3.05 -5.13 -29.66
CA ARG XB 29 2.62 -3.92 -30.33
C ARG XB 29 1.15 -3.62 -30.10
N ARG XB 30 0.28 -4.66 -30.16
CA ARG XB 30 -1.12 -4.56 -29.79
C ARG XB 30 -1.29 -4.13 -28.35
N LYS XB 31 -0.46 -4.61 -27.41
CA LYS XB 31 -0.41 -4.05 -26.07
C LYS XB 31 0.01 -2.58 -26.03
N MET XB 32 1.00 -2.15 -26.83
CA MET XB 32 1.32 -0.73 -26.97
C MET XB 32 0.16 0.12 -27.52
N ARG XB 33 -0.57 -0.39 -28.52
CA ARG XB 33 -1.81 0.19 -28.99
C ARG XB 33 -2.87 0.30 -27.90
N GLN XB 34 -3.04 -0.74 -27.06
CA GLN XB 34 -3.91 -0.74 -25.88
C GLN XB 34 -3.50 0.33 -24.86
N ARG XB 35 -2.19 0.45 -24.56
CA ARG XB 35 -1.63 1.49 -23.71
C ARG XB 35 -1.98 2.87 -24.27
N SER XB 36 -1.78 3.05 -25.59
CA SER XB 36 -2.15 4.25 -26.29
C SER XB 36 -3.65 4.54 -26.25
N ARG XB 37 -4.50 3.55 -26.59
CA ARG XB 37 -5.94 3.68 -26.72
C ARG XB 37 -6.69 2.80 -25.67
N ILE YB 1 -96.81 33.91 -37.72
CA ILE YB 1 -96.89 33.76 -36.22
C ILE YB 1 -96.82 35.10 -35.52
N LYS YB 2 -97.79 35.44 -34.65
CA LYS YB 2 -97.86 36.74 -34.01
C LYS YB 2 -97.45 36.65 -32.55
N TYR YB 3 -96.57 37.56 -32.11
CA TYR YB 3 -96.13 37.74 -30.75
C TYR YB 3 -96.58 39.12 -30.31
N VAL YB 4 -96.94 39.28 -29.01
CA VAL YB 4 -97.48 40.52 -28.50
C VAL YB 4 -96.67 40.99 -27.31
N LEU YB 5 -96.66 42.32 -27.08
CA LEU YB 5 -96.17 42.91 -25.88
C LEU YB 5 -97.27 43.79 -25.35
N ASP YB 6 -97.79 43.47 -24.16
CA ASP YB 6 -98.80 44.25 -23.48
C ASP YB 6 -98.12 45.39 -22.71
N CYS YB 7 -98.10 46.55 -23.34
CA CYS YB 7 -97.48 47.77 -22.86
C CYS YB 7 -98.34 48.56 -21.89
N THR YB 8 -99.55 48.09 -21.53
CA THR YB 8 -100.65 48.87 -20.99
C THR YB 8 -100.32 49.72 -19.78
N LYS YB 9 -99.94 49.11 -18.64
CA LYS YB 9 -99.61 49.79 -17.39
C LYS YB 9 -98.76 51.07 -17.50
N PRO YB 10 -97.62 51.17 -18.18
CA PRO YB 10 -96.80 52.37 -18.08
C PRO YB 10 -97.18 53.33 -19.18
N VAL YB 11 -97.95 52.90 -20.20
CA VAL YB 11 -98.63 53.83 -21.09
C VAL YB 11 -99.80 54.51 -20.37
N LYS YB 12 -100.55 53.77 -19.52
CA LYS YB 12 -101.66 54.38 -18.79
C LYS YB 12 -101.26 55.04 -17.47
N ASP YB 13 -99.98 54.91 -17.07
CA ASP YB 13 -99.36 55.73 -16.04
C ASP YB 13 -98.41 56.74 -16.68
N THR YB 14 -98.48 56.84 -18.03
CA THR YB 14 -97.96 57.91 -18.87
C THR YB 14 -96.47 58.21 -18.76
N ILE YB 15 -95.62 57.16 -18.72
CA ILE YB 15 -94.17 57.33 -18.72
C ILE YB 15 -93.53 56.71 -19.95
N LEU YB 16 -94.32 56.06 -20.83
CA LEU YB 16 -93.80 55.30 -21.94
C LEU YB 16 -94.30 55.83 -23.28
N ASP YB 17 -93.37 56.05 -24.25
CA ASP YB 17 -93.74 56.36 -25.62
C ASP YB 17 -93.81 55.06 -26.43
N ILE YB 18 -95.03 54.50 -26.56
CA ILE YB 18 -95.34 53.30 -27.32
C ILE YB 18 -95.17 53.44 -28.83
N SER YB 19 -95.51 54.62 -29.40
CA SER YB 19 -95.34 54.93 -30.82
C SER YB 19 -93.87 54.91 -31.18
N GLY YB 20 -93.04 55.53 -30.32
CA GLY YB 20 -91.59 55.49 -30.39
C GLY YB 20 -91.04 54.10 -30.21
N LEU YB 21 -91.56 53.31 -29.26
CA LEU YB 21 -91.21 51.92 -29.07
C LEU YB 21 -91.42 51.06 -30.32
N GLU YB 22 -92.58 51.21 -31.00
CA GLU YB 22 -92.84 50.51 -32.25
C GLU YB 22 -91.87 50.86 -33.37
N GLN YB 23 -91.63 52.17 -33.58
CA GLN YB 23 -90.63 52.70 -34.49
C GLN YB 23 -89.21 52.22 -34.18
N PHE YB 24 -88.85 52.22 -32.90
CA PHE YB 24 -87.60 51.71 -32.35
C PHE YB 24 -87.43 50.24 -32.66
N PHE YB 25 -88.46 49.39 -32.48
CA PHE YB 25 -88.40 47.99 -32.88
C PHE YB 25 -88.16 47.81 -34.38
N LYS YB 26 -88.86 48.60 -35.23
CA LYS YB 26 -88.66 48.56 -36.67
C LYS YB 26 -87.24 48.92 -37.10
N ASP YB 27 -86.65 49.95 -36.47
CA ASP YB 27 -85.27 50.33 -36.64
C ASP YB 27 -84.27 49.26 -36.18
N LYS YB 28 -84.45 48.75 -34.94
CA LYS YB 28 -83.51 47.91 -34.23
C LYS YB 28 -83.48 46.48 -34.71
N ILE YB 29 -84.64 45.80 -34.85
CA ILE YB 29 -84.69 44.40 -35.31
C ILE YB 29 -83.99 44.20 -36.65
N LYS YB 30 -82.87 43.47 -36.61
CA LYS YB 30 -82.03 43.12 -37.71
C LYS YB 30 -82.22 41.64 -38.01
N VAL YB 31 -81.94 41.23 -39.25
CA VAL YB 31 -82.25 39.91 -39.76
C VAL YB 31 -80.98 39.30 -40.32
N ASP YB 32 -80.63 38.09 -39.84
CA ASP YB 32 -79.38 37.40 -40.13
C ASP YB 32 -78.18 38.24 -39.70
N LYS YB 33 -78.34 38.94 -38.56
CA LYS YB 33 -77.40 39.90 -37.99
C LYS YB 33 -77.02 41.04 -38.95
N LYS YB 34 -77.99 41.47 -39.79
CA LYS YB 34 -77.80 42.49 -40.79
C LYS YB 34 -79.07 43.31 -40.94
N THR YB 35 -78.93 44.60 -41.32
CA THR YB 35 -80.03 45.56 -41.31
C THR YB 35 -80.67 45.73 -42.67
N ASN YB 36 -80.30 44.89 -43.65
CA ASN YB 36 -80.84 44.92 -45.00
C ASN YB 36 -82.34 44.62 -45.05
N ASN YB 37 -82.78 43.60 -44.32
CA ASN YB 37 -84.18 43.25 -44.20
C ASN YB 37 -84.70 43.80 -42.89
N LEU YB 38 -85.65 44.75 -42.97
CA LEU YB 38 -86.31 45.30 -41.80
C LEU YB 38 -87.81 45.00 -41.79
N LYS YB 39 -88.33 44.27 -42.80
CA LYS YB 39 -89.78 44.24 -42.99
C LYS YB 39 -90.35 43.13 -43.87
N ASN YB 40 -89.53 42.28 -44.53
CA ASN YB 40 -90.07 41.29 -45.45
C ASN YB 40 -90.68 40.09 -44.73
N LYS YB 41 -90.01 39.56 -43.69
CA LYS YB 41 -90.45 38.36 -43.00
C LYS YB 41 -90.87 38.64 -41.57
N VAL YB 42 -90.85 39.93 -41.18
CA VAL YB 42 -91.22 40.40 -39.86
C VAL YB 42 -91.98 41.68 -40.07
N VAL YB 43 -93.14 41.83 -39.41
CA VAL YB 43 -93.99 43.00 -39.51
C VAL YB 43 -94.27 43.46 -38.09
N VAL YB 44 -94.26 44.77 -37.83
CA VAL YB 44 -94.46 45.33 -36.51
C VAL YB 44 -95.59 46.33 -36.57
N THR YB 45 -96.66 46.14 -35.78
CA THR YB 45 -97.77 47.07 -35.69
C THR YB 45 -98.07 47.35 -34.23
N SER YB 46 -98.91 48.37 -33.95
CA SER YB 46 -99.20 48.76 -32.58
C SER YB 46 -100.65 49.16 -32.38
N ASP YB 47 -101.20 48.75 -31.22
CA ASP YB 47 -102.37 49.30 -30.60
C ASP YB 47 -101.92 50.51 -29.76
N GLU YB 48 -102.88 51.24 -29.17
CA GLU YB 48 -102.63 52.27 -28.18
C GLU YB 48 -101.89 51.74 -26.95
N TYR YB 49 -102.17 50.49 -26.54
CA TYR YB 49 -101.57 49.89 -25.37
C TYR YB 49 -100.77 48.61 -25.62
N LYS YB 50 -100.66 48.13 -26.88
CA LYS YB 50 -100.04 46.83 -27.17
C LYS YB 50 -99.23 46.83 -28.46
N ILE YB 51 -98.03 46.23 -28.45
CA ILE YB 51 -97.21 46.07 -29.64
C ILE YB 51 -97.44 44.66 -30.18
N TYR YB 52 -97.53 44.50 -31.52
CA TYR YB 52 -97.66 43.20 -32.14
C TYR YB 52 -96.53 43.02 -33.14
N ILE YB 53 -95.80 41.90 -33.01
CA ILE YB 53 -94.75 41.50 -33.93
C ILE YB 53 -95.20 40.24 -34.62
N THR YB 54 -95.25 40.18 -35.96
CA THR YB 54 -95.67 38.98 -36.65
C THR YB 54 -94.56 38.53 -37.54
N VAL YB 55 -94.16 37.26 -37.37
CA VAL YB 55 -92.99 36.66 -37.97
C VAL YB 55 -93.37 35.48 -38.83
N HIS YB 56 -92.62 35.31 -39.94
CA HIS YB 56 -92.61 34.06 -40.70
C HIS YB 56 -91.17 33.77 -41.09
N ILE YB 57 -90.30 33.73 -40.06
CA ILE YB 57 -88.87 33.51 -40.16
C ILE YB 57 -88.45 32.94 -38.81
N PRO YB 58 -87.37 32.15 -38.65
CA PRO YB 58 -86.81 31.80 -37.34
C PRO YB 58 -86.55 32.99 -36.41
N PHE YB 59 -87.04 32.92 -35.16
CA PHE YB 59 -87.13 34.08 -34.29
C PHE YB 59 -87.18 33.64 -32.84
N SER YB 60 -87.14 34.60 -31.90
CA SER YB 60 -87.17 34.31 -30.48
C SER YB 60 -87.85 35.44 -29.71
N LYS YB 61 -88.59 35.09 -28.65
CA LYS YB 61 -89.15 35.99 -27.66
C LYS YB 61 -88.11 36.80 -26.89
N ARG YB 62 -86.97 36.18 -26.55
CA ARG YB 62 -85.87 36.78 -25.81
C ARG YB 62 -85.33 38.03 -26.49
N TYR YB 63 -85.20 38.01 -27.83
CA TYR YB 63 -84.77 39.12 -28.65
C TYR YB 63 -85.67 40.35 -28.47
N ILE YB 64 -87.00 40.14 -28.39
CA ILE YB 64 -87.97 41.18 -28.11
C ILE YB 64 -87.73 41.81 -26.75
N LYS YB 65 -87.55 40.96 -25.72
CA LYS YB 65 -87.32 41.39 -24.36
C LYS YB 65 -86.00 42.12 -24.21
N TYR YB 66 -84.92 41.61 -24.83
CA TYR YB 66 -83.63 42.25 -24.91
C TYR YB 66 -83.70 43.68 -25.47
N LEU YB 67 -84.32 43.87 -26.65
CA LEU YB 67 -84.55 45.20 -27.18
C LEU YB 67 -85.46 46.08 -26.33
N ALA YB 68 -86.53 45.51 -25.75
CA ALA YB 68 -87.41 46.25 -24.87
C ALA YB 68 -86.71 46.74 -23.61
N LYS YB 69 -85.88 45.88 -23.01
CA LYS YB 69 -84.98 46.19 -21.92
C LYS YB 69 -84.02 47.33 -22.25
N LYS YB 70 -83.42 47.34 -23.46
CA LYS YB 70 -82.68 48.49 -23.96
C LYS YB 70 -83.49 49.78 -24.03
N TYR YB 71 -84.73 49.76 -24.54
CA TYR YB 71 -85.61 50.92 -24.60
C TYR YB 71 -85.97 51.41 -23.20
N ILE YB 72 -86.27 50.48 -22.29
CA ILE YB 72 -86.46 50.73 -20.87
C ILE YB 72 -85.24 51.36 -20.19
N LYS YB 73 -84.02 50.84 -20.43
CA LYS YB 73 -82.77 51.39 -19.94
C LYS YB 73 -82.50 52.79 -20.49
N MET YB 74 -82.74 52.97 -21.80
CA MET YB 74 -82.61 54.20 -22.54
C MET YB 74 -83.43 55.33 -21.96
N HIS YB 75 -84.69 55.06 -21.62
CA HIS YB 75 -85.56 56.05 -21.03
C HIS YB 75 -85.50 56.06 -19.51
N GLN YB 76 -84.57 55.27 -18.92
CA GLN YB 76 -84.32 55.19 -17.49
C GLN YB 76 -85.55 54.83 -16.67
N ILE YB 77 -86.33 53.85 -17.16
CA ILE YB 77 -87.54 53.38 -16.49
C ILE YB 77 -87.34 51.96 -16.00
N ARG YB 78 -86.07 51.47 -16.09
CA ARG YB 78 -85.59 50.22 -15.53
C ARG YB 78 -85.89 50.13 -14.05
N ASP YB 79 -85.73 51.29 -13.39
CA ASP YB 79 -86.08 51.63 -12.05
C ASP YB 79 -87.48 51.17 -11.62
N PHE YB 80 -88.50 51.46 -12.44
CA PHE YB 80 -89.88 51.22 -12.10
C PHE YB 80 -90.42 49.86 -12.53
N LEU YB 81 -89.71 49.10 -13.38
CA LEU YB 81 -90.42 48.17 -14.26
C LEU YB 81 -89.65 46.91 -14.60
N ARG YB 82 -90.37 45.77 -14.70
CA ARG YB 82 -89.87 44.50 -15.20
C ARG YB 82 -90.73 43.99 -16.34
N VAL YB 83 -90.14 43.23 -17.29
CA VAL YB 83 -90.88 42.63 -18.39
C VAL YB 83 -91.04 41.14 -18.13
N ILE YB 84 -92.27 40.62 -18.17
CA ILE YB 84 -92.54 39.26 -17.76
C ILE YB 84 -93.57 38.66 -18.72
N ALA YB 85 -93.55 37.33 -18.92
CA ALA YB 85 -94.45 36.63 -19.80
C ALA YB 85 -95.75 36.22 -19.10
N LYS YB 86 -96.91 36.58 -19.70
CA LYS YB 86 -98.22 36.28 -19.13
C LYS YB 86 -99.05 35.45 -20.09
N GLY YB 87 -98.41 34.92 -21.14
CA GLY YB 87 -99.03 33.99 -22.07
C GLY YB 87 -97.95 33.44 -22.94
N LYS YB 88 -98.28 32.44 -23.79
CA LYS YB 88 -97.30 31.74 -24.61
C LYS YB 88 -96.57 32.64 -25.57
N LEU YB 89 -97.29 33.58 -26.22
CA LEU YB 89 -96.72 34.48 -27.20
C LEU YB 89 -96.68 35.90 -26.67
N ALA YB 90 -96.99 36.08 -25.37
CA ALA YB 90 -97.29 37.34 -24.74
C ALA YB 90 -96.31 37.79 -23.66
N TYR YB 91 -95.57 38.90 -23.89
CA TYR YB 91 -94.82 39.58 -22.84
C TYR YB 91 -95.65 40.75 -22.31
N GLU YB 92 -95.39 41.17 -21.07
CA GLU YB 92 -96.14 42.22 -20.40
C GLU YB 92 -95.23 42.99 -19.46
N PHE YB 93 -95.39 44.32 -19.38
CA PHE YB 93 -94.74 45.17 -18.39
C PHE YB 93 -95.39 45.11 -17.01
N LYS YB 94 -94.60 45.08 -15.93
CA LYS YB 94 -95.12 44.93 -14.57
C LYS YB 94 -94.29 45.72 -13.57
N TYR YB 95 -94.95 46.36 -12.59
CA TYR YB 95 -94.34 47.09 -11.50
C TYR YB 95 -93.77 46.20 -10.41
N PHE YB 96 -92.75 46.70 -9.68
CA PHE YB 96 -92.22 46.06 -8.47
C PHE YB 96 -93.17 46.14 -7.28
N GLN YB 97 -93.05 45.18 -6.34
CA GLN YB 97 -93.86 45.09 -5.14
C GLN YB 97 -93.39 46.10 -4.05
N VAL ZB 1 -17.42 80.05 -32.70
CA VAL ZB 1 -17.89 80.84 -31.50
C VAL ZB 1 -18.66 79.95 -30.52
N LYS ZB 2 -20.01 79.86 -30.63
CA LYS ZB 2 -20.82 79.04 -29.74
C LYS ZB 2 -20.82 77.57 -30.14
N THR ZB 3 -21.19 76.67 -29.19
CA THR ZB 3 -21.11 75.22 -29.36
C THR ZB 3 -21.92 74.60 -30.49
N GLU ZB 4 -21.37 73.52 -31.09
CA GLU ZB 4 -21.94 72.68 -32.15
C GLU ZB 4 -23.37 72.17 -31.96
N ALA ZB 5 -24.01 71.68 -33.03
CA ALA ZB 5 -25.36 71.15 -33.00
C ALA ZB 5 -25.44 69.64 -32.77
N CYS ZB 6 -26.53 69.19 -32.12
CA CYS ZB 6 -26.85 67.82 -31.75
C CYS ZB 6 -27.03 66.85 -32.91
N SER ZB 7 -27.75 67.25 -33.98
CA SER ZB 7 -28.08 66.46 -35.16
C SER ZB 7 -29.04 65.29 -34.94
N PHE ZB 8 -29.11 64.71 -33.73
CA PHE ZB 8 -30.18 63.82 -33.31
C PHE ZB 8 -31.42 64.61 -32.95
N SER ZB 9 -31.23 65.93 -32.78
CA SER ZB 9 -32.26 66.90 -32.52
C SER ZB 9 -31.66 68.22 -32.98
N GLU ZB 10 -32.46 69.29 -33.02
CA GLU ZB 10 -32.04 70.62 -33.40
C GLU ZB 10 -31.01 71.23 -32.46
N TYR ZB 11 -31.17 70.93 -31.15
CA TYR ZB 11 -30.37 71.37 -30.02
C TYR ZB 11 -28.89 71.71 -30.24
N ARG ZB 12 -28.38 72.78 -29.59
CA ARG ZB 12 -26.95 72.90 -29.35
C ARG ZB 12 -26.42 71.82 -28.41
N ILE ZB 13 -25.16 71.42 -28.60
CA ILE ZB 13 -24.46 70.56 -27.68
C ILE ZB 13 -23.92 71.42 -26.55
N TYR ZB 14 -24.58 71.39 -25.38
CA TYR ZB 14 -24.02 72.01 -24.21
C TYR ZB 14 -23.04 71.02 -23.58
N PRO ZB 15 -21.87 71.45 -23.13
CA PRO ZB 15 -20.82 70.55 -22.66
C PRO ZB 15 -21.22 69.72 -21.46
N GLY ZB 16 -20.48 68.61 -21.20
CA GLY ZB 16 -20.69 67.72 -20.06
C GLY ZB 16 -21.85 66.77 -20.22
N ARG ZB 17 -22.98 67.30 -20.72
CA ARG ZB 17 -24.20 66.59 -21.00
C ARG ZB 17 -24.01 65.47 -22.04
N GLY ZB 18 -23.27 65.78 -23.13
CA GLY ZB 18 -22.99 64.80 -24.17
C GLY ZB 18 -21.91 63.79 -23.85
N GLN ZB 19 -22.06 62.57 -24.40
CA GLN ZB 19 -21.03 61.58 -24.46
C GLN ZB 19 -20.78 61.15 -25.91
N LYS ZB 20 -19.62 60.53 -26.15
CA LYS ZB 20 -19.14 60.19 -27.47
C LYS ZB 20 -18.80 58.70 -27.58
N TYR ZB 21 -19.31 58.03 -28.61
CA TYR ZB 21 -19.00 56.64 -28.89
C TYR ZB 21 -18.23 56.55 -30.20
N ILE ZB 22 -17.08 55.87 -30.19
CA ILE ZB 22 -16.33 55.56 -31.39
C ILE ZB 22 -16.53 54.09 -31.75
N ALA ZB 23 -17.15 53.84 -32.92
CA ALA ZB 23 -17.45 52.53 -33.44
C ALA ZB 23 -16.29 51.88 -34.17
N ARG ZB 24 -16.35 50.54 -34.38
CA ARG ZB 24 -15.34 49.75 -35.07
C ARG ZB 24 -15.08 50.22 -36.50
N ASP ZB 25 -16.13 50.73 -37.16
CA ASP ZB 25 -16.10 51.34 -38.47
C ASP ZB 25 -15.27 52.62 -38.55
N GLY ZB 26 -14.81 53.15 -37.39
CA GLY ZB 26 -14.10 54.42 -37.31
C GLY ZB 26 -15.03 55.57 -37.20
N LYS ZB 27 -16.33 55.29 -37.03
CA LYS ZB 27 -17.38 56.28 -36.99
C LYS ZB 27 -17.69 56.71 -35.56
N VAL ZB 28 -17.67 58.03 -35.32
CA VAL ZB 28 -18.09 58.57 -34.04
C VAL ZB 28 -19.58 58.83 -34.04
N TYR ZB 29 -20.22 58.54 -32.90
CA TYR ZB 29 -21.61 58.84 -32.67
C TYR ZB 29 -21.68 59.63 -31.38
N PHE ZB 30 -22.29 60.82 -31.45
CA PHE ZB 30 -22.36 61.71 -30.31
C PHE ZB 30 -23.77 61.70 -29.75
N TYR ZB 31 -23.90 61.39 -28.46
CA TYR ZB 31 -25.17 61.19 -27.82
C TYR ZB 31 -25.39 62.32 -26.85
N LEU ZB 32 -26.62 62.86 -26.79
CA LEU ZB 32 -26.94 63.94 -25.85
C LEU ZB 32 -27.71 63.41 -24.64
N SER ZB 33 -27.99 62.10 -24.58
CA SER ZB 33 -28.66 61.52 -23.45
C SER ZB 33 -28.47 60.02 -23.37
N SER ZB 34 -28.73 59.48 -22.16
CA SER ZB 34 -28.87 58.06 -21.87
C SER ZB 34 -29.98 57.43 -22.67
N LYS ZB 35 -31.14 58.09 -22.77
CA LYS ZB 35 -32.24 57.66 -23.61
C LYS ZB 35 -31.84 57.50 -25.07
N PHE ZB 36 -31.11 58.49 -25.64
CA PHE ZB 36 -30.52 58.38 -26.97
C PHE ZB 36 -29.52 57.25 -27.06
N ALA ZB 37 -28.66 57.08 -26.04
CA ALA ZB 37 -27.70 56.00 -25.98
C ALA ZB 37 -28.36 54.61 -26.00
N SER ZB 38 -29.41 54.39 -25.20
CA SER ZB 38 -30.17 53.15 -25.20
C SER ZB 38 -30.80 52.81 -26.55
N LEU ZB 39 -31.39 53.80 -27.23
CA LEU ZB 39 -31.92 53.64 -28.57
C LEU ZB 39 -30.86 53.17 -29.57
N ALA ZB 40 -29.69 53.82 -29.56
CA ALA ZB 40 -28.52 53.44 -30.29
C ALA ZB 40 -28.03 52.03 -29.97
N LEU ZB 41 -27.98 51.67 -28.68
CA LEU ZB 41 -27.62 50.34 -28.21
C LEU ZB 41 -28.57 49.27 -28.72
N GLN ZB 42 -29.89 49.51 -28.64
CA GLN ZB 42 -30.90 48.66 -29.22
C GLN ZB 42 -30.98 48.76 -30.75
N LYS ZB 43 -30.17 49.64 -31.36
CA LYS ZB 43 -30.04 49.94 -32.76
C LYS ZB 43 -31.35 50.08 -33.53
N LYS ZB 44 -32.26 50.95 -33.05
CA LYS ZB 44 -33.55 51.15 -33.67
C LYS ZB 44 -33.56 52.46 -34.45
N LYS ZB 45 -33.96 52.40 -35.73
CA LYS ZB 45 -33.98 53.52 -36.66
C LYS ZB 45 -34.92 54.67 -36.27
N ALA ZB 46 -34.53 55.90 -36.66
CA ALA ZB 46 -35.28 57.12 -36.45
C ALA ZB 46 -36.73 57.11 -36.94
N ALA ZB 47 -37.01 56.40 -38.04
CA ALA ZB 47 -38.31 56.39 -38.69
C ALA ZB 47 -39.40 55.61 -37.96
N LYS ZB 48 -39.12 55.13 -36.75
CA LYS ZB 48 -40.10 54.57 -35.86
C LYS ZB 48 -40.27 55.42 -34.60
N LEU ZB 49 -39.56 56.55 -34.46
CA LEU ZB 49 -39.52 57.32 -33.23
C LEU ZB 49 -40.47 58.51 -33.26
N ARG ZB 50 -41.78 58.27 -33.04
CA ARG ZB 50 -42.85 59.26 -33.11
C ARG ZB 50 -42.61 60.54 -32.32
N TRP ZB 51 -41.99 60.44 -31.13
CA TRP ZB 51 -41.61 61.59 -30.33
C TRP ZB 51 -40.61 62.56 -30.97
N THR ZB 52 -39.63 62.08 -31.77
CA THR ZB 52 -38.49 62.90 -32.15
C THR ZB 52 -38.72 63.83 -33.32
N GLN ZB 53 -37.94 64.92 -33.39
CA GLN ZB 53 -38.08 65.99 -34.35
C GLN ZB 53 -37.79 65.54 -35.79
N THR ZB 54 -36.82 64.64 -35.95
CA THR ZB 54 -36.52 64.00 -37.22
C THR ZB 54 -37.69 63.24 -37.80
N TRP ZB 55 -38.44 62.48 -36.99
CA TRP ZB 55 -39.67 61.82 -37.38
C TRP ZB 55 -40.74 62.80 -37.85
N ARG ZB 56 -40.93 63.89 -37.09
CA ARG ZB 56 -41.87 64.95 -37.38
C ARG ZB 56 -41.58 65.59 -38.72
N ARG ZB 57 -40.30 65.93 -38.96
CA ARG ZB 57 -39.79 66.33 -40.25
C ARG ZB 57 -39.98 65.30 -41.36
N ASN ZB 58 -39.69 64.01 -41.11
CA ASN ZB 58 -39.85 62.90 -42.04
C ASN ZB 58 -41.29 62.74 -42.50
N ASN ZB 59 -42.24 63.05 -41.61
CA ASN ZB 59 -43.64 62.97 -41.92
C ASN ZB 59 -44.19 64.33 -42.26
N LYS ZB 60 -43.30 65.32 -42.44
CA LYS ZB 60 -43.57 66.67 -42.90
C LYS ZB 60 -44.54 67.46 -42.04
N LYS ZB 61 -44.41 67.35 -40.70
CA LYS ZB 61 -45.35 67.96 -39.77
C LYS ZB 61 -44.77 69.22 -39.12
N THR ZB 62 -43.63 69.70 -39.61
CA THR ZB 62 -42.99 70.93 -39.15
C THR ZB 62 -43.54 72.17 -39.89
#